data_9JG6
#
_entry.id   9JG6
#
loop_
_entity.id
_entity.type
_entity.pdbx_description
1 polymer 'Portal protein'
2 polymer Endorhamnosidase
3 polymer 'Phage stabilisation protein'
4 polymer 'P22 tail accessory factor'
#
loop_
_entity_poly.entity_id
_entity_poly.type
_entity_poly.pdbx_seq_one_letter_code
_entity_poly.pdbx_strand_id
1 'polypeptide(L)'
;MADNENRLESILSRFDADWTASDEARREAKNDLFFSRVSQWDDWLSQYTTLQYRGQFDVVRPVVRKLVSEMRQNPIDVLY
RPKDGARPDAADVLMGMYRTDMRHNTAKIAVNIAVREQIEAGVGAWRLVTDYEDQSPTSNNQVIRREPIHSACSHVIWDS
NSKLMDKSDARHCTVIHSMSQNGWEDFAEKYDLDADDIPSFQNPNDWVFPWLTQDTIQIAEFYEVVEKKETAFIYQDPVT
GEPVSYFKRDIKDVIDDLADSGFIKIAERQIKRRRVYKSIITCTAVLKDKQLIAGEHIPIVPVFGEWGFVEDKEVYEGVV
RLTKDGQRLRNMIMSFNADIVARTPKKKPFFWPEQIAGFEHMYDGNDDYPYYLLNRTDENSGDLPTQPLAYYENPEVPQA
NAYMLEAATSAVKEVATLGVDTEAVNGGQVAFDTVNQLNMRADLETYVFQDNLATAMRRDGEIYQSIVNDIYDVPRNVTI
TLEDGSEKDVQLMAEVVDLATGEKQVLNDIRGRYECYTDVGPSFQSMKQQNRAEILELLGKTPQGTPEYQLLLLQYFTLL
DGKGVEMMRDYANKQLIQMGVKKPETPEEQQWLVEAQQAKQGQQDPAMVQAQGVLLQGQAELAKAQNQTLSLQIDAAKVE
AQNQLNAARIAEIFNNMDLSKQSEFREFLKTVASFQQDRSEDARANAELLLKGDEQTHKQRMDIANILQSQRQNQPSGSV
AETPQ
;
A,B,C,D,E,F,G,H,I,J,K,L
2 'polypeptide(L)'
;MTDITANVVVSNPRPIFTESRSFKAVANGKIYIGQIDTDPVNPANQIPVYIENEDGSHVQITQPLIINAAGKIVYNGQLV
KIVTVQGHSMAIYDANGSQVDYIANVLKYDPDQYSIEADKKFKYSVKLSDYPTLQDAASAAVDGLLIDRDYNFYGGETVD
FGGKVLTIECKAKFIGDGNLIFTKLGKGSRIAGVFMESTTTPWVIKPWTDDNQWLTDAAAVVATLKQSKTDGYQPTVSDY
VKFPGIETLLPPNAKGQNITSTLEIRECIGVEVHRASGLMAGFLFRGCHFCKMVDANNPSGGKDGIITFENLSGDWGKGN
YVIGGRTSYGSVSSAQFLRNNGGFERDGGVIGFTSYRAGESGVKTWQGTVGSTTSRNYNLQFRDSVVIYPVWDGFDLGAD
TDMNPELDRPGDYPITQYPLHQLPLNHLIDNLLVRGALGVGFGMDGKGMYVSNITVEDCAGSGAYLLTHESVFTNIAIID
TNTKDFQANQIYISGACRVNGLRLIGIRSTDGQGLTIDAPNSTVSGITGMVDPSRINVANLAEEGLGNIRANSFGYDSAA
IKLRIHKLSKTLDSGALYSHINGGAGSGSAYTQLTAISGSTPDAVSLKVNHKDCRGAEIPFVPDIASDDFIKDSSCFLPY
WENNSTSLKALVKKPNGELVRLTLATL
;
M,N,O,P,Q,R,S,T,U,V,W,X,Y,Z,s,v,w,x
3 'polypeptide(L)'
;MPIQQLPMMKGMGKDFKNADYIDYLPVNMLATPKEILNSSGYLRSFPGITKRYDMNGVSRGVEYNTAQNAVYRVCGGKLY
KGESEVGDVAGSGRVSMAHGRTSQAVGVNGQLVEYRYDGTVKTVSNWPADSGFTQYELGSVRDITRLRGRYAWSKDGTDS
WFITDLEDESHPDRYSAQYRAESQPDGIIGIGTWRDFIVCFGSSTIEYFSLTGATTAGAALYVAQPSLMVQKGIAGTYCK
TPFADSYAFISHPATGAPSVYIIGSGQASPIATASIEKIIRSYTAEEMATGVMETLRFDSHELLIIHLPRHVLVYDASSS
QNGPQWCVLKTGLYDDVYRGVDFMYEGNQITCGDKSEAVVGQLQFDISSQYDKQQEHLLFTPLFKADNARCFDLEVESST
GVAQYADRLFLSATTDGINYGREQMIEQNEPFVYDKRVLWKRVGRIRRLIGFKLRVITKSPVTLSGCQIRLE
;
a,b,c,d,e,f
4 'polypeptide(L)'
;MQIKTKGDLVRAALRKLGVASDATLTDVEPQSMQDAVDDLEAMMAEWYQDGKGIITGYVFSDDENPPAEGDDHGLRSSAV
SAVFHNLACRIAPDYALEATAKIIATAKYGKELLYKQTAISRAKRAPYPSRMPTGSGNSFANLNEWHYFPGEQNADSTTP
HDEGNG
;
g,h,i,j,k,l,m,n,o,p,q,r
#
# COMPACT_ATOMS: atom_id res chain seq x y z
N ASN A 6 -35.09 -20.00 -87.26
CA ASN A 6 -34.71 -18.64 -87.61
C ASN A 6 -35.41 -17.64 -86.68
N ARG A 7 -36.74 -17.67 -86.68
CA ARG A 7 -37.52 -16.83 -85.78
C ARG A 7 -37.21 -17.15 -84.32
N LEU A 8 -37.18 -18.44 -83.98
CA LEU A 8 -36.83 -18.84 -82.62
C LEU A 8 -35.42 -18.41 -82.27
N GLU A 9 -34.50 -18.46 -83.25
CA GLU A 9 -33.13 -18.01 -82.99
C GLU A 9 -33.09 -16.54 -82.62
N SER A 10 -33.82 -15.70 -83.36
CA SER A 10 -33.85 -14.27 -83.04
C SER A 10 -34.48 -14.02 -81.68
N ILE A 11 -35.58 -14.72 -81.39
CA ILE A 11 -36.26 -14.53 -80.10
C ILE A 11 -35.32 -14.93 -78.96
N LEU A 12 -34.63 -16.06 -79.11
CA LEU A 12 -33.71 -16.50 -78.07
C LEU A 12 -32.50 -15.59 -77.94
N SER A 13 -32.03 -15.01 -79.04
CA SER A 13 -30.92 -14.06 -78.94
C SER A 13 -31.34 -12.81 -78.18
N ARG A 14 -32.53 -12.29 -78.47
CA ARG A 14 -33.03 -11.13 -77.73
C ARG A 14 -33.19 -11.47 -76.25
N PHE A 15 -33.75 -12.64 -75.95
CA PHE A 15 -33.95 -13.02 -74.56
C PHE A 15 -32.63 -13.20 -73.83
N ASP A 16 -31.63 -13.80 -74.49
CA ASP A 16 -30.33 -13.98 -73.87
C ASP A 16 -29.66 -12.63 -73.59
N ALA A 17 -29.74 -11.71 -74.54
CA ALA A 17 -29.17 -10.38 -74.31
C ALA A 17 -29.86 -9.69 -73.14
N ASP A 18 -31.20 -9.77 -73.10
CA ASP A 18 -31.93 -9.13 -72.01
C ASP A 18 -31.61 -9.76 -70.66
N TRP A 19 -31.49 -11.09 -70.63
CA TRP A 19 -31.19 -11.78 -69.38
C TRP A 19 -29.79 -11.46 -68.88
N THR A 20 -28.81 -11.44 -69.79
CA THR A 20 -27.44 -11.18 -69.36
C THR A 20 -27.23 -9.72 -68.99
N ALA A 21 -27.96 -8.80 -69.63
CA ALA A 21 -27.76 -7.37 -69.36
C ALA A 21 -28.30 -6.93 -68.01
N SER A 22 -29.08 -7.76 -67.31
CA SER A 22 -29.71 -7.39 -66.05
C SER A 22 -29.55 -8.51 -65.03
N ASP A 23 -28.32 -8.99 -64.85
CA ASP A 23 -28.06 -10.11 -63.95
C ASP A 23 -27.79 -9.67 -62.52
N GLU A 24 -26.91 -8.69 -62.32
CA GLU A 24 -26.51 -8.30 -60.97
C GLU A 24 -27.69 -7.78 -60.16
N ALA A 25 -28.52 -6.93 -60.79
CA ALA A 25 -29.67 -6.38 -60.08
C ALA A 25 -30.65 -7.47 -59.69
N ARG A 26 -30.91 -8.42 -60.59
CA ARG A 26 -31.81 -9.52 -60.28
C ARG A 26 -31.27 -10.37 -59.15
N ARG A 27 -29.97 -10.69 -59.18
CA ARG A 27 -29.38 -11.51 -58.12
C ARG A 27 -29.47 -10.80 -56.78
N GLU A 28 -29.15 -9.50 -56.73
CA GLU A 28 -29.21 -8.77 -55.47
C GLU A 28 -30.65 -8.64 -54.97
N ALA A 29 -31.61 -8.43 -55.86
CA ALA A 29 -33.00 -8.33 -55.44
C ALA A 29 -33.52 -9.66 -54.91
N LYS A 30 -33.13 -10.77 -55.55
CA LYS A 30 -33.52 -12.08 -55.04
C LYS A 30 -32.91 -12.35 -53.68
N ASN A 31 -31.65 -11.95 -53.48
CA ASN A 31 -31.03 -12.08 -52.17
C ASN A 31 -31.77 -11.24 -51.13
N ASP A 32 -32.18 -10.03 -51.51
CA ASP A 32 -32.95 -9.19 -50.59
C ASP A 32 -34.26 -9.84 -50.21
N LEU A 33 -34.98 -10.42 -51.18
CA LEU A 33 -36.24 -11.07 -50.88
C LEU A 33 -36.04 -12.25 -49.94
N PHE A 34 -35.02 -13.07 -50.21
CA PHE A 34 -34.76 -14.21 -49.35
C PHE A 34 -34.33 -13.78 -47.95
N PHE A 35 -33.59 -12.67 -47.85
CA PHE A 35 -33.15 -12.20 -46.55
C PHE A 35 -34.31 -11.61 -45.75
N SER A 36 -35.25 -10.97 -46.43
CA SER A 36 -36.34 -10.29 -45.73
C SER A 36 -37.49 -11.23 -45.39
N ARG A 37 -37.73 -12.26 -46.19
CA ARG A 37 -38.90 -13.10 -46.00
C ARG A 37 -38.59 -14.43 -45.30
N VAL A 38 -37.60 -15.18 -45.77
CA VAL A 38 -37.41 -16.53 -45.27
C VAL A 38 -36.53 -16.55 -44.02
N SER A 39 -35.27 -16.11 -44.15
CA SER A 39 -34.33 -16.19 -43.04
C SER A 39 -33.24 -15.14 -43.26
N GLN A 40 -32.40 -14.96 -42.25
CA GLN A 40 -31.37 -13.93 -42.26
C GLN A 40 -29.97 -14.52 -42.15
N TRP A 41 -29.82 -15.83 -42.31
CA TRP A 41 -28.52 -16.49 -42.27
C TRP A 41 -28.28 -17.09 -43.65
N ASP A 42 -27.66 -16.30 -44.53
CA ASP A 42 -27.47 -16.69 -45.92
C ASP A 42 -26.17 -17.49 -46.05
N ASP A 43 -26.13 -18.61 -45.34
CA ASP A 43 -24.98 -19.50 -45.36
C ASP A 43 -25.36 -20.93 -45.74
N TRP A 44 -26.32 -21.07 -46.67
CA TRP A 44 -26.70 -22.40 -47.13
C TRP A 44 -25.51 -23.12 -47.75
N LEU A 45 -24.71 -22.41 -48.53
CA LEU A 45 -23.48 -22.97 -49.07
C LEU A 45 -22.44 -23.11 -47.95
N SER A 46 -21.68 -24.20 -48.01
CA SER A 46 -20.61 -24.51 -47.05
C SER A 46 -21.11 -24.65 -45.63
N GLN A 47 -22.38 -25.00 -45.45
CA GLN A 47 -22.92 -25.27 -44.12
C GLN A 47 -22.78 -26.77 -43.82
N TYR A 48 -23.42 -27.21 -42.73
CA TYR A 48 -23.48 -28.61 -42.29
C TYR A 48 -22.12 -29.17 -41.90
N THR A 49 -21.05 -28.36 -41.91
CA THR A 49 -19.75 -28.87 -41.51
C THR A 49 -19.67 -29.04 -39.99
N THR A 50 -20.27 -28.12 -39.24
CA THR A 50 -20.32 -28.20 -37.78
C THR A 50 -21.57 -27.46 -37.32
N LEU A 51 -22.22 -28.00 -36.30
CA LEU A 51 -23.48 -27.47 -35.78
C LEU A 51 -23.19 -26.53 -34.62
N GLN A 52 -23.63 -25.29 -34.74
CA GLN A 52 -23.43 -24.28 -33.71
C GLN A 52 -24.68 -23.43 -33.59
N TYR A 53 -24.77 -22.69 -32.48
CA TYR A 53 -25.91 -21.82 -32.26
C TYR A 53 -25.93 -20.71 -33.30
N ARG A 54 -27.11 -20.43 -33.85
CA ARG A 54 -27.29 -19.39 -34.84
C ARG A 54 -28.62 -18.69 -34.59
N GLY A 55 -28.58 -17.61 -33.81
CA GLY A 55 -29.79 -16.90 -33.48
C GLY A 55 -30.27 -16.00 -34.59
N GLN A 56 -31.49 -15.46 -34.46
CA GLN A 56 -32.05 -14.52 -35.43
C GLN A 56 -32.85 -13.48 -34.65
N PHE A 57 -32.18 -12.39 -34.29
CA PHE A 57 -32.79 -11.29 -33.53
C PHE A 57 -33.06 -10.16 -34.50
N ASP A 58 -34.20 -10.23 -35.18
CA ASP A 58 -34.54 -9.31 -36.25
C ASP A 58 -34.93 -7.95 -35.68
N VAL A 59 -34.51 -6.89 -36.37
CA VAL A 59 -34.77 -5.53 -35.92
C VAL A 59 -35.28 -4.69 -37.08
N VAL A 60 -35.14 -5.21 -38.31
CA VAL A 60 -35.51 -4.44 -39.51
C VAL A 60 -36.94 -4.72 -39.96
N ARG A 61 -37.55 -5.82 -39.55
CA ARG A 61 -38.91 -6.18 -39.90
C ARG A 61 -39.94 -5.12 -39.47
N PRO A 62 -39.82 -4.53 -38.27
CA PRO A 62 -40.76 -3.46 -37.91
C PRO A 62 -40.75 -2.29 -38.86
N VAL A 63 -39.60 -1.94 -39.43
CA VAL A 63 -39.54 -0.83 -40.39
C VAL A 63 -40.34 -1.16 -41.64
N VAL A 64 -40.16 -2.37 -42.17
CA VAL A 64 -40.91 -2.78 -43.35
C VAL A 64 -42.40 -2.82 -43.06
N ARG A 65 -42.77 -3.35 -41.89
CA ARG A 65 -44.19 -3.40 -41.53
C ARG A 65 -44.77 -2.01 -41.41
N LYS A 66 -44.04 -1.09 -40.79
CA LYS A 66 -44.52 0.29 -40.65
C LYS A 66 -44.69 0.94 -42.02
N LEU A 67 -43.73 0.74 -42.92
CA LEU A 67 -43.83 1.35 -44.25
C LEU A 67 -45.02 0.80 -45.02
N VAL A 68 -45.22 -0.52 -45.00
CA VAL A 68 -46.33 -1.08 -45.76
C VAL A 68 -47.67 -0.68 -45.14
N SER A 69 -47.75 -0.61 -43.81
CA SER A 69 -48.99 -0.15 -43.18
C SER A 69 -49.25 1.31 -43.50
N GLU A 70 -48.20 2.13 -43.55
CA GLU A 70 -48.37 3.54 -43.91
C GLU A 70 -48.85 3.70 -45.34
N MET A 71 -48.30 2.92 -46.26
CA MET A 71 -48.67 3.08 -47.67
C MET A 71 -49.98 2.39 -48.01
N ARG A 72 -50.44 1.45 -47.18
CA ARG A 72 -51.74 0.83 -47.40
C ARG A 72 -52.87 1.75 -46.98
N GLN A 73 -52.58 2.79 -46.20
CA GLN A 73 -53.58 3.71 -45.70
C GLN A 73 -53.97 4.78 -46.71
N ASN A 74 -53.22 4.90 -47.82
CA ASN A 74 -53.45 5.94 -48.81
C ASN A 74 -53.59 5.29 -50.18
N PRO A 75 -54.77 4.75 -50.51
CA PRO A 75 -54.97 4.16 -51.82
C PRO A 75 -54.90 5.20 -52.93
N ILE A 76 -54.47 4.75 -54.10
CA ILE A 76 -54.36 5.61 -55.27
C ILE A 76 -54.97 4.88 -56.46
N ASP A 77 -55.79 5.59 -57.21
CA ASP A 77 -56.42 5.05 -58.40
C ASP A 77 -56.24 6.04 -59.55
N VAL A 78 -56.89 5.77 -60.66
CA VAL A 78 -56.73 6.56 -61.89
C VAL A 78 -58.01 7.34 -62.15
N LEU A 79 -57.89 8.65 -62.32
CA LEU A 79 -59.01 9.50 -62.69
C LEU A 79 -58.83 9.95 -64.13
N TYR A 80 -59.84 9.70 -64.96
CA TYR A 80 -59.86 10.19 -66.32
C TYR A 80 -60.56 11.54 -66.36
N ARG A 81 -59.88 12.54 -66.89
CA ARG A 81 -60.45 13.87 -66.98
C ARG A 81 -60.56 14.30 -68.43
N PRO A 82 -61.63 15.00 -68.81
CA PRO A 82 -61.79 15.41 -70.21
C PRO A 82 -60.71 16.39 -70.63
N LYS A 83 -60.32 16.30 -71.90
CA LYS A 83 -59.36 17.24 -72.44
C LYS A 83 -59.96 18.64 -72.49
N ASP A 84 -59.07 19.65 -72.49
CA ASP A 84 -59.52 21.03 -72.39
C ASP A 84 -60.43 21.42 -73.54
N GLY A 85 -60.16 20.89 -74.74
CA GLY A 85 -60.99 21.22 -75.89
C GLY A 85 -62.27 20.42 -76.01
N ALA A 86 -62.43 19.37 -75.20
CA ALA A 86 -63.58 18.49 -75.32
C ALA A 86 -64.72 18.96 -74.41
N ARG A 87 -65.80 18.20 -74.39
CA ARG A 87 -66.94 18.49 -73.56
C ARG A 87 -66.61 18.23 -72.09
N PRO A 88 -67.54 18.62 -71.21
CA PRO A 88 -67.22 18.54 -69.81
C PRO A 88 -67.51 17.17 -69.24
N ASP A 89 -68.30 16.36 -69.94
CA ASP A 89 -68.57 14.97 -69.58
C ASP A 89 -67.89 13.88 -70.42
N ALA A 90 -66.80 14.16 -71.10
CA ALA A 90 -66.19 13.19 -71.97
C ALA A 90 -65.68 11.92 -71.30
N ALA A 91 -65.52 11.92 -70.00
CA ALA A 91 -64.70 10.92 -69.34
C ALA A 91 -65.57 10.09 -68.50
N ASP A 92 -66.84 10.12 -68.81
CA ASP A 92 -67.84 9.53 -67.93
C ASP A 92 -67.98 8.02 -68.17
N VAL A 93 -68.25 7.62 -69.41
CA VAL A 93 -68.49 6.21 -69.71
C VAL A 93 -67.20 5.40 -69.55
N LEU A 94 -66.08 5.94 -70.00
CA LEU A 94 -64.80 5.25 -69.84
C LEU A 94 -64.47 5.08 -68.37
N MET A 95 -64.70 6.11 -67.57
CA MET A 95 -64.46 6.01 -66.13
C MET A 95 -65.39 4.99 -65.49
N GLY A 96 -66.65 4.92 -65.94
CA GLY A 96 -67.56 3.93 -65.42
C GLY A 96 -67.10 2.52 -65.72
N MET A 97 -66.63 2.29 -66.94
CA MET A 97 -66.08 0.98 -67.29
C MET A 97 -64.85 0.67 -66.47
N TYR A 98 -64.00 1.66 -66.21
CA TYR A 98 -62.83 1.44 -65.36
C TYR A 98 -63.24 1.03 -63.94
N ARG A 99 -64.24 1.72 -63.39
CA ARG A 99 -64.73 1.38 -62.06
C ARG A 99 -65.30 -0.03 -62.04
N THR A 100 -66.08 -0.39 -63.06
CA THR A 100 -66.68 -1.72 -63.10
C THR A 100 -65.63 -2.81 -63.22
N ASP A 101 -64.61 -2.60 -64.05
CA ASP A 101 -63.63 -3.66 -64.31
C ASP A 101 -62.70 -3.89 -63.11
N MET A 102 -62.20 -2.80 -62.52
CA MET A 102 -61.17 -2.89 -61.49
C MET A 102 -61.73 -2.77 -60.09
N ARG A 103 -62.92 -3.31 -59.84
CA ARG A 103 -63.54 -3.24 -58.53
C ARG A 103 -63.31 -4.49 -57.69
N HIS A 104 -63.04 -5.62 -58.32
CA HIS A 104 -62.96 -6.90 -57.62
C HIS A 104 -61.70 -6.96 -56.77
N ASN A 105 -61.49 -8.10 -56.10
CA ASN A 105 -60.37 -8.26 -55.19
C ASN A 105 -59.04 -8.44 -55.91
N THR A 106 -59.07 -8.91 -57.17
CA THR A 106 -57.84 -9.23 -57.87
C THR A 106 -56.97 -8.00 -58.06
N ALA A 107 -57.58 -6.88 -58.44
CA ALA A 107 -56.81 -5.65 -58.67
C ALA A 107 -56.15 -5.17 -57.39
N LYS A 108 -56.90 -5.15 -56.29
CA LYS A 108 -56.35 -4.70 -55.01
C LYS A 108 -55.23 -5.63 -54.56
N ILE A 109 -55.41 -6.94 -54.73
CA ILE A 109 -54.38 -7.89 -54.33
C ILE A 109 -53.11 -7.70 -55.16
N ALA A 110 -53.26 -7.48 -56.47
CA ALA A 110 -52.10 -7.27 -57.33
C ALA A 110 -51.36 -6.00 -56.93
N VAL A 111 -52.10 -4.92 -56.68
CA VAL A 111 -51.45 -3.67 -56.29
C VAL A 111 -50.73 -3.82 -54.96
N ASN A 112 -51.36 -4.53 -54.01
CA ASN A 112 -50.72 -4.72 -52.70
C ASN A 112 -49.47 -5.58 -52.81
N ILE A 113 -49.50 -6.61 -53.63
CA ILE A 113 -48.31 -7.44 -53.85
C ILE A 113 -47.18 -6.59 -54.45
N ALA A 114 -47.52 -5.79 -55.46
CA ALA A 114 -46.50 -4.93 -56.08
C ALA A 114 -45.93 -3.94 -55.06
N VAL A 115 -46.78 -3.39 -54.20
CA VAL A 115 -46.32 -2.43 -53.19
C VAL A 115 -45.37 -3.10 -52.21
N ARG A 116 -45.73 -4.29 -51.71
CA ARG A 116 -44.87 -4.97 -50.76
C ARG A 116 -43.54 -5.33 -51.40
N GLU A 117 -43.57 -5.81 -52.64
CA GLU A 117 -42.32 -6.11 -53.34
C GLU A 117 -41.46 -4.87 -53.47
N GLN A 118 -42.05 -3.77 -53.97
CA GLN A 118 -41.30 -2.54 -54.16
C GLN A 118 -40.67 -2.06 -52.86
N ILE A 119 -41.40 -2.19 -51.74
CA ILE A 119 -40.84 -1.80 -50.46
C ILE A 119 -39.66 -2.69 -50.09
N GLU A 120 -39.80 -4.01 -50.25
CA GLU A 120 -38.73 -4.91 -49.84
C GLU A 120 -37.57 -4.88 -50.82
N ALA A 121 -37.82 -5.31 -52.06
CA ALA A 121 -36.81 -5.29 -53.12
C ALA A 121 -37.35 -4.47 -54.28
N GLY A 122 -36.63 -3.42 -54.65
CA GLY A 122 -37.24 -2.35 -55.41
C GLY A 122 -37.61 -2.66 -56.84
N VAL A 123 -38.58 -3.57 -57.02
CA VAL A 123 -39.18 -3.83 -58.33
C VAL A 123 -40.47 -4.62 -58.12
N GLY A 124 -41.47 -4.34 -58.94
CA GLY A 124 -42.73 -5.06 -58.90
C GLY A 124 -43.50 -4.81 -60.18
N ALA A 125 -44.50 -5.64 -60.43
CA ALA A 125 -45.27 -5.53 -61.65
C ALA A 125 -46.63 -6.22 -61.49
N TRP A 126 -47.53 -5.92 -62.42
CA TRP A 126 -48.82 -6.58 -62.50
C TRP A 126 -49.35 -6.40 -63.93
N ARG A 127 -49.98 -7.44 -64.45
CA ARG A 127 -50.40 -7.47 -65.85
C ARG A 127 -51.91 -7.29 -65.96
N LEU A 128 -52.34 -6.92 -67.17
CA LEU A 128 -53.74 -6.76 -67.50
C LEU A 128 -54.14 -7.84 -68.51
N VAL A 129 -55.18 -8.60 -68.20
CA VAL A 129 -55.62 -9.70 -69.02
C VAL A 129 -57.10 -9.56 -69.32
N THR A 130 -57.46 -9.72 -70.58
CA THR A 130 -58.84 -9.74 -71.03
C THR A 130 -59.37 -11.18 -71.01
N ASP A 131 -60.70 -11.30 -71.04
CA ASP A 131 -61.32 -12.62 -70.93
C ASP A 131 -62.72 -12.55 -71.52
N TYR A 132 -63.33 -13.72 -71.69
CA TYR A 132 -64.68 -13.86 -72.23
C TYR A 132 -65.64 -14.19 -71.10
N GLU A 133 -66.72 -13.42 -71.00
CA GLU A 133 -67.73 -13.64 -69.98
C GLU A 133 -69.11 -13.32 -70.54
N ASP A 134 -70.08 -14.16 -70.22
CA ASP A 134 -71.44 -13.99 -70.71
C ASP A 134 -72.46 -13.70 -69.63
N GLN A 135 -72.21 -14.12 -68.38
CA GLN A 135 -73.19 -13.94 -67.33
C GLN A 135 -73.27 -12.49 -66.86
N SER A 136 -72.13 -11.80 -66.78
CA SER A 136 -72.07 -10.41 -66.34
C SER A 136 -71.00 -9.67 -67.12
N PRO A 137 -71.25 -9.38 -68.39
CA PRO A 137 -70.29 -8.61 -69.18
C PRO A 137 -70.28 -7.15 -68.77
N THR A 138 -69.16 -6.48 -69.07
CA THR A 138 -69.02 -5.07 -68.69
C THR A 138 -69.72 -4.17 -69.71
N SER A 139 -69.22 -4.14 -70.95
CA SER A 139 -69.92 -3.49 -72.05
C SER A 139 -70.19 -4.47 -73.18
N ASN A 140 -69.17 -5.14 -73.70
CA ASN A 140 -69.30 -6.22 -74.66
C ASN A 140 -69.06 -7.54 -73.92
N ASN A 141 -69.05 -8.64 -74.66
CA ASN A 141 -68.86 -9.96 -74.06
C ASN A 141 -67.38 -10.18 -73.73
N GLN A 142 -66.83 -9.23 -72.97
CA GLN A 142 -65.44 -9.30 -72.51
C GLN A 142 -65.34 -8.62 -71.16
N VAL A 143 -64.35 -9.03 -70.39
CA VAL A 143 -64.06 -8.46 -69.08
C VAL A 143 -62.55 -8.26 -68.96
N ILE A 144 -62.14 -7.09 -68.50
CA ILE A 144 -60.74 -6.76 -68.28
C ILE A 144 -60.42 -6.93 -66.81
N ARG A 145 -59.37 -7.68 -66.52
CA ARG A 145 -58.98 -7.96 -65.15
C ARG A 145 -57.48 -7.84 -65.00
N ARG A 146 -57.05 -7.33 -63.85
CA ARG A 146 -55.64 -7.35 -63.50
C ARG A 146 -55.22 -8.75 -63.09
N GLU A 147 -53.90 -8.97 -63.01
CA GLU A 147 -53.36 -10.23 -62.58
C GLU A 147 -52.03 -9.97 -61.88
N PRO A 148 -51.72 -10.69 -60.82
CA PRO A 148 -50.48 -10.44 -60.08
C PRO A 148 -49.32 -11.26 -60.60
N ILE A 149 -48.13 -10.66 -60.48
CA ILE A 149 -46.87 -11.34 -60.77
C ILE A 149 -46.09 -11.42 -59.47
N HIS A 150 -45.86 -12.64 -58.99
CA HIS A 150 -45.45 -12.82 -57.60
C HIS A 150 -43.95 -12.64 -57.40
N SER A 151 -43.17 -12.61 -58.46
CA SER A 151 -41.76 -12.25 -58.39
C SER A 151 -41.40 -11.50 -59.66
N ALA A 152 -41.52 -10.16 -59.63
CA ALA A 152 -41.10 -9.36 -60.77
C ALA A 152 -39.59 -9.25 -60.85
N CYS A 153 -38.87 -9.72 -59.83
CA CYS A 153 -37.41 -9.64 -59.84
C CYS A 153 -36.82 -10.45 -60.99
N SER A 154 -37.31 -11.67 -61.20
CA SER A 154 -36.74 -12.57 -62.19
C SER A 154 -37.75 -13.12 -63.20
N HIS A 155 -39.04 -13.10 -62.89
CA HIS A 155 -40.04 -13.64 -63.82
C HIS A 155 -40.31 -12.69 -64.98
N VAL A 156 -40.17 -11.39 -64.76
CA VAL A 156 -40.41 -10.40 -65.81
C VAL A 156 -39.06 -9.85 -66.26
N ILE A 157 -38.81 -9.89 -67.57
CA ILE A 157 -37.55 -9.45 -68.15
C ILE A 157 -37.88 -8.43 -69.23
N TRP A 158 -37.41 -7.20 -69.05
CA TRP A 158 -37.71 -6.11 -69.96
C TRP A 158 -36.62 -5.99 -71.02
N ASP A 159 -36.86 -5.09 -71.98
CA ASP A 159 -35.86 -4.81 -73.00
C ASP A 159 -34.65 -4.11 -72.39
N SER A 160 -33.46 -4.52 -72.80
CA SER A 160 -32.24 -3.95 -72.25
C SER A 160 -32.00 -2.51 -72.71
N ASN A 161 -32.65 -2.09 -73.80
CA ASN A 161 -32.46 -0.76 -74.33
C ASN A 161 -33.45 0.25 -73.75
N SER A 162 -34.38 -0.19 -72.91
CA SER A 162 -35.35 0.72 -72.32
C SER A 162 -34.66 1.73 -71.40
N LYS A 163 -35.24 2.92 -71.32
CA LYS A 163 -34.65 4.01 -70.54
C LYS A 163 -35.59 4.65 -69.54
N LEU A 164 -36.90 4.39 -69.61
CA LEU A 164 -37.85 5.03 -68.71
C LEU A 164 -38.16 4.14 -67.51
N MET A 165 -38.75 4.75 -66.49
CA MET A 165 -39.14 4.00 -65.29
C MET A 165 -40.37 3.12 -65.56
N ASP A 166 -41.34 3.64 -66.31
CA ASP A 166 -42.54 2.89 -66.63
C ASP A 166 -42.37 2.00 -67.85
N LYS A 167 -41.20 2.00 -68.48
CA LYS A 167 -40.89 1.15 -69.63
C LYS A 167 -41.86 1.41 -70.79
N SER A 168 -42.06 2.70 -71.09
CA SER A 168 -42.91 3.05 -72.23
C SER A 168 -42.22 2.75 -73.55
N ASP A 169 -40.91 2.98 -73.62
CA ASP A 169 -40.14 2.74 -74.85
C ASP A 169 -39.45 1.37 -74.77
N ALA A 170 -40.26 0.33 -74.92
CA ALA A 170 -39.77 -1.03 -74.90
C ALA A 170 -40.47 -1.82 -76.00
N ARG A 171 -39.76 -2.83 -76.53
CA ARG A 171 -40.30 -3.67 -77.60
C ARG A 171 -40.23 -5.15 -77.26
N HIS A 172 -39.70 -5.51 -76.10
CA HIS A 172 -39.62 -6.89 -75.65
C HIS A 172 -40.12 -7.00 -74.22
N CYS A 173 -40.71 -8.15 -73.91
CA CYS A 173 -41.11 -8.46 -72.55
C CYS A 173 -41.31 -9.96 -72.45
N THR A 174 -40.56 -10.62 -71.58
CA THR A 174 -40.65 -12.06 -71.39
C THR A 174 -41.11 -12.35 -69.97
N VAL A 175 -42.21 -13.09 -69.85
CA VAL A 175 -42.74 -13.50 -68.56
C VAL A 175 -42.56 -15.00 -68.44
N ILE A 176 -41.74 -15.41 -67.48
CA ILE A 176 -41.39 -16.82 -67.29
C ILE A 176 -42.42 -17.42 -66.34
N HIS A 177 -43.41 -18.10 -66.88
CA HIS A 177 -44.43 -18.75 -66.06
C HIS A 177 -43.84 -19.95 -65.35
N SER A 178 -44.18 -20.12 -64.08
CA SER A 178 -43.79 -21.28 -63.29
C SER A 178 -45.07 -21.91 -62.75
N MET A 179 -45.37 -23.12 -63.21
CA MET A 179 -46.64 -23.77 -62.92
C MET A 179 -46.43 -25.25 -62.64
N SER A 180 -47.38 -25.83 -61.91
CA SER A 180 -47.30 -27.23 -61.51
C SER A 180 -47.82 -28.15 -62.61
N GLN A 181 -47.81 -29.45 -62.34
CA GLN A 181 -48.23 -30.43 -63.33
C GLN A 181 -49.69 -30.25 -63.70
N ASN A 182 -50.57 -30.20 -62.71
CA ASN A 182 -51.98 -29.93 -62.98
C ASN A 182 -52.16 -28.53 -63.53
N GLY A 183 -51.38 -27.57 -63.04
CA GLY A 183 -51.40 -26.24 -63.64
C GLY A 183 -50.97 -26.26 -65.09
N TRP A 184 -49.96 -27.07 -65.42
CA TRP A 184 -49.54 -27.20 -66.81
C TRP A 184 -50.64 -27.82 -67.66
N GLU A 185 -51.34 -28.82 -67.14
CA GLU A 185 -52.44 -29.41 -67.88
C GLU A 185 -53.56 -28.40 -68.11
N ASP A 186 -53.89 -27.61 -67.11
CA ASP A 186 -54.90 -26.56 -67.28
C ASP A 186 -54.45 -25.53 -68.30
N PHE A 187 -53.18 -25.12 -68.24
CA PHE A 187 -52.66 -24.14 -69.19
C PHE A 187 -52.71 -24.66 -70.62
N ALA A 188 -52.35 -25.94 -70.81
CA ALA A 188 -52.45 -26.54 -72.13
C ALA A 188 -53.89 -26.65 -72.60
N GLU A 189 -54.81 -26.96 -71.70
CA GLU A 189 -56.22 -27.06 -72.09
C GLU A 189 -56.79 -25.69 -72.47
N LYS A 190 -56.39 -24.63 -71.78
CA LYS A 190 -56.93 -23.31 -72.07
C LYS A 190 -56.57 -22.87 -73.49
N TYR A 191 -55.33 -23.11 -73.90
CA TYR A 191 -54.90 -22.81 -75.25
C TYR A 191 -55.08 -24.06 -76.12
N ASP A 192 -54.53 -24.03 -77.34
CA ASP A 192 -54.57 -25.17 -78.24
C ASP A 192 -53.31 -26.02 -78.12
N LEU A 193 -52.61 -25.94 -76.99
CA LEU A 193 -51.39 -26.70 -76.79
C LEU A 193 -51.70 -28.16 -76.50
N ASP A 194 -50.66 -28.99 -76.52
CA ASP A 194 -50.76 -30.40 -76.17
C ASP A 194 -50.11 -30.65 -74.82
N ALA A 195 -50.77 -31.46 -73.99
CA ALA A 195 -50.31 -31.71 -72.63
C ALA A 195 -49.36 -32.89 -72.51
N ASP A 196 -48.92 -33.51 -73.62
CA ASP A 196 -48.08 -34.69 -73.54
C ASP A 196 -46.60 -34.39 -73.48
N ASP A 197 -46.14 -33.30 -74.09
CA ASP A 197 -44.74 -32.91 -74.04
C ASP A 197 -44.54 -31.90 -72.91
N ILE A 198 -43.41 -32.00 -72.22
CA ILE A 198 -43.13 -31.15 -71.06
C ILE A 198 -42.30 -29.95 -71.52
N PRO A 199 -42.81 -28.73 -71.39
CA PRO A 199 -42.03 -27.56 -71.76
C PRO A 199 -40.91 -27.30 -70.75
N SER A 200 -39.94 -26.50 -71.19
CA SER A 200 -38.82 -26.13 -70.33
C SER A 200 -38.32 -24.76 -70.75
N PHE A 201 -37.63 -24.09 -69.81
CA PHE A 201 -37.10 -22.76 -70.05
C PHE A 201 -36.04 -22.48 -68.99
N GLN A 202 -35.60 -21.22 -68.93
CA GLN A 202 -34.64 -20.82 -67.92
C GLN A 202 -35.24 -20.96 -66.54
N ASN A 203 -34.39 -21.22 -65.55
CA ASN A 203 -34.83 -21.46 -64.19
C ASN A 203 -34.64 -20.17 -63.38
N PRO A 204 -35.68 -19.40 -63.12
CA PRO A 204 -35.50 -18.14 -62.37
C PRO A 204 -35.09 -18.38 -60.92
N ASN A 205 -35.86 -19.21 -60.22
CA ASN A 205 -35.56 -19.50 -58.82
C ASN A 205 -34.37 -20.46 -58.72
N ASP A 206 -33.90 -20.66 -57.51
CA ASP A 206 -32.73 -21.49 -57.27
C ASP A 206 -32.97 -22.39 -56.06
N TRP A 207 -32.18 -23.47 -55.99
CA TRP A 207 -32.31 -24.48 -54.94
C TRP A 207 -31.35 -24.10 -53.81
N VAL A 208 -31.80 -23.18 -52.96
CA VAL A 208 -30.94 -22.62 -51.91
C VAL A 208 -31.62 -22.76 -50.55
N PHE A 209 -32.49 -23.75 -50.41
CA PHE A 209 -33.23 -23.95 -49.17
C PHE A 209 -33.60 -25.42 -49.06
N PRO A 210 -33.76 -25.95 -47.84
CA PRO A 210 -34.17 -27.35 -47.69
C PRO A 210 -35.63 -27.58 -48.07
N TRP A 211 -36.00 -27.19 -49.29
CA TRP A 211 -37.35 -27.43 -49.79
C TRP A 211 -37.46 -28.87 -50.27
N LEU A 212 -38.70 -29.35 -50.37
CA LEU A 212 -38.92 -30.75 -50.74
C LEU A 212 -39.01 -30.92 -52.25
N THR A 213 -39.95 -30.22 -52.90
CA THR A 213 -40.21 -30.41 -54.32
C THR A 213 -40.31 -29.05 -55.01
N GLN A 214 -40.26 -29.09 -56.34
CA GLN A 214 -40.42 -27.92 -57.17
C GLN A 214 -41.27 -28.30 -58.39
N ASP A 215 -41.79 -27.27 -59.07
CA ASP A 215 -42.64 -27.52 -60.23
C ASP A 215 -41.82 -28.05 -61.41
N THR A 216 -40.66 -27.43 -61.67
CA THR A 216 -39.76 -27.84 -62.76
C THR A 216 -40.48 -27.84 -64.10
N ILE A 217 -41.41 -26.89 -64.29
CA ILE A 217 -42.13 -26.71 -65.55
C ILE A 217 -42.21 -25.20 -65.78
N GLN A 218 -41.37 -24.69 -66.68
CA GLN A 218 -41.30 -23.26 -66.94
C GLN A 218 -41.55 -23.00 -68.42
N ILE A 219 -42.52 -22.14 -68.71
CA ILE A 219 -42.80 -21.68 -70.06
C ILE A 219 -42.80 -20.16 -70.06
N ALA A 220 -42.61 -19.57 -71.23
CA ALA A 220 -42.43 -18.13 -71.34
C ALA A 220 -43.34 -17.57 -72.44
N GLU A 221 -43.69 -16.30 -72.28
CA GLU A 221 -44.50 -15.58 -73.26
C GLU A 221 -43.72 -14.36 -73.72
N PHE A 222 -43.76 -14.08 -75.02
CA PHE A 222 -42.94 -13.03 -75.63
C PHE A 222 -43.86 -11.98 -76.23
N TYR A 223 -43.81 -10.76 -75.67
CA TYR A 223 -44.58 -9.63 -76.17
C TYR A 223 -43.67 -8.72 -77.01
N GLU A 224 -44.17 -8.28 -78.15
CA GLU A 224 -43.44 -7.36 -79.01
C GLU A 224 -44.41 -6.32 -79.57
N VAL A 225 -43.86 -5.16 -79.93
CA VAL A 225 -44.62 -4.04 -80.44
C VAL A 225 -43.99 -3.56 -81.73
N VAL A 226 -44.82 -3.31 -82.74
CA VAL A 226 -44.36 -2.85 -84.05
C VAL A 226 -45.18 -1.64 -84.48
N GLU A 227 -44.62 -0.88 -85.42
CA GLU A 227 -45.30 0.25 -86.03
C GLU A 227 -45.15 0.12 -87.54
N LYS A 228 -46.27 0.13 -88.26
CA LYS A 228 -46.27 -0.19 -89.68
C LYS A 228 -47.04 0.80 -90.54
N LYS A 229 -47.81 1.71 -89.95
CA LYS A 229 -48.59 2.70 -90.68
C LYS A 229 -49.57 2.04 -91.65
N GLU A 230 -50.52 1.33 -91.06
CA GLU A 230 -51.55 0.64 -91.82
C GLU A 230 -52.57 1.64 -92.36
N THR A 231 -53.51 1.14 -93.17
CA THR A 231 -54.48 1.98 -93.85
C THR A 231 -55.80 2.02 -93.07
N ALA A 232 -56.67 2.94 -93.49
CA ALA A 232 -57.96 3.13 -92.85
C ALA A 232 -58.96 3.64 -93.86
N PHE A 233 -60.24 3.40 -93.58
CA PHE A 233 -61.34 3.82 -94.45
C PHE A 233 -62.06 5.00 -93.82
N ILE A 234 -62.52 5.93 -94.66
CA ILE A 234 -63.34 7.06 -94.23
C ILE A 234 -64.74 6.82 -94.75
N TYR A 235 -65.69 6.67 -93.83
CA TYR A 235 -67.09 6.46 -94.18
C TYR A 235 -67.91 7.70 -93.83
N GLN A 236 -69.19 7.65 -94.21
CA GLN A 236 -70.14 8.71 -93.87
C GLN A 236 -71.26 8.12 -93.03
N ASP A 237 -71.51 8.73 -91.88
CA ASP A 237 -72.49 8.19 -90.94
C ASP A 237 -73.90 8.42 -91.50
N PRO A 238 -74.72 7.38 -91.62
CA PRO A 238 -76.10 7.58 -92.09
C PRO A 238 -76.92 8.49 -91.20
N VAL A 239 -76.69 8.46 -89.89
CA VAL A 239 -77.50 9.26 -88.97
C VAL A 239 -77.17 10.74 -89.12
N THR A 240 -75.90 11.09 -88.98
CA THR A 240 -75.43 12.47 -89.09
C THR A 240 -74.40 12.56 -90.20
N GLY A 241 -74.51 13.62 -91.01
CA GLY A 241 -73.61 13.79 -92.12
C GLY A 241 -72.22 14.22 -91.69
N GLU A 242 -71.52 13.33 -91.00
CA GLU A 242 -70.17 13.58 -90.52
C GLU A 242 -69.27 12.40 -90.89
N PRO A 243 -68.02 12.65 -91.27
CA PRO A 243 -67.14 11.55 -91.65
C PRO A 243 -66.66 10.77 -90.44
N VAL A 244 -66.49 9.46 -90.64
CA VAL A 244 -65.98 8.56 -89.61
C VAL A 244 -64.85 7.74 -90.22
N SER A 245 -63.89 7.37 -89.38
CA SER A 245 -62.71 6.63 -89.80
C SER A 245 -62.63 5.31 -89.05
N TYR A 246 -62.48 4.22 -89.80
CA TYR A 246 -62.33 2.88 -89.24
C TYR A 246 -61.13 2.20 -89.86
N PHE A 247 -60.35 1.51 -89.03
CA PHE A 247 -59.20 0.78 -89.53
C PHE A 247 -59.66 -0.38 -90.42
N LYS A 248 -58.88 -0.64 -91.48
CA LYS A 248 -59.28 -1.66 -92.44
C LYS A 248 -59.29 -3.06 -91.82
N ARG A 249 -58.27 -3.39 -91.03
CA ARG A 249 -58.18 -4.75 -90.48
C ARG A 249 -59.31 -5.03 -89.50
N ASP A 250 -59.72 -4.03 -88.71
CA ASP A 250 -60.79 -4.24 -87.74
C ASP A 250 -62.12 -4.54 -88.42
N ILE A 251 -62.41 -3.88 -89.54
CA ILE A 251 -63.66 -4.08 -90.26
C ILE A 251 -63.45 -4.84 -91.56
N LYS A 252 -62.41 -5.67 -91.63
CA LYS A 252 -62.07 -6.34 -92.89
C LYS A 252 -63.17 -7.29 -93.34
N ASP A 253 -63.78 -8.03 -92.42
CA ASP A 253 -64.77 -9.03 -92.77
C ASP A 253 -66.20 -8.50 -92.78
N VAL A 254 -66.40 -7.18 -92.60
CA VAL A 254 -67.75 -6.63 -92.50
C VAL A 254 -67.86 -5.46 -93.47
N ILE A 255 -66.95 -5.38 -94.45
CA ILE A 255 -67.00 -4.31 -95.43
C ILE A 255 -68.30 -4.38 -96.24
N ASP A 256 -68.66 -5.59 -96.68
CA ASP A 256 -69.88 -5.75 -97.47
C ASP A 256 -71.13 -5.38 -96.68
N ASP A 257 -71.16 -5.72 -95.38
CA ASP A 257 -72.31 -5.35 -94.56
C ASP A 257 -72.40 -3.83 -94.39
N LEU A 258 -71.26 -3.16 -94.23
CA LEU A 258 -71.28 -1.71 -94.16
C LEU A 258 -71.75 -1.09 -95.47
N ALA A 259 -71.34 -1.67 -96.61
CA ALA A 259 -71.86 -1.21 -97.89
C ALA A 259 -73.35 -1.46 -98.02
N ASP A 260 -73.85 -2.54 -97.39
CA ASP A 260 -75.28 -2.83 -97.42
C ASP A 260 -76.07 -1.74 -96.71
N SER A 261 -75.56 -1.23 -95.59
CA SER A 261 -76.24 -0.19 -94.84
C SER A 261 -75.99 1.16 -95.52
N GLY A 262 -76.32 2.26 -94.83
CA GLY A 262 -76.16 3.58 -95.40
C GLY A 262 -74.73 4.08 -95.46
N PHE A 263 -73.79 3.33 -94.91
CA PHE A 263 -72.38 3.74 -94.97
C PHE A 263 -71.89 3.77 -96.41
N ILE A 264 -71.19 4.84 -96.77
CA ILE A 264 -70.59 4.98 -98.09
C ILE A 264 -69.15 5.44 -97.92
N LYS A 265 -68.24 4.85 -98.71
CA LYS A 265 -66.83 5.19 -98.60
C LYS A 265 -66.56 6.54 -99.25
N ILE A 266 -65.68 7.32 -98.64
CA ILE A 266 -65.36 8.66 -99.10
C ILE A 266 -63.95 8.75 -99.66
N ALA A 267 -62.95 8.32 -98.89
CA ALA A 267 -61.56 8.47 -99.29
C ALA A 267 -60.73 7.40 -98.60
N GLU A 268 -59.41 7.47 -98.80
CA GLU A 268 -58.47 6.53 -98.24
C GLU A 268 -57.30 7.29 -97.61
N ARG A 269 -56.91 6.87 -96.42
CA ARG A 269 -55.77 7.45 -95.71
C ARG A 269 -54.90 6.35 -95.15
N GLN A 270 -53.76 6.74 -94.59
CA GLN A 270 -52.84 5.81 -93.94
C GLN A 270 -52.45 6.41 -92.59
N ILE A 271 -52.82 5.72 -91.51
CA ILE A 271 -52.61 6.20 -90.15
C ILE A 271 -51.71 5.22 -89.43
N LYS A 272 -50.65 5.74 -88.81
CA LYS A 272 -49.71 4.91 -88.07
C LYS A 272 -50.28 4.56 -86.70
N ARG A 273 -50.09 3.31 -86.30
CA ARG A 273 -50.64 2.81 -85.05
C ARG A 273 -49.85 1.60 -84.60
N ARG A 274 -49.53 1.55 -83.31
CA ARG A 274 -48.80 0.42 -82.76
C ARG A 274 -49.69 -0.82 -82.65
N ARG A 275 -49.05 -1.98 -82.64
CA ARG A 275 -49.74 -3.25 -82.44
C ARG A 275 -48.89 -4.13 -81.54
N VAL A 276 -49.56 -5.03 -80.82
CA VAL A 276 -48.91 -5.91 -79.86
C VAL A 276 -49.15 -7.36 -80.27
N TYR A 277 -48.07 -8.14 -80.33
CA TYR A 277 -48.13 -9.55 -80.66
C TYR A 277 -47.55 -10.37 -79.52
N LYS A 278 -48.15 -11.53 -79.26
CA LYS A 278 -47.72 -12.41 -78.18
C LYS A 278 -47.43 -13.80 -78.75
N SER A 279 -46.26 -14.35 -78.40
CA SER A 279 -45.86 -15.67 -78.80
C SER A 279 -45.36 -16.44 -77.57
N ILE A 280 -45.42 -17.77 -77.66
CA ILE A 280 -45.03 -18.65 -76.57
C ILE A 280 -43.79 -19.44 -77.02
N ILE A 281 -42.73 -19.37 -76.22
CA ILE A 281 -41.48 -20.04 -76.55
C ILE A 281 -41.21 -21.13 -75.52
N THR A 282 -40.36 -22.08 -75.90
CA THR A 282 -40.10 -23.25 -75.07
C THR A 282 -38.61 -23.59 -75.08
N CYS A 283 -37.77 -22.70 -75.61
CA CYS A 283 -36.31 -22.82 -75.68
C CYS A 283 -35.87 -23.92 -76.64
N THR A 284 -36.80 -24.66 -77.23
CA THR A 284 -36.45 -25.66 -78.24
C THR A 284 -37.25 -25.42 -79.51
N ALA A 285 -38.49 -24.94 -79.35
CA ALA A 285 -39.34 -24.60 -80.48
C ALA A 285 -40.44 -23.68 -79.99
N VAL A 286 -41.04 -22.95 -80.93
CA VAL A 286 -42.14 -22.03 -80.62
C VAL A 286 -43.45 -22.79 -80.73
N LEU A 287 -44.28 -22.67 -79.70
CA LEU A 287 -45.57 -23.35 -79.67
C LEU A 287 -46.66 -22.57 -80.40
N LYS A 288 -46.81 -21.29 -80.08
CA LYS A 288 -47.73 -20.40 -80.78
C LYS A 288 -46.95 -19.17 -81.21
N ASP A 289 -47.19 -18.73 -82.45
CA ASP A 289 -46.39 -17.68 -83.07
C ASP A 289 -47.27 -16.48 -83.41
N LYS A 290 -46.96 -15.33 -82.79
CA LYS A 290 -47.51 -14.04 -83.18
C LYS A 290 -49.04 -14.01 -83.10
N GLN A 291 -49.55 -14.19 -81.90
CA GLN A 291 -50.96 -13.96 -81.64
C GLN A 291 -51.22 -12.47 -81.42
N LEU A 292 -52.31 -11.97 -81.99
CA LEU A 292 -52.62 -10.55 -81.97
C LEU A 292 -53.34 -10.21 -80.67
N ILE A 293 -52.64 -9.55 -79.75
CA ILE A 293 -53.25 -9.08 -78.52
C ILE A 293 -54.06 -7.83 -78.82
N ALA A 294 -55.20 -7.68 -78.12
CA ALA A 294 -56.11 -6.58 -78.40
C ALA A 294 -55.48 -5.22 -78.09
N GLY A 295 -54.55 -5.17 -77.15
CA GLY A 295 -54.02 -3.90 -76.71
C GLY A 295 -53.09 -3.25 -77.73
N GLU A 296 -52.56 -2.10 -77.32
CA GLU A 296 -51.58 -1.35 -78.11
C GLU A 296 -50.25 -1.19 -77.40
N HIS A 297 -50.18 -1.45 -76.10
CA HIS A 297 -48.94 -1.40 -75.33
C HIS A 297 -48.75 -2.74 -74.64
N ILE A 298 -47.55 -2.95 -74.12
CA ILE A 298 -47.28 -4.19 -73.37
C ILE A 298 -48.04 -4.13 -72.05
N PRO A 299 -48.88 -5.12 -71.75
CA PRO A 299 -49.76 -5.02 -70.58
C PRO A 299 -49.03 -4.86 -69.25
N ILE A 300 -47.82 -5.42 -69.12
CA ILE A 300 -47.14 -5.40 -67.83
C ILE A 300 -46.82 -3.96 -67.41
N VAL A 301 -47.18 -3.63 -66.18
CA VAL A 301 -46.96 -2.30 -65.62
C VAL A 301 -45.98 -2.43 -64.46
N PRO A 302 -44.78 -1.85 -64.54
CA PRO A 302 -43.80 -2.03 -63.47
C PRO A 302 -43.81 -0.94 -62.42
N VAL A 303 -43.43 -1.29 -61.20
CA VAL A 303 -43.14 -0.33 -60.13
C VAL A 303 -41.70 -0.54 -59.70
N PHE A 304 -41.00 0.56 -59.43
CA PHE A 304 -39.57 0.53 -59.18
C PHE A 304 -39.24 1.12 -57.82
N GLY A 305 -38.13 0.65 -57.24
CA GLY A 305 -37.79 1.05 -55.88
C GLY A 305 -37.44 2.51 -55.75
N GLU A 306 -36.28 2.94 -56.22
CA GLU A 306 -36.09 4.38 -56.32
C GLU A 306 -35.90 4.81 -57.76
N TRP A 307 -34.72 4.53 -58.33
CA TRP A 307 -34.44 4.37 -59.75
C TRP A 307 -32.93 4.32 -59.89
N GLY A 308 -32.40 4.11 -61.10
CA GLY A 308 -31.01 4.45 -61.32
C GLY A 308 -30.25 3.73 -62.40
N PHE A 309 -29.53 4.51 -63.22
CA PHE A 309 -28.51 4.01 -64.14
C PHE A 309 -27.18 4.58 -63.69
N VAL A 310 -26.21 3.70 -63.43
CA VAL A 310 -24.93 4.18 -62.90
C VAL A 310 -23.93 4.44 -64.02
N GLU A 311 -23.59 3.42 -64.81
CA GLU A 311 -22.73 3.62 -65.98
C GLU A 311 -23.48 3.29 -67.27
N ASP A 312 -23.97 2.07 -67.42
CA ASP A 312 -24.88 1.73 -68.51
C ASP A 312 -25.91 0.71 -68.07
N LYS A 313 -25.88 0.28 -66.80
CA LYS A 313 -26.75 -0.78 -66.31
C LYS A 313 -27.64 -0.22 -65.21
N GLU A 314 -28.93 -0.54 -65.28
CA GLU A 314 -29.89 -0.03 -64.31
C GLU A 314 -29.67 -0.68 -62.95
N VAL A 315 -29.88 0.11 -61.90
CA VAL A 315 -29.79 -0.36 -60.53
C VAL A 315 -30.98 0.19 -59.75
N TYR A 316 -31.66 -0.67 -59.00
CA TYR A 316 -32.76 -0.27 -58.15
C TYR A 316 -32.55 -0.80 -56.76
N GLU A 317 -33.08 -0.08 -55.77
CA GLU A 317 -32.87 -0.38 -54.36
C GLU A 317 -34.20 -0.34 -53.64
N GLY A 318 -34.18 -0.77 -52.38
CA GLY A 318 -35.36 -0.72 -51.53
C GLY A 318 -35.04 -0.17 -50.16
N VAL A 319 -35.38 -0.93 -49.12
CA VAL A 319 -35.08 -0.53 -47.74
C VAL A 319 -34.06 -1.45 -47.08
N VAL A 320 -33.86 -2.66 -47.62
CA VAL A 320 -33.09 -3.68 -46.91
C VAL A 320 -31.63 -3.74 -47.35
N ARG A 321 -31.29 -3.14 -48.50
CA ARG A 321 -29.93 -3.29 -49.04
C ARG A 321 -28.88 -2.76 -48.08
N LEU A 322 -29.11 -1.59 -47.49
CA LEU A 322 -28.12 -0.97 -46.62
C LEU A 322 -28.23 -1.43 -45.18
N THR A 323 -29.23 -2.22 -44.82
CA THR A 323 -29.43 -2.68 -43.46
C THR A 323 -29.06 -4.15 -43.28
N LYS A 324 -28.16 -4.67 -44.12
CA LYS A 324 -27.82 -6.09 -44.04
C LYS A 324 -26.57 -6.34 -43.20
N ASP A 325 -25.54 -5.51 -43.40
CA ASP A 325 -24.29 -5.72 -42.68
C ASP A 325 -24.47 -5.54 -41.18
N GLY A 326 -25.15 -4.47 -40.77
CA GLY A 326 -25.40 -4.25 -39.36
C GLY A 326 -26.25 -5.34 -38.74
N GLN A 327 -27.28 -5.78 -39.48
CA GLN A 327 -28.15 -6.84 -38.98
C GLN A 327 -27.39 -8.15 -38.78
N ARG A 328 -26.55 -8.51 -39.75
CA ARG A 328 -25.76 -9.73 -39.64
C ARG A 328 -24.76 -9.62 -38.49
N LEU A 329 -24.12 -8.46 -38.33
CA LEU A 329 -23.20 -8.28 -37.22
C LEU A 329 -23.92 -8.40 -35.88
N ARG A 330 -25.13 -7.83 -35.79
CA ARG A 330 -25.91 -7.95 -34.56
C ARG A 330 -26.24 -9.41 -34.26
N ASN A 331 -26.66 -10.16 -35.27
CA ASN A 331 -26.97 -11.57 -35.07
C ASN A 331 -25.73 -12.34 -34.61
N MET A 332 -24.59 -12.05 -35.22
CA MET A 332 -23.37 -12.78 -34.87
C MET A 332 -22.91 -12.45 -33.45
N ILE A 333 -22.99 -11.18 -33.05
CA ILE A 333 -22.65 -10.81 -31.68
C ILE A 333 -23.58 -11.48 -30.68
N MET A 334 -24.89 -11.49 -30.98
CA MET A 334 -25.84 -12.14 -30.08
C MET A 334 -25.54 -13.63 -29.96
N SER A 335 -25.22 -14.28 -31.07
CA SER A 335 -24.90 -15.71 -31.03
C SER A 335 -23.65 -15.98 -30.20
N PHE A 336 -22.60 -15.17 -30.39
CA PHE A 336 -21.39 -15.37 -29.59
C PHE A 336 -21.65 -15.13 -28.11
N ASN A 337 -22.45 -14.13 -27.78
CA ASN A 337 -22.77 -13.88 -26.37
C ASN A 337 -23.55 -15.05 -25.77
N ALA A 338 -24.50 -15.60 -26.55
CA ALA A 338 -25.24 -16.76 -26.06
C ALA A 338 -24.31 -17.96 -25.84
N ASP A 339 -23.36 -18.16 -26.76
CA ASP A 339 -22.39 -19.25 -26.57
C ASP A 339 -21.56 -19.04 -25.31
N ILE A 340 -21.12 -17.80 -25.07
CA ILE A 340 -20.34 -17.50 -23.89
C ILE A 340 -21.14 -17.79 -22.63
N VAL A 341 -22.42 -17.41 -22.63
CA VAL A 341 -23.28 -17.69 -21.48
C VAL A 341 -23.45 -19.19 -21.27
N ALA A 342 -23.64 -19.94 -22.36
CA ALA A 342 -24.03 -21.34 -22.23
C ALA A 342 -22.86 -22.24 -21.87
N ARG A 343 -21.73 -22.10 -22.57
CA ARG A 343 -20.66 -23.08 -22.46
C ARG A 343 -19.61 -22.75 -21.40
N THR A 344 -19.60 -21.54 -20.86
CA THR A 344 -18.57 -21.18 -19.89
C THR A 344 -18.80 -21.93 -18.57
N PRO A 345 -17.74 -22.45 -17.96
CA PRO A 345 -17.89 -23.07 -16.64
C PRO A 345 -18.29 -22.07 -15.58
N LYS A 346 -18.97 -22.56 -14.55
CA LYS A 346 -19.50 -21.72 -13.49
C LYS A 346 -18.39 -21.37 -12.51
N LYS A 347 -18.77 -20.79 -11.37
CA LYS A 347 -17.82 -20.36 -10.34
C LYS A 347 -17.83 -21.36 -9.19
N LYS A 348 -16.67 -21.94 -8.91
CA LYS A 348 -16.54 -22.94 -7.85
C LYS A 348 -15.11 -22.87 -7.32
N PRO A 349 -14.91 -23.21 -6.04
CA PRO A 349 -13.58 -23.08 -5.45
C PRO A 349 -12.62 -24.15 -5.96
N PHE A 350 -11.32 -23.88 -5.74
CA PHE A 350 -10.25 -24.78 -6.13
C PHE A 350 -9.72 -25.47 -4.86
N PHE A 351 -9.98 -26.77 -4.75
CA PHE A 351 -9.58 -27.55 -3.58
C PHE A 351 -8.53 -28.58 -3.97
N TRP A 352 -7.58 -28.80 -3.07
CA TRP A 352 -6.72 -29.96 -3.19
C TRP A 352 -7.49 -31.22 -2.81
N PRO A 353 -7.13 -32.37 -3.38
CA PRO A 353 -7.83 -33.61 -3.01
C PRO A 353 -7.66 -33.99 -1.55
N GLU A 354 -6.64 -33.47 -0.87
CA GLU A 354 -6.39 -33.81 0.52
C GLU A 354 -6.72 -32.69 1.50
N GLN A 355 -6.94 -31.46 1.02
CA GLN A 355 -7.48 -30.43 1.88
C GLN A 355 -8.90 -30.76 2.33
N ILE A 356 -9.60 -31.58 1.55
CA ILE A 356 -10.94 -32.05 1.90
C ILE A 356 -10.94 -33.57 1.91
N ALA A 357 -9.84 -34.17 2.37
CA ALA A 357 -9.73 -35.62 2.47
C ALA A 357 -10.99 -36.24 3.05
N GLY A 358 -11.34 -35.85 4.27
CA GLY A 358 -12.67 -36.08 4.80
C GLY A 358 -13.57 -34.89 4.53
N PHE A 359 -14.72 -34.88 5.22
CA PHE A 359 -15.63 -33.73 5.20
C PHE A 359 -16.19 -33.49 3.79
N GLU A 360 -16.18 -34.51 2.95
CA GLU A 360 -16.56 -34.32 1.54
C GLU A 360 -18.06 -34.21 1.33
N HIS A 361 -18.88 -34.50 2.33
CA HIS A 361 -20.32 -34.33 2.24
C HIS A 361 -20.79 -32.99 2.77
N MET A 362 -19.87 -32.10 3.15
CA MET A 362 -20.21 -30.78 3.61
C MET A 362 -20.25 -29.74 2.50
N TYR A 363 -19.53 -29.97 1.39
CA TYR A 363 -19.39 -28.98 0.33
C TYR A 363 -20.32 -29.24 -0.84
N ASP A 364 -21.25 -30.18 -0.73
CA ASP A 364 -22.13 -30.49 -1.85
C ASP A 364 -23.35 -29.57 -1.91
N GLY A 365 -23.57 -28.75 -0.90
CA GLY A 365 -24.71 -27.86 -0.86
C GLY A 365 -25.91 -28.34 -0.07
N ASN A 366 -25.74 -29.36 0.78
CA ASN A 366 -26.86 -29.90 1.52
C ASN A 366 -27.42 -28.90 2.53
N ASP A 367 -26.54 -28.08 3.12
CA ASP A 367 -26.93 -27.08 4.12
C ASP A 367 -27.58 -27.73 5.34
N ASP A 368 -26.79 -28.57 6.02
CA ASP A 368 -27.19 -29.16 7.29
C ASP A 368 -26.20 -28.93 8.41
N TYR A 369 -25.04 -28.35 8.13
CA TYR A 369 -24.00 -28.14 9.12
C TYR A 369 -23.78 -26.65 9.37
N PRO A 370 -23.36 -26.27 10.58
CA PRO A 370 -23.19 -24.85 10.89
C PRO A 370 -21.91 -24.23 10.33
N TYR A 371 -20.96 -25.03 9.85
CA TYR A 371 -19.69 -24.50 9.36
C TYR A 371 -19.06 -25.51 8.42
N TYR A 372 -18.02 -25.05 7.73
CA TYR A 372 -17.24 -25.90 6.84
C TYR A 372 -15.92 -26.27 7.52
N LEU A 373 -15.43 -27.46 7.22
CA LEU A 373 -14.27 -28.02 7.91
C LEU A 373 -13.19 -28.40 6.92
N LEU A 374 -11.93 -28.21 7.34
CA LEU A 374 -10.77 -28.58 6.55
C LEU A 374 -9.75 -29.22 7.47
N ASN A 375 -9.15 -30.33 7.04
CA ASN A 375 -8.12 -30.97 7.85
C ASN A 375 -6.80 -30.23 7.70
N ARG A 376 -5.93 -30.38 8.70
CA ARG A 376 -4.71 -29.60 8.81
C ARG A 376 -3.44 -30.44 8.67
N THR A 377 -3.29 -31.50 9.44
CA THR A 377 -2.02 -32.18 9.56
C THR A 377 -1.77 -33.14 8.39
N ASP A 378 -0.51 -33.52 8.24
CA ASP A 378 -0.07 -34.47 7.23
C ASP A 378 0.97 -35.40 7.84
N GLU A 379 1.14 -36.57 7.21
CA GLU A 379 2.04 -37.57 7.77
C GLU A 379 3.50 -37.22 7.52
N ASN A 380 3.87 -37.01 6.26
CA ASN A 380 5.26 -36.68 5.94
C ASN A 380 5.55 -35.21 6.19
N SER A 381 4.85 -34.32 5.49
CA SER A 381 4.94 -32.90 5.77
C SER A 381 4.22 -32.58 7.07
N GLY A 382 4.61 -31.48 7.70
CA GLY A 382 4.05 -31.15 8.99
C GLY A 382 2.60 -30.70 8.96
N ASP A 383 2.34 -29.50 8.44
CA ASP A 383 0.99 -28.93 8.49
C ASP A 383 0.65 -28.13 7.24
N LEU A 384 1.14 -28.53 6.07
CA LEU A 384 1.04 -27.70 4.88
C LEU A 384 -0.37 -27.25 4.52
N PRO A 385 -1.41 -28.10 4.58
CA PRO A 385 -2.76 -27.62 4.21
C PRO A 385 -3.18 -26.39 5.02
N THR A 386 -3.82 -25.45 4.33
CA THR A 386 -4.18 -24.15 4.89
C THR A 386 -5.66 -23.86 4.62
N GLN A 387 -6.16 -22.81 5.28
CA GLN A 387 -7.56 -22.41 5.19
C GLN A 387 -7.90 -21.67 3.89
N PRO A 388 -7.16 -20.58 3.53
CA PRO A 388 -7.59 -19.78 2.37
C PRO A 388 -7.56 -20.56 1.06
N LEU A 389 -8.16 -19.98 0.01
CA LEU A 389 -8.37 -20.70 -1.24
C LEU A 389 -8.82 -19.70 -2.31
N ALA A 390 -8.87 -20.17 -3.55
CA ALA A 390 -9.18 -19.34 -4.70
C ALA A 390 -10.42 -19.86 -5.43
N TYR A 391 -11.10 -18.96 -6.12
CA TYR A 391 -12.34 -19.28 -6.82
C TYR A 391 -12.18 -19.05 -8.32
N TYR A 392 -12.95 -19.80 -9.10
CA TYR A 392 -13.03 -19.63 -10.54
C TYR A 392 -13.84 -18.37 -10.86
N GLU A 393 -13.36 -17.62 -11.84
CA GLU A 393 -13.97 -16.34 -12.19
C GLU A 393 -15.28 -16.54 -12.96
N ASN A 394 -16.21 -15.61 -12.75
CA ASN A 394 -17.52 -15.70 -13.37
C ASN A 394 -17.43 -15.43 -14.88
N PRO A 395 -18.36 -15.97 -15.65
CA PRO A 395 -18.43 -15.64 -17.08
C PRO A 395 -18.80 -14.18 -17.28
N GLU A 396 -18.14 -13.53 -18.24
CA GLU A 396 -18.34 -12.12 -18.52
C GLU A 396 -18.36 -11.86 -20.01
N VAL A 397 -19.29 -11.00 -20.43
CA VAL A 397 -19.37 -10.56 -21.81
C VAL A 397 -18.32 -9.46 -22.01
N PRO A 398 -17.40 -9.59 -22.95
CA PRO A 398 -16.31 -8.61 -23.07
C PRO A 398 -16.83 -7.24 -23.52
N GLN A 399 -15.91 -6.28 -23.52
CA GLN A 399 -16.27 -4.92 -23.91
C GLN A 399 -16.46 -4.77 -25.40
N ALA A 400 -15.63 -5.45 -26.20
CA ALA A 400 -15.74 -5.34 -27.65
C ALA A 400 -17.08 -5.85 -28.15
N ASN A 401 -17.56 -6.97 -27.60
CA ASN A 401 -18.83 -7.53 -28.04
C ASN A 401 -19.97 -6.55 -27.79
N ALA A 402 -20.04 -5.99 -26.58
CA ALA A 402 -21.10 -5.05 -26.26
C ALA A 402 -21.00 -3.79 -27.11
N TYR A 403 -19.79 -3.28 -27.28
CA TYR A 403 -19.61 -2.06 -28.06
C TYR A 403 -20.06 -2.26 -29.49
N MET A 404 -19.68 -3.39 -30.10
CA MET A 404 -20.06 -3.63 -31.49
C MET A 404 -21.54 -3.95 -31.61
N LEU A 405 -22.13 -4.62 -30.62
CA LEU A 405 -23.57 -4.85 -30.66
C LEU A 405 -24.32 -3.52 -30.66
N GLU A 406 -23.92 -2.61 -29.77
CA GLU A 406 -24.57 -1.30 -29.72
C GLU A 406 -24.33 -0.52 -31.01
N ALA A 407 -23.11 -0.55 -31.54
CA ALA A 407 -22.81 0.20 -32.75
C ALA A 407 -23.58 -0.34 -33.95
N ALA A 408 -23.68 -1.66 -34.09
CA ALA A 408 -24.43 -2.25 -35.20
C ALA A 408 -25.92 -1.95 -35.07
N THR A 409 -26.46 -2.03 -33.86
CA THR A 409 -27.86 -1.67 -33.68
C THR A 409 -28.12 -0.21 -34.05
N SER A 410 -27.22 0.69 -33.63
CA SER A 410 -27.36 2.09 -33.99
C SER A 410 -27.27 2.30 -35.49
N ALA A 411 -26.33 1.60 -36.15
CA ALA A 411 -26.18 1.74 -37.59
C ALA A 411 -27.41 1.25 -38.33
N VAL A 412 -28.03 0.17 -37.84
CA VAL A 412 -29.27 -0.31 -38.46
C VAL A 412 -30.38 0.70 -38.25
N LYS A 413 -30.49 1.26 -37.04
CA LYS A 413 -31.49 2.30 -36.79
C LYS A 413 -31.29 3.53 -37.67
N GLU A 414 -30.04 3.87 -38.00
CA GLU A 414 -29.71 5.15 -38.60
C GLU A 414 -29.91 5.18 -40.11
N VAL A 415 -29.72 4.03 -40.78
CA VAL A 415 -29.83 4.00 -42.24
C VAL A 415 -31.17 3.46 -42.72
N ALA A 416 -31.94 2.81 -41.85
CA ALA A 416 -33.24 2.24 -42.23
C ALA A 416 -34.33 3.31 -42.21
N THR A 417 -34.12 4.35 -43.01
CA THR A 417 -35.08 5.43 -43.15
C THR A 417 -35.24 5.77 -44.62
N LEU A 418 -36.39 6.37 -44.95
CA LEU A 418 -36.69 6.79 -46.30
C LEU A 418 -36.88 8.29 -46.42
N GLY A 419 -36.51 9.06 -45.39
CA GLY A 419 -36.68 10.48 -45.38
C GLY A 419 -36.96 10.97 -43.98
N VAL A 420 -37.45 12.20 -43.89
CA VAL A 420 -37.75 12.82 -42.60
C VAL A 420 -39.14 12.37 -42.17
N ASP A 421 -39.35 12.30 -40.85
CA ASP A 421 -40.61 11.87 -40.26
C ASP A 421 -40.99 10.47 -40.73
N ASP A 443 -43.76 15.87 -46.17
CA ASP A 443 -44.95 15.18 -45.71
C ASP A 443 -44.61 13.83 -45.08
N LEU A 444 -45.13 12.76 -45.67
CA LEU A 444 -44.91 11.42 -45.16
C LEU A 444 -43.50 10.95 -45.49
N GLU A 445 -43.12 9.80 -44.91
CA GLU A 445 -41.82 9.22 -45.17
C GLU A 445 -41.75 8.55 -46.54
N THR A 446 -42.88 8.11 -47.07
CA THR A 446 -42.92 7.34 -48.32
C THR A 446 -43.45 8.15 -49.49
N TYR A 447 -43.09 9.44 -49.57
CA TYR A 447 -43.63 10.27 -50.65
C TYR A 447 -43.06 9.88 -52.01
N VAL A 448 -41.76 9.59 -52.08
CA VAL A 448 -41.15 9.23 -53.36
C VAL A 448 -41.73 7.91 -53.88
N PHE A 449 -41.91 6.94 -53.01
CA PHE A 449 -42.54 5.69 -53.41
C PHE A 449 -43.98 5.91 -53.84
N GLN A 450 -44.69 6.83 -53.17
CA GLN A 450 -46.04 7.18 -53.59
C GLN A 450 -46.05 7.77 -54.99
N ASP A 451 -45.09 8.63 -55.30
CA ASP A 451 -45.00 9.20 -56.64
C ASP A 451 -44.71 8.12 -57.68
N ASN A 452 -43.83 7.17 -57.34
CA ASN A 452 -43.55 6.08 -58.27
C ASN A 452 -44.81 5.24 -58.52
N LEU A 453 -45.57 4.96 -57.45
CA LEU A 453 -46.82 4.25 -57.62
C LEU A 453 -47.82 5.04 -58.47
N ALA A 454 -47.84 6.36 -58.31
CA ALA A 454 -48.71 7.19 -59.14
C ALA A 454 -48.33 7.11 -60.62
N THR A 455 -47.02 7.13 -60.90
CA THR A 455 -46.56 6.98 -62.28
C THR A 455 -46.98 5.63 -62.86
N ALA A 456 -46.82 4.56 -62.07
CA ALA A 456 -47.26 3.25 -62.52
C ALA A 456 -48.76 3.22 -62.76
N MET A 457 -49.53 3.89 -61.91
CA MET A 457 -50.98 3.95 -62.09
C MET A 457 -51.34 4.70 -63.37
N ARG A 458 -50.62 5.77 -63.68
CA ARG A 458 -50.87 6.48 -64.93
C ARG A 458 -50.60 5.59 -66.13
N ARG A 459 -49.51 4.82 -66.09
CA ARG A 459 -49.23 3.88 -67.18
C ARG A 459 -50.35 2.84 -67.28
N ASP A 460 -50.82 2.33 -66.14
CA ASP A 460 -51.91 1.37 -66.15
C ASP A 460 -53.17 1.97 -66.76
N GLY A 461 -53.47 3.22 -66.42
CA GLY A 461 -54.64 3.88 -67.00
C GLY A 461 -54.51 4.03 -68.50
N GLU A 462 -53.31 4.36 -68.99
CA GLU A 462 -53.11 4.45 -70.43
C GLU A 462 -53.36 3.11 -71.11
N ILE A 463 -52.80 2.04 -70.54
CA ILE A 463 -52.99 0.70 -71.13
C ILE A 463 -54.46 0.32 -71.12
N TYR A 464 -55.16 0.59 -70.01
CA TYR A 464 -56.58 0.26 -69.92
C TYR A 464 -57.39 1.05 -70.94
N GLN A 465 -57.08 2.33 -71.12
CA GLN A 465 -57.79 3.12 -72.12
C GLN A 465 -57.60 2.54 -73.52
N SER A 466 -56.37 2.13 -73.83
CA SER A 466 -56.13 1.53 -75.15
C SER A 466 -56.90 0.24 -75.32
N ILE A 467 -56.90 -0.61 -74.29
CA ILE A 467 -57.61 -1.89 -74.39
C ILE A 467 -59.10 -1.68 -74.57
N VAL A 468 -59.67 -0.72 -73.82
CA VAL A 468 -61.09 -0.43 -73.96
C VAL A 468 -61.40 0.09 -75.36
N ASN A 469 -60.55 0.98 -75.88
CA ASN A 469 -60.76 1.48 -77.24
C ASN A 469 -60.71 0.35 -78.26
N ASP A 470 -59.90 -0.68 -77.99
CA ASP A 470 -59.75 -1.75 -78.98
C ASP A 470 -60.79 -2.86 -78.82
N ILE A 471 -61.45 -2.96 -77.68
CA ILE A 471 -62.42 -4.04 -77.43
C ILE A 471 -63.84 -3.50 -77.24
N TYR A 472 -64.04 -2.65 -76.24
CA TYR A 472 -65.38 -2.31 -75.79
C TYR A 472 -66.09 -1.44 -76.83
N ASP A 473 -67.35 -1.08 -76.54
CA ASP A 473 -68.16 -0.22 -77.39
C ASP A 473 -68.34 1.11 -76.67
N VAL A 474 -67.56 2.11 -77.07
CA VAL A 474 -67.61 3.43 -76.47
C VAL A 474 -68.69 4.25 -77.17
N PRO A 475 -69.69 4.75 -76.46
CA PRO A 475 -70.73 5.55 -77.12
C PRO A 475 -70.21 6.93 -77.49
N ARG A 476 -70.73 7.46 -78.59
CA ARG A 476 -70.42 8.81 -79.04
C ARG A 476 -71.58 9.72 -78.67
N ASN A 477 -71.28 10.81 -77.98
CA ASN A 477 -72.30 11.75 -77.51
C ASN A 477 -72.53 12.81 -78.59
N VAL A 478 -73.79 12.94 -79.02
CA VAL A 478 -74.17 13.91 -80.04
C VAL A 478 -75.48 14.57 -79.60
N THR A 479 -75.59 15.87 -79.85
CA THR A 479 -76.78 16.63 -79.49
C THR A 479 -77.54 17.02 -80.76
N ILE A 480 -78.84 16.69 -80.79
CA ILE A 480 -79.66 17.01 -81.95
C ILE A 480 -79.85 18.52 -82.08
N THR A 481 -79.84 19.23 -80.95
CA THR A 481 -80.07 20.68 -80.91
C THR A 481 -81.41 21.04 -81.52
N LEU A 482 -82.43 20.23 -81.24
CA LEU A 482 -83.77 20.50 -81.74
C LEU A 482 -84.37 21.71 -81.02
N GLU A 483 -85.28 22.40 -81.71
CA GLU A 483 -85.94 23.55 -81.10
C GLU A 483 -86.83 23.13 -79.94
N ASP A 484 -87.51 21.99 -80.07
CA ASP A 484 -88.36 21.51 -78.98
C ASP A 484 -87.54 20.94 -77.84
N GLY A 485 -86.50 20.17 -78.15
CA GLY A 485 -85.67 19.57 -77.13
C GLY A 485 -84.24 20.08 -77.17
N SER A 486 -83.80 20.70 -76.07
CA SER A 486 -82.47 21.29 -75.98
C SER A 486 -81.60 20.47 -75.06
N GLU A 487 -80.35 20.25 -75.48
CA GLU A 487 -79.37 19.48 -74.72
C GLU A 487 -79.90 18.06 -74.46
N LYS A 488 -80.13 17.32 -75.54
CA LYS A 488 -80.53 15.92 -75.45
C LYS A 488 -79.32 15.04 -75.74
N ASP A 489 -78.83 14.36 -74.71
CA ASP A 489 -77.67 13.48 -74.84
C ASP A 489 -78.17 12.10 -75.26
N VAL A 490 -78.26 11.90 -76.58
CA VAL A 490 -78.79 10.67 -77.14
C VAL A 490 -77.92 9.46 -76.83
N GLN A 491 -76.61 9.64 -76.71
CA GLN A 491 -75.65 8.55 -76.52
C GLN A 491 -75.76 7.55 -77.66
N LEU A 492 -75.47 8.05 -78.86
CA LEU A 492 -75.55 7.23 -80.06
C LEU A 492 -74.54 6.09 -80.02
N MET A 493 -74.98 4.92 -80.49
CA MET A 493 -74.17 3.74 -80.57
C MET A 493 -74.15 3.25 -82.01
N ALA A 494 -73.02 2.67 -82.42
CA ALA A 494 -72.89 2.14 -83.78
C ALA A 494 -72.37 0.72 -83.69
N GLU A 495 -73.15 -0.23 -84.17
CA GLU A 495 -72.77 -1.63 -84.18
C GLU A 495 -73.38 -2.32 -85.39
N VAL A 496 -72.64 -3.27 -85.97
CA VAL A 496 -73.09 -4.00 -87.16
C VAL A 496 -72.80 -5.48 -86.96
N VAL A 497 -73.74 -6.32 -87.38
CA VAL A 497 -73.57 -7.76 -87.37
C VAL A 497 -73.10 -8.22 -88.74
N ASP A 498 -72.37 -9.34 -88.76
CA ASP A 498 -71.77 -9.81 -90.00
C ASP A 498 -72.82 -10.37 -90.96
N LEU A 499 -73.97 -10.80 -90.44
CA LEU A 499 -75.07 -11.37 -91.22
C LEU A 499 -74.67 -12.69 -91.88
N ALA A 500 -73.43 -13.13 -91.66
CA ALA A 500 -72.98 -14.45 -92.05
C ALA A 500 -72.54 -15.31 -90.87
N THR A 501 -72.33 -14.70 -89.71
CA THR A 501 -72.00 -15.42 -88.49
C THR A 501 -72.61 -14.67 -87.32
N GLY A 502 -72.77 -15.39 -86.20
CA GLY A 502 -73.39 -14.79 -85.03
C GLY A 502 -72.53 -13.77 -84.31
N GLU A 503 -71.22 -13.76 -84.59
CA GLU A 503 -70.33 -12.84 -83.90
C GLU A 503 -70.59 -11.40 -84.34
N LYS A 504 -70.42 -10.47 -83.40
CA LYS A 504 -70.63 -9.06 -83.66
C LYS A 504 -69.34 -8.40 -84.13
N GLN A 505 -69.41 -7.11 -84.42
CA GLN A 505 -68.24 -6.34 -84.83
C GLN A 505 -68.35 -4.94 -84.25
N VAL A 506 -67.27 -4.47 -83.64
CA VAL A 506 -67.23 -3.17 -82.99
C VAL A 506 -66.95 -2.10 -84.03
N LEU A 507 -67.48 -0.90 -83.80
CA LEU A 507 -67.28 0.25 -84.67
C LEU A 507 -66.93 1.45 -83.81
N ASN A 508 -65.63 1.71 -83.66
CA ASN A 508 -65.14 2.85 -82.91
C ASN A 508 -64.47 3.85 -83.85
N ASP A 509 -64.88 5.11 -83.76
CA ASP A 509 -64.26 6.15 -84.57
C ASP A 509 -62.81 6.35 -84.15
N ILE A 510 -62.01 6.89 -85.07
CA ILE A 510 -60.59 7.12 -84.81
C ILE A 510 -60.41 8.54 -84.26
N ARG A 511 -61.18 9.48 -84.79
CA ARG A 511 -61.02 10.88 -84.39
C ARG A 511 -61.35 11.08 -82.91
N GLY A 512 -62.37 10.39 -82.40
CA GLY A 512 -62.78 10.58 -81.02
C GLY A 512 -62.32 9.49 -80.08
N ARG A 513 -61.15 8.91 -80.33
CA ARG A 513 -60.62 7.88 -79.45
C ARG A 513 -59.91 8.48 -78.24
N TYR A 514 -58.85 9.24 -78.49
CA TYR A 514 -58.01 9.80 -77.43
C TYR A 514 -58.45 11.23 -77.18
N GLU A 515 -59.42 11.41 -76.27
CA GLU A 515 -59.91 12.73 -75.92
C GLU A 515 -60.17 12.86 -74.43
N CYS A 516 -59.41 12.15 -73.60
CA CYS A 516 -59.46 12.29 -72.15
C CYS A 516 -58.17 11.75 -71.58
N TYR A 517 -57.43 12.59 -70.87
CA TYR A 517 -56.13 12.22 -70.33
C TYR A 517 -56.28 11.55 -68.97
N THR A 518 -55.26 10.79 -68.59
CA THR A 518 -55.26 10.05 -67.34
C THR A 518 -54.67 10.89 -66.21
N ASP A 519 -55.20 10.68 -65.00
CA ASP A 519 -54.74 11.39 -63.82
C ASP A 519 -54.93 10.46 -62.63
N VAL A 520 -54.23 10.77 -61.53
CA VAL A 520 -54.25 9.95 -60.33
C VAL A 520 -55.03 10.68 -59.26
N GLY A 521 -55.89 9.94 -58.55
CA GLY A 521 -56.68 10.49 -57.49
C GLY A 521 -57.03 9.44 -56.45
N PRO A 522 -57.95 9.77 -55.55
CA PRO A 522 -58.38 8.80 -54.53
C PRO A 522 -59.13 7.65 -55.16
N SER A 523 -59.10 6.51 -54.48
CA SER A 523 -59.67 5.26 -54.97
C SER A 523 -61.08 5.08 -54.43
N PHE A 524 -62.05 4.92 -55.32
CA PHE A 524 -63.43 4.63 -54.97
C PHE A 524 -63.84 3.32 -55.65
N GLN A 525 -65.14 2.99 -55.56
CA GLN A 525 -65.66 1.75 -56.10
C GLN A 525 -66.82 1.92 -57.07
N SER A 526 -67.44 3.09 -57.14
CA SER A 526 -68.52 3.31 -58.08
C SER A 526 -68.68 4.82 -58.30
N MET A 527 -69.35 5.18 -59.39
CA MET A 527 -69.55 6.59 -59.72
C MET A 527 -70.47 7.31 -58.74
N LYS A 528 -71.29 6.61 -57.98
CA LYS A 528 -72.10 7.28 -56.99
C LYS A 528 -71.26 7.77 -55.81
N GLN A 529 -70.27 6.97 -55.39
CA GLN A 529 -69.37 7.40 -54.34
C GLN A 529 -68.51 8.59 -54.76
N GLN A 530 -68.07 8.64 -56.02
CA GLN A 530 -67.30 9.78 -56.50
C GLN A 530 -68.13 11.07 -56.45
N ASN A 531 -69.38 11.00 -56.92
CA ASN A 531 -70.25 12.17 -56.86
C ASN A 531 -70.55 12.57 -55.43
N ARG A 532 -70.75 11.59 -54.55
CA ARG A 532 -70.97 11.88 -53.14
C ARG A 532 -69.77 12.60 -52.53
N ALA A 533 -68.56 12.13 -52.85
CA ALA A 533 -67.35 12.77 -52.32
C ALA A 533 -67.19 14.19 -52.85
N GLU A 534 -67.46 14.40 -54.15
CA GLU A 534 -67.36 15.75 -54.70
C GLU A 534 -68.39 16.68 -54.07
N ILE A 535 -69.62 16.20 -53.85
CA ILE A 535 -70.63 17.02 -53.20
C ILE A 535 -70.21 17.35 -51.77
N LEU A 536 -69.63 16.39 -51.06
CA LEU A 536 -69.15 16.65 -49.71
C LEU A 536 -68.04 17.70 -49.71
N GLU A 537 -67.12 17.62 -50.67
CA GLU A 537 -66.06 18.62 -50.76
C GLU A 537 -66.63 20.00 -51.03
N LEU A 538 -67.57 20.10 -51.97
CA LEU A 538 -68.19 21.38 -52.26
C LEU A 538 -68.95 21.92 -51.07
N LEU A 539 -69.61 21.05 -50.31
CA LEU A 539 -70.28 21.47 -49.08
C LEU A 539 -69.27 22.01 -48.07
N GLY A 540 -68.12 21.35 -47.93
CA GLY A 540 -67.10 21.82 -47.03
C GLY A 540 -66.56 23.19 -47.43
N LYS A 541 -66.43 23.42 -48.74
CA LYS A 541 -65.93 24.70 -49.23
C LYS A 541 -67.01 25.78 -49.29
N THR A 542 -68.28 25.42 -49.14
CA THR A 542 -69.35 26.41 -49.26
C THR A 542 -69.78 26.90 -47.89
N PRO A 543 -69.77 28.22 -47.66
CA PRO A 543 -70.21 28.76 -46.37
C PRO A 543 -71.69 28.53 -46.13
N GLN A 544 -72.06 28.43 -44.86
CA GLN A 544 -73.44 28.18 -44.48
C GLN A 544 -74.29 29.42 -44.73
N GLY A 545 -75.61 29.24 -44.62
CA GLY A 545 -76.55 30.32 -44.83
C GLY A 545 -76.49 30.88 -46.24
N THR A 546 -76.38 30.01 -47.22
CA THR A 546 -76.25 30.39 -48.61
C THR A 546 -77.13 29.45 -49.44
N PRO A 547 -77.75 29.96 -50.51
CA PRO A 547 -78.53 29.06 -51.40
C PRO A 547 -77.70 27.92 -51.95
N GLU A 548 -76.42 28.14 -52.23
CA GLU A 548 -75.56 27.07 -52.72
C GLU A 548 -75.45 25.94 -51.71
N TYR A 549 -75.38 26.29 -50.42
CA TYR A 549 -75.32 25.26 -49.38
C TYR A 549 -76.58 24.41 -49.37
N GLN A 550 -77.75 25.03 -49.49
CA GLN A 550 -79.00 24.27 -49.53
C GLN A 550 -79.06 23.39 -50.77
N LEU A 551 -78.66 23.91 -51.93
CA LEU A 551 -78.66 23.11 -53.14
C LEU A 551 -77.72 21.91 -53.01
N LEU A 552 -76.54 22.11 -52.40
CA LEU A 552 -75.62 21.00 -52.21
C LEU A 552 -76.17 19.98 -51.23
N LEU A 553 -76.85 20.44 -50.18
CA LEU A 553 -77.48 19.49 -49.25
C LEU A 553 -78.53 18.65 -49.96
N LEU A 554 -79.37 19.28 -50.78
CA LEU A 554 -80.38 18.53 -51.51
C LEU A 554 -79.75 17.55 -52.49
N GLN A 555 -78.69 18.00 -53.18
CA GLN A 555 -78.01 17.11 -54.12
C GLN A 555 -77.35 15.93 -53.43
N TYR A 556 -76.84 16.14 -52.21
CA TYR A 556 -76.31 15.03 -51.43
C TYR A 556 -77.43 14.08 -50.99
N PHE A 557 -78.54 14.62 -50.53
CA PHE A 557 -79.63 13.77 -50.05
C PHE A 557 -80.24 12.95 -51.17
N THR A 558 -80.28 13.48 -52.39
CA THR A 558 -80.86 12.74 -53.51
C THR A 558 -79.91 11.70 -54.09
N LEU A 559 -78.81 11.38 -53.39
CA LEU A 559 -77.84 10.40 -53.88
C LEU A 559 -77.69 9.20 -52.97
N LEU A 560 -78.52 9.05 -51.95
CA LEU A 560 -78.40 7.93 -51.03
C LEU A 560 -78.96 6.66 -51.66
N ASP A 561 -78.64 5.52 -51.06
CA ASP A 561 -78.92 4.22 -51.63
C ASP A 561 -80.06 3.49 -50.94
N GLY A 562 -79.98 3.30 -49.63
CA GLY A 562 -80.90 2.39 -48.95
C GLY A 562 -82.35 2.85 -49.04
N LYS A 563 -83.25 1.86 -49.07
CA LYS A 563 -84.68 2.15 -49.08
C LYS A 563 -85.17 2.63 -47.71
N GLY A 564 -84.42 2.31 -46.65
CA GLY A 564 -84.75 2.88 -45.35
C GLY A 564 -84.74 4.39 -45.35
N VAL A 565 -83.71 4.98 -45.95
CA VAL A 565 -83.70 6.42 -46.21
C VAL A 565 -84.24 6.69 -47.61
N GLU A 566 -85.57 6.74 -47.71
CA GLU A 566 -86.26 7.00 -48.97
C GLU A 566 -87.12 8.26 -48.91
N MET A 567 -87.73 8.53 -47.76
CA MET A 567 -88.53 9.73 -47.61
C MET A 567 -87.70 10.99 -47.84
N MET A 568 -86.48 11.02 -47.28
CA MET A 568 -85.61 12.17 -47.47
C MET A 568 -85.20 12.31 -48.93
N ARG A 569 -84.90 11.20 -49.60
CA ARG A 569 -84.54 11.28 -51.01
C ARG A 569 -85.68 11.82 -51.86
N ASP A 570 -86.90 11.32 -51.63
CA ASP A 570 -88.05 11.82 -52.37
C ASP A 570 -88.32 13.29 -52.06
N TYR A 571 -88.18 13.69 -50.80
CA TYR A 571 -88.39 15.10 -50.44
C TYR A 571 -87.36 15.99 -51.12
N ALA A 572 -86.09 15.57 -51.14
CA ALA A 572 -85.06 16.36 -51.81
C ALA A 572 -85.32 16.48 -53.30
N ASN A 573 -85.71 15.36 -53.94
CA ASN A 573 -86.03 15.41 -55.36
C ASN A 573 -87.20 16.34 -55.63
N LYS A 574 -88.25 16.27 -54.80
CA LYS A 574 -89.40 17.15 -54.97
C LYS A 574 -88.99 18.61 -54.81
N GLN A 575 -88.16 18.91 -53.81
CA GLN A 575 -87.70 20.29 -53.63
C GLN A 575 -86.91 20.78 -54.83
N LEU A 576 -86.01 19.95 -55.36
CA LEU A 576 -85.22 20.35 -56.51
C LEU A 576 -86.09 20.57 -57.74
N ILE A 577 -87.12 19.75 -57.93
CA ILE A 577 -88.03 19.96 -59.06
C ILE A 577 -88.84 21.23 -58.86
N GLN A 578 -89.31 21.48 -57.64
CA GLN A 578 -90.18 22.63 -57.39
C GLN A 578 -89.43 23.95 -57.44
N MET A 579 -88.14 23.97 -57.11
CA MET A 579 -87.36 25.20 -57.21
C MET A 579 -86.88 25.50 -58.62
N GLY A 580 -87.14 24.60 -59.58
CA GLY A 580 -86.77 24.82 -60.95
C GLY A 580 -85.32 24.58 -61.27
N VAL A 581 -84.52 24.14 -60.30
CA VAL A 581 -83.10 23.93 -60.54
C VAL A 581 -82.89 22.71 -61.44
N LYS A 582 -83.67 21.65 -61.22
CA LYS A 582 -83.60 20.45 -62.02
C LYS A 582 -84.66 20.47 -63.12
N LYS A 583 -84.79 19.38 -63.85
CA LYS A 583 -85.76 19.26 -64.92
C LYS A 583 -86.55 17.97 -64.78
N PRO A 584 -87.88 18.05 -64.86
CA PRO A 584 -88.71 16.85 -64.63
C PRO A 584 -88.49 15.80 -65.73
N GLU A 585 -88.57 14.53 -65.33
CA GLU A 585 -88.47 13.41 -66.25
C GLU A 585 -89.73 12.55 -66.24
N THR A 586 -90.14 12.05 -65.07
CA THR A 586 -91.32 11.21 -64.97
C THR A 586 -92.57 12.07 -64.79
N PRO A 587 -93.74 11.57 -65.20
CA PRO A 587 -94.95 12.42 -65.20
C PRO A 587 -95.29 13.04 -63.86
N GLU A 588 -95.03 12.33 -62.75
CA GLU A 588 -95.25 12.92 -61.43
C GLU A 588 -94.35 14.13 -61.22
N GLU A 589 -93.18 14.17 -61.86
CA GLU A 589 -92.28 15.31 -61.70
C GLU A 589 -92.83 16.55 -62.39
N GLN A 590 -93.37 16.40 -63.60
CA GLN A 590 -94.04 17.54 -64.23
C GLN A 590 -95.30 17.92 -63.46
N GLN A 591 -95.96 16.95 -62.83
CA GLN A 591 -97.09 17.29 -61.97
C GLN A 591 -96.65 18.16 -60.81
N TRP A 592 -95.53 17.81 -60.17
CA TRP A 592 -94.99 18.63 -59.09
C TRP A 592 -94.62 20.02 -59.60
N LEU A 593 -94.01 20.10 -60.79
CA LEU A 593 -93.59 21.37 -61.34
C LEU A 593 -94.79 22.27 -61.63
N VAL A 594 -95.85 21.72 -62.23
CA VAL A 594 -97.02 22.54 -62.54
C VAL A 594 -97.75 22.93 -61.26
N GLU A 595 -97.75 22.05 -60.25
CA GLU A 595 -98.33 22.42 -58.96
C GLU A 595 -97.57 23.59 -58.34
N ALA A 596 -96.25 23.55 -58.39
CA ALA A 596 -95.45 24.66 -57.87
C ALA A 596 -95.71 25.94 -58.66
N GLN A 597 -95.83 25.83 -59.99
CA GLN A 597 -96.11 26.99 -60.81
C GLN A 597 -97.45 27.61 -60.45
N GLN A 598 -98.47 26.77 -60.26
CA GLN A 598 -99.79 27.28 -59.88
C GLN A 598 -99.76 27.90 -58.49
N ALA A 599 -99.01 27.31 -57.56
CA ALA A 599 -98.99 27.83 -56.20
C ALA A 599 -98.20 29.13 -56.12
N LYS A 600 -97.24 29.33 -57.03
CA LYS A 600 -96.40 30.53 -56.98
C LYS A 600 -97.21 31.80 -57.20
N GLN A 601 -98.15 31.77 -58.15
CA GLN A 601 -98.88 32.98 -58.51
C GLN A 601 -99.85 33.40 -57.41
N GLY A 602 -100.14 32.51 -56.46
CA GLY A 602 -101.08 32.84 -55.41
C GLY A 602 -100.54 33.86 -54.43
N GLN A 603 -99.22 33.92 -54.28
CA GLN A 603 -98.61 34.81 -53.29
C GLN A 603 -98.81 36.27 -53.70
N GLN A 604 -99.14 37.10 -52.71
CA GLN A 604 -99.35 38.54 -52.91
C GLN A 604 -98.66 39.31 -51.78
N ASP A 605 -98.03 40.42 -52.13
CA ASP A 605 -97.37 41.25 -51.14
C ASP A 605 -98.35 42.22 -50.51
N PRO A 606 -98.54 42.19 -49.19
CA PRO A 606 -99.50 43.14 -48.58
C PRO A 606 -99.14 44.60 -48.80
N ALA A 607 -97.85 44.93 -48.75
CA ALA A 607 -97.44 46.31 -48.97
C ALA A 607 -97.79 46.78 -50.37
N MET A 608 -97.60 45.93 -51.37
CA MET A 608 -98.01 46.26 -52.73
C MET A 608 -99.51 46.51 -52.80
N VAL A 609 -100.31 45.69 -52.12
CA VAL A 609 -101.76 45.84 -52.17
C VAL A 609 -102.19 47.16 -51.54
N GLN A 610 -101.62 47.47 -50.37
CA GLN A 610 -101.96 48.74 -49.71
C GLN A 610 -101.53 49.93 -50.56
N ALA A 611 -100.34 49.86 -51.16
CA ALA A 611 -99.88 50.95 -52.01
C ALA A 611 -100.77 51.11 -53.24
N GLN A 612 -101.24 49.99 -53.80
CA GLN A 612 -102.19 50.07 -54.92
C GLN A 612 -103.49 50.74 -54.48
N GLY A 613 -103.96 50.43 -53.28
CA GLY A 613 -105.11 51.14 -52.74
C GLY A 613 -104.87 52.63 -52.62
N VAL A 614 -103.66 53.01 -52.19
CA VAL A 614 -103.32 54.43 -52.10
C VAL A 614 -103.36 55.09 -53.47
N LEU A 615 -102.80 54.43 -54.49
CA LEU A 615 -102.86 54.98 -55.84
C LEU A 615 -104.30 55.09 -56.32
N LEU A 616 -105.14 54.11 -55.99
CA LEU A 616 -106.54 54.18 -56.41
C LEU A 616 -107.23 55.38 -55.76
N GLN A 617 -106.95 55.63 -54.48
CA GLN A 617 -107.51 56.80 -53.81
C GLN A 617 -107.04 58.09 -54.47
N GLY A 618 -105.74 58.16 -54.81
CA GLY A 618 -105.23 59.35 -55.48
C GLY A 618 -105.86 59.58 -56.85
N GLN A 619 -106.01 58.51 -57.62
CA GLN A 619 -106.63 58.62 -58.93
C GLN A 619 -108.08 59.04 -58.81
N ALA A 620 -108.79 58.52 -57.80
CA ALA A 620 -110.15 58.96 -57.55
C ALA A 620 -110.21 60.44 -57.18
N GLU A 621 -109.25 60.93 -56.39
CA GLU A 621 -109.22 62.35 -56.06
C GLU A 621 -108.99 63.20 -57.32
N LEU A 622 -108.08 62.76 -58.19
CA LEU A 622 -107.86 63.47 -59.44
C LEU A 622 -109.11 63.47 -60.31
N ALA A 623 -109.81 62.34 -60.37
CA ALA A 623 -111.05 62.27 -61.12
C ALA A 623 -112.10 63.20 -60.53
N LYS A 624 -112.15 63.30 -59.21
CA LYS A 624 -113.06 64.24 -58.55
C LYS A 624 -112.74 65.67 -58.93
N ALA A 625 -111.44 66.02 -58.99
CA ALA A 625 -111.06 67.37 -59.41
C ALA A 625 -111.48 67.64 -60.86
N GLN A 626 -111.25 66.67 -61.74
CA GLN A 626 -111.66 66.84 -63.13
C GLN A 626 -113.18 66.96 -63.25
N ASN A 627 -113.91 66.24 -62.41
CA ASN A 627 -115.37 66.37 -62.38
C ASN A 627 -115.78 67.74 -61.87
N GLN A 628 -115.05 68.28 -60.89
CA GLN A 628 -115.33 69.63 -60.40
C GLN A 628 -115.14 70.66 -61.50
N THR A 629 -114.15 70.44 -62.37
CA THR A 629 -113.97 71.33 -63.51
C THR A 629 -115.23 71.38 -64.39
N LEU A 630 -115.77 70.20 -64.73
CA LEU A 630 -116.99 70.16 -65.54
C LEU A 630 -118.17 70.75 -64.78
N SER A 631 -118.20 70.57 -63.46
CA SER A 631 -119.25 71.18 -62.65
C SER A 631 -119.19 72.70 -62.76
N LEU A 632 -117.98 73.26 -62.75
CA LEU A 632 -117.82 74.69 -63.01
C LEU A 632 -118.31 75.05 -64.40
N GLN A 633 -118.01 74.21 -65.40
CA GLN A 633 -118.42 74.51 -66.77
C GLN A 633 -119.94 74.59 -66.88
N ILE A 634 -120.65 73.69 -66.19
CA ILE A 634 -122.10 73.64 -66.23
C ILE A 634 -122.60 73.44 -67.66
N ASN B 6 -59.25 -45.39 -61.01
CA ASN B 6 -58.77 -44.37 -61.92
C ASN B 6 -59.04 -42.97 -61.35
N ARG B 7 -60.32 -42.70 -61.05
CA ARG B 7 -60.70 -41.44 -60.44
C ARG B 7 -60.04 -41.25 -59.08
N LEU B 8 -60.05 -42.30 -58.26
CA LEU B 8 -59.45 -42.22 -56.94
C LEU B 8 -57.95 -41.97 -57.03
N GLU B 9 -57.27 -42.61 -57.99
CA GLU B 9 -55.84 -42.40 -58.15
C GLU B 9 -55.54 -40.95 -58.53
N SER B 10 -56.32 -40.38 -59.44
CA SER B 10 -56.11 -38.98 -59.82
C SER B 10 -56.35 -38.04 -58.65
N ILE B 11 -57.42 -38.29 -57.88
CA ILE B 11 -57.72 -37.44 -56.72
C ILE B 11 -56.58 -37.51 -55.71
N LEU B 12 -56.09 -38.72 -55.44
CA LEU B 12 -54.98 -38.87 -54.49
C LEU B 12 -53.70 -38.24 -55.01
N SER B 13 -53.46 -38.28 -56.32
CA SER B 13 -52.29 -37.61 -56.87
C SER B 13 -52.38 -36.10 -56.67
N ARG B 14 -53.55 -35.52 -56.95
CA ARG B 14 -53.75 -34.09 -56.72
C ARG B 14 -53.53 -33.73 -55.26
N PHE B 15 -54.11 -34.54 -54.36
CA PHE B 15 -53.98 -34.25 -52.93
C PHE B 15 -52.54 -34.38 -52.46
N ASP B 16 -51.82 -35.39 -52.97
CA ASP B 16 -50.41 -35.54 -52.60
C ASP B 16 -49.59 -34.36 -53.07
N ALA B 17 -49.82 -33.90 -54.30
CA ALA B 17 -49.09 -32.73 -54.79
C ALA B 17 -49.38 -31.50 -53.92
N ASP B 18 -50.65 -31.27 -53.59
CA ASP B 18 -51.01 -30.12 -52.78
C ASP B 18 -50.43 -30.22 -51.38
N TRP B 19 -50.41 -31.43 -50.81
CA TRP B 19 -49.88 -31.62 -49.47
C TRP B 19 -48.37 -31.41 -49.44
N THR B 20 -47.65 -31.93 -50.43
CA THR B 20 -46.20 -31.80 -50.44
C THR B 20 -45.76 -30.38 -50.77
N ALA B 21 -46.51 -29.68 -51.62
CA ALA B 21 -46.11 -28.34 -52.03
C ALA B 21 -46.13 -27.31 -50.90
N SER B 22 -46.79 -27.60 -49.79
CA SER B 22 -46.96 -26.64 -48.69
C SER B 22 -46.64 -27.28 -47.35
N ASP B 23 -45.50 -27.95 -47.26
CA ASP B 23 -45.12 -28.63 -46.03
C ASP B 23 -44.44 -27.72 -45.02
N GLU B 24 -43.47 -26.90 -45.47
CA GLU B 24 -42.71 -26.07 -44.54
C GLU B 24 -43.61 -25.06 -43.83
N ALA B 25 -44.49 -24.41 -44.58
CA ALA B 25 -45.38 -23.42 -43.99
C ALA B 25 -46.31 -24.06 -42.96
N ARG B 26 -46.86 -25.23 -43.28
CA ARG B 26 -47.74 -25.91 -42.34
C ARG B 26 -46.99 -26.31 -41.08
N ARG B 27 -45.78 -26.85 -41.23
CA ARG B 27 -45.00 -27.25 -40.06
C ARG B 27 -44.68 -26.05 -39.18
N GLU B 28 -44.27 -24.93 -39.78
CA GLU B 28 -43.95 -23.76 -38.99
C GLU B 28 -45.19 -23.16 -38.33
N ALA B 29 -46.33 -23.18 -39.01
CA ALA B 29 -47.56 -22.69 -38.39
C ALA B 29 -47.98 -23.56 -37.22
N LYS B 30 -47.87 -24.88 -37.35
CA LYS B 30 -48.19 -25.76 -36.24
C LYS B 30 -47.24 -25.54 -35.07
N ASN B 31 -45.95 -25.34 -35.36
CA ASN B 31 -44.98 -25.04 -34.30
C ASN B 31 -45.36 -23.74 -33.60
N ASP B 32 -45.75 -22.71 -34.37
CA ASP B 32 -46.14 -21.45 -33.75
C ASP B 32 -47.36 -21.62 -32.86
N LEU B 33 -48.35 -22.37 -33.33
CA LEU B 33 -49.56 -22.59 -32.53
C LEU B 33 -49.23 -23.33 -31.23
N PHE B 34 -48.41 -24.37 -31.31
CA PHE B 34 -48.05 -25.11 -30.11
C PHE B 34 -47.23 -24.25 -29.16
N PHE B 35 -46.32 -23.43 -29.68
CA PHE B 35 -45.53 -22.55 -28.83
C PHE B 35 -46.40 -21.51 -28.13
N SER B 36 -47.38 -20.95 -28.85
CA SER B 36 -48.19 -19.88 -28.30
C SER B 36 -49.22 -20.39 -27.31
N ARG B 37 -49.82 -21.56 -27.56
CA ARG B 37 -50.94 -22.02 -26.77
C ARG B 37 -50.56 -22.97 -25.65
N VAL B 38 -49.84 -24.06 -25.97
CA VAL B 38 -49.65 -25.13 -24.99
C VAL B 38 -48.46 -24.82 -24.07
N SER B 39 -47.27 -24.71 -24.63
CA SER B 39 -46.06 -24.53 -23.82
C SER B 39 -44.98 -23.92 -24.70
N GLN B 40 -43.88 -23.51 -24.05
CA GLN B 40 -42.79 -22.84 -24.74
C GLN B 40 -41.49 -23.64 -24.68
N TRP B 41 -41.58 -24.93 -24.35
CA TRP B 41 -40.41 -25.80 -24.28
C TRP B 41 -40.64 -26.94 -25.28
N ASP B 42 -40.25 -26.70 -26.53
CA ASP B 42 -40.46 -27.67 -27.61
C ASP B 42 -39.31 -28.67 -27.64
N ASP B 43 -39.17 -29.39 -26.52
CA ASP B 43 -38.14 -30.42 -26.39
C ASP B 43 -38.76 -31.78 -26.10
N TRP B 44 -39.92 -32.05 -26.69
CA TRP B 44 -40.57 -33.35 -26.49
C TRP B 44 -39.67 -34.49 -26.95
N LEU B 45 -38.93 -34.27 -28.03
CA LEU B 45 -37.96 -35.25 -28.50
C LEU B 45 -36.71 -35.18 -27.63
N SER B 46 -36.15 -36.35 -27.32
CA SER B 46 -34.94 -36.50 -26.53
C SER B 46 -35.08 -35.93 -25.11
N GLN B 47 -36.29 -35.92 -24.56
CA GLN B 47 -36.49 -35.49 -23.18
C GLN B 47 -36.45 -36.71 -22.26
N TYR B 48 -36.81 -36.51 -21.00
CA TYR B 48 -36.94 -37.54 -19.97
C TYR B 48 -35.64 -38.25 -19.65
N THR B 49 -34.50 -37.82 -20.23
CA THR B 49 -33.23 -38.42 -19.87
C THR B 49 -32.80 -38.01 -18.46
N THR B 50 -33.18 -36.80 -18.05
CA THR B 50 -32.91 -36.31 -16.71
C THR B 50 -33.93 -35.23 -16.38
N LEU B 51 -34.06 -34.92 -15.09
CA LEU B 51 -35.03 -33.96 -14.62
C LEU B 51 -34.31 -32.75 -14.06
N GLN B 52 -34.65 -31.57 -14.58
CA GLN B 52 -34.04 -30.31 -14.18
C GLN B 52 -35.09 -29.21 -14.22
N TYR B 53 -34.77 -28.10 -13.57
CA TYR B 53 -35.69 -26.96 -13.55
C TYR B 53 -35.85 -26.36 -14.93
N ARG B 54 -37.10 -26.12 -15.33
CA ARG B 54 -37.42 -25.53 -16.62
C ARG B 54 -38.55 -24.54 -16.42
N GLY B 55 -38.20 -23.25 -16.28
CA GLY B 55 -39.20 -22.23 -16.03
C GLY B 55 -39.88 -21.73 -17.28
N GLN B 56 -40.99 -21.00 -17.12
CA GLN B 56 -41.74 -20.42 -18.23
C GLN B 56 -42.16 -19.01 -17.84
N PHE B 57 -41.34 -18.04 -18.20
CA PHE B 57 -41.58 -16.63 -17.90
C PHE B 57 -41.95 -15.94 -19.21
N ASP B 58 -43.23 -15.95 -19.54
CA ASP B 58 -43.71 -15.49 -20.84
C ASP B 58 -43.79 -13.97 -20.85
N VAL B 59 -43.47 -13.39 -22.02
CA VAL B 59 -43.48 -11.95 -22.19
C VAL B 59 -44.23 -11.59 -23.48
N VAL B 60 -44.47 -12.58 -24.33
CA VAL B 60 -45.09 -12.33 -25.63
C VAL B 60 -46.61 -12.49 -25.61
N ARG B 61 -47.16 -13.21 -24.64
CA ARG B 61 -48.60 -13.43 -24.53
C ARG B 61 -49.40 -12.14 -24.38
N PRO B 62 -48.96 -11.17 -23.57
CA PRO B 62 -49.70 -9.90 -23.50
C PRO B 62 -49.83 -9.20 -24.84
N VAL B 63 -48.83 -9.31 -25.71
CA VAL B 63 -48.91 -8.66 -27.03
C VAL B 63 -50.03 -9.29 -27.84
N VAL B 64 -50.10 -10.63 -27.86
CA VAL B 64 -51.16 -11.30 -28.60
C VAL B 64 -52.52 -10.96 -28.01
N ARG B 65 -52.61 -10.91 -26.68
CA ARG B 65 -53.88 -10.54 -26.04
C ARG B 65 -54.31 -9.13 -26.43
N LYS B 66 -53.36 -8.19 -26.43
CA LYS B 66 -53.67 -6.81 -26.79
C LYS B 66 -54.13 -6.72 -28.24
N LEU B 67 -53.46 -7.45 -29.15
CA LEU B 67 -53.84 -7.40 -30.55
C LEU B 67 -55.23 -7.99 -30.79
N VAL B 68 -55.52 -9.14 -30.16
CA VAL B 68 -56.84 -9.74 -30.37
C VAL B 68 -57.93 -8.87 -29.74
N SER B 69 -57.64 -8.22 -28.61
CA SER B 69 -58.62 -7.30 -28.03
C SER B 69 -58.84 -6.10 -28.94
N GLU B 70 -57.76 -5.61 -29.57
CA GLU B 70 -57.89 -4.47 -30.47
C GLU B 70 -58.74 -4.81 -31.69
N MET B 71 -58.52 -5.99 -32.28
CA MET B 71 -59.32 -6.36 -33.44
C MET B 71 -60.70 -6.88 -33.07
N ARG B 72 -60.95 -7.17 -31.79
CA ARG B 72 -62.30 -7.54 -31.38
C ARG B 72 -63.19 -6.31 -31.18
N GLN B 73 -62.58 -5.12 -31.07
CA GLN B 73 -63.34 -3.90 -30.84
C GLN B 73 -63.87 -3.28 -32.12
N ASN B 74 -63.46 -3.77 -33.28
CA ASN B 74 -63.83 -3.20 -34.57
C ASN B 74 -64.41 -4.30 -35.45
N PRO B 75 -65.68 -4.64 -35.27
CA PRO B 75 -66.30 -5.65 -36.12
C PRO B 75 -66.40 -5.19 -37.57
N ILE B 76 -66.34 -6.16 -38.47
CA ILE B 76 -66.38 -5.90 -39.90
C ILE B 76 -67.33 -6.92 -40.53
N ASP B 77 -68.22 -6.44 -41.40
CA ASP B 77 -69.22 -7.29 -42.02
C ASP B 77 -69.36 -6.86 -43.47
N VAL B 78 -70.28 -7.50 -44.19
CA VAL B 78 -70.46 -7.28 -45.62
C VAL B 78 -71.61 -6.31 -45.83
N LEU B 79 -71.40 -5.31 -46.68
CA LEU B 79 -72.41 -4.32 -47.02
C LEU B 79 -72.65 -4.36 -48.52
N TYR B 80 -73.79 -4.90 -48.93
CA TYR B 80 -74.15 -4.97 -50.34
C TYR B 80 -74.71 -3.63 -50.78
N ARG B 81 -74.14 -3.06 -51.85
CA ARG B 81 -74.64 -1.82 -52.40
C ARG B 81 -75.12 -2.04 -53.82
N PRO B 82 -76.18 -1.34 -54.24
CA PRO B 82 -76.66 -1.49 -55.62
C PRO B 82 -75.64 -0.93 -56.61
N LYS B 83 -75.61 -1.53 -57.80
CA LYS B 83 -74.73 -1.06 -58.86
C LYS B 83 -75.17 0.32 -59.34
N ASP B 84 -74.25 1.03 -59.99
CA ASP B 84 -74.51 2.41 -60.38
C ASP B 84 -75.67 2.51 -61.37
N GLY B 85 -75.76 1.59 -62.33
CA GLY B 85 -76.84 1.64 -63.30
C GLY B 85 -78.16 1.07 -62.82
N ALA B 86 -78.19 0.47 -61.63
CA ALA B 86 -79.38 -0.17 -61.13
C ALA B 86 -80.20 0.81 -60.28
N ARG B 87 -81.30 0.31 -59.73
CA ARG B 87 -82.17 1.10 -58.88
C ARG B 87 -81.50 1.35 -57.53
N PRO B 88 -81.95 2.37 -56.79
CA PRO B 88 -81.35 2.61 -55.47
C PRO B 88 -81.55 1.47 -54.48
N ASP B 89 -82.69 0.80 -54.52
CA ASP B 89 -83.04 -0.26 -53.58
C ASP B 89 -82.98 -1.62 -54.18
N ALA B 90 -81.81 -2.23 -54.20
CA ALA B 90 -81.55 -3.29 -55.13
C ALA B 90 -80.80 -4.33 -54.42
N ALA B 91 -80.09 -3.90 -53.39
CA ALA B 91 -79.42 -4.83 -52.52
C ALA B 91 -79.98 -4.76 -51.15
N ASP B 92 -81.29 -4.76 -51.05
CA ASP B 92 -81.98 -4.39 -49.85
C ASP B 92 -82.68 -5.60 -49.35
N VAL B 93 -83.19 -6.37 -50.26
CA VAL B 93 -83.72 -7.69 -49.90
C VAL B 93 -82.57 -8.66 -49.66
N LEU B 94 -81.53 -8.61 -50.49
CA LEU B 94 -80.37 -9.47 -50.28
C LEU B 94 -79.65 -9.10 -48.99
N MET B 95 -79.58 -7.80 -48.67
CA MET B 95 -78.99 -7.40 -47.40
C MET B 95 -79.79 -7.92 -46.22
N GLY B 96 -81.11 -7.86 -46.30
CA GLY B 96 -81.94 -8.41 -45.23
C GLY B 96 -81.75 -9.90 -45.07
N MET B 97 -81.66 -10.62 -46.19
CA MET B 97 -81.42 -12.06 -46.13
C MET B 97 -80.07 -12.36 -45.48
N TYR B 98 -79.04 -11.60 -45.86
CA TYR B 98 -77.71 -11.79 -45.25
C TYR B 98 -77.75 -11.50 -43.76
N ARG B 99 -78.45 -10.44 -43.36
CA ARG B 99 -78.57 -10.11 -41.94
C ARG B 99 -79.26 -11.24 -41.18
N THR B 100 -80.32 -11.80 -41.77
CA THR B 100 -81.04 -12.89 -41.12
C THR B 100 -80.17 -14.14 -41.00
N ASP B 101 -79.42 -14.48 -42.06
CA ASP B 101 -78.67 -15.73 -42.05
C ASP B 101 -77.49 -15.69 -41.09
N MET B 102 -76.71 -14.61 -41.13
CA MET B 102 -75.45 -14.52 -40.38
C MET B 102 -75.60 -13.74 -39.08
N ARG B 103 -76.75 -13.87 -38.41
CA ARG B 103 -76.98 -13.15 -37.17
C ARG B 103 -76.64 -13.98 -35.93
N HIS B 104 -76.65 -15.30 -36.03
CA HIS B 104 -76.54 -16.17 -34.86
C HIS B 104 -75.11 -16.14 -34.33
N ASN B 105 -74.87 -16.93 -33.29
CA ASN B 105 -73.57 -16.95 -32.62
C ASN B 105 -72.50 -17.67 -33.42
N THR B 106 -72.89 -18.60 -34.30
CA THR B 106 -71.91 -19.42 -35.00
C THR B 106 -71.01 -18.57 -35.89
N ALA B 107 -71.60 -17.61 -36.61
CA ALA B 107 -70.81 -16.75 -37.49
C ALA B 107 -69.79 -15.94 -36.71
N LYS B 108 -70.23 -15.34 -35.59
CA LYS B 108 -69.33 -14.54 -34.78
C LYS B 108 -68.20 -15.39 -34.20
N ILE B 109 -68.54 -16.60 -33.74
CA ILE B 109 -67.52 -17.48 -33.19
C ILE B 109 -66.52 -17.89 -34.26
N ALA B 110 -67.00 -18.18 -35.47
CA ALA B 110 -66.09 -18.55 -36.56
C ALA B 110 -65.15 -17.41 -36.91
N VAL B 111 -65.69 -16.20 -37.01
CA VAL B 111 -64.85 -15.05 -37.34
C VAL B 111 -63.81 -14.80 -36.24
N ASN B 112 -64.23 -14.91 -34.97
CA ASN B 112 -63.29 -14.69 -33.88
C ASN B 112 -62.18 -15.75 -33.87
N ILE B 113 -62.54 -17.01 -34.12
CA ILE B 113 -61.53 -18.06 -34.19
C ILE B 113 -60.55 -17.79 -35.33
N ALA B 114 -61.07 -17.40 -36.49
CA ALA B 114 -60.19 -17.10 -37.62
C ALA B 114 -59.25 -15.95 -37.31
N VAL B 115 -59.77 -14.90 -36.66
CA VAL B 115 -58.94 -13.74 -36.34
C VAL B 115 -57.85 -14.13 -35.34
N ARG B 116 -58.20 -14.88 -34.30
CA ARG B 116 -57.19 -15.29 -33.32
C ARG B 116 -56.12 -16.17 -33.96
N GLU B 117 -56.54 -17.11 -34.83
CA GLU B 117 -55.56 -17.93 -35.53
C GLU B 117 -54.65 -17.06 -36.38
N GLN B 118 -55.23 -16.16 -37.17
CA GLN B 118 -54.44 -15.29 -38.03
C GLN B 118 -53.42 -14.50 -37.22
N ILE B 119 -53.80 -14.03 -36.04
CA ILE B 119 -52.85 -13.31 -35.19
C ILE B 119 -51.73 -14.23 -34.75
N GLU B 120 -52.06 -15.44 -34.30
CA GLU B 120 -51.03 -16.34 -33.78
C GLU B 120 -50.21 -16.96 -34.90
N ALA B 121 -50.85 -17.74 -35.77
CA ALA B 121 -50.19 -18.36 -36.91
C ALA B 121 -50.92 -17.91 -38.17
N GLY B 122 -50.19 -17.30 -39.09
CA GLY B 122 -50.85 -16.48 -40.10
C GLY B 122 -51.67 -17.24 -41.13
N VAL B 123 -52.76 -17.86 -40.69
CA VAL B 123 -53.74 -18.49 -41.58
C VAL B 123 -55.00 -18.79 -40.78
N GLY B 124 -56.15 -18.74 -41.45
CA GLY B 124 -57.43 -19.08 -40.84
C GLY B 124 -58.47 -19.23 -41.93
N ALA B 125 -59.57 -19.88 -41.58
CA ALA B 125 -60.61 -20.14 -42.56
C ALA B 125 -61.93 -20.41 -41.86
N TRP B 126 -63.01 -20.34 -42.64
CA TRP B 126 -64.35 -20.71 -42.19
C TRP B 126 -65.19 -21.00 -43.42
N ARG B 127 -66.05 -22.00 -43.33
CA ARG B 127 -66.83 -22.47 -44.47
C ARG B 127 -68.29 -22.09 -44.33
N LEU B 128 -68.99 -22.11 -45.46
CA LEU B 128 -70.41 -21.81 -45.52
C LEU B 128 -71.17 -23.08 -45.90
N VAL B 129 -72.12 -23.48 -45.05
CA VAL B 129 -72.88 -24.70 -45.25
C VAL B 129 -74.36 -24.38 -45.25
N THR B 130 -75.08 -24.95 -46.21
CA THR B 130 -76.53 -24.86 -46.28
C THR B 130 -77.15 -26.05 -45.56
N ASP B 131 -78.46 -25.94 -45.29
CA ASP B 131 -79.15 -26.97 -44.54
C ASP B 131 -80.64 -26.86 -44.80
N TYR B 132 -81.39 -27.82 -44.27
CA TYR B 132 -82.84 -27.85 -44.36
C TYR B 132 -83.43 -27.48 -43.00
N GLU B 133 -84.38 -26.55 -43.00
CA GLU B 133 -85.06 -26.14 -41.77
C GLU B 133 -86.48 -25.73 -42.10
N ASP B 134 -87.42 -26.16 -41.27
CA ASP B 134 -88.84 -25.89 -41.49
C ASP B 134 -89.47 -25.00 -40.44
N GLN B 135 -88.94 -24.97 -39.22
CA GLN B 135 -89.57 -24.19 -38.15
C GLN B 135 -89.42 -22.69 -38.37
N SER B 136 -88.25 -22.25 -38.84
CA SER B 136 -87.99 -20.84 -39.10
C SER B 136 -87.06 -20.69 -40.30
N PRO B 137 -87.55 -20.96 -41.50
CA PRO B 137 -86.72 -20.79 -42.70
C PRO B 137 -86.53 -19.32 -43.02
N THR B 138 -85.45 -19.04 -43.75
CA THR B 138 -85.14 -17.65 -44.10
C THR B 138 -86.03 -17.16 -45.25
N SER B 139 -85.88 -17.76 -46.43
CA SER B 139 -86.80 -17.51 -47.54
C SER B 139 -87.47 -18.79 -48.02
N ASN B 140 -86.68 -19.80 -48.38
CA ASN B 140 -87.19 -21.12 -48.70
C ASN B 140 -86.79 -22.07 -47.57
N ASN B 141 -87.07 -23.35 -47.75
CA ASN B 141 -86.76 -24.34 -46.71
C ASN B 141 -85.27 -24.68 -46.73
N GLN B 142 -84.46 -23.62 -46.68
CA GLN B 142 -83.01 -23.72 -46.58
C GLN B 142 -82.49 -22.55 -45.78
N VAL B 143 -81.41 -22.79 -45.05
CA VAL B 143 -80.73 -21.75 -44.29
C VAL B 143 -79.23 -21.87 -44.53
N ILE B 144 -78.55 -20.73 -44.60
CA ILE B 144 -77.10 -20.68 -44.80
C ILE B 144 -76.45 -20.27 -43.50
N ARG B 145 -75.42 -21.01 -43.10
CA ARG B 145 -74.73 -20.75 -41.84
C ARG B 145 -73.24 -20.93 -42.04
N ARG B 146 -72.46 -20.16 -41.28
CA ARG B 146 -71.03 -20.34 -41.25
C ARG B 146 -70.67 -21.54 -40.37
N GLU B 147 -69.42 -21.97 -40.47
CA GLU B 147 -68.91 -23.06 -39.65
C GLU B 147 -67.42 -22.81 -39.39
N PRO B 148 -66.94 -23.10 -38.19
CA PRO B 148 -65.54 -22.84 -37.88
C PRO B 148 -64.64 -24.03 -38.17
N ILE B 149 -63.42 -23.72 -38.60
CA ILE B 149 -62.37 -24.70 -38.82
C ILE B 149 -61.26 -24.39 -37.85
N HIS B 150 -60.93 -25.35 -36.98
CA HIS B 150 -60.16 -25.04 -35.78
C HIS B 150 -58.66 -25.13 -36.00
N SER B 151 -58.21 -25.72 -37.11
CA SER B 151 -56.80 -25.72 -37.50
C SER B 151 -56.75 -25.55 -39.01
N ALA B 152 -56.72 -24.30 -39.47
CA ALA B 152 -56.63 -24.06 -40.90
C ALA B 152 -55.22 -24.25 -41.44
N CYS B 153 -54.23 -24.39 -40.56
CA CYS B 153 -52.87 -24.62 -41.02
C CYS B 153 -52.74 -25.96 -41.74
N SER B 154 -53.35 -27.00 -41.20
CA SER B 154 -53.16 -28.35 -41.72
C SER B 154 -54.45 -29.03 -42.19
N HIS B 155 -55.62 -28.63 -41.70
CA HIS B 155 -56.85 -29.29 -42.10
C HIS B 155 -57.32 -28.84 -43.47
N VAL B 156 -57.15 -27.56 -43.80
CA VAL B 156 -57.55 -27.03 -45.10
C VAL B 156 -56.32 -26.98 -46.00
N ILE B 157 -56.41 -27.62 -47.16
CA ILE B 157 -55.31 -27.71 -48.11
C ILE B 157 -55.81 -27.16 -49.44
N TRP B 158 -55.18 -26.08 -49.90
CA TRP B 158 -55.61 -25.42 -51.12
C TRP B 158 -54.82 -25.91 -52.33
N ASP B 159 -55.22 -25.46 -53.50
CA ASP B 159 -54.52 -25.81 -54.73
C ASP B 159 -53.13 -25.18 -54.74
N SER B 160 -52.13 -25.94 -55.18
CA SER B 160 -50.77 -25.43 -55.21
C SER B 160 -50.57 -24.40 -56.32
N ASN B 161 -51.45 -24.35 -57.31
CA ASN B 161 -51.35 -23.41 -58.41
C ASN B 161 -52.05 -22.09 -58.13
N SER B 162 -52.68 -21.95 -56.97
CA SER B 162 -53.34 -20.70 -56.61
C SER B 162 -52.32 -19.59 -56.45
N LYS B 163 -52.74 -18.36 -56.76
CA LYS B 163 -51.85 -17.21 -56.72
C LYS B 163 -52.39 -16.02 -55.95
N LEU B 164 -53.68 -15.98 -55.62
CA LEU B 164 -54.26 -14.85 -54.91
C LEU B 164 -54.32 -15.13 -53.41
N MET B 165 -54.57 -14.07 -52.65
CA MET B 165 -54.65 -14.18 -51.19
C MET B 165 -55.95 -14.88 -50.78
N ASP B 166 -57.06 -14.56 -51.44
CA ASP B 166 -58.35 -15.16 -51.10
C ASP B 166 -58.59 -16.49 -51.81
N LYS B 167 -57.63 -16.95 -52.62
CA LYS B 167 -57.74 -18.23 -53.34
C LYS B 167 -58.95 -18.24 -54.26
N SER B 168 -59.16 -17.14 -54.98
CA SER B 168 -60.25 -17.07 -55.93
C SER B 168 -60.01 -18.00 -57.13
N ASP B 169 -58.76 -18.06 -57.60
CA ASP B 169 -58.40 -18.85 -58.77
C ASP B 169 -57.85 -20.22 -58.35
N ALA B 170 -58.71 -21.00 -57.70
CA ALA B 170 -58.35 -22.32 -57.23
C ALA B 170 -59.43 -23.31 -57.61
N ARG B 171 -59.02 -24.56 -57.85
CA ARG B 171 -59.93 -25.63 -58.23
C ARG B 171 -59.89 -26.80 -57.25
N HIS B 172 -59.06 -26.71 -56.21
CA HIS B 172 -58.88 -27.80 -55.27
C HIS B 172 -59.09 -27.28 -53.85
N CYS B 173 -59.70 -28.11 -53.01
CA CYS B 173 -59.83 -27.79 -51.59
C CYS B 173 -60.11 -29.08 -50.85
N THR B 174 -59.19 -29.48 -49.99
CA THR B 174 -59.32 -30.70 -49.20
C THR B 174 -59.44 -30.32 -47.74
N VAL B 175 -60.51 -30.77 -47.08
CA VAL B 175 -60.73 -30.55 -45.66
C VAL B 175 -60.62 -31.88 -44.94
N ILE B 176 -59.61 -32.02 -44.09
CA ILE B 176 -59.33 -33.26 -43.39
C ILE B 176 -60.00 -33.18 -42.02
N HIS B 177 -61.15 -33.82 -41.90
CA HIS B 177 -61.87 -33.88 -40.63
C HIS B 177 -61.09 -34.75 -39.65
N SER B 178 -61.05 -34.32 -38.38
CA SER B 178 -60.51 -35.11 -37.30
C SER B 178 -61.60 -35.17 -36.23
N MET B 179 -62.19 -36.34 -36.06
CA MET B 179 -63.47 -36.47 -35.36
C MET B 179 -63.59 -37.83 -34.69
N SER B 180 -64.44 -37.87 -33.65
CA SER B 180 -64.48 -38.96 -32.68
C SER B 180 -65.37 -40.11 -33.16
N GLN B 181 -65.38 -41.18 -32.36
CA GLN B 181 -66.12 -42.39 -32.72
C GLN B 181 -67.62 -42.13 -32.76
N ASN B 182 -68.18 -41.58 -31.68
CA ASN B 182 -69.61 -41.25 -31.69
C ASN B 182 -69.91 -40.18 -32.72
N GLY B 183 -69.01 -39.21 -32.88
CA GLY B 183 -69.14 -38.26 -33.96
C GLY B 183 -69.11 -38.92 -35.32
N TRP B 184 -68.29 -39.96 -35.47
CA TRP B 184 -68.26 -40.69 -36.73
C TRP B 184 -69.57 -41.42 -36.99
N GLU B 185 -70.17 -42.00 -35.96
CA GLU B 185 -71.47 -42.63 -36.12
C GLU B 185 -72.53 -41.60 -36.53
N ASP B 186 -72.50 -40.42 -35.90
CA ASP B 186 -73.43 -39.37 -36.28
C ASP B 186 -73.20 -38.93 -37.72
N PHE B 187 -71.93 -38.81 -38.13
CA PHE B 187 -71.60 -38.41 -39.49
C PHE B 187 -72.10 -39.42 -40.51
N ALA B 188 -71.91 -40.72 -40.22
CA ALA B 188 -72.41 -41.76 -41.11
C ALA B 188 -73.93 -41.77 -41.15
N GLU B 189 -74.58 -41.46 -40.03
CA GLU B 189 -76.04 -41.39 -40.02
C GLU B 189 -76.55 -40.19 -40.81
N LYS B 190 -75.80 -39.07 -40.81
CA LYS B 190 -76.24 -37.88 -41.51
C LYS B 190 -76.34 -38.12 -43.02
N TYR B 191 -75.28 -38.67 -43.60
CA TYR B 191 -75.29 -39.04 -45.01
C TYR B 191 -75.73 -40.50 -45.13
N ASP B 192 -75.56 -41.09 -46.32
CA ASP B 192 -75.93 -42.48 -46.56
C ASP B 192 -74.75 -43.42 -46.42
N LEU B 193 -73.76 -43.06 -45.60
CA LEU B 193 -72.63 -43.93 -45.33
C LEU B 193 -73.03 -45.04 -44.36
N ASP B 194 -72.10 -45.98 -44.16
CA ASP B 194 -72.28 -47.06 -43.20
C ASP B 194 -71.26 -46.94 -42.08
N ALA B 195 -71.72 -47.10 -40.85
CA ALA B 195 -70.90 -46.95 -39.65
C ALA B 195 -70.10 -48.19 -39.32
N ASP B 196 -70.07 -49.24 -40.14
CA ASP B 196 -69.40 -50.47 -39.79
C ASP B 196 -67.92 -50.50 -40.18
N ASP B 197 -67.52 -49.76 -41.21
CA ASP B 197 -66.12 -49.66 -41.60
C ASP B 197 -65.55 -48.33 -41.13
N ILE B 198 -64.31 -48.36 -40.66
CA ILE B 198 -63.66 -47.18 -40.10
C ILE B 198 -62.85 -46.48 -41.19
N PRO B 199 -63.14 -45.20 -41.48
CA PRO B 199 -62.35 -44.49 -42.49
C PRO B 199 -60.99 -44.10 -41.94
N SER B 200 -60.11 -43.74 -42.87
CA SER B 200 -58.76 -43.32 -42.52
C SER B 200 -58.26 -42.34 -43.56
N PHE B 201 -57.29 -41.52 -43.17
CA PHE B 201 -56.70 -40.52 -44.05
C PHE B 201 -55.38 -40.06 -43.43
N GLN B 202 -54.81 -38.99 -44.00
CA GLN B 202 -53.60 -38.40 -43.44
C GLN B 202 -53.87 -37.88 -42.03
N ASN B 203 -52.82 -37.93 -41.19
CA ASN B 203 -52.94 -37.46 -39.82
C ASN B 203 -52.34 -36.07 -39.73
N PRO B 204 -53.15 -35.01 -39.62
CA PRO B 204 -52.60 -33.65 -39.56
C PRO B 204 -51.88 -33.38 -38.25
N ASN B 205 -52.46 -33.84 -37.14
CA ASN B 205 -51.89 -33.58 -35.83
C ASN B 205 -50.69 -34.48 -35.57
N ASP B 206 -50.03 -34.25 -34.42
CA ASP B 206 -48.82 -34.98 -34.07
C ASP B 206 -48.90 -35.42 -32.62
N TRP B 207 -48.11 -36.44 -32.29
CA TRP B 207 -48.03 -36.99 -30.94
C TRP B 207 -46.81 -36.39 -30.26
N VAL B 208 -46.94 -35.13 -29.85
CA VAL B 208 -45.82 -34.37 -29.31
C VAL B 208 -46.14 -33.82 -27.93
N PHE B 209 -47.02 -34.52 -27.20
CA PHE B 209 -47.42 -34.08 -25.87
C PHE B 209 -47.86 -35.29 -25.08
N PRO B 210 -47.76 -35.25 -23.74
CA PRO B 210 -48.27 -36.37 -22.95
C PRO B 210 -49.79 -36.47 -22.94
N TRP B 211 -50.38 -36.53 -24.13
CA TRP B 211 -51.83 -36.66 -24.27
C TRP B 211 -52.23 -38.11 -24.10
N LEU B 212 -53.40 -38.34 -23.52
CA LEU B 212 -53.83 -39.70 -23.19
C LEU B 212 -54.39 -40.42 -24.41
N THR B 213 -55.35 -39.81 -25.10
CA THR B 213 -56.05 -40.46 -26.20
C THR B 213 -56.17 -39.51 -27.38
N GLN B 214 -56.45 -40.11 -28.54
CA GLN B 214 -56.71 -39.37 -29.77
C GLN B 214 -57.88 -40.02 -30.50
N ASP B 215 -58.51 -39.26 -31.39
CA ASP B 215 -59.66 -39.76 -32.12
C ASP B 215 -59.28 -40.86 -33.11
N THR B 216 -58.22 -40.64 -33.88
CA THR B 216 -57.72 -41.59 -34.87
C THR B 216 -58.82 -42.01 -35.86
N ILE B 217 -59.63 -41.04 -36.29
CA ILE B 217 -60.65 -41.26 -37.32
C ILE B 217 -60.62 -40.02 -38.21
N GLN B 218 -60.02 -40.13 -39.39
CA GLN B 218 -59.86 -39.01 -40.29
C GLN B 218 -60.56 -39.31 -41.61
N ILE B 219 -61.38 -38.36 -42.07
CA ILE B 219 -62.01 -38.43 -43.39
C ILE B 219 -61.80 -37.08 -44.07
N ALA B 220 -61.94 -37.07 -45.39
CA ALA B 220 -61.64 -35.88 -46.18
C ALA B 220 -62.79 -35.56 -47.12
N GLU B 221 -62.85 -34.30 -47.53
CA GLU B 221 -63.83 -33.81 -48.49
C GLU B 221 -63.10 -33.09 -49.61
N PHE B 222 -63.55 -33.29 -50.84
CA PHE B 222 -62.85 -32.79 -52.02
C PHE B 222 -63.80 -31.91 -52.84
N TYR B 223 -63.48 -30.63 -52.94
CA TYR B 223 -64.24 -29.68 -53.74
C TYR B 223 -63.51 -29.41 -55.05
N GLU B 224 -64.28 -29.28 -56.14
CA GLU B 224 -63.71 -28.97 -57.44
C GLU B 224 -64.68 -28.07 -58.20
N VAL B 225 -64.13 -27.28 -59.12
CA VAL B 225 -64.88 -26.31 -59.90
C VAL B 225 -64.61 -26.53 -61.37
N VAL B 226 -65.67 -26.55 -62.18
CA VAL B 226 -65.56 -26.75 -63.62
C VAL B 226 -66.37 -25.68 -64.34
N GLU B 227 -66.01 -25.45 -65.60
CA GLU B 227 -66.71 -24.53 -66.48
C GLU B 227 -66.89 -25.21 -67.83
N LYS B 228 -68.15 -25.43 -68.23
CA LYS B 228 -68.43 -26.22 -69.42
C LYS B 228 -69.40 -25.57 -70.39
N LYS B 229 -69.84 -24.35 -70.14
CA LYS B 229 -70.71 -23.60 -71.05
C LYS B 229 -72.00 -24.38 -71.33
N GLU B 230 -72.79 -24.51 -70.27
CA GLU B 230 -74.06 -25.21 -70.35
C GLU B 230 -75.10 -24.37 -71.10
N THR B 231 -76.28 -24.94 -71.31
CA THR B 231 -77.33 -24.31 -72.08
C THR B 231 -78.33 -23.60 -71.19
N ALA B 232 -79.23 -22.84 -71.82
CA ALA B 232 -80.25 -22.07 -71.10
C ALA B 232 -81.44 -21.87 -72.01
N PHE B 233 -82.61 -21.68 -71.39
CA PHE B 233 -83.86 -21.47 -72.12
C PHE B 233 -84.34 -20.03 -71.91
N ILE B 234 -84.87 -19.45 -72.98
CA ILE B 234 -85.40 -18.09 -72.95
C ILE B 234 -86.93 -18.19 -73.07
N TYR B 235 -87.63 -17.75 -72.04
CA TYR B 235 -89.07 -17.82 -71.99
C TYR B 235 -89.68 -16.42 -72.07
N GLN B 236 -91.01 -16.39 -72.14
CA GLN B 236 -91.78 -15.15 -72.13
C GLN B 236 -92.73 -15.14 -70.94
N ASP B 237 -92.60 -14.14 -70.08
CA ASP B 237 -93.43 -14.05 -68.89
C ASP B 237 -94.85 -13.63 -69.28
N PRO B 238 -95.88 -14.27 -68.73
CA PRO B 238 -97.25 -13.85 -69.07
C PRO B 238 -97.70 -12.60 -68.32
N VAL B 239 -97.23 -12.39 -67.09
CA VAL B 239 -97.63 -11.21 -66.32
C VAL B 239 -97.09 -9.95 -66.98
N THR B 240 -95.81 -9.96 -67.33
CA THR B 240 -95.17 -8.84 -68.03
C THR B 240 -94.53 -9.35 -69.30
N GLY B 241 -94.77 -8.65 -70.41
CA GLY B 241 -94.26 -9.09 -71.69
C GLY B 241 -92.76 -8.85 -71.85
N GLU B 242 -91.96 -9.53 -71.04
CA GLU B 242 -90.52 -9.41 -71.08
C GLU B 242 -89.87 -10.78 -71.12
N PRO B 243 -88.74 -10.92 -71.79
CA PRO B 243 -88.07 -12.23 -71.84
C PRO B 243 -87.32 -12.53 -70.56
N VAL B 244 -87.30 -13.82 -70.19
CA VAL B 244 -86.58 -14.30 -69.03
C VAL B 244 -85.72 -15.49 -69.46
N SER B 245 -84.66 -15.72 -68.71
CA SER B 245 -83.71 -16.79 -69.00
C SER B 245 -83.61 -17.72 -67.79
N TYR B 246 -83.73 -19.03 -68.04
CA TYR B 246 -83.59 -20.04 -67.01
C TYR B 246 -82.65 -21.13 -67.50
N PHE B 247 -81.79 -21.61 -66.62
CA PHE B 247 -80.90 -22.71 -66.97
C PHE B 247 -81.71 -23.99 -67.16
N LYS B 248 -81.33 -24.77 -68.18
CA LYS B 248 -82.05 -26.01 -68.45
C LYS B 248 -81.90 -27.02 -67.32
N ARG B 249 -80.72 -27.10 -66.70
CA ARG B 249 -80.50 -28.06 -65.64
C ARG B 249 -81.40 -27.79 -64.43
N ASP B 250 -81.59 -26.53 -64.07
CA ASP B 250 -82.40 -26.20 -62.90
C ASP B 250 -83.87 -26.55 -63.11
N ILE B 251 -84.39 -26.32 -64.31
CA ILE B 251 -85.81 -26.53 -64.59
C ILE B 251 -86.03 -27.75 -65.48
N LYS B 252 -85.12 -28.72 -65.46
CA LYS B 252 -85.21 -29.86 -66.37
C LYS B 252 -86.46 -30.71 -66.10
N ASP B 253 -86.85 -30.86 -64.83
CA ASP B 253 -87.97 -31.71 -64.47
C ASP B 253 -89.30 -30.97 -64.41
N VAL B 254 -89.32 -29.68 -64.75
CA VAL B 254 -90.52 -28.86 -64.57
C VAL B 254 -90.88 -28.26 -65.93
N ILE B 255 -90.16 -28.66 -66.98
CA ILE B 255 -90.31 -28.04 -68.30
C ILE B 255 -91.75 -28.11 -68.78
N ASP B 256 -92.39 -29.27 -68.60
CA ASP B 256 -93.80 -29.40 -68.97
C ASP B 256 -94.67 -28.45 -68.17
N ASP B 257 -94.37 -28.28 -66.87
CA ASP B 257 -95.11 -27.33 -66.05
C ASP B 257 -94.86 -25.90 -66.50
N LEU B 258 -93.63 -25.60 -66.95
CA LEU B 258 -93.35 -24.30 -67.55
C LEU B 258 -94.23 -24.07 -68.77
N ALA B 259 -94.35 -25.10 -69.62
CA ALA B 259 -95.15 -24.95 -70.83
C ALA B 259 -96.64 -24.84 -70.54
N ASP B 260 -97.11 -25.49 -69.48
CA ASP B 260 -98.53 -25.48 -69.15
C ASP B 260 -99.03 -24.07 -68.83
N SER B 261 -98.23 -23.28 -68.11
CA SER B 261 -98.62 -21.93 -67.74
C SER B 261 -98.40 -21.00 -68.93
N GLY B 262 -98.47 -19.69 -68.68
CA GLY B 262 -98.30 -18.72 -69.75
C GLY B 262 -96.89 -18.59 -70.28
N PHE B 263 -95.93 -19.29 -69.66
CA PHE B 263 -94.57 -19.29 -70.16
C PHE B 263 -94.49 -20.01 -71.50
N ILE B 264 -93.87 -19.37 -72.48
CA ILE B 264 -93.68 -19.95 -73.81
C ILE B 264 -92.23 -19.75 -74.22
N LYS B 265 -91.63 -20.79 -74.82
CA LYS B 265 -90.23 -20.72 -75.21
C LYS B 265 -90.06 -19.83 -76.43
N ILE B 266 -89.03 -18.99 -76.41
CA ILE B 266 -88.72 -18.11 -77.53
C ILE B 266 -87.50 -18.59 -78.31
N ALA B 267 -86.39 -18.81 -77.62
CA ALA B 267 -85.16 -19.25 -78.27
C ALA B 267 -84.30 -19.99 -77.25
N GLU B 268 -83.13 -20.43 -77.70
CA GLU B 268 -82.19 -21.17 -76.86
C GLU B 268 -80.81 -20.56 -77.00
N ARG B 269 -80.08 -20.46 -75.89
CA ARG B 269 -78.74 -19.91 -75.88
C ARG B 269 -77.82 -20.83 -75.08
N GLN B 270 -76.56 -20.43 -74.95
CA GLN B 270 -75.57 -21.17 -74.16
C GLN B 270 -74.75 -20.17 -73.37
N ILE B 271 -74.78 -20.28 -72.05
CA ILE B 271 -74.08 -19.37 -71.15
C ILE B 271 -73.16 -20.18 -70.26
N LYS B 272 -71.90 -19.75 -70.16
CA LYS B 272 -70.92 -20.43 -69.34
C LYS B 272 -71.07 -20.02 -67.88
N ARG B 273 -70.99 -21.00 -66.99
CA ARG B 273 -71.18 -20.78 -65.56
C ARG B 273 -70.45 -21.87 -64.79
N ARG B 274 -69.78 -21.47 -63.71
CA ARG B 274 -69.04 -22.43 -62.90
C ARG B 274 -70.00 -23.29 -62.08
N ARG B 275 -69.53 -24.48 -61.73
CA ARG B 275 -70.27 -25.39 -60.86
C ARG B 275 -69.29 -26.01 -59.87
N VAL B 276 -69.80 -26.37 -58.69
CA VAL B 276 -68.99 -26.90 -57.61
C VAL B 276 -69.47 -28.30 -57.28
N TYR B 277 -68.55 -29.25 -57.24
CA TYR B 277 -68.84 -30.64 -56.90
C TYR B 277 -68.05 -31.04 -55.67
N LYS B 278 -68.67 -31.85 -54.80
CA LYS B 278 -68.05 -32.32 -53.57
C LYS B 278 -68.05 -33.83 -53.55
N SER B 279 -66.89 -34.41 -53.23
CA SER B 279 -66.74 -35.86 -53.10
C SER B 279 -65.98 -36.16 -51.81
N ILE B 280 -66.18 -37.37 -51.30
CA ILE B 280 -65.58 -37.80 -50.04
C ILE B 280 -64.60 -38.93 -50.33
N ILE B 281 -63.35 -38.75 -49.93
CA ILE B 281 -62.30 -39.72 -50.15
C ILE B 281 -61.88 -40.31 -48.82
N THR B 282 -61.26 -41.50 -48.88
CA THR B 282 -60.90 -42.23 -47.67
C THR B 282 -59.52 -42.87 -47.82
N CYS B 283 -58.76 -42.47 -48.84
CA CYS B 283 -57.39 -42.93 -49.12
C CYS B 283 -57.37 -44.39 -49.59
N THR B 284 -58.52 -45.07 -49.60
CA THR B 284 -58.59 -46.44 -50.09
C THR B 284 -59.71 -46.56 -51.13
N ALA B 285 -60.76 -45.76 -50.97
CA ALA B 285 -61.88 -45.75 -51.91
C ALA B 285 -62.69 -44.49 -51.70
N VAL B 286 -63.42 -44.10 -52.74
CA VAL B 286 -64.32 -42.95 -52.68
C VAL B 286 -65.67 -43.43 -52.18
N LEU B 287 -66.22 -42.72 -51.19
CA LEU B 287 -67.49 -43.11 -50.59
C LEU B 287 -68.68 -42.50 -51.33
N LYS B 288 -68.65 -41.19 -51.57
CA LYS B 288 -69.67 -40.51 -52.37
C LYS B 288 -68.96 -39.72 -53.46
N ASP B 289 -69.47 -39.83 -54.68
CA ASP B 289 -68.78 -39.32 -55.87
C ASP B 289 -69.57 -38.18 -56.47
N LYS B 290 -68.97 -36.98 -56.47
CA LYS B 290 -69.44 -35.84 -57.24
C LYS B 290 -70.87 -35.44 -56.87
N GLN B 291 -71.05 -35.02 -55.61
CA GLN B 291 -72.29 -34.39 -55.21
C GLN B 291 -72.29 -32.93 -55.63
N LEU B 292 -73.44 -32.44 -56.07
CA LEU B 292 -73.56 -31.10 -56.62
C LEU B 292 -73.86 -30.11 -55.50
N ILE B 293 -72.84 -29.35 -55.09
CA ILE B 293 -73.03 -28.26 -54.15
C ILE B 293 -73.76 -27.12 -54.83
N ALA B 294 -74.68 -26.48 -54.11
CA ALA B 294 -75.52 -25.46 -54.71
C ALA B 294 -74.74 -24.21 -55.04
N GLY B 295 -73.55 -24.04 -54.49
CA GLY B 295 -72.79 -22.83 -54.71
C GLY B 295 -72.16 -22.80 -56.10
N GLU B 296 -71.42 -21.71 -56.34
CA GLU B 296 -70.64 -21.55 -57.56
C GLU B 296 -69.15 -21.39 -57.29
N HIS B 297 -68.75 -21.19 -56.04
CA HIS B 297 -67.36 -21.11 -55.64
C HIS B 297 -67.13 -22.07 -54.49
N ILE B 298 -65.86 -22.29 -54.16
CA ILE B 298 -65.53 -23.15 -53.01
C ILE B 298 -65.91 -22.42 -51.73
N PRO B 299 -66.73 -23.02 -50.86
CA PRO B 299 -67.24 -22.27 -49.70
C PRO B 299 -66.17 -21.75 -48.76
N ILE B 300 -65.03 -22.44 -48.62
CA ILE B 300 -64.04 -22.05 -47.62
C ILE B 300 -63.46 -20.68 -47.96
N VAL B 301 -63.41 -19.81 -46.96
CA VAL B 301 -62.90 -18.45 -47.11
C VAL B 301 -61.65 -18.33 -46.25
N PRO B 302 -60.47 -18.12 -46.83
CA PRO B 302 -59.25 -18.06 -46.02
C PRO B 302 -58.83 -16.66 -45.61
N VAL B 303 -58.22 -16.53 -44.43
CA VAL B 303 -57.56 -15.31 -44.00
C VAL B 303 -56.08 -15.64 -43.82
N PHE B 304 -55.23 -14.65 -44.07
CA PHE B 304 -53.78 -14.89 -44.08
C PHE B 304 -53.07 -13.88 -43.18
N GLY B 305 -51.89 -14.27 -42.70
CA GLY B 305 -51.17 -13.46 -41.75
C GLY B 305 -50.65 -12.16 -42.33
N GLU B 306 -49.62 -12.21 -43.18
CA GLU B 306 -49.33 -11.00 -43.93
C GLU B 306 -49.50 -11.25 -45.42
N TRP B 307 -48.54 -11.97 -46.02
CA TRP B 307 -48.65 -12.69 -47.30
C TRP B 307 -47.24 -13.16 -47.66
N GLY B 308 -47.08 -13.87 -48.77
CA GLY B 308 -45.74 -14.01 -49.31
C GLY B 308 -45.48 -15.14 -50.29
N PHE B 309 -44.73 -14.82 -51.35
CA PHE B 309 -44.18 -15.79 -52.29
C PHE B 309 -42.71 -15.47 -52.47
N VAL B 310 -41.83 -16.31 -51.93
CA VAL B 310 -40.40 -15.97 -51.92
C VAL B 310 -39.72 -16.43 -53.21
N GLU B 311 -39.67 -17.73 -53.49
CA GLU B 311 -39.13 -18.22 -54.74
C GLU B 311 -40.19 -18.92 -55.59
N ASP B 312 -40.82 -19.97 -55.05
CA ASP B 312 -41.99 -20.55 -55.69
C ASP B 312 -42.99 -21.09 -54.67
N LYS B 313 -42.78 -20.85 -53.38
CA LYS B 313 -43.63 -21.39 -52.32
C LYS B 313 -44.20 -20.24 -51.50
N GLU B 314 -45.47 -20.38 -51.13
CA GLU B 314 -46.11 -19.36 -50.31
C GLU B 314 -45.60 -19.44 -48.87
N VAL B 315 -45.40 -18.27 -48.27
CA VAL B 315 -44.98 -18.17 -46.88
C VAL B 315 -45.87 -17.15 -46.18
N TYR B 316 -46.38 -17.51 -45.01
CA TYR B 316 -47.18 -16.61 -44.20
C TYR B 316 -46.63 -16.59 -42.78
N GLU B 317 -46.81 -15.46 -42.11
CA GLU B 317 -46.24 -15.24 -40.78
C GLU B 317 -47.22 -14.41 -39.96
N GLY B 318 -47.16 -14.60 -38.64
CA GLY B 318 -47.99 -13.84 -37.73
C GLY B 318 -47.19 -12.91 -36.86
N VAL B 319 -47.32 -13.06 -35.54
CA VAL B 319 -46.59 -12.22 -34.60
C VAL B 319 -45.56 -13.01 -33.80
N VAL B 320 -45.70 -14.33 -33.69
CA VAL B 320 -44.86 -15.12 -32.80
C VAL B 320 -43.61 -15.66 -33.49
N ARG B 321 -43.55 -15.62 -34.82
CA ARG B 321 -42.44 -16.24 -35.53
C ARG B 321 -41.10 -15.63 -35.17
N LEU B 322 -41.03 -14.30 -35.06
CA LEU B 322 -39.77 -13.63 -34.82
C LEU B 322 -39.46 -13.42 -33.34
N THR B 323 -40.35 -13.82 -32.43
CA THR B 323 -40.15 -13.61 -31.00
C THR B 323 -39.83 -14.90 -30.27
N LYS B 324 -39.39 -15.94 -30.98
CA LYS B 324 -39.17 -17.24 -30.34
C LYS B 324 -37.76 -17.36 -29.78
N ASP B 325 -36.75 -16.90 -30.53
CA ASP B 325 -35.37 -17.06 -30.10
C ASP B 325 -35.10 -16.31 -28.80
N GLY B 326 -35.49 -15.03 -28.74
CA GLY B 326 -35.28 -14.25 -27.54
C GLY B 326 -36.06 -14.79 -26.36
N GLN B 327 -37.29 -15.24 -26.60
CA GLN B 327 -38.10 -15.79 -25.52
C GLN B 327 -37.46 -17.05 -24.94
N ARG B 328 -36.97 -17.93 -25.82
CA ARG B 328 -36.30 -19.14 -25.34
C ARG B 328 -35.02 -18.80 -24.58
N LEU B 329 -34.26 -17.83 -25.07
CA LEU B 329 -33.05 -17.41 -24.36
C LEU B 329 -33.40 -16.86 -22.97
N ARG B 330 -34.47 -16.06 -22.89
CA ARG B 330 -34.90 -15.52 -21.60
C ARG B 330 -35.27 -16.65 -20.64
N ASN B 331 -36.02 -17.63 -21.13
CA ASN B 331 -36.41 -18.76 -20.27
C ASN B 331 -35.18 -19.51 -19.79
N MET B 332 -34.21 -19.74 -20.69
CA MET B 332 -33.01 -20.48 -20.31
C MET B 332 -32.20 -19.71 -19.26
N ILE B 333 -32.05 -18.39 -19.44
CA ILE B 333 -31.30 -17.60 -18.48
C ILE B 333 -31.98 -17.61 -17.12
N MET B 334 -33.31 -17.46 -17.08
CA MET B 334 -34.02 -17.49 -15.81
C MET B 334 -33.89 -18.84 -15.14
N SER B 335 -33.95 -19.93 -15.91
CA SER B 335 -33.78 -21.26 -15.33
C SER B 335 -32.38 -21.44 -14.75
N PHE B 336 -31.35 -20.98 -15.47
CA PHE B 336 -29.99 -21.09 -14.97
C PHE B 336 -29.81 -20.29 -13.69
N ASN B 337 -30.37 -19.08 -13.64
CA ASN B 337 -30.25 -18.27 -12.44
C ASN B 337 -30.98 -18.91 -11.26
N ALA B 338 -32.14 -19.51 -11.51
CA ALA B 338 -32.85 -20.21 -10.45
C ALA B 338 -32.04 -21.39 -9.94
N ASP B 339 -31.40 -22.14 -10.85
CA ASP B 339 -30.53 -23.23 -10.42
C ASP B 339 -29.37 -22.72 -9.57
N ILE B 340 -28.76 -21.60 -9.98
CA ILE B 340 -27.66 -21.03 -9.21
C ILE B 340 -28.14 -20.65 -7.81
N VAL B 341 -29.31 -20.05 -7.71
CA VAL B 341 -29.85 -19.69 -6.40
C VAL B 341 -30.11 -20.94 -5.55
N ALA B 342 -30.64 -21.99 -6.19
CA ALA B 342 -31.08 -23.16 -5.41
C ALA B 342 -29.92 -24.00 -4.92
N ARG B 343 -29.03 -24.44 -5.82
CA ARG B 343 -28.05 -25.47 -5.47
C ARG B 343 -26.74 -24.92 -4.94
N THR B 344 -26.52 -23.61 -4.96
CA THR B 344 -25.24 -23.08 -4.49
C THR B 344 -25.16 -23.16 -2.97
N PRO B 345 -24.02 -23.60 -2.42
CA PRO B 345 -23.85 -23.58 -0.96
C PRO B 345 -23.85 -22.15 -0.44
N LYS B 346 -24.33 -22.01 0.80
CA LYS B 346 -24.45 -20.71 1.43
C LYS B 346 -23.09 -20.25 1.95
N LYS B 347 -23.08 -19.17 2.72
CA LYS B 347 -21.84 -18.60 3.26
C LYS B 347 -21.68 -19.04 4.70
N LYS B 348 -20.64 -19.81 4.97
CA LYS B 348 -20.33 -20.28 6.32
C LYS B 348 -18.82 -20.30 6.49
N PRO B 349 -18.33 -20.13 7.70
CA PRO B 349 -16.88 -20.02 7.91
C PRO B 349 -16.18 -21.36 7.78
N PHE B 350 -14.86 -21.29 7.59
CA PHE B 350 -13.98 -22.45 7.48
C PHE B 350 -13.26 -22.64 8.80
N PHE B 351 -13.46 -23.80 9.42
CA PHE B 351 -12.83 -24.13 10.70
C PHE B 351 -11.99 -25.39 10.56
N TRP B 352 -10.91 -25.45 11.32
CA TRP B 352 -10.23 -26.72 11.53
C TRP B 352 -10.99 -27.55 12.56
N PRO B 353 -10.90 -28.89 12.47
CA PRO B 353 -11.62 -29.72 13.44
C PRO B 353 -11.16 -29.53 14.88
N GLU B 354 -9.96 -29.00 15.09
CA GLU B 354 -9.42 -28.83 16.43
C GLU B 354 -9.26 -27.37 16.86
N GLN B 355 -9.58 -26.41 15.99
CA GLN B 355 -9.76 -25.04 16.44
C GLN B 355 -11.01 -24.90 17.30
N ILE B 356 -11.98 -25.79 17.12
CA ILE B 356 -13.22 -25.80 17.87
C ILE B 356 -13.36 -27.14 18.57
N ALA B 357 -12.24 -27.68 19.06
CA ALA B 357 -12.25 -28.95 19.78
C ALA B 357 -13.41 -29.04 20.76
N GLY B 358 -13.47 -28.10 21.70
CA GLY B 358 -14.66 -27.86 22.49
C GLY B 358 -15.48 -26.74 21.88
N PHE B 359 -16.35 -26.16 22.70
CA PHE B 359 -17.10 -24.95 22.33
C PHE B 359 -17.98 -25.18 21.11
N GLU B 360 -18.30 -26.44 20.80
CA GLU B 360 -19.01 -26.75 19.56
C GLU B 360 -20.49 -26.44 19.62
N HIS B 361 -21.05 -26.20 20.81
CA HIS B 361 -22.44 -25.77 20.94
C HIS B 361 -22.58 -24.27 20.88
N MET B 362 -21.49 -23.54 20.65
CA MET B 362 -21.52 -22.09 20.56
C MET B 362 -21.78 -21.58 19.16
N TYR B 363 -21.44 -22.35 18.13
CA TYR B 363 -21.49 -21.88 16.75
C TYR B 363 -22.73 -22.36 16.00
N ASP B 364 -23.64 -23.06 16.67
CA ASP B 364 -24.85 -23.50 16.00
C ASP B 364 -25.85 -22.37 15.76
N GLY B 365 -25.80 -21.33 16.57
CA GLY B 365 -26.72 -20.22 16.47
C GLY B 365 -27.73 -20.11 17.60
N ASN B 366 -27.44 -20.67 18.78
CA ASN B 366 -28.40 -20.64 19.87
C ASN B 366 -28.56 -19.23 20.45
N ASP B 367 -27.51 -18.41 20.36
CA ASP B 367 -27.52 -17.05 20.87
C ASP B 367 -27.80 -17.03 22.38
N ASP B 368 -26.90 -17.65 23.13
CA ASP B 368 -26.94 -17.63 24.59
C ASP B 368 -25.62 -17.26 25.24
N TYR B 369 -24.54 -17.16 24.47
CA TYR B 369 -23.24 -16.79 25.00
C TYR B 369 -22.84 -15.41 24.50
N PRO B 370 -22.14 -14.62 25.33
CA PRO B 370 -21.78 -13.26 24.92
C PRO B 370 -20.63 -13.18 23.94
N TYR B 371 -19.93 -14.28 23.69
CA TYR B 371 -18.78 -14.26 22.78
C TYR B 371 -18.49 -15.68 22.32
N TYR B 372 -17.67 -15.78 21.28
CA TYR B 372 -17.22 -17.06 20.75
C TYR B 372 -15.81 -17.36 21.22
N LEU B 373 -15.55 -18.63 21.50
CA LEU B 373 -14.28 -19.06 22.07
C LEU B 373 -13.56 -20.00 21.12
N LEU B 374 -12.22 -19.95 21.18
CA LEU B 374 -11.37 -20.83 20.39
C LEU B 374 -10.18 -21.23 21.25
N ASN B 375 -9.88 -22.53 21.29
CA ASN B 375 -8.74 -22.98 22.07
C ASN B 375 -7.43 -22.63 21.35
N ARG B 376 -6.35 -22.57 22.14
CA ARG B 376 -5.07 -22.07 21.66
C ARG B 376 -3.99 -23.14 21.53
N THR B 377 -3.73 -23.88 22.59
CA THR B 377 -2.53 -24.72 22.68
C THR B 377 -2.73 -26.05 21.96
N ASP B 378 -1.60 -26.68 21.64
CA ASP B 378 -1.57 -28.02 21.07
C ASP B 378 -0.51 -28.84 21.79
N GLU B 379 -0.70 -30.16 21.80
CA GLU B 379 0.21 -31.03 22.54
C GLU B 379 1.58 -31.09 21.88
N ASN B 380 1.62 -31.27 20.56
CA ASN B 380 2.91 -31.37 19.87
C ASN B 380 3.38 -30.01 19.38
N SER B 381 2.59 -29.36 18.53
CA SER B 381 2.90 -28.00 18.10
C SER B 381 2.67 -27.03 19.25
N GLY B 382 3.33 -25.88 19.19
CA GLY B 382 3.25 -24.94 20.29
C GLY B 382 1.94 -24.22 20.43
N ASP B 383 1.64 -23.30 19.52
CA ASP B 383 0.44 -22.45 19.64
C ASP B 383 -0.22 -22.17 18.29
N LEU B 384 -0.15 -23.10 17.35
CA LEU B 384 -0.56 -22.80 15.98
C LEU B 384 -2.00 -22.30 15.84
N PRO B 385 -3.01 -22.87 16.49
CA PRO B 385 -4.38 -22.38 16.28
C PRO B 385 -4.50 -20.88 16.56
N THR B 386 -5.23 -20.19 15.70
CA THR B 386 -5.33 -18.74 15.71
C THR B 386 -6.79 -18.30 15.86
N GLN B 387 -6.97 -17.00 16.05
CA GLN B 387 -8.30 -16.39 16.20
C GLN B 387 -9.00 -16.21 14.86
N PRO B 388 -8.38 -15.57 13.83
CA PRO B 388 -9.12 -15.32 12.59
C PRO B 388 -9.41 -16.60 11.82
N LEU B 389 -10.04 -16.46 10.65
CA LEU B 389 -10.51 -17.60 9.87
C LEU B 389 -11.00 -17.11 8.51
N ALA B 390 -11.34 -18.04 7.64
CA ALA B 390 -11.76 -17.75 6.28
C ALA B 390 -13.24 -18.09 6.09
N TYR B 391 -13.88 -17.37 5.18
CA TYR B 391 -15.31 -17.52 4.91
C TYR B 391 -15.54 -17.95 3.47
N TYR B 392 -16.63 -18.67 3.27
CA TYR B 392 -17.12 -19.02 1.94
C TYR B 392 -17.80 -17.82 1.30
N GLU B 393 -17.67 -17.71 -0.02
CA GLU B 393 -18.21 -16.56 -0.73
C GLU B 393 -19.68 -16.76 -1.07
N ASN B 394 -20.41 -15.65 -1.13
CA ASN B 394 -21.84 -15.68 -1.36
C ASN B 394 -22.14 -16.06 -2.81
N PRO B 395 -23.32 -16.64 -3.06
CA PRO B 395 -23.73 -16.90 -4.45
C PRO B 395 -23.98 -15.60 -5.20
N GLU B 396 -23.50 -15.54 -6.43
CA GLU B 396 -23.63 -14.35 -7.26
C GLU B 396 -24.11 -14.74 -8.65
N VAL B 397 -24.89 -13.85 -9.25
CA VAL B 397 -25.35 -14.02 -10.64
C VAL B 397 -24.30 -13.39 -11.55
N PRO B 398 -23.73 -14.14 -12.49
CA PRO B 398 -22.65 -13.59 -13.32
C PRO B 398 -23.15 -12.47 -14.22
N GLN B 399 -22.21 -11.62 -14.62
CA GLN B 399 -22.54 -10.49 -15.49
C GLN B 399 -23.07 -10.94 -16.85
N ALA B 400 -22.53 -12.05 -17.37
CA ALA B 400 -22.98 -12.54 -18.68
C ALA B 400 -24.45 -12.92 -18.65
N ASN B 401 -24.89 -13.58 -17.58
CA ASN B 401 -26.29 -14.00 -17.47
C ASN B 401 -27.22 -12.79 -17.46
N ALA B 402 -26.91 -11.78 -16.65
CA ALA B 402 -27.75 -10.60 -16.57
C ALA B 402 -27.77 -9.83 -17.88
N TYR B 403 -26.60 -9.65 -18.50
CA TYR B 403 -26.54 -8.93 -19.76
C TYR B 403 -27.32 -9.66 -20.85
N MET B 404 -27.19 -10.98 -20.90
CA MET B 404 -27.90 -11.77 -21.91
C MET B 404 -29.40 -11.73 -21.67
N LEU B 405 -29.84 -11.80 -20.41
CA LEU B 405 -31.27 -11.73 -20.12
C LEU B 405 -31.83 -10.38 -20.55
N GLU B 406 -31.11 -9.29 -20.23
CA GLU B 406 -31.59 -7.96 -20.62
C GLU B 406 -31.65 -7.82 -22.14
N ALA B 407 -30.61 -8.29 -22.84
CA ALA B 407 -30.59 -8.19 -24.29
C ALA B 407 -31.71 -9.00 -24.93
N ALA B 408 -31.96 -10.21 -24.42
CA ALA B 408 -33.02 -11.05 -24.97
C ALA B 408 -34.39 -10.42 -24.73
N THR B 409 -34.62 -9.87 -23.52
CA THR B 409 -35.90 -9.24 -23.25
C THR B 409 -36.11 -8.02 -24.14
N SER B 410 -35.07 -7.21 -24.34
CA SER B 410 -35.17 -6.06 -25.24
C SER B 410 -35.45 -6.51 -26.67
N ALA B 411 -34.77 -7.58 -27.12
CA ALA B 411 -34.98 -8.07 -28.48
C ALA B 411 -36.41 -8.56 -28.67
N VAL B 412 -36.98 -9.24 -27.67
CA VAL B 412 -38.36 -9.71 -27.79
C VAL B 412 -39.31 -8.52 -27.82
N LYS B 413 -39.11 -7.55 -26.92
CA LYS B 413 -40.01 -6.41 -26.89
C LYS B 413 -39.85 -5.48 -28.08
N GLU B 414 -38.76 -5.61 -28.82
CA GLU B 414 -38.51 -4.72 -29.95
C GLU B 414 -39.12 -5.23 -31.25
N VAL B 415 -39.13 -6.55 -31.46
CA VAL B 415 -39.62 -7.10 -32.73
C VAL B 415 -41.09 -7.51 -32.66
N ALA B 416 -41.66 -7.63 -31.47
CA ALA B 416 -43.06 -8.04 -31.31
C ALA B 416 -43.99 -6.84 -31.52
N THR B 417 -43.85 -6.22 -32.68
CA THR B 417 -44.67 -5.08 -33.05
C THR B 417 -45.27 -5.31 -34.43
N LEU B 418 -46.30 -4.53 -34.75
CA LEU B 418 -46.98 -4.61 -36.04
C LEU B 418 -47.00 -3.27 -36.78
N GLY B 419 -46.19 -2.32 -36.35
CA GLY B 419 -46.13 -1.02 -36.97
C GLY B 419 -46.00 0.06 -35.91
N VAL B 420 -46.41 1.26 -36.28
CA VAL B 420 -46.35 2.41 -35.37
C VAL B 420 -47.61 2.42 -34.53
N ASP B 421 -47.50 2.96 -33.31
CA ASP B 421 -48.61 3.04 -32.37
C ASP B 421 -49.18 1.66 -32.07
N ASP B 443 -53.17 4.99 -38.35
CA ASP B 443 -54.29 4.68 -37.48
C ASP B 443 -53.89 3.69 -36.39
N LEU B 444 -54.54 2.54 -36.38
CA LEU B 444 -54.27 1.51 -35.38
C LEU B 444 -52.98 0.77 -35.72
N GLU B 445 -52.55 -0.09 -34.80
CA GLU B 445 -51.38 -0.93 -35.04
C GLU B 445 -51.68 -2.07 -35.99
N THR B 446 -52.94 -2.49 -36.08
CA THR B 446 -53.33 -3.68 -36.85
C THR B 446 -54.13 -3.32 -38.10
N TYR B 447 -53.74 -2.26 -38.82
CA TYR B 447 -54.51 -1.87 -40.01
C TYR B 447 -54.36 -2.90 -41.13
N VAL B 448 -53.17 -3.48 -41.30
CA VAL B 448 -52.97 -4.46 -42.35
C VAL B 448 -53.83 -5.70 -42.12
N PHE B 449 -53.89 -6.16 -40.86
CA PHE B 449 -54.76 -7.29 -40.55
C PHE B 449 -56.22 -6.95 -40.79
N GLN B 450 -56.62 -5.71 -40.49
CA GLN B 450 -57.99 -5.30 -40.78
C GLN B 450 -58.28 -5.33 -42.27
N ASP B 451 -57.32 -4.88 -43.10
CA ASP B 451 -57.51 -4.94 -44.54
C ASP B 451 -57.60 -6.38 -45.04
N ASN B 452 -56.77 -7.26 -44.49
CA ASN B 452 -56.85 -8.68 -44.87
C ASN B 452 -58.21 -9.27 -44.49
N LEU B 453 -58.70 -8.95 -43.30
CA LEU B 453 -60.03 -9.40 -42.90
C LEU B 453 -61.11 -8.83 -43.80
N ALA B 454 -60.95 -7.58 -44.25
CA ALA B 454 -61.91 -6.99 -45.18
C ALA B 454 -61.93 -7.73 -46.51
N THR B 455 -60.75 -8.09 -47.02
CA THR B 455 -60.69 -8.87 -48.26
C THR B 455 -61.37 -10.22 -48.10
N ALA B 456 -61.11 -10.90 -46.97
CA ALA B 456 -61.76 -12.17 -46.72
C ALA B 456 -63.27 -12.01 -46.60
N MET B 457 -63.71 -10.92 -45.97
CA MET B 457 -65.14 -10.67 -45.83
C MET B 457 -65.80 -10.40 -47.18
N ARG B 458 -65.09 -9.71 -48.08
CA ARG B 458 -65.60 -9.51 -49.43
C ARG B 458 -65.76 -10.84 -50.16
N ARG B 459 -64.77 -11.72 -50.02
CA ARG B 459 -64.89 -13.05 -50.62
C ARG B 459 -66.08 -13.81 -50.04
N ASP B 460 -66.26 -13.74 -48.72
CA ASP B 460 -67.40 -14.37 -48.08
C ASP B 460 -68.71 -13.82 -48.62
N GLY B 461 -68.79 -12.50 -48.81
CA GLY B 461 -69.98 -11.90 -49.37
C GLY B 461 -70.27 -12.40 -50.77
N GLU B 462 -69.24 -12.53 -51.60
CA GLU B 462 -69.43 -13.05 -52.95
C GLU B 462 -69.98 -14.47 -52.92
N ILE B 463 -69.39 -15.33 -52.07
CA ILE B 463 -69.85 -16.71 -51.98
C ILE B 463 -71.29 -16.77 -51.51
N TYR B 464 -71.62 -15.99 -50.49
CA TYR B 464 -72.99 -15.99 -49.97
C TYR B 464 -73.98 -15.49 -51.01
N GLN B 465 -73.60 -14.45 -51.76
CA GLN B 465 -74.48 -13.95 -52.81
C GLN B 465 -74.75 -15.02 -53.86
N SER B 466 -73.71 -15.75 -54.25
CA SER B 466 -73.90 -16.83 -55.22
C SER B 466 -74.83 -17.91 -54.68
N ILE B 467 -74.62 -18.30 -53.41
CA ILE B 467 -75.45 -19.35 -52.83
C ILE B 467 -76.91 -18.91 -52.75
N VAL B 468 -77.15 -17.66 -52.34
CA VAL B 468 -78.52 -17.15 -52.29
C VAL B 468 -79.13 -17.12 -53.68
N ASN B 469 -78.36 -16.68 -54.68
CA ASN B 469 -78.86 -16.63 -56.05
C ASN B 469 -79.27 -18.02 -56.53
N ASP B 470 -78.53 -19.05 -56.11
CA ASP B 470 -78.83 -20.38 -56.63
C ASP B 470 -79.82 -21.16 -55.76
N ILE B 471 -80.10 -20.72 -54.53
CA ILE B 471 -80.95 -21.46 -53.61
C ILE B 471 -82.24 -20.69 -53.30
N TYR B 472 -82.14 -19.49 -52.76
CA TYR B 472 -83.29 -18.77 -52.24
C TYR B 472 -84.17 -18.26 -53.39
N ASP B 473 -85.26 -17.59 -53.02
CA ASP B 473 -86.20 -16.98 -53.96
C ASP B 473 -86.02 -15.48 -53.90
N VAL B 474 -85.24 -14.93 -54.82
CA VAL B 474 -85.04 -13.49 -54.92
C VAL B 474 -86.23 -12.88 -55.66
N PRO B 475 -86.97 -11.96 -55.06
CA PRO B 475 -88.09 -11.34 -55.77
C PRO B 475 -87.61 -10.28 -56.75
N ARG B 476 -88.25 -10.24 -57.92
CA ARG B 476 -87.99 -9.21 -58.91
C ARG B 476 -88.96 -8.05 -58.68
N ASN B 477 -88.41 -6.85 -58.54
CA ASN B 477 -89.23 -5.68 -58.24
C ASN B 477 -89.49 -4.91 -59.53
N VAL B 478 -90.76 -4.71 -59.85
CA VAL B 478 -91.18 -4.02 -61.08
C VAL B 478 -92.29 -3.05 -60.72
N THR B 479 -92.25 -1.86 -61.31
CA THR B 479 -93.25 -0.82 -61.06
C THR B 479 -94.20 -0.75 -62.26
N ILE B 480 -95.50 -0.81 -61.97
CA ILE B 480 -96.51 -0.77 -63.04
C ILE B 480 -96.52 0.60 -63.70
N THR B 481 -96.28 1.65 -62.93
CA THR B 481 -96.36 3.04 -63.42
C THR B 481 -97.74 3.34 -63.99
N LEU B 482 -98.78 2.84 -63.32
CA LEU B 482 -100.15 3.08 -63.77
C LEU B 482 -100.53 4.54 -63.54
N GLU B 483 -101.50 5.00 -64.33
CA GLU B 483 -101.98 6.38 -64.18
C GLU B 483 -102.62 6.59 -62.82
N ASP B 484 -103.41 5.62 -62.36
CA ASP B 484 -104.05 5.76 -61.04
C ASP B 484 -103.03 5.64 -59.91
N GLY B 485 -102.15 4.64 -59.98
CA GLY B 485 -101.14 4.46 -58.96
C GLY B 485 -99.74 4.60 -59.48
N SER B 486 -98.98 5.54 -58.91
CA SER B 486 -97.62 5.84 -59.37
C SER B 486 -96.61 5.36 -58.33
N GLU B 487 -95.51 4.78 -58.81
CA GLU B 487 -94.44 4.26 -57.97
C GLU B 487 -95.01 3.22 -56.99
N LYS B 488 -95.55 2.14 -57.54
CA LYS B 488 -96.06 1.02 -56.74
C LYS B 488 -95.04 -0.11 -56.79
N ASP B 489 -94.46 -0.43 -55.63
CA ASP B 489 -93.46 -1.50 -55.53
C ASP B 489 -94.20 -2.83 -55.33
N VAL B 490 -94.51 -3.48 -56.45
CA VAL B 490 -95.26 -4.72 -56.44
C VAL B 490 -94.46 -5.88 -55.85
N GLN B 491 -93.16 -5.95 -56.13
CA GLN B 491 -92.31 -7.06 -55.70
C GLN B 491 -92.86 -8.40 -56.19
N LEU B 492 -92.95 -8.51 -57.51
CA LEU B 492 -93.46 -9.73 -58.12
C LEU B 492 -92.51 -10.89 -57.89
N MET B 493 -93.07 -12.05 -57.56
CA MET B 493 -92.31 -13.27 -57.33
C MET B 493 -92.95 -14.40 -58.12
N ALA B 494 -92.10 -15.29 -58.65
CA ALA B 494 -92.57 -16.37 -59.50
C ALA B 494 -92.21 -17.70 -58.86
N GLU B 495 -93.16 -18.64 -58.83
CA GLU B 495 -92.95 -19.94 -58.24
C GLU B 495 -93.85 -20.95 -58.94
N VAL B 496 -93.30 -22.12 -59.26
CA VAL B 496 -94.03 -23.17 -59.95
C VAL B 496 -93.81 -24.49 -59.21
N VAL B 497 -94.86 -25.28 -59.10
CA VAL B 497 -94.80 -26.62 -58.51
C VAL B 497 -94.70 -27.63 -59.62
N ASP B 498 -94.18 -28.82 -59.29
CA ASP B 498 -93.96 -29.84 -60.30
C ASP B 498 -95.27 -30.50 -60.72
N LEU B 499 -96.29 -30.46 -59.85
CA LEU B 499 -97.62 -31.02 -60.10
C LEU B 499 -97.60 -32.54 -60.19
N ALA B 500 -96.42 -33.15 -60.09
CA ALA B 500 -96.28 -34.58 -59.92
C ALA B 500 -95.61 -34.97 -58.62
N THR B 501 -94.97 -34.02 -57.94
CA THR B 501 -94.41 -34.23 -56.62
C THR B 501 -94.61 -32.96 -55.81
N GLY B 502 -94.56 -33.11 -54.48
CA GLY B 502 -94.82 -31.98 -53.61
C GLY B 502 -93.67 -30.98 -53.52
N GLU B 503 -92.51 -31.31 -54.10
CA GLU B 503 -91.36 -30.43 -54.00
C GLU B 503 -91.57 -29.17 -54.81
N LYS B 504 -91.02 -28.06 -54.31
CA LYS B 504 -91.11 -26.77 -54.98
C LYS B 504 -89.90 -26.58 -55.90
N GLN B 505 -90.07 -25.76 -56.93
CA GLN B 505 -88.99 -25.43 -57.84
C GLN B 505 -88.85 -23.92 -57.93
N VAL B 506 -87.62 -23.44 -57.83
CA VAL B 506 -87.33 -22.01 -57.82
C VAL B 506 -87.18 -21.52 -59.25
N LEU B 507 -87.46 -20.24 -59.47
CA LEU B 507 -87.33 -19.60 -60.79
C LEU B 507 -86.62 -18.27 -60.61
N ASN B 508 -85.33 -18.23 -60.94
CA ASN B 508 -84.54 -17.02 -60.89
C ASN B 508 -84.09 -16.64 -62.29
N ASP B 509 -84.27 -15.36 -62.64
CA ASP B 509 -83.82 -14.88 -63.93
C ASP B 509 -82.29 -14.83 -63.96
N ILE B 510 -81.74 -14.78 -65.17
CA ILE B 510 -80.29 -14.73 -65.34
C ILE B 510 -79.84 -13.29 -65.50
N ARG B 511 -80.65 -12.47 -66.18
CA ARG B 511 -80.26 -11.09 -66.43
C ARG B 511 -80.17 -10.28 -65.15
N GLY B 512 -81.07 -10.54 -64.19
CA GLY B 512 -81.08 -9.77 -62.97
C GLY B 512 -80.49 -10.50 -61.77
N ARG B 513 -79.42 -11.27 -62.00
CA ARG B 513 -78.78 -12.00 -60.90
C ARG B 513 -77.71 -11.17 -60.24
N TYR B 514 -76.68 -10.79 -60.99
CA TYR B 514 -75.52 -10.06 -60.45
C TYR B 514 -75.69 -8.58 -60.79
N GLU B 515 -76.36 -7.85 -59.89
CA GLU B 515 -76.56 -6.42 -60.08
C GLU B 515 -76.38 -5.65 -58.77
N CYS B 516 -75.50 -6.15 -57.89
CA CYS B 516 -75.16 -5.45 -56.66
C CYS B 516 -73.80 -5.98 -56.18
N TYR B 517 -72.83 -5.08 -56.04
CA TYR B 517 -71.49 -5.45 -55.64
C TYR B 517 -71.37 -5.47 -54.12
N THR B 518 -70.37 -6.19 -53.64
CA THR B 518 -70.13 -6.37 -52.21
C THR B 518 -69.16 -5.32 -51.70
N ASP B 519 -69.39 -4.87 -50.46
CA ASP B 519 -68.53 -3.88 -49.83
C ASP B 519 -68.44 -4.21 -48.35
N VAL B 520 -67.45 -3.62 -47.69
CA VAL B 520 -67.16 -3.87 -46.28
C VAL B 520 -67.56 -2.66 -45.47
N GLY B 521 -68.35 -2.88 -44.43
CA GLY B 521 -68.80 -1.82 -43.55
C GLY B 521 -68.96 -2.29 -42.12
N PRO B 522 -69.56 -1.46 -41.28
CA PRO B 522 -69.77 -1.85 -39.88
C PRO B 522 -70.77 -2.98 -39.77
N SER B 523 -70.68 -3.70 -38.65
CA SER B 523 -71.47 -4.91 -38.42
C SER B 523 -72.71 -4.57 -37.60
N PHE B 524 -73.88 -4.90 -38.14
CA PHE B 524 -75.15 -4.75 -37.45
C PHE B 524 -75.83 -6.11 -37.35
N GLN B 525 -77.07 -6.10 -36.84
CA GLN B 525 -77.81 -7.34 -36.63
C GLN B 525 -79.19 -7.36 -37.26
N SER B 526 -79.72 -6.21 -37.68
CA SER B 526 -81.02 -6.18 -38.35
C SER B 526 -81.06 -4.98 -39.28
N MET B 527 -81.96 -5.04 -40.26
CA MET B 527 -82.06 -3.97 -41.24
C MET B 527 -82.59 -2.67 -40.66
N LYS B 528 -83.20 -2.70 -39.47
CA LYS B 528 -83.64 -1.48 -38.82
C LYS B 528 -82.50 -0.74 -38.14
N GLN B 529 -81.52 -1.47 -37.60
CA GLN B 529 -80.35 -0.83 -37.01
C GLN B 529 -79.53 -0.07 -38.04
N GLN B 530 -79.43 -0.60 -39.26
CA GLN B 530 -78.73 0.12 -40.32
C GLN B 530 -79.41 1.45 -40.62
N ASN B 531 -80.75 1.44 -40.72
CA ASN B 531 -81.48 2.67 -40.97
C ASN B 531 -81.30 3.64 -39.82
N ARG B 532 -81.34 3.14 -38.58
CA ARG B 532 -81.13 4.00 -37.42
C ARG B 532 -79.75 4.65 -37.45
N ALA B 533 -78.72 3.87 -37.79
CA ALA B 533 -77.37 4.41 -37.86
C ALA B 533 -77.24 5.45 -38.96
N GLU B 534 -77.82 5.19 -40.14
CA GLU B 534 -77.76 6.17 -41.21
C GLU B 534 -78.48 7.46 -40.84
N ILE B 535 -79.64 7.36 -40.17
CA ILE B 535 -80.34 8.55 -39.75
C ILE B 535 -79.52 9.32 -38.71
N LEU B 536 -78.86 8.60 -37.81
CA LEU B 536 -77.99 9.28 -36.83
C LEU B 536 -76.84 9.99 -37.51
N GLU B 537 -76.24 9.36 -38.53
CA GLU B 537 -75.16 10.02 -39.28
C GLU B 537 -75.66 11.27 -39.98
N LEU B 538 -76.82 11.18 -40.63
CA LEU B 538 -77.37 12.35 -41.31
C LEU B 538 -77.72 13.46 -40.32
N LEU B 539 -78.18 13.10 -39.12
CA LEU B 539 -78.40 14.09 -38.08
C LEU B 539 -77.08 14.75 -37.67
N GLY B 540 -76.02 13.96 -37.56
CA GLY B 540 -74.72 14.53 -37.23
C GLY B 540 -74.21 15.49 -38.29
N LYS B 541 -74.46 15.19 -39.57
CA LYS B 541 -74.01 16.05 -40.65
C LYS B 541 -74.93 17.24 -40.89
N THR B 542 -76.10 17.29 -40.24
CA THR B 542 -77.04 18.38 -40.52
C THR B 542 -77.03 19.40 -39.40
N PRO B 543 -76.88 20.68 -39.72
CA PRO B 543 -76.92 21.71 -38.68
C PRO B 543 -78.32 21.85 -38.09
N GLN B 544 -78.36 22.29 -36.83
CA GLN B 544 -79.62 22.44 -36.12
C GLN B 544 -80.39 23.64 -36.66
N GLY B 545 -81.66 23.75 -36.24
CA GLY B 545 -82.51 24.83 -36.66
C GLY B 545 -82.76 24.83 -38.16
N THR B 546 -82.97 23.64 -38.73
CA THR B 546 -83.18 23.48 -40.15
C THR B 546 -84.32 22.49 -40.35
N PRO B 547 -85.16 22.69 -41.36
CA PRO B 547 -86.23 21.71 -41.62
C PRO B 547 -85.72 20.30 -41.82
N GLU B 548 -84.56 20.13 -42.45
CA GLU B 548 -83.98 18.81 -42.61
C GLU B 548 -83.69 18.17 -41.25
N TYR B 549 -83.25 18.97 -40.28
CA TYR B 549 -82.98 18.43 -38.95
C TYR B 549 -84.26 17.92 -38.29
N GLN B 550 -85.36 18.67 -38.42
CA GLN B 550 -86.62 18.20 -37.85
C GLN B 550 -87.11 16.94 -38.57
N LEU B 551 -86.97 16.90 -39.89
CA LEU B 551 -87.36 15.70 -40.64
C LEU B 551 -86.56 14.49 -40.18
N LEU B 552 -85.26 14.66 -39.98
CA LEU B 552 -84.42 13.55 -39.53
C LEU B 552 -84.77 13.14 -38.11
N LEU B 553 -85.10 14.10 -37.23
CA LEU B 553 -85.53 13.75 -35.88
C LEU B 553 -86.81 12.93 -35.91
N LEU B 554 -87.78 13.33 -36.72
CA LEU B 554 -89.02 12.57 -36.81
C LEU B 554 -88.77 11.18 -37.40
N GLN B 555 -87.91 11.09 -38.42
CA GLN B 555 -87.58 9.78 -38.98
C GLN B 555 -86.89 8.88 -37.98
N TYR B 556 -86.01 9.44 -37.13
CA TYR B 556 -85.37 8.66 -36.10
C TYR B 556 -86.36 8.20 -35.04
N PHE B 557 -87.30 9.08 -34.65
CA PHE B 557 -88.29 8.71 -33.65
C PHE B 557 -89.24 7.63 -34.15
N THR B 558 -89.61 7.68 -35.43
CA THR B 558 -90.56 6.70 -35.96
C THR B 558 -89.93 5.33 -36.23
N LEU B 559 -88.70 5.10 -35.75
CA LEU B 559 -88.02 3.83 -35.94
C LEU B 559 -87.78 3.07 -34.64
N LEU B 560 -88.32 3.53 -33.52
CA LEU B 560 -88.11 2.84 -32.25
C LEU B 560 -88.92 1.56 -32.20
N ASP B 561 -88.56 0.68 -31.26
CA ASP B 561 -89.13 -0.66 -31.17
C ASP B 561 -90.09 -0.82 -30.00
N GLY B 562 -89.66 -0.50 -28.79
CA GLY B 562 -90.41 -0.88 -27.61
C GLY B 562 -91.77 -0.20 -27.53
N LYS B 563 -92.70 -0.91 -26.88
CA LYS B 563 -94.04 -0.36 -26.68
C LYS B 563 -94.04 0.77 -25.67
N GLY B 564 -93.08 0.81 -24.77
CA GLY B 564 -92.97 1.93 -23.85
C GLY B 564 -92.83 3.25 -24.58
N VAL B 565 -91.96 3.30 -25.58
CA VAL B 565 -91.88 4.45 -26.48
C VAL B 565 -92.81 4.22 -27.67
N GLU B 566 -94.09 4.48 -27.48
CA GLU B 566 -95.09 4.36 -28.55
C GLU B 566 -95.82 5.67 -28.81
N MET B 567 -96.03 6.48 -27.78
CA MET B 567 -96.64 7.79 -27.96
C MET B 567 -95.79 8.66 -28.88
N MET B 568 -94.47 8.66 -28.67
CA MET B 568 -93.59 9.43 -29.53
C MET B 568 -93.61 8.91 -30.96
N ARG B 569 -93.63 7.59 -31.14
CA ARG B 569 -93.67 7.03 -32.49
C ARG B 569 -94.95 7.43 -33.21
N ASP B 570 -96.10 7.32 -32.53
CA ASP B 570 -97.36 7.70 -33.16
C ASP B 570 -97.39 9.19 -33.47
N TYR B 571 -96.88 10.03 -32.55
CA TYR B 571 -96.85 11.47 -32.80
C TYR B 571 -95.97 11.81 -33.99
N ALA B 572 -94.81 11.16 -34.10
CA ALA B 572 -93.91 11.40 -35.22
C ALA B 572 -94.54 10.96 -36.54
N ASN B 573 -95.20 9.81 -36.54
CA ASN B 573 -95.88 9.35 -37.76
C ASN B 573 -96.98 10.33 -38.17
N LYS B 574 -97.78 10.79 -37.20
CA LYS B 574 -98.83 11.75 -37.51
C LYS B 574 -98.26 13.04 -38.05
N GLN B 575 -97.17 13.53 -37.46
CA GLN B 575 -96.54 14.76 -37.95
C GLN B 575 -96.02 14.58 -39.37
N LEU B 576 -95.36 13.45 -39.64
CA LEU B 576 -94.82 13.24 -40.98
C LEU B 576 -95.93 13.10 -42.01
N ILE B 577 -97.07 12.53 -41.64
CA ILE B 577 -98.20 12.47 -42.56
C ILE B 577 -98.79 13.85 -42.79
N GLN B 578 -98.96 14.62 -41.71
CA GLN B 578 -99.61 15.92 -41.83
C GLN B 578 -98.75 16.96 -42.55
N MET B 579 -97.43 16.81 -42.51
CA MET B 579 -96.56 17.72 -43.25
C MET B 579 -96.43 17.35 -44.72
N GLY B 580 -97.06 16.26 -45.15
CA GLY B 580 -97.06 15.88 -46.55
C GLY B 580 -95.80 15.19 -47.04
N VAL B 581 -94.82 14.97 -46.16
CA VAL B 581 -93.58 14.36 -46.59
C VAL B 581 -93.78 12.88 -46.92
N LYS B 582 -94.52 12.17 -46.08
CA LYS B 582 -94.81 10.76 -46.30
C LYS B 582 -96.14 10.62 -47.05
N LYS B 583 -96.63 9.38 -47.16
CA LYS B 583 -97.88 9.11 -47.82
C LYS B 583 -98.76 8.22 -46.94
N PRO B 584 -100.06 8.49 -46.89
CA PRO B 584 -100.94 7.69 -46.03
C PRO B 584 -101.05 6.25 -46.53
N GLU B 585 -101.15 5.32 -45.58
CA GLU B 585 -101.33 3.90 -45.89
C GLU B 585 -102.65 3.35 -45.37
N THR B 586 -102.90 3.47 -44.06
CA THR B 586 -104.11 2.97 -43.43
C THR B 586 -105.18 4.07 -43.40
N PRO B 587 -106.47 3.71 -43.32
CA PRO B 587 -107.52 4.73 -43.44
C PRO B 587 -107.39 5.89 -42.47
N GLU B 588 -106.93 5.63 -41.24
CA GLU B 588 -106.70 6.72 -40.30
C GLU B 588 -105.62 7.67 -40.79
N GLU B 589 -104.69 7.17 -41.61
CA GLU B 589 -103.65 8.04 -42.17
C GLU B 589 -104.24 9.04 -43.16
N GLN B 590 -105.12 8.58 -44.06
CA GLN B 590 -105.81 9.52 -44.93
C GLN B 590 -106.74 10.44 -44.14
N GLN B 591 -107.30 9.94 -43.04
CA GLN B 591 -108.11 10.81 -42.18
C GLN B 591 -107.27 11.94 -41.61
N TRP B 592 -106.07 11.63 -41.13
CA TRP B 592 -105.16 12.66 -40.65
C TRP B 592 -104.78 13.63 -41.75
N LEU B 593 -104.51 13.10 -42.95
CA LEU B 593 -104.13 13.96 -44.06
C LEU B 593 -105.24 14.93 -44.44
N VAL B 594 -106.48 14.44 -44.53
CA VAL B 594 -107.58 15.31 -44.91
C VAL B 594 -107.90 16.30 -43.80
N GLU B 595 -107.72 15.89 -42.54
CA GLU B 595 -107.89 16.84 -41.44
C GLU B 595 -106.87 17.96 -41.53
N ALA B 596 -105.61 17.63 -41.82
CA ALA B 596 -104.59 18.65 -41.99
C ALA B 596 -104.91 19.56 -43.18
N GLN B 597 -105.40 18.97 -44.28
CA GLN B 597 -105.75 19.76 -45.45
C GLN B 597 -106.87 20.75 -45.13
N GLN B 598 -107.89 20.30 -44.41
CA GLN B 598 -108.97 21.20 -44.01
C GLN B 598 -108.47 22.28 -43.07
N ALA B 599 -107.59 21.93 -42.14
CA ALA B 599 -107.07 22.93 -41.20
C ALA B 599 -106.19 23.95 -41.91
N LYS B 600 -105.56 23.56 -43.01
CA LYS B 600 -104.67 24.47 -43.72
C LYS B 600 -105.42 25.66 -44.30
N GLN B 601 -106.59 25.42 -44.89
CA GLN B 601 -107.30 26.49 -45.58
C GLN B 601 -107.89 27.50 -44.60
N GLY B 602 -108.05 27.12 -43.34
CA GLY B 602 -108.66 28.01 -42.37
C GLY B 602 -107.79 29.21 -42.02
N GLN B 603 -106.47 29.05 -42.16
CA GLN B 603 -105.55 30.11 -41.79
C GLN B 603 -105.70 31.30 -42.72
N GLN B 604 -105.80 32.50 -42.14
CA GLN B 604 -105.90 33.74 -42.90
C GLN B 604 -104.96 34.77 -42.31
N ASP B 605 -104.15 35.39 -43.16
CA ASP B 605 -103.22 36.41 -42.69
C ASP B 605 -103.95 37.73 -42.48
N PRO B 606 -103.87 38.34 -41.30
CA PRO B 606 -104.56 39.63 -41.08
C PRO B 606 -104.11 40.72 -42.02
N ALA B 607 -102.85 40.71 -42.43
CA ALA B 607 -102.37 41.69 -43.40
C ALA B 607 -103.11 41.58 -44.72
N MET B 608 -103.37 40.35 -45.18
CA MET B 608 -104.16 40.16 -46.39
C MET B 608 -105.53 40.83 -46.27
N VAL B 609 -106.21 40.61 -45.15
CA VAL B 609 -107.56 41.16 -44.96
C VAL B 609 -107.52 42.68 -44.91
N GLN B 610 -106.54 43.24 -44.18
CA GLN B 610 -106.45 44.69 -44.08
C GLN B 610 -106.15 45.32 -45.44
N ALA B 611 -105.23 44.73 -46.20
CA ALA B 611 -104.90 45.25 -47.53
C ALA B 611 -106.09 45.12 -48.47
N GLN B 612 -106.84 44.02 -48.37
CA GLN B 612 -108.05 43.87 -49.17
C GLN B 612 -109.07 44.95 -48.82
N GLY B 613 -109.21 45.27 -47.53
CA GLY B 613 -110.07 46.38 -47.14
C GLY B 613 -109.61 47.70 -47.72
N VAL B 614 -108.29 47.92 -47.75
CA VAL B 614 -107.76 49.14 -48.36
C VAL B 614 -108.14 49.21 -49.83
N LEU B 615 -107.98 48.10 -50.56
CA LEU B 615 -108.38 48.07 -51.96
C LEU B 615 -109.88 48.31 -52.12
N LEU B 616 -110.70 47.74 -51.23
CA LEU B 616 -112.13 47.92 -51.35
C LEU B 616 -112.51 49.38 -51.14
N GLN B 617 -111.88 50.04 -50.17
CA GLN B 617 -112.14 51.46 -49.93
C GLN B 617 -111.71 52.30 -51.13
N GLY B 618 -110.53 52.00 -51.70
CA GLY B 618 -110.08 52.73 -52.87
C GLY B 618 -110.99 52.54 -54.08
N GLN B 619 -111.43 51.31 -54.29
CA GLN B 619 -112.34 51.02 -55.40
C GLN B 619 -113.68 51.70 -55.19
N ALA B 620 -114.16 51.76 -53.95
CA ALA B 620 -115.38 52.51 -53.67
C ALA B 620 -115.20 54.00 -53.91
N GLU B 621 -114.04 54.56 -53.60
CA GLU B 621 -113.78 55.97 -53.92
C GLU B 621 -113.78 56.20 -55.42
N LEU B 622 -113.17 55.28 -56.18
CA LEU B 622 -113.21 55.39 -57.64
C LEU B 622 -114.63 55.30 -58.17
N ALA B 623 -115.43 54.40 -57.60
CA ALA B 623 -116.83 54.30 -57.99
C ALA B 623 -117.58 55.59 -57.66
N LYS B 624 -117.24 56.22 -56.54
CA LYS B 624 -117.84 57.50 -56.19
C LYS B 624 -117.50 58.57 -57.22
N ALA B 625 -116.25 58.59 -57.68
CA ALA B 625 -115.87 59.53 -58.73
C ALA B 625 -116.64 59.26 -60.03
N GLN B 626 -116.75 57.99 -60.42
CA GLN B 626 -117.50 57.65 -61.62
C GLN B 626 -118.97 58.01 -61.47
N ASN B 627 -119.50 57.90 -60.25
CA ASN B 627 -120.88 58.32 -59.98
C ASN B 627 -121.00 59.84 -60.07
N GLN B 628 -119.97 60.57 -59.64
CA GLN B 628 -119.98 62.02 -59.78
C GLN B 628 -120.01 62.41 -61.25
N THR B 629 -119.33 61.64 -62.11
CA THR B 629 -119.40 61.91 -63.55
C THR B 629 -120.85 61.83 -64.04
N LEU B 630 -121.56 60.75 -63.68
CA LEU B 630 -122.95 60.61 -64.10
C LEU B 630 -123.83 61.71 -63.49
N SER B 631 -123.53 62.10 -62.25
CA SER B 631 -124.27 63.20 -61.62
C SER B 631 -124.10 64.49 -62.42
N LEU B 632 -122.88 64.74 -62.91
CA LEU B 632 -122.67 65.88 -63.80
C LEU B 632 -123.47 65.71 -65.09
N GLN B 633 -123.53 64.48 -65.62
CA GLN B 633 -124.28 64.24 -66.85
C GLN B 633 -125.75 64.59 -66.69
N ILE B 634 -126.31 64.33 -65.50
CA ILE B 634 -127.72 64.58 -65.21
C ILE B 634 -128.62 63.83 -66.19
N ASN C 6 -77.39 -52.61 -21.89
CA ASN C 6 -77.21 -52.14 -23.25
C ASN C 6 -77.24 -50.61 -23.31
N ARG C 7 -78.38 -50.03 -22.90
CA ARG C 7 -78.51 -48.58 -22.83
C ARG C 7 -77.51 -48.00 -21.83
N LEU C 8 -77.40 -48.61 -20.65
CA LEU C 8 -76.45 -48.16 -19.66
C LEU C 8 -75.02 -48.28 -20.18
N GLU C 9 -74.73 -49.36 -20.92
CA GLU C 9 -73.40 -49.53 -21.49
C GLU C 9 -73.06 -48.42 -22.47
N SER C 10 -74.01 -48.05 -23.33
CA SER C 10 -73.77 -46.98 -24.29
C SER C 10 -73.56 -45.64 -23.56
N ILE C 11 -74.39 -45.38 -22.55
CA ILE C 11 -74.26 -44.13 -21.80
C ILE C 11 -72.89 -44.05 -21.13
N LEU C 12 -72.47 -45.15 -20.50
CA LEU C 12 -71.17 -45.16 -19.83
C LEU C 12 -70.01 -45.07 -20.82
N SER C 13 -70.14 -45.69 -21.99
CA SER C 13 -69.08 -45.56 -22.99
C SER C 13 -68.95 -44.12 -23.46
N ARG C 14 -70.08 -43.46 -23.72
CA ARG C 14 -70.04 -42.06 -24.12
C ARG C 14 -69.43 -41.19 -23.02
N PHE C 15 -69.83 -41.43 -21.77
CA PHE C 15 -69.29 -40.65 -20.67
C PHE C 15 -67.81 -40.88 -20.50
N ASP C 16 -67.34 -42.12 -20.65
CA ASP C 16 -65.91 -42.41 -20.54
C ASP C 16 -65.13 -41.71 -21.64
N ALA C 17 -65.65 -41.73 -22.87
CA ALA C 17 -64.98 -41.03 -23.96
C ALA C 17 -64.89 -39.53 -23.67
N ASP C 18 -66.00 -38.94 -23.21
CA ASP C 18 -65.99 -37.51 -22.91
C ASP C 18 -65.04 -37.17 -21.77
N TRP C 19 -64.99 -38.02 -20.74
CA TRP C 19 -64.13 -37.77 -19.60
C TRP C 19 -62.66 -37.89 -19.98
N THR C 20 -62.30 -38.92 -20.75
CA THR C 20 -60.91 -39.12 -21.12
C THR C 20 -60.45 -38.11 -22.16
N ALA C 21 -61.37 -37.56 -22.94
CA ALA C 21 -60.98 -36.62 -23.99
C ALA C 21 -60.61 -35.25 -23.46
N SER C 22 -60.92 -34.93 -22.21
CA SER C 22 -60.69 -33.61 -21.65
C SER C 22 -60.08 -33.70 -20.26
N ASP C 23 -59.02 -34.50 -20.12
CA ASP C 23 -58.41 -34.71 -18.81
C ASP C 23 -57.39 -33.63 -18.45
N GLU C 24 -56.50 -33.28 -19.38
CA GLU C 24 -55.44 -32.32 -19.07
C GLU C 24 -56.01 -30.95 -18.72
N ALA C 25 -57.00 -30.49 -19.48
CA ALA C 25 -57.60 -29.19 -19.21
C ALA C 25 -58.28 -29.18 -17.84
N ARG C 26 -59.00 -30.26 -17.51
CA ARG C 26 -59.63 -30.35 -16.20
C ARG C 26 -58.60 -30.31 -15.08
N ARG C 27 -57.51 -31.07 -15.22
CA ARG C 27 -56.50 -31.11 -14.18
C ARG C 27 -55.85 -29.75 -13.99
N GLU C 28 -55.52 -29.08 -15.10
CA GLU C 28 -54.90 -27.76 -15.00
C GLU C 28 -55.85 -26.73 -14.41
N ALA C 29 -57.14 -26.78 -14.78
CA ALA C 29 -58.10 -25.85 -14.19
C ALA C 29 -58.28 -26.09 -12.70
N LYS C 30 -58.33 -27.34 -12.27
CA LYS C 30 -58.44 -27.64 -10.85
C LYS C 30 -57.20 -27.18 -10.10
N ASN C 31 -56.03 -27.37 -10.68
CA ASN C 31 -54.80 -26.88 -10.06
C ASN C 31 -54.82 -25.36 -9.95
N ASP C 32 -55.30 -24.67 -10.99
CA ASP C 32 -55.41 -23.21 -10.93
C ASP C 32 -56.34 -22.77 -9.82
N LEU C 33 -57.50 -23.43 -9.69
CA LEU C 33 -58.46 -23.06 -8.66
C LEU C 33 -57.86 -23.27 -7.28
N PHE C 34 -57.20 -24.41 -7.06
CA PHE C 34 -56.59 -24.66 -5.76
C PHE C 34 -55.47 -23.68 -5.46
N PHE C 35 -54.67 -23.32 -6.47
CA PHE C 35 -53.57 -22.39 -6.25
C PHE C 35 -54.08 -20.98 -5.97
N SER C 36 -55.19 -20.59 -6.59
CA SER C 36 -55.69 -19.22 -6.42
C SER C 36 -56.51 -19.06 -5.15
N ARG C 37 -57.26 -20.09 -4.75
CA ARG C 37 -58.19 -19.95 -3.63
C ARG C 37 -57.63 -20.45 -2.31
N VAL C 38 -57.09 -21.67 -2.28
CA VAL C 38 -56.74 -22.29 -0.99
C VAL C 38 -55.35 -21.89 -0.55
N SER C 39 -54.33 -22.27 -1.32
CA SER C 39 -52.95 -22.04 -0.91
C SER C 39 -52.06 -22.05 -2.14
N GLN C 40 -50.82 -21.61 -1.96
CA GLN C 40 -49.88 -21.46 -3.06
C GLN C 40 -48.69 -22.40 -2.95
N TRP C 41 -48.76 -23.39 -2.07
CA TRP C 41 -47.69 -24.38 -1.90
C TRP C 41 -48.27 -25.74 -2.27
N ASP C 42 -48.19 -26.10 -3.54
CA ASP C 42 -48.76 -27.34 -4.06
C ASP C 42 -47.79 -28.49 -3.82
N ASP C 43 -47.56 -28.78 -2.54
CA ASP C 43 -46.66 -29.84 -2.14
C ASP C 43 -47.32 -30.80 -1.15
N TRP C 44 -48.61 -31.09 -1.35
CA TRP C 44 -49.29 -32.06 -0.49
C TRP C 44 -48.64 -33.43 -0.58
N LEU C 45 -48.26 -33.84 -1.79
CA LEU C 45 -47.51 -35.08 -1.96
C LEU C 45 -46.07 -34.89 -1.51
N SER C 46 -45.51 -35.95 -0.92
CA SER C 46 -44.12 -36.00 -0.46
C SER C 46 -43.80 -34.93 0.58
N GLN C 47 -44.79 -34.48 1.33
CA GLN C 47 -44.56 -33.54 2.42
C GLN C 47 -44.37 -34.32 3.72
N TYR C 48 -44.36 -33.60 4.84
CA TYR C 48 -44.27 -34.13 6.20
C TYR C 48 -42.95 -34.84 6.47
N THR C 49 -41.99 -34.82 5.54
CA THR C 49 -40.71 -35.46 5.79
C THR C 49 -39.85 -34.61 6.72
N THR C 50 -39.91 -33.29 6.58
CA THR C 50 -39.18 -32.37 7.43
C THR C 50 -39.94 -31.05 7.46
N LEU C 51 -39.90 -30.37 8.61
CA LEU C 51 -40.64 -29.14 8.84
C LEU C 51 -39.71 -27.95 8.64
N GLN C 52 -40.09 -27.04 7.74
CA GLN C 52 -39.32 -25.86 7.44
C GLN C 52 -40.26 -24.69 7.19
N TYR C 53 -39.71 -23.48 7.27
CA TYR C 53 -40.49 -22.27 7.03
C TYR C 53 -40.99 -22.24 5.59
N ARG C 54 -42.28 -21.96 5.42
CA ARG C 54 -42.90 -21.87 4.10
C ARG C 54 -43.83 -20.66 4.09
N GLY C 55 -43.28 -19.51 3.71
CA GLY C 55 -44.07 -18.29 3.68
C GLY C 55 -44.95 -18.20 2.45
N GLN C 56 -45.97 -17.34 2.50
CA GLN C 56 -46.89 -17.13 1.38
C GLN C 56 -47.08 -15.63 1.22
N PHE C 57 -46.24 -15.03 0.38
CA PHE C 57 -46.29 -13.60 0.10
C PHE C 57 -46.98 -13.43 -1.25
N ASP C 58 -48.31 -13.34 -1.21
CA ASP C 58 -49.12 -13.35 -2.42
C ASP C 58 -49.04 -12.00 -3.12
N VAL C 59 -49.00 -12.02 -4.45
CA VAL C 59 -48.87 -10.80 -5.23
C VAL C 59 -49.86 -10.81 -6.39
N VAL C 60 -50.46 -11.97 -6.67
CA VAL C 60 -51.35 -12.11 -7.82
C VAL C 60 -52.82 -11.88 -7.44
N ARG C 61 -53.18 -12.02 -6.17
CA ARG C 61 -54.54 -11.84 -5.69
C ARG C 61 -55.11 -10.45 -5.99
N PRO C 62 -54.34 -9.35 -5.82
CA PRO C 62 -54.89 -8.04 -6.18
C PRO C 62 -55.30 -7.93 -7.63
N VAL C 63 -54.60 -8.61 -8.55
CA VAL C 63 -54.98 -8.56 -9.96
C VAL C 63 -56.35 -9.20 -10.17
N VAL C 64 -56.56 -10.37 -9.56
CA VAL C 64 -57.85 -11.05 -9.69
C VAL C 64 -58.95 -10.22 -9.06
N ARG C 65 -58.68 -9.62 -7.90
CA ARG C 65 -59.67 -8.77 -7.25
C ARG C 65 -60.04 -7.58 -8.11
N LYS C 66 -59.03 -6.93 -8.71
CA LYS C 66 -59.30 -5.81 -9.60
C LYS C 66 -60.13 -6.24 -10.80
N LEU C 67 -59.80 -7.40 -11.39
CA LEU C 67 -60.54 -7.86 -12.55
C LEU C 67 -62.00 -8.16 -12.21
N VAL C 68 -62.24 -8.85 -11.09
CA VAL C 68 -63.62 -9.18 -10.74
C VAL C 68 -64.40 -7.92 -10.36
N SER C 69 -63.76 -6.96 -9.69
CA SER C 69 -64.43 -5.71 -9.36
C SER C 69 -64.78 -4.93 -10.62
N GLU C 70 -63.86 -4.90 -11.59
CA GLU C 70 -64.11 -4.18 -12.83
C GLU C 70 -65.21 -4.83 -13.66
N MET C 71 -65.24 -6.16 -13.70
CA MET C 71 -66.27 -6.84 -14.47
C MET C 71 -67.60 -6.88 -13.74
N ARG C 72 -67.62 -6.64 -12.42
CA ARG C 72 -68.88 -6.56 -11.71
C ARG C 72 -69.55 -5.20 -11.88
N GLN C 73 -68.81 -4.20 -12.38
CA GLN C 73 -69.35 -2.86 -12.54
C GLN C 73 -70.13 -2.67 -13.83
N ASN C 74 -70.11 -3.65 -14.74
CA ASN C 74 -70.78 -3.54 -16.03
C ASN C 74 -71.69 -4.74 -16.21
N PRO C 75 -72.87 -4.73 -15.61
CA PRO C 75 -73.80 -5.86 -15.75
C PRO C 75 -74.29 -6.00 -17.19
N ILE C 76 -74.62 -7.24 -17.55
CA ILE C 76 -75.12 -7.57 -18.88
C ILE C 76 -76.38 -8.42 -18.73
N ASP C 77 -77.40 -8.11 -19.52
CA ASP C 77 -78.60 -8.91 -19.59
C ASP C 77 -78.94 -9.12 -21.05
N VAL C 78 -80.14 -9.65 -21.31
CA VAL C 78 -80.58 -10.00 -22.66
C VAL C 78 -81.71 -9.08 -23.06
N LEU C 79 -81.56 -8.43 -24.22
CA LEU C 79 -82.61 -7.59 -24.80
C LEU C 79 -83.23 -8.35 -25.97
N TYR C 80 -84.54 -8.56 -25.91
CA TYR C 80 -85.28 -9.17 -27.00
C TYR C 80 -85.81 -8.07 -27.91
N ARG C 81 -85.45 -8.13 -29.18
CA ARG C 81 -85.89 -7.13 -30.14
C ARG C 81 -86.73 -7.78 -31.24
N PRO C 82 -87.76 -7.10 -31.72
CA PRO C 82 -88.61 -7.69 -32.76
C PRO C 82 -87.85 -7.87 -34.07
N LYS C 83 -88.21 -8.92 -34.81
CA LYS C 83 -87.61 -9.13 -36.11
C LYS C 83 -88.05 -8.02 -37.07
N ASP C 84 -87.24 -7.83 -38.12
CA ASP C 84 -87.48 -6.70 -39.02
C ASP C 84 -88.83 -6.79 -39.70
N GLY C 85 -89.33 -8.01 -39.96
CA GLY C 85 -90.63 -8.15 -40.59
C GLY C 85 -91.81 -8.12 -39.66
N ALA C 86 -91.57 -8.24 -38.35
CA ALA C 86 -92.66 -8.33 -37.39
C ALA C 86 -93.09 -6.94 -36.93
N ARG C 87 -94.08 -6.90 -36.04
CA ARG C 87 -94.59 -5.66 -35.49
C ARG C 87 -93.55 -5.05 -34.54
N PRO C 88 -93.64 -3.74 -34.31
CA PRO C 88 -92.68 -3.12 -33.38
C PRO C 88 -92.74 -3.66 -31.97
N ASP C 89 -93.90 -4.11 -31.50
CA ASP C 89 -94.05 -4.59 -30.12
C ASP C 89 -93.92 -6.12 -29.89
N ALA C 90 -93.50 -6.87 -30.88
CA ALA C 90 -93.43 -8.31 -30.81
C ALA C 90 -92.79 -8.88 -29.54
N ALA C 91 -91.81 -8.17 -29.04
CA ALA C 91 -90.91 -8.65 -28.00
C ALA C 91 -91.20 -7.98 -26.65
N ASP C 92 -92.47 -7.70 -26.37
CA ASP C 92 -92.85 -7.04 -25.12
C ASP C 92 -93.18 -8.06 -24.04
N VAL C 93 -94.10 -8.98 -24.33
CA VAL C 93 -94.55 -9.93 -23.32
C VAL C 93 -93.44 -10.90 -22.95
N LEU C 94 -92.66 -11.36 -23.93
CA LEU C 94 -91.56 -12.27 -23.64
C LEU C 94 -90.47 -11.57 -22.85
N MET C 95 -90.18 -10.31 -23.19
CA MET C 95 -89.21 -9.54 -22.42
C MET C 95 -89.67 -9.34 -20.98
N GLY C 96 -90.97 -9.05 -20.80
CA GLY C 96 -91.50 -8.93 -19.46
C GLY C 96 -91.39 -10.21 -18.67
N MET C 97 -91.67 -11.35 -19.32
CA MET C 97 -91.48 -12.64 -18.66
C MET C 97 -90.02 -12.85 -18.27
N TYR C 98 -89.10 -12.47 -19.14
CA TYR C 98 -87.68 -12.62 -18.84
C TYR C 98 -87.30 -11.78 -17.62
N ARG C 99 -87.78 -10.54 -17.56
CA ARG C 99 -87.50 -9.69 -16.41
C ARG C 99 -88.11 -10.26 -15.14
N THR C 100 -89.33 -10.82 -15.24
CA THR C 100 -89.96 -11.39 -14.06
C THR C 100 -89.21 -12.61 -13.54
N ASP C 101 -88.77 -13.49 -14.44
CA ASP C 101 -88.14 -14.75 -14.02
C ASP C 101 -86.73 -14.53 -13.46
N MET C 102 -85.94 -13.68 -14.12
CA MET C 102 -84.52 -13.52 -13.80
C MET C 102 -84.27 -12.29 -12.94
N ARG C 103 -85.18 -11.97 -12.01
CA ARG C 103 -85.02 -10.80 -11.16
C ARG C 103 -84.48 -11.14 -9.78
N HIS C 104 -84.66 -12.37 -9.32
CA HIS C 104 -84.33 -12.74 -7.95
C HIS C 104 -82.81 -12.80 -7.77
N ASN C 105 -82.37 -13.17 -6.56
CA ASN C 105 -80.96 -13.20 -6.24
C ASN C 105 -80.24 -14.38 -6.88
N THR C 106 -80.95 -15.46 -7.16
CA THR C 106 -80.30 -16.68 -7.65
C THR C 106 -79.60 -16.44 -8.98
N ALA C 107 -80.25 -15.73 -9.90
CA ALA C 107 -79.65 -15.49 -11.20
C ALA C 107 -78.38 -14.65 -11.09
N LYS C 108 -78.43 -13.58 -10.30
CA LYS C 108 -77.25 -12.73 -10.13
C LYS C 108 -76.12 -13.49 -9.46
N ILE C 109 -76.43 -14.31 -8.45
CA ILE C 109 -75.39 -15.09 -7.79
C ILE C 109 -74.76 -16.08 -8.76
N ALA C 110 -75.58 -16.74 -9.59
CA ALA C 110 -75.05 -17.69 -10.56
C ALA C 110 -74.14 -17.00 -11.57
N VAL C 111 -74.56 -15.84 -12.07
CA VAL C 111 -73.74 -15.13 -13.04
C VAL C 111 -72.42 -14.68 -12.40
N ASN C 112 -72.47 -14.19 -11.16
CA ASN C 112 -71.26 -13.76 -10.49
C ASN C 112 -70.31 -14.93 -10.26
N ILE C 113 -70.84 -16.09 -9.86
CA ILE C 113 -70.00 -17.27 -9.67
C ILE C 113 -69.34 -17.66 -10.99
N ALA C 114 -70.11 -17.66 -12.08
CA ALA C 114 -69.56 -18.03 -13.37
C ALA C 114 -68.47 -17.04 -13.80
N VAL C 115 -68.68 -15.75 -13.55
CA VAL C 115 -67.69 -14.74 -13.93
C VAL C 115 -66.40 -14.93 -13.13
N ARG C 116 -66.52 -15.17 -11.82
CA ARG C 116 -65.33 -15.37 -11.00
C ARG C 116 -64.57 -16.62 -11.44
N GLU C 117 -65.29 -17.71 -11.72
CA GLU C 117 -64.63 -18.91 -12.24
C GLU C 117 -63.91 -18.60 -13.54
N GLN C 118 -64.60 -17.94 -14.47
CA GLN C 118 -63.99 -17.55 -15.74
C GLN C 118 -62.68 -16.79 -15.52
N ILE C 119 -62.68 -15.86 -14.57
CA ILE C 119 -61.49 -15.06 -14.33
C ILE C 119 -60.36 -15.93 -13.79
N GLU C 120 -60.65 -16.79 -12.83
CA GLU C 120 -59.57 -17.59 -12.22
C GLU C 120 -59.14 -18.73 -13.14
N ALA C 121 -60.05 -19.65 -13.44
CA ALA C 121 -59.77 -20.78 -14.32
C ALA C 121 -60.77 -20.77 -15.46
N GLY C 122 -60.28 -20.74 -16.69
CA GLY C 122 -61.12 -20.30 -17.80
C GLY C 122 -62.23 -21.25 -18.19
N VAL C 123 -63.21 -21.42 -17.31
CA VAL C 123 -64.43 -22.15 -17.61
C VAL C 123 -65.46 -21.86 -16.53
N GLY C 124 -66.74 -21.85 -16.90
CA GLY C 124 -67.82 -21.67 -15.95
C GLY C 124 -69.14 -22.02 -16.61
N ALA C 125 -70.17 -22.19 -15.79
CA ALA C 125 -71.47 -22.59 -16.32
C ALA C 125 -72.55 -22.24 -15.31
N TRP C 126 -73.80 -22.27 -15.79
CA TRP C 126 -74.98 -22.14 -14.95
C TRP C 126 -76.16 -22.71 -15.72
N ARG C 127 -77.05 -23.39 -15.00
CA ARG C 127 -78.16 -24.12 -15.61
C ARG C 127 -79.49 -23.42 -15.34
N LEU C 128 -80.47 -23.75 -16.18
CA LEU C 128 -81.83 -23.23 -16.07
C LEU C 128 -82.75 -24.37 -15.67
N VAL C 129 -83.51 -24.17 -14.59
CA VAL C 129 -84.40 -25.20 -14.06
C VAL C 129 -85.79 -24.62 -13.90
N THR C 130 -86.78 -25.34 -14.42
CA THR C 130 -88.18 -25.01 -14.24
C THR C 130 -88.72 -25.67 -12.98
N ASP C 131 -89.79 -25.09 -12.44
CA ASP C 131 -90.36 -25.58 -11.19
C ASP C 131 -91.82 -25.18 -11.13
N TYR C 132 -92.56 -25.84 -10.23
CA TYR C 132 -93.98 -25.59 -10.03
C TYR C 132 -94.16 -24.62 -8.87
N GLU C 133 -94.91 -23.55 -9.11
CA GLU C 133 -95.22 -22.57 -8.07
C GLU C 133 -96.67 -22.14 -8.20
N ASP C 134 -97.37 -22.09 -7.07
CA ASP C 134 -98.78 -21.74 -7.05
C ASP C 134 -99.09 -20.39 -6.42
N GLN C 135 -98.27 -19.95 -5.46
CA GLN C 135 -98.57 -18.69 -4.77
C GLN C 135 -98.33 -17.48 -5.65
N SER C 136 -97.28 -17.51 -6.48
CA SER C 136 -96.94 -16.40 -7.36
C SER C 136 -96.40 -16.94 -8.67
N PRO C 137 -97.27 -17.46 -9.53
CA PRO C 137 -96.83 -17.93 -10.84
C PRO C 137 -96.50 -16.77 -11.76
N THR C 138 -95.67 -17.06 -12.77
CA THR C 138 -95.27 -16.02 -13.71
C THR C 138 -96.33 -15.82 -14.78
N SER C 139 -96.56 -16.83 -15.62
CA SER C 139 -97.70 -16.85 -16.53
C SER C 139 -98.59 -18.06 -16.29
N ASN C 140 -98.03 -19.26 -16.33
CA ASN C 140 -98.71 -20.48 -15.95
C ASN C 140 -98.17 -20.94 -14.60
N ASN C 141 -98.61 -22.10 -14.14
CA ASN C 141 -98.18 -22.61 -12.84
C ASN C 141 -96.78 -23.23 -12.94
N GLN C 142 -95.87 -22.42 -13.49
CA GLN C 142 -94.46 -22.78 -13.58
C GLN C 142 -93.63 -21.53 -13.40
N VAL C 143 -92.40 -21.70 -12.91
CA VAL C 143 -91.45 -20.61 -12.75
C VAL C 143 -90.09 -21.07 -13.24
N ILE C 144 -89.43 -20.25 -14.03
CA ILE C 144 -88.11 -20.54 -14.57
C ILE C 144 -87.06 -19.83 -13.72
N ARG C 145 -86.06 -20.57 -13.27
CA ARG C 145 -85.03 -20.02 -12.42
C ARG C 145 -83.66 -20.54 -12.86
N ARG C 146 -82.66 -19.66 -12.80
CA ARG C 146 -81.29 -20.09 -13.00
C ARG C 146 -80.82 -20.88 -11.78
N GLU C 147 -79.72 -21.61 -11.97
CA GLU C 147 -79.12 -22.35 -10.87
C GLU C 147 -77.60 -22.29 -11.02
N PRO C 148 -76.85 -22.27 -9.93
CA PRO C 148 -75.40 -22.16 -10.03
C PRO C 148 -74.70 -23.52 -10.03
N ILE C 149 -73.59 -23.57 -10.77
CA ILE C 149 -72.68 -24.69 -10.76
C ILE C 149 -71.34 -24.18 -10.29
N HIS C 150 -70.83 -24.75 -9.20
CA HIS C 150 -69.72 -24.11 -8.49
C HIS C 150 -68.36 -24.48 -9.06
N SER C 151 -68.21 -25.69 -9.58
CA SER C 151 -66.96 -26.14 -10.21
C SER C 151 -67.32 -26.71 -11.58
N ALA C 152 -67.41 -25.83 -12.58
CA ALA C 152 -67.73 -26.29 -13.92
C ALA C 152 -66.54 -26.97 -14.59
N CYS C 153 -65.35 -26.91 -13.99
CA CYS C 153 -64.20 -27.59 -14.57
C CYS C 153 -64.41 -29.09 -14.66
N SER C 154 -64.92 -29.70 -13.59
CA SER C 154 -65.04 -31.15 -13.51
C SER C 154 -66.47 -31.65 -13.36
N HIS C 155 -67.38 -30.85 -12.81
CA HIS C 155 -68.75 -31.31 -12.63
C HIS C 155 -69.53 -31.33 -13.93
N VAL C 156 -69.26 -30.40 -14.83
CA VAL C 156 -69.94 -30.35 -16.13
C VAL C 156 -68.99 -30.93 -17.18
N ILE C 157 -69.48 -31.93 -17.91
CA ILE C 157 -68.68 -32.62 -18.93
C ILE C 157 -69.47 -32.57 -20.23
N TRP C 158 -68.93 -31.88 -21.22
CA TRP C 158 -69.60 -31.69 -22.49
C TRP C 158 -69.23 -32.79 -23.48
N ASP C 159 -69.86 -32.75 -24.65
CA ASP C 159 -69.54 -33.68 -25.71
C ASP C 159 -68.15 -33.40 -26.27
N SER C 160 -67.39 -34.47 -26.54
CA SER C 160 -66.03 -34.30 -27.03
C SER C 160 -65.99 -33.87 -28.49
N ASN C 161 -67.08 -34.03 -29.23
CA ASN C 161 -67.14 -33.67 -30.64
C ASN C 161 -67.57 -32.23 -30.86
N SER C 162 -67.96 -31.52 -29.81
CA SER C 162 -68.41 -30.14 -29.96
C SER C 162 -67.27 -29.24 -30.44
N LYS C 163 -67.64 -28.20 -31.18
CA LYS C 163 -66.66 -27.31 -31.79
C LYS C 163 -66.87 -25.83 -31.48
N LEU C 164 -68.00 -25.44 -30.90
CA LEU C 164 -68.28 -24.03 -30.64
C LEU C 164 -67.95 -23.68 -29.20
N MET C 165 -67.86 -22.37 -28.94
CA MET C 165 -67.58 -21.88 -27.59
C MET C 165 -68.78 -22.07 -26.67
N ASP C 166 -69.98 -21.78 -27.16
CA ASP C 166 -71.19 -21.92 -26.38
C ASP C 166 -71.78 -23.32 -26.44
N LYS C 167 -71.13 -24.25 -27.15
CA LYS C 167 -71.56 -25.64 -27.24
C LYS C 167 -72.97 -25.75 -27.81
N SER C 168 -73.25 -24.98 -28.85
CA SER C 168 -74.55 -25.06 -29.52
C SER C 168 -74.74 -26.41 -30.19
N ASP C 169 -73.69 -26.95 -30.81
CA ASP C 169 -73.75 -28.24 -31.48
C ASP C 169 -73.20 -29.30 -30.55
N ALA C 170 -74.00 -29.64 -29.54
CA ALA C 170 -73.65 -30.67 -28.58
C ALA C 170 -74.86 -31.57 -28.35
N ARG C 171 -74.61 -32.85 -28.12
CA ARG C 171 -75.67 -33.82 -27.90
C ARG C 171 -75.55 -34.54 -26.56
N HIS C 172 -74.55 -34.20 -25.76
CA HIS C 172 -74.35 -34.83 -24.46
C HIS C 172 -73.97 -33.78 -23.43
N CYS C 173 -74.35 -34.04 -22.19
CA CYS C 173 -73.94 -33.19 -21.07
C CYS C 173 -74.14 -33.98 -19.79
N THR C 174 -73.07 -34.18 -19.03
CA THR C 174 -73.10 -34.93 -17.79
C THR C 174 -72.78 -34.00 -16.64
N VAL C 175 -73.70 -33.89 -15.68
CA VAL C 175 -73.52 -33.09 -14.48
C VAL C 175 -73.39 -34.03 -13.30
N ILE C 176 -72.24 -34.00 -12.65
CA ILE C 176 -71.93 -34.90 -11.54
C ILE C 176 -72.24 -34.15 -10.24
N HIS C 177 -73.40 -34.44 -9.66
CA HIS C 177 -73.80 -33.82 -8.41
C HIS C 177 -72.97 -34.37 -7.25
N SER C 178 -72.51 -33.48 -6.38
CA SER C 178 -71.85 -33.84 -5.13
C SER C 178 -72.69 -33.27 -4.00
N MET C 179 -73.18 -34.15 -3.13
CA MET C 179 -74.18 -33.78 -2.14
C MET C 179 -74.08 -34.66 -0.91
N SER C 180 -74.59 -34.13 0.21
CA SER C 180 -74.42 -34.78 1.51
C SER C 180 -75.53 -35.80 1.74
N GLN C 181 -75.49 -36.43 2.93
CA GLN C 181 -76.43 -37.51 3.24
C GLN C 181 -77.86 -36.99 3.29
N ASN C 182 -78.09 -35.92 4.06
CA ASN C 182 -79.43 -35.33 4.11
C ASN C 182 -79.81 -34.74 2.75
N GLY C 183 -78.85 -34.15 2.05
CA GLY C 183 -79.10 -33.74 0.68
C GLY C 183 -79.53 -34.90 -0.20
N TRP C 184 -78.90 -36.07 -0.01
CA TRP C 184 -79.28 -37.24 -0.77
C TRP C 184 -80.70 -37.70 -0.42
N GLU C 185 -81.05 -37.64 0.87
CA GLU C 185 -82.40 -38.00 1.27
C GLU C 185 -83.43 -37.08 0.63
N ASP C 186 -83.16 -35.77 0.62
CA ASP C 186 -84.08 -34.83 -0.03
C ASP C 186 -84.14 -35.07 -1.54
N PHE C 187 -82.99 -35.36 -2.16
CA PHE C 187 -82.97 -35.63 -3.59
C PHE C 187 -83.80 -36.85 -3.93
N ALA C 188 -83.69 -37.91 -3.13
CA ALA C 188 -84.51 -39.10 -3.33
C ALA C 188 -85.99 -38.81 -3.10
N GLU C 189 -86.31 -37.98 -2.09
CA GLU C 189 -87.70 -37.64 -1.82
C GLU C 189 -88.34 -36.84 -2.94
N LYS C 190 -87.61 -35.89 -3.53
CA LYS C 190 -88.22 -34.96 -4.47
C LYS C 190 -88.49 -35.62 -5.82
N TYR C 191 -87.66 -36.57 -6.20
CA TYR C 191 -88.02 -37.53 -7.24
C TYR C 191 -88.69 -38.75 -6.62
N ASP C 192 -88.85 -39.81 -7.41
CA ASP C 192 -89.45 -41.05 -6.95
C ASP C 192 -88.41 -42.10 -6.58
N LEU C 193 -87.17 -41.68 -6.39
CA LEU C 193 -86.11 -42.61 -6.04
C LEU C 193 -86.24 -43.06 -4.58
N ASP C 194 -85.54 -44.12 -4.25
CA ASP C 194 -85.50 -44.65 -2.89
C ASP C 194 -84.19 -44.26 -2.21
N ALA C 195 -84.30 -43.84 -0.95
CA ALA C 195 -83.14 -43.38 -0.19
C ALA C 195 -82.40 -44.49 0.51
N ASP C 196 -82.71 -45.76 0.25
CA ASP C 196 -82.07 -46.86 0.96
C ASP C 196 -80.77 -47.32 0.31
N ASP C 197 -80.65 -47.24 -1.00
CA ASP C 197 -79.41 -47.59 -1.69
C ASP C 197 -78.58 -46.34 -1.93
N ILE C 198 -77.27 -46.46 -1.79
CA ILE C 198 -76.37 -45.33 -1.91
C ILE C 198 -75.82 -45.27 -3.34
N PRO C 199 -76.10 -44.22 -4.09
CA PRO C 199 -75.56 -44.10 -5.44
C PRO C 199 -74.07 -43.76 -5.40
N SER C 200 -73.42 -44.00 -6.53
CA SER C 200 -71.99 -43.71 -6.65
C SER C 200 -71.69 -43.37 -8.11
N PHE C 201 -70.57 -42.67 -8.30
CA PHE C 201 -70.15 -42.26 -9.64
C PHE C 201 -68.68 -41.88 -9.58
N GLN C 202 -68.18 -41.27 -10.65
CA GLN C 202 -66.81 -40.80 -10.68
C GLN C 202 -66.59 -39.70 -9.65
N ASN C 203 -65.36 -39.61 -9.15
CA ASN C 203 -65.04 -38.64 -8.12
C ASN C 203 -64.40 -37.41 -8.77
N PRO C 204 -65.10 -36.29 -8.86
CA PRO C 204 -64.50 -35.08 -9.45
C PRO C 204 -63.40 -34.51 -8.59
N ASN C 205 -63.69 -34.31 -7.31
CA ASN C 205 -62.73 -33.72 -6.39
C ASN C 205 -61.65 -34.72 -6.01
N ASP C 206 -60.62 -34.23 -5.30
CA ASP C 206 -59.49 -35.05 -4.92
C ASP C 206 -59.16 -34.78 -3.46
N TRP C 207 -58.52 -35.77 -2.83
CA TRP C 207 -58.16 -35.71 -1.40
C TRP C 207 -56.71 -35.22 -1.31
N VAL C 208 -56.54 -33.91 -1.47
CA VAL C 208 -55.20 -33.31 -1.52
C VAL C 208 -55.07 -32.19 -0.51
N PHE C 209 -55.84 -32.24 0.57
CA PHE C 209 -55.80 -31.21 1.59
C PHE C 209 -56.12 -31.84 2.93
N PRO C 210 -55.62 -31.28 4.04
CA PRO C 210 -55.98 -31.83 5.36
C PRO C 210 -57.43 -31.55 5.73
N TRP C 211 -58.36 -31.98 4.90
CA TRP C 211 -59.78 -31.85 5.18
C TRP C 211 -60.25 -32.99 6.06
N LEU C 212 -61.35 -32.78 6.77
CA LEU C 212 -61.81 -33.78 7.73
C LEU C 212 -62.67 -34.85 7.05
N THR C 213 -63.78 -34.44 6.44
CA THR C 213 -64.74 -35.37 5.86
C THR C 213 -65.12 -34.93 4.46
N GLN C 214 -65.81 -35.82 3.76
CA GLN C 214 -66.34 -35.56 2.44
C GLN C 214 -67.73 -36.18 2.33
N ASP C 215 -68.50 -35.72 1.34
CA ASP C 215 -69.84 -36.24 1.15
C ASP C 215 -69.82 -37.69 0.67
N THR C 216 -68.95 -37.98 -0.32
CA THR C 216 -68.78 -39.33 -0.86
C THR C 216 -70.11 -39.89 -1.38
N ILE C 217 -70.94 -39.04 -1.97
CA ILE C 217 -72.20 -39.44 -2.60
C ILE C 217 -72.30 -38.65 -3.89
N GLN C 218 -72.02 -39.29 -5.03
CA GLN C 218 -72.03 -38.64 -6.32
C GLN C 218 -73.05 -39.32 -7.23
N ILE C 219 -73.94 -38.52 -7.81
CA ILE C 219 -74.92 -39.00 -8.76
C ILE C 219 -74.86 -38.09 -9.99
N ALA C 220 -75.26 -38.63 -11.13
CA ALA C 220 -75.07 -37.95 -12.41
C ALA C 220 -76.39 -37.81 -13.15
N GLU C 221 -76.46 -36.79 -13.99
CA GLU C 221 -77.60 -36.54 -14.86
C GLU C 221 -77.10 -36.48 -16.30
N PHE C 222 -77.87 -37.05 -17.22
CA PHE C 222 -77.46 -37.19 -18.61
C PHE C 222 -78.47 -36.50 -19.51
N TYR C 223 -78.03 -35.48 -20.22
CA TYR C 223 -78.86 -34.75 -21.18
C TYR C 223 -78.49 -35.14 -22.60
N GLU C 224 -79.50 -35.35 -23.44
CA GLU C 224 -79.28 -35.67 -24.84
C GLU C 224 -80.34 -34.98 -25.68
N VAL C 225 -80.00 -34.74 -26.95
CA VAL C 225 -80.86 -34.04 -27.89
C VAL C 225 -80.98 -34.89 -29.16
N VAL C 226 -82.21 -35.01 -29.66
CA VAL C 226 -82.49 -35.81 -30.86
C VAL C 226 -83.32 -34.98 -31.82
N GLU C 227 -83.30 -35.39 -33.09
CA GLU C 227 -84.13 -34.80 -34.14
C GLU C 227 -84.83 -35.93 -34.87
N LYS C 228 -86.16 -35.83 -35.00
CA LYS C 228 -86.95 -36.94 -35.50
C LYS C 228 -87.96 -36.54 -36.56
N LYS C 229 -88.25 -35.24 -36.72
CA LYS C 229 -89.22 -34.75 -37.70
C LYS C 229 -90.61 -35.35 -37.44
N GLU C 230 -91.15 -34.98 -36.28
CA GLU C 230 -92.46 -35.44 -35.86
C GLU C 230 -93.56 -34.72 -36.64
N THR C 231 -94.80 -35.14 -36.42
CA THR C 231 -95.95 -34.62 -37.13
C THR C 231 -96.61 -33.48 -36.38
N ALA C 232 -97.49 -32.77 -37.07
CA ALA C 232 -98.21 -31.64 -36.48
C ALA C 232 -99.57 -31.51 -37.17
N PHE C 233 -100.53 -30.96 -36.43
CA PHE C 233 -101.89 -30.77 -36.92
C PHE C 233 -102.11 -29.31 -37.28
N ILE C 234 -102.81 -29.07 -38.38
CA ILE C 234 -103.18 -27.72 -38.81
C ILE C 234 -104.67 -27.54 -38.52
N TYR C 235 -104.98 -26.66 -37.59
CA TYR C 235 -106.36 -26.38 -37.20
C TYR C 235 -106.80 -25.04 -37.78
N GLN C 236 -108.09 -24.75 -37.61
CA GLN C 236 -108.67 -23.48 -37.98
C GLN C 236 -109.16 -22.75 -36.74
N ASP C 237 -108.68 -21.53 -36.55
CA ASP C 237 -109.06 -20.75 -35.38
C ASP C 237 -110.52 -20.34 -35.50
N PRO C 238 -111.39 -20.74 -34.56
CA PRO C 238 -112.80 -20.35 -34.67
C PRO C 238 -113.04 -18.86 -34.48
N VAL C 239 -112.15 -18.16 -33.80
CA VAL C 239 -112.33 -16.72 -33.60
C VAL C 239 -112.06 -15.96 -34.90
N THR C 240 -110.88 -16.17 -35.49
CA THR C 240 -110.50 -15.54 -36.74
C THR C 240 -110.13 -16.62 -37.75
N GLY C 241 -110.59 -16.43 -39.00
CA GLY C 241 -110.39 -17.44 -40.02
C GLY C 241 -108.96 -17.53 -40.50
N GLU C 242 -108.05 -17.95 -39.62
CA GLU C 242 -106.65 -18.11 -39.94
C GLU C 242 -106.17 -19.48 -39.47
N PRO C 243 -105.30 -20.14 -40.24
CA PRO C 243 -104.83 -21.47 -39.85
C PRO C 243 -103.81 -21.39 -38.73
N VAL C 244 -103.86 -22.38 -37.83
CA VAL C 244 -102.91 -22.52 -36.74
C VAL C 244 -102.39 -23.95 -36.74
N SER C 245 -101.15 -24.10 -36.27
CA SER C 245 -100.48 -25.39 -36.26
C SER C 245 -100.09 -25.75 -34.84
N TYR C 246 -100.44 -26.96 -34.41
CA TYR C 246 -100.10 -27.48 -33.10
C TYR C 246 -99.47 -28.85 -33.25
N PHE C 247 -98.43 -29.11 -32.46
CA PHE C 247 -97.79 -30.41 -32.48
C PHE C 247 -98.73 -31.48 -31.94
N LYS C 248 -98.66 -32.68 -32.53
CA LYS C 248 -99.55 -33.76 -32.11
C LYS C 248 -99.26 -34.22 -30.70
N ARG C 249 -97.99 -34.30 -30.31
CA ARG C 249 -97.64 -34.83 -28.99
C ARG C 249 -98.17 -33.95 -27.86
N ASP C 250 -98.14 -32.63 -28.03
CA ASP C 250 -98.56 -31.74 -26.96
C ASP C 250 -100.06 -31.79 -26.72
N ILE C 251 -100.85 -31.98 -27.78
CA ILE C 251 -102.31 -31.97 -27.67
C ILE C 251 -102.90 -33.35 -27.92
N LYS C 252 -102.14 -34.43 -27.66
CA LYS C 252 -102.61 -35.77 -27.96
C LYS C 252 -103.76 -36.19 -27.05
N ASP C 253 -103.88 -35.58 -25.87
CA ASP C 253 -104.99 -35.84 -24.97
C ASP C 253 -106.11 -34.80 -25.06
N VAL C 254 -106.03 -33.86 -26.00
CA VAL C 254 -106.96 -32.74 -26.03
C VAL C 254 -107.58 -32.70 -27.43
N ILE C 255 -107.30 -33.73 -28.23
CA ILE C 255 -107.79 -33.77 -29.61
C ILE C 255 -109.32 -33.77 -29.63
N ASP C 256 -109.94 -34.62 -28.81
CA ASP C 256 -111.39 -34.67 -28.76
C ASP C 256 -111.97 -33.36 -28.23
N ASP C 257 -111.35 -32.77 -27.20
CA ASP C 257 -111.83 -31.51 -26.67
C ASP C 257 -111.69 -30.38 -27.68
N LEU C 258 -110.58 -30.37 -28.43
CA LEU C 258 -110.42 -29.38 -29.49
C LEU C 258 -111.47 -29.56 -30.57
N ALA C 259 -111.80 -30.80 -30.91
CA ALA C 259 -112.87 -31.05 -31.87
C ALA C 259 -114.22 -30.62 -31.33
N ASP C 260 -114.41 -30.68 -30.01
CA ASP C 260 -115.67 -30.24 -29.42
C ASP C 260 -115.90 -28.75 -29.62
N SER C 261 -114.85 -27.94 -29.52
CA SER C 261 -114.97 -26.50 -29.72
C SER C 261 -115.01 -26.21 -31.22
N GLY C 262 -114.87 -24.93 -31.58
CA GLY C 262 -114.93 -24.54 -32.98
C GLY C 262 -113.72 -24.94 -33.80
N PHE C 263 -112.69 -25.51 -33.18
CA PHE C 263 -111.51 -25.94 -33.91
C PHE C 263 -111.87 -27.08 -34.86
N ILE C 264 -111.41 -26.98 -36.10
CA ILE C 264 -111.60 -28.02 -37.10
C ILE C 264 -110.27 -28.29 -37.78
N LYS C 265 -109.96 -29.56 -38.01
CA LYS C 265 -108.70 -29.93 -38.64
C LYS C 265 -108.75 -29.64 -40.13
N ILE C 266 -107.64 -29.15 -40.68
CA ILE C 266 -107.56 -28.80 -42.09
C ILE C 266 -106.65 -29.77 -42.85
N ALA C 267 -105.44 -30.00 -42.35
CA ALA C 267 -104.48 -30.86 -43.03
C ALA C 267 -103.48 -31.37 -42.00
N GLU C 268 -102.54 -32.20 -42.47
CA GLU C 268 -101.50 -32.78 -41.64
C GLU C 268 -100.14 -32.51 -42.28
N ARG C 269 -99.15 -32.15 -41.47
CA ARG C 269 -97.80 -31.89 -41.95
C ARG C 269 -96.80 -32.59 -41.05
N GLN C 270 -95.52 -32.43 -41.37
CA GLN C 270 -94.42 -32.99 -40.60
C GLN C 270 -93.33 -31.95 -40.47
N ILE C 271 -93.10 -31.47 -39.25
CA ILE C 271 -92.13 -30.41 -38.98
C ILE C 271 -91.06 -30.95 -38.05
N LYS C 272 -89.80 -30.76 -38.43
CA LYS C 272 -88.67 -31.21 -37.63
C LYS C 272 -88.45 -30.28 -36.45
N ARG C 273 -88.19 -30.85 -35.29
CA ARG C 273 -88.01 -30.09 -34.06
C ARG C 273 -87.16 -30.89 -33.09
N ARG C 274 -86.20 -30.22 -32.45
CA ARG C 274 -85.35 -30.88 -31.48
C ARG C 274 -86.10 -31.14 -30.18
N ARG C 275 -85.64 -32.16 -29.46
CA ARG C 275 -86.19 -32.49 -28.15
C ARG C 275 -85.05 -32.84 -27.21
N VAL C 276 -85.28 -32.61 -25.92
CA VAL C 276 -84.27 -32.83 -24.89
C VAL C 276 -84.78 -33.88 -23.91
N TYR C 277 -83.96 -34.89 -23.65
CA TYR C 277 -84.27 -35.95 -22.70
C TYR C 277 -83.23 -35.98 -21.61
N LYS C 278 -83.68 -36.25 -20.38
CA LYS C 278 -82.79 -36.31 -19.22
C LYS C 278 -82.94 -37.66 -18.53
N SER C 279 -81.82 -38.29 -18.24
CA SER C 279 -81.79 -39.56 -17.53
C SER C 279 -80.78 -39.48 -16.40
N ILE C 280 -80.97 -40.32 -15.39
CA ILE C 280 -80.13 -40.34 -14.19
C ILE C 280 -79.40 -41.66 -14.13
N ILE C 281 -78.07 -41.60 -14.01
CA ILE C 281 -77.24 -42.79 -13.98
C ILE C 281 -76.47 -42.82 -12.67
N THR C 282 -76.07 -44.03 -12.27
CA THR C 282 -75.30 -44.20 -11.04
C THR C 282 -74.17 -45.22 -11.21
N CYS C 283 -73.62 -45.36 -12.41
CA CYS C 283 -72.44 -46.17 -12.74
C CYS C 283 -72.71 -47.67 -12.60
N THR C 284 -73.89 -48.08 -12.14
CA THR C 284 -74.21 -49.49 -12.03
C THR C 284 -75.56 -49.79 -12.68
N ALA C 285 -76.44 -48.79 -12.70
CA ALA C 285 -77.76 -48.95 -13.30
C ALA C 285 -78.34 -47.58 -13.59
N VAL C 286 -79.40 -47.56 -14.39
CA VAL C 286 -80.13 -46.33 -14.68
C VAL C 286 -81.32 -46.23 -13.74
N LEU C 287 -81.43 -45.11 -13.04
CA LEU C 287 -82.52 -44.91 -12.08
C LEU C 287 -83.80 -44.43 -12.75
N LYS C 288 -83.72 -43.32 -13.49
CA LYS C 288 -84.83 -42.84 -14.29
C LYS C 288 -84.35 -42.70 -15.73
N ASP C 289 -85.17 -43.16 -16.67
CA ASP C 289 -84.75 -43.32 -18.06
C ASP C 289 -85.57 -42.40 -18.95
N LYS C 290 -84.87 -41.44 -19.59
CA LYS C 290 -85.42 -40.63 -20.67
C LYS C 290 -86.66 -39.85 -20.23
N GLN C 291 -86.46 -38.93 -19.29
CA GLN C 291 -87.49 -37.97 -18.94
C GLN C 291 -87.50 -36.83 -19.95
N LEU C 292 -88.70 -36.40 -20.32
CA LEU C 292 -88.87 -35.39 -21.36
C LEU C 292 -88.75 -34.00 -20.75
N ILE C 293 -87.61 -33.35 -20.96
CA ILE C 293 -87.41 -31.99 -20.49
C ILE C 293 -88.16 -31.02 -21.40
N ALA C 294 -88.71 -29.96 -20.81
CA ALA C 294 -89.53 -29.03 -21.57
C ALA C 294 -88.74 -28.28 -22.62
N GLY C 295 -87.44 -28.12 -22.42
CA GLY C 295 -86.66 -27.28 -23.31
C GLY C 295 -86.44 -27.93 -24.67
N GLU C 296 -85.69 -27.20 -25.50
CA GLU C 296 -85.28 -27.69 -26.80
C GLU C 296 -83.76 -27.75 -26.95
N HIS C 297 -83.01 -27.10 -26.06
CA HIS C 297 -81.56 -27.14 -26.04
C HIS C 297 -81.13 -27.59 -24.64
N ILE C 298 -79.87 -27.98 -24.52
CA ILE C 298 -79.33 -28.38 -23.21
C ILE C 298 -79.27 -27.15 -22.31
N PRO C 299 -79.88 -27.19 -21.13
CA PRO C 299 -79.99 -25.97 -20.31
C PRO C 299 -78.66 -25.35 -19.93
N ILE C 300 -77.60 -26.14 -19.76
CA ILE C 300 -76.33 -25.61 -19.26
C ILE C 300 -75.76 -24.61 -20.25
N VAL C 301 -75.37 -23.45 -19.74
CA VAL C 301 -74.80 -22.38 -20.55
C VAL C 301 -73.36 -22.15 -20.09
N PRO C 302 -72.36 -22.41 -20.93
CA PRO C 302 -70.97 -22.27 -20.48
C PRO C 302 -70.35 -20.91 -20.79
N VAL C 303 -69.40 -20.49 -19.95
CA VAL C 303 -68.53 -19.36 -20.22
C VAL C 303 -67.10 -19.87 -20.25
N PHE C 304 -66.27 -19.31 -21.11
CA PHE C 304 -64.92 -19.81 -21.35
C PHE C 304 -63.89 -18.71 -21.17
N GLY C 305 -62.68 -19.11 -20.80
CA GLY C 305 -61.64 -18.17 -20.48
C GLY C 305 -61.17 -17.34 -21.67
N GLU C 306 -60.43 -17.94 -22.60
CA GLU C 306 -60.24 -17.23 -23.85
C GLU C 306 -60.84 -18.00 -25.02
N TRP C 307 -60.17 -19.09 -25.43
CA TRP C 307 -60.71 -20.23 -26.16
C TRP C 307 -59.51 -21.07 -26.60
N GLY C 308 -59.73 -22.21 -27.25
CA GLY C 308 -58.63 -22.79 -28.00
C GLY C 308 -58.68 -24.27 -28.31
N PHE C 309 -58.36 -24.61 -29.56
CA PHE C 309 -58.10 -25.98 -30.00
C PHE C 309 -56.70 -25.99 -30.61
N VAL C 310 -55.74 -26.63 -29.94
CA VAL C 310 -54.36 -26.57 -30.39
C VAL C 310 -54.10 -27.58 -31.51
N GLU C 311 -54.28 -28.88 -31.25
CA GLU C 311 -54.15 -29.88 -32.29
C GLU C 311 -55.46 -30.60 -32.55
N ASP C 312 -56.03 -31.27 -31.53
CA ASP C 312 -57.36 -31.83 -31.65
C ASP C 312 -58.09 -31.75 -30.31
N LYS C 313 -57.46 -31.18 -29.28
CA LYS C 313 -58.02 -31.14 -27.94
C LYS C 313 -58.17 -29.70 -27.51
N GLU C 314 -59.32 -29.38 -26.90
CA GLU C 314 -59.59 -28.02 -26.48
C GLU C 314 -58.71 -27.61 -25.31
N VAL C 315 -58.30 -26.35 -25.31
CA VAL C 315 -57.51 -25.77 -24.23
C VAL C 315 -58.09 -24.40 -23.91
N TYR C 316 -58.24 -24.12 -22.62
CA TYR C 316 -58.69 -22.80 -22.16
C TYR C 316 -57.78 -22.32 -21.05
N GLU C 317 -57.66 -21.00 -20.94
CA GLU C 317 -56.76 -20.37 -20.00
C GLU C 317 -57.51 -19.27 -19.26
N GLY C 318 -56.88 -18.77 -18.20
CA GLY C 318 -57.44 -17.69 -17.42
C GLY C 318 -56.44 -16.59 -17.16
N VAL C 319 -56.20 -16.28 -15.88
CA VAL C 319 -55.22 -15.28 -15.51
C VAL C 319 -54.05 -15.87 -14.73
N VAL C 320 -54.23 -17.02 -14.08
CA VAL C 320 -53.24 -17.53 -13.13
C VAL C 320 -52.26 -18.51 -13.78
N ARG C 321 -52.55 -19.00 -15.00
CA ARG C 321 -51.72 -20.03 -15.60
C ARG C 321 -50.27 -19.59 -15.77
N LEU C 322 -50.06 -18.37 -16.25
CA LEU C 322 -48.71 -17.89 -16.55
C LEU C 322 -48.06 -17.18 -15.38
N THR C 323 -48.77 -16.97 -14.27
CA THR C 323 -48.22 -16.30 -13.10
C THR C 323 -47.92 -17.26 -11.96
N LYS C 324 -47.61 -18.52 -12.26
CA LYS C 324 -47.38 -19.48 -11.19
C LYS C 324 -45.90 -19.68 -10.92
N ASP C 325 -45.08 -19.77 -11.96
CA ASP C 325 -43.65 -20.01 -11.77
C ASP C 325 -42.99 -18.84 -11.03
N GLY C 326 -43.26 -17.61 -11.47
CA GLY C 326 -42.69 -16.46 -10.80
C GLY C 326 -43.16 -16.33 -9.36
N GLN C 327 -44.44 -16.60 -9.11
CA GLN C 327 -44.97 -16.52 -7.77
C GLN C 327 -44.30 -17.55 -6.86
N ARG C 328 -44.14 -18.77 -7.34
CA ARG C 328 -43.49 -19.81 -6.54
C ARG C 328 -42.03 -19.46 -6.29
N LEU C 329 -41.34 -18.91 -7.29
CA LEU C 329 -39.95 -18.51 -7.09
C LEU C 329 -39.86 -17.39 -6.06
N ARG C 330 -40.77 -16.43 -6.11
CA ARG C 330 -40.79 -15.36 -5.11
C ARG C 330 -41.00 -15.92 -3.72
N ASN C 331 -41.93 -16.86 -3.57
CA ASN C 331 -42.17 -17.48 -2.27
C ASN C 331 -40.93 -18.20 -1.77
N MET C 332 -40.26 -18.93 -2.66
CA MET C 332 -39.06 -19.67 -2.25
C MET C 332 -37.94 -18.72 -1.82
N ILE C 333 -37.74 -17.64 -2.57
CA ILE C 333 -36.68 -16.69 -2.20
C ILE C 333 -36.98 -16.04 -0.86
N MET C 334 -38.24 -15.65 -0.64
CA MET C 334 -38.59 -15.04 0.63
C MET C 334 -38.39 -16.02 1.79
N SER C 335 -38.76 -17.29 1.60
CA SER C 335 -38.56 -18.29 2.63
C SER C 335 -37.07 -18.48 2.94
N PHE C 336 -36.24 -18.55 1.89
CA PHE C 336 -34.81 -18.72 2.10
C PHE C 336 -34.21 -17.53 2.84
N ASN C 337 -34.64 -16.31 2.48
CA ASN C 337 -34.13 -15.13 3.17
C ASN C 337 -34.56 -15.12 4.63
N ALA C 338 -35.81 -15.52 4.92
CA ALA C 338 -36.25 -15.59 6.30
C ALA C 338 -35.45 -16.61 7.09
N ASP C 339 -35.13 -17.76 6.47
CA ASP C 339 -34.28 -18.75 7.14
C ASP C 339 -32.90 -18.17 7.42
N ILE C 340 -32.33 -17.45 6.45
CA ILE C 340 -31.00 -16.86 6.64
C ILE C 340 -31.02 -15.88 7.80
N VAL C 341 -32.07 -15.06 7.88
CA VAL C 341 -32.20 -14.12 8.99
C VAL C 341 -32.34 -14.87 10.32
N ALA C 342 -33.13 -15.93 10.35
CA ALA C 342 -33.46 -16.57 11.62
C ALA C 342 -32.29 -17.38 12.18
N ARG C 343 -31.72 -18.27 11.38
CA ARG C 343 -30.82 -19.28 11.92
C ARG C 343 -29.35 -18.87 11.92
N THR C 344 -28.99 -17.75 11.31
CA THR C 344 -27.59 -17.36 11.26
C THR C 344 -27.12 -16.84 12.62
N PRO C 345 -25.94 -17.25 13.08
CA PRO C 345 -25.41 -16.69 14.33
C PRO C 345 -25.09 -15.21 14.18
N LYS C 346 -25.16 -14.50 15.31
CA LYS C 346 -24.98 -13.06 15.33
C LYS C 346 -23.48 -12.73 15.29
N LYS C 347 -23.15 -11.46 15.52
CA LYS C 347 -21.78 -10.97 15.47
C LYS C 347 -21.26 -10.80 16.89
N LYS C 348 -20.21 -11.55 17.22
CA LYS C 348 -19.61 -11.51 18.55
C LYS C 348 -18.12 -11.81 18.41
N PRO C 349 -17.29 -11.27 19.31
CA PRO C 349 -15.84 -11.41 19.15
C PRO C 349 -15.37 -12.84 19.40
N PHE C 350 -14.16 -13.11 18.92
CA PHE C 350 -13.50 -14.41 19.09
C PHE C 350 -12.41 -14.26 20.16
N PHE C 351 -12.64 -14.85 21.32
CA PHE C 351 -11.73 -14.78 22.45
C PHE C 351 -11.09 -16.13 22.73
N TRP C 352 -9.85 -16.12 23.19
CA TRP C 352 -9.27 -17.31 23.77
C TRP C 352 -9.81 -17.50 25.18
N PRO C 353 -9.88 -18.75 25.66
CA PRO C 353 -10.36 -18.96 27.04
C PRO C 353 -9.49 -18.34 28.10
N GLU C 354 -8.22 -18.03 27.80
CA GLU C 354 -7.30 -17.46 28.76
C GLU C 354 -6.98 -16.00 28.52
N GLN C 355 -7.34 -15.45 27.35
CA GLN C 355 -7.27 -14.00 27.16
C GLN C 355 -8.24 -13.27 28.07
N ILE C 356 -9.30 -13.94 28.50
CA ILE C 356 -10.28 -13.38 29.43
C ILE C 356 -10.37 -14.28 30.66
N ALA C 357 -9.21 -14.83 31.08
CA ALA C 357 -9.16 -15.69 32.25
C ALA C 357 -9.98 -15.11 33.41
N GLY C 358 -9.64 -13.89 33.83
CA GLY C 358 -10.50 -13.11 34.69
C GLY C 358 -11.35 -12.15 33.87
N PHE C 359 -11.93 -11.18 34.56
CA PHE C 359 -12.68 -10.09 33.91
C PHE C 359 -13.86 -10.60 33.10
N GLU C 360 -14.34 -11.81 33.42
CA GLU C 360 -15.38 -12.44 32.61
C GLU C 360 -16.76 -11.83 32.82
N HIS C 361 -16.93 -10.98 33.82
CA HIS C 361 -18.20 -10.29 34.04
C HIS C 361 -18.24 -8.91 33.38
N MET C 362 -17.19 -8.55 32.65
CA MET C 362 -17.15 -7.27 31.94
C MET C 362 -17.71 -7.35 30.52
N TYR C 363 -17.64 -8.53 29.89
CA TYR C 363 -18.02 -8.69 28.50
C TYR C 363 -19.46 -9.17 28.32
N ASP C 364 -20.21 -9.29 29.41
CA ASP C 364 -21.59 -9.76 29.31
C ASP C 364 -22.57 -8.66 28.92
N GLY C 365 -22.15 -7.41 28.98
CA GLY C 365 -23.00 -6.30 28.61
C GLY C 365 -23.64 -5.54 29.77
N ASN C 366 -23.11 -5.65 30.98
CA ASN C 366 -23.71 -4.99 32.12
C ASN C 366 -23.57 -3.48 32.05
N ASP C 367 -22.50 -3.00 31.42
CA ASP C 367 -22.23 -1.57 31.28
C ASP C 367 -22.12 -0.88 32.64
N ASP C 368 -21.22 -1.40 33.46
CA ASP C 368 -20.90 -0.80 34.75
C ASP C 368 -19.44 -0.41 34.89
N TYR C 369 -18.60 -0.73 33.91
CA TYR C 369 -17.18 -0.44 33.98
C TYR C 369 -16.76 0.54 32.89
N PRO C 370 -15.76 1.38 33.14
CA PRO C 370 -15.35 2.37 32.13
C PRO C 370 -14.53 1.80 30.98
N TYR C 371 -14.03 0.58 31.09
CA TYR C 371 -13.19 0.01 30.05
C TYR C 371 -13.19 -1.50 30.20
N TYR C 372 -12.67 -2.18 29.18
CA TYR C 372 -12.52 -3.62 29.18
C TYR C 372 -11.07 -4.00 29.45
N LEU C 373 -10.89 -5.12 30.14
CA LEU C 373 -9.57 -5.55 30.59
C LEU C 373 -9.20 -6.89 29.97
N LEU C 374 -7.90 -7.06 29.70
CA LEU C 374 -7.36 -8.31 29.20
C LEU C 374 -6.05 -8.58 29.91
N ASN C 375 -5.85 -9.80 30.38
CA ASN C 375 -4.60 -10.15 31.03
C ASN C 375 -3.50 -10.39 29.97
N ARG C 376 -2.25 -10.27 30.41
CA ARG C 376 -1.10 -10.28 29.52
C ARG C 376 -0.21 -11.50 29.69
N THR C 377 0.26 -11.76 30.91
CA THR C 377 1.35 -12.70 31.11
C THR C 377 0.85 -14.14 31.16
N ASP C 378 1.79 -15.06 30.94
CA ASP C 378 1.55 -16.50 31.04
C ASP C 378 2.70 -17.13 31.82
N GLU C 379 2.43 -18.31 32.37
CA GLU C 379 3.43 -18.96 33.22
C GLU C 379 4.55 -19.56 32.39
N ASN C 380 4.21 -20.45 31.45
CA ASN C 380 5.24 -21.08 30.63
C ASN C 380 5.72 -20.16 29.52
N SER C 381 4.81 -19.75 28.63
CA SER C 381 5.14 -18.75 27.65
C SER C 381 5.22 -17.37 28.30
N GLY C 382 5.97 -16.47 27.67
CA GLY C 382 6.18 -15.17 28.29
C GLY C 382 4.97 -14.25 28.32
N ASP C 383 4.56 -13.74 27.16
CA ASP C 383 3.50 -12.74 27.11
C ASP C 383 2.59 -12.89 25.89
N LEU C 384 2.34 -14.13 25.45
CA LEU C 384 1.67 -14.34 24.17
C LEU C 384 0.32 -13.64 24.02
N PRO C 385 -0.58 -13.64 25.02
CA PRO C 385 -1.88 -12.98 24.81
C PRO C 385 -1.72 -11.51 24.42
N THR C 386 -2.55 -11.07 23.48
CA THR C 386 -2.47 -9.75 22.88
C THR C 386 -3.84 -9.06 22.93
N GLN C 387 -3.84 -7.76 22.62
CA GLN C 387 -5.03 -6.93 22.64
C GLN C 387 -5.96 -7.17 21.43
N PRO C 388 -5.46 -7.07 20.17
CA PRO C 388 -6.40 -7.13 19.03
C PRO C 388 -7.13 -8.47 18.92
N LEU C 389 -8.17 -8.51 18.09
CA LEU C 389 -9.06 -9.67 18.02
C LEU C 389 -9.95 -9.53 16.79
N ALA C 390 -10.66 -10.61 16.48
CA ALA C 390 -11.51 -10.69 15.30
C ALA C 390 -12.95 -10.94 15.69
N TYR C 391 -13.87 -10.49 14.84
CA TYR C 391 -15.30 -10.61 15.07
C TYR C 391 -15.94 -11.51 14.02
N TYR C 392 -17.12 -12.01 14.35
CA TYR C 392 -17.93 -12.80 13.42
C TYR C 392 -18.62 -11.88 12.41
N GLU C 393 -18.74 -12.36 11.19
CA GLU C 393 -19.33 -11.57 10.12
C GLU C 393 -20.86 -11.58 10.21
N ASN C 394 -21.46 -10.45 9.85
CA ASN C 394 -22.90 -10.27 9.97
C ASN C 394 -23.64 -11.11 8.95
N PRO C 395 -24.88 -11.51 9.26
CA PRO C 395 -25.69 -12.22 8.28
C PRO C 395 -26.11 -11.30 7.13
N GLU C 396 -25.88 -11.77 5.90
CA GLU C 396 -26.14 -10.98 4.71
C GLU C 396 -26.93 -11.80 3.70
N VAL C 397 -27.93 -11.17 3.10
CA VAL C 397 -28.69 -11.75 2.00
C VAL C 397 -27.85 -11.64 0.73
N PRO C 398 -27.56 -12.74 0.04
CA PRO C 398 -26.63 -12.68 -1.09
C PRO C 398 -27.23 -11.92 -2.27
N GLN C 399 -26.39 -11.72 -3.29
CA GLN C 399 -26.82 -11.01 -4.48
C GLN C 399 -27.75 -11.82 -5.36
N ALA C 400 -27.51 -13.13 -5.47
CA ALA C 400 -28.34 -13.97 -6.31
C ALA C 400 -29.78 -14.01 -5.81
N ASN C 401 -29.97 -14.12 -4.50
CA ASN C 401 -31.33 -14.17 -3.94
C ASN C 401 -32.10 -12.90 -4.26
N ALA C 402 -31.49 -11.74 -4.03
CA ALA C 402 -32.16 -10.47 -4.29
C ALA C 402 -32.44 -10.29 -5.77
N TYR C 403 -31.46 -10.62 -6.62
CA TYR C 403 -31.65 -10.46 -8.06
C TYR C 403 -32.79 -11.33 -8.56
N MET C 404 -32.84 -12.59 -8.11
CA MET C 404 -33.89 -13.49 -8.58
C MET C 404 -35.25 -13.11 -8.00
N LEU C 405 -35.28 -12.60 -6.77
CA LEU C 405 -36.55 -12.13 -6.21
C LEU C 405 -37.09 -10.97 -7.04
N GLU C 406 -36.23 -10.01 -7.37
CA GLU C 406 -36.67 -8.87 -8.19
C GLU C 406 -37.10 -9.34 -9.58
N ALA C 407 -36.35 -10.26 -10.19
CA ALA C 407 -36.69 -10.73 -11.52
C ALA C 407 -38.03 -11.47 -11.52
N ALA C 408 -38.26 -12.32 -10.51
CA ALA C 408 -39.52 -13.04 -10.43
C ALA C 408 -40.70 -12.10 -10.20
N THR C 409 -40.51 -11.09 -9.33
CA THR C 409 -41.58 -10.12 -9.12
C THR C 409 -41.89 -9.37 -10.41
N SER C 410 -40.85 -8.96 -11.15
CA SER C 410 -41.08 -8.27 -12.41
C SER C 410 -41.78 -9.18 -13.42
N ALA C 411 -41.39 -10.46 -13.47
CA ALA C 411 -42.02 -11.39 -14.40
C ALA C 411 -43.49 -11.58 -14.07
N VAL C 412 -43.83 -11.65 -12.77
CA VAL C 412 -45.23 -11.78 -12.39
C VAL C 412 -46.00 -10.51 -12.76
N LYS C 413 -45.41 -9.34 -12.52
CA LYS C 413 -46.06 -8.09 -12.91
C LYS C 413 -46.26 -7.99 -14.42
N GLU C 414 -45.38 -8.57 -15.21
CA GLU C 414 -45.35 -8.33 -16.64
C GLU C 414 -46.33 -9.20 -17.42
N VAL C 415 -46.65 -10.40 -16.90
CA VAL C 415 -47.52 -11.31 -17.64
C VAL C 415 -48.95 -11.33 -17.10
N ALA C 416 -49.18 -10.81 -15.90
CA ALA C 416 -50.52 -10.83 -15.29
C ALA C 416 -51.35 -9.65 -15.80
N THR C 417 -51.51 -9.59 -17.12
CA THR C 417 -52.29 -8.55 -17.77
C THR C 417 -53.19 -9.19 -18.82
N LEU C 418 -54.27 -8.47 -19.15
CA LEU C 418 -55.23 -8.93 -20.15
C LEU C 418 -55.32 -7.98 -21.34
N GLY C 419 -54.37 -7.07 -21.49
CA GLY C 419 -54.39 -6.09 -22.56
C GLY C 419 -53.87 -4.76 -22.05
N VAL C 420 -54.15 -3.72 -22.82
CA VAL C 420 -53.71 -2.37 -22.50
C VAL C 420 -54.71 -1.76 -21.50
N ASP C 421 -54.21 -0.87 -20.65
CA ASP C 421 -55.01 -0.21 -19.62
C ASP C 421 -55.68 -1.24 -18.71
N ASP C 443 -60.62 -0.08 -25.25
CA ASP C 443 -61.42 0.29 -24.09
C ASP C 443 -60.84 -0.29 -22.80
N LEU C 444 -61.66 -1.07 -22.10
CA LEU C 444 -61.23 -1.66 -20.84
C LEU C 444 -60.27 -2.82 -21.10
N GLU C 445 -59.66 -3.32 -20.02
CA GLU C 445 -58.69 -4.41 -20.15
C GLU C 445 -59.37 -5.76 -20.22
N THR C 446 -60.64 -5.85 -19.84
CA THR C 446 -61.39 -7.10 -19.85
C THR C 446 -62.45 -7.11 -20.95
N TYR C 447 -62.15 -6.56 -22.13
CA TYR C 447 -63.15 -6.51 -23.18
C TYR C 447 -63.43 -7.89 -23.78
N VAL C 448 -62.41 -8.73 -23.93
CA VAL C 448 -62.62 -10.07 -24.48
C VAL C 448 -63.49 -10.90 -23.56
N PHE C 449 -63.24 -10.84 -22.25
CA PHE C 449 -64.09 -11.55 -21.30
C PHE C 449 -65.51 -11.03 -21.35
N GLN C 450 -65.68 -9.71 -21.52
CA GLN C 450 -67.02 -9.14 -21.64
C GLN C 450 -67.73 -9.68 -22.87
N ASP C 451 -67.01 -9.79 -24.00
CA ASP C 451 -67.61 -10.34 -25.21
C ASP C 451 -68.00 -11.81 -25.02
N ASN C 452 -67.15 -12.59 -24.36
CA ASN C 452 -67.49 -13.99 -24.10
C ASN C 452 -68.72 -14.10 -23.21
N LEU C 453 -68.82 -13.24 -22.19
CA LEU C 453 -70.02 -13.23 -21.36
C LEU C 453 -71.25 -12.83 -22.17
N ALA C 454 -71.09 -11.90 -23.12
CA ALA C 454 -72.22 -11.53 -23.98
C ALA C 454 -72.67 -12.72 -24.83
N THR C 455 -71.72 -13.49 -25.36
CA THR C 455 -72.07 -14.68 -26.14
C THR C 455 -72.84 -15.67 -25.27
N ALA C 456 -72.35 -15.90 -24.04
CA ALA C 456 -73.05 -16.80 -23.13
C ALA C 456 -74.44 -16.28 -22.81
N MET C 457 -74.59 -14.97 -22.66
CA MET C 457 -75.90 -14.39 -22.39
C MET C 457 -76.85 -14.58 -23.57
N ARG C 458 -76.34 -14.45 -24.79
CA ARG C 458 -77.17 -14.73 -25.96
C ARG C 458 -77.63 -16.17 -25.99
N ARG C 459 -76.73 -17.11 -25.66
CA ARG C 459 -77.14 -18.51 -25.58
C ARG C 459 -78.21 -18.72 -24.51
N ASP C 460 -78.03 -18.09 -23.35
CA ASP C 460 -79.02 -18.18 -22.28
C ASP C 460 -80.37 -17.63 -22.72
N GLY C 461 -80.35 -16.51 -23.45
CA GLY C 461 -81.60 -15.96 -23.96
C GLY C 461 -82.30 -16.89 -24.93
N GLU C 462 -81.52 -17.56 -25.79
CA GLU C 462 -82.11 -18.52 -26.71
C GLU C 462 -82.76 -19.69 -25.95
N ILE C 463 -82.06 -20.22 -24.95
CA ILE C 463 -82.61 -21.33 -24.17
C ILE C 463 -83.87 -20.90 -23.45
N TYR C 464 -83.85 -19.71 -22.85
CA TYR C 464 -85.02 -19.21 -22.14
C TYR C 464 -86.20 -19.01 -23.07
N GLN C 465 -85.95 -18.48 -24.28
CA GLN C 465 -87.03 -18.32 -25.24
C GLN C 465 -87.65 -19.66 -25.60
N SER C 466 -86.81 -20.67 -25.83
CA SER C 466 -87.34 -22.00 -26.14
C SER C 466 -88.19 -22.55 -25.00
N ILE C 467 -87.71 -22.40 -23.76
CA ILE C 467 -88.45 -22.92 -22.61
C ILE C 467 -89.79 -22.21 -22.47
N VAL C 468 -89.80 -20.89 -22.66
CA VAL C 468 -91.04 -20.13 -22.57
C VAL C 468 -92.02 -20.57 -23.65
N ASN C 469 -91.53 -20.73 -24.89
CA ASN C 469 -92.41 -21.19 -25.96
C ASN C 469 -92.99 -22.56 -25.66
N ASP C 470 -92.23 -23.41 -24.96
CA ASP C 470 -92.75 -24.76 -24.73
C ASP C 470 -93.62 -24.85 -23.47
N ILE C 471 -93.50 -23.91 -22.53
CA ILE C 471 -94.19 -23.99 -21.24
C ILE C 471 -95.27 -22.92 -21.11
N TYR C 472 -94.90 -21.65 -21.20
CA TYR C 472 -95.78 -20.56 -20.83
C TYR C 472 -96.90 -20.39 -21.86
N ASP C 473 -97.76 -19.41 -21.62
CA ASP C 473 -98.87 -19.06 -22.51
C ASP C 473 -98.56 -17.68 -23.11
N VAL C 474 -98.02 -17.67 -24.31
CA VAL C 474 -97.70 -16.42 -25.01
C VAL C 474 -98.96 -15.93 -25.73
N PRO C 475 -99.46 -14.73 -25.43
CA PRO C 475 -100.63 -14.23 -26.14
C PRO C 475 -100.26 -13.78 -27.55
N ARG C 476 -101.21 -13.94 -28.46
CA ARG C 476 -101.04 -13.51 -29.85
C ARG C 476 -101.75 -12.18 -30.03
N ASN C 477 -101.05 -11.21 -30.62
CA ASN C 477 -101.60 -9.87 -30.84
C ASN C 477 -102.32 -9.83 -32.18
N VAL C 478 -103.59 -9.44 -32.14
CA VAL C 478 -104.41 -9.33 -33.35
C VAL C 478 -105.23 -8.05 -33.26
N THR C 479 -105.38 -7.36 -34.38
CA THR C 479 -106.15 -6.12 -34.45
C THR C 479 -107.43 -6.36 -35.23
N ILE C 480 -108.57 -6.00 -34.63
CA ILE C 480 -109.86 -6.20 -35.28
C ILE C 480 -109.99 -5.27 -36.48
N THR C 481 -109.33 -4.11 -36.43
CA THR C 481 -109.40 -3.09 -37.48
C THR C 481 -110.86 -2.66 -37.72
N LEU C 482 -111.61 -2.50 -36.63
CA LEU C 482 -112.99 -2.04 -36.74
C LEU C 482 -113.02 -0.56 -37.14
N GLU C 483 -114.11 -0.18 -37.80
CA GLU C 483 -114.26 1.21 -38.20
C GLU C 483 -114.40 2.13 -36.99
N ASP C 484 -115.10 1.68 -35.95
CA ASP C 484 -115.25 2.49 -34.75
C ASP C 484 -113.96 2.48 -33.92
N GLY C 485 -113.33 1.32 -33.79
CA GLY C 485 -112.10 1.21 -33.01
C GLY C 485 -110.88 0.89 -33.85
N SER C 486 -109.93 1.81 -33.89
CA SER C 486 -108.72 1.67 -34.69
C SER C 486 -107.54 1.33 -33.79
N GLU C 487 -106.75 0.34 -34.21
CA GLU C 487 -105.58 -0.12 -33.45
C GLU C 487 -105.99 -0.55 -32.05
N LYS C 488 -106.78 -1.61 -31.97
CA LYS C 488 -107.16 -2.21 -30.69
C LYS C 488 -106.34 -3.48 -30.47
N ASP C 489 -105.42 -3.44 -29.52
CA ASP C 489 -104.57 -4.58 -29.22
C ASP C 489 -105.30 -5.47 -28.20
N VAL C 490 -106.09 -6.40 -28.75
CA VAL C 490 -106.90 -7.29 -27.93
C VAL C 490 -106.07 -8.23 -27.07
N GLN C 491 -104.90 -8.64 -27.54
CA GLN C 491 -104.04 -9.61 -26.85
C GLN C 491 -104.81 -10.91 -26.63
N LEU C 492 -105.25 -11.50 -27.74
CA LEU C 492 -106.03 -12.73 -27.68
C LEU C 492 -105.18 -13.88 -27.15
N MET C 493 -105.81 -14.70 -26.32
CA MET C 493 -105.18 -15.87 -25.72
C MET C 493 -106.07 -17.09 -26.01
N ALA C 494 -105.45 -18.27 -26.02
CA ALA C 494 -106.17 -19.50 -26.31
C ALA C 494 -105.76 -20.57 -25.32
N GLU C 495 -106.69 -20.99 -24.47
CA GLU C 495 -106.44 -22.06 -23.51
C GLU C 495 -107.65 -22.98 -23.48
N VAL C 496 -107.40 -24.28 -23.40
CA VAL C 496 -108.44 -25.30 -23.39
C VAL C 496 -108.16 -26.28 -22.25
N VAL C 497 -109.22 -26.70 -21.57
CA VAL C 497 -109.14 -27.67 -20.49
C VAL C 497 -109.49 -29.04 -21.04
N ASP C 498 -108.99 -30.09 -20.38
CA ASP C 498 -109.18 -31.44 -20.86
C ASP C 498 -110.60 -31.93 -20.64
N LEU C 499 -111.31 -31.34 -19.67
CA LEU C 499 -112.68 -31.72 -19.32
C LEU C 499 -112.74 -33.12 -18.74
N ALA C 500 -111.59 -33.79 -18.65
CA ALA C 500 -111.47 -35.07 -17.96
C ALA C 500 -110.58 -34.98 -16.73
N THR C 501 -109.78 -33.93 -16.60
CA THR C 501 -108.94 -33.70 -15.44
C THR C 501 -108.79 -32.20 -15.24
N GLY C 502 -108.40 -31.82 -14.02
CA GLY C 502 -108.28 -30.41 -13.70
C GLY C 502 -107.11 -29.71 -14.36
N GLU C 503 -106.14 -30.47 -14.88
CA GLU C 503 -104.96 -29.87 -15.48
C GLU C 503 -105.33 -29.16 -16.78
N LYS C 504 -104.64 -28.05 -17.06
CA LYS C 504 -104.86 -27.28 -18.26
C LYS C 504 -103.96 -27.77 -19.39
N GLN C 505 -104.09 -27.15 -20.56
CA GLN C 505 -103.28 -27.51 -21.71
C GLN C 505 -102.95 -26.24 -22.49
N VAL C 506 -101.69 -26.07 -22.85
CA VAL C 506 -101.22 -24.89 -23.54
C VAL C 506 -101.47 -25.03 -25.02
N LEU C 507 -101.66 -23.90 -25.70
CA LEU C 507 -101.89 -23.85 -27.15
C LEU C 507 -101.04 -22.72 -27.72
N ASN C 508 -99.86 -23.05 -28.22
CA ASN C 508 -98.98 -22.08 -28.87
C ASN C 508 -98.86 -22.39 -30.35
N ASP C 509 -99.14 -21.39 -31.18
CA ASP C 509 -98.99 -21.56 -32.61
C ASP C 509 -97.51 -21.74 -32.98
N ILE C 510 -97.28 -22.47 -34.07
CA ILE C 510 -95.92 -22.76 -34.51
C ILE C 510 -95.42 -21.63 -35.40
N ARG C 511 -96.35 -21.02 -36.15
CA ARG C 511 -95.96 -19.96 -37.09
C ARG C 511 -95.38 -18.76 -36.36
N GLY C 512 -95.95 -18.38 -35.23
CA GLY C 512 -95.50 -17.19 -34.53
C GLY C 512 -94.68 -17.45 -33.28
N ARG C 513 -93.90 -18.53 -33.29
CA ARG C 513 -93.06 -18.83 -32.14
C ARG C 513 -91.76 -18.03 -32.16
N TYR C 514 -90.95 -18.21 -33.20
CA TYR C 514 -89.64 -17.56 -33.30
C TYR C 514 -89.79 -16.33 -34.19
N GLU C 515 -90.12 -15.19 -33.57
CA GLU C 515 -90.25 -13.94 -34.30
C GLU C 515 -89.68 -12.76 -33.53
N CYS C 516 -88.66 -13.02 -32.69
CA CYS C 516 -87.93 -11.96 -32.01
C CYS C 516 -86.57 -12.50 -31.62
N TYR C 517 -85.51 -11.87 -32.13
CA TYR C 517 -84.15 -12.34 -31.91
C TYR C 517 -83.59 -11.78 -30.61
N THR C 518 -82.59 -12.48 -30.07
CA THR C 518 -81.96 -12.12 -28.81
C THR C 518 -80.82 -11.16 -29.05
N ASP C 519 -80.62 -10.25 -28.09
CA ASP C 519 -79.57 -9.24 -28.19
C ASP C 519 -79.06 -8.95 -26.78
N VAL C 520 -77.91 -8.31 -26.71
CA VAL C 520 -77.22 -8.02 -25.47
C VAL C 520 -77.33 -6.53 -25.16
N GLY C 521 -77.76 -6.22 -23.95
CA GLY C 521 -77.90 -4.85 -23.51
C GLY C 521 -77.71 -4.69 -22.02
N PRO C 522 -77.94 -3.48 -21.51
CA PRO C 522 -77.78 -3.25 -20.06
C PRO C 522 -78.83 -4.00 -19.27
N SER C 523 -78.52 -4.24 -18.00
CA SER C 523 -79.33 -5.05 -17.11
C SER C 523 -80.24 -4.15 -16.27
N PHE C 524 -81.54 -4.39 -16.35
CA PHE C 524 -82.53 -3.71 -15.52
C PHE C 524 -83.32 -4.76 -14.73
N GLN C 525 -84.37 -4.30 -14.05
CA GLN C 525 -85.17 -5.19 -13.20
C GLN C 525 -86.64 -5.22 -13.54
N SER C 526 -87.17 -4.22 -14.24
CA SER C 526 -88.59 -4.22 -14.60
C SER C 526 -88.76 -3.45 -15.90
N MET C 527 -89.90 -3.70 -16.55
CA MET C 527 -90.18 -3.06 -17.83
C MET C 527 -90.36 -1.55 -17.72
N LYS C 528 -90.67 -1.03 -16.53
CA LYS C 528 -90.77 0.41 -16.36
C LYS C 528 -89.41 1.10 -16.33
N GLN C 529 -88.41 0.45 -15.72
CA GLN C 529 -87.06 1.02 -15.71
C GLN C 529 -86.47 1.11 -17.10
N GLN C 530 -86.75 0.13 -17.96
CA GLN C 530 -86.27 0.19 -19.34
C GLN C 530 -86.86 1.39 -20.07
N ASN C 531 -88.17 1.61 -19.91
CA ASN C 531 -88.80 2.77 -20.56
C ASN C 531 -88.25 4.07 -19.99
N ARG C 532 -88.03 4.12 -18.67
CA ARG C 532 -87.44 5.31 -18.07
C ARG C 532 -86.06 5.60 -18.63
N ALA C 533 -85.24 4.56 -18.78
CA ALA C 533 -83.90 4.74 -19.33
C ALA C 533 -83.96 5.21 -20.78
N GLU C 534 -84.85 4.63 -21.59
CA GLU C 534 -84.97 5.07 -22.97
C GLU C 534 -85.45 6.51 -23.07
N ILE C 535 -86.38 6.92 -22.22
CA ILE C 535 -86.83 8.31 -22.22
C ILE C 535 -85.70 9.24 -21.81
N LEU C 536 -84.89 8.83 -20.83
CA LEU C 536 -83.74 9.64 -20.44
C LEU C 536 -82.74 9.78 -21.59
N GLU C 537 -82.50 8.69 -22.31
CA GLU C 537 -81.58 8.75 -23.46
C GLU C 537 -82.12 9.69 -24.54
N LEU C 538 -83.41 9.58 -24.84
CA LEU C 538 -84.01 10.47 -25.84
C LEU C 538 -83.97 11.92 -25.39
N LEU C 539 -84.16 12.17 -24.09
CA LEU C 539 -84.00 13.53 -23.58
C LEU C 539 -82.58 14.04 -23.77
N GLY C 540 -81.60 13.17 -23.49
CA GLY C 540 -80.22 13.56 -23.70
C GLY C 540 -79.91 13.88 -25.15
N LYS C 541 -80.50 13.14 -26.08
CA LYS C 541 -80.28 13.39 -27.51
C LYS C 541 -81.16 14.50 -28.07
N THR C 542 -82.16 14.97 -27.33
CA THR C 542 -83.04 15.99 -27.87
C THR C 542 -82.62 17.38 -27.40
N PRO C 543 -82.44 18.32 -28.31
CA PRO C 543 -82.07 19.69 -27.91
C PRO C 543 -83.21 20.38 -27.18
N GLN C 544 -82.84 21.33 -26.32
CA GLN C 544 -83.81 22.07 -25.53
C GLN C 544 -84.59 23.04 -26.41
N GLY C 545 -85.64 23.62 -25.84
CA GLY C 545 -86.47 24.57 -26.54
C GLY C 545 -87.14 23.98 -27.76
N THR C 546 -87.65 22.75 -27.62
CA THR C 546 -88.26 22.02 -28.70
C THR C 546 -89.50 21.33 -28.16
N PRO C 547 -90.59 21.24 -28.94
CA PRO C 547 -91.76 20.48 -28.47
C PRO C 547 -91.45 19.04 -28.10
N GLU C 548 -90.52 18.40 -28.82
CA GLU C 548 -90.15 17.03 -28.49
C GLU C 548 -89.57 16.94 -27.08
N TYR C 549 -88.80 17.96 -26.67
CA TYR C 549 -88.25 17.97 -25.31
C TYR C 549 -89.36 18.02 -24.27
N GLN C 550 -90.38 18.84 -24.50
CA GLN C 550 -91.50 18.91 -23.56
C GLN C 550 -92.28 17.60 -23.53
N LEU C 551 -92.51 16.99 -24.69
CA LEU C 551 -93.19 15.70 -24.72
C LEU C 551 -92.40 14.64 -23.96
N LEU C 552 -91.08 14.63 -24.13
CA LEU C 552 -90.25 13.65 -23.41
C LEU C 552 -90.26 13.91 -21.91
N LEU C 553 -90.24 15.18 -21.50
CA LEU C 553 -90.32 15.50 -20.08
C LEU C 553 -91.63 15.00 -19.48
N LEU C 554 -92.75 15.25 -20.17
CA LEU C 554 -94.03 14.79 -19.66
C LEU C 554 -94.12 13.27 -19.63
N GLN C 555 -93.57 12.61 -20.65
CA GLN C 555 -93.57 11.14 -20.68
C GLN C 555 -92.73 10.57 -19.56
N TYR C 556 -91.60 11.20 -19.24
CA TYR C 556 -90.81 10.78 -18.09
C TYR C 556 -91.56 11.00 -16.78
N PHE C 557 -92.22 12.16 -16.64
CA PHE C 557 -92.90 12.48 -15.40
C PHE C 557 -94.08 11.56 -15.14
N THR C 558 -94.76 11.11 -16.19
CA THR C 558 -95.90 10.21 -16.01
C THR C 558 -95.48 8.76 -15.80
N LEU C 559 -94.20 8.50 -15.49
CA LEU C 559 -93.71 7.15 -15.28
C LEU C 559 -93.13 6.93 -13.88
N LEU C 560 -93.28 7.89 -12.97
CA LEU C 560 -92.75 7.72 -11.63
C LEU C 560 -93.61 6.73 -10.83
N ASP C 561 -93.06 6.27 -9.71
CA ASP C 561 -93.66 5.21 -8.91
C ASP C 561 -94.25 5.73 -7.60
N GLY C 562 -93.49 6.49 -6.83
CA GLY C 562 -93.90 6.81 -5.47
C GLY C 562 -95.20 7.59 -5.42
N LYS C 563 -95.93 7.37 -4.32
CA LYS C 563 -97.18 8.09 -4.08
C LYS C 563 -96.92 9.54 -3.70
N GLY C 564 -95.78 9.82 -3.08
CA GLY C 564 -95.42 11.21 -2.79
C GLY C 564 -95.35 12.04 -4.05
N VAL C 565 -94.77 11.49 -5.11
CA VAL C 565 -94.82 12.13 -6.43
C VAL C 565 -96.04 11.61 -7.19
N GLU C 566 -97.19 12.20 -6.91
CA GLU C 566 -98.43 11.92 -7.63
C GLU C 566 -99.00 13.17 -8.28
N MET C 567 -98.76 14.33 -7.65
CA MET C 567 -99.14 15.62 -8.24
C MET C 567 -98.57 15.76 -9.64
N MET C 568 -97.27 15.53 -9.80
CA MET C 568 -96.63 15.73 -11.09
C MET C 568 -97.08 14.69 -12.10
N ARG C 569 -97.28 13.44 -11.67
CA ARG C 569 -97.76 12.42 -12.59
C ARG C 569 -99.15 12.76 -13.12
N ASP C 570 -100.06 13.16 -12.23
CA ASP C 570 -101.40 13.54 -12.68
C ASP C 570 -101.36 14.76 -13.59
N TYR C 571 -100.54 15.76 -13.25
CA TYR C 571 -100.45 16.96 -14.08
C TYR C 571 -99.89 16.63 -15.46
N ALA C 572 -98.87 15.78 -15.52
CA ALA C 572 -98.29 15.39 -16.81
C ALA C 572 -99.30 14.61 -17.65
N ASN C 573 -100.04 13.69 -17.03
CA ASN C 573 -101.06 12.95 -17.77
C ASN C 573 -102.12 13.89 -18.31
N LYS C 574 -102.57 14.85 -17.48
CA LYS C 574 -103.58 15.79 -17.92
C LYS C 574 -103.09 16.64 -19.09
N GLN C 575 -101.84 17.12 -19.00
CA GLN C 575 -101.29 17.93 -20.09
C GLN C 575 -101.17 17.11 -21.37
N LEU C 576 -100.66 15.88 -21.27
CA LEU C 576 -100.52 15.04 -22.45
C LEU C 576 -101.85 14.75 -23.10
N ILE C 577 -102.90 14.52 -22.29
CA ILE C 577 -104.21 14.24 -22.85
C ILE C 577 -104.81 15.49 -23.47
N GLN C 578 -104.63 16.64 -22.83
CA GLN C 578 -105.21 17.89 -23.35
C GLN C 578 -104.50 18.39 -24.60
N MET C 579 -103.24 18.02 -24.80
CA MET C 579 -102.56 18.36 -26.05
C MET C 579 -102.92 17.42 -27.19
N GLY C 580 -103.71 16.39 -26.94
CA GLY C 580 -104.15 15.47 -27.97
C GLY C 580 -103.14 14.42 -28.37
N VAL C 581 -101.96 14.40 -27.74
CA VAL C 581 -100.94 13.43 -28.11
C VAL C 581 -101.35 12.04 -27.64
N LYS C 582 -101.91 11.93 -26.44
CA LYS C 582 -102.33 10.67 -25.87
C LYS C 582 -103.84 10.50 -26.08
N LYS C 583 -104.34 9.28 -25.89
CA LYS C 583 -105.76 8.99 -26.07
C LYS C 583 -106.40 8.64 -24.73
N PRO C 584 -107.53 9.26 -24.41
CA PRO C 584 -108.17 9.03 -23.11
C PRO C 584 -108.66 7.60 -22.96
N GLU C 585 -108.63 7.10 -21.72
CA GLU C 585 -109.11 5.75 -21.41
C GLU C 585 -110.29 5.77 -20.43
N THR C 586 -110.12 6.37 -19.26
CA THR C 586 -111.15 6.41 -18.22
C THR C 586 -111.95 7.71 -18.35
N PRO C 587 -113.24 7.70 -17.95
CA PRO C 587 -114.14 8.81 -18.32
C PRO C 587 -113.65 10.20 -17.91
N GLU C 588 -112.92 10.34 -16.80
CA GLU C 588 -112.37 11.65 -16.46
C GLU C 588 -111.41 12.14 -17.53
N GLU C 589 -110.74 11.21 -18.22
CA GLU C 589 -109.81 11.61 -19.28
C GLU C 589 -110.53 12.17 -20.50
N GLN C 590 -111.63 11.53 -20.92
CA GLN C 590 -112.45 12.12 -21.97
C GLN C 590 -113.08 13.43 -21.51
N GLN C 591 -113.38 13.55 -20.21
CA GLN C 591 -113.86 14.83 -19.70
C GLN C 591 -112.81 15.92 -19.87
N TRP C 592 -111.56 15.60 -19.55
CA TRP C 592 -110.48 16.55 -19.76
C TRP C 592 -110.34 16.90 -21.23
N LEU C 593 -110.43 15.89 -22.11
CA LEU C 593 -110.29 16.14 -23.55
C LEU C 593 -111.39 17.05 -24.07
N VAL C 594 -112.64 16.80 -23.68
CA VAL C 594 -113.74 17.63 -24.17
C VAL C 594 -113.66 19.04 -23.58
N GLU C 595 -113.20 19.15 -22.32
CA GLU C 595 -113.00 20.47 -21.74
C GLU C 595 -111.94 21.25 -22.52
N ALA C 596 -110.84 20.59 -22.89
CA ALA C 596 -109.82 21.25 -23.70
C ALA C 596 -110.37 21.64 -25.06
N GLN C 597 -111.18 20.76 -25.67
CA GLN C 597 -111.77 21.07 -26.96
C GLN C 597 -112.67 22.31 -26.88
N GLN C 598 -113.49 22.39 -25.83
CA GLN C 598 -114.34 23.56 -25.66
C GLN C 598 -113.52 24.82 -25.40
N ALA C 599 -112.44 24.70 -24.62
CA ALA C 599 -111.64 25.88 -24.29
C ALA C 599 -110.86 26.37 -25.51
N LYS C 600 -110.53 25.47 -26.43
CA LYS C 600 -109.72 25.85 -27.59
C LYS C 600 -110.45 26.85 -28.48
N GLN C 601 -111.75 26.64 -28.71
CA GLN C 601 -112.48 27.50 -29.63
C GLN C 601 -112.68 28.91 -29.08
N GLY C 602 -112.48 29.09 -27.78
CA GLY C 602 -112.70 30.40 -27.19
C GLY C 602 -111.64 31.41 -27.59
N GLN C 603 -110.44 30.95 -27.94
CA GLN C 603 -109.36 31.85 -28.27
C GLN C 603 -109.64 32.58 -29.58
N GLN C 604 -109.34 33.88 -29.60
CA GLN C 604 -109.53 34.72 -30.78
C GLN C 604 -108.32 35.62 -30.96
N ASP C 605 -107.89 35.78 -32.22
CA ASP C 605 -106.75 36.63 -32.51
C ASP C 605 -107.23 38.08 -32.67
N PRO C 606 -106.68 39.03 -31.90
CA PRO C 606 -107.13 40.42 -32.04
C PRO C 606 -106.90 41.00 -33.41
N ALA C 607 -105.77 40.65 -34.05
CA ALA C 607 -105.47 41.15 -35.37
C ALA C 607 -106.51 40.68 -36.39
N MET C 608 -106.97 39.43 -36.26
CA MET C 608 -108.02 38.94 -37.15
C MET C 608 -109.30 39.76 -37.01
N VAL C 609 -109.68 40.08 -35.77
CA VAL C 609 -110.91 40.86 -35.57
C VAL C 609 -110.76 42.27 -36.12
N GLN C 610 -109.60 42.90 -35.90
CA GLN C 610 -109.38 44.24 -36.42
C GLN C 610 -109.39 44.25 -37.94
N ALA C 611 -108.73 43.27 -38.56
CA ALA C 611 -108.74 43.18 -40.02
C ALA C 611 -110.14 42.92 -40.55
N GLN C 612 -110.92 42.10 -39.85
CA GLN C 612 -112.30 41.87 -40.25
C GLN C 612 -113.10 43.16 -40.17
N GLY C 613 -112.89 43.95 -39.13
CA GLY C 613 -113.57 45.24 -39.04
C GLY C 613 -113.20 46.16 -40.20
N VAL C 614 -111.91 46.19 -40.56
CA VAL C 614 -111.48 47.01 -41.70
C VAL C 614 -112.15 46.53 -42.99
N LEU C 615 -112.20 45.21 -43.19
CA LEU C 615 -112.84 44.67 -44.38
C LEU C 615 -114.33 45.00 -44.41
N LEU C 616 -114.99 44.94 -43.25
CA LEU C 616 -116.40 45.31 -43.19
C LEU C 616 -116.59 46.78 -43.52
N GLN C 617 -115.68 47.64 -43.06
CA GLN C 617 -115.76 49.06 -43.42
C GLN C 617 -115.61 49.24 -44.93
N GLY C 618 -114.67 48.51 -45.54
CA GLY C 618 -114.52 48.59 -46.99
C GLY C 618 -115.75 48.10 -47.74
N GLN C 619 -116.34 47.00 -47.27
CA GLN C 619 -117.54 46.47 -47.90
C GLN C 619 -118.69 47.46 -47.78
N ALA C 620 -118.82 48.10 -46.61
CA ALA C 620 -119.82 49.14 -46.44
C ALA C 620 -119.58 50.33 -47.35
N GLU C 621 -118.33 50.72 -47.57
CA GLU C 621 -118.04 51.80 -48.50
C GLU C 621 -118.45 51.42 -49.93
N LEU C 622 -118.18 50.17 -50.32
CA LEU C 622 -118.62 49.70 -51.64
C LEU C 622 -120.13 49.71 -51.75
N ALA C 623 -120.82 49.27 -50.68
CA ALA C 623 -122.27 49.30 -50.68
C ALA C 623 -122.80 50.73 -50.79
N LYS C 624 -122.12 51.67 -50.14
CA LYS C 624 -122.48 53.09 -50.26
C LYS C 624 -122.31 53.58 -51.69
N ALA C 625 -121.23 53.16 -52.36
CA ALA C 625 -121.05 53.54 -53.75
C ALA C 625 -122.16 52.97 -54.65
N GLN C 626 -122.49 51.69 -54.43
CA GLN C 626 -123.58 51.08 -55.21
C GLN C 626 -124.91 51.76 -54.92
N ASN C 627 -125.11 52.20 -53.69
CA ASN C 627 -126.31 52.96 -53.35
C ASN C 627 -126.31 54.33 -54.04
N GLN C 628 -125.13 54.95 -54.14
CA GLN C 628 -125.03 56.22 -54.85
C GLN C 628 -125.38 56.05 -56.32
N THR C 629 -125.03 54.92 -56.91
CA THR C 629 -125.44 54.64 -58.28
C THR C 629 -126.96 54.67 -58.43
N LEU C 630 -127.67 53.98 -57.53
CA LEU C 630 -129.13 53.98 -57.60
C LEU C 630 -129.69 55.37 -57.30
N SER C 631 -129.01 56.13 -56.44
CA SER C 631 -129.42 57.50 -56.18
C SER C 631 -129.33 58.35 -57.44
N LEU C 632 -128.28 58.14 -58.24
CA LEU C 632 -128.20 58.79 -59.54
C LEU C 632 -129.32 58.34 -60.44
N GLN C 633 -129.64 57.04 -60.42
CA GLN C 633 -130.69 56.53 -61.29
C GLN C 633 -132.05 57.17 -60.98
N ILE C 634 -132.29 57.48 -59.71
CA ILE C 634 -133.54 58.07 -59.26
C ILE C 634 -134.73 57.19 -59.64
N ASN D 6 -85.49 -40.04 19.45
CA ASN D 6 -85.47 -40.22 18.00
C ASN D 6 -85.32 -38.87 17.29
N ARG D 7 -86.21 -37.94 17.62
CA ARG D 7 -86.12 -36.59 17.08
C ARG D 7 -84.83 -35.90 17.48
N LEU D 8 -84.46 -36.03 18.76
CA LEU D 8 -83.22 -35.42 19.24
C LEU D 8 -82.01 -36.01 18.54
N GLU D 9 -82.03 -37.33 18.30
CA GLU D 9 -80.92 -37.98 17.62
C GLU D 9 -80.76 -37.45 16.19
N SER D 10 -81.88 -37.28 15.47
CA SER D 10 -81.81 -36.76 14.11
C SER D 10 -81.30 -35.32 14.11
N ILE D 11 -81.79 -34.51 15.04
CA ILE D 11 -81.35 -33.11 15.12
C ILE D 11 -79.85 -33.05 15.38
N LEU D 12 -79.37 -33.86 16.32
CA LEU D 12 -77.95 -33.88 16.64
C LEU D 12 -77.12 -34.42 15.49
N SER D 13 -77.64 -35.38 14.74
CA SER D 13 -76.91 -35.88 13.57
C SER D 13 -76.76 -34.78 12.52
N ARG D 14 -77.85 -34.06 12.23
CA ARG D 14 -77.75 -32.96 11.28
C ARG D 14 -76.77 -31.91 11.77
N PHE D 15 -76.83 -31.56 13.06
CA PHE D 15 -75.94 -30.54 13.59
C PHE D 15 -74.48 -30.98 13.54
N ASP D 16 -74.21 -32.25 13.84
CA ASP D 16 -72.84 -32.76 13.77
C ASP D 16 -72.32 -32.73 12.34
N ALA D 17 -73.14 -33.14 11.37
CA ALA D 17 -72.71 -33.08 9.99
C ALA D 17 -72.42 -31.65 9.57
N ASP D 18 -73.29 -30.71 9.95
CA ASP D 18 -73.08 -29.31 9.57
C ASP D 18 -71.83 -28.75 10.24
N TRP D 19 -71.59 -29.10 11.51
CA TRP D 19 -70.42 -28.61 12.22
C TRP D 19 -69.13 -29.16 11.63
N THR D 20 -69.12 -30.45 11.28
CA THR D 20 -67.90 -31.05 10.74
C THR D 20 -67.62 -30.59 9.32
N ALA D 21 -68.66 -30.39 8.51
CA ALA D 21 -68.45 -30.01 7.11
C ALA D 21 -67.86 -28.61 6.95
N SER D 22 -67.85 -27.79 7.99
CA SER D 22 -67.41 -26.40 7.91
C SER D 22 -66.48 -26.05 9.05
N ASP D 23 -65.47 -26.88 9.27
CA ASP D 23 -64.54 -26.67 10.37
C ASP D 23 -63.37 -25.77 10.00
N GLU D 24 -62.74 -26.00 8.84
CA GLU D 24 -61.56 -25.24 8.47
C GLU D 24 -61.87 -23.76 8.31
N ALA D 25 -63.00 -23.44 7.66
CA ALA D 25 -63.35 -22.04 7.46
C ALA D 25 -63.60 -21.34 8.79
N ARG D 26 -64.31 -22.01 9.71
CA ARG D 26 -64.56 -21.42 11.01
C ARG D 26 -63.26 -21.21 11.79
N ARG D 27 -62.36 -22.19 11.74
CA ARG D 27 -61.09 -22.03 12.45
C ARG D 27 -60.28 -20.87 11.88
N GLU D 28 -60.20 -20.76 10.56
CA GLU D 28 -59.47 -19.66 9.95
C GLU D 28 -60.11 -18.31 10.26
N ALA D 29 -61.44 -18.23 10.24
CA ALA D 29 -62.11 -16.97 10.56
C ALA D 29 -61.87 -16.56 12.00
N LYS D 30 -61.92 -17.52 12.93
CA LYS D 30 -61.63 -17.21 14.33
C LYS D 30 -60.20 -16.76 14.50
N ASN D 31 -59.26 -17.42 13.81
CA ASN D 31 -57.86 -17.00 13.88
C ASN D 31 -57.70 -15.58 13.36
N ASP D 32 -58.36 -15.26 12.25
CA ASP D 32 -58.28 -13.90 11.69
C ASP D 32 -58.84 -12.87 12.65
N LEU D 33 -59.99 -13.17 13.27
CA LEU D 33 -60.58 -12.23 14.22
C LEU D 33 -59.66 -12.00 15.41
N PHE D 34 -59.09 -13.09 15.96
CA PHE D 34 -58.21 -12.94 17.11
C PHE D 34 -56.94 -12.19 16.73
N PHE D 35 -56.41 -12.42 15.53
CA PHE D 35 -55.20 -11.71 15.10
C PHE D 35 -55.48 -10.23 14.90
N SER D 36 -56.64 -9.90 14.34
CA SER D 36 -56.94 -8.50 14.02
C SER D 36 -57.33 -7.71 15.26
N ARG D 37 -58.05 -8.32 16.20
CA ARG D 37 -58.63 -7.56 17.31
C ARG D 37 -57.80 -7.59 18.59
N VAL D 38 -57.45 -8.78 19.09
CA VAL D 38 -56.84 -8.86 20.42
C VAL D 38 -55.34 -8.63 20.35
N SER D 39 -54.62 -9.50 19.65
CA SER D 39 -53.16 -9.43 19.61
C SER D 39 -52.67 -10.09 18.34
N GLN D 40 -51.37 -9.94 18.06
CA GLN D 40 -50.78 -10.43 16.83
C GLN D 40 -49.68 -11.45 17.07
N TRP D 41 -49.58 -11.99 18.28
CA TRP D 41 -48.60 -13.01 18.63
C TRP D 41 -49.38 -14.26 19.02
N ASP D 42 -49.67 -15.10 18.02
CA ASP D 42 -50.52 -16.27 18.20
C ASP D 42 -49.68 -17.46 18.68
N ASP D 43 -48.95 -17.23 19.77
CA ASP D 43 -48.10 -18.25 20.37
C ASP D 43 -48.53 -18.56 21.80
N TRP D 44 -49.84 -18.51 22.06
CA TRP D 44 -50.34 -18.84 23.39
C TRP D 44 -49.96 -20.25 23.79
N LEU D 45 -49.97 -21.18 22.84
CA LEU D 45 -49.49 -22.53 23.09
C LEU D 45 -47.97 -22.52 23.13
N SER D 46 -47.41 -23.30 24.05
CA SER D 46 -45.97 -23.46 24.23
C SER D 46 -45.26 -22.16 24.60
N GLN D 47 -45.97 -21.22 25.21
CA GLN D 47 -45.36 -19.99 25.69
C GLN D 47 -44.95 -20.18 27.15
N TYR D 48 -44.58 -19.09 27.82
CA TYR D 48 -44.23 -19.02 29.24
C TYR D 48 -43.01 -19.84 29.61
N THR D 49 -42.33 -20.47 28.64
CA THR D 49 -41.10 -21.18 28.95
C THR D 49 -39.98 -20.22 29.30
N THR D 50 -39.97 -19.04 28.68
CA THR D 50 -39.00 -18.00 28.97
C THR D 50 -39.60 -16.66 28.59
N LEU D 51 -39.01 -15.59 29.10
CA LEU D 51 -39.50 -14.23 28.88
C LEU D 51 -38.52 -13.49 28.00
N GLN D 52 -39.01 -12.97 26.87
CA GLN D 52 -38.19 -12.22 25.92
C GLN D 52 -39.02 -11.07 25.38
N TYR D 53 -38.34 -10.15 24.69
CA TYR D 53 -39.04 -9.02 24.09
C TYR D 53 -39.89 -9.49 22.92
N ARG D 54 -41.14 -9.00 22.88
CA ARG D 54 -42.07 -9.35 21.82
C ARG D 54 -42.87 -8.10 21.46
N GLY D 55 -42.40 -7.36 20.47
CA GLY D 55 -43.07 -6.12 20.09
C GLY D 55 -44.25 -6.34 19.18
N GLN D 56 -45.03 -5.28 18.94
CA GLN D 56 -46.19 -5.32 18.06
C GLN D 56 -46.24 -4.00 17.30
N PHE D 57 -45.65 -3.98 16.11
CA PHE D 57 -45.59 -2.79 15.26
C PHE D 57 -46.51 -3.04 14.08
N ASP D 58 -47.78 -2.67 14.24
CA ASP D 58 -48.81 -3.04 13.27
C ASP D 58 -48.83 -2.07 12.09
N VAL D 59 -49.20 -2.59 10.93
CA VAL D 59 -49.23 -1.82 9.69
C VAL D 59 -50.53 -2.10 8.95
N VAL D 60 -51.31 -3.06 9.43
CA VAL D 60 -52.51 -3.50 8.72
C VAL D 60 -53.79 -2.86 9.26
N ARG D 61 -53.81 -2.43 10.52
CA ARG D 61 -54.98 -1.82 11.13
C ARG D 61 -55.46 -0.57 10.39
N PRO D 62 -54.57 0.33 9.94
CA PRO D 62 -55.06 1.47 9.16
C PRO D 62 -55.83 1.09 7.92
N VAL D 63 -55.45 -0.01 7.25
CA VAL D 63 -56.19 -0.44 6.07
C VAL D 63 -57.61 -0.83 6.43
N VAL D 64 -57.77 -1.61 7.51
CA VAL D 64 -59.10 -2.01 7.94
C VAL D 64 -59.92 -0.80 8.36
N ARG D 65 -59.29 0.15 9.05
CA ARG D 65 -59.99 1.36 9.46
C ARG D 65 -60.46 2.16 8.24
N LYS D 66 -59.59 2.30 7.25
CA LYS D 66 -59.97 3.02 6.03
C LYS D 66 -61.11 2.33 5.32
N LEU D 67 -61.07 0.99 5.22
CA LEU D 67 -62.13 0.28 4.53
C LEU D 67 -63.46 0.40 5.26
N VAL D 68 -63.46 0.27 6.59
CA VAL D 68 -64.72 0.38 7.32
C VAL D 68 -65.25 1.80 7.27
N SER D 69 -64.37 2.81 7.31
CA SER D 69 -64.83 4.19 7.17
C SER D 69 -65.43 4.43 5.79
N GLU D 70 -64.81 3.86 4.75
CA GLU D 70 -65.35 4.01 3.40
C GLU D 70 -66.70 3.35 3.26
N MET D 71 -66.87 2.16 3.82
CA MET D 71 -68.16 1.48 3.74
C MET D 71 -69.21 2.08 4.66
N ARG D 72 -68.79 2.85 5.67
CA ARG D 72 -69.76 3.50 6.55
C ARG D 72 -70.32 4.78 5.93
N GLN D 73 -69.64 5.32 4.91
CA GLN D 73 -70.06 6.57 4.29
C GLN D 73 -71.16 6.38 3.26
N ASN D 74 -71.48 5.14 2.90
CA ASN D 74 -72.47 4.84 1.86
C ASN D 74 -73.51 3.89 2.44
N PRO D 75 -74.49 4.40 3.18
CA PRO D 75 -75.52 3.54 3.74
C PRO D 75 -76.37 2.90 2.64
N ILE D 76 -76.86 1.70 2.94
CA ILE D 76 -77.66 0.92 2.00
C ILE D 76 -78.88 0.38 2.74
N ASP D 77 -80.05 0.53 2.12
CA ASP D 77 -81.30 0.08 2.72
C ASP D 77 -82.19 -0.47 1.60
N VAL D 78 -83.25 -1.16 1.99
CA VAL D 78 -84.12 -1.87 1.07
C VAL D 78 -85.20 -0.92 0.57
N LEU D 79 -85.38 -0.86 -0.74
CA LEU D 79 -86.40 -0.03 -1.38
C LEU D 79 -87.38 -0.94 -2.11
N TYR D 80 -88.65 -0.86 -1.73
CA TYR D 80 -89.69 -1.66 -2.36
C TYR D 80 -90.31 -0.86 -3.51
N ARG D 81 -90.39 -1.48 -4.68
CA ARG D 81 -91.00 -0.85 -5.82
C ARG D 81 -92.15 -1.71 -6.35
N PRO D 82 -93.22 -1.09 -6.85
CA PRO D 82 -94.35 -1.88 -7.33
C PRO D 82 -93.99 -2.67 -8.58
N LYS D 83 -94.65 -3.81 -8.75
CA LYS D 83 -94.47 -4.60 -9.95
C LYS D 83 -95.03 -3.87 -11.16
N ASP D 84 -94.56 -4.26 -12.35
CA ASP D 84 -94.91 -3.53 -13.56
C ASP D 84 -96.41 -3.59 -13.84
N GLY D 85 -97.05 -4.74 -13.62
CA GLY D 85 -98.47 -4.86 -13.89
C GLY D 85 -99.36 -4.30 -12.81
N ALA D 86 -98.79 -3.92 -11.67
CA ALA D 86 -99.59 -3.45 -10.53
C ALA D 86 -99.78 -1.93 -10.61
N ARG D 87 -100.42 -1.38 -9.59
CA ARG D 87 -100.67 0.05 -9.51
C ARG D 87 -99.37 0.79 -9.21
N PRO D 88 -99.32 2.09 -9.50
CA PRO D 88 -98.10 2.85 -9.20
C PRO D 88 -97.75 2.89 -7.71
N ASP D 89 -98.74 2.81 -6.83
CA ASP D 89 -98.56 3.01 -5.39
C ASP D 89 -98.62 1.77 -4.50
N ALA D 90 -98.27 0.61 -5.02
CA ALA D 90 -98.51 -0.65 -4.36
C ALA D 90 -97.57 -0.88 -3.21
N ALA D 91 -96.49 -0.15 -3.22
CA ALA D 91 -95.42 -0.29 -2.24
C ALA D 91 -95.29 0.94 -1.35
N ASP D 92 -96.41 1.58 -1.02
CA ASP D 92 -96.40 2.76 -0.15
C ASP D 92 -96.51 2.36 1.32
N VAL D 93 -97.57 1.63 1.67
CA VAL D 93 -97.79 1.26 3.06
C VAL D 93 -96.69 0.32 3.55
N LEU D 94 -96.27 -0.61 2.70
CA LEU D 94 -95.21 -1.54 3.10
C LEU D 94 -93.89 -0.80 3.31
N MET D 95 -93.58 0.16 2.44
CA MET D 95 -92.36 0.95 2.62
C MET D 95 -92.42 1.78 3.89
N GLY D 96 -93.55 2.42 4.16
CA GLY D 96 -93.67 3.18 5.39
C GLY D 96 -93.53 2.31 6.62
N MET D 97 -94.10 1.12 6.57
CA MET D 97 -94.01 0.19 7.70
C MET D 97 -92.59 -0.33 7.88
N TYR D 98 -91.87 -0.56 6.79
CA TYR D 98 -90.46 -0.91 6.86
C TYR D 98 -89.66 0.22 7.49
N ARG D 99 -89.92 1.45 7.08
CA ARG D 99 -89.24 2.61 7.67
C ARG D 99 -89.51 2.70 9.16
N THR D 100 -90.76 2.47 9.57
CA THR D 100 -91.10 2.52 10.98
C THR D 100 -90.40 1.42 11.77
N ASP D 101 -90.33 0.20 11.22
CA ASP D 101 -89.77 -0.92 11.96
C ASP D 101 -88.26 -0.80 12.12
N MET D 102 -87.54 -0.49 11.03
CA MET D 102 -86.08 -0.51 11.01
C MET D 102 -85.48 0.89 11.15
N ARG D 103 -86.08 1.76 11.96
CA ARG D 103 -85.57 3.10 12.14
C ARG D 103 -84.68 3.23 13.37
N HIS D 104 -84.85 2.37 14.36
CA HIS D 104 -84.18 2.52 15.65
C HIS D 104 -82.68 2.22 15.51
N ASN D 105 -81.96 2.29 16.62
CA ASN D 105 -80.52 2.12 16.61
C ASN D 105 -80.11 0.67 16.44
N THR D 106 -80.97 -0.28 16.80
CA THR D 106 -80.59 -1.69 16.77
C THR D 106 -80.25 -2.14 15.36
N ALA D 107 -81.06 -1.74 14.37
CA ALA D 107 -80.81 -2.16 12.99
C ALA D 107 -79.47 -1.62 12.49
N LYS D 108 -79.21 -0.34 12.74
CA LYS D 108 -77.95 0.26 12.29
C LYS D 108 -76.77 -0.40 12.97
N ILE D 109 -76.88 -0.68 14.27
CA ILE D 109 -75.79 -1.32 14.99
C ILE D 109 -75.54 -2.73 14.45
N ALA D 110 -76.60 -3.47 14.17
CA ALA D 110 -76.44 -4.82 13.63
C ALA D 110 -75.76 -4.79 12.26
N VAL D 111 -76.20 -3.87 11.39
CA VAL D 111 -75.59 -3.76 10.07
C VAL D 111 -74.13 -3.37 10.17
N ASN D 112 -73.81 -2.43 11.07
CA ASN D 112 -72.42 -2.01 11.22
C ASN D 112 -71.54 -3.14 11.76
N ILE D 113 -72.06 -3.91 12.72
CA ILE D 113 -71.31 -5.05 13.24
C ILE D 113 -71.05 -6.07 12.13
N ALA D 114 -72.09 -6.36 11.32
CA ALA D 114 -71.93 -7.31 10.23
C ALA D 114 -70.90 -6.83 9.21
N VAL D 115 -70.93 -5.54 8.89
CA VAL D 115 -70.00 -4.99 7.92
C VAL D 115 -68.57 -5.06 8.43
N ARG D 116 -68.35 -4.68 9.69
CA ARG D 116 -67.01 -4.75 10.26
C ARG D 116 -66.49 -6.18 10.30
N GLU D 117 -67.36 -7.13 10.69
CA GLU D 117 -66.96 -8.53 10.69
C GLU D 117 -66.58 -8.98 9.29
N GLN D 118 -67.43 -8.68 8.30
CA GLN D 118 -67.17 -9.09 6.93
C GLN D 118 -65.84 -8.53 6.44
N ILE D 119 -65.52 -7.29 6.80
CA ILE D 119 -64.24 -6.72 6.41
C ILE D 119 -63.09 -7.47 7.08
N GLU D 120 -63.22 -7.76 8.38
CA GLU D 120 -62.12 -8.42 9.08
C GLU D 120 -62.04 -9.91 8.73
N ALA D 121 -63.09 -10.67 9.06
CA ALA D 121 -63.16 -12.09 8.75
C ALA D 121 -64.42 -12.32 7.92
N GLY D 122 -64.26 -12.86 6.72
CA GLY D 122 -65.30 -12.73 5.72
C GLY D 122 -66.57 -13.51 5.97
N VAL D 123 -67.29 -13.13 7.03
CA VAL D 123 -68.63 -13.66 7.31
C VAL D 123 -69.31 -12.77 8.35
N GLY D 124 -70.61 -12.61 8.22
CA GLY D 124 -71.39 -11.84 9.19
C GLY D 124 -72.86 -12.11 8.97
N ALA D 125 -73.64 -11.83 10.01
CA ALA D 125 -75.07 -12.10 9.95
C ALA D 125 -75.80 -11.25 10.98
N TRP D 126 -77.12 -11.18 10.83
CA TRP D 126 -78.00 -10.51 11.77
C TRP D 126 -79.39 -11.11 11.67
N ARG D 127 -80.10 -11.17 12.78
CA ARG D 127 -81.36 -11.90 12.89
C ARG D 127 -82.52 -10.93 13.00
N LEU D 128 -83.68 -11.35 12.48
CA LEU D 128 -84.92 -10.60 12.56
C LEU D 128 -85.84 -11.27 13.57
N VAL D 129 -86.32 -10.49 14.55
CA VAL D 129 -87.13 -11.02 15.63
C VAL D 129 -88.38 -10.16 15.77
N THR D 130 -89.52 -10.81 15.92
CA THR D 130 -90.78 -10.16 16.22
C THR D 130 -91.02 -10.16 17.73
N ASP D 131 -91.96 -9.32 18.16
CA ASP D 131 -92.20 -9.14 19.58
C ASP D 131 -93.60 -8.59 19.79
N TYR D 132 -93.97 -8.45 21.07
CA TYR D 132 -95.26 -7.88 21.47
C TYR D 132 -95.02 -6.51 22.10
N GLU D 133 -95.81 -5.52 21.68
CA GLU D 133 -95.71 -4.17 22.23
C GLU D 133 -97.06 -3.50 22.14
N ASP D 134 -97.43 -2.78 23.21
CA ASP D 134 -98.72 -2.12 23.29
C ASP D 134 -98.64 -0.60 23.34
N GLN D 135 -97.51 -0.04 23.76
CA GLN D 135 -97.40 1.41 23.91
C GLN D 135 -97.31 2.11 22.54
N SER D 136 -96.56 1.53 21.61
CA SER D 136 -96.39 2.11 20.28
C SER D 136 -96.22 1.00 19.25
N PRO D 137 -97.29 0.31 18.92
CA PRO D 137 -97.22 -0.73 17.88
C PRO D 137 -97.12 -0.13 16.50
N THR D 138 -96.63 -0.94 15.56
CA THR D 138 -96.46 -0.45 14.19
C THR D 138 -97.77 -0.49 13.42
N SER D 139 -98.31 -1.70 13.20
CA SER D 139 -99.64 -1.86 12.63
C SER D 139 -100.56 -2.64 13.55
N ASN D 140 -100.16 -3.85 13.95
CA ASN D 140 -100.84 -4.63 14.96
C ASN D 140 -99.99 -4.64 16.22
N ASN D 141 -100.41 -5.40 17.22
CA ASN D 141 -99.68 -5.45 18.50
C ASN D 141 -98.43 -6.33 18.35
N GLN D 142 -97.63 -6.00 17.34
CA GLN D 142 -96.36 -6.64 17.10
C GLN D 142 -95.40 -5.62 16.51
N VAL D 143 -94.11 -5.80 16.77
CA VAL D 143 -93.06 -4.98 16.19
C VAL D 143 -91.94 -5.89 15.73
N ILE D 144 -91.38 -5.58 14.57
CA ILE D 144 -90.26 -6.33 14.01
C ILE D 144 -88.98 -5.53 14.23
N ARG D 145 -87.96 -6.20 14.76
CA ARG D 145 -86.68 -5.55 15.02
C ARG D 145 -85.55 -6.48 14.59
N ARG D 146 -84.45 -5.88 14.15
CA ARG D 146 -83.24 -6.65 13.88
C ARG D 146 -82.54 -6.97 15.19
N GLU D 147 -81.55 -7.87 15.10
CA GLU D 147 -80.76 -8.26 16.25
C GLU D 147 -79.37 -8.63 15.78
N PRO D 148 -78.33 -8.25 16.51
CA PRO D 148 -76.96 -8.54 16.07
C PRO D 148 -76.46 -9.87 16.58
N ILE D 149 -75.65 -10.52 15.75
CA ILE D 149 -74.95 -11.75 16.10
C ILE D 149 -73.46 -11.43 16.10
N HIS D 150 -72.83 -11.59 17.26
CA HIS D 150 -71.53 -10.96 17.46
C HIS D 150 -70.37 -11.83 16.99
N SER D 151 -70.62 -13.10 16.66
CA SER D 151 -69.62 -13.95 16.04
C SER D 151 -70.34 -14.88 15.06
N ALA D 152 -70.46 -14.45 13.80
CA ALA D 152 -71.12 -15.28 12.81
C ALA D 152 -70.22 -16.40 12.30
N CYS D 153 -68.93 -16.37 12.62
CA CYS D 153 -68.03 -17.42 12.17
C CYS D 153 -68.39 -18.76 12.79
N SER D 154 -68.70 -18.78 14.09
CA SER D 154 -68.92 -20.02 14.82
C SER D 154 -70.28 -20.14 15.47
N HIS D 155 -70.97 -19.03 15.78
CA HIS D 155 -72.25 -19.12 16.44
C HIS D 155 -73.37 -19.51 15.49
N VAL D 156 -73.28 -19.11 14.23
CA VAL D 156 -74.29 -19.43 13.23
C VAL D 156 -73.75 -20.55 12.33
N ILE D 157 -74.51 -21.63 12.22
CA ILE D 157 -74.12 -22.80 11.46
C ILE D 157 -75.22 -23.08 10.44
N TRP D 158 -74.88 -23.05 9.16
CA TRP D 158 -75.84 -23.24 8.09
C TRP D 158 -75.88 -24.70 7.63
N ASP D 159 -76.80 -24.99 6.72
CA ASP D 159 -76.88 -26.32 6.14
C ASP D 159 -75.68 -26.58 5.24
N SER D 160 -75.15 -27.81 5.32
CA SER D 160 -73.97 -28.16 4.53
C SER D 160 -74.29 -28.29 3.05
N ASN D 161 -75.56 -28.46 2.69
CA ASN D 161 -75.95 -28.64 1.29
C ASN D 161 -76.32 -27.31 0.62
N SER D 162 -76.27 -26.20 1.34
CA SER D 162 -76.57 -24.91 0.75
C SER D 162 -75.52 -24.55 -0.29
N LYS D 163 -75.95 -23.81 -1.32
CA LYS D 163 -75.08 -23.46 -2.43
C LYS D 163 -75.05 -21.97 -2.77
N LEU D 164 -75.99 -21.18 -2.27
CA LEU D 164 -76.04 -19.77 -2.62
C LEU D 164 -75.33 -18.92 -1.58
N MET D 165 -75.00 -17.68 -1.97
CA MET D 165 -74.34 -16.75 -1.07
C MET D 165 -75.27 -16.29 0.05
N ASP D 166 -76.53 -16.03 -0.28
CA ASP D 166 -77.50 -15.59 0.72
C ASP D 166 -78.17 -16.74 1.45
N LYS D 167 -77.82 -17.98 1.13
CA LYS D 167 -78.36 -19.17 1.80
C LYS D 167 -79.87 -19.25 1.67
N SER D 168 -80.37 -19.03 0.45
CA SER D 168 -81.79 -19.16 0.20
C SER D 168 -82.22 -20.62 0.21
N ASP D 169 -81.38 -21.51 -0.31
CA ASP D 169 -81.70 -22.94 -0.39
C ASP D 169 -81.09 -23.69 0.79
N ALA D 170 -81.63 -23.42 1.98
CA ALA D 170 -81.20 -24.07 3.20
C ALA D 170 -82.41 -24.45 4.04
N ARG D 171 -82.25 -25.50 4.85
CA ARG D 171 -83.32 -25.98 5.72
C ARG D 171 -82.89 -26.09 7.17
N HIS D 172 -81.61 -25.84 7.47
CA HIS D 172 -81.11 -25.92 8.83
C HIS D 172 -80.40 -24.62 9.18
N CYS D 173 -80.50 -24.23 10.44
CA CYS D 173 -79.76 -23.08 10.95
C CYS D 173 -79.70 -23.20 12.46
N THR D 174 -78.49 -23.37 13.00
CA THR D 174 -78.27 -23.51 14.43
C THR D 174 -77.55 -22.29 14.95
N VAL D 175 -78.16 -21.60 15.92
CA VAL D 175 -77.56 -20.43 16.56
C VAL D 175 -77.18 -20.83 17.98
N ILE D 176 -75.89 -20.81 18.27
CA ILE D 176 -75.37 -21.24 19.57
C ILE D 176 -75.30 -19.99 20.46
N HIS D 177 -76.33 -19.81 21.28
CA HIS D 177 -76.35 -18.70 22.22
C HIS D 177 -75.31 -18.90 23.32
N SER D 178 -74.61 -17.83 23.67
CA SER D 178 -73.64 -17.84 24.77
C SER D 178 -74.04 -16.73 25.73
N MET D 179 -74.49 -17.11 26.92
CA MET D 179 -75.09 -16.17 27.86
C MET D 179 -74.60 -16.47 29.28
N SER D 180 -74.67 -15.44 30.12
CA SER D 180 -74.21 -15.53 31.49
C SER D 180 -75.29 -16.15 32.38
N GLN D 181 -74.96 -16.29 33.67
CA GLN D 181 -75.89 -16.91 34.61
C GLN D 181 -77.17 -16.10 34.74
N ASN D 182 -77.05 -14.80 35.00
CA ASN D 182 -78.24 -13.94 35.02
C ASN D 182 -78.89 -13.87 33.66
N GLY D 183 -78.08 -13.88 32.59
CA GLY D 183 -78.65 -13.98 31.26
C GLY D 183 -79.42 -15.26 31.05
N TRP D 184 -78.92 -16.38 31.57
CA TRP D 184 -79.64 -17.64 31.48
C TRP D 184 -80.95 -17.59 32.26
N GLU D 185 -80.94 -16.98 33.44
CA GLU D 185 -82.17 -16.85 34.22
C GLU D 185 -83.20 -16.01 33.46
N ASP D 186 -82.76 -14.89 32.87
CA ASP D 186 -83.67 -14.07 32.08
C ASP D 186 -84.21 -14.84 30.87
N PHE D 187 -83.34 -15.59 30.20
CA PHE D 187 -83.76 -16.37 29.04
C PHE D 187 -84.79 -17.43 29.43
N ALA D 188 -84.57 -18.10 30.55
CA ALA D 188 -85.53 -19.09 31.02
C ALA D 188 -86.84 -18.45 31.45
N GLU D 189 -86.78 -17.25 32.04
CA GLU D 189 -88.01 -16.57 32.43
C GLU D 189 -88.81 -16.10 31.22
N LYS D 190 -88.12 -15.69 30.15
CA LYS D 190 -88.82 -15.21 28.96
C LYS D 190 -89.71 -16.29 28.37
N TYR D 191 -89.18 -17.50 28.23
CA TYR D 191 -89.96 -18.64 27.77
C TYR D 191 -90.53 -19.38 28.98
N ASP D 192 -91.06 -20.58 28.75
CA ASP D 192 -91.60 -21.40 29.82
C ASP D 192 -90.60 -22.44 30.33
N LEU D 193 -89.30 -22.15 30.19
CA LEU D 193 -88.26 -23.04 30.68
C LEU D 193 -88.14 -22.95 32.20
N ASP D 194 -87.35 -23.84 32.76
CA ASP D 194 -87.03 -23.84 34.19
C ASP D 194 -85.57 -23.48 34.39
N ALA D 195 -85.31 -22.59 35.35
CA ALA D 195 -83.97 -22.07 35.59
C ALA D 195 -83.15 -22.95 36.53
N ASP D 196 -83.64 -24.10 36.98
CA ASP D 196 -82.90 -24.91 37.94
C ASP D 196 -81.86 -25.82 37.29
N ASP D 197 -82.07 -26.24 36.05
CA ASP D 197 -81.09 -27.07 35.35
C ASP D 197 -80.25 -26.18 34.43
N ILE D 198 -78.98 -26.54 34.27
CA ILE D 198 -78.04 -25.75 33.48
C ILE D 198 -77.91 -26.37 32.09
N PRO D 199 -78.26 -25.64 31.03
CA PRO D 199 -78.09 -26.17 29.67
C PRO D 199 -76.62 -26.23 29.30
N SER D 200 -76.35 -27.04 28.27
CA SER D 200 -74.99 -27.17 27.75
C SER D 200 -75.07 -27.48 26.26
N PHE D 201 -73.98 -27.17 25.56
CA PHE D 201 -73.89 -27.41 24.12
C PHE D 201 -72.42 -27.34 23.72
N GLN D 202 -72.18 -27.30 22.42
CA GLN D 202 -70.82 -27.17 21.91
C GLN D 202 -70.22 -25.83 22.34
N ASN D 203 -68.89 -25.81 22.46
CA ASN D 203 -68.19 -24.62 22.89
C ASN D 203 -67.57 -23.94 21.67
N PRO D 204 -68.15 -22.84 21.17
CA PRO D 204 -67.57 -22.18 19.99
C PRO D 204 -66.27 -21.47 20.29
N ASN D 205 -66.22 -20.76 21.41
CA ASN D 205 -65.04 -20.01 21.79
C ASN D 205 -63.95 -20.96 22.29
N ASP D 206 -62.77 -20.40 22.54
CA ASP D 206 -61.61 -21.18 22.96
C ASP D 206 -60.91 -20.49 24.12
N TRP D 207 -60.17 -21.28 24.88
CA TRP D 207 -59.40 -20.79 26.03
C TRP D 207 -57.96 -20.56 25.56
N VAL D 208 -57.77 -19.49 24.79
CA VAL D 208 -56.49 -19.20 24.17
C VAL D 208 -55.98 -17.84 24.61
N PHE D 209 -56.39 -17.40 25.79
CA PHE D 209 -56.00 -16.08 26.30
C PHE D 209 -56.08 -16.14 27.82
N PRO D 210 -55.26 -15.37 28.53
CA PRO D 210 -55.36 -15.35 30.00
C PRO D 210 -56.60 -14.61 30.49
N TRP D 211 -57.77 -15.04 30.03
CA TRP D 211 -59.03 -14.49 30.48
C TRP D 211 -59.41 -15.08 31.83
N LEU D 212 -60.06 -14.27 32.67
CA LEU D 212 -60.34 -14.69 34.04
C LEU D 212 -61.51 -15.67 34.09
N THR D 213 -62.65 -15.30 33.53
CA THR D 213 -63.87 -16.09 33.65
C THR D 213 -64.54 -16.23 32.29
N GLN D 214 -65.42 -17.22 32.20
CA GLN D 214 -66.24 -17.46 31.02
C GLN D 214 -67.65 -17.82 31.49
N ASP D 215 -68.62 -17.63 30.60
CA ASP D 215 -70.02 -17.88 30.95
C ASP D 215 -70.28 -19.37 31.14
N THR D 216 -69.78 -20.20 30.23
CA THR D 216 -69.93 -21.66 30.28
C THR D 216 -71.41 -22.05 30.35
N ILE D 217 -72.25 -21.36 29.60
CA ILE D 217 -73.67 -21.68 29.46
C ILE D 217 -74.02 -21.48 28.00
N GLN D 218 -74.21 -22.57 27.26
CA GLN D 218 -74.49 -22.51 25.83
C GLN D 218 -75.77 -23.29 25.52
N ILE D 219 -76.71 -22.63 24.86
CA ILE D 219 -77.94 -23.25 24.41
C ILE D 219 -78.12 -22.90 22.93
N ALA D 220 -78.85 -23.75 22.21
CA ALA D 220 -78.95 -23.65 20.77
C ALA D 220 -80.40 -23.61 20.33
N GLU D 221 -80.62 -23.04 19.14
CA GLU D 221 -81.93 -22.94 18.52
C GLU D 221 -81.86 -23.55 17.13
N PHE D 222 -82.92 -24.26 16.73
CA PHE D 222 -82.93 -25.01 15.48
C PHE D 222 -84.09 -24.54 14.62
N TYR D 223 -83.77 -23.95 13.46
CA TYR D 223 -84.76 -23.52 12.49
C TYR D 223 -84.85 -24.52 11.35
N GLU D 224 -86.07 -24.84 10.91
CA GLU D 224 -86.28 -25.75 9.81
C GLU D 224 -87.43 -25.24 8.94
N VAL D 225 -87.40 -25.64 7.67
CA VAL D 225 -88.39 -25.21 6.68
C VAL D 225 -88.96 -26.44 5.98
N VAL D 226 -90.28 -26.48 5.84
CA VAL D 226 -90.96 -27.58 5.18
C VAL D 226 -91.95 -27.01 4.16
N GLU D 227 -92.32 -27.85 3.19
CA GLU D 227 -93.31 -27.52 2.18
C GLU D 227 -94.25 -28.71 2.02
N LYS D 228 -95.51 -28.53 2.37
CA LYS D 228 -96.46 -29.64 2.43
C LYS D 228 -97.74 -29.41 1.66
N LYS D 229 -97.90 -28.29 0.96
CA LYS D 229 -99.06 -28.02 0.11
C LYS D 229 -100.36 -28.08 0.92
N GLU D 230 -100.48 -27.14 1.86
CA GLU D 230 -101.65 -27.06 2.71
C GLU D 230 -102.85 -26.53 1.93
N THR D 231 -104.01 -26.53 2.57
CA THR D 231 -105.26 -26.16 1.95
C THR D 231 -105.58 -24.69 2.18
N ALA D 232 -106.57 -24.19 1.44
CA ALA D 232 -106.98 -22.80 1.53
C ALA D 232 -108.48 -22.70 1.27
N PHE D 233 -109.08 -21.62 1.75
CA PHE D 233 -110.52 -21.38 1.63
C PHE D 233 -110.75 -20.17 0.72
N ILE D 234 -111.83 -20.22 -0.06
CA ILE D 234 -112.20 -19.14 -0.96
C ILE D 234 -113.53 -18.57 -0.50
N TYR D 235 -113.56 -17.27 -0.24
CA TYR D 235 -114.74 -16.60 0.29
C TYR D 235 -115.23 -15.51 -0.66
N GLN D 236 -116.33 -14.87 -0.28
CA GLN D 236 -116.91 -13.77 -1.04
C GLN D 236 -117.08 -12.56 -0.13
N ASP D 237 -116.51 -11.43 -0.54
CA ASP D 237 -116.56 -10.22 0.28
C ASP D 237 -117.89 -9.50 0.08
N PRO D 238 -118.64 -9.22 1.15
CA PRO D 238 -119.88 -8.45 0.98
C PRO D 238 -119.65 -7.06 0.42
N VAL D 239 -118.54 -6.41 0.76
CA VAL D 239 -118.30 -5.04 0.31
C VAL D 239 -118.13 -5.00 -1.20
N THR D 240 -117.20 -5.80 -1.72
CA THR D 240 -116.97 -5.91 -3.16
C THR D 240 -117.15 -7.36 -3.58
N GLY D 241 -117.96 -7.57 -4.62
CA GLY D 241 -118.26 -8.92 -5.06
C GLY D 241 -117.10 -9.59 -5.77
N GLU D 242 -116.02 -9.81 -5.03
CA GLU D 242 -114.81 -10.42 -5.57
C GLU D 242 -114.34 -11.55 -4.64
N PRO D 243 -113.83 -12.64 -5.19
CA PRO D 243 -113.38 -13.75 -4.35
C PRO D 243 -112.10 -13.40 -3.60
N VAL D 244 -111.95 -13.97 -2.41
CA VAL D 244 -110.75 -13.83 -1.59
C VAL D 244 -110.32 -15.21 -1.15
N SER D 245 -109.01 -15.34 -0.88
CA SER D 245 -108.42 -16.61 -0.50
C SER D 245 -107.76 -16.48 0.86
N TYR D 246 -108.11 -17.37 1.78
CA TYR D 246 -107.53 -17.40 3.12
C TYR D 246 -107.08 -18.81 3.44
N PHE D 247 -105.90 -18.93 4.05
CA PHE D 247 -105.41 -20.24 4.47
C PHE D 247 -106.27 -20.79 5.60
N LYS D 248 -106.52 -22.10 5.56
CA LYS D 248 -107.38 -22.72 6.57
C LYS D 248 -106.72 -22.71 7.95
N ARG D 249 -105.41 -22.88 8.02
CA ARG D 249 -104.73 -22.93 9.31
C ARG D 249 -104.82 -21.60 10.05
N ASP D 250 -104.70 -20.48 9.33
CA ASP D 250 -104.69 -19.18 9.99
C ASP D 250 -106.07 -18.83 10.57
N ILE D 251 -107.14 -19.19 9.87
CA ILE D 251 -108.49 -18.83 10.30
C ILE D 251 -109.27 -20.04 10.82
N LYS D 252 -108.56 -21.09 11.27
CA LYS D 252 -109.24 -22.32 11.66
C LYS D 252 -110.15 -22.12 12.86
N ASP D 253 -109.83 -21.18 13.74
CA ASP D 253 -110.62 -20.95 14.94
C ASP D 253 -111.68 -19.87 14.77
N VAL D 254 -111.83 -19.31 13.56
CA VAL D 254 -112.69 -18.16 13.35
C VAL D 254 -113.67 -18.50 12.23
N ILE D 255 -113.67 -19.76 11.80
CA ILE D 255 -114.50 -20.17 10.66
C ILE D 255 -115.98 -19.88 10.95
N ASP D 256 -116.42 -20.16 12.16
CA ASP D 256 -117.80 -19.84 12.53
C ASP D 256 -118.06 -18.34 12.45
N ASP D 257 -117.10 -17.53 12.91
CA ASP D 257 -117.25 -16.08 12.81
C ASP D 257 -117.16 -15.62 11.36
N LEU D 258 -116.37 -16.33 10.54
CA LEU D 258 -116.36 -16.06 9.11
C LEU D 258 -117.75 -16.27 8.50
N ALA D 259 -118.40 -17.36 8.88
CA ALA D 259 -119.73 -17.66 8.33
C ALA D 259 -120.80 -16.75 8.90
N ASP D 260 -120.60 -16.25 10.13
CA ASP D 260 -121.61 -15.38 10.75
C ASP D 260 -121.81 -14.10 9.95
N SER D 261 -120.75 -13.50 9.44
CA SER D 261 -120.85 -12.30 8.64
C SER D 261 -121.26 -12.67 7.21
N GLY D 262 -121.16 -11.71 6.30
CA GLY D 262 -121.57 -11.97 4.92
C GLY D 262 -120.60 -12.81 4.13
N PHE D 263 -119.43 -13.12 4.69
CA PHE D 263 -118.49 -14.04 4.05
C PHE D 263 -119.15 -15.41 3.87
N ILE D 264 -119.13 -15.92 2.64
CA ILE D 264 -119.72 -17.20 2.31
C ILE D 264 -118.72 -18.01 1.50
N LYS D 265 -118.65 -19.30 1.78
CA LYS D 265 -117.71 -20.18 1.10
C LYS D 265 -118.12 -20.36 -0.36
N ILE D 266 -117.13 -20.41 -1.25
CA ILE D 266 -117.36 -20.64 -2.68
C ILE D 266 -116.76 -21.96 -3.12
N ALA D 267 -115.49 -22.19 -2.82
CA ALA D 267 -114.81 -23.42 -3.22
C ALA D 267 -113.63 -23.64 -2.29
N GLU D 268 -112.86 -24.69 -2.57
CA GLU D 268 -111.67 -25.03 -1.79
C GLU D 268 -110.56 -25.43 -2.75
N ARG D 269 -109.34 -24.96 -2.49
CA ARG D 269 -108.18 -25.25 -3.30
C ARG D 269 -107.05 -25.73 -2.40
N GLN D 270 -105.88 -25.95 -3.00
CA GLN D 270 -104.68 -26.35 -2.29
C GLN D 270 -103.50 -25.60 -2.86
N ILE D 271 -102.83 -24.79 -2.03
CA ILE D 271 -101.69 -23.99 -2.44
C ILE D 271 -100.50 -24.36 -1.58
N LYS D 272 -99.35 -24.57 -2.22
CA LYS D 272 -98.13 -24.91 -1.50
C LYS D 272 -97.47 -23.65 -0.95
N ARG D 273 -96.99 -23.74 0.28
CA ARG D 273 -96.39 -22.60 0.97
C ARG D 273 -95.42 -23.12 2.02
N ARG D 274 -94.26 -22.47 2.11
CA ARG D 274 -93.27 -22.86 3.11
C ARG D 274 -93.70 -22.45 4.50
N ARG D 275 -93.19 -23.17 5.50
CA ARG D 275 -93.41 -22.84 6.89
C ARG D 275 -92.10 -23.02 7.65
N VAL D 276 -91.92 -22.24 8.71
CA VAL D 276 -90.69 -22.23 9.50
C VAL D 276 -91.03 -22.63 10.92
N TYR D 277 -90.29 -23.60 11.45
CA TYR D 277 -90.44 -24.08 12.81
C TYR D 277 -89.14 -23.89 13.57
N LYS D 278 -89.24 -23.53 14.86
CA LYS D 278 -88.08 -23.33 15.70
C LYS D 278 -88.17 -24.23 16.92
N SER D 279 -87.09 -24.94 17.22
CA SER D 279 -86.99 -25.80 18.38
C SER D 279 -85.70 -25.50 19.11
N ILE D 280 -85.67 -25.82 20.40
CA ILE D 280 -84.53 -25.54 21.26
C ILE D 280 -83.94 -26.87 21.71
N ILE D 281 -82.63 -27.04 21.51
CA ILE D 281 -81.93 -28.26 21.84
C ILE D 281 -80.84 -27.96 22.86
N THR D 282 -80.45 -29.00 23.60
CA THR D 282 -79.54 -28.83 24.72
C THR D 282 -78.50 -29.94 24.75
N CYS D 283 -78.36 -30.69 23.65
CA CYS D 283 -77.40 -31.79 23.47
C CYS D 283 -77.73 -32.99 24.34
N THR D 284 -78.74 -32.92 25.20
CA THR D 284 -79.15 -34.05 26.01
C THR D 284 -80.66 -34.26 25.89
N ALA D 285 -81.39 -33.19 25.61
CA ALA D 285 -82.84 -33.26 25.46
C ALA D 285 -83.31 -31.99 24.78
N VAL D 286 -84.51 -32.05 24.22
CA VAL D 286 -85.16 -30.89 23.60
C VAL D 286 -86.06 -30.22 24.64
N LEU D 287 -85.92 -28.90 24.76
CA LEU D 287 -86.69 -28.15 25.74
C LEU D 287 -88.03 -27.69 25.19
N LYS D 288 -88.05 -27.15 23.98
CA LYS D 288 -89.27 -26.80 23.27
C LYS D 288 -89.20 -27.40 21.88
N ASP D 289 -90.31 -27.99 21.43
CA ASP D 289 -90.33 -28.79 20.20
C ASP D 289 -91.26 -28.13 19.19
N LYS D 290 -90.67 -27.67 18.07
CA LYS D 290 -91.42 -27.26 16.88
C LYS D 290 -92.42 -26.13 17.19
N GLN D 291 -91.88 -25.00 17.61
CA GLN D 291 -92.70 -23.79 17.69
C GLN D 291 -92.81 -23.14 16.31
N LEU D 292 -93.98 -22.60 16.03
CA LEU D 292 -94.28 -22.06 14.71
C LEU D 292 -93.86 -20.60 14.64
N ILE D 293 -92.75 -20.34 13.96
CA ILE D 293 -92.32 -18.98 13.68
C ILE D 293 -93.22 -18.39 12.60
N ALA D 294 -93.57 -17.11 12.75
CA ALA D 294 -94.53 -16.49 11.85
C ALA D 294 -93.95 -16.26 10.47
N GLY D 295 -92.63 -16.36 10.32
CA GLY D 295 -92.02 -16.12 9.04
C GLY D 295 -92.24 -17.26 8.05
N GLU D 296 -91.70 -17.06 6.85
CA GLU D 296 -91.68 -18.08 5.82
C GLU D 296 -90.28 -18.51 5.42
N HIS D 297 -89.26 -17.79 5.86
CA HIS D 297 -87.86 -18.11 5.60
C HIS D 297 -87.10 -18.06 6.93
N ILE D 298 -85.88 -18.57 6.91
CA ILE D 298 -85.03 -18.51 8.10
C ILE D 298 -84.59 -17.06 8.31
N PRO D 299 -84.85 -16.47 9.48
CA PRO D 299 -84.61 -15.03 9.65
C PRO D 299 -83.17 -14.60 9.45
N ILE D 300 -82.20 -15.46 9.74
CA ILE D 300 -80.80 -15.06 9.69
C ILE D 300 -80.41 -14.69 8.26
N VAL D 301 -79.77 -13.53 8.11
CA VAL D 301 -79.33 -13.01 6.82
C VAL D 301 -77.82 -12.94 6.83
N PRO D 302 -77.11 -13.71 5.99
CA PRO D 302 -75.65 -13.72 6.04
C PRO D 302 -74.99 -12.76 5.07
N VAL D 303 -73.84 -12.21 5.46
CA VAL D 303 -72.96 -11.46 4.56
C VAL D 303 -71.63 -12.19 4.50
N PHE D 304 -71.02 -12.23 3.32
CA PHE D 304 -69.85 -13.05 3.10
C PHE D 304 -68.69 -12.21 2.57
N GLY D 305 -67.47 -12.69 2.83
CA GLY D 305 -66.29 -11.91 2.50
C GLY D 305 -66.08 -11.73 1.01
N GLU D 306 -65.67 -12.76 0.29
CA GLU D 306 -65.77 -12.63 -1.16
C GLU D 306 -66.73 -13.66 -1.74
N TRP D 307 -66.30 -14.93 -1.79
CA TRP D 307 -67.13 -16.13 -1.88
C TRP D 307 -66.19 -17.29 -2.15
N GLY D 308 -66.69 -18.52 -2.23
CA GLY D 308 -65.90 -19.57 -2.85
C GLY D 308 -66.21 -21.01 -2.50
N PHE D 309 -66.22 -21.86 -3.52
CA PHE D 309 -66.27 -23.32 -3.38
C PHE D 309 -65.10 -23.87 -4.18
N VAL D 310 -64.14 -24.49 -3.48
CA VAL D 310 -62.92 -24.94 -4.16
C VAL D 310 -63.09 -26.36 -4.72
N GLU D 311 -63.30 -27.35 -3.85
CA GLU D 311 -63.56 -28.71 -4.32
C GLU D 311 -64.96 -29.17 -3.92
N ASP D 312 -65.26 -29.20 -2.63
CA ASP D 312 -66.63 -29.42 -2.17
C ASP D 312 -66.93 -28.62 -0.92
N LYS D 313 -66.01 -27.76 -0.48
CA LYS D 313 -66.13 -27.04 0.78
C LYS D 313 -66.08 -25.54 0.50
N GLU D 314 -66.96 -24.80 1.17
CA GLU D 314 -66.98 -23.36 1.00
C GLU D 314 -65.79 -22.72 1.70
N VAL D 315 -65.26 -21.67 1.07
CA VAL D 315 -64.15 -20.90 1.62
C VAL D 315 -64.44 -19.43 1.44
N TYR D 316 -64.29 -18.65 2.51
CA TYR D 316 -64.47 -17.22 2.46
C TYR D 316 -63.24 -16.54 3.05
N GLU D 317 -62.93 -15.35 2.54
CA GLU D 317 -61.75 -14.60 2.92
C GLU D 317 -62.10 -13.13 3.02
N GLY D 318 -61.35 -12.41 3.87
CA GLY D 318 -61.54 -10.98 4.03
C GLY D 318 -60.35 -10.18 3.58
N VAL D 319 -59.74 -9.44 4.50
CA VAL D 319 -58.59 -8.61 4.17
C VAL D 319 -57.32 -9.08 4.88
N VAL D 320 -57.44 -9.74 6.03
CA VAL D 320 -56.28 -10.03 6.87
C VAL D 320 -55.63 -11.37 6.56
N ARG D 321 -56.30 -12.23 5.78
CA ARG D 321 -55.78 -13.58 5.55
C ARG D 321 -54.40 -13.56 4.90
N LEU D 322 -54.20 -12.70 3.90
CA LEU D 322 -52.96 -12.68 3.14
C LEU D 322 -51.92 -11.73 3.72
N THR D 323 -52.25 -10.99 4.77
CA THR D 323 -51.32 -10.01 5.35
C THR D 323 -50.75 -10.48 6.69
N LYS D 324 -50.79 -11.78 6.98
CA LYS D 324 -50.36 -12.25 8.28
C LYS D 324 -48.87 -12.62 8.29
N ASP D 325 -48.39 -13.27 7.23
CA ASP D 325 -47.00 -13.72 7.20
C ASP D 325 -46.04 -12.54 7.21
N GLY D 326 -46.27 -11.55 6.35
CA GLY D 326 -45.39 -10.39 6.32
C GLY D 326 -45.44 -9.60 7.61
N GLN D 327 -46.63 -9.47 8.20
CA GLN D 327 -46.77 -8.74 9.46
C GLN D 327 -46.00 -9.44 10.58
N ARG D 328 -46.11 -10.76 10.65
CA ARG D 328 -45.38 -11.50 11.67
C ARG D 328 -43.87 -11.40 11.45
N LEU D 329 -43.42 -11.48 10.20
CA LEU D 329 -42.00 -11.32 9.92
C LEU D 329 -41.52 -9.93 10.32
N ARG D 330 -42.32 -8.89 10.04
CA ARG D 330 -41.96 -7.54 10.44
C ARG D 330 -41.83 -7.44 11.96
N ASN D 331 -42.79 -8.00 12.69
CA ASN D 331 -42.72 -7.98 14.16
C ASN D 331 -41.47 -8.68 14.66
N MET D 332 -41.15 -9.85 14.07
CA MET D 332 -39.98 -10.59 14.52
C MET D 332 -38.69 -9.82 14.25
N ILE D 333 -38.58 -9.20 13.06
CA ILE D 333 -37.39 -8.42 12.75
C ILE D 333 -37.25 -7.25 13.71
N MET D 334 -38.35 -6.55 13.99
CA MET D 334 -38.30 -5.42 14.91
C MET D 334 -37.87 -5.88 16.30
N SER D 335 -38.39 -7.01 16.77
CA SER D 335 -38.01 -7.53 18.08
C SER D 335 -36.52 -7.89 18.12
N PHE D 336 -36.02 -8.54 17.06
CA PHE D 336 -34.60 -8.90 17.03
C PHE D 336 -33.72 -7.66 17.03
N ASN D 337 -34.12 -6.64 16.26
CA ASN D 337 -33.35 -5.39 16.24
C ASN D 337 -33.35 -4.71 17.60
N ALA D 338 -34.50 -4.72 18.30
CA ALA D 338 -34.55 -4.15 19.64
C ALA D 338 -33.63 -4.92 20.59
N ASP D 339 -33.61 -6.25 20.48
CA ASP D 339 -32.70 -7.04 21.32
C ASP D 339 -31.26 -6.70 21.03
N ILE D 340 -30.91 -6.55 19.75
CA ILE D 340 -29.53 -6.19 19.38
C ILE D 340 -29.17 -4.83 19.95
N VAL D 341 -30.08 -3.87 19.89
CA VAL D 341 -29.83 -2.55 20.44
C VAL D 341 -29.62 -2.63 21.95
N ALA D 342 -30.44 -3.43 22.63
CA ALA D 342 -30.43 -3.42 24.09
C ALA D 342 -29.26 -4.18 24.68
N ARG D 343 -29.10 -5.46 24.32
CA ARG D 343 -28.16 -6.32 25.05
C ARG D 343 -26.73 -6.26 24.53
N THR D 344 -26.47 -5.57 23.42
CA THR D 344 -25.11 -5.52 22.91
C THR D 344 -24.24 -4.63 23.81
N PRO D 345 -23.01 -5.07 24.12
CA PRO D 345 -22.11 -4.20 24.87
C PRO D 345 -21.73 -2.96 24.07
N LYS D 346 -21.44 -1.88 24.79
CA LYS D 346 -21.12 -0.60 24.17
C LYS D 346 -19.68 -0.62 23.67
N LYS D 347 -19.18 0.54 23.26
CA LYS D 347 -17.83 0.67 22.73
C LYS D 347 -16.92 1.27 23.81
N LYS D 348 -15.92 0.49 24.22
CA LYS D 348 -14.99 0.92 25.25
C LYS D 348 -13.63 0.31 24.95
N PRO D 349 -12.54 0.97 25.36
CA PRO D 349 -11.21 0.50 24.99
C PRO D 349 -10.82 -0.77 25.74
N PHE D 350 -9.80 -1.45 25.21
CA PHE D 350 -9.22 -2.65 25.80
C PHE D 350 -7.91 -2.26 26.46
N PHE D 351 -7.83 -2.39 27.78
CA PHE D 351 -6.65 -2.03 28.56
C PHE D 351 -6.11 -3.26 29.27
N TRP D 352 -4.78 -3.33 29.38
CA TRP D 352 -4.17 -4.27 30.31
C TRP D 352 -4.32 -3.75 31.73
N PRO D 353 -4.38 -4.64 32.72
CA PRO D 353 -4.54 -4.19 34.11
C PRO D 353 -3.37 -3.36 34.61
N GLU D 354 -2.21 -3.44 33.96
CA GLU D 354 -1.01 -2.72 34.40
C GLU D 354 -0.55 -1.64 33.44
N GLN D 355 -1.20 -1.49 32.28
CA GLN D 355 -1.02 -0.28 31.48
C GLN D 355 -1.61 0.94 32.19
N ILE D 356 -2.58 0.72 33.06
CA ILE D 356 -3.22 1.77 33.83
C ILE D 356 -3.07 1.45 35.31
N ALA D 357 -1.92 0.90 35.69
CA ALA D 357 -1.63 0.59 37.09
C ALA D 357 -2.08 1.70 38.02
N GLY D 358 -1.53 2.90 37.83
CA GLY D 358 -2.08 4.11 38.39
C GLY D 358 -3.02 4.79 37.41
N PHE D 359 -3.27 6.07 37.66
CA PHE D 359 -4.00 6.92 36.72
C PHE D 359 -5.42 6.40 36.47
N GLU D 360 -5.95 5.60 37.39
CA GLU D 360 -7.23 4.94 37.16
C GLU D 360 -8.44 5.85 37.36
N HIS D 361 -8.24 7.04 37.95
CA HIS D 361 -9.31 8.01 38.08
C HIS D 361 -9.38 8.96 36.90
N MET D 362 -8.52 8.78 35.91
CA MET D 362 -8.51 9.63 34.73
C MET D 362 -9.46 9.14 33.63
N TYR D 363 -9.76 7.85 33.60
CA TYR D 363 -10.52 7.25 32.50
C TYR D 363 -11.99 7.03 32.84
N ASP D 364 -12.46 7.51 34.00
CA ASP D 364 -13.86 7.32 34.35
C ASP D 364 -14.78 8.32 33.69
N GLY D 365 -14.25 9.39 33.10
CA GLY D 365 -15.05 10.40 32.48
C GLY D 365 -15.24 11.67 33.29
N ASN D 366 -14.43 11.90 34.32
CA ASN D 366 -14.61 13.08 35.16
C ASN D 366 -14.34 14.37 34.41
N ASP D 367 -13.46 14.34 33.42
CA ASP D 367 -13.07 15.51 32.63
C ASP D 367 -12.51 16.60 33.55
N ASP D 368 -11.39 16.29 34.18
CA ASP D 368 -10.69 17.21 35.05
C ASP D 368 -9.21 17.36 34.72
N TYR D 369 -8.65 16.49 33.88
CA TYR D 369 -7.25 16.50 33.52
C TYR D 369 -7.08 16.83 32.04
N PRO D 370 -6.01 17.55 31.67
CA PRO D 370 -5.84 17.93 30.27
C PRO D 370 -5.40 16.81 29.34
N TYR D 371 -4.98 15.67 29.88
CA TYR D 371 -4.50 14.57 29.04
C TYR D 371 -4.63 13.26 29.80
N TYR D 372 -4.50 12.17 29.07
CA TYR D 372 -4.53 10.82 29.64
C TYR D 372 -3.11 10.28 29.76
N LEU D 373 -2.86 9.54 30.84
CA LEU D 373 -1.53 9.08 31.16
C LEU D 373 -1.48 7.56 31.18
N LEU D 374 -0.32 7.03 30.79
CA LEU D 374 -0.06 5.60 30.80
C LEU D 374 1.37 5.36 31.26
N ASN D 375 1.55 4.46 32.24
CA ASN D 375 2.89 4.17 32.70
C ASN D 375 3.63 3.31 31.66
N ARG D 376 4.96 3.38 31.71
CA ARG D 376 5.81 2.80 30.68
C ARG D 376 6.61 1.59 31.15
N THR D 377 7.37 1.72 32.23
CA THR D 377 8.38 0.73 32.57
C THR D 377 7.76 -0.46 33.28
N ASP D 378 8.52 -1.56 33.28
CA ASP D 378 8.18 -2.77 34.01
C ASP D 378 9.42 -3.28 34.73
N GLU D 379 9.21 -3.98 35.84
CA GLU D 379 10.33 -4.45 36.65
C GLU D 379 11.11 -5.55 35.93
N ASN D 380 10.42 -6.53 35.38
CA ASN D 380 11.10 -7.64 34.72
C ASN D 380 11.33 -7.35 33.24
N SER D 381 10.25 -7.13 32.48
CA SER D 381 10.39 -6.74 31.09
C SER D 381 10.87 -5.30 31.01
N GLY D 382 11.45 -4.96 29.85
CA GLY D 382 12.03 -3.64 29.71
C GLY D 382 11.03 -2.50 29.63
N ASP D 383 10.31 -2.39 28.51
CA ASP D 383 9.40 -1.26 28.30
C ASP D 383 8.14 -1.66 27.56
N LEU D 384 7.65 -2.88 27.76
CA LEU D 384 6.59 -3.41 26.91
C LEU D 384 5.32 -2.57 26.84
N PRO D 385 4.79 -2.00 27.93
CA PRO D 385 3.56 -1.20 27.81
C PRO D 385 3.73 -0.06 26.82
N THR D 386 2.69 0.17 26.03
CA THR D 386 2.75 1.09 24.89
C THR D 386 1.66 2.16 25.03
N GLN D 387 1.72 3.12 24.11
CA GLN D 387 0.77 4.23 24.05
C GLN D 387 -0.56 3.85 23.40
N PRO D 388 -0.58 3.18 22.23
CA PRO D 388 -1.86 2.89 21.57
C PRO D 388 -2.68 1.84 22.31
N LEU D 389 -3.80 1.44 21.73
CA LEU D 389 -4.78 0.59 22.40
C LEU D 389 -5.84 0.17 21.39
N ALA D 390 -6.63 -0.83 21.76
CA ALA D 390 -7.65 -1.41 20.90
C ALA D 390 -9.03 -1.12 21.44
N TYR D 391 -9.99 -0.93 20.54
CA TYR D 391 -11.35 -0.56 20.88
C TYR D 391 -12.34 -1.66 20.52
N TYR D 392 -13.47 -1.67 21.22
CA TYR D 392 -14.58 -2.55 20.93
C TYR D 392 -15.45 -1.93 19.84
N GLU D 393 -16.02 -2.78 19.00
CA GLU D 393 -16.80 -2.32 17.86
C GLU D 393 -18.22 -1.97 18.27
N ASN D 394 -18.80 -0.98 17.58
CA ASN D 394 -20.13 -0.49 17.88
C ASN D 394 -21.18 -1.52 17.47
N PRO D 395 -22.34 -1.51 18.13
CA PRO D 395 -23.44 -2.38 17.69
C PRO D 395 -23.95 -1.96 16.30
N GLU D 396 -24.22 -2.95 15.46
CA GLU D 396 -24.67 -2.71 14.11
C GLU D 396 -25.87 -3.60 13.79
N VAL D 397 -26.79 -3.08 12.99
CA VAL D 397 -27.94 -3.83 12.51
C VAL D 397 -27.52 -4.53 11.22
N PRO D 398 -27.61 -5.85 11.13
CA PRO D 398 -27.10 -6.56 9.95
C PRO D 398 -27.93 -6.25 8.71
N GLN D 399 -27.31 -6.52 7.55
CA GLN D 399 -27.98 -6.22 6.28
C GLN D 399 -29.19 -7.12 6.04
N ALA D 400 -29.12 -8.38 6.47
CA ALA D 400 -30.25 -9.29 6.26
C ALA D 400 -31.49 -8.81 7.00
N ASN D 401 -31.32 -8.32 8.24
CA ASN D 401 -32.46 -7.85 9.01
C ASN D 401 -33.14 -6.68 8.32
N ALA D 402 -32.37 -5.69 7.87
CA ALA D 402 -32.95 -4.52 7.21
C ALA D 402 -33.61 -4.91 5.90
N TYR D 403 -32.95 -5.75 5.11
CA TYR D 403 -33.50 -6.15 3.82
C TYR D 403 -34.82 -6.90 4.01
N MET D 404 -34.88 -7.83 4.96
CA MET D 404 -36.11 -8.58 5.16
C MET D 404 -37.21 -7.73 5.77
N LEU D 405 -36.86 -6.80 6.65
CA LEU D 405 -37.87 -5.88 7.18
C LEU D 405 -38.49 -5.06 6.06
N GLU D 406 -37.65 -4.53 5.16
CA GLU D 406 -38.17 -3.75 4.04
C GLU D 406 -39.02 -4.61 3.12
N ALA D 407 -38.56 -5.83 2.82
CA ALA D 407 -39.32 -6.70 1.92
C ALA D 407 -40.66 -7.09 2.52
N ALA D 408 -40.69 -7.41 3.82
CA ALA D 408 -41.94 -7.78 4.46
C ALA D 408 -42.91 -6.61 4.52
N THR D 409 -42.41 -5.41 4.85
CA THR D 409 -43.29 -4.25 4.86
C THR D 409 -43.86 -3.97 3.48
N SER D 410 -43.03 -4.06 2.44
CA SER D 410 -43.52 -3.85 1.08
C SER D 410 -44.55 -4.91 0.71
N ALA D 411 -44.31 -6.17 1.07
CA ALA D 411 -45.24 -7.24 0.74
C ALA D 411 -46.58 -7.04 1.44
N VAL D 412 -46.56 -6.57 2.69
CA VAL D 412 -47.82 -6.33 3.40
C VAL D 412 -48.56 -5.16 2.76
N LYS D 413 -47.85 -4.06 2.48
CA LYS D 413 -48.51 -2.91 1.88
C LYS D 413 -48.96 -3.17 0.45
N GLU D 414 -48.44 -4.21 -0.19
CA GLU D 414 -48.78 -4.49 -1.59
C GLU D 414 -50.01 -5.39 -1.72
N VAL D 415 -50.22 -6.30 -0.78
CA VAL D 415 -51.33 -7.25 -0.88
C VAL D 415 -52.54 -6.81 -0.08
N ALA D 416 -52.41 -5.82 0.81
CA ALA D 416 -53.52 -5.34 1.62
C ALA D 416 -54.37 -4.34 0.84
N THR D 417 -54.81 -4.76 -0.34
CA THR D 417 -55.64 -3.95 -1.20
C THR D 417 -56.86 -4.76 -1.64
N LEU D 418 -57.87 -4.05 -2.11
CA LEU D 418 -59.11 -4.68 -2.59
C LEU D 418 -59.43 -4.32 -4.02
N GLY D 419 -58.48 -3.75 -4.76
CA GLY D 419 -58.69 -3.36 -6.13
C GLY D 419 -57.94 -2.10 -6.44
N VAL D 420 -58.39 -1.41 -7.48
CA VAL D 420 -57.78 -0.15 -7.91
C VAL D 420 -58.40 0.99 -7.12
N ASP D 421 -57.62 2.05 -6.91
CA ASP D 421 -58.06 3.23 -6.16
C ASP D 421 -58.51 2.85 -4.76
N ASP D 443 -64.83 2.60 -9.77
CA ASP D 443 -65.36 3.47 -8.73
C ASP D 443 -64.55 3.36 -7.45
N LEU D 444 -65.20 2.93 -6.38
CA LEU D 444 -64.54 2.81 -5.09
C LEU D 444 -63.71 1.54 -5.02
N GLU D 445 -62.92 1.42 -3.96
CA GLU D 445 -62.13 0.21 -3.73
C GLU D 445 -62.98 -0.94 -3.23
N THR D 446 -64.10 -0.65 -2.56
CA THR D 446 -64.93 -1.66 -1.90
C THR D 446 -66.23 -1.91 -2.64
N TYR D 447 -66.21 -1.92 -3.98
CA TYR D 447 -67.44 -2.12 -4.72
C TYR D 447 -68.00 -3.54 -4.55
N VAL D 448 -67.12 -4.55 -4.53
CA VAL D 448 -67.58 -5.93 -4.40
C VAL D 448 -68.26 -6.15 -3.05
N PHE D 449 -67.67 -5.61 -1.98
CA PHE D 449 -68.29 -5.72 -0.67
C PHE D 449 -69.62 -4.99 -0.63
N GLN D 450 -69.73 -3.85 -1.32
CA GLN D 450 -70.99 -3.14 -1.41
C GLN D 450 -72.05 -3.98 -2.12
N ASP D 451 -71.65 -4.67 -3.19
CA ASP D 451 -72.61 -5.52 -3.91
C ASP D 451 -73.06 -6.70 -3.04
N ASN D 452 -72.13 -7.29 -2.28
CA ASN D 452 -72.51 -8.38 -1.38
C ASN D 452 -73.47 -7.88 -0.30
N LEU D 453 -73.22 -6.68 0.24
CA LEU D 453 -74.14 -6.10 1.20
C LEU D 453 -75.50 -5.82 0.57
N ALA D 454 -75.52 -5.40 -0.70
CA ALA D 454 -76.79 -5.18 -1.39
C ALA D 454 -77.57 -6.49 -1.54
N THR D 455 -76.87 -7.58 -1.86
CA THR D 455 -77.54 -8.89 -1.95
C THR D 455 -78.12 -9.29 -0.61
N ALA D 456 -77.34 -9.11 0.46
CA ALA D 456 -77.84 -9.41 1.80
C ALA D 456 -79.05 -8.56 2.15
N MET D 457 -79.04 -7.28 1.75
CA MET D 457 -80.17 -6.41 2.02
C MET D 457 -81.40 -6.83 1.25
N ARG D 458 -81.23 -7.31 0.01
CA ARG D 458 -82.35 -7.84 -0.75
C ARG D 458 -82.96 -9.05 -0.05
N ARG D 459 -82.11 -9.96 0.44
CA ARG D 459 -82.62 -11.10 1.20
C ARG D 459 -83.36 -10.66 2.45
N ASP D 460 -82.81 -9.66 3.15
CA ASP D 460 -83.48 -9.12 4.34
C ASP D 460 -84.84 -8.53 3.99
N GLY D 461 -84.92 -7.82 2.87
CA GLY D 461 -86.19 -7.28 2.43
C GLY D 461 -87.20 -8.37 2.14
N GLU D 462 -86.76 -9.46 1.50
CA GLU D 462 -87.66 -10.58 1.24
C GLU D 462 -88.20 -11.16 2.55
N ILE D 463 -87.32 -11.39 3.52
CA ILE D 463 -87.74 -11.95 4.80
C ILE D 463 -88.71 -11.01 5.51
N TYR D 464 -88.41 -9.72 5.51
CA TYR D 464 -89.28 -8.75 6.16
C TYR D 464 -90.65 -8.71 5.49
N GLN D 465 -90.68 -8.75 4.15
CA GLN D 465 -91.96 -8.77 3.45
C GLN D 465 -92.78 -9.99 3.84
N SER D 466 -92.14 -11.15 3.93
CA SER D 466 -92.87 -12.35 4.35
C SER D 466 -93.42 -12.21 5.76
N ILE D 467 -92.60 -11.69 6.68
CA ILE D 467 -93.03 -11.56 8.07
C ILE D 467 -94.19 -10.59 8.18
N VAL D 468 -94.12 -9.47 7.46
CA VAL D 468 -95.22 -8.50 7.48
C VAL D 468 -96.49 -9.13 6.90
N ASN D 469 -96.36 -9.86 5.80
CA ASN D 469 -97.52 -10.51 5.20
C ASN D 469 -98.18 -11.47 6.18
N ASP D 470 -97.37 -12.16 7.00
CA ASP D 470 -97.95 -13.19 7.85
C ASP D 470 -98.37 -12.66 9.23
N ILE D 471 -97.93 -11.47 9.62
CA ILE D 471 -98.29 -10.90 10.92
C ILE D 471 -99.15 -9.65 10.78
N TYR D 472 -98.66 -8.63 10.10
CA TYR D 472 -99.25 -7.30 10.18
C TYR D 472 -100.57 -7.26 9.39
N ASP D 473 -101.19 -6.08 9.38
CA ASP D 473 -102.47 -5.87 8.71
C ASP D 473 -102.23 -4.96 7.50
N VAL D 474 -102.05 -5.56 6.33
CA VAL D 474 -101.84 -4.83 5.09
C VAL D 474 -103.21 -4.49 4.50
N PRO D 475 -103.55 -3.20 4.38
CA PRO D 475 -104.84 -2.85 3.79
C PRO D 475 -104.87 -3.10 2.29
N ARG D 476 -106.06 -3.38 1.77
CA ARG D 476 -106.28 -3.52 0.33
C ARG D 476 -106.91 -2.24 -0.19
N ASN D 477 -106.30 -1.66 -1.22
CA ASN D 477 -106.75 -0.38 -1.76
C ASN D 477 -107.62 -0.64 -2.99
N VAL D 478 -108.83 -0.09 -2.99
CA VAL D 478 -109.79 -0.27 -4.07
C VAL D 478 -110.46 1.07 -4.35
N THR D 479 -110.68 1.37 -5.63
CA THR D 479 -111.30 2.61 -6.04
C THR D 479 -112.75 2.36 -6.45
N ILE D 480 -113.67 3.12 -5.88
CA ILE D 480 -115.09 2.94 -6.17
C ILE D 480 -115.39 3.36 -7.61
N THR D 481 -114.74 4.41 -8.10
CA THR D 481 -115.00 4.98 -9.42
C THR D 481 -116.45 5.42 -9.56
N LEU D 482 -116.99 6.01 -8.49
CA LEU D 482 -118.35 6.52 -8.51
C LEU D 482 -118.45 7.76 -9.39
N GLU D 483 -119.66 8.02 -9.89
CA GLU D 483 -119.87 9.20 -10.73
C GLU D 483 -119.70 10.49 -9.93
N ASP D 484 -120.05 10.47 -8.64
CA ASP D 484 -119.88 11.65 -7.81
C ASP D 484 -118.41 11.91 -7.49
N GLY D 485 -117.68 10.86 -7.12
CA GLY D 485 -116.27 10.99 -6.80
C GLY D 485 -115.39 10.05 -7.58
N SER D 486 -114.38 10.60 -8.25
CA SER D 486 -113.49 9.83 -9.11
C SER D 486 -112.11 9.71 -8.46
N GLU D 487 -111.52 8.52 -8.58
CA GLU D 487 -110.21 8.22 -8.01
C GLU D 487 -110.22 8.46 -6.50
N LYS D 488 -111.14 7.80 -5.81
CA LYS D 488 -111.21 7.87 -4.35
C LYS D 488 -110.49 6.66 -3.76
N ASP D 489 -109.40 6.92 -3.04
CA ASP D 489 -108.60 5.85 -2.43
C ASP D 489 -109.20 5.52 -1.08
N VAL D 490 -110.11 4.54 -1.08
CA VAL D 490 -110.80 4.12 0.12
C VAL D 490 -109.89 3.47 1.15
N GLN D 491 -108.92 2.67 0.70
CA GLN D 491 -108.02 1.92 1.58
C GLN D 491 -108.82 1.04 2.53
N LEU D 492 -109.60 0.14 1.94
CA LEU D 492 -110.43 -0.77 2.71
C LEU D 492 -109.58 -1.76 3.49
N MET D 493 -109.96 -1.99 4.74
CA MET D 493 -109.28 -2.93 5.62
C MET D 493 -110.29 -3.93 6.15
N ALA D 494 -109.82 -5.15 6.44
CA ALA D 494 -110.70 -6.21 6.91
C ALA D 494 -110.15 -6.75 8.22
N GLU D 495 -111.02 -6.87 9.22
CA GLU D 495 -110.63 -7.36 10.54
C GLU D 495 -111.84 -8.04 11.18
N VAL D 496 -111.61 -9.23 11.75
CA VAL D 496 -112.66 -10.01 12.37
C VAL D 496 -112.19 -10.43 13.77
N VAL D 497 -113.13 -10.41 14.72
CA VAL D 497 -112.87 -10.83 16.08
C VAL D 497 -113.46 -12.22 16.28
N ASP D 498 -112.91 -12.95 17.26
CA ASP D 498 -113.33 -14.33 17.49
C ASP D 498 -114.69 -14.39 18.18
N LEU D 499 -115.07 -13.34 18.89
CA LEU D 499 -116.36 -13.21 19.57
C LEU D 499 -116.51 -14.19 20.73
N ALA D 500 -115.51 -15.05 20.93
CA ALA D 500 -115.43 -15.88 22.14
C ALA D 500 -114.19 -15.59 22.96
N THR D 501 -113.20 -14.89 22.39
CA THR D 501 -112.04 -14.44 23.13
C THR D 501 -111.66 -13.06 22.62
N GLY D 502 -110.91 -12.32 23.44
CA GLY D 502 -110.55 -10.96 23.11
C GLY D 502 -109.49 -10.84 22.03
N GLU D 503 -108.86 -11.95 21.65
CA GLU D 503 -107.79 -11.90 20.66
C GLU D 503 -108.35 -11.55 19.28
N LYS D 504 -107.57 -10.80 18.52
CA LYS D 504 -107.94 -10.40 17.16
C LYS D 504 -107.35 -11.39 16.16
N GLN D 505 -108.03 -11.53 15.02
CA GLN D 505 -107.54 -12.40 13.95
C GLN D 505 -107.42 -11.57 12.68
N VAL D 506 -106.27 -11.69 12.02
CA VAL D 506 -105.98 -10.91 10.82
C VAL D 506 -106.55 -11.63 9.60
N LEU D 507 -106.84 -10.86 8.56
CA LEU D 507 -107.39 -11.39 7.31
C LEU D 507 -106.60 -10.78 6.15
N ASN D 508 -105.64 -11.54 5.61
CA ASN D 508 -104.87 -11.12 4.47
C ASN D 508 -105.18 -12.01 3.28
N ASP D 509 -105.43 -11.39 2.12
CA ASP D 509 -105.68 -12.14 0.90
C ASP D 509 -104.39 -12.82 0.45
N ILE D 510 -104.54 -13.78 -0.46
CA ILE D 510 -103.40 -14.53 -0.99
C ILE D 510 -103.05 -14.00 -2.38
N ARG D 511 -104.07 -13.60 -3.14
CA ARG D 511 -103.83 -13.14 -4.50
C ARG D 511 -103.01 -11.86 -4.52
N GLY D 512 -103.25 -10.95 -3.57
CA GLY D 512 -102.54 -9.70 -3.54
C GLY D 512 -101.46 -9.61 -2.48
N ARG D 513 -100.78 -10.72 -2.20
CA ARG D 513 -99.70 -10.72 -1.22
C ARG D 513 -98.38 -10.26 -1.83
N TYR D 514 -97.88 -11.00 -2.82
CA TYR D 514 -96.58 -10.73 -3.42
C TYR D 514 -96.81 -9.95 -4.71
N GLU D 515 -96.83 -8.62 -4.61
CA GLU D 515 -97.01 -7.77 -5.77
C GLU D 515 -96.11 -6.54 -5.72
N CYS D 516 -94.95 -6.66 -5.09
CA CYS D 516 -93.94 -5.61 -5.09
C CYS D 516 -92.59 -6.22 -4.79
N TYR D 517 -91.63 -6.04 -5.69
CA TYR D 517 -90.31 -6.63 -5.54
C TYR D 517 -89.40 -5.73 -4.72
N THR D 518 -88.36 -6.32 -4.17
CA THR D 518 -87.39 -5.62 -3.33
C THR D 518 -86.23 -5.10 -4.18
N ASP D 519 -85.71 -3.94 -3.79
CA ASP D 519 -84.60 -3.31 -4.49
C ASP D 519 -83.74 -2.58 -3.48
N VAL D 520 -82.53 -2.23 -3.92
CA VAL D 520 -81.53 -1.60 -3.06
C VAL D 520 -81.43 -0.13 -3.44
N GLY D 521 -81.51 0.75 -2.44
CA GLY D 521 -81.40 2.17 -2.65
C GLY D 521 -80.79 2.86 -1.45
N PRO D 522 -80.78 4.20 -1.48
CA PRO D 522 -80.22 4.96 -0.35
C PRO D 522 -81.08 4.80 0.90
N SER D 523 -80.44 5.00 2.05
CA SER D 523 -81.06 4.77 3.34
C SER D 523 -81.65 6.06 3.87
N PHE D 524 -82.96 6.05 4.15
CA PHE D 524 -83.66 7.16 4.77
C PHE D 524 -84.27 6.70 6.09
N GLN D 525 -85.03 7.60 6.72
CA GLN D 525 -85.63 7.31 8.02
C GLN D 525 -87.15 7.50 8.06
N SER D 526 -87.75 8.11 7.06
CA SER D 526 -89.20 8.28 7.05
C SER D 526 -89.67 8.46 5.61
N MET D 527 -90.97 8.26 5.40
CA MET D 527 -91.54 8.37 4.05
C MET D 527 -91.57 9.80 3.54
N LYS D 528 -91.37 10.80 4.40
CA LYS D 528 -91.32 12.18 3.95
C LYS D 528 -89.96 12.56 3.42
N GLN D 529 -88.88 12.02 4.00
CA GLN D 529 -87.54 12.27 3.49
C GLN D 529 -87.35 11.67 2.10
N GLN D 530 -87.96 10.52 1.83
CA GLN D 530 -87.90 9.94 0.49
C GLN D 530 -88.55 10.87 -0.53
N ASN D 531 -89.74 11.41 -0.21
CA ASN D 531 -90.40 12.34 -1.11
C ASN D 531 -89.57 13.61 -1.30
N ARG D 532 -88.97 14.11 -0.21
CA ARG D 532 -88.13 15.29 -0.31
C ARG D 532 -86.94 15.04 -1.23
N ALA D 533 -86.30 13.88 -1.09
CA ALA D 533 -85.15 13.56 -1.93
C ALA D 533 -85.55 13.42 -3.39
N GLU D 534 -86.69 12.77 -3.66
CA GLU D 534 -87.14 12.66 -5.05
C GLU D 534 -87.47 14.01 -5.64
N ILE D 535 -88.10 14.90 -4.87
CA ILE D 535 -88.38 16.25 -5.36
C ILE D 535 -87.10 17.01 -5.64
N LEU D 536 -86.10 16.86 -4.77
CA LEU D 536 -84.82 17.51 -5.01
C LEU D 536 -84.15 16.99 -6.28
N GLU D 537 -84.22 15.68 -6.51
CA GLU D 537 -83.66 15.10 -7.73
C GLU D 537 -84.36 15.66 -8.96
N LEU D 538 -85.70 15.70 -8.93
CA LEU D 538 -86.45 16.22 -10.07
C LEU D 538 -86.15 17.70 -10.29
N LEU D 539 -85.96 18.46 -9.21
CA LEU D 539 -85.57 19.87 -9.34
C LEU D 539 -84.20 20.00 -10.00
N GLY D 540 -83.25 19.16 -9.59
CA GLY D 540 -81.94 19.20 -10.22
C GLY D 540 -81.97 18.82 -11.69
N LYS D 541 -82.86 17.90 -12.05
CA LYS D 541 -82.99 17.46 -13.43
C LYS D 541 -83.74 18.45 -14.31
N THR D 542 -84.61 19.27 -13.74
CA THR D 542 -85.46 20.21 -14.48
C THR D 542 -84.76 21.55 -14.65
N PRO D 543 -84.69 22.06 -15.88
CA PRO D 543 -84.08 23.38 -16.09
C PRO D 543 -84.92 24.50 -15.51
N GLN D 544 -84.25 25.60 -15.17
CA GLN D 544 -84.90 26.74 -14.56
C GLN D 544 -85.77 27.47 -15.58
N GLY D 545 -86.61 28.38 -15.09
CA GLY D 545 -87.49 29.15 -15.93
C GLY D 545 -88.49 28.29 -16.68
N THR D 546 -89.06 27.31 -16.00
CA THR D 546 -90.01 26.38 -16.58
C THR D 546 -91.15 26.18 -15.59
N PRO D 547 -92.39 26.04 -16.06
CA PRO D 547 -93.50 25.77 -15.13
C PRO D 547 -93.27 24.54 -14.26
N GLU D 548 -92.63 23.50 -14.81
CA GLU D 548 -92.30 22.33 -14.00
C GLU D 548 -91.38 22.69 -12.84
N TYR D 549 -90.44 23.59 -13.08
CA TYR D 549 -89.52 23.99 -12.01
C TYR D 549 -90.27 24.68 -10.88
N GLN D 550 -91.21 25.58 -11.22
CA GLN D 550 -92.00 26.24 -10.19
C GLN D 550 -92.89 25.25 -9.44
N LEU D 551 -93.49 24.30 -10.17
CA LEU D 551 -94.31 23.28 -9.53
C LEU D 551 -93.48 22.46 -8.55
N LEU D 552 -92.25 22.10 -8.94
CA LEU D 552 -91.41 21.31 -8.06
C LEU D 552 -90.94 22.12 -6.86
N LEU D 553 -90.67 23.42 -7.05
CA LEU D 553 -90.32 24.27 -5.91
C LEU D 553 -91.45 24.34 -4.91
N LEU D 554 -92.68 24.53 -5.39
CA LEU D 554 -93.82 24.60 -4.47
C LEU D 554 -94.05 23.25 -3.79
N GLN D 555 -93.86 22.15 -4.52
CA GLN D 555 -94.03 20.84 -3.91
C GLN D 555 -92.96 20.56 -2.86
N TYR D 556 -91.75 21.07 -3.07
CA TYR D 556 -90.70 20.96 -2.07
C TYR D 556 -91.01 21.80 -0.84
N PHE D 557 -91.54 23.01 -1.06
CA PHE D 557 -91.88 23.89 0.07
C PHE D 557 -93.03 23.34 0.89
N THR D 558 -94.00 22.68 0.26
CA THR D 558 -95.14 22.16 1.00
C THR D 558 -94.82 20.84 1.73
N LEU D 559 -93.55 20.47 1.86
CA LEU D 559 -93.16 19.25 2.55
C LEU D 559 -92.32 19.51 3.80
N LEU D 560 -92.14 20.76 4.21
CA LEU D 560 -91.33 21.06 5.38
C LEU D 560 -92.08 20.70 6.66
N ASP D 561 -91.34 20.72 7.77
CA ASP D 561 -91.87 20.24 9.05
C ASP D 561 -92.00 21.35 10.09
N GLY D 562 -90.93 22.11 10.34
CA GLY D 562 -90.91 23.01 11.48
C GLY D 562 -91.99 24.07 11.40
N LYS D 563 -92.49 24.45 12.57
CA LYS D 563 -93.51 25.49 12.66
C LYS D 563 -92.94 26.87 12.35
N GLY D 564 -91.63 27.04 12.53
CA GLY D 564 -91.01 28.30 12.15
C GLY D 564 -91.17 28.59 10.67
N VAL D 565 -90.93 27.59 9.83
CA VAL D 565 -91.25 27.69 8.41
C VAL D 565 -92.66 27.15 8.16
N GLU D 566 -93.66 27.99 8.43
CA GLU D 566 -95.05 27.67 8.15
C GLU D 566 -95.66 28.61 7.13
N MET D 567 -95.19 29.85 7.09
CA MET D 567 -95.63 30.81 6.08
C MET D 567 -95.42 30.25 4.67
N MET D 568 -94.22 29.73 4.40
CA MET D 568 -93.93 29.22 3.08
C MET D 568 -94.77 28.00 2.75
N ARG D 569 -94.98 27.10 3.71
CA ARG D 569 -95.81 25.92 3.47
C ARG D 569 -97.24 26.31 3.12
N ASP D 570 -97.84 27.21 3.89
CA ASP D 570 -99.20 27.62 3.61
C ASP D 570 -99.31 28.34 2.27
N TYR D 571 -98.34 29.23 1.99
CA TYR D 571 -98.36 29.96 0.72
C TYR D 571 -98.23 29.00 -0.46
N ALA D 572 -97.35 28.01 -0.34
CA ALA D 572 -97.17 27.04 -1.42
C ALA D 572 -98.44 26.22 -1.65
N ASN D 573 -99.08 25.77 -0.56
CA ASN D 573 -100.33 25.03 -0.71
C ASN D 573 -101.40 25.88 -1.38
N LYS D 574 -101.53 27.13 -0.96
CA LYS D 574 -102.52 28.03 -1.57
C LYS D 574 -102.24 28.24 -3.04
N GLN D 575 -100.98 28.48 -3.40
CA GLN D 575 -100.64 28.68 -4.81
C GLN D 575 -100.94 27.44 -5.64
N LEU D 576 -100.53 26.27 -5.16
CA LEU D 576 -100.73 25.04 -5.91
C LEU D 576 -102.21 24.75 -6.11
N ILE D 577 -103.04 24.98 -5.09
CA ILE D 577 -104.46 24.69 -5.26
C ILE D 577 -105.15 25.77 -6.09
N GLN D 578 -104.67 27.01 -6.01
CA GLN D 578 -105.25 28.07 -6.84
C GLN D 578 -104.93 27.88 -8.32
N MET D 579 -103.78 27.30 -8.65
CA MET D 579 -103.47 26.98 -10.04
C MET D 579 -104.16 25.70 -10.52
N GLY D 580 -104.99 25.08 -9.68
CA GLY D 580 -105.77 23.94 -10.09
C GLY D 580 -105.02 22.62 -10.14
N VAL D 581 -103.75 22.60 -9.74
CA VAL D 581 -102.97 21.36 -9.82
C VAL D 581 -103.46 20.35 -8.80
N LYS D 582 -103.79 20.81 -7.59
CA LYS D 582 -104.25 19.95 -6.52
C LYS D 582 -105.77 19.88 -6.51
N LYS D 583 -106.33 19.28 -5.45
CA LYS D 583 -107.75 19.21 -5.21
C LYS D 583 -108.03 19.63 -3.77
N PRO D 584 -108.96 20.56 -3.56
CA PRO D 584 -109.23 21.03 -2.20
C PRO D 584 -109.77 19.92 -1.31
N GLU D 585 -109.38 19.97 -0.03
CA GLU D 585 -109.80 18.99 0.96
C GLU D 585 -110.65 19.62 2.06
N THR D 586 -110.11 20.61 2.77
CA THR D 586 -110.84 21.27 3.83
C THR D 586 -111.67 22.43 3.27
N PRO D 587 -112.76 22.79 3.94
CA PRO D 587 -113.67 23.80 3.34
C PRO D 587 -113.00 25.11 2.97
N GLU D 588 -112.02 25.56 3.76
CA GLU D 588 -111.28 26.76 3.40
C GLU D 588 -110.54 26.57 2.08
N GLU D 589 -110.18 25.32 1.74
CA GLU D 589 -109.46 25.10 0.51
C GLU D 589 -110.39 25.27 -0.70
N GLN D 590 -111.62 24.75 -0.63
CA GLN D 590 -112.58 25.06 -1.67
C GLN D 590 -112.89 26.55 -1.69
N GLN D 591 -112.86 27.22 -0.54
CA GLN D 591 -113.04 28.66 -0.53
C GLN D 591 -111.95 29.36 -1.34
N TRP D 592 -110.69 28.93 -1.15
CA TRP D 592 -109.60 29.51 -1.94
C TRP D 592 -109.77 29.20 -3.43
N LEU D 593 -110.18 27.97 -3.75
CA LEU D 593 -110.34 27.59 -5.15
C LEU D 593 -111.43 28.41 -5.82
N VAL D 594 -112.57 28.59 -5.15
CA VAL D 594 -113.65 29.37 -5.75
C VAL D 594 -113.27 30.84 -5.84
N GLU D 595 -112.52 31.34 -4.86
CA GLU D 595 -112.03 32.72 -4.96
C GLU D 595 -111.14 32.89 -6.18
N ALA D 596 -110.23 31.94 -6.42
CA ALA D 596 -109.40 32.00 -7.61
C ALA D 596 -110.25 31.91 -8.88
N GLN D 597 -111.29 31.06 -8.86
CA GLN D 597 -112.16 30.93 -10.04
C GLN D 597 -112.86 32.24 -10.36
N GLN D 598 -113.38 32.92 -9.34
CA GLN D 598 -114.01 34.23 -9.58
C GLN D 598 -112.98 35.27 -10.02
N ALA D 599 -111.77 35.22 -9.46
CA ALA D 599 -110.74 36.18 -9.85
C ALA D 599 -110.30 35.97 -11.29
N LYS D 600 -110.40 34.74 -11.78
CA LYS D 600 -109.97 34.45 -13.15
C LYS D 600 -110.84 35.15 -14.18
N GLN D 601 -112.16 35.16 -13.97
CA GLN D 601 -113.06 35.70 -14.98
C GLN D 601 -112.99 37.22 -15.07
N GLY D 602 -112.44 37.87 -14.05
CA GLY D 602 -112.40 39.33 -14.06
C GLY D 602 -111.43 39.88 -15.07
N GLN D 603 -110.39 39.11 -15.41
CA GLN D 603 -109.36 39.60 -16.32
C GLN D 603 -109.92 39.77 -17.73
N GLN D 604 -109.61 40.90 -18.35
CA GLN D 604 -110.02 41.20 -19.72
C GLN D 604 -108.83 41.78 -20.48
N ASP D 605 -108.55 41.23 -21.66
CA ASP D 605 -107.44 41.71 -22.46
C ASP D 605 -107.85 42.99 -23.19
N PRO D 606 -107.08 44.08 -23.05
CA PRO D 606 -107.44 45.31 -23.77
C PRO D 606 -107.48 45.14 -25.28
N ALA D 607 -106.65 44.25 -25.83
CA ALA D 607 -106.68 43.99 -27.26
C ALA D 607 -108.02 43.45 -27.70
N MET D 608 -108.60 42.53 -26.93
CA MET D 608 -109.95 42.04 -27.23
C MET D 608 -110.95 43.18 -27.27
N VAL D 609 -110.87 44.08 -26.29
CA VAL D 609 -111.84 45.18 -26.18
C VAL D 609 -111.70 46.13 -27.38
N GLN D 610 -110.47 46.48 -27.74
CA GLN D 610 -110.27 47.38 -28.88
C GLN D 610 -110.71 46.73 -30.18
N ALA D 611 -110.40 45.44 -30.35
CA ALA D 611 -110.84 44.74 -31.56
C ALA D 611 -112.36 44.67 -31.63
N GLN D 612 -113.02 44.44 -30.49
CA GLN D 612 -114.47 44.45 -30.47
C GLN D 612 -115.03 45.82 -30.84
N GLY D 613 -114.40 46.88 -30.34
CA GLY D 613 -114.84 48.22 -30.72
C GLY D 613 -114.71 48.47 -32.22
N VAL D 614 -113.59 48.05 -32.80
CA VAL D 614 -113.40 48.23 -34.25
C VAL D 614 -114.45 47.43 -35.02
N LEU D 615 -114.71 46.19 -34.59
CA LEU D 615 -115.69 45.37 -35.27
C LEU D 615 -117.08 45.98 -35.17
N LEU D 616 -117.43 46.53 -34.01
CA LEU D 616 -118.73 47.18 -33.85
C LEU D 616 -118.83 48.42 -34.74
N GLN D 617 -117.74 49.18 -34.86
CA GLN D 617 -117.75 50.33 -35.76
C GLN D 617 -117.99 49.88 -37.21
N GLY D 618 -117.33 48.81 -37.62
CA GLY D 618 -117.56 48.29 -38.97
C GLY D 618 -118.98 47.81 -39.18
N GLN D 619 -119.53 47.12 -38.18
CA GLN D 619 -120.91 46.64 -38.28
C GLN D 619 -121.89 47.81 -38.35
N ALA D 620 -121.62 48.87 -37.58
CA ALA D 620 -122.44 50.07 -37.67
C ALA D 620 -122.34 50.74 -39.03
N GLU D 621 -121.15 50.76 -39.64
CA GLU D 621 -121.03 51.29 -40.99
C GLU D 621 -121.84 50.46 -41.99
N LEU D 622 -121.81 49.13 -41.85
CA LEU D 622 -122.63 48.28 -42.70
C LEU D 622 -124.11 48.55 -42.50
N ALA D 623 -124.52 48.75 -41.24
CA ALA D 623 -125.91 49.08 -40.96
C ALA D 623 -126.28 50.42 -41.57
N LYS D 624 -125.36 51.38 -41.57
CA LYS D 624 -125.61 52.66 -42.22
C LYS D 624 -125.80 52.49 -43.72
N ALA D 625 -125.00 51.62 -44.35
CA ALA D 625 -125.19 51.35 -45.78
C ALA D 625 -126.54 50.71 -46.05
N GLN D 626 -126.93 49.73 -45.23
CA GLN D 626 -128.23 49.09 -45.39
C GLN D 626 -129.36 50.08 -45.17
N ASN D 627 -129.16 51.04 -44.27
CA ASN D 627 -130.14 52.10 -44.07
C ASN D 627 -130.21 53.02 -45.28
N GLN D 628 -129.06 53.28 -45.90
CA GLN D 628 -129.05 54.09 -47.12
C GLN D 628 -129.84 53.39 -48.23
N THR D 629 -129.78 52.07 -48.28
CA THR D 629 -130.60 51.34 -49.26
C THR D 629 -132.08 51.62 -49.05
N LEU D 630 -132.56 51.54 -47.80
CA LEU D 630 -133.97 51.81 -47.53
C LEU D 630 -134.30 53.28 -47.80
N SER D 631 -133.36 54.18 -47.53
CA SER D 631 -133.56 55.59 -47.84
C SER D 631 -133.76 55.79 -49.33
N LEU D 632 -133.00 55.07 -50.15
CA LEU D 632 -133.23 55.10 -51.59
C LEU D 632 -134.60 54.53 -51.94
N GLN D 633 -135.01 53.47 -51.24
CA GLN D 633 -136.31 52.87 -51.51
C GLN D 633 -137.45 53.87 -51.29
N ILE D 634 -137.31 54.73 -50.28
CA ILE D 634 -138.33 55.72 -49.94
C ILE D 634 -139.66 55.05 -49.63
N ASN E 6 -80.34 -11.03 51.77
CA ASN E 6 -80.84 -11.73 50.59
C ASN E 6 -80.79 -10.83 49.36
N ARG E 7 -81.50 -9.69 49.44
CA ARG E 7 -81.49 -8.72 48.35
C ARG E 7 -80.08 -8.18 48.12
N LEU E 8 -79.38 -7.82 49.20
CA LEU E 8 -78.02 -7.33 49.06
C LEU E 8 -77.11 -8.40 48.49
N GLU E 9 -77.33 -9.67 48.86
CA GLU E 9 -76.51 -10.74 48.32
C GLU E 9 -76.69 -10.86 46.81
N SER E 10 -77.93 -10.77 46.33
CA SER E 10 -78.18 -10.83 44.89
C SER E 10 -77.55 -9.65 44.18
N ILE E 11 -77.71 -8.45 44.74
CA ILE E 11 -77.14 -7.26 44.10
C ILE E 11 -75.62 -7.38 44.02
N LEU E 12 -74.98 -7.84 45.10
CA LEU E 12 -73.54 -7.97 45.09
C LEU E 12 -73.08 -9.08 44.16
N SER E 13 -73.86 -10.15 44.02
CA SER E 13 -73.51 -11.19 43.05
C SER E 13 -73.55 -10.66 41.63
N ARG E 14 -74.59 -9.89 41.30
CA ARG E 14 -74.66 -9.28 39.98
C ARG E 14 -73.49 -8.34 39.74
N PHE E 15 -73.16 -7.52 40.74
CA PHE E 15 -72.05 -6.58 40.59
C PHE E 15 -70.73 -7.31 40.44
N ASP E 16 -70.51 -8.38 41.20
CA ASP E 16 -69.29 -9.15 41.07
C ASP E 16 -69.16 -9.78 39.69
N ALA E 17 -70.26 -10.34 39.17
CA ALA E 17 -70.22 -10.91 37.83
C ALA E 17 -69.89 -9.85 36.79
N ASP E 18 -70.53 -8.68 36.88
CA ASP E 18 -70.29 -7.63 35.90
C ASP E 18 -68.87 -7.07 36.02
N TRP E 19 -68.33 -7.03 37.24
CA TRP E 19 -66.98 -6.52 37.44
C TRP E 19 -65.94 -7.49 36.90
N THR E 20 -66.11 -8.79 37.18
CA THR E 20 -65.13 -9.76 36.73
C THR E 20 -65.22 -10.02 35.23
N ALA E 21 -66.40 -9.79 34.64
CA ALA E 21 -66.56 -10.05 33.21
C ALA E 21 -65.88 -9.01 32.32
N SER E 22 -65.44 -7.88 32.88
CA SER E 22 -64.88 -6.78 32.09
C SER E 22 -63.60 -6.27 32.74
N ASP E 23 -62.68 -7.18 33.07
CA ASP E 23 -61.46 -6.80 33.76
C ASP E 23 -60.34 -6.37 32.80
N GLU E 24 -60.06 -7.17 31.77
CA GLU E 24 -58.94 -6.88 30.89
C GLU E 24 -59.12 -5.56 30.16
N ALA E 25 -60.32 -5.32 29.62
CA ALA E 25 -60.58 -4.07 28.92
C ALA E 25 -60.45 -2.87 29.84
N ARG E 26 -60.97 -3.00 31.06
CA ARG E 26 -60.86 -1.92 32.04
C ARG E 26 -59.41 -1.61 32.37
N ARG E 27 -58.61 -2.65 32.62
CA ARG E 27 -57.20 -2.43 32.95
C ARG E 27 -56.45 -1.80 31.79
N GLU E 28 -56.70 -2.27 30.56
CA GLU E 28 -56.02 -1.68 29.41
C GLU E 28 -56.45 -0.23 29.18
N ALA E 29 -57.74 0.09 29.37
CA ALA E 29 -58.18 1.47 29.21
C ALA E 29 -57.56 2.38 30.27
N LYS E 30 -57.48 1.90 31.52
CA LYS E 30 -56.84 2.70 32.56
C LYS E 30 -55.37 2.93 32.26
N ASN E 31 -54.68 1.90 31.78
CA ASN E 31 -53.29 2.06 31.39
C ASN E 31 -53.14 3.06 30.26
N ASP E 32 -54.07 3.03 29.29
CA ASP E 32 -54.03 3.99 28.20
C ASP E 32 -54.21 5.41 28.71
N LEU E 33 -55.16 5.61 29.63
CA LEU E 33 -55.40 6.94 30.18
C LEU E 33 -54.17 7.45 30.93
N PHE E 34 -53.56 6.59 31.75
CA PHE E 34 -52.37 6.99 32.48
C PHE E 34 -51.21 7.30 31.54
N PHE E 35 -51.05 6.50 30.49
CA PHE E 35 -49.97 6.73 29.53
C PHE E 35 -50.17 8.05 28.78
N SER E 36 -51.43 8.34 28.39
CA SER E 36 -51.69 9.52 27.57
C SER E 36 -51.67 10.81 28.38
N ARG E 37 -52.11 10.77 29.64
CA ARG E 37 -52.27 12.00 30.41
C ARG E 37 -51.11 12.29 31.36
N VAL E 38 -50.71 11.31 32.16
CA VAL E 38 -49.77 11.59 33.25
C VAL E 38 -48.33 11.49 32.79
N SER E 39 -47.91 10.29 32.37
CA SER E 39 -46.51 10.06 32.01
C SER E 39 -46.45 8.85 31.09
N GLN E 40 -45.26 8.61 30.54
CA GLN E 40 -45.05 7.55 29.56
C GLN E 40 -44.06 6.51 30.05
N TRP E 41 -43.74 6.50 31.34
CA TRP E 41 -42.81 5.54 31.94
C TRP E 41 -43.58 4.78 33.01
N ASP E 42 -44.24 3.68 32.61
CA ASP E 42 -45.06 2.89 33.51
C ASP E 42 -44.18 1.88 34.25
N ASP E 43 -43.28 2.43 35.07
CA ASP E 43 -42.37 1.62 35.86
C ASP E 43 -42.45 1.96 37.34
N TRP E 44 -43.66 2.28 37.82
CA TRP E 44 -43.83 2.55 39.24
C TRP E 44 -43.43 1.34 40.08
N LEU E 45 -43.77 0.14 39.63
CA LEU E 45 -43.32 -1.08 40.28
C LEU E 45 -41.85 -1.32 39.97
N SER E 46 -41.12 -1.81 40.98
CA SER E 46 -39.71 -2.16 40.87
C SER E 46 -38.83 -0.98 40.49
N GLN E 47 -39.22 0.24 40.83
CA GLN E 47 -38.40 1.42 40.59
C GLN E 47 -37.55 1.70 41.83
N TYR E 48 -36.89 2.86 41.86
CA TYR E 48 -36.09 3.37 42.97
C TYR E 48 -34.88 2.50 43.29
N THR E 49 -34.61 1.45 42.52
CA THR E 49 -33.44 0.63 42.79
C THR E 49 -32.15 1.35 42.35
N THR E 50 -32.20 2.07 41.23
CA THR E 50 -31.08 2.85 40.75
C THR E 50 -31.62 4.02 39.94
N LEU E 51 -30.98 5.17 40.05
CA LEU E 51 -31.42 6.40 39.40
C LEU E 51 -30.66 6.57 38.09
N GLN E 52 -31.41 6.68 36.99
CA GLN E 52 -30.82 6.87 35.67
C GLN E 52 -31.69 7.83 34.87
N TYR E 53 -31.09 8.40 33.83
CA TYR E 53 -31.80 9.36 32.97
C TYR E 53 -32.98 8.67 32.30
N ARG E 54 -34.14 9.33 32.32
CA ARG E 54 -35.35 8.83 31.70
C ARG E 54 -36.06 9.98 31.02
N GLY E 55 -35.78 10.20 29.74
CA GLY E 55 -36.39 11.29 29.01
C GLY E 55 -37.80 10.98 28.55
N GLN E 56 -38.51 12.00 28.08
CA GLN E 56 -39.88 11.86 27.59
C GLN E 56 -40.01 12.71 26.32
N PHE E 57 -39.76 12.08 25.17
CA PHE E 57 -39.81 12.76 23.88
C PHE E 57 -41.09 12.30 23.18
N ASP E 58 -42.19 12.99 23.47
CA ASP E 58 -43.50 12.57 23.04
C ASP E 58 -43.73 12.93 21.58
N VAL E 59 -44.42 12.05 20.86
CA VAL E 59 -44.67 12.23 19.43
C VAL E 59 -46.14 11.95 19.12
N VAL E 60 -46.86 11.36 20.08
CA VAL E 60 -48.24 10.94 19.84
C VAL E 60 -49.25 11.97 20.31
N ARG E 61 -48.88 12.87 21.22
CA ARG E 61 -49.76 13.91 21.75
C ARG E 61 -50.34 14.82 20.66
N PRO E 62 -49.54 15.26 19.66
CA PRO E 62 -50.13 16.09 18.60
C PRO E 62 -51.26 15.40 17.85
N VAL E 63 -51.20 14.08 17.68
CA VAL E 63 -52.28 13.37 16.99
C VAL E 63 -53.57 13.46 17.79
N VAL E 64 -53.48 13.23 19.10
CA VAL E 64 -54.67 13.32 19.95
C VAL E 64 -55.22 14.73 19.96
N ARG E 65 -54.33 15.72 20.03
CA ARG E 65 -54.77 17.12 20.00
C ARG E 65 -55.47 17.45 18.69
N LYS E 66 -54.92 16.99 17.57
CA LYS E 66 -55.53 17.25 16.28
C LYS E 66 -56.90 16.59 16.19
N LEU E 67 -57.03 15.36 16.68
CA LEU E 67 -58.32 14.68 16.61
C LEU E 67 -59.37 15.36 17.48
N VAL E 68 -59.00 15.76 18.69
CA VAL E 68 -59.99 16.40 19.55
C VAL E 68 -60.36 17.78 19.00
N SER E 69 -59.41 18.49 18.40
CA SER E 69 -59.74 19.76 17.75
C SER E 69 -60.67 19.54 16.56
N GLU E 70 -60.44 18.47 15.80
CA GLU E 70 -61.28 18.16 14.65
C GLU E 70 -62.71 17.85 15.07
N MET E 71 -62.89 17.05 16.13
CA MET E 71 -64.25 16.74 16.56
C MET E 71 -64.87 17.82 17.43
N ARG E 72 -64.10 18.83 17.85
CA ARG E 72 -64.70 19.96 18.54
C ARG E 72 -65.26 20.98 17.56
N GLN E 73 -64.85 20.90 16.29
CA GLN E 73 -65.29 21.86 15.29
C GLN E 73 -66.64 21.50 14.67
N ASN E 74 -67.16 20.31 14.93
CA ASN E 74 -68.41 19.84 14.34
C ASN E 74 -69.35 19.39 15.45
N PRO E 75 -70.05 20.33 16.09
CA PRO E 75 -70.98 19.95 17.16
C PRO E 75 -72.15 19.13 16.62
N ILE E 76 -72.65 18.26 17.47
CA ILE E 76 -73.77 17.38 17.13
C ILE E 76 -74.79 17.43 18.25
N ASP E 77 -76.07 17.57 17.88
CA ASP E 77 -77.15 17.59 18.84
C ASP E 77 -78.27 16.69 18.32
N VAL E 78 -79.39 16.69 19.04
CA VAL E 78 -80.55 15.86 18.70
C VAL E 78 -81.60 16.75 18.05
N LEU E 79 -82.12 16.32 16.91
CA LEU E 79 -83.15 17.06 16.19
C LEU E 79 -84.41 16.20 16.12
N TYR E 80 -85.39 16.53 16.94
CA TYR E 80 -86.66 15.81 16.96
C TYR E 80 -87.47 16.19 15.73
N ARG E 81 -87.97 15.18 15.01
CA ARG E 81 -88.81 15.42 13.85
C ARG E 81 -90.15 14.73 14.02
N PRO E 82 -91.24 15.32 13.53
CA PRO E 82 -92.55 14.69 13.65
C PRO E 82 -92.63 13.42 12.83
N LYS E 83 -93.42 12.47 13.32
CA LYS E 83 -93.63 11.22 12.60
C LYS E 83 -94.41 11.49 11.31
N ASP E 84 -94.33 10.53 10.38
CA ASP E 84 -94.94 10.71 9.07
C ASP E 84 -96.45 10.88 9.14
N GLY E 85 -97.11 10.10 10.01
CA GLY E 85 -98.57 10.19 10.11
C GLY E 85 -99.07 11.32 10.99
N ALA E 86 -98.18 12.01 11.70
CA ALA E 86 -98.59 13.06 12.61
C ALA E 86 -98.62 14.41 11.90
N ARG E 87 -98.95 15.46 12.66
CA ARG E 87 -98.99 16.81 12.13
C ARG E 87 -97.58 17.31 11.86
N PRO E 88 -97.43 18.32 11.02
CA PRO E 88 -96.08 18.87 10.77
C PRO E 88 -95.41 19.45 12.00
N ASP E 89 -96.17 20.06 12.92
CA ASP E 89 -95.61 20.67 14.13
C ASP E 89 -95.48 19.79 15.41
N ALA E 90 -95.71 18.50 15.32
CA ALA E 90 -95.68 17.65 16.49
C ALA E 90 -94.47 17.81 17.42
N ALA E 91 -93.33 18.09 16.83
CA ALA E 91 -92.03 18.09 17.47
C ALA E 91 -91.54 19.50 17.77
N ASP E 92 -92.46 20.41 18.09
CA ASP E 92 -92.10 21.80 18.35
C ASP E 92 -91.89 22.07 19.83
N VAL E 93 -92.89 21.76 20.66
CA VAL E 93 -92.78 22.06 22.09
C VAL E 93 -91.71 21.20 22.74
N LEU E 94 -91.63 19.92 22.35
CA LEU E 94 -90.57 19.07 22.90
C LEU E 94 -89.20 19.54 22.47
N MET E 95 -89.08 20.01 21.23
CA MET E 95 -87.80 20.56 20.77
C MET E 95 -87.42 21.81 21.55
N GLY E 96 -88.39 22.69 21.79
CA GLY E 96 -88.11 23.86 22.60
C GLY E 96 -87.66 23.51 24.01
N MET E 97 -88.32 22.50 24.60
CA MET E 97 -87.91 22.04 25.93
C MET E 97 -86.50 21.46 25.90
N TYR E 98 -86.16 20.71 24.85
CA TYR E 98 -84.81 20.16 24.74
C TYR E 98 -83.78 21.26 24.64
N ARG E 99 -84.05 22.28 23.82
CA ARG E 99 -83.11 23.40 23.71
C ARG E 99 -82.98 24.15 25.03
N THR E 100 -84.10 24.34 25.74
CA THR E 100 -84.05 25.05 27.01
C THR E 100 -83.25 24.28 28.06
N ASP E 101 -83.44 22.95 28.13
CA ASP E 101 -82.80 22.18 29.19
C ASP E 101 -81.30 22.01 28.95
N MET E 102 -80.90 21.71 27.71
CA MET E 102 -79.52 21.36 27.39
C MET E 102 -78.76 22.53 26.78
N ARG E 103 -79.02 23.75 27.26
CA ARG E 103 -78.35 24.93 26.72
C ARG E 103 -77.17 25.37 27.58
N HIS E 104 -77.14 25.00 28.86
CA HIS E 104 -76.14 25.52 29.79
C HIS E 104 -74.77 24.89 29.49
N ASN E 105 -73.78 25.25 30.31
CA ASN E 105 -72.41 24.79 30.08
C ASN E 105 -72.22 23.33 30.47
N THR E 106 -73.06 22.81 31.36
CA THR E 106 -72.85 21.45 31.87
C THR E 106 -72.94 20.42 30.75
N ALA E 107 -73.93 20.56 29.86
CA ALA E 107 -74.10 19.60 28.78
C ALA E 107 -72.89 19.63 27.84
N LYS E 108 -72.43 20.82 27.46
CA LYS E 108 -71.28 20.93 26.57
C LYS E 108 -70.04 20.34 27.21
N ILE E 109 -69.83 20.62 28.50
CA ILE E 109 -68.66 20.09 29.19
C ILE E 109 -68.72 18.56 29.25
N ALA E 110 -69.90 18.00 29.54
CA ALA E 110 -70.04 16.55 29.59
C ALA E 110 -69.75 15.91 28.24
N VAL E 111 -70.29 16.49 27.17
CA VAL E 111 -70.06 15.94 25.84
C VAL E 111 -68.58 16.03 25.47
N ASN E 112 -67.93 17.16 25.79
CA ASN E 112 -66.51 17.30 25.47
C ASN E 112 -65.67 16.30 26.26
N ILE E 113 -65.98 16.10 27.53
CA ILE E 113 -65.25 15.11 28.33
C ILE E 113 -65.42 13.72 27.74
N ALA E 114 -66.65 13.36 27.37
CA ALA E 114 -66.90 12.05 26.79
C ALA E 114 -66.13 11.87 25.49
N VAL E 115 -66.10 12.92 24.65
CA VAL E 115 -65.40 12.83 23.37
C VAL E 115 -63.90 12.65 23.59
N ARG E 116 -63.31 13.41 24.51
CA ARG E 116 -61.89 13.25 24.78
C ARG E 116 -61.57 11.87 25.33
N GLU E 117 -62.39 11.37 26.25
CA GLU E 117 -62.18 10.02 26.76
C GLU E 117 -62.26 9.00 25.64
N GLN E 118 -63.27 9.12 24.78
CA GLN E 118 -63.43 8.18 23.67
C GLN E 118 -62.22 8.20 22.76
N ILE E 119 -61.67 9.38 22.49
CA ILE E 119 -60.48 9.47 21.64
C ILE E 119 -59.30 8.78 22.31
N GLU E 120 -59.08 9.03 23.61
CA GLU E 120 -57.91 8.46 24.27
C GLU E 120 -58.07 6.98 24.55
N ALA E 121 -59.06 6.62 25.37
CA ALA E 121 -59.37 5.22 25.68
C ALA E 121 -60.83 4.98 25.34
N GLY E 122 -61.09 4.03 24.46
CA GLY E 122 -62.36 4.03 23.75
C GLY E 122 -63.59 3.68 24.57
N VAL E 123 -63.93 4.56 25.52
CA VAL E 123 -65.19 4.46 26.27
C VAL E 123 -65.43 5.78 26.99
N GLY E 124 -66.69 6.19 27.09
CA GLY E 124 -67.07 7.39 27.81
C GLY E 124 -68.54 7.36 28.09
N ALA E 125 -68.98 8.26 28.97
CA ALA E 125 -70.39 8.28 29.36
C ALA E 125 -70.74 9.64 29.94
N TRP E 126 -72.05 9.88 30.04
CA TRP E 126 -72.59 11.04 30.72
C TRP E 126 -74.05 10.74 31.07
N ARG E 127 -74.46 11.17 32.27
CA ARG E 127 -75.77 10.83 32.81
C ARG E 127 -76.70 12.03 32.74
N LEU E 128 -78.00 11.73 32.74
CA LEU E 128 -79.04 12.74 32.78
C LEU E 128 -79.71 12.71 34.15
N VAL E 129 -79.72 13.85 34.84
CA VAL E 129 -80.22 13.94 36.19
C VAL E 129 -81.27 15.05 36.26
N THR E 130 -82.41 14.73 36.87
CA THR E 130 -83.47 15.70 37.11
C THR E 130 -83.25 16.40 38.44
N ASP E 131 -83.94 17.52 38.63
CA ASP E 131 -83.75 18.34 39.82
C ASP E 131 -84.98 19.21 40.02
N TYR E 132 -85.10 19.75 41.23
CA TYR E 132 -86.18 20.65 41.59
C TYR E 132 -85.69 22.09 41.51
N GLU E 133 -86.47 22.95 40.83
CA GLU E 133 -86.12 24.35 40.70
C GLU E 133 -87.40 25.17 40.67
N ASP E 134 -87.37 26.33 41.34
CA ASP E 134 -88.54 27.21 41.41
C ASP E 134 -88.33 28.57 40.78
N GLN E 135 -87.10 29.09 40.77
CA GLN E 135 -86.86 30.43 40.23
C GLN E 135 -87.02 30.46 38.72
N SER E 136 -86.43 29.49 38.01
CA SER E 136 -86.51 29.42 36.55
C SER E 136 -86.86 28.01 36.12
N PRO E 137 -88.09 27.57 36.35
CA PRO E 137 -88.51 26.25 35.88
C PRO E 137 -88.65 26.20 34.37
N THR E 138 -88.50 25.00 33.82
CA THR E 138 -88.59 24.85 32.37
C THR E 138 -90.05 24.78 31.92
N SER E 139 -90.76 23.74 32.32
CA SER E 139 -92.21 23.68 32.16
C SER E 139 -92.92 23.50 33.50
N ASN E 140 -92.56 22.48 34.25
CA ASN E 140 -93.03 22.27 35.61
C ASN E 140 -91.90 22.62 36.57
N ASN E 141 -92.11 22.37 37.86
CA ASN E 141 -91.07 22.71 38.83
C ASN E 141 -89.99 21.64 38.87
N GLN E 142 -89.48 21.27 37.69
CA GLN E 142 -88.35 20.36 37.57
C GLN E 142 -87.48 20.81 36.40
N VAL E 143 -86.20 20.47 36.47
CA VAL E 143 -85.24 20.80 35.42
C VAL E 143 -84.38 19.58 35.16
N ILE E 144 -84.18 19.26 33.88
CA ILE E 144 -83.34 18.14 33.47
C ILE E 144 -81.98 18.68 33.06
N ARG E 145 -80.93 18.09 33.62
CA ARG E 145 -79.57 18.52 33.35
C ARG E 145 -78.68 17.30 33.12
N ARG E 146 -77.72 17.45 32.22
CA ARG E 146 -76.69 16.43 32.07
C ARG E 146 -75.70 16.51 33.22
N GLU E 147 -74.89 15.45 33.36
CA GLU E 147 -73.86 15.41 34.37
C GLU E 147 -72.71 14.58 33.81
N PRO E 148 -71.46 14.98 34.06
CA PRO E 148 -70.32 14.25 33.49
C PRO E 148 -69.81 13.14 34.40
N ILE E 149 -69.37 12.07 33.75
CA ILE E 149 -68.68 10.97 34.41
C ILE E 149 -67.26 10.94 33.88
N HIS E 150 -66.29 11.20 34.74
CA HIS E 150 -64.95 11.54 34.28
C HIS E 150 -64.17 10.34 33.80
N SER E 151 -64.30 9.19 34.47
CA SER E 151 -63.60 7.97 34.08
C SER E 151 -64.63 6.86 33.93
N ALA E 152 -65.24 6.77 32.75
CA ALA E 152 -66.21 5.71 32.49
C ALA E 152 -65.55 4.34 32.35
N CYS E 153 -64.22 4.29 32.29
CA CYS E 153 -63.54 3.01 32.19
C CYS E 153 -63.80 2.14 33.41
N SER E 154 -63.75 2.72 34.61
CA SER E 154 -63.87 1.96 35.85
C SER E 154 -65.02 2.39 36.73
N HIS E 155 -65.63 3.55 36.51
CA HIS E 155 -66.71 4.01 37.37
C HIS E 155 -68.06 3.49 36.91
N VAL E 156 -68.29 3.41 35.59
CA VAL E 156 -69.54 2.89 35.06
C VAL E 156 -69.33 1.43 34.68
N ILE E 157 -70.18 0.56 35.22
CA ILE E 157 -70.10 -0.88 35.00
C ILE E 157 -71.46 -1.33 34.45
N TRP E 158 -71.45 -1.83 33.23
CA TRP E 158 -72.69 -2.21 32.56
C TRP E 158 -72.96 -3.69 32.75
N ASP E 159 -74.13 -4.13 32.28
CA ASP E 159 -74.49 -5.54 32.35
C ASP E 159 -73.60 -6.35 31.42
N SER E 160 -73.16 -7.51 31.90
CA SER E 160 -72.28 -8.36 31.10
C SER E 160 -73.00 -9.04 29.96
N ASN E 161 -74.33 -9.12 30.02
CA ASN E 161 -75.12 -9.77 28.98
C ASN E 161 -75.53 -8.81 27.87
N SER E 162 -75.22 -7.52 28.01
CA SER E 162 -75.57 -6.54 26.99
C SER E 162 -74.82 -6.84 25.69
N LYS E 163 -75.48 -6.53 24.56
CA LYS E 163 -74.93 -6.84 23.25
C LYS E 163 -74.87 -5.65 22.30
N LEU E 164 -75.53 -4.53 22.61
CA LEU E 164 -75.53 -3.38 21.73
C LEU E 164 -74.46 -2.37 22.13
N MET E 165 -74.18 -1.43 21.24
CA MET E 165 -73.19 -0.41 21.50
C MET E 165 -73.69 0.63 22.50
N ASP E 166 -74.96 1.02 22.38
CA ASP E 166 -75.54 2.00 23.28
C ASP E 166 -76.15 1.38 24.52
N LYS E 167 -76.03 0.06 24.68
CA LYS E 167 -76.52 -0.66 25.87
C LYS E 167 -78.01 -0.45 26.07
N SER E 168 -78.77 -0.53 24.98
CA SER E 168 -80.22 -0.41 25.08
C SER E 168 -80.82 -1.59 25.83
N ASP E 169 -80.31 -2.80 25.60
CA ASP E 169 -80.81 -4.00 26.25
C ASP E 169 -79.91 -4.34 27.44
N ALA E 170 -80.08 -3.57 28.51
CA ALA E 170 -79.34 -3.78 29.74
C ALA E 170 -80.28 -3.60 30.92
N ARG E 171 -80.04 -4.36 31.99
CA ARG E 171 -80.86 -4.30 33.19
C ARG E 171 -80.06 -3.93 34.43
N HIS E 172 -78.75 -3.76 34.32
CA HIS E 172 -77.91 -3.34 35.43
C HIS E 172 -77.02 -2.19 34.99
N CYS E 173 -76.72 -1.31 35.94
CA CYS E 173 -75.76 -0.24 35.72
C CYS E 173 -75.30 0.27 37.07
N THR E 174 -74.02 0.08 37.37
CA THR E 174 -73.44 0.46 38.65
C THR E 174 -72.49 1.62 38.45
N VAL E 175 -72.72 2.72 39.16
CA VAL E 175 -71.86 3.90 39.13
C VAL E 175 -71.18 4.02 40.49
N ILE E 176 -69.87 3.90 40.52
CA ILE E 176 -69.09 3.91 41.75
C ILE E 176 -68.63 5.34 42.00
N HIS E 177 -69.37 6.06 42.84
CA HIS E 177 -69.02 7.43 43.18
C HIS E 177 -67.75 7.45 44.03
N SER E 178 -66.90 8.45 43.78
CA SER E 178 -65.71 8.70 44.59
C SER E 178 -65.73 10.17 45.00
N MET E 179 -65.78 10.43 46.30
CA MET E 179 -65.98 11.78 46.82
C MET E 179 -65.19 11.97 48.11
N SER E 180 -64.92 13.24 48.42
CA SER E 180 -64.12 13.60 49.58
C SER E 180 -64.97 13.62 50.84
N GLN E 181 -64.33 13.96 51.97
CA GLN E 181 -65.02 13.95 53.25
C GLN E 181 -66.15 14.97 53.29
N ASN E 182 -65.84 16.23 52.93
CA ASN E 182 -66.89 17.24 52.86
C ASN E 182 -67.90 16.90 51.76
N GLY E 183 -67.43 16.36 50.64
CA GLY E 183 -68.33 15.88 49.62
C GLY E 183 -69.26 14.79 50.14
N TRP E 184 -68.71 13.87 50.95
CA TRP E 184 -69.54 12.84 51.55
C TRP E 184 -70.57 13.42 52.50
N GLU E 185 -70.17 14.41 53.30
CA GLU E 185 -71.12 15.04 54.21
C GLU E 185 -72.24 15.72 53.45
N ASP E 186 -71.91 16.44 52.38
CA ASP E 186 -72.96 17.09 51.58
C ASP E 186 -73.85 16.06 50.88
N PHE E 187 -73.25 14.96 50.40
CA PHE E 187 -74.03 13.90 49.76
C PHE E 187 -75.00 13.28 50.76
N ALA E 188 -74.55 13.04 51.99
CA ALA E 188 -75.45 12.53 53.02
C ALA E 188 -76.54 13.53 53.37
N GLU E 189 -76.20 14.81 53.39
CA GLU E 189 -77.22 15.83 53.65
C GLU E 189 -78.27 15.88 52.55
N LYS E 190 -77.86 15.71 51.28
CA LYS E 190 -78.81 15.80 50.18
C LYS E 190 -79.88 14.72 50.27
N TYR E 191 -79.47 13.49 50.54
CA TYR E 191 -80.40 12.39 50.75
C TYR E 191 -80.74 12.29 52.24
N ASP E 192 -81.38 11.18 52.63
CA ASP E 192 -81.74 10.95 54.02
C ASP E 192 -80.69 10.11 54.75
N LEU E 193 -79.50 9.97 54.17
CA LEU E 193 -78.44 9.19 54.78
C LEU E 193 -77.86 9.95 55.98
N ASP E 194 -77.11 9.23 56.80
CA ASP E 194 -76.43 9.80 57.96
C ASP E 194 -74.94 9.97 57.67
N ALA E 195 -74.37 11.07 58.14
CA ALA E 195 -72.98 11.39 57.90
C ALA E 195 -72.03 10.80 58.94
N ASP E 196 -72.50 9.93 59.83
CA ASP E 196 -71.64 9.42 60.90
C ASP E 196 -70.91 8.14 60.53
N ASP E 197 -71.50 7.27 59.72
CA ASP E 197 -70.84 6.04 59.29
C ASP E 197 -70.21 6.26 57.92
N ILE E 198 -69.00 5.75 57.74
CA ILE E 198 -68.25 5.94 56.51
C ILE E 198 -68.55 4.80 55.55
N PRO E 199 -69.11 5.08 54.37
CA PRO E 199 -69.37 4.01 53.40
C PRO E 199 -68.07 3.56 52.74
N SER E 200 -68.14 2.38 52.14
CA SER E 200 -67.00 1.80 51.44
C SER E 200 -67.50 0.94 50.30
N PHE E 201 -66.65 0.74 49.30
CA PHE E 201 -66.99 -0.06 48.14
C PHE E 201 -65.69 -0.44 47.43
N GLN E 202 -65.81 -1.00 46.22
CA GLN E 202 -64.65 -1.35 45.43
C GLN E 202 -63.86 -0.10 45.09
N ASN E 203 -62.54 -0.26 45.02
CA ASN E 203 -61.64 0.85 44.69
C ASN E 203 -61.33 0.83 43.21
N PRO E 204 -61.93 1.70 42.40
CA PRO E 204 -61.66 1.68 40.95
C PRO E 204 -60.23 2.10 40.62
N ASN E 205 -59.80 3.22 41.17
CA ASN E 205 -58.47 3.74 40.93
C ASN E 205 -57.43 2.90 41.67
N ASP E 206 -56.16 3.24 41.45
CA ASP E 206 -55.05 2.49 42.04
C ASP E 206 -53.97 3.46 42.49
N TRP E 207 -53.10 2.97 43.37
CA TRP E 207 -52.03 3.76 43.96
C TRP E 207 -50.73 3.46 43.20
N VAL E 208 -50.58 4.11 42.05
CA VAL E 208 -49.44 3.85 41.17
C VAL E 208 -48.71 5.13 40.82
N PHE E 209 -48.83 6.15 41.68
CA PHE E 209 -48.18 7.42 41.43
C PHE E 209 -47.77 8.03 42.76
N PRO E 210 -46.72 8.85 42.79
CA PRO E 210 -46.35 9.52 44.05
C PRO E 210 -47.35 10.59 44.47
N TRP E 211 -48.61 10.21 44.63
CA TRP E 211 -49.65 11.12 45.08
C TRP E 211 -49.63 11.20 46.60
N LEU E 212 -50.20 12.29 47.14
CA LEU E 212 -50.15 12.52 48.58
C LEU E 212 -51.36 11.91 49.28
N THR E 213 -52.57 12.27 48.86
CA THR E 213 -53.79 11.87 49.54
C THR E 213 -54.79 11.33 48.54
N GLN E 214 -55.79 10.62 49.08
CA GLN E 214 -56.92 10.12 48.31
C GLN E 214 -58.19 10.29 49.14
N ASP E 215 -59.33 10.25 48.46
CA ASP E 215 -60.60 10.43 49.15
C ASP E 215 -60.94 9.22 50.02
N THR E 216 -60.76 8.02 49.47
CA THR E 216 -60.99 6.76 50.19
C THR E 216 -62.42 6.70 50.75
N ILE E 217 -63.39 7.20 49.98
CA ILE E 217 -64.80 7.13 50.32
C ILE E 217 -65.55 6.80 49.03
N GLN E 218 -65.96 5.55 48.88
CA GLN E 218 -66.60 5.08 47.65
C GLN E 218 -68.00 4.57 47.98
N ILE E 219 -69.00 5.07 47.26
CA ILE E 219 -70.36 4.58 47.34
C ILE E 219 -70.85 4.32 45.92
N ALA E 220 -71.88 3.48 45.80
CA ALA E 220 -72.35 3.03 44.51
C ALA E 220 -73.85 3.23 44.38
N GLU E 221 -74.30 3.32 43.13
CA GLU E 221 -75.71 3.42 42.79
C GLU E 221 -76.06 2.31 41.82
N PHE E 222 -77.22 1.69 42.01
CA PHE E 222 -77.61 0.50 41.26
C PHE E 222 -78.92 0.77 40.54
N TYR E 223 -78.88 0.83 39.21
CA TYR E 223 -80.07 1.02 38.39
C TYR E 223 -80.53 -0.31 37.83
N GLU E 224 -81.85 -0.51 37.82
CA GLU E 224 -82.43 -1.72 37.25
C GLU E 224 -83.73 -1.36 36.53
N VAL E 225 -84.08 -2.18 35.55
CA VAL E 225 -85.25 -1.97 34.70
C VAL E 225 -86.08 -3.24 34.70
N VAL E 226 -87.40 -3.08 34.87
CA VAL E 226 -88.32 -4.21 34.91
C VAL E 226 -89.48 -3.94 33.98
N GLU E 227 -90.15 -5.02 33.57
CA GLU E 227 -91.37 -4.96 32.77
C GLU E 227 -92.43 -5.80 33.47
N LYS E 228 -93.58 -5.20 33.74
CA LYS E 228 -94.59 -5.83 34.58
C LYS E 228 -96.00 -5.82 33.99
N LYS E 229 -96.25 -5.01 32.97
CA LYS E 229 -97.57 -4.91 32.33
C LYS E 229 -98.63 -4.47 33.35
N GLU E 230 -98.45 -3.25 33.84
CA GLU E 230 -99.35 -2.66 34.80
C GLU E 230 -100.66 -2.23 34.13
N THR E 231 -101.60 -1.75 34.93
CA THR E 231 -102.92 -1.40 34.45
C THR E 231 -103.01 0.09 34.10
N ALA E 232 -104.10 0.46 33.44
CA ALA E 232 -104.33 1.84 33.02
C ALA E 232 -105.83 2.10 32.99
N PHE E 233 -106.19 3.36 33.24
CA PHE E 233 -107.58 3.78 33.26
C PHE E 233 -107.89 4.59 32.00
N ILE E 234 -109.02 4.31 31.37
CA ILE E 234 -109.48 5.02 30.19
C ILE E 234 -110.58 5.98 30.64
N TYR E 235 -110.28 7.27 30.63
CA TYR E 235 -111.22 8.30 31.02
C TYR E 235 -111.81 8.97 29.79
N GLN E 236 -112.75 9.88 30.03
CA GLN E 236 -113.37 10.67 28.97
C GLN E 236 -113.01 12.14 29.17
N ASP E 237 -112.42 12.74 28.15
CA ASP E 237 -112.06 14.15 28.21
C ASP E 237 -113.33 15.00 28.20
N PRO E 238 -113.57 15.82 29.22
CA PRO E 238 -114.81 16.61 29.22
C PRO E 238 -114.75 17.88 28.39
N VAL E 239 -113.57 18.29 27.92
CA VAL E 239 -113.48 19.43 27.02
C VAL E 239 -113.92 19.01 25.62
N THR E 240 -113.29 17.97 25.08
CA THR E 240 -113.64 17.41 23.78
C THR E 240 -113.94 15.91 23.95
N GLY E 241 -114.95 15.44 23.25
CA GLY E 241 -115.43 14.08 23.44
C GLY E 241 -114.51 13.03 22.85
N GLU E 242 -113.32 12.88 23.42
CA GLU E 242 -112.36 11.87 23.00
C GLU E 242 -111.85 11.11 24.20
N PRO E 243 -111.57 9.80 24.05
CA PRO E 243 -111.07 9.02 25.18
C PRO E 243 -109.60 9.31 25.47
N VAL E 244 -109.26 9.29 26.75
CA VAL E 244 -107.89 9.48 27.20
C VAL E 244 -107.53 8.34 28.15
N SER E 245 -106.25 7.98 28.15
CA SER E 245 -105.73 6.90 28.97
C SER E 245 -104.66 7.42 29.91
N TYR E 246 -104.80 7.12 31.20
CA TYR E 246 -103.84 7.51 32.21
C TYR E 246 -103.46 6.29 33.04
N PHE E 247 -102.17 6.17 33.35
CA PHE E 247 -101.71 5.07 34.18
C PHE E 247 -102.28 5.19 35.59
N LYS E 248 -102.63 4.06 36.19
CA LYS E 248 -103.21 4.07 37.53
C LYS E 248 -102.22 4.56 38.57
N ARG E 249 -100.95 4.17 38.46
CA ARG E 249 -99.95 4.56 39.45
C ARG E 249 -99.73 6.06 39.46
N ASP E 250 -99.71 6.71 38.30
CA ASP E 250 -99.43 8.14 38.23
C ASP E 250 -100.56 8.95 38.86
N ILE E 251 -101.81 8.54 38.66
CA ILE E 251 -102.96 9.27 39.18
C ILE E 251 -103.61 8.54 40.36
N LYS E 252 -102.83 7.76 41.10
CA LYS E 252 -103.39 6.93 42.18
C LYS E 252 -104.05 7.77 43.26
N ASP E 253 -103.52 8.97 43.52
CA ASP E 253 -104.05 9.83 44.57
C ASP E 253 -104.96 10.93 44.05
N VAL E 254 -105.42 10.83 42.80
CA VAL E 254 -106.15 11.92 42.17
C VAL E 254 -107.46 11.38 41.59
N ILE E 255 -107.68 10.07 41.78
CA ILE E 255 -108.85 9.43 41.17
C ILE E 255 -110.14 10.10 41.63
N ASP E 256 -110.26 10.36 42.93
CA ASP E 256 -111.45 11.04 43.43
C ASP E 256 -111.56 12.46 42.88
N ASP E 257 -110.44 13.18 42.80
CA ASP E 257 -110.47 14.53 42.22
C ASP E 257 -110.86 14.48 40.75
N LEU E 258 -110.34 13.51 40.00
CA LEU E 258 -110.71 13.38 38.60
C LEU E 258 -112.19 13.07 38.45
N ALA E 259 -112.72 12.23 39.33
CA ALA E 259 -114.16 11.95 39.32
C ALA E 259 -114.96 13.19 39.68
N ASP E 260 -114.42 14.06 40.53
CA ASP E 260 -115.11 15.30 40.87
C ASP E 260 -115.30 16.19 39.65
N SER E 261 -114.31 16.25 38.77
CA SER E 261 -114.41 17.03 37.54
C SER E 261 -115.25 16.28 36.51
N GLY E 262 -115.23 16.74 35.26
CA GLY E 262 -116.03 16.11 34.22
C GLY E 262 -115.51 14.77 33.74
N PHE E 263 -114.32 14.36 34.18
CA PHE E 263 -113.78 13.07 33.78
C PHE E 263 -114.64 11.93 34.30
N ILE E 264 -114.93 10.96 33.42
CA ILE E 264 -115.69 9.77 33.78
C ILE E 264 -114.95 8.55 33.24
N LYS E 265 -114.94 7.47 34.02
CA LYS E 265 -114.24 6.26 33.61
C LYS E 265 -115.06 5.50 32.58
N ILE E 266 -114.38 4.95 31.57
CA ILE E 266 -115.03 4.20 30.50
C ILE E 266 -114.68 2.73 30.58
N ALA E 267 -113.40 2.39 30.64
CA ALA E 267 -112.96 1.00 30.68
C ALA E 267 -111.60 0.94 31.34
N GLU E 268 -111.12 -0.28 31.56
CA GLU E 268 -109.81 -0.53 32.17
C GLU E 268 -109.02 -1.47 31.27
N ARG E 269 -107.77 -1.14 31.03
CA ARG E 269 -106.88 -1.93 30.19
C ARG E 269 -105.59 -2.22 30.95
N GLN E 270 -104.70 -2.97 30.30
CA GLN E 270 -103.40 -3.31 30.85
C GLN E 270 -102.35 -3.07 29.78
N ILE E 271 -101.44 -2.14 30.03
CA ILE E 271 -100.41 -1.75 29.07
C ILE E 271 -99.05 -1.97 29.69
N LYS E 272 -98.17 -2.65 28.96
CA LYS E 272 -96.82 -2.91 29.44
C LYS E 272 -95.94 -1.69 29.26
N ARG E 273 -95.12 -1.41 30.28
CA ARG E 273 -94.26 -0.24 30.27
C ARG E 273 -93.09 -0.49 31.21
N ARG E 274 -91.90 -0.09 30.77
CA ARG E 274 -90.70 -0.26 31.57
C ARG E 274 -90.67 0.75 32.72
N ARG E 275 -89.95 0.37 33.78
CA ARG E 275 -89.76 1.25 34.93
C ARG E 275 -88.32 1.13 35.40
N VAL E 276 -87.80 2.20 35.98
CA VAL E 276 -86.42 2.27 36.42
C VAL E 276 -86.39 2.50 37.92
N TYR E 277 -85.61 1.67 38.63
CA TYR E 277 -85.44 1.77 40.07
C TYR E 277 -83.97 1.98 40.40
N LYS E 278 -83.71 2.80 41.41
CA LYS E 278 -82.35 3.12 41.84
C LYS E 278 -82.20 2.81 43.32
N SER E 279 -81.12 2.10 43.66
CA SER E 279 -80.79 1.78 45.04
C SER E 279 -79.32 2.10 45.29
N ILE E 280 -79.00 2.36 46.56
CA ILE E 280 -77.66 2.74 46.97
C ILE E 280 -77.08 1.63 47.84
N ILE E 281 -75.91 1.11 47.46
CA ILE E 281 -75.28 0.02 48.17
C ILE E 281 -73.92 0.49 48.67
N THR E 282 -73.45 -0.18 49.75
CA THR E 282 -72.14 0.15 50.30
C THR E 282 -71.35 -1.09 50.72
N CYS E 283 -71.56 -2.21 50.02
CA CYS E 283 -70.81 -3.46 50.18
C CYS E 283 -71.08 -4.15 51.51
N THR E 284 -71.86 -3.54 52.41
CA THR E 284 -72.17 -4.16 53.69
C THR E 284 -73.68 -4.16 53.93
N ALA E 285 -74.36 -3.14 53.42
CA ALA E 285 -75.80 -3.02 53.58
C ALA E 285 -76.33 -2.07 52.52
N VAL E 286 -77.64 -2.08 52.36
CA VAL E 286 -78.32 -1.17 51.43
C VAL E 286 -78.84 0.02 52.23
N LEU E 287 -78.48 1.23 51.77
CA LEU E 287 -78.92 2.45 52.45
C LEU E 287 -80.32 2.86 52.04
N LYS E 288 -80.57 3.00 50.73
CA LYS E 288 -81.89 3.25 50.20
C LYS E 288 -82.22 2.16 49.20
N ASP E 289 -83.44 1.63 49.27
CA ASP E 289 -83.83 0.45 48.50
C ASP E 289 -84.94 0.83 47.52
N LYS E 290 -84.66 0.69 46.23
CA LYS E 290 -85.66 0.75 45.16
C LYS E 290 -86.42 2.08 45.17
N GLN E 291 -85.69 3.15 44.91
CA GLN E 291 -86.33 4.43 44.64
C GLN E 291 -86.76 4.51 43.18
N LEU E 292 -87.94 5.07 42.96
CA LEU E 292 -88.55 5.10 41.63
C LEU E 292 -88.03 6.30 40.86
N ILE E 293 -87.12 6.07 39.92
CA ILE E 293 -86.62 7.12 39.03
C ILE E 293 -87.70 7.46 38.01
N ALA E 294 -87.77 8.74 37.65
CA ALA E 294 -88.81 9.20 36.75
C ALA E 294 -88.63 8.66 35.33
N GLY E 295 -87.43 8.23 34.97
CA GLY E 295 -87.18 7.79 33.62
C GLY E 295 -87.81 6.44 33.32
N GLU E 296 -87.58 5.99 32.08
CA GLU E 296 -87.97 4.66 31.64
C GLU E 296 -86.78 3.83 31.18
N HIS E 297 -85.64 4.45 30.92
CA HIS E 297 -84.41 3.77 30.55
C HIS E 297 -83.32 4.19 31.55
N ILE E 298 -82.21 3.46 31.54
CA ILE E 298 -81.08 3.81 32.41
C ILE E 298 -80.49 5.13 31.92
N PRO E 299 -80.37 6.14 32.78
CA PRO E 299 -79.94 7.47 32.31
C PRO E 299 -78.58 7.50 31.65
N ILE E 300 -77.65 6.63 32.05
CA ILE E 300 -76.28 6.71 31.54
C ILE E 300 -76.26 6.42 30.05
N VAL E 301 -75.58 7.29 29.30
CA VAL E 301 -75.46 7.18 27.85
C VAL E 301 -73.99 6.96 27.52
N PRO E 302 -73.62 5.79 26.97
CA PRO E 302 -72.20 5.53 26.71
C PRO E 302 -71.76 5.85 25.29
N VAL E 303 -70.49 6.21 25.13
CA VAL E 303 -69.83 6.32 23.83
C VAL E 303 -68.67 5.34 23.82
N PHE E 304 -68.35 4.82 22.64
CA PHE E 304 -67.37 3.75 22.54
C PHE E 304 -66.34 4.06 21.45
N GLY E 305 -65.14 3.50 21.61
CA GLY E 305 -64.05 3.84 20.73
C GLY E 305 -64.23 3.35 19.31
N GLU E 306 -64.11 2.05 19.08
CA GLU E 306 -64.56 1.58 17.77
C GLU E 306 -65.73 0.61 17.92
N TRP E 307 -65.45 -0.61 18.39
CA TRP E 307 -66.41 -1.56 18.94
C TRP E 307 -65.66 -2.89 19.12
N GLY E 308 -66.32 -3.91 19.68
CA GLY E 308 -65.79 -5.25 19.49
C GLY E 308 -66.17 -6.32 20.50
N PHE E 309 -66.52 -7.49 19.98
CA PHE E 309 -66.64 -8.73 20.75
C PHE E 309 -65.78 -9.77 20.03
N VAL E 310 -64.74 -10.27 20.68
CA VAL E 310 -63.80 -11.16 20.01
C VAL E 310 -64.25 -12.62 20.12
N GLU E 311 -64.35 -13.16 21.34
CA GLU E 311 -64.90 -14.49 21.54
C GLU E 311 -66.18 -14.46 22.35
N ASP E 312 -66.14 -13.94 23.58
CA ASP E 312 -67.36 -13.70 24.33
C ASP E 312 -67.19 -12.45 25.21
N LYS E 313 -66.07 -11.74 25.09
CA LYS E 313 -65.78 -10.61 25.94
C LYS E 313 -65.57 -9.36 25.10
N GLU E 314 -66.15 -8.25 25.55
CA GLU E 314 -66.08 -7.00 24.81
C GLU E 314 -64.66 -6.44 24.82
N VAL E 315 -64.27 -5.88 23.68
CA VAL E 315 -62.99 -5.18 23.54
C VAL E 315 -63.23 -3.87 22.82
N TYR E 316 -62.67 -2.79 23.34
CA TYR E 316 -62.73 -1.49 22.69
C TYR E 316 -61.33 -0.89 22.62
N GLU E 317 -61.13 -0.01 21.65
CA GLU E 317 -59.81 0.54 21.33
C GLU E 317 -59.96 2.02 20.99
N GLY E 318 -58.86 2.76 21.14
CA GLY E 318 -58.84 4.16 20.78
C GLY E 318 -57.76 4.49 19.77
N VAL E 319 -56.88 5.43 20.11
CA VAL E 319 -55.77 5.79 19.23
C VAL E 319 -54.42 5.43 19.83
N VAL E 320 -54.32 5.28 21.14
CA VAL E 320 -53.02 5.12 21.80
C VAL E 320 -52.62 3.65 21.95
N ARG E 321 -53.55 2.71 21.74
CA ARG E 321 -53.26 1.30 22.02
C ARG E 321 -52.10 0.79 21.17
N LEU E 322 -52.09 1.11 19.88
CA LEU E 322 -51.09 0.57 18.97
C LEU E 322 -49.84 1.43 18.84
N THR E 323 -49.79 2.59 19.51
CA THR E 323 -48.65 3.49 19.43
C THR E 323 -47.84 3.51 20.72
N LYS E 324 -47.85 2.43 21.48
CA LYS E 324 -47.14 2.43 22.76
C LYS E 324 -45.75 1.81 22.65
N ASP E 325 -45.63 0.69 21.93
CA ASP E 325 -44.34 0.01 21.83
C ASP E 325 -43.31 0.89 21.14
N GLY E 326 -43.67 1.48 20.00
CA GLY E 326 -42.74 2.34 19.30
C GLY E 326 -42.38 3.58 20.10
N GLN E 327 -43.36 4.15 20.80
CA GLN E 327 -43.10 5.33 21.62
C GLN E 327 -42.13 5.01 22.74
N ARG E 328 -42.32 3.87 23.42
CA ARG E 328 -41.41 3.47 24.48
C ARG E 328 -40.01 3.18 23.93
N LEU E 329 -39.93 2.54 22.75
CA LEU E 329 -38.63 2.30 22.15
C LEU E 329 -37.92 3.62 21.81
N ARG E 330 -38.67 4.59 21.28
CA ARG E 330 -38.09 5.89 20.98
C ARG E 330 -37.56 6.56 22.24
N ASN E 331 -38.34 6.51 23.33
CA ASN E 331 -37.88 7.11 24.58
C ASN E 331 -36.61 6.43 25.08
N MET E 332 -36.57 5.10 25.00
CA MET E 332 -35.39 4.37 25.47
C MET E 332 -34.16 4.72 24.64
N ILE E 333 -34.31 4.79 23.31
CA ILE E 333 -33.17 5.11 22.46
C ILE E 333 -32.66 6.52 22.74
N MET E 334 -33.58 7.48 22.89
CA MET E 334 -33.14 8.84 23.19
C MET E 334 -32.43 8.91 24.54
N SER E 335 -32.94 8.19 25.54
CA SER E 335 -32.28 8.16 26.84
C SER E 335 -30.89 7.55 26.75
N PHE E 336 -30.75 6.45 26.02
CA PHE E 336 -29.43 5.83 25.87
C PHE E 336 -28.45 6.75 25.16
N ASN E 337 -28.91 7.45 24.13
CA ASN E 337 -28.03 8.39 23.42
C ASN E 337 -27.62 9.54 24.34
N ALA E 338 -28.55 10.04 25.15
CA ALA E 338 -28.21 11.09 26.09
C ALA E 338 -27.18 10.61 27.11
N ASP E 339 -27.33 9.37 27.59
CA ASP E 339 -26.33 8.80 28.50
C ASP E 339 -24.97 8.70 27.83
N ILE E 340 -24.94 8.26 26.57
CA ILE E 340 -23.69 8.14 25.83
C ILE E 340 -23.01 9.50 25.71
N VAL E 341 -23.79 10.54 25.41
CA VAL E 341 -23.25 11.88 25.32
C VAL E 341 -22.71 12.34 26.67
N ALA E 342 -23.46 12.09 27.75
CA ALA E 342 -23.12 12.66 29.05
C ALA E 342 -21.90 12.01 29.67
N ARG E 343 -21.82 10.67 29.66
CA ARG E 343 -20.83 9.99 30.47
C ARG E 343 -19.58 9.58 29.73
N THR E 344 -19.56 9.63 28.40
CA THR E 344 -18.39 9.18 27.66
C THR E 344 -17.24 10.18 27.84
N PRO E 345 -16.02 9.69 28.06
CA PRO E 345 -14.88 10.61 28.16
C PRO E 345 -14.60 11.30 26.82
N LYS E 346 -14.01 12.49 26.91
CA LYS E 346 -13.76 13.31 25.74
C LYS E 346 -12.50 12.81 25.03
N LYS E 347 -12.00 13.61 24.08
CA LYS E 347 -10.83 13.24 23.29
C LYS E 347 -9.62 14.00 23.81
N LYS E 348 -8.61 13.27 24.26
CA LYS E 348 -7.39 13.86 24.79
C LYS E 348 -6.24 12.90 24.49
N PRO E 349 -5.02 13.43 24.33
CA PRO E 349 -3.89 12.57 23.94
C PRO E 349 -3.44 11.68 25.08
N PHE E 350 -2.64 10.68 24.71
CA PHE E 350 -2.06 9.72 25.65
C PHE E 350 -0.58 10.05 25.81
N PHE E 351 -0.20 10.47 27.01
CA PHE E 351 1.19 10.84 27.31
C PHE E 351 1.77 9.92 28.37
N TRP E 352 3.04 9.56 28.20
CA TRP E 352 3.78 8.96 29.29
C TRP E 352 4.08 10.00 30.35
N PRO E 353 4.20 9.60 31.62
CA PRO E 353 4.53 10.58 32.66
C PRO E 353 5.88 11.25 32.48
N GLU E 354 6.79 10.64 31.72
CA GLU E 354 8.13 11.20 31.53
C GLU E 354 8.35 11.78 30.15
N GLN E 355 7.44 11.56 29.20
CA GLN E 355 7.50 12.30 27.95
C GLN E 355 7.21 13.77 28.15
N ILE E 356 6.51 14.12 29.23
CA ILE E 356 6.21 15.50 29.59
C ILE E 356 6.75 15.77 30.99
N ALA E 357 7.90 15.18 31.31
CA ALA E 357 8.53 15.38 32.62
C ALA E 357 8.49 16.83 33.05
N GLY E 358 9.10 17.71 32.25
CA GLY E 358 8.87 19.14 32.36
C GLY E 358 7.77 19.57 31.40
N PHE E 359 7.75 20.88 31.13
CA PHE E 359 6.87 21.44 30.10
C PHE E 359 5.39 21.19 30.41
N GLU E 360 5.06 20.93 31.67
CA GLU E 360 3.70 20.51 32.02
C GLU E 360 2.70 21.66 32.04
N HIS E 361 3.17 22.90 32.03
CA HIS E 361 2.27 24.06 31.95
C HIS E 361 1.96 24.44 30.51
N MET E 362 2.47 23.68 29.54
CA MET E 362 2.23 23.97 28.13
C MET E 362 0.97 23.32 27.59
N TYR E 363 0.54 22.20 28.16
CA TYR E 363 -0.55 21.41 27.63
C TYR E 363 -1.87 21.66 28.34
N ASP E 364 -1.92 22.62 29.26
CA ASP E 364 -3.17 22.90 29.96
C ASP E 364 -4.17 23.67 29.11
N GLY E 365 -3.71 24.40 28.09
CA GLY E 365 -4.56 25.17 27.24
C GLY E 365 -4.46 26.67 27.39
N ASN E 366 -3.37 27.17 27.97
CA ASN E 366 -3.25 28.62 28.19
C ASN E 366 -3.08 29.38 26.89
N ASP E 367 -2.51 28.73 25.87
CA ASP E 367 -2.23 29.36 24.57
C ASP E 367 -1.33 30.59 24.75
N ASP E 368 -0.13 30.34 25.29
CA ASP E 368 0.87 31.36 25.50
C ASP E 368 2.20 31.07 24.82
N TYR E 369 2.42 29.84 24.36
CA TYR E 369 3.69 29.46 23.76
C TYR E 369 3.50 29.16 22.27
N PRO E 370 4.54 29.38 21.46
CA PRO E 370 4.40 29.15 20.01
C PRO E 370 4.45 27.68 19.60
N TYR E 371 4.82 26.77 20.48
CA TYR E 371 4.93 25.36 20.13
C TYR E 371 4.88 24.53 21.40
N TYR E 372 4.74 23.23 21.22
CA TYR E 372 4.76 22.27 22.31
C TYR E 372 6.11 21.55 22.33
N LEU E 373 6.60 21.27 23.52
CA LEU E 373 7.92 20.68 23.69
C LEU E 373 7.83 19.32 24.36
N LEU E 374 8.77 18.45 24.01
CA LEU E 374 8.89 17.12 24.60
C LEU E 374 10.36 16.80 24.79
N ASN E 375 10.71 16.31 25.97
CA ASN E 375 12.10 15.92 26.20
C ASN E 375 12.41 14.60 25.52
N ARG E 376 13.70 14.34 25.30
CA ARG E 376 14.16 13.21 24.50
C ARG E 376 14.95 12.19 25.31
N THR E 377 15.98 12.63 26.02
CA THR E 377 16.97 11.71 26.57
C THR E 377 16.49 11.08 27.88
N ASP E 378 17.11 9.96 28.23
CA ASP E 378 16.85 9.24 29.47
C ASP E 378 18.17 8.85 30.09
N GLU E 379 18.15 8.60 31.40
CA GLU E 379 19.39 8.30 32.12
C GLU E 379 19.88 6.89 31.80
N ASN E 380 19.03 5.88 32.01
CA ASN E 380 19.45 4.51 31.76
C ASN E 380 19.34 4.16 30.28
N SER E 381 18.13 4.22 29.72
CA SER E 381 17.94 4.07 28.30
C SER E 381 18.45 5.29 27.56
N GLY E 382 18.79 5.11 26.29
CA GLY E 382 19.39 6.20 25.54
C GLY E 382 18.45 7.34 25.20
N ASP E 383 17.51 7.10 24.27
CA ASP E 383 16.65 8.18 23.77
C ASP E 383 15.23 7.71 23.48
N LEU E 384 14.71 6.78 24.27
CA LEU E 384 13.44 6.12 23.91
C LEU E 384 12.27 7.07 23.69
N PRO E 385 12.04 8.11 24.50
CA PRO E 385 10.88 8.98 24.24
C PRO E 385 10.88 9.54 22.83
N THR E 386 9.70 9.54 22.21
CA THR E 386 9.52 9.93 20.81
C THR E 386 8.42 10.98 20.69
N GLN E 387 8.35 11.59 19.51
CA GLN E 387 7.39 12.66 19.21
C GLN E 387 5.97 12.14 19.00
N PRO E 388 5.72 11.17 18.08
CA PRO E 388 4.32 10.80 17.79
C PRO E 388 3.58 10.22 18.98
N LEU E 389 2.26 10.12 18.87
CA LEU E 389 1.42 9.74 19.99
C LEU E 389 0.01 9.44 19.47
N ALA E 390 -0.81 8.91 20.36
CA ALA E 390 -2.16 8.48 20.03
C ALA E 390 -3.19 9.29 20.81
N TYR E 391 -4.38 9.42 20.25
CA TYR E 391 -5.47 10.18 20.86
C TYR E 391 -6.65 9.27 21.18
N TYR E 392 -7.41 9.67 22.20
CA TYR E 392 -8.65 9.00 22.56
C TYR E 392 -9.70 9.27 21.50
N GLU E 393 -10.56 8.29 21.26
CA GLU E 393 -11.56 8.39 20.20
C GLU E 393 -12.81 9.11 20.68
N ASN E 394 -13.44 9.84 19.76
CA ASN E 394 -14.59 10.66 20.09
C ASN E 394 -15.81 9.79 20.39
N PRO E 395 -16.74 10.30 21.21
CA PRO E 395 -18.00 9.58 21.44
C PRO E 395 -18.86 9.57 20.19
N GLU E 396 -19.41 8.41 19.86
CA GLU E 396 -20.20 8.24 18.65
C GLU E 396 -21.47 7.46 18.98
N VAL E 397 -22.59 7.87 18.38
CA VAL E 397 -23.85 7.16 18.48
C VAL E 397 -23.81 6.01 17.48
N PRO E 398 -24.00 4.76 17.92
CA PRO E 398 -23.86 3.63 17.01
C PRO E 398 -24.93 3.60 15.96
N GLN E 399 -24.72 2.76 14.94
CA GLN E 399 -25.68 2.63 13.85
C GLN E 399 -26.98 1.98 14.31
N ALA E 400 -26.90 1.01 15.21
CA ALA E 400 -28.11 0.32 15.66
C ALA E 400 -29.05 1.27 16.37
N ASN E 401 -28.53 2.15 17.21
CA ASN E 401 -29.38 3.09 17.95
C ASN E 401 -30.12 4.01 16.98
N ALA E 402 -29.41 4.58 16.01
CA ALA E 402 -30.03 5.49 15.07
C ALA E 402 -31.07 4.78 14.21
N TYR E 403 -30.72 3.59 13.71
CA TYR E 403 -31.66 2.84 12.88
C TYR E 403 -32.91 2.48 13.66
N MET E 404 -32.74 2.04 14.90
CA MET E 404 -33.89 1.67 15.72
C MET E 404 -34.75 2.88 16.06
N LEU E 405 -34.13 4.03 16.33
CA LEU E 405 -34.89 5.24 16.60
C LEU E 405 -35.73 5.64 15.39
N GLU E 406 -35.11 5.63 14.21
CA GLU E 406 -35.85 5.97 13.00
C GLU E 406 -36.99 4.99 12.74
N ALA E 407 -36.72 3.70 12.91
CA ALA E 407 -37.77 2.69 12.67
C ALA E 407 -38.92 2.85 13.66
N ALA E 408 -38.62 3.11 14.93
CA ALA E 408 -39.67 3.29 15.92
C ALA E 408 -40.50 4.53 15.64
N THR E 409 -39.84 5.64 15.26
CA THR E 409 -40.57 6.85 14.93
C THR E 409 -41.47 6.64 13.73
N SER E 410 -40.97 5.96 12.69
CA SER E 410 -41.78 5.67 11.52
C SER E 410 -42.96 4.77 11.89
N ALA E 411 -42.73 3.77 12.73
CA ALA E 411 -43.81 2.86 13.14
C ALA E 411 -44.89 3.61 13.91
N VAL E 412 -44.49 4.53 14.79
CA VAL E 412 -45.48 5.29 15.53
C VAL E 412 -46.28 6.21 14.61
N LYS E 413 -45.59 6.91 13.71
CA LYS E 413 -46.30 7.82 12.81
C LYS E 413 -47.11 7.08 11.76
N GLU E 414 -46.87 5.79 11.56
CA GLU E 414 -47.54 5.03 10.52
C GLU E 414 -48.84 4.39 10.99
N VAL E 415 -48.95 4.08 12.29
CA VAL E 415 -50.14 3.41 12.81
C VAL E 415 -51.09 4.36 13.53
N ALA E 416 -50.62 5.56 13.90
CA ALA E 416 -51.45 6.51 14.64
C ALA E 416 -52.36 7.29 13.68
N THR E 417 -53.20 6.55 12.98
CA THR E 417 -54.15 7.12 12.03
C THR E 417 -55.52 6.49 12.25
N LEU E 418 -56.55 7.17 11.77
CA LEU E 418 -57.92 6.69 11.85
C LEU E 418 -58.58 6.54 10.49
N GLY E 419 -57.80 6.57 9.42
CA GLY E 419 -58.32 6.48 8.08
C GLY E 419 -57.52 7.37 7.14
N VAL E 420 -58.10 7.63 5.98
CA VAL E 420 -57.45 8.46 4.98
C VAL E 420 -57.74 9.93 5.31
N ASP E 421 -56.78 10.80 4.98
CA ASP E 421 -56.88 12.24 5.25
C ASP E 421 -57.09 12.50 6.74
N ASP E 443 -64.52 11.28 3.73
CA ASP E 443 -64.54 12.65 4.21
C ASP E 443 -63.43 12.90 5.23
N LEU E 444 -63.83 13.17 6.47
CA LEU E 444 -62.87 13.46 7.53
C LEU E 444 -62.20 12.18 8.02
N GLU E 445 -61.16 12.36 8.84
CA GLU E 445 -60.47 11.22 9.42
C GLU E 445 -61.27 10.58 10.55
N THR E 446 -62.15 11.34 11.19
CA THR E 446 -62.89 10.86 12.37
C THR E 446 -64.35 10.62 12.06
N TYR E 447 -64.68 10.12 10.87
CA TYR E 447 -66.08 9.90 10.52
C TYR E 447 -66.72 8.80 11.37
N VAL E 448 -65.97 7.73 11.64
CA VAL E 448 -66.51 6.65 12.46
C VAL E 448 -66.81 7.14 13.87
N PHE E 449 -65.91 7.94 14.44
CA PHE E 449 -66.15 8.51 15.77
C PHE E 449 -67.36 9.43 15.75
N GLN E 450 -67.54 10.20 14.68
CA GLN E 450 -68.73 11.04 14.55
C GLN E 450 -70.00 10.21 14.51
N ASP E 451 -69.97 9.09 13.79
CA ASP E 451 -71.13 8.21 13.75
C ASP E 451 -71.44 7.62 15.13
N ASN E 452 -70.40 7.22 15.86
CA ASN E 452 -70.61 6.71 17.22
C ASN E 452 -71.20 7.78 18.12
N LEU E 453 -70.71 9.01 18.01
CA LEU E 453 -71.28 10.11 18.79
C LEU E 453 -72.73 10.37 18.39
N ALA E 454 -73.06 10.24 17.11
CA ALA E 454 -74.44 10.40 16.68
C ALA E 454 -75.35 9.33 17.27
N THR E 455 -74.88 8.08 17.31
CA THR E 455 -75.65 7.02 17.95
C THR E 455 -75.88 7.31 19.42
N ALA E 456 -74.83 7.76 20.12
CA ALA E 456 -74.98 8.11 21.53
C ALA E 456 -75.96 9.25 21.72
N MET E 457 -75.93 10.24 20.81
CA MET E 457 -76.86 11.36 20.91
C MET E 457 -78.30 10.90 20.67
N ARG E 458 -78.49 9.96 19.75
CA ARG E 458 -79.84 9.41 19.56
C ARG E 458 -80.34 8.72 20.82
N ARG E 459 -79.47 7.95 21.47
CA ARG E 459 -79.85 7.33 22.75
C ARG E 459 -80.20 8.38 23.80
N ASP E 460 -79.39 9.44 23.88
CA ASP E 460 -79.65 10.52 24.83
C ASP E 460 -80.99 11.18 24.53
N GLY E 461 -81.30 11.40 23.26
CA GLY E 461 -82.58 11.97 22.90
C GLY E 461 -83.75 11.10 23.31
N GLU E 462 -83.60 9.78 23.13
CA GLU E 462 -84.64 8.85 23.56
C GLU E 462 -84.87 8.95 25.08
N ILE E 463 -83.78 8.94 25.84
CA ILE E 463 -83.90 9.02 27.30
C ILE E 463 -84.55 10.34 27.71
N TYR E 464 -84.13 11.44 27.10
CA TYR E 464 -84.69 12.75 27.44
C TYR E 464 -86.17 12.81 27.09
N GLN E 465 -86.56 12.27 25.95
CA GLN E 465 -87.97 12.25 25.58
C GLN E 465 -88.79 11.49 26.60
N SER E 466 -88.29 10.33 27.03
CA SER E 466 -89.02 9.55 28.03
C SER E 466 -89.16 10.31 29.33
N ILE E 467 -88.08 10.96 29.77
CA ILE E 467 -88.13 11.72 31.03
C ILE E 467 -89.12 12.87 30.92
N VAL E 468 -89.15 13.54 29.77
CA VAL E 468 -90.09 14.64 29.57
C VAL E 468 -91.53 14.14 29.61
N ASN E 469 -91.80 13.01 28.94
CA ASN E 469 -93.16 12.48 28.98
C ASN E 469 -93.56 12.10 30.39
N ASP E 470 -92.61 11.62 31.21
CA ASP E 470 -92.99 11.17 32.54
C ASP E 470 -92.93 12.28 33.60
N ILE E 471 -92.37 13.44 33.29
CA ILE E 471 -92.22 14.53 34.26
C ILE E 471 -93.01 15.78 33.84
N TYR E 472 -92.70 16.34 32.68
CA TYR E 472 -93.22 17.66 32.30
C TYR E 472 -94.69 17.57 31.90
N ASP E 473 -95.26 18.72 31.52
CA ASP E 473 -96.62 18.82 31.03
C ASP E 473 -96.57 19.13 29.54
N VAL E 474 -96.76 18.10 28.71
CA VAL E 474 -96.78 18.25 27.27
C VAL E 474 -98.17 18.75 26.85
N PRO E 475 -98.27 19.87 26.14
CA PRO E 475 -99.58 20.32 25.66
C PRO E 475 -100.04 19.51 24.46
N ARG E 476 -101.34 19.24 24.41
CA ARG E 476 -101.96 18.53 23.29
C ARG E 476 -102.58 19.55 22.35
N ASN E 477 -102.26 19.44 21.06
CA ASN E 477 -102.74 20.38 20.06
C ASN E 477 -104.05 19.86 19.47
N VAL E 478 -105.09 20.69 19.53
CA VAL E 478 -106.41 20.33 19.00
C VAL E 478 -106.98 21.55 18.30
N THR E 479 -107.67 21.33 17.19
CA THR E 479 -108.27 22.40 16.41
C THR E 479 -109.80 22.34 16.56
N ILE E 480 -110.40 23.48 16.91
CA ILE E 480 -111.85 23.54 17.08
C ILE E 480 -112.55 23.39 15.74
N THR E 481 -111.89 23.82 14.65
CA THR E 481 -112.46 23.79 13.30
C THR E 481 -113.77 24.57 13.25
N LEU E 482 -113.81 25.71 13.92
CA LEU E 482 -114.98 26.57 13.88
C LEU E 482 -115.13 27.22 12.51
N GLU E 483 -116.37 27.54 12.14
CA GLU E 483 -116.62 28.20 10.86
C GLU E 483 -116.03 29.61 10.85
N ASP E 484 -116.13 30.32 11.97
CA ASP E 484 -115.55 31.67 12.03
C ASP E 484 -114.04 31.63 12.15
N GLY E 485 -113.51 30.71 12.97
CA GLY E 485 -112.08 30.59 13.16
C GLY E 485 -111.51 29.30 12.61
N SER E 486 -110.64 29.40 11.61
CA SER E 486 -110.06 28.25 10.95
C SER E 486 -108.60 28.09 11.36
N GLU E 487 -108.21 26.85 11.68
CA GLU E 487 -106.85 26.52 12.10
C GLU E 487 -106.47 27.33 13.34
N LYS E 488 -107.20 27.12 14.43
CA LYS E 488 -106.88 27.74 15.71
C LYS E 488 -106.18 26.72 16.59
N ASP E 489 -104.88 26.90 16.81
CA ASP E 489 -104.10 25.99 17.64
C ASP E 489 -104.21 26.44 19.09
N VAL E 490 -105.24 25.91 19.76
CA VAL E 490 -105.53 26.30 21.14
C VAL E 490 -104.45 25.88 22.12
N GLN E 491 -103.73 24.80 21.83
CA GLN E 491 -102.72 24.24 22.73
C GLN E 491 -103.34 23.90 24.09
N LEU E 492 -104.30 22.98 24.05
CA LEU E 492 -105.01 22.56 25.25
C LEU E 492 -104.05 21.91 26.24
N MET E 493 -104.17 22.30 27.50
CA MET E 493 -103.37 21.76 28.59
C MET E 493 -104.31 21.31 29.71
N ALA E 494 -103.95 20.22 30.38
CA ALA E 494 -104.79 19.67 31.44
C ALA E 494 -103.95 19.46 32.67
N GLU E 495 -104.35 20.08 33.79
CA GLU E 495 -103.67 19.90 35.08
C GLU E 495 -104.73 19.91 36.17
N VAL E 496 -104.59 19.01 37.13
CA VAL E 496 -105.53 18.87 38.24
C VAL E 496 -104.76 18.88 39.55
N VAL E 497 -105.27 19.63 40.52
CA VAL E 497 -104.68 19.69 41.85
C VAL E 497 -105.37 18.65 42.73
N ASP E 498 -104.64 18.18 43.76
CA ASP E 498 -105.15 17.12 44.62
C ASP E 498 -106.27 17.62 45.53
N LEU E 499 -106.33 18.93 45.78
CA LEU E 499 -107.32 19.56 46.65
C LEU E 499 -107.16 19.11 48.10
N ALA E 500 -106.18 18.24 48.36
CA ALA E 500 -105.80 17.86 49.71
C ALA E 500 -104.37 18.27 50.05
N THR E 501 -103.57 18.63 49.06
CA THR E 501 -102.21 19.11 49.27
C THR E 501 -101.88 20.08 48.16
N GLY E 502 -100.87 20.93 48.40
CA GLY E 502 -100.49 21.94 47.44
C GLY E 502 -99.81 21.40 46.19
N GLU E 503 -99.32 20.16 46.25
CA GLU E 503 -98.62 19.60 45.10
C GLU E 503 -99.57 19.34 43.94
N LYS E 504 -99.08 19.57 42.73
CA LYS E 504 -99.87 19.37 41.53
C LYS E 504 -99.75 17.92 41.05
N GLN E 505 -100.45 17.60 39.96
CA GLN E 505 -100.39 16.28 39.36
C GLN E 505 -100.45 16.42 37.85
N VAL E 506 -99.56 15.74 37.15
CA VAL E 506 -99.47 15.82 35.70
C VAL E 506 -100.49 14.87 35.09
N LEU E 507 -101.00 15.24 33.92
CA LEU E 507 -101.95 14.43 33.16
C LEU E 507 -101.47 14.34 31.72
N ASN E 508 -100.75 13.28 31.39
CA ASN E 508 -100.25 13.05 30.04
C ASN E 508 -100.96 11.84 29.44
N ASP E 509 -101.53 12.02 28.25
CA ASP E 509 -102.18 10.92 27.56
C ASP E 509 -101.14 9.87 27.15
N ILE E 510 -101.62 8.65 26.92
CA ILE E 510 -100.74 7.54 26.55
C ILE E 510 -100.70 7.41 25.04
N ARG E 511 -101.84 7.67 24.38
CA ARG E 511 -101.91 7.52 22.93
C ARG E 511 -100.97 8.49 22.22
N GLY E 512 -100.87 9.73 22.71
CA GLY E 512 -100.05 10.72 22.05
C GLY E 512 -98.73 11.00 22.73
N ARG E 513 -98.12 9.97 23.32
CA ARG E 513 -96.81 10.14 23.95
C ARG E 513 -95.69 10.03 22.92
N TYR E 514 -95.58 8.88 22.25
CA TYR E 514 -94.51 8.61 21.30
C TYR E 514 -95.04 8.87 19.90
N GLU E 515 -94.91 10.13 19.45
CA GLU E 515 -95.33 10.49 18.11
C GLU E 515 -94.34 11.45 17.44
N CYS E 516 -93.07 11.32 17.79
CA CYS E 516 -92.00 12.09 17.13
C CYS E 516 -90.68 11.36 17.37
N TYR E 517 -90.03 10.94 16.28
CA TYR E 517 -88.79 10.19 16.37
C TYR E 517 -87.60 11.12 16.48
N THR E 518 -86.51 10.59 17.04
CA THR E 518 -85.29 11.35 17.28
C THR E 518 -84.36 11.26 16.07
N ASP E 519 -83.70 12.36 15.77
CA ASP E 519 -82.78 12.43 14.65
C ASP E 519 -81.59 13.30 15.07
N VAL E 520 -80.51 13.19 14.31
CA VAL E 520 -79.26 13.87 14.61
C VAL E 520 -79.08 15.02 13.62
N GLY E 521 -78.80 16.21 14.16
CA GLY E 521 -78.58 17.37 13.34
C GLY E 521 -77.59 18.33 13.97
N PRO E 522 -77.42 19.50 13.36
CA PRO E 522 -76.48 20.48 13.91
C PRO E 522 -76.96 21.05 15.24
N SER E 523 -76.02 21.61 15.98
CA SER E 523 -76.28 22.08 17.34
C SER E 523 -76.59 23.57 17.33
N PHE E 524 -77.71 23.93 17.96
CA PHE E 524 -78.11 25.32 18.13
C PHE E 524 -78.40 25.57 19.62
N GLN E 525 -78.90 26.77 19.92
CA GLN E 525 -79.16 27.17 21.30
C GLN E 525 -80.57 27.66 21.56
N SER E 526 -81.35 27.99 20.53
CA SER E 526 -82.71 28.43 20.74
C SER E 526 -83.54 28.11 19.50
N MET E 527 -84.85 28.06 19.68
CA MET E 527 -85.76 27.72 18.58
C MET E 527 -85.75 28.76 17.47
N LYS E 528 -85.34 29.99 17.74
CA LYS E 528 -85.25 31.00 16.70
C LYS E 528 -84.04 30.80 15.79
N GLN E 529 -82.93 30.31 16.33
CA GLN E 529 -81.75 30.06 15.52
C GLN E 529 -81.98 28.97 14.48
N GLN E 530 -82.72 27.92 14.83
CA GLN E 530 -83.05 26.89 13.85
C GLN E 530 -83.87 27.46 12.70
N ASN E 531 -84.87 28.28 13.02
CA ASN E 531 -85.68 28.91 11.97
C ASN E 531 -84.83 29.82 11.10
N ARG E 532 -83.93 30.59 11.72
CA ARG E 532 -83.04 31.46 10.95
C ARG E 532 -82.16 30.64 10.01
N ALA E 533 -81.61 29.54 10.50
CA ALA E 533 -80.75 28.70 9.66
C ALA E 533 -81.54 28.08 8.51
N GLU E 534 -82.75 27.60 8.77
CA GLU E 534 -83.56 27.04 7.69
C GLU E 534 -83.94 28.09 6.66
N ILE E 535 -84.26 29.30 7.10
CA ILE E 535 -84.56 30.37 6.14
C ILE E 535 -83.32 30.69 5.31
N LEU E 536 -82.15 30.72 5.93
CA LEU E 536 -80.92 30.96 5.18
C LEU E 536 -80.67 29.87 4.15
N GLU E 537 -80.90 28.61 4.52
CA GLU E 537 -80.70 27.51 3.58
C GLU E 537 -81.68 27.60 2.41
N LEU E 538 -82.94 27.90 2.71
CA LEU E 538 -83.93 28.05 1.64
C LEU E 538 -83.60 29.23 0.73
N LEU E 539 -83.05 30.31 1.31
CA LEU E 539 -82.56 31.41 0.48
C LEU E 539 -81.43 30.97 -0.43
N GLY E 540 -80.52 30.17 0.10
CA GLY E 540 -79.43 29.64 -0.71
C GLY E 540 -79.92 28.77 -1.85
N LYS E 541 -80.95 27.96 -1.61
CA LYS E 541 -81.50 27.09 -2.65
C LYS E 541 -82.47 27.79 -3.58
N THR E 542 -82.89 29.02 -3.26
CA THR E 542 -83.87 29.68 -4.11
C THR E 542 -83.17 30.69 -5.04
N PRO E 543 -83.41 30.59 -6.35
CA PRO E 543 -82.80 31.54 -7.27
C PRO E 543 -83.35 32.94 -7.09
N GLN E 544 -82.52 33.92 -7.41
CA GLN E 544 -82.89 35.32 -7.25
C GLN E 544 -83.93 35.72 -8.30
N GLY E 545 -84.49 36.91 -8.11
CA GLY E 545 -85.49 37.43 -9.02
C GLY E 545 -86.75 36.58 -9.03
N THR E 546 -87.17 36.10 -7.86
CA THR E 546 -88.32 35.23 -7.72
C THR E 546 -89.11 35.71 -6.52
N PRO E 547 -90.45 35.64 -6.57
CA PRO E 547 -91.25 36.00 -5.38
C PRO E 547 -90.88 35.21 -4.14
N GLU E 548 -90.52 33.94 -4.30
CA GLU E 548 -90.10 33.14 -3.14
C GLU E 548 -88.87 33.74 -2.48
N TYR E 549 -87.94 34.27 -3.27
CA TYR E 549 -86.75 34.89 -2.70
C TYR E 549 -87.12 36.10 -1.85
N GLN E 550 -88.04 36.93 -2.34
CA GLN E 550 -88.48 38.10 -1.58
C GLN E 550 -89.20 37.68 -0.29
N LEU E 551 -90.07 36.67 -0.38
CA LEU E 551 -90.74 36.18 0.82
C LEU E 551 -89.74 35.67 1.84
N LEU E 552 -88.71 34.94 1.39
CA LEU E 552 -87.71 34.43 2.31
C LEU E 552 -86.90 35.56 2.93
N LEU E 553 -86.59 36.60 2.14
CA LEU E 553 -85.88 37.76 2.69
C LEU E 553 -86.70 38.43 3.78
N LEU E 554 -88.00 38.62 3.53
CA LEU E 554 -88.85 39.25 4.54
C LEU E 554 -88.96 38.37 5.79
N GLN E 555 -89.09 37.05 5.59
CA GLN E 555 -89.18 36.14 6.73
C GLN E 555 -87.90 36.13 7.54
N TYR E 556 -86.75 36.28 6.88
CA TYR E 556 -85.49 36.39 7.62
C TYR E 556 -85.41 37.72 8.37
N PHE E 557 -85.78 38.82 7.72
CA PHE E 557 -85.67 40.12 8.38
C PHE E 557 -86.62 40.24 9.58
N THR E 558 -87.77 39.57 9.53
CA THR E 558 -88.70 39.65 10.65
C THR E 558 -88.31 38.72 11.81
N LEU E 559 -87.08 38.21 11.84
CA LEU E 559 -86.65 37.29 12.88
C LEU E 559 -85.46 37.80 13.69
N LEU E 560 -84.99 39.03 13.45
CA LEU E 560 -83.86 39.54 14.22
C LEU E 560 -84.30 39.95 15.62
N ASP E 561 -83.32 40.17 16.49
CA ASP E 561 -83.57 40.32 17.92
C ASP E 561 -83.42 41.76 18.40
N GLY E 562 -82.28 42.38 18.16
CA GLY E 562 -81.97 43.64 18.84
C GLY E 562 -82.90 44.77 18.42
N LYS E 563 -83.04 45.74 19.33
CA LYS E 563 -83.86 46.91 19.04
C LYS E 563 -83.17 47.85 18.05
N GLY E 564 -81.84 47.73 17.90
CA GLY E 564 -81.16 48.47 16.86
C GLY E 564 -81.71 48.17 15.48
N VAL E 565 -81.92 46.88 15.18
CA VAL E 565 -82.64 46.49 13.99
C VAL E 565 -84.11 46.30 14.35
N GLU E 566 -84.87 47.40 14.37
CA GLU E 566 -86.29 47.37 14.65
C GLU E 566 -87.12 47.95 13.53
N MET E 567 -86.64 49.03 12.90
CA MET E 567 -87.35 49.61 11.77
C MET E 567 -87.47 48.61 10.62
N MET E 568 -86.38 47.88 10.35
CA MET E 568 -86.42 46.88 9.27
C MET E 568 -87.38 45.74 9.61
N ARG E 569 -87.39 45.30 10.87
CA ARG E 569 -88.32 44.25 11.28
C ARG E 569 -89.77 44.70 11.13
N ASP E 570 -90.06 45.93 11.55
CA ASP E 570 -91.42 46.46 11.41
C ASP E 570 -91.80 46.59 9.93
N TYR E 571 -90.86 47.05 9.09
CA TYR E 571 -91.14 47.16 7.67
C TYR E 571 -91.42 45.81 7.04
N ALA E 572 -90.63 44.78 7.41
CA ALA E 572 -90.86 43.45 6.87
C ALA E 572 -92.21 42.90 7.32
N ASN E 573 -92.55 43.10 8.60
CA ASN E 573 -93.86 42.64 9.07
C ASN E 573 -94.99 43.35 8.35
N LYS E 574 -94.85 44.66 8.13
CA LYS E 574 -95.87 45.42 7.41
C LYS E 574 -96.03 44.91 5.98
N GLN E 575 -94.90 44.64 5.31
CA GLN E 575 -94.97 44.09 3.96
C GLN E 575 -95.66 42.73 3.94
N LEU E 576 -95.34 41.88 4.91
CA LEU E 576 -95.98 40.56 4.97
C LEU E 576 -97.48 40.67 5.22
N ILE E 577 -97.90 41.62 6.06
CA ILE E 577 -99.33 41.84 6.27
C ILE E 577 -99.99 42.35 5.00
N GLN E 578 -99.36 43.32 4.34
CA GLN E 578 -99.99 43.97 3.20
C GLN E 578 -100.04 43.08 1.96
N MET E 579 -99.12 42.13 1.83
CA MET E 579 -99.17 41.19 0.72
C MET E 579 -100.14 40.04 0.97
N GLY E 580 -100.73 39.96 2.16
CA GLY E 580 -101.68 38.92 2.47
C GLY E 580 -101.08 37.57 2.80
N VAL E 581 -99.75 37.46 2.79
CA VAL E 581 -99.11 36.17 3.06
C VAL E 581 -99.25 35.81 4.54
N LYS E 582 -99.11 36.78 5.43
CA LYS E 582 -99.29 36.60 6.86
C LYS E 582 -100.72 37.02 7.24
N LYS E 583 -101.22 36.50 8.35
CA LYS E 583 -102.54 36.86 8.86
C LYS E 583 -102.38 37.81 10.03
N PRO E 584 -103.16 38.89 10.06
CA PRO E 584 -102.99 39.90 11.11
C PRO E 584 -103.34 39.34 12.49
N GLU E 585 -102.61 39.81 13.50
CA GLU E 585 -102.84 39.43 14.88
C GLU E 585 -103.26 40.62 15.74
N THR E 586 -102.45 41.69 15.77
CA THR E 586 -102.72 42.86 16.58
C THR E 586 -103.61 43.85 15.81
N PRO E 587 -104.30 44.76 16.51
CA PRO E 587 -105.20 45.68 15.80
C PRO E 587 -104.54 46.50 14.70
N GLU E 588 -103.32 46.97 14.93
CA GLU E 588 -102.62 47.73 13.90
C GLU E 588 -102.36 46.85 12.67
N GLU E 589 -102.25 45.54 12.86
CA GLU E 589 -101.98 44.67 11.72
C GLU E 589 -103.16 44.64 10.76
N GLN E 590 -104.39 44.45 11.25
CA GLN E 590 -105.50 44.47 10.30
C GLN E 590 -105.82 45.90 9.89
N GLN E 591 -105.36 46.89 10.65
CA GLN E 591 -105.44 48.26 10.17
C GLN E 591 -104.62 48.43 8.89
N TRP E 592 -103.37 47.97 8.90
CA TRP E 592 -102.57 47.92 7.68
C TRP E 592 -103.22 47.08 6.61
N LEU E 593 -103.82 45.95 6.99
CA LEU E 593 -104.45 45.08 6.00
C LEU E 593 -105.60 45.79 5.28
N VAL E 594 -106.47 46.47 6.03
CA VAL E 594 -107.61 47.15 5.41
C VAL E 594 -107.12 48.37 4.62
N GLU E 595 -106.06 49.02 5.09
CA GLU E 595 -105.48 50.11 4.31
C GLU E 595 -104.98 49.62 2.96
N ALA E 596 -104.31 48.47 2.95
CA ALA E 596 -103.85 47.88 1.69
C ALA E 596 -105.03 47.48 0.81
N GLN E 597 -106.07 46.93 1.42
CA GLN E 597 -107.26 46.54 0.66
C GLN E 597 -107.90 47.74 -0.02
N GLN E 598 -108.02 48.86 0.71
CA GLN E 598 -108.58 50.07 0.13
C GLN E 598 -107.67 50.65 -0.95
N ALA E 599 -106.36 50.58 -0.74
CA ALA E 599 -105.43 51.15 -1.72
C ALA E 599 -105.37 50.32 -2.99
N LYS E 600 -105.65 49.02 -2.89
CA LYS E 600 -105.55 48.14 -4.06
C LYS E 600 -106.57 48.51 -5.13
N GLN E 601 -107.80 48.83 -4.72
CA GLN E 601 -108.85 49.08 -5.71
C GLN E 601 -108.63 50.38 -6.46
N GLY E 602 -107.76 51.25 -5.96
CA GLY E 602 -107.55 52.53 -6.63
C GLY E 602 -106.81 52.40 -7.95
N GLN E 603 -106.01 51.35 -8.10
CA GLN E 603 -105.20 51.19 -9.31
C GLN E 603 -106.10 50.91 -10.51
N GLN E 604 -105.79 51.54 -11.63
CA GLN E 604 -106.52 51.37 -12.88
C GLN E 604 -105.54 51.26 -14.03
N ASP E 605 -105.84 50.36 -14.97
CA ASP E 605 -104.99 50.19 -16.14
C ASP E 605 -105.35 51.20 -17.22
N PRO E 606 -104.42 52.03 -17.68
CA PRO E 606 -104.77 53.03 -18.70
C PRO E 606 -105.27 52.41 -20.00
N ALA E 607 -104.67 51.28 -20.41
CA ALA E 607 -105.12 50.60 -21.61
C ALA E 607 -106.55 50.12 -21.48
N MET E 608 -106.93 49.63 -20.29
CA MET E 608 -108.31 49.22 -20.06
C MET E 608 -109.27 50.38 -20.24
N VAL E 609 -108.93 51.55 -19.70
CA VAL E 609 -109.82 52.71 -19.81
C VAL E 609 -109.93 53.16 -21.27
N GLN E 610 -108.80 53.20 -21.98
CA GLN E 610 -108.84 53.59 -23.39
C GLN E 610 -109.67 52.61 -24.21
N ALA E 611 -109.51 51.31 -23.97
CA ALA E 611 -110.28 50.31 -24.70
C ALA E 611 -111.76 50.40 -24.36
N GLN E 612 -112.09 50.69 -23.10
CA GLN E 612 -113.49 50.91 -22.73
C GLN E 612 -114.06 52.11 -23.46
N GLY E 613 -113.28 53.18 -23.58
CA GLY E 613 -113.73 54.32 -24.38
C GLY E 613 -113.97 53.95 -25.83
N VAL E 614 -113.10 53.11 -26.39
CA VAL E 614 -113.29 52.65 -27.76
C VAL E 614 -114.60 51.86 -27.90
N LEU E 615 -114.86 50.96 -26.95
CA LEU E 615 -116.12 50.22 -26.97
C LEU E 615 -117.32 51.15 -26.83
N LEU E 616 -117.21 52.18 -25.98
CA LEU E 616 -118.31 53.12 -25.83
C LEU E 616 -118.57 53.86 -27.14
N GLN E 617 -117.50 54.26 -27.83
CA GLN E 617 -117.67 54.91 -29.13
C GLN E 617 -118.33 53.98 -30.14
N GLY E 618 -117.91 52.71 -30.16
CA GLY E 618 -118.53 51.75 -31.06
C GLY E 618 -120.01 51.52 -30.75
N GLN E 619 -120.35 51.41 -29.46
CA GLN E 619 -121.73 51.25 -29.06
C GLN E 619 -122.56 52.47 -29.44
N ALA E 620 -121.98 53.66 -29.30
CA ALA E 620 -122.65 54.87 -29.73
C ALA E 620 -122.87 54.88 -31.25
N GLU E 621 -121.90 54.41 -32.02
CA GLU E 621 -122.09 54.31 -33.47
C GLU E 621 -123.22 53.34 -33.82
N LEU E 622 -123.27 52.21 -33.13
CA LEU E 622 -124.36 51.26 -33.35
C LEU E 622 -125.71 51.88 -32.99
N ALA E 623 -125.76 52.62 -31.88
CA ALA E 623 -126.99 53.31 -31.50
C ALA E 623 -127.38 54.35 -32.55
N LYS E 624 -126.39 55.03 -33.13
CA LYS E 624 -126.67 55.98 -34.20
C LYS E 624 -127.26 55.28 -35.42
N ALA E 625 -126.73 54.09 -35.76
CA ALA E 625 -127.30 53.34 -36.87
C ALA E 625 -128.74 52.93 -36.58
N GLN E 626 -129.01 52.44 -35.37
CA GLN E 626 -130.37 52.06 -35.00
C GLN E 626 -131.30 53.26 -35.01
N ASN E 627 -130.78 54.43 -34.63
CA ASN E 627 -131.57 55.66 -34.71
C ASN E 627 -131.85 56.03 -36.16
N GLN E 628 -130.87 55.81 -37.04
CA GLN E 628 -131.08 56.08 -38.46
C GLN E 628 -132.17 55.19 -39.03
N THR E 629 -132.25 53.95 -38.53
CA THR E 629 -133.34 53.08 -38.96
C THR E 629 -134.70 53.69 -38.64
N LEU E 630 -134.87 54.17 -37.40
CA LEU E 630 -136.14 54.79 -37.01
C LEU E 630 -136.37 56.09 -37.79
N SER E 631 -135.29 56.82 -38.10
CA SER E 631 -135.42 58.01 -38.93
C SER E 631 -135.97 57.66 -40.31
N LEU E 632 -135.50 56.55 -40.88
CA LEU E 632 -136.08 56.06 -42.13
C LEU E 632 -137.54 55.70 -41.95
N GLN E 633 -137.88 55.06 -40.82
CA GLN E 633 -139.26 54.66 -40.59
C GLN E 633 -140.19 55.87 -40.54
N ILE E 634 -139.71 57.00 -40.04
CA ILE E 634 -140.49 58.22 -39.90
C ILE E 634 -141.74 57.98 -39.06
N ASN F 6 -64.22 27.06 66.63
CA ASN F 6 -64.96 25.99 65.96
C ASN F 6 -65.13 26.30 64.47
N ARG F 7 -65.64 27.48 64.17
CA ARG F 7 -65.79 27.92 62.79
C ARG F 7 -64.44 28.01 62.10
N LEU F 8 -63.44 28.60 62.78
CA LEU F 8 -62.10 28.70 62.22
C LEU F 8 -61.50 27.34 61.96
N GLU F 9 -61.73 26.38 62.87
CA GLU F 9 -61.21 25.04 62.69
C GLU F 9 -61.79 24.37 61.46
N SER F 10 -63.11 24.51 61.25
CA SER F 10 -63.73 23.93 60.06
C SER F 10 -63.22 24.58 58.79
N ILE F 11 -63.09 25.91 58.80
CA ILE F 11 -62.58 26.61 57.62
C ILE F 11 -61.16 26.16 57.29
N LEU F 12 -60.31 26.03 58.31
CA LEU F 12 -58.94 25.60 58.08
C LEU F 12 -58.87 24.16 57.63
N SER F 13 -59.73 23.29 58.16
CA SER F 13 -59.76 21.90 57.69
C SER F 13 -60.14 21.83 56.23
N ARG F 14 -61.17 22.58 55.82
CA ARG F 14 -61.57 22.61 54.41
C ARG F 14 -60.44 23.13 53.54
N PHE F 15 -59.79 24.20 53.97
CA PHE F 15 -58.69 24.77 53.19
C PHE F 15 -57.52 23.81 53.07
N ASP F 16 -57.19 23.12 54.17
CA ASP F 16 -56.10 22.16 54.12
C ASP F 16 -56.41 21.00 53.18
N ALA F 17 -57.65 20.51 53.21
CA ALA F 17 -58.04 19.45 52.29
C ALA F 17 -57.93 19.91 50.84
N ASP F 18 -58.43 21.12 50.56
CA ASP F 18 -58.34 21.65 49.20
C ASP F 18 -56.90 21.85 48.76
N TRP F 19 -56.04 22.31 49.66
CA TRP F 19 -54.64 22.56 49.33
C TRP F 19 -53.91 21.26 49.05
N THR F 20 -54.10 20.24 49.90
CA THR F 20 -53.34 19.01 49.73
C THR F 20 -53.94 18.13 48.63
N ALA F 21 -55.17 18.41 48.20
CA ALA F 21 -55.78 17.61 47.15
C ALA F 21 -55.22 17.92 45.76
N SER F 22 -54.58 19.08 45.57
CA SER F 22 -54.14 19.53 44.26
C SER F 22 -52.71 20.06 44.33
N ASP F 23 -51.81 19.31 44.95
CA ASP F 23 -50.43 19.75 45.11
C ASP F 23 -49.58 19.53 43.87
N GLU F 24 -49.69 18.36 43.24
CA GLU F 24 -48.83 18.04 42.10
C GLU F 24 -49.09 18.99 40.94
N ALA F 25 -50.36 19.25 40.64
CA ALA F 25 -50.70 20.13 39.53
C ALA F 25 -50.17 21.54 39.77
N ARG F 26 -50.34 22.05 40.99
CA ARG F 26 -49.85 23.39 41.31
C ARG F 26 -48.33 23.46 41.20
N ARG F 27 -47.63 22.43 41.72
CA ARG F 27 -46.17 22.44 41.64
C ARG F 27 -45.70 22.41 40.20
N GLU F 28 -46.33 21.57 39.36
CA GLU F 28 -45.91 21.50 37.96
C GLU F 28 -46.24 22.78 37.21
N ALA F 29 -47.38 23.41 37.50
CA ALA F 29 -47.71 24.67 36.85
C ALA F 29 -46.74 25.78 37.25
N LYS F 30 -46.37 25.83 38.54
CA LYS F 30 -45.38 26.82 38.96
C LYS F 30 -44.02 26.57 38.30
N ASN F 31 -43.65 25.29 38.17
CA ASN F 31 -42.41 24.96 37.47
C ASN F 31 -42.47 25.41 36.01
N ASP F 32 -43.59 25.20 35.35
CA ASP F 32 -43.73 25.63 33.96
C ASP F 32 -43.63 27.15 33.84
N LEU F 33 -44.30 27.87 34.74
CA LEU F 33 -44.23 29.33 34.70
C LEU F 33 -42.81 29.83 34.90
N PHE F 34 -42.11 29.28 35.90
CA PHE F 34 -40.73 29.70 36.15
C PHE F 34 -39.82 29.35 34.99
N PHE F 35 -40.00 28.17 34.38
CA PHE F 35 -39.17 27.77 33.25
C PHE F 35 -39.42 28.67 32.05
N SER F 36 -40.67 29.05 31.80
CA SER F 36 -41.00 29.84 30.63
C SER F 36 -40.60 31.31 30.79
N ARG F 37 -40.76 31.87 31.99
CA ARG F 37 -40.59 33.31 32.16
C ARG F 37 -39.20 33.71 32.66
N VAL F 38 -38.72 33.12 33.76
CA VAL F 38 -37.51 33.64 34.40
C VAL F 38 -36.26 33.06 33.74
N SER F 39 -36.09 31.74 33.80
CA SER F 39 -34.88 31.11 33.30
C SER F 39 -35.18 29.65 33.00
N GLN F 40 -34.24 28.99 32.33
CA GLN F 40 -34.42 27.62 31.87
C GLN F 40 -33.43 26.65 32.50
N TRP F 41 -32.77 27.06 33.58
CA TRP F 41 -31.83 26.21 34.31
C TRP F 41 -32.38 26.03 35.72
N ASP F 42 -33.23 25.02 35.90
CA ASP F 42 -33.92 24.78 37.17
C ASP F 42 -33.00 24.02 38.12
N ASP F 43 -31.85 24.62 38.40
CA ASP F 43 -30.86 24.03 39.29
C ASP F 43 -30.53 24.95 40.46
N TRP F 44 -31.54 25.68 40.96
CA TRP F 44 -31.31 26.55 42.10
C TRP F 44 -30.83 25.77 43.31
N LEU F 45 -31.37 24.56 43.50
CA LEU F 45 -30.88 23.68 44.55
C LEU F 45 -29.56 23.05 44.12
N SER F 46 -28.65 22.90 45.07
CA SER F 46 -27.35 22.24 44.88
C SER F 46 -26.48 22.94 43.85
N GLN F 47 -26.66 24.24 43.66
CA GLN F 47 -25.81 25.01 42.76
C GLN F 47 -24.65 25.63 43.55
N TYR F 48 -23.92 26.53 42.92
CA TYR F 48 -22.84 27.34 43.51
C TYR F 48 -21.65 26.50 43.96
N THR F 49 -21.67 25.18 43.77
CA THR F 49 -20.52 24.36 44.18
C THR F 49 -19.35 24.54 43.23
N THR F 50 -19.62 24.76 41.94
CA THR F 50 -18.60 25.02 40.94
C THR F 50 -19.23 25.88 39.84
N LEU F 51 -18.41 26.77 39.28
CA LEU F 51 -18.89 27.74 38.29
C LEU F 51 -18.45 27.29 36.91
N GLN F 52 -19.41 27.16 36.00
CA GLN F 52 -19.15 26.69 34.65
C GLN F 52 -20.10 27.39 33.68
N TYR F 53 -19.76 27.32 32.40
CA TYR F 53 -20.60 27.92 31.36
C TYR F 53 -21.96 27.25 31.34
N ARG F 54 -23.02 28.06 31.30
CA ARG F 54 -24.39 27.58 31.23
C ARG F 54 -25.16 28.46 30.26
N GLY F 55 -25.30 27.99 29.02
CA GLY F 55 -25.94 28.77 27.99
C GLY F 55 -27.45 28.69 27.99
N GLN F 56 -28.10 29.61 27.29
CA GLN F 56 -29.56 29.66 27.18
C GLN F 56 -29.91 29.98 25.73
N PHE F 57 -30.13 28.93 24.94
CA PHE F 57 -30.46 29.06 23.52
C PHE F 57 -31.90 28.62 23.35
N ASP F 58 -32.82 29.58 23.39
CA ASP F 58 -34.25 29.30 23.47
C ASP F 58 -34.83 28.99 22.10
N VAL F 59 -35.77 28.05 22.07
CA VAL F 59 -36.40 27.60 20.83
C VAL F 59 -37.91 27.53 21.02
N VAL F 60 -38.38 27.59 22.27
CA VAL F 60 -39.80 27.42 22.55
C VAL F 60 -40.54 28.74 22.71
N ARG F 61 -39.85 29.82 23.06
CA ARG F 61 -40.46 31.13 23.26
C ARG F 61 -41.16 31.66 22.00
N PRO F 62 -40.59 31.51 20.80
CA PRO F 62 -41.32 31.96 19.61
C PRO F 62 -42.66 31.26 19.42
N VAL F 63 -42.78 30.00 19.82
CA VAL F 63 -44.06 29.30 19.69
C VAL F 63 -45.11 29.94 20.60
N VAL F 64 -44.73 30.22 21.85
CA VAL F 64 -45.67 30.86 22.78
C VAL F 64 -46.05 32.25 22.28
N ARG F 65 -45.06 32.99 21.76
CA ARG F 65 -45.35 34.32 21.23
C ARG F 65 -46.31 34.25 20.06
N LYS F 66 -46.10 33.28 19.15
CA LYS F 66 -46.99 33.13 18.01
C LYS F 66 -48.40 32.78 18.47
N LEU F 67 -48.52 31.87 19.45
CA LEU F 67 -49.85 31.48 19.92
C LEU F 67 -50.58 32.65 20.56
N VAL F 68 -49.90 33.41 21.43
CA VAL F 68 -50.57 34.51 22.10
C VAL F 68 -50.91 35.62 21.11
N SER F 69 -50.04 35.88 20.13
CA SER F 69 -50.36 36.88 19.11
C SER F 69 -51.55 36.45 18.27
N GLU F 70 -51.60 35.17 17.91
CA GLU F 70 -52.73 34.66 17.13
C GLU F 70 -54.03 34.76 17.91
N MET F 71 -54.01 34.45 19.21
CA MET F 71 -55.24 34.44 19.99
C MET F 71 -55.62 35.83 20.46
N ARG F 72 -54.71 36.79 20.42
CA ARG F 72 -55.07 38.17 20.72
C ARG F 72 -55.78 38.85 19.55
N GLN F 73 -55.72 38.24 18.36
CA GLN F 73 -56.34 38.81 17.17
C GLN F 73 -57.83 38.52 17.08
N ASN F 74 -58.36 37.67 17.97
CA ASN F 74 -59.76 37.26 17.93
C ASN F 74 -60.38 37.52 19.29
N PRO F 75 -60.79 38.76 19.56
CA PRO F 75 -61.42 39.06 20.85
C PRO F 75 -62.76 38.36 20.98
N ILE F 76 -63.11 38.05 22.23
CA ILE F 76 -64.35 37.34 22.54
C ILE F 76 -65.03 38.04 23.70
N ASP F 77 -66.33 38.27 23.56
CA ASP F 77 -67.15 38.88 24.60
C ASP F 77 -68.44 38.10 24.73
N VAL F 78 -69.39 38.66 25.47
CA VAL F 78 -70.64 37.98 25.79
C VAL F 78 -71.78 38.70 25.08
N LEU F 79 -72.61 37.94 24.35
CA LEU F 79 -73.82 38.47 23.73
C LEU F 79 -75.02 37.92 24.49
N TYR F 80 -75.83 38.82 25.02
CA TYR F 80 -77.09 38.45 25.68
C TYR F 80 -78.20 38.46 24.65
N ARG F 81 -78.88 37.33 24.48
CA ARG F 81 -79.96 37.25 23.52
C ARG F 81 -81.27 36.90 24.22
N PRO F 82 -82.38 37.44 23.75
CA PRO F 82 -83.67 37.16 24.41
C PRO F 82 -84.06 35.69 24.26
N LYS F 83 -84.76 35.18 25.26
CA LYS F 83 -85.27 33.82 25.19
C LYS F 83 -86.34 33.72 24.11
N ASP F 84 -86.57 32.50 23.63
CA ASP F 84 -87.48 32.30 22.51
C ASP F 84 -88.89 32.75 22.81
N GLY F 85 -89.36 32.55 24.04
CA GLY F 85 -90.71 32.95 24.39
C GLY F 85 -90.85 34.40 24.79
N ALA F 86 -89.75 35.12 24.93
CA ALA F 86 -89.79 36.50 25.41
C ALA F 86 -89.89 37.47 24.23
N ARG F 87 -89.86 38.76 24.56
CA ARG F 87 -89.92 39.80 23.54
C ARG F 87 -88.60 39.87 22.78
N PRO F 88 -88.61 40.47 21.57
CA PRO F 88 -87.35 40.58 20.83
C PRO F 88 -86.29 41.42 21.52
N ASP F 89 -86.70 42.42 22.29
CA ASP F 89 -85.81 43.49 22.76
C ASP F 89 -85.48 43.40 24.22
N ALA F 90 -85.14 42.22 24.69
CA ALA F 90 -85.20 41.91 26.08
C ALA F 90 -83.84 41.93 26.73
N ALA F 91 -82.81 41.69 25.94
CA ALA F 91 -81.47 41.72 26.47
C ALA F 91 -80.73 42.91 25.98
N ASP F 92 -81.32 44.06 26.15
CA ASP F 92 -80.93 45.18 25.37
C ASP F 92 -80.49 46.23 26.31
N VAL F 93 -81.16 46.26 27.43
CA VAL F 93 -80.73 47.09 28.55
C VAL F 93 -79.61 46.41 29.32
N LEU F 94 -79.72 45.10 29.53
CA LEU F 94 -78.66 44.37 30.22
C LEU F 94 -77.39 44.34 29.39
N MET F 95 -77.52 44.20 28.06
CA MET F 95 -76.36 44.25 27.20
C MET F 95 -75.68 45.62 27.26
N GLY F 96 -76.47 46.70 27.27
CA GLY F 96 -75.88 48.02 27.43
C GLY F 96 -75.17 48.18 28.76
N MET F 97 -75.75 47.63 29.82
CA MET F 97 -75.10 47.66 31.13
C MET F 97 -73.77 46.91 31.08
N TYR F 98 -73.74 45.74 30.43
CA TYR F 98 -72.52 44.97 30.33
C TYR F 98 -71.45 45.71 29.54
N ARG F 99 -71.87 46.37 28.44
CA ARG F 99 -70.92 47.17 27.67
C ARG F 99 -70.37 48.32 28.50
N THR F 100 -71.23 48.99 29.27
CA THR F 100 -70.77 50.11 30.09
C THR F 100 -69.79 49.65 31.17
N ASP F 101 -70.08 48.52 31.82
CA ASP F 101 -69.23 48.08 32.93
C ASP F 101 -67.89 47.54 32.45
N MET F 102 -67.89 46.73 31.39
CA MET F 102 -66.69 46.02 30.94
C MET F 102 -66.01 46.72 29.77
N ARG F 103 -66.01 48.05 29.74
CA ARG F 103 -65.40 48.79 28.65
C ARG F 103 -63.99 49.26 28.96
N HIS F 104 -63.65 49.43 30.24
CA HIS F 104 -62.39 50.07 30.62
C HIS F 104 -61.22 49.13 30.36
N ASN F 105 -60.02 49.59 30.73
CA ASN F 105 -58.81 48.82 30.45
C ASN F 105 -58.64 47.63 31.39
N THR F 106 -59.21 47.69 32.58
CA THR F 106 -58.99 46.64 33.58
C THR F 106 -59.50 45.29 33.07
N ALA F 107 -60.68 45.27 32.46
CA ALA F 107 -61.24 44.01 31.98
C ALA F 107 -60.36 43.39 30.90
N LYS F 108 -59.94 44.22 29.93
CA LYS F 108 -59.10 43.70 28.85
C LYS F 108 -57.77 43.21 29.38
N ILE F 109 -57.17 43.93 30.32
CA ILE F 109 -55.89 43.50 30.89
C ILE F 109 -56.06 42.18 31.64
N ALA F 110 -57.16 42.03 32.40
CA ALA F 110 -57.38 40.79 33.13
C ALA F 110 -57.55 39.61 32.17
N VAL F 111 -58.33 39.81 31.11
CA VAL F 111 -58.53 38.74 30.14
C VAL F 111 -57.22 38.38 29.45
N ASN F 112 -56.42 39.38 29.10
CA ASN F 112 -55.13 39.10 28.45
C ASN F 112 -54.19 38.34 29.37
N ILE F 113 -54.17 38.70 30.66
CA ILE F 113 -53.34 37.99 31.63
C ILE F 113 -53.79 36.54 31.73
N ALA F 114 -55.10 36.32 31.84
CA ALA F 114 -55.61 34.96 31.93
C ALA F 114 -55.26 34.15 30.69
N VAL F 115 -55.37 34.76 29.51
CA VAL F 115 -55.04 34.06 28.26
C VAL F 115 -53.56 33.70 28.21
N ARG F 116 -52.68 34.64 28.58
CA ARG F 116 -51.25 34.34 28.55
C ARG F 116 -50.91 33.23 29.52
N GLU F 117 -51.50 33.25 30.72
CA GLU F 117 -51.29 32.15 31.65
C GLU F 117 -51.77 30.83 31.04
N GLN F 118 -52.98 30.83 30.50
CA GLN F 118 -53.53 29.61 29.87
C GLN F 118 -52.57 29.05 28.84
N ILE F 119 -51.96 29.91 28.02
CA ILE F 119 -51.01 29.43 27.03
C ILE F 119 -49.77 28.85 27.71
N GLU F 120 -49.25 29.53 28.74
CA GLU F 120 -48.02 29.06 29.37
C GLU F 120 -48.28 27.89 30.31
N ALA F 121 -49.05 28.12 31.37
CA ALA F 121 -49.39 27.08 32.34
C ALA F 121 -50.91 26.96 32.40
N GLY F 122 -51.41 25.74 32.19
CA GLY F 122 -52.82 25.60 31.84
C GLY F 122 -53.79 25.90 32.96
N VAL F 123 -53.83 27.16 33.40
CA VAL F 123 -54.83 27.63 34.34
C VAL F 123 -54.81 29.16 34.35
N GLY F 124 -55.95 29.78 34.63
CA GLY F 124 -56.03 31.22 34.75
C GLY F 124 -57.39 31.60 35.30
N ALA F 125 -57.48 32.82 35.83
CA ALA F 125 -58.71 33.26 36.45
C ALA F 125 -58.73 34.79 36.51
N TRP F 126 -59.93 35.33 36.76
CA TRP F 126 -60.12 36.75 36.97
C TRP F 126 -61.41 36.94 37.77
N ARG F 127 -61.42 37.94 38.64
CA ARG F 127 -62.49 38.11 39.62
C ARG F 127 -63.33 39.35 39.28
N LEU F 128 -64.59 39.30 39.70
CA LEU F 128 -65.52 40.41 39.51
C LEU F 128 -65.79 41.06 40.87
N VAL F 129 -65.57 42.37 40.94
CA VAL F 129 -65.74 43.12 42.18
C VAL F 129 -66.65 44.31 41.94
N THR F 130 -67.63 44.48 42.81
CA THR F 130 -68.50 45.64 42.82
C THR F 130 -67.92 46.72 43.74
N ASP F 131 -68.37 47.95 43.53
CA ASP F 131 -67.81 49.07 44.27
C ASP F 131 -68.84 50.20 44.32
N TYR F 132 -68.45 51.30 44.96
CA TYR F 132 -69.28 52.49 45.08
C TYR F 132 -68.65 53.62 44.27
N GLU F 133 -69.47 54.29 43.45
CA GLU F 133 -68.99 55.43 42.67
C GLU F 133 -70.14 56.41 42.48
N ASP F 134 -69.84 57.70 42.67
CA ASP F 134 -70.85 58.76 42.57
C ASP F 134 -70.66 59.70 41.40
N GLN F 135 -69.44 59.82 40.87
CA GLN F 135 -69.21 60.77 39.78
C GLN F 135 -69.79 60.27 38.46
N SER F 136 -69.73 58.97 38.20
CA SER F 136 -70.26 58.39 36.97
C SER F 136 -70.74 56.98 37.24
N PRO F 137 -71.86 56.83 37.92
CA PRO F 137 -72.42 55.50 38.17
C PRO F 137 -73.05 54.92 36.91
N THR F 138 -73.21 53.59 36.92
CA THR F 138 -73.80 52.93 35.75
C THR F 138 -75.32 53.02 35.78
N SER F 139 -75.95 52.39 36.78
CA SER F 139 -77.38 52.57 37.01
C SER F 139 -77.66 53.11 38.40
N ASN F 140 -77.19 52.43 39.44
CA ASN F 140 -77.26 52.90 40.81
C ASN F 140 -75.85 53.29 41.25
N ASN F 141 -75.69 53.63 42.52
CA ASN F 141 -74.39 54.05 43.03
C ASN F 141 -73.49 52.84 43.24
N GLN F 142 -73.38 52.03 42.20
CA GLN F 142 -72.49 50.88 42.16
C GLN F 142 -71.96 50.71 40.74
N VAL F 143 -70.74 50.18 40.64
CA VAL F 143 -70.14 49.83 39.36
C VAL F 143 -69.48 48.47 39.50
N ILE F 144 -69.59 47.66 38.45
CA ILE F 144 -69.00 46.32 38.42
C ILE F 144 -67.76 46.36 37.55
N ARG F 145 -66.66 45.82 38.07
CA ARG F 145 -65.39 45.82 37.36
C ARG F 145 -64.71 44.47 37.53
N ARG F 146 -64.07 44.01 36.46
CA ARG F 146 -63.23 42.83 36.56
C ARG F 146 -61.95 43.17 37.31
N GLU F 147 -61.26 42.12 37.78
CA GLU F 147 -60.00 42.30 38.46
C GLU F 147 -59.06 41.17 38.05
N PRO F 148 -57.76 41.43 37.95
CA PRO F 148 -56.82 40.38 37.54
C PRO F 148 -56.21 39.64 38.71
N ILE F 149 -56.01 38.35 38.50
CA ILE F 149 -55.29 37.49 39.45
C ILE F 149 -54.04 37.00 38.74
N HIS F 150 -52.88 37.30 39.32
CA HIS F 150 -51.62 37.19 38.58
C HIS F 150 -50.99 35.81 38.71
N SER F 151 -51.49 34.97 39.61
CA SER F 151 -51.07 33.57 39.70
C SER F 151 -52.29 32.75 40.11
N ALA F 152 -53.03 32.25 39.13
CA ALA F 152 -54.13 31.36 39.43
C ALA F 152 -53.65 29.96 39.79
N CYS F 153 -52.37 29.67 39.56
CA CYS F 153 -51.84 28.36 39.88
C CYS F 153 -51.94 28.05 41.37
N SER F 154 -51.56 29.01 42.22
CA SER F 154 -51.49 28.78 43.65
C SER F 154 -52.34 29.73 44.49
N HIS F 155 -52.64 30.93 44.00
CA HIS F 155 -53.39 31.88 44.80
C HIS F 155 -54.88 31.54 44.87
N VAL F 156 -55.43 30.95 43.81
CA VAL F 156 -56.83 30.57 43.78
C VAL F 156 -56.93 29.07 44.01
N ILE F 157 -57.68 28.67 45.03
CA ILE F 157 -57.84 27.27 45.41
C ILE F 157 -59.33 26.95 45.37
N TRP F 158 -59.71 25.98 44.55
CA TRP F 158 -61.11 25.61 44.39
C TRP F 158 -61.46 24.43 45.28
N ASP F 159 -62.74 24.09 45.30
CA ASP F 159 -63.21 22.94 46.05
C ASP F 159 -62.70 21.65 45.41
N SER F 160 -62.29 20.70 46.26
CA SER F 160 -61.76 19.44 45.74
C SER F 160 -62.85 18.54 45.17
N ASN F 161 -64.12 18.79 45.49
CA ASN F 161 -65.23 17.99 44.99
C ASN F 161 -65.79 18.52 43.68
N SER F 162 -65.24 19.60 43.14
CA SER F 162 -65.73 20.14 41.89
C SER F 162 -65.43 19.17 40.74
N LYS F 163 -66.27 19.20 39.72
CA LYS F 163 -66.14 18.29 38.59
C LYS F 163 -66.24 18.97 37.23
N LEU F 164 -66.70 20.21 37.14
CA LEU F 164 -66.85 20.89 35.87
C LEU F 164 -65.64 21.75 35.56
N MET F 165 -65.52 22.16 34.30
CA MET F 165 -64.37 22.96 33.87
C MET F 165 -64.48 24.40 34.35
N ASP F 166 -65.70 24.93 34.40
CA ASP F 166 -65.93 26.29 34.88
C ASP F 166 -66.21 26.35 36.37
N LYS F 167 -66.17 25.21 37.07
CA LYS F 167 -66.37 25.13 38.52
C LYS F 167 -67.74 25.69 38.93
N SER F 168 -68.77 25.32 38.17
CA SER F 168 -70.13 25.72 38.52
C SER F 168 -70.60 25.03 39.80
N ASP F 169 -70.22 23.76 39.98
CA ASP F 169 -70.63 22.99 41.15
C ASP F 169 -69.53 23.02 42.21
N ALA F 170 -69.24 24.25 42.67
CA ALA F 170 -68.22 24.45 43.68
C ALA F 170 -68.80 25.28 44.82
N ARG F 171 -68.39 24.95 46.04
CA ARG F 171 -68.89 25.62 47.23
C ARG F 171 -67.78 26.26 48.05
N HIS F 172 -66.52 26.09 47.65
CA HIS F 172 -65.39 26.68 48.34
C HIS F 172 -64.56 27.48 47.35
N CYS F 173 -63.90 28.51 47.85
CA CYS F 173 -62.96 29.28 47.03
C CYS F 173 -62.08 30.09 47.96
N THR F 174 -60.77 29.88 47.87
CA THR F 174 -59.81 30.58 48.71
C THR F 174 -58.87 31.38 47.81
N VAL F 175 -58.74 32.66 48.08
CA VAL F 175 -57.82 33.54 47.37
C VAL F 175 -56.76 34.02 48.34
N ILE F 176 -55.50 33.72 48.04
CA ILE F 176 -54.38 34.04 48.92
C ILE F 176 -53.70 35.28 48.36
N HIS F 177 -53.96 36.42 48.98
CA HIS F 177 -53.34 37.68 48.57
C HIS F 177 -51.88 37.70 49.00
N SER F 178 -51.01 38.12 48.10
CA SER F 178 -49.60 38.35 48.41
C SER F 178 -49.34 39.83 48.16
N MET F 179 -49.12 40.59 49.23
CA MET F 179 -49.26 42.03 49.19
C MET F 179 -48.35 42.71 50.21
N SER F 180 -48.00 43.96 49.92
CA SER F 180 -46.90 44.66 50.58
C SER F 180 -47.34 45.34 51.88
N GLN F 181 -46.37 45.92 52.57
CA GLN F 181 -46.65 46.56 53.86
C GLN F 181 -47.56 47.77 53.69
N ASN F 182 -47.21 48.69 52.79
CA ASN F 182 -48.08 49.83 52.53
C ASN F 182 -49.41 49.37 51.94
N GLY F 183 -49.37 48.35 51.08
CA GLY F 183 -50.61 47.76 50.60
C GLY F 183 -51.43 47.16 51.73
N TRP F 184 -50.76 46.56 52.72
CA TRP F 184 -51.49 46.04 53.87
C TRP F 184 -52.14 47.16 54.68
N GLU F 185 -51.43 48.29 54.83
CA GLU F 185 -52.03 49.43 55.52
C GLU F 185 -53.25 49.94 54.77
N ASP F 186 -53.16 50.03 53.44
CA ASP F 186 -54.32 50.45 52.66
C ASP F 186 -55.47 49.45 52.79
N PHE F 187 -55.15 48.15 52.80
CA PHE F 187 -56.17 47.12 52.93
C PHE F 187 -56.88 47.23 54.27
N ALA F 188 -56.11 47.43 55.34
CA ALA F 188 -56.72 47.62 56.66
C ALA F 188 -57.56 48.88 56.72
N GLU F 189 -57.11 49.95 56.05
CA GLU F 189 -57.88 51.19 56.03
C GLU F 189 -59.19 51.03 55.25
N LYS F 190 -59.17 50.22 54.19
CA LYS F 190 -60.37 50.03 53.37
C LYS F 190 -61.50 49.41 54.17
N TYR F 191 -61.22 48.29 54.83
CA TYR F 191 -62.18 47.65 55.71
C TYR F 191 -62.04 48.21 57.12
N ASP F 192 -62.66 47.55 58.10
CA ASP F 192 -62.59 47.98 59.49
C ASP F 192 -61.52 47.23 60.27
N LEU F 193 -60.50 46.73 59.59
CA LEU F 193 -59.40 46.04 60.24
C LEU F 193 -58.46 47.04 60.92
N ASP F 194 -57.57 46.50 61.75
CA ASP F 194 -56.55 47.30 62.43
C ASP F 194 -55.19 46.94 61.87
N ALA F 195 -54.45 47.94 61.42
CA ALA F 195 -53.14 47.73 60.78
C ALA F 195 -52.03 47.47 61.77
N ASP F 196 -52.31 47.30 63.06
CA ASP F 196 -51.25 47.06 64.04
C ASP F 196 -50.83 45.61 64.14
N ASP F 197 -51.70 44.66 63.82
CA ASP F 197 -51.36 43.25 63.81
C ASP F 197 -50.98 42.84 62.39
N ILE F 198 -50.04 41.92 62.27
CA ILE F 198 -49.56 41.47 60.97
C ILE F 198 -50.20 40.14 60.62
N PRO F 199 -51.01 40.07 59.56
CA PRO F 199 -51.62 38.79 59.18
C PRO F 199 -50.60 37.85 58.57
N SER F 200 -50.96 36.56 58.54
CA SER F 200 -50.10 35.53 57.97
C SER F 200 -50.97 34.41 57.44
N PHE F 201 -50.42 33.65 56.50
CA PHE F 201 -51.13 32.54 55.88
C PHE F 201 -50.10 31.65 55.20
N GLN F 202 -50.59 30.71 54.39
CA GLN F 202 -49.70 29.85 53.62
C GLN F 202 -48.91 30.67 52.61
N ASN F 203 -47.70 30.19 52.29
CA ASN F 203 -46.83 30.90 51.37
C ASN F 203 -46.94 30.26 49.99
N PRO F 204 -47.58 30.91 49.03
CA PRO F 204 -47.70 30.31 47.68
C PRO F 204 -46.38 30.32 46.92
N ASN F 205 -45.67 31.43 46.98
CA ASN F 205 -44.42 31.56 46.25
C ASN F 205 -43.30 30.81 46.94
N ASP F 206 -42.14 30.76 46.29
CA ASP F 206 -41.00 30.02 46.79
C ASP F 206 -39.74 30.86 46.67
N TRP F 207 -38.75 30.51 47.49
CA TRP F 207 -37.46 31.20 47.51
C TRP F 207 -36.49 30.37 46.65
N VAL F 208 -36.67 30.48 45.34
CA VAL F 208 -35.92 29.66 44.40
C VAL F 208 -35.18 30.54 43.39
N PHE F 209 -34.84 31.76 43.79
CA PHE F 209 -34.16 32.70 42.92
C PHE F 209 -33.35 33.63 43.80
N PRO F 210 -32.26 34.22 43.29
CA PRO F 210 -31.55 35.23 44.08
C PRO F 210 -32.30 36.55 44.16
N TRP F 211 -33.56 36.50 44.58
CA TRP F 211 -34.35 37.70 44.80
C TRP F 211 -33.92 38.36 46.10
N LEU F 212 -34.05 39.69 46.15
CA LEU F 212 -33.58 40.45 47.31
C LEU F 212 -34.57 40.38 48.47
N THR F 213 -35.81 40.82 48.25
CA THR F 213 -36.79 40.93 49.32
C THR F 213 -38.12 40.32 48.87
N GLN F 214 -38.98 40.08 49.87
CA GLN F 214 -40.33 39.58 49.63
C GLN F 214 -41.28 40.32 50.56
N ASP F 215 -42.57 40.28 50.21
CA ASP F 215 -43.58 40.98 51.00
C ASP F 215 -43.78 40.32 52.36
N THR F 216 -43.94 38.99 52.37
CA THR F 216 -44.14 38.21 53.59
C THR F 216 -45.35 38.72 54.38
N ILE F 217 -46.42 39.08 53.67
CA ILE F 217 -47.69 39.47 54.28
C ILE F 217 -48.78 38.85 53.43
N GLN F 218 -49.38 37.76 53.91
CA GLN F 218 -50.38 37.02 53.15
C GLN F 218 -51.66 36.93 53.96
N ILE F 219 -52.78 37.28 53.33
CA ILE F 219 -54.10 37.13 53.91
C ILE F 219 -54.97 36.35 52.93
N ALA F 220 -56.07 35.80 53.43
CA ALA F 220 -56.92 34.92 52.64
C ALA F 220 -58.37 35.37 52.71
N GLU F 221 -59.12 35.03 51.67
CA GLU F 221 -60.55 35.30 51.58
C GLU F 221 -61.27 33.99 51.30
N PHE F 222 -62.44 33.82 51.89
CA PHE F 222 -63.17 32.55 51.83
C PHE F 222 -64.58 32.80 51.30
N TYR F 223 -64.90 32.21 50.16
CA TYR F 223 -66.23 32.30 49.57
C TYR F 223 -66.96 30.97 49.77
N GLU F 224 -68.26 31.04 50.05
CA GLU F 224 -69.08 29.86 50.20
C GLU F 224 -70.49 30.14 49.69
N VAL F 225 -71.17 29.09 49.28
CA VAL F 225 -72.51 29.17 48.70
C VAL F 225 -73.43 28.22 49.44
N VAL F 226 -74.62 28.71 49.79
CA VAL F 226 -75.60 27.91 50.52
C VAL F 226 -76.95 28.02 49.82
N GLU F 227 -77.81 27.03 50.08
CA GLU F 227 -79.19 27.01 49.60
C GLU F 227 -80.10 26.72 50.77
N LYS F 228 -81.03 27.63 51.04
CA LYS F 228 -81.83 27.54 52.27
C LYS F 228 -83.33 27.61 52.02
N LYS F 229 -83.77 27.94 50.80
CA LYS F 229 -85.19 28.05 50.46
C LYS F 229 -85.87 29.11 51.35
N GLU F 230 -85.43 30.35 51.15
CA GLU F 230 -85.95 31.47 51.92
C GLU F 230 -87.34 31.86 51.44
N THR F 231 -87.97 32.79 52.15
CA THR F 231 -89.34 33.20 51.89
C THR F 231 -89.37 34.41 50.94
N ALA F 232 -90.57 34.69 50.43
CA ALA F 232 -90.77 35.80 49.52
C ALA F 232 -92.16 36.38 49.71
N PHE F 233 -92.32 37.64 49.31
CA PHE F 233 -93.59 38.35 49.43
C PHE F 233 -94.18 38.58 48.05
N ILE F 234 -95.51 38.51 47.96
CA ILE F 234 -96.23 38.75 46.71
C ILE F 234 -97.08 40.00 46.90
N TYR F 235 -96.86 40.99 46.06
CA TYR F 235 -97.56 42.27 46.13
C TYR F 235 -98.39 42.50 44.88
N GLN F 236 -99.10 43.62 44.88
CA GLN F 236 -99.87 44.08 43.72
C GLN F 236 -99.37 45.44 43.28
N ASP F 237 -99.05 45.56 42.00
CA ASP F 237 -98.47 46.80 41.50
C ASP F 237 -99.55 47.88 41.42
N PRO F 238 -99.33 49.06 42.02
CA PRO F 238 -100.32 50.13 41.89
C PRO F 238 -100.55 50.59 40.47
N VAL F 239 -99.52 50.56 39.62
CA VAL F 239 -99.65 51.07 38.26
C VAL F 239 -100.53 50.14 37.42
N THR F 240 -100.14 48.87 37.33
CA THR F 240 -100.87 47.88 36.56
C THR F 240 -101.31 46.74 37.48
N GLY F 241 -102.48 46.18 37.19
CA GLY F 241 -103.01 45.12 38.01
C GLY F 241 -102.33 43.79 37.75
N GLU F 242 -101.04 43.71 38.08
CA GLU F 242 -100.25 42.51 37.89
C GLU F 242 -99.49 42.23 39.18
N PRO F 243 -99.48 40.98 39.66
CA PRO F 243 -98.78 40.67 40.90
C PRO F 243 -97.27 40.62 40.70
N VAL F 244 -96.54 41.01 41.74
CA VAL F 244 -95.08 41.04 41.73
C VAL F 244 -94.58 40.28 42.95
N SER F 245 -93.35 39.80 42.85
CA SER F 245 -92.72 39.00 43.90
C SER F 245 -91.41 39.65 44.32
N TYR F 246 -91.25 39.86 45.62
CA TYR F 246 -90.03 40.41 46.20
C TYR F 246 -89.58 39.55 47.36
N PHE F 247 -88.27 39.34 47.47
CA PHE F 247 -87.73 38.58 48.58
C PHE F 247 -87.87 39.36 49.88
N LYS F 248 -88.16 38.63 50.96
CA LYS F 248 -88.35 39.29 52.26
C LYS F 248 -87.06 39.92 52.76
N ARG F 249 -85.92 39.24 52.58
CA ARG F 249 -84.67 39.75 53.13
C ARG F 249 -84.26 41.07 52.47
N ASP F 250 -84.48 41.22 51.17
CA ASP F 250 -84.07 42.43 50.47
C ASP F 250 -84.88 43.65 50.91
N ILE F 251 -86.18 43.48 51.14
CA ILE F 251 -87.07 44.59 51.45
C ILE F 251 -87.53 44.55 52.90
N LYS F 252 -86.77 43.89 53.79
CA LYS F 252 -87.23 43.69 55.16
C LYS F 252 -87.36 45.01 55.92
N ASP F 253 -86.57 46.02 55.57
CA ASP F 253 -86.66 47.32 56.23
C ASP F 253 -87.58 48.30 55.52
N VAL F 254 -88.24 47.89 54.44
CA VAL F 254 -89.01 48.82 53.62
C VAL F 254 -90.45 48.31 53.51
N ILE F 255 -90.78 47.31 54.33
CA ILE F 255 -92.13 46.73 54.29
C ILE F 255 -93.17 47.79 54.61
N ASP F 256 -92.92 48.60 55.65
CA ASP F 256 -93.86 49.64 56.02
C ASP F 256 -94.01 50.68 54.91
N ASP F 257 -92.92 50.98 54.20
CA ASP F 257 -93.01 51.94 53.09
C ASP F 257 -93.84 51.38 51.94
N LEU F 258 -93.69 50.09 51.64
CA LEU F 258 -94.53 49.47 50.63
C LEU F 258 -95.99 49.47 51.05
N ALA F 259 -96.26 49.21 52.33
CA ALA F 259 -97.63 49.26 52.83
C ALA F 259 -98.20 50.67 52.75
N ASP F 260 -97.38 51.70 53.00
CA ASP F 260 -97.85 53.07 52.93
C ASP F 260 -98.27 53.45 51.51
N SER F 261 -97.54 52.98 50.50
CA SER F 261 -97.86 53.26 49.11
C SER F 261 -99.02 52.36 48.67
N GLY F 262 -99.27 52.33 47.36
CA GLY F 262 -100.40 51.56 46.84
C GLY F 262 -100.18 50.06 46.83
N PHE F 263 -98.98 49.59 47.15
CA PHE F 263 -98.73 48.16 47.20
C PHE F 263 -99.52 47.52 48.32
N ILE F 264 -100.20 46.41 48.02
CA ILE F 264 -100.98 45.66 49.00
C ILE F 264 -100.57 44.20 48.92
N LYS F 265 -100.42 43.57 50.09
CA LYS F 265 -99.98 42.19 50.15
C LYS F 265 -101.07 41.26 49.60
N ILE F 266 -100.63 40.21 48.90
CA ILE F 266 -101.55 39.23 48.34
C ILE F 266 -101.41 37.88 49.03
N ALA F 267 -100.20 37.32 49.05
CA ALA F 267 -99.96 36.02 49.66
C ALA F 267 -98.47 35.91 49.98
N GLU F 268 -98.08 34.73 50.46
CA GLU F 268 -96.69 34.43 50.80
C GLU F 268 -96.30 33.09 50.20
N ARG F 269 -95.09 33.04 49.62
CA ARG F 269 -94.55 31.83 49.02
C ARG F 269 -93.14 31.61 49.55
N GLN F 270 -92.49 30.55 49.08
CA GLN F 270 -91.12 30.22 49.46
C GLN F 270 -90.38 29.75 48.22
N ILE F 271 -89.32 30.47 47.85
CA ILE F 271 -88.54 30.18 46.66
C ILE F 271 -87.08 29.98 47.07
N LYS F 272 -86.48 28.89 46.60
CA LYS F 272 -85.09 28.59 46.91
C LYS F 272 -84.17 29.41 46.02
N ARG F 273 -83.10 29.93 46.62
CA ARG F 273 -82.17 30.80 45.93
C ARG F 273 -80.80 30.72 46.60
N ARG F 274 -79.75 30.64 45.77
CA ARG F 274 -78.40 30.58 46.30
C ARG F 274 -77.97 31.93 46.86
N ARG F 275 -77.03 31.87 47.81
CA ARG F 275 -76.44 33.08 48.38
C ARG F 275 -74.94 32.85 48.56
N VAL F 276 -74.18 33.95 48.52
CA VAL F 276 -72.73 33.89 48.59
C VAL F 276 -72.27 34.71 49.78
N TYR F 277 -71.44 34.11 50.64
CA TYR F 277 -70.88 34.77 51.80
C TYR F 277 -69.36 34.79 51.68
N LYS F 278 -68.75 35.89 52.14
CA LYS F 278 -67.30 36.06 52.10
C LYS F 278 -66.79 36.36 53.49
N SER F 279 -65.74 35.64 53.90
CA SER F 279 -65.10 35.84 55.19
C SER F 279 -63.59 35.88 54.99
N ILE F 280 -62.91 36.52 55.93
CA ILE F 280 -61.46 36.72 55.86
C ILE F 280 -60.82 35.92 57.00
N ILE F 281 -59.87 35.06 56.64
CA ILE F 281 -59.20 34.20 57.60
C ILE F 281 -57.71 34.53 57.61
N THR F 282 -57.05 34.19 58.72
CA THR F 282 -55.66 34.59 58.92
C THR F 282 -54.86 33.43 59.54
N CYS F 283 -55.40 32.21 59.50
CA CYS F 283 -54.77 30.99 59.99
C CYS F 283 -54.64 30.96 61.51
N THR F 284 -55.02 32.04 62.20
CA THR F 284 -55.00 32.06 63.65
C THR F 284 -56.32 32.57 64.19
N ALA F 285 -57.01 33.41 63.41
CA ALA F 285 -58.31 33.95 63.79
C ALA F 285 -58.99 34.50 62.56
N VAL F 286 -60.32 34.59 62.65
CA VAL F 286 -61.14 35.18 61.60
C VAL F 286 -61.30 36.67 61.88
N LEU F 287 -61.05 37.50 60.87
CA LEU F 287 -61.13 38.94 61.04
C LEU F 287 -62.52 39.49 60.74
N LYS F 288 -63.12 39.07 59.63
CA LYS F 288 -64.50 39.38 59.31
C LYS F 288 -65.25 38.10 59.02
N ASP F 289 -66.44 37.95 59.58
CA ASP F 289 -67.18 36.69 59.54
C ASP F 289 -68.45 36.86 58.71
N LYS F 290 -68.50 36.16 57.58
CA LYS F 290 -69.71 35.98 56.78
C LYS F 290 -70.31 37.32 56.34
N GLN F 291 -69.55 38.03 55.52
CA GLN F 291 -70.10 39.19 54.82
C GLN F 291 -70.93 38.72 53.62
N LEU F 292 -72.01 39.45 53.36
CA LEU F 292 -72.97 39.05 52.33
C LEU F 292 -72.57 39.68 51.00
N ILE F 293 -72.03 38.85 50.09
CA ILE F 293 -71.72 39.30 48.74
C ILE F 293 -73.01 39.36 47.93
N ALA F 294 -73.13 40.40 47.11
CA ALA F 294 -74.37 40.61 46.37
C ALA F 294 -74.57 39.59 45.26
N GLY F 295 -73.55 38.81 44.94
CA GLY F 295 -73.68 37.83 43.88
C GLY F 295 -74.51 36.63 44.31
N GLU F 296 -74.71 35.73 43.35
CA GLU F 296 -75.33 34.44 43.59
C GLU F 296 -74.39 33.28 43.31
N HIS F 297 -73.26 33.52 42.65
CA HIS F 297 -72.23 32.53 42.40
C HIS F 297 -70.88 33.11 42.85
N ILE F 298 -69.89 32.24 42.97
CA ILE F 298 -68.54 32.70 43.34
C ILE F 298 -67.98 33.53 42.19
N PRO F 299 -67.53 34.76 42.45
CA PRO F 299 -67.13 35.65 41.35
C PRO F 299 -66.01 35.13 40.48
N ILE F 300 -65.07 34.36 41.04
CA ILE F 300 -63.89 33.94 40.29
C ILE F 300 -64.31 33.06 39.12
N VAL F 301 -63.78 33.37 37.93
CA VAL F 301 -64.07 32.66 36.70
C VAL F 301 -62.78 32.02 36.21
N PRO F 302 -62.68 30.69 36.16
CA PRO F 302 -61.42 30.06 35.75
C PRO F 302 -61.33 29.72 34.28
N VAL F 303 -60.12 29.76 33.72
CA VAL F 303 -59.83 29.24 32.40
C VAL F 303 -58.79 28.13 32.56
N PHE F 304 -58.92 27.07 31.77
CA PHE F 304 -58.11 25.88 31.95
C PHE F 304 -57.36 25.54 30.67
N GLY F 305 -56.22 24.86 30.83
CA GLY F 305 -55.36 24.58 29.69
C GLY F 305 -55.98 23.63 28.69
N GLU F 306 -56.06 22.34 29.01
CA GLU F 306 -56.92 21.51 28.17
C GLU F 306 -58.05 20.92 28.98
N TRP F 307 -57.74 19.92 29.82
CA TRP F 307 -58.53 19.42 30.93
C TRP F 307 -57.88 18.14 31.44
N GLY F 308 -58.42 17.55 32.52
CA GLY F 308 -58.05 16.18 32.81
C GLY F 308 -58.37 15.66 34.20
N PHE F 309 -58.92 14.45 34.27
CA PHE F 309 -59.10 13.71 35.51
C PHE F 309 -58.61 12.29 35.24
N VAL F 310 -57.40 11.97 35.70
CA VAL F 310 -56.78 10.70 35.35
C VAL F 310 -57.35 9.56 36.17
N GLU F 311 -57.16 9.59 37.50
CA GLU F 311 -57.75 8.60 38.38
C GLU F 311 -58.75 9.22 39.35
N ASP F 312 -58.33 10.18 40.16
CA ASP F 312 -59.26 10.89 41.03
C ASP F 312 -58.80 12.34 41.20
N LYS F 313 -57.77 12.78 40.48
CA LYS F 313 -57.20 14.10 40.65
C LYS F 313 -57.17 14.83 39.32
N GLU F 314 -57.42 16.14 39.36
CA GLU F 314 -57.42 16.93 38.15
C GLU F 314 -56.00 17.22 37.68
N VAL F 315 -55.82 17.21 36.37
CA VAL F 315 -54.55 17.53 35.74
C VAL F 315 -54.81 18.46 34.57
N TYR F 316 -54.02 19.53 34.47
CA TYR F 316 -54.11 20.46 33.35
C TYR F 316 -52.72 20.68 32.77
N GLU F 317 -52.69 20.96 31.47
CA GLU F 317 -51.44 21.10 30.72
C GLU F 317 -51.54 22.34 29.83
N GLY F 318 -50.39 22.74 29.29
CA GLY F 318 -50.33 23.88 28.40
C GLY F 318 -49.51 23.58 27.16
N VAL F 319 -48.49 24.39 26.90
CA VAL F 319 -47.62 24.20 25.75
C VAL F 319 -46.19 23.83 26.18
N VAL F 320 -45.77 24.17 27.39
CA VAL F 320 -44.37 24.04 27.78
C VAL F 320 -44.08 22.71 28.47
N ARG F 321 -45.10 21.97 28.90
CA ARG F 321 -44.89 20.76 29.68
C ARG F 321 -44.06 19.73 28.91
N LEU F 322 -44.38 19.51 27.65
CA LEU F 322 -43.73 18.45 26.88
C LEU F 322 -42.48 18.91 26.14
N THR F 323 -42.13 20.20 26.21
CA THR F 323 -40.98 20.74 25.49
C THR F 323 -39.80 21.01 26.42
N LYS F 324 -39.82 20.49 27.64
CA LYS F 324 -38.78 20.83 28.60
C LYS F 324 -37.55 19.94 28.44
N ASP F 325 -37.75 18.64 28.24
CA ASP F 325 -36.62 17.71 28.16
C ASP F 325 -35.73 18.03 26.97
N GLY F 326 -36.32 18.18 25.79
CA GLY F 326 -35.53 18.48 24.61
C GLY F 326 -34.82 19.83 24.71
N GLN F 327 -35.51 20.83 25.27
CA GLN F 327 -34.90 22.14 25.45
C GLN F 327 -33.70 22.07 26.38
N ARG F 328 -33.83 21.35 27.49
CA ARG F 328 -32.71 21.20 28.42
C ARG F 328 -31.56 20.44 27.79
N LEU F 329 -31.86 19.40 27.01
CA LEU F 329 -30.81 18.67 26.32
C LEU F 329 -30.09 19.56 25.32
N ARG F 330 -30.83 20.38 24.58
CA ARG F 330 -30.22 21.30 23.63
C ARG F 330 -29.30 22.28 24.34
N ASN F 331 -29.74 22.82 25.49
CA ASN F 331 -28.91 23.73 26.26
C ASN F 331 -27.64 23.04 26.73
N MET F 332 -27.76 21.80 27.21
CA MET F 332 -26.59 21.08 27.69
C MET F 332 -25.58 20.81 26.57
N ILE F 333 -26.07 20.40 25.41
CA ILE F 333 -25.18 20.13 24.28
C ILE F 333 -24.48 21.41 23.85
N MET F 334 -25.22 22.53 23.79
CA MET F 334 -24.60 23.79 23.41
C MET F 334 -23.53 24.20 24.42
N SER F 335 -23.80 24.02 25.71
CA SER F 335 -22.80 24.37 26.72
C SER F 335 -21.56 23.50 26.60
N PHE F 336 -21.74 22.20 26.38
CA PHE F 336 -20.59 21.31 26.24
C PHE F 336 -19.76 21.66 25.02
N ASN F 337 -20.42 21.98 23.90
CA ASN F 337 -19.69 22.35 22.70
C ASN F 337 -18.94 23.67 22.89
N ALA F 338 -19.55 24.63 23.59
CA ALA F 338 -18.85 25.87 23.88
C ALA F 338 -17.62 25.63 24.75
N ASP F 339 -17.75 24.75 25.74
CA ASP F 339 -16.59 24.39 26.56
C ASP F 339 -15.49 23.76 25.72
N ILE F 340 -15.87 22.86 24.81
CA ILE F 340 -14.89 22.21 23.94
C ILE F 340 -14.17 23.24 23.08
N VAL F 341 -14.92 24.22 22.55
CA VAL F 341 -14.30 25.27 21.75
C VAL F 341 -13.35 26.11 22.60
N ALA F 342 -13.76 26.43 23.84
CA ALA F 342 -12.99 27.36 24.65
C ALA F 342 -11.70 26.74 25.18
N ARG F 343 -11.81 25.64 25.93
CA ARG F 343 -10.68 25.17 26.73
C ARG F 343 -9.74 24.23 25.98
N THR F 344 -10.06 23.82 24.76
CA THR F 344 -9.20 22.90 24.05
C THR F 344 -7.94 23.62 23.57
N PRO F 345 -6.76 23.03 23.73
CA PRO F 345 -5.55 23.63 23.17
C PRO F 345 -5.60 23.64 21.66
N LYS F 346 -4.92 24.63 21.07
CA LYS F 346 -4.92 24.83 19.63
C LYS F 346 -3.94 23.85 18.98
N LYS F 347 -3.68 24.04 17.69
CA LYS F 347 -2.82 23.16 16.92
C LYS F 347 -1.45 23.83 16.75
N LYS F 348 -0.42 23.23 17.34
CA LYS F 348 0.93 23.75 17.26
C LYS F 348 1.89 22.57 17.19
N PRO F 349 3.04 22.74 16.57
CA PRO F 349 3.96 21.61 16.36
C PRO F 349 4.61 21.14 17.66
N PHE F 350 5.08 19.89 17.61
CA PHE F 350 5.80 19.26 18.73
C PHE F 350 7.29 19.30 18.39
N PHE F 351 8.05 20.02 19.22
CA PHE F 351 9.49 20.17 19.03
C PHE F 351 10.25 19.59 20.21
N TRP F 352 11.46 19.11 19.94
CA TRP F 352 12.40 18.83 21.00
C TRP F 352 13.06 20.14 21.43
N PRO F 353 13.48 20.24 22.70
CA PRO F 353 14.12 21.49 23.16
C PRO F 353 15.42 21.80 22.46
N GLU F 354 16.07 20.81 21.84
CA GLU F 354 17.35 21.00 21.19
C GLU F 354 17.30 20.87 19.67
N GLN F 355 16.16 20.50 19.11
CA GLN F 355 15.97 20.65 17.66
C GLN F 355 15.92 22.12 17.26
N ILE F 356 15.55 22.99 18.20
CA ILE F 356 15.47 24.43 17.98
C ILE F 356 16.38 25.13 18.97
N ALA F 357 17.53 24.53 19.26
CA ALA F 357 18.51 25.11 20.18
C ALA F 357 18.69 26.60 19.93
N GLY F 358 19.09 26.97 18.72
CA GLY F 358 19.00 28.34 18.25
C GLY F 358 17.72 28.54 17.47
N PHE F 359 17.72 29.59 16.64
CA PHE F 359 16.66 29.81 15.66
C PHE F 359 15.30 30.01 16.33
N GLU F 360 15.28 30.32 17.62
CA GLU F 360 14.04 30.35 18.38
C GLU F 360 13.20 31.58 18.11
N HIS F 361 13.73 32.58 17.42
CA HIS F 361 12.96 33.77 17.05
C HIS F 361 12.31 33.62 15.68
N MET F 362 12.46 32.46 15.02
CA MET F 362 11.84 32.22 13.73
C MET F 362 10.45 31.64 13.83
N TYR F 363 10.14 30.93 14.91
CA TYR F 363 8.89 30.18 15.02
C TYR F 363 7.82 30.94 15.80
N ASP F 364 8.07 32.18 16.19
CA ASP F 364 7.06 32.94 16.92
C ASP F 364 6.04 33.58 16.00
N GLY F 365 6.31 33.63 14.70
CA GLY F 365 5.39 34.20 13.74
C GLY F 365 5.71 35.62 13.28
N ASN F 366 6.98 36.04 13.35
CA ASN F 366 7.32 37.39 12.96
C ASN F 366 7.24 37.59 11.46
N ASP F 367 7.40 36.52 10.68
CA ASP F 367 7.37 36.58 9.22
C ASP F 367 8.43 37.56 8.69
N ASP F 368 9.67 37.32 9.11
CA ASP F 368 10.81 38.10 8.67
C ASP F 368 11.88 37.27 7.97
N TYR F 369 11.77 35.94 7.98
CA TYR F 369 12.76 35.08 7.38
C TYR F 369 12.14 34.25 6.25
N PRO F 370 12.89 33.99 5.17
CA PRO F 370 12.31 33.26 4.04
C PRO F 370 12.13 31.77 4.28
N TYR F 371 12.70 31.21 5.36
CA TYR F 371 12.59 29.79 5.62
C TYR F 371 12.89 29.55 7.10
N TYR F 372 12.54 28.35 7.55
CA TYR F 372 12.77 27.93 8.93
C TYR F 372 14.01 27.03 8.98
N LEU F 373 14.72 27.10 10.10
CA LEU F 373 15.99 26.41 10.25
C LEU F 373 15.95 25.44 11.42
N LEU F 374 16.68 24.34 11.28
CA LEU F 374 16.80 23.32 12.32
C LEU F 374 18.24 22.83 12.34
N ASN F 375 18.85 22.80 13.53
CA ASN F 375 20.22 22.30 13.63
C ASN F 375 20.22 20.79 13.54
N ARG F 376 21.38 20.23 13.17
CA ARG F 376 21.51 18.82 12.86
C ARG F 376 22.34 18.05 13.87
N THR F 377 23.57 18.47 14.13
CA THR F 377 24.54 17.64 14.84
C THR F 377 24.30 17.65 16.34
N ASP F 378 24.82 16.62 16.99
CA ASP F 378 24.84 16.51 18.45
C ASP F 378 26.24 16.08 18.89
N GLU F 379 26.62 16.49 20.10
CA GLU F 379 27.97 16.21 20.57
C GLU F 379 28.17 14.72 20.82
N ASN F 380 27.24 14.08 21.55
CA ASN F 380 27.39 12.67 21.87
C ASN F 380 26.81 11.79 20.78
N SER F 381 25.53 11.92 20.50
CA SER F 381 24.91 11.20 19.40
C SER F 381 25.35 11.79 18.07
N GLY F 382 25.25 11.00 17.02
CA GLY F 382 25.74 11.44 15.73
C GLY F 382 24.93 12.54 15.06
N ASP F 383 23.74 12.20 14.56
CA ASP F 383 22.94 13.15 13.79
C ASP F 383 21.44 13.01 14.04
N LEU F 384 21.05 12.63 15.25
CA LEU F 384 19.66 12.24 15.48
C LEU F 384 18.62 13.32 15.13
N PRO F 385 18.80 14.60 15.46
CA PRO F 385 17.77 15.58 15.10
C PRO F 385 17.47 15.59 13.61
N THR F 386 16.19 15.69 13.28
CA THR F 386 15.68 15.54 11.92
C THR F 386 14.87 16.76 11.51
N GLN F 387 14.51 16.79 10.22
CA GLN F 387 13.71 17.87 9.65
C GLN F 387 12.22 17.74 9.99
N PRO F 388 11.57 16.58 9.78
CA PRO F 388 10.12 16.51 10.04
C PRO F 388 9.77 16.64 11.50
N LEU F 389 8.49 16.54 11.83
CA LEU F 389 7.99 16.83 13.17
C LEU F 389 6.50 16.48 13.22
N ALA F 390 5.96 16.42 14.43
CA ALA F 390 4.59 16.03 14.68
C ALA F 390 3.76 17.22 15.14
N TYR F 391 2.49 17.23 14.76
CA TYR F 391 1.57 18.31 15.07
C TYR F 391 0.47 17.86 16.02
N TYR F 392 -0.14 18.83 16.69
CA TYR F 392 -1.29 18.61 17.54
C TYR F 392 -2.56 18.60 16.68
N GLU F 393 -3.58 17.91 17.16
CA GLU F 393 -4.82 17.78 16.40
C GLU F 393 -5.82 18.86 16.77
N ASN F 394 -6.58 19.31 15.77
CA ASN F 394 -7.51 20.41 15.94
C ASN F 394 -8.68 20.00 16.82
N PRO F 395 -9.30 20.97 17.50
CA PRO F 395 -10.52 20.66 18.28
C PRO F 395 -11.67 20.30 17.35
N GLU F 396 -12.39 19.24 17.69
CA GLU F 396 -13.51 18.76 16.89
C GLU F 396 -14.71 18.52 17.77
N VAL F 397 -15.89 18.79 17.21
CA VAL F 397 -17.16 18.51 17.89
C VAL F 397 -17.53 17.06 17.58
N PRO F 398 -17.72 16.20 18.58
CA PRO F 398 -17.95 14.78 18.31
C PRO F 398 -19.28 14.55 17.63
N GLN F 399 -19.42 13.35 17.04
CA GLN F 399 -20.64 13.01 16.32
C GLN F 399 -21.83 12.86 17.25
N ALA F 400 -21.62 12.33 18.45
CA ALA F 400 -22.73 12.15 19.38
C ALA F 400 -23.35 13.48 19.79
N ASN F 401 -22.51 14.50 20.04
CA ASN F 401 -23.03 15.79 20.43
C ASN F 401 -23.91 16.39 19.34
N ALA F 402 -23.43 16.38 18.10
CA ALA F 402 -24.20 16.95 17.00
C ALA F 402 -25.48 16.16 16.77
N TYR F 403 -25.40 14.83 16.80
CA TYR F 403 -26.58 14.01 16.59
C TYR F 403 -27.63 14.27 17.65
N MET F 404 -27.22 14.34 18.91
CA MET F 404 -28.20 14.56 19.98
C MET F 404 -28.75 15.97 19.96
N LEU F 405 -27.93 16.95 19.60
CA LEU F 405 -28.43 18.32 19.47
C LEU F 405 -29.51 18.39 18.40
N GLU F 406 -29.25 17.78 17.24
CA GLU F 406 -30.23 17.78 16.16
C GLU F 406 -31.50 17.04 16.57
N ALA F 407 -31.35 15.89 17.21
CA ALA F 407 -32.52 15.12 17.63
C ALA F 407 -33.36 15.86 18.65
N ALA F 408 -32.70 16.52 19.62
CA ALA F 408 -33.45 17.28 20.62
C ALA F 408 -34.16 18.48 19.99
N THR F 409 -33.50 19.17 19.07
CA THR F 409 -34.15 20.29 18.40
C THR F 409 -35.36 19.83 17.60
N SER F 410 -35.23 18.71 16.89
CA SER F 410 -36.37 18.17 16.15
C SER F 410 -37.49 17.76 17.08
N ALA F 411 -37.15 17.13 18.21
CA ALA F 411 -38.17 16.70 19.16
C ALA F 411 -38.92 17.89 19.74
N VAL F 412 -38.22 18.98 20.02
CA VAL F 412 -38.89 20.17 20.54
C VAL F 412 -39.79 20.78 19.47
N LYS F 413 -39.28 20.91 18.25
CA LYS F 413 -40.10 21.49 17.18
C LYS F 413 -41.24 20.58 16.77
N GLU F 414 -41.22 19.31 17.17
CA GLU F 414 -42.27 18.37 16.77
C GLU F 414 -43.44 18.34 17.75
N VAL F 415 -43.17 18.51 19.04
CA VAL F 415 -44.22 18.39 20.06
C VAL F 415 -44.82 19.74 20.45
N ALA F 416 -44.15 20.84 20.13
CA ALA F 416 -44.65 22.17 20.50
C ALA F 416 -45.70 22.66 19.51
N THR F 417 -46.72 21.83 19.31
CA THR F 417 -47.81 22.13 18.41
C THR F 417 -49.13 21.93 19.14
N LEU F 418 -50.19 22.53 18.60
CA LEU F 418 -51.53 22.42 19.17
C LEU F 418 -52.54 21.88 18.16
N GLY F 419 -52.09 21.29 17.06
CA GLY F 419 -52.97 20.76 16.06
C GLY F 419 -52.40 21.00 14.68
N VAL F 420 -53.28 21.02 13.69
CA VAL F 420 -52.90 21.23 12.31
C VAL F 420 -52.91 22.73 12.02
N ASP F 421 -52.10 23.15 11.05
CA ASP F 421 -51.98 24.55 10.65
C ASP F 421 -51.55 25.41 11.82
N ASP F 443 -59.71 24.93 11.24
CA ASP F 443 -59.55 26.37 11.30
C ASP F 443 -58.16 26.75 11.79
N LEU F 444 -58.10 27.46 12.92
CA LEU F 444 -56.84 27.90 13.47
C LEU F 444 -56.18 26.77 14.26
N GLU F 445 -54.96 27.03 14.75
CA GLU F 445 -54.25 26.07 15.56
C GLU F 445 -54.79 26.01 16.99
N THR F 446 -55.40 27.10 17.46
CA THR F 446 -55.81 27.24 18.85
C THR F 446 -57.33 27.24 19.02
N TYR F 447 -58.04 26.38 18.28
CA TYR F 447 -59.50 26.37 18.39
C TYR F 447 -59.98 25.86 19.75
N VAL F 448 -59.32 24.85 20.30
CA VAL F 448 -59.76 24.29 21.57
C VAL F 448 -59.62 25.31 22.70
N PHE F 449 -58.50 26.04 22.71
CA PHE F 449 -58.33 27.07 23.73
C PHE F 449 -59.36 28.19 23.56
N GLN F 450 -59.71 28.53 22.31
CA GLN F 450 -60.76 29.51 22.09
C GLN F 450 -62.10 29.03 22.62
N ASP F 451 -62.40 27.73 22.44
CA ASP F 451 -63.64 27.19 22.98
C ASP F 451 -63.64 27.23 24.51
N ASN F 452 -62.51 26.92 25.12
CA ASN F 452 -62.42 27.00 26.59
C ASN F 452 -62.62 28.44 27.06
N LEU F 453 -62.03 29.41 26.36
CA LEU F 453 -62.24 30.81 26.69
C LEU F 453 -63.71 31.20 26.51
N ALA F 454 -64.37 30.65 25.49
CA ALA F 454 -65.81 30.93 25.31
C ALA F 454 -66.62 30.39 26.48
N THR F 455 -66.29 29.18 26.95
CA THR F 455 -66.98 28.64 28.12
C THR F 455 -66.77 29.54 29.34
N ALA F 456 -65.54 29.99 29.55
CA ALA F 456 -65.26 30.89 30.67
C ALA F 456 -66.02 32.19 30.53
N MET F 457 -66.13 32.71 29.30
CA MET F 457 -66.87 33.95 29.08
C MET F 457 -68.36 33.76 29.35
N ARG F 458 -68.90 32.59 29.00
CA ARG F 458 -70.30 32.31 29.33
C ARG F 458 -70.51 32.29 30.84
N ARG F 459 -69.59 31.67 31.58
CA ARG F 459 -69.67 31.68 33.03
C ARG F 459 -69.61 33.11 33.57
N ASP F 460 -68.71 33.92 33.03
CA ASP F 460 -68.59 35.31 33.45
C ASP F 460 -69.89 36.07 33.17
N GLY F 461 -70.51 35.81 32.02
CA GLY F 461 -71.78 36.44 31.71
C GLY F 461 -72.87 36.06 32.69
N GLU F 462 -72.91 34.78 33.07
CA GLU F 462 -73.89 34.34 34.07
C GLU F 462 -73.68 35.07 35.40
N ILE F 463 -72.43 35.14 35.86
CA ILE F 463 -72.14 35.81 37.13
C ILE F 463 -72.52 37.28 37.05
N TYR F 464 -72.17 37.96 35.95
CA TYR F 464 -72.48 39.37 35.81
C TYR F 464 -73.99 39.60 35.76
N GLN F 465 -74.73 38.71 35.09
CA GLN F 465 -76.18 38.83 35.06
C GLN F 465 -76.76 38.73 36.46
N SER F 466 -76.28 37.76 37.25
CA SER F 466 -76.77 37.62 38.62
C SER F 466 -76.47 38.88 39.44
N ILE F 467 -75.25 39.40 39.32
CA ILE F 467 -74.88 40.59 40.09
C ILE F 467 -75.74 41.78 39.69
N VAL F 468 -76.11 41.96 38.44
CA VAL F 468 -76.91 43.13 38.14
C VAL F 468 -78.27 43.12 38.85
N ASN F 469 -78.74 41.97 39.30
CA ASN F 469 -80.08 41.86 39.88
C ASN F 469 -80.17 42.19 41.35
N ASP F 470 -79.06 42.15 42.06
CA ASP F 470 -79.08 42.39 43.47
C ASP F 470 -78.53 43.75 43.81
N ILE F 471 -77.98 44.45 42.83
CA ILE F 471 -77.34 45.74 43.07
C ILE F 471 -77.85 46.85 42.18
N TYR F 472 -77.99 46.58 40.89
CA TYR F 472 -78.44 47.59 39.97
C TYR F 472 -79.94 47.57 39.92
N ASP F 473 -80.54 48.58 39.33
CA ASP F 473 -81.98 48.58 39.17
C ASP F 473 -82.33 48.33 37.72
N VAL F 474 -83.20 47.36 37.47
CA VAL F 474 -83.54 46.99 36.10
C VAL F 474 -84.97 47.38 35.75
N PRO F 475 -85.17 48.04 34.60
CA PRO F 475 -86.50 48.51 34.21
C PRO F 475 -87.41 47.48 33.53
N ARG F 476 -88.67 47.38 33.94
CA ARG F 476 -89.65 46.47 33.33
C ARG F 476 -90.36 47.22 32.21
N ASN F 477 -90.36 46.63 31.02
CA ASN F 477 -90.93 47.28 29.85
C ASN F 477 -92.33 46.72 29.61
N VAL F 478 -93.32 47.61 29.55
CA VAL F 478 -94.71 47.24 29.36
C VAL F 478 -95.32 48.18 28.34
N THR F 479 -96.16 47.64 27.46
CA THR F 479 -96.83 48.43 26.43
C THR F 479 -98.28 48.65 26.82
N ILE F 480 -98.71 49.93 26.83
CA ILE F 480 -100.07 50.26 27.22
C ILE F 480 -101.06 49.73 26.19
N THR F 481 -100.68 49.75 24.91
CA THR F 481 -101.56 49.37 23.80
C THR F 481 -102.84 50.22 23.80
N LEU F 482 -102.68 51.52 24.06
CA LEU F 482 -103.80 52.43 24.07
C LEU F 482 -104.32 52.65 22.66
N GLU F 483 -105.59 53.05 22.56
CA GLU F 483 -106.18 53.32 21.26
C GLU F 483 -105.50 54.50 20.57
N ASP F 484 -105.21 55.56 21.32
CA ASP F 484 -104.54 56.72 20.74
C ASP F 484 -103.10 56.40 20.38
N GLY F 485 -102.37 55.75 21.28
CA GLY F 485 -100.98 55.42 21.03
C GLY F 485 -100.73 53.93 21.03
N SER F 486 -100.22 53.41 19.91
CA SER F 486 -99.97 51.99 19.75
C SER F 486 -98.48 51.71 19.79
N GLU F 487 -98.11 50.64 20.50
CA GLU F 487 -96.71 50.22 20.67
C GLU F 487 -95.90 51.36 21.29
N LYS F 488 -96.27 51.74 22.51
CA LYS F 488 -95.53 52.75 23.27
C LYS F 488 -94.67 52.05 24.31
N ASP F 489 -93.34 52.18 24.16
CA ASP F 489 -92.40 51.55 25.09
C ASP F 489 -92.21 52.49 26.28
N VAL F 490 -93.04 52.28 27.31
CA VAL F 490 -93.02 53.12 28.49
C VAL F 490 -91.73 52.94 29.31
N GLN F 491 -91.25 51.71 29.44
CA GLN F 491 -90.07 51.40 30.26
C GLN F 491 -90.27 51.85 31.71
N LEU F 492 -91.29 51.27 32.34
CA LEU F 492 -91.63 51.61 33.71
C LEU F 492 -90.53 51.16 34.67
N MET F 493 -90.27 52.00 35.67
CA MET F 493 -89.29 51.72 36.71
C MET F 493 -89.95 51.90 38.07
N ALA F 494 -89.46 51.18 39.07
CA ALA F 494 -90.03 51.23 40.40
C ALA F 494 -88.91 51.45 41.41
N GLU F 495 -89.07 52.43 42.30
CA GLU F 495 -88.09 52.72 43.32
C GLU F 495 -88.80 53.33 44.53
N VAL F 496 -88.49 52.81 45.71
CA VAL F 496 -89.10 53.28 46.96
C VAL F 496 -87.99 53.62 47.94
N VAL F 497 -88.10 54.77 48.59
CA VAL F 497 -87.15 55.22 49.59
C VAL F 497 -87.64 54.78 50.96
N ASP F 498 -86.71 54.68 51.91
CA ASP F 498 -87.04 54.16 53.23
C ASP F 498 -87.83 55.17 54.05
N LEU F 499 -87.70 56.45 53.73
CA LEU F 499 -88.43 57.54 54.39
C LEU F 499 -87.99 57.74 55.83
N ALA F 500 -87.09 56.89 56.32
CA ALA F 500 -86.42 57.09 57.60
C ALA F 500 -84.92 57.28 57.46
N THR F 501 -84.36 56.96 56.30
CA THR F 501 -82.95 57.22 56.00
C THR F 501 -82.83 57.58 54.53
N GLY F 502 -81.73 58.23 54.19
CA GLY F 502 -81.53 58.70 52.83
C GLY F 502 -81.18 57.62 51.83
N GLU F 503 -80.92 56.40 52.30
CA GLU F 503 -80.51 55.32 51.41
C GLU F 503 -81.68 54.89 50.52
N LYS F 504 -81.36 54.53 49.29
CA LYS F 504 -82.34 54.06 48.32
C LYS F 504 -82.49 52.54 48.42
N GLN F 505 -83.65 52.04 47.99
CA GLN F 505 -83.92 50.61 47.99
C GLN F 505 -84.44 50.21 46.62
N VAL F 506 -83.90 49.13 46.06
CA VAL F 506 -84.27 48.67 44.73
C VAL F 506 -85.44 47.69 44.84
N LEU F 507 -86.18 47.57 43.74
CA LEU F 507 -87.33 46.66 43.65
C LEU F 507 -87.25 45.92 42.32
N ASN F 508 -86.74 44.70 42.35
CA ASN F 508 -86.65 43.84 41.18
C ASN F 508 -87.63 42.68 41.31
N ASP F 509 -88.43 42.47 40.28
CA ASP F 509 -89.36 41.33 40.28
C ASP F 509 -88.57 40.02 40.20
N ILE F 510 -89.23 38.92 40.53
CA ILE F 510 -88.60 37.61 40.51
C ILE F 510 -89.01 36.87 39.24
N ARG F 511 -90.26 37.08 38.80
CA ARG F 511 -90.76 36.38 37.62
C ARG F 511 -89.99 36.80 36.37
N GLY F 512 -89.65 38.08 36.25
CA GLY F 512 -88.98 38.58 35.06
C GLY F 512 -87.50 38.82 35.22
N ARG F 513 -86.83 37.98 36.02
CA ARG F 513 -85.39 38.14 36.21
C ARG F 513 -84.60 37.39 35.14
N TYR F 514 -84.79 36.08 35.05
CA TYR F 514 -84.00 35.22 34.16
C TYR F 514 -84.81 34.98 32.89
N GLU F 515 -84.67 35.89 31.92
CA GLU F 515 -85.36 35.76 30.64
C GLU F 515 -84.47 36.16 29.47
N CYS F 516 -83.16 35.94 29.59
CA CYS F 516 -82.23 36.17 28.49
C CYS F 516 -80.97 35.35 28.77
N TYR F 517 -80.66 34.44 27.86
CA TYR F 517 -79.51 33.56 28.01
C TYR F 517 -78.25 34.22 27.46
N THR F 518 -77.11 33.72 27.93
CA THR F 518 -75.80 34.25 27.55
C THR F 518 -75.25 33.51 26.35
N ASP F 519 -74.53 34.24 25.50
CA ASP F 519 -73.94 33.68 24.30
C ASP F 519 -72.63 34.39 24.03
N VAL F 520 -71.81 33.77 23.17
CA VAL F 520 -70.47 34.25 22.88
C VAL F 520 -70.46 34.83 21.47
N GLY F 521 -69.94 36.05 21.35
CA GLY F 521 -69.83 36.72 20.07
C GLY F 521 -68.66 37.67 20.02
N PRO F 522 -68.56 38.45 18.95
CA PRO F 522 -67.46 39.40 18.83
C PRO F 522 -67.55 40.50 19.88
N SER F 523 -66.39 41.09 20.17
CA SER F 523 -66.26 42.06 21.25
C SER F 523 -66.36 43.47 20.69
N PHE F 524 -67.33 44.23 21.17
CA PHE F 524 -67.51 45.63 20.84
C PHE F 524 -67.37 46.48 22.09
N GLN F 525 -67.61 47.79 21.95
CA GLN F 525 -67.45 48.71 23.06
C GLN F 525 -68.69 49.52 23.39
N SER F 526 -69.67 49.62 22.49
CA SER F 526 -70.88 50.37 22.78
C SER F 526 -72.04 49.74 22.01
N MET F 527 -73.25 50.03 22.48
CA MET F 527 -74.45 49.46 21.87
C MET F 527 -74.68 49.97 20.45
N LYS F 528 -74.08 51.09 20.06
CA LYS F 528 -74.20 51.59 18.70
C LYS F 528 -73.30 50.82 17.74
N GLN F 529 -72.14 50.34 18.20
CA GLN F 529 -71.27 49.56 17.34
C GLN F 529 -71.88 48.22 16.95
N GLN F 530 -72.63 47.58 17.85
CA GLN F 530 -73.33 46.36 17.47
C GLN F 530 -74.35 46.62 16.38
N ASN F 531 -75.10 47.72 16.50
CA ASN F 531 -76.06 48.06 15.45
C ASN F 531 -75.36 48.33 14.13
N ARG F 532 -74.23 49.05 14.17
CA ARG F 532 -73.49 49.33 12.95
C ARG F 532 -72.99 48.04 12.31
N ALA F 533 -72.46 47.11 13.12
CA ALA F 533 -71.96 45.86 12.58
C ALA F 533 -73.07 45.01 11.99
N GLU F 534 -74.23 44.94 12.66
CA GLU F 534 -75.35 44.18 12.11
C GLU F 534 -75.86 44.80 10.82
N ILE F 535 -75.91 46.13 10.74
CA ILE F 535 -76.35 46.77 9.50
C ILE F 535 -75.35 46.49 8.38
N LEU F 536 -74.05 46.51 8.68
CA LEU F 536 -73.06 46.16 7.67
C LEU F 536 -73.21 44.72 7.21
N GLU F 537 -73.47 43.79 8.14
CA GLU F 537 -73.66 42.40 7.76
C GLU F 537 -74.88 42.23 6.85
N LEU F 538 -76.00 42.86 7.23
CA LEU F 538 -77.20 42.77 6.40
C LEU F 538 -76.99 43.43 5.04
N LEU F 539 -76.26 44.54 5.00
CA LEU F 539 -75.97 45.20 3.74
C LEU F 539 -75.13 44.31 2.84
N GLY F 540 -74.13 43.64 3.40
CA GLY F 540 -73.34 42.70 2.62
C GLY F 540 -74.15 41.52 2.13
N LYS F 541 -75.10 41.06 2.94
CA LYS F 541 -75.96 39.94 2.55
C LYS F 541 -77.00 40.30 1.51
N THR F 542 -77.46 41.55 1.48
CA THR F 542 -78.52 42.01 0.59
C THR F 542 -77.93 42.40 -0.77
N PRO F 543 -78.48 41.88 -1.87
CA PRO F 543 -77.99 42.26 -3.20
C PRO F 543 -78.31 43.71 -3.52
N GLN F 544 -77.50 44.30 -4.40
CA GLN F 544 -77.67 45.68 -4.78
C GLN F 544 -78.91 45.86 -5.66
N GLY F 545 -79.29 47.12 -5.86
CA GLY F 545 -80.45 47.45 -6.67
C GLY F 545 -81.75 46.91 -6.09
N THR F 546 -81.91 47.04 -4.77
CA THR F 546 -83.06 46.53 -4.06
C THR F 546 -83.49 47.56 -3.03
N PRO F 547 -84.80 47.74 -2.82
CA PRO F 547 -85.24 48.68 -1.77
C PRO F 547 -84.67 48.37 -0.39
N GLU F 548 -84.50 47.08 -0.07
CA GLU F 548 -83.86 46.71 1.19
C GLU F 548 -82.44 47.24 1.26
N TYR F 549 -81.71 47.20 0.14
CA TYR F 549 -80.34 47.73 0.12
C TYR F 549 -80.33 49.22 0.42
N GLN F 550 -81.25 49.97 -0.17
CA GLN F 550 -81.32 51.41 0.10
C GLN F 550 -81.70 51.68 1.55
N LEU F 551 -82.64 50.90 2.09
CA LEU F 551 -83.01 51.07 3.50
C LEU F 551 -81.83 50.80 4.42
N LEU F 552 -81.05 49.76 4.11
CA LEU F 552 -79.89 49.44 4.93
C LEU F 552 -78.83 50.53 4.82
N LEU F 553 -78.63 51.08 3.62
CA LEU F 553 -77.69 52.19 3.47
C LEU F 553 -78.11 53.39 4.29
N LEU F 554 -79.39 53.74 4.25
CA LEU F 554 -79.86 54.89 5.02
C LEU F 554 -79.75 54.64 6.52
N GLN F 555 -80.07 53.42 6.96
CA GLN F 555 -79.93 53.09 8.37
C GLN F 555 -78.48 53.13 8.83
N TYR F 556 -77.55 52.68 7.99
CA TYR F 556 -76.14 52.80 8.31
C TYR F 556 -75.70 54.26 8.38
N PHE F 557 -76.18 55.08 7.44
CA PHE F 557 -75.77 56.48 7.41
C PHE F 557 -76.31 57.26 8.60
N THR F 558 -77.51 56.92 9.07
CA THR F 558 -78.09 57.64 10.19
C THR F 558 -77.53 57.22 11.55
N LEU F 559 -76.44 56.46 11.58
CA LEU F 559 -75.84 56.01 12.82
C LEU F 559 -74.44 56.58 13.07
N LEU F 560 -73.97 57.48 12.22
CA LEU F 560 -72.63 58.04 12.40
C LEU F 560 -72.62 59.02 13.58
N ASP F 561 -71.42 59.33 14.06
CA ASP F 561 -71.24 60.08 15.29
C ASP F 561 -70.74 61.51 15.04
N GLY F 562 -69.65 61.67 14.28
CA GLY F 562 -68.97 62.95 14.23
C GLY F 562 -69.84 64.05 13.67
N LYS F 563 -69.59 65.27 14.16
CA LYS F 563 -70.34 66.44 13.70
C LYS F 563 -69.96 66.81 12.27
N GLY F 564 -68.76 66.46 11.82
CA GLY F 564 -68.39 66.72 10.44
C GLY F 564 -69.31 66.03 9.46
N VAL F 565 -69.62 64.76 9.72
CA VAL F 565 -70.63 64.06 8.93
C VAL F 565 -72.01 64.21 9.59
N GLU F 566 -72.65 65.34 9.34
CA GLU F 566 -73.99 65.62 9.85
C GLU F 566 -75.00 65.85 8.74
N MET F 567 -74.56 66.41 7.62
CA MET F 567 -75.43 66.62 6.48
C MET F 567 -76.01 65.30 5.99
N MET F 568 -75.16 64.27 5.87
CA MET F 568 -75.64 62.96 5.41
C MET F 568 -76.60 62.33 6.41
N ARG F 569 -76.31 62.47 7.71
CA ARG F 569 -77.21 61.91 8.73
C ARG F 569 -78.58 62.59 8.67
N ASP F 570 -78.60 63.92 8.57
CA ASP F 570 -79.88 64.63 8.48
C ASP F 570 -80.63 64.26 7.21
N TYR F 571 -79.92 64.14 6.09
CA TYR F 571 -80.57 63.75 4.84
C TYR F 571 -81.16 62.36 4.93
N ALA F 572 -80.42 61.42 5.54
CA ALA F 572 -80.92 60.06 5.69
C ALA F 572 -82.15 60.03 6.60
N ASN F 573 -82.13 60.77 7.71
CA ASN F 573 -83.30 60.83 8.57
C ASN F 573 -84.50 61.40 7.84
N LYS F 574 -84.29 62.48 7.07
CA LYS F 574 -85.39 63.08 6.32
C LYS F 574 -85.95 62.11 5.30
N GLN F 575 -85.09 61.39 4.58
CA GLN F 575 -85.55 60.42 3.60
C GLN F 575 -86.35 59.30 4.26
N LEU F 576 -85.84 58.77 5.37
CA LEU F 576 -86.53 57.68 6.05
C LEU F 576 -87.89 58.13 6.58
N ILE F 577 -87.99 59.35 7.10
CA ILE F 577 -89.27 59.83 7.61
C ILE F 577 -90.23 60.09 6.46
N GLN F 578 -89.76 60.70 5.37
CA GLN F 578 -90.63 61.02 4.26
C GLN F 578 -91.09 59.79 3.49
N MET F 579 -90.32 58.70 3.53
CA MET F 579 -90.72 57.48 2.84
C MET F 579 -91.68 56.62 3.65
N GLY F 580 -92.03 57.05 4.87
CA GLY F 580 -92.97 56.32 5.69
C GLY F 580 -92.42 55.13 6.41
N VAL F 581 -91.13 54.81 6.23
CA VAL F 581 -90.55 53.64 6.87
C VAL F 581 -90.41 53.86 8.38
N LYS F 582 -89.96 55.04 8.78
CA LYS F 582 -89.78 55.38 10.18
C LYS F 582 -91.00 56.14 10.70
N LYS F 583 -90.90 56.67 11.91
CA LYS F 583 -91.98 57.42 12.53
C LYS F 583 -91.47 58.73 13.08
N PRO F 584 -92.19 59.83 12.84
CA PRO F 584 -91.73 61.13 13.35
C PRO F 584 -91.76 61.20 14.87
N GLU F 585 -90.78 61.90 15.44
CA GLU F 585 -90.70 62.13 16.87
C GLU F 585 -90.77 63.61 17.22
N THR F 586 -89.88 64.42 16.67
CA THR F 586 -89.85 65.85 16.94
C THR F 586 -90.78 66.59 15.98
N PRO F 587 -91.28 67.77 16.37
CA PRO F 587 -92.30 68.45 15.55
C PRO F 587 -91.87 68.70 14.10
N GLU F 588 -90.59 68.99 13.88
CA GLU F 588 -90.12 69.15 12.50
C GLU F 588 -90.25 67.85 11.72
N GLU F 589 -90.20 66.71 12.42
CA GLU F 589 -90.34 65.44 11.71
C GLU F 589 -91.76 65.21 11.21
N GLN F 590 -92.76 65.54 12.03
CA GLN F 590 -94.13 65.52 11.52
C GLN F 590 -94.34 66.57 10.44
N GLN F 591 -93.64 67.71 10.55
CA GLN F 591 -93.71 68.70 9.46
C GLN F 591 -93.19 68.10 8.16
N TRP F 592 -92.05 67.40 8.22
CA TRP F 592 -91.52 66.73 7.04
C TRP F 592 -92.50 65.69 6.51
N LEU F 593 -93.11 64.92 7.40
CA LEU F 593 -94.03 63.87 6.98
C LEU F 593 -95.26 64.45 6.29
N VAL F 594 -95.83 65.52 6.85
CA VAL F 594 -97.02 66.12 6.24
C VAL F 594 -96.66 66.81 4.92
N GLU F 595 -95.45 67.38 4.84
CA GLU F 595 -95.01 67.93 3.56
C GLU F 595 -94.90 66.84 2.50
N ALA F 596 -94.35 65.68 2.88
CA ALA F 596 -94.26 64.58 1.93
C ALA F 596 -95.65 64.09 1.52
N GLN F 597 -96.58 64.01 2.48
CA GLN F 597 -97.93 63.59 2.17
C GLN F 597 -98.61 64.55 1.19
N GLN F 598 -98.43 65.85 1.41
CA GLN F 598 -98.99 66.84 0.49
C GLN F 598 -98.35 66.74 -0.89
N ALA F 599 -97.04 66.51 -0.94
CA ALA F 599 -96.37 66.40 -2.23
C ALA F 599 -96.78 65.13 -2.97
N LYS F 600 -97.17 64.09 -2.23
CA LYS F 600 -97.54 62.83 -2.87
C LYS F 600 -98.79 62.98 -3.73
N GLN F 601 -99.79 63.71 -3.24
CA GLN F 601 -101.06 63.78 -3.97
C GLN F 601 -100.94 64.61 -5.24
N GLY F 602 -99.90 65.44 -5.35
CA GLY F 602 -99.76 66.29 -6.51
C GLY F 602 -99.43 65.52 -7.78
N GLN F 603 -98.79 64.36 -7.64
CA GLN F 603 -98.36 63.59 -8.80
C GLN F 603 -99.57 63.05 -9.56
N GLN F 604 -99.55 63.19 -10.88
CA GLN F 604 -100.59 62.69 -11.76
C GLN F 604 -99.96 62.01 -12.95
N ASP F 605 -100.41 60.79 -13.24
CA ASP F 605 -99.88 60.04 -14.38
C ASP F 605 -100.50 60.53 -15.67
N PRO F 606 -99.71 60.91 -16.68
CA PRO F 606 -100.31 61.37 -17.94
C PRO F 606 -101.19 60.32 -18.61
N ALA F 607 -100.85 59.03 -18.44
CA ALA F 607 -101.67 57.97 -19.02
C ALA F 607 -103.08 57.98 -18.45
N MET F 608 -103.21 58.17 -17.13
CA MET F 608 -104.53 58.29 -16.52
C MET F 608 -105.31 59.45 -17.14
N VAL F 609 -104.66 60.59 -17.34
CA VAL F 609 -105.33 61.76 -17.86
C VAL F 609 -105.80 61.53 -19.30
N GLN F 610 -104.94 60.97 -20.14
CA GLN F 610 -105.32 60.72 -21.53
C GLN F 610 -106.43 59.68 -21.62
N ALA F 611 -106.35 58.63 -20.81
CA ALA F 611 -107.40 57.61 -20.80
C ALA F 611 -108.73 58.19 -20.34
N GLN F 612 -108.69 59.07 -19.32
CA GLN F 612 -109.91 59.73 -18.88
C GLN F 612 -110.50 60.60 -19.98
N GLY F 613 -109.64 61.32 -20.72
CA GLY F 613 -110.13 62.12 -21.83
C GLY F 613 -110.80 61.28 -22.89
N VAL F 614 -110.19 60.14 -23.25
CA VAL F 614 -110.79 59.25 -24.24
C VAL F 614 -112.12 58.70 -23.75
N LEU F 615 -112.19 58.31 -22.48
CA LEU F 615 -113.43 57.78 -21.93
C LEU F 615 -114.52 58.85 -21.93
N LEU F 616 -114.17 60.09 -21.59
CA LEU F 616 -115.15 61.17 -21.61
C LEU F 616 -115.64 61.44 -23.03
N GLN F 617 -114.73 61.36 -24.01
CA GLN F 617 -115.16 61.54 -25.40
C GLN F 617 -116.14 60.44 -25.82
N GLY F 618 -115.86 59.20 -25.42
CA GLY F 618 -116.80 58.12 -25.71
C GLY F 618 -118.13 58.30 -25.03
N GLN F 619 -118.12 58.75 -23.77
CA GLN F 619 -119.36 58.99 -23.05
C GLN F 619 -120.17 60.11 -23.70
N ALA F 620 -119.47 61.15 -24.18
CA ALA F 620 -120.14 62.22 -24.92
C ALA F 620 -120.73 61.72 -26.23
N GLU F 621 -120.05 60.80 -26.92
CA GLU F 621 -120.63 60.22 -28.12
C GLU F 621 -121.89 59.43 -27.80
N LEU F 622 -121.87 58.67 -26.69
CA LEU F 622 -123.08 57.96 -26.26
C LEU F 622 -124.20 58.93 -25.94
N ALA F 623 -123.86 60.04 -25.28
CA ALA F 623 -124.86 61.06 -24.98
C ALA F 623 -125.43 61.66 -26.27
N LYS F 624 -124.58 61.83 -27.27
CA LYS F 624 -125.06 62.32 -28.57
C LYS F 624 -126.03 61.34 -29.20
N ALA F 625 -125.74 60.04 -29.10
CA ALA F 625 -126.67 59.04 -29.63
C ALA F 625 -128.01 59.08 -28.88
N GLN F 626 -127.95 59.18 -27.55
CA GLN F 626 -129.18 59.26 -26.76
C GLN F 626 -129.95 60.53 -27.10
N ASN F 627 -129.24 61.61 -27.42
CA ASN F 627 -129.90 62.84 -27.86
C ASN F 627 -130.53 62.66 -29.23
N GLN F 628 -129.89 61.89 -30.10
CA GLN F 628 -130.49 61.59 -31.41
C GLN F 628 -131.78 60.81 -31.24
N THR F 629 -131.84 59.93 -30.24
CA THR F 629 -133.10 59.23 -29.96
C THR F 629 -134.22 60.21 -29.65
N LEU F 630 -133.96 61.18 -28.76
CA LEU F 630 -134.99 62.17 -28.43
C LEU F 630 -135.32 63.05 -29.63
N SER F 631 -134.32 63.35 -30.47
CA SER F 631 -134.56 64.10 -31.69
C SER F 631 -135.53 63.35 -32.60
N LEU F 632 -135.37 62.03 -32.70
CA LEU F 632 -136.33 61.22 -33.43
C LEU F 632 -137.71 61.27 -32.78
N GLN F 633 -137.75 61.27 -31.44
CA GLN F 633 -139.02 61.32 -30.75
C GLN F 633 -139.80 62.59 -31.09
N ILE F 634 -139.09 63.71 -31.25
CA ILE F 634 -139.71 65.00 -31.54
C ILE F 634 -140.71 65.38 -30.46
N ASN G 6 -40.72 63.37 59.77
CA ASN G 6 -41.82 62.43 59.84
C ASN G 6 -42.40 62.15 58.45
N ARG G 7 -42.87 63.23 57.79
CA ARG G 7 -43.37 63.11 56.44
C ARG G 7 -42.28 62.64 55.48
N LEU G 8 -41.09 63.23 55.59
CA LEU G 8 -39.96 62.79 54.77
C LEU G 8 -39.61 61.34 55.06
N GLU G 9 -39.72 60.92 56.32
CA GLU G 9 -39.42 59.54 56.66
C GLU G 9 -40.38 58.58 55.97
N SER G 10 -41.68 58.90 55.96
CA SER G 10 -42.65 58.05 55.29
C SER G 10 -42.40 58.02 53.78
N ILE G 11 -42.12 59.18 53.19
CA ILE G 11 -41.87 59.25 51.75
C ILE G 11 -40.66 58.40 51.39
N LEU G 12 -39.58 58.52 52.18
CA LEU G 12 -38.37 57.76 51.91
C LEU G 12 -38.58 56.27 52.14
N SER G 13 -39.40 55.89 53.12
CA SER G 13 -39.69 54.47 53.33
C SER G 13 -40.44 53.89 52.14
N ARG G 14 -41.45 54.62 51.63
CA ARG G 14 -42.17 54.17 50.44
C ARG G 14 -41.22 54.05 49.25
N PHE G 15 -40.37 55.05 49.07
CA PHE G 15 -39.45 55.02 47.93
C PHE G 15 -38.46 53.88 48.05
N ASP G 16 -37.94 53.62 49.25
CA ASP G 16 -37.01 52.51 49.43
C ASP G 16 -37.68 51.17 49.15
N ALA G 17 -38.91 50.99 49.64
CA ALA G 17 -39.62 49.75 49.35
C ALA G 17 -39.84 49.58 47.85
N ASP G 18 -40.25 50.65 47.17
CA ASP G 18 -40.49 50.57 45.74
C ASP G 18 -39.21 50.29 44.96
N TRP G 19 -38.10 50.91 45.38
CA TRP G 19 -36.82 50.71 44.70
C TRP G 19 -36.32 49.29 44.90
N THR G 20 -36.42 48.76 46.12
CA THR G 20 -35.91 47.42 46.38
C THR G 20 -36.79 46.35 45.76
N ALA G 21 -38.10 46.59 45.66
CA ALA G 21 -39.00 45.58 45.13
C ALA G 21 -38.87 45.37 43.63
N SER G 22 -38.16 46.24 42.92
CA SER G 22 -38.06 46.17 41.46
C SER G 22 -36.61 46.37 41.01
N ASP G 23 -35.69 45.62 41.62
CA ASP G 23 -34.27 45.79 41.33
C ASP G 23 -33.80 44.92 40.18
N GLU G 24 -34.15 43.63 40.16
CA GLU G 24 -33.64 42.72 39.15
C GLU G 24 -34.08 43.14 37.75
N ALA G 25 -35.36 43.49 37.60
CA ALA G 25 -35.88 43.88 36.29
C ALA G 25 -35.18 45.15 35.80
N ARG G 26 -34.99 46.13 36.69
CA ARG G 26 -34.30 47.36 36.30
C ARG G 26 -32.87 47.08 35.87
N ARG G 27 -32.15 46.24 36.64
CA ARG G 27 -30.77 45.94 36.29
C ARG G 27 -30.69 45.23 34.94
N GLU G 28 -31.57 44.24 34.70
CA GLU G 28 -31.54 43.54 33.43
C GLU G 28 -31.92 44.44 32.27
N ALA G 29 -32.89 45.34 32.47
CA ALA G 29 -33.28 46.25 31.40
C ALA G 29 -32.16 47.25 31.08
N LYS G 30 -31.46 47.74 32.11
CA LYS G 30 -30.32 48.62 31.88
C LYS G 30 -29.22 47.90 31.13
N ASN G 31 -28.96 46.64 31.49
CA ASN G 31 -27.97 45.85 30.76
C ASN G 31 -28.39 45.66 29.31
N ASP G 32 -29.68 45.44 29.07
CA ASP G 32 -30.16 45.31 27.70
C ASP G 32 -29.95 46.59 26.91
N LEU G 33 -30.25 47.74 27.51
CA LEU G 33 -30.07 49.01 26.83
C LEU G 33 -28.59 49.24 26.50
N PHE G 34 -27.71 48.97 27.46
CA PHE G 34 -26.28 49.13 27.20
C PHE G 34 -25.77 48.17 26.15
N PHE G 35 -26.30 46.95 26.12
CA PHE G 35 -25.87 45.97 25.13
C PHE G 35 -26.37 46.33 23.74
N SER G 36 -27.56 46.92 23.65
CA SER G 36 -28.15 47.19 22.34
C SER G 36 -27.66 48.51 21.76
N ARG G 37 -27.34 49.49 22.59
CA ARG G 37 -27.02 50.82 22.09
C ARG G 37 -25.52 51.11 22.05
N VAL G 38 -24.79 50.90 23.14
CA VAL G 38 -23.41 51.34 23.21
C VAL G 38 -22.46 50.31 22.62
N SER G 39 -22.40 49.12 23.22
CA SER G 39 -21.44 48.10 22.81
C SER G 39 -21.97 46.74 23.23
N GLN G 40 -21.28 45.69 22.77
CA GLN G 40 -21.72 44.31 23.00
C GLN G 40 -20.69 43.51 23.77
N TRP G 41 -19.68 44.15 24.35
CA TRP G 41 -18.66 43.49 25.15
C TRP G 41 -18.78 44.02 26.57
N ASP G 42 -19.61 43.36 27.38
CA ASP G 42 -19.92 43.81 28.73
C ASP G 42 -18.88 43.28 29.71
N ASP G 43 -17.63 43.66 29.46
CA ASP G 43 -16.51 43.25 30.30
C ASP G 43 -15.74 44.45 30.82
N TRP G 44 -16.44 45.53 31.15
CA TRP G 44 -15.77 46.70 31.72
C TRP G 44 -15.07 46.36 33.03
N LEU G 45 -15.72 45.54 33.87
CA LEU G 45 -15.09 45.05 35.07
C LEU G 45 -14.04 43.99 34.72
N SER G 46 -12.93 44.01 35.47
CA SER G 46 -11.83 43.06 35.30
C SER G 46 -11.19 43.12 33.92
N GLN G 47 -11.28 44.27 33.24
CA GLN G 47 -10.61 44.46 31.96
C GLN G 47 -9.24 45.08 32.21
N TYR G 48 -8.59 45.54 31.14
CA TYR G 48 -7.30 46.22 31.14
C TYR G 48 -6.16 45.35 31.65
N THR G 49 -6.39 44.07 31.92
CA THR G 49 -5.30 43.20 32.34
C THR G 49 -4.39 42.84 31.17
N THR G 50 -4.97 42.64 29.99
CA THR G 50 -4.21 42.33 28.79
C THR G 50 -5.00 42.79 27.59
N LEU G 51 -4.30 43.28 26.57
CA LEU G 51 -4.92 43.80 25.35
C LEU G 51 -4.97 42.69 24.31
N GLN G 52 -6.18 42.38 23.85
CA GLN G 52 -6.40 41.34 22.85
C GLN G 52 -7.48 41.80 21.89
N TYR G 53 -7.54 41.15 20.74
CA TYR G 53 -8.54 41.49 19.73
C TYR G 53 -9.94 41.20 20.25
N ARG G 54 -10.85 42.15 20.06
CA ARG G 54 -12.24 42.00 20.50
C ARG G 54 -13.14 42.59 19.42
N GLY G 55 -13.59 41.75 18.50
CA GLY G 55 -14.43 42.22 17.42
C GLY G 55 -15.87 42.41 17.84
N GLN G 56 -16.68 43.03 16.98
CA GLN G 56 -18.10 43.22 17.22
C GLN G 56 -18.83 43.05 15.90
N PHE G 57 -19.26 41.82 15.62
CA PHE G 57 -19.96 41.48 14.38
C PHE G 57 -21.45 41.34 14.72
N ASP G 58 -22.14 42.48 14.71
CA ASP G 58 -23.52 42.54 15.18
C ASP G 58 -24.44 41.93 14.13
N VAL G 59 -25.46 41.21 14.60
CA VAL G 59 -26.41 40.54 13.72
C VAL G 59 -27.83 40.81 14.18
N VAL G 60 -28.00 41.34 15.40
CA VAL G 60 -29.32 41.56 15.97
C VAL G 60 -29.86 42.96 15.70
N ARG G 61 -29.01 43.92 15.37
CA ARG G 61 -29.42 45.28 15.08
C ARG G 61 -30.41 45.38 13.91
N PRO G 62 -30.24 44.62 12.82
CA PRO G 62 -31.26 44.67 11.76
C PRO G 62 -32.64 44.30 12.22
N VAL G 63 -32.76 43.34 13.15
CA VAL G 63 -34.08 42.96 13.64
C VAL G 63 -34.74 44.12 14.39
N VAL G 64 -33.98 44.79 15.25
CA VAL G 64 -34.51 45.94 15.98
C VAL G 64 -34.90 47.06 15.03
N ARG G 65 -34.06 47.31 14.01
CA ARG G 65 -34.37 48.35 13.05
C ARG G 65 -35.64 48.02 12.28
N LYS G 66 -35.79 46.77 11.85
CA LYS G 66 -37.00 46.36 11.14
C LYS G 66 -38.23 46.52 12.01
N LEU G 67 -38.13 46.12 13.29
CA LEU G 67 -39.28 46.22 14.18
C LEU G 67 -39.67 47.68 14.41
N VAL G 68 -38.69 48.56 14.64
CA VAL G 68 -39.04 49.95 14.88
C VAL G 68 -39.58 50.60 13.62
N SER G 69 -39.06 50.24 12.44
CA SER G 69 -39.60 50.78 11.20
C SER G 69 -41.03 50.30 10.98
N GLU G 70 -41.31 49.03 11.31
CA GLU G 70 -42.66 48.51 11.19
C GLU G 70 -43.62 49.21 12.15
N MET G 71 -43.19 49.46 13.38
CA MET G 71 -44.05 50.14 14.35
C MET G 71 -44.20 51.63 14.05
N ARG G 72 -43.27 52.21 13.29
CA ARG G 72 -43.40 53.63 12.94
C ARG G 72 -44.35 53.85 11.77
N GLN G 73 -44.66 52.80 11.01
CA GLN G 73 -45.51 52.94 9.83
C GLN G 73 -46.99 52.91 10.15
N ASN G 74 -47.36 52.60 11.39
CA ASN G 74 -48.77 52.50 11.78
C ASN G 74 -49.01 53.36 13.01
N PRO G 75 -49.15 54.67 12.81
CA PRO G 75 -49.41 55.56 13.96
C PRO G 75 -50.76 55.27 14.59
N ILE G 76 -50.83 55.50 15.90
CA ILE G 76 -52.05 55.29 16.67
C ILE G 76 -52.28 56.51 17.54
N ASP G 77 -53.52 56.99 17.55
CA ASP G 77 -53.92 58.12 18.37
C ASP G 77 -55.19 57.75 19.12
N VAL G 78 -55.80 58.74 19.78
CA VAL G 78 -56.96 58.52 20.63
C VAL G 78 -58.17 59.17 19.99
N LEU G 79 -59.23 58.39 19.80
CA LEU G 79 -60.50 58.89 19.29
C LEU G 79 -61.50 58.92 20.44
N TYR G 80 -62.11 60.08 20.67
CA TYR G 80 -63.16 60.21 21.66
C TYR G 80 -64.51 60.03 20.96
N ARG G 81 -65.30 59.08 21.46
CA ARG G 81 -66.60 58.81 20.87
C ARG G 81 -67.71 59.07 21.87
N PRO G 82 -68.84 59.63 21.44
CA PRO G 82 -69.92 59.93 22.39
C PRO G 82 -70.50 58.66 23.00
N LYS G 83 -70.92 58.77 24.25
CA LYS G 83 -71.57 57.66 24.92
C LYS G 83 -72.92 57.38 24.26
N ASP G 84 -73.40 56.15 24.44
CA ASP G 84 -74.61 55.73 23.74
C ASP G 84 -75.82 56.58 24.13
N GLY G 85 -75.93 56.97 25.40
CA GLY G 85 -77.06 57.77 25.83
C GLY G 85 -76.94 59.25 25.52
N ALA G 86 -75.76 59.70 25.09
CA ALA G 86 -75.53 61.12 24.85
C ALA G 86 -75.87 61.49 23.41
N ARG G 87 -75.65 62.76 23.07
CA ARG G 87 -75.89 63.26 21.74
C ARG G 87 -74.84 62.72 20.78
N PRO G 88 -75.11 62.73 19.47
CA PRO G 88 -74.10 62.27 18.52
C PRO G 88 -72.82 63.09 18.53
N ASP G 89 -72.92 64.39 18.78
CA ASP G 89 -71.76 65.29 18.71
C ASP G 89 -71.10 65.64 20.06
N ALA G 90 -71.20 64.80 21.07
CA ALA G 90 -70.67 65.13 22.36
C ALA G 90 -69.14 65.26 22.43
N ALA G 91 -68.45 64.87 21.39
CA ALA G 91 -67.03 64.56 21.52
C ALA G 91 -66.22 65.40 20.59
N ASP G 92 -66.75 66.53 20.22
CA ASP G 92 -66.21 67.25 19.11
C ASP G 92 -65.41 68.44 19.56
N VAL G 93 -65.82 69.11 20.64
CA VAL G 93 -64.94 70.16 21.14
C VAL G 93 -63.75 69.56 21.88
N LEU G 94 -63.97 68.49 22.64
CA LEU G 94 -62.87 67.85 23.34
C LEU G 94 -61.88 67.24 22.36
N MET G 95 -62.40 66.64 21.28
CA MET G 95 -61.53 66.12 20.24
C MET G 95 -60.75 67.23 19.56
N GLY G 96 -61.38 68.38 19.31
CA GLY G 96 -60.65 69.50 18.74
C GLY G 96 -59.52 69.97 19.64
N MET G 97 -59.80 70.07 20.94
CA MET G 97 -58.74 70.46 21.89
C MET G 97 -57.63 69.43 21.92
N TYR G 98 -57.97 68.14 21.86
CA TYR G 98 -56.94 67.10 21.84
C TYR G 98 -56.07 67.23 20.61
N ARG G 99 -56.68 67.45 19.45
CA ARG G 99 -55.91 67.62 18.21
C ARG G 99 -55.01 68.85 18.30
N THR G 100 -55.53 69.94 18.85
CA THR G 100 -54.73 71.16 18.97
C THR G 100 -53.56 70.98 19.92
N ASP G 101 -53.76 70.30 21.04
CA ASP G 101 -52.71 70.20 22.05
C ASP G 101 -51.60 69.25 21.62
N MET G 102 -51.95 68.09 21.08
CA MET G 102 -50.99 67.04 20.78
C MET G 102 -50.58 67.02 19.30
N ARG G 103 -50.47 68.19 18.68
CA ARG G 103 -50.10 68.27 17.28
C ARG G 103 -48.62 68.54 17.07
N HIS G 104 -47.96 69.14 18.05
CA HIS G 104 -46.58 69.60 17.89
C HIS G 104 -45.63 68.39 17.83
N ASN G 105 -44.34 68.67 17.70
CA ASN G 105 -43.34 67.61 17.55
C ASN G 105 -43.07 66.88 18.85
N THR G 106 -43.33 67.52 20.00
CA THR G 106 -42.97 66.93 21.28
C THR G 106 -43.71 65.62 21.52
N ALA G 107 -45.01 65.59 21.21
CA ALA G 107 -45.79 64.37 21.43
C ALA G 107 -45.29 63.22 20.57
N LYS G 108 -45.04 63.50 19.29
CA LYS G 108 -44.56 62.45 18.39
C LYS G 108 -43.19 61.95 18.83
N ILE G 109 -42.31 62.86 19.27
CA ILE G 109 -40.99 62.46 19.71
C ILE G 109 -41.09 61.59 20.97
N ALA G 110 -41.96 61.98 21.91
CA ALA G 110 -42.12 61.18 23.13
C ALA G 110 -42.65 59.79 22.82
N VAL G 111 -43.65 59.70 21.94
CA VAL G 111 -44.21 58.40 21.58
C VAL G 111 -43.15 57.54 20.88
N ASN G 112 -42.36 58.13 19.98
CA ASN G 112 -41.34 57.37 19.29
C ASN G 112 -40.27 56.88 20.25
N ILE G 113 -39.85 57.72 21.20
CA ILE G 113 -38.87 57.29 22.19
C ILE G 113 -39.41 56.13 23.01
N ALA G 114 -40.67 56.23 23.44
CA ALA G 114 -41.27 55.16 24.23
C ALA G 114 -41.34 53.86 23.43
N VAL G 115 -41.71 53.96 22.15
CA VAL G 115 -41.81 52.76 21.31
C VAL G 115 -40.44 52.11 21.12
N ARG G 116 -39.42 52.91 20.84
CA ARG G 116 -38.08 52.35 20.67
C ARG G 116 -37.59 51.70 21.95
N GLU G 117 -37.82 52.34 23.11
CA GLU G 117 -37.45 51.73 24.37
C GLU G 117 -38.17 50.41 24.57
N GLN G 118 -39.49 50.41 24.39
CA GLN G 118 -40.27 49.18 24.58
C GLN G 118 -39.77 48.06 23.69
N ILE G 119 -39.37 48.38 22.46
CA ILE G 119 -38.85 47.36 21.56
C ILE G 119 -37.51 46.84 22.08
N GLU G 120 -36.62 47.73 22.53
CA GLU G 120 -35.30 47.28 22.98
C GLU G 120 -35.37 46.63 24.36
N ALA G 121 -35.77 47.40 25.37
CA ALA G 121 -35.93 46.89 26.73
C ALA G 121 -37.36 47.19 27.18
N GLY G 122 -38.09 46.15 27.55
CA GLY G 122 -39.53 46.25 27.57
C GLY G 122 -40.12 47.13 28.66
N VAL G 123 -39.86 48.44 28.57
CA VAL G 123 -40.52 49.44 29.40
C VAL G 123 -40.28 50.82 28.81
N GLY G 124 -41.29 51.69 28.91
CA GLY G 124 -41.16 53.07 28.45
C GLY G 124 -42.28 53.89 29.05
N ALA G 125 -42.12 55.21 28.99
CA ALA G 125 -43.10 56.10 29.58
C ALA G 125 -42.98 57.49 28.97
N TRP G 126 -44.02 58.30 29.20
CA TRP G 126 -44.02 59.71 28.82
C TRP G 126 -45.06 60.42 29.67
N ARG G 127 -44.75 61.64 30.09
CA ARG G 127 -45.57 62.39 31.03
C ARG G 127 -46.33 63.50 30.32
N LEU G 128 -47.37 63.98 30.99
CA LEU G 128 -48.19 65.09 30.52
C LEU G 128 -47.99 66.28 31.46
N VAL G 129 -47.63 67.42 30.90
CA VAL G 129 -47.34 68.61 31.68
C VAL G 129 -48.14 69.78 31.14
N THR G 130 -48.78 70.52 32.05
CA THR G 130 -49.49 71.74 31.72
C THR G 130 -48.55 72.94 31.86
N ASP G 131 -48.97 74.05 31.26
CA ASP G 131 -48.11 75.23 31.22
C ASP G 131 -48.98 76.46 30.99
N TYR G 132 -48.37 77.63 31.16
CA TYR G 132 -49.02 78.92 30.97
C TYR G 132 -48.56 79.53 29.66
N GLU G 133 -49.52 79.95 28.83
CA GLU G 133 -49.21 80.56 27.55
C GLU G 133 -50.25 81.62 27.23
N ASP G 134 -49.80 82.77 26.74
CA ASP G 134 -50.69 83.88 26.43
C ASP G 134 -50.75 84.21 24.94
N GLN G 135 -49.71 83.89 24.17
CA GLN G 135 -49.71 84.25 22.76
C GLN G 135 -50.65 83.38 21.94
N SER G 136 -50.67 82.07 22.21
CA SER G 136 -51.54 81.13 21.48
C SER G 136 -52.11 80.11 22.45
N PRO G 137 -53.07 80.52 23.28
CA PRO G 137 -53.71 79.58 24.19
C PRO G 137 -54.65 78.65 23.45
N THR G 138 -54.91 77.49 24.06
CA THR G 138 -55.77 76.50 23.42
C THR G 138 -57.25 76.83 23.65
N SER G 139 -57.69 76.77 24.90
CA SER G 139 -59.01 77.28 25.28
C SER G 139 -58.91 78.36 26.35
N ASN G 140 -58.26 78.06 27.47
CA ASN G 140 -57.94 79.03 28.49
C ASN G 140 -56.45 79.37 28.39
N ASN G 141 -55.95 80.18 29.31
CA ASN G 141 -54.55 80.58 29.28
C ASN G 141 -53.66 79.45 29.81
N GLN G 142 -53.82 78.28 29.19
CA GLN G 142 -53.03 77.11 29.53
C GLN G 142 -52.85 76.27 28.28
N VAL G 143 -51.77 75.49 28.26
CA VAL G 143 -51.47 74.58 27.16
C VAL G 143 -51.00 73.25 27.75
N ILE G 144 -51.54 72.16 27.24
CA ILE G 144 -51.18 70.81 27.68
C ILE G 144 -50.19 70.22 26.67
N ARG G 145 -49.07 69.73 27.18
CA ARG G 145 -48.01 69.19 26.33
C ARG G 145 -47.48 67.90 26.92
N ARG G 146 -47.16 66.96 26.05
CA ARG G 146 -46.44 65.76 26.47
C ARG G 146 -44.98 66.09 26.74
N GLU G 147 -44.28 65.16 27.37
CA GLU G 147 -42.87 65.30 27.65
C GLU G 147 -42.24 63.92 27.68
N PRO G 148 -41.03 63.77 27.16
CA PRO G 148 -40.40 62.44 27.11
C PRO G 148 -39.58 62.13 28.35
N ILE G 149 -39.56 60.84 28.67
CA ILE G 149 -38.70 60.30 29.73
C ILE G 149 -37.71 59.37 29.06
N HIS G 150 -36.42 59.72 29.14
CA HIS G 150 -35.44 59.10 28.25
C HIS G 150 -34.91 57.77 28.77
N SER G 151 -35.18 57.45 30.04
CA SER G 151 -34.91 56.12 30.58
C SER G 151 -35.99 55.78 31.58
N ALA G 152 -37.07 55.14 31.11
CA ALA G 152 -38.11 54.69 32.02
C ALA G 152 -37.68 53.46 32.81
N CYS G 153 -36.54 52.87 32.48
CA CYS G 153 -36.06 51.69 33.18
C CYS G 153 -35.78 52.00 34.65
N SER G 154 -35.10 53.12 34.92
CA SER G 154 -34.68 53.46 36.27
C SER G 154 -35.13 54.82 36.75
N HIS G 155 -35.48 55.75 35.86
CA HIS G 155 -35.88 57.08 36.28
C HIS G 155 -37.29 57.11 36.82
N VAL G 156 -38.17 56.22 36.34
CA VAL G 156 -39.55 56.16 36.80
C VAL G 156 -39.70 54.93 37.68
N ILE G 157 -40.23 55.12 38.89
CA ILE G 157 -40.41 54.06 39.86
C ILE G 157 -41.87 54.06 40.30
N TRP G 158 -42.56 52.96 40.04
CA TRP G 158 -43.98 52.86 40.32
C TRP G 158 -44.20 52.24 41.70
N ASP G 159 -45.47 52.20 42.11
CA ASP G 159 -45.82 51.55 43.37
C ASP G 159 -45.62 50.05 43.25
N SER G 160 -45.06 49.45 44.32
CA SER G 160 -44.78 48.02 44.30
C SER G 160 -46.05 47.19 44.39
N ASN G 161 -47.16 47.76 44.84
CA ASN G 161 -48.40 47.03 44.99
C ASN G 161 -49.28 47.09 43.74
N SER G 162 -48.86 47.82 42.71
CA SER G 162 -49.64 47.91 41.49
C SER G 162 -49.71 46.56 40.79
N LYS G 163 -50.84 46.33 40.10
CA LYS G 163 -51.08 45.04 39.45
C LYS G 163 -51.43 45.14 37.97
N LEU G 164 -51.74 46.32 37.45
CA LEU G 164 -52.14 46.46 36.06
C LEU G 164 -50.97 46.86 35.18
N MET G 165 -51.15 46.70 33.87
CA MET G 165 -50.11 47.07 32.91
C MET G 165 -50.01 48.59 32.77
N ASP G 166 -51.15 49.27 32.75
CA ASP G 166 -51.17 50.73 32.63
C ASP G 166 -51.01 51.45 33.97
N LYS G 167 -50.89 50.69 35.07
CA LYS G 167 -50.68 51.26 36.40
C LYS G 167 -51.82 52.19 36.80
N SER G 168 -53.05 51.74 36.58
CA SER G 168 -54.21 52.53 36.98
C SER G 168 -54.37 52.53 38.49
N ASP G 169 -54.11 51.41 39.15
CA ASP G 169 -54.26 51.28 40.59
C ASP G 169 -52.90 51.47 41.26
N ALA G 170 -52.44 52.72 41.28
CA ALA G 170 -51.18 53.08 41.90
C ALA G 170 -51.36 54.38 42.68
N ARG G 171 -50.59 54.53 43.75
CA ARG G 171 -50.65 55.72 44.60
C ARG G 171 -49.30 56.39 44.78
N HIS G 172 -48.24 55.83 44.19
CA HIS G 172 -46.91 56.41 44.26
C HIS G 172 -46.30 56.45 42.87
N CYS G 173 -45.46 57.46 42.65
CA CYS G 173 -44.69 57.56 41.42
C CYS G 173 -43.54 58.51 41.67
N THR G 174 -42.31 58.04 41.51
CA THR G 174 -41.11 58.84 41.73
C THR G 174 -40.35 58.96 40.42
N VAL G 175 -40.12 60.20 39.98
CA VAL G 175 -39.36 60.48 38.77
C VAL G 175 -38.05 61.13 39.19
N ILE G 176 -36.94 60.44 38.94
CA ILE G 176 -35.61 60.89 39.35
C ILE G 176 -35.06 61.75 38.22
N HIS G 177 -35.17 63.07 38.38
CA HIS G 177 -34.63 63.99 37.38
C HIS G 177 -33.12 63.98 37.41
N SER G 178 -32.50 63.98 36.23
CA SER G 178 -31.06 64.08 36.09
C SER G 178 -30.77 65.29 35.21
N MET G 179 -30.13 66.31 35.78
CA MET G 179 -29.95 67.59 35.11
C MET G 179 -28.56 68.14 35.42
N SER G 180 -28.09 69.01 34.52
CA SER G 180 -26.77 69.58 34.63
C SER G 180 -26.79 70.81 35.54
N GLN G 181 -25.63 71.44 35.69
CA GLN G 181 -25.51 72.60 36.58
C GLN G 181 -26.38 73.75 36.11
N ASN G 182 -26.25 74.14 34.84
CA ASN G 182 -27.11 75.18 34.29
C ASN G 182 -28.56 74.71 34.26
N GLY G 183 -28.78 73.42 33.96
CA GLY G 183 -30.12 72.88 34.07
C GLY G 183 -30.67 72.96 35.47
N TRP G 184 -29.82 72.71 36.47
CA TRP G 184 -30.25 72.86 37.86
C TRP G 184 -30.61 74.30 38.19
N GLU G 185 -29.82 75.25 37.69
CA GLU G 185 -30.13 76.66 37.93
C GLU G 185 -31.45 77.04 37.28
N ASP G 186 -31.70 76.58 36.05
CA ASP G 186 -32.98 76.85 35.40
C ASP G 186 -34.14 76.21 36.18
N PHE G 187 -33.95 74.98 36.64
CA PHE G 187 -35.00 74.29 37.39
C PHE G 187 -35.30 75.03 38.69
N ALA G 188 -34.27 75.51 39.38
CA ALA G 188 -34.49 76.29 40.59
C ALA G 188 -35.17 77.61 40.30
N GLU G 189 -34.83 78.26 39.18
CA GLU G 189 -35.47 79.52 38.83
C GLU G 189 -36.93 79.33 38.48
N LYS G 190 -37.28 78.23 37.81
CA LYS G 190 -38.67 78.00 37.40
C LYS G 190 -39.58 77.88 38.62
N TYR G 191 -39.13 77.15 39.63
CA TYR G 191 -39.88 77.03 40.87
C TYR G 191 -39.40 78.11 41.85
N ASP G 192 -39.82 78.01 43.11
CA ASP G 192 -39.39 78.92 44.17
C ASP G 192 -38.19 78.37 44.93
N LEU G 193 -37.44 77.45 44.34
CA LEU G 193 -36.29 76.85 44.98
C LEU G 193 -35.11 77.82 45.00
N ASP G 194 -34.09 77.48 45.78
CA ASP G 194 -32.86 78.24 45.83
C ASP G 194 -31.75 77.47 45.12
N ALA G 195 -30.95 78.20 44.34
CA ALA G 195 -29.90 77.60 43.53
C ALA G 195 -28.57 77.47 44.25
N ASP G 196 -28.47 77.80 45.54
CA ASP G 196 -27.20 77.77 46.23
C ASP G 196 -26.85 76.42 46.84
N ASP G 197 -27.84 75.64 47.25
CA ASP G 197 -27.59 74.31 47.79
C ASP G 197 -27.75 73.27 46.68
N ILE G 198 -26.90 72.25 46.70
CA ILE G 198 -26.90 71.23 45.66
C ILE G 198 -27.76 70.04 46.11
N PRO G 199 -28.84 69.72 45.40
CA PRO G 199 -29.65 68.56 45.76
C PRO G 199 -28.94 67.27 45.41
N SER G 200 -29.41 66.19 46.02
CA SER G 200 -28.86 64.87 45.76
C SER G 200 -29.96 63.83 45.95
N PHE G 201 -29.77 62.66 45.34
CA PHE G 201 -30.74 61.58 45.44
C PHE G 201 -30.04 60.29 45.02
N GLN G 202 -30.83 59.23 44.83
CA GLN G 202 -30.29 57.96 44.37
C GLN G 202 -29.73 58.12 42.96
N ASN G 203 -28.67 57.35 42.68
CA ASN G 203 -27.99 57.43 41.39
C ASN G 203 -28.51 56.34 40.47
N PRO G 204 -29.39 56.65 39.51
CA PRO G 204 -29.94 55.60 38.63
C PRO G 204 -28.87 54.99 37.73
N ASN G 205 -28.16 55.84 37.00
CA ASN G 205 -27.12 55.36 36.09
C ASN G 205 -25.88 54.92 36.88
N ASP G 206 -24.94 54.31 36.16
CA ASP G 206 -23.74 53.78 36.80
C ASP G 206 -22.52 54.13 35.95
N TRP G 207 -21.35 54.10 36.58
CA TRP G 207 -20.09 54.45 35.94
C TRP G 207 -19.47 53.17 35.38
N VAL G 208 -19.94 52.78 34.19
CA VAL G 208 -19.53 51.51 33.60
C VAL G 208 -19.01 51.73 32.18
N PHE G 209 -18.48 52.93 31.91
CA PHE G 209 -17.97 53.25 30.59
C PHE G 209 -16.91 54.33 30.73
N PRO G 210 -15.93 54.38 29.82
CA PRO G 210 -14.93 55.45 29.89
C PRO G 210 -15.48 56.82 29.53
N TRP G 211 -16.53 57.26 30.23
CA TRP G 211 -17.08 58.58 30.03
C TRP G 211 -16.23 59.60 30.78
N LEU G 212 -16.35 60.87 30.38
CA LEU G 212 -15.52 61.90 30.98
C LEU G 212 -16.17 62.50 32.22
N THR G 213 -17.38 63.04 32.09
CA THR G 213 -18.04 63.76 33.17
C THR G 213 -19.48 63.29 33.32
N GLN G 214 -20.08 63.65 34.45
CA GLN G 214 -21.48 63.39 34.73
C GLN G 214 -22.07 64.61 35.42
N ASP G 215 -23.41 64.68 35.42
CA ASP G 215 -24.08 65.81 36.05
C ASP G 215 -23.95 65.78 37.57
N THR G 216 -24.17 64.60 38.16
CA THR G 216 -24.10 64.40 39.62
C THR G 216 -25.04 65.35 40.35
N ILE G 217 -26.22 65.60 39.76
CA ILE G 217 -27.26 66.42 40.37
C ILE G 217 -28.57 65.72 40.08
N GLN G 218 -29.13 65.05 41.09
CA GLN G 218 -30.36 64.27 40.93
C GLN G 218 -31.39 64.74 41.95
N ILE G 219 -32.57 65.12 41.45
CA ILE G 219 -33.70 65.47 42.30
C ILE G 219 -34.89 64.63 41.85
N ALA G 220 -35.87 64.48 42.75
CA ALA G 220 -36.99 63.58 42.51
C ALA G 220 -38.30 64.30 42.81
N GLU G 221 -39.36 63.84 42.15
CA GLU G 221 -40.72 64.34 42.34
C GLU G 221 -41.60 63.18 42.77
N PHE G 222 -42.48 63.44 43.73
CA PHE G 222 -43.30 62.39 44.33
C PHE G 222 -44.77 62.69 44.07
N TYR G 223 -45.43 61.84 43.29
CA TYR G 223 -46.85 61.95 43.00
C TYR G 223 -47.64 60.98 43.88
N GLU G 224 -48.75 61.46 44.43
CA GLU G 224 -49.63 60.62 45.24
C GLU G 224 -51.07 60.97 44.93
N VAL G 225 -51.96 60.00 45.17
CA VAL G 225 -53.38 60.12 44.89
C VAL G 225 -54.16 59.73 46.13
N VAL G 226 -55.17 60.54 46.48
CA VAL G 226 -56.00 60.29 47.65
C VAL G 226 -57.47 60.39 47.26
N GLU G 227 -58.33 59.80 48.09
CA GLU G 227 -59.78 59.87 47.94
C GLU G 227 -60.36 60.26 49.28
N LYS G 228 -61.15 61.35 49.30
CA LYS G 228 -61.60 61.94 50.55
C LYS G 228 -63.10 62.25 50.58
N LYS G 229 -63.80 62.18 49.45
CA LYS G 229 -65.23 62.44 49.38
C LYS G 229 -65.57 63.85 49.87
N GLU G 230 -65.07 64.82 49.11
CA GLU G 230 -65.29 66.23 49.42
C GLU G 230 -66.72 66.64 49.06
N THR G 231 -67.08 67.87 49.42
CA THR G 231 -68.43 68.37 49.25
C THR G 231 -68.58 69.15 47.95
N ALA G 232 -69.82 69.46 47.60
CA ALA G 232 -70.12 70.18 46.38
C ALA G 232 -71.41 70.99 46.56
N PHE G 233 -71.56 72.02 45.74
CA PHE G 233 -72.72 72.90 45.78
C PHE G 233 -73.60 72.66 44.56
N ILE G 234 -74.91 72.79 44.75
CA ILE G 234 -75.88 72.68 43.67
C ILE G 234 -76.48 74.06 43.46
N TYR G 235 -76.28 74.62 42.27
CA TYR G 235 -76.75 75.94 41.93
C TYR G 235 -77.86 75.87 40.88
N GLN G 236 -78.47 77.01 40.61
CA GLN G 236 -79.54 77.12 39.62
C GLN G 236 -79.12 78.10 38.53
N ASP G 237 -79.13 77.62 37.29
CA ASP G 237 -78.71 78.46 36.16
C ASP G 237 -79.84 79.39 35.77
N PRO G 238 -79.63 80.72 35.78
CA PRO G 238 -80.68 81.63 35.31
C PRO G 238 -81.06 81.44 33.86
N VAL G 239 -80.11 81.08 33.00
CA VAL G 239 -80.41 80.94 31.57
C VAL G 239 -81.39 79.81 31.34
N THR G 240 -81.11 78.64 31.90
CA THR G 240 -81.99 77.49 31.82
C THR G 240 -82.24 76.94 33.22
N GLY G 241 -83.52 76.73 33.55
CA GLY G 241 -83.86 76.29 34.89
C GLY G 241 -83.49 74.85 35.17
N GLU G 242 -82.19 74.57 35.17
CA GLU G 242 -81.66 73.24 35.42
C GLU G 242 -80.59 73.32 36.50
N PRO G 243 -80.53 72.34 37.39
CA PRO G 243 -79.51 72.37 38.45
C PRO G 243 -78.12 72.10 37.92
N VAL G 244 -77.13 72.77 38.52
CA VAL G 244 -75.74 72.59 38.18
C VAL G 244 -74.95 72.35 39.47
N SER G 245 -73.94 71.50 39.37
CA SER G 245 -73.13 71.11 40.51
C SER G 245 -71.70 71.57 40.32
N TYR G 246 -71.16 72.27 41.32
CA TYR G 246 -69.78 72.74 41.32
C TYR G 246 -69.11 72.35 42.62
N PHE G 247 -67.87 71.89 42.53
CA PHE G 247 -67.12 71.54 43.73
C PHE G 247 -66.84 72.79 44.56
N LYS G 248 -66.90 72.64 45.89
CA LYS G 248 -66.67 73.77 46.77
C LYS G 248 -65.24 74.29 46.68
N ARG G 249 -64.26 73.39 46.57
CA ARG G 249 -62.86 73.81 46.56
C ARG G 249 -62.53 74.66 45.34
N ASP G 250 -63.07 74.31 44.17
CA ASP G 250 -62.74 75.04 42.95
C ASP G 250 -63.28 76.47 42.99
N ILE G 251 -64.49 76.66 43.50
CA ILE G 251 -65.13 77.97 43.53
C ILE G 251 -65.08 78.58 44.94
N LYS G 252 -64.13 78.17 45.77
CA LYS G 252 -64.12 78.58 47.17
C LYS G 252 -63.95 80.09 47.33
N ASP G 253 -63.08 80.70 46.54
CA ASP G 253 -62.76 82.11 46.69
C ASP G 253 -63.67 83.03 45.89
N VAL G 254 -64.71 82.48 45.25
CA VAL G 254 -65.52 83.26 44.34
C VAL G 254 -67.00 83.06 44.65
N ILE G 255 -67.28 82.48 45.83
CA ILE G 255 -68.66 82.15 46.19
C ILE G 255 -69.54 83.40 46.19
N ASP G 256 -69.00 84.51 46.71
CA ASP G 256 -69.78 85.75 46.73
C ASP G 256 -70.15 86.20 45.33
N ASP G 257 -69.25 86.03 44.36
CA ASP G 257 -69.57 86.36 42.98
C ASP G 257 -70.65 85.44 42.42
N LEU G 258 -70.62 84.16 42.81
CA LEU G 258 -71.69 83.24 42.43
C LEU G 258 -73.03 83.73 42.96
N ALA G 259 -73.06 84.16 44.22
CA ALA G 259 -74.30 84.66 44.80
C ALA G 259 -74.72 85.99 44.19
N ASP G 260 -73.76 86.76 43.67
CA ASP G 260 -74.07 88.08 43.10
C ASP G 260 -74.99 87.95 41.90
N SER G 261 -74.72 87.00 41.00
CA SER G 261 -75.54 86.82 39.81
C SER G 261 -76.80 86.05 40.18
N GLY G 262 -77.54 85.58 39.17
CA GLY G 262 -78.77 84.85 39.41
C GLY G 262 -78.57 83.46 39.98
N PHE G 263 -77.34 82.98 40.04
CA PHE G 263 -77.05 81.70 40.67
C PHE G 263 -77.52 81.70 42.12
N ILE G 264 -78.28 80.68 42.49
CA ILE G 264 -78.80 80.53 43.85
C ILE G 264 -78.55 79.10 44.31
N LYS G 265 -78.15 78.94 45.57
CA LYS G 265 -77.84 77.62 46.10
C LYS G 265 -79.14 76.86 46.38
N ILE G 266 -79.13 75.57 46.10
CA ILE G 266 -80.31 74.72 46.25
C ILE G 266 -80.14 73.71 47.39
N ALA G 267 -79.05 72.95 47.37
CA ALA G 267 -78.85 71.89 48.35
C ALA G 267 -77.35 71.63 48.50
N GLU G 268 -77.02 70.61 49.30
CA GLU G 268 -75.65 70.23 49.59
C GLU G 268 -75.51 68.73 49.40
N ARG G 269 -74.42 68.31 48.77
CA ARG G 269 -74.12 66.89 48.57
C ARG G 269 -72.64 66.65 48.84
N GLN G 270 -72.26 65.38 48.85
CA GLN G 270 -70.87 64.98 49.04
C GLN G 270 -70.52 63.97 47.97
N ILE G 271 -69.59 64.33 47.09
CA ILE G 271 -69.21 63.52 45.94
C ILE G 271 -67.74 63.14 46.08
N LYS G 272 -67.45 61.85 45.94
CA LYS G 272 -66.09 61.35 46.04
C LYS G 272 -65.34 61.61 44.74
N ARG G 273 -64.10 62.06 44.86
CA ARG G 273 -63.28 62.37 43.70
C ARG G 273 -61.81 62.32 44.11
N ARG G 274 -60.99 61.73 43.24
CA ARG G 274 -59.57 61.63 43.52
C ARG G 274 -58.88 62.97 43.29
N ARG G 275 -57.71 63.12 43.91
CA ARG G 275 -56.87 64.29 43.74
C ARG G 275 -55.42 63.86 43.67
N VAL G 276 -54.60 64.67 43.00
CA VAL G 276 -53.19 64.36 42.78
C VAL G 276 -52.36 65.46 43.43
N TYR G 277 -51.38 65.06 44.24
CA TYR G 277 -50.46 65.99 44.88
C TYR G 277 -49.03 65.66 44.47
N LYS G 278 -48.22 66.69 44.29
CA LYS G 278 -46.83 66.53 43.87
C LYS G 278 -45.92 67.22 44.87
N SER G 279 -44.88 66.52 45.31
CA SER G 279 -43.88 67.05 46.23
C SER G 279 -42.49 66.72 45.70
N ILE G 280 -41.52 67.53 46.11
CA ILE G 280 -40.14 67.38 45.68
C ILE G 280 -39.29 66.98 46.88
N ILE G 281 -38.53 65.90 46.73
CA ILE G 281 -37.71 65.37 47.80
C ILE G 281 -36.24 65.46 47.40
N THR G 282 -35.37 65.43 48.42
CA THR G 282 -33.95 65.64 48.20
C THR G 282 -33.13 64.65 49.04
N CYS G 283 -33.78 63.65 49.65
CA CYS G 283 -33.18 62.60 50.47
C CYS G 283 -32.64 63.14 51.79
N THR G 284 -32.69 64.45 52.03
CA THR G 284 -32.28 65.02 53.29
C THR G 284 -33.41 65.86 53.87
N ALA G 285 -34.16 66.54 53.00
CA ALA G 285 -35.30 67.34 53.41
C ALA G 285 -36.18 67.57 52.19
N VAL G 286 -37.45 67.86 52.45
CA VAL G 286 -38.42 68.14 51.39
C VAL G 286 -38.37 69.61 51.06
N LEU G 287 -38.28 69.92 49.76
CA LEU G 287 -38.21 71.30 49.31
C LEU G 287 -39.59 71.93 49.15
N LYS G 288 -40.46 71.32 48.34
CA LYS G 288 -41.85 71.72 48.21
C LYS G 288 -42.73 70.54 48.56
N ASP G 289 -43.77 70.79 49.35
CA ASP G 289 -44.58 69.73 49.92
C ASP G 289 -46.02 69.87 49.45
N LYS G 290 -46.53 68.83 48.80
CA LYS G 290 -47.96 68.68 48.51
C LYS G 290 -48.51 69.85 47.70
N GLN G 291 -47.98 70.00 46.49
CA GLN G 291 -48.57 70.92 45.53
C GLN G 291 -49.70 70.24 44.78
N LEU G 292 -50.79 70.97 44.59
CA LEU G 292 -52.02 70.41 44.01
C LEU G 292 -51.91 70.44 42.48
N ILE G 293 -51.67 69.26 41.90
CA ILE G 293 -51.66 69.14 40.45
C ILE G 293 -53.09 69.16 39.94
N ALA G 294 -53.29 69.76 38.77
CA ALA G 294 -54.64 69.95 38.26
C ALA G 294 -55.31 68.63 37.90
N GLY G 295 -54.54 67.60 37.59
CA GLY G 295 -55.11 66.36 37.13
C GLY G 295 -55.80 65.57 38.23
N GLU G 296 -56.29 64.39 37.84
CA GLU G 296 -56.90 63.44 38.75
C GLU G 296 -56.19 62.09 38.79
N HIS G 297 -55.32 61.82 37.83
CA HIS G 297 -54.51 60.61 37.79
C HIS G 297 -53.04 60.99 37.71
N ILE G 298 -52.17 60.03 37.94
CA ILE G 298 -50.74 60.28 37.81
C ILE G 298 -50.40 60.47 36.33
N PRO G 299 -49.78 61.58 35.96
CA PRO G 299 -49.60 61.88 34.52
C PRO G 299 -48.80 60.85 33.76
N ILE G 300 -47.85 60.16 34.40
CA ILE G 300 -46.97 59.25 33.68
C ILE G 300 -47.77 58.10 33.09
N VAL G 301 -47.55 57.83 31.81
CA VAL G 301 -48.23 56.77 31.08
C VAL G 301 -47.19 55.75 30.66
N PRO G 302 -47.25 54.51 31.15
CA PRO G 302 -46.21 53.53 30.81
C PRO G 302 -46.55 52.63 29.63
N VAL G 303 -45.52 52.18 28.91
CA VAL G 303 -45.64 51.13 27.90
C VAL G 303 -44.74 49.98 28.33
N PHE G 304 -45.20 48.76 28.14
CA PHE G 304 -44.52 47.58 28.66
C PHE G 304 -44.19 46.61 27.54
N GLY G 305 -43.12 45.83 27.74
CA GLY G 305 -42.63 44.96 26.69
C GLY G 305 -43.57 43.83 26.33
N GLU G 306 -43.71 42.82 27.18
CA GLU G 306 -44.82 41.91 26.95
C GLU G 306 -45.80 41.95 28.10
N TRP G 307 -45.43 41.34 29.23
CA TRP G 307 -45.91 41.61 30.59
C TRP G 307 -45.38 40.50 31.48
N GLY G 308 -45.62 40.54 32.78
CA GLY G 308 -45.49 39.32 33.55
C GLY G 308 -45.17 39.42 35.03
N PHE G 309 -45.92 38.67 35.84
CA PHE G 309 -45.62 38.41 37.24
C PHE G 309 -45.34 36.92 37.36
N VAL G 310 -44.16 36.56 37.89
CA VAL G 310 -43.80 35.15 37.97
C VAL G 310 -44.19 34.54 39.30
N GLU G 311 -43.65 35.06 40.41
CA GLU G 311 -44.08 34.61 41.74
C GLU G 311 -44.74 35.74 42.51
N ASP G 312 -44.03 36.84 42.75
CA ASP G 312 -44.66 38.04 43.28
C ASP G 312 -44.01 39.30 42.70
N LYS G 313 -43.04 39.16 41.79
CA LYS G 313 -42.29 40.28 41.26
C LYS G 313 -42.49 40.37 39.76
N GLU G 314 -42.77 41.57 39.27
CA GLU G 314 -43.04 41.77 37.85
C GLU G 314 -41.77 41.56 37.03
N VAL G 315 -41.95 40.99 35.84
CA VAL G 315 -40.86 40.78 34.89
C VAL G 315 -41.36 41.19 33.51
N TYR G 316 -40.55 42.00 32.81
CA TYR G 316 -40.86 42.40 31.45
C TYR G 316 -39.66 42.12 30.55
N GLU G 317 -39.93 41.85 29.28
CA GLU G 317 -38.92 41.46 28.32
C GLU G 317 -39.08 42.27 27.04
N GLY G 318 -38.11 42.13 26.15
CA GLY G 318 -38.17 42.79 24.86
C GLY G 318 -37.80 41.84 23.73
N VAL G 319 -36.82 42.23 22.92
CA VAL G 319 -36.33 41.40 21.84
C VAL G 319 -34.90 40.92 22.07
N VAL G 320 -34.14 41.57 22.94
CA VAL G 320 -32.71 41.32 23.03
C VAL G 320 -32.34 40.34 24.15
N ARG G 321 -33.25 40.08 25.09
CA ARG G 321 -32.90 39.24 26.24
C ARG G 321 -32.43 37.86 25.83
N LEU G 322 -33.15 37.23 24.89
CA LEU G 322 -32.84 35.86 24.49
C LEU G 322 -31.80 35.78 23.38
N THR G 323 -31.38 36.91 22.82
CA THR G 323 -30.41 36.93 21.74
C THR G 323 -29.04 37.40 22.19
N LYS G 324 -28.70 37.22 23.48
CA LYS G 324 -27.43 37.71 23.98
C LYS G 324 -26.36 36.63 23.99
N ASP G 325 -26.71 35.41 24.43
CA ASP G 325 -25.72 34.34 24.52
C ASP G 325 -25.18 33.97 23.15
N GLY G 326 -26.08 33.78 22.17
CA GLY G 326 -25.63 33.46 20.82
C GLY G 326 -24.80 34.57 20.21
N GLN G 327 -25.19 35.82 20.42
CA GLN G 327 -24.43 36.95 19.88
C GLN G 327 -23.03 37.01 20.48
N ARG G 328 -22.93 36.82 21.80
CA ARG G 328 -21.61 36.84 22.44
C ARG G 328 -20.75 35.67 21.97
N LEU G 329 -21.35 34.49 21.82
CA LEU G 329 -20.59 33.36 21.31
C LEU G 329 -20.10 33.61 19.90
N ARG G 330 -20.94 34.21 19.06
CA ARG G 330 -20.53 34.54 17.69
C ARG G 330 -19.36 35.52 17.70
N ASN G 331 -19.44 36.55 18.55
CA ASN G 331 -18.34 37.52 18.64
C ASN G 331 -17.05 36.84 19.08
N MET G 332 -17.15 35.95 20.08
CA MET G 332 -15.96 35.27 20.58
C MET G 332 -15.34 34.37 19.52
N ILE G 333 -16.17 33.61 18.79
CA ILE G 333 -15.66 32.75 17.74
C ILE G 333 -14.98 33.57 16.65
N MET G 334 -15.60 34.68 16.25
CA MET G 334 -15.01 35.53 15.22
C MET G 334 -13.67 36.09 15.68
N SER G 335 -13.58 36.52 16.94
CA SER G 335 -12.33 37.04 17.47
C SER G 335 -11.25 35.97 17.50
N PHE G 336 -11.60 34.75 17.93
CA PHE G 336 -10.62 33.67 17.97
C PHE G 336 -10.13 33.33 16.57
N ASN G 337 -11.04 33.30 15.60
CA ASN G 337 -10.64 33.01 14.22
C ASN G 337 -9.72 34.11 13.68
N ALA G 338 -10.03 35.37 13.98
CA ALA G 338 -9.15 36.46 13.55
C ALA G 338 -7.76 36.33 14.18
N ASP G 339 -7.71 35.95 15.47
CA ASP G 339 -6.41 35.73 16.11
C ASP G 339 -5.65 34.61 15.42
N ILE G 340 -6.34 33.51 15.09
CA ILE G 340 -5.69 32.39 14.42
C ILE G 340 -5.13 32.84 13.07
N VAL G 341 -5.89 33.63 12.33
CA VAL G 341 -5.41 34.14 11.04
C VAL G 341 -4.19 35.04 11.23
N ALA G 342 -4.23 35.91 12.25
CA ALA G 342 -3.20 36.95 12.35
C ALA G 342 -1.89 36.42 12.90
N ARG G 343 -1.92 35.65 13.99
CA ARG G 343 -0.70 35.32 14.71
C ARG G 343 -0.05 34.01 14.27
N THR G 344 -0.73 33.19 13.48
CA THR G 344 -0.15 31.90 13.10
C THR G 344 1.00 32.11 12.12
N PRO G 345 2.11 31.39 12.29
CA PRO G 345 3.20 31.49 11.31
C PRO G 345 2.79 30.94 9.95
N LYS G 346 3.43 31.46 8.92
CA LYS G 346 3.10 31.11 7.54
C LYS G 346 3.71 29.76 7.18
N LYS G 347 3.69 29.41 5.90
CA LYS G 347 4.21 28.15 5.41
C LYS G 347 5.55 28.37 4.75
N LYS G 348 6.58 27.70 5.24
CA LYS G 348 7.95 27.84 4.74
C LYS G 348 8.68 26.53 4.98
N PRO G 349 9.66 26.21 4.16
CA PRO G 349 10.36 24.91 4.28
C PRO G 349 11.29 24.89 5.49
N PHE G 350 11.69 23.67 5.86
CA PHE G 350 12.60 23.43 6.97
C PHE G 350 13.96 23.04 6.40
N PHE G 351 14.95 23.93 6.55
CA PHE G 351 16.28 23.72 6.01
C PHE G 351 17.28 23.58 7.14
N TRP G 352 18.26 22.69 6.95
CA TRP G 352 19.43 22.68 7.81
C TRP G 352 20.32 23.87 7.47
N PRO G 353 21.07 24.39 8.44
CA PRO G 353 21.96 25.52 8.14
C PRO G 353 23.05 25.19 7.13
N GLU G 354 23.36 23.90 6.94
CA GLU G 354 24.42 23.50 6.02
C GLU G 354 23.91 22.86 4.74
N GLN G 355 22.63 22.49 4.68
CA GLN G 355 22.03 22.10 3.40
C GLN G 355 21.99 23.27 2.43
N ILE G 356 21.99 24.49 2.94
CA ILE G 356 22.03 25.70 2.13
C ILE G 356 23.24 26.53 2.55
N ALA G 357 24.34 25.85 2.90
CA ALA G 357 25.57 26.55 3.29
C ALA G 357 25.87 27.72 2.35
N GLY G 358 26.04 27.43 1.07
CA GLY G 358 25.99 28.45 0.04
C GLY G 358 24.60 28.58 -0.53
N PHE G 359 24.51 29.27 -1.66
CA PHE G 359 23.26 29.37 -2.42
C PHE G 359 22.16 30.06 -1.61
N GLU G 360 22.54 30.89 -0.64
CA GLU G 360 21.56 31.47 0.27
C GLU G 360 20.81 32.65 -0.32
N HIS G 361 21.23 33.16 -1.48
CA HIS G 361 20.51 34.23 -2.15
C HIS G 361 19.56 33.70 -3.22
N MET G 362 19.36 32.39 -3.31
CA MET G 362 18.43 31.80 -4.25
C MET G 362 17.05 31.57 -3.66
N TYR G 363 16.94 31.44 -2.34
CA TYR G 363 15.70 31.08 -1.67
C TYR G 363 14.97 32.28 -1.09
N ASP G 364 15.43 33.49 -1.37
CA ASP G 364 14.78 34.68 -0.81
C ASP G 364 13.58 35.14 -1.63
N GLY G 365 13.36 34.59 -2.81
CA GLY G 365 12.26 34.98 -3.65
C GLY G 365 12.60 35.96 -4.76
N ASN G 366 13.88 36.15 -5.09
CA ASN G 366 14.25 37.12 -6.11
C ASN G 366 13.77 36.71 -7.50
N ASP G 367 13.73 35.41 -7.78
CA ASP G 367 13.30 34.87 -9.07
C ASP G 367 14.18 35.40 -10.21
N ASP G 368 15.47 35.04 -10.13
CA ASP G 368 16.41 35.32 -11.19
C ASP G 368 17.16 34.09 -11.69
N TYR G 369 16.99 32.94 -11.05
CA TYR G 369 17.71 31.73 -11.40
C TYR G 369 16.74 30.67 -11.92
N PRO G 370 17.20 29.78 -12.81
CA PRO G 370 16.31 28.76 -13.38
C PRO G 370 16.03 27.59 -12.47
N TYR G 371 16.76 27.43 -11.37
CA TYR G 371 16.57 26.28 -10.50
C TYR G 371 17.13 26.61 -9.12
N TYR G 372 16.81 25.74 -8.16
CA TYR G 372 17.33 25.84 -6.80
C TYR G 372 18.44 24.82 -6.61
N LEU G 373 19.43 25.19 -5.78
CA LEU G 373 20.62 24.38 -5.61
C LEU G 373 20.83 24.03 -4.15
N LEU G 374 21.36 22.82 -3.91
CA LEU G 374 21.68 22.33 -2.59
C LEU G 374 23.03 21.62 -2.65
N ASN G 375 23.90 21.89 -1.69
CA ASN G 375 25.18 21.20 -1.66
C ASN G 375 25.02 19.80 -1.09
N ARG G 376 25.96 18.92 -1.43
CA ARG G 376 25.86 17.51 -1.14
C ARG G 376 26.91 17.01 -0.15
N THR G 377 28.18 17.25 -0.41
CA THR G 377 29.25 16.59 0.33
C THR G 377 29.51 17.26 1.67
N ASP G 378 30.21 16.52 2.54
CA ASP G 378 30.61 16.99 3.85
C ASP G 378 32.02 16.52 4.13
N GLU G 379 32.69 17.20 5.07
CA GLU G 379 34.09 16.89 5.34
C GLU G 379 34.23 15.62 6.17
N ASN G 380 33.58 15.58 7.33
CA ASN G 380 33.69 14.40 8.19
C ASN G 380 32.76 13.29 7.71
N SER G 381 31.46 13.55 7.69
CA SER G 381 30.51 12.61 7.09
C SER G 381 30.64 12.64 5.58
N GLY G 382 30.23 11.54 4.94
CA GLY G 382 30.41 11.44 3.51
C GLY G 382 29.50 12.34 2.68
N ASP G 383 28.20 12.02 2.64
CA ASP G 383 27.28 12.75 1.77
C ASP G 383 25.90 12.93 2.39
N LEU G 384 25.83 13.10 3.71
CA LEU G 384 24.54 13.06 4.41
C LEU G 384 23.48 14.03 3.86
N PRO G 385 23.79 15.29 3.54
CA PRO G 385 22.74 16.18 3.04
C PRO G 385 22.02 15.61 1.82
N THR G 386 20.71 15.78 1.79
CA THR G 386 19.83 15.19 0.78
C THR G 386 18.93 16.27 0.18
N GLN G 387 18.25 15.90 -0.91
CA GLN G 387 17.37 16.80 -1.65
C GLN G 387 16.02 17.01 -0.97
N PRO G 388 15.26 15.95 -0.61
CA PRO G 388 13.89 16.18 -0.10
C PRO G 388 13.86 16.95 1.20
N LEU G 389 12.67 17.40 1.61
CA LEU G 389 12.52 18.31 2.73
C LEU G 389 11.05 18.41 3.10
N ALA G 390 10.79 19.05 4.23
CA ALA G 390 9.43 19.17 4.78
C ALA G 390 9.05 20.63 4.91
N TYR G 391 7.74 20.90 4.88
CA TYR G 391 7.20 22.24 4.94
C TYR G 391 6.35 22.42 6.19
N TYR G 392 6.22 23.67 6.61
CA TYR G 392 5.33 24.04 7.70
C TYR G 392 3.88 24.03 7.22
N GLU G 393 2.97 23.59 8.08
CA GLU G 393 1.58 23.45 7.71
C GLU G 393 0.86 24.79 7.75
N ASN G 394 -0.11 24.95 6.84
CA ASN G 394 -0.85 26.20 6.71
C ASN G 394 -1.77 26.41 7.91
N PRO G 395 -2.07 27.67 8.24
CA PRO G 395 -3.06 27.94 9.29
C PRO G 395 -4.44 27.48 8.85
N GLU G 396 -5.18 26.89 9.79
CA GLU G 396 -6.50 26.34 9.50
C GLU G 396 -7.46 26.64 10.65
N VAL G 397 -8.68 27.02 10.29
CA VAL G 397 -9.75 27.22 11.26
C VAL G 397 -10.32 25.85 11.61
N PRO G 398 -10.36 25.46 12.88
CA PRO G 398 -10.78 24.10 13.23
C PRO G 398 -12.26 23.88 12.96
N GLN G 399 -12.68 22.63 13.15
CA GLN G 399 -14.07 22.28 12.90
C GLN G 399 -15.00 22.76 13.99
N ALA G 400 -14.55 22.73 15.25
CA ALA G 400 -15.40 23.16 16.36
C ALA G 400 -15.74 24.63 16.25
N ASN G 401 -14.76 25.46 15.87
CA ASN G 401 -15.02 26.90 15.75
C ASN G 401 -16.09 27.18 14.70
N ALA G 402 -15.96 26.57 13.53
CA ALA G 402 -16.93 26.80 12.46
C ALA G 402 -18.30 26.28 12.85
N TYR G 403 -18.34 25.08 13.44
CA TYR G 403 -19.62 24.49 13.83
C TYR G 403 -20.33 25.36 14.84
N MET G 404 -19.61 25.85 15.85
CA MET G 404 -20.26 26.67 16.87
C MET G 404 -20.61 28.05 16.34
N LEU G 405 -19.82 28.61 15.42
CA LEU G 405 -20.20 29.87 14.81
C LEU G 405 -21.52 29.73 14.06
N GLU G 406 -21.64 28.66 13.26
CA GLU G 406 -22.88 28.41 12.54
C GLU G 406 -24.05 28.18 13.49
N ALA G 407 -23.83 27.39 14.54
CA ALA G 407 -24.91 27.09 15.48
C ALA G 407 -25.37 28.34 16.22
N ALA G 408 -24.43 29.18 16.65
CA ALA G 408 -24.80 30.41 17.35
C ALA G 408 -25.53 31.38 16.42
N THR G 409 -25.07 31.50 15.17
CA THR G 409 -25.78 32.35 14.22
C THR G 409 -27.20 31.84 13.99
N SER G 410 -27.37 30.53 13.85
CA SER G 410 -28.70 29.96 13.66
C SER G 410 -29.57 30.20 14.89
N ALA G 411 -29.01 30.05 16.09
CA ALA G 411 -29.78 30.26 17.31
C ALA G 411 -30.21 31.72 17.44
N VAL G 412 -29.35 32.65 17.03
CA VAL G 412 -29.73 34.06 17.05
C VAL G 412 -30.84 34.33 16.03
N LYS G 413 -30.72 33.75 14.83
CA LYS G 413 -31.78 33.89 13.84
C LYS G 413 -33.11 33.31 14.31
N GLU G 414 -33.08 32.24 15.11
CA GLU G 414 -34.25 31.44 15.39
C GLU G 414 -35.10 32.01 16.53
N VAL G 415 -34.48 32.71 17.48
CA VAL G 415 -35.21 33.22 18.64
C VAL G 415 -35.52 34.71 18.52
N ALA G 416 -34.86 35.43 17.61
CA ALA G 416 -35.08 36.87 17.45
C ALA G 416 -36.31 37.14 16.58
N THR G 417 -37.45 36.61 17.03
CA THR G 417 -38.72 36.80 16.36
C THR G 417 -39.78 37.15 17.39
N LEU G 418 -40.83 37.81 16.91
CA LEU G 418 -41.96 38.21 17.76
C LEU G 418 -43.26 37.55 17.33
N GLY G 419 -43.21 36.56 16.46
CA GLY G 419 -44.40 35.90 15.96
C GLY G 419 -44.17 35.46 14.54
N VAL G 420 -45.27 35.14 13.87
CA VAL G 420 -45.24 34.68 12.48
C VAL G 420 -45.18 35.88 11.57
N ASP G 421 -44.55 35.71 10.41
CA ASP G 421 -44.39 36.77 9.41
C ASP G 421 -43.65 37.97 10.02
N ASP G 443 -51.64 38.71 11.55
CA ASP G 443 -51.31 39.89 10.78
C ASP G 443 -49.82 40.18 10.83
N LEU G 444 -49.46 41.35 11.35
CA LEU G 444 -48.08 41.77 11.43
C LEU G 444 -47.35 41.02 12.54
N GLU G 445 -46.02 41.18 12.56
CA GLU G 445 -45.21 40.55 13.60
C GLU G 445 -45.34 41.27 14.93
N THR G 446 -45.64 42.56 14.91
CA THR G 446 -45.67 43.40 16.12
C THR G 446 -47.10 43.71 16.57
N TYR G 447 -48.02 42.75 16.47
CA TYR G 447 -49.39 43.02 16.85
C TYR G 447 -49.55 43.18 18.37
N VAL G 448 -48.84 42.37 19.15
CA VAL G 448 -48.95 42.47 20.61
C VAL G 448 -48.41 43.81 21.09
N PHE G 449 -47.28 44.25 20.52
CA PHE G 449 -46.76 45.57 20.87
C PHE G 449 -47.71 46.68 20.46
N GLN G 450 -48.38 46.52 19.31
CA GLN G 450 -49.38 47.48 18.89
C GLN G 450 -50.53 47.54 19.89
N ASP G 451 -50.97 46.39 20.39
CA ASP G 451 -52.04 46.37 21.39
C ASP G 451 -51.61 47.04 22.69
N ASN G 452 -50.38 46.79 23.12
CA ASN G 452 -49.88 47.44 24.33
C ASN G 452 -49.81 48.96 24.15
N LEU G 453 -49.36 49.41 22.98
CA LEU G 453 -49.35 50.84 22.69
C LEU G 453 -50.77 51.40 22.68
N ALA G 454 -51.74 50.65 22.17
CA ALA G 454 -53.12 51.09 22.19
C ALA G 454 -53.64 51.24 23.61
N THR G 455 -53.30 50.30 24.49
CA THR G 455 -53.70 50.41 25.90
C THR G 455 -53.09 51.65 26.53
N ALA G 456 -51.80 51.89 26.27
CA ALA G 456 -51.15 53.09 26.80
C ALA G 456 -51.82 54.35 26.26
N MET G 457 -52.21 54.34 24.99
CA MET G 457 -52.88 55.50 24.40
C MET G 457 -54.24 55.73 25.05
N ARG G 458 -54.97 54.66 25.37
CA ARG G 458 -56.24 54.81 26.07
C ARG G 458 -56.03 55.44 27.45
N ARG G 459 -55.00 54.99 28.17
CA ARG G 459 -54.70 55.61 29.46
C ARG G 459 -54.35 57.09 29.30
N ASP G 460 -53.56 57.41 28.27
CA ASP G 460 -53.21 58.80 28.00
C ASP G 460 -54.46 59.63 27.70
N GLY G 461 -55.38 59.08 26.93
CA GLY G 461 -56.61 59.79 26.64
C GLY G 461 -57.44 60.04 27.88
N GLU G 462 -57.49 59.06 28.79
CA GLU G 462 -58.21 59.25 30.06
C GLU G 462 -57.58 60.39 30.86
N ILE G 463 -56.25 60.38 30.98
CA ILE G 463 -55.57 61.42 31.74
C ILE G 463 -55.81 62.79 31.10
N TYR G 464 -55.74 62.88 29.77
CA TYR G 464 -55.96 64.14 29.09
C TYR G 464 -57.38 64.64 29.30
N GLN G 465 -58.37 63.74 29.23
CA GLN G 465 -59.75 64.14 29.48
C GLN G 465 -59.91 64.72 30.88
N SER G 466 -59.30 64.06 31.87
CA SER G 466 -59.39 64.57 33.24
C SER G 466 -58.74 65.95 33.37
N ILE G 467 -57.56 66.12 32.75
CA ILE G 467 -56.87 67.41 32.85
C ILE G 467 -57.69 68.51 32.19
N VAL G 468 -58.28 68.22 31.03
CA VAL G 468 -59.11 69.21 30.35
C VAL G 468 -60.33 69.56 31.21
N ASN G 469 -60.96 68.56 31.81
CA ASN G 469 -62.10 68.82 32.67
C ASN G 469 -61.71 69.70 33.85
N ASP G 470 -60.48 69.55 34.35
CA ASP G 470 -60.08 70.32 35.52
C ASP G 470 -59.51 71.69 35.19
N ILE G 471 -59.09 71.94 33.95
CA ILE G 471 -58.47 73.22 33.57
C ILE G 471 -59.33 73.97 32.56
N TYR G 472 -59.57 73.38 31.39
CA TYR G 472 -60.11 74.11 30.25
C TYR G 472 -61.58 74.49 30.51
N ASP G 473 -62.16 75.23 29.55
CA ASP G 473 -63.56 75.64 29.61
C ASP G 473 -64.32 74.86 28.54
N VAL G 474 -64.98 73.79 28.94
CA VAL G 474 -65.77 72.97 28.04
C VAL G 474 -67.15 73.60 27.89
N PRO G 475 -67.59 73.94 26.68
CA PRO G 475 -68.92 74.51 26.52
C PRO G 475 -69.99 73.43 26.60
N ARG G 476 -71.14 73.80 27.17
CA ARG G 476 -72.29 72.92 27.27
C ARG G 476 -73.25 73.22 26.12
N ASN G 477 -73.64 72.18 25.40
CA ASN G 477 -74.53 72.33 24.25
C ASN G 477 -75.98 72.23 24.71
N VAL G 478 -76.77 73.25 24.39
CA VAL G 478 -78.18 73.30 24.77
C VAL G 478 -78.97 73.83 23.58
N THR G 479 -80.16 73.29 23.37
CA THR G 479 -81.03 73.70 22.26
C THR G 479 -82.23 74.44 22.82
N ILE G 480 -82.49 75.64 22.29
CA ILE G 480 -83.62 76.44 22.76
C ILE G 480 -84.93 75.79 22.33
N THR G 481 -84.92 75.06 21.22
CA THR G 481 -86.13 74.44 20.66
C THR G 481 -87.22 75.46 20.40
N LEU G 482 -86.82 76.63 19.87
CA LEU G 482 -87.77 77.66 19.53
C LEU G 482 -88.59 77.25 18.30
N GLU G 483 -89.81 77.78 18.21
CA GLU G 483 -90.65 77.48 17.06
C GLU G 483 -90.07 78.09 15.78
N ASP G 484 -89.49 79.29 15.87
CA ASP G 484 -88.89 79.91 14.70
C ASP G 484 -87.56 79.26 14.34
N GLY G 485 -86.74 78.95 15.34
CA GLY G 485 -85.45 78.34 15.10
C GLY G 485 -85.35 76.94 15.67
N SER G 486 -85.15 75.95 14.79
CA SER G 486 -85.08 74.55 15.19
C SER G 486 -83.64 74.06 15.12
N GLU G 487 -83.23 73.33 16.16
CA GLU G 487 -81.88 72.79 16.26
C GLU G 487 -80.84 73.91 16.18
N LYS G 488 -80.86 74.79 17.18
CA LYS G 488 -79.86 75.85 17.28
C LYS G 488 -78.86 75.49 18.36
N ASP G 489 -77.63 75.18 17.95
CA ASP G 489 -76.56 74.80 18.89
C ASP G 489 -75.89 76.08 19.37
N VAL G 490 -76.43 76.63 20.46
CA VAL G 490 -75.93 77.89 21.01
C VAL G 490 -74.52 77.77 21.55
N GLN G 491 -74.12 76.60 22.03
CA GLN G 491 -72.82 76.39 22.67
C GLN G 491 -72.64 77.33 23.86
N LEU G 492 -73.51 77.16 24.84
CA LEU G 492 -73.51 78.01 26.03
C LEU G 492 -72.22 77.82 26.81
N MET G 493 -71.64 78.93 27.25
CA MET G 493 -70.44 78.94 28.06
C MET G 493 -70.71 79.70 29.35
N ALA G 494 -70.09 79.25 30.44
CA ALA G 494 -70.32 79.86 31.75
C ALA G 494 -68.97 80.20 32.38
N GLU G 495 -68.75 81.48 32.67
CA GLU G 495 -67.52 81.92 33.31
C GLU G 495 -67.82 83.13 34.18
N VAL G 496 -67.11 83.24 35.30
CA VAL G 496 -67.31 84.33 36.26
C VAL G 496 -65.94 84.87 36.65
N VAL G 497 -65.86 86.19 36.80
CA VAL G 497 -64.65 86.86 37.26
C VAL G 497 -64.79 87.12 38.76
N ASP G 498 -63.66 87.17 39.44
CA ASP G 498 -63.67 87.32 40.90
C ASP G 498 -64.09 88.71 41.33
N LEU G 499 -63.92 89.71 40.45
CA LEU G 499 -64.27 91.10 40.72
C LEU G 499 -63.40 91.71 41.83
N ALA G 500 -62.49 90.91 42.38
CA ALA G 500 -61.47 91.39 43.30
C ALA G 500 -60.05 91.18 42.79
N THR G 501 -59.89 90.36 41.76
CA THR G 501 -58.59 90.15 41.13
C THR G 501 -58.82 89.88 39.66
N GLY G 502 -57.76 90.08 38.87
CA GLY G 502 -57.88 89.91 37.42
C GLY G 502 -58.01 88.47 36.98
N GLU G 503 -57.67 87.51 37.84
CA GLU G 503 -57.72 86.11 37.46
C GLU G 503 -59.17 85.65 37.28
N LYS G 504 -59.37 84.75 36.32
CA LYS G 504 -60.69 84.22 36.03
C LYS G 504 -60.95 82.96 36.87
N GLN G 505 -62.14 82.39 36.70
CA GLN G 505 -62.51 81.17 37.40
C GLN G 505 -63.36 80.31 36.48
N VAL G 506 -63.01 79.04 36.38
CA VAL G 506 -63.70 78.10 35.50
C VAL G 506 -64.95 77.58 36.19
N LEU G 507 -65.96 77.28 35.38
CA LEU G 507 -67.24 76.74 35.88
C LEU G 507 -67.63 75.55 35.01
N ASN G 508 -67.28 74.35 35.46
CA ASN G 508 -67.61 73.13 34.75
C ASN G 508 -68.61 72.32 35.58
N ASP G 509 -69.71 71.92 34.95
CA ASP G 509 -70.69 71.08 35.63
C ASP G 509 -70.11 69.71 35.92
N ILE G 510 -70.69 69.04 36.91
CA ILE G 510 -70.22 67.72 37.32
C ILE G 510 -71.00 66.64 36.58
N ARG G 511 -72.29 66.90 36.35
CA ARG G 511 -73.14 65.91 35.70
C ARG G 511 -72.68 65.61 34.27
N GLY G 512 -72.25 66.64 33.55
CA GLY G 512 -71.87 66.47 32.16
C GLY G 512 -70.37 66.44 31.93
N ARG G 513 -69.62 65.91 32.89
CA ARG G 513 -68.16 65.82 32.73
C ARG G 513 -67.78 64.59 31.92
N TYR G 514 -68.11 63.40 32.43
CA TYR G 514 -67.71 62.13 31.81
C TYR G 514 -68.87 61.62 30.98
N GLU G 515 -68.90 62.02 29.70
CA GLU G 515 -69.96 61.58 28.80
C GLU G 515 -69.41 61.29 27.40
N CYS G 516 -68.15 60.85 27.31
CA CYS G 516 -67.56 60.40 26.05
C CYS G 516 -66.37 59.52 26.38
N TYR G 517 -66.41 58.27 25.94
CA TYR G 517 -65.36 57.30 26.24
C TYR G 517 -64.22 57.41 25.24
N THR G 518 -63.05 56.92 25.65
CA THR G 518 -61.84 56.96 24.85
C THR G 518 -61.73 55.73 23.98
N ASP G 519 -61.16 55.92 22.79
CA ASP G 519 -60.95 54.83 21.85
C ASP G 519 -59.70 55.14 21.04
N VAL G 520 -59.14 54.12 20.41
CA VAL G 520 -57.91 54.24 19.64
C VAL G 520 -58.23 54.15 18.16
N GLY G 521 -57.63 55.02 17.36
CA GLY G 521 -57.82 55.04 15.94
C GLY G 521 -56.62 55.60 15.21
N PRO G 522 -56.77 55.87 13.92
CA PRO G 522 -55.66 56.45 13.15
C PRO G 522 -55.34 57.86 13.62
N SER G 523 -54.09 58.25 13.41
CA SER G 523 -53.57 59.52 13.89
C SER G 523 -53.71 60.59 12.80
N PHE G 524 -54.34 61.71 13.16
CA PHE G 524 -54.48 62.86 12.29
C PHE G 524 -53.89 64.09 12.99
N GLN G 525 -54.05 65.25 12.35
CA GLN G 525 -53.51 66.49 12.88
C GLN G 525 -54.52 67.61 13.04
N SER G 526 -55.73 67.48 12.51
CA SER G 526 -56.75 68.50 12.66
C SER G 526 -58.11 67.86 12.46
N MET G 527 -59.15 68.56 12.94
CA MET G 527 -60.51 68.04 12.84
C MET G 527 -61.05 68.01 11.42
N LYS G 528 -60.42 68.72 10.49
CA LYS G 528 -60.85 68.67 9.09
C LYS G 528 -60.36 67.43 8.37
N GLN G 529 -59.14 66.98 8.69
CA GLN G 529 -58.62 65.75 8.09
C GLN G 529 -59.42 64.53 8.51
N GLN G 530 -59.91 64.49 9.75
CA GLN G 530 -60.76 63.39 10.17
C GLN G 530 -62.04 63.33 9.34
N ASN G 531 -62.69 64.48 9.14
CA ASN G 531 -63.90 64.53 8.33
C ASN G 531 -63.61 64.14 6.88
N ARG G 532 -62.47 64.61 6.35
CA ARG G 532 -62.09 64.24 4.98
C ARG G 532 -61.89 62.73 4.85
N ALA G 533 -61.24 62.12 5.84
CA ALA G 533 -61.02 60.67 5.80
C ALA G 533 -62.34 59.91 5.91
N GLU G 534 -63.24 60.37 6.78
CA GLU G 534 -64.55 59.71 6.87
C GLU G 534 -65.34 59.84 5.58
N ILE G 535 -65.29 61.00 4.94
CA ILE G 535 -65.99 61.17 3.67
C ILE G 535 -65.39 60.26 2.61
N LEU G 536 -64.06 60.13 2.60
CA LEU G 536 -63.42 59.23 1.64
C LEU G 536 -63.83 57.77 1.88
N GLU G 537 -63.91 57.37 3.15
CA GLU G 537 -64.34 56.00 3.46
C GLU G 537 -65.77 55.77 3.00
N LEU G 538 -66.67 56.72 3.28
CA LEU G 538 -68.05 56.58 2.84
C LEU G 538 -68.15 56.54 1.32
N LEU G 539 -67.33 57.34 0.62
CA LEU G 539 -67.29 57.28 -0.83
C LEU G 539 -66.85 55.91 -1.31
N GLY G 540 -65.83 55.33 -0.66
CA GLY G 540 -65.38 54.00 -1.03
C GLY G 540 -66.44 52.95 -0.83
N LYS G 541 -67.24 53.08 0.24
CA LYS G 541 -68.29 52.12 0.51
C LYS G 541 -69.57 52.39 -0.28
N THR G 542 -69.69 53.55 -0.91
CA THR G 542 -70.92 53.86 -1.63
C THR G 542 -70.78 53.54 -3.12
N PRO G 543 -71.71 52.74 -3.66
CA PRO G 543 -71.64 52.41 -5.10
C PRO G 543 -71.89 53.63 -5.97
N GLN G 544 -71.31 53.61 -7.16
CA GLN G 544 -71.46 54.72 -8.09
C GLN G 544 -72.86 54.77 -8.66
N GLY G 545 -73.15 55.86 -9.37
CA GLY G 545 -74.46 56.06 -9.97
C GLY G 545 -75.58 56.11 -8.94
N THR G 546 -75.34 56.79 -7.84
CA THR G 546 -76.28 56.88 -6.74
C THR G 546 -76.29 58.30 -6.22
N PRO G 547 -77.45 58.83 -5.81
CA PRO G 547 -77.46 60.18 -5.21
C PRO G 547 -76.52 60.33 -4.03
N GLU G 548 -76.38 59.28 -3.21
CA GLU G 548 -75.47 59.35 -2.07
C GLU G 548 -74.04 59.60 -2.53
N TYR G 549 -73.64 58.99 -3.65
CA TYR G 549 -72.29 59.20 -4.17
C TYR G 549 -72.09 60.67 -4.56
N GLN G 550 -73.08 61.28 -5.21
CA GLN G 550 -72.97 62.68 -5.58
C GLN G 550 -72.91 63.58 -4.36
N LEU G 551 -73.74 63.31 -3.35
CA LEU G 551 -73.71 64.09 -2.12
C LEU G 551 -72.36 63.97 -1.43
N LEU G 552 -71.79 62.77 -1.41
CA LEU G 552 -70.48 62.58 -0.79
C LEU G 552 -69.38 63.30 -1.57
N LEU G 553 -69.47 63.29 -2.90
CA LEU G 553 -68.50 64.05 -3.71
C LEU G 553 -68.58 65.53 -3.41
N LEU G 554 -69.80 66.08 -3.33
CA LEU G 554 -69.94 67.50 -3.02
C LEU G 554 -69.44 67.82 -1.63
N GLN G 555 -69.73 66.94 -0.66
CA GLN G 555 -69.25 67.16 0.70
C GLN G 555 -67.74 67.10 0.80
N TYR G 556 -67.11 66.23 0.01
CA TYR G 556 -65.65 66.21 -0.04
C TYR G 556 -65.10 67.47 -0.69
N PHE G 557 -65.71 67.93 -1.78
CA PHE G 557 -65.21 69.11 -2.47
C PHE G 557 -65.35 70.36 -1.62
N THR G 558 -66.40 70.45 -0.80
CA THR G 558 -66.59 71.63 0.03
C THR G 558 -65.73 71.59 1.31
N LEU G 559 -64.75 70.69 1.39
CA LEU G 559 -63.89 70.60 2.56
C LEU G 559 -62.42 70.85 2.26
N LEU G 560 -62.07 71.21 1.03
CA LEU G 560 -60.67 71.44 0.70
C LEU G 560 -60.19 72.78 1.26
N ASP G 561 -58.87 72.96 1.24
CA ASP G 561 -58.24 74.08 1.93
C ASP G 561 -57.67 75.12 0.96
N GLY G 562 -56.94 74.69 -0.07
CA GLY G 562 -56.16 75.62 -0.86
C GLY G 562 -57.02 76.68 -1.54
N LYS G 563 -56.41 77.85 -1.73
CA LYS G 563 -57.06 78.94 -2.43
C LYS G 563 -57.17 78.65 -3.92
N GLY G 564 -56.19 77.96 -4.49
CA GLY G 564 -56.27 77.58 -5.90
C GLY G 564 -57.51 76.76 -6.20
N VAL G 565 -57.87 75.85 -5.30
CA VAL G 565 -59.15 75.16 -5.39
C VAL G 565 -60.19 75.97 -4.63
N GLU G 566 -60.78 76.96 -5.30
CA GLU G 566 -61.87 77.75 -4.75
C GLU G 566 -63.12 77.71 -5.61
N MET G 567 -62.93 77.66 -6.93
CA MET G 567 -64.07 77.52 -7.85
C MET G 567 -64.87 76.27 -7.53
N MET G 568 -64.18 75.13 -7.36
CA MET G 568 -64.88 73.88 -7.07
C MET G 568 -65.58 73.93 -5.71
N ARG G 569 -64.92 74.53 -4.71
CA ARG G 569 -65.54 74.63 -3.39
C ARG G 569 -66.81 75.46 -3.45
N ASP G 570 -66.77 76.62 -4.11
CA ASP G 570 -67.95 77.46 -4.23
C ASP G 570 -69.05 76.77 -5.03
N TYR G 571 -68.68 76.05 -6.10
CA TYR G 571 -69.67 75.34 -6.90
C TYR G 571 -70.34 74.25 -6.08
N ALA G 572 -69.57 73.49 -5.29
CA ALA G 572 -70.13 72.44 -4.47
C ALA G 572 -71.05 73.02 -3.40
N ASN G 573 -70.65 74.12 -2.78
CA ASN G 573 -71.51 74.75 -1.78
C ASN G 573 -72.82 75.24 -2.41
N LYS G 574 -72.73 75.85 -3.59
CA LYS G 574 -73.92 76.32 -4.28
C LYS G 574 -74.85 75.16 -4.63
N GLN G 575 -74.27 74.04 -5.11
CA GLN G 575 -75.09 72.89 -5.43
C GLN G 575 -75.79 72.34 -4.19
N LEU G 576 -75.06 72.23 -3.07
CA LEU G 576 -75.66 71.71 -1.85
C LEU G 576 -76.77 72.63 -1.34
N ILE G 577 -76.60 73.95 -1.47
CA ILE G 577 -77.66 74.87 -1.06
C ILE G 577 -78.86 74.74 -1.99
N GLN G 578 -78.62 74.62 -3.30
CA GLN G 578 -79.71 74.60 -4.26
C GLN G 578 -80.51 73.30 -4.22
N MET G 579 -79.90 72.19 -3.85
CA MET G 579 -80.64 70.94 -3.74
C MET G 579 -81.38 70.81 -2.41
N GLY G 580 -81.23 71.78 -1.51
CA GLY G 580 -81.93 71.78 -0.25
C GLY G 580 -81.37 70.85 0.80
N VAL G 581 -80.25 70.18 0.51
CA VAL G 581 -79.68 69.26 1.48
C VAL G 581 -79.08 70.02 2.66
N LYS G 582 -78.42 71.15 2.39
CA LYS G 582 -77.84 71.99 3.43
C LYS G 582 -78.80 73.13 3.77
N LYS G 583 -78.35 74.05 4.61
CA LYS G 583 -79.14 75.19 5.03
C LYS G 583 -78.35 76.48 4.87
N PRO G 584 -79.01 77.56 4.43
CA PRO G 584 -78.27 78.80 4.16
C PRO G 584 -77.94 79.56 5.44
N GLU G 585 -76.76 80.20 5.43
CA GLU G 585 -76.33 81.04 6.54
C GLU G 585 -76.02 82.46 6.11
N THR G 586 -75.20 82.64 5.08
CA THR G 586 -74.88 83.98 4.60
C THR G 586 -75.91 84.44 3.57
N PRO G 587 -76.10 85.76 3.43
CA PRO G 587 -77.22 86.25 2.58
C PRO G 587 -77.20 85.69 1.16
N GLU G 588 -76.02 85.55 0.57
CA GLU G 588 -75.93 84.99 -0.78
C GLU G 588 -76.47 83.56 -0.82
N GLU G 589 -76.39 82.85 0.30
CA GLU G 589 -76.83 81.46 0.31
C GLU G 589 -78.35 81.36 0.18
N GLN G 590 -79.11 82.13 0.97
CA GLN G 590 -80.55 82.06 0.78
C GLN G 590 -80.98 82.80 -0.49
N GLN G 591 -80.13 83.73 -0.98
CA GLN G 591 -80.37 84.24 -2.32
C GLN G 591 -80.33 83.12 -3.35
N TRP G 592 -79.31 82.25 -3.27
CA TRP G 592 -79.24 81.09 -4.15
C TRP G 592 -80.44 80.18 -3.94
N LEU G 593 -80.84 79.98 -2.67
CA LEU G 593 -81.96 79.09 -2.39
C LEU G 593 -83.26 79.61 -2.99
N VAL G 594 -83.54 80.92 -2.86
CA VAL G 594 -84.76 81.46 -3.42
C VAL G 594 -84.69 81.48 -4.95
N GLU G 595 -83.49 81.67 -5.52
CA GLU G 595 -83.35 81.57 -6.96
C GLU G 595 -83.69 80.16 -7.45
N ALA G 596 -83.19 79.14 -6.74
CA ALA G 596 -83.51 77.76 -7.10
C ALA G 596 -85.00 77.48 -6.94
N GLN G 597 -85.61 78.01 -5.87
CA GLN G 597 -87.04 77.82 -5.65
C GLN G 597 -87.85 78.42 -6.79
N GLN G 598 -87.50 79.63 -7.22
CA GLN G 598 -88.19 80.26 -8.34
C GLN G 598 -87.97 79.48 -9.64
N ALA G 599 -86.75 78.98 -9.85
CA ALA G 599 -86.46 78.27 -11.09
C ALA G 599 -87.17 76.91 -11.14
N LYS G 600 -87.42 76.32 -9.97
CA LYS G 600 -88.02 74.99 -9.94
C LYS G 600 -89.44 74.99 -10.50
N GLN G 601 -90.22 76.01 -10.18
CA GLN G 601 -91.63 76.02 -10.58
C GLN G 601 -91.78 76.24 -12.09
N GLY G 602 -90.72 76.69 -12.76
CA GLY G 602 -90.81 76.95 -14.19
C GLY G 602 -90.91 75.69 -15.02
N GLN G 603 -90.39 74.58 -14.49
CA GLN G 603 -90.37 73.33 -15.25
C GLN G 603 -91.80 72.79 -15.44
N GLN G 604 -92.08 72.32 -16.65
CA GLN G 604 -93.37 71.74 -16.99
C GLN G 604 -93.16 70.47 -17.80
N ASP G 605 -93.98 69.46 -17.52
CA ASP G 605 -93.87 68.19 -18.24
C ASP G 605 -94.70 68.25 -19.53
N PRO G 606 -94.09 68.04 -20.70
CA PRO G 606 -94.87 68.10 -21.95
C PRO G 606 -96.00 67.08 -22.01
N ALA G 607 -95.76 65.86 -21.49
CA ALA G 607 -96.80 64.84 -21.50
C ALA G 607 -98.00 65.26 -20.65
N MET G 608 -97.76 65.87 -19.49
CA MET G 608 -98.85 66.39 -18.68
C MET G 608 -99.63 67.45 -19.44
N VAL G 609 -98.94 68.34 -20.15
CA VAL G 609 -99.62 69.41 -20.88
C VAL G 609 -100.50 68.84 -21.99
N GLN G 610 -99.96 67.88 -22.75
CA GLN G 610 -100.75 67.26 -23.82
C GLN G 610 -101.95 66.51 -23.26
N ALA G 611 -101.74 65.80 -22.16
CA ALA G 611 -102.86 65.07 -21.54
C ALA G 611 -103.92 66.03 -21.02
N GLN G 612 -103.50 67.18 -20.46
CA GLN G 612 -104.46 68.19 -20.05
C GLN G 612 -105.25 68.72 -21.24
N GLY G 613 -104.59 68.92 -22.37
CA GLY G 613 -105.31 69.29 -23.59
C GLY G 613 -106.33 68.24 -23.98
N VAL G 614 -105.97 66.96 -23.84
CA VAL G 614 -106.90 65.88 -24.15
C VAL G 614 -108.12 65.94 -23.24
N LEU G 615 -107.90 66.15 -21.94
CA LEU G 615 -109.04 66.29 -21.02
C LEU G 615 -109.89 67.50 -21.38
N LEU G 616 -109.27 68.59 -21.78
CA LEU G 616 -110.04 69.77 -22.17
C LEU G 616 -110.92 69.47 -23.37
N GLN G 617 -110.38 68.74 -24.35
CA GLN G 617 -111.17 68.35 -25.52
C GLN G 617 -112.34 67.45 -25.10
N GLY G 618 -112.08 66.49 -24.21
CA GLY G 618 -113.16 65.62 -23.74
C GLY G 618 -114.24 66.37 -23.00
N GLN G 619 -113.84 67.31 -22.13
CA GLN G 619 -114.81 68.11 -21.39
C GLN G 619 -115.63 68.99 -22.33
N ALA G 620 -114.98 69.54 -23.36
CA ALA G 620 -115.71 70.28 -24.38
C ALA G 620 -116.70 69.42 -25.14
N GLU G 621 -116.34 68.17 -25.45
CA GLU G 621 -117.28 67.27 -26.09
C GLU G 621 -118.48 66.98 -25.20
N LEU G 622 -118.23 66.76 -23.90
CA LEU G 622 -119.34 66.54 -22.97
C LEU G 622 -120.23 67.76 -22.87
N ALA G 623 -119.63 68.95 -22.85
CA ALA G 623 -120.42 70.19 -22.82
C ALA G 623 -121.24 70.33 -24.10
N LYS G 624 -120.67 69.92 -25.24
CA LYS G 624 -121.43 69.95 -26.49
C LYS G 624 -122.61 69.00 -26.43
N ALA G 625 -122.43 67.81 -25.84
CA ALA G 625 -123.56 66.90 -25.69
C ALA G 625 -124.65 67.48 -24.79
N GLN G 626 -124.25 68.08 -23.67
CA GLN G 626 -125.22 68.71 -22.78
C GLN G 626 -125.94 69.86 -23.48
N ASN G 627 -125.22 70.60 -24.32
CA ASN G 627 -125.85 71.66 -25.12
C ASN G 627 -126.83 71.08 -26.11
N GLN G 628 -126.50 69.94 -26.71
CA GLN G 628 -127.42 69.28 -27.64
C GLN G 628 -128.69 68.87 -26.93
N THR G 629 -128.58 68.45 -25.67
CA THR G 629 -129.79 68.14 -24.89
C THR G 629 -130.72 69.35 -24.82
N LEU G 630 -130.18 70.52 -24.46
CA LEU G 630 -131.00 71.73 -24.39
C LEU G 630 -131.53 72.13 -25.77
N SER G 631 -130.74 71.88 -26.82
CA SER G 631 -131.21 72.12 -28.17
C SER G 631 -132.43 71.27 -28.49
N LEU G 632 -132.42 70.01 -28.05
CA LEU G 632 -133.60 69.17 -28.18
C LEU G 632 -134.77 69.75 -27.38
N GLN G 633 -134.48 70.26 -26.17
CA GLN G 633 -135.55 70.81 -25.33
C GLN G 633 -136.23 72.00 -26.01
N ILE G 634 -135.45 72.84 -26.68
CA ILE G 634 -135.97 74.04 -27.36
C ILE G 634 -136.71 74.94 -26.37
N ASN H 6 -16.70 88.85 33.45
CA ASN H 6 -17.78 88.16 34.14
C ASN H 6 -18.69 87.44 33.14
N ARG H 7 -19.23 88.21 32.19
CA ARG H 7 -20.06 87.64 31.14
C ARG H 7 -19.28 86.62 30.30
N LEU H 8 -18.05 86.99 29.92
CA LEU H 8 -17.22 86.09 29.11
C LEU H 8 -16.92 84.80 29.87
N GLU H 9 -16.64 84.90 31.17
CA GLU H 9 -16.36 83.71 31.96
C GLU H 9 -17.56 82.78 32.01
N SER H 10 -18.77 83.33 32.21
CA SER H 10 -19.96 82.50 32.22
C SER H 10 -20.19 81.84 30.87
N ILE H 11 -20.03 82.59 29.79
CA ILE H 11 -20.23 82.03 28.45
C ILE H 11 -19.24 80.89 28.20
N LEU H 12 -17.97 81.10 28.57
CA LEU H 12 -16.98 80.05 28.37
C LEU H 12 -17.24 78.85 29.25
N SER H 13 -17.76 79.05 30.47
CA SER H 13 -18.11 77.91 31.32
C SER H 13 -19.24 77.09 30.69
N ARG H 14 -20.28 77.76 30.18
CA ARG H 14 -21.35 77.04 29.50
C ARG H 14 -20.82 76.28 28.29
N PHE H 15 -19.98 76.94 27.49
CA PHE H 15 -19.44 76.27 26.31
C PHE H 15 -18.56 75.08 26.66
N ASP H 16 -17.76 75.21 27.72
CA ASP H 16 -16.93 74.09 28.14
C ASP H 16 -17.77 72.92 28.61
N ALA H 17 -18.83 73.20 29.38
CA ALA H 17 -19.72 72.11 29.82
C ALA H 17 -20.36 71.43 28.62
N ASP H 18 -20.85 72.22 27.65
CA ASP H 18 -21.50 71.63 26.48
C ASP H 18 -20.50 70.82 25.65
N TRP H 19 -19.28 71.31 25.52
CA TRP H 19 -18.27 70.62 24.73
C TRP H 19 -17.86 69.31 25.40
N THR H 20 -17.68 69.31 26.72
CA THR H 20 -17.25 68.10 27.41
C THR H 20 -18.37 67.07 27.49
N ALA H 21 -19.63 67.52 27.62
CA ALA H 21 -20.73 66.58 27.78
C ALA H 21 -20.98 65.72 26.54
N SER H 22 -20.44 66.08 25.39
CA SER H 22 -20.72 65.38 24.14
C SER H 22 -19.43 65.10 23.37
N ASP H 23 -18.45 64.53 24.06
CA ASP H 23 -17.16 64.26 23.43
C ASP H 23 -17.12 62.94 22.68
N GLU H 24 -17.62 61.86 23.30
CA GLU H 24 -17.53 60.54 22.68
C GLU H 24 -18.31 60.49 21.37
N ALA H 25 -19.53 61.04 21.36
CA ALA H 25 -20.33 61.03 20.15
C ALA H 25 -19.67 61.81 19.03
N ARG H 26 -19.11 62.98 19.35
CA ARG H 26 -18.43 63.78 18.33
C ARG H 26 -17.21 63.05 17.79
N ARG H 27 -16.41 62.44 18.67
CA ARG H 27 -15.23 61.72 18.21
C ARG H 27 -15.61 60.55 17.30
N GLU H 28 -16.64 59.79 17.68
CA GLU H 28 -17.05 58.66 16.86
C GLU H 28 -17.64 59.12 15.53
N ALA H 29 -18.40 60.22 15.52
CA ALA H 29 -18.93 60.74 14.27
C ALA H 29 -17.82 61.21 13.34
N LYS H 30 -16.81 61.89 13.89
CA LYS H 30 -15.68 62.31 13.07
C LYS H 30 -14.93 61.11 12.52
N ASN H 31 -14.75 60.07 13.35
CA ASN H 31 -14.10 58.86 12.87
C ASN H 31 -14.91 58.23 11.74
N ASP H 32 -16.23 58.19 11.87
CA ASP H 32 -17.07 57.63 10.82
C ASP H 32 -16.94 58.42 9.54
N LEU H 33 -16.95 59.75 9.63
CA LEU H 33 -16.83 60.59 8.44
C LEU H 33 -15.49 60.36 7.75
N PHE H 34 -14.40 60.32 8.53
CA PHE H 34 -13.08 60.10 7.94
C PHE H 34 -12.99 58.71 7.31
N PHE H 35 -13.56 57.70 7.96
CA PHE H 35 -13.53 56.35 7.41
C PHE H 35 -14.31 56.26 6.11
N SER H 36 -15.47 56.92 6.05
CA SER H 36 -16.34 56.80 4.88
C SER H 36 -15.83 57.62 3.70
N ARG H 37 -15.27 58.81 3.95
CA ARG H 37 -14.93 59.71 2.87
C ARG H 37 -13.48 59.63 2.42
N VAL H 38 -12.52 59.75 3.34
CA VAL H 38 -11.13 59.90 2.94
C VAL H 38 -10.47 58.54 2.69
N SER H 39 -10.39 57.71 3.71
CA SER H 39 -9.68 56.44 3.60
C SER H 39 -10.19 55.50 4.68
N GLN H 40 -9.79 54.23 4.58
CA GLN H 40 -10.24 53.19 5.50
C GLN H 40 -9.11 52.60 6.33
N TRP H 41 -7.97 53.28 6.38
CA TRP H 41 -6.81 52.83 7.16
C TRP H 41 -6.51 53.92 8.18
N ASP H 42 -7.18 53.85 9.33
CA ASP H 42 -7.03 54.85 10.39
C ASP H 42 -5.83 54.51 11.27
N ASP H 43 -4.66 54.48 10.62
CA ASP H 43 -3.41 54.19 11.32
C ASP H 43 -2.43 55.35 11.16
N TRP H 44 -2.92 56.58 11.14
CA TRP H 44 -2.05 57.74 11.03
C TRP H 44 -1.05 57.79 12.17
N LEU H 45 -1.48 57.42 13.37
CA LEU H 45 -0.57 57.33 14.51
C LEU H 45 0.26 56.06 14.40
N SER H 46 1.54 56.17 14.76
CA SER H 46 2.50 55.07 14.75
C SER H 46 2.69 54.46 13.37
N GLN H 47 2.51 55.24 12.30
CA GLN H 47 2.78 54.77 10.95
C GLN H 47 4.21 55.16 10.57
N TYR H 48 4.56 54.97 9.29
CA TYR H 48 5.83 55.35 8.68
C TYR H 48 7.02 54.62 9.27
N THR H 49 6.82 53.66 10.19
CA THR H 49 7.94 52.89 10.70
C THR H 49 8.46 51.93 9.64
N THR H 50 7.58 51.44 8.77
CA THR H 50 7.97 50.58 7.67
C THR H 50 6.91 50.69 6.58
N LEU H 51 7.26 50.25 5.38
CA LEU H 51 6.39 50.35 4.22
C LEU H 51 5.97 48.96 3.78
N GLN H 52 4.66 48.73 3.71
CA GLN H 52 4.11 47.44 3.32
C GLN H 52 2.83 47.67 2.52
N TYR H 53 2.39 46.62 1.83
CA TYR H 53 1.19 46.70 1.02
C TYR H 53 -0.03 46.91 1.91
N ARG H 54 -0.88 47.86 1.55
CA ARG H 54 -2.12 48.15 2.28
C ARG H 54 -3.22 48.43 1.27
N GLY H 55 -4.02 47.42 0.96
CA GLY H 55 -5.06 47.57 -0.03
C GLY H 55 -6.34 48.18 0.52
N GLN H 56 -7.23 48.59 -0.38
CA GLN H 56 -8.52 49.19 0.00
C GLN H 56 -9.59 48.63 -0.93
N PHE H 57 -10.23 47.55 -0.52
CA PHE H 57 -11.28 46.87 -1.28
C PHE H 57 -12.60 47.17 -0.58
N ASP H 58 -13.24 48.27 -0.94
CA ASP H 58 -14.42 48.74 -0.26
C ASP H 58 -15.65 47.96 -0.71
N VAL H 59 -16.56 47.73 0.23
CA VAL H 59 -17.80 47.00 -0.04
C VAL H 59 -18.99 47.75 0.53
N VAL H 60 -18.72 48.74 1.39
CA VAL H 60 -19.78 49.45 2.09
C VAL H 60 -20.22 50.72 1.36
N ARG H 61 -19.38 51.28 0.50
CA ARG H 61 -19.68 52.50 -0.24
C ARG H 61 -20.92 52.37 -1.13
N PRO H 62 -21.11 51.26 -1.86
CA PRO H 62 -22.35 51.13 -2.64
C PRO H 62 -23.61 51.22 -1.81
N VAL H 63 -23.59 50.74 -0.56
CA VAL H 63 -24.77 50.83 0.29
C VAL H 63 -25.11 52.28 0.59
N VAL H 64 -24.10 53.08 0.94
CA VAL H 64 -24.32 54.49 1.21
C VAL H 64 -24.81 55.21 -0.04
N ARG H 65 -24.22 54.87 -1.20
CA ARG H 65 -24.66 55.49 -2.45
C ARG H 65 -26.12 55.15 -2.75
N LYS H 66 -26.50 53.88 -2.56
CA LYS H 66 -27.88 53.48 -2.80
C LYS H 66 -28.83 54.21 -1.86
N LEU H 67 -28.47 54.33 -0.58
CA LEU H 67 -29.35 55.00 0.36
C LEU H 67 -29.52 56.48 0.04
N VAL H 68 -28.42 57.17 -0.30
CA VAL H 68 -28.53 58.59 -0.60
C VAL H 68 -29.31 58.79 -1.91
N SER H 69 -29.14 57.89 -2.88
CA SER H 69 -29.94 57.98 -4.10
C SER H 69 -31.42 57.75 -3.80
N GLU H 70 -31.72 56.81 -2.90
CA GLU H 70 -33.11 56.54 -2.54
C GLU H 70 -33.76 57.74 -1.86
N MET H 71 -33.05 58.39 -0.94
CA MET H 71 -33.64 59.55 -0.28
C MET H 71 -33.54 60.82 -1.12
N ARG H 72 -32.78 60.81 -2.21
CA ARG H 72 -32.78 61.96 -3.11
C ARG H 72 -33.98 61.93 -4.06
N GLN H 73 -34.64 60.78 -4.19
CA GLN H 73 -35.76 60.64 -5.11
C GLN H 73 -37.08 61.08 -4.49
N ASN H 74 -37.12 61.37 -3.19
CA ASN H 74 -38.35 61.73 -2.48
C ASN H 74 -38.13 63.05 -1.76
N PRO H 75 -38.25 64.18 -2.46
CA PRO H 75 -38.10 65.48 -1.79
C PRO H 75 -39.21 65.73 -0.80
N ILE H 76 -38.88 66.52 0.22
CA ILE H 76 -39.82 66.83 1.30
C ILE H 76 -39.69 68.31 1.62
N ASP H 77 -40.84 68.98 1.77
CA ASP H 77 -40.88 70.40 2.07
C ASP H 77 -41.94 70.64 3.14
N VAL H 78 -42.17 71.91 3.45
CA VAL H 78 -43.12 72.32 4.47
C VAL H 78 -44.42 72.75 3.79
N LEU H 79 -45.55 72.22 4.27
CA LEU H 79 -46.86 72.57 3.75
C LEU H 79 -47.68 73.20 4.87
N TYR H 80 -47.87 74.51 4.80
CA TYR H 80 -48.65 75.24 5.79
C TYR H 80 -50.12 75.07 5.49
N ARG H 81 -50.88 74.60 6.48
CA ARG H 81 -52.32 74.45 6.33
C ARG H 81 -53.04 75.36 7.32
N PRO H 82 -54.18 75.92 6.93
CA PRO H 82 -54.93 76.77 7.87
C PRO H 82 -55.48 75.95 9.04
N LYS H 83 -55.59 76.60 10.18
CA LYS H 83 -56.15 75.95 11.36
C LYS H 83 -57.64 75.67 11.14
N ASP H 84 -58.17 74.75 11.94
CA ASP H 84 -59.55 74.32 11.74
C ASP H 84 -60.55 75.45 11.94
N GLY H 85 -60.33 76.31 12.94
CA GLY H 85 -61.24 77.40 13.19
C GLY H 85 -61.03 78.61 12.30
N ALA H 86 -59.97 78.62 11.49
CA ALA H 86 -59.65 79.77 10.67
C ALA H 86 -60.29 79.63 9.28
N ARG H 87 -60.04 80.63 8.42
CA ARG H 87 -60.57 80.64 7.08
C ARG H 87 -59.86 79.59 6.23
N PRO H 88 -60.48 79.15 5.13
CA PRO H 88 -59.81 78.17 4.26
C PRO H 88 -58.51 78.66 3.65
N ASP H 89 -58.40 79.96 3.38
CA ASP H 89 -57.27 80.54 2.64
C ASP H 89 -56.23 81.24 3.50
N ALA H 90 -55.94 80.69 4.65
CA ALA H 90 -55.30 81.43 5.71
C ALA H 90 -53.83 81.27 5.64
N ALA H 91 -53.39 80.27 4.91
CA ALA H 91 -51.97 79.98 4.86
C ALA H 91 -51.44 80.03 3.46
N ASP H 92 -51.87 81.01 2.70
CA ASP H 92 -51.60 81.03 1.29
C ASP H 92 -50.72 82.20 0.91
N VAL H 93 -50.77 83.28 1.63
CA VAL H 93 -49.69 84.26 1.45
C VAL H 93 -48.41 83.76 2.12
N LEU H 94 -48.53 83.13 3.29
CA LEU H 94 -47.35 82.59 3.96
C LEU H 94 -46.74 81.45 3.14
N MET H 95 -47.58 80.60 2.55
CA MET H 95 -47.06 79.55 1.68
C MET H 95 -46.35 80.13 0.46
N GLY H 96 -46.92 81.17 -0.14
CA GLY H 96 -46.25 81.81 -1.26
C GLY H 96 -44.91 82.40 -0.88
N MET H 97 -44.85 83.02 0.31
CA MET H 97 -43.59 83.57 0.78
C MET H 97 -42.56 82.48 1.02
N TYR H 98 -42.98 81.35 1.60
CA TYR H 98 -42.06 80.23 1.80
C TYR H 98 -41.57 79.68 0.48
N ARG H 99 -42.46 79.57 -0.50
CA ARG H 99 -42.06 79.09 -1.82
C ARG H 99 -41.05 80.04 -2.45
N THR H 100 -41.27 81.35 -2.34
CA THR H 100 -40.36 82.32 -2.92
C THR H 100 -39.00 82.30 -2.24
N ASP H 101 -38.97 82.22 -0.91
CA ASP H 101 -37.70 82.32 -0.19
C ASP H 101 -36.82 81.09 -0.40
N MET H 102 -37.40 79.89 -0.29
CA MET H 102 -36.65 78.65 -0.30
C MET H 102 -36.67 77.97 -1.66
N ARG H 103 -36.67 78.75 -2.75
CA ARG H 103 -36.70 78.20 -4.09
C ARG H 103 -35.32 78.04 -4.70
N HIS H 104 -34.34 78.81 -4.25
CA HIS H 104 -33.03 78.87 -4.89
C HIS H 104 -32.25 77.58 -4.62
N ASN H 105 -31.01 77.53 -5.13
CA ASN H 105 -30.20 76.32 -5.03
C ASN H 105 -29.64 76.12 -3.63
N THR H 106 -29.49 77.19 -2.86
CA THR H 106 -28.83 77.08 -1.55
C THR H 106 -29.61 76.16 -0.62
N ALA H 107 -30.94 76.29 -0.59
CA ALA H 107 -31.74 75.45 0.28
C ALA H 107 -31.62 73.98 -0.09
N LYS H 108 -31.71 73.67 -1.39
CA LYS H 108 -31.59 72.29 -1.83
C LYS H 108 -30.22 71.71 -1.51
N ILE H 109 -29.16 72.52 -1.71
CA ILE H 109 -27.81 72.04 -1.40
C ILE H 109 -27.66 71.78 0.10
N ALA H 110 -28.21 72.66 0.93
CA ALA H 110 -28.12 72.47 2.37
C ALA H 110 -28.85 71.20 2.81
N VAL H 111 -30.06 70.98 2.26
CA VAL H 111 -30.81 69.78 2.62
C VAL H 111 -30.07 68.53 2.17
N ASN H 112 -29.51 68.55 0.96
CA ASN H 112 -28.78 67.38 0.47
C ASN H 112 -27.54 67.10 1.31
N ILE H 113 -26.81 68.15 1.70
CA ILE H 113 -25.65 67.96 2.56
C ILE H 113 -26.05 67.35 3.89
N ALA H 114 -27.13 67.87 4.49
CA ALA H 114 -27.60 67.35 5.77
C ALA H 114 -28.01 65.89 5.65
N VAL H 115 -28.70 65.53 4.56
CA VAL H 115 -29.14 64.15 4.38
C VAL H 115 -27.95 63.22 4.22
N ARG H 116 -26.96 63.61 3.40
CA ARG H 116 -25.78 62.77 3.22
C ARG H 116 -25.02 62.59 4.52
N GLU H 117 -24.86 63.68 5.29
CA GLU H 117 -24.20 63.57 6.58
C GLU H 117 -24.96 62.63 7.50
N GLN H 118 -26.28 62.81 7.60
CA GLN H 118 -27.10 61.95 8.45
C GLN H 118 -26.94 60.49 8.07
N ILE H 119 -26.87 60.20 6.77
CA ILE H 119 -26.66 58.82 6.35
C ILE H 119 -25.29 58.32 6.81
N GLU H 120 -24.24 59.11 6.61
CA GLU H 120 -22.90 58.64 6.96
C GLU H 120 -22.66 58.66 8.46
N ALA H 121 -22.73 59.85 9.08
CA ALA H 121 -22.57 59.99 10.51
C ALA H 121 -23.81 60.68 11.06
N GLY H 122 -24.48 60.04 12.00
CA GLY H 122 -25.87 60.39 12.27
C GLY H 122 -26.09 61.73 12.92
N VAL H 123 -25.78 62.80 12.20
CA VAL H 123 -26.09 64.17 12.62
C VAL H 123 -25.93 65.10 11.42
N GLY H 124 -26.73 66.17 11.38
CA GLY H 124 -26.63 67.17 10.35
C GLY H 124 -27.44 68.39 10.76
N ALA H 125 -27.16 69.51 10.11
CA ALA H 125 -27.83 70.75 10.47
C ALA H 125 -27.76 71.73 9.32
N TRP H 126 -28.60 72.77 9.40
CA TRP H 126 -28.59 73.88 8.47
C TRP H 126 -29.29 75.06 9.15
N ARG H 127 -28.78 76.26 8.91
CA ARG H 127 -29.25 77.45 9.59
C ARG H 127 -30.04 78.35 8.64
N LEU H 128 -30.84 79.24 9.23
CA LEU H 128 -31.64 80.20 8.49
C LEU H 128 -31.11 81.60 8.78
N VAL H 129 -30.74 82.32 7.73
CA VAL H 129 -30.16 83.65 7.87
C VAL H 129 -30.95 84.64 7.04
N THR H 130 -31.25 85.78 7.63
CA THR H 130 -31.89 86.90 6.94
C THR H 130 -30.82 87.83 6.38
N ASP H 131 -31.26 88.72 5.49
CA ASP H 131 -30.33 89.62 4.82
C ASP H 131 -31.11 90.80 4.26
N TYR H 132 -30.36 91.77 3.73
CA TYR H 132 -30.92 92.94 3.08
C TYR H 132 -30.76 92.82 1.58
N GLU H 133 -31.84 93.05 0.83
CA GLU H 133 -31.80 93.00 -0.62
C GLU H 133 -32.82 93.99 -1.18
N ASP H 134 -32.40 94.73 -2.21
CA ASP H 134 -33.26 95.76 -2.80
C ASP H 134 -33.66 95.47 -4.24
N GLN H 135 -32.88 94.69 -4.99
CA GLN H 135 -33.19 94.46 -6.39
C GLN H 135 -34.42 93.56 -6.56
N SER H 136 -34.57 92.55 -5.72
CA SER H 136 -35.71 91.63 -5.79
C SER H 136 -36.06 91.17 -4.38
N PRO H 137 -36.65 92.05 -3.57
CA PRO H 137 -37.08 91.64 -2.23
C PRO H 137 -38.32 90.76 -2.29
N THR H 138 -38.52 89.98 -1.22
CA THR H 138 -39.66 89.08 -1.18
C THR H 138 -40.94 89.82 -0.81
N SER H 139 -41.01 90.37 0.39
CA SER H 139 -42.09 91.26 0.79
C SER H 139 -41.57 92.63 1.21
N ASN H 140 -40.67 92.67 2.18
CA ASN H 140 -39.97 93.89 2.57
C ASN H 140 -38.52 93.77 2.11
N ASN H 141 -37.70 94.76 2.47
CA ASN H 141 -36.30 94.76 2.05
C ASN H 141 -35.49 93.77 2.91
N GLN H 142 -35.99 92.55 2.97
CA GLN H 142 -35.32 91.45 3.65
C GLN H 142 -35.66 90.15 2.90
N VAL H 143 -34.71 89.23 2.91
CA VAL H 143 -34.89 87.90 2.33
C VAL H 143 -34.35 86.87 3.31
N ILE H 144 -35.03 85.74 3.40
CA ILE H 144 -34.64 84.64 4.27
C ILE H 144 -34.06 83.53 3.39
N ARG H 145 -32.91 83.01 3.79
CA ARG H 145 -32.23 81.97 3.03
C ARG H 145 -31.64 80.95 3.98
N ARG H 146 -31.58 79.71 3.52
CA ARG H 146 -30.89 78.67 4.26
C ARG H 146 -29.37 78.79 4.05
N GLU H 147 -28.62 78.08 4.89
CA GLU H 147 -27.17 78.05 4.77
C GLU H 147 -26.69 76.68 5.22
N PRO H 148 -25.69 76.11 4.57
CA PRO H 148 -25.22 74.78 4.94
C PRO H 148 -24.09 74.82 5.96
N ILE H 149 -24.11 73.82 6.83
CA ILE H 149 -23.06 73.60 7.81
C ILE H 149 -22.40 72.27 7.48
N HIS H 150 -21.09 72.30 7.21
CA HIS H 150 -20.46 71.18 6.53
C HIS H 150 -19.94 70.12 7.48
N SER H 151 -19.93 70.39 8.78
CA SER H 151 -19.60 69.39 9.79
C SER H 151 -20.45 69.70 11.03
N ALA H 152 -21.63 69.09 11.10
CA ALA H 152 -22.49 69.31 12.25
C ALA H 152 -22.06 68.47 13.44
N CYS H 153 -21.15 67.50 13.25
CA CYS H 153 -20.67 66.70 14.37
C CYS H 153 -19.93 67.55 15.39
N SER H 154 -19.06 68.46 14.93
CA SER H 154 -18.18 69.21 15.82
C SER H 154 -18.36 70.71 15.76
N HIS H 155 -18.91 71.26 14.68
CA HIS H 155 -19.04 72.71 14.59
C HIS H 155 -20.26 73.23 15.33
N VAL H 156 -21.36 72.49 15.32
CA VAL H 156 -22.57 72.88 16.04
C VAL H 156 -22.60 72.14 17.37
N ILE H 157 -22.71 72.89 18.46
CA ILE H 157 -22.70 72.35 19.81
C ILE H 157 -23.97 72.81 20.50
N TRP H 158 -24.82 71.87 20.89
CA TRP H 158 -26.10 72.18 21.48
C TRP H 158 -26.02 72.17 23.00
N ASP H 159 -27.10 72.58 23.64
CA ASP H 159 -27.17 72.57 25.09
C ASP H 159 -27.18 71.13 25.61
N SER H 160 -26.42 70.89 26.68
CA SER H 160 -26.33 69.55 27.24
C SER H 160 -27.61 69.14 27.94
N ASN H 161 -28.47 70.10 28.31
CA ASN H 161 -29.73 69.80 29.00
C ASN H 161 -30.88 69.54 28.03
N SER H 162 -30.64 69.63 26.73
CA SER H 162 -31.69 69.36 25.75
C SER H 162 -32.10 67.89 25.80
N LYS H 163 -33.38 67.64 25.52
CA LYS H 163 -33.93 66.29 25.61
C LYS H 163 -34.68 65.85 24.37
N LEU H 164 -35.02 66.74 23.45
CA LEU H 164 -35.77 66.37 22.26
C LEU H 164 -34.83 66.15 21.08
N MET H 165 -35.38 65.53 20.02
CA MET H 165 -34.59 65.27 18.82
C MET H 165 -34.30 66.54 18.04
N ASP H 166 -35.30 67.41 17.91
CA ASP H 166 -35.14 68.66 17.17
C ASP H 166 -34.57 69.79 18.01
N LYS H 167 -34.27 69.53 19.29
CA LYS H 167 -33.67 70.52 20.18
C LYS H 167 -34.55 71.76 20.33
N SER H 168 -35.85 71.53 20.52
CA SER H 168 -36.77 72.63 20.76
C SER H 168 -36.55 73.25 22.13
N ASP H 169 -36.27 72.42 23.14
CA ASP H 169 -36.10 72.88 24.52
C ASP H 169 -34.62 73.08 24.83
N ALA H 170 -34.00 73.99 24.07
CA ALA H 170 -32.59 74.30 24.25
C ALA H 170 -32.42 75.81 24.30
N ARG H 171 -31.42 76.27 25.04
CA ARG H 171 -31.16 77.69 25.22
C ARG H 171 -29.78 78.10 24.74
N HIS H 172 -28.98 77.16 24.23
CA HIS H 172 -27.62 77.45 23.81
C HIS H 172 -27.35 76.79 22.47
N CYS H 173 -26.52 77.43 21.66
CA CYS H 173 -26.06 76.86 20.40
C CYS H 173 -24.81 77.59 19.98
N THR H 174 -23.70 76.86 19.89
CA THR H 174 -22.41 77.44 19.52
C THR H 174 -22.01 76.90 18.16
N VAL H 175 -21.72 77.81 17.23
CA VAL H 175 -21.27 77.46 15.89
C VAL H 175 -19.82 77.90 15.74
N ILE H 176 -18.91 76.94 15.58
CA ILE H 176 -17.48 77.21 15.52
C ILE H 176 -17.10 77.31 14.04
N HIS H 177 -16.98 78.54 13.55
CA HIS H 177 -16.56 78.76 12.17
C HIS H 177 -15.11 78.36 11.99
N SER H 178 -14.80 77.74 10.86
CA SER H 178 -13.43 77.43 10.46
C SER H 178 -13.26 78.00 9.06
N MET H 179 -12.47 79.07 8.96
CA MET H 179 -12.50 79.95 7.79
C MET H 179 -11.14 80.60 7.56
N SER H 180 -10.91 81.00 6.30
CA SER H 180 -9.59 81.35 5.80
C SER H 180 -9.25 82.81 6.08
N GLN H 181 -8.02 83.19 5.73
CA GLN H 181 -7.52 84.54 5.99
C GLN H 181 -8.32 85.59 5.21
N ASN H 182 -8.42 85.42 3.88
CA ASN H 182 -9.20 86.36 3.10
C ASN H 182 -10.67 86.30 3.48
N GLY H 183 -11.17 85.10 3.78
CA GLY H 183 -12.51 84.99 4.33
C GLY H 183 -12.65 85.71 5.66
N TRP H 184 -11.61 85.68 6.48
CA TRP H 184 -11.65 86.42 7.75
C TRP H 184 -11.71 87.92 7.51
N GLU H 185 -10.95 88.41 6.52
CA GLU H 185 -11.01 89.84 6.19
C GLU H 185 -12.41 90.21 5.70
N ASP H 186 -13.02 89.36 4.87
CA ASP H 186 -14.39 89.62 4.42
C ASP H 186 -15.36 89.61 5.60
N PHE H 187 -15.19 88.66 6.52
CA PHE H 187 -16.06 88.57 7.69
C PHE H 187 -15.95 89.81 8.56
N ALA H 188 -14.72 90.29 8.79
CA ALA H 188 -14.53 91.51 9.56
C ALA H 188 -15.10 92.71 8.84
N GLU H 189 -15.03 92.74 7.51
CA GLU H 189 -15.62 93.84 6.76
C GLU H 189 -17.15 93.81 6.82
N LYS H 190 -17.74 92.61 6.87
CA LYS H 190 -19.20 92.49 6.88
C LYS H 190 -19.79 93.13 8.14
N TYR H 191 -19.26 92.77 9.30
CA TYR H 191 -19.67 93.38 10.56
C TYR H 191 -18.75 94.56 10.85
N ASP H 192 -18.82 95.09 12.08
CA ASP H 192 -17.98 96.21 12.48
C ASP H 192 -16.73 95.77 13.23
N LEU H 193 -16.24 94.57 12.95
CA LEU H 193 -15.01 94.08 13.54
C LEU H 193 -13.80 94.73 12.86
N ASP H 194 -12.63 94.47 13.42
CA ASP H 194 -11.37 94.93 12.85
C ASP H 194 -10.53 93.74 12.41
N ALA H 195 -9.96 93.85 11.21
CA ALA H 195 -9.17 92.77 10.60
C ALA H 195 -7.74 92.73 11.07
N ASP H 196 -7.32 93.52 12.07
CA ASP H 196 -5.92 93.58 12.46
C ASP H 196 -5.56 92.54 13.52
N ASP H 197 -6.50 92.11 14.35
CA ASP H 197 -6.23 91.08 15.34
C ASP H 197 -6.83 89.76 14.85
N ILE H 198 -6.13 88.66 15.10
CA ILE H 198 -6.53 87.34 14.63
C ILE H 198 -7.32 86.63 15.72
N PRO H 199 -8.57 86.25 15.46
CA PRO H 199 -9.35 85.53 16.47
C PRO H 199 -8.88 84.08 16.59
N SER H 200 -9.29 83.45 17.70
CA SER H 200 -8.94 82.06 17.95
C SER H 200 -10.05 81.42 18.78
N PHE H 201 -10.13 80.10 18.70
CA PHE H 201 -11.13 79.34 19.43
C PHE H 201 -10.71 77.88 19.45
N GLN H 202 -11.61 77.01 19.89
CA GLN H 202 -11.35 75.58 19.87
C GLN H 202 -11.15 75.10 18.43
N ASN H 203 -10.32 74.07 18.28
CA ASN H 203 -10.04 73.50 16.97
C ASN H 203 -10.87 72.24 16.80
N PRO H 204 -11.94 72.26 16.01
CA PRO H 204 -12.77 71.06 15.84
C PRO H 204 -12.08 69.97 15.04
N ASN H 205 -11.38 70.37 13.98
CA ASN H 205 -10.71 69.40 13.11
C ASN H 205 -9.43 68.88 13.76
N ASP H 206 -8.80 67.92 13.08
CA ASP H 206 -7.60 67.28 13.60
C ASP H 206 -6.56 67.17 12.50
N TRP H 207 -5.31 67.01 12.92
CA TRP H 207 -4.17 66.86 12.00
C TRP H 207 -3.86 65.37 11.88
N VAL H 208 -4.70 64.67 11.11
CA VAL H 208 -4.60 63.21 11.02
C VAL H 208 -4.47 62.78 9.56
N PHE H 209 -3.89 63.64 8.73
CA PHE H 209 -3.72 63.33 7.32
C PHE H 209 -2.53 64.11 6.79
N PRO H 210 -1.86 63.64 5.74
CA PRO H 210 -0.77 64.43 5.15
C PRO H 210 -1.27 65.68 4.42
N TRP H 211 -2.03 66.52 5.11
CA TRP H 211 -2.53 67.76 4.55
C TRP H 211 -1.45 68.83 4.63
N LEU H 212 -1.43 69.71 3.63
CA LEU H 212 -0.35 70.69 3.54
C LEU H 212 -0.60 71.88 4.46
N THR H 213 -1.77 72.50 4.37
CA THR H 213 -2.07 73.71 5.11
C THR H 213 -3.44 73.62 5.76
N GLN H 214 -3.67 74.50 6.74
CA GLN H 214 -4.95 74.65 7.40
C GLN H 214 -5.22 76.14 7.59
N ASP H 215 -6.50 76.46 7.80
CA ASP H 215 -6.89 77.85 7.96
C ASP H 215 -6.38 78.45 9.28
N THR H 216 -6.55 77.70 10.38
CA THR H 216 -6.11 78.12 11.71
C THR H 216 -6.68 79.49 12.09
N ILE H 217 -7.95 79.73 11.77
CA ILE H 217 -8.68 80.93 12.17
C ILE H 217 -10.08 80.48 12.56
N GLN H 218 -10.36 80.41 13.85
CA GLN H 218 -11.63 79.92 14.36
C GLN H 218 -12.31 81.00 15.18
N ILE H 219 -13.58 81.27 14.87
CA ILE H 219 -14.42 82.16 15.65
C ILE H 219 -15.74 81.45 15.92
N ALA H 220 -16.46 81.92 16.93
CA ALA H 220 -17.67 81.27 17.39
C ALA H 220 -18.82 82.27 17.50
N GLU H 221 -20.04 81.73 17.45
CA GLU H 221 -21.26 82.51 17.61
C GLU H 221 -22.11 81.85 18.68
N PHE H 222 -22.73 82.66 19.54
CA PHE H 222 -23.45 82.17 20.71
C PHE H 222 -24.89 82.67 20.65
N TYR H 223 -25.83 81.73 20.54
CA TYR H 223 -27.26 82.04 20.55
C TYR H 223 -27.85 81.70 21.91
N GLU H 224 -28.77 82.54 22.38
CA GLU H 224 -29.46 82.30 23.63
C GLU H 224 -30.90 82.77 23.52
N VAL H 225 -31.77 82.17 24.32
CA VAL H 225 -33.20 82.44 24.30
C VAL H 225 -33.66 82.77 25.72
N VAL H 226 -34.45 83.84 25.86
CA VAL H 226 -34.96 84.28 27.14
C VAL H 226 -36.46 84.52 27.04
N GLU H 227 -37.13 84.47 28.18
CA GLU H 227 -38.55 84.76 28.30
C GLU H 227 -38.76 85.66 29.50
N LYS H 228 -39.24 86.89 29.27
CA LYS H 228 -39.32 87.88 30.32
C LYS H 228 -40.68 88.56 30.46
N LYS H 229 -41.68 88.16 29.68
CA LYS H 229 -43.04 88.69 29.78
C LYS H 229 -43.05 90.21 29.59
N GLU H 230 -42.71 90.61 28.36
CA GLU H 230 -42.66 92.02 28.00
C GLU H 230 -44.09 92.58 27.85
N THR H 231 -44.17 93.87 27.60
CA THR H 231 -45.46 94.57 27.54
C THR H 231 -45.93 94.71 26.09
N ALA H 232 -47.17 95.16 25.95
CA ALA H 232 -47.79 95.34 24.65
C ALA H 232 -48.85 96.42 24.74
N PHE H 233 -49.12 97.06 23.60
CA PHE H 233 -50.11 98.13 23.51
C PHE H 233 -51.31 97.67 22.69
N ILE H 234 -52.50 98.06 23.14
CA ILE H 234 -53.76 97.72 22.47
C ILE H 234 -54.29 99.00 21.84
N TYR H 235 -54.39 99.01 20.51
CA TYR H 235 -54.84 100.17 19.77
C TYR H 235 -56.21 99.92 19.13
N GLN H 236 -56.76 100.95 18.52
CA GLN H 236 -58.01 100.86 17.77
C GLN H 236 -57.77 101.26 16.33
N ASP H 237 -58.08 100.36 15.40
CA ASP H 237 -57.86 100.62 13.99
C ASP H 237 -58.89 101.62 13.47
N PRO H 238 -58.50 102.59 12.65
CA PRO H 238 -59.49 103.55 12.13
C PRO H 238 -60.29 102.99 10.97
N VAL H 239 -59.68 102.16 10.12
CA VAL H 239 -60.41 101.61 8.98
C VAL H 239 -61.53 100.69 9.44
N THR H 240 -61.22 99.78 10.36
CA THR H 240 -62.19 98.87 10.94
C THR H 240 -62.17 99.02 12.46
N GLY H 241 -63.36 99.15 13.04
CA GLY H 241 -63.47 99.35 14.48
C GLY H 241 -63.18 98.10 15.28
N GLU H 242 -61.93 97.62 15.21
CA GLU H 242 -61.53 96.42 15.93
C GLU H 242 -60.22 96.67 16.67
N PRO H 243 -60.02 96.05 17.82
CA PRO H 243 -58.78 96.26 18.56
C PRO H 243 -57.62 95.48 17.97
N VAL H 244 -56.43 96.07 18.04
CA VAL H 244 -55.20 95.44 17.59
C VAL H 244 -54.17 95.54 18.70
N SER H 245 -53.21 94.63 18.68
CA SER H 245 -52.17 94.56 19.69
C SER H 245 -50.80 94.64 19.02
N TYR H 246 -49.95 95.53 19.54
CA TYR H 246 -48.59 95.68 19.05
C TYR H 246 -47.63 95.69 20.23
N PHE H 247 -46.50 95.02 20.07
CA PHE H 247 -45.48 95.03 21.12
C PHE H 247 -44.87 96.43 21.24
N LYS H 248 -44.62 96.86 22.47
CA LYS H 248 -44.05 98.18 22.70
C LYS H 248 -42.64 98.30 22.13
N ARG H 249 -41.83 97.24 22.23
CA ARG H 249 -40.47 97.29 21.74
C ARG H 249 -40.40 97.50 20.24
N ASP H 250 -41.30 96.85 19.48
CA ASP H 250 -41.27 96.98 18.03
C ASP H 250 -41.65 98.38 17.57
N ILE H 251 -42.62 99.00 18.22
CA ILE H 251 -43.12 100.31 17.81
C ILE H 251 -42.69 101.42 18.77
N LYS H 252 -41.58 101.22 19.49
CA LYS H 252 -41.17 102.18 20.51
C LYS H 252 -40.83 103.55 19.91
N ASP H 253 -40.23 103.58 18.73
CA ASP H 253 -39.80 104.83 18.12
C ASP H 253 -40.84 105.44 17.19
N VAL H 254 -42.03 104.85 17.09
CA VAL H 254 -43.02 105.28 16.12
C VAL H 254 -44.31 105.62 16.88
N ILE H 255 -44.25 105.58 18.21
CA ILE H 255 -45.45 105.72 19.04
C ILE H 255 -46.15 107.04 18.74
N ASP H 256 -45.40 108.13 18.61
CA ASP H 256 -46.00 109.40 18.26
C ASP H 256 -46.67 109.33 16.88
N ASP H 257 -46.05 108.63 15.94
CA ASP H 257 -46.67 108.47 14.62
C ASP H 257 -47.91 107.59 14.70
N LEU H 258 -47.92 106.60 15.59
CA LEU H 258 -49.14 105.84 15.84
C LEU H 258 -50.25 106.76 16.35
N ALA H 259 -49.91 107.66 17.28
CA ALA H 259 -50.91 108.56 17.84
C ALA H 259 -51.40 109.57 16.82
N ASP H 260 -50.53 110.00 15.91
CA ASP H 260 -50.92 111.03 14.93
C ASP H 260 -52.04 110.55 14.01
N SER H 261 -52.01 109.29 13.60
CA SER H 261 -53.04 108.74 12.74
C SER H 261 -54.28 108.40 13.56
N GLY H 262 -55.22 107.68 12.94
CA GLY H 262 -56.45 107.31 13.63
C GLY H 262 -56.28 106.29 14.73
N PHE H 263 -55.09 105.70 14.86
CA PHE H 263 -54.82 104.78 15.96
C PHE H 263 -54.90 105.49 17.29
N ILE H 264 -55.65 104.93 18.23
CA ILE H 264 -55.79 105.47 19.57
C ILE H 264 -55.62 104.36 20.58
N LYS H 265 -54.86 104.62 21.64
CA LYS H 265 -54.59 103.60 22.65
C LYS H 265 -55.83 103.33 23.48
N ILE H 266 -56.09 102.06 23.75
CA ILE H 266 -57.23 101.64 24.56
C ILE H 266 -56.79 101.18 25.95
N ALA H 267 -55.87 100.23 26.00
CA ALA H 267 -55.39 99.68 27.27
C ALA H 267 -54.00 99.13 27.07
N GLU H 268 -53.43 98.57 28.15
CA GLU H 268 -52.09 98.00 28.13
C GLU H 268 -52.13 96.63 28.77
N ARG H 269 -51.38 95.68 28.19
CA ARG H 269 -51.31 94.32 28.70
C ARG H 269 -49.84 93.90 28.76
N GLN H 270 -49.63 92.65 29.15
CA GLN H 270 -48.29 92.05 29.22
C GLN H 270 -48.38 90.63 28.70
N ILE H 271 -47.64 90.34 27.63
CA ILE H 271 -47.65 89.04 26.98
C ILE H 271 -46.22 88.50 26.94
N LYS H 272 -46.06 87.25 27.36
CA LYS H 272 -44.75 86.62 27.37
C LYS H 272 -44.40 86.09 25.98
N ARG H 273 -43.15 86.32 25.57
CA ARG H 273 -42.70 85.94 24.25
C ARG H 273 -41.19 85.75 24.28
N ARG H 274 -40.71 84.70 23.62
CA ARG H 274 -39.29 84.42 23.59
C ARG H 274 -38.56 85.42 22.69
N ARG H 275 -37.27 85.59 22.98
CA ARG H 275 -36.40 86.42 22.16
C ARG H 275 -35.06 85.72 22.01
N VAL H 276 -34.38 85.98 20.90
CA VAL H 276 -33.12 85.33 20.56
C VAL H 276 -32.04 86.40 20.45
N TYR H 277 -30.92 86.18 21.14
CA TYR H 277 -29.78 87.08 21.11
C TYR H 277 -28.55 86.33 20.60
N LYS H 278 -27.72 87.02 19.83
CA LYS H 278 -26.52 86.43 19.26
C LYS H 278 -25.31 87.26 19.66
N SER H 279 -24.27 86.59 20.15
CA SER H 279 -23.02 87.23 20.52
C SER H 279 -21.86 86.43 19.94
N ILE H 280 -20.73 87.11 19.76
CA ILE H 280 -19.54 86.52 19.16
C ILE H 280 -18.45 86.45 20.21
N ILE H 281 -17.93 85.25 20.45
CA ILE H 281 -16.88 85.02 21.43
C ILE H 281 -15.60 84.64 20.71
N THR H 282 -14.47 84.84 21.41
CA THR H 282 -13.17 84.62 20.80
C THR H 282 -12.23 83.93 21.79
N CYS H 283 -12.76 83.39 22.89
CA CYS H 283 -12.03 82.67 23.93
C CYS H 283 -11.12 83.58 24.73
N THR H 284 -11.00 84.86 24.37
CA THR H 284 -10.21 85.81 25.13
C THR H 284 -11.04 87.04 25.45
N ALA H 285 -11.98 87.38 24.57
CA ALA H 285 -12.86 88.53 24.79
C ALA H 285 -14.06 88.40 23.85
N VAL H 286 -15.15 89.05 24.23
CA VAL H 286 -16.34 89.12 23.42
C VAL H 286 -16.23 90.31 22.46
N LEU H 287 -16.50 90.06 21.18
CA LEU H 287 -16.36 91.10 20.16
C LEU H 287 -17.64 91.91 20.00
N LYS H 288 -18.79 91.23 19.85
CA LYS H 288 -20.09 91.88 19.80
C LYS H 288 -21.00 91.21 20.82
N ASP H 289 -21.70 92.01 21.61
CA ASP H 289 -22.43 91.53 22.77
C ASP H 289 -23.93 91.68 22.56
N LYS H 290 -24.64 90.56 22.51
CA LYS H 290 -26.11 90.51 22.58
C LYS H 290 -26.76 91.32 21.45
N GLN H 291 -26.52 90.87 20.22
CA GLN H 291 -27.28 91.38 19.08
C GLN H 291 -28.63 90.68 19.02
N LEU H 292 -29.66 91.44 18.65
CA LEU H 292 -31.03 90.95 18.67
C LEU H 292 -31.36 90.31 17.32
N ILE H 293 -31.36 88.99 17.28
CA ILE H 293 -31.82 88.26 16.11
C ILE H 293 -33.33 88.40 15.99
N ALA H 294 -33.81 88.58 14.76
CA ALA H 294 -35.24 88.85 14.56
C ALA H 294 -36.10 87.63 14.85
N GLY H 295 -35.50 86.44 14.92
CA GLY H 295 -36.28 85.24 15.14
C GLY H 295 -36.76 85.12 16.57
N GLU H 296 -37.45 84.01 16.83
CA GLU H 296 -37.91 83.66 18.17
C GLU H 296 -37.34 82.33 18.65
N HIS H 297 -36.73 81.55 17.78
CA HIS H 297 -36.07 80.30 18.12
C HIS H 297 -34.66 80.32 17.56
N ILE H 298 -33.85 79.35 17.98
CA ILE H 298 -32.49 79.24 17.46
C ILE H 298 -32.57 78.76 16.00
N PRO H 299 -31.97 79.49 15.06
CA PRO H 299 -32.16 79.14 13.64
C PRO H 299 -31.70 77.75 13.25
N ILE H 300 -30.67 77.20 13.91
CA ILE H 300 -30.12 75.93 13.49
C ILE H 300 -31.15 74.83 13.65
N VAL H 301 -31.31 74.02 12.61
CA VAL H 301 -32.26 72.91 12.58
C VAL H 301 -31.48 71.61 12.45
N PRO H 302 -31.49 70.74 13.46
CA PRO H 302 -30.68 69.52 13.39
C PRO H 302 -31.42 68.30 12.86
N VAL H 303 -30.71 67.43 12.16
CA VAL H 303 -31.20 66.10 11.79
C VAL H 303 -30.32 65.08 12.46
N PHE H 304 -30.89 63.93 12.83
CA PHE H 304 -30.19 62.94 13.62
C PHE H 304 -30.28 61.57 12.96
N GLY H 305 -29.28 60.72 13.24
CA GLY H 305 -29.18 59.44 12.58
C GLY H 305 -30.29 58.49 12.94
N GLU H 306 -30.30 57.94 14.16
CA GLU H 306 -31.51 57.27 14.58
C GLU H 306 -32.13 57.96 15.80
N TRP H 307 -31.50 57.77 16.97
CA TRP H 307 -31.62 58.61 18.16
C TRP H 307 -30.90 57.88 19.29
N GLY H 308 -30.82 58.46 20.48
CA GLY H 308 -30.46 57.64 21.63
C GLY H 308 -29.99 58.35 22.89
N PHE H 309 -30.49 57.89 24.03
CA PHE H 309 -29.99 58.26 25.35
C PHE H 309 -29.79 56.96 26.13
N VAL H 310 -28.54 56.59 26.38
CA VAL H 310 -28.26 55.30 26.99
C VAL H 310 -28.31 55.37 28.52
N GLU H 311 -27.43 56.17 29.14
CA GLU H 311 -27.49 56.38 30.57
C GLU H 311 -27.78 57.82 30.93
N ASP H 312 -26.94 58.76 30.50
CA ASP H 312 -27.24 60.18 30.63
C ASP H 312 -26.66 60.94 29.43
N LYS H 313 -26.12 60.24 28.44
CA LYS H 313 -25.45 60.86 27.30
C LYS H 313 -26.14 60.45 26.01
N GLU H 314 -26.29 61.41 25.11
CA GLU H 314 -26.91 61.12 23.82
C GLU H 314 -25.95 60.37 22.91
N VAL H 315 -26.50 59.39 22.19
CA VAL H 315 -25.73 58.62 21.21
C VAL H 315 -26.52 58.57 19.92
N TYR H 316 -25.85 58.83 18.81
CA TYR H 316 -26.45 58.74 17.48
C TYR H 316 -25.55 57.89 16.58
N GLU H 317 -26.18 57.21 15.63
CA GLU H 317 -25.50 56.25 14.77
C GLU H 317 -26.09 56.35 13.36
N GLY H 318 -25.25 56.02 12.37
CA GLY H 318 -25.69 56.01 10.99
C GLY H 318 -25.70 54.62 10.40
N VAL H 319 -24.97 54.42 9.31
CA VAL H 319 -24.89 53.12 8.66
C VAL H 319 -23.49 52.51 8.73
N VAL H 320 -22.45 53.32 8.96
CA VAL H 320 -21.08 52.83 8.87
C VAL H 320 -20.54 52.35 10.22
N ARG H 321 -21.21 52.67 11.32
CA ARG H 321 -20.67 52.36 12.64
C ARG H 321 -20.47 50.85 12.83
N LEU H 322 -21.42 50.04 12.40
CA LEU H 322 -21.35 48.60 12.64
C LEU H 322 -20.67 47.82 11.52
N THR H 323 -20.25 48.49 10.45
CA THR H 323 -19.63 47.82 9.32
C THR H 323 -18.12 48.06 9.24
N LYS H 324 -17.51 48.50 10.34
CA LYS H 324 -16.09 48.86 10.28
C LYS H 324 -15.19 47.66 10.57
N ASP H 325 -15.55 46.83 11.54
CA ASP H 325 -14.69 45.71 11.93
C ASP H 325 -14.55 44.71 10.78
N GLY H 326 -15.66 44.31 10.19
CA GLY H 326 -15.60 43.36 9.08
C GLY H 326 -14.88 43.93 7.87
N GLN H 327 -15.10 45.22 7.58
CA GLN H 327 -14.43 45.86 6.45
C GLN H 327 -12.91 45.88 6.66
N ARG H 328 -12.48 46.22 7.87
CA ARG H 328 -11.05 46.24 8.17
C ARG H 328 -10.46 44.84 8.09
N LEU H 329 -11.19 43.83 8.58
CA LEU H 329 -10.71 42.46 8.47
C LEU H 329 -10.59 42.02 7.01
N ARG H 330 -11.56 42.39 6.19
CA ARG H 330 -11.50 42.07 4.77
C ARG H 330 -10.29 42.71 4.11
N ASN H 331 -10.03 43.99 4.41
CA ASN H 331 -8.87 44.67 3.85
C ASN H 331 -7.58 43.97 4.28
N MET H 332 -7.49 43.60 5.56
CA MET H 332 -6.28 42.95 6.05
C MET H 332 -6.06 41.60 5.39
N ILE H 333 -7.12 40.82 5.22
CA ILE H 333 -6.99 39.51 4.58
C ILE H 333 -6.56 39.66 3.13
N MET H 334 -7.15 40.61 2.41
CA MET H 334 -6.76 40.81 1.01
C MET H 334 -5.31 41.26 0.92
N SER H 335 -4.87 42.14 1.82
CA SER H 335 -3.47 42.58 1.82
C SER H 335 -2.53 41.41 2.09
N PHE H 336 -2.87 40.56 3.07
CA PHE H 336 -2.01 39.41 3.36
C PHE H 336 -1.94 38.46 2.17
N ASN H 337 -3.07 38.22 1.51
CA ASN H 337 -3.07 37.33 0.36
C ASN H 337 -2.24 37.92 -0.79
N ALA H 338 -2.33 39.24 -0.99
CA ALA H 338 -1.52 39.88 -2.02
C ALA H 338 -0.04 39.75 -1.70
N ASP H 339 0.34 39.91 -0.43
CA ASP H 339 1.72 39.71 -0.03
C ASP H 339 2.17 38.28 -0.30
N ILE H 340 1.32 37.31 0.01
CA ILE H 340 1.66 35.91 -0.22
C ILE H 340 1.88 35.66 -1.71
N VAL H 341 1.03 36.24 -2.56
CA VAL H 341 1.20 36.09 -4.00
C VAL H 341 2.50 36.74 -4.46
N ALA H 342 2.82 37.91 -3.91
CA ALA H 342 3.94 38.69 -4.44
C ALA H 342 5.29 38.10 -4.02
N ARG H 343 5.50 37.90 -2.73
CA ARG H 343 6.84 37.60 -2.23
C ARG H 343 7.17 36.11 -2.16
N THR H 344 6.22 35.22 -2.41
CA THR H 344 6.51 33.79 -2.31
C THR H 344 7.36 33.33 -3.50
N PRO H 345 8.40 32.54 -3.25
CA PRO H 345 9.17 31.97 -4.37
C PRO H 345 8.32 31.04 -5.22
N LYS H 346 8.65 30.99 -6.51
CA LYS H 346 7.89 30.18 -7.46
C LYS H 346 8.29 28.71 -7.33
N LYS H 347 7.84 27.89 -8.25
CA LYS H 347 8.11 26.46 -8.24
C LYS H 347 9.23 26.15 -9.23
N LYS H 348 10.36 25.69 -8.70
CA LYS H 348 11.52 25.33 -9.52
C LYS H 348 12.17 24.10 -8.90
N PRO H 349 12.82 23.28 -9.70
CA PRO H 349 13.38 22.02 -9.19
C PRO H 349 14.63 22.24 -8.34
N PHE H 350 14.96 21.22 -7.56
CA PHE H 350 16.14 21.21 -6.69
C PHE H 350 17.22 20.37 -7.37
N PHE H 351 18.36 20.99 -7.64
CA PHE H 351 19.49 20.32 -8.27
C PHE H 351 20.72 20.40 -7.39
N TRP H 352 21.56 19.37 -7.47
CA TRP H 352 22.91 19.48 -6.94
C TRP H 352 23.79 20.23 -7.91
N PRO H 353 24.83 20.92 -7.42
CA PRO H 353 25.69 21.67 -8.35
C PRO H 353 26.43 20.80 -9.35
N GLU H 354 26.56 19.50 -9.07
CA GLU H 354 27.30 18.60 -9.94
C GLU H 354 26.43 17.56 -10.64
N GLN H 355 25.12 17.53 -10.35
CA GLN H 355 24.21 16.78 -11.20
C GLN H 355 24.05 17.43 -12.57
N ILE H 356 24.30 18.73 -12.64
CA ILE H 356 24.22 19.50 -13.88
C ILE H 356 25.57 20.16 -14.14
N ALA H 357 26.66 19.44 -13.83
CA ALA H 357 28.01 19.94 -14.07
C ALA H 357 28.13 20.61 -15.43
N GLY H 358 27.84 19.87 -16.49
CA GLY H 358 27.60 20.46 -17.79
C GLY H 358 26.12 20.65 -18.02
N PHE H 359 25.75 20.79 -19.30
CA PHE H 359 24.34 20.81 -19.70
C PHE H 359 23.59 21.97 -19.08
N GLU H 360 24.30 23.01 -18.62
CA GLU H 360 23.67 24.08 -17.87
C GLU H 360 22.89 25.07 -18.75
N HIS H 361 23.09 25.03 -20.07
CA HIS H 361 22.31 25.84 -20.99
C HIS H 361 21.04 25.15 -21.44
N MET H 362 20.76 23.95 -20.91
CA MET H 362 19.57 23.20 -21.27
C MET H 362 18.37 23.53 -20.40
N TYR H 363 18.59 23.96 -19.16
CA TYR H 363 17.52 24.15 -18.19
C TYR H 363 17.07 25.59 -18.06
N ASP H 364 17.61 26.51 -18.86
CA ASP H 364 17.18 27.89 -18.78
C ASP H 364 15.80 28.11 -19.40
N GLY H 365 15.39 27.26 -20.34
CA GLY H 365 14.13 27.41 -21.01
C GLY H 365 14.22 27.82 -22.47
N ASN H 366 15.35 27.57 -23.14
CA ASN H 366 15.51 28.01 -24.52
C ASN H 366 14.65 27.20 -25.48
N ASP H 367 14.33 25.95 -25.13
CA ASP H 367 13.52 25.06 -25.97
C ASP H 367 14.18 24.88 -27.33
N ASP H 368 15.35 24.23 -27.32
CA ASP H 368 16.05 23.86 -28.53
C ASP H 368 16.57 22.43 -28.52
N TYR H 369 16.52 21.74 -27.38
CA TYR H 369 16.98 20.37 -27.27
C TYR H 369 15.81 19.43 -27.05
N PRO H 370 15.85 18.21 -27.61
CA PRO H 370 14.72 17.29 -27.48
C PRO H 370 14.59 16.63 -26.12
N TYR H 371 15.59 16.75 -25.25
CA TYR H 371 15.56 16.10 -23.95
C TYR H 371 16.54 16.79 -23.03
N TYR H 372 16.41 16.50 -21.74
CA TYR H 372 17.31 17.01 -20.71
C TYR H 372 18.31 15.93 -20.31
N LEU H 373 19.55 16.34 -20.05
CA LEU H 373 20.63 15.42 -19.77
C LEU H 373 21.17 15.65 -18.36
N LEU H 374 21.65 14.56 -17.76
CA LEU H 374 22.27 14.59 -16.43
C LEU H 374 23.45 13.64 -16.44
N ASN H 375 24.60 14.10 -15.95
CA ASN H 375 25.76 13.23 -15.90
C ASN H 375 25.62 12.22 -14.75
N ARG H 376 26.36 11.12 -14.88
CA ARG H 376 26.20 9.98 -13.99
C ARG H 376 27.38 9.75 -13.05
N THR H 377 28.59 9.65 -13.58
CA THR H 377 29.71 9.15 -12.82
C THR H 377 30.35 10.24 -11.96
N ASP H 378 31.10 9.79 -10.95
CA ASP H 378 31.88 10.65 -10.09
C ASP H 378 33.28 10.06 -9.93
N GLU H 379 34.25 10.93 -9.66
CA GLU H 379 35.64 10.48 -9.57
C GLU H 379 35.86 9.61 -8.32
N ASN H 380 35.38 10.07 -7.17
CA ASN H 380 35.58 9.31 -5.93
C ASN H 380 34.44 8.34 -5.68
N SER H 381 33.22 8.86 -5.55
CA SER H 381 32.05 7.99 -5.43
C SER H 381 31.75 7.33 -6.77
N GLY H 382 31.08 6.19 -6.70
CA GLY H 382 30.85 5.42 -7.91
C GLY H 382 29.87 6.02 -8.89
N ASP H 383 28.57 6.00 -8.54
CA ASP H 383 27.54 6.43 -9.48
C ASP H 383 26.39 7.18 -8.79
N LEU H 384 26.69 7.91 -7.72
CA LEU H 384 25.62 8.46 -6.89
C LEU H 384 24.62 9.35 -7.62
N PRO H 385 25.02 10.27 -8.51
CA PRO H 385 24.02 11.13 -9.15
C PRO H 385 22.95 10.32 -9.86
N THR H 386 21.70 10.77 -9.72
CA THR H 386 20.54 10.04 -10.20
C THR H 386 19.73 10.90 -11.16
N GLN H 387 18.72 10.27 -11.79
CA GLN H 387 17.84 10.94 -12.73
C GLN H 387 16.76 11.77 -12.03
N PRO H 388 15.98 11.21 -11.07
CA PRO H 388 14.90 12.02 -10.48
C PRO H 388 15.41 13.17 -9.63
N LEU H 389 14.49 13.92 -9.03
CA LEU H 389 14.82 15.14 -8.31
C LEU H 389 13.57 15.64 -7.59
N ALA H 390 13.76 16.66 -6.76
CA ALA H 390 12.69 17.22 -5.94
C ALA H 390 12.32 18.61 -6.41
N TYR H 391 11.06 18.98 -6.21
CA TYR H 391 10.51 20.26 -6.65
C TYR H 391 10.05 21.09 -5.47
N TYR H 392 10.10 22.40 -5.64
CA TYR H 392 9.54 23.36 -4.69
C TYR H 392 8.02 23.41 -4.85
N GLU H 393 7.33 23.63 -3.73
CA GLU H 393 5.88 23.62 -3.74
C GLU H 393 5.31 24.98 -4.14
N ASN H 394 4.14 24.95 -4.78
CA ASN H 394 3.52 26.16 -5.29
C ASN H 394 2.99 27.02 -4.14
N PRO H 395 2.89 28.34 -4.35
CA PRO H 395 2.25 29.20 -3.34
C PRO H 395 0.76 28.88 -3.22
N GLU H 396 0.27 28.82 -2.00
CA GLU H 396 -1.11 28.51 -1.72
C GLU H 396 -1.68 29.50 -0.71
N VAL H 397 -2.97 29.80 -0.85
CA VAL H 397 -3.68 30.64 0.10
C VAL H 397 -4.24 29.73 1.19
N PRO H 398 -3.92 29.96 2.46
CA PRO H 398 -4.36 29.05 3.51
C PRO H 398 -5.87 29.08 3.70
N GLN H 399 -6.40 27.99 4.25
CA GLN H 399 -7.83 27.87 4.47
C GLN H 399 -8.35 28.93 5.45
N ALA H 400 -7.54 29.27 6.46
CA ALA H 400 -7.97 30.27 7.43
C ALA H 400 -8.20 31.62 6.79
N ASN H 401 -7.31 32.03 5.88
CA ASN H 401 -7.45 33.32 5.22
C ASN H 401 -8.74 33.37 4.40
N ALA H 402 -9.02 32.33 3.62
CA ALA H 402 -10.22 32.33 2.79
C ALA H 402 -11.47 32.30 3.64
N TYR H 403 -11.49 31.46 4.68
CA TYR H 403 -12.66 31.37 5.54
C TYR H 403 -12.91 32.69 6.24
N MET H 404 -11.86 33.34 6.73
CA MET H 404 -12.01 34.62 7.41
C MET H 404 -12.48 35.71 6.46
N LEU H 405 -11.95 35.73 5.24
CA LEU H 405 -12.40 36.71 4.26
C LEU H 405 -13.88 36.54 3.95
N GLU H 406 -14.31 35.30 3.74
CA GLU H 406 -15.72 35.04 3.45
C GLU H 406 -16.61 35.44 4.63
N ALA H 407 -16.20 35.09 5.86
CA ALA H 407 -17.00 35.43 7.03
C ALA H 407 -17.09 36.94 7.22
N ALA H 408 -15.98 37.65 7.03
CA ALA H 408 -16.00 39.10 7.18
C ALA H 408 -16.87 39.76 6.11
N THR H 409 -16.78 39.29 4.86
CA THR H 409 -17.63 39.86 3.81
C THR H 409 -19.11 39.61 4.12
N SER H 410 -19.45 38.41 4.56
CA SER H 410 -20.83 38.12 4.92
C SER H 410 -21.30 38.99 6.07
N ALA H 411 -20.43 39.18 7.08
CA ALA H 411 -20.80 40.00 8.22
C ALA H 411 -21.04 41.44 7.82
N VAL H 412 -20.22 41.98 6.91
CA VAL H 412 -20.42 43.35 6.45
C VAL H 412 -21.72 43.45 5.66
N LYS H 413 -21.97 42.51 4.77
CA LYS H 413 -23.18 42.58 3.95
C LYS H 413 -24.44 42.26 4.75
N GLU H 414 -24.30 41.70 5.94
CA GLU H 414 -25.47 41.34 6.74
C GLU H 414 -25.95 42.46 7.64
N VAL H 415 -25.02 43.26 8.19
CA VAL H 415 -25.40 44.30 9.14
C VAL H 415 -25.58 45.66 8.48
N ALA H 416 -25.11 45.85 7.24
CA ALA H 416 -25.23 47.12 6.54
C ALA H 416 -26.62 47.25 5.90
N THR H 417 -27.64 47.12 6.75
CA THR H 417 -29.02 47.24 6.32
C THR H 417 -29.74 48.25 7.21
N LEU H 418 -30.90 48.71 6.74
CA LEU H 418 -31.72 49.65 7.48
C LEU H 418 -33.14 49.14 7.70
N GLY H 419 -33.38 47.85 7.48
CA GLY H 419 -34.69 47.26 7.64
C GLY H 419 -34.95 46.26 6.55
N VAL H 420 -36.24 46.03 6.28
CA VAL H 420 -36.66 45.10 5.25
C VAL H 420 -36.72 45.84 3.92
N ASP H 421 -36.50 45.11 2.84
CA ASP H 421 -36.51 45.66 1.48
C ASP H 421 -35.49 46.78 1.34
N ASP H 443 -42.69 49.87 3.57
CA ASP H 443 -42.44 50.68 2.38
C ASP H 443 -40.97 50.59 1.98
N LEU H 444 -40.30 51.73 1.97
CA LEU H 444 -38.90 51.80 1.58
C LEU H 444 -38.01 51.30 2.71
N GLU H 445 -36.72 51.18 2.41
CA GLU H 445 -35.74 50.78 3.43
C GLU H 445 -35.43 51.92 4.39
N THR H 446 -35.62 53.17 3.96
CA THR H 446 -35.22 54.34 4.73
C THR H 446 -36.42 55.13 5.25
N TYR H 447 -37.46 54.45 5.72
CA TYR H 447 -38.63 55.17 6.22
C TYR H 447 -38.34 55.94 7.50
N VAL H 448 -37.52 55.37 8.39
CA VAL H 448 -37.20 56.06 9.64
C VAL H 448 -36.44 57.34 9.36
N PHE H 449 -35.47 57.30 8.44
CA PHE H 449 -34.75 58.51 8.07
C PHE H 449 -35.68 59.54 7.44
N GLN H 450 -36.65 59.09 6.65
CA GLN H 450 -37.63 60.02 6.09
C GLN H 450 -38.45 60.68 7.19
N ASP H 451 -38.85 59.91 8.21
CA ASP H 451 -39.60 60.51 9.31
C ASP H 451 -38.76 61.51 10.08
N ASN H 452 -37.48 61.20 10.31
CA ASN H 452 -36.59 62.15 10.97
C ASN H 452 -36.44 63.43 10.16
N LEU H 453 -36.28 63.29 8.83
CA LEU H 453 -36.22 64.47 7.97
C LEU H 453 -37.52 65.26 8.02
N ALA H 454 -38.66 64.57 8.11
CA ALA H 454 -39.94 65.28 8.22
C ALA H 454 -40.03 66.07 9.52
N THR H 455 -39.57 65.49 10.63
CA THR H 455 -39.54 66.23 11.89
C THR H 455 -38.66 67.46 11.79
N ALA H 456 -37.47 67.30 11.20
CA ALA H 456 -36.58 68.45 11.03
C ALA H 456 -37.21 69.51 10.13
N MET H 457 -37.92 69.08 9.09
CA MET H 457 -38.58 70.03 8.20
C MET H 457 -39.70 70.77 8.90
N ARG H 458 -40.43 70.09 9.80
CA ARG H 458 -41.45 70.77 10.59
C ARG H 458 -40.82 71.83 11.49
N ARG H 459 -39.69 71.49 12.12
CA ARG H 459 -38.99 72.49 12.93
C ARG H 459 -38.55 73.68 12.09
N ASP H 460 -38.03 73.41 10.88
CA ASP H 460 -37.63 74.47 9.98
C ASP H 460 -38.82 75.35 9.60
N GLY H 461 -39.97 74.73 9.35
CA GLY H 461 -41.17 75.50 9.05
C GLY H 461 -41.59 76.40 10.19
N GLU H 462 -41.51 75.88 11.43
CA GLU H 462 -41.84 76.72 12.59
C GLU H 462 -40.91 77.92 12.68
N ILE H 463 -39.59 77.69 12.53
CA ILE H 463 -38.64 78.78 12.62
C ILE H 463 -38.89 79.81 11.52
N TYR H 464 -39.12 79.35 10.29
CA TYR H 464 -39.37 80.28 9.20
C TYR H 464 -40.65 81.06 9.41
N GLN H 465 -41.70 80.42 9.93
CA GLN H 465 -42.94 81.13 10.20
C GLN H 465 -42.71 82.23 11.23
N SER H 466 -41.95 81.93 12.28
CA SER H 466 -41.66 82.96 13.28
C SER H 466 -40.88 84.11 12.68
N ILE H 467 -39.87 83.81 11.87
CA ILE H 467 -39.05 84.87 11.28
C ILE H 467 -39.88 85.74 10.36
N VAL H 468 -40.75 85.13 9.55
CA VAL H 468 -41.64 85.90 8.68
C VAL H 468 -42.58 86.77 9.50
N ASN H 469 -43.13 86.21 10.58
CA ASN H 469 -44.04 86.98 11.43
C ASN H 469 -43.34 88.19 12.02
N ASP H 470 -42.05 88.07 12.33
CA ASP H 470 -41.37 89.18 13.00
C ASP H 470 -40.66 90.13 12.03
N ILE H 471 -40.39 89.79 10.77
CA ILE H 471 -39.61 90.72 9.92
C ILE H 471 -40.22 91.21 8.61
N TYR H 472 -41.11 90.43 8.03
CA TYR H 472 -41.72 90.79 6.78
C TYR H 472 -42.99 91.50 7.10
N ASP H 473 -43.76 91.86 6.09
CA ASP H 473 -45.06 92.47 6.33
C ASP H 473 -46.14 91.50 5.93
N VAL H 474 -46.95 91.06 6.88
CA VAL H 474 -47.99 90.08 6.59
C VAL H 474 -49.33 90.74 6.40
N PRO H 475 -49.91 90.60 5.20
CA PRO H 475 -51.20 91.24 4.89
C PRO H 475 -52.35 90.56 5.60
N ARG H 476 -53.28 91.33 6.15
CA ARG H 476 -54.46 90.76 6.80
C ARG H 476 -55.62 90.75 5.83
N ASN H 477 -56.53 89.79 5.96
CA ASN H 477 -57.60 89.69 4.97
C ASN H 477 -58.94 89.84 5.68
N VAL H 478 -59.74 90.82 5.26
CA VAL H 478 -61.03 91.12 5.85
C VAL H 478 -62.03 91.35 4.73
N THR H 479 -63.24 90.84 4.90
CA THR H 479 -64.30 90.98 3.91
C THR H 479 -65.30 92.02 4.39
N ILE H 480 -65.59 93.00 3.52
CA ILE H 480 -66.52 94.07 3.89
C ILE H 480 -67.93 93.53 4.05
N THR H 481 -68.29 92.53 3.23
CA THR H 481 -69.64 91.96 3.20
C THR H 481 -70.68 93.04 2.90
N LEU H 482 -70.34 93.93 1.97
CA LEU H 482 -71.25 95.01 1.58
C LEU H 482 -72.43 94.43 0.79
N GLU H 483 -73.55 95.17 0.82
CA GLU H 483 -74.73 94.75 0.07
C GLU H 483 -74.45 94.74 -1.43
N ASP H 484 -73.75 95.76 -1.93
CA ASP H 484 -73.43 95.82 -3.35
C ASP H 484 -72.41 94.76 -3.74
N GLY H 485 -71.33 94.64 -2.97
CA GLY H 485 -70.30 93.66 -3.25
C GLY H 485 -70.15 92.61 -2.16
N SER H 486 -70.33 91.36 -2.51
CA SER H 486 -70.28 90.25 -1.56
C SER H 486 -69.03 89.42 -1.77
N GLU H 487 -68.40 89.02 -0.66
CA GLU H 487 -67.17 88.23 -0.68
C GLU H 487 -66.08 88.97 -1.46
N LYS H 488 -65.71 90.15 -0.97
CA LYS H 488 -64.63 90.93 -1.56
C LYS H 488 -63.38 90.77 -0.69
N ASP H 489 -62.33 90.16 -1.27
CA ASP H 489 -61.08 89.94 -0.55
C ASP H 489 -60.22 91.20 -0.70
N VAL H 490 -60.38 92.11 0.25
CA VAL H 490 -59.67 93.38 0.23
C VAL H 490 -58.18 93.22 0.46
N GLN H 491 -57.77 92.33 1.37
CA GLN H 491 -56.37 92.15 1.76
C GLN H 491 -55.77 93.46 2.26
N LEU H 492 -56.38 93.97 3.34
CA LEU H 492 -55.92 95.22 3.93
C LEU H 492 -54.54 95.04 4.55
N MET H 493 -53.67 96.03 4.32
CA MET H 493 -52.31 96.04 4.86
C MET H 493 -52.06 97.39 5.52
N ALA H 494 -51.31 97.37 6.62
CA ALA H 494 -51.06 98.58 7.39
C ALA H 494 -49.56 98.84 7.41
N GLU H 495 -49.17 100.09 7.18
CA GLU H 495 -47.76 100.49 7.18
C GLU H 495 -47.66 101.94 7.60
N VAL H 496 -46.70 102.24 8.47
CA VAL H 496 -46.48 103.59 8.97
C VAL H 496 -45.01 103.94 8.85
N VAL H 497 -44.72 105.16 8.44
CA VAL H 497 -43.36 105.68 8.37
C VAL H 497 -43.08 106.48 9.63
N ASP H 498 -41.80 106.63 9.95
CA ASP H 498 -41.41 107.31 11.18
C ASP H 498 -41.59 108.82 11.06
N LEU H 499 -41.56 109.34 9.84
CA LEU H 499 -41.74 110.77 9.55
C LEU H 499 -40.58 111.62 10.06
N ALA H 500 -39.62 110.98 10.74
CA ALA H 500 -38.36 111.63 11.08
C ALA H 500 -37.15 110.95 10.45
N THR H 501 -37.34 109.73 9.94
CA THR H 501 -36.29 109.03 9.19
C THR H 501 -36.96 108.25 8.06
N GLY H 502 -36.17 107.92 7.05
CA GLY H 502 -36.71 107.24 5.88
C GLY H 502 -37.02 105.78 6.10
N GLU H 503 -36.63 105.22 7.24
CA GLU H 503 -36.85 103.80 7.49
C GLU H 503 -38.32 103.49 7.67
N LYS H 504 -38.74 102.31 7.22
CA LYS H 504 -40.11 101.85 7.36
C LYS H 504 -40.28 101.06 8.65
N GLN H 505 -41.50 101.03 9.18
CA GLN H 505 -41.81 100.26 10.37
C GLN H 505 -43.01 99.38 10.05
N VAL H 506 -42.91 98.09 10.40
CA VAL H 506 -43.97 97.12 10.12
C VAL H 506 -44.95 97.10 11.27
N LEU H 507 -46.19 96.70 10.98
CA LEU H 507 -47.25 96.62 11.96
C LEU H 507 -47.96 95.27 11.82
N ASN H 508 -47.65 94.34 12.70
CA ASN H 508 -48.28 93.02 12.71
C ASN H 508 -49.11 92.86 13.97
N ASP H 509 -50.35 92.40 13.81
CA ASP H 509 -51.20 92.15 14.96
C ASP H 509 -50.68 90.93 15.73
N ILE H 510 -51.12 90.80 16.98
CA ILE H 510 -50.70 89.69 17.83
C ILE H 510 -51.74 88.59 17.76
N ARG H 511 -53.02 88.97 17.69
CA ARG H 511 -54.09 87.99 17.69
C ARG H 511 -54.04 87.09 16.46
N GLY H 512 -53.71 87.66 15.30
CA GLY H 512 -53.70 86.90 14.07
C GLY H 512 -52.32 86.50 13.59
N ARG H 513 -51.43 86.17 14.52
CA ARG H 513 -50.08 85.76 14.14
C ARG H 513 -50.00 84.25 13.90
N TYR H 514 -50.28 83.46 14.93
CA TYR H 514 -50.16 81.99 14.85
C TYR H 514 -51.56 81.42 14.63
N GLU H 515 -51.92 81.25 13.36
CA GLU H 515 -53.21 80.68 13.00
C GLU H 515 -53.10 79.73 11.82
N CYS H 516 -51.96 79.07 11.67
CA CYS H 516 -51.76 78.06 10.63
C CYS H 516 -50.61 77.16 11.05
N TYR H 517 -50.88 75.86 11.17
CA TYR H 517 -49.89 74.90 11.61
C TYR H 517 -49.07 74.40 10.43
N THR H 518 -47.89 73.87 10.73
CA THR H 518 -46.96 73.38 9.73
C THR H 518 -47.17 71.89 9.49
N ASP H 519 -46.99 71.47 8.24
CA ASP H 519 -47.14 70.08 7.86
C ASP H 519 -46.12 69.77 6.77
N VAL H 520 -45.88 68.48 6.57
CA VAL H 520 -44.86 68.00 5.64
C VAL H 520 -45.57 67.40 4.43
N GLY H 521 -45.16 67.84 3.23
CA GLY H 521 -45.72 67.35 2.00
C GLY H 521 -44.71 67.33 0.88
N PRO H 522 -45.17 67.10 -0.35
CA PRO H 522 -44.25 67.08 -1.48
C PRO H 522 -43.67 68.47 -1.75
N SER H 523 -42.52 68.47 -2.42
CA SER H 523 -41.76 69.69 -2.66
C SER H 523 -42.07 70.24 -4.04
N PHE H 524 -42.52 71.50 -4.09
CA PHE H 524 -42.77 72.21 -5.33
C PHE H 524 -41.91 73.47 -5.37
N GLN H 525 -42.12 74.29 -6.40
CA GLN H 525 -41.33 75.49 -6.59
C GLN H 525 -42.14 76.77 -6.73
N SER H 526 -43.44 76.68 -6.98
CA SER H 526 -44.27 77.87 -7.08
C SER H 526 -45.70 77.52 -6.67
N MET H 527 -46.47 78.54 -6.29
CA MET H 527 -47.84 78.33 -5.85
C MET H 527 -48.76 77.87 -6.95
N LYS H 528 -48.35 77.97 -8.22
CA LYS H 528 -49.16 77.47 -9.32
C LYS H 528 -48.98 75.97 -9.53
N GLN H 529 -47.76 75.45 -9.29
CA GLN H 529 -47.54 74.02 -9.38
C GLN H 529 -48.34 73.25 -8.35
N GLN H 530 -48.49 73.81 -7.14
CA GLN H 530 -49.33 73.17 -6.13
C GLN H 530 -50.77 73.06 -6.61
N ASN H 531 -51.31 74.13 -7.18
CA ASN H 531 -52.68 74.10 -7.69
C ASN H 531 -52.81 73.09 -8.84
N ARG H 532 -51.80 73.05 -9.72
CA ARG H 532 -51.82 72.08 -10.82
C ARG H 532 -51.83 70.65 -10.28
N ALA H 533 -51.01 70.37 -9.27
CA ALA H 533 -50.96 69.03 -8.69
C ALA H 533 -52.27 68.66 -8.02
N GLU H 534 -52.87 69.60 -7.28
CA GLU H 534 -54.15 69.32 -6.65
C GLU H 534 -55.25 69.07 -7.67
N ILE H 535 -55.26 69.84 -8.77
CA ILE H 535 -56.26 69.61 -9.81
C ILE H 535 -56.04 68.25 -10.47
N LEU H 536 -54.77 67.86 -10.68
CA LEU H 536 -54.49 66.54 -11.23
C LEU H 536 -54.98 65.43 -10.30
N GLU H 537 -54.76 65.60 -9.00
CA GLU H 537 -55.24 64.60 -8.03
C GLU H 537 -56.76 64.50 -8.06
N LEU H 538 -57.44 65.65 -8.08
CA LEU H 538 -58.90 65.64 -8.13
C LEU H 538 -59.40 65.01 -9.43
N LEU H 539 -58.70 65.23 -10.53
CA LEU H 539 -59.04 64.56 -11.79
C LEU H 539 -58.87 63.05 -11.65
N GLY H 540 -57.80 62.62 -10.99
CA GLY H 540 -57.60 61.19 -10.78
C GLY H 540 -58.70 60.56 -9.93
N LYS H 541 -59.18 61.30 -8.93
CA LYS H 541 -60.24 60.78 -8.06
C LYS H 541 -61.63 60.92 -8.66
N THR H 542 -61.78 61.62 -9.79
CA THR H 542 -63.12 61.84 -10.32
C THR H 542 -63.35 60.94 -11.54
N PRO H 543 -64.47 60.20 -11.57
CA PRO H 543 -64.78 59.38 -12.74
C PRO H 543 -65.11 60.22 -13.95
N GLN H 544 -64.84 59.67 -15.13
CA GLN H 544 -65.08 60.37 -16.38
C GLN H 544 -66.58 60.46 -16.67
N GLY H 545 -66.92 61.28 -17.66
CA GLY H 545 -68.29 61.49 -18.06
C GLY H 545 -69.14 62.10 -16.95
N THR H 546 -68.56 63.08 -16.25
CA THR H 546 -69.22 63.75 -15.14
C THR H 546 -68.97 65.24 -15.27
N PRO H 547 -69.94 66.08 -14.91
CA PRO H 547 -69.70 67.53 -14.95
C PRO H 547 -68.50 67.97 -14.13
N GLU H 548 -68.25 67.32 -12.99
CA GLU H 548 -67.07 67.65 -12.20
C GLU H 548 -65.79 67.39 -12.98
N TYR H 549 -65.77 66.32 -13.79
CA TYR H 549 -64.58 66.02 -14.60
C TYR H 549 -64.32 67.12 -15.61
N GLN H 550 -65.38 67.60 -16.28
CA GLN H 550 -65.21 68.69 -17.24
C GLN H 550 -64.77 69.97 -16.54
N LEU H 551 -65.33 70.26 -15.37
CA LEU H 551 -64.91 71.44 -14.61
C LEU H 551 -63.43 71.35 -14.25
N LEU H 552 -62.99 70.17 -13.82
CA LEU H 552 -61.58 70.00 -13.46
C LEU H 552 -60.68 70.10 -14.67
N LEU H 553 -61.12 69.58 -15.82
CA LEU H 553 -60.32 69.72 -17.05
C LEU H 553 -60.17 71.18 -17.43
N LEU H 554 -61.26 71.96 -17.37
CA LEU H 554 -61.16 73.37 -17.70
C LEU H 554 -60.27 74.12 -16.71
N GLN H 555 -60.39 73.78 -15.42
CA GLN H 555 -59.54 74.41 -14.41
C GLN H 555 -58.07 74.07 -14.63
N TYR H 556 -57.77 72.84 -15.04
CA TYR H 556 -56.39 72.47 -15.34
C TYR H 556 -55.87 73.19 -16.57
N PHE H 557 -56.70 73.33 -17.61
CA PHE H 557 -56.27 74.02 -18.82
C PHE H 557 -56.04 75.51 -18.57
N THR H 558 -56.86 76.14 -17.72
CA THR H 558 -56.70 77.56 -17.48
C THR H 558 -55.53 77.90 -16.54
N LEU H 559 -54.67 76.93 -16.26
CA LEU H 559 -53.51 77.16 -15.40
C LEU H 559 -52.18 77.02 -16.13
N LEU H 560 -52.19 76.86 -17.45
CA LEU H 560 -50.94 76.71 -18.20
C LEU H 560 -50.19 78.06 -18.26
N ASP H 561 -48.92 77.98 -18.61
CA ASP H 561 -48.02 79.13 -18.58
C ASP H 561 -47.67 79.64 -19.98
N GLY H 562 -47.16 78.79 -20.85
CA GLY H 562 -46.55 79.25 -22.08
C GLY H 562 -47.55 79.91 -23.01
N LYS H 563 -47.03 80.85 -23.82
CA LYS H 563 -47.84 81.54 -24.80
C LYS H 563 -48.25 80.64 -25.96
N GLY H 564 -47.46 79.61 -26.27
CA GLY H 564 -47.86 78.67 -27.30
C GLY H 564 -49.19 78.02 -26.99
N VAL H 565 -49.40 77.61 -25.75
CA VAL H 565 -50.72 77.16 -25.29
C VAL H 565 -51.47 78.34 -24.70
N GLU H 566 -52.09 79.15 -25.57
CA GLU H 566 -52.88 80.29 -25.14
C GLU H 566 -54.32 80.23 -25.62
N MET H 567 -54.55 79.69 -26.82
CA MET H 567 -55.91 79.53 -27.31
C MET H 567 -56.72 78.64 -26.40
N MET H 568 -56.11 77.53 -25.94
CA MET H 568 -56.81 76.64 -25.02
C MET H 568 -57.12 77.34 -23.70
N ARG H 569 -56.19 78.14 -23.19
CA ARG H 569 -56.43 78.86 -21.95
C ARG H 569 -57.58 79.84 -22.09
N ASP H 570 -57.59 80.62 -23.18
CA ASP H 570 -58.66 81.57 -23.40
C ASP H 570 -60.00 80.87 -23.59
N TYR H 571 -60.02 79.75 -24.33
CA TYR H 571 -61.25 79.00 -24.53
C TYR H 571 -61.78 78.45 -23.21
N ALA H 572 -60.87 77.93 -22.36
CA ALA H 572 -61.30 77.41 -21.07
C ALA H 572 -61.86 78.51 -20.19
N ASN H 573 -61.21 79.68 -20.17
CA ASN H 573 -61.73 80.79 -19.38
C ASN H 573 -63.10 81.22 -19.88
N LYS H 574 -63.27 81.33 -21.19
CA LYS H 574 -64.57 81.71 -21.75
C LYS H 574 -65.64 80.69 -21.41
N GLN H 575 -65.32 79.40 -21.50
CA GLN H 575 -66.29 78.37 -21.15
C GLN H 575 -66.67 78.44 -19.69
N LEU H 576 -65.69 78.61 -18.80
CA LEU H 576 -65.99 78.66 -17.38
C LEU H 576 -66.82 79.88 -17.03
N ILE H 577 -66.63 81.00 -17.73
CA ILE H 577 -67.47 82.17 -17.50
C ILE H 577 -68.88 81.92 -18.03
N GLN H 578 -68.99 81.37 -19.24
CA GLN H 578 -70.29 81.20 -19.86
C GLN H 578 -71.13 80.14 -19.16
N MET H 579 -70.51 79.20 -18.45
CA MET H 579 -71.25 78.25 -17.64
C MET H 579 -71.63 78.82 -16.28
N GLY H 580 -71.22 80.05 -15.97
CA GLY H 580 -71.59 80.71 -14.74
C GLY H 580 -70.83 80.25 -13.51
N VAL H 581 -69.86 79.35 -13.67
CA VAL H 581 -69.16 78.81 -12.50
C VAL H 581 -68.25 79.87 -11.89
N LYS H 582 -67.51 80.61 -12.72
CA LYS H 582 -66.64 81.68 -12.25
C LYS H 582 -67.38 83.01 -12.25
N LYS H 583 -66.64 84.09 -12.06
CA LYS H 583 -67.20 85.43 -12.06
C LYS H 583 -66.39 86.35 -12.96
N PRO H 584 -67.04 87.18 -13.77
CA PRO H 584 -66.31 88.06 -14.68
C PRO H 584 -65.50 89.11 -13.94
N GLU H 585 -64.34 89.44 -14.49
CA GLU H 585 -63.45 90.44 -13.91
C GLU H 585 -63.26 91.65 -14.82
N THR H 586 -62.78 91.45 -16.05
CA THR H 586 -62.56 92.53 -17.00
C THR H 586 -63.78 92.71 -17.90
N PRO H 587 -63.96 93.89 -18.51
CA PRO H 587 -65.21 94.15 -19.24
C PRO H 587 -65.57 93.11 -20.30
N GLU H 588 -64.57 92.54 -20.99
CA GLU H 588 -64.86 91.49 -21.95
C GLU H 588 -65.43 90.26 -21.27
N GLU H 589 -65.10 90.06 -19.98
CA GLU H 589 -65.64 88.91 -19.26
C GLU H 589 -67.14 89.07 -19.05
N GLN H 590 -67.58 90.26 -18.61
CA GLN H 590 -69.01 90.51 -18.50
C GLN H 590 -69.67 90.51 -19.88
N GLN H 591 -68.95 90.92 -20.92
CA GLN H 591 -69.50 90.84 -22.27
C GLN H 591 -69.79 89.39 -22.64
N TRP H 592 -68.86 88.49 -22.35
CA TRP H 592 -69.08 87.07 -22.59
C TRP H 592 -70.27 86.56 -21.77
N LEU H 593 -70.35 86.97 -20.51
CA LEU H 593 -71.43 86.51 -19.65
C LEU H 593 -72.79 86.95 -20.17
N VAL H 594 -72.91 88.22 -20.57
CA VAL H 594 -74.20 88.72 -21.05
C VAL H 594 -74.54 88.11 -22.40
N GLU H 595 -73.53 87.84 -23.23
CA GLU H 595 -73.79 87.14 -24.49
C GLU H 595 -74.34 85.74 -24.23
N ALA H 596 -73.75 85.03 -23.27
CA ALA H 596 -74.27 83.70 -22.91
C ALA H 596 -75.68 83.80 -22.35
N GLN H 597 -75.94 84.82 -21.52
CA GLN H 597 -77.28 84.99 -20.96
C GLN H 597 -78.31 85.23 -22.06
N GLN H 598 -77.97 86.08 -23.03
CA GLN H 598 -78.89 86.32 -24.14
C GLN H 598 -79.09 85.06 -24.98
N ALA H 599 -78.02 84.30 -25.21
CA ALA H 599 -78.15 83.08 -26.00
C ALA H 599 -78.99 82.03 -25.28
N LYS H 600 -78.99 82.06 -23.95
CA LYS H 600 -79.73 81.06 -23.18
C LYS H 600 -81.24 81.16 -23.42
N GLN H 601 -81.77 82.38 -23.45
CA GLN H 601 -83.22 82.54 -23.55
C GLN H 601 -83.74 82.17 -24.93
N GLY H 602 -82.87 82.14 -25.94
CA GLY H 602 -83.33 81.85 -27.29
C GLY H 602 -83.77 80.42 -27.48
N GLN H 603 -83.22 79.51 -26.66
CA GLN H 603 -83.52 78.09 -26.81
C GLN H 603 -84.98 77.82 -26.46
N GLN H 604 -85.67 77.08 -27.33
CA GLN H 604 -87.06 76.69 -27.11
C GLN H 604 -87.21 75.21 -27.42
N ASP H 605 -87.83 74.48 -26.50
CA ASP H 605 -88.06 73.05 -26.71
C ASP H 605 -89.26 72.84 -27.62
N PRO H 606 -89.11 72.09 -28.72
CA PRO H 606 -90.26 71.87 -29.61
C PRO H 606 -91.43 71.19 -28.92
N ALA H 607 -91.16 70.32 -27.95
CA ALA H 607 -92.24 69.67 -27.21
C ALA H 607 -93.07 70.69 -26.45
N MET H 608 -92.44 71.71 -25.87
CA MET H 608 -93.19 72.78 -25.21
C MET H 608 -94.15 73.44 -26.18
N VAL H 609 -93.67 73.78 -27.38
CA VAL H 609 -94.50 74.48 -28.35
C VAL H 609 -95.67 73.59 -28.82
N GLN H 610 -95.38 72.31 -29.08
CA GLN H 610 -96.43 71.41 -29.52
C GLN H 610 -97.50 71.22 -28.44
N ALA H 611 -97.06 71.05 -27.19
CA ALA H 611 -98.01 70.88 -26.10
C ALA H 611 -98.82 72.15 -25.88
N GLN H 612 -98.18 73.32 -26.02
CA GLN H 612 -98.92 74.57 -25.93
C GLN H 612 -99.96 74.67 -27.02
N GLY H 613 -99.63 74.23 -28.24
CA GLY H 613 -100.62 74.19 -29.30
C GLY H 613 -101.77 73.27 -28.98
N VAL H 614 -101.48 72.12 -28.36
CA VAL H 614 -102.54 71.21 -27.94
C VAL H 614 -103.46 71.88 -26.94
N LEU H 615 -102.89 72.57 -25.96
CA LEU H 615 -103.72 73.31 -25.00
C LEU H 615 -104.54 74.38 -25.68
N LEU H 616 -103.95 75.10 -26.64
CA LEU H 616 -104.70 76.16 -27.31
C LEU H 616 -105.87 75.59 -28.09
N GLN H 617 -105.67 74.45 -28.77
CA GLN H 617 -106.77 73.81 -29.49
C GLN H 617 -107.86 73.35 -28.53
N GLY H 618 -107.47 72.75 -27.39
CA GLY H 618 -108.47 72.33 -26.42
C GLY H 618 -109.25 73.50 -25.83
N GLN H 619 -108.55 74.59 -25.53
CA GLN H 619 -109.20 75.77 -24.99
C GLN H 619 -110.14 76.39 -26.02
N ALA H 620 -109.75 76.38 -27.29
CA ALA H 620 -110.64 76.83 -28.34
C ALA H 620 -111.87 75.95 -28.47
N GLU H 621 -111.72 74.63 -28.31
CA GLU H 621 -112.89 73.74 -28.32
C GLU H 621 -113.82 74.05 -27.15
N LEU H 622 -113.26 74.30 -25.97
CA LEU H 622 -114.08 74.68 -24.83
C LEU H 622 -114.80 76.00 -25.07
N ALA H 623 -114.10 76.96 -25.68
CA ALA H 623 -114.74 78.23 -26.04
C ALA H 623 -115.86 78.01 -27.05
N LYS H 624 -115.67 77.07 -27.98
CA LYS H 624 -116.73 76.74 -28.92
C LYS H 624 -117.95 76.17 -28.21
N ALA H 625 -117.73 75.31 -27.21
CA ALA H 625 -118.85 74.79 -26.43
C ALA H 625 -119.57 75.92 -25.68
N GLN H 626 -118.81 76.81 -25.05
CA GLN H 626 -119.42 77.93 -24.35
C GLN H 626 -120.17 78.84 -25.31
N ASN H 627 -119.67 78.98 -26.54
CA ASN H 627 -120.38 79.75 -27.55
C ASN H 627 -121.66 79.04 -27.98
N GLN H 628 -121.64 77.70 -28.02
CA GLN H 628 -122.84 76.94 -28.32
C GLN H 628 -123.90 77.17 -27.25
N THR H 629 -123.48 77.30 -25.98
CA THR H 629 -124.42 77.63 -24.92
C THR H 629 -125.14 78.94 -25.20
N LEU H 630 -124.39 79.99 -25.56
CA LEU H 630 -125.00 81.28 -25.86
C LEU H 630 -125.87 81.20 -27.10
N SER H 631 -125.47 80.39 -28.08
CA SER H 631 -126.28 80.19 -29.28
C SER H 631 -127.62 79.58 -28.91
N LEU H 632 -127.62 78.61 -27.98
CA LEU H 632 -128.87 78.08 -27.47
C LEU H 632 -129.68 79.15 -26.75
N GLN H 633 -129.00 80.02 -26.01
CA GLN H 633 -129.70 81.09 -25.30
C GLN H 633 -130.44 82.01 -26.26
N ILE H 634 -129.86 82.26 -27.44
CA ILE H 634 -130.43 83.16 -28.44
C ILE H 634 -130.66 84.55 -27.87
N ASN I 6 1.70 95.93 -5.58
CA ASN I 6 0.71 95.92 -4.51
C ASN I 6 -0.52 95.11 -4.92
N ARG I 7 -1.19 95.58 -5.97
CA ARG I 7 -2.34 94.85 -6.52
C ARG I 7 -1.93 93.46 -7.00
N LEU I 8 -0.82 93.39 -7.74
CA LEU I 8 -0.33 92.09 -8.20
C LEU I 8 0.03 91.20 -7.03
N GLU I 9 0.61 91.78 -5.98
CA GLU I 9 0.97 90.99 -4.80
C GLU I 9 -0.28 90.39 -4.14
N SER I 10 -1.35 91.18 -4.01
CA SER I 10 -2.58 90.66 -3.42
C SER I 10 -3.18 89.57 -4.29
N ILE I 11 -3.20 89.78 -5.60
CA ILE I 11 -3.75 88.77 -6.51
C ILE I 11 -2.98 87.47 -6.40
N LEU I 12 -1.64 87.56 -6.38
CA LEU I 12 -0.83 86.35 -6.30
C LEU I 12 -0.95 85.68 -4.93
N SER I 13 -1.09 86.46 -3.85
CA SER I 13 -1.30 85.84 -2.54
C SER I 13 -2.61 85.08 -2.50
N ARG I 14 -3.68 85.66 -3.05
CA ARG I 14 -4.97 84.98 -3.09
C ARG I 14 -4.89 83.72 -3.94
N PHE I 15 -4.21 83.81 -5.09
CA PHE I 15 -4.08 82.64 -5.96
C PHE I 15 -3.26 81.55 -5.28
N ASP I 16 -2.18 81.92 -4.58
CA ASP I 16 -1.39 80.92 -3.88
C ASP I 16 -2.19 80.23 -2.78
N ALA I 17 -2.97 81.01 -2.03
CA ALA I 17 -3.81 80.40 -1.01
C ALA I 17 -4.81 79.42 -1.63
N ASP I 18 -5.46 79.83 -2.73
CA ASP I 18 -6.44 78.96 -3.37
C ASP I 18 -5.78 77.70 -3.92
N TRP I 19 -4.59 77.84 -4.50
CA TRP I 19 -3.89 76.69 -5.08
C TRP I 19 -3.45 75.72 -4.00
N THR I 20 -2.89 76.23 -2.91
CA THR I 20 -2.40 75.34 -1.86
C THR I 20 -3.54 74.73 -1.06
N ALA I 21 -4.70 75.37 -1.02
CA ALA I 21 -5.80 74.85 -0.24
C ALA I 21 -6.49 73.65 -0.88
N SER I 22 -6.23 73.36 -2.15
CA SER I 22 -6.91 72.29 -2.87
C SER I 22 -5.91 71.47 -3.68
N ASP I 23 -4.82 71.04 -3.05
CA ASP I 23 -3.79 70.30 -3.76
C ASP I 23 -4.08 68.80 -3.85
N GLU I 24 -4.49 68.18 -2.75
CA GLU I 24 -4.69 66.73 -2.75
C GLU I 24 -5.79 66.32 -3.71
N ALA I 25 -6.90 67.06 -3.71
CA ALA I 25 -8.00 66.74 -4.60
C ALA I 25 -7.58 66.87 -6.06
N ARG I 26 -6.84 67.94 -6.39
CA ARG I 26 -6.35 68.11 -7.75
C ARG I 26 -5.44 66.96 -8.16
N ARG I 27 -4.51 66.58 -7.29
CA ARG I 27 -3.59 65.49 -7.63
C ARG I 27 -4.33 64.19 -7.83
N GLU I 28 -5.29 63.87 -6.96
CA GLU I 28 -6.04 62.64 -7.12
C GLU I 28 -6.90 62.65 -8.37
N ALA I 29 -7.52 63.79 -8.69
CA ALA I 29 -8.32 63.86 -9.91
C ALA I 29 -7.45 63.70 -11.15
N LYS I 30 -6.27 64.32 -11.17
CA LYS I 30 -5.38 64.17 -12.31
C LYS I 30 -4.91 62.72 -12.45
N ASN I 31 -4.61 62.06 -11.32
CA ASN I 31 -4.24 60.66 -11.36
C ASN I 31 -5.37 59.80 -11.90
N ASP I 32 -6.60 60.10 -11.48
CA ASP I 32 -7.76 59.36 -11.99
C ASP I 32 -7.91 59.54 -13.50
N LEU I 33 -7.75 60.77 -13.99
CA LEU I 33 -7.89 61.02 -15.41
C LEU I 33 -6.82 60.28 -16.20
N PHE I 34 -5.56 60.33 -15.72
CA PHE I 34 -4.49 59.62 -16.41
C PHE I 34 -4.70 58.11 -16.38
N PHE I 35 -5.19 57.58 -15.25
CA PHE I 35 -5.40 56.14 -15.14
C PHE I 35 -6.55 55.68 -16.04
N SER I 36 -7.58 56.51 -16.20
CA SER I 36 -8.75 56.10 -16.97
C SER I 36 -8.54 56.29 -18.47
N ARG I 37 -7.82 57.34 -18.87
CA ARG I 37 -7.72 57.68 -20.30
C ARG I 37 -6.46 57.15 -20.96
N VAL I 38 -5.29 57.36 -20.35
CA VAL I 38 -4.04 57.07 -21.05
C VAL I 38 -3.60 55.63 -20.84
N SER I 39 -3.31 55.26 -19.61
CA SER I 39 -2.77 53.94 -19.31
C SER I 39 -3.05 53.60 -17.86
N GLN I 40 -2.87 52.32 -17.52
CA GLN I 40 -3.20 51.82 -16.19
C GLN I 40 -1.96 51.37 -15.42
N TRP I 41 -0.77 51.71 -15.90
CA TRP I 41 0.49 51.39 -15.22
C TRP I 41 1.16 52.70 -14.83
N ASP I 42 0.84 53.18 -13.63
CA ASP I 42 1.33 54.47 -13.14
C ASP I 42 2.73 54.27 -12.53
N ASP I 43 3.66 53.89 -13.39
CA ASP I 43 5.04 53.65 -12.97
C ASP I 43 6.03 54.41 -13.83
N TRP I 44 5.68 55.63 -14.25
CA TRP I 44 6.60 56.44 -15.04
C TRP I 44 7.87 56.74 -14.25
N LEU I 45 7.73 57.03 -12.96
CA LEU I 45 8.89 57.22 -12.10
C LEU I 45 9.51 55.87 -11.78
N SER I 46 10.84 55.85 -11.70
CA SER I 46 11.63 54.66 -11.36
C SER I 46 11.44 53.51 -12.33
N GLN I 47 11.08 53.80 -13.58
CA GLN I 47 10.97 52.77 -14.61
C GLN I 47 12.30 52.68 -15.35
N TYR I 48 12.30 51.95 -16.47
CA TYR I 48 13.43 51.78 -17.39
C TYR I 48 14.61 51.06 -16.75
N THR I 49 14.46 50.55 -15.53
CA THR I 49 15.56 49.78 -14.93
C THR I 49 15.67 48.39 -15.55
N THR I 50 14.55 47.78 -15.89
CA THR I 50 14.53 46.46 -16.50
C THR I 50 13.25 46.34 -17.31
N LEU I 51 13.32 45.58 -18.41
CA LEU I 51 12.18 45.39 -19.31
C LEU I 51 11.51 44.07 -18.96
N GLN I 52 10.20 44.13 -18.69
CA GLN I 52 9.42 42.96 -18.34
C GLN I 52 8.02 43.12 -18.91
N TYR I 53 7.31 42.00 -19.00
CA TYR I 53 5.95 42.01 -19.55
C TYR I 53 5.03 42.81 -18.63
N ARG I 54 4.24 43.71 -19.21
CA ARG I 54 3.30 44.53 -18.48
C ARG I 54 2.00 44.59 -19.27
N GLY I 55 1.11 43.63 -19.02
CA GLY I 55 -0.15 43.59 -19.74
C GLY I 55 -1.16 44.59 -19.19
N GLN I 56 -2.19 44.90 -19.98
CA GLN I 56 -3.25 45.82 -19.58
C GLN I 56 -4.58 45.18 -19.96
N PHE I 57 -5.16 44.43 -19.03
CA PHE I 57 -6.43 43.77 -19.23
C PHE I 57 -7.50 44.60 -18.52
N ASP I 58 -8.04 45.58 -19.23
CA ASP I 58 -8.94 46.56 -18.65
C ASP I 58 -10.32 45.96 -18.42
N VAL I 59 -10.94 46.32 -17.30
CA VAL I 59 -12.25 45.77 -16.95
C VAL I 59 -13.18 46.88 -16.49
N VAL I 60 -12.63 48.06 -16.22
CA VAL I 60 -13.42 49.19 -15.69
C VAL I 60 -13.95 50.09 -16.79
N ARG I 61 -13.34 50.10 -17.97
CA ARG I 61 -13.75 50.94 -19.09
C ARG I 61 -15.20 50.70 -19.52
N PRO I 62 -15.68 49.45 -19.58
CA PRO I 62 -17.10 49.25 -19.94
C PRO I 62 -18.06 49.93 -18.99
N VAL I 63 -17.73 50.02 -17.70
CA VAL I 63 -18.61 50.69 -16.75
C VAL I 63 -18.71 52.17 -17.08
N VAL I 64 -17.58 52.82 -17.35
CA VAL I 64 -17.59 54.24 -17.69
C VAL I 64 -18.33 54.47 -18.99
N ARG I 65 -18.12 53.59 -19.97
CA ARG I 65 -18.83 53.72 -21.24
C ARG I 65 -20.32 53.58 -21.06
N LYS I 66 -20.75 52.62 -20.25
CA LYS I 66 -22.18 52.44 -19.98
C LYS I 66 -22.75 53.67 -19.29
N LEU I 67 -22.03 54.22 -18.31
CA LEU I 67 -22.53 55.39 -17.60
C LEU I 67 -22.66 56.60 -18.52
N VAL I 68 -21.66 56.85 -19.35
CA VAL I 68 -21.73 58.01 -20.23
C VAL I 68 -22.81 57.82 -21.29
N SER I 69 -22.99 56.60 -21.81
CA SER I 69 -24.07 56.35 -22.76
C SER I 69 -25.42 56.53 -22.10
N GLU I 70 -25.56 56.09 -20.85
CA GLU I 70 -26.83 56.20 -20.14
C GLU I 70 -27.18 57.65 -19.83
N MET I 71 -26.20 58.46 -19.44
CA MET I 71 -26.49 59.86 -19.15
C MET I 71 -26.58 60.71 -20.40
N ARG I 72 -26.03 60.24 -21.52
CA ARG I 72 -26.20 60.97 -22.78
C ARG I 72 -27.59 60.78 -23.37
N GLN I 73 -28.34 59.78 -22.90
CA GLN I 73 -29.66 59.50 -23.42
C GLN I 73 -30.75 60.37 -22.81
N ASN I 74 -30.44 61.15 -21.78
CA ASN I 74 -31.41 61.98 -21.08
C ASN I 74 -30.90 63.41 -21.05
N PRO I 75 -31.07 64.16 -22.13
CA PRO I 75 -30.61 65.55 -22.14
C PRO I 75 -31.39 66.40 -21.15
N ILE I 76 -30.70 67.41 -20.62
CA ILE I 76 -31.27 68.32 -19.63
C ILE I 76 -30.97 69.76 -20.05
N ASP I 77 -31.99 70.60 -20.01
CA ASP I 77 -31.84 72.01 -20.34
C ASP I 77 -32.56 72.83 -19.28
N VAL I 78 -32.74 74.11 -19.56
CA VAL I 78 -33.33 75.06 -18.61
C VAL I 78 -34.67 75.52 -19.13
N LEU I 79 -35.70 75.45 -18.29
CA LEU I 79 -37.01 75.99 -18.59
C LEU I 79 -37.23 77.23 -17.74
N TYR I 80 -37.49 78.36 -18.39
CA TYR I 80 -37.82 79.59 -17.68
C TYR I 80 -39.34 79.66 -17.52
N ARG I 81 -39.80 79.81 -16.28
CA ARG I 81 -41.22 79.86 -16.01
C ARG I 81 -41.58 81.19 -15.35
N PRO I 82 -42.74 81.75 -15.66
CA PRO I 82 -43.12 83.03 -15.06
C PRO I 82 -43.34 82.90 -13.56
N LYS I 83 -43.01 83.97 -12.84
CA LYS I 83 -43.28 84.01 -11.41
C LYS I 83 -44.78 84.01 -11.15
N ASP I 84 -45.16 83.57 -9.95
CA ASP I 84 -46.57 83.40 -9.64
C ASP I 84 -47.34 84.70 -9.72
N GLY I 85 -46.69 85.83 -9.40
CA GLY I 85 -47.38 87.11 -9.45
C GLY I 85 -47.38 87.77 -10.81
N ALA I 86 -46.59 87.26 -11.75
CA ALA I 86 -46.45 87.91 -13.06
C ALA I 86 -47.47 87.35 -14.03
N ARG I 87 -47.40 87.84 -15.27
CA ARG I 87 -48.29 87.39 -16.33
C ARG I 87 -47.91 85.97 -16.76
N PRO I 88 -48.85 85.25 -17.38
CA PRO I 88 -48.51 83.89 -17.84
C PRO I 88 -47.39 83.85 -18.86
N ASP I 89 -47.38 84.79 -19.79
CA ASP I 89 -46.30 84.93 -20.75
C ASP I 89 -45.29 85.95 -20.22
N ALA I 90 -44.14 85.48 -19.82
CA ALA I 90 -43.16 86.34 -19.27
C ALA I 90 -41.81 85.73 -19.58
N ALA I 91 -41.80 84.40 -19.63
CA ALA I 91 -40.60 83.66 -19.83
C ALA I 91 -40.48 83.33 -21.27
N ASP I 92 -40.93 84.24 -22.11
CA ASP I 92 -41.36 83.91 -23.41
C ASP I 92 -40.36 84.42 -24.38
N VAL I 93 -39.85 85.60 -24.07
CA VAL I 93 -38.92 86.30 -24.90
C VAL I 93 -37.57 85.81 -24.51
N LEU I 94 -37.35 85.75 -23.23
CA LEU I 94 -36.08 85.31 -22.66
C LEU I 94 -35.82 83.84 -22.99
N MET I 95 -36.86 83.01 -22.95
CA MET I 95 -36.71 81.61 -23.33
C MET I 95 -36.35 81.46 -24.81
N GLY I 96 -36.94 82.30 -25.66
CA GLY I 96 -36.57 82.30 -27.06
C GLY I 96 -35.11 82.67 -27.27
N MET I 97 -34.64 83.68 -26.53
CA MET I 97 -33.22 84.04 -26.60
C MET I 97 -32.34 82.89 -26.12
N TYR I 98 -32.74 82.20 -25.05
CA TYR I 98 -31.95 81.08 -24.56
C TYR I 98 -31.89 79.97 -25.59
N ARG I 99 -33.02 79.67 -26.23
CA ARG I 99 -33.03 78.63 -27.26
C ARG I 99 -32.15 79.02 -28.44
N THR I 100 -32.21 80.29 -28.85
CA THR I 100 -31.41 80.75 -29.97
C THR I 100 -29.91 80.68 -29.66
N ASP I 101 -29.51 81.10 -28.47
CA ASP I 101 -28.09 81.20 -28.16
C ASP I 101 -27.44 79.84 -27.95
N MET I 102 -28.12 78.93 -27.24
CA MET I 102 -27.56 77.64 -26.87
C MET I 102 -28.01 76.52 -27.80
N ARG I 103 -28.16 76.81 -29.09
CA ARG I 103 -28.61 75.80 -30.05
C ARG I 103 -27.45 75.17 -30.81
N HIS I 104 -26.32 75.87 -30.95
CA HIS I 104 -25.23 75.41 -31.80
C HIS I 104 -24.53 74.21 -31.18
N ASN I 105 -23.47 73.74 -31.84
CA ASN I 105 -22.76 72.55 -31.38
C ASN I 105 -21.88 72.82 -30.18
N THR I 106 -21.44 74.06 -29.98
CA THR I 106 -20.49 74.36 -28.92
C THR I 106 -21.07 74.04 -27.55
N ALA I 107 -22.34 74.43 -27.32
CA ALA I 107 -22.95 74.20 -26.02
C ALA I 107 -23.07 72.71 -25.72
N LYS I 108 -23.54 71.93 -26.70
CA LYS I 108 -23.69 70.49 -26.49
C LYS I 108 -22.34 69.83 -26.26
N ILE I 109 -21.32 70.24 -27.01
CA ILE I 109 -19.98 69.67 -26.82
C ILE I 109 -19.46 70.00 -25.43
N ALA I 110 -19.66 71.24 -24.96
CA ALA I 110 -19.19 71.62 -23.64
C ALA I 110 -19.89 70.81 -22.55
N VAL I 111 -21.21 70.65 -22.67
CA VAL I 111 -21.94 69.87 -21.67
C VAL I 111 -21.49 68.42 -21.67
N ASN I 112 -21.27 67.84 -22.86
CA ASN I 112 -20.83 66.46 -22.93
C ASN I 112 -19.44 66.28 -22.31
N ILE I 113 -18.54 67.23 -22.57
CA ILE I 113 -17.21 67.17 -21.97
C ILE I 113 -17.30 67.25 -20.46
N ALA I 114 -18.14 68.16 -19.95
CA ALA I 114 -18.30 68.29 -18.51
C ALA I 114 -18.87 67.01 -17.90
N VAL I 115 -19.83 66.39 -18.58
CA VAL I 115 -20.44 65.16 -18.06
C VAL I 115 -19.42 64.03 -18.03
N ARG I 116 -18.63 63.88 -19.09
CA ARG I 116 -17.61 62.83 -19.10
C ARG I 116 -16.57 63.05 -18.01
N GLU I 117 -16.14 64.30 -17.82
CA GLU I 117 -15.22 64.60 -16.73
C GLU I 117 -15.84 64.23 -15.39
N GLN I 118 -17.09 64.66 -15.17
CA GLN I 118 -17.79 64.33 -13.93
C GLN I 118 -17.80 62.83 -13.67
N ILE I 119 -18.05 62.03 -14.71
CA ILE I 119 -18.07 60.58 -14.53
C ILE I 119 -16.69 60.07 -14.16
N GLU I 120 -15.64 60.53 -14.86
CA GLU I 120 -14.32 59.97 -14.62
C GLU I 120 -13.70 60.50 -13.33
N ALA I 121 -13.48 61.81 -13.26
CA ALA I 121 -12.94 62.45 -12.06
C ALA I 121 -13.90 63.55 -11.63
N GLY I 122 -14.36 63.48 -10.39
CA GLY I 122 -15.57 64.20 -10.02
C GLY I 122 -15.45 65.71 -9.98
N VAL I 123 -15.25 66.32 -11.15
CA VAL I 123 -15.27 67.78 -11.30
C VAL I 123 -15.35 68.10 -12.79
N GLY I 124 -16.00 69.21 -13.12
CA GLY I 124 -16.08 69.69 -14.49
C GLY I 124 -16.62 71.10 -14.50
N ALA I 125 -16.46 71.77 -15.64
CA ALA I 125 -16.89 73.16 -15.74
C ALA I 125 -17.06 73.53 -17.21
N TRP I 126 -17.74 74.66 -17.42
CA TRP I 126 -17.87 75.27 -18.73
C TRP I 126 -18.24 76.74 -18.54
N ARG I 127 -17.68 77.60 -19.38
CA ARG I 127 -17.81 79.05 -19.22
C ARG I 127 -18.72 79.62 -20.29
N LEU I 128 -19.24 80.82 -20.01
CA LEU I 128 -20.09 81.56 -20.91
C LEU I 128 -19.35 82.80 -21.38
N VAL I 129 -19.25 82.98 -22.70
CA VAL I 129 -18.51 84.10 -23.28
C VAL I 129 -19.39 84.82 -24.28
N THR I 130 -19.45 86.15 -24.14
CA THR I 130 -20.15 87.00 -25.08
C THR I 130 -19.20 87.44 -26.19
N ASP I 131 -19.78 87.82 -27.32
CA ASP I 131 -18.99 88.17 -28.49
C ASP I 131 -19.81 89.09 -29.38
N TYR I 132 -19.14 89.76 -30.31
CA TYR I 132 -19.75 90.68 -31.25
C TYR I 132 -20.01 89.96 -32.57
N GLU I 133 -21.25 90.03 -33.04
CA GLU I 133 -21.62 89.43 -34.32
C GLU I 133 -22.55 90.38 -35.06
N ASP I 134 -22.29 90.56 -36.35
CA ASP I 134 -23.06 91.48 -37.18
C ASP I 134 -23.92 90.78 -38.24
N GLN I 135 -23.50 89.62 -38.73
CA GLN I 135 -24.25 88.97 -39.80
C GLN I 135 -25.55 88.36 -39.29
N SER I 136 -25.55 87.79 -38.09
CA SER I 136 -26.74 87.17 -37.51
C SER I 136 -26.77 87.41 -36.01
N PRO I 137 -27.10 88.63 -35.59
CA PRO I 137 -27.23 88.92 -34.16
C PRO I 137 -28.47 88.28 -33.57
N THR I 138 -28.43 88.07 -32.26
CA THR I 138 -29.57 87.45 -31.58
C THR I 138 -30.66 88.48 -31.29
N SER I 139 -30.35 89.46 -30.43
CA SER I 139 -31.22 90.61 -30.24
C SER I 139 -30.49 91.91 -30.53
N ASN I 140 -29.36 92.15 -29.88
CA ASN I 140 -28.47 93.26 -30.18
C ASN I 140 -27.24 92.70 -30.90
N ASN I 141 -26.26 93.56 -31.17
CA ASN I 141 -25.06 93.13 -31.88
C ASN I 141 -24.11 92.40 -30.92
N GLN I 142 -24.66 91.39 -30.25
CA GLN I 142 -23.90 90.51 -29.37
C GLN I 142 -24.50 89.11 -29.46
N VAL I 143 -23.66 88.10 -29.20
CA VAL I 143 -24.08 86.72 -29.17
C VAL I 143 -23.45 86.05 -27.96
N ILE I 144 -24.25 85.30 -27.22
CA ILE I 144 -23.78 84.58 -26.02
C ILE I 144 -23.55 83.13 -26.40
N ARG I 145 -22.36 82.63 -26.07
CA ARG I 145 -21.99 81.25 -26.41
C ARG I 145 -21.30 80.61 -25.22
N ARG I 146 -21.59 79.32 -25.02
CA ARG I 146 -20.85 78.53 -24.06
C ARG I 146 -19.44 78.25 -24.59
N GLU I 147 -18.55 77.85 -23.68
CA GLU I 147 -17.21 77.47 -24.08
C GLU I 147 -16.76 76.30 -23.22
N PRO I 148 -15.96 75.39 -23.75
CA PRO I 148 -15.55 74.21 -22.96
C PRO I 148 -14.24 74.41 -22.24
N ILE I 149 -14.15 73.78 -21.06
CA ILE I 149 -12.92 73.68 -20.30
C ILE I 149 -12.60 72.20 -20.15
N HIS I 150 -11.42 71.81 -20.63
CA HIS I 150 -11.15 70.40 -20.85
C HIS I 150 -10.65 69.69 -19.60
N SER I 151 -9.89 70.39 -18.75
CA SER I 151 -9.40 69.83 -17.49
C SER I 151 -9.76 70.81 -16.38
N ALA I 152 -10.98 70.70 -15.87
CA ALA I 152 -11.41 71.57 -14.79
C ALA I 152 -10.77 71.22 -13.45
N CYS I 153 -10.07 70.08 -13.38
CA CYS I 153 -9.42 69.71 -12.13
C CYS I 153 -8.36 70.73 -11.74
N SER I 154 -7.53 71.16 -12.70
CA SER I 154 -6.40 72.03 -12.40
C SER I 154 -6.45 73.37 -13.10
N HIS I 155 -7.15 73.49 -14.23
CA HIS I 155 -7.21 74.78 -14.94
C HIS I 155 -8.13 75.77 -14.25
N VAL I 156 -9.21 75.30 -13.63
CA VAL I 156 -10.14 76.17 -12.92
C VAL I 156 -9.86 76.05 -11.43
N ILE I 157 -9.62 77.19 -10.78
CA ILE I 157 -9.29 77.24 -9.37
C ILE I 157 -10.27 78.20 -8.70
N TRP I 158 -11.10 77.67 -7.81
CA TRP I 158 -12.14 78.46 -7.16
C TRP I 158 -11.62 79.05 -5.85
N ASP I 159 -12.47 79.86 -5.22
CA ASP I 159 -12.14 80.42 -3.92
C ASP I 159 -12.13 79.34 -2.86
N SER I 160 -11.15 79.41 -1.96
CA SER I 160 -11.02 78.39 -0.92
C SER I 160 -12.07 78.53 0.17
N ASN I 161 -12.72 79.69 0.28
CA ASN I 161 -13.72 79.94 1.31
C ASN I 161 -15.12 79.55 0.86
N SER I 162 -15.30 79.16 -0.40
CA SER I 162 -16.62 78.80 -0.90
C SER I 162 -17.14 77.55 -0.19
N LYS I 163 -18.47 77.47 -0.06
CA LYS I 163 -19.10 76.39 0.67
C LYS I 163 -20.18 75.65 -0.10
N LEU I 164 -20.61 76.15 -1.26
CA LEU I 164 -21.69 75.52 -2.01
C LEU I 164 -21.13 74.64 -3.14
N MET I 165 -22.00 73.79 -3.67
CA MET I 165 -21.61 72.91 -4.78
C MET I 165 -21.46 73.70 -6.08
N ASP I 166 -22.38 74.63 -6.34
CA ASP I 166 -22.32 75.44 -7.55
C ASP I 166 -21.46 76.68 -7.40
N LYS I 167 -20.85 76.88 -6.22
CA LYS I 167 -19.97 78.01 -5.97
C LYS I 167 -20.68 79.35 -6.18
N SER I 168 -21.91 79.43 -5.68
CA SER I 168 -22.65 80.69 -5.75
C SER I 168 -22.00 81.77 -4.91
N ASP I 169 -21.50 81.42 -3.72
CA ASP I 169 -20.84 82.37 -2.83
C ASP I 169 -19.34 82.26 -3.03
N ALA I 170 -18.87 82.79 -4.15
CA ALA I 170 -17.45 82.82 -4.46
C ALA I 170 -17.08 84.19 -5.01
N ARG I 171 -15.87 84.64 -4.70
CA ARG I 171 -15.39 85.94 -5.14
C ARG I 171 -14.11 85.85 -5.97
N HIS I 172 -13.63 84.65 -6.24
CA HIS I 172 -12.41 84.48 -7.01
C HIS I 172 -12.59 83.31 -7.97
N CYS I 173 -11.89 83.39 -9.11
CA CYS I 173 -11.86 82.29 -10.05
C CYS I 173 -10.68 82.52 -10.98
N THR I 174 -9.75 81.57 -11.01
CA THR I 174 -8.55 81.66 -11.84
C THR I 174 -8.59 80.56 -12.88
N VAL I 175 -8.53 80.96 -14.16
CA VAL I 175 -8.50 80.03 -15.28
C VAL I 175 -7.12 80.11 -15.91
N ILE I 176 -6.40 79.00 -15.90
CA ILE I 176 -5.03 78.94 -16.39
C ILE I 176 -5.09 78.40 -17.82
N HIS I 177 -4.98 79.30 -18.79
CA HIS I 177 -5.00 78.90 -20.20
C HIS I 177 -3.69 78.24 -20.58
N SER I 178 -3.79 77.13 -21.31
CA SER I 178 -2.65 76.45 -21.90
C SER I 178 -2.83 76.50 -23.41
N MET I 179 -1.91 77.14 -24.11
CA MET I 179 -2.09 77.47 -25.52
C MET I 179 -0.75 77.51 -26.23
N SER I 180 -0.79 77.27 -27.53
CA SER I 180 0.41 77.12 -28.34
C SER I 180 0.94 78.49 -28.78
N GLN I 181 2.04 78.47 -29.53
CA GLN I 181 2.69 79.71 -29.95
C GLN I 181 1.79 80.52 -30.87
N ASN I 182 1.26 79.89 -31.92
CA ASN I 182 0.31 80.58 -32.79
C ASN I 182 -0.96 80.95 -32.05
N GLY I 183 -1.40 80.09 -31.14
CA GLY I 183 -2.52 80.46 -30.27
C GLY I 183 -2.20 81.68 -29.43
N TRP I 184 -0.97 81.78 -28.95
CA TRP I 184 -0.57 82.96 -28.18
C TRP I 184 -0.57 84.20 -29.05
N GLU I 185 -0.10 84.08 -30.30
CA GLU I 185 -0.12 85.21 -31.21
C GLU I 185 -1.56 85.67 -31.49
N ASP I 186 -2.47 84.73 -31.70
CA ASP I 186 -3.87 85.10 -31.90
C ASP I 186 -4.47 85.72 -30.65
N PHE I 187 -4.14 85.19 -29.47
CA PHE I 187 -4.65 85.75 -28.23
C PHE I 187 -4.17 87.18 -28.03
N ALA I 188 -2.89 87.44 -28.33
CA ALA I 188 -2.37 88.80 -28.27
C ALA I 188 -3.04 89.70 -29.30
N GLU I 189 -3.29 89.19 -30.50
CA GLU I 189 -3.93 90.00 -31.53
C GLU I 189 -5.37 90.38 -31.15
N LYS I 190 -6.12 89.44 -30.59
CA LYS I 190 -7.52 89.71 -30.26
C LYS I 190 -7.64 90.80 -29.20
N TYR I 191 -6.78 90.75 -28.19
CA TYR I 191 -6.73 91.77 -27.16
C TYR I 191 -5.76 92.87 -27.61
N ASP I 192 -5.41 93.77 -26.69
CA ASP I 192 -4.45 94.83 -26.98
C ASP I 192 -3.05 94.48 -26.49
N LEU I 193 -2.80 93.21 -26.19
CA LEU I 193 -1.50 92.77 -25.71
C LEU I 193 -0.49 92.73 -26.85
N ASP I 194 0.78 92.64 -26.48
CA ASP I 194 1.88 92.52 -27.43
C ASP I 194 2.39 91.09 -27.45
N ALA I 195 2.64 90.57 -28.65
CA ALA I 195 3.09 89.19 -28.83
C ALA I 195 4.59 89.03 -28.73
N ASP I 196 5.34 90.04 -28.31
CA ASP I 196 6.79 89.94 -28.27
C ASP I 196 7.32 89.36 -26.97
N ASP I 197 6.64 89.58 -25.85
CA ASP I 197 7.04 89.00 -24.57
C ASP I 197 6.24 87.73 -24.32
N ILE I 198 6.90 86.73 -23.74
CA ILE I 198 6.28 85.43 -23.51
C ILE I 198 5.74 85.37 -22.08
N PRO I 199 4.43 85.23 -21.90
CA PRO I 199 3.88 85.12 -20.54
C PRO I 199 4.18 83.76 -19.94
N SER I 200 4.06 83.69 -18.61
CA SER I 200 4.31 82.45 -17.89
C SER I 200 3.43 82.44 -16.65
N PHE I 201 3.18 81.24 -16.14
CA PHE I 201 2.35 81.06 -14.95
C PHE I 201 2.62 79.67 -14.38
N GLN I 202 1.79 79.25 -13.44
CA GLN I 202 1.92 77.93 -12.86
C GLN I 202 1.65 76.86 -13.91
N ASN I 203 2.28 75.70 -13.74
CA ASN I 203 2.15 74.61 -14.69
C ASN I 203 1.11 73.62 -14.20
N PRO I 204 -0.09 73.57 -14.78
CA PRO I 204 -1.10 72.61 -14.34
C PRO I 204 -0.71 71.18 -14.67
N ASN I 205 -0.36 70.94 -15.93
CA ASN I 205 -0.01 69.60 -16.37
C ASN I 205 1.38 69.21 -15.86
N ASP I 206 1.73 67.93 -16.07
CA ASP I 206 2.99 67.40 -15.59
C ASP I 206 3.63 66.57 -16.70
N TRP I 207 4.95 66.44 -16.62
CA TRP I 207 5.74 65.71 -17.61
C TRP I 207 5.94 64.28 -17.11
N VAL I 208 4.90 63.47 -17.29
CA VAL I 208 4.89 62.11 -16.74
C VAL I 208 4.56 61.10 -17.83
N PHE I 209 4.88 61.42 -19.08
CA PHE I 209 4.60 60.52 -20.19
C PHE I 209 5.64 60.76 -21.28
N PRO I 210 5.95 59.74 -22.10
CA PRO I 210 6.90 59.96 -23.20
C PRO I 210 6.32 60.83 -24.30
N TRP I 211 5.90 62.04 -23.96
CA TRP I 211 5.39 62.99 -24.94
C TRP I 211 6.56 63.75 -25.57
N LEU I 212 6.34 64.28 -26.76
CA LEU I 212 7.41 64.93 -27.50
C LEU I 212 7.54 66.40 -27.13
N THR I 213 6.47 67.17 -27.30
CA THR I 213 6.52 68.62 -27.12
C THR I 213 5.39 69.07 -26.20
N GLN I 214 5.52 70.32 -25.73
CA GLN I 214 4.51 70.97 -24.93
C GLN I 214 4.42 72.44 -25.34
N ASP I 215 3.30 73.06 -25.02
CA ASP I 215 3.11 74.46 -25.37
C ASP I 215 4.01 75.37 -24.54
N THR I 216 4.08 75.13 -23.23
CA THR I 216 4.93 75.88 -22.31
C THR I 216 4.63 77.39 -22.39
N ILE I 217 3.35 77.73 -22.54
CA ILE I 217 2.89 79.11 -22.54
C ILE I 217 1.58 79.13 -21.77
N GLN I 218 1.63 79.58 -20.52
CA GLN I 218 0.46 79.59 -19.64
C GLN I 218 0.17 81.02 -19.21
N ILE I 219 -1.08 81.45 -19.41
CA ILE I 219 -1.55 82.76 -18.98
C ILE I 219 -2.84 82.55 -18.20
N ALA I 220 -3.13 83.50 -17.30
CA ALA I 220 -4.23 83.33 -16.36
C ALA I 220 -5.20 84.51 -16.45
N GLU I 221 -6.45 84.24 -16.08
CA GLU I 221 -7.50 85.24 -16.01
C GLU I 221 -8.08 85.22 -14.60
N PHE I 222 -8.37 86.41 -14.07
CA PHE I 222 -8.80 86.55 -12.68
C PHE I 222 -10.17 87.22 -12.65
N TYR I 223 -11.16 86.51 -12.13
CA TYR I 223 -12.50 87.03 -11.97
C TYR I 223 -12.78 87.36 -10.50
N GLU I 224 -13.40 88.51 -10.27
CA GLU I 224 -13.77 88.91 -8.92
C GLU I 224 -15.12 89.61 -8.95
N VAL I 225 -15.81 89.57 -7.81
CA VAL I 225 -17.14 90.14 -7.66
C VAL I 225 -17.16 91.07 -6.46
N VAL I 226 -17.75 92.25 -6.63
CA VAL I 226 -17.84 93.24 -5.56
C VAL I 226 -19.28 93.73 -5.45
N GLU I 227 -19.59 94.31 -4.28
CA GLU I 227 -20.87 94.93 -4.02
C GLU I 227 -20.62 96.31 -3.42
N LYS I 228 -21.20 97.34 -4.02
CA LYS I 228 -20.89 98.71 -3.63
C LYS I 228 -22.11 99.59 -3.41
N LYS I 229 -23.31 99.12 -3.74
CA LYS I 229 -24.55 99.88 -3.57
C LYS I 229 -24.48 101.22 -4.32
N GLU I 230 -24.41 101.09 -5.65
CA GLU I 230 -24.32 102.24 -6.52
C GLU I 230 -25.68 102.93 -6.65
N THR I 231 -25.69 104.09 -7.31
CA THR I 231 -26.89 104.90 -7.43
C THR I 231 -27.65 104.57 -8.70
N ALA I 232 -28.89 105.07 -8.77
CA ALA I 232 -29.75 104.84 -9.92
C ALA I 232 -30.68 106.03 -10.08
N PHE I 233 -31.10 106.27 -11.33
CA PHE I 233 -31.99 107.37 -11.66
C PHE I 233 -33.40 106.85 -11.88
N ILE I 234 -34.39 107.60 -11.40
CA ILE I 234 -35.79 107.27 -11.61
C ILE I 234 -36.34 108.26 -12.64
N TYR I 235 -36.72 107.75 -13.81
CA TYR I 235 -37.25 108.56 -14.89
C TYR I 235 -38.75 108.34 -15.02
N GLN I 236 -39.36 109.12 -15.91
CA GLN I 236 -40.77 108.98 -16.25
C GLN I 236 -40.89 108.61 -17.71
N ASP I 237 -41.59 107.51 -17.97
CA ASP I 237 -41.76 107.04 -19.35
C ASP I 237 -42.67 108.00 -20.09
N PRO I 238 -42.21 108.62 -21.19
CA PRO I 238 -43.10 109.55 -21.90
C PRO I 238 -44.26 108.87 -22.60
N VAL I 239 -44.15 107.58 -22.92
CA VAL I 239 -45.24 106.88 -23.58
C VAL I 239 -46.38 106.63 -22.59
N THR I 240 -46.07 105.99 -21.47
CA THR I 240 -47.05 105.69 -20.43
C THR I 240 -46.57 106.29 -19.12
N GLY I 241 -47.49 106.90 -18.38
CA GLY I 241 -47.13 107.59 -17.15
C GLY I 241 -46.77 106.65 -16.02
N GLU I 242 -45.67 105.92 -16.17
CA GLU I 242 -45.19 105.00 -15.16
C GLU I 242 -43.71 105.25 -14.92
N PRO I 243 -43.26 105.15 -13.67
CA PRO I 243 -41.84 105.40 -13.37
C PRO I 243 -40.96 104.23 -13.79
N VAL I 244 -39.77 104.57 -14.28
CA VAL I 244 -38.76 103.59 -14.66
C VAL I 244 -37.44 103.97 -14.00
N SER I 245 -36.64 102.95 -13.72
CA SER I 245 -35.36 103.12 -13.03
C SER I 245 -34.23 102.61 -13.91
N TYR I 246 -33.20 103.43 -14.08
CA TYR I 246 -32.02 103.08 -14.85
C TYR I 246 -30.77 103.38 -14.03
N PHE I 247 -29.79 102.47 -14.09
CA PHE I 247 -28.54 102.68 -13.38
C PHE I 247 -27.79 103.87 -13.98
N LYS I 248 -27.11 104.63 -13.12
CA LYS I 248 -26.38 105.81 -13.59
C LYS I 248 -25.20 105.43 -14.48
N ARG I 249 -24.47 104.37 -14.13
CA ARG I 249 -23.29 104.00 -14.89
C ARG I 249 -23.63 103.59 -16.31
N ASP I 250 -24.75 102.89 -16.50
CA ASP I 250 -25.11 102.42 -17.84
C ASP I 250 -25.48 103.57 -18.77
N ILE I 251 -26.14 104.60 -18.27
CA ILE I 251 -26.61 105.70 -19.09
C ILE I 251 -25.87 107.00 -18.78
N LYS I 252 -24.62 106.91 -18.29
CA LYS I 252 -23.89 108.11 -17.90
C LYS I 252 -23.56 109.00 -19.10
N ASP I 253 -23.51 108.43 -20.30
CA ASP I 253 -23.25 109.21 -21.51
C ASP I 253 -24.51 109.53 -22.30
N VAL I 254 -25.70 109.20 -21.79
CA VAL I 254 -26.93 109.37 -22.55
C VAL I 254 -27.88 110.19 -21.71
N ILE I 255 -27.37 110.79 -20.63
CA ILE I 255 -28.21 111.59 -19.74
C ILE I 255 -28.79 112.79 -20.48
N ASP I 256 -27.95 113.51 -21.23
CA ASP I 256 -28.43 114.66 -21.99
C ASP I 256 -29.40 114.23 -23.08
N ASP I 257 -29.13 113.12 -23.76
CA ASP I 257 -30.03 112.63 -24.80
C ASP I 257 -31.37 112.21 -24.20
N LEU I 258 -31.35 111.56 -23.05
CA LEU I 258 -32.60 111.20 -22.37
C LEU I 258 -33.37 112.45 -21.97
N ALA I 259 -32.67 113.48 -21.51
CA ALA I 259 -33.33 114.74 -21.19
C ALA I 259 -33.92 115.40 -22.44
N ASP I 260 -33.27 115.20 -23.59
CA ASP I 260 -33.79 115.77 -24.83
C ASP I 260 -35.15 115.18 -25.20
N SER I 261 -35.34 113.89 -24.99
CA SER I 261 -36.61 113.24 -25.28
C SER I 261 -37.60 113.54 -24.17
N GLY I 262 -38.73 112.82 -24.16
CA GLY I 262 -39.75 113.04 -23.15
C GLY I 262 -39.40 112.56 -21.77
N PHE I 263 -38.26 111.90 -21.59
CA PHE I 263 -37.85 111.42 -20.29
C PHE I 263 -37.56 112.60 -19.36
N ILE I 264 -38.08 112.54 -18.14
CA ILE I 264 -37.84 113.54 -17.12
C ILE I 264 -37.47 112.84 -15.82
N LYS I 265 -36.47 113.36 -15.12
CA LYS I 265 -36.03 112.75 -13.87
C LYS I 265 -37.02 113.05 -12.76
N ILE I 266 -37.27 112.07 -11.90
CA ILE I 266 -38.21 112.21 -10.80
C ILE I 266 -37.51 112.25 -9.45
N ALA I 267 -36.62 111.29 -9.18
CA ALA I 267 -35.94 111.21 -7.90
C ALA I 267 -34.65 110.41 -8.09
N GLU I 268 -33.90 110.26 -7.00
CA GLU I 268 -32.64 109.53 -7.00
C GLU I 268 -32.66 108.50 -5.88
N ARG I 269 -32.18 107.29 -6.16
CA ARG I 269 -32.11 106.23 -5.18
C ARG I 269 -30.74 105.57 -5.22
N GLN I 270 -30.56 104.57 -4.37
CA GLN I 270 -29.32 103.80 -4.31
C GLN I 270 -29.68 102.33 -4.16
N ILE I 271 -29.33 101.54 -5.18
CA ILE I 271 -29.67 100.12 -5.22
C ILE I 271 -28.38 99.31 -5.29
N LYS I 272 -28.26 98.33 -4.41
CA LYS I 272 -27.08 97.47 -4.37
C LYS I 272 -27.15 96.44 -5.50
N ARG I 273 -26.02 96.22 -6.14
CA ARG I 273 -25.95 95.31 -7.28
C ARG I 273 -24.52 94.80 -7.42
N ARG I 274 -24.36 93.51 -7.66
CA ARG I 274 -23.05 92.92 -7.84
C ARG I 274 -22.48 93.30 -9.21
N ARG I 275 -21.15 93.29 -9.29
CA ARG I 275 -20.45 93.53 -10.54
C ARG I 275 -19.30 92.55 -10.66
N VAL I 276 -18.91 92.25 -11.89
CA VAL I 276 -17.85 91.27 -12.17
C VAL I 276 -16.74 91.98 -12.93
N TYR I 277 -15.52 91.83 -12.45
CA TYR I 277 -14.33 92.39 -13.09
C TYR I 277 -13.37 91.26 -13.46
N LYS I 278 -12.71 91.41 -14.60
CA LYS I 278 -11.77 90.43 -15.10
C LYS I 278 -10.42 91.08 -15.35
N SER I 279 -9.36 90.47 -14.84
CA SER I 279 -8.00 90.93 -15.04
C SER I 279 -7.13 89.78 -15.49
N ILE I 280 -6.03 90.11 -16.16
CA ILE I 280 -5.11 89.13 -16.72
C ILE I 280 -3.77 89.28 -16.03
N ILE I 281 -3.24 88.16 -15.51
CA ILE I 281 -1.99 88.16 -14.78
C ILE I 281 -1.02 87.20 -15.46
N THR I 282 0.28 87.43 -15.22
CA THR I 282 1.32 86.57 -15.77
C THR I 282 2.42 86.27 -14.76
N CYS I 283 2.12 86.29 -13.46
CA CYS I 283 3.03 85.87 -12.40
C CYS I 283 4.19 86.86 -12.24
N THR I 284 4.26 87.87 -13.09
CA THR I 284 5.30 88.88 -12.99
C THR I 284 4.71 90.28 -13.04
N ALA I 285 3.58 90.43 -13.72
CA ALA I 285 2.93 91.72 -13.86
C ALA I 285 1.49 91.51 -14.30
N VAL I 286 0.70 92.57 -14.19
CA VAL I 286 -0.68 92.56 -14.67
C VAL I 286 -0.72 93.17 -16.06
N LEU I 287 -1.30 92.44 -17.01
CA LEU I 287 -1.39 92.91 -18.39
C LEU I 287 -2.59 93.81 -18.61
N LYS I 288 -3.79 93.35 -18.24
CA LYS I 288 -4.99 94.16 -18.24
C LYS I 288 -5.60 94.13 -16.85
N ASP I 289 -6.00 95.30 -16.35
CA ASP I 289 -6.42 95.46 -14.96
C ASP I 289 -7.89 95.84 -14.92
N LYS I 290 -8.70 94.97 -14.32
CA LYS I 290 -10.08 95.26 -13.95
C LYS I 290 -10.93 95.70 -15.15
N GLN I 291 -11.08 94.77 -16.10
CA GLN I 291 -12.04 94.97 -17.18
C GLN I 291 -13.43 94.60 -16.71
N LEU I 292 -14.41 95.40 -17.12
CA LEU I 292 -15.78 95.27 -16.63
C LEU I 292 -16.51 94.24 -17.48
N ILE I 293 -16.72 93.04 -16.92
CA ILE I 293 -17.49 92.01 -17.59
C ILE I 293 -18.97 92.33 -17.48
N ALA I 294 -19.73 92.01 -18.54
CA ALA I 294 -21.14 92.37 -18.58
C ALA I 294 -21.95 91.62 -17.53
N GLY I 295 -21.50 90.46 -17.10
CA GLY I 295 -22.30 89.64 -16.22
C GLY I 295 -22.39 90.21 -14.81
N GLU I 296 -23.10 89.46 -13.96
CA GLU I 296 -23.22 89.77 -12.55
C GLU I 296 -22.67 88.67 -11.65
N HIS I 297 -22.50 87.47 -12.18
CA HIS I 297 -21.88 86.34 -11.48
C HIS I 297 -20.68 85.87 -12.28
N ILE I 298 -19.84 85.05 -11.65
CA ILE I 298 -18.70 84.48 -12.34
C ILE I 298 -19.19 83.50 -13.40
N PRO I 299 -18.79 83.67 -14.67
CA PRO I 299 -19.39 82.85 -15.74
C PRO I 299 -19.19 81.35 -15.57
N ILE I 300 -18.09 80.91 -14.95
CA ILE I 300 -17.79 79.49 -14.90
C ILE I 300 -18.85 78.76 -14.08
N VAL I 301 -19.36 77.66 -14.63
CA VAL I 301 -20.40 76.86 -14.00
C VAL I 301 -19.82 75.48 -13.72
N PRO I 302 -19.66 75.07 -12.46
CA PRO I 302 -19.03 73.78 -12.17
C PRO I 302 -20.01 72.63 -12.00
N VAL I 303 -19.57 71.41 -12.32
CA VAL I 303 -20.28 70.19 -11.98
C VAL I 303 -19.35 69.36 -11.10
N PHE I 304 -19.93 68.62 -10.16
CA PHE I 304 -19.15 67.92 -9.15
C PHE I 304 -19.53 66.44 -9.10
N GLY I 305 -18.58 65.61 -8.69
CA GLY I 305 -18.78 64.18 -8.70
C GLY I 305 -19.84 63.71 -7.73
N GLU I 306 -19.56 63.71 -6.43
CA GLU I 306 -20.67 63.53 -5.51
C GLU I 306 -20.87 64.76 -4.64
N TRP I 307 -19.97 64.94 -3.66
CA TRP I 307 -19.65 66.21 -2.99
C TRP I 307 -18.77 65.86 -1.79
N GLY I 308 -18.28 66.85 -1.05
CA GLY I 308 -17.80 66.53 0.28
C GLY I 308 -16.80 67.46 0.93
N PHE I 309 -17.04 67.77 2.20
CA PHE I 309 -16.08 68.44 3.08
C PHE I 309 -15.86 67.52 4.28
N VAL I 310 -14.67 66.93 4.38
CA VAL I 310 -14.43 65.94 5.43
C VAL I 310 -14.10 66.60 6.76
N GLU I 311 -13.02 67.38 6.83
CA GLU I 311 -12.69 68.13 8.04
C GLU I 311 -12.74 69.63 7.81
N ASP I 312 -11.93 70.15 6.87
CA ASP I 312 -12.03 71.54 6.48
C ASP I 312 -11.70 71.69 5.00
N LYS I 313 -11.40 70.59 4.30
CA LYS I 313 -10.99 70.62 2.91
C LYS I 313 -11.96 69.83 2.07
N GLU I 314 -12.31 70.37 0.91
CA GLU I 314 -13.29 69.72 0.04
C GLU I 314 -12.69 68.47 -0.59
N VAL I 315 -13.53 67.45 -0.75
CA VAL I 315 -13.15 66.20 -1.41
C VAL I 315 -14.28 65.81 -2.36
N TYR I 316 -13.92 65.41 -3.57
CA TYR I 316 -14.88 64.92 -4.53
C TYR I 316 -14.37 63.62 -5.13
N GLU I 317 -15.31 62.77 -5.54
CA GLU I 317 -15.01 61.44 -6.04
C GLU I 317 -15.77 61.20 -7.34
N GLY I 318 -15.41 60.13 -8.03
CA GLY I 318 -16.10 59.74 -9.24
C GLY I 318 -16.44 58.27 -9.25
N VAL I 319 -15.99 57.56 -10.27
CA VAL I 319 -16.22 56.12 -10.37
C VAL I 319 -14.92 55.33 -10.26
N VAL I 320 -13.78 55.91 -10.60
CA VAL I 320 -12.54 55.16 -10.74
C VAL I 320 -11.72 55.11 -9.44
N ARG I 321 -12.06 55.95 -8.46
CA ARG I 321 -11.23 56.05 -7.25
C ARG I 321 -11.12 54.71 -6.52
N LEU I 322 -12.24 54.01 -6.37
CA LEU I 322 -12.26 52.79 -5.58
C LEU I 322 -11.99 51.53 -6.41
N THR I 323 -11.86 51.66 -7.73
CA THR I 323 -11.62 50.53 -8.60
C THR I 323 -10.18 50.48 -9.11
N LYS I 324 -9.23 51.05 -8.37
CA LYS I 324 -7.85 51.10 -8.85
C LYS I 324 -7.02 49.95 -8.29
N ASP I 325 -7.16 49.66 -7.00
CA ASP I 325 -6.35 48.62 -6.38
C ASP I 325 -6.65 47.25 -6.98
N GLY I 326 -7.93 46.92 -7.10
CA GLY I 326 -8.29 45.64 -7.69
C GLY I 326 -7.85 45.52 -9.14
N GLN I 327 -7.99 46.60 -9.90
CA GLN I 327 -7.58 46.58 -11.30
C GLN I 327 -6.07 46.37 -11.42
N ARG I 328 -5.29 47.07 -10.59
CA ARG I 328 -3.84 46.90 -10.62
C ARG I 328 -3.44 45.49 -10.21
N LEU I 329 -4.12 44.93 -9.20
CA LEU I 329 -3.82 43.56 -8.79
C LEU I 329 -4.15 42.57 -9.90
N ARG I 330 -5.26 42.77 -10.60
CA ARG I 330 -5.61 41.91 -11.72
C ARG I 330 -4.56 41.98 -12.82
N ASN I 331 -4.09 43.20 -13.13
CA ASN I 331 -3.05 43.36 -14.14
C ASN I 331 -1.78 42.63 -13.73
N MET I 332 -1.40 42.76 -12.46
CA MET I 332 -0.17 42.12 -11.99
C MET I 332 -0.28 40.61 -12.05
N ILE I 333 -1.43 40.05 -11.65
CA ILE I 333 -1.59 38.60 -11.68
C ILE I 333 -1.56 38.09 -13.12
N MET I 334 -2.22 38.80 -14.04
CA MET I 334 -2.18 38.38 -15.44
C MET I 334 -0.77 38.43 -15.99
N SER I 335 -0.01 39.48 -15.66
CA SER I 335 1.36 39.57 -16.13
C SER I 335 2.21 38.43 -15.58
N PHE I 336 2.06 38.12 -14.29
CA PHE I 336 2.83 37.02 -13.71
C PHE I 336 2.48 35.69 -14.35
N ASN I 337 1.19 35.45 -14.61
CA ASN I 337 0.79 34.21 -15.26
C ASN I 337 1.35 34.12 -16.68
N ALA I 338 1.34 35.24 -17.41
CA ALA I 338 1.92 35.24 -18.76
C ALA I 338 3.42 34.94 -18.70
N ASP I 339 4.12 35.50 -17.72
CA ASP I 339 5.54 35.19 -17.56
C ASP I 339 5.75 33.71 -17.26
N ILE I 340 4.91 33.14 -16.39
CA ILE I 340 5.03 31.73 -16.06
C ILE I 340 4.83 30.86 -17.29
N VAL I 341 3.84 31.21 -18.13
CA VAL I 341 3.61 30.48 -19.37
C VAL I 341 4.81 30.62 -20.31
N ALA I 342 5.36 31.82 -20.42
CA ALA I 342 6.37 32.07 -21.45
C ALA I 342 7.72 31.45 -21.10
N ARG I 343 8.23 31.71 -19.90
CA ARG I 343 9.63 31.41 -19.62
C ARG I 343 9.86 30.04 -19.00
N THR I 344 8.80 29.31 -18.65
CA THR I 344 8.99 28.01 -18.01
C THR I 344 9.43 26.97 -19.04
N PRO I 345 10.42 26.13 -18.72
CA PRO I 345 10.80 25.05 -19.63
C PRO I 345 9.68 24.03 -19.77
N LYS I 346 9.67 23.37 -20.93
CA LYS I 346 8.61 22.42 -21.26
C LYS I 346 8.88 21.08 -20.59
N LYS I 347 8.13 20.06 -20.97
CA LYS I 347 8.23 18.73 -20.38
C LYS I 347 8.99 17.82 -21.33
N LYS I 348 10.13 17.31 -20.87
CA LYS I 348 10.99 16.44 -21.67
C LYS I 348 11.70 15.48 -20.74
N PRO I 349 12.03 14.29 -21.21
CA PRO I 349 12.60 13.26 -20.33
C PRO I 349 14.02 13.61 -19.89
N PHE I 350 14.44 12.94 -18.82
CA PHE I 350 15.79 13.09 -18.26
C PHE I 350 16.61 11.85 -18.63
N PHE I 351 17.57 12.03 -19.53
CA PHE I 351 18.41 10.96 -20.02
C PHE I 351 19.83 11.13 -19.55
N TRP I 352 20.52 10.01 -19.32
CA TRP I 352 21.96 10.04 -19.16
C TRP I 352 22.61 10.17 -20.54
N PRO I 353 23.80 10.78 -20.61
CA PRO I 353 24.48 10.89 -21.91
C PRO I 353 24.84 9.55 -22.53
N GLU I 354 24.92 8.49 -21.74
CA GLU I 354 25.30 7.17 -22.24
C GLU I 354 24.14 6.18 -22.30
N GLN I 355 23.00 6.49 -21.68
CA GLN I 355 21.81 5.69 -21.90
C GLN I 355 21.32 5.79 -23.34
N ILE I 356 21.67 6.87 -24.03
CA ILE I 356 21.33 7.08 -25.43
C ILE I 356 22.61 7.28 -26.23
N ALA I 357 23.67 6.58 -25.85
CA ALA I 357 24.95 6.68 -26.55
C ALA I 357 24.77 6.66 -28.07
N GLY I 358 24.15 5.60 -28.59
CA GLY I 358 23.64 5.59 -29.93
C GLY I 358 22.16 5.96 -29.95
N PHE I 359 21.52 5.67 -31.08
CA PHE I 359 20.07 5.83 -31.23
C PHE I 359 19.63 7.27 -31.00
N GLU I 360 20.53 8.24 -31.22
CA GLU I 360 20.24 9.62 -30.90
C GLU I 360 19.35 10.32 -31.93
N HIS I 361 19.11 9.69 -33.07
CA HIS I 361 18.20 10.24 -34.07
C HIS I 361 16.78 9.72 -33.89
N MET I 362 16.53 8.91 -32.88
CA MET I 362 15.20 8.38 -32.62
C MET I 362 14.36 9.25 -31.70
N TYR I 363 15.00 10.04 -30.84
CA TYR I 363 14.29 10.83 -29.85
C TYR I 363 14.08 12.27 -30.27
N ASP I 364 14.42 12.62 -31.51
CA ASP I 364 14.24 13.99 -31.98
C ASP I 364 12.82 14.27 -32.44
N GLY I 365 12.00 13.25 -32.64
CA GLY I 365 10.63 13.42 -33.07
C GLY I 365 10.37 13.17 -34.55
N ASN I 366 11.26 12.48 -35.25
CA ASN I 366 11.08 12.28 -36.69
C ASN I 366 9.93 11.34 -36.99
N ASP I 367 9.62 10.42 -36.07
CA ASP I 367 8.56 9.44 -36.24
C ASP I 367 8.76 8.60 -37.51
N ASP I 368 9.89 7.91 -37.54
CA ASP I 368 10.21 6.98 -38.62
C ASP I 368 10.50 5.58 -38.14
N TYR I 369 10.54 5.34 -36.83
CA TYR I 369 10.88 4.04 -36.27
C TYR I 369 9.71 3.49 -35.46
N PRO I 370 9.55 2.16 -35.38
CA PRO I 370 8.42 1.58 -34.65
C PRO I 370 8.60 1.57 -33.14
N TYR I 371 9.79 1.84 -32.62
CA TYR I 371 10.04 1.81 -31.19
C TYR I 371 11.30 2.59 -30.89
N TYR I 372 11.53 2.83 -29.60
CA TYR I 372 12.72 3.50 -29.12
C TYR I 372 13.69 2.49 -28.54
N LEU I 373 14.98 2.79 -28.65
CA LEU I 373 16.02 1.86 -28.24
C LEU I 373 16.92 2.48 -27.18
N LEU I 374 17.39 1.64 -26.27
CA LEU I 374 18.31 2.05 -25.22
C LEU I 374 19.37 0.96 -25.07
N ASN I 375 20.64 1.35 -25.01
CA ASN I 375 21.69 0.37 -24.82
C ASN I 375 21.76 -0.05 -23.35
N ARG I 376 22.34 -1.23 -23.12
CA ARG I 376 22.34 -1.87 -21.81
C ARG I 376 23.71 -1.95 -21.16
N THR I 377 24.69 -2.53 -21.85
CA THR I 377 25.94 -2.92 -21.21
C THR I 377 26.90 -1.75 -21.09
N ASP I 378 27.87 -1.91 -20.19
CA ASP I 378 28.94 -0.95 -19.97
C ASP I 378 30.25 -1.73 -19.86
N GLU I 379 31.37 -1.03 -20.11
CA GLU I 379 32.67 -1.70 -20.11
C GLU I 379 33.14 -2.00 -18.70
N ASN I 380 33.26 -0.99 -17.86
CA ASN I 380 33.73 -1.20 -16.50
C ASN I 380 32.62 -1.78 -15.62
N SER I 381 31.52 -1.04 -15.46
CA SER I 381 30.36 -1.57 -14.76
C SER I 381 29.64 -2.58 -15.66
N GLY I 382 28.90 -3.48 -15.04
CA GLY I 382 28.26 -4.54 -15.79
C GLY I 382 27.11 -4.10 -16.68
N ASP I 383 25.97 -3.74 -16.07
CA ASP I 383 24.77 -3.44 -16.85
C ASP I 383 23.95 -2.30 -16.26
N LEU I 384 24.60 -1.29 -15.67
CA LEU I 384 23.89 -0.28 -14.90
C LEU I 384 22.77 0.42 -15.65
N PRO I 385 22.92 0.85 -16.91
CA PRO I 385 21.82 1.56 -17.58
C PRO I 385 20.53 0.74 -17.60
N THR I 386 19.42 1.41 -17.37
CA THR I 386 18.11 0.79 -17.22
C THR I 386 17.09 1.46 -18.15
N GLN I 387 15.90 0.86 -18.23
CA GLN I 387 14.82 1.32 -19.08
C GLN I 387 14.07 2.52 -18.50
N PRO I 388 13.55 2.45 -17.24
CA PRO I 388 12.68 3.54 -16.76
C PRO I 388 13.41 4.88 -16.65
N LEU I 389 12.65 5.95 -16.45
CA LEU I 389 13.19 7.31 -16.51
C LEU I 389 12.14 8.28 -15.98
N ALA I 390 12.56 9.53 -15.78
CA ALA I 390 11.72 10.57 -15.22
C ALA I 390 11.57 11.72 -16.19
N TYR I 391 10.46 12.44 -16.08
CA TYR I 391 10.15 13.57 -16.95
C TYR I 391 10.09 14.86 -16.14
N TYR I 392 10.20 15.98 -16.85
CA TYR I 392 10.07 17.30 -16.28
C TYR I 392 8.60 17.62 -16.06
N GLU I 393 8.31 18.34 -14.97
CA GLU I 393 6.94 18.66 -14.61
C GLU I 393 6.43 19.84 -15.44
N ASN I 394 5.14 19.79 -15.77
CA ASN I 394 4.52 20.78 -16.63
C ASN I 394 4.41 22.13 -15.93
N PRO I 395 4.40 23.23 -16.68
CA PRO I 395 4.18 24.54 -16.07
C PRO I 395 2.73 24.68 -15.60
N GLU I 396 2.58 25.10 -14.35
CA GLU I 396 1.26 25.21 -13.72
C GLU I 396 1.11 26.57 -13.07
N VAL I 397 -0.07 27.16 -13.23
CA VAL I 397 -0.42 28.40 -12.55
C VAL I 397 -0.84 28.05 -11.13
N PRO I 398 -0.20 28.63 -10.11
CA PRO I 398 -0.47 28.20 -8.73
C PRO I 398 -1.87 28.59 -8.28
N GLN I 399 -2.22 28.09 -7.08
CA GLN I 399 -3.55 28.37 -6.53
C GLN I 399 -3.68 29.81 -6.04
N ALA I 400 -2.62 30.37 -5.47
CA ALA I 400 -2.69 31.73 -4.95
C ALA I 400 -2.94 32.74 -6.06
N ASN I 401 -2.28 32.57 -7.20
CA ASN I 401 -2.46 33.50 -8.32
C ASN I 401 -3.91 33.50 -8.80
N ALA I 402 -4.47 32.31 -9.01
CA ALA I 402 -5.84 32.22 -9.50
C ALA I 402 -6.83 32.76 -8.47
N TYR I 403 -6.63 32.42 -7.20
CA TYR I 403 -7.53 32.88 -6.15
C TYR I 403 -7.52 34.40 -6.05
N MET I 404 -6.33 35.01 -6.10
CA MET I 404 -6.25 36.46 -5.99
C MET I 404 -6.76 37.15 -7.24
N LEU I 405 -6.57 36.54 -8.42
CA LEU I 405 -7.13 37.12 -9.63
C LEU I 405 -8.65 37.14 -9.55
N GLU I 406 -9.25 36.03 -9.13
CA GLU I 406 -10.71 35.99 -9.00
C GLU I 406 -11.19 36.98 -7.94
N ALA I 407 -10.49 37.06 -6.81
CA ALA I 407 -10.91 37.97 -5.74
C ALA I 407 -10.82 39.42 -6.20
N ALA I 408 -9.75 39.79 -6.91
CA ALA I 408 -9.61 41.16 -7.39
C ALA I 408 -10.66 41.49 -8.43
N THR I 409 -10.96 40.54 -9.34
CA THR I 409 -12.02 40.78 -10.31
C THR I 409 -13.36 40.98 -9.63
N SER I 410 -13.66 40.15 -8.63
CA SER I 410 -14.91 40.32 -7.89
C SER I 410 -14.96 41.65 -7.15
N ALA I 411 -13.84 42.06 -6.56
CA ALA I 411 -13.80 43.33 -5.85
C ALA I 411 -14.03 44.50 -6.79
N VAL I 412 -13.46 44.43 -8.01
CA VAL I 412 -13.70 45.49 -8.98
C VAL I 412 -15.16 45.51 -9.42
N LYS I 413 -15.74 44.32 -9.65
CA LYS I 413 -17.15 44.26 -10.02
C LYS I 413 -18.06 44.79 -8.91
N GLU I 414 -17.66 44.64 -7.65
CA GLU I 414 -18.56 44.90 -6.53
C GLU I 414 -18.62 46.37 -6.14
N VAL I 415 -17.56 47.13 -6.40
CA VAL I 415 -17.51 48.52 -5.96
C VAL I 415 -17.76 49.51 -7.10
N ALA I 416 -17.65 49.06 -8.36
CA ALA I 416 -17.84 49.95 -9.51
C ALA I 416 -19.32 50.10 -9.84
N THR I 417 -20.08 50.56 -8.85
CA THR I 417 -21.51 50.79 -9.00
C THR I 417 -21.86 52.14 -8.41
N LEU I 418 -23.00 52.68 -8.87
CA LEU I 418 -23.49 53.97 -8.39
C LEU I 418 -24.87 53.85 -7.74
N GLY I 419 -25.31 52.66 -7.42
CA GLY I 419 -26.60 52.43 -6.84
C GLY I 419 -27.21 51.15 -7.37
N VAL I 420 -28.51 51.01 -7.18
CA VAL I 420 -29.25 49.83 -7.62
C VAL I 420 -29.61 50.00 -9.09
N ASP I 421 -29.69 48.87 -9.79
CA ASP I 421 -29.99 48.85 -11.22
C ASP I 421 -28.99 49.68 -12.01
N ASP I 443 -34.91 54.77 -9.43
CA ASP I 443 -34.94 54.85 -10.88
C ASP I 443 -33.64 54.35 -11.49
N LEU I 444 -32.97 55.21 -12.25
CA LEU I 444 -31.73 54.85 -12.91
C LEU I 444 -30.58 54.81 -11.91
N GLU I 445 -29.42 54.35 -12.38
CA GLU I 445 -28.25 54.25 -11.50
C GLU I 445 -27.50 55.58 -11.41
N THR I 446 -27.76 56.51 -12.33
CA THR I 446 -27.09 57.81 -12.36
C THR I 446 -28.03 58.94 -11.96
N TYR I 447 -28.92 58.71 -10.99
CA TYR I 447 -29.86 59.75 -10.60
C TYR I 447 -29.18 60.90 -9.86
N VAL I 448 -28.20 60.59 -9.00
CA VAL I 448 -27.52 61.64 -8.25
C VAL I 448 -26.71 62.53 -9.19
N PHE I 449 -26.03 61.92 -10.17
CA PHE I 449 -25.31 62.71 -11.16
C PHE I 449 -26.28 63.57 -11.98
N GLN I 450 -27.46 63.03 -12.31
CA GLN I 450 -28.45 63.82 -13.01
C GLN I 450 -28.90 65.02 -12.18
N ASP I 451 -29.09 64.82 -10.87
CA ASP I 451 -29.48 65.93 -10.01
C ASP I 451 -28.39 66.98 -9.93
N ASN I 452 -27.13 66.56 -9.85
CA ASN I 452 -26.02 67.52 -9.83
C ASN I 452 -25.95 68.30 -11.14
N LEU I 453 -26.17 67.62 -12.26
CA LEU I 453 -26.21 68.31 -13.54
C LEU I 453 -27.38 69.28 -13.60
N ALA I 454 -28.52 68.93 -13.01
CA ALA I 454 -29.64 69.85 -12.97
C ALA I 454 -29.32 71.10 -12.16
N THR I 455 -28.62 70.92 -11.03
CA THR I 455 -28.19 72.09 -10.25
C THR I 455 -27.25 72.98 -11.06
N ALA I 456 -26.30 72.37 -11.76
CA ALA I 456 -25.40 73.15 -12.61
C ALA I 456 -26.15 73.88 -13.70
N MET I 457 -27.17 73.23 -14.28
CA MET I 457 -27.96 73.87 -15.32
C MET I 457 -28.76 75.04 -14.76
N ARG I 458 -29.27 74.92 -13.54
CA ARG I 458 -29.95 76.05 -12.90
C ARG I 458 -29.00 77.21 -12.71
N ARG I 459 -27.78 76.94 -12.26
CA ARG I 459 -26.78 78.01 -12.13
C ARG I 459 -26.49 78.66 -13.48
N ASP I 460 -26.35 77.83 -14.53
CA ASP I 460 -26.10 78.36 -15.87
C ASP I 460 -27.26 79.24 -16.33
N GLY I 461 -28.49 78.82 -16.04
CA GLY I 461 -29.64 79.64 -16.40
C GLY I 461 -29.64 80.97 -15.68
N GLU I 462 -29.27 80.97 -14.40
CA GLU I 462 -29.18 82.24 -13.66
C GLU I 462 -28.14 83.16 -14.28
N ILE I 463 -26.96 82.63 -14.60
CA ILE I 463 -25.91 83.44 -15.20
C ILE I 463 -26.36 83.99 -16.55
N TYR I 464 -27.00 83.15 -17.36
CA TYR I 464 -27.47 83.59 -18.67
C TYR I 464 -28.52 84.67 -18.55
N GLN I 465 -29.43 84.53 -17.59
CA GLN I 465 -30.45 85.56 -17.37
C GLN I 465 -29.80 86.88 -17.01
N SER I 466 -28.80 86.85 -16.11
CA SER I 466 -28.12 88.09 -15.74
C SER I 466 -27.43 88.73 -16.94
N ILE I 467 -26.74 87.93 -17.74
CA ILE I 467 -26.03 88.47 -18.91
C ILE I 467 -27.03 89.07 -19.91
N VAL I 468 -28.16 88.39 -20.11
CA VAL I 468 -29.17 88.89 -21.04
C VAL I 468 -29.74 90.22 -20.54
N ASN I 469 -30.03 90.30 -19.24
CA ASN I 469 -30.55 91.55 -18.69
C ASN I 469 -29.54 92.68 -18.81
N ASP I 470 -28.25 92.36 -18.77
CA ASP I 470 -27.26 93.43 -18.84
C ASP I 470 -26.87 93.80 -20.27
N ILE I 471 -27.10 92.92 -21.24
CA ILE I 471 -26.66 93.14 -22.62
C ILE I 471 -27.83 93.37 -23.57
N TYR I 472 -28.73 92.40 -23.66
CA TYR I 472 -29.74 92.38 -24.72
C TYR I 472 -30.79 93.46 -24.48
N ASP I 473 -31.76 93.54 -25.40
CA ASP I 473 -32.89 94.46 -25.30
C ASP I 473 -34.15 93.63 -25.05
N VAL I 474 -34.59 93.56 -23.80
CA VAL I 474 -35.78 92.81 -23.44
C VAL I 474 -36.99 93.74 -23.60
N PRO I 475 -37.96 93.38 -24.45
CA PRO I 475 -39.15 94.22 -24.58
C PRO I 475 -40.06 94.09 -23.37
N ARG I 476 -40.75 95.17 -23.04
CA ARG I 476 -41.71 95.19 -21.94
C ARG I 476 -43.11 95.07 -22.53
N ASN I 477 -43.90 94.15 -21.97
CA ASN I 477 -45.26 93.91 -22.44
C ASN I 477 -46.23 94.82 -21.73
N VAL I 478 -46.99 95.60 -22.49
CA VAL I 478 -47.98 96.52 -21.95
C VAL I 478 -49.23 96.43 -22.79
N THR I 479 -50.40 96.50 -22.14
CA THR I 479 -51.69 96.44 -22.82
C THR I 479 -52.36 97.79 -22.75
N ILE I 480 -52.77 98.30 -23.92
CA ILE I 480 -53.42 99.61 -23.98
C ILE I 480 -54.79 99.55 -23.32
N THR I 481 -55.44 98.38 -23.36
CA THR I 481 -56.79 98.19 -22.83
C THR I 481 -57.78 99.15 -23.47
N LEU I 482 -57.65 99.34 -24.78
CA LEU I 482 -58.57 100.19 -25.51
C LEU I 482 -59.94 99.54 -25.62
N GLU I 483 -60.98 100.37 -25.76
CA GLU I 483 -62.33 99.85 -25.90
C GLU I 483 -62.49 99.10 -27.22
N ASP I 484 -61.87 99.61 -28.30
CA ASP I 484 -61.96 98.93 -29.58
C ASP I 484 -61.09 97.68 -29.62
N GLY I 485 -59.88 97.76 -29.07
CA GLY I 485 -58.98 96.63 -29.08
C GLY I 485 -58.68 96.10 -27.68
N SER I 486 -59.05 94.84 -27.43
CA SER I 486 -58.86 94.22 -26.13
C SER I 486 -57.73 93.22 -26.19
N GLU I 487 -56.86 93.27 -25.17
CA GLU I 487 -55.70 92.39 -25.07
C GLU I 487 -54.80 92.54 -26.30
N LYS I 488 -54.23 93.74 -26.46
CA LYS I 488 -53.27 93.99 -27.52
C LYS I 488 -51.87 94.02 -26.93
N ASP I 489 -51.08 92.99 -27.26
CA ASP I 489 -49.70 92.88 -26.77
C ASP I 489 -48.78 93.66 -27.70
N VAL I 490 -48.60 94.94 -27.37
CA VAL I 490 -47.80 95.83 -28.19
C VAL I 490 -46.33 95.45 -28.22
N GLN I 491 -45.81 94.87 -27.14
CA GLN I 491 -44.39 94.54 -27.00
C GLN I 491 -43.53 95.79 -27.20
N LEU I 492 -43.78 96.77 -26.33
CA LEU I 492 -43.09 98.05 -26.42
C LEU I 492 -41.60 97.88 -26.10
N MET I 493 -40.77 98.58 -26.87
CA MET I 493 -39.33 98.57 -26.71
C MET I 493 -38.85 100.00 -26.56
N ALA I 494 -37.69 100.18 -25.92
CA ALA I 494 -37.16 101.52 -25.68
C ALA I 494 -35.66 101.49 -25.99
N GLU I 495 -35.25 102.22 -27.02
CA GLU I 495 -33.85 102.34 -27.38
C GLU I 495 -33.56 103.78 -27.74
N VAL I 496 -32.40 104.28 -27.31
CA VAL I 496 -31.98 105.66 -27.55
C VAL I 496 -30.55 105.66 -28.06
N VAL I 497 -30.28 106.53 -29.03
CA VAL I 497 -28.95 106.68 -29.59
C VAL I 497 -28.28 107.88 -28.94
N ASP I 498 -26.94 107.87 -28.94
CA ASP I 498 -26.18 108.91 -28.25
C ASP I 498 -26.22 110.23 -29.01
N LEU I 499 -26.47 110.19 -30.31
CA LEU I 499 -26.51 111.37 -31.18
C LEU I 499 -25.14 112.02 -31.29
N ALA I 500 -24.14 111.47 -30.61
CA ALA I 500 -22.75 111.87 -30.75
C ALA I 500 -21.88 110.78 -31.34
N THR I 501 -22.35 109.54 -31.34
CA THR I 501 -21.64 108.42 -31.94
C THR I 501 -22.65 107.42 -32.47
N GLY I 502 -22.21 106.55 -33.37
CA GLY I 502 -23.11 105.59 -33.98
C GLY I 502 -23.55 104.47 -33.06
N GLU I 503 -22.86 104.28 -31.94
CA GLU I 503 -23.19 103.20 -31.02
C GLU I 503 -24.52 103.47 -30.33
N LYS I 504 -25.28 102.39 -30.08
CA LYS I 504 -26.56 102.48 -29.43
C LYS I 504 -26.40 102.37 -27.92
N GLN I 505 -27.51 102.47 -27.20
CA GLN I 505 -27.51 102.35 -25.74
C GLN I 505 -28.77 101.62 -25.31
N VAL I 506 -28.60 100.63 -24.43
CA VAL I 506 -29.70 99.80 -23.96
C VAL I 506 -30.43 100.51 -22.83
N LEU I 507 -31.72 100.23 -22.71
CA LEU I 507 -32.56 100.79 -21.65
C LEU I 507 -33.42 99.67 -21.08
N ASN I 508 -32.98 99.07 -19.98
CA ASN I 508 -33.72 98.02 -19.30
C ASN I 508 -34.18 98.53 -17.93
N ASP I 509 -35.47 98.43 -17.66
CA ASP I 509 -36.01 98.81 -16.37
C ASP I 509 -35.49 97.86 -15.29
N ILE I 510 -35.37 98.39 -14.07
CA ILE I 510 -34.87 97.62 -12.94
C ILE I 510 -36.01 96.85 -12.29
N ARG I 511 -37.21 97.45 -12.31
CA ARG I 511 -38.36 96.83 -11.65
C ARG I 511 -38.73 95.50 -12.29
N GLY I 512 -38.67 95.42 -13.62
CA GLY I 512 -39.09 94.22 -14.31
C GLY I 512 -37.97 93.36 -14.85
N ARG I 513 -36.83 93.34 -14.14
CA ARG I 513 -35.71 92.52 -14.57
C ARG I 513 -35.87 91.07 -14.15
N TYR I 514 -35.94 90.82 -12.84
CA TYR I 514 -36.01 89.47 -12.29
C TYR I 514 -37.47 89.16 -11.98
N GLU I 515 -38.18 88.61 -12.97
CA GLU I 515 -39.57 88.24 -12.80
C GLU I 515 -39.90 86.92 -13.49
N CYS I 516 -38.91 86.03 -13.61
CA CYS I 516 -39.15 84.67 -14.11
C CYS I 516 -38.02 83.79 -13.59
N TYR I 517 -38.39 82.76 -12.83
CA TYR I 517 -37.40 81.89 -12.20
C TYR I 517 -36.97 80.77 -13.14
N THR I 518 -35.80 80.21 -12.86
CA THR I 518 -35.22 79.16 -13.68
C THR I 518 -35.68 77.79 -13.19
N ASP I 519 -35.85 76.88 -14.14
CA ASP I 519 -36.29 75.52 -13.85
C ASP I 519 -35.63 74.58 -14.84
N VAL I 520 -35.64 73.29 -14.51
CA VAL I 520 -34.97 72.26 -15.29
C VAL I 520 -36.02 71.43 -16.00
N GLY I 521 -35.84 71.25 -17.31
CA GLY I 521 -36.76 70.46 -18.10
C GLY I 521 -36.07 69.80 -19.28
N PRO I 522 -36.84 69.16 -20.16
CA PRO I 522 -36.25 68.51 -21.32
C PRO I 522 -35.66 69.52 -22.29
N SER I 523 -34.73 69.04 -23.11
CA SER I 523 -33.96 69.89 -24.01
C SER I 523 -34.60 69.88 -25.39
N PHE I 524 -34.92 71.08 -25.89
CA PHE I 524 -35.43 71.27 -27.25
C PHE I 524 -34.50 72.23 -27.99
N GLN I 525 -34.91 72.60 -29.21
CA GLN I 525 -34.09 73.46 -30.05
C GLN I 525 -34.78 74.73 -30.52
N SER I 526 -36.11 74.79 -30.49
CA SER I 526 -36.81 76.00 -30.92
C SER I 526 -38.12 76.08 -30.17
N MET I 527 -38.70 77.29 -30.12
CA MET I 527 -39.94 77.52 -29.40
C MET I 527 -41.12 76.79 -30.01
N LYS I 528 -41.05 76.38 -31.27
CA LYS I 528 -42.13 75.62 -31.88
C LYS I 528 -42.13 74.17 -31.43
N GLN I 529 -40.96 73.57 -31.24
CA GLN I 529 -40.89 72.20 -30.74
C GLN I 529 -41.43 72.08 -29.33
N GLN I 530 -41.19 73.08 -28.48
CA GLN I 530 -41.74 73.05 -27.12
C GLN I 530 -43.27 73.06 -27.16
N ASN I 531 -43.85 73.92 -27.99
CA ASN I 531 -45.30 73.96 -28.11
C ASN I 531 -45.84 72.66 -28.67
N ARG I 532 -45.15 72.07 -29.65
CA ARG I 532 -45.57 70.80 -30.20
C ARG I 532 -45.56 69.71 -29.13
N ALA I 533 -44.51 69.68 -28.30
CA ALA I 533 -44.43 68.69 -27.24
C ALA I 533 -45.53 68.88 -26.19
N GLU I 534 -45.81 70.14 -25.82
CA GLU I 534 -46.89 70.39 -24.87
C GLU I 534 -48.24 69.98 -25.44
N ILE I 535 -48.48 70.25 -26.73
CA ILE I 535 -49.74 69.84 -27.35
C ILE I 535 -49.85 68.32 -27.38
N LEU I 536 -48.74 67.63 -27.66
CA LEU I 536 -48.76 66.17 -27.63
C LEU I 536 -49.07 65.65 -26.24
N GLU I 537 -48.48 66.26 -25.21
CA GLU I 537 -48.76 65.83 -23.83
C GLU I 537 -50.24 66.05 -23.48
N LEU I 538 -50.78 67.21 -23.85
CA LEU I 538 -52.19 67.48 -23.58
C LEU I 538 -53.10 66.52 -24.33
N LEU I 539 -52.73 66.16 -25.56
CA LEU I 539 -53.48 65.14 -26.30
C LEU I 539 -53.44 63.80 -25.58
N GLY I 540 -52.27 63.42 -25.07
CA GLY I 540 -52.16 62.18 -24.31
C GLY I 540 -53.02 62.18 -23.08
N LYS I 541 -53.12 63.33 -22.40
CA LYS I 541 -53.94 63.42 -21.20
C LYS I 541 -55.42 63.67 -21.48
N THR I 542 -55.78 63.96 -22.72
CA THR I 542 -57.19 64.25 -23.01
C THR I 542 -57.89 63.02 -23.59
N PRO I 543 -59.01 62.62 -23.02
CA PRO I 543 -59.75 61.46 -23.56
C PRO I 543 -60.35 61.76 -24.92
N GLN I 544 -60.53 60.70 -25.70
CA GLN I 544 -61.08 60.84 -27.05
C GLN I 544 -62.57 61.16 -26.99
N GLY I 545 -63.12 61.50 -28.15
CA GLY I 545 -64.53 61.83 -28.25
C GLY I 545 -64.92 63.04 -27.43
N THR I 546 -64.06 64.07 -27.44
CA THR I 546 -64.26 65.26 -26.65
C THR I 546 -63.89 66.46 -27.52
N PRO I 547 -64.62 67.59 -27.38
CA PRO I 547 -64.22 68.78 -28.14
C PRO I 547 -62.79 69.23 -27.87
N GLU I 548 -62.31 69.05 -26.64
CA GLU I 548 -60.93 69.42 -26.32
C GLU I 548 -59.95 68.62 -27.17
N TYR I 549 -60.24 67.33 -27.40
CA TYR I 549 -59.37 66.51 -28.23
C TYR I 549 -59.30 67.06 -29.65
N GLN I 550 -60.44 67.46 -30.21
CA GLN I 550 -60.45 68.02 -31.56
C GLN I 550 -59.68 69.34 -31.61
N LEU I 551 -59.87 70.20 -30.61
CA LEU I 551 -59.13 71.46 -30.57
C LEU I 551 -57.62 71.21 -30.49
N LEU I 552 -57.21 70.24 -29.68
CA LEU I 552 -55.79 69.92 -29.57
C LEU I 552 -55.25 69.35 -30.88
N LEU I 553 -56.04 68.51 -31.56
CA LEU I 553 -55.60 68.00 -32.86
C LEU I 553 -55.40 69.13 -33.86
N LEU I 554 -56.35 70.08 -33.92
CA LEU I 554 -56.21 71.19 -34.84
C LEU I 554 -55.03 72.07 -34.48
N GLN I 555 -54.80 72.30 -33.18
CA GLN I 555 -53.65 73.10 -32.77
C GLN I 555 -52.34 72.41 -33.11
N TYR I 556 -52.26 71.10 -32.97
CA TYR I 556 -51.07 70.37 -33.40
C TYR I 556 -50.89 70.47 -34.91
N PHE I 557 -51.97 70.33 -35.67
CA PHE I 557 -51.87 70.32 -37.13
C PHE I 557 -51.46 71.68 -37.67
N THR I 558 -51.88 72.76 -37.03
CA THR I 558 -51.51 74.09 -37.49
C THR I 558 -50.11 74.52 -37.05
N LEU I 559 -49.29 73.57 -36.58
CA LEU I 559 -47.94 73.88 -36.13
C LEU I 559 -46.85 73.15 -36.92
N LEU I 560 -47.19 72.48 -38.02
CA LEU I 560 -46.19 71.78 -38.79
C LEU I 560 -45.34 72.78 -39.58
N ASP I 561 -44.20 72.28 -40.08
CA ASP I 561 -43.20 73.12 -40.73
C ASP I 561 -43.16 72.91 -42.24
N GLY I 562 -43.14 71.66 -42.70
CA GLY I 562 -42.86 71.38 -44.10
C GLY I 562 -43.88 72.00 -45.03
N LYS I 563 -43.40 72.36 -46.22
CA LYS I 563 -44.28 72.90 -47.25
C LYS I 563 -45.17 71.82 -47.83
N GLY I 564 -44.67 70.58 -47.89
CA GLY I 564 -45.51 69.48 -48.35
C GLY I 564 -46.76 69.32 -47.52
N VAL I 565 -46.64 69.45 -46.21
CA VAL I 565 -47.81 69.51 -45.33
C VAL I 565 -48.25 70.96 -45.16
N GLU I 566 -48.99 71.46 -46.15
CA GLU I 566 -49.63 72.77 -46.09
C GLU I 566 -51.14 72.67 -46.18
N MET I 567 -51.63 71.64 -46.87
CA MET I 567 -53.05 71.37 -46.96
C MET I 567 -53.69 71.30 -45.58
N MET I 568 -53.13 70.47 -44.70
CA MET I 568 -53.74 70.24 -43.41
C MET I 568 -53.57 71.44 -42.49
N ARG I 569 -52.43 72.14 -42.60
CA ARG I 569 -52.25 73.35 -41.82
C ARG I 569 -53.29 74.41 -42.18
N ASP I 570 -53.50 74.63 -43.47
CA ASP I 570 -54.50 75.61 -43.90
C ASP I 570 -55.91 75.16 -43.49
N TYR I 571 -56.21 73.88 -43.64
CA TYR I 571 -57.53 73.38 -43.26
C TYR I 571 -57.77 73.55 -41.76
N ALA I 572 -56.77 73.24 -40.93
CA ALA I 572 -56.91 73.38 -39.50
C ALA I 572 -57.07 74.83 -39.10
N ASN I 573 -56.30 75.73 -39.72
CA ASN I 573 -56.45 77.15 -39.42
C ASN I 573 -57.85 77.64 -39.79
N LYS I 574 -58.35 77.22 -40.95
CA LYS I 574 -59.69 77.62 -41.37
C LYS I 574 -60.75 77.11 -40.40
N GLN I 575 -60.63 75.85 -39.98
CA GLN I 575 -61.60 75.29 -39.04
C GLN I 575 -61.56 76.02 -37.70
N LEU I 576 -60.35 76.27 -37.19
CA LEU I 576 -60.22 76.97 -35.92
C LEU I 576 -60.81 78.37 -35.99
N ILE I 577 -60.60 79.07 -37.10
CA ILE I 577 -61.15 80.42 -37.23
C ILE I 577 -62.67 80.37 -37.36
N GLN I 578 -63.19 79.41 -38.13
CA GLN I 578 -64.63 79.33 -38.35
C GLN I 578 -65.38 78.87 -37.10
N MET I 579 -64.75 78.12 -36.20
CA MET I 579 -65.39 77.76 -34.95
C MET I 579 -65.38 78.89 -33.93
N GLY I 580 -64.71 80.01 -34.23
CA GLY I 580 -64.67 81.14 -33.33
C GLY I 580 -63.68 81.02 -32.19
N VAL I 581 -62.93 79.93 -32.12
CA VAL I 581 -61.98 79.74 -31.03
C VAL I 581 -60.81 80.70 -31.15
N LYS I 582 -60.31 80.91 -32.37
CA LYS I 582 -59.21 81.82 -32.62
C LYS I 582 -59.75 83.18 -33.07
N LYS I 583 -58.85 84.07 -33.45
CA LYS I 583 -59.23 85.40 -33.91
C LYS I 583 -58.56 85.71 -35.23
N PRO I 584 -59.31 86.23 -36.21
CA PRO I 584 -58.74 86.49 -37.53
C PRO I 584 -57.68 87.58 -37.49
N GLU I 585 -56.66 87.44 -38.34
CA GLU I 585 -55.61 88.44 -38.48
C GLU I 585 -55.58 89.05 -39.89
N THR I 586 -55.43 88.21 -40.93
CA THR I 586 -55.36 88.69 -42.30
C THR I 586 -56.76 88.78 -42.90
N PRO I 587 -56.96 89.65 -43.90
CA PRO I 587 -58.34 89.89 -44.40
C PRO I 587 -59.07 88.64 -44.85
N GLU I 588 -58.35 87.66 -45.42
CA GLU I 588 -58.99 86.39 -45.75
C GLU I 588 -59.55 85.70 -44.52
N GLU I 589 -58.93 85.93 -43.36
CA GLU I 589 -59.40 85.29 -42.13
C GLU I 589 -60.72 85.89 -41.66
N GLN I 590 -60.84 87.23 -41.70
CA GLN I 590 -62.14 87.83 -41.42
C GLN I 590 -63.18 87.45 -42.47
N GLN I 591 -62.73 87.25 -43.72
CA GLN I 591 -63.65 86.76 -44.74
C GLN I 591 -64.20 85.39 -44.37
N TRP I 592 -63.32 84.49 -43.92
CA TRP I 592 -63.75 83.17 -43.47
C TRP I 592 -64.71 83.29 -42.29
N LEU I 593 -64.40 84.17 -41.34
CA LEU I 593 -65.25 84.32 -40.16
C LEU I 593 -66.63 84.83 -40.53
N VAL I 594 -66.72 85.84 -41.41
CA VAL I 594 -68.02 86.37 -41.78
C VAL I 594 -68.79 85.37 -42.63
N GLU I 595 -68.08 84.59 -43.45
CA GLU I 595 -68.75 83.53 -44.20
C GLU I 595 -69.35 82.50 -43.28
N ALA I 596 -68.62 82.10 -42.24
CA ALA I 596 -69.15 81.16 -41.25
C ALA I 596 -70.34 81.76 -40.52
N GLN I 597 -70.26 83.05 -40.19
CA GLN I 597 -71.37 83.72 -39.50
C GLN I 597 -72.63 83.71 -40.36
N GLN I 598 -72.48 84.02 -41.66
CA GLN I 598 -73.63 83.99 -42.55
C GLN I 598 -74.17 82.58 -42.71
N ALA I 599 -73.29 81.58 -42.79
CA ALA I 599 -73.75 80.21 -42.99
C ALA I 599 -74.45 79.67 -41.74
N LYS I 600 -74.08 80.18 -40.56
CA LYS I 600 -74.65 79.66 -39.33
C LYS I 600 -76.16 79.94 -39.25
N GLN I 601 -76.59 81.13 -39.64
CA GLN I 601 -78.00 81.50 -39.48
C GLN I 601 -78.90 80.72 -40.43
N GLY I 602 -78.32 80.09 -41.46
CA GLY I 602 -79.15 79.37 -42.42
C GLY I 602 -79.76 78.10 -41.85
N GLN I 603 -79.12 77.52 -40.85
CA GLN I 603 -79.59 76.25 -40.29
C GLN I 603 -80.92 76.44 -39.56
N GLN I 604 -81.84 75.50 -39.77
CA GLN I 604 -83.16 75.52 -39.15
C GLN I 604 -83.50 74.12 -38.64
N ASP I 605 -84.08 74.05 -37.46
CA ASP I 605 -84.48 72.77 -36.90
C ASP I 605 -85.87 72.38 -37.41
N PRO I 606 -86.02 71.22 -38.04
CA PRO I 606 -87.35 70.84 -38.56
C PRO I 606 -88.40 70.71 -37.47
N ALA I 607 -88.01 70.19 -36.29
CA ALA I 607 -88.95 70.07 -35.19
C ALA I 607 -89.47 71.41 -34.74
N MET I 608 -88.60 72.43 -34.71
CA MET I 608 -89.04 73.78 -34.36
C MET I 608 -90.09 74.28 -35.34
N VAL I 609 -89.86 74.07 -36.64
CA VAL I 609 -90.80 74.55 -37.65
C VAL I 609 -92.14 73.83 -37.52
N GLN I 610 -92.11 72.50 -37.30
CA GLN I 610 -93.35 71.75 -37.14
C GLN I 610 -94.11 72.20 -35.90
N ALA I 611 -93.39 72.42 -34.79
CA ALA I 611 -94.04 72.90 -33.58
C ALA I 611 -94.63 74.29 -33.78
N GLN I 612 -93.92 75.16 -34.51
CA GLN I 612 -94.47 76.48 -34.83
C GLN I 612 -95.74 76.37 -35.65
N GLY I 613 -95.76 75.44 -36.62
CA GLY I 613 -96.98 75.22 -37.38
C GLY I 613 -98.14 74.77 -36.51
N VAL I 614 -97.87 73.86 -35.57
CA VAL I 614 -98.91 73.40 -34.65
C VAL I 614 -99.42 74.55 -33.80
N LEU I 615 -98.51 75.39 -33.29
CA LEU I 615 -98.91 76.54 -32.48
C LEU I 615 -99.74 77.52 -33.30
N LEU I 616 -99.36 77.73 -34.57
CA LEU I 616 -100.15 78.62 -35.42
C LEU I 616 -101.54 78.05 -35.66
N GLN I 617 -101.65 76.73 -35.83
CA GLN I 617 -102.96 76.11 -35.97
C GLN I 617 -103.80 76.32 -34.71
N GLY I 618 -103.19 76.17 -33.53
CA GLY I 618 -103.92 76.42 -32.30
C GLY I 618 -104.37 77.86 -32.16
N GLN I 619 -103.48 78.80 -32.51
CA GLN I 619 -103.83 80.22 -32.46
C GLN I 619 -104.97 80.53 -33.42
N ALA I 620 -104.94 79.94 -34.61
CA ALA I 620 -106.04 80.10 -35.55
C ALA I 620 -107.35 79.52 -35.02
N GLU I 621 -107.29 78.39 -34.32
CA GLU I 621 -108.49 77.84 -33.71
C GLU I 621 -109.05 78.78 -32.65
N LEU I 622 -108.17 79.37 -31.83
CA LEU I 622 -108.62 80.34 -30.84
C LEU I 622 -109.24 81.56 -31.51
N ALA I 623 -108.63 82.03 -32.60
CA ALA I 623 -109.19 83.15 -33.35
C ALA I 623 -110.56 82.80 -33.91
N LYS I 624 -110.72 81.56 -34.38
CA LYS I 624 -112.03 81.10 -34.86
C LYS I 624 -113.06 81.11 -33.74
N ALA I 625 -112.66 80.69 -32.54
CA ALA I 625 -113.59 80.73 -31.41
C ALA I 625 -113.99 82.17 -31.08
N GLN I 626 -113.01 83.08 -31.05
CA GLN I 626 -113.33 84.48 -30.78
C GLN I 626 -114.22 85.07 -31.86
N ASN I 627 -114.02 84.64 -33.12
CA ASN I 627 -114.90 85.06 -34.20
C ASN I 627 -116.29 84.51 -34.02
N GLN I 628 -116.41 83.27 -33.52
CA GLN I 628 -117.71 82.69 -33.27
C GLN I 628 -118.45 83.47 -32.18
N THR I 629 -117.71 83.99 -31.20
CA THR I 629 -118.34 84.86 -30.19
C THR I 629 -119.00 86.07 -30.85
N LEU I 630 -118.28 86.76 -31.73
CA LEU I 630 -118.85 87.92 -32.41
C LEU I 630 -119.99 87.51 -33.33
N SER I 631 -119.91 86.31 -33.92
CA SER I 631 -121.01 85.81 -34.73
C SER I 631 -122.27 85.63 -33.89
N LEU I 632 -122.10 85.14 -32.65
CA LEU I 632 -123.24 85.08 -31.74
C LEU I 632 -123.76 86.47 -31.42
N GLN I 633 -122.84 87.43 -31.22
CA GLN I 633 -123.26 88.79 -30.88
C GLN I 633 -124.12 89.40 -31.99
N ILE I 634 -123.82 89.07 -33.24
CA ILE I 634 -124.53 89.61 -34.41
C ILE I 634 -124.47 91.13 -34.43
N ASN J 6 9.40 83.60 -47.05
CA ASN J 6 8.82 84.09 -45.81
C ASN J 6 7.47 83.43 -45.54
N ARG J 7 6.57 83.52 -46.52
CA ARG J 7 5.26 82.87 -46.42
C ARG J 7 5.42 81.36 -46.30
N LEU J 8 6.28 80.77 -47.13
CA LEU J 8 6.50 79.34 -47.08
C LEU J 8 7.07 78.91 -45.73
N GLU J 9 7.99 79.72 -45.18
CA GLU J 9 8.56 79.40 -43.87
C GLU J 9 7.50 79.39 -42.79
N SER J 10 6.59 80.38 -42.79
CA SER J 10 5.53 80.42 -41.79
C SER J 10 4.59 79.24 -41.95
N ILE J 11 4.22 78.90 -43.19
CA ILE J 11 3.34 77.77 -43.43
C ILE J 11 3.97 76.48 -42.92
N LEU J 12 5.25 76.29 -43.23
CA LEU J 12 5.95 75.08 -42.78
C LEU J 12 6.10 75.05 -41.27
N SER J 13 6.31 76.21 -40.63
CA SER J 13 6.39 76.23 -39.18
C SER J 13 5.06 75.82 -38.54
N ARG J 14 3.95 76.36 -39.05
CA ARG J 14 2.64 75.95 -38.55
C ARG J 14 2.41 74.46 -38.75
N PHE J 15 2.76 73.95 -39.94
CA PHE J 15 2.55 72.54 -40.23
C PHE J 15 3.41 71.65 -39.33
N ASP J 16 4.66 72.05 -39.09
CA ASP J 16 5.53 71.25 -38.22
C ASP J 16 5.01 71.24 -36.80
N ALA J 17 4.55 72.39 -36.29
CA ALA J 17 3.99 72.42 -34.95
C ALA J 17 2.75 71.53 -34.86
N ASP J 18 1.87 71.60 -35.86
CA ASP J 18 0.66 70.77 -35.84
C ASP J 18 1.00 69.29 -35.94
N TRP J 19 2.00 68.95 -36.74
CA TRP J 19 2.38 67.55 -36.91
C TRP J 19 3.00 66.98 -35.63
N THR J 20 3.88 67.74 -34.98
CA THR J 20 4.54 67.21 -33.80
C THR J 20 3.64 67.30 -32.56
N ALA J 21 2.59 68.10 -32.61
CA ALA J 21 1.70 68.21 -31.47
C ALA J 21 0.77 67.02 -31.31
N SER J 22 0.57 66.22 -32.37
CA SER J 22 -0.38 65.11 -32.36
C SER J 22 0.25 63.85 -32.94
N ASP J 23 1.44 63.51 -32.45
CA ASP J 23 2.17 62.36 -33.00
C ASP J 23 1.73 61.04 -32.38
N GLU J 24 1.59 60.99 -31.05
CA GLU J 24 1.25 59.73 -30.38
C GLU J 24 -0.12 59.22 -30.81
N ALA J 25 -1.10 60.11 -30.91
CA ALA J 25 -2.44 59.69 -31.31
C ALA J 25 -2.44 59.14 -32.73
N ARG J 26 -1.73 59.80 -33.65
CA ARG J 26 -1.65 59.30 -35.01
C ARG J 26 -0.95 57.95 -35.08
N ARG J 27 0.14 57.78 -34.33
CA ARG J 27 0.84 56.51 -34.33
C ARG J 27 -0.05 55.39 -33.80
N GLU J 28 -0.78 55.65 -32.71
CA GLU J 28 -1.67 54.64 -32.17
C GLU J 28 -2.83 54.33 -33.12
N ALA J 29 -3.38 55.33 -33.79
CA ALA J 29 -4.46 55.08 -34.74
C ALA J 29 -3.96 54.24 -35.92
N LYS J 30 -2.77 54.55 -36.44
CA LYS J 30 -2.21 53.76 -37.52
C LYS J 30 -1.95 52.32 -37.08
N ASN J 31 -1.43 52.15 -35.86
CA ASN J 31 -1.20 50.81 -35.33
C ASN J 31 -2.52 50.04 -35.23
N ASP J 32 -3.57 50.71 -34.75
CA ASP J 32 -4.87 50.05 -34.63
C ASP J 32 -5.42 49.65 -35.99
N LEU J 33 -5.30 50.54 -36.98
CA LEU J 33 -5.78 50.22 -38.32
C LEU J 33 -5.04 49.03 -38.91
N PHE J 34 -3.70 49.02 -38.77
CA PHE J 34 -2.92 47.92 -39.30
C PHE J 34 -3.23 46.62 -38.58
N PHE J 35 -3.44 46.67 -37.26
CA PHE J 35 -3.76 45.46 -36.50
C PHE J 35 -5.14 44.92 -36.89
N SER J 36 -6.11 45.81 -37.10
CA SER J 36 -7.47 45.36 -37.39
C SER J 36 -7.63 44.88 -38.82
N ARG J 37 -6.93 45.50 -39.78
CA ARG J 37 -7.19 45.23 -41.19
C ARG J 37 -6.23 44.22 -41.81
N VAL J 38 -4.92 44.46 -41.72
CA VAL J 38 -3.98 43.65 -42.49
C VAL J 38 -3.63 42.37 -41.74
N SER J 39 -3.03 42.48 -40.56
CA SER J 39 -2.55 41.32 -39.83
C SER J 39 -2.48 41.66 -38.35
N GLN J 40 -2.26 40.64 -37.52
CA GLN J 40 -2.28 40.80 -36.08
C GLN J 40 -0.94 40.42 -35.44
N TRP J 41 0.11 40.30 -36.24
CA TRP J 41 1.45 39.98 -35.74
C TRP J 41 2.34 41.18 -36.08
N ASP J 42 2.39 42.15 -35.17
CA ASP J 42 3.09 43.41 -35.41
C ASP J 42 4.56 43.27 -35.05
N ASP J 43 5.20 42.26 -35.65
CA ASP J 43 6.62 41.99 -35.42
C ASP J 43 7.40 42.10 -36.71
N TRP J 44 7.02 43.02 -37.59
CA TRP J 44 7.75 43.21 -38.85
C TRP J 44 9.20 43.57 -38.58
N LEU J 45 9.45 44.37 -37.55
CA LEU J 45 10.80 44.67 -37.12
C LEU J 45 11.39 43.46 -36.39
N SER J 46 12.66 43.18 -36.66
CA SER J 46 13.42 42.08 -36.04
C SER J 46 12.84 40.72 -36.36
N GLN J 47 12.14 40.58 -37.48
CA GLN J 47 11.64 39.28 -37.93
C GLN J 47 12.67 38.66 -38.86
N TYR J 48 12.28 37.56 -39.54
CA TYR J 48 13.06 36.86 -40.55
C TYR J 48 14.35 36.24 -40.00
N THR J 49 14.60 36.33 -38.70
CA THR J 49 15.78 35.67 -38.14
C THR J 49 15.61 34.16 -38.14
N THR J 50 14.38 33.68 -37.96
CA THR J 50 14.07 32.26 -38.01
C THR J 50 12.60 32.10 -38.39
N LEU J 51 12.23 30.90 -38.82
CA LEU J 51 10.88 30.61 -39.26
C LEU J 51 10.22 29.67 -38.27
N GLN J 52 9.07 30.11 -37.73
CA GLN J 52 8.32 29.32 -36.77
C GLN J 52 6.83 29.49 -37.05
N TYR J 53 6.02 28.66 -36.41
CA TYR J 53 4.59 28.74 -36.58
C TYR J 53 4.05 30.01 -35.92
N ARG J 54 3.20 30.72 -36.64
CA ARG J 54 2.59 31.96 -36.15
C ARG J 54 1.13 32.00 -36.61
N GLY J 55 0.23 31.50 -35.77
CA GLY J 55 -1.17 31.45 -36.13
C GLY J 55 -1.89 32.76 -35.92
N GLN J 56 -3.13 32.84 -36.41
CA GLN J 56 -3.98 34.04 -36.25
C GLN J 56 -5.42 33.56 -36.03
N PHE J 57 -5.80 33.42 -34.77
CA PHE J 57 -7.13 32.96 -34.39
C PHE J 57 -7.87 34.15 -33.80
N ASP J 58 -8.53 34.92 -34.67
CA ASP J 58 -9.11 36.20 -34.28
C ASP J 58 -10.45 36.01 -33.60
N VAL J 59 -10.76 36.91 -32.67
CA VAL J 59 -12.01 36.86 -31.90
C VAL J 59 -12.63 38.24 -31.86
N VAL J 60 -11.94 39.25 -32.39
CA VAL J 60 -12.40 40.63 -32.27
C VAL J 60 -13.09 41.13 -33.54
N ARG J 61 -12.81 40.54 -34.70
CA ARG J 61 -13.42 40.96 -35.96
C ARG J 61 -14.94 40.86 -35.95
N PRO J 62 -15.54 39.80 -35.39
CA PRO J 62 -17.01 39.77 -35.32
C PRO J 62 -17.62 40.95 -34.57
N VAL J 63 -16.95 41.45 -33.53
CA VAL J 63 -17.48 42.59 -32.79
C VAL J 63 -17.51 43.82 -33.69
N VAL J 64 -16.42 44.07 -34.43
CA VAL J 64 -16.38 45.21 -35.34
C VAL J 64 -17.44 45.06 -36.43
N ARG J 65 -17.60 43.85 -36.96
CA ARG J 65 -18.61 43.63 -37.99
C ARG J 65 -20.01 43.89 -37.45
N LYS J 66 -20.29 43.42 -36.23
CA LYS J 66 -21.60 43.66 -35.64
C LYS J 66 -21.84 45.15 -35.42
N LEU J 67 -20.82 45.87 -34.94
CA LEU J 67 -21.00 47.30 -34.69
C LEU J 67 -21.23 48.07 -35.99
N VAL J 68 -20.47 47.76 -37.04
CA VAL J 68 -20.65 48.48 -38.29
C VAL J 68 -22.00 48.14 -38.92
N SER J 69 -22.43 46.88 -38.81
CA SER J 69 -23.75 46.52 -39.33
C SER J 69 -24.86 47.24 -38.55
N GLU J 70 -24.69 47.37 -37.23
CA GLU J 70 -25.68 48.09 -36.43
C GLU J 70 -25.73 49.56 -36.80
N MET J 71 -24.57 50.20 -37.00
CA MET J 71 -24.55 51.61 -37.37
C MET J 71 -24.96 51.86 -38.80
N ARG J 72 -24.91 50.85 -39.66
CA ARG J 72 -25.37 51.02 -41.03
C ARG J 72 -26.88 50.91 -41.15
N GLN J 73 -27.53 50.24 -40.20
CA GLN J 73 -28.98 50.06 -40.25
C GLN J 73 -29.75 51.33 -39.90
N ASN J 74 -29.06 52.37 -39.40
CA ASN J 74 -29.72 53.60 -38.96
C ASN J 74 -29.07 54.77 -39.67
N PRO J 75 -29.47 55.06 -40.90
CA PRO J 75 -28.90 56.20 -41.63
C PRO J 75 -29.27 57.52 -40.96
N ILE J 76 -28.37 58.49 -41.12
CA ILE J 76 -28.54 59.82 -40.53
C ILE J 76 -28.19 60.86 -41.58
N ASP J 77 -29.04 61.88 -41.69
CA ASP J 77 -28.85 62.94 -42.67
C ASP J 77 -29.29 64.26 -42.03
N VAL J 78 -28.98 65.37 -42.69
CA VAL J 78 -29.22 66.71 -42.17
C VAL J 78 -30.61 67.16 -42.56
N LEU J 79 -31.37 67.65 -41.58
CA LEU J 79 -32.71 68.17 -41.79
C LEU J 79 -32.72 69.65 -41.44
N TYR J 80 -33.07 70.50 -42.41
CA TYR J 80 -33.14 71.93 -42.20
C TYR J 80 -34.55 72.30 -41.78
N ARG J 81 -34.66 73.10 -40.71
CA ARG J 81 -35.95 73.56 -40.23
C ARG J 81 -35.97 75.08 -40.14
N PRO J 82 -37.10 75.71 -40.44
CA PRO J 82 -37.16 77.18 -40.38
C PRO J 82 -37.03 77.69 -38.95
N LYS J 83 -36.44 78.87 -38.82
CA LYS J 83 -36.34 79.50 -37.51
C LYS J 83 -37.73 79.87 -37.01
N ASP J 84 -37.85 80.05 -35.69
CA ASP J 84 -39.16 80.28 -35.09
C ASP J 84 -39.82 81.55 -35.59
N GLY J 85 -39.04 82.63 -35.76
CA GLY J 85 -39.61 83.88 -36.25
C GLY J 85 -39.82 83.94 -37.73
N ALA J 86 -39.33 82.96 -38.48
CA ALA J 86 -39.42 82.99 -39.94
C ALA J 86 -40.71 82.31 -40.41
N ARG J 87 -40.88 82.24 -41.72
CA ARG J 87 -42.04 81.63 -42.32
C ARG J 87 -41.99 80.12 -42.14
N PRO J 88 -43.14 79.44 -42.22
CA PRO J 88 -43.13 77.97 -42.07
C PRO J 88 -42.33 77.25 -43.16
N ASP J 89 -42.23 77.84 -44.35
CA ASP J 89 -41.62 77.17 -45.51
C ASP J 89 -40.24 77.66 -45.92
N ALA J 90 -39.41 78.07 -44.97
CA ALA J 90 -38.21 78.80 -45.25
C ALA J 90 -37.09 77.91 -45.70
N ALA J 91 -37.28 76.62 -45.56
CA ALA J 91 -36.18 75.68 -45.62
C ALA J 91 -36.45 74.61 -46.60
N ASP J 92 -37.26 74.93 -47.60
CA ASP J 92 -37.68 73.94 -48.52
C ASP J 92 -36.98 74.10 -49.82
N VAL J 93 -36.40 75.26 -50.06
CA VAL J 93 -35.69 75.45 -51.29
C VAL J 93 -34.27 74.97 -51.14
N LEU J 94 -33.76 75.16 -49.94
CA LEU J 94 -32.46 74.71 -49.47
C LEU J 94 -32.45 73.20 -49.24
N MET J 95 -33.54 72.67 -48.67
CA MET J 95 -33.64 71.23 -48.48
C MET J 95 -33.67 70.50 -49.81
N GLY J 96 -34.39 71.02 -50.80
CA GLY J 96 -34.37 70.41 -52.12
C GLY J 96 -32.99 70.40 -52.73
N MET J 97 -32.26 71.52 -52.57
CA MET J 97 -30.89 71.58 -53.07
C MET J 97 -30.00 70.56 -52.37
N TYR J 98 -30.15 70.42 -51.04
CA TYR J 98 -29.35 69.46 -50.30
C TYR J 98 -29.65 68.03 -50.77
N ARG J 99 -30.94 67.72 -50.98
CA ARG J 99 -31.30 66.39 -51.46
C ARG J 99 -30.73 66.14 -52.85
N THR J 100 -30.77 67.15 -53.73
CA THR J 100 -30.22 66.97 -55.07
C THR J 100 -28.72 66.77 -55.03
N ASP J 101 -28.00 67.52 -54.20
CA ASP J 101 -26.54 67.46 -54.20
C ASP J 101 -26.02 66.17 -53.59
N MET J 102 -26.56 65.76 -52.44
CA MET J 102 -26.03 64.63 -51.69
C MET J 102 -26.86 63.35 -51.89
N ARG J 103 -27.35 63.13 -53.11
CA ARG J 103 -28.12 61.92 -53.40
C ARG J 103 -27.28 60.81 -54.00
N HIS J 104 -26.17 61.14 -54.64
CA HIS J 104 -25.40 60.17 -55.41
C HIS J 104 -24.67 59.21 -54.46
N ASN J 105 -23.91 58.30 -55.05
CA ASN J 105 -23.24 57.25 -54.27
C ASN J 105 -22.04 57.78 -53.51
N THR J 106 -21.44 58.88 -53.96
CA THR J 106 -20.21 59.36 -53.35
C THR J 106 -20.43 59.75 -51.89
N ALA J 107 -21.53 60.44 -51.59
CA ALA J 107 -21.79 60.87 -50.23
C ALA J 107 -21.97 59.67 -49.30
N LYS J 108 -22.76 58.69 -49.73
CA LYS J 108 -22.99 57.50 -48.92
C LYS J 108 -21.68 56.73 -48.70
N ILE J 109 -20.87 56.61 -49.74
CA ILE J 109 -19.60 55.90 -49.60
C ILE J 109 -18.68 56.63 -48.63
N ALA J 110 -18.63 57.97 -48.72
CA ALA J 110 -17.77 58.73 -47.81
C ALA J 110 -18.23 58.57 -46.37
N VAL J 111 -19.55 58.65 -46.13
CA VAL J 111 -20.06 58.50 -44.77
C VAL J 111 -19.77 57.10 -44.25
N ASN J 112 -19.95 56.07 -45.08
CA ASN J 112 -19.68 54.71 -44.64
C ASN J 112 -18.21 54.50 -44.32
N ILE J 113 -17.31 55.05 -45.14
CA ILE J 113 -15.88 54.95 -44.87
C ILE J 113 -15.55 55.63 -43.55
N ALA J 114 -16.10 56.83 -43.32
CA ALA J 114 -15.84 57.54 -42.07
C ALA J 114 -16.35 56.75 -40.87
N VAL J 115 -17.53 56.15 -40.98
CA VAL J 115 -18.10 55.40 -39.87
C VAL J 115 -17.25 54.17 -39.57
N ARG J 116 -16.84 53.44 -40.61
CA ARG J 116 -16.01 52.25 -40.38
C ARG J 116 -14.67 52.64 -39.75
N GLU J 117 -14.06 53.72 -40.23
CA GLU J 117 -12.81 54.18 -39.62
C GLU J 117 -13.02 54.54 -38.16
N GLN J 118 -14.05 55.32 -37.87
CA GLN J 118 -14.32 55.72 -36.49
C GLN J 118 -14.52 54.51 -35.59
N ILE J 119 -15.18 53.47 -36.09
CA ILE J 119 -15.35 52.26 -35.29
C ILE J 119 -14.00 51.58 -35.06
N GLU J 120 -13.17 51.49 -36.09
CA GLU J 120 -11.89 50.78 -35.93
C GLU J 120 -10.87 51.65 -35.20
N ALA J 121 -10.50 52.78 -35.77
CA ALA J 121 -9.57 53.73 -35.15
C ALA J 121 -10.27 55.07 -35.03
N GLY J 122 -10.39 55.58 -33.81
CA GLY J 122 -11.37 56.61 -33.55
C GLY J 122 -11.11 57.96 -34.17
N VAL J 123 -11.16 58.02 -35.49
CA VAL J 123 -11.08 59.28 -36.24
C VAL J 123 -11.52 59.02 -37.67
N GLY J 124 -12.19 60.00 -38.28
CA GLY J 124 -12.60 59.92 -39.67
C GLY J 124 -13.04 61.28 -40.15
N ALA J 125 -13.05 61.44 -41.48
CA ALA J 125 -13.39 62.73 -42.06
C ALA J 125 -13.82 62.54 -43.50
N TRP J 126 -14.44 63.58 -44.06
CA TRP J 126 -14.82 63.62 -45.46
C TRP J 126 -14.92 65.07 -45.89
N ARG J 127 -14.55 65.35 -47.13
CA ARG J 127 -14.41 66.72 -47.63
C ARG J 127 -15.55 67.06 -48.58
N LEU J 128 -15.90 68.34 -48.60
CA LEU J 128 -16.91 68.88 -49.51
C LEU J 128 -16.22 69.67 -50.61
N VAL J 129 -16.52 69.34 -51.86
CA VAL J 129 -15.88 69.96 -53.02
C VAL J 129 -16.95 70.43 -53.99
N THR J 130 -16.78 71.66 -54.49
CA THR J 130 -17.61 72.19 -55.54
C THR J 130 -16.96 71.96 -56.90
N ASP J 131 -17.75 72.11 -57.96
CA ASP J 131 -17.27 71.82 -59.29
C ASP J 131 -18.10 72.56 -60.32
N TYR J 132 -17.75 72.36 -61.59
CA TYR J 132 -18.47 72.94 -62.72
C TYR J 132 -19.14 71.83 -63.51
N GLU J 133 -20.41 72.02 -63.84
CA GLU J 133 -21.17 71.05 -64.63
C GLU J 133 -22.24 71.77 -65.43
N ASP J 134 -22.41 71.35 -66.69
CA ASP J 134 -23.37 71.97 -67.59
C ASP J 134 -24.50 71.05 -68.03
N GLN J 135 -24.31 69.74 -67.97
CA GLN J 135 -25.34 68.82 -68.44
C GLN J 135 -26.51 68.74 -67.48
N SER J 136 -26.26 68.75 -66.18
CA SER J 136 -27.31 68.67 -65.17
C SER J 136 -26.88 69.43 -63.92
N PRO J 137 -26.90 70.77 -63.98
CA PRO J 137 -26.56 71.56 -62.81
C PRO J 137 -27.69 71.55 -61.79
N THR J 138 -27.35 71.89 -60.54
CA THR J 138 -28.34 71.88 -59.47
C THR J 138 -29.19 73.15 -59.49
N SER J 139 -28.55 74.30 -59.23
CA SER J 139 -29.20 75.60 -59.39
C SER J 139 -28.45 76.47 -60.39
N ASN J 140 -27.17 76.71 -60.17
CA ASN J 140 -26.31 77.40 -61.11
C ASN J 140 -25.35 76.37 -61.71
N ASN J 141 -24.41 76.83 -62.52
CA ASN J 141 -23.47 75.94 -63.18
C ASN J 141 -22.39 75.47 -62.20
N GLN J 142 -22.86 74.96 -61.06
CA GLN J 142 -22.00 74.37 -60.06
C GLN J 142 -22.76 73.23 -59.37
N VAL J 143 -22.00 72.25 -58.89
CA VAL J 143 -22.56 71.14 -58.13
C VAL J 143 -21.66 70.89 -56.93
N ILE J 144 -22.28 70.60 -55.79
CA ILE J 144 -21.57 70.30 -54.55
C ILE J 144 -21.59 68.80 -54.32
N ARG J 145 -20.42 68.23 -54.05
CA ARG J 145 -20.31 66.80 -53.82
C ARG J 145 -19.37 66.54 -52.65
N ARG J 146 -19.65 65.47 -51.92
CA ARG J 146 -18.74 65.01 -50.88
C ARG J 146 -17.57 64.26 -51.51
N GLU J 147 -16.55 64.02 -50.70
CA GLU J 147 -15.38 63.27 -51.13
C GLU J 147 -14.80 62.52 -49.95
N PRO J 148 -14.35 61.28 -50.14
CA PRO J 148 -13.84 60.50 -49.02
C PRO J 148 -12.35 60.69 -48.80
N ILE J 149 -11.96 60.66 -47.53
CA ILE J 149 -10.56 60.68 -47.12
C ILE J 149 -10.27 59.33 -46.47
N HIS J 150 -9.33 58.59 -47.06
CA HIS J 150 -9.23 57.16 -46.76
C HIS J 150 -8.35 56.87 -45.55
N SER J 151 -7.62 57.87 -45.05
CA SER J 151 -6.88 57.74 -43.79
C SER J 151 -6.91 59.09 -43.10
N ALA J 152 -7.91 59.30 -42.25
CA ALA J 152 -8.00 60.57 -41.52
C ALA J 152 -7.05 60.62 -40.34
N CYS J 153 -6.43 59.50 -39.98
CA CYS J 153 -5.49 59.50 -38.86
C CYS J 153 -4.27 60.35 -39.17
N SER J 154 -3.73 60.22 -40.38
CA SER J 154 -2.47 60.87 -40.73
C SER J 154 -2.56 61.83 -41.91
N HIS J 155 -3.53 61.66 -42.80
CA HIS J 155 -3.61 62.53 -43.97
C HIS J 155 -4.19 63.90 -43.64
N VAL J 156 -5.08 63.97 -42.66
CA VAL J 156 -5.70 65.22 -42.25
C VAL J 156 -5.08 65.67 -40.94
N ILE J 157 -4.57 66.90 -40.92
CA ILE J 157 -3.89 67.45 -39.75
C ILE J 157 -4.59 68.76 -39.40
N TRP J 158 -5.11 68.84 -38.18
CA TRP J 158 -5.87 70.00 -37.74
C TRP J 158 -4.96 70.96 -36.97
N ASP J 159 -5.53 72.10 -36.58
CA ASP J 159 -4.81 73.06 -35.78
C ASP J 159 -4.61 72.53 -34.36
N SER J 160 -3.41 72.75 -33.82
CA SER J 160 -3.10 72.26 -32.49
C SER J 160 -3.84 73.00 -31.39
N ASN J 161 -4.35 74.20 -31.68
CA ASN J 161 -5.05 75.01 -30.69
C ASN J 161 -6.55 74.76 -30.68
N SER J 162 -7.06 73.90 -31.56
CA SER J 162 -8.48 73.60 -31.59
C SER J 162 -8.89 72.85 -30.31
N LYS J 163 -10.14 73.07 -29.90
CA LYS J 163 -10.64 72.50 -28.66
C LYS J 163 -11.95 71.75 -28.78
N LEU J 164 -12.67 71.88 -29.88
CA LEU J 164 -13.98 71.23 -30.03
C LEU J 164 -13.85 69.90 -30.76
N MET J 165 -14.91 69.09 -30.67
CA MET J 165 -14.94 67.80 -31.36
C MET J 165 -15.09 67.99 -32.86
N ASP J 166 -15.92 68.94 -33.29
CA ASP J 166 -16.15 69.18 -34.70
C ASP J 166 -15.11 70.12 -35.32
N LYS J 167 -14.18 70.63 -34.53
CA LYS J 167 -13.10 71.49 -35.00
C LYS J 167 -13.65 72.78 -35.64
N SER J 168 -14.58 73.42 -34.94
CA SER J 168 -15.12 74.68 -35.42
C SER J 168 -14.13 75.83 -35.22
N ASP J 169 -13.38 75.79 -34.11
CA ASP J 169 -12.45 76.86 -33.76
C ASP J 169 -11.03 76.50 -34.22
N ALA J 170 -10.87 76.38 -35.53
CA ALA J 170 -9.58 76.06 -36.12
C ALA J 170 -9.33 76.96 -37.32
N ARG J 171 -8.05 77.20 -37.61
CA ARG J 171 -7.65 78.04 -38.73
C ARG J 171 -6.68 77.35 -39.67
N HIS J 172 -6.23 76.15 -39.33
CA HIS J 172 -5.30 75.40 -40.17
C HIS J 172 -5.90 74.03 -40.48
N CYS J 173 -5.63 73.54 -41.68
CA CYS J 173 -6.02 72.19 -42.06
C CYS J 173 -5.16 71.77 -43.23
N THR J 174 -4.32 70.76 -43.03
CA THR J 174 -3.42 70.26 -44.07
C THR J 174 -3.86 68.87 -44.47
N VAL J 175 -4.12 68.68 -45.77
CA VAL J 175 -4.48 67.39 -46.33
C VAL J 175 -3.33 66.92 -47.19
N ILE J 176 -2.72 65.80 -46.80
CA ILE J 176 -1.56 65.26 -47.47
C ILE J 176 -2.06 64.27 -48.53
N HIS J 177 -2.17 64.72 -49.76
CA HIS J 177 -2.59 63.87 -50.85
C HIS J 177 -1.49 62.85 -51.18
N SER J 178 -1.90 61.61 -51.42
CA SER J 178 -0.99 60.55 -51.84
C SER J 178 -1.52 59.97 -53.15
N MET J 179 -0.80 60.20 -54.23
CA MET J 179 -1.28 59.89 -55.57
C MET J 179 -0.17 59.27 -56.41
N SER J 180 -0.59 58.50 -57.43
CA SER J 180 0.34 57.80 -58.30
C SER J 180 0.86 58.74 -59.39
N GLN J 181 1.74 58.19 -60.24
CA GLN J 181 2.35 59.00 -61.30
C GLN J 181 1.30 59.53 -62.27
N ASN J 182 0.45 58.63 -62.79
CA ASN J 182 -0.64 59.08 -63.64
C ASN J 182 -1.62 59.95 -62.87
N GLY J 183 -1.84 59.63 -61.59
CA GLY J 183 -2.64 60.50 -60.75
C GLY J 183 -2.03 61.87 -60.61
N TRP J 184 -0.70 61.94 -60.46
CA TRP J 184 -0.03 63.23 -60.38
C TRP J 184 -0.16 64.01 -61.68
N GLU J 185 -0.05 63.32 -62.82
CA GLU J 185 -0.23 64.00 -64.11
C GLU J 185 -1.64 64.55 -64.25
N ASP J 186 -2.65 63.77 -63.86
CA ASP J 186 -4.02 64.26 -63.90
C ASP J 186 -4.22 65.44 -62.96
N PHE J 187 -3.65 65.36 -61.76
CA PHE J 187 -3.77 66.46 -60.79
C PHE J 187 -3.13 67.73 -61.33
N ALA J 188 -1.95 67.62 -61.94
CA ALA J 188 -1.30 68.78 -62.52
C ALA J 188 -2.08 69.33 -63.71
N GLU J 189 -2.70 68.46 -64.50
CA GLU J 189 -3.50 68.93 -65.63
C GLU J 189 -4.77 69.64 -65.18
N LYS J 190 -5.36 69.19 -64.07
CA LYS J 190 -6.59 69.81 -63.58
C LYS J 190 -6.36 71.27 -63.23
N TYR J 191 -5.29 71.56 -62.50
CA TYR J 191 -4.91 72.94 -62.20
C TYR J 191 -3.94 73.45 -63.25
N ASP J 192 -3.30 74.58 -62.99
CA ASP J 192 -2.33 75.16 -63.90
C ASP J 192 -0.89 74.81 -63.52
N LEU J 193 -0.71 73.67 -62.85
CA LEU J 193 0.62 73.21 -62.48
C LEU J 193 1.34 72.62 -63.70
N ASP J 194 2.63 72.33 -63.51
CA ASP J 194 3.44 71.67 -64.53
C ASP J 194 3.80 70.26 -64.07
N ALA J 195 3.68 69.30 -64.97
CA ALA J 195 3.89 67.89 -64.65
C ALA J 195 5.34 67.47 -64.76
N ASP J 196 6.29 68.36 -65.04
CA ASP J 196 7.68 67.96 -65.23
C ASP J 196 8.46 67.83 -63.93
N ASP J 197 8.10 68.58 -62.89
CA ASP J 197 8.76 68.46 -61.59
C ASP J 197 7.92 67.58 -60.68
N ILE J 198 8.60 66.83 -59.81
CA ILE J 198 7.93 65.88 -58.92
C ILE J 198 7.76 66.50 -57.54
N PRO J 199 6.54 66.68 -57.06
CA PRO J 199 6.34 67.23 -55.71
C PRO J 199 6.74 66.22 -54.65
N SER J 200 6.96 66.74 -53.44
CA SER J 200 7.32 65.90 -52.31
C SER J 200 6.80 66.55 -51.03
N PHE J 201 6.61 65.72 -50.00
CA PHE J 201 6.11 66.19 -48.72
C PHE J 201 6.40 65.12 -47.68
N GLN J 202 5.80 65.28 -46.49
CA GLN J 202 5.95 64.28 -45.44
C GLN J 202 5.34 62.95 -45.87
N ASN J 203 5.88 61.86 -45.33
CA ASN J 203 5.41 60.52 -45.66
C ASN J 203 4.51 60.02 -44.55
N PRO J 204 3.18 60.02 -44.73
CA PRO J 204 2.29 59.54 -43.67
C PRO J 204 2.38 58.04 -43.47
N ASN J 205 2.38 57.29 -44.58
CA ASN J 205 2.43 55.83 -44.50
C ASN J 205 3.83 55.36 -44.11
N ASP J 206 3.94 54.06 -43.88
CA ASP J 206 5.20 53.46 -43.42
C ASP J 206 5.49 52.21 -44.23
N TRP J 207 6.77 51.84 -44.26
CA TRP J 207 7.23 50.64 -44.95
C TRP J 207 7.35 49.52 -43.92
N VAL J 208 6.20 49.00 -43.51
CA VAL J 208 6.15 48.02 -42.43
C VAL J 208 5.48 46.73 -42.92
N PHE J 209 5.57 46.47 -44.23
CA PHE J 209 4.95 45.31 -44.83
C PHE J 209 5.70 44.96 -46.10
N PRO J 210 5.76 43.69 -46.49
CA PRO J 210 6.43 43.35 -47.75
C PRO J 210 5.64 43.77 -48.97
N TRP J 211 5.33 45.06 -49.06
CA TRP J 211 4.64 45.61 -50.22
C TRP J 211 5.64 45.85 -51.34
N LEU J 212 5.18 45.67 -52.58
CA LEU J 212 6.09 45.74 -53.72
C LEU J 212 6.46 47.17 -54.07
N THR J 213 5.45 48.03 -54.29
CA THR J 213 5.68 49.39 -54.76
C THR J 213 4.86 50.38 -53.94
N GLN J 214 5.28 51.64 -54.01
CA GLN J 214 4.57 52.75 -53.40
C GLN J 214 4.57 53.92 -54.38
N ASP J 215 3.61 54.83 -54.18
CA ASP J 215 3.46 55.96 -55.10
C ASP J 215 4.63 56.94 -54.95
N THR J 216 5.01 57.26 -53.72
CA THR J 216 6.12 58.17 -53.43
C THR J 216 5.92 59.53 -54.12
N ILE J 217 4.69 60.02 -54.10
CA ILE J 217 4.36 61.35 -54.61
C ILE J 217 3.33 61.93 -53.64
N GLN J 218 3.75 62.89 -52.82
CA GLN J 218 2.89 63.48 -51.80
C GLN J 218 2.88 64.99 -51.97
N ILE J 219 1.68 65.56 -52.08
CA ILE J 219 1.49 67.00 -52.15
C ILE J 219 0.41 67.37 -51.13
N ALA J 220 0.45 68.62 -50.67
CA ALA J 220 -0.39 69.05 -49.55
C ALA J 220 -1.18 70.30 -49.92
N GLU J 221 -2.29 70.48 -49.22
CA GLU J 221 -3.16 71.64 -49.39
C GLU J 221 -3.35 72.31 -48.05
N PHE J 222 -3.39 73.65 -48.04
CA PHE J 222 -3.42 74.43 -46.81
C PHE J 222 -4.65 75.32 -46.81
N TYR J 223 -5.57 75.08 -45.87
CA TYR J 223 -6.76 75.89 -45.69
C TYR J 223 -6.57 76.83 -44.51
N GLU J 224 -6.98 78.09 -44.68
CA GLU J 224 -6.90 79.08 -43.62
C GLU J 224 -8.16 79.94 -43.62
N VAL J 225 -8.46 80.50 -42.45
CA VAL J 225 -9.66 81.32 -42.26
C VAL J 225 -9.26 82.63 -41.62
N VAL J 226 -9.78 83.74 -42.15
CA VAL J 226 -9.50 85.08 -41.63
C VAL J 226 -10.82 85.83 -41.45
N GLU J 227 -10.77 86.85 -40.60
CA GLU J 227 -11.90 87.74 -40.35
C GLU J 227 -11.39 89.18 -40.36
N LYS J 228 -11.83 89.97 -41.33
CA LYS J 228 -11.28 91.30 -41.52
C LYS J 228 -12.31 92.41 -41.60
N LYS J 229 -13.60 92.11 -41.42
CA LYS J 229 -14.67 93.11 -41.38
C LYS J 229 -14.70 93.93 -42.67
N GLU J 230 -15.01 93.24 -43.76
CA GLU J 230 -15.10 93.87 -45.07
C GLU J 230 -16.35 94.74 -45.18
N THR J 231 -16.46 95.47 -46.28
CA THR J 231 -17.54 96.42 -46.48
C THR J 231 -18.69 95.78 -47.26
N ALA J 232 -19.81 96.50 -47.30
CA ALA J 232 -21.01 96.03 -47.97
C ALA J 232 -21.78 97.23 -48.52
N PHE J 233 -22.60 96.97 -49.54
CA PHE J 233 -23.38 98.00 -50.21
C PHE J 233 -24.87 97.78 -49.93
N ILE J 234 -25.60 98.87 -49.80
CA ILE J 234 -27.04 98.82 -49.55
C ILE J 234 -27.75 99.42 -50.76
N TYR J 235 -28.66 98.67 -51.35
CA TYR J 235 -29.37 99.08 -52.55
C TYR J 235 -30.88 99.12 -52.32
N GLN J 236 -31.60 99.52 -53.35
CA GLN J 236 -33.07 99.58 -53.32
C GLN J 236 -33.62 98.78 -54.50
N ASP J 237 -34.48 97.82 -54.19
CA ASP J 237 -35.02 96.93 -55.23
C ASP J 237 -36.14 97.64 -55.99
N PRO J 238 -36.07 97.70 -57.33
CA PRO J 238 -37.18 98.30 -58.08
C PRO J 238 -38.50 97.59 -57.90
N VAL J 239 -38.49 96.25 -57.75
CA VAL J 239 -39.73 95.50 -57.65
C VAL J 239 -40.45 95.82 -56.35
N THR J 240 -39.76 95.65 -55.23
CA THR J 240 -40.30 95.96 -53.91
C THR J 240 -39.45 97.02 -53.25
N GLY J 241 -40.10 98.05 -52.71
CA GLY J 241 -39.39 99.16 -52.10
C GLY J 241 -38.78 98.79 -50.76
N GLU J 242 -37.82 97.86 -50.78
CA GLU J 242 -37.17 97.39 -49.58
C GLU J 242 -35.66 97.39 -49.80
N PRO J 243 -34.87 97.69 -48.76
CA PRO J 243 -33.42 97.72 -48.92
C PRO J 243 -32.81 96.33 -48.96
N VAL J 244 -31.74 96.19 -49.74
CA VAL J 244 -31.00 94.95 -49.84
C VAL J 244 -29.53 95.23 -49.58
N SER J 245 -28.81 94.22 -49.13
CA SER J 245 -27.41 94.34 -48.78
C SER J 245 -26.59 93.36 -49.61
N TYR J 246 -25.55 93.87 -50.28
CA TYR J 246 -24.65 93.06 -51.08
C TYR J 246 -23.22 93.39 -50.71
N PHE J 247 -22.39 92.36 -50.60
CA PHE J 247 -20.97 92.57 -50.33
C PHE J 247 -20.30 93.23 -51.52
N LYS J 248 -19.38 94.15 -51.25
CA LYS J 248 -18.70 94.87 -52.32
C LYS J 248 -17.79 93.97 -53.14
N ARG J 249 -17.13 93.01 -52.48
CA ARG J 249 -16.21 92.13 -53.18
C ARG J 249 -16.92 91.27 -54.22
N ASP J 250 -18.10 90.76 -53.89
CA ASP J 250 -18.80 89.84 -54.80
C ASP J 250 -19.29 90.56 -56.05
N ILE J 251 -19.75 91.80 -55.92
CA ILE J 251 -20.32 92.55 -57.04
C ILE J 251 -19.39 93.67 -57.50
N LYS J 252 -18.09 93.56 -57.23
CA LYS J 252 -17.17 94.65 -57.52
C LYS J 252 -17.06 94.93 -59.02
N ASP J 253 -17.27 93.91 -59.85
CA ASP J 253 -17.14 94.07 -61.29
C ASP J 253 -18.47 94.35 -61.99
N VAL J 254 -19.57 94.50 -61.23
CA VAL J 254 -20.89 94.60 -61.82
C VAL J 254 -21.55 95.88 -61.28
N ILE J 255 -20.77 96.69 -60.57
CA ILE J 255 -21.32 97.88 -59.93
C ILE J 255 -21.95 98.80 -60.97
N ASP J 256 -21.29 98.97 -62.12
CA ASP J 256 -21.89 99.77 -63.19
C ASP J 256 -23.19 99.17 -63.68
N ASP J 257 -23.24 97.84 -63.83
CA ASP J 257 -24.48 97.19 -64.24
C ASP J 257 -25.53 97.28 -63.14
N LEU J 258 -25.10 97.27 -61.88
CA LEU J 258 -26.03 97.52 -60.77
C LEU J 258 -26.66 98.90 -60.90
N ALA J 259 -25.86 99.92 -61.21
CA ALA J 259 -26.38 101.27 -61.32
C ALA J 259 -27.21 101.46 -62.60
N ASP J 260 -26.94 100.67 -63.63
CA ASP J 260 -27.68 100.82 -64.88
C ASP J 260 -29.17 100.50 -64.71
N SER J 261 -29.49 99.48 -63.94
CA SER J 261 -30.88 99.12 -63.70
C SER J 261 -31.46 100.04 -62.62
N GLY J 262 -32.64 99.70 -62.12
CA GLY J 262 -33.29 100.52 -61.11
C GLY J 262 -32.64 100.45 -59.74
N PHE J 263 -31.68 99.56 -59.55
CA PHE J 263 -30.93 99.52 -58.30
C PHE J 263 -30.21 100.84 -58.08
N ILE J 264 -30.42 101.45 -56.90
CA ILE J 264 -29.83 102.74 -56.57
C ILE J 264 -29.21 102.64 -55.18
N LYS J 265 -28.06 103.29 -55.01
CA LYS J 265 -27.35 103.26 -53.73
C LYS J 265 -28.13 104.00 -52.66
N ILE J 266 -28.04 103.52 -51.43
CA ILE J 266 -28.65 104.18 -50.28
C ILE J 266 -27.61 104.58 -49.24
N ALA J 267 -26.80 103.63 -48.80
CA ALA J 267 -25.77 103.90 -47.80
C ALA J 267 -24.70 102.82 -47.89
N GLU J 268 -23.74 102.89 -46.98
CA GLU J 268 -22.65 101.92 -46.91
C GLU J 268 -22.41 101.53 -45.46
N ARG J 269 -22.22 100.24 -45.22
CA ARG J 269 -21.97 99.71 -43.89
C ARG J 269 -20.73 98.83 -43.94
N GLN J 270 -20.41 98.21 -42.80
CA GLN J 270 -19.29 97.28 -42.69
C GLN J 270 -19.73 96.08 -41.86
N ILE J 271 -19.66 94.89 -42.45
CA ILE J 271 -20.08 93.66 -41.80
C ILE J 271 -18.91 92.68 -41.79
N LYS J 272 -18.66 92.10 -40.62
CA LYS J 272 -17.58 91.12 -40.48
C LYS J 272 -18.04 89.76 -40.95
N ARG J 273 -17.18 89.08 -41.70
CA ARG J 273 -17.51 87.77 -42.27
C ARG J 273 -16.22 87.01 -42.52
N ARG J 274 -16.24 85.71 -42.21
CA ARG J 274 -15.07 84.87 -42.41
C ARG J 274 -14.87 84.59 -43.90
N ARG J 275 -13.62 84.31 -44.26
CA ARG J 275 -13.28 83.90 -45.61
C ARG J 275 -12.27 82.75 -45.53
N VAL J 276 -12.30 81.88 -46.53
CA VAL J 276 -11.46 80.69 -46.56
C VAL J 276 -10.55 80.76 -47.78
N TYR J 277 -9.26 80.57 -47.55
CA TYR J 277 -8.26 80.56 -48.62
C TYR J 277 -7.54 79.22 -48.64
N LYS J 278 -7.23 78.74 -49.85
CA LYS J 278 -6.54 77.48 -50.02
C LYS J 278 -5.27 77.70 -50.82
N SER J 279 -4.16 77.16 -50.32
CA SER J 279 -2.87 77.22 -50.98
C SER J 279 -2.27 75.83 -51.02
N ILE J 280 -1.36 75.63 -51.98
CA ILE J 280 -0.72 74.34 -52.19
C ILE J 280 0.76 74.47 -51.89
N ILE J 281 1.27 73.59 -51.03
CA ILE J 281 2.67 73.63 -50.61
C ILE J 281 3.33 72.32 -50.98
N THR J 282 4.66 72.37 -51.09
CA THR J 282 5.43 71.23 -51.61
C THR J 282 6.71 71.03 -50.80
N CYS J 283 6.80 71.65 -49.62
CA CYS J 283 7.91 71.55 -48.68
C CYS J 283 9.18 72.21 -49.22
N THR J 284 9.17 72.73 -50.44
CA THR J 284 10.32 73.44 -50.98
C THR J 284 9.86 74.77 -51.57
N ALA J 285 8.61 74.84 -52.01
CA ALA J 285 8.05 76.06 -52.57
C ALA J 285 6.54 75.94 -52.62
N VAL J 286 5.87 77.08 -52.73
CA VAL J 286 4.42 77.11 -52.88
C VAL J 286 4.08 77.16 -54.36
N LEU J 287 3.16 76.30 -54.77
CA LEU J 287 2.78 76.20 -56.18
C LEU J 287 1.65 77.17 -56.54
N LYS J 288 0.58 77.20 -55.74
CA LYS J 288 -0.49 78.16 -55.90
C LYS J 288 -0.75 78.81 -54.55
N ASP J 289 -0.90 80.14 -54.54
CA ASP J 289 -0.90 80.92 -53.32
C ASP J 289 -2.26 81.58 -53.12
N LYS J 290 -2.95 81.21 -52.03
CA LYS J 290 -4.14 81.91 -51.55
C LYS J 290 -5.23 81.99 -52.61
N GLN J 291 -5.75 80.82 -52.99
CA GLN J 291 -6.96 80.76 -53.79
C GLN J 291 -8.19 80.92 -52.91
N LEU J 292 -9.19 81.61 -53.42
CA LEU J 292 -10.38 81.94 -52.64
C LEU J 292 -11.40 80.83 -52.78
N ILE J 293 -11.52 80.00 -51.75
CA ILE J 293 -12.55 78.98 -51.70
C ILE J 293 -13.90 79.64 -51.44
N ALA J 294 -14.95 79.12 -52.08
CA ALA J 294 -16.26 79.77 -51.99
C ALA J 294 -16.89 79.60 -50.62
N GLY J 295 -16.41 78.66 -49.81
CA GLY J 295 -17.01 78.41 -48.53
C GLY J 295 -16.69 79.52 -47.52
N GLU J 296 -17.24 79.33 -46.32
CA GLU J 296 -16.93 80.20 -45.19
C GLU J 296 -16.28 79.45 -44.04
N HIS J 297 -16.25 78.13 -44.09
CA HIS J 297 -15.57 77.30 -43.10
C HIS J 297 -14.68 76.31 -43.83
N ILE J 298 -13.82 75.63 -43.07
CA ILE J 298 -12.97 74.59 -43.65
C ILE J 298 -13.85 73.40 -44.02
N PRO J 299 -13.82 72.94 -45.27
CA PRO J 299 -14.78 71.91 -45.70
C PRO J 299 -14.68 70.60 -44.93
N ILE J 300 -13.50 70.22 -44.45
CA ILE J 300 -13.32 68.91 -43.84
C ILE J 300 -14.18 68.81 -42.59
N VAL J 301 -14.93 67.72 -42.47
CA VAL J 301 -15.81 67.46 -41.35
C VAL J 301 -15.30 66.23 -40.61
N PRO J 302 -14.85 66.34 -39.36
CA PRO J 302 -14.28 65.18 -38.67
C PRO J 302 -15.27 64.40 -37.82
N VAL J 303 -15.08 63.09 -37.72
CA VAL J 303 -15.79 62.25 -36.76
C VAL J 303 -14.75 61.63 -35.85
N PHE J 304 -15.08 61.51 -34.56
CA PHE J 304 -14.12 61.11 -33.56
C PHE J 304 -14.61 59.88 -32.79
N GLY J 305 -13.66 59.12 -32.26
CA GLY J 305 -13.99 57.85 -31.62
C GLY J 305 -14.80 58.01 -30.35
N GLU J 306 -14.19 58.46 -29.26
CA GLU J 306 -15.04 58.88 -28.16
C GLU J 306 -14.88 60.36 -27.87
N TRP J 307 -13.75 60.74 -27.26
CA TRP J 307 -13.16 62.07 -27.26
C TRP J 307 -12.02 62.05 -26.24
N GLY J 308 -11.27 63.14 -26.08
CA GLY J 308 -10.45 63.26 -24.89
C GLY J 308 -9.30 64.25 -24.91
N PHE J 309 -9.14 64.97 -23.81
CA PHE J 309 -7.97 65.80 -23.53
C PHE J 309 -7.48 65.41 -22.13
N VAL J 310 -6.29 64.81 -22.06
CA VAL J 310 -5.82 64.30 -20.78
C VAL J 310 -5.06 65.37 -20.00
N GLU J 311 -3.94 65.85 -20.52
CA GLU J 311 -3.22 66.96 -19.89
C GLU J 311 -3.18 68.18 -20.79
N ASP J 312 -2.62 68.06 -22.00
CA ASP J 312 -2.71 69.11 -23.00
C ASP J 312 -2.81 68.53 -24.40
N LYS J 313 -2.91 67.20 -24.54
CA LYS J 313 -2.91 66.54 -25.83
C LYS J 313 -4.20 65.77 -26.01
N GLU J 314 -4.78 65.85 -27.21
CA GLU J 314 -6.01 65.13 -27.50
C GLU J 314 -5.73 63.64 -27.66
N VAL J 315 -6.66 62.83 -27.16
CA VAL J 315 -6.57 61.38 -27.28
C VAL J 315 -7.94 60.85 -27.71
N TYR J 316 -7.96 60.00 -28.73
CA TYR J 316 -9.18 59.36 -29.19
C TYR J 316 -8.97 57.85 -29.25
N GLU J 317 -10.05 57.11 -29.04
CA GLU J 317 -10.00 55.66 -28.97
C GLU J 317 -11.24 55.09 -29.64
N GLY J 318 -11.10 53.86 -30.16
CA GLY J 318 -12.21 53.19 -30.79
C GLY J 318 -12.61 51.93 -30.05
N VAL J 319 -12.52 50.79 -30.72
CA VAL J 319 -12.90 49.50 -30.12
C VAL J 319 -11.70 48.59 -29.93
N VAL J 320 -10.66 48.70 -30.75
CA VAL J 320 -9.59 47.70 -30.78
C VAL J 320 -8.45 48.04 -29.83
N ARG J 321 -8.41 49.26 -29.28
CA ARG J 321 -7.28 49.67 -28.47
C ARG J 321 -7.10 48.77 -27.24
N LEU J 322 -8.19 48.43 -26.57
CA LEU J 322 -8.11 47.66 -25.33
C LEU J 322 -8.18 46.15 -25.54
N THR J 323 -8.37 45.69 -26.77
CA THR J 323 -8.51 44.27 -27.07
C THR J 323 -7.27 43.69 -27.73
N LYS J 324 -6.13 44.36 -27.63
CA LYS J 324 -4.93 43.90 -28.34
C LYS J 324 -4.11 42.93 -27.51
N ASP J 325 -3.93 43.22 -26.22
CA ASP J 325 -3.08 42.38 -25.38
C ASP J 325 -3.64 40.97 -25.24
N GLY J 326 -4.93 40.85 -24.93
CA GLY J 326 -5.53 39.54 -24.81
C GLY J 326 -5.54 38.78 -26.11
N GLN J 327 -5.79 39.47 -27.22
CA GLN J 327 -5.79 38.81 -28.52
C GLN J 327 -4.39 38.28 -28.87
N ARG J 328 -3.36 39.08 -28.61
CA ARG J 328 -1.99 38.62 -28.86
C ARG J 328 -1.63 37.44 -27.97
N LEU J 329 -2.02 37.49 -26.70
CA LEU J 329 -1.76 36.36 -25.81
C LEU J 329 -2.48 35.10 -26.29
N ARG J 330 -3.71 35.24 -26.75
CA ARG J 330 -4.44 34.10 -27.29
C ARG J 330 -3.73 33.51 -28.49
N ASN J 331 -3.27 34.37 -29.41
CA ASN J 331 -2.55 33.88 -30.58
C ASN J 331 -1.28 33.15 -30.18
N MET J 332 -0.54 33.70 -29.21
CA MET J 332 0.71 33.07 -28.77
C MET J 332 0.45 31.72 -28.13
N ILE J 333 -0.58 31.63 -27.28
CA ILE J 333 -0.90 30.35 -26.66
C ILE J 333 -1.30 29.32 -27.69
N MET J 334 -2.12 29.72 -28.67
CA MET J 334 -2.53 28.78 -29.72
C MET J 334 -1.33 28.30 -30.53
N SER J 335 -0.39 29.21 -30.83
CA SER J 335 0.80 28.82 -31.58
C SER J 335 1.65 27.84 -30.77
N PHE J 336 1.83 28.11 -29.47
CA PHE J 336 2.63 27.21 -28.64
C PHE J 336 1.97 25.84 -28.55
N ASN J 337 0.64 25.79 -28.41
CA ASN J 337 -0.05 24.51 -28.36
C ASN J 337 0.10 23.75 -29.67
N ALA J 338 0.02 24.46 -30.80
CA ALA J 338 0.22 23.80 -32.09
C ALA J 338 1.63 23.24 -32.20
N ASP J 339 2.63 23.98 -31.73
CA ASP J 339 4.00 23.47 -31.74
C ASP J 339 4.12 22.22 -30.87
N ILE J 340 3.50 22.23 -29.69
CA ILE J 340 3.54 21.07 -28.80
C ILE J 340 2.90 19.87 -29.47
N VAL J 341 1.77 20.08 -30.16
CA VAL J 341 1.11 18.99 -30.86
C VAL J 341 2.00 18.44 -31.97
N ALA J 342 2.66 19.33 -32.71
CA ALA J 342 3.38 18.90 -33.91
C ALA J 342 4.71 18.23 -33.59
N ARG J 343 5.59 18.90 -32.84
CA ARG J 343 6.97 18.45 -32.74
C ARG J 343 7.20 17.43 -31.62
N THR J 344 6.21 17.17 -30.78
CA THR J 344 6.41 16.22 -29.69
C THR J 344 6.48 14.79 -30.23
N PRO J 345 7.43 13.98 -29.77
CA PRO J 345 7.45 12.57 -30.18
C PRO J 345 6.22 11.83 -29.67
N LYS J 346 5.82 10.81 -30.42
CA LYS J 346 4.63 10.04 -30.10
C LYS J 346 4.95 9.05 -28.99
N LYS J 347 4.02 8.12 -28.73
CA LYS J 347 4.17 7.14 -27.67
C LYS J 347 4.57 5.81 -28.27
N LYS J 348 5.76 5.33 -27.92
CA LYS J 348 6.28 4.07 -28.42
C LYS J 348 7.11 3.42 -27.32
N PRO J 349 7.20 2.10 -27.30
CA PRO J 349 7.89 1.41 -26.20
C PRO J 349 9.40 1.59 -26.26
N PHE J 350 10.03 1.32 -25.12
CA PHE J 350 11.49 1.34 -24.98
C PHE J 350 11.99 -0.09 -24.98
N PHE J 351 12.78 -0.44 -25.99
CA PHE J 351 13.33 -1.79 -26.13
C PHE J 351 14.85 -1.75 -26.10
N TRP J 352 15.45 -2.78 -25.51
CA TRP J 352 16.87 -3.00 -25.69
C TRP J 352 17.12 -3.58 -27.08
N PRO J 353 18.28 -3.31 -27.67
CA PRO J 353 18.57 -3.84 -29.01
C PRO J 353 18.60 -5.36 -29.07
N GLU J 354 18.77 -6.03 -27.94
CA GLU J 354 18.87 -7.48 -27.91
C GLU J 354 17.72 -8.17 -27.21
N GLN J 355 16.78 -7.42 -26.63
CA GLN J 355 15.50 -8.01 -26.24
C GLN J 355 14.68 -8.41 -27.45
N ILE J 356 14.92 -7.77 -28.59
CA ILE J 356 14.25 -8.07 -29.85
C ILE J 356 15.30 -8.44 -30.89
N ALA J 357 16.35 -9.14 -30.47
CA ALA J 357 17.39 -9.59 -31.38
C ALA J 357 16.82 -10.13 -32.68
N GLY J 358 15.98 -11.17 -32.58
CA GLY J 358 15.11 -11.56 -33.66
C GLY J 358 13.75 -10.91 -33.51
N PHE J 359 12.76 -11.49 -34.21
CA PHE J 359 11.36 -11.11 -34.04
C PHE J 359 11.12 -9.64 -34.38
N GLU J 360 11.99 -9.06 -35.20
CA GLU J 360 11.92 -7.62 -35.46
C GLU J 360 10.85 -7.25 -36.48
N HIS J 361 10.27 -8.21 -37.18
CA HIS J 361 9.17 -7.95 -38.10
C HIS J 361 7.82 -8.09 -37.44
N MET J 362 7.77 -8.38 -36.14
CA MET J 362 6.52 -8.52 -35.41
C MET J 362 6.02 -7.19 -34.85
N TYR J 363 6.91 -6.22 -34.63
CA TYR J 363 6.57 -4.98 -33.94
C TYR J 363 6.37 -3.81 -34.89
N ASP J 364 6.39 -4.04 -36.21
CA ASP J 364 6.20 -2.94 -37.14
C ASP J 364 4.73 -2.58 -37.34
N GLY J 365 3.81 -3.42 -36.88
CA GLY J 365 2.40 -3.19 -37.05
C GLY J 365 1.74 -3.96 -38.18
N ASN J 366 2.36 -5.02 -38.68
CA ASN J 366 1.79 -5.76 -39.80
C ASN J 366 0.51 -6.47 -39.41
N ASP J 367 0.37 -6.85 -38.14
CA ASP J 367 -0.80 -7.57 -37.64
C ASP J 367 -1.00 -8.88 -38.41
N ASP J 368 0.00 -9.75 -38.31
CA ASP J 368 -0.04 -11.06 -38.94
C ASP J 368 0.24 -12.21 -37.98
N TYR J 369 0.69 -11.92 -36.76
CA TYR J 369 1.01 -12.95 -35.79
C TYR J 369 0.09 -12.85 -34.58
N PRO J 370 -0.24 -13.98 -33.95
CA PRO J 370 -1.18 -13.93 -32.82
C PRO J 370 -0.59 -13.39 -31.52
N TYR J 371 0.72 -13.23 -31.42
CA TYR J 371 1.33 -12.77 -30.19
C TYR J 371 2.69 -12.16 -30.50
N TYR J 372 3.25 -11.45 -29.53
CA TYR J 372 4.56 -10.85 -29.63
C TYR J 372 5.58 -11.69 -28.86
N LEU J 373 6.78 -11.79 -29.40
CA LEU J 373 7.81 -12.68 -28.88
C LEU J 373 9.03 -11.89 -28.44
N LEU J 374 9.68 -12.39 -27.39
CA LEU J 374 10.91 -11.80 -26.87
C LEU J 374 11.85 -12.93 -26.47
N ASN J 375 13.10 -12.85 -26.92
CA ASN J 375 14.07 -13.87 -26.54
C ASN J 375 14.49 -13.68 -25.09
N ARG J 376 14.95 -14.78 -24.48
CA ARG J 376 15.21 -14.83 -23.05
C ARG J 376 16.69 -14.92 -22.69
N THR J 377 17.40 -15.91 -23.22
CA THR J 377 18.73 -16.25 -22.73
C THR J 377 19.79 -15.30 -23.27
N ASP J 378 20.93 -15.29 -22.59
CA ASP J 378 22.12 -14.57 -23.02
C ASP J 378 23.34 -15.47 -22.84
N GLU J 379 24.37 -15.21 -23.65
CA GLU J 379 25.54 -16.08 -23.62
C GLU J 379 26.34 -15.89 -22.33
N ASN J 380 26.57 -14.63 -21.94
CA ASN J 380 27.37 -14.37 -20.75
C ASN J 380 26.49 -14.29 -19.50
N SER J 381 25.54 -13.36 -19.48
CA SER J 381 24.58 -13.29 -18.39
C SER J 381 23.59 -14.45 -18.49
N GLY J 382 22.96 -14.77 -17.37
CA GLY J 382 22.07 -15.91 -17.34
C GLY J 382 20.77 -15.73 -18.11
N ASP J 383 19.85 -14.90 -17.58
CA ASP J 383 18.54 -14.75 -18.19
C ASP J 383 18.02 -13.32 -18.08
N LEU J 384 18.89 -12.33 -18.13
CA LEU J 384 18.49 -10.96 -17.79
C LEU J 384 17.33 -10.41 -18.61
N PRO J 385 17.24 -10.60 -19.93
CA PRO J 385 16.10 -10.04 -20.67
C PRO J 385 14.77 -10.52 -20.10
N THR J 386 13.81 -9.61 -20.03
CA THR J 386 12.54 -9.84 -19.35
C THR J 386 11.37 -9.62 -20.30
N GLN J 387 10.17 -9.93 -19.80
CA GLN J 387 8.92 -9.78 -20.53
C GLN J 387 8.40 -8.34 -20.55
N PRO J 388 8.35 -7.63 -19.41
CA PRO J 388 7.77 -6.27 -19.44
C PRO J 388 8.65 -5.26 -20.15
N LEU J 389 8.25 -3.99 -20.11
CA LEU J 389 8.91 -2.96 -20.90
C LEU J 389 8.33 -1.60 -20.49
N ALA J 390 9.02 -0.53 -20.90
CA ALA J 390 8.66 0.83 -20.53
C ALA J 390 8.20 1.61 -21.75
N TYR J 391 7.25 2.51 -21.54
CA TYR J 391 6.62 3.26 -22.60
C TYR J 391 6.94 4.75 -22.48
N TYR J 392 6.87 5.44 -23.62
CA TYR J 392 7.01 6.89 -23.69
C TYR J 392 5.66 7.54 -23.40
N GLU J 393 5.70 8.69 -22.75
CA GLU J 393 4.47 9.37 -22.33
C GLU J 393 3.88 10.18 -23.48
N ASN J 394 2.55 10.27 -23.48
CA ASN J 394 1.83 10.97 -24.53
C ASN J 394 2.04 12.47 -24.42
N PRO J 395 1.93 13.20 -25.53
CA PRO J 395 1.97 14.66 -25.48
C PRO J 395 0.78 15.22 -24.71
N GLU J 396 1.03 16.22 -23.88
CA GLU J 396 -0.01 16.84 -23.07
C GLU J 396 0.09 18.35 -23.16
N VAL J 397 -1.06 19.02 -23.10
CA VAL J 397 -1.13 20.47 -23.05
C VAL J 397 -1.08 20.89 -21.59
N PRO J 398 -0.11 21.72 -21.19
CA PRO J 398 0.06 22.04 -19.77
C PRO J 398 -1.12 22.87 -19.25
N GLN J 399 -1.26 22.88 -17.92
CA GLN J 399 -2.35 23.59 -17.28
C GLN J 399 -2.23 25.10 -17.44
N ALA J 400 -1.01 25.63 -17.40
CA ALA J 400 -0.81 27.07 -17.53
C ALA J 400 -1.28 27.57 -18.90
N ASN J 401 -0.98 26.82 -19.96
CA ASN J 401 -1.40 27.23 -21.29
C ASN J 401 -2.91 27.32 -21.40
N ALA J 402 -3.62 26.28 -20.93
CA ALA J 402 -5.08 26.28 -21.01
C ALA J 402 -5.67 27.39 -20.15
N TYR J 403 -5.16 27.56 -18.93
CA TYR J 403 -5.69 28.59 -18.04
C TYR J 403 -5.52 29.98 -18.63
N MET J 404 -4.32 30.26 -19.19
CA MET J 404 -4.09 31.58 -19.74
C MET J 404 -4.86 31.80 -21.03
N LEU J 405 -5.03 30.76 -21.84
CA LEU J 405 -5.85 30.90 -23.04
C LEU J 405 -7.29 31.25 -22.67
N GLU J 406 -7.84 30.56 -21.67
CA GLU J 406 -9.20 30.85 -21.23
C GLU J 406 -9.29 32.27 -20.66
N ALA J 407 -8.33 32.66 -19.83
CA ALA J 407 -8.37 33.98 -19.23
C ALA J 407 -8.26 35.08 -20.27
N ALA J 408 -7.38 34.91 -21.26
CA ALA J 408 -7.23 35.91 -22.31
C ALA J 408 -8.48 36.01 -23.17
N THR J 409 -9.06 34.86 -23.53
CA THR J 409 -10.30 34.90 -24.31
C THR J 409 -11.42 35.60 -23.54
N SER J 410 -11.55 35.29 -22.25
CA SER J 410 -12.56 35.96 -21.43
C SER J 410 -12.30 37.45 -21.34
N ALA J 411 -11.04 37.85 -21.16
CA ALA J 411 -10.71 39.26 -21.05
C ALA J 411 -11.01 40.01 -22.33
N VAL J 412 -10.76 39.38 -23.48
CA VAL J 412 -11.07 40.04 -24.75
C VAL J 412 -12.58 40.15 -24.94
N LYS J 413 -13.31 39.07 -24.67
CA LYS J 413 -14.75 39.12 -24.84
C LYS J 413 -15.43 40.01 -23.81
N GLU J 414 -14.75 40.37 -22.74
CA GLU J 414 -15.34 41.18 -21.69
C GLU J 414 -15.17 42.68 -21.93
N VAL J 415 -14.05 43.09 -22.55
CA VAL J 415 -13.78 44.51 -22.75
C VAL J 415 -14.17 44.99 -24.13
N ALA J 416 -14.46 44.09 -25.08
CA ALA J 416 -14.84 44.46 -26.43
C ALA J 416 -16.33 44.80 -26.51
N THR J 417 -16.74 45.72 -25.62
CA THR J 417 -18.13 46.16 -25.57
C THR J 417 -18.16 47.69 -25.58
N LEU J 418 -19.33 48.23 -25.90
CA LEU J 418 -19.53 49.67 -25.95
C LEU J 418 -20.65 50.14 -25.02
N GLY J 419 -21.10 49.29 -24.12
CA GLY J 419 -22.16 49.63 -23.20
C GLY J 419 -23.04 48.42 -22.94
N VAL J 420 -24.26 48.70 -22.52
CA VAL J 420 -25.23 47.65 -22.21
C VAL J 420 -25.97 47.29 -23.50
N ASP J 421 -26.40 46.03 -23.58
CA ASP J 421 -27.12 45.52 -24.74
C ASP J 421 -26.29 45.67 -26.01
N ASP J 443 -30.92 52.20 -24.97
CA ASP J 443 -31.29 51.85 -26.33
C ASP J 443 -30.27 50.89 -26.95
N LEU J 444 -29.63 51.34 -28.03
CA LEU J 444 -28.65 50.53 -28.73
C LEU J 444 -27.32 50.55 -28.00
N GLU J 445 -26.40 49.70 -28.45
CA GLU J 445 -25.05 49.68 -27.91
C GLU J 445 -24.21 50.85 -28.41
N THR J 446 -24.51 51.36 -29.60
CA THR J 446 -23.71 52.38 -30.26
C THR J 446 -24.36 53.76 -30.23
N TYR J 447 -25.01 54.13 -29.12
CA TYR J 447 -25.68 55.42 -29.07
C TYR J 447 -24.68 56.59 -29.08
N VAL J 448 -23.56 56.44 -28.39
CA VAL J 448 -22.58 57.53 -28.33
C VAL J 448 -21.99 57.80 -29.71
N PHE J 449 -21.66 56.74 -30.45
CA PHE J 449 -21.16 56.90 -31.81
C PHE J 449 -22.22 57.54 -32.70
N GLN J 450 -23.48 57.18 -32.51
CA GLN J 450 -24.56 57.82 -33.27
C GLN J 450 -24.64 59.30 -32.96
N ASP J 451 -24.48 59.68 -31.70
CA ASP J 451 -24.52 61.11 -31.35
C ASP J 451 -23.34 61.86 -31.94
N ASN J 452 -22.15 61.24 -31.94
CA ASN J 452 -20.99 61.88 -32.57
C ASN J 452 -21.21 62.06 -34.07
N LEU J 453 -21.79 61.05 -34.72
CA LEU J 453 -22.11 61.17 -36.13
C LEU J 453 -23.13 62.27 -36.37
N ALA J 454 -24.11 62.42 -35.47
CA ALA J 454 -25.09 63.49 -35.59
C ALA J 454 -24.43 64.86 -35.48
N THR J 455 -23.48 65.00 -34.55
CA THR J 455 -22.75 66.27 -34.44
C THR J 455 -21.97 66.57 -35.72
N ALA J 456 -21.31 65.55 -36.27
CA ALA J 456 -20.59 65.74 -37.53
C ALA J 456 -21.53 66.11 -38.66
N MET J 457 -22.72 65.51 -38.68
CA MET J 457 -23.70 65.83 -39.72
C MET J 457 -24.20 67.26 -39.57
N ARG J 458 -24.37 67.73 -38.34
CA ARG J 458 -24.75 69.13 -38.13
C ARG J 458 -23.68 70.07 -38.65
N ARG J 459 -22.41 69.76 -38.38
CA ARG J 459 -21.32 70.58 -38.92
C ARG J 459 -21.32 70.56 -40.45
N ASP J 460 -21.55 69.38 -41.04
CA ASP J 460 -21.63 69.26 -42.49
C ASP J 460 -22.77 70.11 -43.05
N GLY J 461 -23.92 70.10 -42.37
CA GLY J 461 -25.03 70.93 -42.79
C GLY J 461 -24.71 72.40 -42.75
N GLU J 462 -24.00 72.83 -41.69
CA GLU J 462 -23.58 74.24 -41.61
C GLU J 462 -22.68 74.61 -42.79
N ILE J 463 -21.68 73.76 -43.08
CA ILE J 463 -20.76 74.05 -44.18
C ILE J 463 -21.51 74.09 -45.51
N TYR J 464 -22.41 73.13 -45.73
CA TYR J 464 -23.18 73.10 -46.98
C TYR J 464 -24.06 74.32 -47.11
N GLN J 465 -24.68 74.76 -46.02
CA GLN J 465 -25.50 75.96 -46.07
C GLN J 465 -24.66 77.17 -46.47
N SER J 466 -23.46 77.29 -45.90
CA SER J 466 -22.59 78.40 -46.27
C SER J 466 -22.22 78.35 -47.75
N ILE J 467 -21.86 77.16 -48.24
CA ILE J 467 -21.44 77.02 -49.63
C ILE J 467 -22.59 77.37 -50.57
N VAL J 468 -23.81 76.90 -50.26
CA VAL J 468 -24.97 77.23 -51.08
C VAL J 468 -25.24 78.72 -51.06
N ASN J 469 -25.12 79.34 -49.88
CA ASN J 469 -25.34 80.78 -49.79
C ASN J 469 -24.36 81.54 -50.66
N ASP J 470 -23.11 81.08 -50.74
CA ASP J 470 -22.11 81.86 -51.46
C ASP J 470 -22.02 81.50 -52.95
N ILE J 471 -22.58 80.37 -53.37
CA ILE J 471 -22.51 79.95 -54.78
C ILE J 471 -23.89 79.99 -55.44
N TYR J 472 -24.84 79.23 -54.91
CA TYR J 472 -26.09 78.96 -55.62
C TYR J 472 -26.97 80.21 -55.66
N ASP J 473 -28.13 80.09 -56.29
CA ASP J 473 -29.09 81.18 -56.45
C ASP J 473 -30.31 80.85 -55.60
N VAL J 474 -30.33 81.34 -54.36
CA VAL J 474 -31.44 81.12 -53.46
C VAL J 474 -32.51 82.17 -53.74
N PRO J 475 -33.72 81.78 -54.17
CA PRO J 475 -34.76 82.76 -54.43
C PRO J 475 -35.31 83.34 -53.13
N ARG J 476 -35.79 84.58 -53.22
CA ARG J 476 -36.48 85.24 -52.12
C ARG J 476 -37.98 85.16 -52.37
N ASN J 477 -38.72 84.63 -51.40
CA ASN J 477 -40.16 84.43 -51.54
C ASN J 477 -40.88 85.61 -50.89
N VAL J 478 -41.76 86.26 -51.65
CA VAL J 478 -42.50 87.41 -51.19
C VAL J 478 -43.94 87.28 -51.68
N THR J 479 -44.90 87.67 -50.83
CA THR J 479 -46.31 87.59 -51.15
C THR J 479 -46.84 88.98 -51.45
N ILE J 480 -47.50 89.12 -52.60
CA ILE J 480 -48.02 90.42 -53.01
C ILE J 480 -49.18 90.86 -52.10
N THR J 481 -50.00 89.89 -51.67
CA THR J 481 -51.20 90.16 -50.88
C THR J 481 -52.15 91.10 -51.62
N LEU J 482 -52.29 90.88 -52.92
CA LEU J 482 -53.20 91.69 -53.73
C LEU J 482 -54.65 91.32 -53.41
N GLU J 483 -55.55 92.27 -53.68
CA GLU J 483 -56.97 92.02 -53.43
C GLU J 483 -57.52 90.95 -54.37
N ASP J 484 -56.98 90.87 -55.59
CA ASP J 484 -57.44 89.85 -56.52
C ASP J 484 -56.93 88.47 -56.13
N GLY J 485 -55.65 88.36 -55.77
CA GLY J 485 -55.09 87.09 -55.37
C GLY J 485 -54.41 87.14 -54.02
N SER J 486 -54.80 86.22 -53.13
CA SER J 486 -54.29 86.20 -51.77
C SER J 486 -53.37 85.00 -51.58
N GLU J 487 -52.27 85.23 -50.85
CA GLU J 487 -51.27 84.20 -50.58
C GLU J 487 -50.71 83.65 -51.89
N LYS J 488 -50.19 84.54 -52.74
CA LYS J 488 -49.55 84.14 -53.98
C LYS J 488 -48.04 84.07 -53.76
N ASP J 489 -47.49 82.87 -53.88
CA ASP J 489 -46.05 82.65 -53.69
C ASP J 489 -45.34 82.92 -55.00
N VAL J 490 -44.91 84.18 -55.16
CA VAL J 490 -44.24 84.61 -56.38
C VAL J 490 -42.89 83.97 -56.58
N GLN J 491 -42.12 83.78 -55.50
CA GLN J 491 -40.76 83.23 -55.57
C GLN J 491 -39.88 84.07 -56.48
N LEU J 492 -39.78 85.35 -56.14
CA LEU J 492 -38.98 86.28 -56.93
C LEU J 492 -37.50 85.94 -56.85
N MET J 493 -36.84 86.01 -58.00
CA MET J 493 -35.42 85.74 -58.12
C MET J 493 -34.74 86.94 -58.76
N ALA J 494 -33.46 87.15 -58.42
CA ALA J 494 -32.72 88.29 -58.94
C ALA J 494 -31.45 87.78 -59.60
N GLU J 495 -31.18 88.25 -60.82
CA GLU J 495 -29.99 87.84 -61.56
C GLU J 495 -29.59 88.97 -62.49
N VAL J 496 -28.29 89.28 -62.51
CA VAL J 496 -27.75 90.37 -63.32
C VAL J 496 -26.56 89.84 -64.11
N VAL J 497 -26.44 90.29 -65.35
CA VAL J 497 -25.33 89.93 -66.22
C VAL J 497 -24.36 91.10 -66.28
N ASP J 498 -23.11 90.79 -66.60
CA ASP J 498 -22.07 91.82 -66.61
C ASP J 498 -22.17 92.72 -67.83
N LEU J 499 -22.79 92.24 -68.92
CA LEU J 499 -23.03 92.99 -70.14
C LEU J 499 -21.74 93.31 -70.89
N ALA J 500 -20.59 92.94 -70.31
CA ALA J 500 -19.31 93.00 -71.01
C ALA J 500 -18.67 91.63 -71.15
N THR J 501 -19.13 90.63 -70.41
CA THR J 501 -18.69 89.26 -70.55
C THR J 501 -19.89 88.35 -70.35
N GLY J 502 -19.76 87.12 -70.86
CA GLY J 502 -20.87 86.18 -70.79
C GLY J 502 -21.10 85.58 -69.42
N GLU J 503 -20.19 85.82 -68.48
CA GLU J 503 -20.33 85.24 -67.15
C GLU J 503 -21.50 85.88 -66.40
N LYS J 504 -22.18 85.06 -65.60
CA LYS J 504 -23.31 85.51 -64.79
C LYS J 504 -22.81 85.89 -63.39
N GLN J 505 -23.52 86.82 -62.75
CA GLN J 505 -23.19 87.22 -61.38
C GLN J 505 -24.42 87.03 -60.52
N VAL J 506 -24.24 86.38 -59.37
CA VAL J 506 -25.34 86.07 -58.46
C VAL J 506 -25.60 87.26 -57.55
N LEU J 507 -26.82 87.35 -57.05
CA LEU J 507 -27.24 88.42 -56.16
C LEU J 507 -28.00 87.81 -54.99
N ASN J 508 -27.31 87.63 -53.86
CA ASN J 508 -27.92 87.11 -52.64
C ASN J 508 -27.95 88.19 -51.58
N ASP J 509 -29.10 88.36 -50.93
CA ASP J 509 -29.21 89.32 -49.84
C ASP J 509 -28.41 88.82 -48.64
N ILE J 510 -28.17 89.73 -47.69
CA ILE J 510 -27.44 89.39 -46.48
C ILE J 510 -28.40 89.22 -45.32
N ARG J 511 -29.48 90.01 -45.32
CA ARG J 511 -30.44 89.95 -44.22
C ARG J 511 -31.14 88.59 -44.17
N GLY J 512 -31.45 88.01 -45.33
CA GLY J 512 -32.15 86.75 -45.36
C GLY J 512 -31.29 85.56 -45.72
N ARG J 513 -30.02 85.56 -45.29
CA ARG J 513 -29.14 84.44 -45.57
C ARG J 513 -29.32 83.32 -44.55
N TYR J 514 -29.04 83.60 -43.28
CA TYR J 514 -29.08 82.60 -42.22
C TYR J 514 -30.41 82.74 -41.49
N GLU J 515 -31.41 81.99 -41.95
CA GLU J 515 -32.72 82.01 -41.31
C GLU J 515 -33.33 80.60 -41.22
N CYS J 516 -32.49 79.58 -41.12
CA CYS J 516 -32.95 78.22 -40.92
C CYS J 516 -31.80 77.41 -40.33
N TYR J 517 -32.04 76.82 -39.16
CA TYR J 517 -31.02 76.05 -38.46
C TYR J 517 -30.99 74.61 -38.95
N THR J 518 -29.87 73.95 -38.70
CA THR J 518 -29.66 72.57 -39.12
C THR J 518 -30.05 71.61 -37.99
N ASP J 519 -30.59 70.46 -38.39
CA ASP J 519 -31.04 69.46 -37.44
C ASP J 519 -30.78 68.09 -38.04
N VAL J 520 -30.81 67.07 -37.18
CA VAL J 520 -30.51 65.69 -37.55
C VAL J 520 -31.81 64.91 -37.63
N GLY J 521 -32.02 64.22 -38.74
CA GLY J 521 -33.20 63.41 -38.92
C GLY J 521 -32.92 62.20 -39.80
N PRO J 522 -33.97 61.47 -40.15
CA PRO J 522 -33.79 60.29 -41.01
C PRO J 522 -33.36 60.70 -42.42
N SER J 523 -32.71 59.75 -43.10
CA SER J 523 -32.12 60.00 -44.41
C SER J 523 -33.10 59.60 -45.51
N PHE J 524 -33.43 60.55 -46.37
CA PHE J 524 -34.26 60.32 -47.54
C PHE J 524 -33.46 60.66 -48.80
N GLN J 525 -34.13 60.59 -49.95
CA GLN J 525 -33.48 60.85 -51.23
C GLN J 525 -34.16 61.92 -52.08
N SER J 526 -35.37 62.35 -51.73
CA SER J 526 -36.04 63.38 -52.50
C SER J 526 -37.07 64.08 -51.60
N MET J 527 -37.49 65.27 -52.03
CA MET J 527 -38.45 66.04 -51.24
C MET J 527 -39.85 65.45 -51.24
N LYS J 528 -40.13 64.49 -52.12
CA LYS J 528 -41.43 63.82 -52.11
C LYS J 528 -41.49 62.69 -51.10
N GLN J 529 -40.38 61.97 -50.90
CA GLN J 529 -40.34 60.92 -49.89
C GLN J 529 -40.49 61.49 -48.49
N GLN J 530 -39.94 62.68 -48.24
CA GLN J 530 -40.14 63.34 -46.94
C GLN J 530 -41.61 63.63 -46.69
N ASN J 531 -42.30 64.17 -47.70
CA ASN J 531 -43.73 64.44 -47.54
C ASN J 531 -44.51 63.15 -47.35
N ARG J 532 -44.15 62.09 -48.08
CA ARG J 532 -44.82 60.81 -47.92
C ARG J 532 -44.64 60.27 -46.50
N ALA J 533 -43.42 60.36 -45.97
CA ALA J 533 -43.16 59.89 -44.61
C ALA J 533 -43.93 60.70 -43.58
N GLU J 534 -43.97 62.02 -43.74
CA GLU J 534 -44.74 62.84 -42.80
C GLU J 534 -46.23 62.52 -42.86
N ILE J 535 -46.77 62.31 -44.06
CA ILE J 535 -48.18 61.96 -44.17
C ILE J 535 -48.44 60.59 -43.54
N LEU J 536 -47.52 59.64 -43.71
CA LEU J 536 -47.68 58.35 -43.06
C LEU J 536 -47.65 58.47 -41.55
N GLU J 537 -46.76 59.31 -41.01
CA GLU J 537 -46.71 59.52 -39.57
C GLU J 537 -48.01 60.13 -39.06
N LEU J 538 -48.53 61.15 -39.77
CA LEU J 538 -49.79 61.76 -39.36
C LEU J 538 -50.95 60.78 -39.45
N LEU J 539 -50.94 59.90 -40.45
CA LEU J 539 -51.95 58.85 -40.55
C LEU J 539 -51.86 57.90 -39.36
N GLY J 540 -50.65 57.52 -38.98
CA GLY J 540 -50.49 56.64 -37.83
C GLY J 540 -50.95 57.28 -36.54
N LYS J 541 -50.75 58.60 -36.41
CA LYS J 541 -51.17 59.31 -35.21
C LYS J 541 -52.67 59.58 -35.17
N THR J 542 -53.33 59.72 -36.31
CA THR J 542 -54.75 60.07 -36.41
C THR J 542 -55.61 58.81 -36.30
N PRO J 543 -56.59 58.81 -35.40
CA PRO J 543 -57.48 57.66 -35.29
C PRO J 543 -58.39 57.52 -36.50
N GLN J 544 -58.83 56.29 -36.75
CA GLN J 544 -59.68 56.00 -37.89
C GLN J 544 -61.09 56.55 -37.67
N GLY J 545 -61.87 56.57 -38.75
CA GLY J 545 -63.23 57.08 -38.70
C GLY J 545 -63.30 58.54 -38.33
N THR J 546 -62.38 59.34 -38.89
CA THR J 546 -62.30 60.76 -38.61
C THR J 546 -62.07 61.47 -39.95
N PRO J 547 -62.66 62.65 -40.14
CA PRO J 547 -62.39 63.40 -41.38
C PRO J 547 -60.92 63.65 -41.64
N GLU J 548 -60.14 63.93 -40.59
CA GLU J 548 -58.70 64.11 -40.76
C GLU J 548 -58.07 62.87 -41.35
N TYR J 549 -58.54 61.69 -40.96
CA TYR J 549 -57.99 60.45 -41.51
C TYR J 549 -58.25 60.35 -43.01
N GLN J 550 -59.46 60.70 -43.44
CA GLN J 550 -59.77 60.68 -44.87
C GLN J 550 -58.93 61.69 -45.64
N LEU J 551 -58.79 62.90 -45.09
CA LEU J 551 -57.95 63.90 -45.75
C LEU J 551 -56.50 63.41 -45.86
N LEU J 552 -55.99 62.78 -44.83
CA LEU J 552 -54.62 62.28 -44.87
C LEU J 552 -54.48 61.14 -45.88
N LEU J 553 -55.49 60.26 -45.97
CA LEU J 553 -55.47 59.20 -46.98
C LEU J 553 -55.43 59.78 -48.38
N LEU J 554 -56.27 60.78 -48.65
CA LEU J 554 -56.29 61.37 -49.98
C LEU J 554 -54.98 62.11 -50.28
N GLN J 555 -54.42 62.80 -49.28
CA GLN J 555 -53.14 63.46 -49.48
C GLN J 555 -52.02 62.47 -49.73
N TYR J 556 -52.06 61.30 -49.08
CA TYR J 556 -51.09 60.26 -49.35
C TYR J 556 -51.26 59.69 -50.76
N PHE J 557 -52.50 59.49 -51.20
CA PHE J 557 -52.73 58.94 -52.52
C PHE J 557 -52.32 59.91 -53.63
N THR J 558 -52.49 61.21 -53.42
CA THR J 558 -52.13 62.17 -54.44
C THR J 558 -50.62 62.45 -54.51
N LEU J 559 -49.79 61.61 -53.88
CA LEU J 559 -48.35 61.77 -53.90
C LEU J 559 -47.62 60.62 -54.58
N LEU J 560 -48.34 59.66 -55.18
CA LEU J 560 -47.70 58.52 -55.81
C LEU J 560 -47.06 58.93 -57.14
N ASP J 561 -46.25 58.03 -57.69
CA ASP J 561 -45.43 58.34 -58.86
C ASP J 561 -45.83 57.53 -60.09
N GLY J 562 -45.91 56.20 -59.97
CA GLY J 562 -46.05 55.36 -61.14
C GLY J 562 -47.31 55.64 -61.93
N LYS J 563 -47.21 55.48 -63.25
CA LYS J 563 -48.36 55.66 -64.11
C LYS J 563 -49.37 54.54 -63.97
N GLY J 564 -48.94 53.37 -63.51
CA GLY J 564 -49.88 52.29 -63.24
C GLY J 564 -50.92 52.68 -62.21
N VAL J 565 -50.48 53.30 -61.12
CA VAL J 565 -51.39 53.91 -60.16
C VAL J 565 -51.61 55.38 -60.51
N GLU J 566 -52.51 55.63 -61.46
CA GLU J 566 -52.87 56.98 -61.87
C GLU J 566 -54.33 57.29 -61.67
N MET J 567 -55.19 56.27 -61.82
CA MET J 567 -56.62 56.46 -61.58
C MET J 567 -56.88 56.89 -60.14
N MET J 568 -56.20 56.24 -59.18
CA MET J 568 -56.36 56.62 -57.78
C MET J 568 -55.88 58.04 -57.53
N ARG J 569 -54.75 58.43 -58.14
CA ARG J 569 -54.24 59.79 -57.95
C ARG J 569 -55.22 60.82 -58.49
N ASP J 570 -55.76 60.59 -59.70
CA ASP J 570 -56.72 61.53 -60.26
C ASP J 570 -57.99 61.59 -59.44
N TYR J 571 -58.48 60.44 -58.97
CA TYR J 571 -59.68 60.42 -58.14
C TYR J 571 -59.45 61.18 -56.84
N ALA J 572 -58.30 60.98 -56.21
CA ALA J 572 -57.99 61.69 -54.96
C ALA J 572 -57.91 63.19 -55.19
N ASN J 573 -57.27 63.61 -56.28
CA ASN J 573 -57.19 65.03 -56.58
C ASN J 573 -58.57 65.63 -56.81
N LYS J 574 -59.42 64.91 -57.56
CA LYS J 574 -60.77 65.40 -57.81
C LYS J 574 -61.57 65.52 -56.51
N GLN J 575 -61.45 64.51 -55.63
CA GLN J 575 -62.16 64.58 -54.35
C GLN J 575 -61.66 65.75 -53.51
N LEU J 576 -60.34 65.95 -53.44
CA LEU J 576 -59.79 67.02 -52.63
C LEU J 576 -60.17 68.39 -53.17
N ILE J 577 -60.30 68.53 -54.49
CA ILE J 577 -60.80 69.78 -55.05
C ILE J 577 -62.28 69.97 -54.74
N GLN J 578 -63.06 68.91 -54.88
CA GLN J 578 -64.51 69.02 -54.70
C GLN J 578 -64.90 69.28 -53.25
N MET J 579 -64.11 68.83 -52.28
CA MET J 579 -64.41 69.12 -50.89
C MET J 579 -63.94 70.50 -50.45
N GLY J 580 -63.35 71.28 -51.35
CA GLY J 580 -62.96 72.64 -51.06
C GLY J 580 -61.68 72.80 -50.29
N VAL J 581 -60.98 71.71 -49.97
CA VAL J 581 -59.75 71.82 -49.21
C VAL J 581 -58.64 72.43 -50.05
N LYS J 582 -58.55 72.04 -51.32
CA LYS J 582 -57.53 72.55 -52.22
C LYS J 582 -58.03 73.80 -52.94
N LYS J 583 -57.23 74.28 -53.89
CA LYS J 583 -57.59 75.39 -54.75
C LYS J 583 -57.30 75.01 -56.20
N PRO J 584 -58.28 75.19 -57.09
CA PRO J 584 -58.08 74.77 -58.48
C PRO J 584 -56.95 75.52 -59.16
N GLU J 585 -56.20 74.80 -60.00
CA GLU J 585 -55.09 75.38 -60.75
C GLU J 585 -55.32 75.34 -62.25
N THR J 586 -55.53 74.15 -62.81
CA THR J 586 -55.79 74.02 -64.24
C THR J 586 -57.28 74.16 -64.52
N PRO J 587 -57.65 74.57 -65.75
CA PRO J 587 -59.07 74.89 -66.01
C PRO J 587 -60.03 73.76 -65.67
N GLU J 588 -59.62 72.50 -65.86
CA GLU J 588 -60.46 71.38 -65.49
C GLU J 588 -60.71 71.35 -63.99
N GLU J 589 -59.75 71.86 -63.21
CA GLU J 589 -59.94 71.89 -61.76
C GLU J 589 -61.05 72.86 -61.36
N GLN J 590 -61.07 74.06 -61.96
CA GLN J 590 -62.20 74.96 -61.73
C GLN J 590 -63.50 74.36 -62.26
N GLN J 591 -63.43 73.63 -63.37
CA GLN J 591 -64.64 72.97 -63.88
C GLN J 591 -65.18 71.98 -62.86
N TRP J 592 -64.29 71.18 -62.25
CA TRP J 592 -64.70 70.26 -61.20
C TRP J 592 -65.29 71.00 -60.00
N LEU J 593 -64.64 72.10 -59.59
CA LEU J 593 -65.12 72.84 -58.44
C LEU J 593 -66.50 73.43 -58.68
N VAL J 594 -66.72 74.01 -59.86
CA VAL J 594 -68.03 74.60 -60.14
C VAL J 594 -69.09 73.52 -60.29
N GLU J 595 -68.71 72.36 -60.86
CA GLU J 595 -69.66 71.26 -60.92
C GLU J 595 -70.08 70.81 -59.53
N ALA J 596 -69.12 70.71 -58.62
CA ALA J 596 -69.45 70.37 -57.24
C ALA J 596 -70.33 71.44 -56.60
N GLN J 597 -70.04 72.72 -56.90
CA GLN J 597 -70.84 73.80 -56.35
C GLN J 597 -72.30 73.72 -56.80
N GLN J 598 -72.52 73.46 -58.09
CA GLN J 598 -73.89 73.30 -58.58
C GLN J 598 -74.54 72.05 -58.00
N ALA J 599 -73.78 70.96 -57.85
CA ALA J 599 -74.35 69.75 -57.29
C ALA J 599 -74.75 69.93 -55.83
N LYS J 600 -74.05 70.83 -55.12
CA LYS J 600 -74.35 71.05 -53.70
C LYS J 600 -75.74 71.64 -53.50
N GLN J 601 -76.13 72.61 -54.32
CA GLN J 601 -77.40 73.30 -54.09
C GLN J 601 -78.59 72.41 -54.43
N GLY J 602 -78.37 71.34 -55.20
CA GLY J 602 -79.48 70.48 -55.58
C GLY J 602 -80.08 69.73 -54.39
N GLN J 603 -79.25 69.38 -53.42
CA GLN J 603 -79.71 68.58 -52.29
C GLN J 603 -80.74 69.34 -51.45
N GLN J 604 -81.84 68.67 -51.11
CA GLN J 604 -82.89 69.23 -50.27
C GLN J 604 -83.29 68.20 -49.23
N ASP J 605 -83.32 68.61 -47.98
CA ASP J 605 -83.70 67.71 -46.89
C ASP J 605 -85.22 67.52 -46.88
N PRO J 606 -85.72 66.27 -46.93
CA PRO J 606 -87.18 66.08 -46.87
C PRO J 606 -87.82 66.63 -45.61
N ALA J 607 -87.09 66.63 -44.49
CA ALA J 607 -87.61 67.19 -43.26
C ALA J 607 -87.91 68.68 -43.41
N MET J 608 -87.01 69.42 -44.06
CA MET J 608 -87.27 70.83 -44.35
C MET J 608 -88.55 71.00 -45.15
N VAL J 609 -88.75 70.16 -46.17
CA VAL J 609 -89.90 70.29 -47.04
C VAL J 609 -91.19 70.00 -46.28
N GLN J 610 -91.21 68.94 -45.48
CA GLN J 610 -92.41 68.60 -44.70
C GLN J 610 -92.71 69.68 -43.66
N ALA J 611 -91.67 70.20 -43.00
CA ALA J 611 -91.88 71.26 -42.02
C ALA J 611 -92.41 72.52 -42.69
N GLN J 612 -91.91 72.84 -43.88
CA GLN J 612 -92.43 73.98 -44.62
C GLN J 612 -93.89 73.78 -44.99
N GLY J 613 -94.26 72.56 -45.41
CA GLY J 613 -95.65 72.28 -45.69
C GLY J 613 -96.56 72.46 -44.49
N VAL J 614 -96.10 71.99 -43.32
CA VAL J 614 -96.88 72.15 -42.10
C VAL J 614 -97.03 73.62 -41.75
N LEU J 615 -95.94 74.39 -41.86
CA LEU J 615 -96.01 75.82 -41.57
C LEU J 615 -96.96 76.53 -42.52
N LEU J 616 -96.93 76.17 -43.81
CA LEU J 616 -97.83 76.79 -44.77
C LEU J 616 -99.28 76.45 -44.47
N GLN J 617 -99.54 75.21 -44.04
CA GLN J 617 -100.90 74.85 -43.67
C GLN J 617 -101.37 75.67 -42.47
N GLY J 618 -100.50 75.84 -41.47
CA GLY J 618 -100.85 76.67 -40.33
C GLY J 618 -101.10 78.12 -40.71
N GLN J 619 -100.27 78.66 -41.60
CA GLN J 619 -100.45 80.04 -42.05
C GLN J 619 -101.75 80.18 -42.82
N ALA J 620 -102.11 79.18 -43.62
CA ALA J 620 -103.39 79.19 -44.31
C ALA J 620 -104.56 79.13 -43.34
N GLU J 621 -104.43 78.36 -42.25
CA GLU J 621 -105.48 78.35 -41.24
C GLU J 621 -105.62 79.72 -40.57
N LEU J 622 -104.50 80.37 -40.29
CA LEU J 622 -104.55 81.73 -39.75
C LEU J 622 -105.21 82.70 -40.72
N ALA J 623 -104.89 82.56 -42.01
CA ALA J 623 -105.53 83.39 -43.03
C ALA J 623 -107.03 83.13 -43.09
N LYS J 624 -107.43 81.87 -42.92
CA LYS J 624 -108.86 81.55 -42.87
C LYS J 624 -109.54 82.22 -41.68
N ALA J 625 -108.88 82.23 -40.53
CA ALA J 625 -109.44 82.93 -39.37
C ALA J 625 -109.58 84.43 -39.63
N GLN J 626 -108.54 85.03 -40.21
CA GLN J 626 -108.59 86.46 -40.53
C GLN J 626 -109.69 86.75 -41.57
N ASN J 627 -109.92 85.80 -42.48
CA ASN J 627 -111.01 85.93 -43.43
C ASN J 627 -112.36 85.82 -42.74
N GLN J 628 -112.46 84.95 -41.73
CA GLN J 628 -113.68 84.86 -40.95
C GLN J 628 -113.99 86.16 -40.24
N THR J 629 -112.95 86.87 -39.79
CA THR J 629 -113.16 88.19 -39.19
C THR J 629 -113.83 89.13 -40.16
N LEU J 630 -113.32 89.20 -41.40
CA LEU J 630 -113.92 90.08 -42.41
C LEU J 630 -115.33 89.62 -42.78
N SER J 631 -115.55 88.30 -42.78
CA SER J 631 -116.89 87.78 -43.04
C SER J 631 -117.86 88.25 -41.96
N LEU J 632 -117.43 88.27 -40.71
CA LEU J 632 -118.24 88.85 -39.65
C LEU J 632 -118.47 90.34 -39.89
N GLN J 633 -117.45 91.05 -40.36
CA GLN J 633 -117.59 92.47 -40.62
C GLN J 633 -118.69 92.75 -41.65
N ILE J 634 -118.81 91.88 -42.65
CA ILE J 634 -119.80 92.04 -43.72
C ILE J 634 -119.60 93.35 -44.45
N ASN K 6 4.62 54.36 -79.25
CA ASN K 6 4.39 55.47 -78.33
C ASN K 6 3.09 55.29 -77.56
N ARG K 7 1.99 55.20 -78.29
CA ARG K 7 0.68 54.96 -77.68
C ARG K 7 0.66 53.63 -76.93
N LEU K 8 1.17 52.58 -77.58
CA LEU K 8 1.23 51.27 -76.93
C LEU K 8 2.12 51.31 -75.69
N GLU K 9 3.22 52.07 -75.76
CA GLU K 9 4.10 52.18 -74.59
C GLU K 9 3.37 52.82 -73.42
N SER K 10 2.61 53.88 -73.66
CA SER K 10 1.85 54.52 -72.59
C SER K 10 0.80 53.58 -72.03
N ILE K 11 0.08 52.87 -72.91
CA ILE K 11 -0.96 51.96 -72.45
C ILE K 11 -0.35 50.86 -71.58
N LEU K 12 0.77 50.30 -72.03
CA LEU K 12 1.42 49.24 -71.26
C LEU K 12 1.99 49.75 -69.95
N SER K 13 2.48 51.00 -69.92
CA SER K 13 2.94 51.57 -68.66
C SER K 13 1.80 51.71 -67.66
N ARG K 14 0.65 52.21 -68.13
CA ARG K 14 -0.52 52.30 -67.25
C ARG K 14 -0.93 50.93 -66.74
N PHE K 15 -0.96 49.94 -67.64
CA PHE K 15 -1.36 48.60 -67.23
C PHE K 15 -0.38 48.00 -66.23
N ASP K 16 0.93 48.20 -66.44
CA ASP K 16 1.92 47.70 -65.51
C ASP K 16 1.78 48.34 -64.15
N ALA K 17 1.55 49.65 -64.10
CA ALA K 17 1.35 50.32 -62.82
C ALA K 17 0.12 49.77 -62.11
N ASP K 18 -0.99 49.61 -62.83
CA ASP K 18 -2.22 49.12 -62.22
C ASP K 18 -2.07 47.66 -61.76
N TRP K 19 -1.30 46.87 -62.50
CA TRP K 19 -1.10 45.47 -62.13
C TRP K 19 -0.21 45.35 -60.90
N THR K 20 0.88 46.11 -60.85
CA THR K 20 1.79 46.02 -59.71
C THR K 20 1.20 46.66 -58.47
N ALA K 21 0.29 47.61 -58.62
CA ALA K 21 -0.27 48.29 -57.46
C ALA K 21 -1.29 47.44 -56.70
N SER K 22 -1.72 46.32 -57.24
CA SER K 22 -2.77 45.49 -56.64
C SER K 22 -2.38 44.01 -56.68
N ASP K 23 -1.16 43.71 -56.23
CA ASP K 23 -0.66 42.34 -56.29
C ASP K 23 -1.06 41.51 -55.08
N GLU K 24 -0.84 42.03 -53.87
CA GLU K 24 -1.09 41.24 -52.66
C GLU K 24 -2.55 40.85 -52.53
N ALA K 25 -3.45 41.81 -52.76
CA ALA K 25 -4.87 41.53 -52.66
C ALA K 25 -5.31 40.51 -53.70
N ARG K 26 -4.79 40.63 -54.93
CA ARG K 26 -5.13 39.68 -55.97
C ARG K 26 -4.66 38.28 -55.61
N ARG K 27 -3.43 38.15 -55.12
CA ARG K 27 -2.91 36.83 -54.76
C ARG K 27 -3.71 36.22 -53.61
N GLU K 28 -4.04 37.03 -52.60
CA GLU K 28 -4.82 36.49 -51.48
C GLU K 28 -6.23 36.09 -51.91
N ALA K 29 -6.86 36.88 -52.80
CA ALA K 29 -8.18 36.51 -53.27
C ALA K 29 -8.15 35.23 -54.10
N LYS K 30 -7.12 35.07 -54.95
CA LYS K 30 -6.99 33.84 -55.72
C LYS K 30 -6.77 32.64 -54.81
N ASN K 31 -5.95 32.80 -53.78
CA ASN K 31 -5.75 31.73 -52.81
C ASN K 31 -7.05 31.38 -52.10
N ASP K 32 -7.85 32.40 -51.75
CA ASP K 32 -9.14 32.16 -51.12
C ASP K 32 -10.07 31.37 -52.03
N LEU K 33 -10.12 31.74 -53.31
CA LEU K 33 -10.97 31.04 -54.25
C LEU K 33 -10.55 29.58 -54.40
N PHE K 34 -9.23 29.34 -54.53
CA PHE K 34 -8.74 27.98 -54.66
C PHE K 34 -9.02 27.17 -53.39
N PHE K 35 -8.86 27.78 -52.22
CA PHE K 35 -9.13 27.08 -50.97
C PHE K 35 -10.61 26.73 -50.82
N SER K 36 -11.48 27.65 -51.22
CA SER K 36 -12.92 27.45 -51.02
C SER K 36 -13.51 26.48 -52.03
N ARG K 37 -13.03 26.50 -53.28
CA ARG K 37 -13.68 25.73 -54.34
C ARG K 37 -12.99 24.40 -54.62
N VAL K 38 -11.67 24.38 -54.80
CA VAL K 38 -11.01 23.18 -55.31
C VAL K 38 -10.62 22.25 -54.17
N SER K 39 -9.74 22.70 -53.28
CA SER K 39 -9.21 21.84 -52.23
C SER K 39 -8.70 22.71 -51.10
N GLN K 40 -8.34 22.07 -49.98
CA GLN K 40 -7.92 22.77 -48.78
C GLN K 40 -6.49 22.42 -48.39
N TRP K 41 -5.74 21.81 -49.28
CA TRP K 41 -4.34 21.45 -49.04
C TRP K 41 -3.49 22.17 -50.09
N ASP K 42 -3.08 23.40 -49.77
CA ASP K 42 -2.31 24.22 -50.69
C ASP K 42 -0.83 23.87 -50.58
N ASP K 43 -0.51 22.63 -50.95
CA ASP K 43 0.86 22.13 -50.91
C ASP K 43 1.30 21.60 -52.26
N TRP K 44 0.84 22.22 -53.35
CA TRP K 44 1.27 21.79 -54.68
C TRP K 44 2.79 21.90 -54.82
N LEU K 45 3.36 22.98 -54.28
CA LEU K 45 4.81 23.12 -54.25
C LEU K 45 5.40 22.18 -53.20
N SER K 46 6.55 21.59 -53.52
CA SER K 46 7.30 20.71 -52.63
C SER K 46 6.50 19.47 -52.21
N GLN K 47 5.57 19.01 -53.04
CA GLN K 47 4.85 17.79 -52.77
C GLN K 47 5.56 16.61 -53.45
N TYR K 48 4.90 15.45 -53.47
CA TYR K 48 5.34 14.22 -54.13
C TYR K 48 6.63 13.66 -53.54
N THR K 49 7.17 14.24 -52.48
CA THR K 49 8.38 13.70 -51.88
C THR K 49 8.08 12.42 -51.09
N THR K 50 6.94 12.39 -50.40
CA THR K 50 6.51 11.22 -49.66
C THR K 50 4.99 11.24 -49.60
N LEU K 51 4.38 10.06 -49.70
CA LEU K 51 2.93 9.92 -49.74
C LEU K 51 2.42 9.59 -48.34
N GLN K 52 1.51 10.43 -47.83
CA GLN K 52 0.92 10.24 -46.52
C GLN K 52 -0.55 10.61 -46.57
N TYR K 53 -1.30 10.13 -45.58
CA TYR K 53 -2.72 10.41 -45.51
C TYR K 53 -2.97 11.90 -45.34
N ARG K 54 -3.90 12.43 -46.12
CA ARG K 54 -4.27 13.84 -46.08
C ARG K 54 -5.77 13.96 -46.21
N GLY K 55 -6.48 13.98 -45.07
CA GLY K 55 -7.92 14.06 -45.09
C GLY K 55 -8.43 15.47 -45.32
N GLN K 56 -9.73 15.61 -45.58
CA GLN K 56 -10.37 16.90 -45.82
C GLN K 56 -11.71 16.90 -45.09
N PHE K 57 -11.70 17.36 -43.84
CA PHE K 57 -12.89 17.39 -42.99
C PHE K 57 -13.34 18.85 -42.94
N ASP K 58 -14.15 19.25 -43.92
CA ASP K 58 -14.52 20.63 -44.09
C ASP K 58 -15.62 21.03 -43.12
N VAL K 59 -15.54 22.26 -42.62
CA VAL K 59 -16.48 22.77 -41.62
C VAL K 59 -16.96 24.15 -42.01
N VAL K 60 -16.29 24.79 -42.99
CA VAL K 60 -16.60 26.15 -43.36
C VAL K 60 -17.55 26.25 -44.55
N ARG K 61 -17.66 25.21 -45.37
CA ARG K 61 -18.54 25.18 -46.53
C ARG K 61 -20.01 25.43 -46.19
N PRO K 62 -20.55 24.85 -45.10
CA PRO K 62 -21.95 25.16 -44.75
C PRO K 62 -22.20 26.64 -44.51
N VAL K 63 -21.23 27.37 -43.96
CA VAL K 63 -21.41 28.79 -43.73
C VAL K 63 -21.57 29.53 -45.06
N VAL K 64 -20.71 29.23 -46.03
CA VAL K 64 -20.79 29.87 -47.33
C VAL K 64 -22.11 29.51 -48.02
N ARG K 65 -22.52 28.24 -47.91
CA ARG K 65 -23.78 27.83 -48.51
C ARG K 65 -24.95 28.57 -47.88
N LYS K 66 -24.95 28.70 -46.55
CA LYS K 66 -26.02 29.41 -45.87
C LYS K 66 -26.06 30.88 -46.29
N LEU K 67 -24.90 31.51 -46.41
CA LEU K 67 -24.87 32.92 -46.80
C LEU K 67 -25.37 33.12 -48.22
N VAL K 68 -24.94 32.27 -49.16
CA VAL K 68 -25.38 32.43 -50.53
C VAL K 68 -26.88 32.13 -50.65
N SER K 69 -27.39 31.17 -49.88
CA SER K 69 -28.83 30.92 -49.88
C SER K 69 -29.59 32.11 -49.31
N GLU K 70 -29.03 32.73 -48.26
CA GLU K 70 -29.68 33.89 -47.65
C GLU K 70 -29.75 35.06 -48.62
N MET K 71 -28.66 35.34 -49.35
CA MET K 71 -28.70 36.45 -50.28
C MET K 71 -29.36 36.09 -51.62
N ARG K 72 -29.65 34.82 -51.86
CA ARG K 72 -30.41 34.47 -53.06
C ARG K 72 -31.91 34.62 -52.82
N GLN K 73 -32.34 34.72 -51.56
CA GLN K 73 -33.75 34.82 -51.23
C GLN K 73 -34.28 36.25 -51.29
N ASN K 74 -33.40 37.24 -51.42
CA ASN K 74 -33.79 38.65 -51.42
C ASN K 74 -33.23 39.32 -52.66
N PRO K 75 -33.88 39.17 -53.81
CA PRO K 75 -33.40 39.82 -55.03
C PRO K 75 -33.49 41.34 -54.92
N ILE K 76 -32.56 42.00 -55.62
CA ILE K 76 -32.48 43.46 -55.63
C ILE K 76 -32.32 43.91 -57.07
N ASP K 77 -33.09 44.92 -57.46
CA ASP K 77 -33.03 45.49 -58.79
C ASP K 77 -33.00 47.01 -58.67
N VAL K 78 -33.05 47.67 -59.82
CA VAL K 78 -33.01 49.13 -59.88
C VAL K 78 -34.42 49.64 -60.12
N LEU K 79 -34.85 50.63 -59.34
CA LEU K 79 -36.16 51.23 -59.46
C LEU K 79 -35.99 52.71 -59.80
N TYR K 80 -36.20 53.06 -61.06
CA TYR K 80 -36.09 54.45 -61.50
C TYR K 80 -37.30 55.23 -61.01
N ARG K 81 -37.06 56.37 -60.39
CA ARG K 81 -38.13 57.23 -59.92
C ARG K 81 -38.00 58.63 -60.53
N PRO K 82 -39.12 59.28 -60.82
CA PRO K 82 -39.04 60.62 -61.40
C PRO K 82 -38.48 61.63 -60.41
N LYS K 83 -37.79 62.63 -60.93
CA LYS K 83 -37.25 63.69 -60.08
C LYS K 83 -38.38 64.51 -59.49
N ASP K 84 -38.06 65.24 -58.42
CA ASP K 84 -39.09 65.99 -57.70
C ASP K 84 -39.74 67.07 -58.58
N GLY K 85 -38.95 67.77 -59.38
CA GLY K 85 -39.49 68.82 -60.22
C GLY K 85 -40.15 68.35 -61.50
N ALA K 86 -40.00 67.08 -61.84
CA ALA K 86 -40.52 66.55 -63.10
C ALA K 86 -41.94 66.04 -62.90
N ARG K 87 -42.50 65.50 -63.98
CA ARG K 87 -43.85 64.93 -63.96
C ARG K 87 -43.84 63.62 -63.18
N PRO K 88 -45.01 63.19 -62.69
CA PRO K 88 -45.06 61.90 -61.98
C PRO K 88 -44.65 60.70 -62.82
N ASP K 89 -45.12 60.67 -64.07
CA ASP K 89 -44.75 59.65 -65.04
C ASP K 89 -43.60 60.13 -65.89
N ALA K 90 -42.41 59.72 -65.57
CA ALA K 90 -41.26 60.28 -66.20
C ALA K 90 -40.28 59.18 -66.34
N ALA K 91 -40.52 58.12 -65.60
CA ALA K 91 -39.55 57.11 -65.39
C ALA K 91 -40.13 55.82 -65.82
N ASP K 92 -41.09 55.88 -66.72
CA ASP K 92 -41.97 54.80 -66.94
C ASP K 92 -41.66 54.20 -68.27
N VAL K 93 -40.94 54.96 -69.08
CA VAL K 93 -40.41 54.48 -70.33
C VAL K 93 -39.01 53.96 -70.15
N LEU K 94 -38.28 54.50 -69.20
CA LEU K 94 -36.93 54.04 -68.95
C LEU K 94 -37.04 52.88 -68.07
N MET K 95 -38.15 52.81 -67.37
CA MET K 95 -38.32 51.64 -66.51
C MET K 95 -38.78 50.43 -67.30
N GLY K 96 -39.72 50.63 -68.23
CA GLY K 96 -40.15 49.53 -69.08
C GLY K 96 -39.01 48.97 -69.92
N MET K 97 -38.17 49.87 -70.45
CA MET K 97 -37.00 49.42 -71.20
C MET K 97 -36.04 48.64 -70.32
N TYR K 98 -35.84 49.08 -69.07
CA TYR K 98 -34.95 48.37 -68.17
C TYR K 98 -35.48 46.97 -67.87
N ARG K 99 -36.78 46.85 -67.61
CA ARG K 99 -37.37 45.53 -67.40
C ARG K 99 -37.24 44.66 -68.64
N THR K 100 -37.46 45.24 -69.83
CA THR K 100 -37.36 44.45 -71.06
C THR K 100 -35.94 43.95 -71.30
N ASP K 101 -34.94 44.80 -71.08
CA ASP K 101 -33.57 44.43 -71.40
C ASP K 101 -33.00 43.40 -70.42
N MET K 102 -33.23 43.61 -69.12
CA MET K 102 -32.60 42.81 -68.07
C MET K 102 -33.53 41.73 -67.53
N ARG K 103 -34.35 41.13 -68.39
CA ARG K 103 -35.30 40.11 -67.95
C ARG K 103 -34.77 38.70 -68.19
N HIS K 104 -33.84 38.52 -69.12
CA HIS K 104 -33.40 37.18 -69.53
C HIS K 104 -32.56 36.54 -68.43
N ASN K 105 -32.05 35.34 -68.70
CA ASN K 105 -31.31 34.58 -67.71
C ASN K 105 -29.90 35.12 -67.50
N THR K 106 -29.34 35.81 -68.50
CA THR K 106 -27.95 36.25 -68.42
C THR K 106 -27.74 37.21 -67.26
N ALA K 107 -28.65 38.16 -67.06
CA ALA K 107 -28.51 39.13 -65.99
C ALA K 107 -28.55 38.44 -64.63
N LYS K 108 -29.50 37.52 -64.43
CA LYS K 108 -29.60 36.82 -63.17
C LYS K 108 -28.37 35.97 -62.91
N ILE K 109 -27.85 35.29 -63.94
CA ILE K 109 -26.65 34.48 -63.77
C ILE K 109 -25.46 35.36 -63.40
N ALA K 110 -25.32 36.52 -64.06
CA ALA K 110 -24.20 37.40 -63.76
C ALA K 110 -24.28 37.91 -62.32
N VAL K 111 -25.48 38.32 -61.88
CA VAL K 111 -25.62 38.82 -60.52
C VAL K 111 -25.33 37.72 -59.51
N ASN K 112 -25.80 36.50 -59.77
CA ASN K 112 -25.55 35.39 -58.85
C ASN K 112 -24.06 35.06 -58.77
N ILE K 113 -23.37 35.06 -59.92
CA ILE K 113 -21.93 34.81 -59.92
C ILE K 113 -21.21 35.87 -59.11
N ALA K 114 -21.57 37.15 -59.31
CA ALA K 114 -20.93 38.23 -58.58
C ALA K 114 -21.17 38.10 -57.09
N VAL K 115 -22.40 37.74 -56.70
CA VAL K 115 -22.71 37.59 -55.27
C VAL K 115 -21.91 36.46 -54.65
N ARG K 116 -21.83 35.31 -55.34
CA ARG K 116 -21.07 34.19 -54.80
C ARG K 116 -19.59 34.55 -54.66
N GLU K 117 -19.03 35.21 -55.67
CA GLU K 117 -17.64 35.65 -55.57
C GLU K 117 -17.45 36.59 -54.40
N GLN K 118 -18.31 37.60 -54.28
CA GLN K 118 -18.22 38.56 -53.18
C GLN K 118 -18.25 37.86 -51.83
N ILE K 119 -19.08 36.81 -51.70
CA ILE K 119 -19.12 36.06 -50.45
C ILE K 119 -17.80 35.34 -50.22
N GLU K 120 -17.28 34.66 -51.25
CA GLU K 120 -16.07 33.85 -51.04
C GLU K 120 -14.82 34.73 -50.95
N ALA K 121 -14.50 35.45 -52.02
CA ALA K 121 -13.36 36.37 -52.05
C ALA K 121 -13.88 37.74 -52.43
N GLY K 122 -13.63 38.73 -51.58
CA GLY K 122 -14.43 39.93 -51.62
C GLY K 122 -14.21 40.84 -52.81
N VAL K 123 -14.58 40.35 -54.00
CA VAL K 123 -14.61 41.16 -55.21
C VAL K 123 -15.39 40.43 -56.29
N GLY K 124 -16.13 41.18 -57.11
CA GLY K 124 -16.87 40.62 -58.21
C GLY K 124 -17.24 41.72 -59.18
N ALA K 125 -17.66 41.32 -60.38
CA ALA K 125 -17.99 42.30 -61.41
C ALA K 125 -18.89 41.67 -62.45
N TRP K 126 -19.51 42.52 -63.25
CA TRP K 126 -20.29 42.11 -64.41
C TRP K 126 -20.42 43.31 -65.34
N ARG K 127 -20.30 43.07 -66.64
CA ARG K 127 -20.26 44.13 -67.64
C ARG K 127 -21.58 44.21 -68.39
N LEU K 128 -21.82 45.39 -68.98
CA LEU K 128 -22.98 45.64 -69.82
C LEU K 128 -22.53 45.79 -71.25
N VAL K 129 -23.08 44.97 -72.14
CA VAL K 129 -22.67 44.93 -73.54
C VAL K 129 -23.89 45.13 -74.43
N THR K 130 -23.75 46.02 -75.40
CA THR K 130 -24.78 46.26 -76.40
C THR K 130 -24.59 45.32 -77.58
N ASP K 131 -25.63 45.20 -78.40
CA ASP K 131 -25.62 44.25 -79.50
C ASP K 131 -26.65 44.69 -80.54
N TYR K 132 -26.54 44.12 -81.73
CA TYR K 132 -27.47 44.37 -82.82
C TYR K 132 -28.46 43.22 -82.93
N GLU K 133 -29.74 43.55 -83.00
CA GLU K 133 -30.79 42.54 -83.12
C GLU K 133 -31.93 43.10 -83.97
N ASP K 134 -32.49 42.26 -84.83
CA ASP K 134 -33.57 42.66 -85.72
C ASP K 134 -34.88 41.93 -85.48
N GLN K 135 -34.83 40.69 -85.01
CA GLN K 135 -36.05 39.91 -84.82
C GLN K 135 -36.90 40.45 -83.68
N SER K 136 -36.27 40.73 -82.53
CA SER K 136 -36.97 41.24 -81.35
C SER K 136 -36.20 42.41 -80.76
N PRO K 137 -36.21 43.55 -81.45
CA PRO K 137 -35.54 44.75 -80.90
C PRO K 137 -36.33 45.31 -79.71
N THR K 138 -35.60 46.01 -78.84
CA THR K 138 -36.23 46.59 -77.66
C THR K 138 -36.95 47.89 -78.00
N SER K 139 -36.18 48.91 -78.39
CA SER K 139 -36.76 50.13 -78.95
C SER K 139 -36.22 50.40 -80.34
N ASN K 140 -34.90 50.48 -80.49
CA ASN K 140 -34.24 50.56 -81.79
C ASN K 140 -33.62 49.21 -82.10
N ASN K 141 -32.86 49.14 -83.20
CA ASN K 141 -32.26 47.87 -83.57
C ASN K 141 -31.00 47.60 -82.76
N GLN K 142 -31.11 47.73 -81.43
CA GLN K 142 -30.03 47.38 -80.52
C GLN K 142 -30.65 46.79 -79.25
N VAL K 143 -29.87 45.95 -78.58
CA VAL K 143 -30.29 45.31 -77.33
C VAL K 143 -29.14 45.38 -76.34
N ILE K 144 -29.44 45.76 -75.11
CA ILE K 144 -28.47 45.84 -74.03
C ILE K 144 -28.59 44.59 -73.18
N ARG K 145 -27.45 43.94 -72.95
CA ARG K 145 -27.43 42.70 -72.16
C ARG K 145 -26.25 42.74 -71.19
N ARG K 146 -26.45 42.16 -70.01
CA ARG K 146 -25.35 41.97 -69.09
C ARG K 146 -24.48 40.82 -69.55
N GLU K 147 -23.29 40.72 -68.95
CA GLU K 147 -22.37 39.63 -69.25
C GLU K 147 -21.57 39.35 -67.99
N PRO K 148 -21.29 38.08 -67.70
CA PRO K 148 -20.57 37.75 -66.46
C PRO K 148 -19.06 37.70 -66.67
N ILE K 149 -18.36 38.03 -65.58
CA ILE K 149 -16.90 37.92 -65.52
C ILE K 149 -16.60 36.91 -64.42
N HIS K 150 -15.95 35.81 -64.79
CA HIS K 150 -15.93 34.63 -63.93
C HIS K 150 -14.81 34.66 -62.90
N SER K 151 -13.84 35.58 -63.05
CA SER K 151 -12.83 35.82 -62.02
C SER K 151 -12.51 37.31 -62.04
N ALA K 152 -13.22 38.08 -61.21
CA ALA K 152 -12.93 39.50 -61.12
C ALA K 152 -11.67 39.78 -60.31
N CYS K 153 -11.13 38.78 -59.63
CA CYS K 153 -9.91 38.98 -58.85
C CYS K 153 -8.73 39.35 -59.74
N SER K 154 -8.57 38.66 -60.87
CA SER K 154 -7.40 38.84 -61.72
C SER K 154 -7.71 39.27 -63.14
N HIS K 155 -8.95 39.14 -63.60
CA HIS K 155 -9.26 39.51 -64.98
C HIS K 155 -9.60 40.99 -65.11
N VAL K 156 -10.25 41.57 -64.12
CA VAL K 156 -10.57 42.99 -64.13
C VAL K 156 -9.54 43.74 -63.31
N ILE K 157 -8.91 44.73 -63.93
CA ILE K 157 -7.86 45.52 -63.30
C ILE K 157 -8.28 46.99 -63.40
N TRP K 158 -8.52 47.60 -62.25
CA TRP K 158 -9.01 48.97 -62.21
C TRP K 158 -7.86 49.95 -62.07
N ASP K 159 -8.19 51.24 -62.15
CA ASP K 159 -7.18 52.29 -61.98
C ASP K 159 -6.68 52.29 -60.54
N SER K 160 -5.36 52.44 -60.39
CA SER K 160 -4.77 52.45 -59.06
C SER K 160 -5.07 53.72 -58.28
N ASN K 161 -5.46 54.80 -58.97
CA ASN K 161 -5.77 56.07 -58.33
C ASN K 161 -7.23 56.17 -57.89
N SER K 162 -8.05 55.18 -58.22
CA SER K 162 -9.46 55.21 -57.83
C SER K 162 -9.59 55.15 -56.30
N LYS K 163 -10.63 55.82 -55.80
CA LYS K 163 -10.84 55.93 -54.37
C LYS K 163 -12.22 55.50 -53.90
N LEU K 164 -13.18 55.30 -54.80
CA LEU K 164 -14.54 54.92 -54.40
C LEU K 164 -14.72 53.41 -54.49
N MET K 165 -15.81 52.94 -53.88
CA MET K 165 -16.11 51.50 -53.89
C MET K 165 -16.61 51.06 -55.26
N ASP K 166 -17.46 51.86 -55.90
CA ASP K 166 -17.99 51.51 -57.21
C ASP K 166 -17.10 51.98 -58.36
N LYS K 167 -15.95 52.58 -58.06
CA LYS K 167 -14.98 53.02 -59.06
C LYS K 167 -15.60 54.02 -60.04
N SER K 168 -16.35 54.98 -59.49
CA SER K 168 -16.93 56.02 -60.32
C SER K 168 -15.85 56.92 -60.91
N ASP K 169 -14.83 57.25 -60.12
CA ASP K 169 -13.75 58.13 -60.56
C ASP K 169 -12.56 57.27 -61.00
N ALA K 170 -12.70 56.66 -62.17
CA ALA K 170 -11.65 55.85 -62.76
C ALA K 170 -11.55 56.16 -64.24
N ARG K 171 -10.33 56.08 -64.78
CA ARG K 171 -10.09 56.36 -66.19
C ARG K 171 -9.47 55.17 -66.92
N HIS K 172 -9.18 54.07 -66.22
CA HIS K 172 -8.64 52.87 -66.83
C HIS K 172 -9.44 51.67 -66.36
N CYS K 173 -9.53 50.67 -67.24
CA CYS K 173 -10.14 49.39 -66.88
C CYS K 173 -9.68 48.36 -67.90
N THR K 174 -8.92 47.38 -67.46
CA THR K 174 -8.37 46.36 -68.33
C THR K 174 -9.02 45.01 -68.02
N VAL K 175 -9.61 44.40 -69.04
CA VAL K 175 -10.22 43.08 -68.92
C VAL K 175 -9.40 42.10 -69.74
N ILE K 176 -8.81 41.12 -69.07
CA ILE K 176 -7.90 40.16 -69.70
C ILE K 176 -8.74 38.95 -70.07
N HIS K 177 -9.16 38.89 -71.33
CA HIS K 177 -9.93 37.75 -71.83
C HIS K 177 -9.07 36.50 -71.89
N SER K 178 -9.65 35.35 -71.56
CA SER K 178 -9.00 34.05 -71.71
C SER K 178 -9.96 33.15 -72.45
N MET K 179 -9.54 32.67 -73.62
CA MET K 179 -10.41 31.93 -74.53
C MET K 179 -9.63 30.85 -75.25
N SER K 180 -10.37 29.85 -75.74
CA SER K 180 -9.78 28.69 -76.39
C SER K 180 -9.48 28.98 -77.86
N GLN K 181 -8.95 27.98 -78.55
CA GLN K 181 -8.55 28.15 -79.95
C GLN K 181 -9.76 28.46 -80.83
N ASN K 182 -10.80 27.64 -80.75
CA ASN K 182 -12.02 27.93 -81.49
C ASN K 182 -12.69 29.21 -81.01
N GLY K 183 -12.64 29.46 -79.69
CA GLY K 183 -13.11 30.73 -79.18
C GLY K 183 -12.33 31.90 -79.74
N TRP K 184 -11.01 31.75 -79.88
CA TRP K 184 -10.20 32.81 -80.48
C TRP K 184 -10.57 33.01 -81.94
N GLU K 185 -10.80 31.93 -82.68
CA GLU K 185 -11.20 32.06 -84.07
C GLU K 185 -12.53 32.79 -84.21
N ASP K 186 -13.51 32.44 -83.37
CA ASP K 186 -14.80 33.13 -83.42
C ASP K 186 -14.66 34.59 -82.99
N PHE K 187 -13.83 34.86 -81.99
CA PHE K 187 -13.60 36.24 -81.56
C PHE K 187 -12.98 37.07 -82.68
N ALA K 188 -12.01 36.49 -83.40
CA ALA K 188 -11.42 37.19 -84.53
C ALA K 188 -12.43 37.39 -85.65
N GLU K 189 -13.32 36.42 -85.87
CA GLU K 189 -14.36 36.57 -86.88
C GLU K 189 -15.34 37.68 -86.51
N LYS K 190 -15.68 37.81 -85.23
CA LYS K 190 -16.65 38.82 -84.82
C LYS K 190 -16.16 40.23 -85.11
N TYR K 191 -14.90 40.52 -84.78
CA TYR K 191 -14.29 41.79 -85.10
C TYR K 191 -13.58 41.69 -86.45
N ASP K 192 -12.77 42.69 -86.78
CA ASP K 192 -12.02 42.71 -88.04
C ASP K 192 -10.61 42.14 -87.88
N LEU K 193 -10.35 41.46 -86.77
CA LEU K 193 -9.04 40.86 -86.53
C LEU K 193 -8.83 39.65 -87.43
N ASP K 194 -7.58 39.22 -87.52
CA ASP K 194 -7.20 38.06 -88.31
C ASP K 194 -6.92 36.88 -87.37
N ALA K 195 -7.34 35.69 -87.79
CA ALA K 195 -7.19 34.48 -86.98
C ALA K 195 -5.87 33.78 -87.20
N ASP K 196 -4.90 34.36 -87.91
CA ASP K 196 -3.66 33.67 -88.23
C ASP K 196 -2.56 33.90 -87.19
N ASP K 197 -2.50 35.07 -86.58
CA ASP K 197 -1.50 35.36 -85.55
C ASP K 197 -2.13 35.13 -84.17
N ILE K 198 -1.37 34.51 -83.27
CA ILE K 198 -1.85 34.17 -81.94
C ILE K 198 -1.55 35.32 -80.98
N PRO K 199 -2.56 35.93 -80.38
CA PRO K 199 -2.30 37.00 -79.40
C PRO K 199 -1.79 36.43 -78.09
N SER K 200 -1.19 37.31 -77.29
CA SER K 200 -0.67 36.92 -75.99
C SER K 200 -0.75 38.12 -75.06
N PHE K 201 -0.76 37.84 -73.76
CA PHE K 201 -0.84 38.87 -72.74
C PHE K 201 -0.41 38.27 -71.41
N GLN K 202 -0.63 39.03 -70.34
CA GLN K 202 -0.31 38.52 -69.00
C GLN K 202 -1.17 37.31 -68.67
N ASN K 203 -0.59 36.37 -67.93
CA ASN K 203 -1.29 35.17 -67.53
C ASN K 203 -1.90 35.36 -66.16
N PRO K 204 -3.21 35.56 -66.05
CA PRO K 204 -3.82 35.77 -64.72
C PRO K 204 -3.78 34.52 -63.85
N ASN K 205 -4.21 33.39 -64.42
CA ASN K 205 -4.23 32.14 -63.68
C ASN K 205 -2.82 31.58 -63.52
N ASP K 206 -2.72 30.46 -62.81
CA ASP K 206 -1.44 29.85 -62.54
C ASP K 206 -1.57 28.33 -62.62
N TRP K 207 -0.42 27.67 -62.79
CA TRP K 207 -0.36 26.22 -62.97
C TRP K 207 -0.02 25.58 -61.62
N VAL K 208 -1.06 25.44 -60.79
CA VAL K 208 -0.87 24.94 -59.43
C VAL K 208 -1.78 23.76 -59.14
N PHE K 209 -2.20 23.04 -60.18
CA PHE K 209 -3.09 21.90 -60.03
C PHE K 209 -2.74 20.87 -61.09
N PRO K 210 -2.98 19.58 -60.83
CA PRO K 210 -2.74 18.56 -61.86
C PRO K 210 -3.74 18.64 -63.01
N TRP K 211 -3.83 19.80 -63.65
CA TRP K 211 -4.70 19.97 -64.81
C TRP K 211 -4.01 19.49 -66.07
N LEU K 212 -4.81 19.19 -67.10
CA LEU K 212 -4.26 18.62 -68.31
C LEU K 212 -3.88 19.69 -69.32
N THR K 213 -4.82 20.57 -69.68
CA THR K 213 -4.61 21.55 -70.73
C THR K 213 -5.06 22.93 -70.27
N GLN K 214 -4.61 23.94 -71.00
CA GLN K 214 -5.02 25.32 -70.78
C GLN K 214 -5.20 25.98 -72.14
N ASP K 215 -5.94 27.10 -72.14
CA ASP K 215 -6.20 27.80 -73.40
C ASP K 215 -4.94 28.49 -73.92
N THR K 216 -4.20 29.16 -73.05
CA THR K 216 -2.95 29.84 -73.39
C THR K 216 -3.15 30.83 -74.54
N ILE K 217 -4.29 31.53 -74.53
CA ILE K 217 -4.59 32.59 -75.50
C ILE K 217 -5.24 33.71 -74.71
N GLN K 218 -4.49 34.77 -74.44
CA GLN K 218 -4.97 35.88 -73.63
C GLN K 218 -4.93 37.16 -74.44
N ILE K 219 -6.05 37.87 -74.48
CA ILE K 219 -6.13 39.19 -75.10
C ILE K 219 -6.81 40.12 -74.10
N ALA K 220 -6.60 41.42 -74.28
CA ALA K 220 -7.05 42.42 -73.32
C ALA K 220 -7.84 43.52 -74.01
N GLU K 221 -8.69 44.18 -73.24
CA GLU K 221 -9.47 45.32 -73.70
C GLU K 221 -9.20 46.49 -72.75
N PHE K 222 -9.05 47.69 -73.32
CA PHE K 222 -8.64 48.86 -72.55
C PHE K 222 -9.70 49.94 -72.70
N TYR K 223 -10.38 50.26 -71.61
CA TYR K 223 -11.39 51.31 -71.57
C TYR K 223 -10.79 52.57 -70.97
N GLU K 224 -11.13 53.72 -71.55
CA GLU K 224 -10.69 55.01 -71.03
C GLU K 224 -11.80 56.03 -71.19
N VAL K 225 -11.78 57.03 -70.32
CA VAL K 225 -12.80 58.07 -70.28
C VAL K 225 -12.12 59.43 -70.33
N VAL K 226 -12.63 60.32 -71.17
CA VAL K 226 -12.08 61.66 -71.33
C VAL K 226 -13.19 62.70 -71.23
N GLU K 227 -12.78 63.93 -70.91
CA GLU K 227 -13.68 65.07 -70.89
C GLU K 227 -13.06 66.17 -71.75
N LYS K 228 -13.83 66.68 -72.72
CA LYS K 228 -13.28 67.57 -73.73
C LYS K 228 -14.11 68.83 -73.95
N LYS K 229 -15.35 68.88 -73.46
CA LYS K 229 -16.24 70.03 -73.63
C LYS K 229 -16.47 70.33 -75.11
N GLU K 230 -17.12 69.38 -75.77
CA GLU K 230 -17.44 69.50 -77.19
C GLU K 230 -18.59 70.47 -77.39
N THR K 231 -18.93 70.71 -78.66
CA THR K 231 -19.93 71.70 -79.02
C THR K 231 -21.31 71.05 -79.20
N ALA K 232 -22.32 71.90 -79.31
CA ALA K 232 -23.69 71.43 -79.48
C ALA K 232 -24.47 72.45 -80.27
N PHE K 233 -25.46 71.98 -81.02
CA PHE K 233 -26.31 72.83 -81.83
C PHE K 233 -27.69 72.97 -81.20
N ILE K 234 -28.19 74.21 -81.15
CA ILE K 234 -29.50 74.51 -80.61
C ILE K 234 -30.44 74.72 -81.79
N TYR K 235 -31.35 73.77 -82.01
CA TYR K 235 -32.32 73.84 -83.10
C TYR K 235 -33.67 74.28 -82.57
N GLN K 236 -34.61 74.46 -83.49
CA GLN K 236 -35.98 74.80 -83.16
C GLN K 236 -36.90 73.66 -83.57
N ASP K 237 -37.67 73.16 -82.61
CA ASP K 237 -38.61 72.08 -82.88
C ASP K 237 -39.75 72.61 -83.74
N PRO K 238 -39.98 72.06 -84.93
CA PRO K 238 -41.06 72.60 -85.77
C PRO K 238 -42.44 72.08 -85.42
N VAL K 239 -42.55 71.05 -84.58
CA VAL K 239 -43.87 70.62 -84.11
C VAL K 239 -44.40 71.58 -83.06
N THR K 240 -43.62 71.82 -82.01
CA THR K 240 -43.95 72.77 -80.96
C THR K 240 -42.81 73.78 -80.82
N GLY K 241 -43.16 75.03 -80.62
CA GLY K 241 -42.18 76.10 -80.62
C GLY K 241 -41.30 76.14 -79.38
N GLU K 242 -40.46 75.11 -79.22
CA GLU K 242 -39.53 75.05 -78.10
C GLU K 242 -38.13 74.73 -78.62
N PRO K 243 -37.09 75.27 -77.99
CA PRO K 243 -35.73 74.99 -78.44
C PRO K 243 -35.27 73.59 -78.03
N VAL K 244 -34.48 72.97 -78.90
CA VAL K 244 -33.90 71.66 -78.65
C VAL K 244 -32.40 71.73 -78.92
N SER K 245 -31.65 70.93 -78.18
CA SER K 245 -30.19 70.89 -78.29
C SER K 245 -29.74 69.49 -78.67
N TYR K 246 -28.93 69.40 -79.72
CA TYR K 246 -28.36 68.14 -80.18
C TYR K 246 -26.85 68.28 -80.33
N PHE K 247 -26.13 67.26 -79.91
CA PHE K 247 -24.67 67.26 -80.05
C PHE K 247 -24.28 67.23 -81.51
N LYS K 248 -23.22 67.97 -81.86
CA LYS K 248 -22.79 68.04 -83.24
C LYS K 248 -22.29 66.69 -83.75
N ARG K 249 -21.56 65.95 -82.91
CA ARG K 249 -21.00 64.67 -83.35
C ARG K 249 -22.08 63.65 -83.68
N ASP K 250 -23.16 63.60 -82.90
CA ASP K 250 -24.21 62.63 -83.13
C ASP K 250 -24.96 62.88 -84.44
N ILE K 251 -25.22 64.14 -84.77
CA ILE K 251 -25.96 64.49 -85.97
C ILE K 251 -25.04 65.06 -87.05
N LYS K 252 -23.76 64.69 -87.04
CA LYS K 252 -22.80 65.28 -87.96
C LYS K 252 -23.16 65.01 -89.42
N ASP K 253 -23.77 63.87 -89.71
CA ASP K 253 -24.12 63.51 -91.08
C ASP K 253 -25.59 63.77 -91.42
N VAL K 254 -26.30 64.54 -90.60
CA VAL K 254 -27.74 64.68 -90.74
C VAL K 254 -28.08 66.18 -90.77
N ILE K 255 -27.05 67.02 -90.66
CA ILE K 255 -27.27 68.47 -90.55
C ILE K 255 -28.05 68.98 -91.76
N ASP K 256 -27.65 68.55 -92.97
CA ASP K 256 -28.37 68.96 -94.16
C ASP K 256 -29.80 68.43 -94.16
N ASP K 257 -29.99 67.18 -93.74
CA ASP K 257 -31.35 66.63 -93.67
C ASP K 257 -32.20 67.38 -92.65
N LEU K 258 -31.61 67.71 -91.51
CA LEU K 258 -32.35 68.48 -90.50
C LEU K 258 -32.72 69.86 -91.03
N ALA K 259 -31.82 70.49 -91.78
CA ALA K 259 -32.13 71.76 -92.40
C ALA K 259 -33.23 71.61 -93.46
N ASP K 260 -33.29 70.46 -94.12
CA ASP K 260 -34.35 70.22 -95.10
C ASP K 260 -35.72 70.23 -94.45
N SER K 261 -35.85 69.68 -93.24
CA SER K 261 -37.11 69.67 -92.51
C SER K 261 -37.33 71.05 -91.88
N GLY K 262 -38.31 71.13 -90.97
CA GLY K 262 -38.63 72.39 -90.34
C GLY K 262 -37.62 72.87 -89.31
N PHE K 263 -36.64 72.04 -88.96
CA PHE K 263 -35.64 72.43 -87.99
C PHE K 263 -34.80 73.59 -88.52
N ILE K 264 -34.58 74.59 -87.67
CA ILE K 264 -33.75 75.74 -88.00
C ILE K 264 -32.79 75.99 -86.85
N LYS K 265 -31.56 76.36 -87.17
CA LYS K 265 -30.54 76.59 -86.15
C LYS K 265 -30.76 77.96 -85.49
N ILE K 266 -30.59 78.01 -84.17
CA ILE K 266 -30.77 79.23 -83.40
C ILE K 266 -29.45 79.76 -82.88
N ALA K 267 -28.68 78.91 -82.20
CA ALA K 267 -27.40 79.33 -81.62
C ALA K 267 -26.52 78.10 -81.46
N GLU K 268 -25.27 78.33 -81.06
CA GLU K 268 -24.30 77.27 -80.83
C GLU K 268 -23.71 77.43 -79.44
N ARG K 269 -23.61 76.32 -78.71
CA ARG K 269 -23.08 76.31 -77.36
C ARG K 269 -21.98 75.25 -77.25
N GLN K 270 -21.42 75.12 -76.06
CA GLN K 270 -20.38 74.14 -75.76
C GLN K 270 -20.71 73.49 -74.42
N ILE K 271 -21.00 72.19 -74.44
CA ILE K 271 -21.40 71.45 -73.26
C ILE K 271 -20.41 70.32 -73.03
N LYS K 272 -19.92 70.21 -71.80
CA LYS K 272 -18.96 69.16 -71.44
C LYS K 272 -19.69 67.85 -71.22
N ARG K 273 -19.10 66.77 -71.72
CA ARG K 273 -19.70 65.45 -71.62
C ARG K 273 -18.61 64.39 -71.73
N ARG K 274 -18.70 63.37 -70.89
CA ARG K 274 -17.71 62.30 -70.90
C ARG K 274 -17.92 61.39 -72.12
N ARG K 275 -16.83 60.73 -72.53
CA ARG K 275 -16.88 59.77 -73.62
C ARG K 275 -16.02 58.58 -73.25
N VAL K 276 -16.38 57.41 -73.79
CA VAL K 276 -15.70 56.16 -73.48
C VAL K 276 -15.11 55.59 -74.76
N TYR K 277 -13.83 55.23 -74.71
CA TYR K 277 -13.13 54.64 -75.84
C TYR K 277 -12.58 53.28 -75.44
N LYS K 278 -12.64 52.33 -76.37
CA LYS K 278 -12.17 50.97 -76.13
C LYS K 278 -11.13 50.59 -77.18
N SER K 279 -10.01 50.04 -76.73
CA SER K 279 -8.95 49.57 -77.60
C SER K 279 -8.53 48.17 -77.17
N ILE K 280 -7.98 47.42 -78.11
CA ILE K 280 -7.58 46.03 -77.89
C ILE K 280 -6.06 45.96 -78.01
N ILE K 281 -5.41 45.43 -76.97
CA ILE K 281 -3.97 45.33 -76.92
C ILE K 281 -3.58 43.86 -76.79
N THR K 282 -2.35 43.55 -77.25
CA THR K 282 -1.84 42.18 -77.15
C THR K 282 -0.38 42.14 -76.74
N CYS K 283 0.09 43.11 -75.95
CA CYS K 283 1.42 43.17 -75.36
C CYS K 283 2.53 43.38 -76.38
N THR K 284 2.21 43.40 -77.67
CA THR K 284 3.22 43.62 -78.70
C THR K 284 2.77 44.73 -79.66
N ALA K 285 1.47 44.85 -79.86
CA ALA K 285 0.92 45.87 -80.75
C ALA K 285 -0.55 46.07 -80.42
N VAL K 286 -1.11 47.16 -80.93
CA VAL K 286 -2.53 47.45 -80.77
C VAL K 286 -3.26 46.95 -82.02
N LEU K 287 -4.31 46.15 -81.81
CA LEU K 287 -5.08 45.63 -82.93
C LEU K 287 -6.13 46.61 -83.41
N LYS K 288 -6.98 47.10 -82.50
CA LYS K 288 -7.94 48.16 -82.79
C LYS K 288 -7.70 49.30 -81.82
N ASP K 289 -7.70 50.53 -82.34
CA ASP K 289 -7.30 51.70 -81.57
C ASP K 289 -8.50 52.64 -81.43
N LYS K 290 -8.92 52.87 -80.19
CA LYS K 290 -9.87 53.92 -79.83
C LYS K 290 -11.19 53.79 -80.59
N GLN K 291 -11.89 52.70 -80.32
CA GLN K 291 -13.26 52.56 -80.79
C GLN K 291 -14.21 53.27 -79.83
N LEU K 292 -15.20 53.95 -80.39
CA LEU K 292 -16.11 54.79 -79.61
C LEU K 292 -17.24 53.94 -79.06
N ILE K 293 -17.20 53.65 -77.77
CA ILE K 293 -18.28 52.92 -77.10
C ILE K 293 -19.46 53.86 -76.89
N ALA K 294 -20.67 53.30 -76.98
CA ALA K 294 -21.88 54.12 -76.89
C ALA K 294 -22.09 54.69 -75.50
N GLY K 295 -21.50 54.09 -74.48
CA GLY K 295 -21.74 54.53 -73.12
C GLY K 295 -21.05 55.84 -72.79
N GLU K 296 -21.22 56.26 -71.55
CA GLU K 296 -20.53 57.42 -71.00
C GLU K 296 -19.67 57.07 -69.79
N HIS K 297 -19.87 55.92 -69.18
CA HIS K 297 -19.06 55.42 -68.08
C HIS K 297 -18.48 54.07 -68.48
N ILE K 298 -17.51 53.60 -67.72
CA ILE K 298 -16.94 52.28 -67.97
C ILE K 298 -17.99 51.22 -67.64
N PRO K 299 -18.31 50.33 -68.58
CA PRO K 299 -19.43 49.40 -68.37
C PRO K 299 -19.27 48.50 -67.15
N ILE K 300 -18.05 48.14 -66.77
CA ILE K 300 -17.85 47.16 -65.71
C ILE K 300 -18.37 47.72 -64.38
N VAL K 301 -19.15 46.93 -63.68
CA VAL K 301 -19.74 47.30 -62.40
C VAL K 301 -19.19 46.37 -61.33
N PRO K 302 -18.41 46.87 -60.36
CA PRO K 302 -17.80 45.98 -59.37
C PRO K 302 -18.59 45.86 -58.08
N VAL K 303 -18.48 44.71 -57.42
CA VAL K 303 -18.96 44.52 -56.05
C VAL K 303 -17.75 44.16 -55.19
N PHE K 304 -17.80 44.54 -53.92
CA PHE K 304 -16.66 44.38 -53.03
C PHE K 304 -17.07 43.70 -51.74
N GLY K 305 -16.10 43.04 -51.10
CA GLY K 305 -16.39 42.24 -49.93
C GLY K 305 -16.80 43.05 -48.73
N GLU K 306 -15.87 43.76 -48.08
CA GLU K 306 -16.33 44.73 -47.12
C GLU K 306 -15.95 46.14 -47.53
N TRP K 307 -14.66 46.48 -47.40
CA TRP K 307 -13.95 47.54 -48.12
C TRP K 307 -12.60 47.70 -47.44
N GLY K 308 -11.72 48.56 -47.95
CA GLY K 308 -10.63 49.03 -47.12
C GLY K 308 -9.38 49.54 -47.78
N PHE K 309 -8.87 50.66 -47.28
CA PHE K 309 -7.55 51.20 -47.61
C PHE K 309 -6.77 51.30 -46.31
N VAL K 310 -5.67 50.56 -46.21
CA VAL K 310 -4.94 50.51 -44.94
C VAL K 310 -3.90 51.62 -44.85
N GLU K 311 -2.91 51.65 -45.76
CA GLU K 311 -1.97 52.76 -45.82
C GLU K 311 -2.08 53.52 -47.14
N ASP K 312 -1.88 52.85 -48.28
CA ASP K 312 -2.14 53.46 -49.57
C ASP K 312 -2.65 52.41 -50.54
N LYS K 313 -2.86 51.18 -50.09
CA LYS K 313 -3.25 50.08 -50.97
C LYS K 313 -4.56 49.48 -50.47
N GLU K 314 -5.47 49.23 -51.40
CA GLU K 314 -6.78 48.71 -51.05
C GLU K 314 -6.69 47.27 -50.58
N VAL K 315 -7.53 46.93 -49.60
CA VAL K 315 -7.65 45.57 -49.10
C VAL K 315 -9.12 45.22 -49.00
N TYR K 316 -9.50 44.04 -49.49
CA TYR K 316 -10.86 43.55 -49.37
C TYR K 316 -10.84 42.14 -48.81
N GLU K 317 -11.93 41.78 -48.14
CA GLU K 317 -12.02 40.54 -47.38
C GLU K 317 -13.40 39.93 -47.59
N GLY K 318 -13.48 38.62 -47.37
CA GLY K 318 -14.75 37.92 -47.47
C GLY K 318 -15.10 37.19 -46.20
N VAL K 319 -15.35 35.90 -46.30
CA VAL K 319 -15.66 35.07 -45.13
C VAL K 319 -14.56 34.05 -44.85
N VAL K 320 -13.77 33.66 -45.84
CA VAL K 320 -12.84 32.55 -45.69
C VAL K 320 -11.46 33.01 -45.20
N ARG K 321 -11.18 34.31 -45.22
CA ARG K 321 -9.84 34.79 -44.91
C ARG K 321 -9.41 34.41 -43.49
N LEU K 322 -10.30 34.58 -42.52
CA LEU K 322 -9.95 34.36 -41.12
C LEU K 322 -10.23 32.94 -40.64
N THR K 323 -10.79 32.08 -41.49
CA THR K 323 -11.11 30.71 -41.11
C THR K 323 -10.19 29.70 -41.77
N LYS K 324 -8.96 30.08 -42.09
CA LYS K 324 -8.06 29.17 -42.80
C LYS K 324 -7.12 28.44 -41.84
N ASP K 325 -6.55 29.17 -40.87
CA ASP K 325 -5.58 28.56 -39.95
C ASP K 325 -6.24 27.46 -39.12
N GLY K 326 -7.40 27.76 -38.53
CA GLY K 326 -8.08 26.74 -37.74
C GLY K 326 -8.52 25.55 -38.56
N GLN K 327 -8.99 25.80 -39.79
CA GLN K 327 -9.41 24.72 -40.67
C GLN K 327 -8.23 23.81 -41.02
N ARG K 328 -7.08 24.40 -41.33
CA ARG K 328 -5.89 23.60 -41.64
C ARG K 328 -5.43 22.82 -40.41
N LEU K 329 -5.48 23.44 -39.23
CA LEU K 329 -5.11 22.73 -38.01
C LEU K 329 -6.05 21.55 -37.76
N ARG K 330 -7.35 21.75 -37.98
CA ARG K 330 -8.31 20.66 -37.81
C ARG K 330 -8.00 19.51 -38.77
N ASN K 331 -7.73 19.85 -40.03
CA ASN K 331 -7.40 18.80 -41.00
C ASN K 331 -6.15 18.04 -40.58
N MET K 332 -5.13 18.76 -40.13
CA MET K 332 -3.89 18.10 -39.71
C MET K 332 -4.11 17.19 -38.52
N ILE K 333 -4.89 17.63 -37.54
CA ILE K 333 -5.13 16.81 -36.35
C ILE K 333 -5.91 15.55 -36.73
N MET K 334 -6.93 15.69 -37.59
CA MET K 334 -7.68 14.52 -38.01
C MET K 334 -6.80 13.55 -38.78
N SER K 335 -5.93 14.05 -39.65
CA SER K 335 -5.01 13.18 -40.38
C SER K 335 -4.07 12.45 -39.44
N PHE K 336 -3.52 13.16 -38.44
CA PHE K 336 -2.62 12.53 -37.49
C PHE K 336 -3.33 11.44 -36.70
N ASN K 337 -4.57 11.71 -36.27
CA ASN K 337 -5.32 10.70 -35.53
C ASN K 337 -5.61 9.48 -36.40
N ALA K 338 -5.94 9.71 -37.67
CA ALA K 338 -6.19 8.58 -38.57
C ALA K 338 -4.91 7.76 -38.76
N ASP K 339 -3.76 8.42 -38.87
CA ASP K 339 -2.50 7.69 -38.96
C ASP K 339 -2.24 6.87 -37.69
N ILE K 340 -2.51 7.46 -36.53
CA ILE K 340 -2.32 6.74 -35.27
C ILE K 340 -3.19 5.50 -35.22
N VAL K 341 -4.44 5.63 -35.66
CA VAL K 341 -5.33 4.47 -35.69
C VAL K 341 -4.83 3.42 -36.67
N ALA K 342 -4.38 3.84 -37.84
CA ALA K 342 -4.07 2.90 -38.90
C ALA K 342 -2.78 2.12 -38.62
N ARG K 343 -1.72 2.80 -38.19
CA ARG K 343 -0.40 2.17 -38.18
C ARG K 343 0.01 1.62 -36.82
N THR K 344 -0.69 1.96 -35.74
CA THR K 344 -0.27 1.50 -34.42
C THR K 344 -0.53 -0.01 -34.28
N PRO K 345 0.41 -0.77 -33.72
CA PRO K 345 0.17 -2.19 -33.50
C PRO K 345 -0.92 -2.41 -32.47
N LYS K 346 -1.60 -3.55 -32.59
CA LYS K 346 -2.73 -3.88 -31.73
C LYS K 346 -2.23 -4.39 -30.39
N LYS K 347 -3.14 -4.94 -29.58
CA LYS K 347 -2.82 -5.44 -28.25
C LYS K 347 -2.71 -6.95 -28.28
N LYS K 348 -1.53 -7.47 -27.95
CA LYS K 348 -1.28 -8.90 -27.94
C LYS K 348 -0.26 -9.19 -26.86
N PRO K 349 -0.30 -10.39 -26.27
CA PRO K 349 0.60 -10.69 -25.15
C PRO K 349 2.04 -10.88 -25.59
N PHE K 350 2.94 -10.84 -24.61
CA PHE K 350 4.36 -11.04 -24.81
C PHE K 350 4.73 -12.43 -24.30
N PHE K 351 5.15 -13.31 -25.21
CA PHE K 351 5.52 -14.67 -24.88
C PHE K 351 6.99 -14.92 -25.20
N TRP K 352 7.64 -15.68 -24.33
CA TRP K 352 8.93 -16.23 -24.67
C TRP K 352 8.75 -17.36 -25.69
N PRO K 353 9.74 -17.59 -26.55
CA PRO K 353 9.61 -18.67 -27.53
C PRO K 353 9.49 -20.05 -26.90
N GLU K 354 9.93 -20.23 -25.65
CA GLU K 354 9.89 -21.51 -24.99
C GLU K 354 8.82 -21.63 -23.92
N GLN K 355 8.20 -20.51 -23.51
CA GLN K 355 7.02 -20.60 -22.66
C GLN K 355 5.86 -21.26 -23.38
N ILE K 356 5.85 -21.21 -24.71
CA ILE K 356 4.83 -21.83 -25.54
C ILE K 356 5.50 -22.81 -26.50
N ALA K 357 6.56 -23.48 -26.03
CA ALA K 357 7.28 -24.45 -26.85
C ALA K 357 6.32 -25.36 -27.61
N GLY K 358 5.47 -26.06 -26.89
CA GLY K 358 4.30 -26.71 -27.48
C GLY K 358 3.08 -25.83 -27.36
N PHE K 359 1.91 -26.43 -27.60
CA PHE K 359 0.63 -25.77 -27.41
C PHE K 359 0.49 -24.53 -28.30
N GLU K 360 1.23 -24.49 -29.41
CA GLU K 360 1.24 -23.30 -30.25
C GLU K 360 -0.01 -23.15 -31.09
N HIS K 361 -0.84 -24.18 -31.21
CA HIS K 361 -2.11 -24.09 -31.90
C HIS K 361 -3.25 -23.66 -31.00
N MET K 362 -2.96 -23.38 -29.73
CA MET K 362 -3.97 -22.94 -28.77
C MET K 362 -4.20 -21.44 -28.78
N TYR K 363 -3.19 -20.65 -29.14
CA TYR K 363 -3.25 -19.20 -29.01
C TYR K 363 -3.58 -18.50 -30.33
N ASP K 364 -3.90 -19.25 -31.38
CA ASP K 364 -4.25 -18.64 -32.65
C ASP K 364 -5.64 -18.02 -32.65
N GLY K 365 -6.55 -18.53 -31.81
CA GLY K 365 -7.90 -18.05 -31.76
C GLY K 365 -8.95 -19.00 -32.27
N ASN K 366 -8.68 -20.31 -32.33
CA ASN K 366 -9.64 -21.26 -32.86
C ASN K 366 -10.82 -21.44 -31.93
N ASP K 367 -10.61 -21.24 -30.62
CA ASP K 367 -11.65 -21.43 -29.60
C ASP K 367 -12.19 -22.87 -29.65
N ASP K 368 -11.28 -23.81 -29.42
CA ASP K 368 -11.60 -25.23 -29.39
C ASP K 368 -11.21 -25.92 -28.10
N TYR K 369 -10.41 -25.29 -27.25
CA TYR K 369 -9.93 -25.89 -26.02
C TYR K 369 -10.51 -25.16 -24.82
N PRO K 370 -10.70 -25.86 -23.69
CA PRO K 370 -11.29 -25.21 -22.51
C PRO K 370 -10.33 -24.33 -21.72
N TYR K 371 -9.04 -24.38 -22.01
CA TYR K 371 -8.07 -23.57 -21.27
C TYR K 371 -6.80 -23.45 -22.10
N TYR K 372 -5.92 -22.56 -21.65
CA TYR K 372 -4.61 -22.37 -22.25
C TYR K 372 -3.54 -23.04 -21.39
N LEU K 373 -2.53 -23.59 -22.05
CA LEU K 373 -1.51 -24.36 -21.36
C LEU K 373 -0.13 -23.72 -21.57
N LEU K 374 0.73 -23.88 -20.57
CA LEU K 374 2.10 -23.39 -20.61
C LEU K 374 2.99 -24.43 -19.94
N ASN K 375 4.10 -24.77 -20.58
CA ASN K 375 5.03 -25.71 -19.99
C ASN K 375 5.85 -25.03 -18.89
N ARG K 376 6.41 -25.85 -18.00
CA ARG K 376 7.08 -25.35 -16.80
C ARG K 376 8.57 -25.65 -16.77
N THR K 377 8.96 -26.89 -16.96
CA THR K 377 10.33 -27.32 -16.67
C THR K 377 11.29 -26.97 -17.80
N ASP K 378 12.57 -26.94 -17.46
CA ASP K 378 13.65 -26.70 -18.40
C ASP K 378 14.77 -27.70 -18.14
N GLU K 379 15.60 -27.92 -19.16
CA GLU K 379 16.65 -28.93 -19.04
C GLU K 379 17.78 -28.45 -18.13
N ASN K 380 18.36 -27.28 -18.44
CA ASN K 380 19.47 -26.77 -17.64
C ASN K 380 18.96 -26.07 -16.38
N SER K 381 18.20 -25.01 -16.56
CA SER K 381 17.54 -24.36 -15.43
C SER K 381 16.40 -25.23 -14.92
N GLY K 382 16.03 -25.05 -13.66
CA GLY K 382 15.03 -25.89 -13.07
C GLY K 382 13.62 -25.68 -13.58
N ASP K 383 13.00 -24.55 -13.20
CA ASP K 383 11.59 -24.33 -13.53
C ASP K 383 11.27 -22.88 -13.86
N LEU K 384 12.22 -22.17 -14.49
CA LEU K 384 12.09 -20.72 -14.63
C LEU K 384 10.80 -20.25 -15.31
N PRO K 385 10.31 -20.87 -16.39
CA PRO K 385 9.07 -20.37 -17.01
C PRO K 385 7.91 -20.28 -16.02
N THR K 386 7.16 -19.19 -16.10
CA THR K 386 6.10 -18.87 -15.15
C THR K 386 4.81 -18.56 -15.90
N GLN K 387 3.71 -18.48 -15.14
CA GLN K 387 2.37 -18.22 -15.68
C GLN K 387 2.15 -16.77 -16.08
N PRO K 388 2.36 -15.77 -15.18
CA PRO K 388 1.98 -14.39 -15.52
C PRO K 388 2.75 -13.83 -16.70
N LEU K 389 2.28 -12.71 -17.25
CA LEU K 389 2.82 -12.15 -18.48
C LEU K 389 2.27 -10.75 -18.67
N ALA K 390 2.83 -10.05 -19.67
CA ALA K 390 2.49 -8.66 -19.94
C ALA K 390 1.86 -8.53 -21.32
N TYR K 391 1.06 -7.49 -21.50
CA TYR K 391 0.35 -7.22 -22.74
C TYR K 391 0.79 -5.89 -23.34
N TYR K 392 0.71 -5.81 -24.67
CA TYR K 392 0.95 -4.57 -25.38
C TYR K 392 -0.19 -3.59 -25.11
N GLU K 393 0.15 -2.31 -25.02
CA GLU K 393 -0.83 -1.29 -24.67
C GLU K 393 -1.61 -0.84 -25.89
N ASN K 394 -2.88 -0.50 -25.67
CA ASN K 394 -3.78 -0.15 -26.74
C ASN K 394 -3.41 1.21 -27.35
N PRO K 395 -3.73 1.42 -28.63
CA PRO K 395 -3.52 2.74 -29.24
C PRO K 395 -4.46 3.76 -28.63
N GLU K 396 -3.91 4.94 -28.31
CA GLU K 396 -4.68 6.00 -27.67
C GLU K 396 -4.38 7.34 -28.35
N VAL K 397 -5.41 8.14 -28.54
CA VAL K 397 -5.27 9.50 -29.05
C VAL K 397 -4.84 10.39 -27.88
N PRO K 398 -3.72 11.10 -27.98
CA PRO K 398 -3.22 11.86 -26.84
C PRO K 398 -4.13 13.03 -26.51
N GLN K 399 -3.89 13.61 -25.33
CA GLN K 399 -4.70 14.74 -24.87
C GLN K 399 -4.44 15.99 -25.71
N ALA K 400 -3.20 16.21 -26.13
CA ALA K 400 -2.88 17.41 -26.90
C ALA K 400 -3.63 17.44 -28.23
N ASN K 401 -3.70 16.29 -28.91
CA ASN K 401 -4.39 16.23 -30.19
C ASN K 401 -5.87 16.58 -30.04
N ALA K 402 -6.53 15.98 -29.05
CA ALA K 402 -7.96 16.24 -28.85
C ALA K 402 -8.20 17.69 -28.45
N TYR K 403 -7.39 18.21 -27.53
CA TYR K 403 -7.56 19.60 -27.10
C TYR K 403 -7.36 20.56 -28.26
N MET K 404 -6.33 20.31 -29.08
CA MET K 404 -6.05 21.19 -30.21
C MET K 404 -7.16 21.10 -31.26
N LEU K 405 -7.69 19.90 -31.50
CA LEU K 405 -8.78 19.75 -32.45
C LEU K 405 -10.01 20.53 -31.99
N GLU K 406 -10.36 20.40 -30.70
CA GLU K 406 -11.51 21.13 -30.18
C GLU K 406 -11.29 22.63 -30.25
N ALA K 407 -10.09 23.10 -29.89
CA ALA K 407 -9.81 24.53 -29.94
C ALA K 407 -9.88 25.07 -31.36
N ALA K 408 -9.33 24.33 -32.33
CA ALA K 408 -9.37 24.78 -33.71
C ALA K 408 -10.79 24.82 -34.24
N THR K 409 -11.60 23.79 -33.92
CA THR K 409 -12.99 23.79 -34.36
C THR K 409 -13.75 24.96 -33.77
N SER K 410 -13.55 25.23 -32.48
CA SER K 410 -14.21 26.36 -31.84
C SER K 410 -13.76 27.69 -32.47
N ALA K 411 -12.46 27.81 -32.76
CA ALA K 411 -11.96 29.04 -33.37
C ALA K 411 -12.56 29.26 -34.75
N VAL K 412 -12.70 28.19 -35.54
CA VAL K 412 -13.29 28.33 -36.87
C VAL K 412 -14.76 28.71 -36.76
N LYS K 413 -15.51 28.04 -35.89
CA LYS K 413 -16.93 28.34 -35.76
C LYS K 413 -17.18 29.69 -35.09
N GLU K 414 -16.16 30.27 -34.44
CA GLU K 414 -16.33 31.51 -33.71
C GLU K 414 -16.08 32.74 -34.56
N VAL K 415 -15.21 32.65 -35.57
CA VAL K 415 -14.88 33.81 -36.39
C VAL K 415 -15.62 33.82 -37.72
N ALA K 416 -16.21 32.70 -38.14
CA ALA K 416 -16.89 32.62 -39.42
C ALA K 416 -18.32 33.17 -39.31
N THR K 417 -18.40 34.45 -38.93
CA THR K 417 -19.67 35.14 -38.80
C THR K 417 -19.56 36.50 -39.49
N LEU K 418 -20.73 37.06 -39.80
CA LEU K 418 -20.82 38.38 -40.43
C LEU K 418 -21.63 39.36 -39.60
N GLY K 419 -21.90 39.05 -38.34
CA GLY K 419 -22.69 39.88 -37.47
C GLY K 419 -23.55 39.03 -36.57
N VAL K 420 -24.55 39.66 -35.97
CA VAL K 420 -25.47 38.98 -35.07
C VAL K 420 -26.56 38.31 -35.89
N ASP K 421 -27.05 37.18 -35.39
CA ASP K 421 -28.08 36.39 -36.07
C ASP K 421 -27.62 35.97 -37.47
N ASP K 443 -30.93 43.31 -38.33
CA ASP K 443 -31.77 42.44 -39.15
C ASP K 443 -31.04 41.15 -39.50
N LEU K 444 -30.77 40.97 -40.79
CA LEU K 444 -30.13 39.76 -41.27
C LEU K 444 -28.63 39.79 -40.98
N GLU K 445 -27.98 38.65 -41.19
CA GLU K 445 -26.54 38.57 -41.00
C GLU K 445 -25.76 39.23 -42.12
N THR K 446 -26.36 39.32 -43.31
CA THR K 446 -25.69 39.83 -44.51
C THR K 446 -26.19 41.20 -44.91
N TYR K 447 -26.51 42.08 -43.95
CA TYR K 447 -27.03 43.39 -44.30
C TYR K 447 -25.98 44.26 -45.00
N VAL K 448 -24.74 44.19 -44.56
CA VAL K 448 -23.68 44.98 -45.19
C VAL K 448 -23.47 44.54 -46.63
N PHE K 449 -23.48 43.23 -46.87
CA PHE K 449 -23.36 42.73 -48.23
C PHE K 449 -24.55 43.16 -49.09
N GLN K 450 -25.74 43.19 -48.51
CA GLN K 450 -26.91 43.68 -49.26
C GLN K 450 -26.75 45.15 -49.61
N ASP K 451 -26.22 45.95 -48.70
CA ASP K 451 -25.99 47.36 -49.00
C ASP K 451 -24.95 47.53 -50.11
N ASN K 452 -23.89 46.73 -50.08
CA ASN K 452 -22.89 46.78 -51.13
C ASN K 452 -23.49 46.41 -52.48
N LEU K 453 -24.33 45.37 -52.50
CA LEU K 453 -25.02 44.99 -53.73
C LEU K 453 -25.94 46.10 -54.20
N ALA K 454 -26.60 46.80 -53.28
CA ALA K 454 -27.47 47.91 -53.65
C ALA K 454 -26.66 49.05 -54.30
N THR K 455 -25.48 49.35 -53.74
CA THR K 455 -24.63 50.36 -54.34
C THR K 455 -24.21 49.96 -55.75
N ALA K 456 -23.82 48.69 -55.92
CA ALA K 456 -23.45 48.21 -57.25
C ALA K 456 -24.62 48.30 -58.21
N MET K 457 -25.83 47.99 -57.74
CA MET K 457 -27.00 48.08 -58.59
C MET K 457 -27.30 49.52 -58.99
N ARG K 458 -27.09 50.47 -58.07
CA ARG K 458 -27.25 51.88 -58.41
C ARG K 458 -26.27 52.29 -59.51
N ARG K 459 -25.01 51.84 -59.39
CA ARG K 459 -24.03 52.12 -60.44
C ARG K 459 -24.47 51.51 -61.78
N ASP K 460 -24.96 50.27 -61.74
CA ASP K 460 -25.42 49.61 -62.96
C ASP K 460 -26.59 50.38 -63.57
N GLY K 461 -27.50 50.87 -62.74
CA GLY K 461 -28.61 51.67 -63.25
C GLY K 461 -28.15 52.95 -63.91
N GLU K 462 -27.15 53.61 -63.31
CA GLU K 462 -26.59 54.81 -63.93
C GLU K 462 -26.01 54.50 -65.30
N ILE K 463 -25.22 53.43 -65.40
CA ILE K 463 -24.60 53.06 -66.67
C ILE K 463 -25.67 52.73 -67.71
N TYR K 464 -26.68 51.96 -67.31
CA TYR K 464 -27.74 51.59 -68.24
C TYR K 464 -28.51 52.81 -68.71
N GLN K 465 -28.81 53.75 -67.80
CA GLN K 465 -29.51 54.96 -68.21
C GLN K 465 -28.69 55.75 -69.23
N SER K 466 -27.38 55.87 -69.01
CA SER K 466 -26.54 56.59 -69.96
C SER K 466 -26.55 55.89 -71.32
N ILE K 467 -26.44 54.57 -71.33
CA ILE K 467 -26.43 53.84 -72.60
C ILE K 467 -27.76 54.01 -73.33
N VAL K 468 -28.86 53.99 -72.59
CA VAL K 468 -30.18 54.18 -73.21
C VAL K 468 -30.29 55.57 -73.81
N ASN K 469 -29.84 56.59 -73.08
CA ASN K 469 -29.91 57.94 -73.63
C ASN K 469 -29.05 58.07 -74.89
N ASP K 470 -27.93 57.35 -74.95
CA ASP K 470 -27.05 57.52 -76.11
C ASP K 470 -27.38 56.57 -77.26
N ILE K 471 -28.24 55.57 -77.05
CA ILE K 471 -28.55 54.58 -78.08
C ILE K 471 -30.02 54.64 -78.49
N TYR K 472 -30.93 54.41 -77.55
CA TYR K 472 -32.34 54.19 -77.86
C TYR K 472 -33.02 55.52 -78.23
N ASP K 473 -34.31 55.43 -78.53
CA ASP K 473 -35.15 56.59 -78.86
C ASP K 473 -36.11 56.79 -77.69
N VAL K 474 -35.80 57.75 -76.82
CA VAL K 474 -36.66 58.08 -75.68
C VAL K 474 -37.75 59.03 -76.16
N PRO K 475 -39.02 58.69 -75.95
CA PRO K 475 -40.10 59.62 -76.35
C PRO K 475 -40.23 60.76 -75.35
N ARG K 476 -40.52 61.94 -75.88
CA ARG K 476 -40.74 63.12 -75.07
C ARG K 476 -42.25 63.33 -74.90
N ASN K 477 -42.69 63.50 -73.65
CA ASN K 477 -44.10 63.65 -73.33
C ASN K 477 -44.47 65.13 -73.35
N VAL K 478 -45.46 65.48 -74.17
CA VAL K 478 -45.94 66.84 -74.29
C VAL K 478 -47.47 66.83 -74.34
N THR K 479 -48.10 67.82 -73.71
CA THR K 479 -49.55 67.92 -73.67
C THR K 479 -49.99 69.10 -74.54
N ILE K 480 -50.93 68.83 -75.44
CA ILE K 480 -51.43 69.89 -76.32
C ILE K 480 -52.23 70.92 -75.53
N THR K 481 -52.87 70.48 -74.44
CA THR K 481 -53.72 71.33 -73.61
C THR K 481 -54.86 71.94 -74.43
N LEU K 482 -55.44 71.14 -75.33
CA LEU K 482 -56.56 71.60 -76.13
C LEU K 482 -57.81 71.75 -75.26
N GLU K 483 -58.70 72.65 -75.68
CA GLU K 483 -59.94 72.85 -74.94
C GLU K 483 -60.84 71.62 -75.04
N ASP K 484 -60.87 70.97 -76.20
CA ASP K 484 -61.69 69.77 -76.35
C ASP K 484 -61.04 68.57 -75.66
N GLY K 485 -59.73 68.42 -75.82
CA GLY K 485 -59.03 67.31 -75.21
C GLY K 485 -58.06 67.73 -74.13
N SER K 486 -58.30 67.26 -72.90
CA SER K 486 -57.49 67.63 -71.75
C SER K 486 -56.63 66.46 -71.32
N GLU K 487 -55.36 66.75 -71.02
CA GLU K 487 -54.39 65.73 -70.59
C GLU K 487 -54.27 64.63 -71.65
N LYS K 488 -53.82 65.02 -72.85
CA LYS K 488 -53.56 64.07 -73.92
C LYS K 488 -52.05 63.84 -74.01
N ASP K 489 -51.61 62.66 -73.59
CA ASP K 489 -50.19 62.31 -73.63
C ASP K 489 -49.87 61.74 -75.00
N VAL K 490 -49.50 62.65 -75.92
CA VAL K 490 -49.23 62.27 -77.30
C VAL K 490 -48.02 61.37 -77.44
N GLN K 491 -47.04 61.49 -76.55
CA GLN K 491 -45.78 60.75 -76.62
C GLN K 491 -45.07 61.03 -77.94
N LEU K 492 -44.71 62.30 -78.12
CA LEU K 492 -44.06 62.74 -79.35
C LEU K 492 -42.69 62.07 -79.49
N MET K 493 -42.43 61.59 -80.70
CA MET K 493 -41.16 60.96 -81.05
C MET K 493 -40.60 61.62 -82.30
N ALA K 494 -39.27 61.75 -82.36
CA ALA K 494 -38.63 62.42 -83.48
C ALA K 494 -37.53 61.53 -84.02
N GLU K 495 -37.63 61.16 -85.30
CA GLU K 495 -36.60 60.38 -85.96
C GLU K 495 -36.45 60.87 -87.39
N VAL K 496 -35.21 60.99 -87.86
CA VAL K 496 -34.91 61.49 -89.19
C VAL K 496 -33.97 60.51 -89.89
N VAL K 497 -34.26 60.22 -91.15
CA VAL K 497 -33.43 59.36 -91.97
C VAL K 497 -32.44 60.21 -92.74
N ASP K 498 -31.29 59.60 -93.08
CA ASP K 498 -30.23 60.35 -93.72
C ASP K 498 -30.57 60.69 -95.17
N LEU K 499 -31.50 59.94 -95.78
CA LEU K 499 -31.92 60.13 -97.17
C LEU K 499 -30.79 59.83 -98.15
N ALA K 500 -29.61 59.47 -97.63
CA ALA K 500 -28.51 58.99 -98.44
C ALA K 500 -28.13 57.56 -98.13
N THR K 501 -28.61 57.01 -97.02
CA THR K 501 -28.38 55.62 -96.65
C THR K 501 -29.57 55.13 -95.85
N GLY K 502 -29.73 53.81 -95.79
CA GLY K 502 -30.86 53.23 -95.10
C GLY K 502 -30.81 53.35 -93.59
N GLU K 503 -29.63 53.63 -93.03
CA GLU K 503 -29.49 53.72 -91.59
C GLU K 503 -30.24 54.93 -91.05
N LYS K 504 -30.83 54.77 -89.87
CA LYS K 504 -31.56 55.84 -89.21
C LYS K 504 -30.61 56.68 -88.35
N GLN K 505 -31.17 57.71 -87.72
CA GLN K 505 -30.40 58.57 -86.82
C GLN K 505 -31.29 58.97 -85.66
N VAL K 506 -30.77 58.85 -84.44
CA VAL K 506 -31.52 59.14 -83.24
C VAL K 506 -31.47 60.65 -82.96
N LEU K 507 -32.53 61.17 -82.35
CA LEU K 507 -32.62 62.58 -81.98
C LEU K 507 -33.09 62.65 -80.54
N ASN K 508 -32.15 62.77 -79.61
CA ASN K 508 -32.45 62.90 -78.19
C ASN K 508 -32.06 64.29 -77.71
N ASP K 509 -33.00 64.96 -77.06
CA ASP K 509 -32.73 66.28 -76.50
C ASP K 509 -31.72 66.16 -75.37
N ILE K 510 -31.06 67.28 -75.06
CA ILE K 510 -30.05 67.31 -74.01
C ILE K 510 -30.69 67.78 -72.71
N ARG K 511 -31.64 68.71 -72.81
CA ARG K 511 -32.28 69.26 -71.62
C ARG K 511 -33.04 68.19 -70.85
N GLY K 512 -33.72 67.29 -71.54
CA GLY K 512 -34.53 66.29 -70.89
C GLY K 512 -33.92 64.91 -70.86
N ARG K 513 -32.60 64.82 -70.75
CA ARG K 513 -31.93 63.53 -70.66
C ARG K 513 -31.94 63.01 -69.22
N TYR K 514 -31.32 63.75 -68.30
CA TYR K 514 -31.19 63.32 -66.90
C TYR K 514 -32.29 63.99 -66.09
N GLU K 515 -33.45 63.34 -66.01
CA GLU K 515 -34.57 63.84 -65.24
C GLU K 515 -35.28 62.72 -64.47
N CYS K 516 -34.54 61.68 -64.08
CA CYS K 516 -35.05 60.62 -63.24
C CYS K 516 -33.88 59.93 -62.57
N TYR K 517 -33.86 59.95 -61.23
CA TYR K 517 -32.76 59.37 -60.47
C TYR K 517 -33.00 57.88 -60.23
N THR K 518 -31.90 57.17 -60.00
CA THR K 518 -31.93 55.73 -59.80
C THR K 518 -32.11 55.39 -58.33
N ASP K 519 -32.88 54.35 -58.07
CA ASP K 519 -33.14 53.88 -56.72
C ASP K 519 -33.17 52.36 -56.74
N VAL K 520 -33.04 51.77 -55.55
CA VAL K 520 -32.96 50.32 -55.40
C VAL K 520 -34.27 49.84 -54.78
N GLY K 521 -34.87 48.83 -55.41
CA GLY K 521 -36.10 48.25 -54.93
C GLY K 521 -36.19 46.77 -55.23
N PRO K 522 -37.35 46.17 -55.00
CA PRO K 522 -37.52 44.74 -55.27
C PRO K 522 -37.48 44.43 -56.76
N SER K 523 -37.19 43.17 -57.07
CA SER K 523 -36.97 42.72 -58.43
C SER K 523 -38.26 42.15 -59.01
N PHE K 524 -38.66 42.65 -60.17
CA PHE K 524 -39.80 42.15 -60.91
C PHE K 524 -39.37 41.82 -62.35
N GLN K 525 -40.35 41.46 -63.19
CA GLN K 525 -40.07 41.06 -64.55
C GLN K 525 -40.84 41.82 -65.62
N SER K 526 -41.90 42.54 -65.25
CA SER K 526 -42.65 43.32 -66.23
C SER K 526 -43.32 44.48 -65.52
N MET K 527 -43.68 45.51 -66.31
CA MET K 527 -44.30 46.71 -65.76
C MET K 527 -45.66 46.45 -65.14
N LYS K 528 -46.34 45.36 -65.51
CA LYS K 528 -47.62 45.03 -64.90
C LYS K 528 -47.47 44.46 -63.50
N GLN K 529 -46.40 43.70 -63.25
CA GLN K 529 -46.17 43.14 -61.92
C GLN K 529 -45.91 44.22 -60.88
N GLN K 530 -45.19 45.29 -61.24
CA GLN K 530 -45.00 46.39 -60.31
C GLN K 530 -46.32 47.04 -59.93
N ASN K 531 -47.19 47.28 -60.92
CA ASN K 531 -48.49 47.87 -60.65
C ASN K 531 -49.32 46.94 -59.77
N ARG K 532 -49.29 45.64 -60.04
CA ARG K 532 -50.02 44.69 -59.22
C ARG K 532 -49.51 44.71 -57.78
N ALA K 533 -48.19 44.75 -57.59
CA ALA K 533 -47.64 44.78 -56.24
C ALA K 533 -48.02 46.07 -55.52
N GLU K 534 -47.97 47.21 -56.19
CA GLU K 534 -48.35 48.46 -55.55
C GLU K 534 -49.83 48.47 -55.19
N ILE K 535 -50.69 47.92 -56.05
CA ILE K 535 -52.11 47.83 -55.72
C ILE K 535 -52.31 46.93 -54.51
N LEU K 536 -51.57 45.82 -54.44
CA LEU K 536 -51.68 44.94 -53.28
C LEU K 536 -51.25 45.65 -51.99
N GLU K 537 -50.16 46.42 -52.07
CA GLU K 537 -49.69 47.14 -50.89
C GLU K 537 -50.71 48.20 -50.44
N LEU K 538 -51.28 48.92 -51.40
CA LEU K 538 -52.29 49.92 -51.06
C LEU K 538 -53.54 49.26 -50.49
N LEU K 539 -53.90 48.08 -50.99
CA LEU K 539 -55.00 47.33 -50.39
C LEU K 539 -54.67 46.95 -48.95
N GLY K 540 -53.44 46.52 -48.69
CA GLY K 540 -53.05 46.19 -47.33
C GLY K 540 -53.11 47.37 -46.40
N LYS K 541 -52.74 48.55 -46.90
CA LYS K 541 -52.77 49.76 -46.07
C LYS K 541 -54.15 50.40 -46.00
N THR K 542 -55.11 49.96 -46.80
CA THR K 542 -56.42 50.59 -46.78
C THR K 542 -57.41 49.77 -45.97
N PRO K 543 -58.07 50.37 -44.98
CA PRO K 543 -59.05 49.64 -44.19
C PRO K 543 -60.26 49.24 -45.01
N GLN K 544 -60.88 48.13 -44.63
CA GLN K 544 -62.03 47.61 -45.33
C GLN K 544 -63.26 48.50 -45.11
N GLY K 545 -64.31 48.23 -45.87
CA GLY K 545 -65.54 48.99 -45.78
C GLY K 545 -65.34 50.45 -46.14
N THR K 546 -64.54 50.71 -47.18
CA THR K 546 -64.22 52.05 -47.62
C THR K 546 -64.28 52.08 -49.14
N PRO K 547 -64.75 53.18 -49.74
CA PRO K 547 -64.74 53.26 -51.20
C PRO K 547 -63.36 53.06 -51.81
N GLU K 548 -62.30 53.52 -51.15
CA GLU K 548 -60.95 53.30 -51.65
C GLU K 548 -60.63 51.82 -51.77
N TYR K 549 -61.09 51.02 -50.80
CA TYR K 549 -60.86 49.58 -50.86
C TYR K 549 -61.52 48.97 -52.09
N GLN K 550 -62.77 49.37 -52.38
CA GLN K 550 -63.46 48.85 -53.56
C GLN K 550 -62.76 49.29 -54.84
N LEU K 551 -62.32 50.55 -54.91
CA LEU K 551 -61.61 51.01 -56.10
C LEU K 551 -60.31 50.21 -56.29
N LEU K 552 -59.59 49.94 -55.21
CA LEU K 552 -58.36 49.17 -55.32
C LEU K 552 -58.64 47.73 -55.73
N LEU K 553 -59.72 47.14 -55.24
CA LEU K 553 -60.09 45.80 -55.66
C LEU K 553 -60.40 45.76 -57.16
N LEU K 554 -61.15 46.74 -57.65
CA LEU K 554 -61.46 46.78 -59.08
C LEU K 554 -60.19 47.00 -59.90
N GLN K 555 -59.30 47.87 -59.42
CA GLN K 555 -58.04 48.11 -60.14
C GLN K 555 -57.18 46.86 -60.18
N TYR K 556 -57.17 46.06 -59.11
CA TYR K 556 -56.44 44.81 -59.14
C TYR K 556 -57.07 43.81 -60.09
N PHE K 557 -58.40 43.68 -60.06
CA PHE K 557 -59.07 42.71 -60.93
C PHE K 557 -58.91 43.07 -62.39
N THR K 558 -58.85 44.35 -62.74
CA THR K 558 -58.68 44.72 -64.14
C THR K 558 -57.25 44.61 -64.63
N LEU K 559 -56.37 43.92 -63.89
CA LEU K 559 -54.98 43.78 -64.26
C LEU K 559 -54.53 42.34 -64.47
N LEU K 560 -55.43 41.35 -64.38
CA LEU K 560 -55.03 39.98 -64.58
C LEU K 560 -54.81 39.69 -66.07
N ASP K 561 -54.16 38.55 -66.33
CA ASP K 561 -53.66 38.24 -67.67
C ASP K 561 -54.49 37.18 -68.38
N GLY K 562 -54.68 36.01 -67.76
CA GLY K 562 -55.22 34.88 -68.48
C GLY K 562 -56.63 35.09 -68.99
N LYS K 563 -56.96 34.37 -70.06
CA LYS K 563 -58.30 34.43 -70.62
C LYS K 563 -59.30 33.70 -69.75
N GLY K 564 -58.84 32.77 -68.92
CA GLY K 564 -59.74 32.15 -67.96
C GLY K 564 -60.39 33.15 -67.04
N VAL K 565 -59.60 34.09 -66.52
CA VAL K 565 -60.15 35.22 -65.79
C VAL K 565 -60.37 36.38 -66.76
N GLU K 566 -61.49 36.36 -67.46
CA GLU K 566 -61.85 37.41 -68.40
C GLU K 566 -63.19 38.07 -68.06
N MET K 567 -64.16 37.28 -67.61
CA MET K 567 -65.44 37.84 -67.19
C MET K 567 -65.26 38.80 -66.02
N MET K 568 -64.42 38.43 -65.05
CA MET K 568 -64.17 39.32 -63.92
C MET K 568 -63.47 40.59 -64.36
N ARG K 569 -62.51 40.50 -65.27
CA ARG K 569 -61.83 41.68 -65.77
C ARG K 569 -62.80 42.61 -66.49
N ASP K 570 -63.66 42.06 -67.33
CA ASP K 570 -64.65 42.87 -68.02
C ASP K 570 -65.63 43.51 -67.04
N TYR K 571 -66.05 42.76 -66.03
CA TYR K 571 -66.96 43.32 -65.02
C TYR K 571 -66.31 44.46 -64.25
N ALA K 572 -65.04 44.30 -63.88
CA ALA K 572 -64.33 45.36 -63.17
C ALA K 572 -64.17 46.60 -64.04
N ASN K 573 -63.83 46.41 -65.32
CA ASN K 573 -63.72 47.54 -66.22
C ASN K 573 -65.06 48.25 -66.39
N LYS K 574 -66.14 47.48 -66.51
CA LYS K 574 -67.46 48.08 -66.64
C LYS K 574 -67.84 48.87 -65.39
N GLN K 575 -67.54 48.33 -64.21
CA GLN K 575 -67.81 49.06 -62.97
C GLN K 575 -67.02 50.34 -62.90
N LEU K 576 -65.74 50.30 -63.27
CA LEU K 576 -64.91 51.50 -63.25
C LEU K 576 -65.43 52.56 -64.22
N ILE K 577 -65.85 52.14 -65.42
CA ILE K 577 -66.40 53.11 -66.38
C ILE K 577 -67.71 53.69 -65.86
N GLN K 578 -68.59 52.85 -65.32
CA GLN K 578 -69.91 53.32 -64.90
C GLN K 578 -69.86 54.17 -63.64
N MET K 579 -68.84 54.00 -62.80
CA MET K 579 -68.71 54.85 -61.62
C MET K 579 -68.08 56.20 -61.92
N GLY K 580 -67.64 56.43 -63.16
CA GLY K 580 -67.05 57.70 -63.54
C GLY K 580 -65.61 57.90 -63.12
N VAL K 581 -65.02 56.92 -62.42
CA VAL K 581 -63.64 57.08 -61.95
C VAL K 581 -62.68 57.01 -63.12
N LYS K 582 -62.91 56.08 -64.05
CA LYS K 582 -62.07 55.90 -65.23
C LYS K 582 -62.76 56.53 -66.44
N LYS K 583 -61.99 56.85 -67.47
CA LYS K 583 -62.51 57.50 -68.66
C LYS K 583 -62.63 56.51 -69.81
N PRO K 584 -63.73 56.55 -70.55
CA PRO K 584 -63.93 55.58 -71.63
C PRO K 584 -62.92 55.79 -72.76
N GLU K 585 -62.52 54.67 -73.39
CA GLU K 585 -61.62 54.69 -74.53
C GLU K 585 -62.28 54.12 -75.78
N THR K 586 -62.79 52.88 -75.71
CA THR K 586 -63.41 52.24 -76.86
C THR K 586 -64.88 52.63 -76.95
N PRO K 587 -65.51 52.47 -78.13
CA PRO K 587 -66.92 52.88 -78.26
C PRO K 587 -67.88 52.23 -77.26
N GLU K 588 -67.69 50.94 -76.99
CA GLU K 588 -68.54 50.27 -76.02
C GLU K 588 -68.37 50.88 -74.64
N GLU K 589 -67.19 51.45 -74.35
CA GLU K 589 -66.98 52.03 -73.03
C GLU K 589 -67.87 53.25 -72.81
N GLN K 590 -67.95 54.17 -73.78
CA GLN K 590 -68.84 55.29 -73.54
C GLN K 590 -70.29 54.90 -73.79
N GLN K 591 -70.51 53.77 -74.47
CA GLN K 591 -71.86 53.22 -74.50
C GLN K 591 -72.34 52.84 -73.10
N TRP K 592 -71.50 52.11 -72.35
CA TRP K 592 -71.79 51.84 -70.95
C TRP K 592 -71.89 53.13 -70.15
N LEU K 593 -71.03 54.12 -70.43
CA LEU K 593 -71.08 55.37 -69.68
C LEU K 593 -72.42 56.08 -69.87
N VAL K 594 -72.89 56.19 -71.12
CA VAL K 594 -74.16 56.88 -71.36
C VAL K 594 -75.33 56.06 -70.84
N GLU K 595 -75.22 54.73 -70.88
CA GLU K 595 -76.25 53.90 -70.26
C GLU K 595 -76.35 54.17 -68.77
N ALA K 596 -75.20 54.26 -68.09
CA ALA K 596 -75.21 54.59 -66.66
C ALA K 596 -75.76 55.98 -66.41
N GLN K 597 -75.41 56.94 -67.28
CA GLN K 597 -75.92 58.30 -67.13
C GLN K 597 -77.44 58.32 -67.24
N GLN K 598 -77.99 57.60 -68.21
CA GLN K 598 -79.45 57.54 -68.36
C GLN K 598 -80.09 56.82 -67.19
N ALA K 599 -79.46 55.76 -66.68
CA ALA K 599 -80.06 54.99 -65.59
C ALA K 599 -80.02 55.77 -64.28
N LYS K 600 -79.04 56.68 -64.14
CA LYS K 600 -78.90 57.41 -62.88
C LYS K 600 -80.10 58.31 -62.61
N GLN K 601 -80.61 58.99 -63.64
CA GLN K 601 -81.69 59.96 -63.44
C GLN K 601 -83.00 59.29 -63.07
N GLY K 602 -83.12 57.97 -63.30
CA GLY K 602 -84.36 57.28 -63.01
C GLY K 602 -84.64 57.16 -61.53
N GLN K 603 -83.61 57.15 -60.70
CA GLN K 603 -83.78 56.96 -59.27
C GLN K 603 -84.49 58.16 -58.65
N GLN K 604 -85.43 57.89 -57.75
CA GLN K 604 -86.19 58.91 -57.05
C GLN K 604 -86.30 58.53 -55.58
N ASP K 605 -86.18 59.52 -54.70
CA ASP K 605 -86.30 59.28 -53.27
C ASP K 605 -87.78 59.33 -52.86
N PRO K 606 -88.32 58.26 -52.27
CA PRO K 606 -89.74 58.28 -51.88
C PRO K 606 -90.07 59.39 -50.88
N ALA K 607 -89.18 59.66 -49.93
CA ALA K 607 -89.41 60.72 -48.98
C ALA K 607 -89.49 62.07 -49.66
N MET K 608 -88.65 62.29 -50.68
CA MET K 608 -88.73 63.54 -51.44
C MET K 608 -90.09 63.70 -52.09
N VAL K 609 -90.61 62.64 -52.71
CA VAL K 609 -91.90 62.73 -53.38
C VAL K 609 -93.02 62.98 -52.37
N GLN K 610 -92.99 62.29 -51.23
CA GLN K 610 -94.01 62.50 -50.21
C GLN K 610 -93.96 63.92 -49.67
N ALA K 611 -92.76 64.45 -49.42
CA ALA K 611 -92.62 65.80 -48.93
C ALA K 611 -93.07 66.83 -49.96
N GLN K 612 -92.80 66.56 -51.24
CA GLN K 612 -93.30 67.44 -52.31
C GLN K 612 -94.82 67.43 -52.33
N GLY K 613 -95.43 66.26 -52.15
CA GLY K 613 -96.88 66.21 -52.04
C GLY K 613 -97.40 67.02 -50.87
N VAL K 614 -96.70 66.96 -49.74
CA VAL K 614 -97.09 67.76 -48.57
C VAL K 614 -97.02 69.26 -48.89
N LEU K 615 -95.94 69.68 -49.56
CA LEU K 615 -95.84 71.09 -49.95
C LEU K 615 -96.95 71.48 -50.92
N LEU K 616 -97.29 70.58 -51.85
CA LEU K 616 -98.37 70.88 -52.78
C LEU K 616 -99.69 71.05 -52.06
N GLN K 617 -99.95 70.19 -51.06
CA GLN K 617 -101.17 70.33 -50.27
C GLN K 617 -101.19 71.65 -49.51
N GLY K 618 -100.04 72.03 -48.93
CA GLY K 618 -99.97 73.31 -48.22
C GLY K 618 -100.19 74.49 -49.14
N GLN K 619 -99.59 74.45 -50.33
CA GLN K 619 -99.77 75.52 -51.31
C GLN K 619 -101.23 75.60 -51.75
N ALA K 620 -101.87 74.45 -51.94
CA ALA K 620 -103.30 74.44 -52.24
C ALA K 620 -104.13 75.03 -51.12
N GLU K 621 -103.78 74.75 -49.86
CA GLU K 621 -104.50 75.37 -48.74
C GLU K 621 -104.33 76.89 -48.75
N LEU K 622 -103.11 77.36 -49.02
CA LEU K 622 -102.90 78.80 -49.11
C LEU K 622 -103.69 79.42 -50.25
N ALA K 623 -103.74 78.73 -51.39
CA ALA K 623 -104.55 79.20 -52.51
C ALA K 623 -106.03 79.24 -52.14
N LYS K 624 -106.49 78.25 -51.37
CA LYS K 624 -107.87 78.25 -50.90
C LYS K 624 -108.14 79.45 -50.00
N ALA K 625 -107.18 79.79 -49.12
CA ALA K 625 -107.36 80.96 -48.28
C ALA K 625 -107.43 82.24 -49.11
N GLN K 626 -106.54 82.36 -50.10
CA GLN K 626 -106.56 83.54 -50.97
C GLN K 626 -107.86 83.61 -51.76
N ASN K 627 -108.38 82.45 -52.17
CA ASN K 627 -109.68 82.41 -52.84
C ASN K 627 -110.80 82.84 -51.89
N GLN K 628 -110.71 82.44 -50.62
CA GLN K 628 -111.70 82.86 -49.63
C GLN K 628 -111.69 84.37 -49.46
N THR K 629 -110.50 84.98 -49.54
CA THR K 629 -110.43 86.44 -49.49
C THR K 629 -111.25 87.07 -50.61
N LEU K 630 -111.08 86.60 -51.85
CA LEU K 630 -111.85 87.14 -52.97
C LEU K 630 -113.33 86.82 -52.82
N SER K 631 -113.65 85.68 -52.23
CA SER K 631 -115.05 85.34 -51.96
C SER K 631 -115.67 86.36 -51.00
N LEU K 632 -114.91 86.76 -49.98
CA LEU K 632 -115.36 87.84 -49.10
C LEU K 632 -115.53 89.14 -49.88
N GLN K 633 -114.60 89.43 -50.79
CA GLN K 633 -114.67 90.68 -51.56
C GLN K 633 -115.95 90.72 -52.40
N ILE K 634 -116.40 89.57 -52.90
CA ILE K 634 -117.58 89.48 -53.74
C ILE K 634 -117.44 90.34 -54.98
N ASN L 6 -11.87 16.53 -94.24
CA ASN L 6 -11.66 17.90 -93.76
C ASN L 6 -12.69 18.27 -92.71
N ARG L 7 -13.96 18.10 -93.07
CA ARG L 7 -15.05 18.36 -92.13
C ARG L 7 -14.95 17.44 -90.91
N LEU L 8 -14.69 16.14 -91.16
CA LEU L 8 -14.56 15.19 -90.06
C LEU L 8 -13.39 15.55 -89.15
N GLU L 9 -12.29 15.99 -89.75
CA GLU L 9 -11.13 16.37 -88.94
C GLU L 9 -11.45 17.54 -88.03
N SER L 10 -12.15 18.55 -88.55
CA SER L 10 -12.51 19.70 -87.72
C SER L 10 -13.48 19.29 -86.62
N ILE L 11 -14.45 18.44 -86.94
CA ILE L 11 -15.41 17.99 -85.93
C ILE L 11 -14.69 17.25 -84.81
N LEU L 12 -13.79 16.34 -85.18
CA LEU L 12 -13.07 15.58 -84.15
C LEU L 12 -12.10 16.46 -83.37
N SER L 13 -11.49 17.46 -83.99
CA SER L 13 -10.64 18.38 -83.25
C SER L 13 -11.45 19.15 -82.20
N ARG L 14 -12.62 19.64 -82.60
CA ARG L 14 -13.49 20.34 -81.65
C ARG L 14 -13.91 19.42 -80.52
N PHE L 15 -14.30 18.19 -80.86
CA PHE L 15 -14.73 17.24 -79.83
C PHE L 15 -13.60 16.90 -78.88
N ASP L 16 -12.38 16.69 -79.41
CA ASP L 16 -11.24 16.39 -78.55
C ASP L 16 -10.93 17.55 -77.61
N ALA L 17 -10.98 18.78 -78.12
CA ALA L 17 -10.75 19.93 -77.25
C ALA L 17 -11.80 19.99 -76.15
N ASP L 18 -13.07 19.80 -76.50
CA ASP L 18 -14.13 19.83 -75.50
C ASP L 18 -13.97 18.72 -74.47
N TRP L 19 -13.57 17.53 -74.93
CA TRP L 19 -13.41 16.39 -74.02
C TRP L 19 -12.26 16.62 -73.05
N THR L 20 -11.11 17.07 -73.56
CA THR L 20 -9.95 17.22 -72.69
C THR L 20 -10.03 18.48 -71.85
N ALA L 21 -10.92 19.41 -72.19
CA ALA L 21 -11.05 20.63 -71.39
C ALA L 21 -11.77 20.42 -70.07
N SER L 22 -12.54 19.34 -69.92
CA SER L 22 -13.38 19.10 -68.75
C SER L 22 -13.24 17.67 -68.26
N ASP L 23 -12.00 17.21 -68.10
CA ASP L 23 -11.76 15.83 -67.67
C ASP L 23 -11.88 15.64 -66.17
N GLU L 24 -11.32 16.56 -65.37
CA GLU L 24 -11.32 16.38 -63.92
C GLU L 24 -12.75 16.40 -63.36
N ALA L 25 -13.57 17.34 -63.83
CA ALA L 25 -14.94 17.42 -63.34
C ALA L 25 -15.73 16.17 -63.68
N ARG L 26 -15.57 15.67 -64.91
CA ARG L 26 -16.29 14.45 -65.30
C ARG L 26 -15.83 13.26 -64.48
N ARG L 27 -14.52 13.13 -64.26
CA ARG L 27 -14.02 12.00 -63.47
C ARG L 27 -14.54 12.06 -62.04
N GLU L 28 -14.52 13.25 -61.44
CA GLU L 28 -15.02 13.36 -60.06
C GLU L 28 -16.52 13.14 -59.98
N ALA L 29 -17.28 13.59 -60.97
CA ALA L 29 -18.72 13.34 -60.96
C ALA L 29 -19.02 11.86 -61.11
N LYS L 30 -18.30 11.17 -61.99
CA LYS L 30 -18.48 9.73 -62.13
C LYS L 30 -18.12 9.00 -60.84
N ASN L 31 -17.04 9.43 -60.18
CA ASN L 31 -16.67 8.83 -58.91
C ASN L 31 -17.78 9.04 -57.88
N ASP L 32 -18.36 10.25 -57.83
CA ASP L 32 -19.44 10.52 -56.89
C ASP L 32 -20.65 9.64 -57.17
N LEU L 33 -21.02 9.50 -58.44
CA LEU L 33 -22.16 8.67 -58.80
C LEU L 33 -21.92 7.21 -58.39
N PHE L 34 -20.74 6.68 -58.70
CA PHE L 34 -20.44 5.30 -58.33
C PHE L 34 -20.40 5.10 -56.83
N PHE L 35 -19.84 6.07 -56.09
CA PHE L 35 -19.78 5.96 -54.64
C PHE L 35 -21.18 6.01 -54.02
N SER L 36 -22.05 6.86 -54.56
CA SER L 36 -23.39 7.00 -53.98
C SER L 36 -24.30 5.83 -54.34
N ARG L 37 -24.21 5.31 -55.56
CA ARG L 37 -25.18 4.33 -56.03
C ARG L 37 -24.73 2.88 -55.86
N VAL L 38 -23.55 2.51 -56.35
CA VAL L 38 -23.19 1.10 -56.42
C VAL L 38 -22.60 0.62 -55.10
N SER L 39 -21.47 1.20 -54.69
CA SER L 39 -20.77 0.74 -53.49
C SER L 39 -19.89 1.87 -52.99
N GLN L 40 -19.35 1.68 -51.77
CA GLN L 40 -18.58 2.71 -51.10
C GLN L 40 -17.13 2.28 -50.85
N TRP L 41 -16.66 1.23 -51.52
CA TRP L 41 -15.29 0.77 -51.41
C TRP L 41 -14.65 0.89 -52.79
N ASP L 42 -14.08 2.06 -53.08
CA ASP L 42 -13.53 2.36 -54.38
C ASP L 42 -12.11 1.79 -54.48
N ASP L 43 -12.02 0.48 -54.32
CA ASP L 43 -10.75 -0.23 -54.38
C ASP L 43 -10.78 -1.33 -55.43
N TRP L 44 -11.46 -1.08 -56.55
CA TRP L 44 -11.50 -2.06 -57.63
C TRP L 44 -10.10 -2.35 -58.16
N LEU L 45 -9.26 -1.32 -58.24
CA LEU L 45 -7.87 -1.50 -58.60
C LEU L 45 -7.09 -2.06 -57.41
N SER L 46 -6.16 -2.97 -57.70
CA SER L 46 -5.26 -3.57 -56.72
C SER L 46 -6.00 -4.36 -55.64
N GLN L 47 -7.18 -4.87 -55.95
CA GLN L 47 -7.91 -5.71 -55.00
C GLN L 47 -7.58 -7.18 -55.26
N TYR L 48 -8.34 -8.09 -54.65
CA TYR L 48 -8.26 -9.54 -54.83
C TYR L 48 -6.94 -10.14 -54.38
N THR L 49 -6.02 -9.36 -53.80
CA THR L 49 -4.78 -9.92 -53.30
C THR L 49 -5.00 -10.70 -52.01
N THR L 50 -5.97 -10.27 -51.20
CA THR L 50 -6.29 -10.94 -49.94
C THR L 50 -7.75 -10.64 -49.61
N LEU L 51 -8.40 -11.58 -48.96
CA LEU L 51 -9.82 -11.48 -48.62
C LEU L 51 -9.95 -11.14 -47.14
N GLN L 52 -10.64 -10.04 -46.84
CA GLN L 52 -10.81 -9.56 -45.48
C GLN L 52 -12.18 -8.92 -45.36
N TYR L 53 -12.63 -8.75 -44.11
CA TYR L 53 -13.93 -8.14 -43.86
C TYR L 53 -13.93 -6.70 -44.33
N ARG L 54 -14.98 -6.32 -45.07
CA ARG L 54 -15.14 -4.96 -45.57
C ARG L 54 -16.60 -4.56 -45.40
N GLY L 55 -16.90 -3.84 -44.33
CA GLY L 55 -18.26 -3.48 -44.02
C GLY L 55 -18.76 -2.26 -44.76
N GLN L 56 -20.07 -2.05 -44.77
CA GLN L 56 -20.70 -0.89 -45.42
C GLN L 56 -21.81 -0.39 -44.50
N PHE L 57 -21.46 0.60 -43.66
CA PHE L 57 -22.39 1.18 -42.70
C PHE L 57 -22.67 2.61 -43.16
N ASP L 58 -23.74 2.79 -43.92
CA ASP L 58 -24.01 4.04 -44.61
C ASP L 58 -24.66 5.06 -43.68
N VAL L 59 -24.28 6.33 -43.86
CA VAL L 59 -24.78 7.42 -43.03
C VAL L 59 -25.20 8.59 -43.92
N VAL L 60 -24.80 8.57 -45.19
CA VAL L 60 -25.04 9.69 -46.08
C VAL L 60 -26.29 9.50 -46.95
N ARG L 61 -26.70 8.26 -47.20
CA ARG L 61 -27.86 7.96 -48.04
C ARG L 61 -29.15 8.59 -47.52
N PRO L 62 -29.42 8.55 -46.20
CA PRO L 62 -30.64 9.22 -45.71
C PRO L 62 -30.68 10.70 -46.03
N VAL L 63 -29.54 11.40 -46.06
CA VAL L 63 -29.52 12.81 -46.39
C VAL L 63 -29.95 13.02 -47.84
N VAL L 64 -29.43 12.22 -48.75
CA VAL L 64 -29.80 12.33 -50.16
C VAL L 64 -31.28 12.01 -50.34
N ARG L 65 -31.76 10.97 -49.63
CA ARG L 65 -33.17 10.61 -49.72
C ARG L 65 -34.06 11.75 -49.22
N LYS L 66 -33.68 12.36 -48.10
CA LYS L 66 -34.45 13.48 -47.56
C LYS L 66 -34.47 14.65 -48.54
N LEU L 67 -33.32 14.97 -49.14
CA LEU L 67 -33.27 16.08 -50.07
C LEU L 67 -34.13 15.83 -51.30
N VAL L 68 -34.04 14.63 -51.88
CA VAL L 68 -34.83 14.36 -53.08
C VAL L 68 -36.32 14.30 -52.75
N SER L 69 -36.69 13.75 -51.59
CA SER L 69 -38.09 13.74 -51.19
C SER L 69 -38.61 15.15 -50.98
N GLU L 70 -37.81 16.01 -50.35
CA GLU L 70 -38.21 17.40 -50.14
C GLU L 70 -38.39 18.13 -51.45
N MET L 71 -37.49 17.92 -52.41
CA MET L 71 -37.54 18.66 -53.65
C MET L 71 -38.55 18.07 -54.63
N ARG L 72 -38.99 16.83 -54.41
CA ARG L 72 -40.05 16.26 -55.24
C ARG L 72 -41.42 16.79 -54.83
N GLN L 73 -41.52 17.39 -53.63
CA GLN L 73 -42.79 17.91 -53.13
C GLN L 73 -43.15 19.26 -53.72
N ASN L 74 -42.24 19.88 -54.47
CA ASN L 74 -42.46 21.23 -55.02
C ASN L 74 -42.22 21.18 -56.52
N PRO L 75 -43.20 20.74 -57.30
CA PRO L 75 -43.04 20.72 -58.75
C PRO L 75 -42.91 22.12 -59.32
N ILE L 76 -42.18 22.21 -60.42
CA ILE L 76 -41.91 23.48 -61.09
C ILE L 76 -42.15 23.31 -62.58
N ASP L 77 -42.88 24.25 -63.17
CA ASP L 77 -43.15 24.24 -64.61
C ASP L 77 -42.94 25.65 -65.13
N VAL L 78 -43.36 25.88 -66.37
CA VAL L 78 -43.15 27.14 -67.07
C VAL L 78 -44.49 27.84 -67.26
N LEU L 79 -44.56 29.10 -66.86
CA LEU L 79 -45.73 29.95 -67.11
C LEU L 79 -45.38 30.97 -68.17
N TYR L 80 -46.12 30.96 -69.26
CA TYR L 80 -45.96 31.97 -70.31
C TYR L 80 -46.90 33.13 -70.02
N ARG L 81 -46.34 34.33 -69.92
CA ARG L 81 -47.15 35.50 -69.64
C ARG L 81 -47.02 36.52 -70.77
N PRO L 82 -48.10 37.23 -71.10
CA PRO L 82 -48.01 38.21 -72.19
C PRO L 82 -47.09 39.35 -71.84
N LYS L 83 -46.44 39.91 -72.87
CA LYS L 83 -45.60 41.08 -72.68
C LYS L 83 -46.47 42.28 -72.30
N ASP L 84 -45.83 43.27 -71.66
CA ASP L 84 -46.57 44.40 -71.14
C ASP L 84 -47.30 45.18 -72.23
N GLY L 85 -46.69 45.31 -73.40
CA GLY L 85 -47.32 46.05 -74.48
C GLY L 85 -48.32 45.25 -75.30
N ALA L 86 -48.41 43.95 -75.07
CA ALA L 86 -49.27 43.09 -75.87
C ALA L 86 -50.66 42.96 -75.22
N ARG L 87 -51.50 42.13 -75.84
CA ARG L 87 -52.84 41.89 -75.34
C ARG L 87 -52.79 41.04 -74.07
N PRO L 88 -53.86 41.06 -73.26
CA PRO L 88 -53.85 40.22 -72.06
C PRO L 88 -53.77 38.72 -72.34
N ASP L 89 -54.33 38.28 -73.46
CA ASP L 89 -54.60 36.86 -73.71
C ASP L 89 -53.69 36.23 -74.71
N ALA L 90 -52.40 36.45 -74.58
CA ALA L 90 -51.48 36.27 -75.65
C ALA L 90 -50.68 35.01 -75.50
N ALA L 91 -50.45 34.60 -74.27
CA ALA L 91 -49.73 33.36 -74.04
C ALA L 91 -50.68 32.28 -73.68
N ASP L 92 -51.63 32.04 -74.54
CA ASP L 92 -52.78 31.28 -74.18
C ASP L 92 -52.94 30.13 -75.11
N VAL L 93 -52.45 30.26 -76.33
CA VAL L 93 -52.36 29.10 -77.18
C VAL L 93 -51.03 28.41 -76.98
N LEU L 94 -49.95 29.16 -76.90
CA LEU L 94 -48.68 28.66 -76.42
C LEU L 94 -48.79 27.92 -75.13
N MET L 95 -49.46 28.47 -74.15
CA MET L 95 -49.50 27.77 -72.87
C MET L 95 -50.29 26.47 -72.96
N GLY L 96 -51.41 26.49 -73.68
CA GLY L 96 -52.16 25.25 -73.89
C GLY L 96 -51.36 24.23 -74.65
N MET L 97 -50.61 24.68 -75.67
CA MET L 97 -49.74 23.77 -76.41
C MET L 97 -48.69 23.16 -75.49
N TYR L 98 -48.09 23.97 -74.62
CA TYR L 98 -47.07 23.47 -73.70
C TYR L 98 -47.66 22.46 -72.74
N ARG L 99 -48.86 22.73 -72.22
CA ARG L 99 -49.53 21.77 -71.36
C ARG L 99 -49.82 20.46 -72.10
N THR L 100 -50.27 20.55 -73.34
CA THR L 100 -50.57 19.35 -74.10
C THR L 100 -49.32 18.52 -74.37
N ASP L 101 -48.21 19.16 -74.72
CA ASP L 101 -47.01 18.42 -75.10
C ASP L 101 -46.33 17.77 -73.91
N MET L 102 -46.19 18.51 -72.80
CA MET L 102 -45.42 18.05 -71.64
C MET L 102 -46.31 17.51 -70.53
N ARG L 103 -47.39 16.82 -70.88
CA ARG L 103 -48.30 16.25 -69.89
C ARG L 103 -47.98 14.79 -69.57
N HIS L 104 -47.35 14.07 -70.49
CA HIS L 104 -47.20 12.63 -70.36
C HIS L 104 -46.15 12.31 -69.30
N ASN L 105 -45.87 11.01 -69.13
CA ASN L 105 -44.96 10.55 -68.10
C ASN L 105 -43.49 10.81 -68.43
N THR L 106 -43.16 10.89 -69.73
CA THR L 106 -41.76 11.02 -70.12
C THR L 106 -41.14 12.29 -69.58
N ALA L 107 -41.86 13.41 -69.66
CA ALA L 107 -41.32 14.68 -69.19
C ALA L 107 -41.05 14.64 -67.69
N LYS L 108 -42.02 14.14 -66.92
CA LYS L 108 -41.84 14.06 -65.47
C LYS L 108 -40.69 13.14 -65.10
N ILE L 109 -40.57 12.01 -65.79
CA ILE L 109 -39.47 11.08 -65.50
C ILE L 109 -38.13 11.73 -65.81
N ALA L 110 -38.04 12.44 -66.93
CA ALA L 110 -36.79 13.10 -67.29
C ALA L 110 -36.41 14.16 -66.26
N VAL L 111 -37.39 14.96 -65.83
CA VAL L 111 -37.10 15.99 -64.83
C VAL L 111 -36.66 15.35 -63.52
N ASN L 112 -37.33 14.27 -63.10
CA ASN L 112 -36.96 13.61 -61.87
C ASN L 112 -35.55 13.02 -61.94
N ILE L 113 -35.19 12.43 -63.09
CA ILE L 113 -33.84 11.90 -63.26
C ILE L 113 -32.82 13.01 -63.16
N ALA L 114 -33.08 14.15 -63.83
CA ALA L 114 -32.15 15.27 -63.78
C ALA L 114 -32.01 15.79 -62.35
N VAL L 115 -33.11 15.87 -61.61
CA VAL L 115 -33.06 16.35 -60.23
C VAL L 115 -32.25 15.40 -59.35
N ARG L 116 -32.48 14.10 -59.48
CA ARG L 116 -31.74 13.14 -58.67
C ARG L 116 -30.25 13.21 -58.97
N GLU L 117 -29.89 13.33 -60.24
CA GLU L 117 -28.49 13.50 -60.60
C GLU L 117 -27.93 14.77 -59.97
N GLN L 118 -28.65 15.89 -60.11
CA GLN L 118 -28.21 17.16 -59.52
C GLN L 118 -27.93 17.02 -58.04
N ILE L 119 -28.79 16.29 -57.31
CA ILE L 119 -28.54 16.09 -55.89
C ILE L 119 -27.30 15.25 -55.67
N GLU L 120 -27.12 14.17 -56.44
CA GLU L 120 -25.99 13.29 -56.21
C GLU L 120 -24.70 13.87 -56.78
N ALA L 121 -24.64 14.06 -58.10
CA ALA L 121 -23.47 14.61 -58.76
C ALA L 121 -23.89 15.85 -59.54
N GLY L 122 -23.24 16.98 -59.27
CA GLY L 122 -23.82 18.25 -59.64
C GLY L 122 -23.85 18.54 -61.13
N VAL L 123 -24.64 17.75 -61.88
CA VAL L 123 -24.92 18.00 -63.28
C VAL L 123 -26.10 17.13 -63.71
N GLY L 124 -26.87 17.61 -64.68
CA GLY L 124 -27.97 16.84 -65.24
C GLY L 124 -28.50 17.55 -66.46
N ALA L 125 -29.22 16.80 -67.28
CA ALA L 125 -29.73 17.35 -68.53
C ALA L 125 -30.90 16.51 -69.03
N TRP L 126 -31.64 17.07 -69.98
CA TRP L 126 -32.72 16.38 -70.67
C TRP L 126 -32.94 17.06 -72.02
N ARG L 127 -33.31 16.28 -73.02
CA ARG L 127 -33.36 16.74 -74.40
C ARG L 127 -34.80 16.81 -74.89
N LEU L 128 -35.04 17.71 -75.84
CA LEU L 128 -36.33 17.89 -76.47
C LEU L 128 -36.27 17.35 -77.90
N VAL L 129 -37.18 16.44 -78.22
CA VAL L 129 -37.21 15.80 -79.53
C VAL L 129 -38.60 15.92 -80.12
N THR L 130 -38.66 16.34 -81.38
CA THR L 130 -39.90 16.38 -82.14
C THR L 130 -40.08 15.07 -82.90
N ASP L 131 -41.31 14.81 -83.33
CA ASP L 131 -41.62 13.55 -83.98
C ASP L 131 -42.85 13.72 -84.85
N TYR L 132 -43.26 12.63 -85.49
CA TYR L 132 -44.44 12.58 -86.34
C TYR L 132 -45.49 11.70 -85.69
N GLU L 133 -46.72 12.20 -85.61
CA GLU L 133 -47.83 11.43 -85.07
C GLU L 133 -49.12 11.83 -85.76
N ASP L 134 -49.93 10.84 -86.12
CA ASP L 134 -51.17 11.08 -86.85
C ASP L 134 -52.43 10.74 -86.06
N GLN L 135 -52.34 9.88 -85.05
CA GLN L 135 -53.53 9.48 -84.32
C GLN L 135 -54.02 10.59 -83.39
N SER L 136 -53.10 11.31 -82.76
CA SER L 136 -53.46 12.41 -81.85
C SER L 136 -52.39 13.49 -81.91
N PRO L 137 -52.35 14.26 -82.99
CA PRO L 137 -51.39 15.35 -83.09
C PRO L 137 -51.80 16.53 -82.22
N THR L 138 -50.82 17.38 -81.92
CA THR L 138 -51.09 18.55 -81.07
C THR L 138 -51.71 19.68 -81.87
N SER L 139 -50.96 20.23 -82.82
CA SER L 139 -51.50 21.19 -83.78
C SER L 139 -51.35 20.73 -85.22
N ASN L 140 -50.12 20.43 -85.64
CA ASN L 140 -49.83 19.83 -86.93
C ASN L 140 -49.41 18.39 -86.69
N ASN L 141 -48.98 17.71 -87.76
CA ASN L 141 -48.58 16.31 -87.65
C ASN L 141 -47.18 16.22 -87.04
N GLN L 142 -47.03 16.87 -85.88
CA GLN L 142 -45.81 16.82 -85.09
C GLN L 142 -46.19 16.90 -83.62
N VAL L 143 -45.37 16.27 -82.77
CA VAL L 143 -45.51 16.35 -81.33
C VAL L 143 -44.13 16.56 -80.72
N ILE L 144 -44.06 17.38 -79.69
CA ILE L 144 -42.81 17.67 -78.99
C ILE L 144 -42.82 16.92 -77.66
N ARG L 145 -41.73 16.21 -77.39
CA ARG L 145 -41.61 15.42 -76.17
C ARG L 145 -40.21 15.59 -75.58
N ARG L 146 -40.14 15.61 -74.26
CA ARG L 146 -38.85 15.58 -73.60
C ARG L 146 -38.26 14.18 -73.67
N GLU L 147 -36.96 14.09 -73.41
CA GLU L 147 -36.29 12.80 -73.39
C GLU L 147 -35.26 12.80 -72.28
N PRO L 148 -35.03 11.67 -71.62
CA PRO L 148 -34.07 11.63 -70.51
C PRO L 148 -32.68 11.22 -70.96
N ILE L 149 -31.69 11.83 -70.32
CA ILE L 149 -30.29 11.48 -70.49
C ILE L 149 -29.79 10.97 -69.16
N HIS L 150 -29.30 9.72 -69.13
CA HIS L 150 -29.12 9.03 -67.87
C HIS L 150 -27.74 9.24 -67.27
N SER L 151 -26.82 9.85 -68.02
CA SER L 151 -25.53 10.26 -67.49
C SER L 151 -25.13 11.54 -68.19
N ALA L 152 -25.50 12.69 -67.61
CA ALA L 152 -25.06 13.96 -68.16
C ALA L 152 -23.61 14.24 -67.82
N CYS L 153 -23.01 13.46 -66.92
CA CYS L 153 -21.62 13.68 -66.53
C CYS L 153 -20.68 13.51 -67.71
N SER L 154 -20.87 12.44 -68.49
CA SER L 154 -19.95 12.09 -69.57
C SER L 154 -20.59 12.00 -70.95
N HIS L 155 -21.89 11.72 -71.04
CA HIS L 155 -22.52 11.56 -72.35
C HIS L 155 -22.76 12.90 -73.04
N VAL L 156 -23.04 13.95 -72.28
CA VAL L 156 -23.27 15.27 -72.84
C VAL L 156 -22.02 16.11 -72.65
N ILE L 157 -21.47 16.62 -73.75
CA ILE L 157 -20.25 17.42 -73.73
C ILE L 157 -20.57 18.77 -74.36
N TRP L 158 -20.36 19.83 -73.61
CA TRP L 158 -20.67 21.18 -74.07
C TRP L 158 -19.43 21.86 -74.62
N ASP L 159 -19.62 23.05 -75.18
CA ASP L 159 -18.51 23.83 -75.70
C ASP L 159 -17.64 24.33 -74.56
N SER L 160 -16.31 24.29 -74.78
CA SER L 160 -15.38 24.72 -73.73
C SER L 160 -15.37 26.23 -73.55
N ASN L 161 -15.87 26.98 -74.52
CA ASN L 161 -15.91 28.44 -74.44
C ASN L 161 -17.19 28.96 -73.80
N SER L 162 -18.10 28.08 -73.40
CA SER L 162 -19.33 28.51 -72.76
C SER L 162 -19.04 29.14 -71.41
N LYS L 163 -19.89 30.08 -71.01
CA LYS L 163 -19.67 30.82 -69.77
C LYS L 163 -20.91 30.93 -68.88
N LEU L 164 -22.10 30.62 -69.38
CA LEU L 164 -23.33 30.72 -68.60
C LEU L 164 -23.70 29.38 -67.98
N MET L 165 -24.61 29.42 -67.00
CA MET L 165 -25.01 28.21 -66.31
C MET L 165 -25.94 27.36 -67.17
N ASP L 166 -26.79 28.01 -67.96
CA ASP L 166 -27.71 27.30 -68.86
C ASP L 166 -27.11 27.06 -70.24
N LYS L 167 -25.86 27.46 -70.46
CA LYS L 167 -25.16 27.24 -71.74
C LYS L 167 -25.91 27.88 -72.90
N SER L 168 -26.36 29.12 -72.69
CA SER L 168 -27.01 29.85 -73.78
C SER L 168 -26.01 30.25 -74.85
N ASP L 169 -24.78 30.60 -74.45
CA ASP L 169 -23.74 31.03 -75.38
C ASP L 169 -22.83 29.85 -75.75
N ALA L 170 -23.46 28.80 -76.26
CA ALA L 170 -22.74 27.59 -76.65
C ALA L 170 -23.05 27.28 -78.10
N ARG L 171 -22.02 26.80 -78.82
CA ARG L 171 -22.15 26.48 -80.24
C ARG L 171 -21.83 25.02 -80.55
N HIS L 172 -21.44 24.24 -79.55
CA HIS L 172 -21.13 22.83 -79.72
C HIS L 172 -21.94 22.02 -78.72
N CYS L 173 -22.27 20.79 -79.09
CA CYS L 173 -22.93 19.86 -78.18
C CYS L 173 -22.77 18.46 -78.74
N THR L 174 -22.16 17.58 -77.96
CA THR L 174 -21.94 16.19 -78.36
C THR L 174 -22.65 15.28 -77.39
N VAL L 175 -23.48 14.38 -77.91
CA VAL L 175 -24.18 13.38 -77.11
C VAL L 175 -23.68 12.02 -77.53
N ILE L 176 -23.12 11.28 -76.56
CA ILE L 176 -22.53 9.97 -76.82
C ILE L 176 -23.53 8.92 -76.38
N HIS L 177 -24.22 8.32 -77.34
CA HIS L 177 -25.17 7.25 -77.05
C HIS L 177 -24.43 5.98 -76.69
N SER L 178 -24.89 5.30 -75.63
CA SER L 178 -24.39 3.98 -75.26
C SER L 178 -25.59 3.04 -75.34
N MET L 179 -25.56 2.15 -76.34
CA MET L 179 -26.77 1.48 -76.78
C MET L 179 -26.45 0.09 -77.35
N SER L 180 -27.44 -0.79 -77.29
CA SER L 180 -27.25 -2.22 -77.48
C SER L 180 -27.32 -2.61 -78.96
N GLN L 181 -27.06 -3.90 -79.21
CA GLN L 181 -27.03 -4.41 -80.59
C GLN L 181 -28.39 -4.30 -81.24
N ASN L 182 -29.43 -4.84 -80.60
CA ASN L 182 -30.79 -4.70 -81.14
C ASN L 182 -31.21 -3.24 -81.19
N GLY L 183 -30.82 -2.46 -80.17
CA GLY L 183 -31.05 -1.03 -80.23
C GLY L 183 -30.34 -0.38 -81.39
N TRP L 184 -29.12 -0.86 -81.71
CA TRP L 184 -28.41 -0.32 -82.86
C TRP L 184 -29.12 -0.67 -84.16
N GLU L 185 -29.67 -1.89 -84.26
CA GLU L 185 -30.44 -2.24 -85.45
C GLU L 185 -31.67 -1.35 -85.59
N ASP L 186 -32.37 -1.09 -84.47
CA ASP L 186 -33.51 -0.19 -84.52
C ASP L 186 -33.09 1.23 -84.92
N PHE L 187 -31.95 1.69 -84.40
CA PHE L 187 -31.46 3.02 -84.73
C PHE L 187 -31.13 3.13 -86.21
N ALA L 188 -30.47 2.11 -86.77
CA ALA L 188 -30.19 2.11 -88.20
C ALA L 188 -31.46 2.06 -89.02
N GLU L 189 -32.47 1.31 -88.55
CA GLU L 189 -33.74 1.26 -89.28
C GLU L 189 -34.48 2.58 -89.23
N LYS L 190 -34.34 3.32 -88.12
CA LYS L 190 -35.05 4.60 -87.99
C LYS L 190 -34.59 5.60 -89.04
N TYR L 191 -33.29 5.80 -89.15
CA TYR L 191 -32.71 6.67 -90.16
C TYR L 191 -32.38 5.84 -91.40
N ASP L 192 -31.62 6.41 -92.33
CA ASP L 192 -31.23 5.73 -93.56
C ASP L 192 -29.85 5.08 -93.45
N LEU L 193 -29.43 4.73 -92.24
CA LEU L 193 -28.17 4.06 -92.03
C LEU L 193 -28.27 2.58 -92.41
N ASP L 194 -27.11 1.93 -92.48
CA ASP L 194 -27.01 0.51 -92.76
C ASP L 194 -26.51 -0.21 -91.50
N ALA L 195 -27.24 -1.21 -91.06
CA ALA L 195 -26.92 -1.93 -89.83
C ALA L 195 -25.80 -2.93 -90.01
N ASP L 196 -25.11 -2.99 -91.15
CA ASP L 196 -24.04 -3.96 -91.36
C ASP L 196 -22.70 -3.51 -90.84
N ASP L 197 -22.45 -2.21 -90.73
CA ASP L 197 -21.21 -1.69 -90.16
C ASP L 197 -21.45 -1.31 -88.71
N ILE L 198 -20.45 -1.53 -87.87
CA ILE L 198 -20.57 -1.27 -86.43
C ILE L 198 -19.91 0.07 -86.11
N PRO L 199 -20.67 1.06 -85.64
CA PRO L 199 -20.05 2.34 -85.28
C PRO L 199 -19.27 2.23 -83.98
N SER L 200 -18.42 3.22 -83.75
CA SER L 200 -17.60 3.28 -82.56
C SER L 200 -17.30 4.73 -82.22
N PHE L 201 -16.98 4.97 -80.96
CA PHE L 201 -16.67 6.31 -80.48
C PHE L 201 -15.94 6.19 -79.15
N GLN L 202 -15.78 7.32 -78.46
CA GLN L 202 -15.17 7.30 -77.14
C GLN L 202 -16.02 6.51 -76.16
N ASN L 203 -15.36 5.91 -75.16
CA ASN L 203 -16.05 5.10 -74.17
C ASN L 203 -16.28 5.92 -72.92
N PRO L 204 -17.50 6.35 -72.63
CA PRO L 204 -17.75 7.14 -71.43
C PRO L 204 -17.64 6.32 -70.15
N ASN L 205 -18.22 5.12 -70.16
CA ASN L 205 -18.24 4.28 -68.98
C ASN L 205 -16.86 3.61 -68.78
N ASP L 206 -16.73 2.93 -67.65
CA ASP L 206 -15.47 2.30 -67.28
C ASP L 206 -15.72 0.87 -66.80
N TRP L 207 -14.67 0.06 -66.88
CA TRP L 207 -14.72 -1.33 -66.44
C TRP L 207 -14.15 -1.40 -65.03
N VAL L 208 -14.95 -0.94 -64.06
CA VAL L 208 -14.50 -0.82 -62.68
C VAL L 208 -15.41 -1.59 -61.75
N PHE L 209 -16.05 -2.65 -62.26
CA PHE L 209 -16.97 -3.45 -61.46
C PHE L 209 -16.96 -4.85 -62.06
N PRO L 210 -17.27 -5.89 -61.27
CA PRO L 210 -17.40 -7.23 -61.87
C PRO L 210 -18.67 -7.39 -62.67
N TRP L 211 -18.91 -6.48 -63.62
CA TRP L 211 -20.04 -6.58 -64.53
C TRP L 211 -19.75 -7.65 -65.57
N LEU L 212 -20.82 -8.30 -66.05
CA LEU L 212 -20.64 -9.41 -66.99
C LEU L 212 -20.38 -8.93 -68.41
N THR L 213 -21.30 -8.14 -68.96
CA THR L 213 -21.21 -7.73 -70.36
C THR L 213 -21.45 -6.23 -70.49
N GLN L 214 -21.08 -5.70 -71.66
CA GLN L 214 -21.31 -4.31 -72.00
C GLN L 214 -21.77 -4.22 -73.44
N ASP L 215 -22.40 -3.10 -73.79
CA ASP L 215 -22.94 -2.92 -75.13
C ASP L 215 -21.81 -2.78 -76.16
N THR L 216 -20.82 -1.93 -75.87
CA THR L 216 -19.68 -1.69 -76.74
C THR L 216 -20.13 -1.24 -78.14
N ILE L 217 -21.17 -0.40 -78.20
CA ILE L 217 -21.64 0.21 -79.44
C ILE L 217 -21.98 1.66 -79.09
N GLN L 218 -21.12 2.59 -79.49
CA GLN L 218 -21.27 3.99 -79.15
C GLN L 218 -21.28 4.83 -80.42
N ILE L 219 -22.29 5.70 -80.55
CA ILE L 219 -22.37 6.64 -81.65
C ILE L 219 -22.56 8.03 -81.06
N ALA L 220 -22.29 9.05 -81.87
CA ALA L 220 -22.30 10.43 -81.40
C ALA L 220 -23.17 11.30 -82.30
N GLU L 221 -23.70 12.37 -81.72
CA GLU L 221 -24.49 13.36 -82.43
C GLU L 221 -23.87 14.73 -82.18
N PHE L 222 -23.88 15.58 -83.21
CA PHE L 222 -23.18 16.86 -83.16
C PHE L 222 -24.15 17.98 -83.51
N TYR L 223 -24.40 18.87 -82.55
CA TYR L 223 -25.23 20.04 -82.75
C TYR L 223 -24.37 21.29 -82.90
N GLU L 224 -24.77 22.18 -83.80
CA GLU L 224 -24.06 23.44 -83.99
C GLU L 224 -25.06 24.53 -84.35
N VAL L 225 -24.69 25.77 -84.06
CA VAL L 225 -25.54 26.93 -84.27
C VAL L 225 -24.76 27.97 -85.07
N VAL L 226 -25.41 28.53 -86.08
CA VAL L 226 -24.80 29.54 -86.95
C VAL L 226 -25.73 30.73 -87.07
N GLU L 227 -25.14 31.88 -87.43
CA GLU L 227 -25.87 33.10 -87.71
C GLU L 227 -25.38 33.65 -89.05
N LYS L 228 -26.31 33.82 -89.99
CA LYS L 228 -25.93 34.14 -91.36
C LYS L 228 -26.67 35.35 -91.94
N LYS L 229 -27.70 35.86 -91.25
CA LYS L 229 -28.48 37.00 -91.71
C LYS L 229 -29.13 36.71 -93.07
N GLU L 230 -30.02 35.73 -93.05
CA GLU L 230 -30.71 35.29 -94.25
C GLU L 230 -31.78 36.31 -94.65
N THR L 231 -32.36 36.10 -95.83
CA THR L 231 -33.34 37.02 -96.40
C THR L 231 -34.76 36.66 -95.98
N ALA L 232 -35.69 37.57 -96.24
CA ALA L 232 -37.09 37.39 -95.87
C ALA L 232 -37.96 38.08 -96.91
N PHE L 233 -39.21 37.63 -97.00
CA PHE L 233 -40.18 38.17 -97.94
C PHE L 233 -41.27 38.92 -97.18
N ILE L 234 -41.75 40.01 -97.76
CA ILE L 234 -42.82 40.81 -97.18
C ILE L 234 -44.02 40.72 -98.11
N TYR L 235 -45.15 40.26 -97.59
CA TYR L 235 -46.37 40.09 -98.36
C TYR L 235 -47.49 40.97 -97.82
N GLN L 236 -48.64 40.92 -98.48
CA GLN L 236 -49.85 41.60 -98.04
C GLN L 236 -50.94 40.58 -97.82
N ASP L 237 -51.57 40.63 -96.65
CA ASP L 237 -52.58 39.63 -96.31
C ASP L 237 -53.87 39.91 -97.09
N PRO L 238 -54.40 38.92 -97.81
CA PRO L 238 -55.68 39.13 -98.50
C PRO L 238 -56.83 39.47 -97.57
N VAL L 239 -56.84 38.91 -96.36
CA VAL L 239 -57.97 39.13 -95.45
C VAL L 239 -57.97 40.56 -94.93
N THR L 240 -56.89 40.98 -94.28
CA THR L 240 -56.77 42.32 -93.73
C THR L 240 -55.59 43.03 -94.38
N GLY L 241 -55.73 44.34 -94.58
CA GLY L 241 -54.68 45.12 -95.21
C GLY L 241 -53.50 45.38 -94.29
N GLU L 242 -52.81 44.32 -93.89
CA GLU L 242 -51.67 44.42 -93.01
C GLU L 242 -50.51 43.61 -93.61
N PRO L 243 -49.30 44.16 -93.64
CA PRO L 243 -48.19 43.42 -94.22
C PRO L 243 -47.69 42.33 -93.29
N VAL L 244 -47.20 41.24 -93.89
CA VAL L 244 -46.68 40.09 -93.17
C VAL L 244 -45.30 39.76 -93.70
N SER L 245 -44.51 39.10 -92.86
CA SER L 245 -43.14 38.74 -93.18
C SER L 245 -42.94 37.23 -93.06
N TYR L 246 -42.39 36.63 -94.10
CA TYR L 246 -42.10 35.20 -94.14
C TYR L 246 -40.67 34.99 -94.62
N PHE L 247 -39.97 34.04 -94.00
CA PHE L 247 -38.62 33.72 -94.42
C PHE L 247 -38.64 33.05 -95.78
N LYS L 248 -37.64 33.36 -96.60
CA LYS L 248 -37.58 32.77 -97.94
C LYS L 248 -37.34 31.27 -97.90
N ARG L 249 -36.49 30.80 -96.99
CA ARG L 249 -36.16 29.38 -96.96
C ARG L 249 -37.36 28.52 -96.60
N ASP L 250 -38.21 28.99 -95.68
CA ASP L 250 -39.34 28.18 -95.25
C ASP L 250 -40.39 28.04 -96.35
N ILE L 251 -40.61 29.07 -97.14
CA ILE L 251 -41.66 29.07 -98.16
C ILE L 251 -41.07 29.05 -99.57
N LYS L 252 -39.84 28.56 -99.73
CA LYS L 252 -39.17 28.64 -101.02
C LYS L 252 -39.88 27.81 -102.09
N ASP L 253 -40.56 26.74 -101.70
CA ASP L 253 -41.28 25.89 -102.65
C ASP L 253 -42.74 26.28 -102.80
N VAL L 254 -43.20 27.33 -102.14
CA VAL L 254 -44.63 27.65 -102.11
C VAL L 254 -44.81 29.09 -102.59
N ILE L 255 -43.74 29.67 -103.14
CA ILE L 255 -43.81 31.06 -103.61
C ILE L 255 -44.87 31.20 -104.70
N ASP L 256 -44.88 30.26 -105.65
CA ASP L 256 -45.87 30.31 -106.72
C ASP L 256 -47.29 30.18 -106.18
N ASP L 257 -47.48 29.36 -105.14
CA ASP L 257 -48.81 29.22 -104.55
C ASP L 257 -49.25 30.51 -103.87
N LEU L 258 -48.33 31.18 -103.17
CA LEU L 258 -48.66 32.47 -102.58
C LEU L 258 -49.00 33.50 -103.67
N ALA L 259 -48.26 33.48 -104.77
CA ALA L 259 -48.57 34.39 -105.88
C ALA L 259 -49.92 34.08 -106.50
N ASP L 260 -50.29 32.81 -106.58
CA ASP L 260 -51.58 32.43 -107.14
C ASP L 260 -52.74 32.95 -106.30
N SER L 261 -52.60 32.93 -104.97
CA SER L 261 -53.64 33.42 -104.09
C SER L 261 -53.56 34.96 -104.03
N GLY L 262 -54.28 35.55 -103.08
CA GLY L 262 -54.34 37.00 -103.00
C GLY L 262 -53.09 37.66 -102.46
N PHE L 263 -52.12 36.89 -102.00
CA PHE L 263 -50.88 37.46 -101.49
C PHE L 263 -50.10 38.12 -102.63
N ILE L 264 -49.65 39.35 -102.41
CA ILE L 264 -48.86 40.10 -103.38
C ILE L 264 -47.59 40.59 -102.69
N LYS L 265 -46.47 40.48 -103.40
CA LYS L 265 -45.19 40.90 -102.84
C LYS L 265 -45.14 42.41 -102.66
N ILE L 266 -44.55 42.84 -101.55
CA ILE L 266 -44.40 44.26 -101.26
C ILE L 266 -42.94 44.71 -101.38
N ALA L 267 -42.04 44.04 -100.67
CA ALA L 267 -40.63 44.40 -100.68
C ALA L 267 -39.83 43.20 -100.19
N GLU L 268 -38.52 43.41 -100.03
CA GLU L 268 -37.61 42.38 -99.55
C GLU L 268 -36.72 42.98 -98.47
N ARG L 269 -36.49 42.21 -97.41
CA ARG L 269 -35.64 42.62 -96.30
C ARG L 269 -34.67 41.49 -95.96
N GLN L 270 -33.84 41.73 -94.94
CA GLN L 270 -32.88 40.73 -94.47
C GLN L 270 -32.87 40.77 -92.95
N ILE L 271 -33.20 39.65 -92.33
CA ILE L 271 -33.27 39.53 -90.87
C ILE L 271 -32.37 38.39 -90.43
N LYS L 272 -31.53 38.65 -89.42
CA LYS L 272 -30.63 37.64 -88.90
C LYS L 272 -31.39 36.71 -87.95
N ARG L 273 -31.09 35.41 -88.05
CA ARG L 273 -31.78 34.40 -87.27
C ARG L 273 -30.88 33.19 -87.12
N ARG L 274 -30.83 32.65 -85.90
CA ARG L 274 -30.02 31.46 -85.63
C ARG L 274 -30.63 30.23 -86.27
N ARG L 275 -29.78 29.24 -86.57
CA ARG L 275 -30.21 27.96 -87.08
C ARG L 275 -29.40 26.86 -86.41
N VAL L 276 -29.99 25.68 -86.32
CA VAL L 276 -29.37 24.54 -85.63
C VAL L 276 -29.26 23.39 -86.63
N TYR L 277 -28.05 22.83 -86.73
CA TYR L 277 -27.78 21.69 -87.60
C TYR L 277 -27.29 20.52 -86.76
N LYS L 278 -27.70 19.30 -87.14
CA LYS L 278 -27.31 18.10 -86.43
C LYS L 278 -26.66 17.13 -87.41
N SER L 279 -25.51 16.58 -87.02
CA SER L 279 -24.79 15.60 -87.81
C SER L 279 -24.37 14.44 -86.91
N ILE L 280 -24.17 13.28 -87.52
CA ILE L 280 -23.83 12.05 -86.81
C ILE L 280 -22.42 11.64 -87.19
N ILE L 281 -21.57 11.46 -86.19
CA ILE L 281 -20.17 11.11 -86.40
C ILE L 281 -19.88 9.78 -85.69
N THR L 282 -18.86 9.08 -86.18
CA THR L 282 -18.49 7.79 -85.61
C THR L 282 -16.98 7.60 -85.52
N CYS L 283 -16.21 8.67 -85.37
CA CYS L 283 -14.77 8.68 -85.15
C CYS L 283 -13.98 8.20 -86.37
N THR L 284 -14.66 7.78 -87.44
CA THR L 284 -13.96 7.34 -88.64
C THR L 284 -14.55 8.02 -89.87
N ALA L 285 -15.83 8.38 -89.80
CA ALA L 285 -16.50 9.04 -90.90
C ALA L 285 -17.79 9.68 -90.39
N VAL L 286 -18.36 10.53 -91.22
CA VAL L 286 -19.66 11.14 -90.93
C VAL L 286 -20.74 10.34 -91.66
N LEU L 287 -21.79 9.97 -90.94
CA LEU L 287 -22.85 9.16 -91.50
C LEU L 287 -23.96 10.00 -92.12
N LYS L 288 -24.43 11.02 -91.40
CA LYS L 288 -25.38 11.99 -91.93
C LYS L 288 -24.82 13.38 -91.67
N ASP L 289 -24.84 14.23 -92.69
CA ASP L 289 -24.13 15.51 -92.66
C ASP L 289 -25.12 16.66 -92.66
N LYS L 290 -25.12 17.42 -91.56
CA LYS L 290 -25.83 18.70 -91.46
C LYS L 290 -27.32 18.57 -91.77
N GLN L 291 -28.02 17.82 -90.91
CA GLN L 291 -29.47 17.82 -90.93
C GLN L 291 -30.00 19.07 -90.24
N LEU L 292 -31.09 19.62 -90.79
CA LEU L 292 -31.65 20.87 -90.29
C LEU L 292 -32.64 20.58 -89.18
N ILE L 293 -32.25 20.83 -87.95
CA ILE L 293 -33.16 20.72 -86.81
C ILE L 293 -34.10 21.92 -86.80
N ALA L 294 -35.36 21.67 -86.50
CA ALA L 294 -36.38 22.72 -86.60
C ALA L 294 -36.21 23.77 -85.51
N GLY L 295 -35.38 23.51 -84.51
CA GLY L 295 -35.21 24.46 -83.43
C GLY L 295 -34.34 25.64 -83.84
N GLU L 296 -34.18 26.55 -82.88
CA GLU L 296 -33.26 27.68 -83.01
C GLU L 296 -32.14 27.65 -81.98
N HIS L 297 -32.25 26.83 -80.95
CA HIS L 297 -31.22 26.64 -79.95
C HIS L 297 -30.96 25.15 -79.81
N ILE L 298 -29.85 24.81 -79.16
CA ILE L 298 -29.52 23.41 -78.93
C ILE L 298 -30.53 22.82 -77.93
N PRO L 299 -31.19 21.72 -78.27
CA PRO L 299 -32.29 21.24 -77.42
C PRO L 299 -31.89 20.89 -76.00
N ILE L 300 -30.67 20.42 -75.77
CA ILE L 300 -30.28 19.94 -74.45
C ILE L 300 -30.32 21.09 -73.45
N VAL L 301 -30.96 20.84 -72.31
CA VAL L 301 -31.12 21.81 -71.23
C VAL L 301 -30.38 21.29 -70.01
N PRO L 302 -29.33 21.97 -69.54
CA PRO L 302 -28.56 21.43 -68.40
C PRO L 302 -29.01 21.97 -67.05
N VAL L 303 -28.86 21.15 -66.01
CA VAL L 303 -28.99 21.60 -64.62
C VAL L 303 -27.66 21.34 -63.93
N PHE L 304 -27.27 22.25 -63.04
CA PHE L 304 -25.94 22.22 -62.45
C PHE L 304 -26.04 22.19 -60.94
N GLY L 305 -25.01 21.63 -60.30
CA GLY L 305 -25.04 21.43 -58.87
C GLY L 305 -25.02 22.70 -58.07
N GLU L 306 -23.88 23.39 -58.00
CA GLU L 306 -23.97 24.76 -57.50
C GLU L 306 -23.52 25.75 -58.56
N TRP L 307 -22.21 25.82 -58.80
CA TRP L 307 -21.56 26.40 -59.98
C TRP L 307 -20.06 26.45 -59.71
N GLY L 308 -19.26 26.88 -60.68
CA GLY L 308 -17.90 27.28 -60.36
C GLY L 308 -16.92 27.40 -61.51
N PHE L 309 -16.14 28.49 -61.50
CA PHE L 309 -15.01 28.69 -62.38
C PHE L 309 -13.85 29.16 -61.50
N VAL L 310 -12.91 28.26 -61.20
CA VAL L 310 -11.86 28.58 -60.24
C VAL L 310 -10.76 29.42 -60.89
N GLU L 311 -10.07 28.88 -61.89
CA GLU L 311 -9.07 29.65 -62.62
C GLU L 311 -9.44 29.82 -64.09
N ASP L 312 -9.63 28.73 -64.82
CA ASP L 312 -10.11 28.82 -66.20
C ASP L 312 -10.98 27.60 -66.52
N LYS L 313 -11.30 26.76 -65.54
CA LYS L 313 -12.04 25.54 -65.77
C LYS L 313 -13.27 25.49 -64.88
N GLU L 314 -14.36 24.94 -65.41
CA GLU L 314 -15.60 24.85 -64.64
C GLU L 314 -15.53 23.72 -63.63
N VAL L 315 -16.11 23.95 -62.46
CA VAL L 315 -16.20 22.94 -61.41
C VAL L 315 -17.60 22.97 -60.84
N TYR L 316 -18.20 21.79 -60.67
CA TYR L 316 -19.51 21.68 -60.06
C TYR L 316 -19.47 20.63 -58.95
N GLU L 317 -20.32 20.81 -57.95
CA GLU L 317 -20.35 19.98 -56.76
C GLU L 317 -21.79 19.63 -56.43
N GLY L 318 -21.95 18.65 -55.53
CA GLY L 318 -23.26 18.23 -55.09
C GLY L 318 -23.34 18.12 -53.58
N VAL L 319 -23.73 16.94 -53.10
CA VAL L 319 -23.82 16.68 -51.68
C VAL L 319 -22.80 15.66 -51.20
N VAL L 320 -22.31 14.78 -52.09
CA VAL L 320 -21.49 13.65 -51.68
C VAL L 320 -20.00 13.96 -51.71
N ARG L 321 -19.59 15.04 -52.37
CA ARG L 321 -18.16 15.31 -52.56
C ARG L 321 -17.43 15.47 -51.23
N LEU L 322 -18.01 16.19 -50.29
CA LEU L 322 -17.32 16.48 -49.03
C LEU L 322 -17.59 15.46 -47.93
N THR L 323 -18.43 14.46 -48.19
CA THR L 323 -18.78 13.46 -47.20
C THR L 323 -18.12 12.12 -47.45
N LYS L 324 -17.08 12.08 -48.28
CA LYS L 324 -16.48 10.80 -48.65
C LYS L 324 -15.41 10.37 -47.67
N ASP L 325 -14.56 11.31 -47.23
CA ASP L 325 -13.45 10.95 -46.34
C ASP L 325 -13.95 10.42 -45.01
N GLY L 326 -14.88 11.14 -44.37
CA GLY L 326 -15.42 10.68 -43.11
C GLY L 326 -16.16 9.37 -43.22
N GLN L 327 -16.92 9.18 -44.30
CA GLN L 327 -17.64 7.94 -44.51
C GLN L 327 -16.67 6.76 -44.65
N ARG L 328 -15.61 6.95 -45.44
CA ARG L 328 -14.61 5.89 -45.60
C ARG L 328 -13.91 5.58 -44.29
N LEU L 329 -13.59 6.61 -43.51
CA LEU L 329 -12.97 6.40 -42.20
C LEU L 329 -13.89 5.62 -41.27
N ARG L 330 -15.18 5.96 -41.28
CA ARG L 330 -16.15 5.24 -40.46
C ARG L 330 -16.22 3.77 -40.87
N ASN L 331 -16.24 3.51 -42.17
CA ASN L 331 -16.26 2.13 -42.65
C ASN L 331 -15.02 1.38 -42.21
N MET L 332 -13.85 2.02 -42.31
CA MET L 332 -12.61 1.35 -41.92
C MET L 332 -12.58 1.04 -40.43
N ILE L 333 -13.01 1.98 -39.60
CA ILE L 333 -13.03 1.75 -38.16
C ILE L 333 -13.99 0.62 -37.82
N MET L 334 -15.17 0.60 -38.45
CA MET L 334 -16.13 -0.47 -38.21
C MET L 334 -15.55 -1.82 -38.60
N SER L 335 -14.87 -1.89 -39.75
CA SER L 335 -14.27 -3.15 -40.18
C SER L 335 -13.19 -3.61 -39.21
N PHE L 336 -12.33 -2.69 -38.77
CA PHE L 336 -11.27 -3.06 -37.83
C PHE L 336 -11.85 -3.56 -36.52
N ASN L 337 -12.89 -2.89 -36.01
CA ASN L 337 -13.50 -3.33 -34.76
C ASN L 337 -14.18 -4.69 -34.92
N ALA L 338 -14.81 -4.93 -36.06
CA ALA L 338 -15.40 -6.24 -36.30
C ALA L 338 -14.33 -7.33 -36.34
N ASP L 339 -13.19 -7.04 -36.97
CA ASP L 339 -12.08 -7.99 -36.96
C ASP L 339 -11.60 -8.26 -35.55
N ILE L 340 -11.48 -7.22 -34.73
CA ILE L 340 -11.03 -7.37 -33.35
C ILE L 340 -12.01 -8.26 -32.58
N VAL L 341 -13.31 -8.05 -32.79
CA VAL L 341 -14.30 -8.89 -32.13
C VAL L 341 -14.19 -10.34 -32.59
N ALA L 342 -13.99 -10.54 -33.89
CA ALA L 342 -14.04 -11.90 -34.43
C ALA L 342 -12.81 -12.72 -34.06
N ARG L 343 -11.61 -12.24 -34.42
CA ARG L 343 -10.43 -13.10 -34.38
C ARG L 343 -9.72 -13.12 -33.03
N THR L 344 -10.12 -12.28 -32.08
CA THR L 344 -9.42 -12.24 -30.80
C THR L 344 -9.77 -13.49 -29.98
N PRO L 345 -8.78 -14.13 -29.38
CA PRO L 345 -9.07 -15.26 -28.47
C PRO L 345 -9.86 -14.81 -27.25
N LYS L 346 -10.67 -15.72 -26.73
CA LYS L 346 -11.54 -15.42 -25.60
C LYS L 346 -10.74 -15.46 -24.30
N LYS L 347 -11.43 -15.40 -23.17
CA LYS L 347 -10.80 -15.37 -21.86
C LYS L 347 -10.91 -16.76 -21.23
N LYS L 348 -9.76 -17.40 -21.04
CA LYS L 348 -9.69 -18.73 -20.44
C LYS L 348 -8.45 -18.81 -19.58
N PRO L 349 -8.46 -19.63 -18.54
CA PRO L 349 -7.34 -19.67 -17.59
C PRO L 349 -6.08 -20.28 -18.20
N PHE L 350 -4.96 -19.96 -17.57
CA PHE L 350 -3.64 -20.50 -17.94
C PHE L 350 -3.28 -21.60 -16.95
N PHE L 351 -3.16 -22.82 -17.45
CA PHE L 351 -2.84 -23.98 -16.61
C PHE L 351 -1.52 -24.59 -17.04
N TRP L 352 -0.84 -25.21 -16.09
CA TRP L 352 0.26 -26.10 -16.43
C TRP L 352 -0.30 -27.47 -16.82
N PRO L 353 0.41 -28.20 -17.69
CA PRO L 353 -0.11 -29.53 -18.09
C PRO L 353 -0.21 -30.52 -16.95
N GLU L 354 0.50 -30.30 -15.84
CA GLU L 354 0.50 -31.23 -14.72
C GLU L 354 -0.16 -30.69 -13.47
N GLN L 355 -0.59 -29.42 -13.46
CA GLN L 355 -1.49 -28.95 -12.42
C GLN L 355 -2.86 -29.60 -12.54
N ILE L 356 -3.22 -30.06 -13.72
CA ILE L 356 -4.48 -30.72 -14.00
C ILE L 356 -4.20 -32.11 -14.56
N ALA L 357 -3.15 -32.77 -14.05
CA ALA L 357 -2.80 -34.12 -14.48
C ALA L 357 -4.04 -35.00 -14.62
N GLY L 358 -4.78 -35.18 -13.53
CA GLY L 358 -6.12 -35.71 -13.58
C GLY L 358 -7.15 -34.60 -13.64
N PHE L 359 -8.38 -34.94 -13.25
CA PHE L 359 -9.43 -33.95 -13.03
C PHE L 359 -9.76 -33.17 -14.31
N GLU L 360 -9.35 -33.70 -15.46
CA GLU L 360 -9.47 -32.94 -16.72
C GLU L 360 -10.88 -32.90 -17.27
N HIS L 361 -11.81 -33.68 -16.72
CA HIS L 361 -13.21 -33.61 -17.13
C HIS L 361 -14.02 -32.64 -16.29
N MET L 362 -13.37 -31.93 -15.36
CA MET L 362 -14.06 -30.95 -14.54
C MET L 362 -14.07 -29.56 -15.15
N TYR L 363 -13.09 -29.22 -15.98
CA TYR L 363 -12.91 -27.87 -16.48
C TYR L 363 -13.51 -27.67 -17.87
N ASP L 364 -14.19 -28.66 -18.42
CA ASP L 364 -14.79 -28.50 -19.74
C ASP L 364 -16.13 -27.76 -19.70
N GLY L 365 -16.72 -27.62 -18.53
CA GLY L 365 -17.99 -26.96 -18.38
C GLY L 365 -19.19 -27.87 -18.21
N ASN L 366 -18.99 -29.11 -17.75
CA ASN L 366 -20.09 -30.05 -17.63
C ASN L 366 -21.05 -29.67 -16.50
N ASP L 367 -20.55 -28.99 -15.47
CA ASP L 367 -21.35 -28.58 -14.32
C ASP L 367 -21.99 -29.79 -13.66
N ASP L 368 -21.14 -30.74 -13.27
CA ASP L 368 -21.56 -31.95 -12.56
C ASP L 368 -20.87 -32.14 -11.23
N TYR L 369 -19.86 -31.33 -10.90
CA TYR L 369 -19.13 -31.45 -9.66
C TYR L 369 -19.27 -30.19 -8.81
N PRO L 370 -19.30 -30.32 -7.49
CA PRO L 370 -19.50 -29.14 -6.63
C PRO L 370 -18.29 -28.24 -6.51
N TYR L 371 -17.11 -28.69 -6.95
CA TYR L 371 -15.90 -27.90 -6.82
C TYR L 371 -14.87 -28.41 -7.83
N TYR L 372 -13.83 -27.61 -8.03
CA TYR L 372 -12.73 -27.96 -8.91
C TYR L 372 -11.54 -28.44 -8.09
N LEU L 373 -10.77 -29.36 -8.68
CA LEU L 373 -9.69 -30.01 -7.97
C LEU L 373 -8.36 -29.77 -8.68
N LEU L 374 -7.29 -29.70 -7.88
CA LEU L 374 -5.93 -29.54 -8.38
C LEU L 374 -5.01 -30.41 -7.54
N ASN L 375 -4.17 -31.20 -8.20
CA ASN L 375 -3.23 -32.03 -7.47
C ASN L 375 -2.07 -31.17 -6.96
N ARG L 376 -1.39 -31.67 -5.92
CA ARG L 376 -0.39 -30.91 -5.19
C ARG L 376 1.03 -31.42 -5.39
N THR L 377 1.28 -32.69 -5.12
CA THR L 377 2.63 -33.19 -4.98
C THR L 377 3.29 -33.44 -6.33
N ASP L 378 4.62 -33.47 -6.32
CA ASP L 378 5.43 -33.84 -7.46
C ASP L 378 6.50 -34.82 -7.01
N GLU L 379 6.93 -35.70 -7.92
CA GLU L 379 7.88 -36.73 -7.56
C GLU L 379 9.25 -36.13 -7.24
N ASN L 380 9.76 -35.26 -8.12
CA ASN L 380 11.09 -34.70 -7.91
C ASN L 380 11.03 -33.45 -7.05
N SER L 381 10.30 -32.42 -7.50
CA SER L 381 10.10 -31.23 -6.70
C SER L 381 9.13 -31.52 -5.56
N GLY L 382 9.19 -30.71 -4.52
CA GLY L 382 8.39 -30.98 -3.34
C GLY L 382 6.89 -30.75 -3.51
N ASP L 383 6.47 -29.48 -3.59
CA ASP L 383 5.05 -29.17 -3.63
C ASP L 383 4.73 -27.99 -4.55
N LEU L 384 5.47 -27.81 -5.63
CA LEU L 384 5.38 -26.57 -6.40
C LEU L 384 3.98 -26.26 -6.92
N PRO L 385 3.20 -27.19 -7.47
CA PRO L 385 1.87 -26.83 -7.98
C PRO L 385 1.02 -26.17 -6.90
N THR L 386 0.29 -25.12 -7.30
CA THR L 386 -0.45 -24.27 -6.39
C THR L 386 -1.91 -24.18 -6.80
N GLN L 387 -2.71 -23.55 -5.94
CA GLN L 387 -4.14 -23.34 -6.18
C GLN L 387 -4.42 -22.21 -7.16
N PRO L 388 -3.85 -20.99 -6.98
CA PRO L 388 -4.21 -19.89 -7.89
C PRO L 388 -3.71 -20.12 -9.31
N LEU L 389 -3.95 -19.13 -10.18
CA LEU L 389 -3.70 -19.28 -11.61
C LEU L 389 -3.94 -17.94 -12.29
N ALA L 390 -3.50 -17.84 -13.54
CA ALA L 390 -3.58 -16.60 -14.31
C ALA L 390 -4.58 -16.75 -15.45
N TYR L 391 -5.24 -15.64 -15.77
CA TYR L 391 -6.29 -15.60 -16.79
C TYR L 391 -5.86 -14.77 -17.99
N TYR L 392 -6.55 -15.00 -19.10
CA TYR L 392 -6.36 -14.21 -20.32
C TYR L 392 -7.24 -12.98 -20.26
N GLU L 393 -6.80 -11.91 -20.93
CA GLU L 393 -7.53 -10.64 -20.90
C GLU L 393 -8.58 -10.59 -22.00
N ASN L 394 -9.70 -9.94 -21.68
CA ASN L 394 -10.83 -9.88 -22.59
C ASN L 394 -10.52 -9.00 -23.80
N PRO L 395 -11.18 -9.24 -24.93
CA PRO L 395 -11.01 -8.35 -26.09
C PRO L 395 -11.63 -6.99 -25.80
N GLU L 396 -10.89 -5.93 -26.13
CA GLU L 396 -11.32 -4.57 -25.89
C GLU L 396 -11.15 -3.74 -27.15
N VAL L 397 -12.07 -2.81 -27.37
CA VAL L 397 -11.98 -1.85 -28.47
C VAL L 397 -11.14 -0.67 -27.99
N PRO L 398 -10.05 -0.34 -28.66
CA PRO L 398 -9.15 0.70 -28.15
C PRO L 398 -9.80 2.08 -28.19
N GLN L 399 -9.23 2.98 -27.40
CA GLN L 399 -9.78 4.33 -27.29
C GLN L 399 -9.63 5.11 -28.60
N ALA L 400 -8.53 4.91 -29.32
CA ALA L 400 -8.33 5.62 -30.57
C ALA L 400 -9.39 5.26 -31.60
N ASN L 401 -9.74 3.97 -31.69
CA ASN L 401 -10.75 3.55 -32.66
C ASN L 401 -12.09 4.22 -32.38
N ALA L 402 -12.53 4.20 -31.12
CA ALA L 402 -13.80 4.81 -30.76
C ALA L 402 -13.79 6.31 -31.00
N TYR L 403 -12.69 6.96 -30.60
CA TYR L 403 -12.59 8.41 -30.78
C TYR L 403 -12.66 8.79 -32.25
N MET L 404 -11.93 8.07 -33.10
CA MET L 404 -11.93 8.41 -34.52
C MET L 404 -13.25 8.06 -35.18
N LEU L 405 -13.90 6.97 -34.76
CA LEU L 405 -15.22 6.65 -35.30
C LEU L 405 -16.21 7.76 -34.97
N GLU L 406 -16.22 8.23 -33.72
CA GLU L 406 -17.12 9.30 -33.33
C GLU L 406 -16.81 10.59 -34.08
N ALA L 407 -15.52 10.93 -34.22
CA ALA L 407 -15.14 12.15 -34.91
C ALA L 407 -15.54 12.10 -36.39
N ALA L 408 -15.32 10.96 -37.04
CA ALA L 408 -15.70 10.84 -38.44
C ALA L 408 -17.20 10.91 -38.63
N THR L 409 -17.97 10.26 -37.74
CA THR L 409 -19.42 10.35 -37.83
C THR L 409 -19.90 11.79 -37.66
N SER L 410 -19.34 12.50 -36.68
CA SER L 410 -19.70 13.90 -36.49
C SER L 410 -19.34 14.75 -37.69
N ALA L 411 -18.15 14.50 -38.27
CA ALA L 411 -17.73 15.28 -39.43
C ALA L 411 -18.65 15.04 -40.61
N VAL L 412 -19.10 13.81 -40.82
CA VAL L 412 -20.02 13.54 -41.92
C VAL L 412 -21.36 14.21 -41.66
N LYS L 413 -21.89 14.09 -40.44
CA LYS L 413 -23.17 14.71 -40.15
C LYS L 413 -23.10 16.23 -40.13
N GLU L 414 -21.89 16.79 -40.07
CA GLU L 414 -21.75 18.24 -40.00
C GLU L 414 -21.67 18.90 -41.37
N VAL L 415 -21.04 18.24 -42.35
CA VAL L 415 -20.84 18.85 -43.66
C VAL L 415 -21.92 18.46 -44.66
N ALA L 416 -22.70 17.42 -44.39
CA ALA L 416 -23.74 16.97 -45.31
C ALA L 416 -25.01 17.82 -45.15
N THR L 417 -24.83 19.13 -45.27
CA THR L 417 -25.93 20.08 -45.16
C THR L 417 -25.89 21.01 -46.36
N LEU L 418 -27.03 21.67 -46.61
CA LEU L 418 -27.16 22.61 -47.70
C LEU L 418 -27.62 23.99 -47.24
N GLY L 419 -27.52 24.28 -45.95
CA GLY L 419 -27.94 25.54 -45.40
C GLY L 419 -28.60 25.35 -44.07
N VAL L 420 -29.43 26.31 -43.70
CA VAL L 420 -30.15 26.30 -42.44
C VAL L 420 -31.47 25.55 -42.64
N ASP L 421 -31.97 24.96 -41.55
CA ASP L 421 -33.23 24.22 -41.57
C ASP L 421 -33.17 23.07 -42.57
N ASP L 443 -36.12 29.92 -46.00
CA ASP L 443 -37.16 28.97 -46.38
C ASP L 443 -36.68 27.53 -46.20
N LEU L 444 -36.67 26.77 -47.29
CA LEU L 444 -36.26 25.38 -47.25
C LEU L 444 -34.74 25.28 -47.25
N GLU L 445 -34.25 24.04 -47.11
CA GLU L 445 -32.82 23.79 -47.17
C GLU L 445 -32.28 23.83 -48.59
N THR L 446 -33.13 23.53 -49.58
CA THR L 446 -32.70 23.37 -50.97
C THR L 446 -33.16 24.53 -51.85
N TYR L 447 -33.12 25.76 -51.35
CA TYR L 447 -33.60 26.88 -52.15
C TYR L 447 -32.71 27.15 -53.37
N VAL L 448 -31.39 27.05 -53.21
CA VAL L 448 -30.48 27.35 -54.30
C VAL L 448 -30.67 26.36 -55.45
N PHE L 449 -30.81 25.08 -55.12
CA PHE L 449 -31.05 24.08 -56.16
C PHE L 449 -32.39 24.31 -56.86
N GLN L 450 -33.40 24.76 -56.11
CA GLN L 450 -34.68 25.11 -56.73
C GLN L 450 -34.52 26.28 -57.68
N ASP L 451 -33.72 27.28 -57.32
CA ASP L 451 -33.48 28.40 -58.22
C ASP L 451 -32.76 27.94 -59.49
N ASN L 452 -31.79 27.04 -59.34
CA ASN L 452 -31.09 26.51 -60.51
C ASN L 452 -32.06 25.74 -61.41
N LEU L 453 -32.95 24.95 -60.82
CA LEU L 453 -33.96 24.25 -61.60
C LEU L 453 -34.90 25.22 -62.29
N ALA L 454 -35.22 26.35 -61.63
CA ALA L 454 -36.06 27.36 -62.26
C ALA L 454 -35.36 27.98 -63.47
N THR L 455 -34.06 28.24 -63.36
CA THR L 455 -33.30 28.74 -64.51
C THR L 455 -33.32 27.75 -65.66
N ALA L 456 -33.11 26.47 -65.35
CA ALA L 456 -33.16 25.44 -66.38
C ALA L 456 -34.55 25.36 -67.02
N MET L 457 -35.60 25.50 -66.21
CA MET L 457 -36.95 25.47 -66.74
C MET L 457 -37.22 26.66 -67.65
N ARG L 458 -36.69 27.83 -67.31
CA ARG L 458 -36.82 28.99 -68.19
C ARG L 458 -36.12 28.75 -69.52
N ARG L 459 -34.93 28.15 -69.49
CA ARG L 459 -34.25 27.80 -70.74
C ARG L 459 -35.07 26.81 -71.56
N ASP L 460 -35.65 25.80 -70.88
CA ASP L 460 -36.50 24.83 -71.56
C ASP L 460 -37.71 25.50 -72.20
N GLY L 461 -38.30 26.46 -71.48
CA GLY L 461 -39.42 27.19 -72.06
C GLY L 461 -39.04 27.98 -73.28
N GLU L 462 -37.86 28.61 -73.27
CA GLU L 462 -37.39 29.33 -74.44
C GLU L 462 -37.22 28.40 -75.63
N ILE L 463 -36.58 27.25 -75.40
CA ILE L 463 -36.37 26.28 -76.48
C ILE L 463 -37.70 25.79 -77.04
N TYR L 464 -38.64 25.46 -76.15
CA TYR L 464 -39.94 24.98 -76.59
C TYR L 464 -40.70 26.04 -77.37
N GLN L 465 -40.62 27.30 -76.93
CA GLN L 465 -41.27 28.38 -77.66
C GLN L 465 -40.70 28.49 -79.07
N SER L 466 -39.37 28.43 -79.20
CA SER L 466 -38.76 28.49 -80.52
C SER L 466 -39.23 27.34 -81.41
N ILE L 467 -39.25 26.12 -80.85
CA ILE L 467 -39.65 24.96 -81.63
C ILE L 467 -41.10 25.09 -82.07
N VAL L 468 -41.96 25.59 -81.18
CA VAL L 468 -43.38 25.76 -81.53
C VAL L 468 -43.54 26.78 -82.64
N ASN L 469 -42.83 27.91 -82.53
CA ASN L 469 -42.95 28.93 -83.58
C ASN L 469 -42.43 28.40 -84.92
N ASP L 470 -41.45 27.51 -84.91
CA ASP L 470 -40.90 27.07 -86.18
C ASP L 470 -41.60 25.82 -86.73
N ILE L 471 -42.37 25.06 -85.98
CA ILE L 471 -42.94 23.79 -86.55
C ILE L 471 -44.44 23.58 -86.46
N TYR L 472 -45.09 24.16 -85.46
CA TYR L 472 -46.51 24.02 -85.32
C TYR L 472 -47.12 25.17 -86.04
N ASP L 473 -48.44 25.22 -86.11
CA ASP L 473 -49.09 26.37 -86.70
C ASP L 473 -49.72 27.21 -85.61
N VAL L 474 -49.37 28.50 -85.56
CA VAL L 474 -49.88 29.36 -84.50
C VAL L 474 -50.89 30.36 -85.03
N PRO L 475 -52.05 30.48 -84.38
CA PRO L 475 -53.11 31.38 -84.85
C PRO L 475 -52.98 32.86 -84.46
N ARG L 476 -53.15 33.80 -85.40
CA ARG L 476 -53.10 35.21 -85.13
C ARG L 476 -54.51 35.69 -84.77
N ASN L 477 -54.64 36.34 -83.63
CA ASN L 477 -55.95 36.78 -83.14
C ASN L 477 -56.15 38.24 -83.48
N VAL L 478 -57.24 38.55 -84.18
CA VAL L 478 -57.56 39.90 -84.60
C VAL L 478 -59.04 40.15 -84.35
N THR L 479 -59.36 41.36 -83.88
CA THR L 479 -60.74 41.73 -83.60
C THR L 479 -61.26 42.66 -84.70
N ILE L 480 -62.40 42.28 -85.28
CA ILE L 480 -62.97 43.06 -86.37
C ILE L 480 -63.44 44.43 -85.87
N THR L 481 -63.94 44.48 -84.64
CA THR L 481 -64.53 45.70 -84.07
C THR L 481 -65.67 46.22 -84.93
N LEU L 482 -66.49 45.30 -85.44
CA LEU L 482 -67.63 45.68 -86.27
C LEU L 482 -68.70 46.37 -85.43
N GLU L 483 -69.53 47.18 -86.11
CA GLU L 483 -70.61 47.87 -85.41
C GLU L 483 -71.63 46.88 -84.85
N ASP L 484 -71.96 45.85 -85.62
CA ASP L 484 -72.92 44.85 -85.14
C ASP L 484 -72.33 44.01 -84.02
N GLY L 485 -71.11 43.51 -84.20
CA GLY L 485 -70.47 42.69 -83.19
C GLY L 485 -69.19 43.31 -82.65
N SER L 486 -69.14 43.49 -81.34
CA SER L 486 -68.00 44.13 -80.68
C SER L 486 -67.20 43.11 -79.89
N GLU L 487 -65.88 43.21 -79.97
CA GLU L 487 -64.96 42.30 -79.30
C GLU L 487 -65.22 40.85 -79.75
N LYS L 488 -65.09 40.61 -81.05
CA LYS L 488 -65.25 39.27 -81.60
C LYS L 488 -63.86 38.67 -81.84
N ASP L 489 -63.53 37.63 -81.08
CA ASP L 489 -62.23 36.98 -81.19
C ASP L 489 -62.30 35.96 -82.34
N VAL L 490 -61.94 36.44 -83.54
CA VAL L 490 -61.99 35.62 -84.73
C VAL L 490 -60.97 34.48 -84.71
N GLN L 491 -59.76 34.74 -84.23
CA GLN L 491 -58.68 33.76 -84.21
C GLN L 491 -58.38 33.23 -85.61
N LEU L 492 -57.99 34.16 -86.48
CA LEU L 492 -57.70 33.82 -87.87
C LEU L 492 -56.46 32.94 -87.98
N MET L 493 -56.51 32.01 -88.91
CA MET L 493 -55.40 31.10 -89.21
C MET L 493 -55.11 31.14 -90.70
N ALA L 494 -53.87 30.84 -91.07
CA ALA L 494 -53.46 30.88 -92.47
C ALA L 494 -52.71 29.60 -92.79
N GLU L 495 -53.11 28.94 -93.87
CA GLU L 495 -52.46 27.71 -94.32
C GLU L 495 -52.61 27.59 -95.82
N VAL L 496 -51.49 27.30 -96.51
CA VAL L 496 -51.46 27.16 -97.96
C VAL L 496 -50.83 25.82 -98.30
N VAL L 497 -51.46 25.10 -99.22
CA VAL L 497 -50.96 23.82 -99.69
C VAL L 497 -50.11 24.05 -100.94
N ASP L 498 -49.21 23.10 -101.22
CA ASP L 498 -48.27 23.28 -102.32
C ASP L 498 -48.95 23.11 -103.68
N LEU L 499 -50.07 22.39 -103.72
CA LEU L 499 -50.87 22.17 -104.92
C LEU L 499 -50.14 21.30 -105.94
N ALA L 500 -48.90 20.93 -105.65
CA ALA L 500 -48.17 19.94 -106.43
C ALA L 500 -47.84 18.69 -105.62
N THR L 501 -47.95 18.75 -104.30
CA THR L 501 -47.78 17.60 -103.44
C THR L 501 -48.75 17.73 -102.27
N GLY L 502 -49.02 16.59 -101.61
CA GLY L 502 -50.00 16.57 -100.54
C GLY L 502 -49.51 17.17 -99.25
N GLU L 503 -48.22 17.50 -99.15
CA GLU L 503 -47.68 18.03 -97.91
C GLU L 503 -48.21 19.43 -97.64
N LYS L 504 -48.41 19.74 -96.36
CA LYS L 504 -48.90 21.04 -95.93
C LYS L 504 -47.71 21.97 -95.66
N GLN L 505 -47.96 23.28 -95.74
CA GLN L 505 -46.94 24.27 -95.46
C GLN L 505 -47.50 25.30 -94.49
N VAL L 506 -46.73 25.63 -93.46
CA VAL L 506 -47.18 26.55 -92.41
C VAL L 506 -46.79 27.97 -92.81
N LEU L 507 -47.50 28.94 -92.25
CA LEU L 507 -47.25 30.36 -92.48
C LEU L 507 -47.31 31.09 -91.15
N ASN L 508 -46.14 31.34 -90.56
CA ASN L 508 -46.03 32.08 -89.32
C ASN L 508 -45.42 33.44 -89.59
N ASP L 509 -46.05 34.49 -89.08
CA ASP L 509 -45.51 35.84 -89.21
C ASP L 509 -44.24 35.97 -88.38
N ILE L 510 -43.46 37.00 -88.68
CA ILE L 510 -42.20 37.24 -87.97
C ILE L 510 -42.41 38.33 -86.92
N ARG L 511 -43.25 39.32 -87.24
CA ARG L 511 -43.47 40.42 -86.32
C ARG L 511 -44.14 39.95 -85.04
N GLY L 512 -45.07 39.01 -85.13
CA GLY L 512 -45.81 38.55 -83.98
C GLY L 512 -45.36 37.22 -83.43
N ARG L 513 -44.06 36.92 -83.51
CA ARG L 513 -43.56 35.66 -83.00
C ARG L 513 -43.21 35.75 -81.51
N TYR L 514 -42.30 36.65 -81.15
CA TYR L 514 -41.79 36.75 -79.79
C TYR L 514 -42.54 37.88 -79.09
N GLU L 515 -43.68 37.54 -78.47
CA GLU L 515 -44.46 38.51 -77.74
C GLU L 515 -45.03 37.94 -76.45
N CYS L 516 -44.32 36.99 -75.84
CA CYS L 516 -44.69 36.45 -74.54
C CYS L 516 -43.45 35.84 -73.90
N TYR L 517 -43.07 36.35 -72.74
CA TYR L 517 -41.87 35.89 -72.04
C TYR L 517 -42.19 34.69 -71.16
N THR L 518 -41.14 33.95 -70.83
CA THR L 518 -41.27 32.74 -70.02
C THR L 518 -41.07 33.06 -68.55
N ASP L 519 -41.81 32.33 -67.71
CA ASP L 519 -41.74 32.52 -66.27
C ASP L 519 -41.94 31.17 -65.59
N VAL L 520 -41.58 31.11 -64.32
CA VAL L 520 -41.60 29.88 -63.54
C VAL L 520 -42.76 29.96 -62.55
N GLY L 521 -43.59 28.91 -62.54
CA GLY L 521 -44.71 28.83 -61.63
C GLY L 521 -45.04 27.39 -61.27
N PRO L 522 -46.15 27.20 -60.57
CA PRO L 522 -46.55 25.83 -60.19
C PRO L 522 -46.92 25.00 -61.41
N SER L 523 -46.80 23.68 -61.25
CA SER L 523 -46.98 22.74 -62.34
C SER L 523 -48.41 22.20 -62.32
N PHE L 524 -49.12 22.42 -63.43
CA PHE L 524 -50.46 21.88 -63.64
C PHE L 524 -50.45 20.94 -64.83
N GLN L 525 -51.63 20.46 -65.22
CA GLN L 525 -51.75 19.50 -66.31
C GLN L 525 -52.67 19.93 -67.43
N SER L 526 -53.56 20.89 -67.20
CA SER L 526 -54.46 21.36 -68.25
C SER L 526 -54.77 22.83 -68.03
N MET L 527 -55.21 23.50 -69.10
CA MET L 527 -55.53 24.91 -69.03
C MET L 527 -56.72 25.22 -68.12
N LYS L 528 -57.57 24.24 -67.83
CA LYS L 528 -58.67 24.44 -66.90
C LYS L 528 -58.22 24.44 -65.45
N GLN L 529 -57.18 23.67 -65.13
CA GLN L 529 -56.67 23.65 -63.76
C GLN L 529 -56.05 24.98 -63.36
N GLN L 530 -55.37 25.67 -64.29
CA GLN L 530 -54.86 27.00 -63.98
C GLN L 530 -55.99 27.96 -63.66
N ASN L 531 -57.07 27.92 -64.45
CA ASN L 531 -58.22 28.78 -64.17
C ASN L 531 -58.82 28.45 -62.81
N ARG L 532 -58.95 27.17 -62.50
CA ARG L 532 -59.49 26.77 -61.20
C ARG L 532 -58.61 27.27 -60.06
N ALA L 533 -57.28 27.14 -60.20
CA ALA L 533 -56.38 27.59 -59.15
C ALA L 533 -56.43 29.11 -58.98
N GLU L 534 -56.46 29.85 -60.08
CA GLU L 534 -56.57 31.30 -59.97
C GLU L 534 -57.88 31.73 -59.34
N ILE L 535 -58.99 31.06 -59.68
CA ILE L 535 -60.26 31.40 -59.07
C ILE L 535 -60.23 31.10 -57.57
N LEU L 536 -59.61 29.98 -57.18
CA LEU L 536 -59.48 29.69 -55.75
C LEU L 536 -58.64 30.73 -55.04
N GLU L 537 -57.55 31.18 -55.67
CA GLU L 537 -56.70 32.20 -55.05
C GLU L 537 -57.47 33.51 -54.87
N LEU L 538 -58.19 33.94 -55.91
CA LEU L 538 -58.98 35.16 -55.81
C LEU L 538 -60.09 35.02 -54.78
N LEU L 539 -60.71 33.84 -54.70
CA LEU L 539 -61.75 33.61 -53.70
C LEU L 539 -61.19 33.69 -52.29
N GLY L 540 -60.01 33.13 -52.07
CA GLY L 540 -59.37 33.24 -50.77
C GLY L 540 -58.99 34.68 -50.44
N LYS L 541 -58.59 35.45 -51.45
CA LYS L 541 -58.21 36.84 -51.24
C LYS L 541 -59.40 37.76 -51.00
N THR L 542 -60.56 37.44 -51.57
CA THR L 542 -61.76 38.28 -51.48
C THR L 542 -62.53 37.98 -50.19
N PRO L 543 -62.87 39.01 -49.42
CA PRO L 543 -63.65 38.79 -48.19
C PRO L 543 -65.08 38.34 -48.50
N GLN L 544 -65.66 37.63 -47.55
CA GLN L 544 -67.00 37.10 -47.71
C GLN L 544 -68.04 38.23 -47.66
N GLY L 545 -69.27 37.89 -48.03
CA GLY L 545 -70.36 38.85 -48.04
C GLY L 545 -70.13 40.00 -49.01
N THR L 546 -69.63 39.68 -50.20
CA THR L 546 -69.31 40.67 -51.21
C THR L 546 -69.77 40.14 -52.56
N PRO L 547 -70.29 41.00 -53.44
CA PRO L 547 -70.67 40.53 -54.79
C PRO L 547 -69.53 39.87 -55.55
N GLU L 548 -68.30 40.35 -55.35
CA GLU L 548 -67.15 39.70 -55.98
C GLU L 548 -67.00 38.27 -55.47
N TYR L 549 -67.25 38.04 -54.18
CA TYR L 549 -67.16 36.69 -53.65
C TYR L 549 -68.17 35.76 -54.30
N GLN L 550 -69.41 36.24 -54.49
CA GLN L 550 -70.42 35.43 -55.15
C GLN L 550 -70.05 35.15 -56.61
N LEU L 551 -69.52 36.17 -57.30
CA LEU L 551 -69.09 35.97 -58.68
C LEU L 551 -67.99 34.93 -58.76
N LEU L 552 -67.02 34.99 -57.84
CA LEU L 552 -65.95 34.01 -57.84
C LEU L 552 -66.47 32.61 -57.53
N LEU L 553 -67.42 32.50 -56.61
CA LEU L 553 -68.01 31.19 -56.32
C LEU L 553 -68.69 30.62 -57.56
N LEU L 554 -69.48 31.44 -58.26
CA LEU L 554 -70.16 30.97 -59.46
C LEU L 554 -69.18 30.59 -60.55
N GLN L 555 -68.12 31.38 -60.72
CA GLN L 555 -67.11 31.06 -61.73
C GLN L 555 -66.38 29.77 -61.39
N TYR L 556 -66.10 29.53 -60.11
CA TYR L 556 -65.51 28.25 -59.71
C TYR L 556 -66.46 27.09 -59.96
N PHE L 557 -67.75 27.29 -59.67
CA PHE L 557 -68.71 26.19 -59.83
C PHE L 557 -68.93 25.85 -61.30
N THR L 558 -68.87 26.84 -62.19
CA THR L 558 -69.10 26.59 -63.60
C THR L 558 -67.88 26.00 -64.31
N LEU L 559 -66.86 25.56 -63.56
CA LEU L 559 -65.67 24.96 -64.15
C LEU L 559 -65.49 23.50 -63.80
N LEU L 560 -66.44 22.87 -63.13
CA LEU L 560 -66.32 21.47 -62.76
C LEU L 560 -66.49 20.58 -63.99
N ASP L 561 -66.03 19.34 -63.87
CA ASP L 561 -65.93 18.43 -65.01
C ASP L 561 -66.97 17.32 -64.98
N GLY L 562 -67.08 16.59 -63.88
CA GLY L 562 -67.86 15.37 -63.87
C GLY L 562 -69.33 15.59 -64.17
N LYS L 563 -69.94 14.59 -64.80
CA LYS L 563 -71.36 14.65 -65.12
C LYS L 563 -72.22 14.56 -63.87
N GLY L 564 -71.72 13.95 -62.80
CA GLY L 564 -72.48 13.90 -61.57
C GLY L 564 -72.77 15.29 -61.02
N VAL L 565 -71.77 16.16 -61.03
CA VAL L 565 -71.97 17.57 -60.68
C VAL L 565 -72.28 18.37 -61.95
N GLU L 566 -73.53 18.32 -62.38
CA GLU L 566 -73.99 19.07 -63.54
C GLU L 566 -75.10 20.05 -63.21
N MET L 567 -75.94 19.71 -62.22
CA MET L 567 -76.99 20.62 -61.79
C MET L 567 -76.41 21.93 -61.30
N MET L 568 -75.35 21.88 -60.49
CA MET L 568 -74.74 23.09 -59.97
C MET L 568 -74.11 23.90 -61.09
N ARG L 569 -73.45 23.24 -62.05
CA ARG L 569 -72.85 23.95 -63.17
C ARG L 569 -73.90 24.68 -64.00
N ASP L 570 -75.01 24.00 -64.30
CA ASP L 570 -76.08 24.63 -65.07
C ASP L 570 -76.70 25.78 -64.29
N TYR L 571 -76.91 25.61 -62.99
CA TYR L 571 -77.47 26.69 -62.18
C TYR L 571 -76.54 27.89 -62.15
N ALA L 572 -75.22 27.65 -62.02
CA ALA L 572 -74.27 28.76 -62.00
C ALA L 572 -74.25 29.49 -63.34
N ASN L 573 -74.28 28.74 -64.44
CA ASN L 573 -74.33 29.39 -65.76
C ASN L 573 -75.58 30.22 -65.91
N LYS L 574 -76.73 29.68 -65.48
CA LYS L 574 -77.98 30.42 -65.60
C LYS L 574 -77.94 31.69 -64.75
N GLN L 575 -77.42 31.61 -63.53
CA GLN L 575 -77.32 32.78 -62.67
C GLN L 575 -76.41 33.84 -63.28
N LEU L 576 -75.24 33.42 -63.78
CA LEU L 576 -74.31 34.38 -64.37
C LEU L 576 -74.89 35.04 -65.61
N ILE L 577 -75.62 34.30 -66.43
CA ILE L 577 -76.21 34.89 -67.63
C ILE L 577 -77.35 35.83 -67.26
N GLN L 578 -78.19 35.43 -66.31
CA GLN L 578 -79.33 36.26 -65.93
C GLN L 578 -78.92 37.50 -65.17
N MET L 579 -77.76 37.50 -64.50
CA MET L 579 -77.30 38.67 -63.79
C MET L 579 -76.57 39.67 -64.68
N GLY L 580 -76.41 39.36 -65.97
CA GLY L 580 -75.79 40.26 -66.91
C GLY L 580 -74.28 40.29 -66.86
N VAL L 581 -73.66 39.51 -65.98
CA VAL L 581 -72.20 39.52 -65.88
C VAL L 581 -71.57 38.86 -67.10
N LYS L 582 -72.12 37.73 -67.53
CA LYS L 582 -71.63 37.01 -68.70
C LYS L 582 -72.42 37.41 -69.94
N LYS L 583 -72.18 36.71 -71.04
CA LYS L 583 -72.86 36.98 -72.30
C LYS L 583 -73.43 35.70 -72.87
N PRO L 584 -74.67 35.74 -73.37
CA PRO L 584 -75.28 34.53 -73.94
C PRO L 584 -74.56 34.08 -75.20
N GLU L 585 -74.46 32.76 -75.37
CA GLU L 585 -73.89 32.15 -76.57
C GLU L 585 -74.91 31.34 -77.34
N THR L 586 -75.55 30.37 -76.69
CA THR L 586 -76.54 29.51 -77.31
C THR L 586 -77.93 30.16 -77.26
N PRO L 587 -78.85 29.75 -78.14
CA PRO L 587 -80.20 30.36 -78.13
C PRO L 587 -80.93 30.22 -76.82
N GLU L 588 -80.78 29.10 -76.11
CA GLU L 588 -81.44 28.97 -74.81
C GLU L 588 -80.88 29.96 -73.80
N GLU L 589 -79.59 30.29 -73.92
CA GLU L 589 -79.03 31.33 -73.07
C GLU L 589 -79.64 32.68 -73.38
N GLN L 590 -79.89 32.97 -74.66
CA GLN L 590 -80.57 34.21 -75.03
C GLN L 590 -81.99 34.23 -74.48
N GLN L 591 -82.66 33.07 -74.49
CA GLN L 591 -83.99 32.98 -73.89
C GLN L 591 -83.94 33.24 -72.38
N TRP L 592 -82.92 32.71 -71.71
CA TRP L 592 -82.74 32.99 -70.29
C TRP L 592 -82.55 34.49 -70.06
N LEU L 593 -81.75 35.13 -70.90
CA LEU L 593 -81.48 36.56 -70.73
C LEU L 593 -82.75 37.38 -70.94
N VAL L 594 -83.54 37.06 -71.98
CA VAL L 594 -84.76 37.83 -72.22
C VAL L 594 -85.79 37.58 -71.12
N GLU L 595 -85.83 36.35 -70.60
CA GLU L 595 -86.72 36.06 -69.48
C GLU L 595 -86.33 36.89 -68.25
N ALA L 596 -85.03 36.98 -67.97
CA ALA L 596 -84.57 37.80 -66.86
C ALA L 596 -84.92 39.26 -67.07
N GLN L 597 -84.75 39.76 -68.30
CA GLN L 597 -85.08 41.15 -68.59
C GLN L 597 -86.57 41.42 -68.40
N GLN L 598 -87.42 40.49 -68.84
CA GLN L 598 -88.86 40.66 -68.65
C GLN L 598 -89.22 40.61 -67.16
N ALA L 599 -88.58 39.72 -66.40
CA ALA L 599 -88.89 39.62 -64.98
C ALA L 599 -88.41 40.86 -64.22
N LYS L 600 -87.37 41.52 -64.72
CA LYS L 600 -86.83 42.69 -64.04
C LYS L 600 -87.84 43.83 -63.98
N GLN L 601 -88.55 44.08 -65.09
CA GLN L 601 -89.44 45.24 -65.15
C GLN L 601 -90.67 45.05 -64.29
N GLY L 602 -91.00 43.81 -63.91
CA GLY L 602 -92.20 43.57 -63.14
C GLY L 602 -92.11 44.10 -61.73
N GLN L 603 -90.89 44.18 -61.19
CA GLN L 603 -90.71 44.62 -59.81
C GLN L 603 -91.11 46.08 -59.63
N GLN L 604 -91.87 46.34 -58.57
CA GLN L 604 -92.31 47.69 -58.23
C GLN L 604 -92.14 47.91 -56.73
N ASP L 605 -91.49 49.02 -56.37
CA ASP L 605 -91.28 49.33 -54.97
C ASP L 605 -92.54 49.93 -54.37
N PRO L 606 -93.04 49.39 -53.25
CA PRO L 606 -94.25 49.97 -52.64
C PRO L 606 -94.09 51.42 -52.24
N ALA L 607 -92.87 51.81 -51.84
CA ALA L 607 -92.63 53.21 -51.48
C ALA L 607 -92.87 54.15 -52.65
N MET L 608 -92.41 53.77 -53.85
CA MET L 608 -92.70 54.56 -55.04
C MET L 608 -94.20 54.72 -55.25
N VAL L 609 -94.95 53.64 -55.09
CA VAL L 609 -96.40 53.67 -55.32
C VAL L 609 -97.10 54.58 -54.32
N GLN L 610 -96.75 54.44 -53.03
CA GLN L 610 -97.38 55.27 -52.01
C GLN L 610 -97.01 56.74 -52.20
N ALA L 611 -95.75 57.04 -52.52
CA ALA L 611 -95.35 58.41 -52.75
C ALA L 611 -96.07 59.00 -53.97
N GLN L 612 -96.24 58.20 -55.02
CA GLN L 612 -96.99 58.67 -56.18
C GLN L 612 -98.43 58.96 -55.82
N GLY L 613 -99.05 58.11 -55.00
CA GLY L 613 -100.41 58.37 -54.56
C GLY L 613 -100.53 59.66 -53.77
N VAL L 614 -99.58 59.91 -52.86
CA VAL L 614 -99.59 61.15 -52.09
C VAL L 614 -99.42 62.36 -52.99
N LEU L 615 -98.49 62.27 -53.95
CA LEU L 615 -98.27 63.38 -54.88
C LEU L 615 -99.52 63.64 -55.72
N LEU L 616 -100.19 62.58 -56.17
CA LEU L 616 -101.41 62.77 -56.95
C LEU L 616 -102.51 63.39 -56.11
N GLN L 617 -102.60 63.02 -54.84
CA GLN L 617 -103.59 63.65 -53.95
C GLN L 617 -103.30 65.14 -53.80
N GLY L 618 -102.02 65.50 -53.63
CA GLY L 618 -101.67 66.90 -53.55
C GLY L 618 -101.97 67.66 -54.83
N GLN L 619 -101.68 67.05 -55.97
CA GLN L 619 -101.98 67.68 -57.26
C GLN L 619 -103.48 67.87 -57.44
N ALA L 620 -104.27 66.90 -57.00
CA ALA L 620 -105.72 67.04 -57.03
C ALA L 620 -106.21 68.16 -56.10
N GLU L 621 -105.58 68.32 -54.94
CA GLU L 621 -105.93 69.44 -54.07
C GLU L 621 -105.62 70.78 -54.74
N LEU L 622 -104.47 70.86 -55.42
CA LEU L 622 -104.15 72.07 -56.17
C LEU L 622 -105.16 72.32 -57.28
N ALA L 623 -105.58 71.26 -57.97
CA ALA L 623 -106.61 71.41 -59.00
C ALA L 623 -107.92 71.88 -58.40
N LYS L 624 -108.25 71.41 -57.19
CA LYS L 624 -109.45 71.89 -56.51
C LYS L 624 -109.35 73.37 -56.20
N ALA L 625 -108.17 73.83 -55.76
CA ALA L 625 -108.00 75.26 -55.52
C ALA L 625 -108.15 76.07 -56.81
N GLN L 626 -107.55 75.59 -57.90
CA GLN L 626 -107.68 76.29 -59.17
C GLN L 626 -109.13 76.29 -59.65
N ASN L 627 -109.87 75.22 -59.33
CA ASN L 627 -111.30 75.19 -59.65
C ASN L 627 -112.07 76.18 -58.79
N GLN L 628 -111.67 76.35 -57.53
CA GLN L 628 -112.30 77.36 -56.68
C GLN L 628 -112.08 78.75 -57.24
N THR L 629 -110.91 79.00 -57.83
CA THR L 629 -110.69 80.29 -58.49
C THR L 629 -111.72 80.54 -59.59
N LEU L 630 -111.95 79.56 -60.45
CA LEU L 630 -112.94 79.72 -61.53
C LEU L 630 -114.35 79.84 -60.95
N SER L 631 -114.62 79.13 -59.85
CA SER L 631 -115.91 79.26 -59.19
C SER L 631 -116.14 80.69 -58.70
N LEU L 632 -115.08 81.31 -58.16
CA LEU L 632 -115.17 82.73 -57.82
C LEU L 632 -115.41 83.58 -59.05
N GLN L 633 -114.76 83.23 -60.17
CA GLN L 633 -114.92 84.01 -61.39
C GLN L 633 -116.36 84.02 -61.85
N ILE L 634 -117.06 82.90 -61.69
CA ILE L 634 -118.46 82.75 -62.12
C ILE L 634 -118.59 83.01 -63.62
N THR M 2 14.49 -101.04 -27.83
CA THR M 2 15.74 -101.77 -27.70
C THR M 2 16.88 -100.84 -27.31
N ASP M 3 18.08 -101.40 -27.19
CA ASP M 3 19.28 -100.63 -26.85
C ASP M 3 20.28 -100.78 -27.99
N ILE M 4 20.18 -99.90 -28.98
CA ILE M 4 21.11 -99.91 -30.10
C ILE M 4 22.37 -99.14 -29.70
N THR M 5 23.48 -99.44 -30.39
CA THR M 5 24.74 -98.76 -30.09
C THR M 5 24.63 -97.28 -30.40
N ALA M 6 25.29 -96.47 -29.56
CA ALA M 6 25.30 -95.03 -29.70
C ALA M 6 26.72 -94.60 -30.10
N ASN M 7 26.81 -93.86 -31.21
CA ASN M 7 28.10 -93.44 -31.74
C ASN M 7 28.26 -91.93 -31.88
N VAL M 8 27.24 -91.23 -32.36
CA VAL M 8 27.31 -89.80 -32.58
C VAL M 8 25.98 -89.16 -32.18
N VAL M 9 26.07 -87.98 -31.59
CA VAL M 9 24.89 -87.24 -31.12
C VAL M 9 24.75 -85.98 -31.97
N VAL M 10 23.51 -85.59 -32.25
CA VAL M 10 23.27 -84.37 -33.00
C VAL M 10 23.64 -83.18 -32.14
N SER M 11 24.49 -82.29 -32.68
CA SER M 11 24.96 -81.13 -31.95
C SER M 11 25.29 -80.00 -32.91
N ASN M 12 25.29 -78.79 -32.39
CA ASN M 12 25.65 -77.61 -33.18
C ASN M 12 27.16 -77.43 -33.16
N PRO M 13 27.83 -77.42 -34.32
CA PRO M 13 29.31 -77.31 -34.34
C PRO M 13 29.84 -75.88 -34.48
N ARG M 14 29.00 -74.85 -34.39
CA ARG M 14 29.49 -73.50 -34.55
C ARG M 14 29.36 -72.70 -33.26
N PRO M 15 30.40 -71.98 -32.85
CA PRO M 15 30.34 -71.20 -31.61
C PRO M 15 29.89 -69.77 -31.83
N ILE M 16 29.23 -69.23 -30.80
CA ILE M 16 28.72 -67.87 -30.80
C ILE M 16 29.49 -67.07 -29.76
N PHE M 17 29.93 -65.87 -30.15
CA PHE M 17 30.60 -64.95 -29.25
C PHE M 17 29.67 -63.79 -28.94
N THR M 18 29.26 -63.69 -27.68
CA THR M 18 28.32 -62.66 -27.25
C THR M 18 28.98 -61.74 -26.24
N GLU M 19 28.53 -60.49 -26.23
CA GLU M 19 29.08 -59.49 -25.33
C GLU M 19 28.72 -59.82 -23.90
N SER M 20 29.69 -59.63 -23.01
CA SER M 20 29.50 -59.84 -21.58
C SER M 20 28.67 -58.69 -21.01
N ARG M 21 27.96 -58.97 -19.91
CA ARG M 21 27.11 -58.05 -19.17
C ARG M 21 25.81 -57.79 -19.92
N SER M 22 25.68 -58.25 -21.16
CA SER M 22 24.44 -58.12 -21.92
C SER M 22 24.20 -59.42 -22.67
N PHE M 23 23.13 -59.45 -23.45
CA PHE M 23 22.84 -60.62 -24.27
C PHE M 23 22.80 -60.23 -25.75
N LYS M 24 23.78 -59.43 -26.18
CA LYS M 24 23.91 -59.04 -27.57
C LYS M 24 25.11 -59.77 -28.18
N ALA M 25 25.14 -59.83 -29.50
CA ALA M 25 26.22 -60.46 -30.23
C ALA M 25 27.21 -59.41 -30.71
N VAL M 26 28.49 -59.72 -30.58
CA VAL M 26 29.55 -58.83 -31.02
C VAL M 26 29.38 -58.59 -32.52
N ALA M 27 29.20 -57.32 -32.91
CA ALA M 27 28.77 -57.02 -34.27
C ALA M 27 29.88 -57.27 -35.28
N ASN M 28 30.97 -56.51 -35.19
CA ASN M 28 32.11 -56.69 -36.09
C ASN M 28 33.41 -56.57 -35.30
N GLY M 29 33.47 -57.23 -34.15
CA GLY M 29 34.64 -57.21 -33.32
C GLY M 29 35.78 -58.01 -33.91
N LYS M 30 36.90 -58.02 -33.19
CA LYS M 30 38.11 -58.70 -33.62
C LYS M 30 38.60 -59.60 -32.51
N ILE M 31 39.09 -60.78 -32.88
CA ILE M 31 39.59 -61.77 -31.93
C ILE M 31 41.10 -61.89 -32.15
N TYR M 32 41.86 -61.65 -31.09
CA TYR M 32 43.31 -61.79 -31.11
C TYR M 32 43.72 -63.02 -30.31
N ILE M 33 44.52 -63.87 -30.92
CA ILE M 33 44.95 -65.12 -30.32
C ILE M 33 46.47 -65.08 -30.14
N GLY M 34 46.91 -65.25 -28.90
CA GLY M 34 48.32 -65.19 -28.59
C GLY M 34 48.78 -66.29 -27.65
N GLN M 35 49.95 -66.12 -27.04
CA GLN M 35 50.46 -67.13 -26.14
C GLN M 35 49.68 -67.13 -24.82
N ILE M 36 50.16 -67.94 -23.88
CA ILE M 36 49.33 -68.31 -22.73
C ILE M 36 48.99 -67.09 -21.88
N ASP M 37 50.01 -66.45 -21.29
CA ASP M 37 49.78 -65.40 -20.31
C ASP M 37 50.24 -64.04 -20.81
N THR M 38 50.27 -63.83 -22.13
CA THR M 38 50.81 -62.62 -22.71
C THR M 38 49.71 -61.75 -23.29
N ASP M 39 50.13 -60.68 -23.96
CA ASP M 39 49.20 -59.79 -24.66
C ASP M 39 49.10 -60.21 -26.12
N PRO M 40 47.94 -60.64 -26.60
CA PRO M 40 47.86 -61.12 -27.99
C PRO M 40 47.95 -60.02 -29.03
N VAL M 41 47.88 -58.74 -28.62
CA VAL M 41 47.80 -57.66 -29.60
C VAL M 41 49.10 -57.51 -30.37
N ASN M 42 50.23 -57.55 -29.67
CA ASN M 42 51.50 -57.30 -30.34
C ASN M 42 51.87 -58.46 -31.26
N PRO M 43 52.59 -58.18 -32.35
CA PRO M 43 52.95 -59.26 -33.29
C PRO M 43 53.78 -60.37 -32.68
N ALA M 44 54.58 -60.06 -31.66
CA ALA M 44 55.51 -61.05 -31.12
C ALA M 44 54.79 -62.23 -30.45
N ASN M 45 53.68 -61.96 -29.77
CA ASN M 45 53.02 -62.97 -28.96
C ASN M 45 52.01 -63.80 -29.73
N GLN M 46 51.72 -63.48 -30.98
CA GLN M 46 50.69 -64.19 -31.71
C GLN M 46 51.20 -65.55 -32.18
N ILE M 47 50.27 -66.47 -32.41
CA ILE M 47 50.60 -67.84 -32.82
C ILE M 47 49.91 -68.15 -34.14
N PRO M 48 50.41 -69.10 -34.93
CA PRO M 48 49.80 -69.39 -36.23
C PRO M 48 48.36 -69.89 -36.07
N VAL M 49 47.52 -69.51 -37.03
CA VAL M 49 46.10 -69.86 -37.02
C VAL M 49 45.76 -70.49 -38.37
N TYR M 50 45.10 -71.65 -38.34
CA TYR M 50 44.82 -72.43 -39.53
C TYR M 50 43.32 -72.67 -39.68
N ILE M 51 42.82 -72.48 -40.89
CA ILE M 51 41.46 -72.91 -41.23
C ILE M 51 41.40 -74.43 -41.29
N GLU M 52 40.23 -74.99 -41.02
CA GLU M 52 39.96 -76.40 -41.26
C GLU M 52 38.79 -76.49 -42.24
N ASN M 53 39.08 -76.89 -43.48
CA ASN M 53 38.05 -76.98 -44.50
C ASN M 53 37.14 -78.18 -44.25
N GLU M 54 36.13 -78.32 -45.12
CA GLU M 54 35.23 -79.46 -45.01
C GLU M 54 35.99 -80.77 -45.18
N ASP M 55 36.83 -80.86 -46.21
CA ASP M 55 37.79 -81.95 -46.32
C ASP M 55 39.04 -81.60 -45.53
N GLY M 56 39.77 -82.61 -45.07
CA GLY M 56 40.95 -82.36 -44.28
C GLY M 56 42.00 -81.53 -45.00
N SER M 57 42.12 -80.27 -44.61
CA SER M 57 43.10 -79.36 -45.18
C SER M 57 43.15 -78.11 -44.31
N HIS M 58 44.28 -77.40 -44.38
CA HIS M 58 44.49 -76.21 -43.56
C HIS M 58 45.03 -75.08 -44.41
N VAL M 59 44.46 -73.89 -44.25
CA VAL M 59 44.91 -72.68 -44.91
C VAL M 59 45.19 -71.63 -43.84
N GLN M 60 46.40 -71.09 -43.84
CA GLN M 60 46.76 -70.07 -42.87
C GLN M 60 46.14 -68.73 -43.22
N ILE M 61 45.79 -67.97 -42.20
CA ILE M 61 45.19 -66.65 -42.36
C ILE M 61 45.81 -65.68 -41.36
N THR M 62 45.56 -64.39 -41.59
CA THR M 62 46.04 -63.37 -40.68
C THR M 62 45.37 -63.50 -39.32
N GLN M 63 46.10 -63.07 -38.29
CA GLN M 63 45.63 -63.29 -36.92
C GLN M 63 44.30 -62.59 -36.59
N PRO M 64 44.08 -61.31 -36.89
CA PRO M 64 42.81 -60.69 -36.50
C PRO M 64 41.64 -61.36 -37.20
N LEU M 65 40.68 -61.83 -36.40
CA LEU M 65 39.55 -62.59 -36.90
C LEU M 65 38.29 -61.72 -36.83
N ILE M 66 37.57 -61.64 -37.95
CA ILE M 66 36.36 -60.83 -38.03
C ILE M 66 35.19 -61.64 -37.47
N ILE M 67 34.14 -60.94 -37.01
CA ILE M 67 32.93 -61.56 -36.51
C ILE M 67 31.75 -60.90 -37.20
N ASN M 68 30.79 -61.71 -37.67
CA ASN M 68 29.62 -61.15 -38.34
C ASN M 68 28.57 -60.72 -37.32
N ALA M 69 27.40 -60.32 -37.82
CA ALA M 69 26.35 -59.82 -36.94
C ALA M 69 25.82 -60.91 -36.03
N ALA M 70 25.86 -62.17 -36.49
CA ALA M 70 25.30 -63.25 -35.69
C ALA M 70 26.18 -63.58 -34.49
N GLY M 71 27.48 -63.33 -34.60
CA GLY M 71 28.39 -63.65 -33.52
C GLY M 71 29.32 -64.80 -33.84
N LYS M 72 29.28 -65.26 -35.09
CA LYS M 72 30.14 -66.34 -35.57
C LYS M 72 31.19 -65.76 -36.50
N ILE M 73 32.39 -66.33 -36.48
CA ILE M 73 33.47 -65.81 -37.31
C ILE M 73 33.12 -66.00 -38.77
N VAL M 74 33.27 -64.94 -39.56
CA VAL M 74 32.67 -64.83 -40.88
C VAL M 74 33.67 -65.11 -41.99
N TYR M 75 34.87 -64.53 -41.91
CA TYR M 75 35.79 -64.52 -43.05
C TYR M 75 35.06 -64.01 -44.28
N ASN M 76 35.03 -64.76 -45.38
CA ASN M 76 33.99 -64.37 -46.37
C ASN M 76 32.57 -65.01 -46.13
N GLY M 77 32.49 -66.35 -46.18
CA GLY M 77 31.37 -67.11 -45.67
C GLY M 77 31.80 -67.80 -44.40
N GLN M 78 30.86 -68.27 -43.62
CA GLN M 78 31.13 -68.77 -42.29
C GLN M 78 32.12 -69.87 -42.30
N LEU M 79 33.14 -69.64 -41.51
CA LEU M 79 34.39 -70.38 -41.56
C LEU M 79 34.41 -71.46 -40.48
N VAL M 80 35.11 -72.55 -40.77
CA VAL M 80 34.91 -73.82 -40.07
C VAL M 80 36.05 -74.05 -39.09
N LYS M 81 35.78 -73.83 -37.81
CA LYS M 81 36.49 -74.39 -36.66
C LYS M 81 37.88 -73.80 -36.41
N ILE M 82 38.41 -73.02 -37.35
CA ILE M 82 39.60 -72.19 -37.21
C ILE M 82 40.57 -72.78 -36.19
N VAL M 83 41.06 -73.99 -36.46
CA VAL M 83 41.82 -74.74 -35.46
C VAL M 83 43.24 -74.18 -35.36
N THR M 84 43.66 -73.87 -34.13
CA THR M 84 45.01 -73.45 -33.82
C THR M 84 45.74 -74.57 -33.06
N VAL M 85 46.94 -74.29 -32.59
CA VAL M 85 47.72 -75.24 -31.80
C VAL M 85 48.02 -74.59 -30.45
N GLN M 86 48.34 -75.44 -29.47
CA GLN M 86 48.69 -75.02 -28.11
C GLN M 86 47.51 -74.40 -27.39
N GLY M 87 47.74 -73.87 -26.20
CA GLY M 87 46.72 -73.19 -25.42
C GLY M 87 46.93 -71.68 -25.51
N HIS M 88 45.91 -70.99 -26.01
CA HIS M 88 46.02 -69.58 -26.36
C HIS M 88 45.31 -68.72 -25.33
N SER M 89 45.51 -67.41 -25.48
CA SER M 89 44.81 -66.39 -24.70
C SER M 89 43.91 -65.59 -25.63
N MET M 90 42.65 -65.44 -25.25
CA MET M 90 41.66 -64.77 -26.08
C MET M 90 41.46 -63.35 -25.61
N ALA M 91 41.53 -62.41 -26.57
CA ALA M 91 41.33 -60.98 -26.29
C ALA M 91 40.32 -60.46 -27.30
N ILE M 92 39.03 -60.56 -26.94
CA ILE M 92 37.98 -60.15 -27.86
C ILE M 92 37.75 -58.64 -27.75
N TYR M 93 37.78 -57.97 -28.90
CA TYR M 93 37.50 -56.55 -28.98
C TYR M 93 36.14 -56.33 -29.62
N ASP M 94 35.59 -55.15 -29.39
CA ASP M 94 34.26 -54.82 -29.91
C ASP M 94 34.41 -54.12 -31.26
N ALA M 95 33.32 -53.54 -31.76
CA ALA M 95 33.33 -52.92 -33.07
C ALA M 95 34.24 -51.69 -33.09
N ASN M 96 34.22 -50.89 -32.03
CA ASN M 96 34.97 -49.63 -31.98
C ASN M 96 36.17 -49.72 -31.04
N GLY M 97 36.83 -50.89 -31.03
CA GLY M 97 38.07 -51.03 -30.28
C GLY M 97 37.95 -50.95 -28.78
N SER M 98 36.85 -51.46 -28.23
CA SER M 98 36.68 -51.57 -26.79
C SER M 98 36.79 -53.03 -26.37
N GLN M 99 37.55 -53.27 -25.30
CA GLN M 99 37.87 -54.63 -24.88
C GLN M 99 36.63 -55.25 -24.24
N VAL M 100 36.17 -56.36 -24.83
CA VAL M 100 35.01 -57.05 -24.28
C VAL M 100 35.43 -57.99 -23.15
N ASP M 101 36.41 -58.85 -23.40
CA ASP M 101 36.84 -59.82 -22.40
C ASP M 101 38.24 -60.28 -22.77
N TYR M 102 39.02 -60.63 -21.74
CA TYR M 102 40.38 -61.12 -21.90
C TYR M 102 40.57 -62.30 -20.97
N ILE M 103 41.06 -63.43 -21.52
CA ILE M 103 41.23 -64.67 -20.77
C ILE M 103 42.64 -65.17 -21.00
N ALA M 104 43.28 -65.66 -19.93
CA ALA M 104 44.67 -66.09 -20.04
C ALA M 104 44.78 -67.48 -20.65
N ASN M 105 44.25 -68.50 -19.96
CA ASN M 105 44.48 -69.88 -20.37
C ASN M 105 43.17 -70.47 -20.90
N VAL M 106 43.21 -70.93 -22.15
CA VAL M 106 42.08 -71.57 -22.81
C VAL M 106 42.60 -72.80 -23.55
N LEU M 107 41.89 -73.91 -23.45
CA LEU M 107 42.28 -75.15 -24.12
C LEU M 107 41.03 -76.01 -24.34
N LYS M 108 40.68 -76.21 -25.61
CA LYS M 108 39.57 -77.08 -25.98
C LYS M 108 40.00 -77.92 -27.17
N TYR M 109 39.82 -79.23 -27.07
CA TYR M 109 40.36 -80.15 -28.07
C TYR M 109 39.36 -80.39 -29.20
N ASP M 110 39.90 -80.68 -30.38
CA ASP M 110 39.06 -80.94 -31.55
C ASP M 110 38.42 -82.32 -31.44
N PRO M 111 37.08 -82.39 -31.50
CA PRO M 111 36.42 -83.70 -31.49
C PRO M 111 36.44 -84.43 -32.82
N ASP M 112 36.68 -83.73 -33.93
CA ASP M 112 36.61 -84.34 -35.24
C ASP M 112 37.88 -85.16 -35.53
N GLN M 113 37.80 -85.98 -36.57
CA GLN M 113 38.93 -86.75 -37.10
C GLN M 113 39.56 -87.62 -36.01
N TYR M 114 38.73 -88.50 -35.44
CA TYR M 114 39.26 -89.48 -34.49
C TYR M 114 39.94 -90.63 -35.21
N SER M 115 39.64 -90.83 -36.49
CA SER M 115 40.24 -91.94 -37.23
C SER M 115 41.75 -91.78 -37.34
N ILE M 116 42.22 -90.57 -37.63
CA ILE M 116 43.66 -90.33 -37.77
C ILE M 116 44.37 -90.54 -36.44
N GLU M 117 43.79 -90.02 -35.36
CA GLU M 117 44.39 -90.20 -34.03
C GLU M 117 44.43 -91.67 -33.64
N ALA M 118 43.35 -92.40 -33.92
CA ALA M 118 43.32 -93.83 -33.59
C ALA M 118 44.35 -94.59 -34.40
N ASP M 119 44.50 -94.26 -35.68
CA ASP M 119 45.52 -94.90 -36.51
C ASP M 119 46.93 -94.61 -35.98
N LYS M 120 47.16 -93.37 -35.57
CA LYS M 120 48.47 -93.00 -35.04
C LYS M 120 48.68 -93.52 -33.62
N LYS M 121 47.63 -94.01 -32.97
CA LYS M 121 47.73 -94.40 -31.57
C LYS M 121 48.05 -95.87 -31.40
N PHE M 122 47.21 -96.75 -31.95
CA PHE M 122 47.24 -98.15 -31.59
C PHE M 122 48.19 -98.91 -32.51
N LYS M 123 48.37 -100.19 -32.22
CA LYS M 123 49.26 -101.06 -32.98
C LYS M 123 48.49 -102.21 -33.63
N TYR M 124 49.03 -102.70 -34.74
CA TYR M 124 48.30 -103.53 -35.69
C TYR M 124 48.43 -105.01 -35.33
N SER M 125 47.30 -105.71 -35.27
CA SER M 125 47.27 -107.16 -35.09
C SER M 125 46.02 -107.69 -35.77
N VAL M 126 46.19 -108.33 -36.93
CA VAL M 126 45.06 -108.67 -37.77
C VAL M 126 44.33 -109.89 -37.25
N LYS M 127 45.00 -110.73 -36.45
CA LYS M 127 44.43 -111.96 -35.91
C LYS M 127 44.14 -112.95 -37.02
N LEU M 128 43.56 -114.11 -36.67
CA LEU M 128 43.24 -115.14 -37.65
C LEU M 128 41.75 -115.42 -37.78
N SER M 129 40.95 -115.18 -36.74
CA SER M 129 39.53 -115.49 -36.81
C SER M 129 38.83 -114.65 -37.88
N ASP M 130 39.33 -113.44 -38.12
CA ASP M 130 38.68 -112.55 -39.09
C ASP M 130 38.78 -113.10 -40.50
N TYR M 131 39.92 -113.72 -40.85
CA TYR M 131 40.11 -114.20 -42.22
C TYR M 131 39.85 -115.70 -42.29
N PRO M 132 39.31 -116.19 -43.42
CA PRO M 132 39.06 -117.63 -43.51
C PRO M 132 40.31 -118.49 -43.54
N THR M 133 41.26 -118.16 -44.40
CA THR M 133 42.48 -118.96 -44.58
C THR M 133 43.67 -118.22 -43.99
N LEU M 134 44.85 -118.82 -44.20
CA LEU M 134 46.08 -118.25 -43.65
C LEU M 134 46.76 -117.30 -44.63
N GLN M 135 46.71 -117.62 -45.92
CA GLN M 135 47.43 -116.81 -46.92
C GLN M 135 46.86 -115.39 -47.01
N ASP M 136 45.53 -115.27 -47.07
CA ASP M 136 44.92 -113.95 -47.13
C ASP M 136 45.14 -113.18 -45.84
N ALA M 137 45.15 -113.88 -44.70
CA ALA M 137 45.46 -113.23 -43.43
C ALA M 137 46.89 -112.68 -43.43
N ALA M 138 47.83 -113.45 -43.94
CA ALA M 138 49.22 -113.00 -43.98
C ALA M 138 49.40 -111.86 -44.99
N SER M 139 48.57 -111.85 -46.04
CA SER M 139 48.67 -110.80 -47.04
C SER M 139 48.33 -109.43 -46.46
N ALA M 140 47.36 -109.37 -45.55
CA ALA M 140 46.94 -108.12 -44.94
C ALA M 140 47.53 -107.92 -43.54
N ALA M 141 48.47 -108.75 -43.14
CA ALA M 141 49.08 -108.66 -41.83
C ALA M 141 50.26 -107.70 -41.85
N VAL M 142 50.28 -106.76 -40.91
CA VAL M 142 51.36 -105.77 -40.80
C VAL M 142 51.86 -105.77 -39.37
N ASP M 143 53.14 -106.13 -39.19
CA ASP M 143 53.82 -106.02 -37.89
C ASP M 143 53.07 -106.75 -36.78
N GLY M 144 52.57 -107.94 -37.10
CA GLY M 144 51.92 -108.75 -36.08
C GLY M 144 50.90 -109.68 -36.70
N LEU M 145 50.56 -110.70 -35.92
CA LEU M 145 49.58 -111.71 -36.32
C LEU M 145 49.23 -112.50 -35.05
N LEU M 146 48.02 -113.07 -35.06
CA LEU M 146 47.53 -113.83 -33.92
C LEU M 146 46.81 -115.06 -34.43
N ILE M 147 46.70 -116.06 -33.55
CA ILE M 147 46.05 -117.32 -33.87
C ILE M 147 44.74 -117.42 -33.08
N ASP M 148 43.98 -118.47 -33.37
CA ASP M 148 42.69 -118.69 -32.73
C ASP M 148 42.84 -118.86 -31.23
N THR N 2 -9.07 -86.47 60.30
CA THR N 2 -8.01 -87.44 60.58
C THR N 2 -6.76 -87.14 59.78
N ASP N 3 -5.71 -87.93 60.00
CA ASP N 3 -4.43 -87.79 59.28
C ASP N 3 -4.15 -89.09 58.54
N ILE N 4 -4.64 -89.17 57.31
CA ILE N 4 -4.41 -90.35 56.48
C ILE N 4 -3.08 -90.20 55.75
N THR N 5 -2.58 -91.31 55.22
CA THR N 5 -1.37 -91.27 54.42
C THR N 5 -1.60 -90.50 53.13
N ALA N 6 -0.59 -89.74 52.73
CA ALA N 6 -0.63 -88.95 51.50
C ALA N 6 0.38 -89.52 50.51
N ASN N 7 -0.08 -89.86 49.32
CA ASN N 7 0.77 -90.49 48.31
C ASN N 7 0.91 -89.71 47.02
N VAL N 8 -0.17 -89.15 46.48
CA VAL N 8 -0.14 -88.45 45.19
C VAL N 8 -1.00 -87.21 45.29
N VAL N 9 -0.52 -86.12 44.68
CA VAL N 9 -1.22 -84.84 44.68
C VAL N 9 -1.69 -84.55 43.26
N VAL N 10 -2.86 -83.93 43.15
CA VAL N 10 -3.38 -83.57 41.84
C VAL N 10 -2.53 -82.45 41.25
N SER N 11 -2.05 -82.65 40.02
CA SER N 11 -1.18 -81.68 39.37
C SER N 11 -1.37 -81.75 37.87
N ASN N 12 -1.01 -80.66 37.20
CA ASN N 12 -1.08 -80.60 35.74
C ASN N 12 0.22 -81.18 35.15
N PRO N 13 0.13 -82.24 34.35
CA PRO N 13 1.35 -82.88 33.81
C PRO N 13 1.82 -82.36 32.46
N ARG N 14 1.27 -81.25 31.96
CA ARG N 14 1.70 -80.77 30.65
C ARG N 14 2.34 -79.40 30.76
N PRO N 15 3.46 -79.17 30.07
CA PRO N 15 4.14 -77.88 30.15
C PRO N 15 3.70 -76.93 29.04
N ILE N 16 3.76 -75.63 29.36
CA ILE N 16 3.39 -74.57 28.44
C ILE N 16 4.62 -73.73 28.13
N PHE N 17 4.86 -73.47 26.86
CA PHE N 17 5.97 -72.63 26.41
C PHE N 17 5.42 -71.29 25.95
N THR N 18 5.81 -70.22 26.63
CA THR N 18 5.31 -68.88 26.35
C THR N 18 6.47 -67.96 26.00
N GLU N 19 6.17 -66.94 25.20
CA GLU N 19 7.19 -65.98 24.80
C GLU N 19 7.67 -65.19 26.00
N SER N 20 8.96 -64.85 25.99
CA SER N 20 9.55 -63.96 26.96
C SER N 20 9.21 -62.53 26.59
N ARG N 21 9.23 -61.64 27.57
CA ARG N 21 8.94 -60.21 27.47
C ARG N 21 7.44 -59.96 27.29
N SER N 22 6.63 -61.00 27.16
CA SER N 22 5.18 -60.84 27.00
C SER N 22 4.50 -62.06 27.60
N PHE N 23 3.17 -62.08 27.50
CA PHE N 23 2.40 -63.21 28.03
C PHE N 23 1.61 -63.89 26.93
N LYS N 24 2.25 -64.09 25.78
CA LYS N 24 1.64 -64.81 24.67
C LYS N 24 2.28 -66.19 24.57
N ALA N 25 1.63 -67.06 23.81
CA ALA N 25 2.11 -68.42 23.62
C ALA N 25 2.77 -68.54 22.24
N VAL N 26 3.90 -69.26 22.21
CA VAL N 26 4.62 -69.46 20.96
C VAL N 26 3.74 -70.29 20.04
N ALA N 27 3.24 -69.67 18.96
CA ALA N 27 2.19 -70.28 18.17
C ALA N 27 2.65 -71.57 17.49
N ASN N 28 3.58 -71.47 16.54
CA ASN N 28 4.08 -72.63 15.80
C ASN N 28 5.60 -72.66 15.84
N GLY N 29 6.16 -72.50 17.04
CA GLY N 29 7.60 -72.48 17.22
C GLY N 29 8.21 -73.86 17.11
N LYS N 30 9.54 -73.88 17.24
CA LYS N 30 10.31 -75.12 17.17
C LYS N 30 11.29 -75.14 18.33
N ILE N 31 11.44 -76.32 18.94
CA ILE N 31 12.34 -76.50 20.06
C ILE N 31 13.48 -77.41 19.60
N TYR N 32 14.71 -76.91 19.69
CA TYR N 32 15.89 -77.67 19.33
C TYR N 32 16.61 -78.09 20.61
N ILE N 33 16.95 -79.36 20.71
CA ILE N 33 17.55 -79.94 21.91
C ILE N 33 18.92 -80.49 21.54
N GLY N 34 19.94 -80.03 22.28
CA GLY N 34 21.30 -80.43 22.00
C GLY N 34 22.10 -80.70 23.26
N GLN N 35 23.42 -80.73 23.15
CA GLN N 35 24.26 -81.02 24.30
C GLN N 35 24.28 -79.83 25.25
N ILE N 36 25.13 -79.94 26.28
CA ILE N 36 25.04 -79.02 27.43
C ILE N 36 25.30 -77.59 27.00
N ASP N 37 26.50 -77.30 26.50
CA ASP N 37 26.89 -75.93 26.19
C ASP N 37 27.09 -75.70 24.69
N THR N 38 26.53 -76.56 23.86
CA THR N 38 26.81 -76.55 22.43
C THR N 38 25.72 -75.80 21.66
N ASP N 39 25.82 -75.87 20.33
CA ASP N 39 24.85 -75.23 19.45
C ASP N 39 23.76 -76.23 19.10
N PRO N 40 22.52 -76.03 19.56
CA PRO N 40 21.49 -77.04 19.31
C PRO N 40 21.06 -77.15 17.85
N VAL N 41 21.37 -76.17 17.02
CA VAL N 41 20.80 -76.13 15.67
C VAL N 41 21.38 -77.25 14.80
N ASN N 42 22.70 -77.43 14.83
CA ASN N 42 23.32 -78.36 13.90
C ASN N 42 23.04 -79.80 14.31
N PRO N 43 22.95 -80.72 13.35
CA PRO N 43 22.65 -82.12 13.70
C PRO N 43 23.71 -82.77 14.55
N ALA N 44 24.95 -82.28 14.51
CA ALA N 44 26.04 -82.94 15.24
C ALA N 44 25.82 -82.86 16.75
N ASN N 45 25.31 -81.73 17.24
CA ASN N 45 25.17 -81.52 18.67
C ASN N 45 23.86 -82.04 19.25
N GLN N 46 22.94 -82.50 18.41
CA GLN N 46 21.65 -82.96 18.90
C GLN N 46 21.76 -84.31 19.57
N ILE N 47 20.79 -84.61 20.44
CA ILE N 47 20.76 -85.86 21.19
C ILE N 47 19.45 -86.57 20.87
N PRO N 48 19.38 -87.90 21.03
CA PRO N 48 18.13 -88.62 20.71
C PRO N 48 16.99 -88.17 21.61
N VAL N 49 15.79 -88.12 21.03
CA VAL N 49 14.58 -87.69 21.71
C VAL N 49 13.52 -88.78 21.55
N TYR N 50 12.91 -89.18 22.65
CA TYR N 50 11.95 -90.28 22.66
C TYR N 50 10.59 -89.81 23.15
N ILE N 51 9.54 -90.24 22.48
CA ILE N 51 8.18 -90.11 23.00
C ILE N 51 7.98 -91.07 24.15
N GLU N 52 7.14 -90.70 25.11
CA GLU N 52 6.67 -91.60 26.15
C GLU N 52 5.16 -91.75 26.04
N ASN N 53 4.71 -92.94 25.66
CA ASN N 53 3.28 -93.19 25.50
C ASN N 53 2.61 -93.35 26.87
N GLU N 54 1.30 -93.57 26.84
CA GLU N 54 0.56 -93.80 28.07
C GLU N 54 1.06 -95.06 28.78
N ASP N 55 1.15 -96.17 28.05
CA ASP N 55 1.84 -97.35 28.55
C ASP N 55 3.34 -97.17 28.31
N GLY N 56 4.16 -97.78 29.17
CA GLY N 56 5.59 -97.63 29.06
C GLY N 56 6.15 -98.07 27.72
N SER N 57 6.51 -97.11 26.88
CA SER N 57 7.09 -97.37 25.58
C SER N 57 7.71 -96.08 25.06
N HIS N 58 8.64 -96.23 24.12
CA HIS N 58 9.36 -95.08 23.58
C HIS N 58 9.44 -95.18 22.06
N VAL N 59 9.09 -94.08 21.40
CA VAL N 59 9.19 -93.97 19.94
C VAL N 59 10.06 -92.75 19.64
N GLN N 60 11.12 -92.95 18.87
CA GLN N 60 12.00 -91.86 18.52
C GLN N 60 11.40 -90.99 17.41
N ILE N 61 11.71 -89.71 17.45
CA ILE N 61 11.21 -88.74 16.47
C ILE N 61 12.33 -87.81 16.07
N THR N 62 12.08 -87.02 15.03
CA THR N 62 13.04 -86.04 14.55
C THR N 62 13.24 -84.95 15.60
N GLN N 63 14.41 -84.32 15.55
CA GLN N 63 14.77 -83.36 16.60
C GLN N 63 13.85 -82.14 16.67
N PRO N 64 13.52 -81.44 15.58
CA PRO N 64 12.65 -80.26 15.72
C PRO N 64 11.27 -80.67 16.24
N LEU N 65 10.83 -79.98 17.29
CA LEU N 65 9.57 -80.27 17.96
C LEU N 65 8.59 -79.15 17.69
N ILE N 66 7.41 -79.50 17.19
CA ILE N 66 6.40 -78.52 16.82
C ILE N 66 5.63 -78.10 18.08
N ILE N 67 5.03 -76.92 18.05
CA ILE N 67 4.23 -76.40 19.15
C ILE N 67 2.90 -75.93 18.59
N ASN N 68 1.80 -76.28 19.27
CA ASN N 68 0.49 -75.85 18.84
C ASN N 68 0.18 -74.45 19.37
N ALA N 69 -1.05 -73.99 19.12
CA ALA N 69 -1.42 -72.63 19.47
C ALA N 69 -1.38 -72.40 20.98
N ALA N 70 -1.75 -73.41 21.76
CA ALA N 70 -1.80 -73.23 23.21
C ALA N 70 -0.41 -73.08 23.81
N GLY N 71 0.60 -73.66 23.18
CA GLY N 71 1.95 -73.57 23.68
C GLY N 71 2.49 -74.90 24.19
N LYS N 72 1.84 -75.99 23.78
CA LYS N 72 2.23 -77.34 24.18
C LYS N 72 2.66 -78.13 22.97
N ILE N 73 3.63 -79.03 23.17
CA ILE N 73 4.14 -79.85 22.08
C ILE N 73 3.01 -80.68 21.49
N VAL N 74 2.86 -80.62 20.16
CA VAL N 74 1.64 -81.04 19.49
C VAL N 74 1.83 -82.37 18.74
N TYR N 75 2.93 -82.52 18.00
CA TYR N 75 3.08 -83.65 17.07
C TYR N 75 1.84 -83.75 16.19
N ASN N 76 1.20 -84.92 16.15
CA ASN N 76 -0.21 -84.91 15.66
C ASN N 76 -1.30 -84.50 16.70
N GLY N 77 -1.26 -85.11 17.89
CA GLY N 77 -2.13 -84.81 19.02
C GLY N 77 -1.27 -84.61 20.23
N GLN N 78 -1.82 -84.00 21.26
CA GLN N 78 -1.04 -83.51 22.39
C GLN N 78 -0.34 -84.63 23.10
N LEU N 79 0.88 -84.68 22.73
CA LEU N 79 1.92 -85.68 22.93
C LEU N 79 2.53 -85.54 24.33
N VAL N 80 3.08 -86.64 24.83
CA VAL N 80 3.31 -86.82 26.25
C VAL N 80 4.80 -86.82 26.57
N LYS N 81 5.24 -85.78 27.26
CA LYS N 81 6.43 -85.77 28.13
C LYS N 81 7.78 -85.78 27.44
N ILE N 82 7.82 -86.02 26.13
CA ILE N 82 9.02 -85.90 25.28
C ILE N 82 10.29 -86.24 26.06
N VAL N 83 10.37 -87.45 26.60
CA VAL N 83 11.46 -87.79 27.51
C VAL N 83 12.76 -87.95 26.74
N THR N 84 13.78 -87.19 27.13
CA THR N 84 15.13 -87.29 26.60
C THR N 84 16.06 -87.85 27.67
N VAL N 85 17.37 -87.86 27.38
CA VAL N 85 18.39 -88.32 28.32
C VAL N 85 19.42 -87.21 28.46
N GLN N 86 20.17 -87.27 29.58
CA GLN N 86 21.21 -86.30 29.92
C GLN N 86 20.61 -84.91 30.18
N GLY N 87 21.49 -83.91 30.34
CA GLY N 87 21.08 -82.54 30.54
C GLY N 87 21.29 -81.75 29.25
N HIS N 88 20.17 -81.29 28.68
CA HIS N 88 20.16 -80.69 27.36
C HIS N 88 20.15 -79.17 27.45
N SER N 89 20.40 -78.54 26.30
CA SER N 89 20.24 -77.11 26.12
C SER N 89 19.16 -76.87 25.09
N MET N 90 18.18 -76.03 25.44
CA MET N 90 17.05 -75.76 24.57
C MET N 90 17.19 -74.38 23.95
N ALA N 91 16.89 -74.31 22.65
CA ALA N 91 16.93 -73.05 21.89
C ALA N 91 15.57 -72.90 21.19
N ILE N 92 14.62 -72.28 21.90
CA ILE N 92 13.28 -72.12 21.35
C ILE N 92 13.29 -71.08 20.25
N TYR N 93 12.67 -71.44 19.13
CA TYR N 93 12.56 -70.55 17.97
C TYR N 93 11.09 -70.22 17.74
N ASP N 94 10.83 -69.02 17.25
CA ASP N 94 9.47 -68.56 17.05
C ASP N 94 9.00 -69.03 15.67
N ALA N 95 7.80 -68.61 15.27
CA ALA N 95 7.22 -69.08 14.02
C ALA N 95 8.03 -68.62 12.82
N ASN N 96 8.51 -67.37 12.84
CA ASN N 96 9.24 -66.79 11.72
C ASN N 96 10.74 -66.83 11.94
N GLY N 97 11.21 -67.87 12.62
CA GLY N 97 12.64 -68.09 12.80
C GLY N 97 13.35 -67.05 13.63
N SER N 98 12.68 -66.49 14.64
CA SER N 98 13.29 -65.55 15.56
C SER N 98 13.50 -66.22 16.91
N GLN N 99 14.66 -65.99 17.51
CA GLN N 99 15.07 -66.67 18.73
C GLN N 99 14.27 -66.12 19.90
N VAL N 100 13.51 -66.98 20.58
CA VAL N 100 12.76 -66.57 21.76
C VAL N 100 13.65 -66.62 23.00
N ASP N 101 14.30 -67.76 23.22
CA ASP N 101 15.14 -67.92 24.40
C ASP N 101 16.17 -69.02 24.15
N TYR N 102 17.31 -68.91 24.81
CA TYR N 102 18.38 -69.90 24.73
C TYR N 102 18.93 -70.12 26.14
N ILE N 103 18.94 -71.37 26.58
CA ILE N 103 19.38 -71.74 27.92
C ILE N 103 20.43 -72.83 27.81
N ALA N 104 21.44 -72.79 28.68
CA ALA N 104 22.56 -73.71 28.57
C ALA N 104 22.29 -75.03 29.29
N ASN N 105 22.05 -74.97 30.60
CA ASN N 105 21.95 -76.17 31.42
C ASN N 105 20.51 -76.33 31.90
N VAL N 106 19.90 -77.47 31.56
CA VAL N 106 18.57 -77.84 32.02
C VAL N 106 18.60 -79.30 32.44
N LEU N 107 17.98 -79.60 33.58
CA LEU N 107 17.89 -80.97 34.08
C LEU N 107 16.68 -81.08 34.98
N LYS N 108 15.65 -81.80 34.54
CA LYS N 108 14.46 -82.06 35.32
C LYS N 108 14.12 -83.54 35.21
N TYR N 109 13.99 -84.22 36.34
CA TYR N 109 13.84 -85.66 36.34
C TYR N 109 12.38 -86.07 36.18
N ASP N 110 12.19 -87.23 35.56
CA ASP N 110 10.84 -87.73 35.32
C ASP N 110 10.24 -88.26 36.63
N PRO N 111 9.09 -87.72 37.06
CA PRO N 111 8.47 -88.20 38.30
C PRO N 111 7.72 -89.52 38.15
N ASP N 112 7.33 -89.91 36.94
CA ASP N 112 6.54 -91.11 36.74
C ASP N 112 7.42 -92.36 36.85
N GLN N 113 6.76 -93.50 37.00
CA GLN N 113 7.41 -94.81 37.00
C GLN N 113 8.48 -94.92 38.08
N TYR N 114 8.04 -94.76 39.33
CA TYR N 114 8.93 -95.01 40.45
C TYR N 114 9.07 -96.50 40.75
N SER N 115 8.14 -97.31 40.25
CA SER N 115 8.16 -98.75 40.55
C SER N 115 9.40 -99.41 39.98
N ILE N 116 9.76 -99.08 38.74
CA ILE N 116 10.92 -99.70 38.11
C ILE N 116 12.21 -99.32 38.84
N GLU N 117 12.35 -98.05 39.19
CA GLU N 117 13.53 -97.61 39.93
C GLU N 117 13.60 -98.26 41.30
N ALA N 118 12.47 -98.38 41.98
CA ALA N 118 12.45 -99.03 43.29
C ALA N 118 12.84 -100.50 43.17
N ASP N 119 12.35 -101.18 42.13
CA ASP N 119 12.73 -102.57 41.92
C ASP N 119 14.23 -102.70 41.63
N LYS N 120 14.77 -101.79 40.84
CA LYS N 120 16.20 -101.84 40.52
C LYS N 120 17.06 -101.36 41.68
N LYS N 121 16.47 -100.76 42.71
CA LYS N 121 17.24 -100.10 43.75
C LYS N 121 17.54 -101.02 44.92
N PHE N 122 16.50 -101.57 45.54
CA PHE N 122 16.61 -102.07 46.91
C PHE N 122 16.91 -103.57 46.95
N LYS N 123 16.96 -104.11 48.16
CA LYS N 123 17.30 -105.49 48.44
C LYS N 123 16.04 -106.33 48.67
N TYR N 124 16.13 -107.60 48.33
CA TYR N 124 15.01 -108.52 48.45
C TYR N 124 15.15 -109.34 49.73
N SER N 125 14.13 -109.28 50.57
CA SER N 125 14.07 -110.05 51.82
C SER N 125 12.61 -110.24 52.20
N VAL N 126 12.13 -111.47 52.12
CA VAL N 126 10.70 -111.71 52.26
C VAL N 126 10.29 -111.83 53.73
N LYS N 127 11.24 -112.19 54.60
CA LYS N 127 11.00 -112.34 56.03
C LYS N 127 10.02 -113.49 56.30
N LEU N 128 9.67 -113.71 57.57
CA LEU N 128 8.73 -114.74 57.95
C LEU N 128 7.45 -114.23 58.58
N SER N 129 7.39 -112.94 58.97
CA SER N 129 6.20 -112.42 59.62
C SER N 129 5.00 -112.43 58.67
N ASP N 130 5.22 -112.07 57.40
CA ASP N 130 4.11 -111.99 56.46
C ASP N 130 3.55 -113.37 56.14
N TYR N 131 4.42 -114.37 55.98
CA TYR N 131 3.96 -115.69 55.56
C TYR N 131 3.65 -116.55 56.78
N PRO N 132 2.45 -117.13 56.86
CA PRO N 132 2.10 -117.94 58.03
C PRO N 132 3.02 -119.13 58.25
N THR N 133 3.49 -119.76 57.18
CA THR N 133 4.32 -120.95 57.28
C THR N 133 5.72 -120.67 56.71
N LEU N 134 6.53 -121.73 56.67
CA LEU N 134 7.90 -121.60 56.20
C LEU N 134 8.03 -121.98 54.73
N GLN N 135 7.30 -122.99 54.29
CA GLN N 135 7.42 -123.45 52.90
C GLN N 135 6.98 -122.37 51.91
N ASP N 136 5.86 -121.72 52.18
CA ASP N 136 5.40 -120.67 51.28
C ASP N 136 6.35 -119.47 51.29
N ALA N 137 6.93 -119.16 52.44
CA ALA N 137 7.93 -118.09 52.50
C ALA N 137 9.16 -118.43 51.67
N ALA N 138 9.61 -119.68 51.76
CA ALA N 138 10.77 -120.10 50.97
C ALA N 138 10.46 -120.14 49.49
N SER N 139 9.20 -120.41 49.13
CA SER N 139 8.81 -120.45 47.73
C SER N 139 8.92 -119.07 47.09
N ALA N 140 8.64 -118.01 47.84
CA ALA N 140 8.66 -116.65 47.32
C ALA N 140 9.93 -115.89 47.72
N ALA N 141 10.89 -116.56 48.34
CA ALA N 141 12.13 -115.94 48.76
C ALA N 141 13.12 -115.88 47.61
N VAL N 142 13.73 -114.70 47.42
CA VAL N 142 14.67 -114.47 46.34
C VAL N 142 15.91 -113.81 46.92
N ASP N 143 17.02 -114.55 46.97
CA ASP N 143 18.31 -114.03 47.41
C ASP N 143 18.24 -113.36 48.79
N GLY N 144 17.53 -113.99 49.71
CA GLY N 144 17.47 -113.49 51.06
C GLY N 144 16.25 -114.02 51.80
N LEU N 145 16.33 -113.94 53.12
CA LEU N 145 15.27 -114.37 54.01
C LEU N 145 15.62 -113.88 55.41
N LEU N 146 14.59 -113.66 56.22
CA LEU N 146 14.77 -113.18 57.58
C LEU N 146 13.81 -113.92 58.50
N ILE N 147 14.18 -113.99 59.78
CA ILE N 147 13.39 -114.69 60.78
C ILE N 147 12.65 -113.67 61.63
N ASP N 148 11.74 -114.18 62.46
CA ASP N 148 10.93 -113.35 63.33
C ASP N 148 11.78 -112.50 64.27
N THR O 2 19.20 -9.70 103.71
CA THR O 2 20.13 -10.64 104.31
C THR O 2 20.75 -11.55 103.25
N ASP O 3 21.63 -12.45 103.69
CA ASP O 3 22.30 -13.40 102.81
C ASP O 3 21.99 -14.81 103.30
N ILE O 4 20.86 -15.36 102.85
CA ILE O 4 20.48 -16.71 103.22
C ILE O 4 21.23 -17.70 102.32
N THR O 5 21.32 -18.94 102.78
CA THR O 5 21.99 -19.98 101.99
C THR O 5 21.18 -20.28 100.73
N ALA O 6 21.91 -20.52 99.64
CA ALA O 6 21.31 -20.82 98.34
C ALA O 6 21.58 -22.28 98.01
N ASN O 7 20.52 -23.03 97.73
CA ASN O 7 20.64 -24.45 97.44
C ASN O 7 20.16 -24.86 96.06
N VAL O 8 18.99 -24.42 95.62
CA VAL O 8 18.44 -24.80 94.33
C VAL O 8 17.91 -23.56 93.62
N VAL O 9 17.90 -23.62 92.30
CA VAL O 9 17.40 -22.52 91.46
C VAL O 9 16.27 -23.05 90.61
N VAL O 10 15.26 -22.20 90.40
CA VAL O 10 14.12 -22.60 89.57
C VAL O 10 14.57 -22.67 88.12
N SER O 11 14.35 -23.80 87.48
CA SER O 11 14.76 -24.02 86.09
C SER O 11 13.82 -25.00 85.41
N ASN O 12 13.80 -24.93 84.08
CA ASN O 12 12.98 -25.84 83.30
C ASN O 12 13.74 -27.14 83.06
N PRO O 13 13.21 -28.28 83.48
CA PRO O 13 13.94 -29.56 83.34
C PRO O 13 13.64 -30.34 82.05
N ARG O 14 12.95 -29.73 81.08
CA ARG O 14 12.64 -30.46 79.85
C ARG O 14 13.35 -29.86 78.65
N PRO O 15 13.94 -30.68 77.79
CA PRO O 15 14.63 -30.16 76.61
C PRO O 15 13.73 -30.10 75.39
N ILE O 16 14.03 -29.13 74.52
CA ILE O 16 13.28 -28.91 73.29
C ILE O 16 14.22 -29.10 72.11
N PHE O 17 13.78 -29.88 71.13
CA PHE O 17 14.55 -30.12 69.90
C PHE O 17 13.90 -29.34 68.77
N THR O 18 14.65 -28.43 68.17
CA THR O 18 14.13 -27.54 67.15
C THR O 18 14.91 -27.72 65.85
N GLU O 19 14.24 -27.36 64.75
CA GLU O 19 14.83 -27.44 63.42
C GLU O 19 16.04 -26.52 63.32
N SER O 20 17.04 -26.96 62.56
CA SER O 20 18.19 -26.13 62.22
C SER O 20 17.84 -25.29 61.00
N ARG O 21 18.39 -24.08 60.94
CA ARG O 21 18.18 -23.07 59.91
C ARG O 21 16.82 -22.37 60.07
N SER O 22 16.04 -22.74 61.09
CA SER O 22 14.75 -22.11 61.32
C SER O 22 14.42 -22.20 62.81
N PHE O 23 13.27 -21.65 63.18
CA PHE O 23 12.85 -21.68 64.58
C PHE O 23 11.57 -22.50 64.71
N LYS O 24 11.49 -23.61 64.00
CA LYS O 24 10.38 -24.53 64.10
C LYS O 24 10.80 -25.74 64.92
N ALA O 25 9.80 -26.45 65.45
CA ALA O 25 10.04 -27.64 66.24
C ALA O 25 9.81 -28.88 65.40
N VAL O 26 10.69 -29.86 65.55
CA VAL O 26 10.58 -31.12 64.83
C VAL O 26 9.26 -31.78 65.22
N ALA O 27 8.38 -32.00 64.25
CA ALA O 27 7.02 -32.41 64.55
C ALA O 27 6.98 -33.81 65.15
N ASN O 28 7.37 -34.82 64.37
CA ASN O 28 7.40 -36.19 64.86
C ASN O 28 8.63 -36.92 64.31
N GLY O 29 9.80 -36.30 64.47
CA GLY O 29 11.05 -36.90 64.07
C GLY O 29 11.48 -37.99 65.03
N LYS O 30 12.67 -38.52 64.78
CA LYS O 30 13.20 -39.63 65.55
C LYS O 30 14.62 -39.31 65.98
N ILE O 31 14.98 -39.70 67.19
CA ILE O 31 16.32 -39.47 67.74
C ILE O 31 16.96 -40.84 67.95
N TYR O 32 18.12 -41.06 67.34
CA TYR O 32 18.86 -42.30 67.45
C TYR O 32 20.08 -42.08 68.33
N ILE O 33 20.31 -42.99 69.27
CA ILE O 33 21.42 -42.90 70.20
C ILE O 33 22.39 -44.03 69.89
N GLY O 34 23.65 -43.66 69.64
CA GLY O 34 24.67 -44.65 69.28
C GLY O 34 26.01 -44.34 69.90
N GLN O 35 27.04 -45.08 69.50
CA GLN O 35 28.37 -44.85 70.03
C GLN O 35 28.98 -43.57 69.45
N ILE O 36 30.23 -43.31 69.83
CA ILE O 36 30.78 -41.96 69.70
C ILE O 36 30.84 -41.51 68.25
N ASP O 37 31.62 -42.20 67.43
CA ASP O 37 31.83 -41.78 66.05
C ASP O 37 31.09 -42.65 65.05
N THR O 38 30.22 -43.53 65.51
CA THR O 38 29.55 -44.49 64.66
C THR O 38 28.28 -43.90 64.07
N ASP O 39 27.59 -44.71 63.26
CA ASP O 39 26.30 -44.33 62.71
C ASP O 39 25.19 -44.93 63.56
N PRO O 40 24.39 -44.11 64.24
CA PRO O 40 23.43 -44.66 65.21
C PRO O 40 22.30 -45.48 64.58
N VAL O 41 22.13 -45.42 63.26
CA VAL O 41 20.95 -46.03 62.63
C VAL O 41 20.97 -47.54 62.80
N ASN O 42 22.11 -48.18 62.55
CA ASN O 42 22.15 -49.63 62.57
C ASN O 42 22.03 -50.15 64.01
N PRO O 43 21.40 -51.32 64.19
CA PRO O 43 21.23 -51.84 65.55
C PRO O 43 22.53 -52.15 66.28
N ALA O 44 23.61 -52.38 65.54
CA ALA O 44 24.87 -52.79 66.18
C ALA O 44 25.46 -51.65 67.01
N ASN O 45 25.28 -50.41 66.57
CA ASN O 45 25.93 -49.28 67.21
C ASN O 45 25.09 -48.64 68.30
N GLN O 46 23.85 -49.08 68.50
CA GLN O 46 22.98 -48.45 69.48
C GLN O 46 23.31 -48.94 70.89
N ILE O 47 22.98 -48.11 71.88
CA ILE O 47 23.27 -48.41 73.28
C ILE O 47 21.96 -48.41 74.06
N PRO O 48 21.88 -49.12 75.20
CA PRO O 48 20.62 -49.19 75.95
C PRO O 48 20.18 -47.81 76.45
N VAL O 49 18.87 -47.59 76.45
CA VAL O 49 18.27 -46.32 76.86
C VAL O 49 17.20 -46.63 77.90
N TYR O 50 17.23 -45.91 79.02
CA TYR O 50 16.33 -46.16 80.13
C TYR O 50 15.51 -44.91 80.44
N ILE O 51 14.22 -45.10 80.68
CA ILE O 51 13.39 -44.05 81.27
C ILE O 51 13.81 -43.80 82.70
N GLU O 52 13.62 -42.56 83.16
CA GLU O 52 13.78 -42.22 84.57
C GLU O 52 12.44 -41.72 85.10
N ASN O 53 11.76 -42.55 85.88
CA ASN O 53 10.45 -42.20 86.40
C ASN O 53 10.55 -41.12 87.47
N GLU O 54 9.40 -40.71 87.99
CA GLU O 54 9.38 -39.72 89.06
C GLU O 54 10.09 -40.24 90.30
N ASP O 55 9.72 -41.42 90.76
CA ASP O 55 10.50 -42.13 91.77
C ASP O 55 11.67 -42.83 91.08
N GLY O 56 12.77 -42.99 91.80
CA GLY O 56 13.96 -43.59 91.21
C GLY O 56 13.71 -44.99 90.68
N SER O 57 13.63 -45.10 89.35
CA SER O 57 13.44 -46.37 88.69
C SER O 57 13.74 -46.18 87.21
N HIS O 58 14.03 -47.30 86.53
CA HIS O 58 14.40 -47.25 85.12
C HIS O 58 13.65 -48.33 84.35
N VAL O 59 13.04 -47.93 83.23
CA VAL O 59 12.36 -48.85 82.32
C VAL O 59 13.01 -48.70 80.96
N GLN O 60 13.50 -49.82 80.41
CA GLN O 60 14.16 -49.78 79.11
C GLN O 60 13.13 -49.74 77.99
N ILE O 61 13.46 -48.98 76.93
CA ILE O 61 12.56 -48.81 75.80
C ILE O 61 13.36 -48.96 74.51
N THR O 62 12.63 -49.10 73.41
CA THR O 62 13.25 -49.22 72.09
C THR O 62 13.99 -47.92 71.74
N GLN O 63 15.04 -48.06 70.93
CA GLN O 63 15.92 -46.94 70.66
C GLN O 63 15.25 -45.77 69.93
N PRO O 64 14.48 -45.95 68.87
CA PRO O 64 13.88 -44.78 68.20
C PRO O 64 12.93 -44.04 69.12
N LEU O 65 13.23 -42.76 69.36
CA LEU O 65 12.46 -41.94 70.28
C LEU O 65 11.58 -40.97 69.50
N ILE O 66 10.29 -40.96 69.82
CA ILE O 66 9.32 -40.12 69.12
C ILE O 66 9.36 -38.72 69.72
N ILE O 67 8.93 -37.72 68.96
CA ILE O 67 8.88 -36.34 69.39
C ILE O 67 7.49 -35.79 69.12
N ASN O 68 6.93 -35.04 70.06
CA ASN O 68 5.62 -34.45 69.86
C ASN O 68 5.75 -33.10 69.14
N ALA O 69 4.63 -32.40 69.02
CA ALA O 69 4.61 -31.14 68.28
C ALA O 69 5.46 -30.08 68.96
N ALA O 70 5.47 -30.07 70.30
CA ALA O 70 6.20 -29.03 71.02
C ALA O 70 7.71 -29.17 70.84
N GLY O 71 8.18 -30.37 70.49
CA GLY O 71 9.60 -30.58 70.32
C GLY O 71 10.21 -31.36 71.48
N LYS O 72 9.37 -31.83 72.39
CA LYS O 72 9.80 -32.61 73.54
C LYS O 72 9.51 -34.08 73.28
N ILE O 73 10.39 -34.96 73.78
CA ILE O 73 10.19 -36.39 73.57
C ILE O 73 8.92 -36.83 74.30
N VAL O 74 8.06 -37.53 73.58
CA VAL O 74 6.66 -37.70 73.98
C VAL O 74 6.40 -39.08 74.60
N TYR O 75 6.91 -40.14 73.99
CA TYR O 75 6.48 -41.49 74.34
C TYR O 75 4.96 -41.56 74.30
N ASN O 76 4.31 -42.03 75.37
CA ASN O 76 2.84 -41.81 75.38
C ASN O 76 2.39 -40.39 75.93
N GLY O 77 2.79 -40.06 77.16
CA GLY O 77 2.78 -38.71 77.69
C GLY O 77 4.20 -38.32 78.00
N GLN O 78 4.44 -37.07 78.29
CA GLN O 78 5.78 -36.51 78.22
C GLN O 78 6.70 -37.10 79.21
N LEU O 79 7.79 -37.57 78.66
CA LEU O 79 8.65 -38.54 79.30
C LEU O 79 9.85 -37.83 79.95
N VAL O 80 10.38 -38.44 81.01
CA VAL O 80 11.23 -37.75 81.96
C VAL O 80 12.68 -38.18 81.79
N LYS O 81 13.47 -37.32 81.14
CA LYS O 81 14.92 -37.26 81.24
C LYS O 81 15.68 -38.39 80.55
N ILE O 82 14.97 -39.44 80.11
CA ILE O 82 15.46 -40.50 79.22
C ILE O 82 16.96 -40.71 79.38
N VAL O 83 17.40 -41.07 80.59
CA VAL O 83 18.82 -41.10 80.90
C VAL O 83 19.46 -42.33 80.28
N THR O 84 20.57 -42.12 79.58
CA THR O 84 21.41 -43.19 79.03
C THR O 84 22.73 -43.25 79.81
N VAL O 85 23.65 -44.10 79.34
CA VAL O 85 24.99 -44.20 79.92
C VAL O 85 26.00 -43.76 78.86
N GLN O 86 27.16 -43.31 79.34
CA GLN O 86 28.33 -42.91 78.55
C GLN O 86 28.01 -41.80 77.55
N GLY O 87 28.97 -41.46 76.70
CA GLY O 87 28.82 -40.39 75.73
C GLY O 87 28.37 -40.95 74.40
N HIS O 88 27.27 -40.41 73.89
CA HIS O 88 26.61 -40.92 72.71
C HIS O 88 26.72 -39.95 71.54
N SER O 89 26.24 -40.40 70.38
CA SER O 89 26.11 -39.57 69.19
C SER O 89 24.64 -39.54 68.79
N MET O 90 24.11 -38.34 68.57
CA MET O 90 22.72 -38.15 68.22
C MET O 90 22.59 -37.82 66.74
N ALA O 91 21.61 -38.48 66.09
CA ALA O 91 21.31 -38.26 64.68
C ALA O 91 19.80 -38.00 64.58
N ILE O 92 19.41 -36.74 64.74
CA ILE O 92 17.99 -36.39 64.75
C ILE O 92 17.45 -36.40 63.32
N TYR O 93 16.33 -37.10 63.14
CA TYR O 93 15.65 -37.16 61.86
C TYR O 93 14.37 -36.35 61.94
N ASP O 94 13.84 -36.00 60.77
CA ASP O 94 12.61 -35.22 60.68
C ASP O 94 11.48 -36.23 60.40
N ALA O 95 10.25 -35.74 60.29
CA ALA O 95 9.10 -36.63 60.14
C ALA O 95 9.19 -37.46 58.87
N ASN O 96 9.62 -36.85 57.77
CA ASN O 96 9.68 -37.51 56.47
C ASN O 96 11.05 -38.08 56.17
N GLY O 97 11.76 -38.50 57.22
CA GLY O 97 13.04 -39.19 57.04
C GLY O 97 14.15 -38.35 56.47
N SER O 98 14.18 -37.06 56.80
CA SER O 98 15.25 -36.17 56.39
C SER O 98 16.12 -35.85 57.60
N GLN O 99 17.44 -35.84 57.39
CA GLN O 99 18.39 -35.69 58.48
C GLN O 99 18.46 -34.22 58.89
N VAL O 100 18.10 -33.93 60.14
CA VAL O 100 18.17 -32.56 60.63
C VAL O 100 19.59 -32.24 61.10
N ASP O 101 20.16 -33.10 61.94
CA ASP O 101 21.48 -32.84 62.49
C ASP O 101 22.12 -34.17 62.90
N TYR O 102 23.44 -34.22 62.77
CA TYR O 102 24.24 -35.36 63.24
C TYR O 102 25.41 -34.80 64.03
N ILE O 103 25.62 -35.31 65.23
CA ILE O 103 26.65 -34.82 66.14
C ILE O 103 27.46 -36.01 66.64
N ALA O 104 28.77 -35.81 66.78
CA ALA O 104 29.66 -36.93 67.09
C ALA O 104 29.69 -37.21 68.59
N ASN O 105 30.17 -36.27 69.39
CA ASN O 105 30.42 -36.52 70.81
C ASN O 105 29.56 -35.59 71.65
N VAL O 106 28.72 -36.17 72.51
CA VAL O 106 27.89 -35.43 73.44
C VAL O 106 28.02 -36.08 74.82
N LEU O 107 28.07 -35.25 75.85
CA LEU O 107 28.16 -35.73 77.23
C LEU O 107 27.60 -34.65 78.15
N LYS O 108 26.47 -34.94 78.79
CA LYS O 108 25.86 -34.05 79.77
C LYS O 108 25.43 -34.89 80.97
N TYR O 109 25.87 -34.50 82.16
CA TYR O 109 25.65 -35.31 83.35
C TYR O 109 24.32 -34.99 84.00
N ASP O 110 23.74 -36.01 84.64
CA ASP O 110 22.46 -35.84 85.30
C ASP O 110 22.62 -35.05 86.58
N PRO O 111 21.93 -33.91 86.73
CA PRO O 111 22.10 -33.08 87.93
C PRO O 111 21.34 -33.57 89.16
N ASP O 112 20.30 -34.38 88.98
CA ASP O 112 19.49 -34.81 90.12
C ASP O 112 20.16 -35.97 90.86
N GLN O 113 19.59 -36.33 92.00
CA GLN O 113 20.01 -37.48 92.80
C GLN O 113 21.49 -37.41 93.16
N TYR O 114 21.86 -36.31 93.82
CA TYR O 114 23.21 -36.21 94.37
C TYR O 114 23.33 -36.95 95.69
N SER O 115 22.21 -37.29 96.31
CA SER O 115 22.26 -38.00 97.59
C SER O 115 22.94 -39.36 97.44
N ILE O 116 22.61 -40.11 96.39
CA ILE O 116 23.20 -41.42 96.19
C ILE O 116 24.69 -41.31 95.94
N GLU O 117 25.09 -40.35 95.11
CA GLU O 117 26.51 -40.15 94.82
C GLU O 117 27.27 -39.75 96.08
N ALA O 118 26.70 -38.87 96.89
CA ALA O 118 27.33 -38.47 98.14
C ALA O 118 27.47 -39.65 99.10
N ASP O 119 26.44 -40.49 99.18
CA ASP O 119 26.53 -41.68 100.02
C ASP O 119 27.61 -42.63 99.53
N LYS O 120 27.72 -42.81 98.22
CA LYS O 120 28.73 -43.71 97.67
C LYS O 120 30.12 -43.09 97.67
N LYS O 121 30.24 -41.79 97.92
CA LYS O 121 31.50 -41.09 97.71
C LYS O 121 32.31 -40.98 98.99
N PHE O 122 31.69 -40.46 100.05
CA PHE O 122 32.42 -39.88 101.16
C PHE O 122 32.67 -40.90 102.27
N LYS O 123 33.31 -40.45 103.34
CA LYS O 123 33.69 -41.28 104.48
C LYS O 123 32.80 -40.99 105.67
N TYR O 124 32.49 -42.04 106.44
CA TYR O 124 31.56 -41.95 107.56
C TYR O 124 32.34 -41.73 108.86
N SER O 125 32.00 -40.65 109.56
CA SER O 125 32.58 -40.34 110.86
C SER O 125 31.57 -39.51 111.63
N VAL O 126 30.90 -40.13 112.62
CA VAL O 126 29.76 -39.49 113.27
C VAL O 126 30.22 -38.41 114.25
N LYS O 127 31.49 -38.46 114.66
CA LYS O 127 32.06 -37.51 115.61
C LYS O 127 31.39 -37.63 116.97
N LEU O 128 31.75 -36.74 117.90
CA LEU O 128 31.19 -36.75 119.24
C LEU O 128 30.40 -35.50 119.60
N SER O 129 30.71 -34.35 119.00
CA SER O 129 30.02 -33.13 119.37
C SER O 129 28.53 -33.19 119.04
N ASP O 130 28.18 -33.92 117.97
CA ASP O 130 26.78 -33.98 117.55
C ASP O 130 25.92 -34.71 118.58
N TYR O 131 26.46 -35.75 119.21
CA TYR O 131 25.68 -36.57 120.12
C TYR O 131 25.95 -36.16 121.57
N PRO O 132 24.94 -36.18 122.44
CA PRO O 132 25.17 -35.80 123.84
C PRO O 132 26.05 -36.79 124.58
N THR O 133 25.73 -38.08 124.54
CA THR O 133 26.47 -39.09 125.28
C THR O 133 27.26 -39.98 124.34
N LEU O 134 28.06 -40.88 124.93
CA LEU O 134 28.95 -41.71 124.15
C LEU O 134 28.27 -42.98 123.64
N GLN O 135 27.38 -43.56 124.44
CA GLN O 135 26.74 -44.82 124.04
C GLN O 135 25.86 -44.63 122.81
N ASP O 136 25.04 -43.58 122.79
CA ASP O 136 24.20 -43.33 121.62
C ASP O 136 25.03 -42.97 120.40
N ALA O 137 26.15 -42.26 120.60
CA ALA O 137 27.05 -41.96 119.48
C ALA O 137 27.64 -43.24 118.90
N ALA O 138 28.06 -44.17 119.77
CA ALA O 138 28.61 -45.44 119.29
C ALA O 138 27.53 -46.30 118.65
N SER O 139 26.27 -46.12 119.05
CA SER O 139 25.19 -46.89 118.46
C SER O 139 25.01 -46.56 116.98
N ALA O 140 25.22 -45.30 116.59
CA ALA O 140 25.05 -44.86 115.22
C ALA O 140 26.38 -44.66 114.50
N ALA O 141 27.48 -45.09 115.11
CA ALA O 141 28.80 -44.94 114.51
C ALA O 141 29.10 -46.12 113.60
N VAL O 142 29.56 -45.81 112.38
CA VAL O 142 29.88 -46.83 111.38
C VAL O 142 31.28 -46.54 110.85
N ASP O 143 32.20 -47.48 111.05
CA ASP O 143 33.54 -47.45 110.46
C ASP O 143 34.28 -46.15 110.77
N GLY O 144 34.13 -45.67 112.00
CA GLY O 144 34.86 -44.49 112.41
C GLY O 144 34.15 -43.79 113.55
N LEU O 145 34.91 -42.94 114.24
CA LEU O 145 34.42 -42.13 115.33
C LEU O 145 35.47 -41.06 115.61
N LEU O 146 35.01 -39.94 116.18
CA LEU O 146 35.89 -38.82 116.48
C LEU O 146 35.52 -38.25 117.84
N ILE O 147 36.49 -37.59 118.47
CA ILE O 147 36.30 -36.99 119.77
C ILE O 147 36.25 -35.48 119.63
N ASP O 148 35.92 -34.81 120.72
CA ASP O 148 35.82 -33.35 120.74
C ASP O 148 37.15 -32.70 120.37
N ALA P 6 90.16 10.79 -5.67
CA ALA P 6 89.28 11.01 -4.54
C ALA P 6 89.79 12.14 -3.66
N ASN P 7 89.94 13.33 -4.25
CA ASN P 7 90.48 14.47 -3.52
C ASN P 7 89.45 15.58 -3.36
N VAL P 8 88.89 16.05 -4.46
CA VAL P 8 88.07 17.27 -4.48
C VAL P 8 86.61 16.88 -4.73
N VAL P 9 85.72 17.42 -3.90
CA VAL P 9 84.30 17.18 -4.06
C VAL P 9 83.82 17.74 -5.40
N VAL P 10 82.91 17.01 -6.05
CA VAL P 10 82.31 17.49 -7.29
C VAL P 10 81.35 18.62 -6.95
N SER P 11 81.50 19.76 -7.64
CA SER P 11 80.67 20.92 -7.36
C SER P 11 80.52 21.75 -8.63
N ASN P 12 79.49 22.57 -8.64
CA ASN P 12 79.25 23.46 -9.77
C ASN P 12 80.18 24.66 -9.69
N PRO P 13 81.04 24.88 -10.70
CA PRO P 13 81.96 26.02 -10.63
C PRO P 13 81.40 27.27 -11.29
N ARG P 14 80.24 27.16 -11.96
CA ARG P 14 79.64 28.31 -12.60
C ARG P 14 79.18 29.33 -11.56
N PRO P 15 79.47 30.60 -11.78
CA PRO P 15 79.05 31.65 -10.82
C PRO P 15 77.58 31.97 -10.97
N ILE P 16 76.85 31.91 -9.86
CA ILE P 16 75.44 32.27 -9.80
C ILE P 16 75.30 33.49 -8.91
N PHE P 17 74.69 34.54 -9.44
CA PHE P 17 74.56 35.82 -8.74
C PHE P 17 73.12 35.99 -8.28
N THR P 18 72.92 36.12 -6.98
CA THR P 18 71.59 36.30 -6.39
C THR P 18 71.59 37.56 -5.54
N GLU P 19 70.39 38.01 -5.20
CA GLU P 19 70.24 39.21 -4.39
C GLU P 19 70.67 38.95 -2.96
N SER P 20 70.93 40.04 -2.23
CA SER P 20 71.49 39.91 -0.89
C SER P 20 70.40 39.75 0.17
N ARG P 21 69.25 40.40 -0.02
CA ARG P 21 68.20 40.41 0.99
C ARG P 21 66.97 39.62 0.57
N SER P 22 67.04 38.88 -0.54
CA SER P 22 65.91 38.07 -0.99
C SER P 22 66.44 36.97 -1.91
N PHE P 23 65.58 35.96 -2.14
CA PHE P 23 65.94 34.83 -2.99
C PHE P 23 65.46 35.15 -4.41
N LYS P 24 66.22 35.99 -5.11
CA LYS P 24 65.93 36.34 -6.49
C LYS P 24 67.20 36.17 -7.30
N ALA P 25 67.06 36.25 -8.63
CA ALA P 25 68.15 35.95 -9.54
C ALA P 25 68.80 37.20 -10.14
N VAL P 26 68.49 38.38 -9.59
CA VAL P 26 69.01 39.68 -10.05
C VAL P 26 69.07 39.73 -11.58
N ALA P 27 67.97 39.33 -12.21
CA ALA P 27 67.93 39.20 -13.66
C ALA P 27 68.18 40.54 -14.34
N ASN P 28 68.87 40.49 -15.48
CA ASN P 28 69.19 41.68 -16.28
C ASN P 28 70.02 42.69 -15.50
N GLY P 29 70.81 42.21 -14.54
CA GLY P 29 71.70 43.08 -13.80
C GLY P 29 72.97 43.39 -14.59
N LYS P 30 73.78 44.28 -14.01
CA LYS P 30 75.04 44.69 -14.61
C LYS P 30 76.17 44.52 -13.61
N ILE P 31 77.31 44.02 -14.09
CA ILE P 31 78.50 43.84 -13.28
C ILE P 31 79.60 44.72 -13.85
N TYR P 32 80.23 45.53 -13.00
CA TYR P 32 81.33 46.39 -13.39
C TYR P 32 82.62 45.88 -12.75
N ILE P 33 83.62 45.61 -13.57
CA ILE P 33 84.92 45.13 -13.12
C ILE P 33 85.89 46.31 -13.19
N GLY P 34 86.19 46.90 -12.05
CA GLY P 34 87.01 48.10 -11.98
C GLY P 34 88.40 47.81 -11.45
N GLN P 35 89.06 48.87 -10.98
CA GLN P 35 90.41 48.79 -10.46
C GLN P 35 90.37 48.43 -8.98
N ILE P 36 91.56 48.14 -8.43
CA ILE P 36 91.65 47.67 -7.05
C ILE P 36 91.26 48.78 -6.09
N ASP P 37 90.40 48.44 -5.12
CA ASP P 37 90.05 49.33 -4.01
C ASP P 37 89.52 50.68 -4.49
N THR P 38 88.74 50.65 -5.57
CA THR P 38 88.20 51.87 -6.16
C THR P 38 86.76 51.62 -6.62
N ASP P 39 86.07 52.72 -6.91
CA ASP P 39 84.68 52.64 -7.38
C ASP P 39 84.67 52.39 -8.88
N PRO P 40 84.05 51.31 -9.35
CA PRO P 40 84.09 50.96 -10.78
C PRO P 40 83.00 51.59 -11.64
N VAL P 41 82.12 52.41 -11.08
CA VAL P 41 81.02 52.96 -11.88
C VAL P 41 81.55 53.99 -12.88
N ASN P 42 82.44 54.88 -12.45
CA ASN P 42 82.92 55.93 -13.33
C ASN P 42 83.70 55.36 -14.50
N PRO P 43 83.50 55.86 -15.72
CA PRO P 43 84.05 55.16 -16.89
C PRO P 43 85.57 55.25 -17.02
N ALA P 44 86.21 56.17 -16.29
CA ALA P 44 87.65 56.30 -16.40
C ALA P 44 88.38 55.19 -15.65
N ASN P 45 87.86 54.80 -14.48
CA ASN P 45 88.59 53.96 -13.54
C ASN P 45 88.12 52.50 -13.62
N GLN P 46 88.57 51.79 -14.66
CA GLN P 46 88.33 50.35 -14.78
C GLN P 46 89.54 49.69 -15.42
N ILE P 47 89.42 48.38 -15.60
CA ILE P 47 90.44 47.56 -16.24
C ILE P 47 89.76 46.72 -17.33
N PRO P 48 90.49 46.29 -18.36
CA PRO P 48 89.87 45.48 -19.42
C PRO P 48 89.44 44.12 -18.90
N VAL P 49 88.44 43.55 -19.57
CA VAL P 49 87.92 42.21 -19.26
C VAL P 49 88.02 41.36 -20.53
N TYR P 50 88.21 40.05 -20.33
CA TYR P 50 88.54 39.16 -21.44
C TYR P 50 87.70 37.88 -21.35
N ILE P 51 87.29 37.38 -22.51
CA ILE P 51 86.68 36.06 -22.60
C ILE P 51 87.77 34.99 -22.59
N GLU P 52 87.45 33.83 -22.03
CA GLU P 52 88.31 32.65 -22.15
C GLU P 52 87.45 31.48 -22.58
N ASN P 53 87.46 31.19 -23.88
CA ASN P 53 86.71 30.05 -24.40
C ASN P 53 87.35 28.74 -23.92
N GLU P 54 86.67 27.63 -24.23
CA GLU P 54 87.18 26.32 -23.83
C GLU P 54 88.50 26.01 -24.51
N ASP P 55 88.65 26.36 -25.79
CA ASP P 55 89.89 26.10 -26.49
C ASP P 55 91.04 26.95 -25.95
N GLY P 56 90.77 28.21 -25.62
CA GLY P 56 91.78 29.09 -25.06
C GLY P 56 91.86 30.48 -25.67
N SER P 57 90.99 30.84 -26.62
CA SER P 57 91.06 32.16 -27.22
C SER P 57 90.53 33.22 -26.26
N HIS P 58 90.92 34.47 -26.51
CA HIS P 58 90.51 35.60 -25.69
C HIS P 58 89.89 36.68 -26.58
N VAL P 59 88.82 37.29 -26.09
CA VAL P 59 88.07 38.31 -26.83
C VAL P 59 87.73 39.46 -25.90
N GLN P 60 87.84 40.69 -26.43
CA GLN P 60 87.50 41.88 -25.67
C GLN P 60 86.00 41.95 -25.40
N ILE P 61 85.64 42.55 -24.26
CA ILE P 61 84.26 42.81 -23.90
C ILE P 61 84.15 44.23 -23.38
N THR P 62 83.04 44.88 -23.71
CA THR P 62 82.75 46.20 -23.17
C THR P 62 82.52 46.12 -21.66
N GLN P 63 82.71 47.26 -21.00
CA GLN P 63 82.69 47.35 -19.54
C GLN P 63 81.40 46.85 -18.89
N PRO P 64 80.20 47.25 -19.36
CA PRO P 64 78.98 46.82 -18.66
C PRO P 64 78.62 45.36 -18.92
N LEU P 65 79.21 44.45 -18.14
CA LEU P 65 78.85 43.04 -18.25
C LEU P 65 77.38 42.84 -17.90
N ILE P 66 76.71 41.97 -18.67
CA ILE P 66 75.28 41.77 -18.54
C ILE P 66 75.02 40.41 -17.90
N ILE P 67 73.99 40.37 -17.06
CA ILE P 67 73.59 39.16 -16.33
C ILE P 67 72.33 38.60 -16.97
N ASN P 68 72.30 37.28 -17.16
CA ASN P 68 71.16 36.61 -17.75
C ASN P 68 69.99 36.58 -16.75
N ALA P 69 68.90 35.94 -17.14
CA ALA P 69 67.75 35.82 -16.24
C ALA P 69 68.02 34.80 -15.14
N ALA P 70 68.88 33.81 -15.41
CA ALA P 70 69.21 32.82 -14.39
C ALA P 70 70.08 33.43 -13.30
N GLY P 71 70.92 34.40 -13.66
CA GLY P 71 71.84 35.00 -12.70
C GLY P 71 73.28 34.77 -13.08
N LYS P 72 73.50 34.28 -14.30
CA LYS P 72 74.84 33.98 -14.80
C LYS P 72 75.24 34.98 -15.87
N ILE P 73 76.52 35.32 -15.92
CA ILE P 73 77.01 36.28 -16.91
C ILE P 73 76.85 35.69 -18.31
N VAL P 74 76.27 36.48 -19.21
CA VAL P 74 76.01 36.04 -20.57
C VAL P 74 76.50 37.12 -21.53
N TYR P 75 77.17 36.69 -22.60
CA TYR P 75 77.56 37.57 -23.70
C TYR P 75 76.92 37.07 -24.98
N ASN P 76 76.34 37.98 -25.74
CA ASN P 76 75.57 37.65 -26.95
C ASN P 76 74.43 36.74 -26.51
N GLY P 77 74.36 35.48 -26.96
CA GLY P 77 73.33 34.57 -26.54
C GLY P 77 73.79 33.33 -25.81
N GLN P 78 75.06 33.24 -25.44
CA GLN P 78 75.62 32.05 -24.82
C GLN P 78 76.33 32.41 -23.52
N LEU P 79 76.35 31.45 -22.59
CA LEU P 79 77.07 31.63 -21.34
C LEU P 79 78.57 31.77 -21.60
N VAL P 80 79.22 32.62 -20.82
CA VAL P 80 80.61 32.99 -21.06
C VAL P 80 81.37 33.00 -19.74
N LYS P 81 82.69 32.86 -19.85
CA LYS P 81 83.60 32.96 -18.72
C LYS P 81 84.51 34.16 -18.94
N ILE P 82 84.62 35.02 -17.93
CA ILE P 82 85.28 36.31 -18.06
C ILE P 82 86.51 36.30 -17.16
N VAL P 83 87.66 36.70 -17.71
CA VAL P 83 88.94 36.67 -17.02
C VAL P 83 89.59 38.04 -17.16
N THR P 84 90.15 38.55 -16.05
CA THR P 84 90.89 39.79 -16.05
C THR P 84 92.34 39.52 -15.66
N VAL P 85 93.23 40.43 -16.06
CA VAL P 85 94.66 40.20 -15.87
C VAL P 85 95.12 40.74 -14.52
N GLN P 86 94.65 41.92 -14.12
CA GLN P 86 95.02 42.52 -12.86
C GLN P 86 94.00 42.16 -11.78
N GLY P 87 94.32 42.51 -10.54
CA GLY P 87 93.32 42.46 -9.48
C GLY P 87 92.25 43.51 -9.70
N HIS P 88 91.04 43.19 -9.26
CA HIS P 88 89.89 44.02 -9.62
C HIS P 88 88.89 44.05 -8.47
N SER P 89 88.04 45.07 -8.50
CA SER P 89 86.93 45.23 -7.58
C SER P 89 85.63 45.20 -8.38
N MET P 90 84.70 44.35 -7.98
CA MET P 90 83.45 44.17 -8.70
C MET P 90 82.30 44.78 -7.91
N ALA P 91 81.37 45.39 -8.63
CA ALA P 91 80.17 46.00 -8.05
C ALA P 91 78.97 45.57 -8.86
N ILE P 92 78.11 44.74 -8.27
CA ILE P 92 76.92 44.22 -8.92
C ILE P 92 75.76 45.18 -8.70
N TYR P 93 75.09 45.54 -9.79
CA TYR P 93 73.97 46.47 -9.74
C TYR P 93 72.71 45.78 -10.23
N ASP P 94 71.58 46.15 -9.65
CA ASP P 94 70.29 45.61 -10.06
C ASP P 94 69.81 46.33 -11.33
N ALA P 95 68.69 45.84 -11.87
CA ALA P 95 68.14 46.45 -13.08
C ALA P 95 67.64 47.87 -12.80
N ASN P 96 67.13 48.12 -11.60
CA ASN P 96 66.61 49.43 -11.23
C ASN P 96 67.70 50.41 -10.79
N GLY P 97 68.95 49.98 -10.72
CA GLY P 97 70.04 50.84 -10.32
C GLY P 97 70.50 50.67 -8.88
N SER P 98 69.84 49.84 -8.10
CA SER P 98 70.26 49.61 -6.73
C SER P 98 71.51 48.73 -6.69
N GLN P 99 72.20 48.78 -5.55
CA GLN P 99 73.45 48.05 -5.36
C GLN P 99 73.19 46.77 -4.60
N VAL P 100 73.62 45.64 -5.17
CA VAL P 100 73.42 44.35 -4.52
C VAL P 100 74.58 44.01 -3.61
N ASP P 101 75.82 44.18 -4.09
CA ASP P 101 77.00 43.84 -3.30
C ASP P 101 78.18 44.63 -3.84
N TYR P 102 79.16 44.85 -2.96
CA TYR P 102 80.40 45.53 -3.32
C TYR P 102 81.58 44.77 -2.73
N ILE P 103 82.57 44.47 -3.56
CA ILE P 103 83.77 43.78 -3.13
C ILE P 103 84.96 44.66 -3.47
N ALA P 104 85.66 45.15 -2.45
CA ALA P 104 86.81 46.02 -2.68
C ALA P 104 87.95 45.24 -3.33
N ASN P 105 88.15 43.99 -2.91
CA ASN P 105 89.22 43.13 -3.41
C ASN P 105 88.68 41.73 -3.64
N VAL P 106 88.55 41.33 -4.90
CA VAL P 106 88.22 39.94 -5.20
C VAL P 106 89.33 39.03 -4.69
N LEU P 107 90.57 39.41 -4.95
CA LEU P 107 91.74 38.80 -4.33
C LEU P 107 92.48 39.89 -3.56
N LYS P 108 92.88 39.57 -2.33
CA LYS P 108 93.45 40.60 -1.45
C LYS P 108 94.74 41.18 -2.03
N TYR P 109 95.46 40.40 -2.82
CA TYR P 109 96.68 40.87 -3.44
C TYR P 109 96.46 41.14 -4.93
N ASP P 110 97.43 41.82 -5.54
CA ASP P 110 97.38 42.14 -6.96
C ASP P 110 98.24 41.15 -7.72
N PRO P 111 97.67 40.31 -8.58
CA PRO P 111 98.47 39.25 -9.22
C PRO P 111 99.64 39.76 -10.07
N ASP P 112 99.50 40.91 -10.73
CA ASP P 112 100.51 41.35 -11.69
C ASP P 112 101.76 41.88 -10.98
N GLN P 113 101.58 42.88 -10.11
CA GLN P 113 102.72 43.45 -9.40
C GLN P 113 103.37 42.42 -8.50
N TYR P 114 102.56 41.61 -7.81
CA TYR P 114 103.13 40.57 -6.97
C TYR P 114 103.84 39.50 -7.80
N SER P 115 103.34 39.23 -9.01
CA SER P 115 104.03 38.30 -9.89
C SER P 115 105.41 38.82 -10.28
N ILE P 116 105.48 40.11 -10.62
CA ILE P 116 106.78 40.70 -10.95
C ILE P 116 107.72 40.66 -9.74
N GLU P 117 107.20 41.02 -8.57
CA GLU P 117 108.02 41.02 -7.36
C GLU P 117 108.51 39.61 -7.03
N ALA P 118 107.64 38.62 -7.17
CA ALA P 118 108.02 37.23 -6.90
C ALA P 118 109.06 36.74 -7.89
N ASP P 119 108.91 37.11 -9.17
CA ASP P 119 109.93 36.76 -10.15
C ASP P 119 111.27 37.40 -9.78
N LYS P 120 111.24 38.60 -9.19
CA LYS P 120 112.48 39.24 -8.78
C LYS P 120 113.11 38.55 -7.57
N LYS P 121 112.30 38.18 -6.57
CA LYS P 121 112.83 37.86 -5.25
C LYS P 121 112.66 36.39 -4.86
N PHE P 122 112.50 35.49 -5.82
CA PHE P 122 112.38 34.06 -5.50
C PHE P 122 113.26 33.23 -6.41
N LYS P 123 113.65 32.06 -5.90
CA LYS P 123 114.47 31.13 -6.66
C LYS P 123 113.61 30.38 -7.69
N TYR P 124 114.25 30.01 -8.81
CA TYR P 124 113.54 29.43 -9.95
C TYR P 124 113.69 27.92 -10.01
N SER P 125 113.74 27.24 -8.88
CA SER P 125 113.87 25.78 -8.89
C SER P 125 112.59 25.13 -9.40
N VAL P 126 112.73 24.02 -10.13
CA VAL P 126 111.61 23.30 -10.71
C VAL P 126 111.70 21.85 -10.26
N LYS P 127 110.55 21.17 -10.28
CA LYS P 127 110.45 19.78 -9.86
C LYS P 127 109.97 18.92 -11.03
N LEU P 128 110.20 17.61 -10.90
CA LEU P 128 109.83 16.67 -11.95
C LEU P 128 108.42 16.12 -11.73
N SER P 129 107.87 16.30 -10.53
CA SER P 129 106.57 15.73 -10.21
C SER P 129 105.47 16.28 -11.13
N ASP P 130 105.53 17.58 -11.42
CA ASP P 130 104.48 18.19 -12.22
C ASP P 130 104.57 17.78 -13.68
N TYR P 131 105.78 17.56 -14.19
CA TYR P 131 105.98 17.30 -15.61
C TYR P 131 106.07 15.80 -15.88
N PRO P 132 105.22 15.25 -16.75
CA PRO P 132 105.27 13.81 -17.03
C PRO P 132 106.64 13.25 -17.35
N THR P 133 107.31 13.79 -18.37
CA THR P 133 108.59 13.25 -18.79
C THR P 133 109.74 14.13 -18.31
N LEU P 134 110.92 13.52 -18.16
CA LEU P 134 112.09 14.24 -17.70
C LEU P 134 112.54 15.27 -18.73
N GLN P 135 112.48 14.93 -20.02
CA GLN P 135 112.90 15.86 -21.06
C GLN P 135 112.01 17.09 -21.09
N ASP P 136 110.69 16.90 -20.95
CA ASP P 136 109.78 18.04 -20.91
C ASP P 136 110.05 18.92 -19.71
N ALA P 137 110.34 18.32 -18.55
CA ALA P 137 110.67 19.10 -17.36
C ALA P 137 111.93 19.91 -17.58
N ALA P 138 112.99 19.27 -18.10
CA ALA P 138 114.26 19.97 -18.29
C ALA P 138 114.15 21.03 -19.37
N SER P 139 113.20 20.88 -20.29
CA SER P 139 113.03 21.87 -21.35
C SER P 139 112.61 23.23 -20.78
N ALA P 140 111.70 23.23 -19.81
CA ALA P 140 111.16 24.45 -19.23
C ALA P 140 111.76 24.78 -17.87
N ALA P 141 112.76 24.02 -17.43
CA ALA P 141 113.38 24.25 -16.13
C ALA P 141 114.69 25.02 -16.27
N VAL P 142 114.88 25.98 -15.38
CA VAL P 142 116.10 26.78 -15.33
C VAL P 142 116.55 26.88 -13.87
N ASP P 143 117.87 26.99 -13.68
CA ASP P 143 118.48 27.33 -12.41
C ASP P 143 118.40 26.17 -11.42
N GLY P 144 117.71 25.08 -11.79
CA GLY P 144 117.63 23.93 -10.91
C GLY P 144 116.59 22.92 -11.35
N LEU P 145 116.71 21.72 -10.78
CA LEU P 145 115.75 20.65 -10.98
C LEU P 145 115.86 19.70 -9.79
N LEU P 146 114.78 18.97 -9.51
CA LEU P 146 114.66 18.28 -8.24
C LEU P 146 114.65 16.76 -8.32
N ILE P 147 114.15 16.17 -9.41
CA ILE P 147 113.94 14.72 -9.48
C ILE P 147 113.12 14.28 -8.27
N ASP P 148 111.83 14.61 -8.26
CA ASP P 148 110.98 14.28 -7.12
C ASP P 148 110.52 12.82 -7.18
N ARG P 149 109.76 12.47 -8.22
CA ARG P 149 109.24 11.12 -8.32
C ARG P 149 110.29 10.16 -8.89
N ASP P 150 110.05 8.86 -8.69
CA ASP P 150 110.94 7.82 -9.19
C ASP P 150 110.68 7.63 -10.67
N TYR P 151 111.36 8.45 -11.49
CA TYR P 151 111.20 8.37 -12.93
C TYR P 151 111.78 7.08 -13.47
N ASN P 152 111.02 6.42 -14.34
CA ASN P 152 111.47 5.17 -14.96
C ASN P 152 112.39 5.49 -16.13
N PHE P 153 113.41 4.65 -16.32
CA PHE P 153 114.44 4.95 -17.31
C PHE P 153 113.89 4.90 -18.73
N TYR P 154 113.20 3.82 -19.08
CA TYR P 154 112.63 3.67 -20.41
C TYR P 154 111.64 2.51 -20.46
N ALA Q 6 73.61 -38.19 -37.37
CA ALA Q 6 73.56 -36.92 -36.65
C ALA Q 6 74.51 -35.91 -37.27
N ASN Q 7 74.38 -35.69 -38.58
CA ASN Q 7 75.30 -34.78 -39.27
C ASN Q 7 74.59 -33.52 -39.76
N VAL Q 8 73.50 -33.69 -40.52
CA VAL Q 8 72.86 -32.58 -41.22
C VAL Q 8 71.55 -32.24 -40.52
N VAL Q 9 71.23 -30.94 -40.47
CA VAL Q 9 69.94 -30.52 -39.93
C VAL Q 9 68.84 -30.86 -40.93
N VAL Q 10 67.70 -31.31 -40.40
CA VAL Q 10 66.54 -31.57 -41.25
C VAL Q 10 65.94 -30.25 -41.69
N SER Q 11 65.76 -30.08 -43.00
CA SER Q 11 65.27 -28.83 -43.53
C SER Q 11 64.54 -29.09 -44.85
N ASN Q 12 63.72 -28.13 -45.24
CA ASN Q 12 62.98 -28.21 -46.50
C ASN Q 12 63.89 -27.80 -47.65
N PRO Q 13 64.13 -28.68 -48.63
CA PRO Q 13 65.01 -28.33 -49.74
C PRO Q 13 64.26 -27.73 -50.93
N ARG Q 14 62.94 -27.73 -50.88
CA ARG Q 14 62.16 -27.17 -51.97
C ARG Q 14 62.38 -25.66 -52.07
N PRO Q 15 62.55 -25.14 -53.28
CA PRO Q 15 62.79 -23.69 -53.45
C PRO Q 15 61.49 -22.91 -53.36
N ILE Q 16 61.50 -21.87 -52.53
CA ILE Q 16 60.37 -20.95 -52.38
C ILE Q 16 60.83 -19.57 -52.84
N PHE Q 17 60.10 -18.98 -53.78
CA PHE Q 17 60.45 -17.69 -54.37
C PHE Q 17 59.50 -16.63 -53.86
N THR Q 18 60.05 -15.59 -53.23
CA THR Q 18 59.26 -14.52 -52.63
C THR Q 18 59.73 -13.17 -53.17
N GLU Q 19 58.97 -12.14 -52.84
CA GLU Q 19 59.31 -10.78 -53.25
C GLU Q 19 60.53 -10.28 -52.48
N SER Q 20 61.09 -9.17 -52.96
CA SER Q 20 62.29 -8.62 -52.33
C SER Q 20 61.95 -7.52 -51.33
N ARG Q 21 60.88 -6.76 -51.59
CA ARG Q 21 60.51 -5.64 -50.73
C ARG Q 21 59.22 -5.89 -49.94
N SER Q 22 58.66 -7.09 -50.01
CA SER Q 22 57.44 -7.40 -49.28
C SER Q 22 57.32 -8.91 -49.12
N PHE Q 23 56.42 -9.31 -48.23
CA PHE Q 23 56.19 -10.74 -47.96
C PHE Q 23 55.05 -11.22 -48.86
N LYS Q 24 55.39 -11.56 -50.09
CA LYS Q 24 54.45 -12.10 -51.05
C LYS Q 24 55.07 -13.34 -51.68
N ALA Q 25 54.29 -14.04 -52.51
CA ALA Q 25 54.70 -15.33 -53.04
C ALA Q 25 55.09 -15.29 -54.52
N VAL Q 26 55.15 -14.10 -55.13
CA VAL Q 26 55.47 -13.96 -56.54
C VAL Q 26 54.49 -14.84 -57.32
N ALA Q 27 53.19 -14.56 -57.18
CA ALA Q 27 52.19 -15.38 -57.83
C ALA Q 27 52.30 -15.27 -59.35
N ASN Q 28 52.30 -16.43 -60.01
CA ASN Q 28 52.32 -16.52 -61.47
C ASN Q 28 53.51 -15.80 -62.07
N GLY Q 29 54.67 -15.89 -61.43
CA GLY Q 29 55.88 -15.29 -61.97
C GLY Q 29 56.53 -16.14 -63.03
N LYS Q 30 57.59 -15.58 -63.62
CA LYS Q 30 58.35 -16.27 -64.66
C LYS Q 30 59.83 -16.22 -64.31
N ILE Q 31 60.48 -17.38 -64.44
CA ILE Q 31 61.92 -17.52 -64.20
C ILE Q 31 62.58 -17.88 -65.51
N TYR Q 32 63.62 -17.14 -65.87
CA TYR Q 32 64.38 -17.38 -67.10
C TYR Q 32 65.76 -17.88 -66.73
N ILE Q 33 66.15 -19.01 -67.29
CA ILE Q 33 67.47 -19.62 -67.08
C ILE Q 33 68.29 -19.34 -68.32
N GLY Q 34 69.24 -18.42 -68.22
CA GLY Q 34 70.05 -18.00 -69.35
C GLY Q 34 71.48 -18.46 -69.24
N GLN Q 35 72.35 -17.87 -70.06
CA GLN Q 35 73.76 -18.21 -70.09
C GLN Q 35 74.50 -17.47 -68.98
N ILE Q 36 75.77 -17.83 -68.79
CA ILE Q 36 76.54 -17.31 -67.67
C ILE Q 36 76.79 -15.82 -67.86
N ASP Q 37 76.52 -15.04 -66.80
CA ASP Q 37 76.83 -13.61 -66.74
C ASP Q 37 76.25 -12.86 -67.95
N THR Q 38 74.99 -13.19 -68.29
CA THR Q 38 74.31 -12.57 -69.41
C THR Q 38 72.85 -12.34 -69.06
N ASP Q 39 72.20 -11.52 -69.89
CA ASP Q 39 70.77 -11.24 -69.71
C ASP Q 39 69.95 -12.38 -70.31
N PRO Q 40 69.11 -13.05 -69.52
CA PRO Q 40 68.38 -14.22 -70.01
C PRO Q 40 67.04 -13.95 -70.68
N VAL Q 41 66.63 -12.68 -70.82
CA VAL Q 41 65.31 -12.41 -71.37
C VAL Q 41 65.27 -12.65 -72.87
N ASN Q 42 66.30 -12.20 -73.60
CA ASN Q 42 66.26 -12.27 -75.06
C ASN Q 42 66.25 -13.72 -75.54
N PRO Q 43 65.44 -14.05 -76.55
CA PRO Q 43 65.26 -15.48 -76.90
C PRO Q 43 66.53 -16.18 -77.35
N ALA Q 44 67.53 -15.44 -77.84
CA ALA Q 44 68.70 -16.09 -78.40
C ALA Q 44 69.63 -16.63 -77.31
N ASN Q 45 69.79 -15.86 -76.22
CA ASN Q 45 70.85 -16.12 -75.26
C ASN Q 45 70.33 -16.84 -74.01
N GLN Q 46 70.10 -18.15 -74.16
CA GLN Q 46 69.76 -19.00 -73.02
C GLN Q 46 70.38 -20.37 -73.21
N ILE Q 47 70.08 -21.26 -72.26
CA ILE Q 47 70.55 -22.65 -72.29
C ILE Q 47 69.36 -23.56 -72.05
N PRO Q 48 69.40 -24.82 -72.51
CA PRO Q 48 68.26 -25.72 -72.27
C PRO Q 48 68.11 -26.05 -70.79
N VAL Q 49 66.88 -26.37 -70.40
CA VAL Q 49 66.55 -26.76 -69.04
C VAL Q 49 65.91 -28.13 -69.06
N TYR Q 50 65.99 -28.85 -67.94
CA TYR Q 50 65.57 -30.25 -67.87
C TYR Q 50 64.86 -30.53 -66.56
N ILE Q 51 63.76 -31.28 -66.63
CA ILE Q 51 63.13 -31.81 -65.44
C ILE Q 51 63.88 -33.06 -64.99
N GLU Q 52 63.96 -33.26 -63.68
CA GLU Q 52 64.55 -34.47 -63.12
C GLU Q 52 63.51 -35.11 -62.20
N ASN Q 53 62.88 -36.19 -62.66
CA ASN Q 53 61.92 -36.90 -61.85
C ASN Q 53 62.64 -37.67 -60.74
N GLU Q 54 61.83 -38.26 -59.85
CA GLU Q 54 62.40 -39.04 -58.75
C GLU Q 54 63.16 -40.25 -59.24
N ASP Q 55 62.62 -40.94 -60.26
CA ASP Q 55 63.31 -42.13 -60.79
C ASP Q 55 64.62 -41.76 -61.46
N GLY Q 56 64.63 -40.67 -62.23
CA GLY Q 56 65.84 -40.22 -62.92
C GLY Q 56 65.65 -39.80 -64.35
N SER Q 57 64.43 -39.76 -64.89
CA SER Q 57 64.24 -39.36 -66.28
C SER Q 57 64.41 -37.85 -66.44
N HIS Q 58 64.68 -37.44 -67.67
CA HIS Q 58 64.86 -36.03 -68.00
C HIS Q 58 63.99 -35.67 -69.20
N VAL Q 59 63.38 -34.49 -69.15
CA VAL Q 59 62.47 -34.01 -70.19
C VAL Q 59 62.82 -32.57 -70.54
N GLN Q 60 62.78 -32.26 -71.84
CA GLN Q 60 62.96 -30.90 -72.31
C GLN Q 60 61.78 -30.02 -71.88
N ILE Q 61 62.09 -28.75 -71.60
CA ILE Q 61 61.11 -27.78 -71.12
C ILE Q 61 61.32 -26.46 -71.84
N THR Q 62 60.21 -25.77 -72.10
CA THR Q 62 60.27 -24.44 -72.68
C THR Q 62 60.90 -23.45 -71.71
N GLN Q 63 61.46 -22.39 -72.27
CA GLN Q 63 62.25 -21.40 -71.53
C GLN Q 63 61.48 -20.70 -70.41
N PRO Q 64 60.25 -20.18 -70.65
CA PRO Q 64 59.58 -19.42 -69.59
C PRO Q 64 59.03 -20.30 -68.47
N LEU Q 65 59.88 -20.63 -67.50
CA LEU Q 65 59.43 -21.40 -66.36
C LEU Q 65 58.37 -20.64 -65.57
N ILE Q 66 57.33 -21.35 -65.15
CA ILE Q 66 56.17 -20.75 -64.51
C ILE Q 66 56.24 -21.01 -63.01
N ILE Q 67 55.79 -20.03 -62.22
CA ILE Q 67 55.78 -20.12 -60.76
C ILE Q 67 54.34 -20.29 -60.30
N ASN Q 68 54.14 -21.20 -59.35
CA ASN Q 68 52.82 -21.48 -58.81
C ASN Q 68 52.39 -20.34 -57.90
N ALA Q 69 51.20 -20.46 -57.30
CA ALA Q 69 50.72 -19.44 -56.39
C ALA Q 69 51.48 -19.46 -55.08
N ALA Q 70 52.01 -20.61 -54.69
CA ALA Q 70 52.79 -20.69 -53.46
C ALA Q 70 54.15 -20.03 -53.62
N GLY Q 71 54.71 -20.07 -54.82
CA GLY Q 71 56.03 -19.53 -55.06
C GLY Q 71 57.02 -20.59 -55.48
N LYS Q 72 56.51 -21.76 -55.84
CA LYS Q 72 57.34 -22.88 -56.26
C LYS Q 72 57.14 -23.16 -57.74
N ILE Q 73 58.21 -23.58 -58.40
CA ILE Q 73 58.13 -23.85 -59.84
C ILE Q 73 57.23 -25.05 -60.09
N VAL Q 74 56.33 -24.91 -61.05
CA VAL Q 74 55.36 -25.96 -61.37
C VAL Q 74 55.30 -26.14 -62.88
N TYR Q 75 55.29 -27.40 -63.32
CA TYR Q 75 55.05 -27.76 -64.71
C TYR Q 75 53.79 -28.60 -64.80
N ASN Q 76 52.93 -28.27 -65.77
CA ASN Q 76 51.63 -28.92 -65.94
C ASN Q 76 50.86 -28.68 -64.63
N GLY Q 77 50.51 -29.71 -63.87
CA GLY Q 77 49.82 -29.55 -62.61
C GLY Q 77 50.55 -30.03 -61.37
N GLN Q 78 51.82 -30.39 -61.48
CA GLN Q 78 52.57 -30.95 -60.36
C GLN Q 78 53.89 -30.22 -60.19
N LEU Q 79 54.36 -30.18 -58.94
CA LEU Q 79 55.65 -29.58 -58.64
C LEU Q 79 56.78 -30.38 -59.27
N VAL Q 80 57.81 -29.67 -59.73
CA VAL Q 80 58.91 -30.28 -60.47
C VAL Q 80 60.24 -29.74 -59.96
N LYS Q 81 61.31 -30.45 -60.34
CA LYS Q 81 62.68 -30.05 -60.05
C LYS Q 81 63.40 -29.86 -61.37
N ILE Q 82 64.08 -28.72 -61.52
CA ILE Q 82 64.65 -28.31 -62.80
C ILE Q 82 66.17 -28.34 -62.68
N VAL Q 83 66.83 -28.97 -63.65
CA VAL Q 83 68.26 -29.15 -63.68
C VAL Q 83 68.80 -28.70 -65.04
N THR Q 84 69.89 -27.92 -65.01
CA THR Q 84 70.58 -27.51 -66.22
C THR Q 84 72.01 -28.01 -66.20
N VAL Q 85 72.59 -28.19 -67.39
CA VAL Q 85 73.89 -28.86 -67.48
C VAL Q 85 75.03 -27.86 -67.29
N GLN Q 86 74.88 -26.65 -67.81
CA GLN Q 86 75.92 -25.62 -67.67
C GLN Q 86 75.62 -24.71 -66.49
N GLY Q 87 76.56 -23.84 -66.18
CA GLY Q 87 76.27 -22.75 -65.26
C GLY Q 87 75.37 -21.72 -65.91
N HIS Q 88 74.50 -21.13 -65.09
CA HIS Q 88 73.43 -20.31 -65.63
C HIS Q 88 73.23 -19.06 -64.77
N SER Q 89 72.59 -18.06 -65.38
CA SER Q 89 72.18 -16.84 -64.70
C SER Q 89 70.66 -16.76 -64.75
N MET Q 90 70.04 -16.58 -63.60
CA MET Q 90 68.59 -16.58 -63.48
C MET Q 90 68.07 -15.19 -63.17
N ALA Q 91 66.93 -14.85 -63.74
CA ALA Q 91 66.27 -13.57 -63.52
C ALA Q 91 64.78 -13.81 -63.31
N ILE Q 92 64.29 -13.49 -62.11
CA ILE Q 92 62.90 -13.72 -61.74
C ILE Q 92 62.09 -12.47 -62.04
N TYR Q 93 60.96 -12.64 -62.72
CA TYR Q 93 60.08 -11.54 -63.04
C TYR Q 93 58.72 -11.76 -62.40
N ASP Q 94 58.07 -10.66 -62.02
CA ASP Q 94 56.73 -10.70 -61.47
C ASP Q 94 55.72 -10.85 -62.62
N ALA Q 95 54.44 -10.96 -62.25
CA ALA Q 95 53.39 -11.10 -63.25
C ALA Q 95 53.25 -9.84 -64.09
N ASN Q 96 53.47 -8.67 -63.48
CA ASN Q 96 53.31 -7.40 -64.16
C ASN Q 96 54.53 -6.99 -64.98
N GLY Q 97 55.60 -7.78 -64.95
CA GLY Q 97 56.79 -7.49 -65.72
C GLY Q 97 57.92 -6.86 -64.94
N SER Q 98 57.72 -6.57 -63.66
CA SER Q 98 58.79 -6.02 -62.84
C SER Q 98 59.84 -7.08 -62.54
N GLN Q 99 61.02 -6.62 -62.12
CA GLN Q 99 62.13 -7.51 -61.82
C GLN Q 99 62.25 -7.71 -60.31
N VAL Q 100 62.22 -8.96 -59.87
CA VAL Q 100 62.32 -9.26 -58.45
C VAL Q 100 63.77 -9.41 -58.02
N ASP Q 101 64.56 -10.17 -58.77
CA ASP Q 101 65.96 -10.39 -58.44
C ASP Q 101 66.68 -10.87 -59.69
N TYR Q 102 67.97 -10.57 -59.75
CA TYR Q 102 68.82 -11.00 -60.86
C TYR Q 102 70.10 -11.56 -60.26
N ILE Q 103 70.44 -12.79 -60.64
CA ILE Q 103 71.65 -13.46 -60.18
C ILE Q 103 72.52 -13.71 -61.41
N ALA Q 104 73.67 -13.03 -61.46
CA ALA Q 104 74.56 -13.20 -62.61
C ALA Q 104 75.21 -14.59 -62.60
N ASN Q 105 75.52 -15.10 -61.42
CA ASN Q 105 76.17 -16.41 -61.27
C ASN Q 105 75.48 -17.16 -60.14
N VAL Q 106 74.68 -18.18 -60.50
CA VAL Q 106 74.15 -19.08 -59.47
C VAL Q 106 75.29 -19.78 -58.75
N LEU Q 107 76.27 -20.27 -59.51
CA LEU Q 107 77.55 -20.70 -58.98
C LEU Q 107 78.64 -19.93 -59.71
N LYS Q 108 79.66 -19.50 -58.96
CA LYS Q 108 80.65 -18.59 -59.53
C LYS Q 108 81.44 -19.23 -60.66
N TYR Q 109 81.59 -20.55 -60.63
CA TYR Q 109 82.31 -21.25 -61.69
C TYR Q 109 81.33 -21.94 -62.64
N ASP Q 110 81.86 -22.40 -63.78
CA ASP Q 110 81.07 -23.08 -64.79
C ASP Q 110 81.32 -24.57 -64.67
N PRO Q 111 80.32 -25.38 -64.32
CA PRO Q 111 80.58 -26.81 -64.09
C PRO Q 111 81.17 -27.55 -65.28
N ASP Q 112 80.77 -27.20 -66.50
CA ASP Q 112 81.16 -28.00 -67.67
C ASP Q 112 82.64 -27.80 -68.02
N GLN Q 113 83.03 -26.54 -68.27
CA GLN Q 113 84.42 -26.27 -68.65
C GLN Q 113 85.37 -26.64 -67.53
N TYR Q 114 85.01 -26.33 -66.28
CA TYR Q 114 85.86 -26.70 -65.17
C TYR Q 114 85.93 -28.21 -65.00
N SER Q 115 84.84 -28.92 -65.30
CA SER Q 115 84.86 -30.37 -65.25
C SER Q 115 85.85 -30.93 -66.27
N ILE Q 116 85.82 -30.38 -67.48
CA ILE Q 116 86.75 -30.84 -68.51
C ILE Q 116 88.20 -30.53 -68.09
N GLU Q 117 88.44 -29.32 -67.57
CA GLU Q 117 89.78 -28.94 -67.15
C GLU Q 117 90.29 -29.83 -66.02
N ALA Q 118 89.43 -30.11 -65.03
CA ALA Q 118 89.82 -30.96 -63.92
C ALA Q 118 90.08 -32.39 -64.38
N ASP Q 119 89.28 -32.88 -65.34
CA ASP Q 119 89.56 -34.18 -65.92
C ASP Q 119 90.93 -34.18 -66.60
N LYS Q 120 91.29 -33.09 -67.25
CA LYS Q 120 92.59 -33.01 -67.90
C LYS Q 120 93.74 -33.00 -66.90
N LYS Q 121 93.60 -32.23 -65.81
CA LYS Q 121 94.76 -31.90 -64.98
C LYS Q 121 94.76 -32.56 -63.60
N PHE Q 122 94.02 -33.66 -63.42
CA PHE Q 122 94.01 -34.35 -62.14
C PHE Q 122 94.10 -35.86 -62.36
N LYS Q 123 94.60 -36.56 -61.34
CA LYS Q 123 94.76 -38.00 -61.41
C LYS Q 123 93.43 -38.70 -61.12
N TYR Q 124 93.19 -39.80 -61.84
CA TYR Q 124 91.89 -40.46 -61.86
C TYR Q 124 91.76 -41.54 -60.79
N SER Q 125 92.43 -41.38 -59.65
CA SER Q 125 92.44 -42.42 -58.63
C SER Q 125 91.18 -42.35 -57.76
N VAL Q 126 90.70 -43.52 -57.35
CA VAL Q 126 89.49 -43.62 -56.55
C VAL Q 126 89.85 -44.23 -55.20
N LYS Q 127 88.97 -44.05 -54.22
CA LYS Q 127 89.15 -44.58 -52.88
C LYS Q 127 88.11 -45.66 -52.60
N LEU Q 128 88.34 -46.40 -51.50
CA LEU Q 128 87.48 -47.52 -51.16
C LEU Q 128 86.31 -47.09 -50.28
N SER Q 129 86.47 -45.98 -49.55
CA SER Q 129 85.48 -45.62 -48.53
C SER Q 129 84.10 -45.39 -49.14
N ASP Q 130 84.06 -44.77 -50.32
CA ASP Q 130 82.77 -44.42 -50.92
C ASP Q 130 82.01 -45.65 -51.40
N TYR Q 131 82.73 -46.69 -51.83
CA TYR Q 131 82.10 -47.87 -52.42
C TYR Q 131 81.97 -48.99 -51.40
N PRO Q 132 80.75 -49.50 -51.16
CA PRO Q 132 80.56 -50.60 -50.19
C PRO Q 132 81.52 -51.76 -50.34
N THR Q 133 81.55 -52.39 -51.51
CA THR Q 133 82.37 -53.57 -51.70
C THR Q 133 83.63 -53.24 -52.49
N LEU Q 134 84.67 -54.04 -52.28
CA LEU Q 134 85.93 -53.83 -52.98
C LEU Q 134 85.80 -54.08 -54.46
N GLN Q 135 85.03 -55.11 -54.85
CA GLN Q 135 84.85 -55.42 -56.26
C GLN Q 135 84.15 -54.27 -56.99
N ASP Q 136 83.12 -53.69 -56.36
CA ASP Q 136 82.44 -52.55 -56.98
C ASP Q 136 83.38 -51.36 -57.11
N ALA Q 137 84.21 -51.11 -56.10
CA ALA Q 137 85.17 -50.03 -56.17
C ALA Q 137 86.17 -50.24 -57.31
N ALA Q 138 86.73 -51.44 -57.41
CA ALA Q 138 87.74 -51.71 -58.43
C ALA Q 138 87.12 -51.73 -59.83
N SER Q 139 85.81 -52.01 -59.90
CA SER Q 139 85.15 -52.01 -61.20
C SER Q 139 85.17 -50.64 -61.85
N ALA Q 140 84.92 -49.60 -61.06
CA ALA Q 140 84.87 -48.23 -61.55
C ALA Q 140 86.14 -47.44 -61.24
N ALA Q 141 87.17 -48.08 -60.70
CA ALA Q 141 88.42 -47.41 -60.38
C ALA Q 141 89.44 -47.61 -61.49
N VAL Q 142 90.14 -46.53 -61.82
CA VAL Q 142 91.20 -46.54 -62.82
C VAL Q 142 92.41 -45.82 -62.28
N ASP Q 143 93.59 -46.32 -62.64
CA ASP Q 143 94.87 -45.62 -62.41
C ASP Q 143 95.28 -45.61 -60.95
N GLY Q 144 94.40 -46.09 -60.05
CA GLY Q 144 94.76 -46.15 -58.65
C GLY Q 144 93.59 -46.52 -57.76
N LEU Q 145 93.92 -46.99 -56.56
CA LEU Q 145 92.95 -47.30 -55.53
C LEU Q 145 93.64 -47.14 -54.18
N LEU Q 146 92.85 -46.93 -53.13
CA LEU Q 146 93.39 -46.46 -51.86
C LEU Q 146 93.25 -47.42 -50.69
N ILE Q 147 92.21 -48.25 -50.65
CA ILE Q 147 91.91 -49.07 -49.47
C ILE Q 147 91.87 -48.18 -48.23
N ASP Q 148 90.81 -47.38 -48.10
CA ASP Q 148 90.71 -46.47 -46.98
C ASP Q 148 90.19 -47.18 -45.73
N ARG Q 149 88.98 -47.72 -45.80
CA ARG Q 149 88.38 -48.35 -44.63
C ARG Q 149 88.89 -49.78 -44.47
N ASP Q 150 88.68 -50.33 -43.28
CA ASP Q 150 89.10 -51.69 -42.94
C ASP Q 150 88.07 -52.66 -43.51
N TYR Q 151 88.26 -53.03 -44.78
CA TYR Q 151 87.33 -53.92 -45.44
C TYR Q 151 87.45 -55.33 -44.86
N ASN Q 152 86.31 -55.95 -44.59
CA ASN Q 152 86.29 -57.32 -44.08
C ASN Q 152 86.47 -58.30 -45.23
N PHE Q 153 87.18 -59.40 -44.96
CA PHE Q 153 87.54 -60.32 -46.04
C PHE Q 153 86.30 -61.02 -46.61
N TYR Q 154 85.48 -61.59 -45.75
CA TYR Q 154 84.26 -62.28 -46.19
C TYR Q 154 83.33 -62.56 -45.02
N ALA R 6 39.40 -80.80 -11.44
CA ALA R 6 40.20 -79.68 -11.94
C ALA R 6 40.70 -79.97 -13.34
N ASN R 7 39.86 -80.60 -14.16
CA ASN R 7 40.28 -80.98 -15.50
C ASN R 7 39.42 -80.29 -16.57
N VAL R 8 38.10 -80.46 -16.50
CA VAL R 8 37.19 -80.05 -17.56
C VAL R 8 36.43 -78.81 -17.10
N VAL R 9 36.44 -77.77 -17.94
CA VAL R 9 35.69 -76.55 -17.66
C VAL R 9 34.19 -76.84 -17.66
N VAL R 10 33.48 -76.23 -16.72
CA VAL R 10 32.03 -76.39 -16.67
C VAL R 10 31.40 -75.58 -17.79
N SER R 11 30.54 -76.23 -18.58
CA SER R 11 29.93 -75.58 -19.72
C SER R 11 28.58 -76.24 -20.01
N ASN R 12 27.74 -75.51 -20.73
CA ASN R 12 26.43 -76.03 -21.12
C ASN R 12 26.58 -76.94 -22.33
N PRO R 13 26.22 -78.21 -22.23
CA PRO R 13 26.39 -79.12 -23.38
C PRO R 13 25.16 -79.19 -24.27
N ARG R 14 24.07 -78.52 -23.88
CA ARG R 14 22.87 -78.53 -24.70
C ARG R 14 23.11 -77.75 -25.98
N PRO R 15 22.66 -78.28 -27.12
CA PRO R 15 22.86 -77.59 -28.40
C PRO R 15 21.87 -76.44 -28.57
N ILE R 16 22.37 -75.30 -29.02
CA ILE R 16 21.56 -74.13 -29.33
C ILE R 16 21.78 -73.79 -30.79
N PHE R 17 20.69 -73.70 -31.55
CA PHE R 17 20.76 -73.47 -32.99
C PHE R 17 20.30 -72.04 -33.29
N THR R 18 21.19 -71.27 -33.90
CA THR R 18 20.93 -69.87 -34.21
C THR R 18 21.13 -69.64 -35.70
N GLU R 19 20.59 -68.52 -36.19
CA GLU R 19 20.70 -68.20 -37.60
C GLU R 19 22.12 -67.82 -37.98
N SER R 20 22.42 -67.92 -39.27
CA SER R 20 23.77 -67.70 -39.76
C SER R 20 24.11 -66.21 -39.83
N ARG R 21 23.15 -65.38 -40.25
CA ARG R 21 23.42 -63.97 -40.53
C ARG R 21 22.76 -63.03 -39.53
N SER R 22 22.16 -63.54 -38.46
CA SER R 22 21.50 -62.70 -37.49
C SER R 22 21.41 -63.42 -36.16
N PHE R 23 21.12 -62.65 -35.11
CA PHE R 23 21.00 -63.19 -33.76
C PHE R 23 19.53 -63.57 -33.52
N LYS R 24 19.15 -64.74 -34.03
CA LYS R 24 17.80 -65.26 -33.84
C LYS R 24 17.91 -66.74 -33.47
N ALA R 25 16.79 -67.31 -33.05
CA ALA R 25 16.77 -68.65 -32.45
C ALA R 25 16.29 -69.73 -33.41
N VAL R 26 16.07 -69.40 -34.69
CA VAL R 26 15.56 -70.34 -35.68
C VAL R 26 14.28 -70.95 -35.13
N ALA R 27 13.29 -70.10 -34.86
CA ALA R 27 12.04 -70.56 -34.28
C ALA R 27 11.33 -71.52 -35.22
N ASN R 28 10.89 -72.65 -34.68
CA ASN R 28 10.14 -73.66 -35.42
C ASN R 28 10.88 -74.16 -36.66
N GLY R 29 12.20 -74.29 -36.55
CA GLY R 29 12.98 -74.80 -37.66
C GLY R 29 12.90 -76.32 -37.77
N LYS R 30 13.52 -76.83 -38.83
CA LYS R 30 13.55 -78.26 -39.09
C LYS R 30 14.96 -78.72 -39.36
N ILE R 31 15.36 -79.81 -38.71
CA ILE R 31 16.68 -80.41 -38.87
C ILE R 31 16.53 -81.77 -39.52
N TYR R 32 17.27 -82.00 -40.60
CA TYR R 32 17.25 -83.27 -41.32
C TYR R 32 18.58 -83.99 -41.12
N ILE R 33 18.51 -85.23 -40.65
CA ILE R 33 19.70 -86.06 -40.45
C ILE R 33 19.72 -87.08 -41.58
N GLY R 34 20.69 -86.97 -42.48
CA GLY R 34 20.78 -87.83 -43.65
C GLY R 34 22.01 -88.70 -43.62
N GLN R 35 22.39 -89.19 -44.80
CA GLN R 35 23.53 -90.07 -44.95
C GLN R 35 24.78 -89.24 -45.25
N ILE R 36 25.93 -89.90 -45.21
CA ILE R 36 27.21 -89.19 -45.28
C ILE R 36 27.38 -88.53 -46.65
N ASP R 37 27.76 -87.25 -46.63
CA ASP R 37 28.11 -86.50 -47.84
C ASP R 37 27.00 -86.53 -48.88
N THR R 38 25.76 -86.39 -48.42
CA THR R 38 24.60 -86.39 -49.31
C THR R 38 23.59 -85.37 -48.81
N ASP R 39 22.65 -85.03 -49.68
CA ASP R 39 21.60 -84.07 -49.34
C ASP R 39 20.44 -84.79 -48.65
N PRO R 40 20.11 -84.44 -47.42
CA PRO R 40 19.04 -85.15 -46.69
C PRO R 40 17.62 -84.66 -46.96
N VAL R 41 17.43 -83.75 -47.93
CA VAL R 41 16.08 -83.23 -48.18
C VAL R 41 15.19 -84.30 -48.78
N ASN R 42 15.69 -85.05 -49.76
CA ASN R 42 14.90 -86.12 -50.35
C ASN R 42 14.64 -87.20 -49.32
N PRO R 43 13.49 -87.89 -49.38
CA PRO R 43 13.14 -88.79 -48.26
C PRO R 43 13.81 -90.15 -48.34
N ALA R 44 14.35 -90.53 -49.50
CA ALA R 44 14.94 -91.85 -49.64
C ALA R 44 16.31 -91.93 -48.98
N ASN R 45 17.07 -90.84 -49.01
CA ASN R 45 18.48 -90.86 -48.63
C ASN R 45 18.69 -90.29 -47.22
N GLN R 46 18.37 -91.11 -46.22
CA GLN R 46 18.55 -90.72 -44.82
C GLN R 46 18.87 -91.94 -43.98
N ILE R 47 19.05 -91.71 -42.69
CA ILE R 47 19.35 -92.77 -41.72
C ILE R 47 18.41 -92.62 -40.54
N PRO R 48 18.11 -93.70 -39.80
CA PRO R 48 17.24 -93.58 -38.64
C PRO R 48 17.89 -92.78 -37.52
N VAL R 49 17.05 -92.15 -36.70
CA VAL R 49 17.48 -91.38 -35.55
C VAL R 49 16.84 -91.96 -34.30
N TYR R 50 17.47 -91.75 -33.15
CA TYR R 50 17.03 -92.36 -31.90
C TYR R 50 17.11 -91.36 -30.75
N ILE R 51 16.08 -91.35 -29.91
CA ILE R 51 16.14 -90.59 -28.66
C ILE R 51 16.91 -91.38 -27.62
N GLU R 52 17.67 -90.67 -26.78
CA GLU R 52 18.38 -91.29 -25.67
C GLU R 52 17.96 -90.59 -24.38
N ASN R 53 17.07 -91.24 -23.62
CA ASN R 53 16.67 -90.70 -22.34
C ASN R 53 17.81 -90.83 -21.33
N GLU R 54 17.61 -90.22 -20.16
CA GLU R 54 18.66 -90.23 -19.14
C GLU R 54 18.94 -91.63 -18.63
N ASP R 55 17.91 -92.46 -18.47
CA ASP R 55 18.12 -93.83 -18.00
C ASP R 55 18.92 -94.66 -19.00
N GLY R 56 18.61 -94.52 -20.29
CA GLY R 56 19.34 -95.23 -21.32
C GLY R 56 18.47 -95.86 -22.40
N SER R 57 17.15 -95.72 -22.36
CA SER R 57 16.30 -96.33 -23.38
C SER R 57 16.38 -95.54 -24.69
N HIS R 58 16.02 -96.21 -25.78
CA HIS R 58 16.06 -95.62 -27.11
C HIS R 58 14.68 -95.75 -27.76
N VAL R 59 14.26 -94.70 -28.47
CA VAL R 59 12.97 -94.65 -29.13
C VAL R 59 13.17 -94.19 -30.57
N GLN R 60 12.53 -94.89 -31.51
CA GLN R 60 12.55 -94.49 -32.90
C GLN R 60 11.78 -93.18 -33.09
N ILE R 61 12.27 -92.34 -34.01
CA ILE R 61 11.75 -91.00 -34.19
C ILE R 61 11.65 -90.67 -35.67
N THR R 62 10.56 -89.97 -36.02
CA THR R 62 10.35 -89.54 -37.39
C THR R 62 11.43 -88.54 -37.81
N GLN R 63 11.75 -88.56 -39.10
CA GLN R 63 12.87 -87.84 -39.68
C GLN R 63 12.83 -86.33 -39.48
N PRO R 64 11.70 -85.63 -39.76
CA PRO R 64 11.72 -84.17 -39.67
C PRO R 64 11.80 -83.65 -38.25
N LEU R 65 13.02 -83.61 -37.69
CA LEU R 65 13.22 -83.08 -36.35
C LEU R 65 12.86 -81.60 -36.31
N ILE R 66 12.13 -81.21 -35.27
CA ILE R 66 11.65 -79.83 -35.13
C ILE R 66 12.48 -79.12 -34.08
N ILE R 67 12.41 -77.80 -34.09
CA ILE R 67 13.16 -76.93 -33.18
C ILE R 67 12.19 -76.08 -32.38
N ASN R 68 12.45 -75.95 -31.09
CA ASN R 68 11.61 -75.17 -30.20
C ASN R 68 11.83 -73.68 -30.48
N ALA R 69 11.17 -72.83 -29.68
CA ALA R 69 11.34 -71.39 -29.84
C ALA R 69 12.70 -70.93 -29.30
N ALA R 70 13.23 -71.65 -28.30
CA ALA R 70 14.55 -71.32 -27.77
C ALA R 70 15.65 -71.62 -28.78
N GLY R 71 15.48 -72.67 -29.57
CA GLY R 71 16.50 -73.07 -30.51
C GLY R 71 17.01 -74.46 -30.23
N LYS R 72 16.33 -75.19 -29.36
CA LYS R 72 16.72 -76.53 -28.97
C LYS R 72 15.72 -77.55 -29.49
N ILE R 73 16.22 -78.73 -29.86
CA ILE R 73 15.35 -79.78 -30.39
C ILE R 73 14.38 -80.24 -29.30
N VAL R 74 13.12 -80.38 -29.68
CA VAL R 74 12.06 -80.75 -28.74
C VAL R 74 11.18 -81.82 -29.37
N TYR R 75 10.82 -82.83 -28.58
CA TYR R 75 9.82 -83.82 -28.95
C TYR R 75 8.67 -83.76 -27.95
N ASN R 76 7.45 -83.72 -28.47
CA ASN R 76 6.25 -83.47 -27.65
C ASN R 76 6.46 -82.13 -26.96
N GLY R 77 6.50 -82.08 -25.63
CA GLY R 77 6.73 -80.84 -24.92
C GLY R 77 8.01 -80.77 -24.10
N GLN R 78 8.93 -81.71 -24.26
CA GLN R 78 10.14 -81.76 -23.45
C GLN R 78 11.37 -81.81 -24.34
N LEU R 79 12.44 -81.17 -23.86
CA LEU R 79 13.72 -81.22 -24.56
C LEU R 79 14.28 -82.63 -24.54
N VAL R 80 14.97 -83.00 -25.62
CA VAL R 80 15.42 -84.37 -25.83
C VAL R 80 16.85 -84.38 -26.35
N LYS R 81 17.43 -85.57 -26.40
CA LYS R 81 18.76 -85.82 -26.94
C LYS R 81 18.64 -86.87 -28.03
N ILE R 82 19.23 -86.60 -29.20
CA ILE R 82 19.04 -87.42 -30.39
C ILE R 82 20.37 -88.03 -30.76
N VAL R 83 20.39 -89.35 -30.98
CA VAL R 83 21.60 -90.12 -31.27
C VAL R 83 21.36 -90.95 -32.52
N THR R 84 22.33 -90.96 -33.42
CA THR R 84 22.31 -91.79 -34.61
C THR R 84 23.47 -92.76 -34.58
N VAL R 85 23.34 -93.87 -35.33
CA VAL R 85 24.32 -94.94 -35.24
C VAL R 85 25.45 -94.74 -36.25
N GLN R 86 25.13 -94.26 -37.46
CA GLN R 86 26.13 -94.02 -38.47
C GLN R 86 26.54 -92.54 -38.47
N GLY R 87 27.58 -92.23 -39.24
CA GLY R 87 27.89 -90.84 -39.50
C GLY R 87 26.84 -90.20 -40.39
N HIS R 88 26.58 -88.92 -40.16
CA HIS R 88 25.45 -88.26 -40.79
C HIS R 88 25.84 -86.85 -41.24
N SER R 89 25.05 -86.32 -42.16
CA SER R 89 25.14 -84.95 -42.62
C SER R 89 23.84 -84.24 -42.30
N MET R 90 23.93 -83.11 -41.62
CA MET R 90 22.77 -82.38 -41.14
C MET R 90 22.53 -81.15 -41.99
N ALA R 91 21.26 -80.74 -42.09
CA ALA R 91 20.86 -79.55 -42.83
C ALA R 91 19.76 -78.85 -42.05
N ILE R 92 20.05 -77.64 -41.58
CA ILE R 92 19.13 -76.87 -40.76
C ILE R 92 18.36 -75.89 -41.64
N TYR R 93 17.04 -75.94 -41.58
CA TYR R 93 16.18 -75.05 -42.35
C TYR R 93 15.32 -74.21 -41.42
N ASP R 94 15.03 -72.99 -41.88
CA ASP R 94 14.16 -72.08 -41.17
C ASP R 94 12.69 -72.45 -41.41
N ALA R 95 11.79 -71.70 -40.78
CA ALA R 95 10.37 -71.97 -40.95
C ALA R 95 9.92 -71.67 -42.37
N ASN R 96 10.55 -70.70 -43.03
CA ASN R 96 10.16 -70.31 -44.38
C ASN R 96 10.77 -71.19 -45.46
N GLY R 97 11.61 -72.16 -45.09
CA GLY R 97 12.18 -73.08 -46.06
C GLY R 97 13.59 -72.76 -46.51
N SER R 98 14.16 -71.65 -46.04
CA SER R 98 15.52 -71.29 -46.43
C SER R 98 16.53 -72.22 -45.78
N GLN R 99 17.77 -72.16 -46.26
CA GLN R 99 18.86 -72.95 -45.73
C GLN R 99 19.64 -72.13 -44.72
N VAL R 100 19.78 -72.65 -43.51
CA VAL R 100 20.54 -71.94 -42.47
C VAL R 100 21.99 -72.40 -42.46
N ASP R 101 22.23 -73.70 -42.47
CA ASP R 101 23.58 -74.24 -42.47
C ASP R 101 23.55 -75.66 -42.99
N TYR R 102 24.66 -76.07 -43.61
CA TYR R 102 24.83 -77.43 -44.11
C TYR R 102 26.20 -77.93 -43.67
N ILE R 103 26.23 -79.14 -43.13
CA ILE R 103 27.46 -79.80 -42.70
C ILE R 103 27.52 -81.14 -43.42
N ALA R 104 28.52 -81.30 -44.29
CA ALA R 104 28.67 -82.56 -45.03
C ALA R 104 29.05 -83.69 -44.09
N ASN R 105 29.86 -83.40 -43.09
CA ASN R 105 30.33 -84.40 -42.12
C ASN R 105 30.39 -83.76 -40.74
N VAL R 106 29.44 -84.12 -39.87
CA VAL R 106 29.55 -83.73 -38.47
C VAL R 106 30.79 -84.37 -37.86
N LEU R 107 31.10 -85.60 -38.26
CA LEU R 107 32.37 -86.25 -37.99
C LEU R 107 33.00 -86.62 -39.32
N LYS R 108 34.30 -86.35 -39.48
CA LYS R 108 34.94 -86.54 -40.77
C LYS R 108 34.98 -88.01 -41.16
N TYR R 109 34.99 -88.90 -40.17
CA TYR R 109 35.00 -90.33 -40.44
C TYR R 109 33.63 -90.95 -40.15
N ASP R 110 33.47 -92.21 -40.56
CA ASP R 110 32.23 -92.94 -40.36
C ASP R 110 32.41 -93.89 -39.18
N PRO R 111 31.70 -93.70 -38.06
CA PRO R 111 31.96 -94.52 -36.88
C PRO R 111 31.75 -96.02 -37.09
N ASP R 112 30.78 -96.43 -37.91
CA ASP R 112 30.43 -97.84 -37.99
C ASP R 112 31.47 -98.63 -38.77
N GLN R 113 31.72 -98.22 -40.02
CA GLN R 113 32.69 -98.93 -40.85
C GLN R 113 34.09 -98.85 -40.24
N TYR R 114 34.46 -97.68 -39.71
CA TYR R 114 35.77 -97.56 -39.08
C TYR R 114 35.84 -98.40 -37.81
N SER R 115 34.72 -98.53 -37.09
CA SER R 115 34.69 -99.40 -35.92
C SER R 115 34.94 -100.85 -36.31
N ILE R 116 34.29 -101.30 -37.38
CA ILE R 116 34.51 -102.67 -37.85
C ILE R 116 35.96 -102.86 -38.29
N GLU R 117 36.51 -101.89 -39.02
CA GLU R 117 37.89 -102.00 -39.48
C GLU R 117 38.87 -102.04 -38.30
N ALA R 118 38.66 -101.18 -37.31
CA ALA R 118 39.55 -101.14 -36.15
C ALA R 118 39.43 -102.41 -35.33
N ASP R 119 38.22 -102.97 -35.24
CA ASP R 119 38.07 -104.27 -34.61
C ASP R 119 38.85 -105.34 -35.35
N LYS R 120 38.86 -105.26 -36.69
CA LYS R 120 39.59 -106.24 -37.48
C LYS R 120 41.10 -106.12 -37.32
N LYS R 121 41.62 -104.89 -37.28
CA LYS R 121 43.05 -104.65 -37.44
C LYS R 121 43.74 -104.15 -36.17
N PHE R 122 43.19 -104.41 -34.99
CA PHE R 122 43.83 -103.97 -33.74
C PHE R 122 43.73 -105.08 -32.70
N LYS R 123 44.66 -105.04 -31.74
CA LYS R 123 44.67 -106.02 -30.66
C LYS R 123 43.68 -105.62 -29.58
N TYR R 124 43.20 -106.62 -28.83
CA TYR R 124 42.02 -106.47 -27.96
C TYR R 124 42.39 -106.43 -26.48
N SER R 125 43.61 -106.06 -26.12
CA SER R 125 44.00 -106.10 -24.72
C SER R 125 43.44 -104.89 -23.98
N VAL R 126 43.19 -105.07 -22.68
CA VAL R 126 42.54 -104.06 -21.86
C VAL R 126 43.47 -103.72 -20.69
N LYS R 127 43.21 -102.58 -20.06
CA LYS R 127 43.98 -102.09 -18.94
C LYS R 127 43.12 -102.04 -17.68
N LEU R 128 43.78 -101.97 -16.52
CA LEU R 128 43.09 -101.98 -15.23
C LEU R 128 42.67 -100.57 -14.82
N SER R 129 43.27 -99.54 -15.40
CA SER R 129 43.05 -98.18 -14.93
C SER R 129 41.59 -97.78 -15.02
N ASP R 130 40.91 -98.17 -16.11
CA ASP R 130 39.54 -97.75 -16.32
C ASP R 130 38.57 -98.51 -15.42
N TYR R 131 38.94 -99.72 -15.01
CA TYR R 131 38.03 -100.59 -14.26
C TYR R 131 38.36 -100.55 -12.78
N PRO R 132 37.42 -100.17 -11.90
CA PRO R 132 37.69 -100.11 -10.46
C PRO R 132 38.36 -101.35 -9.88
N THR R 133 37.74 -102.51 -10.05
CA THR R 133 38.27 -103.73 -9.44
C THR R 133 38.96 -104.60 -10.49
N LEU R 134 39.90 -105.42 -10.00
CA LEU R 134 40.65 -106.30 -10.90
C LEU R 134 39.74 -107.37 -11.50
N GLN R 135 38.81 -107.91 -10.70
CA GLN R 135 37.91 -108.93 -11.21
C GLN R 135 37.01 -108.39 -12.32
N ASP R 136 36.50 -107.16 -12.15
CA ASP R 136 35.69 -106.55 -13.20
C ASP R 136 36.49 -106.33 -14.47
N ALA R 137 37.75 -105.90 -14.33
CA ALA R 137 38.60 -105.72 -15.50
C ALA R 137 38.84 -107.04 -16.21
N ALA R 138 39.18 -108.09 -15.46
CA ALA R 138 39.48 -109.37 -16.08
C ALA R 138 38.24 -110.02 -16.68
N SER R 139 37.06 -109.67 -16.16
CA SER R 139 35.82 -110.23 -16.68
C SER R 139 35.60 -109.84 -18.15
N ALA R 140 35.86 -108.58 -18.49
CA ALA R 140 35.64 -108.07 -19.83
C ALA R 140 36.93 -107.95 -20.63
N ALA R 141 38.05 -108.46 -20.11
CA ALA R 141 39.32 -108.37 -20.79
C ALA R 141 39.62 -109.66 -21.54
N VAL R 142 40.09 -109.50 -22.78
CA VAL R 142 40.48 -110.63 -23.63
C VAL R 142 41.82 -110.31 -24.26
N ASP R 143 42.59 -111.37 -24.54
CA ASP R 143 43.81 -111.29 -25.33
C ASP R 143 44.92 -110.52 -24.63
N GLY R 144 44.67 -110.00 -23.43
CA GLY R 144 45.70 -109.32 -22.69
C GLY R 144 45.15 -108.48 -21.55
N LEU R 145 46.06 -108.08 -20.66
CA LEU R 145 45.76 -107.18 -19.57
C LEU R 145 47.05 -106.50 -19.13
N LEU R 146 46.93 -105.34 -18.49
CA LEU R 146 48.07 -104.46 -18.30
C LEU R 146 48.53 -104.24 -16.87
N ILE R 147 47.62 -104.28 -15.89
CA ILE R 147 47.93 -103.91 -14.51
C ILE R 147 48.58 -102.52 -14.51
N ASP R 148 47.78 -101.48 -14.77
CA ASP R 148 48.33 -100.14 -14.86
C ASP R 148 48.53 -99.53 -13.47
N ARG R 149 47.44 -99.35 -12.73
CA ARG R 149 47.51 -98.71 -11.42
C ARG R 149 47.96 -99.71 -10.36
N ASP R 150 48.40 -99.17 -9.22
CA ASP R 150 48.85 -99.98 -8.08
C ASP R 150 47.61 -100.49 -7.34
N TYR R 151 47.03 -101.55 -7.85
CA TYR R 151 45.83 -102.13 -7.25
C TYR R 151 46.15 -102.71 -5.87
N ASN R 152 45.29 -102.41 -4.90
CA ASN R 152 45.45 -102.93 -3.55
C ASN R 152 44.93 -104.35 -3.49
N PHE R 153 45.59 -105.19 -2.67
CA PHE R 153 45.26 -106.61 -2.65
C PHE R 153 43.87 -106.86 -2.07
N TYR R 154 43.58 -106.26 -0.92
CA TYR R 154 42.27 -106.43 -0.29
C TYR R 154 42.07 -105.41 0.83
N ALA S 6 22.12 -74.98 46.38
CA ALA S 6 22.23 -74.77 44.95
C ALA S 6 21.96 -76.06 44.20
N ASN S 7 20.78 -76.65 44.42
CA ASN S 7 20.46 -77.92 43.79
C ASN S 7 19.28 -77.81 42.84
N VAL S 8 18.16 -77.27 43.30
CA VAL S 8 16.89 -77.31 42.56
C VAL S 8 16.52 -75.89 42.15
N VAL S 9 16.18 -75.72 40.87
CA VAL S 9 15.75 -74.43 40.36
C VAL S 9 14.47 -73.99 41.06
N VAL S 10 14.39 -72.69 41.35
CA VAL S 10 13.17 -72.13 41.92
C VAL S 10 12.09 -72.10 40.86
N SER S 11 10.92 -72.65 41.17
CA SER S 11 9.84 -72.72 40.20
C SER S 11 8.50 -72.70 40.93
N ASN S 12 7.46 -72.33 40.19
CA ASN S 12 6.11 -72.32 40.75
C ASN S 12 5.56 -73.73 40.81
N PRO S 13 5.20 -74.24 41.98
CA PRO S 13 4.68 -75.60 42.07
C PRO S 13 3.16 -75.67 41.98
N ARG S 14 2.50 -74.51 41.97
CA ARG S 14 1.05 -74.48 41.88
C ARG S 14 0.61 -74.99 40.50
N PRO S 15 -0.40 -75.86 40.46
CA PRO S 15 -0.90 -76.37 39.18
C PRO S 15 -1.77 -75.35 38.47
N ILE S 16 -1.45 -75.07 37.21
CA ILE S 16 -2.22 -74.17 36.37
C ILE S 16 -2.79 -74.98 35.22
N PHE S 17 -4.10 -74.94 35.05
CA PHE S 17 -4.79 -75.73 34.05
C PHE S 17 -5.24 -74.83 32.91
N THR S 18 -4.79 -75.13 31.69
CA THR S 18 -5.13 -74.35 30.52
C THR S 18 -5.70 -75.28 29.45
N GLU S 19 -6.32 -74.68 28.44
CA GLU S 19 -6.91 -75.46 27.35
C GLU S 19 -5.83 -76.07 26.47
N SER S 20 -6.23 -77.08 25.69
CA SER S 20 -5.25 -77.82 24.92
C SER S 20 -5.00 -77.18 23.56
N ARG S 21 -6.03 -76.59 22.95
CA ARG S 21 -5.92 -76.05 21.60
C ARG S 21 -5.97 -74.53 21.56
N SER S 22 -5.91 -73.86 22.71
CA SER S 22 -5.93 -72.41 22.76
C SER S 22 -5.33 -71.95 24.07
N PHE S 23 -4.96 -70.66 24.13
CA PHE S 23 -4.37 -70.07 25.33
C PHE S 23 -5.49 -69.46 26.16
N LYS S 24 -6.22 -70.32 26.87
CA LYS S 24 -7.29 -69.89 27.76
C LYS S 24 -7.10 -70.56 29.11
N ALA S 25 -7.87 -70.12 30.10
CA ALA S 25 -7.68 -70.55 31.48
C ALA S 25 -8.71 -71.57 31.92
N VAL S 26 -9.49 -72.14 31.00
CA VAL S 26 -10.53 -73.14 31.26
C VAL S 26 -11.31 -72.78 32.52
N ALA S 27 -11.72 -71.51 32.62
CA ALA S 27 -12.35 -71.01 33.83
C ALA S 27 -13.66 -71.75 34.12
N ASN S 28 -13.92 -71.94 35.41
CA ASN S 28 -15.13 -72.63 35.89
C ASN S 28 -15.21 -74.06 35.38
N GLY S 29 -14.07 -74.68 35.12
CA GLY S 29 -14.05 -76.07 34.72
C GLY S 29 -14.21 -77.01 35.88
N LYS S 30 -14.32 -78.30 35.57
CA LYS S 30 -14.48 -79.34 36.57
C LYS S 30 -13.44 -80.42 36.36
N ILE S 31 -12.88 -80.92 37.46
CA ILE S 31 -11.90 -82.00 37.45
C ILE S 31 -12.47 -83.18 38.21
N TYR S 32 -12.45 -84.35 37.59
CA TYR S 32 -12.90 -85.58 38.21
C TYR S 32 -11.71 -86.49 38.47
N ILE S 33 -11.53 -86.87 39.72
CA ILE S 33 -10.45 -87.76 40.14
C ILE S 33 -11.05 -89.14 40.37
N GLY S 34 -10.85 -90.03 39.41
CA GLY S 34 -11.45 -91.35 39.44
C GLY S 34 -10.45 -92.44 39.76
N GLN S 35 -10.81 -93.68 39.43
CA GLN S 35 -9.97 -94.84 39.69
C GLN S 35 -8.97 -95.02 38.56
N ILE S 36 -8.01 -95.93 38.79
CA ILE S 36 -6.92 -96.12 37.85
C ILE S 36 -7.44 -96.72 36.54
N ASP S 37 -7.02 -96.13 35.43
CA ASP S 37 -7.30 -96.66 34.08
C ASP S 37 -8.79 -96.86 33.84
N THR S 38 -9.60 -95.92 34.32
CA THR S 38 -11.05 -96.01 34.18
C THR S 38 -11.61 -94.63 33.90
N ASP S 39 -12.87 -94.60 33.46
CA ASP S 39 -13.56 -93.34 33.18
C ASP S 39 -14.12 -92.76 34.48
N PRO S 40 -13.73 -91.56 34.86
CA PRO S 40 -14.16 -90.99 36.15
C PRO S 40 -15.48 -90.23 36.14
N VAL S 41 -16.18 -90.15 35.00
CA VAL S 41 -17.41 -89.37 34.96
C VAL S 41 -18.52 -90.06 35.74
N ASN S 42 -18.67 -91.37 35.57
CA ASN S 42 -19.76 -92.08 36.24
C ASN S 42 -19.61 -92.03 37.76
N PRO S 43 -20.70 -91.80 38.51
CA PRO S 43 -20.53 -91.50 39.94
C PRO S 43 -20.10 -92.70 40.78
N ALA S 44 -20.22 -93.92 40.26
CA ALA S 44 -19.85 -95.09 41.04
C ALA S 44 -18.33 -95.27 41.08
N ASN S 45 -17.65 -94.99 39.97
CA ASN S 45 -16.25 -95.37 39.80
C ASN S 45 -15.31 -94.17 40.05
N GLN S 46 -15.10 -93.84 41.31
CA GLN S 46 -14.12 -92.85 41.70
C GLN S 46 -13.46 -93.23 43.02
N ILE S 47 -12.56 -92.36 43.48
CA ILE S 47 -11.85 -92.53 44.73
C ILE S 47 -11.99 -91.24 45.54
N PRO S 48 -11.89 -91.29 46.87
CA PRO S 48 -12.02 -90.06 47.66
C PRO S 48 -10.87 -89.11 47.43
N VAL S 49 -11.12 -87.82 47.66
CA VAL S 49 -10.11 -86.78 47.53
C VAL S 49 -10.04 -86.02 48.85
N TYR S 50 -8.85 -85.49 49.17
CA TYR S 50 -8.56 -84.92 50.48
C TYR S 50 -7.83 -83.60 50.34
N ILE S 51 -8.17 -82.65 51.22
CA ILE S 51 -7.40 -81.43 51.35
C ILE S 51 -6.16 -81.70 52.19
N GLU S 52 -5.07 -80.98 51.91
CA GLU S 52 -3.91 -80.96 52.78
C GLU S 52 -3.52 -79.51 53.04
N ASN S 53 -3.94 -78.99 54.18
CA ASN S 53 -3.57 -77.63 54.57
C ASN S 53 -2.07 -77.55 54.87
N GLU S 54 -1.61 -76.31 55.10
CA GLU S 54 -0.20 -76.11 55.39
C GLU S 54 0.22 -76.78 56.70
N ASP S 55 -0.64 -76.73 57.72
CA ASP S 55 -0.31 -77.36 59.00
C ASP S 55 -0.27 -78.87 58.88
N GLY S 56 -1.22 -79.46 58.14
CA GLY S 56 -1.26 -80.89 57.93
C GLY S 56 -2.63 -81.54 58.06
N SER S 57 -3.70 -80.79 58.30
CA SER S 57 -5.02 -81.38 58.44
C SER S 57 -5.56 -81.83 57.09
N HIS S 58 -6.50 -82.76 57.13
CA HIS S 58 -7.12 -83.32 55.94
C HIS S 58 -8.64 -83.19 56.02
N VAL S 59 -9.27 -82.82 54.92
CA VAL S 59 -10.71 -82.59 54.85
C VAL S 59 -11.27 -83.24 53.59
N GLN S 60 -12.44 -83.87 53.73
CA GLN S 60 -13.12 -84.47 52.60
C GLN S 60 -13.63 -83.40 51.64
N ILE S 61 -13.65 -83.75 50.35
CA ILE S 61 -14.21 -82.89 49.31
C ILE S 61 -15.11 -83.74 48.41
N THR S 62 -16.20 -83.14 47.94
CA THR S 62 -17.08 -83.78 46.99
C THR S 62 -16.35 -83.97 45.65
N GLN S 63 -16.83 -84.94 44.88
CA GLN S 63 -16.19 -85.39 43.66
C GLN S 63 -15.95 -84.29 42.62
N PRO S 64 -16.96 -83.43 42.31
CA PRO S 64 -16.72 -82.43 41.25
C PRO S 64 -15.84 -81.27 41.69
N LEU S 65 -14.52 -81.46 41.61
CA LEU S 65 -13.60 -80.37 41.92
C LEU S 65 -13.82 -79.20 40.96
N ILE S 66 -13.75 -77.99 41.50
CA ILE S 66 -14.07 -76.78 40.75
C ILE S 66 -12.79 -76.00 40.47
N ILE S 67 -12.71 -75.44 39.26
CA ILE S 67 -11.55 -74.67 38.82
C ILE S 67 -11.91 -73.19 38.88
N ASN S 68 -10.98 -72.38 39.41
CA ASN S 68 -11.18 -70.94 39.52
C ASN S 68 -11.08 -70.31 38.13
N ALA S 69 -11.18 -68.98 38.09
CA ALA S 69 -11.06 -68.27 36.82
C ALA S 69 -9.62 -68.23 36.34
N ALA S 70 -8.66 -68.29 37.26
CA ALA S 70 -7.25 -68.30 36.87
C ALA S 70 -6.87 -69.62 36.24
N GLY S 71 -7.49 -70.71 36.67
CA GLY S 71 -7.14 -72.02 36.18
C GLY S 71 -6.61 -72.92 37.27
N LYS S 72 -6.76 -72.48 38.52
CA LYS S 72 -6.27 -73.22 39.67
C LYS S 72 -7.45 -73.77 40.47
N ILE S 73 -7.26 -74.96 41.06
CA ILE S 73 -8.32 -75.57 41.84
C ILE S 73 -8.62 -74.74 43.07
N VAL S 74 -9.91 -74.47 43.30
CA VAL S 74 -10.34 -73.63 44.41
C VAL S 74 -11.48 -74.33 45.14
N TYR S 75 -11.42 -74.32 46.47
CA TYR S 75 -12.50 -74.78 47.33
C TYR S 75 -12.98 -73.63 48.19
N ASN S 76 -14.30 -73.46 48.28
CA ASN S 76 -14.92 -72.33 48.97
C ASN S 76 -14.40 -71.07 48.29
N GLY S 77 -13.67 -70.19 48.98
CA GLY S 77 -13.12 -68.99 48.37
C GLY S 77 -11.62 -68.89 48.36
N GLN S 78 -10.89 -69.95 48.72
CA GLN S 78 -9.45 -69.91 48.82
C GLN S 78 -8.81 -71.03 48.01
N LEU S 79 -7.59 -70.79 47.53
CA LEU S 79 -6.85 -71.80 46.81
C LEU S 79 -6.53 -72.97 47.74
N VAL S 80 -6.57 -74.18 47.18
CA VAL S 80 -6.47 -75.41 47.96
C VAL S 80 -5.54 -76.38 47.25
N LYS S 81 -4.99 -77.32 48.03
CA LYS S 81 -4.17 -78.41 47.54
C LYS S 81 -4.89 -79.72 47.83
N ILE S 82 -5.03 -80.56 46.82
CA ILE S 82 -5.86 -81.76 46.89
C ILE S 82 -4.96 -82.98 46.76
N VAL S 83 -5.11 -83.93 47.68
CA VAL S 83 -4.27 -85.12 47.75
C VAL S 83 -5.18 -86.35 47.80
N THR S 84 -4.84 -87.37 47.02
CA THR S 84 -5.54 -88.64 47.04
C THR S 84 -4.60 -89.74 47.50
N VAL S 85 -5.18 -90.83 48.02
CA VAL S 85 -4.36 -91.87 48.65
C VAL S 85 -3.94 -92.92 47.62
N GLN S 86 -4.83 -93.31 46.72
CA GLN S 86 -4.52 -94.30 45.70
C GLN S 86 -4.07 -93.60 44.42
N GLY S 87 -3.64 -94.41 43.45
CA GLY S 87 -3.43 -93.89 42.10
C GLY S 87 -4.77 -93.56 41.46
N HIS S 88 -4.75 -92.58 40.57
CA HIS S 88 -5.99 -92.02 40.05
C HIS S 88 -5.81 -91.60 38.60
N SER S 89 -6.95 -91.49 37.91
CA SER S 89 -7.03 -90.96 36.55
C SER S 89 -7.89 -89.71 36.58
N MET S 90 -7.36 -88.62 36.02
CA MET S 90 -8.05 -87.33 36.05
C MET S 90 -8.57 -87.00 34.65
N ALA S 91 -9.76 -86.39 34.61
CA ALA S 91 -10.38 -85.95 33.37
C ALA S 91 -10.89 -84.54 33.56
N ILE S 92 -10.26 -83.59 32.88
CA ILE S 92 -10.61 -82.16 32.99
C ILE S 92 -11.68 -81.86 31.95
N TYR S 93 -12.76 -81.21 32.41
CA TYR S 93 -13.87 -80.86 31.54
C TYR S 93 -14.05 -79.35 31.51
N ASP S 94 -14.47 -78.83 30.37
CA ASP S 94 -14.73 -77.41 30.23
C ASP S 94 -16.09 -77.06 30.82
N ALA S 95 -16.40 -75.77 30.84
CA ALA S 95 -17.68 -75.32 31.38
C ALA S 95 -18.84 -75.80 30.50
N ASN S 96 -18.64 -75.86 29.19
CA ASN S 96 -19.68 -76.29 28.26
C ASN S 96 -19.82 -77.81 28.17
N GLY S 97 -18.97 -78.57 28.86
CA GLY S 97 -19.04 -80.01 28.83
C GLY S 97 -18.04 -80.69 27.93
N SER S 98 -17.24 -79.93 27.18
CA SER S 98 -16.23 -80.53 26.32
C SER S 98 -15.07 -81.04 27.16
N GLN S 99 -14.27 -81.93 26.56
CA GLN S 99 -13.15 -82.56 27.23
C GLN S 99 -11.85 -81.87 26.83
N VAL S 100 -11.10 -81.40 27.84
CA VAL S 100 -9.84 -80.72 27.57
C VAL S 100 -8.68 -81.70 27.51
N ASP S 101 -8.61 -82.62 28.47
CA ASP S 101 -7.51 -83.58 28.53
C ASP S 101 -7.97 -84.78 29.36
N TYR S 102 -7.38 -85.93 29.08
CA TYR S 102 -7.63 -87.15 29.83
C TYR S 102 -6.29 -87.84 30.10
N ILE S 103 -6.09 -88.25 31.35
CA ILE S 103 -4.87 -88.94 31.77
C ILE S 103 -5.28 -90.26 32.40
N ALA S 104 -4.90 -91.37 31.77
CA ALA S 104 -5.26 -92.69 32.30
C ALA S 104 -4.51 -92.97 33.60
N ASN S 105 -3.24 -92.57 33.67
CA ASN S 105 -2.40 -92.81 34.83
C ASN S 105 -1.65 -91.52 35.17
N VAL S 106 -2.06 -90.85 36.26
CA VAL S 106 -1.27 -89.74 36.77
C VAL S 106 0.10 -90.24 37.18
N LEU S 107 0.15 -91.36 37.89
CA LEU S 107 1.37 -92.12 38.13
C LEU S 107 1.18 -93.50 37.52
N LYS S 108 2.21 -93.99 36.83
CA LYS S 108 2.07 -95.24 36.10
C LYS S 108 1.81 -96.42 37.03
N TYR S 109 2.27 -96.33 38.27
CA TYR S 109 2.04 -97.37 39.26
C TYR S 109 1.00 -96.92 40.29
N ASP S 110 0.53 -97.89 41.09
CA ASP S 110 -0.44 -97.62 42.14
C ASP S 110 0.28 -97.53 43.47
N PRO S 111 0.31 -96.36 44.12
CA PRO S 111 1.12 -96.23 45.34
C PRO S 111 0.72 -97.18 46.47
N ASP S 112 -0.55 -97.50 46.62
CA ASP S 112 -0.99 -98.26 47.79
C ASP S 112 -0.60 -99.73 47.68
N GLN S 113 -1.02 -100.40 46.60
CA GLN S 113 -0.70 -101.81 46.42
C GLN S 113 0.80 -102.01 46.30
N TYR S 114 1.48 -101.11 45.56
CA TYR S 114 2.93 -101.24 45.45
C TYR S 114 3.62 -100.96 46.78
N SER S 115 3.05 -100.08 47.60
CA SER S 115 3.61 -99.85 48.93
C SER S 115 3.52 -101.11 49.77
N ILE S 116 2.36 -101.79 49.73
CA ILE S 116 2.20 -103.04 50.47
C ILE S 116 3.19 -104.08 49.97
N GLU S 117 3.30 -104.22 48.64
CA GLU S 117 4.20 -105.20 48.06
C GLU S 117 5.65 -104.90 48.43
N ALA S 118 6.04 -103.63 48.40
CA ALA S 118 7.41 -103.24 48.77
C ALA S 118 7.69 -103.52 50.23
N ASP S 119 6.70 -103.25 51.10
CA ASP S 119 6.86 -103.61 52.51
C ASP S 119 7.04 -105.11 52.67
N LYS S 120 6.38 -105.90 51.81
CA LYS S 120 6.53 -107.34 51.89
C LYS S 120 7.92 -107.80 51.43
N LYS S 121 8.42 -107.25 50.32
CA LYS S 121 9.53 -107.85 49.60
C LYS S 121 10.81 -107.02 49.60
N PHE S 122 11.01 -106.14 50.58
CA PHE S 122 12.22 -105.34 50.65
C PHE S 122 12.77 -105.33 52.08
N LYS S 123 14.08 -105.16 52.16
CA LYS S 123 14.76 -105.07 53.46
C LYS S 123 14.50 -103.72 54.11
N TYR S 124 14.48 -103.72 55.44
CA TYR S 124 14.08 -102.54 56.22
C TYR S 124 15.28 -101.78 56.78
N SER S 125 16.40 -101.74 56.06
CA SER S 125 17.56 -101.01 56.57
C SER S 125 17.33 -99.51 56.53
N VAL S 126 17.88 -98.81 57.52
CA VAL S 126 17.74 -97.37 57.66
C VAL S 126 19.14 -96.76 57.75
N LYS S 127 19.24 -95.48 57.38
CA LYS S 127 20.50 -94.76 57.38
C LYS S 127 20.41 -93.57 58.35
N LEU S 128 21.59 -93.07 58.72
CA LEU S 128 21.67 -91.95 59.66
C LEU S 128 21.70 -90.61 58.94
N SER S 129 21.95 -90.62 57.63
CA SER S 129 22.09 -89.37 56.89
C SER S 129 20.80 -88.55 56.94
N ASP S 130 19.65 -89.21 56.84
CA ASP S 130 18.38 -88.50 56.79
C ASP S 130 18.01 -87.92 58.16
N TYR S 131 18.38 -88.63 59.24
CA TYR S 131 17.96 -88.24 60.58
C TYR S 131 19.04 -87.42 61.27
N PRO S 132 18.72 -86.20 61.72
CA PRO S 132 19.74 -85.35 62.39
C PRO S 132 20.52 -86.05 63.49
N THR S 133 19.84 -86.58 64.49
CA THR S 133 20.52 -87.18 65.63
C THR S 133 20.48 -88.70 65.55
N LEU S 134 21.46 -89.34 66.19
CA LEU S 134 21.54 -90.80 66.19
C LEU S 134 20.39 -91.41 66.96
N GLN S 135 20.00 -90.79 68.09
CA GLN S 135 18.91 -91.33 68.88
C GLN S 135 17.59 -91.30 68.11
N ASP S 136 17.33 -90.20 67.39
CA ASP S 136 16.13 -90.12 66.59
C ASP S 136 16.12 -91.17 65.49
N ALA S 137 17.27 -91.39 64.86
CA ALA S 137 17.37 -92.42 63.83
C ALA S 137 17.08 -93.80 64.41
N ALA S 138 17.74 -94.14 65.52
CA ALA S 138 17.56 -95.47 66.11
C ALA S 138 16.15 -95.65 66.65
N SER S 139 15.47 -94.56 66.99
CA SER S 139 14.11 -94.66 67.49
C SER S 139 13.17 -95.24 66.43
N ALA S 140 13.31 -94.80 65.18
CA ALA S 140 12.44 -95.24 64.10
C ALA S 140 13.09 -96.27 63.19
N ALA S 141 14.28 -96.75 63.54
CA ALA S 141 15.00 -97.72 62.71
C ALA S 141 14.80 -99.13 63.26
N VAL S 142 14.56 -100.07 62.34
CA VAL S 142 14.42 -101.48 62.67
C VAL S 142 15.24 -102.30 61.69
N ASP S 143 15.73 -103.45 62.15
CA ASP S 143 16.34 -104.48 61.31
C ASP S 143 17.71 -104.05 60.79
N GLY S 144 18.10 -102.81 61.07
CA GLY S 144 19.42 -102.36 60.63
C GLY S 144 19.61 -100.86 60.76
N LEU S 145 20.87 -100.46 60.69
CA LEU S 145 21.26 -99.06 60.68
C LEU S 145 22.63 -98.97 60.02
N LEU S 146 22.94 -97.80 59.46
CA LEU S 146 24.07 -97.67 58.55
C LEU S 146 25.22 -96.80 59.04
N ILE S 147 24.95 -95.78 59.86
CA ILE S 147 25.98 -94.79 60.23
C ILE S 147 26.62 -94.25 58.97
N ASP S 148 25.87 -93.43 58.22
CA ASP S 148 26.38 -92.90 56.96
C ASP S 148 27.32 -91.72 57.18
N ARG S 149 26.82 -90.64 57.77
CA ARG S 149 27.63 -89.46 57.97
C ARG S 149 28.49 -89.59 59.21
N ASP S 150 29.52 -88.76 59.30
CA ASP S 150 30.45 -88.76 60.43
C ASP S 150 29.78 -88.00 61.57
N TYR S 151 29.08 -88.74 62.43
CA TYR S 151 28.39 -88.13 63.56
C TYR S 151 29.39 -87.61 64.58
N ASN S 152 29.12 -86.43 65.12
CA ASN S 152 29.87 -85.90 66.25
C ASN S 152 29.39 -86.55 67.53
N PHE S 153 30.33 -86.84 68.44
CA PHE S 153 29.97 -87.55 69.66
C PHE S 153 29.10 -86.73 70.58
N TYR S 154 29.50 -85.48 70.84
CA TYR S 154 28.71 -84.59 71.70
C TYR S 154 29.22 -83.15 71.58
N ALA T 6 38.65 -26.07 78.15
CA ALA T 6 38.00 -26.90 77.15
C ALA T 6 37.25 -28.05 77.82
N ASN T 7 36.37 -27.72 78.76
CA ASN T 7 35.65 -28.75 79.49
C ASN T 7 34.16 -28.73 79.18
N VAL T 8 33.51 -27.58 79.35
CA VAL T 8 32.06 -27.47 79.29
C VAL T 8 31.66 -26.84 77.96
N VAL T 9 30.55 -27.30 77.40
CA VAL T 9 30.00 -26.69 76.20
C VAL T 9 29.36 -25.36 76.55
N VAL T 10 29.55 -24.36 75.69
CA VAL T 10 28.91 -23.06 75.88
C VAL T 10 27.42 -23.20 75.57
N SER T 11 26.58 -22.78 76.51
CA SER T 11 25.14 -22.93 76.35
C SER T 11 24.43 -21.84 77.14
N ASN T 12 23.17 -21.62 76.77
CA ASN T 12 22.35 -20.63 77.45
C ASN T 12 21.78 -21.23 78.74
N PRO T 13 22.08 -20.65 79.90
CA PRO T 13 21.56 -21.22 81.16
C PRO T 13 20.24 -20.62 81.59
N ARG T 14 19.77 -19.60 80.89
CA ARG T 14 18.49 -18.98 81.23
C ARG T 14 17.34 -19.96 80.99
N PRO T 15 16.40 -20.04 81.93
CA PRO T 15 15.28 -20.99 81.77
C PRO T 15 14.22 -20.43 80.83
N ILE T 16 13.81 -21.25 79.87
CA ILE T 16 12.75 -20.91 78.94
C ILE T 16 11.61 -21.91 79.13
N PHE T 17 10.40 -21.40 79.34
CA PHE T 17 9.24 -22.22 79.64
C PHE T 17 8.30 -22.21 78.44
N THR T 18 8.00 -23.40 77.91
CA THR T 18 7.16 -23.55 76.73
C THR T 18 6.01 -24.50 77.03
N GLU T 19 5.10 -24.60 76.07
CA GLU T 19 3.95 -25.48 76.19
C GLU T 19 4.37 -26.94 76.03
N SER T 20 3.44 -27.84 76.37
CA SER T 20 3.74 -29.27 76.28
C SER T 20 3.26 -29.85 74.96
N ARG T 21 2.15 -29.33 74.42
CA ARG T 21 1.54 -29.88 73.22
C ARG T 21 1.70 -28.97 72.00
N SER T 22 2.42 -27.87 72.13
CA SER T 22 2.59 -26.94 71.01
C SER T 22 3.82 -26.07 71.28
N PHE T 23 4.25 -25.37 70.22
CA PHE T 23 5.42 -24.48 70.31
C PHE T 23 4.92 -23.08 70.63
N LYS T 24 4.69 -22.81 71.91
CA LYS T 24 4.30 -21.50 72.38
C LYS T 24 5.16 -21.13 73.58
N ALA T 25 5.04 -19.89 74.03
CA ALA T 25 5.94 -19.34 75.04
C ALA T 25 5.32 -19.26 76.43
N VAL T 26 4.11 -19.79 76.62
CA VAL T 26 3.40 -19.72 77.89
C VAL T 26 3.34 -18.25 78.30
N ALA T 27 2.71 -17.43 77.47
CA ALA T 27 2.65 -15.99 77.73
C ALA T 27 1.86 -15.72 79.00
N ASN T 28 2.44 -14.89 79.87
CA ASN T 28 1.79 -14.44 81.11
C ASN T 28 1.35 -15.61 82.00
N GLY T 29 2.18 -16.65 82.06
CA GLY T 29 1.88 -17.77 82.92
C GLY T 29 2.26 -17.52 84.36
N LYS T 30 1.93 -18.49 85.21
CA LYS T 30 2.23 -18.41 86.64
C LYS T 30 2.93 -19.69 87.08
N ILE T 31 4.02 -19.53 87.83
CA ILE T 31 4.78 -20.64 88.39
C ILE T 31 4.65 -20.59 89.91
N TYR T 32 4.26 -21.72 90.50
CA TYR T 32 4.13 -21.83 91.95
C TYR T 32 5.21 -22.74 92.49
N ILE T 33 5.99 -22.24 93.45
CA ILE T 33 7.04 -23.00 94.11
C ILE T 33 6.51 -23.39 95.48
N GLY T 34 6.17 -24.67 95.64
CA GLY T 34 5.55 -25.15 96.87
C GLY T 34 6.44 -26.13 97.60
N GLN T 35 5.85 -26.84 98.56
CA GLN T 35 6.55 -27.80 99.39
C GLN T 35 6.83 -29.08 98.61
N ILE T 36 7.69 -29.93 99.17
CA ILE T 36 8.13 -31.12 98.47
C ILE T 36 6.99 -32.12 98.34
N ASP T 37 6.79 -32.61 97.12
CA ASP T 37 5.82 -33.67 96.83
C ASP T 37 4.43 -33.29 97.32
N THR T 38 4.04 -32.04 97.10
CA THR T 38 2.73 -31.54 97.48
C THR T 38 2.18 -30.65 96.37
N ASP T 39 0.90 -30.31 96.49
CA ASP T 39 0.26 -29.42 95.54
C ASP T 39 0.51 -27.98 95.94
N PRO T 40 1.18 -27.18 95.11
CA PRO T 40 1.57 -25.82 95.51
C PRO T 40 0.53 -24.73 95.27
N VAL T 41 -0.63 -25.05 94.70
CA VAL T 41 -1.59 -24.00 94.37
C VAL T 41 -2.20 -23.40 95.63
N ASN T 42 -2.62 -24.24 96.57
CA ASN T 42 -3.25 -23.74 97.78
C ASN T 42 -2.24 -23.04 98.68
N PRO T 43 -2.60 -21.93 99.32
CA PRO T 43 -1.59 -21.16 100.09
C PRO T 43 -1.05 -21.90 101.30
N ALA T 44 -1.59 -23.09 101.60
CA ALA T 44 -1.21 -23.77 102.84
C ALA T 44 0.27 -24.16 102.86
N ASN T 45 0.73 -24.84 101.80
CA ASN T 45 2.07 -25.43 101.80
C ASN T 45 2.93 -24.91 100.65
N GLN T 46 3.67 -23.85 100.94
CA GLN T 46 4.70 -23.36 100.04
C GLN T 46 5.94 -23.00 100.86
N ILE T 47 6.99 -22.60 100.15
CA ILE T 47 8.25 -22.20 100.78
C ILE T 47 8.63 -20.82 100.26
N PRO T 48 9.37 -20.02 101.02
CA PRO T 48 9.77 -18.70 100.52
C PRO T 48 10.68 -18.80 99.31
N VAL T 49 10.57 -17.81 98.43
CA VAL T 49 11.40 -17.73 97.23
C VAL T 49 12.22 -16.44 97.30
N TYR T 50 13.39 -16.45 96.68
CA TYR T 50 14.35 -15.38 96.83
C TYR T 50 14.98 -15.02 95.49
N ILE T 51 15.06 -13.73 95.19
CA ILE T 51 15.83 -13.27 94.05
C ILE T 51 17.31 -13.28 94.41
N GLU T 52 18.14 -13.66 93.45
CA GLU T 52 19.59 -13.62 93.62
C GLU T 52 20.18 -12.71 92.54
N ASN T 53 20.52 -11.49 92.92
CA ASN T 53 21.12 -10.55 91.99
C ASN T 53 22.52 -11.01 91.62
N GLU T 54 23.12 -10.30 90.66
CA GLU T 54 24.47 -10.66 90.21
C GLU T 54 25.49 -10.49 91.31
N ASP T 55 25.38 -9.41 92.11
CA ASP T 55 26.33 -9.19 93.19
C ASP T 55 26.19 -10.24 94.29
N GLY T 56 24.96 -10.61 94.64
CA GLY T 56 24.70 -11.61 95.66
C GLY T 56 23.60 -11.27 96.65
N SER T 57 22.89 -10.16 96.49
CA SER T 57 21.83 -9.82 97.43
C SER T 57 20.61 -10.71 97.20
N HIS T 58 19.80 -10.84 98.26
CA HIS T 58 18.59 -11.64 98.23
C HIS T 58 17.39 -10.80 98.66
N VAL T 59 16.28 -10.94 97.95
CA VAL T 59 15.06 -10.20 98.22
C VAL T 59 13.88 -11.18 98.25
N GLN T 60 12.96 -10.93 99.18
CA GLN T 60 11.75 -11.74 99.27
C GLN T 60 10.83 -11.46 98.09
N ILE T 61 10.02 -12.46 97.74
CA ILE T 61 9.16 -12.39 96.56
C ILE T 61 7.85 -13.14 96.84
N THR T 62 6.76 -12.58 96.34
CA THR T 62 5.44 -13.18 96.48
C THR T 62 5.37 -14.49 95.71
N GLN T 63 4.48 -15.38 96.17
CA GLN T 63 4.36 -16.75 95.67
C GLN T 63 4.05 -16.83 94.17
N PRO T 64 3.07 -16.07 93.64
CA PRO T 64 2.73 -16.25 92.21
C PRO T 64 3.77 -15.66 91.27
N LEU T 65 4.81 -16.41 90.97
CA LEU T 65 5.82 -15.96 90.03
C LEU T 65 5.21 -15.75 88.64
N ILE T 66 5.60 -14.67 87.99
CA ILE T 66 5.02 -14.27 86.71
C ILE T 66 6.00 -14.60 85.59
N ILE T 67 5.45 -15.03 84.46
CA ILE T 67 6.23 -15.39 83.28
C ILE T 67 6.07 -14.29 82.23
N ASN T 68 7.18 -13.90 81.62
CA ASN T 68 7.16 -12.85 80.61
C ASN T 68 6.57 -13.41 79.31
N ALA T 69 6.51 -12.57 78.27
CA ALA T 69 5.97 -13.01 76.99
C ALA T 69 6.93 -13.96 76.29
N ALA T 70 8.23 -13.85 76.59
CA ALA T 70 9.21 -14.75 75.98
C ALA T 70 9.12 -16.15 76.58
N GLY T 71 8.76 -16.24 77.86
CA GLY T 71 8.72 -17.51 78.55
C GLY T 71 9.70 -17.57 79.69
N LYS T 72 10.28 -16.42 80.04
CA LYS T 72 11.27 -16.32 81.10
C LYS T 72 10.66 -15.61 82.30
N ILE T 73 11.07 -16.03 83.50
CA ILE T 73 10.53 -15.42 84.72
C ILE T 73 11.00 -13.99 84.82
N VAL T 74 10.08 -13.08 85.13
CA VAL T 74 10.36 -11.66 85.21
C VAL T 74 9.73 -11.09 86.48
N TYR T 75 10.47 -10.24 87.17
CA TYR T 75 9.95 -9.45 88.28
C TYR T 75 10.11 -7.98 87.97
N ASN T 76 9.07 -7.21 88.26
CA ASN T 76 9.02 -5.77 87.93
C ASN T 76 9.19 -5.67 86.42
N GLY T 77 10.26 -5.05 85.92
CA GLY T 77 10.49 -4.95 84.49
C GLY T 77 11.75 -5.62 83.98
N GLN T 78 12.47 -6.36 84.81
CA GLN T 78 13.74 -6.96 84.42
C GLN T 78 13.74 -8.44 84.74
N LEU T 79 14.52 -9.19 83.95
CA LEU T 79 14.67 -10.62 84.17
C LEU T 79 15.39 -10.88 85.49
N VAL T 80 14.99 -11.97 86.16
CA VAL T 80 15.50 -12.29 87.49
C VAL T 80 15.84 -13.77 87.58
N LYS T 81 16.60 -14.11 88.61
CA LYS T 81 16.94 -15.48 88.96
C LYS T 81 16.40 -15.78 90.34
N ILE T 82 15.69 -16.89 90.48
CA ILE T 82 14.93 -17.21 91.70
C ILE T 82 15.59 -18.42 92.36
N VAL T 83 15.84 -18.31 93.66
CA VAL T 83 16.52 -19.32 94.45
C VAL T 83 15.69 -19.61 95.69
N THR T 84 15.50 -20.90 96.00
CA THR T 84 14.82 -21.33 97.21
C THR T 84 15.77 -22.17 98.05
N VAL T 85 15.50 -22.21 99.36
CA VAL T 85 16.45 -22.84 100.28
C VAL T 85 16.20 -24.34 100.38
N GLN T 86 14.93 -24.76 100.42
CA GLN T 86 14.58 -26.16 100.52
C GLN T 86 14.35 -26.75 99.14
N GLY T 87 14.15 -28.07 99.10
CA GLY T 87 13.65 -28.70 97.90
C GLY T 87 12.18 -28.35 97.69
N HIS T 88 11.78 -28.28 96.42
CA HIS T 88 10.47 -27.73 96.09
C HIS T 88 9.86 -28.50 94.94
N SER T 89 8.53 -28.38 94.83
CA SER T 89 7.77 -28.92 93.72
C SER T 89 7.12 -27.76 92.98
N MET T 90 7.31 -27.71 91.66
CA MET T 90 6.85 -26.60 90.86
C MET T 90 5.73 -27.05 89.93
N ALA T 91 4.75 -26.17 89.73
CA ALA T 91 3.61 -26.42 88.84
C ALA T 91 3.37 -25.18 88.00
N ILE T 92 3.51 -25.32 86.69
CA ILE T 92 3.38 -24.21 85.75
C ILE T 92 1.97 -24.20 85.20
N TYR T 93 1.30 -23.05 85.28
CA TYR T 93 -0.04 -22.88 84.75
C TYR T 93 -0.06 -21.83 83.66
N ASP T 94 -0.95 -22.01 82.70
CA ASP T 94 -1.13 -21.06 81.61
C ASP T 94 -1.98 -19.88 82.09
N ALA T 95 -2.17 -18.91 81.20
CA ALA T 95 -2.96 -17.73 81.56
C ALA T 95 -4.42 -18.09 81.80
N ASN T 96 -4.94 -19.09 81.09
CA ASN T 96 -6.34 -19.47 81.20
C ASN T 96 -6.61 -20.40 82.37
N GLY T 97 -5.58 -20.81 83.11
CA GLY T 97 -5.76 -21.68 84.26
C GLY T 97 -5.45 -23.14 84.03
N SER T 98 -5.11 -23.53 82.80
CA SER T 98 -4.75 -24.91 82.53
C SER T 98 -3.39 -25.24 83.13
N GLN T 99 -3.10 -26.53 83.22
CA GLN T 99 -1.83 -27.01 83.76
C GLN T 99 -0.90 -27.40 82.62
N VAL T 100 0.30 -26.83 82.61
CA VAL T 100 1.26 -27.14 81.56
C VAL T 100 2.15 -28.32 81.97
N ASP T 101 2.67 -28.29 83.19
CA ASP T 101 3.52 -29.37 83.67
C ASP T 101 3.55 -29.32 85.19
N TYR T 102 3.76 -30.49 85.79
CA TYR T 102 3.85 -30.63 87.24
C TYR T 102 5.08 -31.48 87.55
N ILE T 103 5.96 -30.96 88.39
CA ILE T 103 7.17 -31.67 88.82
C ILE T 103 7.08 -31.85 90.32
N ALA T 104 6.95 -33.12 90.76
CA ALA T 104 6.85 -33.39 92.19
C ALA T 104 8.17 -33.13 92.90
N ASN T 105 9.27 -33.43 92.23
CA ASN T 105 10.62 -33.26 92.81
C ASN T 105 11.52 -32.63 91.75
N VAL T 106 11.85 -31.35 91.92
CA VAL T 106 12.86 -30.73 91.06
C VAL T 106 14.19 -31.45 91.24
N LEU T 107 14.57 -31.72 92.48
CA LEU T 107 15.64 -32.64 92.81
C LEU T 107 15.09 -33.72 93.73
N LYS T 108 15.50 -34.96 93.51
CA LYS T 108 14.86 -36.08 94.20
C LYS T 108 15.10 -36.02 95.71
N TYR T 109 16.21 -35.41 96.13
CA TYR T 109 16.50 -35.28 97.55
C TYR T 109 16.20 -33.87 98.04
N ASP T 110 16.18 -33.70 99.36
CA ASP T 110 15.91 -32.42 99.98
C ASP T 110 17.23 -31.82 100.44
N PRO T 111 17.66 -30.69 99.88
CA PRO T 111 18.99 -30.15 100.24
C PRO T 111 19.18 -29.86 101.72
N ASP T 112 18.14 -29.40 102.42
CA ASP T 112 18.33 -28.92 103.79
C ASP T 112 18.54 -30.07 104.76
N GLN T 113 17.57 -30.99 104.81
CA GLN T 113 17.68 -32.12 105.74
C GLN T 113 18.88 -33.00 105.41
N TYR T 114 19.12 -33.24 104.12
CA TYR T 114 20.29 -34.02 103.74
C TYR T 114 21.58 -33.28 104.07
N SER T 115 21.57 -31.95 103.98
CA SER T 115 22.74 -31.18 104.36
C SER T 115 23.04 -31.35 105.84
N ILE T 116 22.00 -31.29 106.67
CA ILE T 116 22.20 -31.48 108.12
C ILE T 116 22.69 -32.90 108.40
N GLU T 117 22.09 -33.90 107.75
CA GLU T 117 22.50 -35.29 107.96
C GLU T 117 23.94 -35.50 107.53
N ALA T 118 24.33 -34.95 106.39
CA ALA T 118 25.70 -35.10 105.91
C ALA T 118 26.69 -34.38 106.83
N ASP T 119 26.31 -33.22 107.35
CA ASP T 119 27.13 -32.56 108.36
C ASP T 119 27.32 -33.46 109.57
N LYS T 120 26.28 -34.20 109.94
CA LYS T 120 26.39 -35.09 111.09
C LYS T 120 27.30 -36.29 110.79
N LYS T 121 27.20 -36.87 109.60
CA LYS T 121 27.70 -38.22 109.36
C LYS T 121 28.86 -38.28 108.36
N PHE T 122 29.62 -37.21 108.17
CA PHE T 122 30.78 -37.25 107.29
C PHE T 122 31.94 -36.46 107.89
N LYS T 123 33.15 -36.81 107.47
CA LYS T 123 34.37 -36.20 107.98
C LYS T 123 34.58 -34.82 107.36
N TYR T 124 35.00 -33.87 108.20
CA TYR T 124 35.04 -32.44 107.84
C TYR T 124 36.37 -32.04 107.23
N SER T 125 37.09 -32.96 106.60
CA SER T 125 38.41 -32.65 106.08
C SER T 125 38.32 -31.91 104.75
N VAL T 126 39.27 -31.00 104.51
CA VAL T 126 39.29 -30.19 103.31
C VAL T 126 40.58 -30.50 102.55
N LYS T 127 40.59 -30.14 101.26
CA LYS T 127 41.74 -30.34 100.39
C LYS T 127 42.33 -29.01 99.97
N LEU T 128 43.52 -29.08 99.37
CA LEU T 128 44.24 -27.87 98.99
C LEU T 128 43.91 -27.44 97.56
N SER T 129 43.50 -28.38 96.71
CA SER T 129 43.35 -28.09 95.28
C SER T 129 42.35 -26.97 95.03
N ASP T 130 41.26 -26.93 95.79
CA ASP T 130 40.21 -25.95 95.54
C ASP T 130 40.65 -24.54 95.91
N TYR T 131 41.52 -24.42 96.91
CA TYR T 131 41.91 -23.11 97.43
C TYR T 131 43.24 -22.66 96.84
N PRO T 132 43.31 -21.49 96.18
CA PRO T 132 44.57 -21.01 95.59
C PRO T 132 45.77 -21.08 96.52
N THR T 133 45.69 -20.41 97.67
CA THR T 133 46.83 -20.34 98.57
C THR T 133 46.67 -21.30 99.74
N LEU T 134 47.80 -21.71 100.31
CA LEU T 134 47.78 -22.65 101.44
C LEU T 134 47.17 -21.99 102.67
N GLN T 135 47.48 -20.71 102.91
CA GLN T 135 46.94 -20.01 104.08
C GLN T 135 45.42 -19.92 104.00
N ASP T 136 44.88 -19.61 102.82
CA ASP T 136 43.44 -19.54 102.66
C ASP T 136 42.79 -20.89 102.90
N ALA T 137 43.43 -21.96 102.40
CA ALA T 137 42.89 -23.31 102.64
C ALA T 137 42.89 -23.64 104.12
N ALA T 138 44.00 -23.37 104.82
CA ALA T 138 44.09 -23.72 106.22
C ALA T 138 43.18 -22.84 107.08
N SER T 139 42.82 -21.66 106.57
CA SER T 139 41.93 -20.77 107.32
C SER T 139 40.56 -21.40 107.52
N ALA T 140 40.02 -22.02 106.48
CA ALA T 140 38.68 -22.61 106.53
C ALA T 140 38.70 -24.12 106.66
N ALA T 141 39.85 -24.72 106.88
CA ALA T 141 39.96 -26.17 107.00
C ALA T 141 39.94 -26.61 108.47
N VAL T 142 39.20 -27.67 108.73
CA VAL T 142 39.09 -28.26 110.07
C VAL T 142 39.25 -29.77 109.95
N ASP T 143 39.81 -30.38 110.99
CA ASP T 143 39.86 -31.83 111.17
C ASP T 143 40.83 -32.48 110.19
N GLY T 144 41.41 -31.71 109.28
CA GLY T 144 42.39 -32.27 108.36
C GLY T 144 42.60 -31.40 107.14
N LEU T 145 43.70 -31.67 106.45
CA LEU T 145 44.04 -31.03 105.19
C LEU T 145 44.84 -32.03 104.37
N LEU T 146 44.84 -31.83 103.04
CA LEU T 146 45.29 -32.88 102.14
C LEU T 146 46.57 -32.58 101.38
N ILE T 147 46.87 -31.31 101.07
CA ILE T 147 47.99 -30.96 100.19
C ILE T 147 47.89 -31.76 98.91
N ASP T 148 46.92 -31.41 98.05
CA ASP T 148 46.73 -32.16 96.82
C ASP T 148 47.70 -31.72 95.73
N ARG T 149 47.64 -30.45 95.34
CA ARG T 149 48.49 -29.96 94.26
C ARG T 149 49.88 -29.62 94.79
N ASP T 150 50.83 -29.49 93.86
CA ASP T 150 52.22 -29.17 94.20
C ASP T 150 52.31 -27.67 94.43
N TYR T 151 52.00 -27.26 95.67
CA TYR T 151 52.06 -25.85 96.03
C TYR T 151 53.49 -25.35 96.03
N ASN T 152 53.70 -24.17 95.43
CA ASN T 152 55.02 -23.56 95.38
C ASN T 152 55.28 -22.80 96.68
N PHE T 153 56.53 -22.83 97.15
CA PHE T 153 56.84 -22.28 98.46
C PHE T 153 56.65 -20.77 98.50
N TYR T 154 57.22 -20.05 97.54
CA TYR T 154 57.10 -18.60 97.51
C TYR T 154 57.55 -18.06 96.15
N THR U 2 95.60 37.10 10.78
CA THR U 2 96.38 37.69 11.86
C THR U 2 96.22 36.90 13.16
N ASP U 3 94.96 36.71 13.58
CA ASP U 3 94.71 35.96 14.80
C ASP U 3 95.13 34.50 14.65
N ILE U 4 94.80 33.89 13.53
CA ILE U 4 95.18 32.50 13.26
C ILE U 4 95.30 32.34 11.74
N THR U 5 95.80 31.18 11.30
CA THR U 5 95.91 30.93 9.86
C THR U 5 94.56 31.03 9.17
N ALA U 6 93.56 30.31 9.69
CA ALA U 6 92.19 30.38 9.18
C ALA U 6 92.14 30.16 7.67
N ASN U 7 92.54 28.97 7.24
CA ASN U 7 92.62 28.63 5.83
C ASN U 7 91.36 27.97 5.29
N VAL U 8 90.34 27.77 6.12
CA VAL U 8 89.14 27.03 5.73
C VAL U 8 87.97 28.00 5.72
N VAL U 9 87.26 28.05 4.59
CA VAL U 9 86.08 28.90 4.47
C VAL U 9 84.82 28.08 4.68
N VAL U 10 83.87 28.64 5.41
CA VAL U 10 82.58 28.00 5.61
C VAL U 10 81.70 28.30 4.41
N SER U 11 81.20 27.25 3.76
CA SER U 11 80.39 27.40 2.56
C SER U 11 79.37 26.27 2.51
N ASN U 12 78.54 26.30 1.47
CA ASN U 12 77.55 25.25 1.29
C ASN U 12 78.25 23.93 1.01
N PRO U 13 78.03 22.90 1.83
CA PRO U 13 78.68 21.59 1.60
C PRO U 13 78.05 20.75 0.50
N ARG U 14 76.93 21.18 -0.07
CA ARG U 14 76.25 20.44 -1.14
C ARG U 14 76.11 21.34 -2.35
N PRO U 15 76.61 20.95 -3.52
CA PRO U 15 76.53 21.82 -4.69
C PRO U 15 75.10 21.94 -5.21
N ILE U 16 74.84 23.06 -5.88
CA ILE U 16 73.52 23.36 -6.45
C ILE U 16 73.68 23.60 -7.94
N PHE U 17 72.87 22.91 -8.74
CA PHE U 17 72.86 23.04 -10.19
C PHE U 17 71.53 23.62 -10.62
N THR U 18 71.56 24.72 -11.37
CA THR U 18 70.36 25.40 -11.82
C THR U 18 70.37 25.50 -13.34
N GLU U 19 69.21 25.88 -13.89
CA GLU U 19 69.07 26.01 -15.33
C GLU U 19 69.85 27.22 -15.85
N SER U 20 70.04 27.27 -17.17
CA SER U 20 70.77 28.37 -17.77
C SER U 20 69.84 29.47 -18.25
N ARG U 21 68.66 29.09 -18.76
CA ARG U 21 67.77 30.08 -19.34
C ARG U 21 66.84 30.70 -18.30
N SER U 22 66.57 29.99 -17.21
CA SER U 22 65.65 30.47 -16.18
C SER U 22 66.26 30.20 -14.80
N PHE U 23 65.51 30.51 -13.75
CA PHE U 23 65.97 30.36 -12.37
C PHE U 23 65.12 29.29 -11.68
N LYS U 24 65.53 28.03 -11.84
CA LYS U 24 64.85 26.92 -11.22
C LYS U 24 65.78 25.70 -11.26
N ALA U 25 65.77 24.94 -10.17
CA ALA U 25 66.68 23.81 -10.05
C ALA U 25 66.39 22.76 -11.11
N VAL U 26 67.47 22.18 -11.63
CA VAL U 26 67.33 21.10 -12.61
C VAL U 26 66.80 19.86 -11.91
N ALA U 27 65.67 19.36 -12.38
CA ALA U 27 65.03 18.19 -11.79
C ALA U 27 65.25 16.97 -12.68
N ASN U 28 65.70 15.88 -12.07
CA ASN U 28 65.96 14.62 -12.79
C ASN U 28 66.92 14.85 -13.95
N GLY U 29 67.95 15.65 -13.73
CA GLY U 29 68.95 15.96 -14.73
C GLY U 29 70.20 15.12 -14.52
N LYS U 30 70.64 14.47 -15.59
CA LYS U 30 71.83 13.62 -15.50
C LYS U 30 73.09 14.46 -15.50
N ILE U 31 74.14 13.92 -14.87
CA ILE U 31 75.45 14.56 -14.82
C ILE U 31 76.49 13.56 -15.28
N TYR U 32 77.36 13.99 -16.19
CA TYR U 32 78.44 13.15 -16.71
C TYR U 32 79.77 13.79 -16.39
N ILE U 33 80.74 12.96 -15.99
CA ILE U 33 82.07 13.41 -15.63
C ILE U 33 83.09 12.64 -16.46
N GLY U 34 84.00 13.37 -17.12
CA GLY U 34 84.97 12.76 -18.00
C GLY U 34 86.33 13.42 -17.89
N GLN U 35 87.26 12.93 -18.71
CA GLN U 35 88.64 13.39 -18.67
C GLN U 35 88.75 14.80 -19.25
N ILE U 36 89.97 15.34 -19.17
CA ILE U 36 90.22 16.72 -19.60
C ILE U 36 89.94 16.87 -21.09
N ASP U 37 89.18 17.91 -21.44
CA ASP U 37 88.90 18.27 -22.83
C ASP U 37 88.34 17.09 -23.63
N THR U 38 87.44 16.31 -23.03
CA THR U 38 86.81 15.19 -23.70
C THR U 38 85.31 15.24 -23.46
N ASP U 39 84.58 14.48 -24.26
CA ASP U 39 83.12 14.43 -24.12
C ASP U 39 82.75 13.34 -23.13
N PRO U 40 82.18 13.69 -21.97
CA PRO U 40 81.87 12.66 -20.96
C PRO U 40 80.73 11.75 -21.35
N VAL U 41 79.94 12.09 -22.37
CA VAL U 41 78.83 11.24 -22.77
C VAL U 41 79.32 9.88 -23.24
N ASN U 42 80.45 9.87 -23.96
CA ASN U 42 81.04 8.60 -24.39
C ASN U 42 81.56 7.86 -23.17
N PRO U 43 81.12 6.60 -22.95
CA PRO U 43 81.58 5.86 -21.78
C PRO U 43 83.08 5.60 -21.72
N ALA U 44 83.78 5.71 -22.85
CA ALA U 44 85.22 5.45 -22.84
C ALA U 44 85.98 6.56 -22.14
N ASN U 45 85.44 7.78 -22.11
CA ASN U 45 86.12 8.94 -21.57
C ASN U 45 85.79 9.20 -20.11
N GLN U 46 85.01 8.34 -19.45
CA GLN U 46 84.58 8.63 -18.10
C GLN U 46 85.59 8.14 -17.07
N ILE U 47 85.57 8.77 -15.91
CA ILE U 47 86.49 8.45 -14.82
C ILE U 47 85.66 7.96 -13.64
N PRO U 48 86.26 7.18 -12.73
CA PRO U 48 85.49 6.67 -11.59
C PRO U 48 84.94 7.78 -10.71
N VAL U 49 83.75 7.56 -10.17
CA VAL U 49 83.07 8.50 -9.29
C VAL U 49 82.75 7.77 -7.99
N TYR U 50 83.16 8.35 -6.87
CA TYR U 50 83.07 7.69 -5.57
C TYR U 50 82.08 8.39 -4.66
N ILE U 51 81.30 7.60 -3.93
CA ILE U 51 80.51 8.11 -2.81
C ILE U 51 81.31 7.95 -1.52
N GLU U 52 81.39 9.01 -0.73
CA GLU U 52 82.10 8.99 0.54
C GLU U 52 81.09 8.93 1.66
N ASN U 53 80.99 7.76 2.31
CA ASN U 53 80.11 7.61 3.45
C ASN U 53 80.76 8.22 4.69
N GLU U 54 80.10 8.06 5.84
CA GLU U 54 80.68 8.53 7.09
C GLU U 54 81.95 7.75 7.44
N ASP U 55 81.94 6.45 7.21
CA ASP U 55 83.06 5.59 7.59
C ASP U 55 84.35 5.94 6.86
N GLY U 56 84.27 6.72 5.78
CA GLY U 56 85.42 7.03 4.97
C GLY U 56 85.65 6.10 3.82
N SER U 57 84.93 4.98 3.75
CA SER U 57 85.05 4.09 2.61
C SER U 57 84.46 4.75 1.37
N HIS U 58 85.17 4.63 0.26
CA HIS U 58 84.76 5.21 -1.01
C HIS U 58 84.18 4.11 -1.88
N VAL U 59 82.92 4.27 -2.28
CA VAL U 59 82.20 3.29 -3.08
C VAL U 59 81.91 3.89 -4.45
N GLN U 60 82.34 3.19 -5.49
CA GLN U 60 82.12 3.67 -6.85
C GLN U 60 80.68 3.40 -7.28
N ILE U 61 80.14 4.30 -8.08
CA ILE U 61 78.78 4.21 -8.59
C ILE U 61 78.77 4.50 -10.08
N THR U 62 77.61 4.27 -10.70
CA THR U 62 77.48 4.50 -12.12
C THR U 62 77.66 5.98 -12.46
N GLN U 63 78.18 6.23 -13.65
CA GLN U 63 78.58 7.57 -14.07
C GLN U 63 77.42 8.58 -14.10
N PRO U 64 76.24 8.26 -14.68
CA PRO U 64 75.19 9.28 -14.74
C PRO U 64 74.61 9.59 -13.37
N LEU U 65 74.97 10.73 -12.81
CA LEU U 65 74.45 11.14 -11.52
C LEU U 65 73.10 11.82 -11.69
N ILE U 66 72.22 11.63 -10.71
CA ILE U 66 70.84 12.08 -10.79
C ILE U 66 70.64 13.24 -9.83
N ILE U 67 70.04 14.32 -10.32
CA ILE U 67 69.70 15.45 -9.48
C ILE U 67 68.23 15.39 -9.07
N ASN U 68 67.93 15.90 -7.88
CA ASN U 68 66.57 15.96 -7.37
C ASN U 68 65.97 17.34 -7.64
N ALA U 69 64.78 17.59 -7.09
CA ALA U 69 64.12 18.87 -7.29
C ALA U 69 64.83 20.00 -6.55
N ALA U 70 65.76 19.68 -5.64
CA ALA U 70 66.48 20.68 -4.88
C ALA U 70 67.72 21.21 -5.58
N GLY U 71 68.17 20.56 -6.65
CA GLY U 71 69.36 20.97 -7.35
C GLY U 71 70.65 20.31 -6.86
N LYS U 72 70.56 19.28 -6.03
CA LYS U 72 71.72 18.63 -5.44
C LYS U 72 71.80 17.18 -5.89
N ILE U 73 73.03 16.66 -5.98
CA ILE U 73 73.23 15.29 -6.41
C ILE U 73 72.58 14.33 -5.42
N VAL U 74 71.89 13.33 -5.94
CA VAL U 74 71.09 12.41 -5.13
C VAL U 74 71.32 10.97 -5.60
N TYR U 75 71.50 10.08 -4.63
CA TYR U 75 71.61 8.65 -4.87
C TYR U 75 70.50 7.93 -4.13
N ASN U 76 69.62 7.27 -4.88
CA ASN U 76 68.51 6.48 -4.31
C ASN U 76 67.58 7.32 -3.44
N GLY U 77 67.45 8.61 -3.75
CA GLY U 77 66.55 9.50 -3.07
C GLY U 77 67.21 10.35 -2.00
N GLN U 78 68.40 9.98 -1.54
CA GLN U 78 69.08 10.68 -0.46
C GLN U 78 70.31 11.43 -0.97
N LEU U 79 70.64 12.52 -0.29
CA LEU U 79 71.82 13.30 -0.65
C LEU U 79 73.09 12.52 -0.32
N VAL U 80 74.09 12.64 -1.18
CA VAL U 80 75.38 11.96 -1.00
C VAL U 80 76.49 12.94 -1.27
N LYS U 81 77.69 12.58 -0.79
CA LYS U 81 78.90 13.37 -1.00
C LYS U 81 79.74 12.67 -2.08
N ILE U 82 79.97 13.36 -3.19
CA ILE U 82 80.65 12.80 -4.35
C ILE U 82 82.06 13.38 -4.40
N VAL U 83 83.06 12.49 -4.42
CA VAL U 83 84.46 12.89 -4.52
C VAL U 83 85.08 12.15 -5.71
N THR U 84 85.86 12.89 -6.50
CA THR U 84 86.55 12.34 -7.66
C THR U 84 87.95 12.92 -7.74
N VAL U 85 88.78 12.31 -8.59
CA VAL U 85 90.12 12.83 -8.83
C VAL U 85 90.02 14.17 -9.54
N GLN U 86 90.93 15.08 -9.22
CA GLN U 86 90.93 16.41 -9.83
C GLN U 86 91.12 16.30 -11.34
N GLY U 87 90.73 17.36 -12.02
CA GLY U 87 90.82 17.41 -13.47
C GLY U 87 89.74 16.69 -14.21
N HIS U 88 88.46 17.00 -13.97
CA HIS U 88 87.34 16.29 -14.56
C HIS U 88 86.49 17.27 -15.35
N SER U 89 86.28 16.99 -16.64
CA SER U 89 85.29 17.72 -17.41
C SER U 89 83.89 17.34 -16.95
N MET U 90 82.99 18.31 -16.94
CA MET U 90 81.63 18.10 -16.44
C MET U 90 80.63 18.53 -17.51
N ALA U 91 79.68 17.65 -17.81
CA ALA U 91 78.61 17.92 -18.76
C ALA U 91 77.29 17.59 -18.09
N ILE U 92 76.42 18.59 -17.96
CA ILE U 92 75.13 18.44 -17.32
C ILE U 92 74.06 18.35 -18.39
N TYR U 93 73.26 17.28 -18.34
CA TYR U 93 72.20 17.05 -19.29
C TYR U 93 70.86 17.08 -18.57
N ASP U 94 69.87 17.68 -19.22
CA ASP U 94 68.55 17.81 -18.64
C ASP U 94 67.74 16.53 -18.88
N ALA U 95 66.58 16.46 -18.22
CA ALA U 95 65.72 15.29 -18.36
C ALA U 95 65.20 15.14 -19.77
N ASN U 96 64.87 16.26 -20.43
CA ASN U 96 64.36 16.21 -21.79
C ASN U 96 65.40 15.72 -22.79
N GLY U 97 66.69 15.78 -22.43
CA GLY U 97 67.75 15.36 -23.32
C GLY U 97 68.60 16.48 -23.89
N SER U 98 68.34 17.73 -23.51
CA SER U 98 69.14 18.85 -23.98
C SER U 98 70.40 18.98 -23.14
N GLN U 99 71.18 20.02 -23.40
CA GLN U 99 72.43 20.27 -22.69
C GLN U 99 72.31 21.58 -21.93
N VAL U 100 72.55 21.53 -20.63
CA VAL U 100 72.53 22.75 -19.81
C VAL U 100 73.88 23.45 -19.87
N ASP U 101 74.93 22.77 -19.41
CA ASP U 101 76.26 23.35 -19.36
C ASP U 101 77.29 22.30 -19.76
N TYR U 102 78.43 22.77 -20.24
CA TYR U 102 79.57 21.91 -20.55
C TYR U 102 80.84 22.65 -20.14
N ILE U 103 81.64 22.02 -19.27
CA ILE U 103 82.87 22.62 -18.75
C ILE U 103 84.02 21.69 -19.11
N ALA U 104 84.98 22.22 -19.87
CA ALA U 104 86.10 21.38 -20.31
C ALA U 104 87.05 21.07 -19.17
N ASN U 105 87.35 22.06 -18.33
CA ASN U 105 88.27 21.90 -17.21
C ASN U 105 87.76 22.69 -16.03
N VAL U 106 87.35 21.99 -14.97
CA VAL U 106 86.78 22.67 -13.81
C VAL U 106 87.84 23.42 -13.01
N LEU U 107 89.12 23.07 -13.17
CA LEU U 107 90.17 23.81 -12.49
C LEU U 107 90.40 25.17 -13.11
N LYS U 108 89.92 25.40 -14.33
CA LYS U 108 90.04 26.72 -14.94
C LYS U 108 89.07 27.71 -14.30
N TYR U 109 87.97 27.20 -13.74
CA TYR U 109 87.00 28.05 -13.04
C TYR U 109 87.42 28.24 -11.58
N ASP U 110 88.66 28.68 -11.41
CA ASP U 110 89.28 28.89 -10.11
C ASP U 110 89.57 30.38 -9.97
N PRO U 111 89.08 31.02 -8.90
CA PRO U 111 89.28 32.48 -8.77
C PRO U 111 90.73 32.91 -8.86
N ASP U 112 91.65 32.14 -8.32
CA ASP U 112 93.08 32.46 -8.38
C ASP U 112 93.78 31.43 -9.26
N GLN U 113 94.24 31.87 -10.43
CA GLN U 113 94.96 31.01 -11.35
C GLN U 113 96.45 31.30 -11.41
N TYR U 114 96.90 32.42 -10.85
CA TYR U 114 98.34 32.67 -10.78
C TYR U 114 99.02 31.67 -9.84
N SER U 115 98.28 31.15 -8.86
CA SER U 115 98.85 30.21 -7.90
C SER U 115 99.32 28.94 -8.59
N ILE U 116 98.55 28.45 -9.56
CA ILE U 116 98.89 27.21 -10.24
C ILE U 116 100.23 27.35 -10.96
N GLU U 117 100.42 28.47 -11.65
CA GLU U 117 101.68 28.71 -12.35
C GLU U 117 102.81 28.97 -11.38
N ALA U 118 102.53 29.66 -10.28
CA ALA U 118 103.59 30.03 -9.34
C ALA U 118 104.11 28.81 -8.58
N ASP U 119 103.25 27.85 -8.28
CA ASP U 119 103.68 26.69 -7.48
C ASP U 119 104.74 25.88 -8.21
N LYS U 120 104.76 25.94 -9.54
CA LYS U 120 105.67 25.09 -10.31
C LYS U 120 107.11 25.59 -10.24
N LYS U 121 107.32 26.89 -10.35
CA LYS U 121 108.64 27.45 -10.68
C LYS U 121 109.37 28.00 -9.46
N PHE U 122 109.02 27.59 -8.25
CA PHE U 122 109.75 28.05 -7.07
C PHE U 122 110.11 26.85 -6.21
N LYS U 123 110.95 27.09 -5.21
CA LYS U 123 111.43 26.06 -4.29
C LYS U 123 110.90 26.33 -2.89
N TYR U 124 110.38 25.29 -2.25
CA TYR U 124 109.71 25.43 -0.95
C TYR U 124 110.74 25.29 0.17
N SER U 125 110.75 26.26 1.07
CA SER U 125 111.59 26.23 2.26
C SER U 125 110.94 27.06 3.36
N VAL U 126 110.68 26.43 4.51
CA VAL U 126 110.06 27.13 5.61
C VAL U 126 111.11 27.87 6.43
N LYS U 127 110.76 29.07 6.90
CA LYS U 127 111.64 29.89 7.71
C LYS U 127 111.19 29.81 9.17
N LEU U 128 112.16 29.71 10.08
CA LEU U 128 111.83 29.64 11.50
C LEU U 128 111.39 30.99 12.03
N SER U 129 111.64 32.07 11.28
CA SER U 129 111.36 33.41 11.79
C SER U 129 109.87 33.65 12.00
N ASP U 130 109.05 33.31 11.00
CA ASP U 130 107.62 33.61 11.09
C ASP U 130 106.90 32.65 12.04
N TYR U 131 107.22 31.36 11.98
CA TYR U 131 106.55 30.40 12.84
C TYR U 131 106.97 30.62 14.30
N PRO U 132 106.03 30.48 15.24
CA PRO U 132 106.36 30.73 16.65
C PRO U 132 107.30 29.69 17.26
N THR U 133 106.99 28.40 17.07
CA THR U 133 107.73 27.33 17.71
C THR U 133 108.43 26.48 16.66
N LEU U 134 109.32 25.61 17.12
CA LEU U 134 110.09 24.76 16.21
C LEU U 134 109.24 23.65 15.63
N GLN U 135 108.38 23.03 16.47
CA GLN U 135 107.58 21.91 16.01
C GLN U 135 106.59 22.33 14.92
N ASP U 136 105.99 23.51 15.08
CA ASP U 136 105.04 24.00 14.08
C ASP U 136 105.71 24.18 12.72
N ALA U 137 106.90 24.77 12.71
CA ALA U 137 107.64 24.93 11.45
C ALA U 137 108.06 23.59 10.88
N ALA U 138 108.49 22.66 11.75
CA ALA U 138 108.94 21.36 11.28
C ALA U 138 107.79 20.57 10.65
N SER U 139 106.59 20.65 11.23
CA SER U 139 105.46 19.88 10.74
C SER U 139 105.10 20.28 9.31
N ALA U 140 105.06 21.59 9.03
CA ALA U 140 104.70 22.09 7.71
C ALA U 140 105.92 22.34 6.83
N ALA U 141 107.02 21.63 7.06
CA ALA U 141 108.27 21.86 6.33
C ALA U 141 108.40 20.85 5.19
N VAL U 142 108.68 21.36 3.99
CA VAL U 142 108.92 20.53 2.82
C VAL U 142 110.21 21.00 2.15
N ASP U 143 111.10 20.04 1.89
CA ASP U 143 112.35 20.29 1.18
C ASP U 143 113.19 21.34 1.91
N GLY U 144 113.68 20.98 3.08
CA GLY U 144 114.63 21.80 3.78
C GLY U 144 113.97 22.94 4.55
N LEU U 145 114.76 23.55 5.43
CA LEU U 145 114.31 24.68 6.23
C LEU U 145 115.40 25.76 6.24
N LEU U 146 115.12 26.85 6.96
CA LEU U 146 116.07 27.92 7.17
C LEU U 146 116.10 28.25 8.65
N ILE U 147 117.31 28.45 9.19
CA ILE U 147 117.49 28.69 10.61
C ILE U 147 117.64 30.18 10.86
N ASP U 148 116.64 30.76 11.51
CA ASP U 148 116.63 32.18 11.85
C ASP U 148 116.28 32.30 13.33
N ARG U 149 116.04 33.54 13.77
CA ARG U 149 115.60 33.76 15.13
C ARG U 149 114.20 33.20 15.34
N ASP U 150 113.95 32.69 16.54
CA ASP U 150 112.66 32.08 16.89
C ASP U 150 112.28 30.95 15.93
N THR V 2 88.66 -13.85 -50.65
CA THR V 2 89.97 -13.20 -50.76
C THR V 2 90.48 -12.80 -49.38
N ASP V 3 89.62 -12.15 -48.60
CA ASP V 3 90.03 -11.74 -47.25
C ASP V 3 90.27 -12.94 -46.35
N ILE V 4 89.34 -13.90 -46.34
CA ILE V 4 89.49 -15.12 -45.56
C ILE V 4 88.79 -16.24 -46.32
N THR V 5 88.86 -17.47 -45.78
CA THR V 5 88.16 -18.58 -46.41
C THR V 5 86.66 -18.31 -46.51
N ALA V 6 86.03 -17.94 -45.39
CA ALA V 6 84.62 -17.55 -45.35
C ALA V 6 83.74 -18.63 -45.97
N ASN V 7 83.74 -19.81 -45.35
CA ASN V 7 83.01 -20.96 -45.87
C ASN V 7 81.62 -21.12 -45.26
N VAL V 8 81.22 -20.25 -44.34
CA VAL V 8 79.97 -20.40 -43.59
C VAL V 8 79.04 -19.27 -43.99
N VAL V 9 77.83 -19.62 -44.41
CA VAL V 9 76.84 -18.62 -44.80
C VAL V 9 75.88 -18.37 -43.65
N VAL V 10 75.52 -17.10 -43.44
CA VAL V 10 74.49 -16.75 -42.49
C VAL V 10 73.14 -16.90 -43.16
N SER V 11 72.33 -17.83 -42.66
CA SER V 11 71.04 -18.15 -43.25
C SER V 11 70.04 -18.45 -42.15
N ASN V 12 68.82 -18.78 -42.56
CA ASN V 12 67.78 -19.12 -41.60
C ASN V 12 68.11 -20.44 -40.93
N PRO V 13 68.25 -20.49 -39.61
CA PRO V 13 68.57 -21.74 -38.92
C PRO V 13 67.38 -22.63 -38.59
N ARG V 14 66.16 -22.17 -38.87
CA ARG V 14 64.95 -22.94 -38.60
C ARG V 14 64.20 -23.18 -39.90
N PRO V 15 64.03 -24.42 -40.34
CA PRO V 15 63.37 -24.66 -41.62
C PRO V 15 61.90 -24.27 -41.58
N ILE V 16 61.39 -23.89 -42.75
CA ILE V 16 60.01 -23.44 -42.90
C ILE V 16 59.33 -24.32 -43.94
N PHE V 17 58.19 -24.91 -43.58
CA PHE V 17 57.41 -25.76 -44.47
C PHE V 17 56.11 -25.04 -44.80
N THR V 18 55.83 -24.86 -46.08
CA THR V 18 54.64 -24.16 -46.53
C THR V 18 53.80 -25.06 -47.42
N GLU V 19 52.58 -24.62 -47.69
CA GLU V 19 51.66 -25.40 -48.51
C GLU V 19 52.10 -25.36 -49.97
N SER V 20 51.53 -26.27 -50.76
CA SER V 20 51.90 -26.35 -52.17
C SER V 20 50.93 -25.55 -53.05
N ARG V 21 49.63 -25.73 -52.84
CA ARG V 21 48.65 -25.07 -53.69
C ARG V 21 48.48 -23.60 -53.33
N SER V 22 48.76 -23.22 -52.09
CA SER V 22 48.58 -21.85 -51.63
C SER V 22 49.81 -21.43 -50.85
N PHE V 23 49.77 -20.21 -50.28
CA PHE V 23 50.91 -19.65 -49.56
C PHE V 23 50.51 -19.44 -48.10
N LYS V 24 50.61 -20.52 -47.32
CA LYS V 24 50.37 -20.50 -45.88
C LYS V 24 51.20 -21.60 -45.24
N ALA V 25 51.62 -21.35 -44.01
CA ALA V 25 52.39 -22.34 -43.27
C ALA V 25 51.52 -23.54 -42.93
N VAL V 26 52.10 -24.74 -43.08
CA VAL V 26 51.38 -25.96 -42.73
C VAL V 26 51.21 -26.03 -41.22
N ALA V 27 49.97 -26.14 -40.77
CA ALA V 27 49.66 -26.19 -39.35
C ALA V 27 49.31 -27.62 -38.95
N ASN V 28 49.97 -28.10 -37.88
CA ASN V 28 49.74 -29.45 -37.36
C ASN V 28 49.93 -30.50 -38.45
N GLY V 29 50.96 -30.33 -39.26
CA GLY V 29 51.27 -31.25 -40.34
C GLY V 29 52.40 -32.18 -39.95
N LYS V 30 52.15 -33.47 -40.12
CA LYS V 30 53.14 -34.48 -39.75
C LYS V 30 54.26 -34.56 -40.78
N ILE V 31 55.46 -34.89 -40.32
CA ILE V 31 56.61 -35.08 -41.18
C ILE V 31 57.18 -36.47 -40.94
N TYR V 32 57.42 -37.22 -42.01
CA TYR V 32 58.00 -38.56 -41.92
C TYR V 32 59.34 -38.58 -42.65
N ILE V 33 60.33 -39.20 -42.02
CA ILE V 33 61.69 -39.27 -42.56
C ILE V 33 62.09 -40.73 -42.67
N GLY V 34 62.55 -41.13 -43.85
CA GLY V 34 62.88 -42.52 -44.12
C GLY V 34 64.11 -42.66 -44.99
N GLN V 35 64.45 -43.91 -45.30
CA GLN V 35 65.63 -44.22 -46.07
C GLN V 35 65.48 -43.78 -47.53
N ILE V 36 66.57 -43.92 -48.28
CA ILE V 36 66.59 -43.50 -49.68
C ILE V 36 65.57 -44.29 -50.48
N ASP V 37 64.79 -43.57 -51.30
CA ASP V 37 63.87 -44.18 -52.27
C ASP V 37 62.90 -45.14 -51.60
N THR V 38 62.41 -44.80 -50.41
CA THR V 38 61.46 -45.63 -49.69
C THR V 38 60.33 -44.75 -49.17
N ASP V 39 59.23 -45.40 -48.81
CA ASP V 39 58.07 -44.69 -48.27
C ASP V 39 58.22 -44.54 -46.77
N PRO V 40 58.37 -43.32 -46.25
CA PRO V 40 58.57 -43.16 -44.80
C PRO V 40 57.33 -43.45 -43.97
N VAL V 41 56.15 -43.54 -44.60
CA VAL V 41 54.94 -43.81 -43.83
C VAL V 41 55.01 -45.17 -43.16
N ASN V 42 55.57 -46.15 -43.85
CA ASN V 42 55.76 -47.47 -43.25
C ASN V 42 56.83 -47.38 -42.16
N PRO V 43 56.51 -47.78 -40.92
CA PRO V 43 57.49 -47.65 -39.83
C PRO V 43 58.75 -48.47 -40.03
N ALA V 44 58.75 -49.45 -40.94
CA ALA V 44 59.95 -50.27 -41.14
C ALA V 44 61.04 -49.49 -41.85
N ASN V 45 60.67 -48.49 -42.65
CA ASN V 45 61.62 -47.74 -43.46
C ASN V 45 62.14 -46.48 -42.77
N GLN V 46 61.75 -46.22 -41.53
CA GLN V 46 62.14 -44.98 -40.88
C GLN V 46 63.51 -45.08 -40.24
N ILE V 47 64.13 -43.93 -40.03
CA ILE V 47 65.47 -43.83 -39.44
C ILE V 47 65.37 -42.98 -38.19
N PRO V 48 66.31 -43.13 -37.26
CA PRO V 48 66.25 -42.34 -36.01
C PRO V 48 66.33 -40.85 -36.27
N VAL V 49 65.61 -40.09 -35.45
CA VAL V 49 65.58 -38.63 -35.51
C VAL V 49 65.94 -38.10 -34.13
N TYR V 50 66.89 -37.18 -34.06
CA TYR V 50 67.45 -36.71 -32.81
C TYR V 50 67.16 -35.23 -32.60
N ILE V 51 66.87 -34.86 -31.35
CA ILE V 51 66.87 -33.46 -30.94
C ILE V 51 68.23 -33.13 -30.33
N GLU V 52 68.82 -32.04 -30.78
CA GLU V 52 70.10 -31.57 -30.26
C GLU V 52 69.85 -30.42 -29.29
N ASN V 53 70.00 -30.70 -27.99
CA ASN V 53 69.86 -29.67 -26.98
C ASN V 53 71.10 -28.79 -26.95
N GLU V 54 71.16 -27.88 -25.98
CA GLU V 54 72.35 -27.04 -25.83
C GLU V 54 73.57 -27.88 -25.45
N ASP V 55 73.38 -28.86 -24.57
CA ASP V 55 74.51 -29.64 -24.06
C ASP V 55 75.19 -30.48 -25.13
N GLY V 56 74.57 -30.63 -26.29
CA GLY V 56 75.09 -31.49 -27.33
C GLY V 56 74.59 -32.92 -27.26
N SER V 57 73.86 -33.28 -26.21
CA SER V 57 73.29 -34.62 -26.12
C SER V 57 72.17 -34.77 -27.14
N HIS V 58 72.22 -35.86 -27.90
CA HIS V 58 71.24 -36.14 -28.94
C HIS V 58 70.22 -37.11 -28.39
N VAL V 59 68.96 -36.70 -28.36
CA VAL V 59 67.87 -37.48 -27.79
C VAL V 59 66.92 -37.87 -28.92
N GLN V 60 66.65 -39.16 -29.05
CA GLN V 60 65.76 -39.65 -30.09
C GLN V 60 64.30 -39.43 -29.69
N ILE V 61 63.47 -39.18 -30.69
CA ILE V 61 62.04 -38.97 -30.50
C ILE V 61 61.27 -39.75 -31.55
N THR V 62 59.94 -39.75 -31.40
CA THR V 62 59.09 -40.45 -32.34
C THR V 62 59.18 -39.82 -33.73
N GLN V 63 59.01 -40.65 -34.75
CA GLN V 63 59.23 -40.25 -36.14
C GLN V 63 58.32 -39.12 -36.60
N PRO V 64 56.98 -39.18 -36.36
CA PRO V 64 56.13 -38.11 -36.90
C PRO V 64 56.35 -36.78 -36.19
N LEU V 65 57.04 -35.86 -36.86
CA LEU V 65 57.28 -34.54 -36.29
C LEU V 65 56.07 -33.65 -36.52
N ILE V 66 55.89 -32.68 -35.63
CA ILE V 66 54.70 -31.83 -35.61
C ILE V 66 55.13 -30.41 -35.98
N ILE V 67 54.41 -29.82 -36.93
CA ILE V 67 54.65 -28.42 -37.30
C ILE V 67 53.61 -27.53 -36.62
N ASN V 68 54.03 -26.30 -36.29
CA ASN V 68 53.15 -25.33 -35.67
C ASN V 68 52.58 -24.39 -36.73
N ALA V 69 51.89 -23.33 -36.28
CA ALA V 69 51.32 -22.36 -37.21
C ALA V 69 52.39 -21.52 -37.90
N ALA V 70 53.63 -21.55 -37.40
CA ALA V 70 54.72 -20.77 -37.97
C ALA V 70 55.44 -21.50 -39.10
N GLY V 71 55.17 -22.78 -39.31
CA GLY V 71 55.84 -23.56 -40.32
C GLY V 71 57.13 -24.20 -39.90
N LYS V 72 57.42 -24.26 -38.60
CA LYS V 72 58.67 -24.80 -38.09
C LYS V 72 58.41 -26.05 -37.26
N ILE V 73 59.40 -26.95 -37.24
CA ILE V 73 59.28 -28.18 -36.47
C ILE V 73 59.21 -27.84 -34.99
N VAL V 74 58.27 -28.45 -34.29
CA VAL V 74 57.97 -28.12 -32.90
C VAL V 74 57.80 -29.38 -32.07
N TYR V 75 58.38 -29.37 -30.88
CA TYR V 75 58.25 -30.46 -29.92
C TYR V 75 57.66 -29.90 -28.63
N ASN V 76 56.46 -30.36 -28.27
CA ASN V 76 55.76 -29.97 -27.05
C ASN V 76 55.57 -28.46 -26.95
N GLY V 77 55.33 -27.81 -28.10
CA GLY V 77 55.07 -26.39 -28.15
C GLY V 77 56.30 -25.54 -28.38
N GLN V 78 57.49 -26.09 -28.14
CA GLN V 78 58.74 -25.35 -28.26
C GLN V 78 59.48 -25.75 -29.54
N LEU V 79 60.19 -24.80 -30.12
CA LEU V 79 61.01 -25.09 -31.29
C LEU V 79 62.22 -25.91 -30.89
N VAL V 80 62.62 -26.84 -31.76
CA VAL V 80 63.76 -27.70 -31.51
C VAL V 80 64.62 -27.78 -32.76
N LYS V 81 65.86 -28.23 -32.58
CA LYS V 81 66.80 -28.43 -33.67
C LYS V 81 66.92 -29.93 -33.93
N ILE V 82 66.61 -30.34 -35.16
CA ILE V 82 66.56 -31.75 -35.53
C ILE V 82 67.78 -32.07 -36.38
N VAL V 83 68.52 -33.11 -36.00
CA VAL V 83 69.70 -33.56 -36.71
C VAL V 83 69.56 -35.05 -37.00
N THR V 84 69.79 -35.44 -38.25
CA THR V 84 69.73 -36.83 -38.67
C THR V 84 70.88 -37.13 -39.62
N VAL V 85 71.09 -38.42 -39.88
CA VAL V 85 72.10 -38.83 -40.84
C VAL V 85 71.68 -38.37 -42.23
N GLN V 86 72.63 -37.77 -42.95
CA GLN V 86 72.33 -37.24 -44.28
C GLN V 86 71.95 -38.38 -45.23
N GLY V 87 71.11 -38.03 -46.21
CA GLY V 87 70.53 -39.02 -47.09
C GLY V 87 69.22 -39.61 -46.62
N HIS V 88 68.20 -38.79 -46.38
CA HIS V 88 66.93 -39.24 -45.85
C HIS V 88 65.80 -38.79 -46.77
N SER V 89 64.91 -39.71 -47.12
CA SER V 89 63.70 -39.33 -47.82
C SER V 89 62.77 -38.56 -46.89
N MET V 90 62.03 -37.61 -47.45
CA MET V 90 61.13 -36.76 -46.67
C MET V 90 59.73 -36.81 -47.26
N ALA V 91 58.75 -37.01 -46.38
CA ALA V 91 57.34 -37.01 -46.77
C ALA V 91 56.58 -36.12 -45.80
N ILE V 92 56.05 -35.02 -46.31
CA ILE V 92 55.30 -34.06 -45.50
C ILE V 92 53.82 -34.30 -45.72
N TYR V 93 53.06 -34.42 -44.63
CA TYR V 93 51.65 -34.74 -44.68
C TYR V 93 50.83 -33.63 -44.04
N ASP V 94 49.67 -33.36 -44.64
CA ASP V 94 48.72 -32.40 -44.13
C ASP V 94 48.08 -32.91 -42.84
N ALA V 95 47.49 -31.98 -42.09
CA ALA V 95 46.71 -32.37 -40.92
C ALA V 95 45.48 -33.17 -41.32
N ASN V 96 44.89 -32.83 -42.46
CA ASN V 96 43.71 -33.56 -42.95
C ASN V 96 44.06 -34.99 -43.35
N GLY V 97 45.30 -35.24 -43.77
CA GLY V 97 45.71 -36.56 -44.20
C GLY V 97 46.16 -36.68 -45.63
N SER V 98 46.21 -35.58 -46.37
CA SER V 98 46.69 -35.59 -47.75
C SER V 98 48.21 -35.51 -47.77
N GLN V 99 48.78 -35.44 -48.96
CA GLN V 99 50.23 -35.39 -49.14
C GLN V 99 50.59 -34.02 -49.71
N VAL V 100 51.46 -33.30 -49.01
CA VAL V 100 51.92 -32.01 -49.50
C VAL V 100 53.11 -32.17 -50.44
N ASP V 101 54.17 -32.83 -49.96
CA ASP V 101 55.37 -33.03 -50.75
C ASP V 101 55.95 -34.40 -50.43
N TYR V 102 56.69 -34.95 -51.39
CA TYR V 102 57.43 -36.19 -51.21
C TYR V 102 58.76 -36.06 -51.94
N ILE V 103 59.86 -36.21 -51.20
CA ILE V 103 61.20 -36.08 -51.74
C ILE V 103 61.90 -37.42 -51.56
N ALA V 104 62.35 -38.02 -52.66
CA ALA V 104 62.96 -39.33 -52.60
C ALA V 104 64.32 -39.29 -51.91
N ASN V 105 65.15 -38.30 -52.25
CA ASN V 105 66.49 -38.17 -51.69
C ASN V 105 66.78 -36.68 -51.60
N VAL V 106 66.94 -36.16 -50.38
CA VAL V 106 67.11 -34.72 -50.21
C VAL V 106 68.50 -34.25 -50.64
N LEU V 107 69.46 -35.16 -50.78
CA LEU V 107 70.79 -34.75 -51.26
C LEU V 107 70.77 -34.34 -52.72
N LYS V 108 69.74 -34.75 -53.47
CA LYS V 108 69.66 -34.35 -54.88
C LYS V 108 69.31 -32.88 -55.02
N TYR V 109 68.56 -32.34 -54.07
CA TYR V 109 68.18 -30.93 -54.09
C TYR V 109 69.32 -30.06 -53.56
N ASP V 110 70.48 -30.21 -54.19
CA ASP V 110 71.69 -29.51 -53.84
C ASP V 110 72.12 -28.65 -55.02
N PRO V 111 72.33 -27.35 -54.81
CA PRO V 111 72.67 -26.47 -55.96
C PRO V 111 73.87 -26.93 -56.75
N ASP V 112 74.88 -27.50 -56.10
CA ASP V 112 76.06 -28.02 -56.78
C ASP V 112 76.09 -29.54 -56.65
N GLN V 113 75.88 -30.24 -57.77
CA GLN V 113 75.94 -31.68 -57.80
C GLN V 113 77.20 -32.21 -58.47
N TYR V 114 77.98 -31.36 -59.14
CA TYR V 114 79.25 -31.81 -59.69
C TYR V 114 80.24 -32.14 -58.59
N SER V 115 80.07 -31.50 -57.41
CA SER V 115 80.99 -31.74 -56.30
C SER V 115 80.94 -33.19 -55.84
N ILE V 116 79.76 -33.79 -55.81
CA ILE V 116 79.61 -35.17 -55.33
C ILE V 116 80.41 -36.11 -56.21
N GLU V 117 80.31 -35.94 -57.54
CA GLU V 117 81.04 -36.81 -58.45
C GLU V 117 82.53 -36.51 -58.43
N ALA V 118 82.89 -35.23 -58.29
CA ALA V 118 84.30 -34.85 -58.33
C ALA V 118 85.04 -35.34 -57.08
N ASP V 119 84.37 -35.38 -55.94
CA ASP V 119 85.04 -35.79 -54.71
C ASP V 119 85.50 -37.24 -54.76
N LYS V 120 84.78 -38.08 -55.50
CA LYS V 120 85.05 -39.52 -55.46
C LYS V 120 86.33 -39.88 -56.19
N LYS V 121 86.58 -39.28 -57.35
CA LYS V 121 87.55 -39.82 -58.31
C LYS V 121 88.90 -39.11 -58.28
N PHE V 122 89.27 -38.51 -57.15
CA PHE V 122 90.56 -37.82 -57.05
C PHE V 122 91.14 -38.06 -55.66
N LYS V 123 92.45 -37.81 -55.52
CA LYS V 123 93.09 -37.78 -54.21
C LYS V 123 93.29 -36.34 -53.75
N TYR V 124 93.29 -36.15 -52.44
CA TYR V 124 93.45 -34.83 -51.81
C TYR V 124 94.89 -34.68 -51.36
N SER V 125 95.50 -33.55 -51.69
CA SER V 125 96.84 -33.22 -51.22
C SER V 125 96.97 -31.72 -51.09
N VAL V 126 97.28 -31.26 -49.87
CA VAL V 126 97.46 -29.82 -49.64
C VAL V 126 98.83 -29.39 -50.15
N LYS V 127 98.85 -28.22 -50.79
CA LYS V 127 100.08 -27.60 -51.27
C LYS V 127 100.49 -26.49 -50.32
N LEU V 128 101.78 -26.45 -49.97
CA LEU V 128 102.25 -25.41 -49.04
C LEU V 128 102.27 -24.04 -49.71
N SER V 129 102.12 -23.99 -51.03
CA SER V 129 102.23 -22.72 -51.75
C SER V 129 101.11 -21.76 -51.37
N ASP V 130 99.86 -22.23 -51.41
CA ASP V 130 98.72 -21.33 -51.19
C ASP V 130 98.58 -20.97 -49.71
N TYR V 131 98.75 -21.93 -48.81
CA TYR V 131 98.60 -21.65 -47.39
C TYR V 131 99.75 -20.78 -46.89
N PRO V 132 99.48 -19.83 -46.00
CA PRO V 132 100.55 -18.93 -45.52
C PRO V 132 101.60 -19.63 -44.67
N THR V 133 101.17 -20.41 -43.68
CA THR V 133 102.07 -21.01 -42.71
C THR V 133 102.01 -22.53 -42.83
N LEU V 134 102.95 -23.20 -42.15
CA LEU V 134 103.03 -24.65 -42.22
C LEU V 134 101.94 -25.30 -41.38
N GLN V 135 101.64 -24.74 -40.21
CA GLN V 135 100.64 -25.35 -39.33
C GLN V 135 99.26 -25.33 -39.96
N ASP V 136 98.91 -24.24 -40.65
CA ASP V 136 97.60 -24.16 -41.30
C ASP V 136 97.45 -25.24 -42.37
N ALA V 137 98.50 -25.44 -43.17
CA ALA V 137 98.45 -26.49 -44.18
C ALA V 137 98.39 -27.87 -43.55
N ALA V 138 99.15 -28.08 -42.47
CA ALA V 138 99.18 -29.39 -41.83
C ALA V 138 97.84 -29.74 -41.21
N SER V 139 97.16 -28.75 -40.61
CA SER V 139 95.90 -29.01 -39.94
C SER V 139 94.83 -29.51 -40.93
N ALA V 140 94.73 -28.89 -42.09
CA ALA V 140 93.77 -29.27 -43.10
C ALA V 140 94.33 -30.26 -44.12
N ALA V 141 95.35 -31.03 -43.75
CA ALA V 141 96.03 -31.93 -44.66
C ALA V 141 95.48 -33.35 -44.55
N VAL V 142 95.12 -33.92 -45.68
CA VAL V 142 94.66 -35.30 -45.76
C VAL V 142 95.42 -36.01 -46.87
N ASP V 143 95.98 -37.16 -46.54
CA ASP V 143 96.67 -38.03 -47.51
C ASP V 143 97.82 -37.27 -48.18
N GLY V 144 98.82 -36.94 -47.38
CA GLY V 144 100.06 -36.41 -47.90
C GLY V 144 99.99 -34.92 -48.23
N LEU V 145 101.16 -34.33 -48.45
CA LEU V 145 101.29 -32.93 -48.81
C LEU V 145 102.32 -32.78 -49.93
N LEU V 146 102.44 -31.55 -50.43
CA LEU V 146 103.46 -31.21 -51.41
C LEU V 146 104.17 -29.94 -50.97
N ILE V 147 105.50 -30.03 -50.82
CA ILE V 147 106.30 -28.95 -50.28
C ILE V 147 106.72 -28.02 -51.41
N ASP V 148 106.21 -26.79 -51.34
CA ASP V 148 106.51 -25.75 -52.33
C ASP V 148 106.99 -24.51 -51.60
N ARG V 149 107.10 -23.41 -52.34
CA ARG V 149 107.47 -22.14 -51.73
C ARG V 149 106.43 -21.72 -50.70
N ASP V 150 106.91 -21.28 -49.54
CA ASP V 150 106.06 -20.93 -48.40
C ASP V 150 105.14 -22.08 -48.01
N THR W 2 46.77 -81.73 -42.05
CA THR W 2 47.83 -81.94 -43.02
C THR W 2 49.02 -81.05 -42.74
N ASP W 3 48.77 -79.74 -42.63
CA ASP W 3 49.84 -78.80 -42.33
C ASP W 3 50.44 -79.04 -40.96
N ILE W 4 49.58 -79.22 -39.95
CA ILE W 4 50.03 -79.50 -38.59
C ILE W 4 48.95 -80.34 -37.91
N THR W 5 49.23 -80.81 -36.69
CA THR W 5 48.23 -81.58 -35.96
C THR W 5 46.95 -80.78 -35.75
N ALA W 6 47.08 -79.56 -35.23
CA ALA W 6 45.95 -78.63 -35.07
C ALA W 6 44.79 -79.29 -34.31
N ASN W 7 45.05 -79.63 -33.06
CA ASN W 7 44.07 -80.33 -32.24
C ASN W 7 43.25 -79.40 -31.36
N VAL W 8 43.46 -78.09 -31.42
CA VAL W 8 42.81 -77.14 -30.54
C VAL W 8 41.84 -76.30 -31.36
N VAL W 9 40.59 -76.24 -30.91
CA VAL W 9 39.58 -75.46 -31.62
C VAL W 9 39.38 -74.12 -30.94
N VAL W 10 39.27 -73.06 -31.74
CA VAL W 10 38.94 -71.74 -31.23
C VAL W 10 37.42 -71.64 -31.13
N SER W 11 36.92 -71.47 -29.91
CA SER W 11 35.49 -71.44 -29.65
C SER W 11 35.21 -70.44 -28.54
N ASN W 12 33.95 -70.40 -28.13
CA ASN W 12 33.55 -69.50 -27.04
C ASN W 12 34.17 -69.98 -25.73
N PRO W 13 34.99 -69.16 -25.07
CA PRO W 13 35.62 -69.58 -23.81
C PRO W 13 34.77 -69.38 -22.56
N ARG W 14 33.58 -68.79 -22.69
CA ARG W 14 32.67 -68.60 -21.56
C ARG W 14 31.32 -69.23 -21.90
N PRO W 15 30.85 -70.19 -21.12
CA PRO W 15 29.59 -70.87 -21.46
C PRO W 15 28.39 -69.94 -21.32
N ILE W 16 27.35 -70.23 -22.10
CA ILE W 16 26.13 -69.44 -22.11
C ILE W 16 24.95 -70.35 -21.80
N PHE W 17 24.13 -69.93 -20.84
CA PHE W 17 22.94 -70.68 -20.44
C PHE W 17 21.71 -69.85 -20.80
N THR W 18 20.76 -70.48 -21.49
CA THR W 18 19.55 -69.81 -21.93
C THR W 18 18.32 -70.57 -21.44
N GLU W 19 17.17 -69.91 -21.56
CA GLU W 19 15.91 -70.53 -21.14
C GLU W 19 15.52 -71.64 -22.10
N SER W 20 14.56 -72.46 -21.67
CA SER W 20 14.13 -73.59 -22.49
C SER W 20 12.92 -73.23 -23.34
N ARG W 21 12.00 -72.41 -22.79
CA ARG W 21 10.77 -72.11 -23.50
C ARG W 21 10.91 -70.91 -24.43
N SER W 22 11.89 -70.04 -24.17
CA SER W 22 12.06 -68.83 -24.96
C SER W 22 13.56 -68.60 -25.19
N PHE W 23 13.89 -67.49 -25.88
CA PHE W 23 15.27 -67.18 -26.25
C PHE W 23 15.71 -65.94 -25.46
N LYS W 24 16.22 -66.19 -24.25
CA LYS W 24 16.74 -65.12 -23.41
C LYS W 24 17.56 -65.74 -22.29
N ALA W 25 18.67 -65.09 -21.95
CA ALA W 25 19.59 -65.62 -20.96
C ALA W 25 18.94 -65.69 -19.59
N VAL W 26 19.24 -66.77 -18.87
CA VAL W 26 18.73 -66.93 -17.51
C VAL W 26 19.42 -65.93 -16.60
N ALA W 27 18.64 -65.11 -15.91
CA ALA W 27 19.16 -64.09 -15.01
C ALA W 27 18.98 -64.53 -13.57
N ASN W 28 20.07 -64.47 -12.79
CA ASN W 28 20.06 -64.85 -11.39
C ASN W 28 19.55 -66.28 -11.18
N GLY W 29 20.00 -67.17 -12.06
CA GLY W 29 19.60 -68.58 -12.02
C GLY W 29 20.71 -69.42 -11.40
N LYS W 30 20.34 -70.17 -10.36
CA LYS W 30 21.31 -70.99 -9.66
C LYS W 30 21.69 -72.21 -10.49
N ILE W 31 22.95 -72.64 -10.36
CA ILE W 31 23.46 -73.83 -11.03
C ILE W 31 24.00 -74.77 -9.96
N TYR W 32 23.60 -76.04 -10.03
CA TYR W 32 24.05 -77.07 -9.09
C TYR W 32 24.79 -78.16 -9.86
N ILE W 33 25.86 -78.66 -9.26
CA ILE W 33 26.71 -79.68 -9.86
C ILE W 33 26.86 -80.84 -8.87
N GLY W 34 26.60 -82.06 -9.34
CA GLY W 34 26.62 -83.23 -8.49
C GLY W 34 27.18 -84.43 -9.21
N GLN W 35 27.24 -85.55 -8.48
CA GLN W 35 27.81 -86.78 -9.00
C GLN W 35 26.94 -87.37 -10.11
N ILE W 36 27.41 -88.48 -10.67
CA ILE W 36 26.75 -89.09 -11.82
C ILE W 36 25.40 -89.64 -11.40
N ASP W 37 24.37 -89.33 -12.20
CA ASP W 37 23.03 -89.89 -12.02
C ASP W 37 22.47 -89.63 -10.61
N THR W 38 22.73 -88.43 -10.08
CA THR W 38 22.24 -88.05 -8.76
C THR W 38 21.66 -86.65 -8.83
N ASP W 39 20.91 -86.30 -7.80
CA ASP W 39 20.30 -84.97 -7.73
C ASP W 39 21.27 -83.99 -7.10
N PRO W 40 21.75 -82.98 -7.84
CA PRO W 40 22.70 -82.03 -7.25
C PRO W 40 22.11 -81.11 -6.21
N VAL W 41 20.78 -81.02 -6.12
CA VAL W 41 20.16 -80.13 -5.14
C VAL W 41 20.48 -80.59 -3.72
N ASN W 42 20.50 -81.90 -3.50
CA ASN W 42 20.86 -82.42 -2.19
C ASN W 42 22.33 -82.15 -1.92
N PRO W 43 22.66 -81.46 -0.81
CA PRO W 43 24.07 -81.15 -0.54
C PRO W 43 24.97 -82.35 -0.36
N ALA W 44 24.42 -83.54 -0.11
CA ALA W 44 25.26 -84.72 0.07
C ALA W 44 25.86 -85.19 -1.25
N ASN W 45 25.17 -84.94 -2.36
CA ASN W 45 25.59 -85.43 -3.67
C ASN W 45 26.49 -84.45 -4.42
N GLN W 46 26.84 -83.32 -3.82
CA GLN W 46 27.59 -82.30 -4.55
C GLN W 46 29.10 -82.60 -4.50
N ILE W 47 29.81 -82.05 -5.48
CA ILE W 47 31.25 -82.24 -5.60
C ILE W 47 31.91 -80.87 -5.55
N PRO W 48 33.18 -80.80 -5.17
CA PRO W 48 33.87 -79.51 -5.08
C PRO W 48 33.91 -78.80 -6.44
N VAL W 49 33.77 -77.47 -6.39
CA VAL W 49 33.80 -76.61 -7.56
C VAL W 49 34.87 -75.56 -7.34
N TYR W 50 35.79 -75.43 -8.30
CA TYR W 50 36.96 -74.60 -8.16
C TYR W 50 36.92 -73.41 -9.11
N ILE W 51 37.40 -72.26 -8.64
CA ILE W 51 37.65 -71.12 -9.51
C ILE W 51 39.14 -71.10 -9.87
N GLU W 52 39.43 -71.01 -11.15
CA GLU W 52 40.80 -70.97 -11.65
C GLU W 52 41.18 -69.53 -11.94
N ASN W 53 42.00 -68.95 -11.07
CA ASN W 53 42.51 -67.60 -11.26
C ASN W 53 43.60 -67.61 -12.34
N GLU W 54 44.18 -66.43 -12.58
CA GLU W 54 45.31 -66.35 -13.50
C GLU W 54 46.52 -67.11 -12.97
N ASP W 55 46.76 -67.02 -11.66
CA ASP W 55 47.95 -67.63 -11.07
C ASP W 55 47.95 -69.15 -11.18
N GLY W 56 46.82 -69.76 -11.53
CA GLY W 56 46.71 -71.20 -11.55
C GLY W 56 46.24 -71.80 -10.24
N SER W 57 46.14 -71.02 -9.18
CA SER W 57 45.61 -71.51 -7.93
C SER W 57 44.11 -71.75 -8.06
N HIS W 58 43.67 -72.91 -7.60
CA HIS W 58 42.26 -73.29 -7.66
C HIS W 58 41.63 -73.05 -6.29
N VAL W 59 40.64 -72.17 -6.25
CA VAL W 59 39.96 -71.79 -5.02
C VAL W 59 38.54 -72.31 -5.07
N GLN W 60 38.17 -73.15 -4.10
CA GLN W 60 36.83 -73.69 -4.04
C GLN W 60 35.84 -72.63 -3.60
N ILE W 61 34.62 -72.71 -4.12
CA ILE W 61 33.54 -71.78 -3.79
C ILE W 61 32.27 -72.57 -3.50
N THR W 62 31.25 -71.85 -3.04
CA THR W 62 29.98 -72.47 -2.71
C THR W 62 29.34 -73.09 -3.96
N GLN W 63 28.61 -74.17 -3.74
CA GLN W 63 28.04 -74.98 -4.82
C GLN W 63 27.08 -74.21 -5.71
N PRO W 64 26.10 -73.45 -5.18
CA PRO W 64 25.16 -72.78 -6.09
C PRO W 64 25.81 -71.64 -6.86
N LEU W 65 26.08 -71.87 -8.13
CA LEU W 65 26.67 -70.84 -8.97
C LEU W 65 25.59 -69.89 -9.48
N ILE W 66 25.96 -68.62 -9.62
CA ILE W 66 25.00 -67.56 -9.94
C ILE W 66 25.27 -67.08 -11.35
N ILE W 67 24.20 -66.98 -12.15
CA ILE W 67 24.31 -66.45 -13.50
C ILE W 67 23.88 -64.99 -13.51
N ASN W 68 24.46 -64.22 -14.43
CA ASN W 68 24.12 -62.81 -14.60
C ASN W 68 23.13 -62.66 -15.75
N ALA W 69 22.85 -61.41 -16.13
CA ALA W 69 21.94 -61.15 -17.24
C ALA W 69 22.51 -61.57 -18.58
N ALA W 70 23.81 -61.85 -18.66
CA ALA W 70 24.47 -62.23 -19.90
C ALA W 70 24.41 -63.73 -20.18
N GLY W 71 23.99 -64.53 -19.20
CA GLY W 71 23.95 -65.97 -19.36
C GLY W 71 25.23 -66.69 -19.01
N LYS W 72 26.18 -66.04 -18.34
CA LYS W 72 27.47 -66.62 -18.02
C LYS W 72 27.65 -66.69 -16.51
N ILE W 73 28.41 -67.69 -16.05
CA ILE W 73 28.65 -67.85 -14.63
C ILE W 73 29.41 -66.66 -14.08
N VAL W 74 28.95 -66.14 -12.95
CA VAL W 74 29.48 -64.91 -12.38
C VAL W 74 29.68 -65.07 -10.89
N TYR W 75 30.82 -64.60 -10.40
CA TYR W 75 31.15 -64.60 -8.97
C TYR W 75 31.38 -63.16 -8.52
N ASN W 76 30.53 -62.69 -7.61
CA ASN W 76 30.63 -61.36 -7.02
C ASN W 76 30.59 -60.25 -8.07
N GLY W 77 29.87 -60.49 -9.17
CA GLY W 77 29.71 -59.51 -10.23
C GLY W 77 30.66 -59.69 -11.39
N GLN W 78 31.73 -60.45 -11.21
CA GLN W 78 32.74 -60.62 -12.24
C GLN W 78 32.65 -62.01 -12.87
N LEU W 79 33.02 -62.09 -14.14
CA LEU W 79 33.07 -63.38 -14.81
C LEU W 79 34.28 -64.17 -14.33
N VAL W 80 34.08 -65.49 -14.14
CA VAL W 80 35.12 -66.37 -13.65
C VAL W 80 35.17 -67.62 -14.52
N LYS W 81 36.28 -68.34 -14.39
CA LYS W 81 36.47 -69.62 -15.09
C LYS W 81 36.31 -70.74 -14.08
N ILE W 82 35.36 -71.64 -14.32
CA ILE W 82 34.99 -72.70 -13.39
C ILE W 82 35.52 -74.02 -13.94
N VAL W 83 36.29 -74.74 -13.13
CA VAL W 83 36.86 -76.02 -13.52
C VAL W 83 36.53 -77.04 -12.42
N THR W 84 35.99 -78.19 -12.83
CA THR W 84 35.67 -79.28 -11.91
C THR W 84 36.10 -80.59 -12.54
N VAL W 85 36.11 -81.64 -11.72
CA VAL W 85 36.41 -82.98 -12.23
C VAL W 85 35.31 -83.42 -13.18
N GLN W 86 35.72 -83.95 -14.33
CA GLN W 86 34.76 -84.35 -15.36
C GLN W 86 33.88 -85.49 -14.86
N GLY W 87 32.69 -85.58 -15.45
CA GLY W 87 31.69 -86.53 -15.01
C GLY W 87 30.73 -86.00 -13.97
N HIS W 88 30.18 -84.80 -14.18
CA HIS W 88 29.34 -84.13 -13.19
C HIS W 88 27.95 -83.94 -13.76
N SER W 89 26.93 -84.32 -12.99
CA SER W 89 25.56 -83.99 -13.37
C SER W 89 25.30 -82.51 -13.14
N MET W 90 24.50 -81.91 -14.01
CA MET W 90 24.21 -80.49 -13.97
C MET W 90 22.71 -80.27 -13.82
N ALA W 91 22.33 -79.38 -12.90
CA ALA W 91 20.94 -79.00 -12.70
C ALA W 91 20.86 -77.49 -12.62
N ILE W 92 20.20 -76.89 -13.60
CA ILE W 92 20.05 -75.43 -13.68
C ILE W 92 18.68 -75.05 -13.18
N TYR W 93 18.64 -74.14 -12.21
CA TYR W 93 17.40 -73.69 -11.60
C TYR W 93 17.21 -72.21 -11.88
N ASP W 94 15.97 -71.83 -12.17
CA ASP W 94 15.65 -70.44 -12.44
C ASP W 94 15.56 -69.66 -11.13
N ALA W 95 15.53 -68.33 -11.25
CA ALA W 95 15.41 -67.47 -10.07
C ALA W 95 14.08 -67.71 -9.35
N ASN W 96 13.02 -67.98 -10.10
CA ASN W 96 11.72 -68.23 -9.50
C ASN W 96 11.71 -69.52 -8.67
N GLY W 97 12.54 -70.49 -9.02
CA GLY W 97 12.58 -71.75 -8.33
C GLY W 97 12.19 -72.96 -9.14
N SER W 98 11.91 -72.79 -10.44
CA SER W 98 11.57 -73.90 -11.30
C SER W 98 12.85 -74.57 -11.81
N GLN W 99 12.68 -75.55 -12.70
CA GLN W 99 13.81 -76.30 -13.26
C GLN W 99 13.90 -75.99 -14.75
N VAL W 100 15.06 -75.55 -15.19
CA VAL W 100 15.27 -75.27 -16.61
C VAL W 100 15.79 -76.51 -17.32
N ASP W 101 16.88 -77.10 -16.81
CA ASP W 101 17.46 -78.28 -17.42
C ASP W 101 18.01 -79.19 -16.34
N TYR W 102 18.15 -80.47 -16.69
CA TYR W 102 18.78 -81.47 -15.83
C TYR W 102 19.51 -82.47 -16.71
N ILE W 103 20.80 -82.63 -16.50
CA ILE W 103 21.64 -83.52 -17.29
C ILE W 103 22.27 -84.53 -16.35
N ALA W 104 22.04 -85.81 -16.62
CA ALA W 104 22.56 -86.86 -15.74
C ALA W 104 24.08 -87.00 -15.87
N ASN W 105 24.59 -86.98 -17.10
CA ASN W 105 26.02 -87.12 -17.35
C ASN W 105 26.38 -86.20 -18.52
N VAL W 106 27.21 -85.18 -18.24
CA VAL W 106 27.59 -84.24 -19.28
C VAL W 106 28.52 -84.87 -20.30
N LEU W 107 29.17 -85.99 -19.95
CA LEU W 107 30.01 -86.68 -20.92
C LEU W 107 29.20 -87.38 -22.00
N LYS W 108 27.90 -87.59 -21.77
CA LYS W 108 27.07 -88.22 -22.79
C LYS W 108 26.78 -87.24 -23.93
N TYR W 109 26.73 -85.95 -23.62
CA TYR W 109 26.49 -84.92 -24.64
C TYR W 109 27.79 -84.57 -25.35
N ASP W 110 28.44 -85.60 -25.88
CA ASP W 110 29.71 -85.51 -26.57
C ASP W 110 29.51 -85.94 -28.02
N PRO W 111 29.89 -85.11 -28.99
CA PRO W 111 29.63 -85.46 -30.39
C PRO W 111 30.19 -86.80 -30.82
N ASP W 112 31.34 -87.20 -30.29
CA ASP W 112 31.95 -88.49 -30.60
C ASP W 112 31.97 -89.35 -29.36
N GLN W 113 31.13 -90.39 -29.34
CA GLN W 113 31.09 -91.34 -28.24
C GLN W 113 31.75 -92.67 -28.55
N TYR W 114 32.07 -92.93 -29.82
CA TYR W 114 32.78 -94.18 -30.15
C TYR W 114 34.20 -94.15 -29.59
N SER W 115 34.82 -92.97 -29.53
CA SER W 115 36.19 -92.87 -29.05
C SER W 115 36.30 -93.31 -27.60
N ILE W 116 35.30 -92.99 -26.79
CA ILE W 116 35.33 -93.36 -25.37
C ILE W 116 35.38 -94.88 -25.23
N GLU W 117 34.55 -95.59 -26.01
CA GLU W 117 34.55 -97.05 -25.94
C GLU W 117 35.83 -97.63 -26.55
N ALA W 118 36.34 -97.01 -27.62
CA ALA W 118 37.50 -97.56 -28.31
C ALA W 118 38.77 -97.39 -27.49
N ASP W 119 38.86 -96.33 -26.70
CA ASP W 119 40.10 -96.06 -25.96
C ASP W 119 40.41 -97.16 -24.95
N LYS W 120 39.38 -97.87 -24.49
CA LYS W 120 39.58 -98.85 -23.42
C LYS W 120 40.26 -100.11 -23.93
N LYS W 121 39.86 -100.60 -25.10
CA LYS W 121 40.14 -101.98 -25.51
C LYS W 121 41.27 -102.10 -26.52
N PHE W 122 42.25 -101.20 -26.50
CA PHE W 122 43.38 -101.32 -27.41
C PHE W 122 44.67 -100.98 -26.67
N LYS W 123 45.80 -101.24 -27.32
CA LYS W 123 47.11 -100.89 -26.82
C LYS W 123 47.65 -99.65 -27.52
N TYR W 124 48.29 -98.78 -26.76
CA TYR W 124 48.86 -97.54 -27.27
C TYR W 124 50.34 -97.79 -27.55
N SER W 125 50.77 -97.52 -28.78
CA SER W 125 52.17 -97.62 -29.16
C SER W 125 52.41 -96.78 -30.41
N VAL W 126 53.29 -95.80 -30.31
CA VAL W 126 53.57 -94.91 -31.43
C VAL W 126 54.45 -95.61 -32.45
N LYS W 127 54.15 -95.39 -33.72
CA LYS W 127 54.97 -95.87 -34.84
C LYS W 127 55.96 -94.78 -35.22
N LEU W 128 57.18 -95.18 -35.58
CA LEU W 128 58.20 -94.20 -35.94
C LEU W 128 57.96 -93.64 -37.34
N SER W 129 57.18 -94.36 -38.16
CA SER W 129 57.02 -93.97 -39.56
C SER W 129 56.30 -92.63 -39.70
N ASP W 130 55.24 -92.43 -38.92
CA ASP W 130 54.41 -91.25 -39.11
C ASP W 130 55.09 -89.97 -38.63
N TYR W 131 55.72 -90.01 -37.45
CA TYR W 131 56.36 -88.81 -36.92
C TYR W 131 57.62 -88.49 -37.71
N PRO W 132 57.93 -87.20 -37.90
CA PRO W 132 59.13 -86.83 -38.67
C PRO W 132 60.43 -87.19 -37.99
N THR W 133 60.58 -86.84 -36.72
CA THR W 133 61.84 -86.99 -35.99
C THR W 133 61.64 -87.95 -34.82
N LEU W 134 62.76 -88.29 -34.19
CA LEU W 134 62.73 -89.26 -33.08
C LEU W 134 62.18 -88.63 -31.81
N GLN W 135 62.56 -87.39 -31.52
CA GLN W 135 62.14 -86.75 -30.28
C GLN W 135 60.64 -86.55 -30.22
N ASP W 136 60.03 -86.15 -31.34
CA ASP W 136 58.59 -85.95 -31.36
C ASP W 136 57.84 -87.25 -31.09
N ALA W 137 58.28 -88.34 -31.70
CA ALA W 137 57.65 -89.63 -31.44
C ALA W 137 57.87 -90.07 -30.00
N ALA W 138 59.07 -89.85 -29.46
CA ALA W 138 59.36 -90.28 -28.10
C ALA W 138 58.53 -89.50 -27.08
N SER W 139 58.33 -88.21 -27.30
CA SER W 139 57.61 -87.38 -26.34
C SER W 139 56.16 -87.84 -26.19
N ALA W 140 55.48 -88.09 -27.32
CA ALA W 140 54.09 -88.51 -27.30
C ALA W 140 53.93 -90.02 -27.22
N ALA W 141 54.93 -90.74 -26.70
CA ALA W 141 54.92 -92.19 -26.67
C ALA W 141 54.45 -92.71 -25.32
N VAL W 142 53.50 -93.64 -25.36
CA VAL W 142 53.01 -94.32 -24.16
C VAL W 142 52.99 -95.81 -24.44
N ASP W 143 53.53 -96.58 -23.50
CA ASP W 143 53.51 -98.04 -23.54
C ASP W 143 54.21 -98.57 -24.79
N GLY W 144 55.48 -98.23 -24.92
CA GLY W 144 56.32 -98.80 -25.96
C GLY W 144 56.21 -98.06 -27.27
N LEU W 145 57.17 -98.32 -28.16
CA LEU W 145 57.22 -97.72 -29.48
C LEU W 145 57.46 -98.79 -30.53
N LEU W 146 57.52 -98.36 -31.79
CA LEU W 146 57.86 -99.21 -32.91
C LEU W 146 58.91 -98.50 -33.75
N ILE W 147 59.88 -99.26 -34.25
CA ILE W 147 60.99 -98.72 -35.03
C ILE W 147 60.77 -99.03 -36.50
N ASP W 148 60.53 -97.98 -37.29
CA ASP W 148 60.29 -98.12 -38.73
C ASP W 148 61.13 -97.07 -39.45
N ARG W 149 60.84 -96.90 -40.74
CA ARG W 149 61.53 -95.88 -41.53
C ARG W 149 61.17 -94.49 -41.03
N ASP W 150 62.19 -93.66 -40.82
CA ASP W 150 62.03 -92.32 -40.28
C ASP W 150 61.26 -92.32 -38.96
N THR X 2 11.71 -98.50 28.14
CA THR X 2 12.06 -99.75 27.48
C THR X 2 13.27 -99.56 26.56
N ASP X 3 13.16 -98.59 25.64
CA ASP X 3 14.27 -98.32 24.72
C ASP X 3 15.49 -97.82 25.47
N ILE X 4 15.29 -96.89 26.42
CA ILE X 4 16.39 -96.35 27.21
C ILE X 4 15.81 -95.93 28.56
N THR X 5 16.69 -95.56 29.50
CA THR X 5 16.21 -95.11 30.80
C THR X 5 15.27 -93.91 30.68
N ALA X 6 15.72 -92.87 29.96
CA ALA X 6 14.90 -91.69 29.68
C ALA X 6 14.30 -91.10 30.96
N ASN X 7 15.18 -90.63 31.84
CA ASN X 7 14.76 -90.11 33.14
C ASN X 7 14.55 -88.61 33.14
N VAL X 8 14.75 -87.93 32.01
CA VAL X 8 14.70 -86.47 31.95
C VAL X 8 13.50 -86.07 31.10
N VAL X 9 12.65 -85.22 31.67
CA VAL X 9 11.49 -84.71 30.94
C VAL X 9 11.79 -83.33 30.38
N VAL X 10 11.40 -83.11 29.13
CA VAL X 10 11.55 -81.81 28.50
C VAL X 10 10.36 -80.94 28.88
N SER X 11 10.64 -79.80 29.51
CA SER X 11 9.59 -78.91 30.00
C SER X 11 10.08 -77.47 29.92
N ASN X 12 9.21 -76.55 30.37
CA ASN X 12 9.55 -75.14 30.36
C ASN X 12 10.70 -74.88 31.34
N PRO X 13 11.82 -74.34 30.89
CA PRO X 13 12.96 -74.08 31.80
C PRO X 13 12.85 -72.79 32.60
N ARG X 14 11.81 -71.98 32.38
CA ARG X 14 11.62 -70.72 33.08
C ARG X 14 10.26 -70.74 33.76
N PRO X 15 10.19 -70.61 35.08
CA PRO X 15 8.89 -70.69 35.76
C PRO X 15 8.01 -69.50 35.44
N ILE X 16 6.70 -69.71 35.51
CA ILE X 16 5.69 -68.69 35.22
C ILE X 16 4.81 -68.52 36.44
N PHE X 17 4.65 -67.28 36.88
CA PHE X 17 3.82 -66.93 38.03
C PHE X 17 2.66 -66.07 37.56
N THR X 18 1.45 -66.47 37.90
CA THR X 18 0.24 -65.75 37.53
C THR X 18 -0.58 -65.43 38.77
N GLU X 19 -1.53 -64.51 38.60
CA GLU X 19 -2.40 -64.12 39.69
C GLU X 19 -3.36 -65.24 40.06
N SER X 20 -3.98 -65.12 41.23
CA SER X 20 -4.89 -66.15 41.70
C SER X 20 -6.33 -65.86 41.28
N ARG X 21 -6.71 -64.59 41.24
CA ARG X 21 -8.11 -64.25 40.98
C ARG X 21 -8.40 -64.14 39.49
N SER X 22 -7.39 -63.87 38.67
CA SER X 22 -7.59 -63.70 37.24
C SER X 22 -6.47 -64.43 36.49
N PHE X 23 -6.48 -64.31 35.16
CA PHE X 23 -5.51 -64.98 34.29
C PHE X 23 -4.65 -63.92 33.61
N LYS X 24 -3.60 -63.50 34.30
CA LYS X 24 -2.67 -62.50 33.77
C LYS X 24 -1.39 -62.55 34.60
N ALA X 25 -0.26 -62.43 33.91
CA ALA X 25 1.03 -62.55 34.58
C ALA X 25 1.23 -61.45 35.61
N VAL X 26 1.82 -61.83 36.75
CA VAL X 26 2.13 -60.85 37.79
C VAL X 26 3.26 -59.96 37.31
N ALA X 27 3.01 -58.66 37.28
CA ALA X 27 3.98 -57.67 36.82
C ALA X 27 4.56 -56.93 38.02
N ASN X 28 5.90 -56.86 38.05
CA ASN X 28 6.62 -56.16 39.12
C ASN X 28 6.23 -56.71 40.49
N GLY X 29 6.10 -58.03 40.58
CA GLY X 29 5.72 -58.69 41.82
C GLY X 29 6.95 -59.27 42.49
N LYS X 30 7.08 -58.96 43.78
CA LYS X 30 8.23 -59.44 44.54
C LYS X 30 8.05 -60.90 44.94
N ILE X 31 9.17 -61.60 45.09
CA ILE X 31 9.18 -62.99 45.52
C ILE X 31 10.12 -63.13 46.70
N TYR X 32 9.65 -63.78 47.77
CA TYR X 32 10.46 -64.01 48.95
C TYR X 32 10.60 -65.51 49.19
N ILE X 33 11.81 -65.92 49.56
CA ILE X 33 12.14 -67.33 49.80
C ILE X 33 12.72 -67.46 51.20
N GLY X 34 12.16 -68.38 51.99
CA GLY X 34 12.56 -68.55 53.37
C GLY X 34 12.60 -70.01 53.77
N GLN X 35 12.94 -70.24 55.04
CA GLN X 35 13.08 -71.59 55.56
C GLN X 35 11.73 -72.29 55.68
N ILE X 36 11.79 -73.56 56.07
CA ILE X 36 10.59 -74.38 56.15
C ILE X 36 9.63 -73.82 57.19
N ASP X 37 8.36 -73.69 56.81
CA ASP X 37 7.28 -73.32 57.71
C ASP X 37 7.57 -72.00 58.43
N THR X 38 8.14 -71.03 57.72
CA THR X 38 8.44 -69.73 58.28
C THR X 38 7.97 -68.64 57.32
N ASP X 39 7.90 -67.42 57.83
CA ASP X 39 7.48 -66.29 57.00
C ASP X 39 8.70 -65.68 56.32
N PRO X 40 8.79 -65.76 54.99
CA PRO X 40 9.98 -65.24 54.30
C PRO X 40 10.09 -63.73 54.31
N VAL X 41 9.03 -63.00 54.66
CA VAL X 41 9.08 -61.55 54.66
C VAL X 41 10.09 -61.05 55.68
N ASN X 42 10.16 -61.72 56.83
CA ASN X 42 11.16 -61.37 57.84
C ASN X 42 12.55 -61.71 57.32
N PRO X 43 13.47 -60.74 57.27
CA PRO X 43 14.82 -61.03 56.75
C PRO X 43 15.59 -62.07 57.52
N ALA X 44 15.22 -62.36 58.77
CA ALA X 44 15.96 -63.36 59.55
C ALA X 44 15.72 -64.76 59.03
N ASN X 45 14.58 -65.00 58.40
CA ASN X 45 14.18 -66.33 57.96
C ASN X 45 14.58 -66.64 56.53
N GLN X 46 15.29 -65.75 55.86
CA GLN X 46 15.58 -65.95 54.43
C GLN X 46 16.85 -66.77 54.24
N ILE X 47 16.93 -67.43 53.10
CA ILE X 47 18.06 -68.28 52.75
C ILE X 47 18.73 -67.69 51.51
N PRO X 48 20.01 -68.00 51.29
CA PRO X 48 20.69 -67.44 50.12
C PRO X 48 20.05 -67.87 48.80
N VAL X 49 20.06 -66.96 47.83
CA VAL X 49 19.51 -67.20 46.51
C VAL X 49 20.61 -66.92 45.50
N TYR X 50 20.87 -67.87 44.60
CA TYR X 50 21.99 -67.81 43.69
C TYR X 50 21.52 -67.69 42.25
N ILE X 51 22.23 -66.85 41.49
CA ILE X 51 22.09 -66.83 40.03
C ILE X 51 23.15 -67.73 39.42
N GLU X 52 22.73 -68.61 38.53
CA GLU X 52 23.65 -69.52 37.84
C GLU X 52 23.88 -69.01 36.43
N ASN X 53 25.07 -68.47 36.17
CA ASN X 53 25.45 -68.02 34.84
C ASN X 53 25.81 -69.22 33.98
N GLU X 54 26.27 -68.94 32.75
CA GLU X 54 26.74 -70.02 31.89
C GLU X 54 28.00 -70.67 32.46
N ASP X 55 28.90 -69.87 33.02
CA ASP X 55 30.18 -70.39 33.52
C ASP X 55 30.01 -71.37 34.66
N GLY X 56 28.82 -71.45 35.27
CA GLY X 56 28.61 -72.29 36.42
C GLY X 56 28.87 -71.62 37.74
N SER X 57 29.42 -70.41 37.74
CA SER X 57 29.61 -69.68 38.99
C SER X 57 28.28 -69.20 39.54
N HIS X 58 28.05 -69.44 40.83
CA HIS X 58 26.82 -69.08 41.49
C HIS X 58 27.04 -67.77 42.23
N VAL X 59 26.25 -66.76 41.90
CA VAL X 59 26.36 -65.42 42.47
C VAL X 59 25.11 -65.14 43.28
N GLN X 60 25.29 -64.78 44.55
CA GLN X 60 24.16 -64.48 45.42
C GLN X 60 23.63 -63.09 45.13
N ILE X 61 22.31 -62.94 45.24
CA ILE X 61 21.64 -61.67 45.00
C ILE X 61 20.66 -61.41 46.15
N THR X 62 20.10 -60.20 46.14
CA THR X 62 19.16 -59.81 47.17
C THR X 62 17.90 -60.67 47.12
N GLN X 63 17.30 -60.87 48.29
CA GLN X 63 16.19 -61.81 48.44
C GLN X 63 14.96 -61.44 47.61
N PRO X 64 14.48 -60.18 47.59
CA PRO X 64 13.26 -59.91 46.82
C PRO X 64 13.48 -60.00 45.33
N LEU X 65 13.00 -61.08 44.72
CA LEU X 65 13.13 -61.26 43.29
C LEU X 65 12.00 -60.52 42.57
N ILE X 66 12.31 -60.02 41.37
CA ILE X 66 11.42 -59.15 40.63
C ILE X 66 10.91 -59.90 39.40
N ILE X 67 9.59 -59.86 39.21
CA ILE X 67 8.99 -60.46 38.02
C ILE X 67 8.69 -59.38 36.99
N ASN X 68 8.75 -59.76 35.72
CA ASN X 68 8.43 -58.87 34.61
C ASN X 68 6.99 -59.10 34.16
N ALA X 69 6.62 -58.47 33.04
CA ALA X 69 5.28 -58.64 32.50
C ALA X 69 5.05 -60.03 31.93
N ALA X 70 6.10 -60.83 31.75
CA ALA X 70 5.99 -62.17 31.20
C ALA X 70 5.71 -63.23 32.25
N GLY X 71 5.86 -62.91 33.53
CA GLY X 71 5.64 -63.87 34.59
C GLY X 71 6.87 -64.65 35.02
N LYS X 72 8.06 -64.25 34.57
CA LYS X 72 9.29 -64.98 34.85
C LYS X 72 10.23 -64.12 35.68
N ILE X 73 11.07 -64.79 36.49
CA ILE X 73 12.00 -64.07 37.34
C ILE X 73 13.02 -63.33 36.48
N VAL X 74 13.34 -62.08 36.82
CA VAL X 74 14.26 -61.26 36.02
C VAL X 74 15.32 -60.53 36.84
N TYR X 75 16.49 -60.26 36.27
CA TYR X 75 17.55 -59.50 36.95
C TYR X 75 18.08 -58.43 36.03
N ASN X 76 17.81 -57.18 36.33
CA ASN X 76 18.22 -56.07 35.47
C ASN X 76 17.50 -56.09 34.14
N GLY X 77 16.26 -56.56 34.15
CA GLY X 77 15.50 -56.62 32.92
C GLY X 77 15.78 -57.85 32.12
N GLN X 78 16.79 -58.60 32.50
CA GLN X 78 17.17 -59.77 31.74
C GLN X 78 16.76 -60.98 32.52
N LEU X 79 16.53 -62.10 31.85
CA LEU X 79 16.04 -63.30 32.51
C LEU X 79 17.18 -64.07 33.12
N VAL X 80 16.96 -64.76 34.24
CA VAL X 80 18.06 -65.44 34.90
C VAL X 80 17.57 -66.80 35.41
N LYS X 81 18.54 -67.66 35.70
CA LYS X 81 18.27 -68.99 36.26
C LYS X 81 18.59 -68.96 37.74
N ILE X 82 17.58 -69.19 38.58
CA ILE X 82 17.69 -69.08 40.03
C ILE X 82 17.74 -70.48 40.61
N VAL X 83 18.79 -70.78 41.38
CA VAL X 83 18.95 -72.06 42.04
C VAL X 83 19.17 -71.82 43.53
N THR X 84 18.48 -72.60 44.36
CA THR X 84 18.59 -72.51 45.81
C THR X 84 18.62 -73.91 46.41
N VAL X 85 18.98 -73.98 47.68
CA VAL X 85 18.95 -75.24 48.41
C VAL X 85 17.50 -75.70 48.56
N GLN X 86 17.28 -77.01 48.48
CA GLN X 86 15.95 -77.56 48.60
C GLN X 86 15.35 -77.22 49.96
N GLY X 87 14.03 -77.30 50.04
CA GLY X 87 13.30 -77.00 51.25
C GLY X 87 13.10 -75.53 51.53
N HIS X 88 12.50 -74.78 50.61
CA HIS X 88 12.34 -73.34 50.74
C HIS X 88 10.87 -72.98 50.68
N SER X 89 10.38 -72.30 51.71
CA SER X 89 9.05 -71.71 51.64
C SER X 89 9.07 -70.54 50.68
N MET X 90 7.97 -70.36 49.94
CA MET X 90 7.89 -69.32 48.92
C MET X 90 6.65 -68.47 49.18
N ALA X 91 6.84 -67.15 49.18
CA ALA X 91 5.76 -66.19 49.35
C ALA X 91 5.85 -65.17 48.22
N ILE X 92 4.80 -65.09 47.40
CA ILE X 92 4.75 -64.17 46.27
C ILE X 92 3.89 -62.98 46.64
N TYR X 93 4.44 -61.77 46.48
CA TYR X 93 3.75 -60.54 46.80
C TYR X 93 3.57 -59.72 45.54
N ASP X 94 2.41 -59.08 45.44
CA ASP X 94 2.11 -58.23 44.29
C ASP X 94 2.76 -56.85 44.47
N ALA X 95 2.77 -56.08 43.38
CA ALA X 95 3.32 -54.73 43.44
C ALA X 95 2.50 -53.83 44.37
N ASN X 96 1.19 -54.01 44.38
CA ASN X 96 0.33 -53.21 45.26
C ASN X 96 0.60 -53.48 46.72
N GLY X 97 1.19 -54.62 47.06
CA GLY X 97 1.46 -54.98 48.44
C GLY X 97 0.62 -56.09 49.01
N SER X 98 -0.27 -56.69 48.21
CA SER X 98 -1.08 -57.80 48.67
C SER X 98 -0.31 -59.10 48.57
N GLN X 99 -0.96 -60.21 48.89
CA GLN X 99 -0.34 -61.54 48.86
C GLN X 99 -1.04 -62.37 47.79
N VAL X 100 -0.25 -62.91 46.85
CA VAL X 100 -0.81 -63.79 45.84
C VAL X 100 -0.89 -65.22 46.36
N ASP X 101 0.26 -65.80 46.70
CA ASP X 101 0.32 -67.18 47.15
C ASP X 101 1.33 -67.29 48.29
N TYR X 102 1.15 -68.31 49.12
CA TYR X 102 2.09 -68.65 50.17
C TYR X 102 2.20 -70.16 50.27
N ILE X 103 3.41 -70.69 50.13
CA ILE X 103 3.65 -72.12 50.13
C ILE X 103 4.62 -72.42 51.27
N ALA X 104 4.19 -73.24 52.22
CA ALA X 104 5.04 -73.54 53.38
C ALA X 104 6.21 -74.44 53.00
N ASN X 105 5.96 -75.46 52.18
CA ASN X 105 6.99 -76.41 51.77
C ASN X 105 6.75 -76.78 50.32
N VAL X 106 7.67 -76.37 49.44
CA VAL X 106 7.51 -76.64 48.02
C VAL X 106 7.71 -78.10 47.67
N LEU X 107 8.38 -78.87 48.54
CA LEU X 107 8.53 -80.30 48.30
C LEU X 107 7.23 -81.05 48.53
N LYS X 108 6.28 -80.46 49.24
CA LYS X 108 4.98 -81.11 49.42
C LYS X 108 4.17 -81.08 48.13
N TYR X 109 4.44 -80.09 47.27
CA TYR X 109 3.76 -79.99 45.97
C TYR X 109 4.49 -80.84 44.93
N ASP X 110 4.70 -82.10 45.28
CA ASP X 110 5.40 -83.07 44.45
C ASP X 110 4.42 -84.16 44.06
N PRO X 111 4.26 -84.43 42.76
CA PRO X 111 3.25 -85.42 42.33
C PRO X 111 3.41 -86.78 42.98
N ASP X 112 4.64 -87.23 43.21
CA ASP X 112 4.89 -88.52 43.86
C ASP X 112 5.53 -88.26 45.22
N GLN X 113 4.77 -88.51 46.29
CA GLN X 113 5.27 -88.35 47.64
C GLN X 113 5.58 -89.67 48.33
N TYR X 114 5.15 -90.80 47.76
CA TYR X 114 5.49 -92.09 48.35
C TYR X 114 6.99 -92.37 48.25
N SER X 115 7.63 -91.89 47.18
CA SER X 115 9.05 -92.14 46.99
C SER X 115 9.87 -91.52 48.11
N ILE X 116 9.47 -90.36 48.61
CA ILE X 116 10.21 -89.69 49.68
C ILE X 116 10.24 -90.57 50.92
N GLU X 117 9.09 -91.16 51.28
CA GLU X 117 9.04 -92.03 52.44
C GLU X 117 9.76 -93.35 52.18
N ALA X 118 9.64 -93.87 50.95
CA ALA X 118 10.22 -95.18 50.66
C ALA X 118 11.74 -95.13 50.63
N ASP X 119 12.31 -94.00 50.22
CA ASP X 119 13.77 -93.90 50.10
C ASP X 119 14.46 -94.08 51.46
N LYS X 120 13.75 -93.76 52.55
CA LYS X 120 14.39 -93.78 53.87
C LYS X 120 14.57 -95.20 54.38
N LYS X 121 13.56 -96.06 54.20
CA LYS X 121 13.46 -97.30 54.96
C LYS X 121 13.89 -98.54 54.18
N PHE X 122 14.68 -98.39 53.13
CA PHE X 122 15.18 -99.55 52.40
C PHE X 122 16.68 -99.41 52.20
N LYS X 123 17.30 -100.49 51.74
CA LYS X 123 18.74 -100.55 51.51
C LYS X 123 19.02 -100.68 50.02
N TYR X 124 19.97 -99.88 49.53
CA TYR X 124 20.25 -99.79 48.10
C TYR X 124 21.29 -100.84 47.72
N SER X 125 20.98 -101.64 46.71
CA SER X 125 21.91 -102.63 46.17
C SER X 125 21.57 -102.88 44.71
N VAL X 126 22.53 -102.66 43.83
CA VAL X 126 22.30 -102.87 42.40
C VAL X 126 22.53 -104.35 42.05
N LYS X 127 21.69 -104.86 41.15
CA LYS X 127 21.77 -106.23 40.68
C LYS X 127 22.39 -106.26 39.30
N LEU X 128 23.28 -107.22 39.06
CA LEU X 128 23.92 -107.33 37.74
C LEU X 128 22.97 -107.88 36.70
N SER X 129 21.84 -108.45 37.13
CA SER X 129 20.94 -109.13 36.20
C SER X 129 20.31 -108.15 35.22
N ASP X 130 19.76 -107.03 35.72
CA ASP X 130 19.05 -106.10 34.86
C ASP X 130 20.00 -105.28 33.99
N TYR X 131 21.11 -104.81 34.56
CA TYR X 131 22.04 -103.99 33.80
C TYR X 131 22.74 -104.85 32.75
N PRO X 132 22.97 -104.31 31.56
CA PRO X 132 23.61 -105.10 30.49
C PRO X 132 25.07 -105.45 30.76
N THR X 133 25.86 -104.44 31.12
CA THR X 133 27.31 -104.60 31.27
C THR X 133 27.70 -104.39 32.73
N LEU X 134 28.95 -104.75 33.04
CA LEU X 134 29.44 -104.62 34.41
C LEU X 134 29.72 -103.16 34.77
N GLN X 135 30.30 -102.40 33.84
CA GLN X 135 30.65 -101.02 34.15
C GLN X 135 29.41 -100.17 34.41
N ASP X 136 28.34 -100.39 33.65
CA ASP X 136 27.12 -99.63 33.85
C ASP X 136 26.55 -99.87 35.25
N ALA X 137 26.51 -101.12 35.69
CA ALA X 137 26.03 -101.42 37.03
C ALA X 137 26.96 -100.86 38.10
N ALA X 138 28.27 -100.93 37.86
CA ALA X 138 29.23 -100.43 38.85
C ALA X 138 29.12 -98.92 39.02
N SER X 139 28.89 -98.20 37.92
CA SER X 139 28.84 -96.74 37.99
C SER X 139 27.68 -96.27 38.87
N ALA X 140 26.51 -96.88 38.70
CA ALA X 140 25.32 -96.50 39.48
C ALA X 140 25.14 -97.35 40.73
N ALA X 141 26.23 -97.89 41.29
CA ALA X 141 26.14 -98.78 42.44
C ALA X 141 26.42 -98.01 43.72
N VAL X 142 25.53 -98.18 44.70
CA VAL X 142 25.68 -97.59 46.02
C VAL X 142 25.46 -98.66 47.07
N ASP X 143 26.42 -98.75 48.00
CA ASP X 143 26.34 -99.65 49.15
C ASP X 143 26.19 -101.09 48.66
N GLY X 144 27.23 -101.59 48.03
CA GLY X 144 27.30 -103.00 47.68
C GLY X 144 26.53 -103.33 46.40
N LEU X 145 26.78 -104.52 45.88
CA LEU X 145 26.11 -105.02 44.69
C LEU X 145 25.68 -106.47 44.92
N LEU X 146 25.05 -107.05 43.90
CA LEU X 146 24.67 -108.45 43.89
C LEU X 146 25.17 -109.09 42.60
N ILE X 147 25.71 -110.30 42.72
CA ILE X 147 26.30 -111.00 41.60
C ILE X 147 25.30 -112.00 41.03
N ASP X 148 24.89 -111.77 39.78
CA ASP X 148 23.94 -112.63 39.09
C ASP X 148 24.41 -112.80 37.65
N ARG X 149 23.57 -113.41 36.84
CA ARG X 149 23.89 -113.58 35.43
C ARG X 149 23.90 -112.23 34.72
N ASP X 150 24.81 -112.09 33.76
CA ASP X 150 24.98 -110.84 33.01
C ASP X 150 25.24 -109.65 33.93
N THR Y 2 18.57 -47.53 89.55
CA THR Y 2 18.47 -48.89 90.09
C THR Y 2 19.01 -49.91 89.09
N ASP Y 3 18.51 -49.86 87.86
CA ASP Y 3 18.97 -50.78 86.83
C ASP Y 3 20.43 -50.55 86.49
N ILE Y 4 20.83 -49.29 86.34
CA ILE Y 4 22.21 -48.94 86.04
C ILE Y 4 22.47 -47.55 86.61
N THR Y 5 23.74 -47.12 86.59
CA THR Y 5 24.07 -45.78 87.08
C THR Y 5 23.29 -44.71 86.34
N ALA Y 6 23.35 -44.72 85.01
CA ALA Y 6 22.57 -43.82 84.17
C ALA Y 6 22.78 -42.36 84.56
N ASN Y 7 24.01 -41.89 84.42
CA ASN Y 7 24.38 -40.53 84.82
C ASN Y 7 24.31 -39.52 83.69
N VAL Y 8 23.95 -39.94 82.47
CA VAL Y 8 23.98 -39.07 81.30
C VAL Y 8 22.54 -38.86 80.83
N VAL Y 9 22.16 -37.60 80.66
CA VAL Y 9 20.81 -37.26 80.21
C VAL Y 9 20.82 -36.96 78.72
N VAL Y 10 19.81 -37.44 78.01
CA VAL Y 10 19.62 -37.09 76.61
C VAL Y 10 18.91 -35.74 76.56
N SER Y 11 19.59 -34.74 76.00
CA SER Y 11 19.06 -33.39 75.94
C SER Y 11 19.46 -32.75 74.63
N ASN Y 12 19.10 -31.47 74.48
CA ASN Y 12 19.44 -30.74 73.27
C ASN Y 12 20.94 -30.48 73.25
N PRO Y 13 21.67 -30.95 72.23
CA PRO Y 13 23.12 -30.71 72.17
C PRO Y 13 23.52 -29.37 71.56
N ARG Y 14 22.58 -28.59 71.06
CA ARG Y 14 22.87 -27.29 70.45
C ARG Y 14 22.12 -26.21 71.20
N PRO Y 15 22.79 -25.27 71.85
CA PRO Y 15 22.09 -24.26 72.65
C PRO Y 15 21.26 -23.33 71.77
N ILE Y 16 20.18 -22.82 72.35
CA ILE Y 16 19.25 -21.92 71.67
C ILE Y 16 19.19 -20.61 72.44
N PHE Y 17 19.42 -19.50 71.74
CA PHE Y 17 19.34 -18.17 72.32
C PHE Y 17 18.14 -17.45 71.74
N THR Y 18 17.25 -16.98 72.60
CA THR Y 18 16.04 -16.29 72.19
C THR Y 18 16.00 -14.88 72.76
N GLU Y 19 15.08 -14.08 72.24
CA GLU Y 19 14.95 -12.70 72.69
C GLU Y 19 14.36 -12.64 74.09
N SER Y 20 14.45 -11.47 74.72
CA SER Y 20 13.96 -11.30 76.08
C SER Y 20 12.55 -10.74 76.09
N ARG Y 21 12.28 -9.70 75.30
CA ARG Y 21 10.98 -9.05 75.32
C ARG Y 21 9.95 -9.83 74.51
N SER Y 22 10.38 -10.63 73.55
CA SER Y 22 9.45 -11.38 72.69
C SER Y 22 9.97 -12.80 72.54
N PHE Y 23 9.29 -13.60 71.71
CA PHE Y 23 9.62 -15.01 71.52
C PHE Y 23 10.05 -15.22 70.07
N LYS Y 24 11.32 -14.93 69.79
CA LYS Y 24 11.93 -15.15 68.49
C LYS Y 24 13.42 -15.38 68.69
N ALA Y 25 14.00 -16.20 67.82
CA ALA Y 25 15.43 -16.46 67.88
C ALA Y 25 16.22 -15.22 67.52
N VAL Y 26 17.29 -14.97 68.26
CA VAL Y 26 18.16 -13.84 67.97
C VAL Y 26 18.90 -14.09 66.67
N ALA Y 27 18.76 -13.19 65.71
CA ALA Y 27 19.38 -13.32 64.40
C ALA Y 27 20.57 -12.37 64.30
N ASN Y 28 21.72 -12.92 63.90
CA ASN Y 28 22.94 -12.15 63.73
C ASN Y 28 23.31 -11.40 65.02
N GLY Y 29 23.15 -12.08 66.15
CA GLY Y 29 23.45 -11.50 67.46
C GLY Y 29 24.80 -11.98 67.97
N LYS Y 30 25.64 -11.03 68.35
CA LYS Y 30 26.97 -11.36 68.82
C LYS Y 30 26.93 -11.90 70.24
N ILE Y 31 27.88 -12.79 70.56
CA ILE Y 31 28.03 -13.35 71.90
C ILE Y 31 29.45 -13.09 72.37
N TYR Y 32 29.60 -12.56 73.58
CA TYR Y 32 30.90 -12.31 74.17
C TYR Y 32 31.04 -13.13 75.44
N ILE Y 33 32.21 -13.74 75.61
CA ILE Y 33 32.50 -14.61 76.75
C ILE Y 33 33.75 -14.10 77.45
N GLY Y 34 33.65 -13.90 78.76
CA GLY Y 34 34.74 -13.33 79.54
C GLY Y 34 34.86 -13.98 80.91
N GLN Y 35 35.80 -13.44 81.69
CA GLN Y 35 36.10 -13.99 82.99
C GLN Y 35 34.98 -13.70 83.99
N ILE Y 36 35.11 -14.25 85.20
CA ILE Y 36 34.09 -14.11 86.22
C ILE Y 36 33.93 -12.65 86.61
N ASP Y 37 32.69 -12.18 86.66
CA ASP Y 37 32.35 -10.86 87.16
C ASP Y 37 33.08 -9.75 86.41
N THR Y 38 33.24 -9.91 85.10
CA THR Y 38 33.88 -8.89 84.26
C THR Y 38 33.02 -8.63 83.04
N ASP Y 39 33.31 -7.53 82.36
CA ASP Y 39 32.58 -7.18 81.15
C ASP Y 39 33.27 -7.81 79.94
N PRO Y 40 32.63 -8.75 79.26
CA PRO Y 40 33.29 -9.41 78.12
C PRO Y 40 33.46 -8.51 76.90
N VAL Y 41 32.80 -7.35 76.86
CA VAL Y 41 32.93 -6.48 75.71
C VAL Y 41 34.36 -5.97 75.58
N ASN Y 42 35.00 -5.66 76.71
CA ASN Y 42 36.39 -5.26 76.69
C ASN Y 42 37.26 -6.46 76.30
N PRO Y 43 38.07 -6.34 75.24
CA PRO Y 43 38.87 -7.50 74.81
C PRO Y 43 39.89 -7.98 75.83
N ALA Y 44 40.22 -7.19 76.85
CA ALA Y 44 41.20 -7.62 77.83
C ALA Y 44 40.65 -8.69 78.75
N ASN Y 45 39.32 -8.73 78.91
CA ASN Y 45 38.67 -9.66 79.84
C ASN Y 45 38.23 -10.95 79.19
N GLN Y 46 38.52 -11.16 77.90
CA GLN Y 46 37.99 -12.33 77.21
C GLN Y 46 38.90 -13.53 77.39
N ILE Y 47 38.33 -14.71 77.21
CA ILE Y 47 39.04 -15.98 77.38
C ILE Y 47 38.95 -16.73 76.05
N PRO Y 48 39.88 -17.65 75.79
CA PRO Y 48 39.86 -18.38 74.52
C PRO Y 48 38.58 -19.19 74.34
N VAL Y 49 38.14 -19.29 73.09
CA VAL Y 49 36.94 -20.05 72.72
C VAL Y 49 37.34 -21.01 71.60
N TYR Y 50 37.00 -22.28 71.77
CA TYR Y 50 37.46 -23.34 70.88
C TYR Y 50 36.30 -23.99 70.14
N ILE Y 51 36.51 -24.33 68.88
CA ILE Y 51 35.62 -25.23 68.15
C ILE Y 51 36.18 -26.65 68.24
N GLU Y 52 35.33 -27.59 68.60
CA GLU Y 52 35.71 -29.00 68.67
C GLU Y 52 35.20 -29.70 67.42
N ASN Y 53 36.11 -30.03 66.51
CA ASN Y 53 35.76 -30.77 65.31
C ASN Y 53 35.55 -32.24 65.65
N GLU Y 54 35.34 -33.05 64.62
CA GLU Y 54 35.20 -34.49 64.85
C GLU Y 54 36.49 -35.09 65.38
N ASP Y 55 37.64 -34.67 64.83
CA ASP Y 55 38.92 -35.25 65.19
C ASP Y 55 39.29 -35.03 66.65
N GLY Y 56 38.59 -34.12 67.34
CA GLY Y 56 38.95 -33.77 68.69
C GLY Y 56 39.91 -32.61 68.80
N SER Y 57 40.45 -32.13 67.68
CA SER Y 57 41.32 -30.97 67.71
C SER Y 57 40.51 -29.72 68.03
N HIS Y 58 41.02 -28.93 68.98
CA HIS Y 58 40.35 -27.71 69.42
C HIS Y 58 41.01 -26.52 68.73
N VAL Y 59 40.24 -25.78 67.95
CA VAL Y 59 40.73 -24.65 67.18
C VAL Y 59 40.13 -23.37 67.75
N GLN Y 60 40.98 -22.42 68.09
CA GLN Y 60 40.52 -21.15 68.64
C GLN Y 60 40.02 -20.24 67.53
N ILE Y 61 39.01 -19.43 67.86
CA ILE Y 61 38.42 -18.48 66.92
C ILE Y 61 38.21 -17.15 67.63
N THR Y 62 37.81 -16.15 66.84
CA THR Y 62 37.56 -14.82 67.38
C THR Y 62 36.42 -14.85 68.38
N GLN Y 63 36.49 -13.98 69.37
CA GLN Y 63 35.56 -13.98 70.50
C GLN Y 63 34.11 -13.76 70.11
N PRO Y 64 33.77 -12.75 69.27
CA PRO Y 64 32.35 -12.52 68.99
C PRO Y 64 31.73 -13.63 68.14
N LEU Y 65 30.95 -14.49 68.77
CA LEU Y 65 30.28 -15.57 68.06
C LEU Y 65 29.01 -15.04 67.40
N ILE Y 66 28.63 -15.68 66.29
CA ILE Y 66 27.52 -15.24 65.46
C ILE Y 66 26.38 -16.24 65.55
N ILE Y 67 25.18 -15.73 65.80
CA ILE Y 67 23.99 -16.59 65.83
C ILE Y 67 23.23 -16.46 64.51
N ASN Y 68 22.59 -17.55 64.10
CA ASN Y 68 21.81 -17.58 62.88
C ASN Y 68 20.33 -17.37 63.19
N ALA Y 69 19.48 -17.52 62.18
CA ALA Y 69 18.05 -17.36 62.39
C ALA Y 69 17.44 -18.47 63.24
N ALA Y 70 18.17 -19.56 63.46
CA ALA Y 70 17.68 -20.67 64.25
C ALA Y 70 17.96 -20.52 65.73
N GLY Y 71 18.77 -19.54 66.13
CA GLY Y 71 19.12 -19.34 67.52
C GLY Y 71 20.32 -20.13 68.01
N LYS Y 72 21.12 -20.68 67.11
CA LYS Y 72 22.26 -21.52 67.46
C LYS Y 72 23.56 -20.86 67.01
N ILE Y 73 24.64 -21.14 67.74
CA ILE Y 73 25.93 -20.59 67.38
C ILE Y 73 26.38 -21.15 66.05
N VAL Y 74 26.87 -20.27 65.17
CA VAL Y 74 27.18 -20.61 63.79
C VAL Y 74 28.52 -20.02 63.39
N TYR Y 75 29.32 -20.82 62.69
CA TYR Y 75 30.61 -20.40 62.15
C TYR Y 75 30.59 -20.60 60.64
N ASN Y 76 30.69 -19.50 59.89
CA ASN Y 76 30.73 -19.53 58.43
C ASN Y 76 29.52 -20.24 57.83
N GLY Y 77 28.35 -20.07 58.45
CA GLY Y 77 27.11 -20.64 57.96
C GLY Y 77 26.79 -22.01 58.52
N GLN Y 78 27.77 -22.70 59.08
CA GLN Y 78 27.59 -24.05 59.59
C GLN Y 78 27.56 -24.04 61.11
N LEU Y 79 26.79 -24.97 61.68
CA LEU Y 79 26.74 -25.13 63.13
C LEU Y 79 28.03 -25.74 63.64
N VAL Y 80 28.48 -25.29 64.81
CA VAL Y 80 29.70 -25.78 65.42
C VAL Y 80 29.45 -26.06 66.90
N LYS Y 81 30.35 -26.83 67.48
CA LYS Y 81 30.32 -27.15 68.90
C LYS Y 81 31.40 -26.34 69.60
N ILE Y 82 31.00 -25.53 70.58
CA ILE Y 82 31.90 -24.59 71.26
C ILE Y 82 32.18 -25.14 72.65
N VAL Y 83 33.45 -25.25 73.00
CA VAL Y 83 33.89 -25.72 74.31
C VAL Y 83 34.87 -24.71 74.89
N THR Y 84 34.65 -24.32 76.14
CA THR Y 84 35.53 -23.39 76.84
C THR Y 84 35.71 -23.87 78.27
N VAL Y 85 36.66 -23.22 78.97
CA VAL Y 85 36.87 -23.53 80.37
C VAL Y 85 35.67 -23.07 81.18
N GLN Y 86 35.18 -23.94 82.06
CA GLN Y 86 34.00 -23.62 82.86
C GLN Y 86 34.27 -22.43 83.77
N GLY Y 87 33.22 -21.66 84.02
CA GLY Y 87 33.34 -20.41 84.75
C GLY Y 87 33.55 -19.19 83.89
N HIS Y 88 32.64 -18.92 82.94
CA HIS Y 88 32.79 -17.82 82.01
C HIS Y 88 31.56 -16.93 82.08
N SER Y 89 31.78 -15.62 82.19
CA SER Y 89 30.67 -14.67 82.06
C SER Y 89 30.19 -14.64 80.61
N MET Y 90 28.89 -14.42 80.43
CA MET Y 90 28.28 -14.41 79.11
C MET Y 90 27.53 -13.12 78.91
N ALA Y 91 27.72 -12.49 77.76
CA ALA Y 91 27.02 -11.27 77.37
C ALA Y 91 26.52 -11.43 75.95
N ILE Y 92 25.20 -11.48 75.78
CA ILE Y 92 24.57 -11.65 74.47
C ILE Y 92 24.10 -10.29 73.99
N TYR Y 93 24.48 -9.95 72.76
CA TYR Y 93 24.17 -8.64 72.20
C TYR Y 93 23.30 -8.80 70.95
N ASP Y 94 22.40 -7.84 70.79
CA ASP Y 94 21.53 -7.78 69.62
C ASP Y 94 22.32 -7.38 68.39
N ALA Y 95 21.73 -7.63 67.22
CA ALA Y 95 22.33 -7.15 65.98
C ALA Y 95 22.34 -5.63 65.92
N ASN Y 96 21.29 -4.98 66.44
CA ASN Y 96 21.23 -3.53 66.46
C ASN Y 96 22.28 -2.92 67.37
N GLY Y 97 22.69 -3.63 68.41
CA GLY Y 97 23.67 -3.14 69.36
C GLY Y 97 23.20 -3.01 70.79
N SER Y 98 21.98 -3.43 71.10
CA SER Y 98 21.48 -3.40 72.47
C SER Y 98 21.96 -4.65 73.21
N GLN Y 99 21.53 -4.79 74.47
CA GLN Y 99 21.93 -5.90 75.31
C GLN Y 99 20.72 -6.78 75.57
N VAL Y 100 20.84 -8.06 75.24
CA VAL Y 100 19.75 -9.00 75.50
C VAL Y 100 19.85 -9.57 76.92
N ASP Y 101 20.99 -10.18 77.23
CA ASP Y 101 21.20 -10.80 78.54
C ASP Y 101 22.65 -10.60 78.96
N TYR Y 102 22.87 -10.59 80.27
CA TYR Y 102 24.21 -10.54 80.84
C TYR Y 102 24.25 -11.44 82.06
N ILE Y 103 25.14 -12.43 82.04
CA ILE Y 103 25.28 -13.41 83.11
C ILE Y 103 26.68 -13.27 83.68
N ALA Y 104 26.77 -12.95 84.98
CA ALA Y 104 28.07 -12.73 85.59
C ALA Y 104 28.86 -14.02 85.70
N ASN Y 105 28.22 -15.12 86.11
CA ASN Y 105 28.89 -16.40 86.29
C ASN Y 105 27.85 -17.47 85.94
N VAL Y 106 28.12 -18.24 84.88
CA VAL Y 106 27.14 -19.21 84.41
C VAL Y 106 27.07 -20.43 85.32
N LEU Y 107 28.07 -20.65 86.17
CA LEU Y 107 28.01 -21.77 87.10
C LEU Y 107 26.94 -21.58 88.17
N LYS Y 108 26.51 -20.34 88.41
CA LYS Y 108 25.48 -20.10 89.40
C LYS Y 108 24.12 -20.58 88.93
N TYR Y 109 23.88 -20.56 87.62
CA TYR Y 109 22.62 -21.04 87.04
C TYR Y 109 22.62 -22.56 86.93
N ASP Y 110 22.87 -23.21 88.07
CA ASP Y 110 22.95 -24.66 88.19
C ASP Y 110 21.84 -25.12 89.13
N PRO Y 111 21.01 -26.07 88.69
CA PRO Y 111 19.88 -26.49 89.54
C PRO Y 111 20.29 -26.96 90.93
N ASP Y 112 21.44 -27.61 91.06
CA ASP Y 112 21.93 -28.07 92.35
C ASP Y 112 23.21 -27.29 92.69
N GLN Y 113 23.11 -26.41 93.70
CA GLN Y 113 24.27 -25.66 94.16
C GLN Y 113 24.82 -26.16 95.49
N TYR Y 114 24.10 -27.04 96.18
CA TYR Y 114 24.64 -27.65 97.40
C TYR Y 114 25.82 -28.56 97.07
N SER Y 115 25.84 -29.12 95.86
CA SER Y 115 26.91 -30.02 95.48
C SER Y 115 28.26 -29.32 95.48
N ILE Y 116 28.30 -28.06 95.03
CA ILE Y 116 29.56 -27.33 94.95
C ILE Y 116 30.17 -27.17 96.35
N GLU Y 117 29.34 -26.82 97.32
CA GLU Y 117 29.85 -26.65 98.68
C GLU Y 117 30.17 -27.99 99.31
N ALA Y 118 29.38 -29.02 99.02
CA ALA Y 118 29.59 -30.33 99.64
C ALA Y 118 30.87 -30.99 99.13
N ASP Y 119 31.22 -30.77 97.87
CA ASP Y 119 32.39 -31.43 97.31
C ASP Y 119 33.67 -30.97 97.99
N LYS Y 120 33.70 -29.74 98.50
CA LYS Y 120 34.95 -29.16 99.00
C LYS Y 120 35.34 -29.75 100.35
N LYS Y 121 34.37 -29.96 101.25
CA LYS Y 121 34.66 -30.15 102.66
C LYS Y 121 34.63 -31.62 103.09
N PHE Y 122 34.84 -32.55 102.17
CA PHE Y 122 34.84 -33.96 102.51
C PHE Y 122 35.95 -34.66 101.73
N LYS Y 123 36.35 -35.85 102.20
CA LYS Y 123 37.18 -36.74 101.42
C LYS Y 123 36.34 -37.84 100.78
N TYR Y 124 36.81 -38.33 99.63
CA TYR Y 124 36.12 -39.35 98.86
C TYR Y 124 36.70 -40.71 99.25
N SER Y 125 35.83 -41.66 99.58
CA SER Y 125 36.26 -43.00 99.96
C SER Y 125 35.25 -44.01 99.40
N VAL Y 126 35.70 -44.82 98.45
CA VAL Y 126 34.83 -45.81 97.83
C VAL Y 126 34.73 -47.04 98.72
N LYS Y 127 33.51 -47.56 98.86
CA LYS Y 127 33.24 -48.75 99.67
C LYS Y 127 33.01 -49.94 98.75
N LEU Y 128 33.62 -51.08 99.10
CA LEU Y 128 33.45 -52.28 98.28
C LEU Y 128 32.05 -52.86 98.44
N SER Y 129 31.30 -52.40 99.44
CA SER Y 129 29.99 -52.98 99.72
C SER Y 129 29.00 -52.73 98.58
N ASP Y 130 28.89 -51.48 98.13
CA ASP Y 130 27.89 -51.14 97.13
C ASP Y 130 28.29 -51.64 95.74
N TYR Y 131 29.56 -51.48 95.36
CA TYR Y 131 29.99 -51.92 94.05
C TYR Y 131 29.98 -53.43 93.96
N PRO Y 132 29.59 -54.00 92.81
CA PRO Y 132 29.50 -55.46 92.69
C PRO Y 132 30.87 -56.15 92.71
N THR Y 133 31.81 -55.67 91.90
CA THR Y 133 33.09 -56.32 91.73
C THR Y 133 34.21 -55.41 92.23
N LEU Y 134 35.41 -55.97 92.35
CA LEU Y 134 36.55 -55.21 92.85
C LEU Y 134 37.07 -54.23 91.80
N GLN Y 135 37.10 -54.63 90.53
CA GLN Y 135 37.65 -53.77 89.49
C GLN Y 135 36.81 -52.52 89.32
N ASP Y 136 35.48 -52.64 89.39
CA ASP Y 136 34.61 -51.48 89.26
C ASP Y 136 34.87 -50.47 90.37
N ALA Y 137 35.01 -50.95 91.60
CA ALA Y 137 35.31 -50.05 92.72
C ALA Y 137 36.69 -49.42 92.57
N ALA Y 138 37.67 -50.21 92.11
CA ALA Y 138 39.03 -49.69 91.97
C ALA Y 138 39.10 -48.61 90.89
N SER Y 139 38.37 -48.79 89.78
CA SER Y 139 38.44 -47.84 88.68
C SER Y 139 37.94 -46.47 89.11
N ALA Y 140 36.84 -46.41 89.84
CA ALA Y 140 36.27 -45.15 90.31
C ALA Y 140 36.73 -44.77 91.70
N ALA Y 141 37.91 -45.22 92.13
CA ALA Y 141 38.40 -44.99 93.48
C ALA Y 141 39.36 -43.81 93.51
N VAL Y 142 39.12 -42.88 94.42
CA VAL Y 142 39.99 -41.73 94.64
C VAL Y 142 40.28 -41.62 96.13
N ASP Y 143 41.57 -41.52 96.47
CA ASP Y 143 42.03 -41.31 97.83
C ASP Y 143 41.55 -42.45 98.74
N GLY Y 144 42.04 -43.64 98.48
CA GLY Y 144 41.84 -44.76 99.38
C GLY Y 144 40.49 -45.42 99.19
N LEU Y 145 40.35 -46.60 99.79
CA LEU Y 145 39.11 -47.38 99.76
C LEU Y 145 38.83 -47.93 101.15
N LEU Y 146 37.65 -48.53 101.29
CA LEU Y 146 37.26 -49.24 102.50
C LEU Y 146 36.80 -50.64 102.13
N ILE Y 147 37.43 -51.65 102.73
CA ILE Y 147 37.18 -53.04 102.38
C ILE Y 147 36.03 -53.57 103.21
N ASP Y 148 34.92 -53.89 102.54
CA ASP Y 148 33.74 -54.47 103.18
C ASP Y 148 33.39 -55.74 102.43
N ARG Y 149 32.23 -56.30 102.75
CA ARG Y 149 31.75 -57.48 102.04
C ARG Y 149 31.49 -57.15 100.58
N ASP Y 150 31.76 -58.12 99.71
CA ASP Y 150 31.63 -57.95 98.26
C ASP Y 150 32.42 -56.75 97.75
N THR Z 2 94.50 37.56 -29.34
CA THR Z 2 95.78 37.20 -28.75
C THR Z 2 95.59 36.28 -27.55
N ASP Z 3 96.72 35.82 -26.98
CA ASP Z 3 96.71 34.95 -25.81
C ASP Z 3 97.46 35.65 -24.68
N ILE Z 4 96.73 36.45 -23.91
CA ILE Z 4 97.31 37.16 -22.79
C ILE Z 4 97.33 36.25 -21.56
N THR Z 5 98.13 36.61 -20.56
CA THR Z 5 98.15 35.86 -19.32
C THR Z 5 96.82 35.99 -18.59
N ALA Z 6 96.39 34.90 -17.97
CA ALA Z 6 95.15 34.85 -17.20
C ALA Z 6 95.49 34.66 -15.73
N ASN Z 7 94.98 35.56 -14.88
CA ASN Z 7 95.29 35.53 -13.47
C ASN Z 7 94.08 35.34 -12.55
N VAL Z 8 92.98 36.05 -12.80
CA VAL Z 8 91.82 36.00 -11.94
C VAL Z 8 90.56 35.97 -12.80
N VAL Z 9 89.59 35.15 -12.38
CA VAL Z 9 88.32 34.99 -13.08
C VAL Z 9 87.22 35.61 -12.24
N VAL Z 10 86.23 36.22 -12.90
CA VAL Z 10 85.10 36.81 -12.19
C VAL Z 10 84.26 35.69 -11.61
N SER Z 11 83.98 35.77 -10.31
CA SER Z 11 83.21 34.74 -9.62
C SER Z 11 82.45 35.36 -8.45
N ASN Z 12 81.39 34.67 -8.04
CA ASN Z 12 80.61 35.10 -6.89
C ASN Z 12 81.24 34.58 -5.61
N PRO Z 13 81.63 35.46 -4.68
CA PRO Z 13 82.32 35.01 -3.47
C PRO Z 13 81.42 34.73 -2.26
N ARG Z 14 80.10 34.69 -2.44
CA ARG Z 14 79.24 34.46 -1.29
C ARG Z 14 78.45 33.17 -1.45
N PRO Z 15 78.35 32.36 -0.40
CA PRO Z 15 77.62 31.10 -0.48
C PRO Z 15 76.17 31.23 -0.06
N ILE Z 16 75.33 30.38 -0.66
CA ILE Z 16 73.90 30.35 -0.38
C ILE Z 16 73.56 29.00 0.24
N PHE Z 17 72.83 29.04 1.34
CA PHE Z 17 72.36 27.84 2.03
C PHE Z 17 70.87 27.67 1.76
N THR Z 18 70.51 26.61 1.05
CA THR Z 18 69.14 26.36 0.65
C THR Z 18 68.65 25.04 1.24
N GLU Z 19 67.33 24.94 1.38
CA GLU Z 19 66.72 23.73 1.93
C GLU Z 19 66.95 22.54 1.01
N SER Z 20 67.06 21.37 1.61
CA SER Z 20 67.09 20.12 0.88
C SER Z 20 65.65 19.69 0.59
N ARG Z 21 65.48 18.88 -0.46
CA ARG Z 21 64.21 18.34 -0.94
C ARG Z 21 63.37 19.42 -1.62
N SER Z 22 63.81 20.68 -1.59
CA SER Z 22 63.07 21.77 -2.24
C SER Z 22 64.07 22.82 -2.70
N PHE Z 23 63.55 23.88 -3.30
CA PHE Z 23 64.41 24.95 -3.80
C PHE Z 23 64.10 26.26 -3.10
N LYS Z 24 63.91 26.21 -1.77
CA LYS Z 24 63.71 27.39 -0.96
C LYS Z 24 64.97 27.69 -0.19
N ALA Z 25 65.03 28.89 0.38
CA ALA Z 25 66.17 29.33 1.16
C ALA Z 25 65.84 29.29 2.65
N VAL Z 26 66.77 28.76 3.44
CA VAL Z 26 66.59 28.69 4.88
C VAL Z 26 66.50 30.12 5.40
N ALA Z 27 65.34 30.47 5.96
CA ALA Z 27 65.04 31.87 6.22
C ALA Z 27 65.84 32.42 7.40
N ASN Z 28 65.60 31.90 8.60
CA ASN Z 28 66.30 32.34 9.80
C ASN Z 28 66.92 31.15 10.51
N GLY Z 29 67.62 30.30 9.76
CA GLY Z 29 68.23 29.11 10.29
C GLY Z 29 69.48 29.41 11.09
N LYS Z 30 70.06 28.34 11.64
CA LYS Z 30 71.28 28.43 12.44
C LYS Z 30 72.24 27.35 11.98
N ILE Z 31 73.52 27.69 11.89
CA ILE Z 31 74.56 26.77 11.47
C ILE Z 31 75.47 26.51 12.67
N TYR Z 32 75.57 25.25 13.07
CA TYR Z 32 76.43 24.83 14.16
C TYR Z 32 77.66 24.15 13.59
N ILE Z 33 78.84 24.56 14.05
CA ILE Z 33 80.10 24.05 13.54
C ILE Z 33 80.85 23.37 14.68
N GLY Z 34 81.23 22.11 14.46
CA GLY Z 34 81.90 21.34 15.48
C GLY Z 34 83.05 20.52 14.92
N GLN Z 35 83.50 19.53 15.67
CA GLN Z 35 84.61 18.71 15.22
C GLN Z 35 84.16 17.76 14.11
N ILE Z 36 85.05 16.86 13.71
CA ILE Z 36 84.87 16.11 12.47
C ILE Z 36 83.62 15.24 12.53
N ASP Z 37 83.60 14.28 13.45
CA ASP Z 37 82.52 13.31 13.51
C ASP Z 37 81.68 13.44 14.78
N THR Z 38 81.66 14.60 15.40
CA THR Z 38 81.06 14.77 16.70
C THR Z 38 79.68 15.45 16.60
N ASP Z 39 79.12 15.77 17.75
CA ASP Z 39 77.85 16.47 17.84
C ASP Z 39 78.10 17.97 17.86
N PRO Z 40 77.71 18.71 16.83
CA PRO Z 40 78.01 20.15 16.82
C PRO Z 40 77.21 20.96 17.83
N VAL Z 41 76.12 20.40 18.38
CA VAL Z 41 75.22 21.20 19.20
C VAL Z 41 75.86 21.60 20.51
N ASN Z 42 76.50 20.66 21.20
CA ASN Z 42 77.01 20.94 22.53
C ASN Z 42 78.25 21.84 22.46
N PRO Z 43 78.46 22.69 23.46
CA PRO Z 43 79.62 23.59 23.43
C PRO Z 43 80.96 22.88 23.43
N ALA Z 44 81.01 21.65 23.94
CA ALA Z 44 82.28 20.95 24.07
C ALA Z 44 82.89 20.66 22.69
N ASN Z 45 82.06 20.26 21.72
CA ASN Z 45 82.56 19.85 20.42
C ASN Z 45 82.76 21.01 19.45
N GLN Z 46 82.35 22.21 19.81
CA GLN Z 46 82.45 23.34 18.89
C GLN Z 46 83.89 23.83 18.77
N ILE Z 47 84.18 24.48 17.66
CA ILE Z 47 85.50 25.04 17.38
C ILE Z 47 85.35 26.53 17.11
N PRO Z 48 86.39 27.35 17.35
CA PRO Z 48 86.25 28.79 17.15
C PRO Z 48 86.02 29.14 15.69
N VAL Z 49 85.23 30.19 15.46
CA VAL Z 49 84.95 30.71 14.13
C VAL Z 49 85.34 32.18 14.10
N TYR Z 50 85.95 32.62 13.00
CA TYR Z 50 86.47 33.98 12.89
C TYR Z 50 85.86 34.68 11.68
N ILE Z 51 85.43 35.92 11.88
CA ILE Z 51 85.10 36.81 10.77
C ILE Z 51 86.37 37.18 10.02
N GLU Z 52 86.25 37.34 8.71
CA GLU Z 52 87.33 37.88 7.89
C GLU Z 52 86.86 39.19 7.26
N ASN Z 53 87.40 40.30 7.74
CA ASN Z 53 87.01 41.61 7.24
C ASN Z 53 87.58 41.83 5.84
N GLU Z 54 87.22 42.98 5.25
CA GLU Z 54 87.75 43.32 3.93
C GLU Z 54 89.27 43.44 3.97
N ASP Z 55 89.80 44.14 4.96
CA ASP Z 55 91.24 44.10 5.23
C ASP Z 55 91.54 42.90 6.11
N GLY Z 56 92.75 42.35 5.99
CA GLY Z 56 93.10 41.17 6.74
C GLY Z 56 92.99 41.34 8.23
N SER Z 57 91.96 40.75 8.83
CA SER Z 57 91.74 40.82 10.26
C SER Z 57 90.70 39.76 10.62
N HIS Z 58 90.69 39.37 11.90
CA HIS Z 58 89.79 38.33 12.37
C HIS Z 58 89.15 38.76 13.68
N VAL Z 59 87.82 38.63 13.75
CA VAL Z 59 87.05 38.89 14.95
C VAL Z 59 86.26 37.64 15.28
N GLN Z 60 86.43 37.14 16.51
CA GLN Z 60 85.71 35.95 16.93
C GLN Z 60 84.26 36.28 17.28
N ILE Z 61 83.38 35.30 17.06
CA ILE Z 61 81.96 35.45 17.33
C ILE Z 61 81.43 34.17 17.96
N THR Z 62 80.20 34.24 18.45
CA THR Z 62 79.55 33.08 19.04
C THR Z 62 79.28 32.01 17.99
N GLN Z 63 79.18 30.76 18.45
CA GLN Z 63 79.08 29.64 17.52
C GLN Z 63 77.83 29.67 16.65
N PRO Z 64 76.61 29.87 17.16
CA PRO Z 64 75.44 29.86 16.27
C PRO Z 64 75.51 31.00 15.27
N LEU Z 65 75.38 30.66 13.99
CA LEU Z 65 75.47 31.61 12.89
C LEU Z 65 74.08 31.84 12.31
N ILE Z 66 73.68 33.11 12.22
CA ILE Z 66 72.35 33.46 11.75
C ILE Z 66 72.36 33.48 10.22
N ILE Z 67 71.19 33.31 9.61
CA ILE Z 67 71.03 33.34 8.17
C ILE Z 67 69.90 34.30 7.83
N ASN Z 68 70.10 35.15 6.83
CA ASN Z 68 69.05 36.06 6.41
C ASN Z 68 68.11 35.38 5.43
N ALA Z 69 67.17 36.15 4.89
CA ALA Z 69 66.13 35.59 4.03
C ALA Z 69 66.71 34.99 2.75
N ALA Z 70 67.76 35.62 2.20
CA ALA Z 70 68.31 35.15 0.94
C ALA Z 70 69.01 33.81 1.10
N GLY Z 71 69.56 33.53 2.29
CA GLY Z 71 70.24 32.28 2.51
C GLY Z 71 71.73 32.46 2.75
N LYS Z 72 72.14 33.67 3.11
CA LYS Z 72 73.53 34.00 3.35
C LYS Z 72 73.72 34.44 4.78
N ILE Z 73 74.91 34.16 5.34
CA ILE Z 73 75.20 34.53 6.71
C ILE Z 73 75.09 36.04 6.87
N VAL Z 74 74.30 36.47 7.85
CA VAL Z 74 73.83 37.85 7.93
C VAL Z 74 74.58 38.65 8.99
N TYR Z 75 74.74 38.09 10.20
CA TYR Z 75 75.23 38.87 11.34
C TYR Z 75 74.39 40.14 11.49
N ASN Z 76 75.04 41.30 11.53
CA ASN Z 76 74.26 42.53 11.23
C ASN Z 76 74.06 42.86 9.70
N GLY Z 77 75.16 42.87 8.94
CA GLY Z 77 75.16 43.02 7.49
C GLY Z 77 75.98 41.88 6.94
N GLN Z 78 75.86 41.61 5.66
CA GLN Z 78 76.31 40.35 5.09
C GLN Z 78 77.77 40.13 5.20
N LEU Z 79 78.07 39.00 5.78
CA LEU Z 79 79.31 38.83 6.50
C LEU Z 79 80.13 38.00 5.66
N VAL Z 80 81.39 38.10 5.94
CA VAL Z 80 82.34 37.60 4.94
C VAL Z 80 83.04 36.35 5.45
N LYS Z 81 82.71 35.21 4.84
CA LYS Z 81 83.56 34.03 4.72
C LYS Z 81 83.75 33.19 5.98
N ILE Z 82 83.34 33.70 7.15
CA ILE Z 82 83.39 32.99 8.43
C ILE Z 82 84.56 32.00 8.49
N VAL Z 83 85.78 32.49 8.28
CA VAL Z 83 86.93 31.59 8.13
C VAL Z 83 87.19 30.86 9.45
N THR Z 84 87.17 29.53 9.39
CA THR Z 84 87.46 28.66 10.53
C THR Z 84 88.79 27.95 10.31
N VAL Z 85 89.11 27.01 11.20
CA VAL Z 85 90.30 26.18 11.07
C VAL Z 85 89.86 24.72 11.15
N GLN Z 86 90.72 23.83 10.64
CA GLN Z 86 90.48 22.39 10.60
C GLN Z 86 89.30 22.03 9.70
N GLY Z 87 88.90 20.76 9.73
CA GLY Z 87 87.76 20.29 8.96
C GLY Z 87 86.57 20.06 9.89
N HIS Z 88 85.51 20.83 9.66
CA HIS Z 88 84.38 20.90 10.56
C HIS Z 88 83.23 20.02 10.05
N SER Z 89 82.25 19.85 10.91
CA SER Z 89 80.98 19.20 10.57
C SER Z 89 79.86 20.23 10.72
N MET Z 90 79.02 20.35 9.70
CA MET Z 90 77.95 21.33 9.71
C MET Z 90 76.63 20.65 9.99
N ALA Z 91 75.84 21.27 10.87
CA ALA Z 91 74.50 20.79 11.24
C ALA Z 91 73.53 21.96 11.09
N ILE Z 92 73.01 22.14 9.88
CA ILE Z 92 72.12 23.27 9.62
C ILE Z 92 70.76 23.01 10.24
N TYR Z 93 70.25 24.01 10.95
CA TYR Z 93 68.95 23.92 11.59
C TYR Z 93 68.03 24.96 10.96
N ASP Z 94 66.74 24.65 10.90
CA ASP Z 94 65.77 25.50 10.26
C ASP Z 94 65.28 26.54 11.29
N ALA Z 95 64.30 27.37 10.90
CA ALA Z 95 63.83 28.43 11.77
C ALA Z 95 63.17 27.88 13.03
N ASN Z 96 62.38 26.83 12.89
CA ASN Z 96 61.63 26.24 14.00
C ASN Z 96 62.34 25.02 14.58
N GLY Z 97 63.66 25.03 14.54
CA GLY Z 97 64.45 23.98 15.17
C GLY Z 97 64.30 22.61 14.55
N SER Z 98 64.14 22.54 13.23
CA SER Z 98 64.09 21.28 12.52
C SER Z 98 65.37 21.10 11.71
N GLN Z 99 65.90 19.88 11.71
CA GLN Z 99 67.20 19.60 11.11
C GLN Z 99 67.05 19.58 9.58
N VAL Z 100 67.77 20.47 8.91
CA VAL Z 100 67.76 20.48 7.45
C VAL Z 100 68.75 19.47 6.90
N ASP Z 101 70.00 19.52 7.36
CA ASP Z 101 71.04 18.63 6.86
C ASP Z 101 72.13 18.49 7.90
N TYR Z 102 72.82 17.35 7.86
CA TYR Z 102 73.95 17.08 8.75
C TYR Z 102 75.02 16.37 7.95
N ILE Z 103 76.22 16.93 7.94
CA ILE Z 103 77.35 16.40 7.16
C ILE Z 103 78.53 16.23 8.10
N ALA Z 104 79.31 15.16 7.88
CA ALA Z 104 80.39 14.84 8.81
C ALA Z 104 81.68 15.56 8.45
N ASN Z 105 82.21 15.32 7.24
CA ASN Z 105 83.52 15.83 6.87
C ASN Z 105 83.36 16.91 5.80
N VAL Z 106 83.86 18.11 6.09
CA VAL Z 106 83.87 19.23 5.16
C VAL Z 106 85.23 19.91 5.26
N LEU Z 107 85.82 20.22 4.11
CA LEU Z 107 87.10 20.94 4.07
C LEU Z 107 87.20 21.68 2.74
N LYS Z 108 87.12 23.00 2.79
CA LYS Z 108 87.29 23.84 1.61
C LYS Z 108 88.27 24.96 1.95
N TYR Z 109 89.32 25.09 1.15
CA TYR Z 109 90.41 26.00 1.48
C TYR Z 109 90.12 27.41 1.00
N ASP Z 110 90.65 28.38 1.74
CA ASP Z 110 90.42 29.78 1.41
C ASP Z 110 91.26 30.17 0.19
N PRO Z 111 90.63 30.64 -0.89
CA PRO Z 111 91.40 31.05 -2.08
C PRO Z 111 92.06 32.41 -1.95
N ASP Z 112 91.64 33.25 -1.02
CA ASP Z 112 92.17 34.59 -0.88
C ASP Z 112 93.54 34.57 -0.19
N GLN Z 113 94.27 35.67 -0.32
CA GLN Z 113 95.52 35.91 0.39
C GLN Z 113 96.55 34.82 0.10
N TYR Z 114 96.90 34.70 -1.18
CA TYR Z 114 97.98 33.80 -1.56
C TYR Z 114 99.34 34.47 -1.37
N SER Z 115 99.38 35.79 -1.25
CA SER Z 115 100.65 36.49 -1.08
C SER Z 115 101.36 36.06 0.19
N ILE Z 116 100.62 35.96 1.30
CA ILE Z 116 101.23 35.58 2.58
C ILE Z 116 101.77 34.16 2.51
N GLU Z 117 101.00 33.23 1.94
CA GLU Z 117 101.46 31.86 1.81
C GLU Z 117 102.70 31.77 0.91
N ALA Z 118 102.71 32.52 -0.19
CA ALA Z 118 103.87 32.53 -1.07
C ALA Z 118 105.10 33.07 -0.36
N ASP Z 119 104.92 34.13 0.43
CA ASP Z 119 106.04 34.66 1.21
C ASP Z 119 106.55 33.63 2.21
N LYS Z 120 105.64 32.91 2.86
CA LYS Z 120 106.05 31.91 3.84
C LYS Z 120 106.57 30.63 3.18
N LYS Z 121 106.41 30.49 1.87
CA LYS Z 121 106.69 29.21 1.23
C LYS Z 121 108.10 29.15 0.66
N PHE Z 122 108.44 30.09 -0.22
CA PHE Z 122 109.55 29.88 -1.14
C PHE Z 122 110.86 30.46 -0.60
N LYS Z 123 111.90 30.37 -1.43
CA LYS Z 123 113.26 30.78 -1.08
C LYS Z 123 113.56 32.15 -1.66
N TYR Z 124 114.41 32.90 -0.96
CA TYR Z 124 114.77 34.25 -1.35
C TYR Z 124 116.10 34.24 -2.10
N SER Z 125 116.10 34.77 -3.33
CA SER Z 125 117.30 34.89 -4.15
C SER Z 125 117.09 36.02 -5.13
N VAL Z 126 117.89 37.08 -5.00
CA VAL Z 126 117.61 38.31 -5.75
C VAL Z 126 118.28 38.27 -7.11
N LYS Z 127 119.34 37.47 -7.26
CA LYS Z 127 120.08 37.35 -8.52
C LYS Z 127 120.77 38.66 -8.88
N LEU Z 128 121.43 38.69 -10.04
CA LEU Z 128 122.08 39.90 -10.52
C LEU Z 128 121.50 40.45 -11.82
N SER Z 129 120.68 39.68 -12.53
CA SER Z 129 120.11 40.17 -13.78
C SER Z 129 119.17 41.34 -13.53
N ASP Z 130 118.38 41.27 -12.46
CA ASP Z 130 117.39 42.31 -12.19
C ASP Z 130 118.05 43.64 -11.86
N TYR Z 131 119.14 43.60 -11.07
CA TYR Z 131 119.78 44.83 -10.62
C TYR Z 131 120.93 45.20 -11.54
N PRO Z 132 120.98 46.45 -12.02
CA PRO Z 132 122.07 46.84 -12.93
C PRO Z 132 123.46 46.69 -12.33
N THR Z 133 123.62 46.96 -11.04
CA THR Z 133 124.92 46.92 -10.39
C THR Z 133 124.94 45.86 -9.31
N LEU Z 134 126.06 45.82 -8.58
CA LEU Z 134 126.24 44.81 -7.54
C LEU Z 134 125.86 45.34 -6.16
N GLN Z 135 126.17 46.60 -5.88
CA GLN Z 135 125.89 47.16 -4.55
C GLN Z 135 124.39 47.20 -4.26
N ASP Z 136 123.58 47.64 -5.22
CA ASP Z 136 122.14 47.67 -5.02
C ASP Z 136 121.56 46.27 -4.88
N ALA Z 137 122.11 45.31 -5.63
CA ALA Z 137 121.67 43.92 -5.49
C ALA Z 137 121.99 43.38 -4.11
N ALA Z 138 123.18 43.68 -3.59
CA ALA Z 138 123.55 43.22 -2.25
C ALA Z 138 122.72 43.92 -1.18
N SER Z 139 122.30 45.16 -1.44
CA SER Z 139 121.49 45.89 -0.47
C SER Z 139 120.13 45.22 -0.26
N ALA Z 140 119.56 44.66 -1.33
CA ALA Z 140 118.24 44.03 -1.27
C ALA Z 140 118.31 42.51 -1.18
N ALA Z 141 119.51 41.95 -1.01
CA ALA Z 141 119.69 40.51 -0.94
C ALA Z 141 119.43 40.02 0.48
N VAL Z 142 118.65 38.95 0.60
CA VAL Z 142 118.28 38.38 1.89
C VAL Z 142 118.50 36.88 1.84
N ASP Z 143 119.53 36.40 2.55
CA ASP Z 143 119.82 34.97 2.69
C ASP Z 143 119.95 34.29 1.33
N GLY Z 144 120.64 34.93 0.41
CA GLY Z 144 120.89 34.30 -0.88
C GLY Z 144 121.22 35.34 -1.93
N LEU Z 145 121.85 34.87 -3.00
CA LEU Z 145 122.24 35.69 -4.14
C LEU Z 145 122.68 34.74 -5.25
N LEU Z 146 122.52 35.20 -6.49
CA LEU Z 146 122.89 34.40 -7.64
C LEU Z 146 123.57 35.31 -8.66
N ILE Z 147 124.40 34.70 -9.51
CA ILE Z 147 125.16 35.42 -10.53
C ILE Z 147 124.51 35.19 -11.88
N ASP Z 148 124.98 35.94 -12.87
CA ASP Z 148 124.45 35.87 -14.23
C ASP Z 148 124.57 34.46 -14.80
N ILE AA 3 42.96 -11.05 33.17
CA ILE AA 3 43.56 -11.48 34.43
C ILE AA 3 44.99 -11.97 34.19
N GLN AA 4 45.95 -11.32 34.84
CA GLN AA 4 47.36 -11.69 34.73
C GLN AA 4 47.89 -12.04 36.11
N GLN AA 5 48.82 -12.98 36.15
CA GLN AA 5 49.45 -13.42 37.39
C GLN AA 5 50.87 -12.89 37.42
N LEU AA 6 51.27 -12.32 38.57
CA LEU AA 6 52.57 -11.70 38.72
C LEU AA 6 53.46 -12.57 39.61
N PRO AA 7 54.57 -13.08 39.11
CA PRO AA 7 55.48 -13.87 39.97
C PRO AA 7 56.12 -12.98 41.01
N MET AA 8 56.45 -13.57 42.16
CA MET AA 8 57.08 -12.86 43.27
C MET AA 8 58.36 -13.52 43.75
N MET AA 9 58.77 -14.64 43.14
CA MET AA 9 59.94 -15.36 43.60
C MET AA 9 61.21 -14.54 43.38
N LYS AA 10 61.19 -13.62 42.42
CA LYS AA 10 62.34 -12.77 42.14
C LYS AA 10 61.87 -11.58 41.32
N GLY AA 11 62.32 -10.39 41.71
CA GLY AA 11 61.89 -9.18 41.04
C GLY AA 11 63.01 -8.40 40.38
N MET AA 12 62.76 -7.95 39.16
CA MET AA 12 63.77 -7.22 38.39
C MET AA 12 63.74 -5.73 38.74
N GLY AA 13 64.83 -5.06 38.44
CA GLY AA 13 64.92 -3.63 38.65
C GLY AA 13 66.18 -3.06 38.07
N LYS AA 14 66.49 -1.82 38.46
CA LYS AA 14 67.73 -1.17 38.05
C LYS AA 14 68.26 -0.31 39.19
N ASP AA 15 69.56 -0.06 39.17
CA ASP AA 15 70.23 0.73 40.19
C ASP AA 15 70.54 2.11 39.64
N PHE AA 16 70.58 3.10 40.54
CA PHE AA 16 70.75 4.48 40.10
C PHE AA 16 72.21 4.84 39.89
N LYS AA 17 73.14 3.98 40.32
CA LYS AA 17 74.55 4.32 40.25
C LYS AA 17 75.07 4.28 38.82
N ASN AA 18 74.71 3.23 38.07
CA ASN AA 18 75.22 3.05 36.71
C ASN AA 18 74.13 2.62 35.73
N ALA AA 19 72.86 2.72 36.12
CA ALA AA 19 71.72 2.43 35.25
C ALA AA 19 71.82 1.03 34.63
N ASP AA 20 72.18 0.05 35.45
CA ASP AA 20 72.24 -1.34 35.03
C ASP AA 20 71.06 -2.09 35.62
N TYR AA 21 70.60 -3.11 34.90
CA TYR AA 21 69.46 -3.92 35.33
C TYR AA 21 69.94 -4.96 36.33
N ILE AA 22 69.55 -4.79 37.59
CA ILE AA 22 69.84 -5.73 38.65
C ILE AA 22 68.52 -6.16 39.29
N ASP AA 23 68.35 -7.45 39.54
CA ASP AA 23 67.12 -7.93 40.13
C ASP AA 23 67.15 -7.80 41.65
N TYR AA 24 65.99 -7.51 42.23
CA TYR AA 24 65.83 -7.38 43.67
C TYR AA 24 65.47 -8.73 44.26
N LEU AA 25 66.37 -9.28 45.08
CA LEU AA 25 66.10 -10.52 45.77
C LEU AA 25 65.08 -10.31 46.88
N PRO AA 26 64.18 -11.27 47.08
CA PRO AA 26 63.20 -11.14 48.17
C PRO AA 26 63.83 -11.32 49.54
N VAL AA 27 63.89 -10.25 50.32
CA VAL AA 27 64.63 -10.28 51.58
C VAL AA 27 63.80 -10.99 52.64
N ASN AA 28 64.45 -11.84 53.42
CA ASN AA 28 63.98 -12.41 54.67
C ASN AA 28 62.81 -13.38 54.52
N MET AA 29 62.50 -13.86 53.32
CA MET AA 29 61.45 -14.85 53.12
C MET AA 29 61.91 -15.91 52.14
N LEU AA 30 61.58 -17.17 52.41
CA LEU AA 30 62.02 -18.28 51.60
C LEU AA 30 61.06 -18.52 50.44
N ALA AA 31 61.44 -19.46 49.57
CA ALA AA 31 60.63 -19.86 48.42
C ALA AA 31 60.41 -21.37 48.47
N THR AA 32 59.15 -21.79 48.37
CA THR AA 32 58.79 -23.19 48.46
C THR AA 32 57.83 -23.55 47.33
N PRO AA 33 58.17 -24.53 46.48
CA PRO AA 33 57.19 -25.02 45.50
C PRO AA 33 56.31 -26.13 46.07
N LYS AA 34 54.98 -25.93 46.06
CA LYS AA 34 54.11 -26.91 46.71
C LYS AA 34 52.83 -27.16 45.91
N GLU AA 35 52.66 -26.53 44.75
CA GLU AA 35 51.44 -26.66 43.94
C GLU AA 35 50.21 -26.22 44.76
N ILE AA 36 50.18 -24.91 45.02
CA ILE AA 36 49.14 -24.25 45.80
C ILE AA 36 47.86 -24.15 44.96
N LEU AA 37 46.76 -23.71 45.59
CA LEU AA 37 45.43 -23.74 45.01
C LEU AA 37 45.44 -23.40 43.52
N ASN AA 38 45.95 -22.22 43.16
CA ASN AA 38 45.92 -21.77 41.77
C ASN AA 38 47.30 -21.51 41.17
N SER AA 39 48.35 -21.48 41.97
CA SER AA 39 49.71 -21.27 41.48
C SER AA 39 50.58 -22.42 41.93
N SER AA 40 51.85 -22.39 41.50
CA SER AA 40 52.81 -23.43 41.83
C SER AA 40 53.88 -22.83 42.72
N GLY AA 41 53.68 -22.92 44.03
CA GLY AA 41 54.67 -22.42 44.97
C GLY AA 41 54.10 -21.33 45.86
N TYR AA 42 54.58 -21.31 47.10
CA TYR AA 42 54.18 -20.28 48.07
C TYR AA 42 55.43 -19.78 48.77
N LEU AA 43 55.38 -18.55 49.24
CA LEU AA 43 56.50 -17.89 49.91
C LEU AA 43 56.21 -17.81 51.40
N ARG AA 44 57.13 -18.33 52.21
CA ARG AA 44 56.98 -18.35 53.66
C ARG AA 44 58.17 -17.67 54.31
N SER AA 45 57.92 -16.93 55.39
CA SER AA 45 58.97 -16.17 56.04
C SER AA 45 59.95 -17.10 56.74
N PHE AA 46 61.15 -16.57 56.99
CA PHE AA 46 62.16 -17.34 57.71
C PHE AA 46 61.73 -17.54 59.16
N PRO AA 47 62.08 -18.66 59.80
CA PRO AA 47 61.70 -18.87 61.20
C PRO AA 47 62.38 -17.87 62.12
N GLY AA 48 61.73 -17.61 63.25
CA GLY AA 48 62.18 -16.59 64.19
C GLY AA 48 63.04 -17.19 65.29
N ILE AA 49 63.99 -16.39 65.78
CA ILE AA 49 64.90 -16.85 66.82
C ILE AA 49 64.33 -16.55 68.19
N THR AA 50 64.49 -17.51 69.11
CA THR AA 50 64.12 -17.33 70.51
C THR AA 50 65.29 -17.75 71.40
N LYS AA 51 65.52 -16.97 72.46
CA LYS AA 51 66.63 -17.23 73.35
C LYS AA 51 66.47 -18.57 74.07
N ARG AA 52 67.56 -19.34 74.15
CA ARG AA 52 67.55 -20.61 74.86
C ARG AA 52 68.51 -20.61 76.05
N TYR AA 53 69.78 -20.29 75.84
CA TYR AA 53 70.77 -20.27 76.90
C TYR AA 53 71.53 -18.95 76.90
N ASP AA 54 72.19 -18.67 78.01
CA ASP AA 54 73.08 -17.52 78.15
C ASP AA 54 74.51 -18.02 78.23
N MET AA 55 75.37 -17.51 77.34
CA MET AA 55 76.73 -17.99 77.22
C MET AA 55 77.72 -16.84 77.41
N ASN AA 56 79.00 -17.18 77.28
CA ASN AA 56 80.05 -16.23 77.64
C ASN AA 56 80.12 -15.06 76.67
N GLY AA 57 80.13 -15.33 75.37
CA GLY AA 57 80.35 -14.27 74.40
C GLY AA 57 79.92 -14.55 72.99
N VAL AA 58 80.41 -13.73 72.05
CA VAL AA 58 80.05 -13.87 70.65
C VAL AA 58 80.50 -15.22 70.11
N SER AA 59 79.67 -15.82 69.26
CA SER AA 59 79.98 -17.13 68.70
C SER AA 59 81.23 -17.08 67.84
N ARG AA 60 82.03 -18.14 67.91
CA ARG AA 60 83.28 -18.22 67.16
C ARG AA 60 83.50 -19.54 66.45
N GLY AA 61 82.67 -20.56 66.72
CA GLY AA 61 82.82 -21.84 66.04
C GLY AA 61 81.74 -22.80 66.48
N VAL AA 62 81.60 -23.87 65.70
CA VAL AA 62 80.62 -24.91 65.99
C VAL AA 62 81.04 -26.18 65.25
N GLU AA 63 80.69 -27.33 65.84
CA GLU AA 63 80.96 -28.62 65.21
C GLU AA 63 80.18 -29.68 65.97
N TYR AA 64 79.45 -30.51 65.23
CA TYR AA 64 78.62 -31.55 65.83
C TYR AA 64 79.50 -32.78 66.05
N ASN AA 65 79.88 -33.00 67.30
CA ASN AA 65 80.68 -34.18 67.64
C ASN AA 65 79.87 -35.44 67.39
N THR AA 66 80.47 -36.39 66.67
CA THR AA 66 79.74 -37.61 66.34
C THR AA 66 80.03 -38.72 67.35
N ALA AA 67 81.25 -38.76 67.89
CA ALA AA 67 81.60 -39.78 68.88
C ALA AA 67 80.72 -39.67 70.11
N GLN AA 68 80.48 -38.45 70.58
CA GLN AA 68 79.55 -38.19 71.67
C GLN AA 68 78.40 -37.35 71.13
N ASN AA 69 77.18 -37.81 71.38
CA ASN AA 69 75.99 -37.16 70.82
C ASN AA 69 75.76 -35.84 71.55
N ALA AA 70 76.52 -34.82 71.15
CA ALA AA 70 76.39 -33.49 71.72
C ALA AA 70 76.98 -32.48 70.74
N VAL AA 71 76.57 -31.23 70.89
CA VAL AA 71 76.99 -30.14 70.02
C VAL AA 71 78.02 -29.31 70.78
N TYR AA 72 79.19 -29.11 70.16
CA TYR AA 72 80.26 -28.31 70.75
C TYR AA 72 80.31 -26.96 70.07
N ARG AA 73 80.53 -25.92 70.87
CA ARG AA 73 80.70 -24.56 70.35
C ARG AA 73 81.51 -23.75 71.33
N VAL AA 74 82.51 -23.01 70.80
CA VAL AA 74 83.32 -22.17 71.66
C VAL AA 74 82.52 -20.98 72.17
N CYS AA 75 81.80 -20.30 71.28
CA CYS AA 75 80.88 -19.21 71.65
C CYS AA 75 81.56 -18.16 72.53
N GLY AA 76 82.78 -17.80 72.16
CA GLY AA 76 83.45 -16.65 72.74
C GLY AA 76 84.55 -17.04 73.71
N GLY AA 77 84.34 -16.75 74.99
CA GLY AA 77 85.43 -16.79 75.95
C GLY AA 77 86.00 -18.18 76.20
N LYS AA 78 85.13 -19.20 76.20
CA LYS AA 78 85.54 -20.53 76.61
C LYS AA 78 84.63 -21.58 76.00
N LEU AA 79 85.18 -22.78 75.78
CA LEU AA 79 84.47 -23.85 75.10
C LEU AA 79 83.16 -24.19 75.82
N TYR AA 80 82.25 -24.84 75.10
CA TYR AA 80 80.96 -25.26 75.65
C TYR AA 80 80.54 -26.56 74.98
N LYS AA 81 80.06 -27.50 75.80
CA LYS AA 81 79.44 -28.73 75.31
C LYS AA 81 77.96 -28.70 75.70
N GLY AA 82 77.10 -28.35 74.74
CA GLY AA 82 75.72 -28.15 75.08
C GLY AA 82 75.59 -26.95 76.00
N GLU AA 83 75.33 -27.22 77.28
CA GLU AA 83 75.23 -26.16 78.28
C GLU AA 83 76.43 -26.13 79.22
N SER AA 84 77.17 -27.23 79.35
CA SER AA 84 78.26 -27.34 80.31
C SER AA 84 79.46 -26.51 79.88
N GLU AA 85 80.37 -26.31 80.83
CA GLU AA 85 81.56 -25.48 80.57
C GLU AA 85 82.65 -26.29 79.88
N VAL AA 86 83.17 -27.31 80.56
CA VAL AA 86 84.12 -28.31 80.05
C VAL AA 86 85.25 -27.67 79.23
N GLY AA 87 85.98 -26.76 79.85
CA GLY AA 87 87.21 -26.29 79.25
C GLY AA 87 87.22 -24.80 78.97
N ASP AA 88 88.41 -24.29 78.68
CA ASP AA 88 88.64 -22.89 78.37
C ASP AA 88 89.52 -22.77 77.13
N VAL AA 89 89.18 -21.84 76.25
CA VAL AA 89 89.92 -21.58 75.03
C VAL AA 89 90.30 -20.11 74.99
N ALA AA 90 91.55 -19.82 74.61
CA ALA AA 90 92.08 -18.48 74.64
C ALA AA 90 92.27 -17.97 73.22
N GLY AA 91 91.96 -16.68 73.02
CA GLY AA 91 92.11 -16.06 71.72
C GLY AA 91 90.81 -15.51 71.16
N SER AA 92 90.91 -14.41 70.41
CA SER AA 92 89.76 -13.76 69.81
C SER AA 92 89.84 -13.88 68.30
N GLY AA 93 88.72 -14.20 67.68
CA GLY AA 93 88.67 -14.38 66.23
C GLY AA 93 87.68 -15.47 65.88
N ARG AA 94 88.07 -16.30 64.92
CA ARG AA 94 87.28 -17.45 64.50
C ARG AA 94 88.16 -18.68 64.47
N VAL AA 95 87.60 -19.82 64.88
CA VAL AA 95 88.36 -21.05 65.01
C VAL AA 95 87.84 -22.08 64.03
N SER AA 96 88.70 -23.05 63.71
CA SER AA 96 88.34 -24.18 62.85
C SER AA 96 88.35 -25.44 63.69
N MET AA 97 87.21 -26.12 63.77
CA MET AA 97 87.00 -27.20 64.71
C MET AA 97 86.86 -28.52 63.96
N ALA AA 98 87.51 -29.56 64.49
CA ALA AA 98 87.44 -30.90 63.92
C ALA AA 98 87.56 -31.91 65.05
N HIS AA 99 86.46 -32.62 65.32
CA HIS AA 99 86.40 -33.52 66.47
C HIS AA 99 87.24 -34.78 66.22
N GLY AA 100 87.38 -35.59 67.28
CA GLY AA 100 88.11 -36.83 67.18
C GLY AA 100 87.51 -37.89 68.07
N ARG AA 101 88.08 -39.09 67.97
CA ARG AA 101 87.61 -40.20 68.80
C ARG AA 101 87.95 -39.98 70.28
N THR AA 102 89.09 -39.35 70.55
CA THR AA 102 89.53 -39.09 71.92
C THR AA 102 89.99 -37.66 72.13
N SER AA 103 89.60 -36.73 71.25
CA SER AA 103 90.00 -35.34 71.38
C SER AA 103 89.01 -34.46 70.64
N GLN AA 104 89.19 -33.15 70.77
CA GLN AA 104 88.30 -32.19 70.12
C GLN AA 104 89.01 -31.25 69.17
N ALA AA 105 90.25 -30.86 69.47
CA ALA AA 105 91.12 -30.13 68.54
C ALA AA 105 90.48 -28.82 68.07
N VAL AA 106 90.34 -27.90 69.02
CA VAL AA 106 89.80 -26.58 68.71
C VAL AA 106 90.70 -25.85 67.72
N GLY AA 107 92.02 -25.94 67.91
CA GLY AA 107 92.94 -25.32 66.98
C GLY AA 107 92.91 -23.81 66.93
N VAL AA 108 92.89 -23.15 68.09
CA VAL AA 108 92.80 -21.69 68.15
C VAL AA 108 94.20 -21.10 67.97
N ASN AA 109 94.25 -19.82 67.61
CA ASN AA 109 95.50 -19.06 67.41
C ASN AA 109 96.32 -19.77 66.33
N GLY AA 110 97.61 -20.03 66.56
CA GLY AA 110 98.44 -20.72 65.59
C GLY AA 110 98.84 -22.13 65.98
N GLN AA 111 98.29 -22.68 67.05
CA GLN AA 111 98.66 -23.99 67.55
C GLN AA 111 97.42 -24.89 67.62
N LEU AA 112 97.63 -26.18 67.39
CA LEU AA 112 96.55 -27.16 67.45
C LEU AA 112 96.31 -27.59 68.89
N VAL AA 113 95.58 -26.73 69.62
CA VAL AA 113 95.14 -27.08 70.96
C VAL AA 113 94.06 -28.15 70.84
N GLU AA 114 94.27 -29.27 71.53
CA GLU AA 114 93.30 -30.37 71.49
C GLU AA 114 92.92 -30.74 72.91
N TYR AA 115 91.63 -30.71 73.20
CA TYR AA 115 91.14 -31.10 74.51
C TYR AA 115 90.86 -32.60 74.55
N ARG AA 116 90.83 -33.15 75.75
CA ARG AA 116 90.62 -34.57 75.95
C ARG AA 116 89.36 -34.81 76.76
N TYR AA 117 88.70 -35.94 76.48
CA TYR AA 117 87.50 -36.28 77.23
C TYR AA 117 87.82 -36.62 78.68
N ASP AA 118 89.07 -36.99 78.97
CA ASP AA 118 89.47 -37.26 80.34
C ASP AA 118 89.41 -35.98 81.18
N GLY AA 119 89.86 -34.86 80.62
CA GLY AA 119 89.85 -33.60 81.34
C GLY AA 119 91.17 -32.85 81.24
N THR AA 120 92.07 -33.32 80.39
CA THR AA 120 93.38 -32.71 80.23
C THR AA 120 93.48 -32.01 78.88
N VAL AA 121 94.39 -31.06 78.78
CA VAL AA 121 94.62 -30.29 77.57
C VAL AA 121 96.06 -30.50 77.10
N LYS AA 122 96.21 -30.73 75.81
CA LYS AA 122 97.52 -30.93 75.22
C LYS AA 122 97.66 -30.03 73.99
N THR AA 123 98.85 -30.06 73.39
CA THR AA 123 99.15 -29.26 72.21
C THR AA 123 100.12 -30.05 71.33
N VAL AA 124 99.88 -30.00 70.02
CA VAL AA 124 100.70 -30.72 69.06
C VAL AA 124 102.06 -30.06 69.00
N SER AA 125 103.11 -30.87 69.17
CA SER AA 125 104.49 -30.38 69.16
C SER AA 125 105.41 -31.51 68.72
N ASN AA 126 106.64 -31.13 68.38
CA ASN AA 126 107.61 -32.10 67.87
C ASN AA 126 107.89 -33.19 68.90
N TRP AA 127 108.32 -34.35 68.40
CA TRP AA 127 108.74 -35.43 69.28
C TRP AA 127 109.93 -35.00 70.12
N PRO AA 128 110.07 -35.52 71.34
CA PRO AA 128 111.25 -35.20 72.15
C PRO AA 128 112.53 -35.62 71.45
N ALA AA 129 113.57 -34.78 71.60
CA ALA AA 129 114.84 -35.07 70.94
C ALA AA 129 115.48 -36.33 71.49
N ASP AA 130 115.16 -36.70 72.74
CA ASP AA 130 115.75 -37.90 73.33
C ASP AA 130 115.22 -39.17 72.67
N SER AA 131 113.99 -39.14 72.15
CA SER AA 131 113.44 -40.31 71.51
C SER AA 131 114.20 -40.69 70.24
N GLY AA 132 114.64 -39.69 69.47
CA GLY AA 132 115.38 -39.96 68.26
C GLY AA 132 114.55 -40.08 67.01
N PHE AA 133 113.62 -39.16 66.78
CA PHE AA 133 112.76 -39.19 65.61
C PHE AA 133 113.13 -38.05 64.66
N THR AA 134 112.38 -37.95 63.56
CA THR AA 134 112.76 -37.10 62.44
C THR AA 134 112.67 -35.61 62.74
N GLN AA 135 111.89 -35.20 63.75
CA GLN AA 135 111.93 -33.82 64.23
C GLN AA 135 111.63 -32.77 63.16
N TYR AA 136 110.39 -32.73 62.66
CA TYR AA 136 110.02 -31.76 61.64
C TYR AA 136 110.10 -30.34 62.18
N GLU AA 137 109.82 -29.38 61.30
CA GLU AA 137 109.77 -27.96 61.63
C GLU AA 137 108.34 -27.47 61.40
N LEU AA 138 107.54 -27.43 62.46
CA LEU AA 138 106.15 -27.02 62.36
C LEU AA 138 106.04 -25.50 62.27
N GLY AA 139 104.86 -25.04 61.89
CA GLY AA 139 104.58 -23.62 61.80
C GLY AA 139 103.22 -23.24 62.34
N SER AA 140 102.70 -22.09 61.94
CA SER AA 140 101.38 -21.68 62.37
C SER AA 140 100.30 -22.52 61.69
N VAL AA 141 99.18 -22.69 62.38
CA VAL AA 141 98.11 -23.54 61.87
C VAL AA 141 96.92 -22.68 61.44
N ARG AA 142 96.26 -23.08 60.35
CA ARG AA 142 95.06 -22.40 59.88
C ARG AA 142 93.83 -23.28 60.02
N ASP AA 143 93.81 -24.47 59.44
CA ASP AA 143 92.62 -25.31 59.48
C ASP AA 143 92.95 -26.74 59.92
N ILE AA 144 91.91 -27.44 60.36
CA ILE AA 144 92.07 -28.76 60.95
C ILE AA 144 91.05 -29.70 60.31
N THR AA 145 91.40 -30.98 60.22
CA THR AA 145 90.50 -32.01 59.74
C THR AA 145 90.92 -33.33 60.37
N ARG AA 146 90.19 -34.40 60.05
CA ARG AA 146 90.49 -35.72 60.59
C ARG AA 146 90.04 -36.78 59.61
N LEU AA 147 90.97 -37.63 59.19
CA LEU AA 147 90.69 -38.79 58.37
C LEU AA 147 91.25 -40.03 59.03
N ARG AA 148 90.44 -41.08 59.15
CA ARG AA 148 90.80 -42.32 59.84
C ARG AA 148 91.15 -41.96 61.28
N GLY AA 149 92.33 -42.31 61.78
CA GLY AA 149 92.76 -41.94 63.10
C GLY AA 149 93.75 -40.80 63.16
N ARG AA 150 93.86 -40.02 62.09
CA ARG AA 150 94.90 -39.00 61.97
C ARG AA 150 94.27 -37.63 61.83
N TYR AA 151 94.94 -36.64 62.43
CA TYR AA 151 94.61 -35.25 62.17
C TYR AA 151 95.39 -34.76 60.95
N ALA AA 152 95.13 -33.52 60.55
CA ALA AA 152 95.85 -32.93 59.42
C ALA AA 152 95.70 -31.43 59.48
N TRP AA 153 96.83 -30.71 59.54
CA TRP AA 153 96.84 -29.27 59.56
C TRP AA 153 97.79 -28.76 58.48
N SER AA 154 97.65 -27.48 58.16
CA SER AA 154 98.43 -26.86 57.09
C SER AA 154 99.27 -25.73 57.68
N LYS AA 155 100.56 -25.72 57.35
CA LYS AA 155 101.43 -24.64 57.80
C LYS AA 155 101.05 -23.34 57.10
N ASP AA 156 101.06 -22.25 57.86
CA ASP AA 156 100.54 -20.97 57.40
C ASP AA 156 101.50 -20.38 56.38
N GLY AA 157 100.98 -20.04 55.20
CA GLY AA 157 101.75 -19.39 54.16
C GLY AA 157 102.70 -20.28 53.39
N THR AA 158 102.50 -21.60 53.43
CA THR AA 158 103.40 -22.52 52.77
C THR AA 158 102.61 -23.67 52.18
N ASP AA 159 103.22 -24.34 51.20
CA ASP AA 159 102.56 -25.46 50.52
C ASP AA 159 102.31 -26.62 51.46
N SER AA 160 103.24 -26.88 52.37
CA SER AA 160 103.23 -28.14 53.11
C SER AA 160 102.09 -28.20 54.12
N TRP AA 161 101.52 -29.39 54.27
CA TRP AA 161 100.54 -29.70 55.31
C TRP AA 161 100.97 -30.99 56.00
N PHE AA 162 100.80 -31.03 57.32
CA PHE AA 162 101.32 -32.14 58.11
C PHE AA 162 100.22 -33.14 58.48
N ILE AA 163 100.58 -34.11 59.31
CA ILE AA 163 99.70 -35.17 59.74
C ILE AA 163 99.97 -35.45 61.23
N THR AA 164 99.15 -36.32 61.81
CA THR AA 164 99.24 -36.63 63.24
C THR AA 164 99.43 -38.13 63.42
N ASP AA 165 100.25 -38.49 64.41
CA ASP AA 165 100.57 -39.89 64.67
C ASP AA 165 99.37 -40.63 65.23
N LEU AA 166 99.41 -41.96 65.14
CA LEU AA 166 98.28 -42.77 65.59
C LEU AA 166 98.36 -43.07 67.09
N GLU AA 167 99.45 -43.73 67.51
CA GLU AA 167 99.53 -44.18 68.90
C GLU AA 167 99.53 -43.01 69.88
N ASP AA 168 100.30 -41.97 69.59
CA ASP AA 168 100.32 -40.76 70.39
C ASP AA 168 99.91 -39.60 69.48
N GLU AA 169 98.66 -39.17 69.60
CA GLU AA 169 98.08 -38.19 68.69
C GLU AA 169 98.42 -36.75 69.07
N SER AA 170 99.46 -36.53 69.87
CA SER AA 170 99.91 -35.19 70.23
C SER AA 170 101.30 -34.92 69.65
N HIS AA 171 101.65 -35.61 68.56
CA HIS AA 171 102.94 -35.44 67.90
C HIS AA 171 102.74 -35.66 66.41
N PRO AA 172 103.59 -35.05 65.56
CA PRO AA 172 103.36 -35.14 64.11
C PRO AA 172 103.32 -36.56 63.58
N ASP AA 173 104.42 -37.29 63.70
CA ASP AA 173 104.49 -38.69 63.29
C ASP AA 173 105.87 -39.22 63.62
N ARG AA 174 106.06 -40.53 63.42
CA ARG AA 174 107.36 -41.13 63.66
C ARG AA 174 108.32 -40.81 62.51
N TYR AA 175 107.94 -41.16 61.28
CA TYR AA 175 108.87 -41.06 60.16
C TYR AA 175 108.38 -40.16 59.03
N SER AA 176 107.14 -40.32 58.60
CA SER AA 176 106.63 -39.63 57.42
C SER AA 176 105.41 -38.78 57.81
N ALA AA 177 105.60 -37.46 57.85
CA ALA AA 177 104.49 -36.53 58.04
C ALA AA 177 104.52 -35.32 57.11
N GLN AA 178 105.58 -34.98 56.42
CA GLN AA 178 105.47 -33.75 55.62
C GLN AA 178 105.05 -33.98 54.18
N TYR AA 179 103.87 -33.50 53.81
CA TYR AA 179 103.39 -33.62 52.45
C TYR AA 179 103.19 -32.24 51.89
N ARG AA 180 103.19 -32.10 50.58
CA ARG AA 180 103.00 -30.79 49.94
C ARG AA 180 102.08 -30.84 48.71
N ALA AA 181 101.46 -29.72 48.36
CA ALA AA 181 100.61 -29.66 47.17
C ALA AA 181 101.49 -29.65 45.93
N GLU AA 182 102.03 -28.50 45.53
CA GLU AA 182 103.02 -28.45 44.44
C GLU AA 182 102.63 -28.40 42.96
N SER AA 183 101.38 -28.60 42.60
CA SER AA 183 101.08 -28.46 41.19
C SER AA 183 101.49 -27.06 40.84
N GLN AA 184 101.02 -26.08 41.61
CA GLN AA 184 101.35 -24.70 41.35
C GLN AA 184 101.82 -24.07 42.64
N PRO AA 185 102.66 -23.03 42.54
CA PRO AA 185 103.09 -22.34 43.76
C PRO AA 185 101.97 -21.55 44.40
N ASP AA 186 101.41 -22.07 45.49
CA ASP AA 186 100.28 -21.45 46.15
C ASP AA 186 100.19 -21.95 47.58
N GLY AA 187 99.97 -21.03 48.52
CA GLY AA 187 99.77 -21.43 49.90
C GLY AA 187 98.44 -22.13 50.08
N ILE AA 188 98.37 -22.97 51.11
CA ILE AA 188 97.15 -23.71 51.42
C ILE AA 188 96.23 -22.75 52.18
N ILE AA 189 95.15 -22.33 51.51
CA ILE AA 189 94.18 -21.47 52.19
C ILE AA 189 93.36 -22.28 53.17
N GLY AA 190 93.00 -23.51 52.82
CA GLY AA 190 92.18 -24.34 53.69
C GLY AA 190 92.35 -25.80 53.40
N ILE AA 191 91.85 -26.63 54.32
CA ILE AA 191 91.93 -28.08 54.20
C ILE AA 191 90.56 -28.66 54.54
N GLY AA 192 90.32 -29.89 54.08
CA GLY AA 192 89.07 -30.56 54.33
C GLY AA 192 89.12 -31.99 53.87
N THR AA 193 88.10 -32.75 54.26
CA THR AA 193 87.99 -34.17 53.93
C THR AA 193 86.72 -34.41 53.14
N TRP AA 194 86.78 -35.36 52.20
CA TRP AA 194 85.63 -35.70 51.36
C TRP AA 194 85.81 -37.12 50.86
N ARG AA 195 85.05 -38.07 51.44
CA ARG AA 195 85.01 -39.46 50.98
C ARG AA 195 86.41 -40.06 50.91
N ASP AA 196 87.09 -40.13 52.05
CA ASP AA 196 88.42 -40.70 52.24
C ASP AA 196 89.50 -39.95 51.47
N PHE AA 197 89.22 -38.77 50.92
CA PHE AA 197 90.21 -37.92 50.29
C PHE AA 197 90.46 -36.71 51.16
N ILE AA 198 91.72 -36.37 51.38
CA ILE AA 198 92.09 -35.15 52.09
C ILE AA 198 92.15 -34.03 51.06
N VAL AA 199 91.12 -33.18 51.03
CA VAL AA 199 91.02 -32.14 50.01
C VAL AA 199 91.94 -30.99 50.41
N CYS AA 200 92.82 -30.60 49.49
CA CYS AA 200 93.76 -29.51 49.72
C CYS AA 200 93.34 -28.29 48.92
N PHE AA 201 92.81 -27.28 49.62
CA PHE AA 201 92.31 -26.06 48.99
C PHE AA 201 93.45 -25.05 48.88
N GLY AA 202 93.97 -24.89 47.67
CA GLY AA 202 94.99 -23.89 47.43
C GLY AA 202 94.40 -22.55 47.04
N SER AA 203 95.29 -21.59 46.80
CA SER AA 203 94.88 -20.27 46.34
C SER AA 203 94.43 -20.31 44.89
N SER AA 204 95.03 -21.21 44.10
CA SER AA 204 94.70 -21.29 42.68
C SER AA 204 94.23 -22.68 42.26
N THR AA 205 94.58 -23.73 42.99
CA THR AA 205 94.21 -25.08 42.60
C THR AA 205 93.58 -25.81 43.78
N ILE AA 206 92.96 -26.95 43.48
CA ILE AA 206 92.39 -27.85 44.48
C ILE AA 206 92.87 -29.26 44.15
N GLU AA 207 93.45 -29.93 45.15
CA GLU AA 207 94.06 -31.24 44.92
C GLU AA 207 93.53 -32.24 45.93
N TYR AA 208 93.32 -33.47 45.48
CA TYR AA 208 92.80 -34.56 46.29
C TYR AA 208 93.92 -35.54 46.60
N PHE AA 209 94.06 -35.90 47.87
CA PHE AA 209 95.06 -36.86 48.32
C PHE AA 209 94.37 -38.10 48.86
N SER AA 210 94.83 -39.27 48.42
CA SER AA 210 94.28 -40.56 48.85
C SER AA 210 95.36 -41.37 49.53
N LEU AA 211 95.02 -41.96 50.67
CA LEU AA 211 96.00 -42.74 51.41
C LEU AA 211 96.25 -44.07 50.72
N THR AA 212 97.46 -44.59 50.89
CA THR AA 212 97.87 -45.87 50.34
C THR AA 212 98.52 -46.71 51.43
N GLY AA 213 98.52 -48.02 51.23
CA GLY AA 213 99.11 -48.92 52.20
C GLY AA 213 100.62 -48.91 52.14
N ALA AA 214 101.26 -48.27 53.12
CA ALA AA 214 102.72 -48.16 53.10
C ALA AA 214 103.38 -49.44 53.58
N THR AA 215 103.14 -49.82 54.83
CA THR AA 215 103.77 -50.98 55.46
C THR AA 215 105.29 -50.87 55.32
N THR AA 216 105.78 -49.66 55.54
CA THR AA 216 107.21 -49.35 55.43
C THR AA 216 107.49 -48.14 56.32
N ALA AA 217 108.76 -47.92 56.63
CA ALA AA 217 109.15 -46.81 57.48
C ALA AA 217 109.31 -45.55 56.64
N GLY AA 218 108.40 -44.60 56.84
CA GLY AA 218 108.48 -43.32 56.18
C GLY AA 218 108.39 -43.34 54.67
N ALA AA 219 107.38 -44.03 54.13
CA ALA AA 219 107.25 -44.17 52.69
C ALA AA 219 105.86 -43.78 52.23
N ALA AA 220 105.65 -42.48 52.02
CA ALA AA 220 104.53 -41.93 51.26
C ALA AA 220 103.18 -42.55 51.66
N LEU AA 221 102.74 -42.21 52.87
CA LEU AA 221 101.43 -42.67 53.31
C LEU AA 221 100.32 -42.14 52.42
N TYR AA 222 100.41 -40.87 52.01
CA TYR AA 222 99.42 -40.24 51.17
C TYR AA 222 100.03 -39.87 49.83
N VAL AA 223 99.34 -40.20 48.74
CA VAL AA 223 99.75 -39.89 47.38
C VAL AA 223 98.71 -39.00 46.75
N ALA AA 224 99.16 -38.02 45.95
CA ALA AA 224 98.25 -37.05 45.36
C ALA AA 224 97.61 -37.61 44.10
N GLN AA 225 96.29 -37.49 44.00
CA GLN AA 225 95.57 -37.91 42.81
C GLN AA 225 95.44 -36.73 41.85
N PRO AA 226 95.99 -36.80 40.64
CA PRO AA 226 95.95 -35.66 39.71
C PRO AA 226 94.76 -35.63 38.76
N SER AA 227 93.92 -36.67 38.75
CA SER AA 227 92.78 -36.69 37.83
C SER AA 227 91.65 -35.80 38.33
N LEU AA 228 91.67 -35.44 39.61
CA LEU AA 228 90.56 -34.74 40.24
C LEU AA 228 90.86 -33.27 40.54
N MET AA 229 91.84 -32.66 39.88
CA MET AA 229 92.14 -31.25 40.11
C MET AA 229 90.98 -30.39 39.66
N VAL AA 230 90.76 -29.28 40.36
CA VAL AA 230 89.65 -28.39 40.03
C VAL AA 230 90.15 -27.16 39.27
N GLN AA 231 91.36 -26.70 39.57
CA GLN AA 231 92.05 -25.55 38.98
C GLN AA 231 91.45 -24.22 39.42
N LYS AA 232 90.79 -24.16 40.57
CA LYS AA 232 90.30 -22.90 41.12
C LYS AA 232 90.50 -22.90 42.63
N GLY AA 233 90.83 -21.73 43.16
CA GLY AA 233 91.08 -21.59 44.57
C GLY AA 233 89.87 -21.14 45.35
N ILE AA 234 90.10 -20.85 46.63
CA ILE AA 234 89.06 -20.34 47.53
C ILE AA 234 89.48 -18.97 48.04
N ALA AA 235 88.51 -18.07 48.14
CA ALA AA 235 88.82 -16.67 48.46
C ALA AA 235 89.34 -16.53 49.88
N GLY AA 236 88.73 -17.23 50.84
CA GLY AA 236 89.12 -17.07 52.23
C GLY AA 236 89.30 -18.41 52.90
N THR AA 237 89.68 -18.34 54.17
CA THR AA 237 89.96 -19.56 54.93
C THR AA 237 88.71 -20.40 55.13
N TYR AA 238 87.58 -19.75 55.41
CA TYR AA 238 86.36 -20.45 55.79
C TYR AA 238 85.30 -20.47 54.70
N CYS AA 239 85.66 -20.18 53.45
CA CYS AA 239 84.70 -20.21 52.34
C CYS AA 239 84.66 -21.61 51.74
N LYS AA 240 84.06 -22.53 52.47
CA LYS AA 240 83.90 -23.84 51.92
C LYS AA 240 82.95 -24.50 52.85
N THR AA 241 82.19 -25.45 52.34
CA THR AA 241 81.32 -26.18 53.20
C THR AA 241 80.83 -27.39 52.49
N PRO AA 242 80.92 -28.53 53.15
CA PRO AA 242 80.34 -29.67 52.48
C PRO AA 242 78.91 -29.32 52.10
N PHE AA 243 78.55 -29.39 50.83
CA PHE AA 243 77.21 -29.07 50.37
C PHE AA 243 76.82 -30.10 49.35
N ALA AA 244 75.67 -30.75 49.54
CA ALA AA 244 75.30 -31.84 48.65
C ALA AA 244 76.38 -32.90 48.77
N ASP AA 245 77.12 -33.22 47.71
CA ASP AA 245 78.26 -34.12 47.78
C ASP AA 245 79.58 -33.40 47.52
N SER AA 246 79.55 -32.07 47.40
CA SER AA 246 80.74 -31.27 47.08
C SER AA 246 80.95 -30.20 48.13
N TYR AA 247 81.84 -29.25 47.85
CA TYR AA 247 82.20 -28.24 48.85
C TYR AA 247 81.65 -26.84 48.59
N ALA AA 248 81.38 -26.48 47.33
CA ALA AA 248 80.69 -25.23 47.01
C ALA AA 248 81.43 -24.01 47.57
N PHE AA 249 82.62 -23.77 47.03
CA PHE AA 249 83.50 -22.74 47.54
C PHE AA 249 83.15 -21.37 46.96
N ILE AA 250 84.02 -20.39 47.16
CA ILE AA 250 83.95 -19.08 46.53
C ILE AA 250 85.29 -18.85 45.84
N SER AA 251 85.25 -18.41 44.58
CA SER AA 251 86.46 -18.29 43.79
C SER AA 251 87.41 -17.24 44.37
N HIS AA 252 88.70 -17.45 44.13
CA HIS AA 252 89.72 -16.53 44.61
C HIS AA 252 89.91 -15.37 43.63
N PRO AA 253 90.38 -14.22 44.12
CA PRO AA 253 90.70 -13.12 43.21
C PRO AA 253 91.79 -13.44 42.19
N ALA AA 254 92.58 -14.49 42.41
CA ALA AA 254 93.58 -14.88 41.43
C ALA AA 254 92.94 -15.24 40.10
N THR AA 255 91.80 -15.93 40.14
CA THR AA 255 91.03 -16.23 38.95
C THR AA 255 90.37 -14.92 38.46
N GLY AA 256 89.70 -14.99 37.31
CA GLY AA 256 89.24 -13.78 36.65
C GLY AA 256 88.39 -12.88 37.52
N ALA AA 257 87.45 -13.46 38.26
CA ALA AA 257 86.57 -12.66 39.10
C ALA AA 257 86.01 -13.54 40.20
N PRO AA 258 85.71 -12.96 41.37
CA PRO AA 258 85.11 -13.76 42.44
C PRO AA 258 83.69 -14.18 42.09
N SER AA 259 83.38 -15.44 42.36
CA SER AA 259 82.03 -15.97 42.13
C SER AA 259 81.87 -17.25 42.93
N VAL AA 260 80.62 -17.61 43.17
CA VAL AA 260 80.30 -18.84 43.91
C VAL AA 260 80.37 -20.00 42.91
N TYR AA 261 80.70 -21.19 43.40
CA TYR AA 261 80.85 -22.35 42.54
C TYR AA 261 80.38 -23.60 43.27
N ILE AA 262 80.37 -24.71 42.55
CA ILE AA 262 80.13 -26.03 43.13
C ILE AA 262 81.03 -27.03 42.40
N ILE AA 263 81.73 -27.86 43.16
CA ILE AA 263 82.65 -28.82 42.57
C ILE AA 263 81.87 -29.97 41.94
N GLY AA 264 82.24 -30.31 40.72
CA GLY AA 264 81.68 -31.46 40.02
C GLY AA 264 82.57 -32.67 40.14
N SER AA 265 82.59 -33.48 39.08
CA SER AA 265 83.49 -34.62 39.05
C SER AA 265 84.95 -34.17 39.01
N GLY AA 266 85.28 -33.27 38.09
CA GLY AA 266 86.63 -32.76 37.98
C GLY AA 266 86.68 -31.29 37.60
N GLN AA 267 85.58 -30.58 37.81
CA GLN AA 267 85.49 -29.17 37.42
C GLN AA 267 84.44 -28.49 38.29
N ALA AA 268 84.47 -27.17 38.27
CA ALA AA 268 83.57 -26.34 39.07
C ALA AA 268 82.50 -25.72 38.19
N SER AA 269 81.25 -25.78 38.65
CA SER AA 269 80.12 -25.23 37.93
C SER AA 269 79.53 -24.07 38.70
N PRO AA 270 79.38 -22.89 38.11
CA PRO AA 270 78.86 -21.74 38.84
C PRO AA 270 77.41 -21.91 39.23
N ILE AA 271 77.04 -21.28 40.35
CA ILE AA 271 75.66 -21.25 40.82
C ILE AA 271 75.19 -19.86 41.19
N ALA AA 272 75.93 -18.83 40.82
CA ALA AA 272 75.62 -17.46 41.21
C ALA AA 272 75.23 -16.65 39.98
N THR AA 273 74.12 -15.92 40.08
CA THR AA 273 73.71 -15.03 39.00
C THR AA 273 74.63 -13.83 38.91
N ALA AA 274 74.47 -13.06 37.83
CA ALA AA 274 75.32 -11.89 37.64
C ALA AA 274 75.17 -10.87 38.77
N SER AA 275 73.93 -10.69 39.26
CA SER AA 275 73.72 -9.74 40.35
C SER AA 275 74.44 -10.17 41.61
N ILE AA 276 74.50 -11.47 41.89
CA ILE AA 276 75.19 -11.96 43.08
C ILE AA 276 76.69 -11.64 42.99
N GLU AA 277 77.28 -11.86 41.82
CA GLU AA 277 78.69 -11.52 41.65
C GLU AA 277 78.92 -10.01 41.70
N LYS AA 278 77.94 -9.22 41.24
CA LYS AA 278 78.05 -7.77 41.40
C LYS AA 278 78.07 -7.38 42.87
N ILE AA 279 77.29 -8.08 43.71
CA ILE AA 279 77.31 -7.81 45.13
C ILE AA 279 78.63 -8.25 45.75
N ILE AA 280 79.15 -9.40 45.31
CA ILE AA 280 80.41 -9.91 45.86
C ILE AA 280 81.57 -8.99 45.51
N ARG AA 281 81.59 -8.45 44.30
CA ARG AA 281 82.66 -7.56 43.88
C ARG AA 281 82.68 -6.25 44.65
N SER AA 282 81.60 -5.91 45.37
CA SER AA 282 81.57 -4.65 46.11
C SER AA 282 82.58 -4.63 47.24
N TYR AA 283 82.93 -5.80 47.78
CA TYR AA 283 83.87 -5.88 48.88
C TYR AA 283 85.31 -5.92 48.36
N THR AA 284 86.22 -5.28 49.09
CA THR AA 284 87.62 -5.35 48.74
C THR AA 284 88.18 -6.73 49.08
N ALA AA 285 89.40 -7.00 48.60
CA ALA AA 285 89.99 -8.32 48.76
C ALA AA 285 90.18 -8.67 50.23
N GLU AA 286 90.69 -7.72 51.02
CA GLU AA 286 90.94 -8.00 52.43
C GLU AA 286 89.64 -8.22 53.20
N GLU AA 287 88.59 -7.46 52.87
CA GLU AA 287 87.33 -7.59 53.58
C GLU AA 287 86.61 -8.88 53.19
N MET AA 288 86.95 -9.44 52.03
CA MET AA 288 86.27 -10.66 51.57
C MET AA 288 86.74 -11.88 52.34
N ALA AA 289 87.99 -11.89 52.80
CA ALA AA 289 88.57 -13.05 53.46
C ALA AA 289 87.88 -13.39 54.79
N THR AA 290 87.08 -12.47 55.33
CA THR AA 290 86.36 -12.71 56.57
C THR AA 290 84.93 -13.14 56.33
N GLY AA 291 84.67 -13.87 55.25
CA GLY AA 291 83.34 -14.32 54.89
C GLY AA 291 83.14 -15.79 55.26
N VAL AA 292 82.19 -16.03 56.16
CA VAL AA 292 81.91 -17.38 56.64
C VAL AA 292 80.79 -17.97 55.78
N MET AA 293 80.83 -19.28 55.58
CA MET AA 293 79.78 -19.99 54.85
C MET AA 293 79.32 -21.17 55.70
N GLU AA 294 78.06 -21.57 55.52
CA GLU AA 294 77.50 -22.70 56.23
C GLU AA 294 76.51 -23.44 55.34
N THR AA 295 75.87 -24.45 55.93
CA THR AA 295 74.81 -25.21 55.29
C THR AA 295 73.74 -25.52 56.34
N LEU AA 296 72.48 -25.42 55.94
CA LEU AA 296 71.36 -25.70 56.83
C LEU AA 296 70.28 -26.41 56.04
N ARG AA 297 69.68 -27.43 56.64
CA ARG AA 297 68.63 -28.21 55.99
C ARG AA 297 67.49 -28.44 56.98
N PHE AA 298 66.35 -27.83 56.70
CA PHE AA 298 65.12 -28.09 57.45
C PHE AA 298 63.98 -28.26 56.46
N ASP AA 299 63.03 -29.13 56.81
CA ASP AA 299 61.94 -29.53 55.93
C ASP AA 299 62.56 -29.99 54.62
N SER AA 300 62.07 -29.57 53.46
CA SER AA 300 62.64 -29.99 52.19
C SER AA 300 63.73 -29.06 51.68
N HIS AA 301 64.04 -28.00 52.41
CA HIS AA 301 65.02 -27.03 51.97
C HIS AA 301 66.44 -27.55 52.13
N GLU AA 302 67.36 -26.98 51.34
CA GLU AA 302 68.79 -27.21 51.48
C GLU AA 302 69.48 -25.88 51.21
N LEU AA 303 69.86 -25.18 52.27
CA LEU AA 303 70.31 -23.81 52.19
C LEU AA 303 71.83 -23.75 52.15
N LEU AA 304 72.35 -22.66 51.61
CA LEU AA 304 73.78 -22.35 51.61
C LEU AA 304 73.93 -20.88 51.96
N ILE AA 305 74.31 -20.61 53.21
CA ILE AA 305 74.28 -19.26 53.77
C ILE AA 305 75.69 -18.71 53.76
N ILE AA 306 75.85 -17.50 53.23
CA ILE AA 306 77.14 -16.83 53.12
C ILE AA 306 77.07 -15.59 54.00
N HIS AA 307 77.95 -15.51 55.00
CA HIS AA 307 77.97 -14.38 55.93
C HIS AA 307 79.06 -13.39 55.54
N LEU AA 308 78.76 -12.60 54.51
CA LEU AA 308 79.62 -11.51 54.12
C LEU AA 308 79.52 -10.37 55.14
N PRO AA 309 80.48 -9.44 55.14
CA PRO AA 309 80.46 -8.38 56.15
C PRO AA 309 79.17 -7.57 56.19
N ARG AA 310 78.55 -7.31 55.03
CA ARG AA 310 77.32 -6.53 54.98
C ARG AA 310 76.17 -7.26 54.31
N HIS AA 311 76.34 -8.53 53.93
CA HIS AA 311 75.29 -9.28 53.25
C HIS AA 311 75.27 -10.70 53.76
N VAL AA 312 74.06 -11.27 53.81
CA VAL AA 312 73.83 -12.59 54.39
C VAL AA 312 73.19 -13.47 53.33
N LEU AA 313 73.62 -13.30 52.08
CA LEU AA 313 73.03 -14.01 50.94
C LEU AA 313 72.79 -15.49 51.25
N VAL AA 314 71.66 -16.00 50.78
CA VAL AA 314 71.22 -17.36 51.04
C VAL AA 314 70.80 -17.99 49.70
N TYR AA 315 71.25 -19.21 49.45
CA TYR AA 315 70.95 -19.95 48.23
C TYR AA 315 70.09 -21.16 48.58
N ASP AA 316 68.96 -21.30 47.91
CA ASP AA 316 68.02 -22.40 48.17
C ASP AA 316 68.15 -23.40 47.02
N ALA AA 317 68.63 -24.60 47.32
CA ALA AA 317 68.91 -25.58 46.27
C ALA AA 317 67.62 -26.20 45.74
N SER AA 318 66.68 -26.54 46.62
CA SER AA 318 65.51 -27.29 46.19
C SER AA 318 64.53 -26.43 45.40
N SER AA 319 64.49 -25.13 45.67
CA SER AA 319 63.55 -24.24 45.02
C SER AA 319 64.06 -23.67 43.70
N SER AA 320 65.30 -23.99 43.32
CA SER AA 320 65.89 -23.44 42.10
C SER AA 320 65.57 -24.36 40.92
N GLN AA 321 64.27 -24.39 40.57
CA GLN AA 321 63.83 -25.22 39.45
C GLN AA 321 64.23 -24.59 38.12
N ASN AA 322 63.89 -23.33 37.92
CA ASN AA 322 64.22 -22.59 36.70
C ASN AA 322 65.12 -21.41 37.09
N GLY AA 323 66.42 -21.66 37.13
CA GLY AA 323 67.38 -20.66 37.51
C GLY AA 323 67.63 -20.66 39.01
N PRO AA 324 68.75 -20.08 39.43
CA PRO AA 324 69.08 -20.01 40.85
C PRO AA 324 68.11 -19.17 41.64
N GLN AA 325 67.95 -19.53 42.92
CA GLN AA 325 67.04 -18.84 43.84
C GLN AA 325 67.86 -18.33 45.02
N TRP AA 326 68.27 -17.06 44.94
CA TRP AA 326 69.04 -16.44 46.00
C TRP AA 326 68.15 -15.57 46.87
N CYS AA 327 68.57 -15.40 48.12
CA CYS AA 327 67.80 -14.63 49.10
C CYS AA 327 68.79 -13.92 50.01
N VAL AA 328 68.31 -12.86 50.65
CA VAL AA 328 69.12 -12.06 51.58
C VAL AA 328 68.35 -11.90 52.87
N LEU AA 329 69.05 -11.92 54.00
CA LEU AA 329 68.45 -11.82 55.32
C LEU AA 329 68.99 -10.59 56.04
N LYS AA 330 68.14 -9.98 56.87
CA LYS AA 330 68.54 -8.82 57.65
C LYS AA 330 67.63 -8.70 58.87
N THR AA 331 68.16 -8.06 59.91
CA THR AA 331 67.43 -7.98 61.17
C THR AA 331 66.67 -6.67 61.30
N GLY AA 332 67.37 -5.54 61.25
CA GLY AA 332 66.74 -4.27 61.53
C GLY AA 332 65.77 -3.83 60.45
N LEU AA 333 64.97 -2.82 60.79
CA LEU AA 333 64.07 -2.23 59.81
C LEU AA 333 64.84 -1.61 58.66
N TYR AA 334 65.96 -0.97 58.96
CA TYR AA 334 66.86 -0.48 57.93
C TYR AA 334 67.86 -1.58 57.56
N ASP AA 335 68.81 -1.21 56.70
CA ASP AA 335 69.81 -2.17 56.26
C ASP AA 335 70.72 -2.57 57.43
N ASP AA 336 70.86 -3.87 57.64
CA ASP AA 336 71.69 -4.38 58.73
C ASP AA 336 72.04 -5.83 58.43
N VAL AA 337 73.03 -6.33 59.17
CA VAL AA 337 73.48 -7.71 58.99
C VAL AA 337 72.65 -8.63 59.89
N TYR AA 338 72.44 -9.86 59.42
CA TYR AA 338 71.64 -10.83 60.15
C TYR AA 338 72.30 -11.19 61.48
N ARG AA 339 71.48 -11.68 62.40
CA ARG AA 339 71.92 -12.08 63.72
C ARG AA 339 71.82 -13.59 63.87
N GLY AA 340 72.92 -14.21 64.29
CA GLY AA 340 72.97 -15.65 64.42
C GLY AA 340 73.89 -16.28 63.40
N VAL AA 341 75.08 -16.69 63.85
CA VAL AA 341 76.09 -17.18 62.92
C VAL AA 341 75.88 -18.66 62.64
N ASP AA 342 76.02 -19.50 63.64
CA ASP AA 342 76.20 -20.94 63.45
C ASP AA 342 74.88 -21.66 63.68
N PHE AA 343 74.39 -22.33 62.66
CA PHE AA 343 73.18 -23.15 62.75
C PHE AA 343 73.60 -24.62 62.83
N MET AA 344 73.12 -25.31 63.86
CA MET AA 344 73.39 -26.74 64.02
C MET AA 344 72.16 -27.40 64.60
N TYR AA 345 71.85 -28.60 64.09
CA TYR AA 345 70.63 -29.31 64.44
C TYR AA 345 70.91 -30.23 65.63
N GLU AA 346 70.38 -29.88 66.80
CA GLU AA 346 70.56 -30.63 68.02
C GLU AA 346 69.21 -31.17 68.49
N GLY AA 347 69.15 -32.47 68.76
CA GLY AA 347 67.88 -33.06 69.16
C GLY AA 347 66.88 -33.00 68.02
N ASN AA 348 65.78 -32.31 68.26
CA ASN AA 348 64.81 -32.00 67.21
C ASN AA 348 64.69 -30.51 66.93
N GLN AA 349 65.65 -29.71 67.37
CA GLN AA 349 65.64 -28.27 67.23
C GLN AA 349 66.93 -27.78 66.59
N ILE AA 350 66.91 -26.54 66.10
CA ILE AA 350 68.07 -25.90 65.50
C ILE AA 350 68.56 -24.83 66.45
N THR AA 351 69.87 -24.82 66.73
CA THR AA 351 70.47 -23.94 67.72
C THR AA 351 71.36 -22.93 67.02
N CYS AA 352 70.83 -21.74 66.76
CA CYS AA 352 71.61 -20.69 66.11
C CYS AA 352 72.49 -19.97 67.13
N GLY AA 353 73.60 -19.43 66.64
CA GLY AA 353 74.50 -18.66 67.46
C GLY AA 353 74.11 -17.20 67.51
N ASP AA 354 75.11 -16.34 67.71
CA ASP AA 354 74.92 -14.91 67.71
C ASP AA 354 76.24 -14.22 67.38
N LYS AA 355 76.15 -13.05 66.75
CA LYS AA 355 77.32 -12.31 66.34
C LYS AA 355 77.42 -10.91 66.92
N SER AA 356 76.48 -10.49 67.76
CA SER AA 356 76.52 -9.16 68.34
C SER AA 356 76.21 -9.13 69.83
N GLU AA 357 75.92 -10.27 70.44
CA GLU AA 357 75.58 -10.32 71.86
C GLU AA 357 75.97 -11.68 72.43
N ALA AA 358 76.16 -11.72 73.75
CA ALA AA 358 76.58 -12.93 74.44
C ALA AA 358 75.36 -13.77 74.82
N VAL AA 359 74.84 -14.49 73.83
CA VAL AA 359 73.64 -15.31 74.02
C VAL AA 359 73.58 -16.31 72.88
N VAL AA 360 72.88 -17.43 73.10
CA VAL AA 360 72.63 -18.43 72.09
C VAL AA 360 71.13 -18.70 72.07
N GLY AA 361 70.59 -18.99 70.88
CA GLY AA 361 69.16 -19.13 70.73
C GLY AA 361 68.80 -20.25 69.78
N GLN AA 362 67.53 -20.63 69.80
CA GLN AA 362 67.01 -21.69 68.97
C GLN AA 362 65.98 -21.16 67.99
N LEU AA 363 65.90 -21.79 66.82
CA LEU AA 363 64.89 -21.41 65.84
C LEU AA 363 63.52 -21.90 66.26
N GLN AA 364 62.50 -21.10 65.96
CA GLN AA 364 61.12 -21.45 66.24
C GLN AA 364 60.30 -21.18 64.99
N PHE AA 365 59.34 -22.05 64.69
CA PHE AA 365 58.71 -22.02 63.37
C PHE AA 365 57.41 -21.22 63.36
N ASP AA 366 56.71 -21.16 64.50
CA ASP AA 366 55.42 -20.49 64.55
C ASP AA 366 55.53 -19.02 64.93
N ILE AA 367 56.74 -18.48 65.05
CA ILE AA 367 56.95 -17.08 65.37
C ILE AA 367 58.00 -16.52 64.41
N SER AA 368 57.82 -15.28 63.98
CA SER AA 368 58.72 -14.66 63.01
C SER AA 368 59.55 -13.54 63.61
N SER AA 369 59.70 -13.48 64.93
CA SER AA 369 60.45 -12.44 65.61
C SER AA 369 61.78 -13.02 66.09
N GLN AA 370 62.86 -12.29 65.83
CA GLN AA 370 64.15 -12.65 66.39
C GLN AA 370 64.23 -12.14 67.83
N TYR AA 371 64.29 -13.07 68.78
CA TYR AA 371 64.16 -12.78 70.21
C TYR AA 371 62.78 -12.18 70.42
N ASP AA 372 62.63 -10.90 70.74
CA ASP AA 372 61.31 -10.30 70.98
C ASP AA 372 61.26 -8.95 70.26
N LYS AA 373 61.65 -8.94 68.99
CA LYS AA 373 61.55 -7.74 68.17
C LYS AA 373 60.98 -8.12 66.80
N GLN AA 374 60.20 -7.20 66.23
CA GLN AA 374 59.57 -7.45 64.95
C GLN AA 374 60.59 -7.40 63.81
N GLN AA 375 60.17 -7.87 62.64
CA GLN AA 375 61.07 -8.04 61.51
C GLN AA 375 60.42 -7.51 60.24
N GLU AA 376 61.27 -7.13 59.28
CA GLU AA 376 60.79 -6.61 58.00
C GLU AA 376 60.87 -7.69 56.93
N HIS AA 377 59.83 -7.78 56.10
CA HIS AA 377 59.77 -8.71 54.98
C HIS AA 377 59.37 -7.93 53.73
N LEU AA 378 60.10 -8.15 52.64
CA LEU AA 378 59.84 -7.45 51.39
C LEU AA 378 59.67 -8.45 50.25
N LEU AA 379 58.87 -8.07 49.26
CA LEU AA 379 58.69 -8.83 48.04
C LEU AA 379 58.62 -7.87 46.86
N PHE AA 380 59.32 -8.19 45.78
CA PHE AA 380 59.39 -7.32 44.61
C PHE AA 380 58.84 -8.05 43.40
N THR AA 381 57.90 -7.41 42.71
CA THR AA 381 57.36 -7.94 41.47
C THR AA 381 58.17 -7.40 40.30
N PRO AA 382 58.57 -8.26 39.36
CA PRO AA 382 59.36 -7.80 38.22
C PRO AA 382 58.61 -6.78 37.39
N LEU AA 383 59.36 -5.82 36.85
CA LEU AA 383 58.78 -4.73 36.08
C LEU AA 383 58.16 -5.26 34.80
N PHE AA 384 56.99 -4.73 34.47
CA PHE AA 384 56.24 -5.12 33.28
C PHE AA 384 56.03 -3.89 32.41
N LYS AA 385 55.99 -4.10 31.09
CA LYS AA 385 55.78 -3.03 30.13
C LYS AA 385 54.39 -3.17 29.52
N ALA AA 386 53.43 -2.41 30.05
CA ALA AA 386 52.10 -2.30 29.47
C ALA AA 386 51.75 -0.83 29.34
N ASP AA 387 51.28 -0.45 28.16
CA ASP AA 387 51.00 0.95 27.84
C ASP AA 387 49.50 1.21 27.88
N ASN AA 388 49.11 2.27 28.58
CA ASN AA 388 47.74 2.79 28.60
C ASN AA 388 46.73 1.82 29.20
N ALA AA 389 47.19 0.81 29.92
CA ALA AA 389 46.29 -0.12 30.59
C ALA AA 389 45.96 0.38 31.99
N ARG AA 390 44.96 -0.25 32.61
CA ARG AA 390 44.56 0.08 33.96
C ARG AA 390 44.37 -1.19 34.78
N CYS AA 391 45.09 -1.28 35.89
CA CYS AA 391 45.00 -2.40 36.80
C CYS AA 391 44.02 -2.07 37.92
N PHE AA 392 43.13 -3.00 38.23
CA PHE AA 392 42.13 -2.76 39.27
C PHE AA 392 42.26 -3.68 40.47
N ASP AA 393 42.19 -4.99 40.29
CA ASP AA 393 42.08 -5.92 41.40
C ASP AA 393 43.42 -6.62 41.61
N LEU AA 394 44.24 -6.09 42.51
CA LEU AA 394 45.48 -6.72 42.93
C LEU AA 394 45.21 -7.52 44.20
N GLU AA 395 45.13 -8.84 44.07
CA GLU AA 395 44.70 -9.72 45.15
C GLU AA 395 45.76 -10.79 45.41
N VAL AA 396 46.59 -10.55 46.44
CA VAL AA 396 47.48 -11.59 46.93
C VAL AA 396 46.71 -12.46 47.90
N GLU AA 397 47.13 -13.73 48.01
CA GLU AA 397 46.43 -14.73 48.81
C GLU AA 397 47.30 -15.13 49.98
N SER AA 398 46.85 -14.82 51.20
CA SER AA 398 47.61 -15.12 52.39
C SER AA 398 46.88 -16.16 53.25
N SER AA 399 47.63 -16.76 54.17
CA SER AA 399 47.08 -17.66 55.17
C SER AA 399 47.26 -17.02 56.54
N THR AA 400 46.18 -16.97 57.31
CA THR AA 400 46.13 -16.15 58.51
C THR AA 400 45.71 -17.00 59.71
N GLY AA 401 45.77 -16.40 60.89
CA GLY AA 401 45.25 -17.02 62.08
C GLY AA 401 46.28 -17.44 63.11
N VAL AA 402 47.53 -17.03 62.93
CA VAL AA 402 48.57 -17.37 63.89
C VAL AA 402 49.27 -16.08 64.30
N ALA AA 403 48.53 -14.97 64.30
CA ALA AA 403 49.08 -13.67 64.65
C ALA AA 403 48.62 -13.25 66.04
N GLN AA 404 49.31 -12.26 66.59
CA GLN AA 404 48.94 -11.65 67.86
C GLN AA 404 48.25 -10.32 67.70
N TYR AA 405 48.37 -9.68 66.53
CA TYR AA 405 47.70 -8.43 66.25
C TYR AA 405 47.43 -8.36 64.75
N ALA AA 406 46.42 -7.57 64.38
CA ALA AA 406 46.04 -7.42 62.98
C ALA AA 406 47.07 -6.57 62.26
N ASP AA 407 48.16 -7.22 61.86
CA ASP AA 407 49.26 -6.53 61.20
C ASP AA 407 48.84 -6.03 59.83
N ARG AA 408 49.50 -4.97 59.37
CA ARG AA 408 49.18 -4.34 58.10
C ARG AA 408 50.30 -4.55 57.08
N LEU AA 409 49.94 -4.38 55.81
CA LEU AA 409 50.84 -4.59 54.69
C LEU AA 409 50.96 -3.29 53.89
N PHE AA 410 52.17 -2.94 53.50
CA PHE AA 410 52.43 -1.73 52.73
C PHE AA 410 52.73 -2.15 51.29
N LEU AA 411 52.02 -1.56 50.34
CA LEU AA 411 52.28 -1.79 48.93
C LEU AA 411 52.44 -0.46 48.20
N SER AA 412 53.27 -0.46 47.15
CA SER AA 412 53.59 0.75 46.41
C SER AA 412 54.03 0.37 45.01
N ALA AA 413 54.11 1.36 44.12
CA ALA AA 413 54.40 1.13 42.72
C ALA AA 413 55.50 2.07 42.23
N THR AA 414 56.25 1.60 41.24
CA THR AA 414 57.30 2.37 40.60
C THR AA 414 56.93 2.64 39.15
N THR AA 415 57.25 3.84 38.66
CA THR AA 415 57.07 4.12 37.24
C THR AA 415 58.39 4.01 36.50
N ASP AA 416 59.50 4.34 37.16
CA ASP AA 416 60.83 4.25 36.56
C ASP AA 416 61.64 3.08 37.09
N GLY AA 417 61.14 2.35 38.09
CA GLY AA 417 61.81 1.17 38.59
C GLY AA 417 62.88 1.41 39.63
N ILE AA 418 63.08 2.65 40.07
CA ILE AA 418 64.10 2.99 41.05
C ILE AA 418 63.48 3.45 42.36
N ASN AA 419 62.63 4.47 42.31
CA ASN AA 419 62.05 5.07 43.50
C ASN AA 419 60.53 4.84 43.50
N TYR AA 420 59.98 4.63 44.69
CA TYR AA 420 58.61 4.19 44.83
C TYR AA 420 57.67 5.34 45.18
N GLY AA 421 56.38 5.12 44.97
CA GLY AA 421 55.37 6.11 45.24
C GLY AA 421 54.84 6.03 46.66
N ARG AA 422 53.56 6.35 46.80
CA ARG AA 422 52.94 6.34 48.12
C ARG AA 422 52.76 4.92 48.62
N GLU AA 423 52.77 4.76 49.94
CA GLU AA 423 52.60 3.47 50.59
C GLU AA 423 51.16 3.35 51.09
N GLN AA 424 50.45 2.35 50.59
CA GLN AA 424 49.06 2.10 50.98
C GLN AA 424 49.03 0.99 52.01
N MET AA 425 48.19 1.16 53.03
CA MET AA 425 48.15 0.26 54.18
C MET AA 425 46.95 -0.66 54.08
N ILE AA 426 47.20 -1.96 54.00
CA ILE AA 426 46.15 -2.98 54.01
C ILE AA 426 46.52 -4.02 55.05
N GLU AA 427 45.55 -4.39 55.88
CA GLU AA 427 45.78 -5.46 56.84
C GLU AA 427 45.80 -6.81 56.12
N GLN AA 428 46.81 -7.62 56.43
CA GLN AA 428 47.00 -8.91 55.76
C GLN AA 428 46.88 -10.09 56.71
N ASN AA 429 46.63 -9.87 57.99
CA ASN AA 429 46.54 -10.96 58.94
C ASN AA 429 45.63 -10.54 60.09
N GLU AA 430 44.89 -11.49 60.63
CA GLU AA 430 44.01 -11.29 61.77
C GLU AA 430 44.28 -12.42 62.76
N PRO AA 431 44.27 -12.14 64.07
CA PRO AA 431 44.80 -13.14 65.02
C PRO AA 431 44.14 -14.50 64.95
N PHE AA 432 42.82 -14.57 64.78
CA PHE AA 432 42.11 -15.84 64.77
C PHE AA 432 41.06 -15.93 63.68
N VAL AA 433 41.29 -15.32 62.52
CA VAL AA 433 40.41 -15.43 61.37
C VAL AA 433 41.16 -16.23 60.31
N TYR AA 434 40.60 -17.37 59.93
CA TYR AA 434 41.27 -18.28 59.00
C TYR AA 434 40.86 -18.07 57.55
N ASP AA 435 39.93 -17.16 57.28
CA ASP AA 435 39.45 -16.90 55.92
C ASP AA 435 39.23 -15.40 55.76
N LYS AA 436 40.06 -14.76 54.93
CA LYS AA 436 39.88 -13.35 54.61
C LYS AA 436 40.61 -13.05 53.31
N ARG AA 437 40.23 -11.93 52.70
CA ARG AA 437 40.79 -11.49 51.43
C ARG AA 437 41.76 -10.34 51.67
N VAL AA 438 42.88 -10.35 50.95
CA VAL AA 438 43.83 -9.24 50.95
C VAL AA 438 43.90 -8.73 49.52
N LEU AA 439 43.33 -7.55 49.28
CA LEU AA 439 43.27 -7.05 47.91
C LEU AA 439 43.10 -5.53 47.94
N TRP AA 440 43.38 -4.91 46.80
CA TRP AA 440 43.17 -3.48 46.59
C TRP AA 440 42.31 -3.31 45.34
N LYS AA 441 41.31 -2.43 45.43
CA LYS AA 441 40.25 -2.42 44.43
C LYS AA 441 40.62 -1.55 43.22
N ARG AA 442 41.48 -0.56 43.40
CA ARG AA 442 41.86 0.34 42.33
C ARG AA 442 43.35 0.59 42.35
N VAL AA 443 44.00 0.40 41.20
CA VAL AA 443 45.41 0.73 41.06
C VAL AA 443 45.67 1.81 40.03
N GLY AA 444 44.79 2.00 39.05
CA GLY AA 444 44.86 3.13 38.15
C GLY AA 444 45.72 2.88 36.93
N ARG AA 445 45.74 3.88 36.05
CA ARG AA 445 46.44 3.75 34.78
C ARG AA 445 47.94 3.66 34.98
N ILE AA 446 48.59 2.93 34.09
CA ILE AA 446 50.05 2.82 34.07
C ILE AA 446 50.53 3.42 32.76
N ARG AA 447 51.45 4.38 32.84
CA ARG AA 447 51.83 5.15 31.66
C ARG AA 447 52.73 4.34 30.74
N ARG AA 448 53.91 3.94 31.24
CA ARG AA 448 54.84 3.17 30.44
C ARG AA 448 55.11 1.80 31.03
N LEU AA 449 55.39 1.75 32.33
CA LEU AA 449 55.75 0.51 32.99
C LEU AA 449 55.58 0.68 34.50
N ILE AA 450 55.40 -0.45 35.19
CA ILE AA 450 55.09 -0.42 36.61
C ILE AA 450 55.67 -1.66 37.30
N GLY AA 451 56.04 -1.49 38.56
CA GLY AA 451 56.46 -2.61 39.39
C GLY AA 451 56.06 -2.35 40.82
N PHE AA 452 55.83 -3.44 41.57
CA PHE AA 452 55.19 -3.35 42.87
C PHE AA 452 56.15 -3.73 43.99
N LYS AA 453 55.66 -3.57 45.23
CA LYS AA 453 56.40 -3.86 46.44
C LYS AA 453 55.42 -4.21 47.54
N LEU AA 454 55.83 -5.08 48.46
CA LEU AA 454 54.92 -5.68 49.45
C LEU AA 454 55.52 -5.69 50.86
N ARG AA 455 55.94 -4.51 51.34
CA ARG AA 455 56.49 -4.42 52.70
C ARG AA 455 55.53 -5.02 53.72
N VAL AA 456 56.07 -5.86 54.60
CA VAL AA 456 55.32 -6.43 55.71
C VAL AA 456 56.20 -6.36 56.95
N ILE AA 457 55.64 -5.82 58.04
CA ILE AA 457 56.37 -5.75 59.31
C ILE AA 457 55.54 -6.46 60.38
N THR AA 458 55.99 -7.64 60.80
CA THR AA 458 55.26 -8.46 61.75
C THR AA 458 56.23 -9.11 62.72
N LYS AA 459 55.66 -9.80 63.70
CA LYS AA 459 56.35 -10.80 64.51
C LYS AA 459 55.55 -12.09 64.55
N SER AA 460 54.93 -12.43 63.43
CA SER AA 460 54.10 -13.61 63.24
C SER AA 460 54.38 -14.16 61.85
N PRO AA 461 54.13 -15.44 61.62
CA PRO AA 461 54.47 -16.02 60.31
C PRO AA 461 53.74 -15.32 59.18
N VAL AA 462 54.45 -15.15 58.06
CA VAL AA 462 53.92 -14.45 56.89
C VAL AA 462 53.96 -15.42 55.73
N THR AA 463 52.80 -15.62 55.10
CA THR AA 463 52.68 -16.50 53.94
C THR AA 463 51.90 -15.78 52.84
N LEU AA 464 52.48 -15.70 51.65
CA LEU AA 464 51.83 -15.10 50.50
C LEU AA 464 52.09 -15.97 49.28
N SER AA 465 51.07 -16.16 48.46
CA SER AA 465 51.17 -17.07 47.32
C SER AA 465 50.21 -16.63 46.23
N GLY AA 466 50.74 -16.02 45.18
CA GLY AA 466 49.94 -15.71 44.01
C GLY AA 466 49.39 -14.30 44.02
N CYS AA 467 49.95 -13.44 43.19
CA CYS AA 467 49.46 -12.08 43.02
C CYS AA 467 48.92 -11.93 41.61
N GLN AA 468 47.67 -11.50 41.50
CA GLN AA 468 47.03 -11.36 40.20
C GLN AA 468 46.39 -9.99 40.11
N ILE AA 469 46.38 -9.42 38.91
CA ILE AA 469 45.80 -8.12 38.64
C ILE AA 469 44.90 -8.23 37.41
N ARG AA 470 43.73 -7.60 37.48
CA ARG AA 470 42.87 -7.51 36.32
C ARG AA 470 43.41 -6.41 35.41
N LEU AA 471 44.05 -6.82 34.31
CA LEU AA 471 44.91 -5.90 33.57
C LEU AA 471 44.13 -4.81 32.87
N GLU AA 472 42.86 -5.07 32.56
CA GLU AA 472 42.02 -4.08 31.90
C GLU AA 472 40.58 -4.16 32.37
N ILE BA 3 53.07 -4.99 14.57
CA ILE BA 3 54.25 -4.71 15.37
C ILE BA 3 55.29 -5.82 15.19
N GLN BA 4 56.49 -5.43 14.77
CA GLN BA 4 57.60 -6.36 14.60
C GLN BA 4 58.78 -5.88 15.43
N GLN BA 5 59.55 -6.83 15.94
CA GLN BA 5 60.73 -6.54 16.73
C GLN BA 5 61.98 -6.85 15.91
N LEU BA 6 62.91 -5.91 15.89
CA LEU BA 6 64.14 -6.04 15.13
C LEU BA 6 65.29 -6.36 16.07
N PRO BA 7 65.89 -7.55 15.99
CA PRO BA 7 67.05 -7.85 16.84
C PRO BA 7 68.25 -7.01 16.41
N MET BA 8 69.06 -6.61 17.38
CA MET BA 8 70.28 -5.87 17.12
C MET BA 8 71.51 -6.55 17.70
N MET BA 9 71.38 -7.78 18.20
CA MET BA 9 72.51 -8.50 18.77
C MET BA 9 73.55 -8.83 17.70
N LYS BA 10 73.14 -8.84 16.43
CA LYS BA 10 74.05 -9.08 15.32
C LYS BA 10 73.39 -8.57 14.04
N GLY BA 11 74.16 -7.87 13.22
CA GLY BA 11 73.61 -7.24 12.05
C GLY BA 11 74.17 -7.74 10.73
N MET BA 12 73.29 -8.09 9.80
CA MET BA 12 73.72 -8.62 8.51
C MET BA 12 73.94 -7.48 7.51
N GLY BA 13 74.75 -7.76 6.50
CA GLY BA 13 75.02 -6.81 5.47
C GLY BA 13 75.85 -7.42 4.36
N LYS BA 14 76.46 -6.55 3.54
CA LYS BA 14 77.31 -6.99 2.45
C LYS BA 14 78.41 -5.96 2.25
N ASP BA 15 79.49 -6.40 1.59
CA ASP BA 15 80.66 -5.58 1.35
C ASP BA 15 80.78 -5.27 -0.14
N PHE BA 16 81.31 -4.08 -0.45
CA PHE BA 16 81.34 -3.62 -1.83
C PHE BA 16 82.50 -4.22 -2.61
N LYS BA 17 83.42 -4.91 -1.95
CA LYS BA 17 84.62 -5.38 -2.62
C LYS BA 17 84.30 -6.52 -3.59
N ASN BA 18 83.52 -7.51 -3.15
CA ASN BA 18 83.20 -8.66 -3.98
C ASN BA 18 81.73 -9.10 -3.83
N ALA BA 19 80.86 -8.21 -3.38
CA ALA BA 19 79.41 -8.46 -3.32
C ALA BA 19 79.09 -9.74 -2.56
N ASP BA 20 79.77 -9.94 -1.44
CA ASP BA 20 79.53 -11.09 -0.58
C ASP BA 20 78.81 -10.64 0.68
N TYR BA 21 78.00 -11.53 1.25
CA TYR BA 21 77.23 -11.23 2.45
C TYR BA 21 78.12 -11.44 3.68
N ILE BA 22 78.44 -10.35 4.36
CA ILE BA 22 79.18 -10.40 5.62
C ILE BA 22 78.38 -9.64 6.66
N ASP BA 23 78.26 -10.22 7.85
CA ASP BA 23 77.50 -9.55 8.90
C ASP BA 23 78.37 -8.54 9.64
N TYR BA 24 77.73 -7.44 10.05
CA TYR BA 24 78.40 -6.38 10.79
C TYR BA 24 78.30 -6.66 12.28
N LEU BA 25 79.44 -6.88 12.93
CA LEU BA 25 79.46 -7.09 14.36
C LEU BA 25 79.17 -5.78 15.09
N PRO BA 26 78.52 -5.85 16.25
CA PRO BA 26 78.25 -4.63 17.02
C PRO BA 26 79.52 -4.02 17.57
N VAL BA 27 79.81 -2.78 17.19
CA VAL BA 27 81.06 -2.14 17.55
C VAL BA 27 80.98 -1.60 18.97
N ASN BA 28 81.89 -2.03 19.82
CA ASN BA 28 82.19 -1.47 21.14
C ASN BA 28 81.05 -1.65 22.14
N MET BA 29 80.15 -2.62 21.97
CA MET BA 29 79.09 -2.87 22.93
C MET BA 29 78.94 -4.37 23.13
N LEU BA 30 78.69 -4.77 24.37
CA LEU BA 30 78.61 -6.18 24.72
C LEU BA 30 77.18 -6.70 24.63
N ALA BA 31 77.02 -8.00 24.87
CA ALA BA 31 75.73 -8.66 24.82
C ALA BA 31 75.48 -9.44 26.11
N THR BA 32 74.32 -9.23 26.71
CA THR BA 32 73.95 -9.88 27.97
C THR BA 32 72.53 -10.42 27.85
N PRO BA 33 72.29 -11.70 28.15
CA PRO BA 33 70.91 -12.18 28.28
C PRO BA 33 70.38 -12.02 29.69
N LYS BA 34 69.27 -11.28 29.87
CA LYS BA 34 68.82 -10.99 31.22
C LYS BA 34 67.29 -11.05 31.36
N GLU BA 35 66.57 -11.40 30.30
CA GLU BA 35 65.10 -11.47 30.32
C GLU BA 35 64.52 -10.10 30.70
N ILE BA 36 64.71 -9.15 29.80
CA ILE BA 36 64.29 -7.76 29.95
C ILE BA 36 62.78 -7.66 29.79
N LEU BA 37 62.25 -6.45 30.04
CA LEU BA 37 60.81 -6.20 30.11
C LEU BA 37 60.03 -6.98 29.06
N ASN BA 38 60.32 -6.74 27.78
CA ASN BA 38 59.58 -7.37 26.70
C ASN BA 38 60.44 -8.20 25.76
N SER BA 39 61.76 -8.15 25.91
CA SER BA 39 62.67 -8.94 25.09
C SER BA 39 63.51 -9.83 26.00
N SER BA 40 64.49 -10.51 25.42
CA SER BA 40 65.36 -11.41 26.16
C SER BA 40 66.80 -10.95 25.98
N GLY BA 41 67.25 -10.06 26.84
CA GLY BA 41 68.64 -9.62 26.81
C GLY BA 41 68.77 -8.15 26.49
N TYR BA 42 69.78 -7.52 27.09
CA TYR BA 42 70.06 -6.11 26.86
C TYR BA 42 71.53 -5.96 26.49
N LEU BA 43 71.83 -4.90 25.73
CA LEU BA 43 73.18 -4.63 25.27
C LEU BA 43 73.74 -3.47 26.07
N ARG BA 44 74.94 -3.66 26.64
CA ARG BA 44 75.58 -2.66 27.48
C ARG BA 44 76.96 -2.34 26.91
N SER BA 45 77.35 -1.07 26.98
CA SER BA 45 78.63 -0.64 26.46
C SER BA 45 79.78 -1.20 27.27
N PHE BA 46 80.95 -1.27 26.65
CA PHE BA 46 82.14 -1.73 27.35
C PHE BA 46 82.54 -0.70 28.41
N PRO BA 47 83.09 -1.14 29.54
CA PRO BA 47 83.50 -0.18 30.57
C PRO BA 47 84.63 0.72 30.09
N GLY BA 48 84.75 1.88 30.74
CA GLY BA 48 85.67 2.91 30.33
C GLY BA 48 86.96 2.87 31.13
N ILE BA 49 88.05 3.33 30.52
CA ILE BA 49 89.36 3.29 31.17
C ILE BA 49 89.63 4.62 31.85
N THR BA 50 90.21 4.55 33.06
CA THR BA 50 90.67 5.73 33.78
C THR BA 50 92.10 5.52 34.24
N LYS BA 51 92.89 6.59 34.21
CA LYS BA 51 94.29 6.52 34.60
C LYS BA 51 94.43 6.19 36.08
N ARG BA 52 95.34 5.26 36.38
CA ARG BA 52 95.64 4.91 37.77
C ARG BA 52 97.08 5.24 38.15
N TYR BA 53 98.07 4.72 37.40
CA TYR BA 53 99.46 4.96 37.69
C TYR BA 53 100.19 5.41 36.43
N ASP BA 54 101.38 5.96 36.63
CA ASP BA 54 102.26 6.34 35.53
C ASP BA 54 103.50 5.45 35.56
N MET BA 55 103.81 4.83 34.42
CA MET BA 55 104.91 3.88 34.33
C MET BA 55 105.84 4.24 33.16
N ASN BA 56 106.85 3.39 32.97
CA ASN BA 56 107.94 3.70 32.06
C ASN BA 56 107.49 3.71 30.59
N GLY BA 57 106.79 2.66 30.16
CA GLY BA 57 106.47 2.53 28.76
C GLY BA 57 105.27 1.67 28.42
N VAL BA 58 105.17 1.30 27.15
CA VAL BA 58 104.06 0.48 26.70
C VAL BA 58 104.19 -0.92 27.28
N SER BA 59 103.07 -1.59 27.50
CA SER BA 59 103.10 -2.89 28.11
C SER BA 59 103.78 -3.91 27.26
N ARG BA 60 104.26 -4.98 27.88
CA ARG BA 60 104.92 -6.03 27.14
C ARG BA 60 104.67 -7.33 27.86
N GLY BA 61 104.01 -7.28 29.00
CA GLY BA 61 103.75 -8.56 29.64
C GLY BA 61 103.04 -8.39 30.96
N VAL BA 62 102.41 -9.46 31.42
CA VAL BA 62 101.70 -9.46 32.69
C VAL BA 62 101.51 -10.90 33.14
N GLU BA 63 101.44 -11.10 34.45
CA GLU BA 63 101.13 -12.40 35.02
C GLU BA 63 100.83 -12.20 36.50
N TYR BA 64 99.78 -12.85 36.99
CA TYR BA 64 99.34 -12.71 38.37
C TYR BA 64 100.11 -13.71 39.22
N ASN BA 65 101.08 -13.22 39.98
CA ASN BA 65 101.87 -14.08 40.85
C ASN BA 65 100.98 -14.67 41.94
N THR BA 66 101.00 -16.00 42.05
CA THR BA 66 100.18 -16.66 43.06
C THR BA 66 100.94 -16.77 44.38
N ALA BA 67 102.27 -16.97 44.32
CA ALA BA 67 103.05 -17.10 45.54
C ALA BA 67 103.00 -15.83 46.37
N GLN BA 68 103.09 -14.67 45.73
CA GLN BA 68 102.93 -13.38 46.38
C GLN BA 68 101.73 -12.67 45.78
N ASN BA 69 100.81 -12.24 46.64
CA ASN BA 69 99.54 -11.67 46.19
C ASN BA 69 99.80 -10.29 45.62
N ALA BA 70 100.31 -10.26 44.40
CA ALA BA 70 100.55 -9.00 43.68
C ALA BA 70 100.59 -9.29 42.19
N VAL BA 71 100.42 -8.24 41.39
CA VAL BA 71 100.39 -8.35 39.94
C VAL BA 71 101.72 -7.84 39.40
N TYR BA 72 102.39 -8.66 38.60
CA TYR BA 72 103.66 -8.33 37.99
C TYR BA 72 103.44 -7.97 36.52
N ARG BA 73 104.08 -6.88 36.09
CA ARG BA 73 104.03 -6.47 34.69
C ARG BA 73 105.29 -5.70 34.35
N VAL BA 74 105.89 -6.03 33.20
CA VAL BA 74 107.08 -5.31 32.76
C VAL BA 74 106.73 -3.90 32.33
N CYS BA 75 105.64 -3.75 31.57
CA CYS BA 75 105.10 -2.45 31.18
C CYS BA 75 106.18 -1.55 30.57
N GLY BA 76 106.97 -2.13 29.69
CA GLY BA 76 107.88 -1.35 28.85
C GLY BA 76 109.32 -1.46 29.31
N GLY BA 77 109.84 -0.36 29.86
CA GLY BA 77 111.28 -0.25 30.05
C GLY BA 77 111.84 -1.23 31.06
N LYS BA 78 111.13 -1.44 32.17
CA LYS BA 78 111.66 -2.20 33.30
C LYS BA 78 110.54 -2.70 34.20
N LEU BA 79 110.82 -3.77 34.93
CA LEU BA 79 109.80 -4.53 35.65
C LEU BA 79 109.06 -3.66 36.66
N TYR BA 80 107.85 -4.09 37.03
CA TYR BA 80 107.03 -3.46 38.05
C TYR BA 80 106.27 -4.52 38.82
N LYS BA 81 106.23 -4.38 40.14
CA LYS BA 81 105.34 -5.16 41.00
C LYS BA 81 104.28 -4.23 41.57
N GLY BA 82 103.11 -4.22 40.96
CA GLY BA 82 102.11 -3.25 41.35
C GLY BA 82 102.61 -1.86 41.01
N GLU BA 83 103.00 -1.10 42.04
CA GLU BA 83 103.55 0.23 41.84
C GLU BA 83 105.06 0.29 42.03
N SER BA 84 105.64 -0.68 42.73
CA SER BA 84 107.05 -0.68 43.06
C SER BA 84 107.91 -0.91 41.81
N GLU BA 85 109.21 -0.68 41.96
CA GLU BA 85 110.13 -0.81 40.83
C GLU BA 85 110.65 -2.24 40.71
N VAL BA 86 111.36 -2.71 41.73
CA VAL BA 86 111.82 -4.09 41.90
C VAL BA 86 112.38 -4.70 40.61
N GLY BA 87 113.41 -4.07 40.04
CA GLY BA 87 114.17 -4.74 39.02
C GLY BA 87 114.14 -4.00 37.67
N ASP BA 88 115.05 -4.40 36.80
CA ASP BA 88 115.19 -3.84 35.46
C ASP BA 88 115.26 -4.98 34.45
N VAL BA 89 114.59 -4.80 33.31
CA VAL BA 89 114.60 -5.77 32.23
C VAL BA 89 115.01 -5.06 30.94
N ALA BA 90 115.86 -5.71 30.15
CA ALA BA 90 116.40 -5.12 28.94
C ALA BA 90 115.81 -5.82 27.71
N GLY BA 91 115.49 -5.02 26.70
CA GLY BA 91 114.93 -5.56 25.46
C GLY BA 91 113.59 -4.98 25.10
N SER BA 92 113.33 -4.82 23.80
CA SER BA 92 112.08 -4.28 23.30
C SER BA 92 111.35 -5.35 22.50
N GLY BA 93 110.04 -5.43 22.68
CA GLY BA 93 109.21 -6.41 22.02
C GLY BA 93 108.08 -6.84 22.92
N ARG BA 94 107.86 -8.14 22.98
CA ARG BA 94 106.88 -8.75 23.89
C ARG BA 94 107.54 -9.91 24.62
N VAL BA 95 107.24 -10.04 25.91
CA VAL BA 95 107.85 -11.06 26.75
C VAL BA 95 106.77 -12.03 27.21
N SER BA 96 107.22 -13.23 27.58
CA SER BA 96 106.36 -14.27 28.11
C SER BA 96 106.83 -14.62 29.51
N MET BA 97 105.95 -14.51 30.49
CA MET BA 97 106.30 -14.63 31.89
C MET BA 97 105.65 -15.85 32.51
N ALA BA 98 106.38 -16.49 33.43
CA ALA BA 98 105.86 -17.60 34.22
C ALA BA 98 106.51 -17.53 35.59
N HIS BA 99 105.71 -17.24 36.62
CA HIS BA 99 106.24 -17.02 37.95
C HIS BA 99 106.65 -18.35 38.60
N GLY BA 100 107.29 -18.23 39.76
CA GLY BA 100 107.75 -19.39 40.49
C GLY BA 100 107.65 -19.17 41.99
N ARG BA 101 108.03 -20.21 42.73
CA ARG BA 101 108.00 -20.13 44.19
C ARG BA 101 109.06 -19.16 44.72
N THR BA 102 110.21 -19.10 44.06
CA THR BA 102 111.29 -18.22 44.47
C THR BA 102 111.92 -17.46 43.31
N SER BA 103 111.20 -17.29 42.21
CA SER BA 103 111.72 -16.58 41.05
C SER BA 103 110.55 -16.08 40.21
N GLN BA 104 110.88 -15.25 39.22
CA GLN BA 104 109.85 -14.68 38.34
C GLN BA 104 109.99 -15.10 36.89
N ALA BA 105 111.21 -15.23 36.38
CA ALA BA 105 111.49 -15.79 35.05
C ALA BA 105 110.78 -14.99 33.95
N VAL BA 106 111.24 -13.75 33.79
CA VAL BA 106 110.72 -12.90 32.73
C VAL BA 106 111.06 -13.48 31.36
N GLY BA 107 112.29 -13.95 31.17
CA GLY BA 107 112.68 -14.58 29.93
C GLY BA 107 112.67 -13.68 28.72
N VAL BA 108 113.24 -12.48 28.83
CA VAL BA 108 113.29 -11.52 27.72
C VAL BA 108 114.38 -11.95 26.74
N ASN BA 109 114.30 -11.45 25.51
CA ASN BA 109 115.28 -11.71 24.44
C ASN BA 109 115.32 -13.22 24.21
N GLY BA 110 116.50 -13.84 24.16
CA GLY BA 110 116.61 -15.27 23.97
C GLY BA 110 117.12 -16.05 25.17
N GLN BA 111 117.25 -15.42 26.33
CA GLN BA 111 117.80 -16.06 27.52
C GLN BA 111 116.77 -16.04 28.64
N LEU BA 112 116.79 -17.08 29.47
CA LEU BA 112 115.82 -17.27 30.54
C LEU BA 112 116.23 -16.44 31.76
N VAL BA 113 116.06 -15.12 31.64
CA VAL BA 113 116.32 -14.26 32.78
C VAL BA 113 115.28 -14.51 33.86
N GLU BA 114 115.74 -14.80 35.07
CA GLU BA 114 114.86 -15.02 36.19
C GLU BA 114 115.27 -14.12 37.35
N TYR BA 115 114.31 -13.34 37.85
CA TYR BA 115 114.57 -12.47 38.99
C TYR BA 115 114.24 -13.21 40.29
N ARG BA 116 114.89 -12.80 41.36
CA ARG BA 116 114.75 -13.46 42.65
C ARG BA 116 114.11 -12.51 43.65
N TYR BA 117 113.32 -13.09 44.56
CA TYR BA 117 112.68 -12.29 45.60
C TYR BA 117 113.70 -11.71 46.58
N ASP BA 118 114.88 -12.33 46.66
CA ASP BA 118 115.94 -11.79 47.52
C ASP BA 118 116.41 -10.43 47.04
N GLY BA 119 116.57 -10.27 45.73
CA GLY BA 119 117.02 -9.01 45.16
C GLY BA 119 118.12 -9.18 44.13
N THR BA 120 118.41 -10.43 43.76
CA THR BA 120 119.45 -10.75 42.81
C THR BA 120 118.85 -11.19 41.49
N VAL BA 121 119.66 -11.11 40.44
CA VAL BA 121 119.26 -11.51 39.10
C VAL BA 121 120.15 -12.65 38.63
N LYS BA 122 119.53 -13.66 38.04
CA LYS BA 122 120.26 -14.84 37.58
C LYS BA 122 119.80 -15.18 36.17
N THR BA 123 120.58 -16.02 35.50
CA THR BA 123 120.28 -16.45 34.14
C THR BA 123 120.62 -17.93 34.02
N VAL BA 124 119.76 -18.68 33.33
CA VAL BA 124 119.91 -20.11 33.18
C VAL BA 124 121.02 -20.40 32.18
N SER BA 125 121.99 -21.21 32.58
CA SER BA 125 123.10 -21.59 31.74
C SER BA 125 123.57 -22.99 32.12
N ASN BA 126 124.44 -23.55 31.29
CA ASN BA 126 124.92 -24.91 31.52
C ASN BA 126 125.64 -25.02 32.86
N TRP BA 127 125.69 -26.25 33.38
CA TRP BA 127 126.44 -26.51 34.60
C TRP BA 127 127.92 -26.24 34.37
N PRO BA 128 128.66 -25.84 35.41
CA PRO BA 128 130.10 -25.65 35.24
C PRO BA 128 130.78 -26.94 34.82
N ALA BA 129 131.78 -26.81 33.94
CA ALA BA 129 132.48 -27.99 33.45
C ALA BA 129 133.23 -28.72 34.55
N ASP BA 130 133.60 -28.00 35.62
CA ASP BA 130 134.32 -28.64 36.71
C ASP BA 130 133.43 -29.59 37.51
N SER BA 131 132.12 -29.35 37.53
CA SER BA 131 131.21 -30.21 38.27
C SER BA 131 131.17 -31.61 37.68
N GLY BA 132 131.16 -31.73 36.35
CA GLY BA 132 131.12 -33.02 35.71
C GLY BA 132 129.74 -33.53 35.36
N PHE BA 133 128.92 -32.72 34.70
CA PHE BA 133 127.57 -33.09 34.35
C PHE BA 133 127.43 -33.17 32.83
N THR BA 134 126.18 -33.40 32.39
CA THR BA 134 125.89 -33.70 30.99
C THR BA 134 126.24 -32.56 30.04
N GLN BA 135 126.09 -31.30 30.46
CA GLN BA 135 126.50 -30.16 29.64
C GLN BA 135 125.76 -30.11 28.30
N TYR BA 136 124.46 -29.85 28.33
CA TYR BA 136 123.65 -29.83 27.12
C TYR BA 136 124.06 -28.66 26.21
N GLU BA 137 123.40 -28.60 25.05
CA GLU BA 137 123.61 -27.54 24.07
C GLU BA 137 122.32 -26.71 23.99
N LEU BA 138 122.24 -25.68 24.82
CA LEU BA 138 121.05 -24.83 24.87
C LEU BA 138 121.01 -23.88 23.67
N GLY BA 139 119.82 -23.32 23.43
CA GLY BA 139 119.64 -22.37 22.35
C GLY BA 139 118.82 -21.17 22.76
N SER BA 140 118.23 -20.48 21.80
CA SER BA 140 117.39 -19.33 22.09
C SER BA 140 116.07 -19.77 22.71
N VAL BA 141 115.50 -18.92 23.57
CA VAL BA 141 114.28 -19.27 24.28
C VAL BA 141 113.11 -18.46 23.73
N ARG BA 142 111.96 -19.12 23.57
CA ARG BA 142 110.74 -18.45 23.12
C ARG BA 142 109.72 -18.32 24.24
N ASP BA 143 109.31 -19.42 24.87
CA ASP BA 143 108.29 -19.34 25.89
C ASP BA 143 108.72 -20.04 27.18
N ILE BA 144 107.92 -19.85 28.22
CA ILE BA 144 108.27 -20.28 29.57
C ILE BA 144 107.04 -20.91 30.20
N THR BA 145 107.26 -21.85 31.12
CA THR BA 145 106.17 -22.42 31.91
C THR BA 145 106.78 -22.98 33.19
N ARG BA 146 105.92 -23.49 34.07
CA ARG BA 146 106.37 -24.07 35.33
C ARG BA 146 105.39 -25.16 35.74
N LEU BA 147 105.91 -26.38 35.91
CA LEU BA 147 105.16 -27.48 36.48
C LEU BA 147 105.92 -28.01 37.68
N ARG BA 148 105.20 -28.20 38.79
CA ARG BA 148 105.78 -28.63 40.07
C ARG BA 148 106.82 -27.59 40.49
N GLY BA 149 108.07 -27.95 40.74
CA GLY BA 149 109.07 -27.03 41.20
C GLY BA 149 110.12 -26.61 40.20
N ARG BA 150 109.86 -26.76 38.90
CA ARG BA 150 110.87 -26.51 37.88
C ARG BA 150 110.25 -25.83 36.67
N TYR BA 151 111.10 -25.15 35.91
CA TYR BA 151 110.69 -24.44 34.70
C TYR BA 151 110.75 -25.35 33.49
N ALA BA 152 110.46 -24.79 32.32
CA ALA BA 152 110.56 -25.50 31.05
C ALA BA 152 110.52 -24.50 29.91
N TRP BA 153 111.52 -24.55 29.04
CA TRP BA 153 111.59 -23.67 27.89
C TRP BA 153 111.84 -24.49 26.63
N SER BA 154 111.73 -23.82 25.48
CA SER BA 154 111.86 -24.46 24.18
C SER BA 154 112.92 -23.75 23.35
N LYS BA 155 113.80 -24.53 22.72
CA LYS BA 155 114.79 -23.96 21.84
C LYS BA 155 114.11 -23.42 20.58
N ASP BA 156 114.61 -22.28 20.09
CA ASP BA 156 114.01 -21.56 18.98
C ASP BA 156 114.29 -22.32 17.69
N GLY BA 157 113.22 -22.70 16.98
CA GLY BA 157 113.34 -23.34 15.69
C GLY BA 157 113.73 -24.80 15.72
N THR BA 158 113.55 -25.48 16.85
CA THR BA 158 113.99 -26.87 16.99
C THR BA 158 112.93 -27.64 17.78
N ASP BA 159 112.92 -28.96 17.55
CA ASP BA 159 111.95 -29.83 18.23
C ASP BA 159 112.12 -29.82 19.74
N SER BA 160 113.37 -29.77 20.22
CA SER BA 160 113.64 -30.05 21.61
C SER BA 160 113.21 -28.91 22.52
N TRP BA 161 112.67 -29.27 23.69
CA TRP BA 161 112.39 -28.33 24.77
C TRP BA 161 113.04 -28.87 26.04
N PHE BA 162 113.62 -27.96 26.82
CA PHE BA 162 114.42 -28.38 27.97
C PHE BA 162 113.62 -28.27 29.27
N ILE BA 163 114.31 -28.51 30.38
CA ILE BA 163 113.71 -28.52 31.71
C ILE BA 163 114.68 -27.85 32.67
N THR BA 164 114.23 -27.64 33.91
CA THR BA 164 115.00 -26.94 34.93
C THR BA 164 115.23 -27.87 36.13
N ASP BA 165 116.41 -27.76 36.72
CA ASP BA 165 116.77 -28.60 37.85
C ASP BA 165 115.99 -28.19 39.11
N LEU BA 166 115.91 -29.11 40.07
CA LEU BA 166 115.16 -28.83 41.30
C LEU BA 166 116.00 -28.07 42.31
N GLU BA 167 117.12 -28.66 42.75
CA GLU BA 167 117.87 -28.07 43.86
C GLU BA 167 118.44 -26.71 43.48
N ASP BA 168 119.03 -26.59 42.30
CA ASP BA 168 119.53 -25.33 41.79
C ASP BA 168 118.70 -24.96 40.56
N GLU BA 169 117.91 -23.90 40.68
CA GLU BA 169 116.90 -23.56 39.68
C GLU BA 169 117.47 -22.79 38.49
N SER BA 170 118.77 -22.53 38.47
CA SER BA 170 119.40 -21.76 37.41
C SER BA 170 120.31 -22.64 36.55
N HIS BA 171 119.96 -23.91 36.38
CA HIS BA 171 120.71 -24.83 35.55
C HIS BA 171 119.74 -25.84 34.96
N PRO BA 172 120.04 -26.41 33.78
CA PRO BA 172 119.08 -27.30 33.12
C PRO BA 172 118.68 -28.50 33.95
N ASP BA 173 119.64 -29.36 34.29
CA ASP BA 173 119.38 -30.52 35.15
C ASP BA 173 120.71 -31.23 35.38
N ARG BA 174 120.67 -32.25 36.24
CA ARG BA 174 121.85 -33.06 36.48
C ARG BA 174 122.08 -34.05 35.34
N TYR BA 175 121.09 -34.88 35.06
CA TYR BA 175 121.28 -35.97 34.10
C TYR BA 175 120.34 -35.92 32.91
N SER BA 176 119.05 -35.73 33.13
CA SER BA 176 118.04 -35.82 32.07
C SER BA 176 117.30 -34.49 31.94
N ALA BA 177 117.57 -33.78 30.86
CA ALA BA 177 116.85 -32.55 30.53
C ALA BA 177 116.45 -32.42 29.07
N GLN BA 178 116.96 -33.24 28.17
CA GLN BA 178 116.66 -33.12 26.75
C GLN BA 178 115.39 -33.90 26.43
N TYR BA 179 114.37 -33.21 25.93
CA TYR BA 179 113.12 -33.83 25.54
C TYR BA 179 112.68 -33.30 24.19
N ARG BA 180 112.00 -34.17 23.43
CA ARG BA 180 111.67 -33.90 22.03
C ARG BA 180 110.22 -34.28 21.78
N ALA BA 181 109.58 -33.57 20.84
CA ALA BA 181 108.21 -33.90 20.48
C ALA BA 181 108.16 -35.13 19.59
N GLU BA 182 108.78 -35.04 18.42
CA GLU BA 182 109.00 -36.11 17.45
C GLU BA 182 107.70 -36.67 16.85
N SER BA 183 106.56 -36.04 17.07
CA SER BA 183 105.32 -36.51 16.43
C SER BA 183 105.41 -36.33 14.93
N GLN BA 184 105.56 -35.08 14.49
CA GLN BA 184 105.78 -34.57 13.14
C GLN BA 184 106.93 -33.59 13.15
N PRO BA 185 107.66 -33.43 12.05
CA PRO BA 185 108.77 -32.47 12.04
C PRO BA 185 108.25 -31.04 12.03
N ASP BA 186 108.34 -30.37 13.18
CA ASP BA 186 107.78 -29.04 13.35
C ASP BA 186 108.42 -28.34 14.54
N GLY BA 187 108.68 -27.05 14.38
CA GLY BA 187 109.23 -26.27 15.48
C GLY BA 187 108.21 -26.09 16.58
N ILE BA 188 108.71 -25.89 17.80
CA ILE BA 188 107.85 -25.62 18.95
C ILE BA 188 107.51 -24.13 18.90
N ILE BA 189 106.27 -23.81 18.54
CA ILE BA 189 105.85 -22.42 18.52
C ILE BA 189 105.64 -21.90 19.94
N GLY BA 190 105.11 -22.74 20.82
CA GLY BA 190 104.87 -22.32 22.19
C GLY BA 190 104.75 -23.50 23.13
N ILE BA 191 104.81 -23.20 24.42
CA ILE BA 191 104.70 -24.20 25.47
C ILE BA 191 103.72 -23.69 26.52
N GLY BA 192 103.09 -24.62 27.22
CA GLY BA 192 102.14 -24.27 28.26
C GLY BA 192 101.82 -25.47 29.12
N THR BA 193 101.17 -25.19 30.25
CA THR BA 193 100.81 -26.22 31.22
C THR BA 193 99.29 -26.30 31.34
N TRP BA 194 98.78 -27.51 31.56
CA TRP BA 194 97.34 -27.74 31.69
C TRP BA 194 97.12 -29.00 32.51
N ARG BA 195 96.76 -28.83 33.78
CA ARG BA 195 96.34 -29.94 34.64
C ARG BA 195 97.41 -31.03 34.72
N ASP BA 196 98.59 -30.65 35.19
CA ASP BA 196 99.76 -31.51 35.39
C ASP BA 196 100.30 -32.05 34.07
N PHE BA 197 99.90 -31.50 32.92
CA PHE BA 197 100.44 -31.88 31.63
C PHE BA 197 101.20 -30.70 31.04
N ILE BA 198 102.36 -30.97 30.44
CA ILE BA 198 103.12 -29.94 29.73
C ILE BA 198 102.65 -29.97 28.28
N VAL BA 199 101.90 -28.94 27.87
CA VAL BA 199 101.33 -28.92 26.52
C VAL BA 199 102.39 -28.39 25.57
N CYS BA 200 102.65 -29.14 24.50
CA CYS BA 200 103.64 -28.78 23.51
C CYS BA 200 102.94 -28.29 22.24
N PHE BA 201 102.93 -26.96 22.05
CA PHE BA 201 102.25 -26.35 20.91
C PHE BA 201 103.21 -26.34 19.72
N GLY BA 202 103.01 -27.28 18.80
CA GLY BA 202 103.80 -27.30 17.59
C GLY BA 202 103.19 -26.48 16.48
N SER BA 203 103.89 -26.48 15.34
CA SER BA 203 103.41 -25.79 14.16
C SER BA 203 102.23 -26.53 13.53
N SER BA 204 102.25 -27.86 13.61
CA SER BA 204 101.20 -28.67 13.01
C SER BA 204 100.51 -29.62 13.99
N THR BA 205 101.14 -29.91 15.14
CA THR BA 205 100.56 -30.84 16.09
C THR BA 205 100.60 -30.24 17.49
N ILE BA 206 99.81 -30.81 18.39
CA ILE BA 206 99.82 -30.47 19.80
C ILE BA 206 99.91 -31.76 20.60
N GLU BA 207 100.89 -31.84 21.50
CA GLU BA 207 101.18 -33.08 22.22
C GLU BA 207 101.28 -32.80 23.71
N TYR BA 208 100.82 -33.75 24.52
CA TYR BA 208 100.76 -33.63 25.96
C TYR BA 208 101.83 -34.51 26.59
N PHE BA 209 102.58 -33.95 27.54
CA PHE BA 209 103.61 -34.66 28.26
C PHE BA 209 103.23 -34.77 29.74
N SER BA 210 103.35 -35.96 30.30
CA SER BA 210 103.02 -36.21 31.70
C SER BA 210 104.25 -36.76 32.41
N LEU BA 211 104.55 -36.23 33.59
CA LEU BA 211 105.70 -36.69 34.34
C LEU BA 211 105.45 -38.08 34.93
N THR BA 212 106.52 -38.84 35.08
CA THR BA 212 106.47 -40.17 35.67
C THR BA 212 107.54 -40.30 36.74
N GLY BA 213 107.32 -41.22 37.67
CA GLY BA 213 108.28 -41.45 38.73
C GLY BA 213 109.47 -42.27 38.26
N ALA BA 214 110.61 -41.60 38.05
CA ALA BA 214 111.79 -42.30 37.55
C ALA BA 214 112.52 -43.02 38.68
N THR BA 215 112.97 -42.28 39.69
CA THR BA 215 113.81 -42.81 40.78
C THR BA 215 115.03 -43.50 40.16
N THR BA 216 115.62 -42.84 39.17
CA THR BA 216 116.78 -43.36 38.45
C THR BA 216 117.53 -42.16 37.90
N ALA BA 217 118.81 -42.36 37.58
CA ALA BA 217 119.65 -41.29 37.05
C ALA BA 217 119.45 -41.16 35.55
N GLY BA 218 118.88 -40.03 35.13
CA GLY BA 218 118.70 -39.74 33.73
C GLY BA 218 117.81 -40.69 32.96
N ALA BA 219 116.63 -40.98 33.49
CA ALA BA 219 115.73 -41.94 32.87
C ALA BA 219 114.33 -41.34 32.71
N ALA BA 220 114.14 -40.58 31.63
CA ALA BA 220 112.81 -40.23 31.10
C ALA BA 220 111.86 -39.72 32.19
N LEU BA 221 112.17 -38.54 32.71
CA LEU BA 221 111.29 -37.92 33.70
C LEU BA 221 109.91 -37.65 33.12
N TYR BA 222 109.85 -37.19 31.88
CA TYR BA 222 108.59 -36.88 31.20
C TYR BA 222 108.43 -37.79 29.99
N VAL BA 223 107.24 -38.40 29.89
CA VAL BA 223 106.90 -39.30 28.79
C VAL BA 223 105.72 -38.73 28.04
N ALA BA 224 105.76 -38.79 26.71
CA ALA BA 224 104.73 -38.17 25.89
C ALA BA 224 103.48 -39.04 25.84
N GLN BA 225 102.32 -38.41 26.04
CA GLN BA 225 101.05 -39.11 25.94
C GLN BA 225 100.48 -38.96 24.53
N PRO BA 226 100.28 -40.03 23.78
CA PRO BA 226 99.79 -39.91 22.40
C PRO BA 226 98.27 -40.00 22.23
N SER BA 227 97.52 -40.28 23.30
CA SER BA 227 96.07 -40.39 23.16
C SER BA 227 95.42 -39.03 23.05
N LEU BA 228 96.12 -37.96 23.46
CA LEU BA 228 95.55 -36.63 23.54
C LEU BA 228 96.05 -35.68 22.46
N MET BA 229 96.59 -36.20 21.36
CA MET BA 229 97.07 -35.34 20.30
C MET BA 229 95.92 -34.59 19.65
N VAL BA 230 96.18 -33.35 19.21
CA VAL BA 230 95.12 -32.51 18.66
C VAL BA 230 95.19 -32.49 17.14
N GLN BA 231 96.41 -32.58 16.58
CA GLN BA 231 96.72 -32.60 15.15
C GLN BA 231 96.60 -31.22 14.50
N LYS BA 232 96.63 -30.13 15.26
CA LYS BA 232 96.62 -28.79 14.69
C LYS BA 232 97.61 -27.92 15.47
N GLY BA 233 98.17 -26.92 14.77
CA GLY BA 233 99.14 -26.05 15.40
C GLY BA 233 98.57 -24.68 15.75
N ILE BA 234 99.46 -23.78 16.14
CA ILE BA 234 99.11 -22.41 16.48
C ILE BA 234 99.81 -21.48 15.52
N ALA BA 235 99.12 -20.41 15.11
CA ALA BA 235 99.65 -19.51 14.09
C ALA BA 235 100.86 -18.73 14.62
N GLY BA 236 100.81 -18.28 15.86
CA GLY BA 236 101.89 -17.46 16.39
C GLY BA 236 102.29 -17.92 17.77
N THR BA 237 103.31 -17.25 18.30
CA THR BA 237 103.86 -17.64 19.60
C THR BA 237 102.86 -17.39 20.72
N TYR BA 238 102.15 -16.27 20.68
CA TYR BA 238 101.29 -15.85 21.78
C TYR BA 238 99.81 -16.09 21.51
N CYS BA 239 99.47 -16.88 20.49
CA CYS BA 239 98.07 -17.18 20.18
C CYS BA 239 97.62 -18.40 20.99
N LYS BA 240 97.54 -18.21 22.30
CA LYS BA 240 97.07 -19.25 23.20
C LYS BA 240 96.77 -18.63 24.56
N THR BA 241 95.71 -19.11 25.20
CA THR BA 241 95.27 -18.61 26.50
C THR BA 241 94.72 -19.76 27.33
N PRO BA 242 94.63 -19.60 28.66
CA PRO BA 242 93.77 -20.50 29.43
C PRO BA 242 92.32 -20.06 29.35
N PHE BA 243 91.51 -20.81 28.61
CA PHE BA 243 90.10 -20.46 28.39
C PHE BA 243 89.22 -21.65 28.74
N ALA BA 244 88.25 -21.41 29.61
CA ALA BA 244 87.38 -22.47 30.14
C ALA BA 244 88.30 -23.53 30.73
N ASP BA 245 88.32 -24.76 30.22
CA ASP BA 245 89.30 -25.77 30.61
C ASP BA 245 90.23 -26.12 29.45
N SER BA 246 90.27 -25.29 28.40
CA SER BA 246 91.07 -25.57 27.22
C SER BA 246 91.96 -24.38 26.88
N TYR BA 247 92.57 -24.39 25.69
CA TYR BA 247 93.51 -23.35 25.33
C TYR BA 247 93.03 -22.37 24.27
N ALA BA 248 92.14 -22.77 23.36
CA ALA BA 248 91.49 -21.83 22.44
C ALA BA 248 92.51 -21.07 21.59
N PHE BA 249 93.21 -21.80 20.73
CA PHE BA 249 94.31 -21.25 19.95
C PHE BA 249 93.79 -20.64 18.65
N ILE BA 250 94.71 -20.31 17.75
CA ILE BA 250 94.40 -19.87 16.39
C ILE BA 250 95.17 -20.79 15.45
N SER BA 251 94.48 -21.32 14.44
CA SER BA 251 95.08 -22.33 13.57
C SER BA 251 96.24 -21.77 12.78
N HIS BA 252 97.21 -22.63 12.48
CA HIS BA 252 98.39 -22.24 11.73
C HIS BA 252 98.10 -22.25 10.23
N PRO BA 253 98.83 -21.46 9.45
CA PRO BA 253 98.69 -21.52 7.98
C PRO BA 253 99.04 -22.88 7.40
N ALA BA 254 99.75 -23.74 8.13
CA ALA BA 254 100.06 -25.07 7.62
C ALA BA 254 98.79 -25.86 7.32
N THR BA 255 97.79 -25.75 8.19
CA THR BA 255 96.49 -26.36 7.95
C THR BA 255 95.77 -25.57 6.84
N GLY BA 256 94.52 -25.95 6.58
CA GLY BA 256 93.81 -25.40 5.43
C GLY BA 256 93.72 -23.88 5.43
N ALA BA 257 93.34 -23.30 6.57
CA ALA BA 257 93.18 -21.85 6.66
C ALA BA 257 93.18 -21.44 8.12
N PRO BA 258 93.63 -20.23 8.45
CA PRO BA 258 93.60 -19.78 9.84
C PRO BA 258 92.18 -19.61 10.33
N SER BA 259 91.93 -20.09 11.56
CA SER BA 259 90.62 -19.95 12.18
C SER BA 259 90.79 -20.17 13.67
N VAL BA 260 89.90 -19.56 14.45
CA VAL BA 260 89.92 -19.71 15.90
C VAL BA 260 89.38 -21.10 16.24
N TYR BA 261 89.85 -21.67 17.34
CA TYR BA 261 89.43 -23.02 17.72
C TYR BA 261 89.35 -23.10 19.23
N ILE BA 262 88.91 -24.25 19.72
CA ILE BA 262 88.91 -24.59 21.14
C ILE BA 262 89.23 -26.07 21.26
N ILE BA 263 90.20 -26.40 22.12
CA ILE BA 263 90.61 -27.80 22.28
C ILE BA 263 89.55 -28.56 23.05
N GLY BA 264 89.18 -29.72 22.54
CA GLY BA 264 88.27 -30.63 23.20
C GLY BA 264 88.99 -31.70 23.99
N SER BA 265 88.39 -32.88 24.04
CA SER BA 265 89.06 -34.02 24.67
C SER BA 265 90.29 -34.44 23.88
N GLY BA 266 90.12 -34.63 22.57
CA GLY BA 266 91.23 -35.01 21.72
C GLY BA 266 91.15 -34.40 20.34
N GLN BA 267 90.37 -33.33 20.21
CA GLN BA 267 90.17 -32.69 18.91
C GLN BA 267 89.81 -31.23 19.13
N ALA BA 268 89.91 -30.44 18.06
CA ALA BA 268 89.66 -29.01 18.10
C ALA BA 268 88.32 -28.70 17.46
N SER BA 269 87.52 -27.87 18.14
CA SER BA 269 86.20 -27.49 17.66
C SER BA 269 86.18 -26.01 17.32
N PRO BA 270 85.81 -25.64 16.09
CA PRO BA 270 85.82 -24.23 15.72
C PRO BA 270 84.76 -23.42 16.46
N ILE BA 271 85.08 -22.14 16.68
CA ILE BA 271 84.15 -21.21 17.31
C ILE BA 271 84.03 -19.91 16.54
N ALA BA 272 84.65 -19.80 15.37
CA ALA BA 272 84.67 -18.56 14.60
C ALA BA 272 83.74 -18.69 13.40
N THR BA 273 82.87 -17.70 13.23
CA THR BA 273 82.01 -17.66 12.05
C THR BA 273 82.82 -17.36 10.80
N ALA BA 274 82.18 -17.54 9.64
CA ALA BA 274 82.87 -17.32 8.38
C ALA BA 274 83.39 -15.91 8.24
N SER BA 275 82.62 -14.92 8.72
CA SER BA 275 83.07 -13.52 8.62
C SER BA 275 84.32 -13.28 9.45
N ILE BA 276 84.43 -13.90 10.61
CA ILE BA 276 85.63 -13.73 11.44
C ILE BA 276 86.86 -14.28 10.73
N GLU BA 277 86.72 -15.45 10.10
CA GLU BA 277 87.83 -16.01 9.34
C GLU BA 277 88.14 -15.17 8.12
N LYS BA 278 87.14 -14.52 7.53
CA LYS BA 278 87.41 -13.58 6.44
C LYS BA 278 88.28 -12.43 6.92
N ILE BA 279 88.05 -11.95 8.14
CA ILE BA 279 88.88 -10.88 8.70
C ILE BA 279 90.28 -11.40 9.01
N ILE BA 280 90.37 -12.61 9.54
CA ILE BA 280 91.67 -13.18 9.88
C ILE BA 280 92.53 -13.39 8.63
N ARG BA 281 91.91 -13.82 7.53
CA ARG BA 281 92.64 -14.03 6.28
C ARG BA 281 93.13 -12.73 5.67
N SER BA 282 92.63 -11.57 6.12
CA SER BA 282 93.06 -10.31 5.53
C SER BA 282 94.52 -10.01 5.80
N TYR BA 283 95.05 -10.50 6.93
CA TYR BA 283 96.45 -10.25 7.28
C TYR BA 283 97.35 -11.28 6.63
N THR BA 284 98.57 -10.85 6.30
CA THR BA 284 99.56 -11.78 5.76
C THR BA 284 100.07 -12.70 6.86
N ALA BA 285 100.87 -13.70 6.46
CA ALA BA 285 101.37 -14.68 7.41
C ALA BA 285 102.24 -14.03 8.47
N GLU BA 286 103.12 -13.11 8.07
CA GLU BA 286 104.00 -12.46 9.03
C GLU BA 286 103.21 -11.61 10.02
N GLU BA 287 102.19 -10.89 9.54
CA GLU BA 287 101.41 -10.03 10.43
C GLU BA 287 100.58 -10.85 11.41
N MET BA 288 100.21 -12.07 11.03
CA MET BA 288 99.40 -12.91 11.91
C MET BA 288 100.17 -13.33 13.16
N ALA BA 289 101.48 -13.54 13.02
CA ALA BA 289 102.29 -14.04 14.13
C ALA BA 289 102.44 -13.03 15.26
N THR BA 290 102.07 -11.77 15.05
CA THR BA 290 102.15 -10.75 16.08
C THR BA 290 100.80 -10.46 16.73
N GLY BA 291 99.94 -11.47 16.84
CA GLY BA 291 98.62 -11.32 17.41
C GLY BA 291 98.56 -11.89 18.82
N VAL BA 292 98.23 -11.05 19.78
CA VAL BA 292 98.15 -11.45 21.18
C VAL BA 292 96.72 -11.90 21.49
N MET BA 293 96.58 -12.85 22.41
CA MET BA 293 95.28 -13.33 22.86
C MET BA 293 95.24 -13.29 24.38
N GLU BA 294 94.05 -13.07 24.93
CA GLU BA 294 93.87 -13.01 26.37
C GLU BA 294 92.50 -13.56 26.75
N THR BA 295 92.23 -13.53 28.06
CA THR BA 295 90.94 -13.90 28.61
C THR BA 295 90.59 -12.91 29.72
N LEU BA 296 89.32 -12.51 29.77
CA LEU BA 296 88.85 -11.57 30.78
C LEU BA 296 87.47 -12.01 31.22
N ARG BA 297 87.22 -11.96 32.53
CA ARG BA 297 85.95 -12.37 33.11
C ARG BA 297 85.50 -11.34 34.13
N PHE BA 298 84.43 -10.61 33.83
CA PHE BA 298 83.79 -9.72 34.77
C PHE BA 298 82.28 -9.91 34.69
N ASP BA 299 81.62 -9.77 35.83
CA ASP BA 299 80.20 -10.10 36.00
C ASP BA 299 80.01 -11.53 35.52
N SER BA 300 78.98 -11.84 34.72
CA SER BA 300 78.77 -13.19 34.24
C SER BA 300 79.47 -13.46 32.91
N HIS BA 301 80.17 -12.49 32.35
CA HIS BA 301 80.81 -12.64 31.06
C HIS BA 301 82.05 -13.53 31.15
N GLU BA 302 82.45 -14.08 30.01
CA GLU BA 302 83.72 -14.77 29.86
C GLU BA 302 84.26 -14.43 28.47
N LEU BA 303 85.11 -13.41 28.41
CA LEU BA 303 85.57 -12.85 27.15
C LEU BA 303 86.82 -13.57 26.67
N LEU BA 304 87.05 -13.50 25.35
CA LEU BA 304 88.27 -13.99 24.72
C LEU BA 304 88.67 -12.94 23.69
N ILE BA 305 89.71 -12.17 24.00
CA ILE BA 305 90.10 -10.99 23.23
C ILE BA 305 91.30 -11.34 22.39
N ILE BA 306 91.24 -10.99 21.10
CA ILE BA 306 92.33 -11.24 20.16
C ILE BA 306 92.82 -9.87 19.68
N HIS BA 307 94.10 -9.59 19.94
CA HIS BA 307 94.70 -8.30 19.57
C HIS BA 307 95.45 -8.42 18.25
N LEU BA 308 94.68 -8.45 17.18
CA LEU BA 308 95.25 -8.43 15.84
C LEU BA 308 95.81 -7.04 15.53
N PRO BA 309 96.66 -6.92 14.50
CA PRO BA 309 97.27 -5.62 14.21
C PRO BA 309 96.27 -4.50 13.96
N ARG BA 310 95.13 -4.80 13.35
CA ARG BA 310 94.11 -3.79 13.08
C ARG BA 310 92.73 -4.16 13.60
N HIS BA 311 92.58 -5.29 14.30
CA HIS BA 311 91.29 -5.71 14.81
C HIS BA 311 91.47 -6.22 16.24
N VAL BA 312 90.44 -5.97 17.05
CA VAL BA 312 90.48 -6.29 18.49
C VAL BA 312 89.31 -7.21 18.80
N LEU BA 313 88.98 -8.11 17.86
CA LEU BA 313 87.83 -9.00 17.98
C LEU BA 313 87.70 -9.59 19.37
N VAL BA 314 86.46 -9.69 19.85
CA VAL BA 314 86.15 -10.16 21.19
C VAL BA 314 85.06 -11.22 21.09
N TYR BA 315 85.24 -12.34 21.78
CA TYR BA 315 84.28 -13.44 21.78
C TYR BA 315 83.67 -13.56 23.16
N ASP BA 316 82.34 -13.56 23.23
CA ASP BA 316 81.61 -13.65 24.48
C ASP BA 316 81.02 -15.06 24.60
N ALA BA 317 81.54 -15.85 25.55
CA ALA BA 317 81.14 -17.24 25.65
C ALA BA 317 79.75 -17.40 26.24
N SER BA 318 79.42 -16.60 27.26
CA SER BA 318 78.16 -16.79 27.95
C SER BA 318 76.97 -16.37 27.09
N SER BA 319 77.13 -15.32 26.28
CA SER BA 319 76.04 -14.79 25.49
C SER BA 319 75.83 -15.53 24.18
N SER BA 320 76.70 -16.48 23.83
CA SER BA 320 76.60 -17.19 22.56
C SER BA 320 75.66 -18.38 22.73
N GLN BA 321 74.39 -18.07 22.94
CA GLN BA 321 73.38 -19.13 23.09
C GLN BA 321 73.07 -19.78 21.76
N ASN BA 322 72.70 -18.99 20.76
CA ASN BA 322 72.38 -19.48 19.43
C ASN BA 322 73.40 -18.89 18.45
N GLY BA 323 74.52 -19.59 18.29
CA GLY BA 323 75.58 -19.15 17.42
C GLY BA 323 76.60 -18.30 18.15
N PRO BA 324 77.81 -18.21 17.61
CA PRO BA 324 78.86 -17.39 18.23
C PRO BA 324 78.50 -15.91 18.23
N GLN BA 325 78.99 -15.23 19.27
CA GLN BA 325 78.75 -13.79 19.45
C GLN BA 325 80.12 -13.09 19.50
N TRP BA 326 80.52 -12.54 18.37
CA TRP BA 326 81.76 -11.80 18.29
C TRP BA 326 81.50 -10.30 18.34
N CYS BA 327 82.51 -9.57 18.82
CA CYS BA 327 82.43 -8.13 18.96
C CYS BA 327 83.79 -7.54 18.64
N VAL BA 328 83.80 -6.26 18.28
CA VAL BA 328 85.02 -5.56 17.90
C VAL BA 328 85.10 -4.27 18.71
N LEU BA 329 86.30 -3.91 19.12
CA LEU BA 329 86.54 -2.75 19.98
C LEU BA 329 87.45 -1.76 19.26
N LYS BA 330 87.20 -0.47 19.48
CA LYS BA 330 88.02 0.57 18.86
C LYS BA 330 87.91 1.84 19.70
N THR BA 331 88.95 2.67 19.65
CA THR BA 331 89.00 3.86 20.49
C THR BA 331 88.50 5.09 19.75
N GLY BA 332 89.14 5.44 18.63
CA GLY BA 332 88.85 6.70 17.98
C GLY BA 332 87.50 6.71 17.31
N LEU BA 333 87.10 7.91 16.87
CA LEU BA 333 85.86 8.06 16.12
C LEU BA 333 85.94 7.32 14.79
N TYR BA 334 87.09 7.40 14.13
CA TYR BA 334 87.33 6.60 12.93
C TYR BA 334 87.92 5.25 13.33
N ASP BA 335 88.24 4.43 12.33
CA ASP BA 335 88.77 3.11 12.60
C ASP BA 335 90.15 3.24 13.24
N ASP BA 336 90.33 2.53 14.36
CA ASP BA 336 91.59 2.56 15.09
C ASP BA 336 91.67 1.35 16.00
N VAL BA 337 92.88 1.04 16.44
CA VAL BA 337 93.10 -0.11 17.30
C VAL BA 337 92.78 0.24 18.75
N TYR BA 338 92.20 -0.71 19.47
CA TYR BA 338 91.84 -0.52 20.87
C TYR BA 338 93.08 -0.23 21.71
N ARG BA 339 92.85 0.47 22.81
CA ARG BA 339 93.91 0.86 23.73
C ARG BA 339 93.78 0.05 25.02
N GLY BA 340 94.88 -0.52 25.48
CA GLY BA 340 94.86 -1.36 26.67
C GLY BA 340 95.09 -2.81 26.33
N VAL BA 341 96.27 -3.33 26.57
CA VAL BA 341 96.54 -4.67 26.11
C VAL BA 341 96.38 -5.75 27.14
N ASP BA 342 96.96 -5.57 28.32
CA ASP BA 342 96.93 -6.66 29.28
C ASP BA 342 95.97 -6.36 30.35
N PHE BA 343 95.03 -7.26 30.56
CA PHE BA 343 94.03 -7.03 31.56
C PHE BA 343 94.28 -8.04 32.63
N MET BA 344 94.06 -7.66 33.86
CA MET BA 344 94.29 -8.56 34.99
C MET BA 344 93.52 -8.03 36.19
N TYR BA 345 92.94 -8.96 36.95
CA TYR BA 345 92.06 -8.62 38.07
C TYR BA 345 92.91 -8.51 39.34
N GLU BA 346 93.08 -7.28 39.84
CA GLU BA 346 93.86 -7.02 41.04
C GLU BA 346 92.96 -6.47 42.13
N GLY BA 347 93.00 -7.09 43.30
CA GLY BA 347 92.15 -6.65 44.39
C GLY BA 347 90.69 -6.88 44.06
N ASN BA 348 89.96 -5.79 43.88
CA ASN BA 348 88.59 -5.83 43.39
C ASN BA 348 88.39 -5.02 42.12
N GLN BA 349 89.46 -4.69 41.41
CA GLN BA 349 89.42 -3.90 40.19
C GLN BA 349 90.19 -4.59 39.08
N ILE BA 350 89.95 -4.13 37.86
CA ILE BA 350 90.62 -4.66 36.67
C ILE BA 350 91.59 -3.59 36.17
N THR BA 351 92.85 -3.99 35.96
CA THR BA 351 93.92 -3.07 35.61
C THR BA 351 94.34 -3.34 34.16
N CYS BA 352 94.22 -2.38 33.28
CA CYS BA 352 94.74 -2.59 31.93
C CYS BA 352 96.05 -1.88 31.65
N GLY BA 353 96.78 -2.30 30.62
CA GLY BA 353 98.01 -1.60 30.23
C GLY BA 353 97.71 -0.62 29.13
N ASP BA 354 98.66 -0.32 28.24
CA ASP BA 354 98.39 0.57 27.11
C ASP BA 354 99.34 0.30 25.99
N LYS BA 355 98.88 0.38 24.75
CA LYS BA 355 99.73 -0.01 23.63
C LYS BA 355 100.30 1.13 22.83
N SER BA 356 100.52 2.26 23.46
CA SER BA 356 101.00 3.41 22.73
C SER BA 356 101.48 4.47 23.66
N GLU BA 357 100.88 4.52 24.84
CA GLU BA 357 101.24 5.54 25.80
C GLU BA 357 101.89 4.88 27.02
N ALA BA 358 102.78 5.62 27.68
CA ALA BA 358 103.48 5.13 28.86
C ALA BA 358 102.63 5.38 30.10
N VAL BA 359 101.59 4.57 30.25
CA VAL BA 359 100.61 4.74 31.32
C VAL BA 359 99.90 3.41 31.53
N VAL BA 360 99.30 3.25 32.71
CA VAL BA 360 98.49 2.09 33.05
C VAL BA 360 97.19 2.60 33.64
N GLY BA 361 96.10 1.88 33.38
CA GLY BA 361 94.79 2.34 33.80
C GLY BA 361 93.92 1.20 34.31
N GLN BA 362 92.84 1.58 34.97
CA GLN BA 362 91.89 0.63 35.53
C GLN BA 362 90.52 0.81 34.88
N LEU BA 363 89.76 -0.29 34.82
CA LEU BA 363 88.42 -0.22 34.24
C LEU BA 363 87.44 0.36 35.25
N GLN BA 364 86.54 1.21 34.75
CA GLN BA 364 85.49 1.81 35.55
C GLN BA 364 84.16 1.56 34.87
N PHE BA 365 83.12 1.28 35.65
CA PHE BA 365 81.87 0.78 35.07
C PHE BA 365 80.87 1.91 34.81
N ASP BA 366 80.89 2.95 35.63
CA ASP BA 366 79.92 4.03 35.51
C ASP BA 366 80.33 5.10 34.49
N ILE BA 367 81.46 4.92 33.81
CA ILE BA 367 81.92 5.85 32.78
C ILE BA 367 82.30 5.04 31.56
N SER BA 368 82.00 5.59 30.37
CA SER BA 368 82.25 4.90 29.11
C SER BA 368 83.34 5.56 28.28
N SER BA 369 84.18 6.38 28.87
CA SER BA 369 85.24 7.08 28.17
C SER BA 369 86.59 6.49 28.54
N GLN BA 370 87.43 6.27 27.53
CA GLN BA 370 88.80 5.85 27.78
C GLN BA 370 89.64 7.08 28.13
N TYR BA 371 90.11 7.13 29.38
CA TYR BA 371 90.75 8.31 29.95
C TYR BA 371 89.73 9.44 29.94
N ASP BA 372 89.89 10.50 29.17
CA ASP BA 372 88.94 11.61 29.17
C ASP BA 372 88.61 12.00 27.73
N LYS BA 373 88.24 11.01 26.92
CA LYS BA 373 87.80 11.26 25.55
C LYS BA 373 86.55 10.43 25.27
N GLN BA 374 85.62 11.00 24.51
CA GLN BA 374 84.38 10.31 24.20
C GLN BA 374 84.64 9.15 23.24
N GLN BA 375 83.66 8.26 23.12
CA GLN BA 375 83.81 7.03 22.37
C GLN BA 375 82.62 6.81 21.45
N GLU BA 376 82.86 6.09 20.36
CA GLU BA 376 81.81 5.76 19.41
C GLU BA 376 81.26 4.37 19.70
N HIS BA 377 79.93 4.24 19.64
CA HIS BA 377 79.25 2.97 19.81
C HIS BA 377 78.32 2.75 18.63
N LEU BA 378 78.35 1.55 18.07
CA LEU BA 378 77.57 1.22 16.87
C LEU BA 378 76.70 0.01 17.13
N LEU BA 379 75.53 -0.01 16.48
CA LEU BA 379 74.62 -1.15 16.51
C LEU BA 379 74.00 -1.29 15.13
N PHE BA 380 73.90 -2.53 14.66
CA PHE BA 380 73.45 -2.81 13.30
C PHE BA 380 72.29 -3.78 13.31
N THR BA 381 71.24 -3.44 12.58
CA THR BA 381 70.07 -4.29 12.45
C THR BA 381 70.16 -5.09 11.15
N PRO BA 382 69.92 -6.40 11.19
CA PRO BA 382 70.03 -7.21 9.97
C PRO BA 382 69.03 -6.77 8.92
N LEU BA 383 69.44 -6.91 7.67
CA LEU BA 383 68.62 -6.48 6.54
C LEU BA 383 67.36 -7.32 6.45
N PHE BA 384 66.24 -6.66 6.13
CA PHE BA 384 64.95 -7.31 6.02
C PHE BA 384 64.34 -7.00 4.67
N LYS BA 385 63.61 -7.97 4.12
CA LYS BA 385 62.97 -7.85 2.82
C LYS BA 385 61.46 -7.72 3.01
N ALA BA 386 60.97 -6.49 3.07
CA ALA BA 386 59.55 -6.20 3.06
C ALA BA 386 59.26 -5.23 1.93
N ASP BA 387 58.25 -5.54 1.13
CA ASP BA 387 57.93 -4.77 -0.07
C ASP BA 387 56.70 -3.90 0.17
N ASN BA 388 56.81 -2.62 -0.19
CA ASN BA 388 55.70 -1.67 -0.19
C ASN BA 388 55.10 -1.44 1.20
N ALA BA 389 55.86 -1.72 2.25
CA ALA BA 389 55.39 -1.44 3.60
C ALA BA 389 55.83 -0.04 4.04
N ARG BA 390 55.28 0.41 5.17
CA ARG BA 390 55.63 1.70 5.73
C ARG BA 390 55.80 1.57 7.24
N CYS BA 391 57.03 1.82 7.71
CA CYS BA 391 57.36 1.76 9.12
C CYS BA 391 57.20 3.14 9.75
N PHE BA 392 56.53 3.19 10.89
CA PHE BA 392 56.29 4.47 11.56
C PHE BA 392 56.97 4.59 12.91
N ASP BA 393 56.66 3.70 13.86
CA ASP BA 393 57.09 3.85 15.24
C ASP BA 393 58.29 2.96 15.51
N LEU BA 394 59.49 3.50 15.36
CA LEU BA 394 60.72 2.83 15.73
C LEU BA 394 61.08 3.25 17.14
N GLU BA 395 60.96 2.34 18.10
CA GLU BA 395 61.06 2.66 19.53
C GLU BA 395 62.12 1.76 20.18
N VAL BA 396 63.36 2.25 20.23
CA VAL BA 396 64.36 1.60 21.06
C VAL BA 396 64.16 2.04 22.51
N GLU BA 397 64.52 1.17 23.44
CA GLU BA 397 64.29 1.41 24.86
C GLU BA 397 65.62 1.50 25.59
N SER BA 398 65.89 2.65 26.19
CA SER BA 398 67.15 2.87 26.89
C SER BA 398 66.90 3.12 28.38
N SER BA 399 67.97 2.98 29.15
CA SER BA 399 67.97 3.34 30.57
C SER BA 399 68.92 4.51 30.77
N THR BA 400 68.43 5.56 31.42
CA THR BA 400 69.11 6.84 31.46
C THR BA 400 69.33 7.28 32.90
N GLY BA 401 70.10 8.35 33.06
CA GLY BA 401 70.25 9.00 34.35
C GLY BA 401 71.64 8.93 34.95
N VAL BA 402 72.63 8.51 34.17
CA VAL BA 402 74.01 8.45 34.65
C VAL BA 402 74.89 9.20 33.68
N ALA BA 403 74.33 10.22 33.03
CA ALA BA 403 75.07 11.03 32.07
C ALA BA 403 75.35 12.40 32.66
N GLN BA 404 76.24 13.13 31.99
CA GLN BA 404 76.54 14.51 32.36
C GLN BA 404 76.07 15.51 31.31
N TYR BA 405 75.64 15.05 30.14
CA TYR BA 405 75.05 15.91 29.14
C TYR BA 405 74.02 15.11 28.35
N ALA BA 406 73.05 15.82 27.77
CA ALA BA 406 71.98 15.18 27.01
C ALA BA 406 72.56 14.73 25.66
N ASP BA 407 73.22 13.58 25.70
CA ASP BA 407 73.85 13.04 24.49
C ASP BA 407 72.79 12.61 23.48
N ARG BA 408 73.14 12.69 22.20
CA ARG BA 408 72.21 12.42 21.12
C ARG BA 408 72.63 11.16 20.36
N LEU BA 409 71.68 10.63 19.60
CA LEU BA 409 71.84 9.38 18.85
C LEU BA 409 71.60 9.65 17.38
N PHE BA 410 72.38 9.01 16.52
CA PHE BA 410 72.24 9.14 15.07
C PHE BA 410 71.77 7.80 14.52
N LEU BA 411 70.68 7.82 13.76
CA LEU BA 411 70.17 6.63 13.10
C LEU BA 411 69.98 6.90 11.60
N SER BA 412 70.12 5.85 10.80
CA SER BA 412 70.04 5.97 9.35
C SER BA 412 69.63 4.62 8.76
N ALA BA 413 69.29 4.62 7.48
CA ALA BA 413 68.76 3.44 6.82
C ALA BA 413 69.48 3.19 5.50
N THR BA 414 69.61 1.91 5.16
CA THR BA 414 70.21 1.47 3.90
C THR BA 414 69.14 0.83 3.03
N THR BA 415 69.11 1.22 1.76
CA THR BA 415 68.21 0.55 0.82
C THR BA 415 68.92 -0.59 0.09
N ASP BA 416 70.23 -0.45 -0.11
CA ASP BA 416 71.03 -1.49 -0.77
C ASP BA 416 71.90 -2.28 0.19
N GLY BA 417 72.03 -1.84 1.44
CA GLY BA 417 72.78 -2.57 2.45
C GLY BA 417 74.25 -2.23 2.53
N ILE BA 418 74.75 -1.30 1.72
CA ILE BA 418 76.15 -0.92 1.72
C ILE BA 418 76.35 0.49 2.26
N ASN BA 419 75.69 1.48 1.66
CA ASN BA 419 75.87 2.88 2.02
C ASN BA 419 74.59 3.44 2.61
N TYR BA 420 74.74 4.32 3.59
CA TYR BA 420 73.62 4.80 4.40
C TYR BA 420 73.13 6.16 3.91
N GLY BA 421 71.93 6.52 4.35
CA GLY BA 421 71.32 7.78 3.99
C GLY BA 421 71.61 8.87 5.01
N ARG BA 422 70.64 9.77 5.16
CA ARG BA 422 70.79 10.86 6.11
C ARG BA 422 70.77 10.33 7.54
N GLU BA 423 71.49 11.03 8.42
CA GLU BA 423 71.57 10.68 9.84
C GLU BA 423 70.62 11.57 10.62
N GLN BA 424 69.65 10.97 11.29
CA GLN BA 424 68.68 11.70 12.09
C GLN BA 424 69.14 11.76 13.53
N MET BA 425 68.99 12.93 14.15
CA MET BA 425 69.55 13.21 15.46
C MET BA 425 68.45 13.15 16.52
N ILE BA 426 68.54 12.16 17.41
CA ILE BA 426 67.60 12.00 18.53
C ILE BA 426 68.40 11.87 19.82
N GLU BA 427 68.02 12.65 20.83
CA GLU BA 427 68.64 12.49 22.14
C GLU BA 427 68.17 11.19 22.78
N GLN BA 428 69.10 10.48 23.41
CA GLN BA 428 68.80 9.19 24.01
C GLN BA 428 69.14 9.12 25.48
N ASN BA 429 69.69 10.18 26.07
CA ASN BA 429 70.07 10.17 27.47
C ASN BA 429 69.95 11.58 28.03
N GLU BA 430 69.54 11.68 29.28
CA GLU BA 430 69.42 12.93 30.00
C GLU BA 430 70.07 12.76 31.36
N PRO BA 431 70.80 13.77 31.85
CA PRO BA 431 71.69 13.52 33.00
C PRO BA 431 70.99 12.97 34.24
N PHE BA 432 69.78 13.42 34.56
CA PHE BA 432 69.09 12.96 35.75
C PHE BA 432 67.61 12.68 35.51
N VAL BA 433 67.24 12.21 34.33
CA VAL BA 433 65.88 11.78 34.03
C VAL BA 433 65.91 10.26 33.91
N TYR BA 434 65.19 9.59 34.81
CA TYR BA 434 65.19 8.13 34.85
C TYR BA 434 64.08 7.51 34.03
N ASP BA 435 63.18 8.30 33.47
CA ASP BA 435 62.08 7.80 32.65
C ASP BA 435 61.90 8.72 31.45
N LYS BA 436 62.24 8.21 30.26
CA LYS BA 436 62.03 8.96 29.03
C LYS BA 436 61.90 7.97 27.89
N ARG BA 437 61.30 8.43 26.79
CA ARG BA 437 61.02 7.60 25.63
C ARG BA 437 61.90 8.05 24.47
N VAL BA 438 62.55 7.10 23.82
CA VAL BA 438 63.39 7.35 22.65
C VAL BA 438 62.73 6.67 21.45
N LEU BA 439 62.25 7.46 20.50
CA LEU BA 439 61.57 6.90 19.34
C LEU BA 439 61.58 7.92 18.21
N TRP BA 440 61.27 7.43 17.01
CA TRP BA 440 61.09 8.25 15.83
C TRP BA 440 59.72 7.95 15.25
N LYS BA 441 58.97 9.01 14.93
CA LYS BA 441 57.54 8.85 14.67
C LYS BA 441 57.26 8.43 13.23
N ARG BA 442 58.13 8.80 12.29
CA ARG BA 442 57.93 8.49 10.88
C ARG BA 442 59.21 7.98 10.27
N VAL BA 443 59.15 6.81 9.63
CA VAL BA 443 60.29 6.26 8.91
C VAL BA 443 60.05 6.15 7.41
N GLY BA 444 58.81 6.04 6.96
CA GLY BA 444 58.50 6.13 5.55
C GLY BA 444 58.48 4.78 4.86
N ARG BA 445 58.09 4.82 3.58
CA ARG BA 445 57.99 3.60 2.78
C ARG BA 445 59.36 2.97 2.57
N ILE BA 446 59.36 1.65 2.46
CA ILE BA 446 60.56 0.89 2.13
C ILE BA 446 60.31 0.19 0.79
N ARG BA 447 61.20 0.40 -0.17
CA ARG BA 447 60.95 -0.06 -1.53
C ARG BA 447 61.18 -1.56 -1.66
N ARG BA 448 62.40 -2.01 -1.39
CA ARG BA 448 62.72 -3.42 -1.52
C ARG BA 448 63.23 -4.02 -0.22
N LEU BA 449 64.10 -3.29 0.49
CA LEU BA 449 64.73 -3.82 1.70
C LEU BA 449 65.40 -2.67 2.43
N ILE BA 450 65.45 -2.78 3.75
CA ILE BA 450 65.94 -1.71 4.60
C ILE BA 450 66.69 -2.29 5.80
N GLY BA 451 67.65 -1.53 6.30
CA GLY BA 451 68.36 -1.88 7.52
C GLY BA 451 68.86 -0.62 8.20
N PHE BA 452 68.99 -0.70 9.51
CA PHE BA 452 69.18 0.48 10.34
C PHE BA 452 70.56 0.52 10.98
N LYS BA 453 70.88 1.68 11.55
CA LYS BA 453 72.15 1.92 12.23
C LYS BA 453 71.87 2.84 13.42
N LEU BA 454 72.66 2.69 14.49
CA LEU BA 454 72.39 3.35 15.76
C LEU BA 454 73.65 3.97 16.37
N ARG BA 455 74.35 4.80 15.61
CA ARG BA 455 75.53 5.49 16.13
C ARG BA 455 75.22 6.23 17.42
N VAL BA 456 76.09 6.07 18.41
CA VAL BA 456 76.01 6.78 19.68
C VAL BA 456 77.41 7.24 20.05
N ILE BA 457 77.54 8.54 20.36
CA ILE BA 457 78.83 9.09 20.78
C ILE BA 457 78.68 9.72 22.15
N THR BA 458 79.16 9.04 23.18
CA THR BA 458 79.01 9.49 24.56
C THR BA 458 80.32 9.27 25.32
N LYS BA 459 80.34 9.77 26.55
CA LYS BA 459 81.29 9.36 27.57
C LYS BA 459 80.55 8.96 28.84
N SER BA 460 79.41 8.31 28.67
CA SER BA 460 78.53 7.84 29.73
C SER BA 460 78.00 6.47 29.33
N PRO BA 461 77.57 5.65 30.28
CA PRO BA 461 77.11 4.30 29.94
C PRO BA 461 75.95 4.33 28.96
N VAL BA 462 75.95 3.37 28.04
CA VAL BA 462 74.94 3.28 26.99
C VAL BA 462 74.28 1.91 27.13
N THR BA 463 72.96 1.90 27.25
CA THR BA 463 72.18 0.67 27.36
C THR BA 463 70.97 0.76 26.44
N LEU BA 464 70.88 -0.16 25.48
CA LEU BA 464 69.77 -0.23 24.56
C LEU BA 464 69.29 -1.67 24.48
N SER BA 465 67.97 -1.86 24.51
CA SER BA 465 67.40 -3.22 24.54
C SER BA 465 66.01 -3.18 23.93
N GLY BA 466 65.87 -3.75 22.74
CA GLY BA 466 64.57 -3.93 22.14
C GLY BA 466 64.20 -2.84 21.15
N CYS BA 467 64.26 -3.15 19.86
CA CYS BA 467 63.84 -2.22 18.82
C CYS BA 467 62.63 -2.81 18.12
N GLN BA 468 61.54 -2.05 18.06
CA GLN BA 468 60.33 -2.50 17.41
C GLN BA 468 59.82 -1.42 16.47
N ILE BA 469 59.23 -1.83 15.35
CA ILE BA 469 58.69 -0.91 14.36
C ILE BA 469 57.28 -1.36 14.02
N ARG BA 470 56.38 -0.38 13.88
CA ARG BA 470 55.04 -0.67 13.40
C ARG BA 470 55.09 -0.80 11.87
N LEU BA 471 55.00 -2.04 11.39
CA LEU BA 471 55.38 -2.33 10.01
C LEU BA 471 54.40 -1.73 9.02
N GLU BA 472 53.14 -1.57 9.41
CA GLU BA 472 52.13 -1.01 8.52
C GLU BA 472 51.18 -0.08 9.27
N ILE CA 3 52.30 -17.68 -3.31
CA ILE CA 3 53.75 -17.51 -3.41
C ILE CA 3 54.46 -18.76 -2.91
N GLN CA 4 55.23 -19.39 -3.80
CA GLN CA 4 56.00 -20.58 -3.47
C GLN CA 4 57.48 -20.27 -3.63
N GLN CA 5 58.31 -21.03 -2.92
CA GLN CA 5 59.75 -20.89 -2.99
C GLN CA 5 60.37 -22.17 -3.55
N LEU CA 6 61.30 -22.02 -4.48
CA LEU CA 6 61.92 -23.16 -5.15
C LEU CA 6 63.38 -23.27 -4.72
N PRO CA 7 63.77 -24.35 -4.04
CA PRO CA 7 65.19 -24.55 -3.71
C PRO CA 7 65.97 -24.89 -4.97
N MET CA 8 67.22 -24.42 -5.03
CA MET CA 8 68.09 -24.69 -6.17
C MET CA 8 69.40 -25.37 -5.77
N MET CA 9 69.55 -25.75 -4.50
CA MET CA 9 70.80 -26.37 -4.06
C MET CA 9 71.02 -27.72 -4.74
N LYS CA 10 69.94 -28.37 -5.16
CA LYS CA 10 70.02 -29.64 -5.86
C LYS CA 10 68.73 -29.85 -6.65
N GLY CA 11 68.88 -30.26 -7.91
CA GLY CA 11 67.72 -30.40 -8.78
C GLY CA 11 67.57 -31.79 -9.36
N MET CA 12 66.36 -32.35 -9.25
CA MET CA 12 66.12 -33.70 -9.71
C MET CA 12 65.75 -33.72 -11.19
N GLY CA 13 65.97 -34.86 -11.82
CA GLY CA 13 65.65 -35.04 -13.22
C GLY CA 13 65.75 -36.50 -13.61
N LYS CA 14 65.81 -36.74 -14.91
CA LYS CA 14 65.92 -38.09 -15.43
C LYS CA 14 66.85 -38.09 -16.65
N ASP CA 15 67.39 -39.26 -16.96
CA ASP CA 15 68.32 -39.44 -18.07
C ASP CA 15 67.66 -40.24 -19.17
N PHE CA 16 67.99 -39.91 -20.43
CA PHE CA 16 67.31 -40.51 -21.57
C PHE CA 16 67.82 -41.92 -21.85
N LYS CA 17 68.91 -42.33 -21.22
CA LYS CA 17 69.51 -43.63 -21.55
C LYS CA 17 68.65 -44.78 -21.05
N ASN CA 18 68.19 -44.72 -19.79
CA ASN CA 18 67.42 -45.80 -19.20
C ASN CA 18 66.26 -45.30 -18.35
N ALA CA 19 65.92 -44.03 -18.45
CA ALA CA 19 64.75 -43.45 -17.77
C ALA CA 19 64.77 -43.70 -16.27
N ASP CA 20 65.83 -43.25 -15.61
CA ASP CA 20 65.96 -43.31 -14.17
C ASP CA 20 66.06 -41.89 -13.61
N TYR CA 21 65.55 -41.72 -12.39
CA TYR CA 21 65.58 -40.43 -11.73
C TYR CA 21 66.96 -40.17 -11.15
N ILE CA 22 67.71 -39.28 -11.79
CA ILE CA 22 69.02 -38.85 -11.31
C ILE CA 22 68.99 -37.34 -11.17
N ASP CA 23 69.53 -36.84 -10.06
CA ASP CA 23 69.50 -35.41 -9.81
C ASP CA 23 70.65 -34.70 -10.49
N TYR CA 24 70.41 -33.44 -10.86
CA TYR CA 24 71.43 -32.60 -11.49
C TYR CA 24 72.11 -31.77 -10.42
N LEU CA 25 73.40 -32.03 -10.19
CA LEU CA 25 74.17 -31.25 -9.25
C LEU CA 25 74.43 -29.85 -9.82
N PRO CA 26 74.49 -28.83 -8.97
CA PRO CA 26 74.76 -27.48 -9.45
C PRO CA 26 76.16 -27.34 -10.02
N VAL CA 27 76.26 -26.98 -11.29
CA VAL CA 27 77.56 -26.94 -11.97
C VAL CA 27 78.29 -25.66 -11.59
N ASN CA 28 79.48 -25.80 -11.03
CA ASN CA 28 80.47 -24.75 -10.81
C ASN CA 28 80.01 -23.70 -9.81
N MET CA 29 79.10 -24.02 -8.89
CA MET CA 29 78.65 -23.07 -7.88
C MET CA 29 78.55 -23.78 -6.53
N LEU CA 30 79.02 -23.13 -5.47
CA LEU CA 30 79.01 -23.73 -4.15
C LEU CA 30 77.73 -23.38 -3.40
N ALA CA 31 77.56 -23.99 -2.23
CA ALA CA 31 76.41 -23.77 -1.37
C ALA CA 31 76.87 -23.33 0.01
N THR CA 32 76.29 -22.25 0.52
CA THR CA 32 76.66 -21.68 1.81
C THR CA 32 75.39 -21.36 2.59
N PRO CA 33 75.22 -21.92 3.80
CA PRO CA 33 74.08 -21.51 4.64
C PRO CA 33 74.41 -20.27 5.47
N LYS CA 34 73.61 -19.20 5.29
CA LYS CA 34 73.96 -17.93 5.93
C LYS CA 34 72.76 -17.22 6.54
N GLU CA 35 71.55 -17.77 6.43
CA GLU CA 35 70.32 -17.11 6.87
C GLU CA 35 70.15 -15.78 6.11
N ILE CA 36 69.89 -15.92 4.82
CA ILE CA 36 69.73 -14.80 3.90
C ILE CA 36 68.38 -14.15 4.18
N LEU CA 37 68.12 -12.99 3.54
CA LEU CA 37 66.98 -12.14 3.86
C LEU CA 37 65.71 -12.94 4.12
N ASN CA 38 65.28 -13.74 3.15
CA ASN CA 38 64.03 -14.47 3.27
C ASN CA 38 64.20 -15.99 3.17
N SER CA 39 65.40 -16.47 2.85
CA SER CA 39 65.68 -17.89 2.75
C SER CA 39 66.81 -18.23 3.73
N SER CA 40 67.27 -19.47 3.67
CA SER CA 40 68.35 -19.95 4.53
C SER CA 40 69.49 -20.44 3.64
N GLY CA 41 70.38 -19.54 3.27
CA GLY CA 41 71.53 -19.93 2.48
C GLY CA 41 71.56 -19.24 1.13
N TYR CA 42 72.77 -19.06 0.59
CA TYR CA 42 72.96 -18.45 -0.72
C TYR CA 42 74.00 -19.25 -1.48
N LEU CA 43 73.94 -19.16 -2.80
CA LEU CA 43 74.82 -19.89 -3.70
C LEU CA 43 75.80 -18.92 -4.33
N ARG CA 44 77.10 -19.23 -4.23
CA ARG CA 44 78.16 -18.33 -4.71
C ARG CA 44 79.09 -19.11 -5.63
N SER CA 45 79.56 -18.44 -6.67
CA SER CA 45 80.42 -19.09 -7.66
C SER CA 45 81.77 -19.44 -7.06
N PHE CA 46 82.43 -20.42 -7.68
CA PHE CA 46 83.77 -20.80 -7.26
C PHE CA 46 84.75 -19.67 -7.59
N PRO CA 47 85.79 -19.47 -6.78
CA PRO CA 47 86.76 -18.42 -7.08
C PRO CA 47 87.51 -18.71 -8.37
N GLY CA 48 87.97 -17.65 -9.02
CA GLY CA 48 88.61 -17.73 -10.33
C GLY CA 48 90.13 -17.79 -10.20
N ILE CA 49 90.76 -18.42 -11.19
CA ILE CA 49 92.21 -18.58 -11.17
C ILE CA 49 92.88 -17.43 -11.90
N THR CA 50 94.00 -16.96 -11.34
CA THR CA 50 94.85 -15.96 -11.99
C THR CA 50 96.29 -16.44 -11.98
N LYS CA 51 96.99 -16.18 -13.08
CA LYS CA 51 98.38 -16.64 -13.22
C LYS CA 51 99.27 -15.97 -12.20
N ARG CA 52 100.15 -16.76 -11.56
CA ARG CA 52 101.12 -16.23 -10.60
C ARG CA 52 102.55 -16.46 -11.07
N TYR CA 53 102.94 -17.70 -11.35
CA TYR CA 53 104.30 -18.03 -11.77
C TYR CA 53 104.25 -18.88 -13.03
N ASP CA 54 105.40 -18.94 -13.71
CA ASP CA 54 105.59 -19.80 -14.87
C ASP CA 54 106.59 -20.90 -14.50
N MET CA 55 106.19 -22.15 -14.72
CA MET CA 55 107.01 -23.30 -14.32
C MET CA 55 107.20 -24.24 -15.50
N ASN CA 56 107.93 -25.33 -15.23
CA ASN CA 56 108.39 -26.21 -16.30
C ASN CA 56 107.26 -26.98 -16.96
N GLY CA 57 106.38 -27.59 -16.17
CA GLY CA 57 105.36 -28.46 -16.75
C GLY CA 57 104.11 -28.61 -15.92
N VAL CA 58 103.26 -29.57 -16.31
CA VAL CA 58 102.00 -29.80 -15.62
C VAL CA 58 102.27 -30.30 -14.21
N SER CA 59 101.34 -30.02 -13.29
CA SER CA 59 101.54 -30.40 -11.90
C SER CA 59 101.55 -31.90 -11.75
N ARG CA 60 102.42 -32.40 -10.86
CA ARG CA 60 102.56 -33.82 -10.60
C ARG CA 60 102.59 -34.17 -9.12
N GLY CA 61 102.67 -33.19 -8.24
CA GLY CA 61 102.67 -33.45 -6.81
C GLY CA 61 102.82 -32.17 -6.02
N VAL CA 62 102.45 -32.23 -4.75
CA VAL CA 62 102.52 -31.08 -3.86
C VAL CA 62 102.56 -31.59 -2.43
N GLU CA 63 103.22 -30.82 -1.56
CA GLU CA 63 103.25 -31.13 -0.13
C GLU CA 63 103.78 -29.91 0.60
N TYR CA 64 103.13 -29.55 1.70
CA TYR CA 64 103.50 -28.38 2.49
C TYR CA 64 104.54 -28.83 3.51
N ASN CA 65 105.80 -28.47 3.27
CA ASN CA 65 106.86 -28.79 4.20
C ASN CA 65 106.64 -28.03 5.51
N THR CA 66 106.70 -28.76 6.63
CA THR CA 66 106.46 -28.14 7.92
C THR CA 66 107.78 -27.67 8.55
N ALA CA 67 108.86 -28.42 8.32
CA ALA CA 67 110.16 -28.02 8.86
C ALA CA 67 110.62 -26.69 8.30
N GLN CA 68 110.45 -26.49 6.99
CA GLN CA 68 110.70 -25.21 6.35
C GLN CA 68 109.39 -24.65 5.82
N ASN CA 69 109.08 -23.41 6.20
CA ASN CA 69 107.80 -22.80 5.86
C ASN CA 69 107.81 -22.44 4.38
N ALA CA 70 107.55 -23.44 3.55
CA ALA CA 70 107.46 -23.26 2.11
C ALA CA 70 106.68 -24.41 1.51
N VAL CA 71 106.17 -24.18 0.30
CA VAL CA 71 105.36 -25.17 -0.41
C VAL CA 71 106.22 -25.80 -1.50
N TYR CA 72 106.35 -27.12 -1.45
CA TYR CA 72 107.12 -27.88 -2.42
C TYR CA 72 106.18 -28.49 -3.44
N ARG CA 73 106.56 -28.41 -4.72
CA ARG CA 73 105.79 -29.00 -5.80
C ARG CA 73 106.73 -29.32 -6.96
N VAL CA 74 106.60 -30.55 -7.49
CA VAL CA 74 107.41 -30.91 -8.65
C VAL CA 74 106.94 -30.15 -9.89
N CYS CA 75 105.63 -30.14 -10.14
CA CYS CA 75 105.02 -29.35 -11.20
C CYS CA 75 105.75 -29.53 -12.52
N GLY CA 76 105.91 -30.79 -12.92
CA GLY CA 76 106.39 -31.13 -14.26
C GLY CA 76 107.80 -31.68 -14.25
N GLY CA 77 108.70 -31.01 -14.96
CA GLY CA 77 110.01 -31.59 -15.25
C GLY CA 77 110.89 -31.74 -14.01
N LYS CA 78 110.92 -30.72 -13.16
CA LYS CA 78 111.88 -30.66 -12.07
C LYS CA 78 111.25 -30.04 -10.84
N LEU CA 79 111.80 -30.38 -9.67
CA LEU CA 79 111.25 -29.94 -8.40
C LEU CA 79 111.24 -28.42 -8.30
N TYR CA 80 110.36 -27.89 -7.45
CA TYR CA 80 110.28 -26.47 -7.15
C TYR CA 80 109.98 -26.27 -5.67
N LYS CA 81 110.67 -25.32 -5.06
CA LYS CA 81 110.35 -24.81 -3.73
C LYS CA 81 109.85 -23.38 -3.87
N GLY CA 82 108.54 -23.20 -3.84
CA GLY CA 82 108.00 -21.88 -4.10
C GLY CA 82 108.29 -21.48 -5.53
N GLU CA 83 109.23 -20.56 -5.70
CA GLU CA 83 109.63 -20.09 -7.03
C GLU CA 83 110.98 -20.63 -7.47
N SER CA 84 111.82 -21.06 -6.53
CA SER CA 84 113.19 -21.47 -6.82
C SER CA 84 113.22 -22.82 -7.54
N GLU CA 85 114.40 -23.15 -8.08
CA GLU CA 85 114.58 -24.40 -8.80
C GLU CA 85 114.86 -25.55 -7.85
N VAL CA 86 115.96 -25.45 -7.10
CA VAL CA 86 116.37 -26.36 -6.02
C VAL CA 86 116.20 -27.83 -6.42
N GLY CA 87 116.85 -28.25 -7.50
CA GLY CA 87 116.98 -29.65 -7.80
C GLY CA 87 116.19 -30.06 -9.03
N ASP CA 88 116.50 -31.26 -9.52
CA ASP CA 88 115.88 -31.84 -10.71
C ASP CA 88 115.34 -33.21 -10.36
N VAL CA 89 114.20 -33.58 -10.97
CA VAL CA 89 113.55 -34.86 -10.73
C VAL CA 89 113.30 -35.53 -12.06
N ALA CA 90 113.39 -36.86 -12.09
CA ALA CA 90 113.20 -37.63 -13.31
C ALA CA 90 111.92 -38.44 -13.23
N GLY CA 91 111.26 -38.60 -14.37
CA GLY CA 91 110.07 -39.42 -14.45
C GLY CA 91 108.81 -38.64 -14.78
N SER CA 92 107.88 -39.28 -15.49
CA SER CA 92 106.62 -38.66 -15.86
C SER CA 92 105.47 -39.47 -15.27
N GLY CA 93 104.47 -38.77 -14.75
CA GLY CA 93 103.34 -39.41 -14.12
C GLY CA 93 102.88 -38.59 -12.93
N ARG CA 94 102.48 -39.29 -11.87
CA ARG CA 94 102.09 -38.68 -10.62
C ARG CA 94 102.96 -39.27 -9.49
N VAL CA 95 103.35 -38.43 -8.55
CA VAL CA 95 104.29 -38.82 -7.51
C VAL CA 95 103.65 -38.61 -6.15
N SER CA 96 104.19 -39.32 -5.16
CA SER CA 96 103.74 -39.23 -3.78
C SER CA 96 104.85 -38.63 -2.92
N MET CA 97 104.54 -37.55 -2.22
CA MET CA 97 105.53 -36.77 -1.50
C MET CA 97 105.31 -36.90 0.01
N ALA CA 98 106.41 -36.96 0.75
CA ALA CA 98 106.38 -36.99 2.21
C ALA CA 98 107.67 -36.38 2.73
N HIS CA 99 107.56 -35.19 3.34
CA HIS CA 99 108.74 -34.44 3.72
C HIS CA 99 109.40 -35.05 4.95
N GLY CA 100 110.53 -34.46 5.34
CA GLY CA 100 111.25 -34.91 6.52
C GLY CA 100 111.96 -33.75 7.19
N ARG CA 101 112.70 -34.03 8.26
CA ARG CA 101 113.47 -32.97 8.93
C ARG CA 101 114.94 -32.89 8.55
N THR CA 102 115.30 -33.43 7.40
CA THR CA 102 116.67 -33.32 6.91
C THR CA 102 116.62 -33.40 5.42
N SER CA 103 115.65 -34.14 4.90
CA SER CA 103 115.50 -34.29 3.46
C SER CA 103 114.06 -34.09 3.04
N GLN CA 104 113.82 -33.82 1.76
CA GLN CA 104 112.45 -33.66 1.27
C GLN CA 104 111.77 -34.95 0.87
N ALA CA 105 112.37 -35.72 -0.03
CA ALA CA 105 111.81 -37.00 -0.47
C ALA CA 105 110.71 -36.84 -1.49
N VAL CA 106 110.90 -37.46 -2.64
CA VAL CA 106 109.92 -37.34 -3.73
C VAL CA 106 109.40 -38.72 -4.14
N GLY CA 107 110.28 -39.71 -4.20
CA GLY CA 107 109.86 -41.08 -4.45
C GLY CA 107 109.28 -41.36 -5.82
N VAL CA 108 109.98 -40.97 -6.89
CA VAL CA 108 109.51 -41.22 -8.25
C VAL CA 108 109.85 -42.64 -8.69
N ASN CA 109 109.21 -43.08 -9.77
CA ASN CA 109 109.46 -44.39 -10.40
C ASN CA 109 109.27 -45.47 -9.32
N GLY CA 110 110.19 -46.40 -9.15
CA GLY CA 110 110.13 -47.39 -8.10
C GLY CA 110 111.15 -47.23 -7.00
N GLN CA 111 111.83 -46.10 -6.92
CA GLN CA 111 112.89 -45.88 -5.95
C GLN CA 111 112.61 -44.63 -5.14
N LEU CA 112 113.01 -44.66 -3.86
CA LEU CA 112 112.81 -43.53 -2.95
C LEU CA 112 113.95 -42.53 -3.12
N VAL CA 113 113.84 -41.73 -4.17
CA VAL CA 113 114.75 -40.60 -4.34
C VAL CA 113 114.42 -39.54 -3.29
N GLU CA 114 115.45 -39.18 -2.52
CA GLU CA 114 115.30 -38.17 -1.47
C GLU CA 114 116.23 -36.99 -1.70
N TYR CA 115 115.77 -35.77 -1.41
CA TYR CA 115 116.55 -34.59 -1.70
C TYR CA 115 116.93 -33.87 -0.44
N ARG CA 116 118.17 -34.00 -0.03
CA ARG CA 116 118.61 -33.39 1.21
C ARG CA 116 118.74 -31.92 1.01
N TYR CA 117 118.57 -31.15 2.06
CA TYR CA 117 118.60 -29.70 1.93
C TYR CA 117 120.01 -29.19 1.68
N ASP CA 118 121.02 -29.80 2.29
CA ASP CA 118 122.40 -29.40 2.02
C ASP CA 118 122.61 -29.11 0.55
N GLY CA 119 122.04 -29.93 -0.33
CA GLY CA 119 122.18 -29.74 -1.75
C GLY CA 119 122.53 -31.02 -2.50
N THR CA 120 122.53 -32.15 -1.80
CA THR CA 120 122.88 -33.44 -2.37
C THR CA 120 121.63 -34.30 -2.51
N VAL CA 121 121.74 -35.31 -3.37
CA VAL CA 121 120.64 -36.24 -3.64
C VAL CA 121 121.09 -37.64 -3.26
N LYS CA 122 120.20 -38.36 -2.55
CA LYS CA 122 120.50 -39.71 -2.10
C LYS CA 122 119.34 -40.61 -2.51
N THR CA 123 119.56 -41.92 -2.37
CA THR CA 123 118.57 -42.92 -2.72
C THR CA 123 118.64 -44.06 -1.72
N VAL CA 124 117.48 -44.58 -1.34
CA VAL CA 124 117.39 -45.65 -0.35
C VAL CA 124 117.84 -46.95 -1.00
N SER CA 125 118.80 -47.62 -0.38
CA SER CA 125 119.32 -48.89 -0.88
C SER CA 125 119.82 -49.71 0.29
N ASN CA 126 120.08 -50.99 0.03
CA ASN CA 126 120.52 -51.91 1.07
C ASN CA 126 121.82 -51.45 1.70
N TRP CA 127 122.06 -51.90 2.93
CA TRP CA 127 123.32 -51.62 3.60
C TRP CA 127 124.46 -52.28 2.85
N PRO CA 128 125.66 -51.69 2.90
CA PRO CA 128 126.80 -52.33 2.23
C PRO CA 128 127.09 -53.70 2.84
N ALA CA 129 127.49 -54.63 1.98
CA ALA CA 129 127.75 -56.00 2.43
C ALA CA 129 128.94 -56.05 3.39
N ASP CA 130 129.85 -55.07 3.29
CA ASP CA 130 131.02 -55.07 4.18
C ASP CA 130 130.63 -54.74 5.61
N SER CA 131 129.54 -53.99 5.80
CA SER CA 131 129.09 -53.64 7.15
C SER CA 131 128.66 -54.87 7.93
N GLY CA 132 127.99 -55.81 7.28
CA GLY CA 132 127.54 -57.01 7.95
C GLY CA 132 126.15 -56.94 8.54
N PHE CA 133 125.17 -56.46 7.79
CA PHE CA 133 123.81 -56.33 8.27
C PHE CA 133 122.89 -57.31 7.55
N THR CA 134 121.60 -57.21 7.82
CA THR CA 134 120.65 -58.25 7.44
C THR CA 134 120.31 -58.24 5.95
N GLN CA 135 120.57 -57.15 5.22
CA GLN CA 135 120.50 -57.15 3.76
C GLN CA 135 119.15 -57.59 3.20
N TYR CA 136 118.11 -56.79 3.42
CA TYR CA 136 116.78 -57.14 2.94
C TYR CA 136 116.73 -57.18 1.41
N GLU CA 137 115.55 -57.53 0.89
CA GLU CA 137 115.27 -57.55 -0.55
C GLU CA 137 114.21 -56.50 -0.85
N LEU CA 138 114.66 -55.32 -1.27
CA LEU CA 138 113.75 -54.22 -1.57
C LEU CA 138 113.13 -54.40 -2.95
N GLY CA 139 112.05 -53.65 -3.19
CA GLY CA 139 111.37 -53.68 -4.47
C GLY CA 139 110.94 -52.32 -4.95
N SER CA 140 110.01 -52.28 -5.90
CA SER CA 140 109.50 -51.01 -6.42
C SER CA 140 108.60 -50.34 -5.39
N VAL CA 141 108.70 -49.01 -5.31
CA VAL CA 141 107.98 -48.27 -4.27
C VAL CA 141 106.75 -47.60 -4.89
N ARG CA 142 105.67 -47.54 -4.10
CA ARG CA 142 104.46 -46.84 -4.53
C ARG CA 142 104.23 -45.56 -3.73
N ASP CA 143 104.15 -45.65 -2.40
CA ASP CA 143 103.85 -44.47 -1.61
C ASP CA 143 104.85 -44.30 -0.46
N ILE CA 144 104.87 -43.08 0.08
CA ILE CA 144 105.86 -42.69 1.09
C ILE CA 144 105.13 -42.01 2.23
N THR CA 145 105.67 -42.14 3.44
CA THR CA 145 105.15 -41.46 4.61
C THR CA 145 106.29 -41.32 5.61
N ARG CA 146 106.00 -40.62 6.71
CA ARG CA 146 107.02 -40.40 7.74
C ARG CA 146 106.33 -40.37 9.10
N LEU CA 147 106.78 -41.24 10.01
CA LEU CA 147 106.34 -41.24 11.39
C LEU CA 147 107.57 -41.14 12.29
N ARG CA 148 107.53 -40.22 13.25
CA ARG CA 148 108.66 -39.94 14.15
C ARG CA 148 109.84 -39.50 13.29
N GLY CA 149 111.02 -40.10 13.42
CA GLY CA 149 112.18 -39.71 12.66
C GLY CA 149 112.55 -40.61 11.50
N ARG CA 150 111.62 -41.42 11.01
CA ARG CA 150 111.92 -42.42 10.00
C ARG CA 150 110.82 -42.45 8.95
N TYR CA 151 111.21 -42.88 7.75
CA TYR CA 151 110.27 -43.02 6.65
C TYR CA 151 109.58 -44.38 6.71
N ALA CA 152 108.72 -44.65 5.73
CA ALA CA 152 108.04 -45.93 5.60
C ALA CA 152 107.46 -46.03 4.21
N TRP CA 153 107.81 -47.10 3.50
CA TRP CA 153 107.33 -47.31 2.14
C TRP CA 153 106.84 -48.74 1.98
N SER CA 154 106.08 -48.98 0.92
CA SER CA 154 105.50 -50.28 0.63
C SER CA 154 105.98 -50.74 -0.75
N LYS CA 155 106.48 -51.97 -0.81
CA LYS CA 155 106.94 -52.50 -2.08
C LYS CA 155 105.76 -52.83 -2.99
N ASP CA 156 106.02 -52.87 -4.29
CA ASP CA 156 104.98 -52.97 -5.30
C ASP CA 156 104.47 -54.41 -5.39
N GLY CA 157 103.16 -54.59 -5.22
CA GLY CA 157 102.52 -55.86 -5.46
C GLY CA 157 102.75 -56.92 -4.39
N THR CA 158 103.12 -56.54 -3.18
CA THR CA 158 103.39 -57.51 -2.14
C THR CA 158 102.89 -56.97 -0.80
N ASP CA 159 102.62 -57.90 0.13
CA ASP CA 159 102.06 -57.54 1.42
C ASP CA 159 103.02 -56.66 2.23
N SER CA 160 104.32 -56.88 2.09
CA SER CA 160 105.28 -56.30 3.03
C SER CA 160 105.54 -54.83 2.73
N TRP CA 161 105.68 -54.05 3.81
CA TRP CA 161 106.08 -52.65 3.74
C TRP CA 161 107.29 -52.46 4.65
N PHE CA 162 108.28 -51.69 4.19
CA PHE CA 162 109.53 -51.56 4.92
C PHE CA 162 109.55 -50.30 5.78
N ILE CA 163 110.72 -50.01 6.34
CA ILE CA 163 110.91 -48.90 7.25
C ILE CA 163 112.29 -48.29 6.97
N THR CA 164 112.59 -47.18 7.65
CA THR CA 164 113.82 -46.45 7.43
C THR CA 164 114.59 -46.30 8.74
N ASP CA 165 115.92 -46.40 8.64
CA ASP CA 165 116.78 -46.33 9.82
C ASP CA 165 116.79 -44.92 10.39
N LEU CA 166 117.19 -44.80 11.66
CA LEU CA 166 117.17 -43.51 12.34
C LEU CA 166 118.43 -42.70 12.03
N GLU CA 167 119.59 -43.21 12.40
CA GLU CA 167 120.82 -42.50 12.16
C GLU CA 167 120.96 -42.16 10.70
N ASP CA 168 120.99 -43.18 9.85
CA ASP CA 168 121.07 -42.95 8.41
C ASP CA 168 119.70 -43.17 7.83
N GLU CA 169 119.20 -42.20 7.07
CA GLU CA 169 117.87 -42.30 6.53
C GLU CA 169 117.91 -42.71 5.09
N SER CA 170 119.01 -43.33 4.68
CA SER CA 170 119.15 -43.72 3.31
C SER CA 170 119.25 -45.22 3.22
N HIS CA 171 119.03 -45.89 4.33
CA HIS CA 171 119.15 -47.34 4.37
C HIS CA 171 117.96 -47.90 5.12
N PRO CA 172 117.55 -49.15 4.82
CA PRO CA 172 116.32 -49.68 5.44
C PRO CA 172 116.34 -49.69 6.96
N ASP CA 173 117.26 -50.43 7.56
CA ASP CA 173 117.42 -50.47 9.01
C ASP CA 173 118.60 -51.38 9.33
N ARG CA 174 118.97 -51.42 10.61
CA ARG CA 174 120.04 -52.31 11.05
C ARG CA 174 119.55 -53.75 11.15
N TYR CA 175 118.50 -53.98 11.95
CA TYR CA 175 118.09 -55.35 12.25
C TYR CA 175 116.68 -55.67 11.82
N SER CA 176 115.71 -54.80 12.14
CA SER CA 176 114.29 -55.09 11.91
C SER CA 176 113.69 -54.02 11.02
N ALA CA 177 113.38 -54.39 9.77
CA ALA CA 177 112.65 -53.50 8.87
C ALA CA 177 111.55 -54.20 8.08
N GLN CA 178 111.45 -55.52 8.08
CA GLN CA 178 110.44 -56.23 7.32
C GLN CA 178 109.15 -56.31 8.14
N TYR CA 179 108.11 -55.61 7.72
CA TYR CA 179 106.80 -55.75 8.33
C TYR CA 179 105.85 -56.09 7.26
N ARG CA 180 104.79 -56.78 7.59
CA ARG CA 180 103.79 -57.18 6.60
C ARG CA 180 102.36 -57.04 7.12
N ALA CA 181 101.39 -56.90 6.22
CA ALA CA 181 100.04 -56.54 6.62
C ALA CA 181 99.26 -57.78 7.03
N GLU CA 182 98.58 -58.44 6.10
CA GLU CA 182 98.30 -59.88 6.22
C GLU CA 182 97.14 -60.43 7.02
N SER CA 183 96.10 -59.69 7.35
CA SER CA 183 94.92 -60.43 7.68
C SER CA 183 94.61 -61.22 6.45
N GLN CA 184 94.38 -60.54 5.33
CA GLN CA 184 93.98 -61.19 4.10
C GLN CA 184 95.00 -60.99 3.01
N PRO CA 185 95.10 -61.96 2.07
CA PRO CA 185 96.11 -61.80 1.02
C PRO CA 185 95.76 -60.67 0.06
N ASP CA 186 96.46 -59.55 0.17
CA ASP CA 186 96.18 -58.37 -0.64
C ASP CA 186 97.42 -57.50 -0.74
N GLY CA 187 97.62 -56.90 -1.91
CA GLY CA 187 98.69 -55.94 -2.05
C GLY CA 187 98.40 -54.65 -1.32
N ILE CA 188 99.46 -53.94 -0.94
CA ILE CA 188 99.33 -52.65 -0.28
C ILE CA 188 99.15 -51.60 -1.37
N ILE CA 189 97.92 -51.12 -1.55
CA ILE CA 189 97.68 -50.09 -2.56
C ILE CA 189 98.29 -48.77 -2.13
N GLY CA 190 98.19 -48.43 -0.86
CA GLY CA 190 98.73 -47.18 -0.37
C GLY CA 190 99.04 -47.23 1.11
N ILE CA 191 99.81 -46.25 1.56
CA ILE CA 191 100.22 -46.16 2.96
C ILE CA 191 100.02 -44.72 3.43
N GLY CA 192 99.83 -44.56 4.73
CA GLY CA 192 99.62 -43.24 5.30
C GLY CA 192 99.74 -43.28 6.81
N THR CA 193 99.78 -42.09 7.41
CA THR CA 193 99.94 -41.93 8.85
C THR CA 193 98.73 -41.20 9.41
N TRP CA 194 98.35 -41.57 10.64
CA TRP CA 194 97.21 -40.95 11.32
C TRP CA 194 97.39 -41.13 12.82
N ARG CA 195 97.71 -40.02 13.50
CA ARG CA 195 97.79 -40.00 14.97
C ARG CA 195 98.70 -41.11 15.50
N ASP CA 196 99.96 -41.10 15.06
CA ASP CA 196 101.02 -42.03 15.44
C ASP CA 196 100.71 -43.46 15.02
N PHE CA 197 99.72 -43.69 14.16
CA PHE CA 197 99.46 -45.00 13.58
C PHE CA 197 99.86 -44.98 12.11
N ILE CA 198 100.57 -46.02 11.68
CA ILE CA 198 100.93 -46.16 10.26
C ILE CA 198 99.79 -46.91 9.60
N VAL CA 199 98.93 -46.17 8.88
CA VAL CA 199 97.73 -46.75 8.29
C VAL CA 199 98.14 -47.48 7.01
N CYS CA 200 97.80 -48.76 6.93
CA CYS CA 200 98.11 -49.59 5.77
C CYS CA 200 96.84 -49.81 4.95
N PHE CA 201 96.77 -49.17 3.79
CA PHE CA 201 95.61 -49.27 2.91
C PHE CA 201 95.80 -50.44 1.98
N GLY CA 202 95.09 -51.53 2.25
CA GLY CA 202 95.14 -52.69 1.39
C GLY CA 202 94.08 -52.66 0.31
N SER CA 203 94.08 -53.71 -0.51
CA SER CA 203 93.09 -53.84 -1.57
C SER CA 203 91.72 -54.17 -0.98
N SER CA 204 91.69 -54.90 0.13
CA SER CA 204 90.43 -55.30 0.72
C SER CA 204 90.28 -54.87 2.18
N THR CA 205 91.36 -54.61 2.89
CA THR CA 205 91.29 -54.25 4.31
C THR CA 205 92.15 -53.03 4.58
N ILE CA 206 91.91 -52.41 5.73
CA ILE CA 206 92.71 -51.30 6.24
C ILE CA 206 93.14 -51.65 7.65
N GLU CA 207 94.44 -51.60 7.90
CA GLU CA 207 95.00 -52.08 9.16
C GLU CA 207 95.91 -51.01 9.76
N TYR CA 208 95.88 -50.90 11.09
CA TYR CA 208 96.60 -49.87 11.82
C TYR CA 208 97.79 -50.48 12.54
N PHE CA 209 98.95 -49.85 12.41
CA PHE CA 209 100.17 -50.29 13.07
C PHE CA 209 100.62 -49.21 14.06
N SER CA 210 100.94 -49.63 15.29
CA SER CA 210 101.40 -48.73 16.33
C SER CA 210 102.76 -49.19 16.82
N LEU CA 211 103.68 -48.24 17.02
CA LEU CA 211 105.01 -48.59 17.45
C LEU CA 211 105.03 -48.93 18.93
N THR CA 212 105.99 -49.77 19.33
CA THR CA 212 106.18 -50.17 20.71
C THR CA 212 107.65 -50.06 21.06
N GLY CA 213 107.91 -49.90 22.36
CA GLY CA 213 109.29 -49.80 22.83
C GLY CA 213 110.03 -51.12 22.74
N ALA CA 214 110.95 -51.24 21.79
CA ALA CA 214 111.66 -52.50 21.60
C ALA CA 214 112.78 -52.65 22.61
N THR CA 215 113.78 -51.76 22.55
CA THR CA 215 114.97 -51.82 23.39
C THR CA 215 115.60 -53.22 23.27
N THR CA 216 115.66 -53.72 22.04
CA THR CA 216 116.20 -55.02 21.74
C THR CA 216 116.65 -55.00 20.28
N ALA CA 217 117.51 -55.94 19.91
CA ALA CA 217 118.03 -56.02 18.55
C ALA CA 217 117.03 -56.75 17.66
N GLY CA 218 116.38 -56.00 16.78
CA GLY CA 218 115.48 -56.59 15.80
C GLY CA 218 114.27 -57.31 16.36
N ALA CA 219 113.49 -56.65 17.20
CA ALA CA 219 112.33 -57.28 17.82
C ALA CA 219 111.10 -56.37 17.71
N ALA CA 220 110.40 -56.47 16.59
CA ALA CA 220 109.03 -55.99 16.43
C ALA CA 220 108.87 -54.54 16.90
N LEU CA 221 109.48 -53.62 16.16
CA LEU CA 221 109.30 -52.20 16.46
C LEU CA 221 107.84 -51.79 16.32
N TYR CA 222 107.16 -52.29 15.30
CA TYR CA 222 105.75 -51.97 15.04
C TYR CA 222 104.91 -53.23 15.16
N VAL CA 223 103.81 -53.15 15.90
CA VAL CA 223 102.89 -54.27 16.10
C VAL CA 223 101.53 -53.86 15.57
N ALA CA 224 100.90 -54.75 14.80
CA ALA CA 224 99.63 -54.43 14.17
C ALA CA 224 98.49 -54.46 15.18
N GLN CA 225 97.67 -53.41 15.17
CA GLN CA 225 96.50 -53.33 16.03
C GLN CA 225 95.29 -53.89 15.30
N PRO CA 226 94.65 -54.94 15.82
CA PRO CA 226 93.50 -55.55 15.12
C PRO CA 226 92.14 -55.01 15.51
N SER CA 227 92.05 -54.12 16.50
CA SER CA 227 90.73 -53.61 16.92
C SER CA 227 90.24 -52.53 15.97
N LEU CA 228 91.12 -51.94 15.19
CA LEU CA 228 90.78 -50.79 14.35
C LEU CA 228 90.69 -51.14 12.86
N MET CA 229 90.59 -52.42 12.50
CA MET CA 229 90.51 -52.78 11.10
C MET CA 229 89.19 -52.30 10.50
N VAL CA 230 89.23 -51.89 9.23
CA VAL CA 230 88.06 -51.27 8.60
C VAL CA 230 87.33 -52.28 7.74
N GLN CA 231 88.05 -53.21 7.13
CA GLN CA 231 87.55 -54.29 6.26
C GLN CA 231 87.15 -53.80 4.87
N LYS CA 232 87.61 -52.62 4.44
CA LYS CA 232 87.37 -52.15 3.08
C LYS CA 232 88.66 -51.58 2.51
N GLY CA 233 88.85 -51.77 1.21
CA GLY CA 233 90.05 -51.30 0.54
C GLY CA 233 89.89 -49.94 -0.10
N ILE CA 234 90.88 -49.58 -0.92
CA ILE CA 234 90.86 -48.33 -1.66
C ILE CA 234 91.02 -48.65 -3.15
N ALA CA 235 90.28 -47.91 -3.97
CA ALA CA 235 90.24 -48.22 -5.40
C ALA CA 235 91.59 -48.00 -6.07
N GLY CA 236 92.26 -46.90 -5.75
CA GLY CA 236 93.51 -46.58 -6.43
C GLY CA 236 94.56 -46.14 -5.45
N THR CA 237 95.75 -45.88 -5.99
CA THR CA 237 96.88 -45.52 -5.14
C THR CA 237 96.66 -44.19 -4.43
N TYR CA 238 96.09 -43.21 -5.12
CA TYR CA 238 95.97 -41.86 -4.61
C TYR CA 238 94.56 -41.50 -4.15
N CYS CA 239 93.68 -42.49 -3.96
CA CYS CA 239 92.32 -42.25 -3.49
C CYS CA 239 92.30 -42.26 -1.95
N LYS CA 240 92.97 -41.26 -1.39
CA LYS CA 240 93.01 -41.09 0.06
C LYS CA 240 93.55 -39.71 0.38
N THR CA 241 92.97 -39.09 1.41
CA THR CA 241 93.35 -37.75 1.86
C THR CA 241 93.18 -37.63 3.36
N PRO CA 242 93.81 -36.66 4.01
CA PRO CA 242 93.42 -36.34 5.40
C PRO CA 242 92.18 -35.45 5.41
N PHE CA 243 91.04 -36.02 5.78
CA PHE CA 243 89.77 -35.30 5.79
C PHE CA 243 89.13 -35.41 7.17
N ALA CA 244 88.80 -34.27 7.76
CA ALA CA 244 88.29 -34.20 9.14
C ALA CA 244 89.33 -34.90 10.02
N ASP CA 245 89.00 -36.01 10.67
CA ASP CA 245 89.98 -36.79 11.41
C ASP CA 245 90.21 -38.16 10.77
N SER CA 246 89.64 -38.41 9.59
CA SER CA 246 89.74 -39.70 8.92
C SER CA 246 90.29 -39.54 7.51
N TYR CA 247 90.21 -40.58 6.69
CA TYR CA 247 90.83 -40.55 5.38
C TYR CA 247 89.89 -40.42 4.20
N ALA CA 248 88.66 -40.91 4.30
CA ALA CA 248 87.64 -40.70 3.25
C ALA CA 248 88.11 -41.22 1.89
N PHE CA 249 88.26 -42.53 1.80
CA PHE CA 249 88.80 -43.18 0.61
C PHE CA 249 87.72 -43.38 -0.43
N ILE CA 250 88.03 -44.17 -1.47
CA ILE CA 250 87.08 -44.63 -2.47
C ILE CA 250 87.16 -46.15 -2.49
N SER CA 251 86.02 -46.81 -2.41
CA SER CA 251 86.00 -48.26 -2.24
C SER CA 251 86.57 -48.97 -3.46
N HIS CA 252 87.20 -50.12 -3.22
CA HIS CA 252 87.79 -50.92 -4.29
C HIS CA 252 86.73 -51.78 -4.97
N PRO CA 253 86.95 -52.15 -6.23
CA PRO CA 253 86.03 -53.09 -6.89
C PRO CA 253 85.97 -54.46 -6.23
N ALA CA 254 86.89 -54.78 -5.31
CA ALA CA 254 86.84 -56.05 -4.62
C ALA CA 254 85.53 -56.20 -3.82
N THR CA 255 85.07 -55.11 -3.22
CA THR CA 255 83.78 -55.12 -2.55
C THR CA 255 82.65 -54.99 -3.56
N GLY CA 256 81.45 -54.75 -3.05
CA GLY CA 256 80.26 -54.80 -3.89
C GLY CA 256 80.29 -53.81 -5.05
N ALA CA 257 80.62 -52.55 -4.78
CA ALA CA 257 80.64 -51.53 -5.81
C ALA CA 257 81.46 -50.34 -5.32
N PRO CA 258 82.12 -49.63 -6.22
CA PRO CA 258 82.87 -48.43 -5.80
C PRO CA 258 81.94 -47.36 -5.24
N SER CA 259 82.38 -46.73 -4.17
CA SER CA 259 81.62 -45.65 -3.54
C SER CA 259 82.54 -44.91 -2.58
N VAL CA 260 82.26 -43.63 -2.40
CA VAL CA 260 83.03 -42.80 -1.47
C VAL CA 260 82.64 -43.20 -0.05
N TYR CA 261 83.58 -43.08 0.88
CA TYR CA 261 83.34 -43.47 2.26
C TYR CA 261 84.05 -42.49 3.19
N ILE CA 262 83.87 -42.70 4.49
CA ILE CA 262 84.62 -42.00 5.53
C ILE CA 262 84.87 -42.98 6.66
N ILE CA 263 86.12 -43.06 7.12
CA ILE CA 263 86.48 -43.98 8.18
C ILE CA 263 85.93 -43.46 9.51
N GLY CA 264 85.30 -44.35 10.26
CA GLY CA 264 84.82 -44.05 11.59
C GLY CA 264 85.78 -44.53 12.65
N SER CA 265 85.22 -44.96 13.79
CA SER CA 265 86.05 -45.55 14.83
C SER CA 265 86.64 -46.88 14.37
N GLY CA 266 85.80 -47.76 13.84
CA GLY CA 266 86.25 -49.04 13.35
C GLY CA 266 85.49 -49.51 12.13
N GLN CA 267 84.82 -48.58 11.44
CA GLN CA 267 84.00 -48.93 10.30
C GLN CA 267 83.92 -47.73 9.37
N ALA CA 268 83.46 -47.97 8.15
CA ALA CA 268 83.37 -46.95 7.12
C ALA CA 268 81.91 -46.54 6.92
N SER CA 269 81.67 -45.23 6.89
CA SER CA 269 80.33 -44.69 6.70
C SER CA 269 80.22 -44.00 5.36
N PRO CA 270 79.29 -44.40 4.50
CA PRO CA 270 79.20 -43.80 3.16
C PRO CA 270 78.77 -42.34 3.22
N ILE CA 271 79.24 -41.57 2.24
CA ILE CA 271 78.85 -40.17 2.11
C ILE CA 271 78.44 -39.81 0.68
N ALA CA 272 78.23 -40.80 -0.17
CA ALA CA 272 77.91 -40.57 -1.58
C ALA CA 272 76.48 -41.00 -1.86
N THR CA 273 75.72 -40.11 -2.50
CA THR CA 273 74.37 -40.45 -2.93
C THR CA 273 74.42 -41.46 -4.07
N ALA CA 274 73.26 -42.03 -4.39
CA ALA CA 274 73.19 -43.03 -5.45
C ALA CA 274 73.64 -42.48 -6.80
N SER CA 275 73.29 -41.22 -7.10
CA SER CA 275 73.69 -40.64 -8.37
C SER CA 275 75.20 -40.48 -8.48
N ILE CA 276 75.88 -40.22 -7.37
CA ILE CA 276 77.33 -40.11 -7.39
C ILE CA 276 77.96 -41.46 -7.70
N GLU CA 277 77.42 -42.53 -7.11
CA GLU CA 277 77.94 -43.86 -7.42
C GLU CA 277 77.61 -44.27 -8.84
N LYS CA 278 76.50 -43.78 -9.40
CA LYS CA 278 76.23 -44.01 -10.81
C LYS CA 278 77.30 -43.38 -11.68
N ILE CA 279 77.76 -42.19 -11.31
CA ILE CA 279 78.83 -41.52 -12.06
C ILE CA 279 80.14 -42.28 -11.89
N ILE CA 280 80.41 -42.76 -10.68
CA ILE CA 280 81.66 -43.47 -10.42
C ILE CA 280 81.71 -44.78 -11.20
N ARG CA 281 80.59 -45.49 -11.29
CA ARG CA 281 80.54 -46.75 -12.02
C ARG CA 281 80.73 -46.57 -13.52
N SER CA 282 80.61 -45.35 -14.05
CA SER CA 282 80.73 -45.15 -15.49
C SER CA 282 82.13 -45.43 -15.98
N TYR CA 283 83.14 -45.29 -15.12
CA TYR CA 283 84.52 -45.52 -15.52
C TYR CA 283 84.87 -47.00 -15.35
N THR CA 284 85.75 -47.49 -16.23
CA THR CA 284 86.27 -48.84 -16.09
C THR CA 284 87.24 -48.92 -14.91
N ALA CA 285 87.63 -50.14 -14.56
CA ALA CA 285 88.48 -50.35 -13.40
C ALA CA 285 89.84 -49.66 -13.58
N GLU CA 286 90.43 -49.76 -14.78
CA GLU CA 286 91.72 -49.15 -15.02
C GLU CA 286 91.65 -47.63 -14.95
N GLU CA 287 90.57 -47.04 -15.48
CA GLU CA 287 90.45 -45.59 -15.48
C GLU CA 287 90.26 -45.05 -14.07
N MET CA 288 89.58 -45.80 -13.21
CA MET CA 288 89.33 -45.31 -11.85
C MET CA 288 90.61 -45.24 -11.03
N ALA CA 289 91.58 -46.11 -11.33
CA ALA CA 289 92.82 -46.14 -10.58
C ALA CA 289 93.64 -44.88 -10.73
N THR CA 290 93.34 -44.04 -11.72
CA THR CA 290 94.04 -42.78 -11.94
C THR CA 290 93.26 -41.58 -11.41
N GLY CA 291 92.52 -41.75 -10.32
CA GLY CA 291 91.71 -40.69 -9.75
C GLY CA 291 92.39 -40.11 -8.52
N VAL CA 292 92.61 -38.80 -8.57
CA VAL CA 292 93.27 -38.09 -7.48
C VAL CA 292 92.21 -37.54 -6.53
N MET CA 293 92.57 -37.36 -5.26
CA MET CA 293 91.69 -36.79 -4.26
C MET CA 293 92.46 -35.73 -3.47
N GLU CA 294 91.76 -34.72 -3.01
CA GLU CA 294 92.36 -33.66 -2.20
C GLU CA 294 91.36 -33.16 -1.16
N THR CA 295 91.85 -32.25 -0.32
CA THR CA 295 91.04 -31.54 0.65
C THR CA 295 91.41 -30.06 0.62
N LEU CA 296 90.40 -29.20 0.67
CA LEU CA 296 90.62 -27.76 0.62
C LEU CA 296 89.65 -27.11 1.60
N ARG CA 297 90.13 -26.09 2.32
CA ARG CA 297 89.32 -25.40 3.32
C ARG CA 297 89.57 -23.90 3.20
N PHE CA 298 88.57 -23.17 2.72
CA PHE CA 298 88.59 -21.72 2.72
C PHE CA 298 87.26 -21.23 3.27
N ASP CA 299 87.32 -20.11 4.00
CA ASP CA 299 86.18 -19.57 4.76
C ASP CA 299 85.66 -20.69 5.65
N SER CA 300 84.36 -20.95 5.70
CA SER CA 300 83.82 -22.01 6.54
C SER CA 300 83.68 -23.35 5.82
N HIS CA 301 84.08 -23.42 4.55
CA HIS CA 301 83.94 -24.64 3.78
C HIS CA 301 84.95 -25.68 4.19
N GLU CA 302 84.62 -26.95 3.93
CA GLU CA 302 85.55 -28.06 4.03
C GLU CA 302 85.25 -28.99 2.87
N LEU CA 303 85.95 -28.80 1.75
CA LEU CA 303 85.64 -29.46 0.50
C LEU CA 303 86.51 -30.69 0.33
N LEU CA 304 85.96 -31.69 -0.37
CA LEU CA 304 86.68 -32.91 -0.74
C LEU CA 304 86.54 -33.07 -2.24
N ILE CA 305 87.64 -32.89 -2.96
CA ILE CA 305 87.63 -32.82 -4.43
C ILE CA 305 88.16 -34.14 -4.97
N ILE CA 306 87.45 -34.71 -5.94
CA ILE CA 306 87.83 -35.96 -6.57
C ILE CA 306 88.09 -35.66 -8.04
N HIS CA 307 89.33 -35.89 -8.50
CA HIS CA 307 89.72 -35.62 -9.87
C HIS CA 307 89.64 -36.91 -10.70
N LEU CA 308 88.41 -37.30 -11.02
CA LEU CA 308 88.17 -38.39 -11.94
C LEU CA 308 88.55 -37.96 -13.36
N PRO CA 309 88.76 -38.93 -14.26
CA PRO CA 309 89.20 -38.56 -15.63
C PRO CA 309 88.27 -37.59 -16.34
N ARG CA 310 86.96 -37.70 -16.13
CA ARG CA 310 86.00 -36.82 -16.78
C ARG CA 310 85.06 -36.11 -15.81
N HIS CA 311 85.31 -36.20 -14.50
CA HIS CA 311 84.46 -35.55 -13.52
C HIS CA 311 85.31 -35.02 -12.38
N VAL CA 312 84.89 -33.88 -11.84
CA VAL CA 312 85.66 -33.17 -10.81
C VAL CA 312 84.79 -33.01 -9.57
N LEU CA 313 83.97 -34.02 -9.29
CA LEU CA 313 83.02 -33.98 -8.19
C LEU CA 313 83.63 -33.41 -6.91
N VAL CA 314 82.84 -32.61 -6.20
CA VAL CA 314 83.27 -31.92 -5.00
C VAL CA 314 82.21 -32.11 -3.92
N TYR CA 315 82.65 -32.47 -2.71
CA TYR CA 315 81.76 -32.69 -1.58
C TYR CA 315 81.98 -31.60 -0.55
N ASP CA 316 80.93 -30.87 -0.20
CA ASP CA 316 81.00 -29.79 0.77
C ASP CA 316 80.44 -30.29 2.10
N ALA CA 317 81.32 -30.45 3.09
CA ALA CA 317 80.91 -31.04 4.36
C ALA CA 317 80.07 -30.08 5.19
N SER CA 318 80.44 -28.80 5.21
CA SER CA 318 79.77 -27.84 6.09
C SER CA 318 78.34 -27.57 5.63
N SER CA 319 78.10 -27.55 4.33
CA SER CA 319 76.79 -27.20 3.79
C SER CA 319 75.82 -28.38 3.76
N SER CA 320 76.26 -29.58 4.12
CA SER CA 320 75.42 -30.78 4.01
C SER CA 320 74.64 -30.95 5.32
N GLN CA 321 73.73 -30.00 5.56
CA GLN CA 321 72.86 -30.09 6.73
C GLN CA 321 71.87 -31.25 6.59
N ASN CA 322 71.18 -31.32 5.45
CA ASN CA 322 70.19 -32.36 5.20
C ASN CA 322 70.57 -33.10 3.92
N GLY CA 323 71.40 -34.13 4.08
CA GLY CA 323 71.86 -34.93 2.98
C GLY CA 323 73.15 -34.39 2.39
N PRO CA 324 73.88 -35.25 1.67
CA PRO CA 324 75.13 -34.82 1.05
C PRO CA 324 74.92 -33.73 0.01
N GLN CA 325 75.93 -32.85 -0.09
CA GLN CA 325 75.91 -31.73 -1.02
C GLN CA 325 77.09 -31.87 -1.97
N TRP CA 326 76.85 -32.47 -3.12
CA TRP CA 326 77.88 -32.67 -4.12
C TRP CA 326 77.79 -31.62 -5.22
N CYS CA 327 78.95 -31.32 -5.80
CA CYS CA 327 79.05 -30.31 -6.85
C CYS CA 327 80.08 -30.78 -7.88
N VAL CA 328 79.97 -30.22 -9.08
CA VAL CA 328 80.86 -30.58 -10.18
C VAL CA 328 81.38 -29.30 -10.81
N LEU CA 329 82.66 -29.30 -11.18
CA LEU CA 329 83.32 -28.14 -11.75
C LEU CA 329 83.76 -28.46 -13.18
N LYS CA 330 83.78 -27.44 -14.04
CA LYS CA 330 84.19 -27.61 -15.42
C LYS CA 330 84.68 -26.27 -15.96
N THR CA 331 85.56 -26.33 -16.97
CA THR CA 331 86.18 -25.12 -17.48
C THR CA 331 85.43 -24.55 -18.68
N GLY CA 332 85.33 -25.32 -19.76
CA GLY CA 332 84.80 -24.79 -20.99
C GLY CA 332 83.30 -24.59 -20.96
N LEU CA 333 82.81 -23.91 -21.99
CA LEU CA 333 81.37 -23.75 -22.15
C LEU CA 333 80.69 -25.09 -22.33
N TYR CA 334 81.32 -25.99 -23.08
CA TYR CA 334 80.88 -27.37 -23.16
C TYR CA 334 81.48 -28.19 -22.03
N ASP CA 335 81.19 -29.49 -22.03
CA ASP CA 335 81.68 -30.37 -20.98
C ASP CA 335 83.19 -30.53 -21.12
N ASP CA 336 83.91 -30.34 -20.02
CA ASP CA 336 85.36 -30.49 -20.01
C ASP CA 336 85.82 -30.62 -18.56
N VAL CA 337 87.00 -31.22 -18.40
CA VAL CA 337 87.56 -31.43 -17.06
C VAL CA 337 88.09 -30.12 -16.52
N TYR CA 338 88.02 -29.98 -15.19
CA TYR CA 338 88.47 -28.76 -14.54
C TYR CA 338 89.98 -28.58 -14.68
N ARG CA 339 90.42 -27.33 -14.61
CA ARG CA 339 91.82 -26.97 -14.71
C ARG CA 339 92.33 -26.58 -13.34
N GLY CA 340 93.47 -27.15 -12.95
CA GLY CA 340 94.02 -26.90 -11.63
C GLY CA 340 93.99 -28.14 -10.77
N VAL CA 341 95.14 -28.79 -10.61
CA VAL CA 341 95.17 -30.08 -9.94
C VAL CA 341 95.28 -29.89 -8.43
N ASP CA 342 96.37 -29.27 -7.97
CA ASP CA 342 96.75 -29.29 -6.56
C ASP CA 342 96.48 -27.92 -5.95
N PHE CA 343 95.68 -27.90 -4.87
CA PHE CA 343 95.41 -26.69 -4.11
C PHE CA 343 96.16 -26.74 -2.79
N MET CA 344 96.90 -25.68 -2.49
CA MET CA 344 97.59 -25.57 -1.21
C MET CA 344 97.56 -24.13 -0.74
N TYR CA 345 97.57 -23.97 0.59
CA TYR CA 345 97.46 -22.65 1.21
C TYR CA 345 98.85 -22.14 1.56
N GLU CA 346 99.33 -21.14 0.83
CA GLU CA 346 100.65 -20.56 1.04
C GLU CA 346 100.50 -19.11 1.47
N GLY CA 347 101.11 -18.76 2.60
CA GLY CA 347 100.99 -17.39 3.09
C GLY CA 347 99.57 -17.10 3.51
N ASN CA 348 98.90 -16.24 2.75
CA ASN CA 348 97.49 -15.97 2.91
C ASN CA 348 96.69 -16.20 1.64
N GLN CA 349 97.28 -16.86 0.65
CA GLN CA 349 96.65 -17.14 -0.64
C GLN CA 349 96.68 -18.63 -0.92
N ILE CA 350 95.88 -19.06 -1.89
CA ILE CA 350 95.79 -20.45 -2.30
C ILE CA 350 96.40 -20.56 -3.70
N THR CA 351 97.30 -21.53 -3.88
CA THR CA 351 98.05 -21.70 -5.12
C THR CA 351 97.61 -23.00 -5.78
N CYS CA 352 96.86 -22.88 -6.88
CA CYS CA 352 96.39 -24.05 -7.60
C CYS CA 352 97.38 -24.44 -8.70
N GLY CA 353 97.43 -25.73 -8.99
CA GLY CA 353 98.28 -26.26 -10.03
C GLY CA 353 97.63 -26.20 -11.40
N ASP CA 354 98.02 -27.13 -12.26
CA ASP CA 354 97.47 -27.23 -13.61
C ASP CA 354 97.66 -28.65 -14.13
N LYS CA 355 96.89 -28.98 -15.16
CA LYS CA 355 96.97 -30.31 -15.77
C LYS CA 355 97.05 -30.27 -17.30
N SER CA 356 96.93 -29.09 -17.92
CA SER CA 356 97.02 -28.99 -19.37
C SER CA 356 97.99 -27.91 -19.82
N GLU CA 357 98.62 -27.18 -18.91
CA GLU CA 357 99.54 -26.11 -19.24
C GLU CA 357 100.71 -26.12 -18.28
N ALA CA 358 101.83 -25.56 -18.73
CA ALA CA 358 103.04 -25.47 -17.90
C ALA CA 358 103.03 -24.13 -17.16
N VAL CA 359 102.15 -24.05 -16.16
CA VAL CA 359 101.93 -22.80 -15.44
C VAL CA 359 101.29 -23.13 -14.10
N VAL CA 360 101.44 -22.22 -13.14
CA VAL CA 360 100.80 -22.33 -11.83
C VAL CA 360 100.03 -21.04 -11.58
N GLY CA 361 98.96 -21.12 -10.78
CA GLY CA 361 98.11 -19.98 -10.56
C GLY CA 361 97.59 -19.94 -9.14
N GLN CA 362 97.05 -18.78 -8.78
CA GLN CA 362 96.50 -18.56 -7.45
C GLN CA 362 95.01 -18.23 -7.55
N LEU CA 363 94.26 -18.65 -6.53
CA LEU CA 363 92.83 -18.36 -6.50
C LEU CA 363 92.59 -16.91 -6.11
N GLN CA 364 91.63 -16.28 -6.78
CA GLN CA 364 91.21 -14.92 -6.47
C GLN CA 364 89.71 -14.92 -6.25
N PHE CA 365 89.23 -14.10 -5.32
CA PHE CA 365 87.86 -14.22 -4.85
C PHE CA 365 86.92 -13.26 -5.57
N ASP CA 366 87.43 -12.10 -6.00
CA ASP CA 366 86.59 -11.10 -6.64
C ASP CA 366 86.47 -11.28 -8.14
N ILE CA 367 87.05 -12.33 -8.70
CA ILE CA 367 86.95 -12.64 -10.12
C ILE CA 367 86.54 -14.10 -10.25
N SER CA 368 85.70 -14.39 -11.25
CA SER CA 368 85.16 -15.73 -11.44
C SER CA 368 85.67 -16.40 -12.72
N SER CA 369 86.75 -15.89 -13.30
CA SER CA 369 87.29 -16.41 -14.54
C SER CA 369 88.62 -17.11 -14.27
N GLN CA 370 88.80 -18.30 -14.83
CA GLN CA 370 90.10 -18.95 -14.78
C GLN CA 370 91.02 -18.33 -15.83
N TYR CA 371 92.10 -17.73 -15.35
CA TYR CA 371 93.04 -16.95 -16.17
C TYR CA 371 92.25 -15.78 -16.75
N ASP CA 372 92.03 -15.70 -18.06
CA ASP CA 372 91.32 -14.56 -18.65
C ASP CA 372 90.30 -15.07 -19.68
N LYS CA 373 89.51 -16.07 -19.27
CA LYS CA 373 88.43 -16.58 -20.10
C LYS CA 373 87.18 -16.76 -19.25
N GLN CA 374 86.03 -16.47 -19.85
CA GLN CA 374 84.76 -16.53 -19.12
C GLN CA 374 84.39 -17.98 -18.82
N GLN CA 375 83.47 -18.15 -17.88
CA GLN CA 375 83.12 -19.45 -17.35
C GLN CA 375 81.61 -19.62 -17.26
N GLU CA 376 81.14 -20.86 -17.23
CA GLU CA 376 79.73 -21.16 -17.19
C GLU CA 376 79.31 -21.60 -15.79
N HIS CA 377 78.15 -21.12 -15.34
CA HIS CA 377 77.57 -21.52 -14.06
C HIS CA 377 76.13 -21.97 -14.30
N LEU CA 378 75.75 -23.09 -13.69
CA LEU CA 378 74.43 -23.68 -13.88
C LEU CA 378 73.75 -23.93 -12.55
N LEU CA 379 72.42 -23.87 -12.54
CA LEU CA 379 71.61 -24.20 -11.38
C LEU CA 379 70.32 -24.84 -11.87
N PHE CA 380 69.89 -25.90 -11.19
CA PHE CA 380 68.72 -26.68 -11.60
C PHE CA 380 67.69 -26.74 -10.49
N THR CA 381 66.44 -26.50 -10.85
CA THR CA 381 65.33 -26.60 -9.91
C THR CA 381 64.68 -27.98 -10.03
N PRO CA 382 64.40 -28.63 -8.90
CA PRO CA 382 63.83 -29.98 -8.94
C PRO CA 382 62.42 -29.97 -9.53
N LEU CA 383 62.03 -31.13 -10.07
CA LEU CA 383 60.75 -31.26 -10.75
C LEU CA 383 59.59 -31.13 -9.77
N PHE CA 384 58.59 -30.35 -10.18
CA PHE CA 384 57.38 -30.16 -9.40
C PHE CA 384 56.18 -30.61 -10.24
N LYS CA 385 55.21 -31.24 -9.59
CA LYS CA 385 54.00 -31.70 -10.24
C LYS CA 385 52.84 -30.82 -9.81
N ALA CA 386 52.49 -29.85 -10.64
CA ALA CA 386 51.30 -29.03 -10.47
C ALA CA 386 50.54 -29.01 -11.79
N ASP CA 387 49.23 -29.27 -11.72
CA ASP CA 387 48.40 -29.41 -12.91
C ASP CA 387 47.57 -28.15 -13.11
N ASN CA 388 47.58 -27.64 -14.34
CA ASN CA 388 46.71 -26.53 -14.77
C ASN CA 388 47.01 -25.23 -14.05
N ALA CA 389 48.15 -25.12 -13.38
CA ALA CA 389 48.52 -23.87 -12.74
C ALA CA 389 49.19 -22.92 -13.73
N ARG CA 390 49.34 -21.68 -13.33
CA ARG CA 390 49.99 -20.66 -14.14
C ARG CA 390 50.96 -19.84 -13.29
N CYS CA 391 52.24 -19.93 -13.64
CA CYS CA 391 53.30 -19.25 -12.91
C CYS CA 391 53.60 -17.91 -13.58
N PHE CA 392 53.65 -16.85 -12.78
CA PHE CA 392 53.88 -15.51 -13.33
C PHE CA 392 55.16 -14.86 -12.86
N ASP CA 393 55.36 -14.68 -11.56
CA ASP CA 393 56.45 -13.85 -11.04
C ASP CA 393 57.58 -14.74 -10.54
N LEU CA 394 58.46 -15.15 -11.44
CA LEU CA 394 59.67 -15.87 -11.09
C LEU CA 394 60.78 -14.85 -10.84
N GLU CA 395 61.17 -14.69 -9.58
CA GLU CA 395 62.10 -13.64 -9.17
C GLU CA 395 63.23 -14.26 -8.34
N VAL CA 396 64.38 -14.43 -8.99
CA VAL CA 396 65.59 -14.82 -8.27
C VAL CA 396 66.27 -13.57 -7.75
N GLU CA 397 67.00 -13.71 -6.64
CA GLU CA 397 67.59 -12.57 -5.94
C GLU CA 397 69.11 -12.63 -6.06
N SER CA 398 69.68 -11.65 -6.76
CA SER CA 398 71.12 -11.60 -6.94
C SER CA 398 71.72 -10.41 -6.20
N SER CA 399 73.04 -10.46 -6.02
CA SER CA 399 73.82 -9.35 -5.49
C SER CA 399 74.83 -8.93 -6.54
N THR CA 400 74.81 -7.64 -6.87
CA THR CA 400 75.52 -7.13 -8.05
C THR CA 400 76.51 -6.06 -7.64
N GLY CA 401 77.16 -5.48 -8.65
CA GLY CA 401 78.00 -4.31 -8.43
C GLY CA 401 79.50 -4.57 -8.47
N VAL CA 402 79.92 -5.78 -8.82
CA VAL CA 402 81.34 -6.10 -8.90
C VAL CA 402 81.62 -6.71 -10.27
N ALA CA 403 80.86 -6.29 -11.27
CA ALA CA 403 81.02 -6.81 -12.63
C ALA CA 403 81.72 -5.79 -13.51
N GLN CA 404 82.14 -6.26 -14.69
CA GLN CA 404 82.75 -5.40 -15.71
C GLN CA 404 81.83 -5.12 -16.88
N TYR CA 405 80.78 -5.92 -17.06
CA TYR CA 405 79.80 -5.71 -18.11
C TYR CA 405 78.46 -6.27 -17.64
N ALA CA 406 77.38 -5.76 -18.22
CA ALA CA 406 76.03 -6.17 -17.85
C ALA CA 406 75.78 -7.58 -18.40
N ASP CA 407 76.30 -8.57 -17.67
CA ASP CA 407 76.15 -9.96 -18.09
C ASP CA 407 74.70 -10.41 -17.97
N ARG CA 408 74.30 -11.32 -18.85
CA ARG CA 408 72.91 -11.77 -18.94
C ARG CA 408 72.77 -13.20 -18.46
N LEU CA 409 71.53 -13.59 -18.21
CA LEU CA 409 71.18 -14.89 -17.66
C LEU CA 409 70.21 -15.60 -18.59
N PHE CA 410 70.40 -16.91 -18.75
CA PHE CA 410 69.54 -17.74 -19.59
C PHE CA 410 68.71 -18.63 -18.68
N LEU CA 411 67.39 -18.62 -18.86
CA LEU CA 411 66.50 -19.50 -18.12
C LEU CA 411 65.57 -20.21 -19.10
N SER CA 412 65.20 -21.45 -18.76
CA SER CA 412 64.37 -22.28 -19.61
C SER CA 412 63.63 -23.29 -18.74
N ALA CA 413 62.64 -23.94 -19.34
CA ALA CA 413 61.76 -24.86 -18.61
C ALA CA 413 61.64 -26.18 -19.35
N THR CA 414 61.42 -27.24 -18.58
CA THR CA 414 61.23 -28.60 -19.10
C THR CA 414 59.81 -29.05 -18.79
N THR CA 415 59.19 -29.74 -19.74
CA THR CA 415 57.90 -30.36 -19.47
C THR CA 415 58.06 -31.86 -19.22
N ASP CA 416 59.07 -32.48 -19.82
CA ASP CA 416 59.34 -33.89 -19.64
C ASP CA 416 60.55 -34.16 -18.76
N GLY CA 417 61.33 -33.13 -18.41
CA GLY CA 417 62.45 -33.28 -17.52
C GLY CA 417 63.75 -33.72 -18.15
N ILE CA 418 63.81 -33.82 -19.48
CA ILE CA 418 65.02 -34.21 -20.19
C ILE CA 418 65.57 -33.07 -21.02
N ASN CA 419 64.76 -32.51 -21.92
CA ASN CA 419 65.19 -31.48 -22.86
C ASN CA 419 64.47 -30.17 -22.57
N TYR CA 420 65.16 -29.06 -22.82
CA TYR CA 420 64.70 -27.75 -22.38
C TYR CA 420 64.10 -26.96 -23.54
N GLY CA 421 63.35 -25.92 -23.19
CA GLY CA 421 62.70 -25.07 -24.16
C GLY CA 421 63.56 -23.91 -24.58
N ARG CA 422 62.91 -22.81 -24.94
CA ARG CA 422 63.62 -21.63 -25.39
C ARG CA 422 64.38 -20.98 -24.24
N GLU CA 423 65.48 -20.33 -24.59
CA GLU CA 423 66.35 -19.65 -23.61
C GLU CA 423 66.07 -18.16 -23.65
N GLN CA 424 65.62 -17.61 -22.52
CA GLN CA 424 65.30 -16.20 -22.40
C GLN CA 424 66.46 -15.47 -21.73
N MET CA 425 66.84 -14.33 -22.30
CA MET CA 425 67.99 -13.57 -21.83
C MET CA 425 67.53 -12.46 -20.88
N ILE CA 426 67.99 -12.52 -19.64
CA ILE CA 426 67.73 -11.48 -18.65
C ILE CA 426 69.06 -11.07 -18.05
N GLU CA 427 69.30 -9.77 -17.96
CA GLU CA 427 70.52 -9.30 -17.31
C GLU CA 427 70.39 -9.45 -15.80
N GLN CA 428 71.43 -10.00 -15.17
CA GLN CA 428 71.43 -10.27 -13.75
C GLN CA 428 72.50 -9.53 -12.98
N ASN CA 429 73.31 -8.71 -13.66
CA ASN CA 429 74.40 -8.02 -13.00
C ASN CA 429 74.73 -6.76 -13.79
N GLU CA 430 75.02 -5.68 -13.06
CA GLU CA 430 75.39 -4.39 -13.63
C GLU CA 430 76.64 -3.91 -12.94
N PRO CA 431 77.58 -3.30 -13.67
CA PRO CA 431 78.93 -3.09 -13.09
C PRO CA 431 78.95 -2.31 -11.79
N PHE CA 432 78.12 -1.28 -11.65
CA PHE CA 432 78.14 -0.45 -10.45
C PHE CA 432 76.75 -0.10 -9.95
N VAL CA 433 75.77 -0.98 -10.12
CA VAL CA 433 74.45 -0.81 -9.56
C VAL CA 433 74.28 -1.86 -8.47
N TYR CA 434 74.03 -1.42 -7.24
CA TYR CA 434 73.99 -2.31 -6.09
C TYR CA 434 72.58 -2.79 -5.76
N ASP CA 435 71.54 -2.17 -6.33
CA ASP CA 435 70.16 -2.55 -6.07
C ASP CA 435 69.41 -2.67 -7.39
N LYS CA 436 68.98 -3.89 -7.72
CA LYS CA 436 68.16 -4.12 -8.89
C LYS CA 436 67.42 -5.45 -8.73
N ARG CA 437 66.36 -5.61 -9.50
CA ARG CA 437 65.51 -6.79 -9.44
C ARG CA 437 65.76 -7.65 -10.68
N VAL CA 438 65.90 -8.96 -10.47
CA VAL CA 438 66.03 -9.92 -11.55
C VAL CA 438 64.79 -10.81 -11.51
N LEU CA 439 63.92 -10.68 -12.51
CA LEU CA 439 62.67 -11.42 -12.51
C LEU CA 439 62.14 -11.52 -13.93
N TRP CA 440 61.21 -12.44 -14.12
CA TRP CA 440 60.49 -12.61 -15.37
C TRP CA 440 58.99 -12.57 -15.07
N LYS CA 441 58.26 -11.76 -15.84
CA LYS CA 441 56.90 -11.39 -15.44
C LYS CA 441 55.88 -12.45 -15.82
N ARG CA 442 56.15 -13.26 -16.83
CA ARG CA 442 55.21 -14.27 -17.30
C ARG CA 442 55.93 -15.57 -17.61
N VAL CA 443 55.43 -16.66 -17.02
CA VAL CA 443 55.96 -17.99 -17.32
C VAL CA 443 54.92 -18.90 -17.95
N GLY CA 444 53.63 -18.66 -17.77
CA GLY CA 444 52.59 -19.36 -18.50
C GLY CA 444 52.14 -20.63 -17.82
N ARG CA 445 51.16 -21.28 -18.44
CA ARG CA 445 50.57 -22.49 -17.88
C ARG CA 445 51.56 -23.64 -17.88
N ILE CA 446 51.43 -24.51 -16.89
CA ILE CA 446 52.20 -25.75 -16.80
C ILE CA 446 51.22 -26.91 -16.93
N ARG CA 447 51.48 -27.81 -17.87
CA ARG CA 447 50.50 -28.85 -18.19
C ARG CA 447 50.52 -29.96 -17.16
N ARG CA 448 51.67 -30.63 -17.00
CA ARG CA 448 51.77 -31.72 -16.05
C ARG CA 448 52.86 -31.46 -15.00
N LEU CA 449 54.01 -30.98 -15.44
CA LEU CA 449 55.13 -30.74 -14.54
C LEU CA 449 56.13 -29.83 -15.23
N ILE CA 450 56.96 -29.16 -14.42
CA ILE CA 450 57.89 -28.17 -14.94
C ILE CA 450 59.14 -28.11 -14.05
N GLY CA 451 60.26 -27.79 -14.66
CA GLY CA 451 61.49 -27.55 -13.93
C GLY CA 451 62.33 -26.53 -14.66
N PHE CA 452 63.08 -25.74 -13.90
CA PHE CA 452 63.74 -24.56 -14.44
C PHE CA 452 65.25 -24.74 -14.49
N LYS CA 453 65.91 -23.79 -15.14
CA LYS CA 453 67.35 -23.79 -15.32
C LYS CA 453 67.84 -22.34 -15.33
N LEU CA 454 69.05 -22.12 -14.85
CA LEU CA 454 69.58 -20.77 -14.62
C LEU CA 454 71.00 -20.61 -15.13
N ARG CA 455 71.23 -20.96 -16.40
CA ARG CA 455 72.54 -20.79 -17.00
C ARG CA 455 73.01 -19.34 -16.91
N VAL CA 456 74.27 -19.16 -16.49
CA VAL CA 456 74.91 -17.85 -16.43
C VAL CA 456 76.32 -17.99 -16.99
N ILE CA 457 76.70 -17.06 -17.86
CA ILE CA 457 78.06 -17.02 -18.38
C ILE CA 457 78.70 -15.68 -18.02
N THR CA 458 79.70 -15.71 -17.15
CA THR CA 458 80.30 -14.51 -16.61
C THR CA 458 81.81 -14.69 -16.45
N LYS CA 459 82.47 -13.59 -16.13
CA LYS CA 459 83.80 -13.59 -15.55
C LYS CA 459 83.85 -12.66 -14.35
N SER CA 460 82.76 -12.63 -13.59
CA SER CA 460 82.57 -11.82 -12.40
C SER CA 460 81.81 -12.66 -11.39
N PRO CA 461 81.92 -12.34 -10.10
CA PRO CA 461 81.27 -13.17 -9.09
C PRO CA 461 79.76 -13.23 -9.29
N VAL CA 462 79.20 -14.41 -9.07
CA VAL CA 462 77.77 -14.67 -9.28
C VAL CA 462 77.20 -15.15 -7.96
N THR CA 463 76.14 -14.48 -7.49
CA THR CA 463 75.45 -14.86 -6.27
C THR CA 463 73.95 -14.88 -6.52
N LEU CA 464 73.31 -16.01 -6.24
CA LEU CA 464 71.87 -16.15 -6.37
C LEU CA 464 71.35 -16.84 -5.12
N SER CA 465 70.25 -16.32 -4.57
CA SER CA 465 69.73 -16.82 -3.30
C SER CA 465 68.23 -16.62 -3.24
N GLY CA 466 67.48 -17.70 -3.46
CA GLY CA 466 66.04 -17.67 -3.25
C GLY CA 466 65.26 -17.38 -4.51
N CYS CA 467 64.61 -18.41 -5.05
CA CYS CA 467 63.75 -18.26 -6.22
C CYS CA 467 62.32 -18.48 -5.78
N GLN CA 468 61.46 -17.50 -6.06
CA GLN CA 468 60.05 -17.58 -5.69
C GLN CA 468 59.20 -17.31 -6.92
N ILE CA 469 58.13 -18.08 -7.07
CA ILE CA 469 57.21 -17.95 -8.18
C ILE CA 469 55.79 -17.83 -7.64
N ARG CA 470 54.99 -16.99 -8.27
CA ARG CA 470 53.58 -16.88 -7.91
C ARG CA 470 52.79 -17.94 -8.68
N LEU CA 471 52.36 -18.97 -7.95
CA LEU CA 471 51.90 -20.19 -8.62
C LEU CA 471 50.54 -19.99 -9.27
N GLU CA 472 49.76 -19.01 -8.81
CA GLU CA 472 48.44 -18.78 -9.37
C GLU CA 472 48.07 -17.30 -9.34
N ILE DA 3 41.08 -37.05 -2.68
CA ILE DA 3 42.27 -37.65 -3.27
C ILE DA 3 43.05 -38.43 -2.22
N GLN DA 4 43.26 -39.71 -2.49
CA GLN DA 4 44.00 -40.59 -1.60
C GLN DA 4 45.17 -41.20 -2.37
N GLN DA 5 46.27 -41.45 -1.67
CA GLN DA 5 47.46 -42.04 -2.26
C GLN DA 5 47.60 -43.46 -1.73
N LEU DA 6 47.86 -44.40 -2.64
CA LEU DA 6 47.95 -45.81 -2.30
C LEU DA 6 49.39 -46.28 -2.40
N PRO DA 7 50.03 -46.70 -1.31
CA PRO DA 7 51.40 -47.23 -1.39
C PRO DA 7 51.40 -48.59 -2.10
N MET DA 8 52.51 -48.89 -2.77
CA MET DA 8 52.67 -50.17 -3.45
C MET DA 8 53.94 -50.90 -3.03
N MET DA 9 54.67 -50.39 -2.04
CA MET DA 9 55.91 -51.03 -1.61
C MET DA 9 55.65 -52.41 -1.04
N LYS DA 10 54.45 -52.63 -0.49
CA LYS DA 10 54.07 -53.93 0.05
C LYS DA 10 52.56 -53.95 0.22
N GLY DA 11 51.94 -55.04 -0.24
CA GLY DA 11 50.48 -55.14 -0.22
C GLY DA 11 49.95 -56.26 0.63
N MET DA 12 48.88 -55.98 1.36
CA MET DA 12 48.30 -56.95 2.29
C MET DA 12 47.27 -57.81 1.59
N GLY DA 13 47.02 -58.98 2.15
CA GLY DA 13 46.03 -59.89 1.63
C GLY DA 13 45.81 -61.05 2.56
N LYS DA 14 45.16 -62.10 2.05
CA LYS DA 14 44.92 -63.30 2.83
C LYS DA 14 45.01 -64.51 1.91
N ASP DA 15 45.31 -65.67 2.50
CA ASP DA 15 45.44 -66.92 1.78
C ASP DA 15 44.21 -67.78 1.99
N PHE DA 16 43.88 -68.61 0.99
CA PHE DA 16 42.65 -69.38 1.05
C PHE DA 16 42.81 -70.67 1.84
N LYS DA 17 44.05 -71.03 2.19
CA LYS DA 17 44.27 -72.31 2.86
C LYS DA 17 43.79 -72.29 4.30
N ASN DA 18 44.10 -71.22 5.04
CA ASN DA 18 43.74 -71.13 6.45
C ASN DA 18 43.19 -69.76 6.84
N ALA DA 19 42.83 -68.94 5.86
CA ALA DA 19 42.19 -67.64 6.09
C ALA DA 19 43.02 -66.77 7.03
N ASP DA 20 44.33 -66.74 6.80
CA ASP DA 20 45.23 -65.89 7.57
C ASP DA 20 45.68 -64.72 6.72
N TYR DA 21 45.97 -63.59 7.37
CA TYR DA 21 46.39 -62.39 6.67
C TYR DA 21 47.88 -62.49 6.37
N ILE DA 22 48.22 -62.61 5.08
CA ILE DA 22 49.60 -62.62 4.62
C ILE DA 22 49.75 -61.52 3.59
N ASP DA 23 50.84 -60.76 3.68
CA ASP DA 23 51.06 -59.68 2.73
C ASP DA 23 51.73 -60.21 1.46
N TYR DA 24 51.36 -59.61 0.34
CA TYR DA 24 51.91 -59.98 -0.96
C TYR DA 24 53.14 -59.13 -1.25
N LEU DA 25 54.30 -59.77 -1.30
CA LEU DA 25 55.52 -59.07 -1.64
C LEU DA 25 55.54 -58.70 -3.13
N PRO DA 26 56.06 -57.53 -3.48
CA PRO DA 26 56.11 -57.14 -4.88
C PRO DA 26 57.17 -57.92 -5.64
N VAL DA 27 56.75 -58.79 -6.55
CA VAL DA 27 57.66 -59.71 -7.21
C VAL DA 27 58.44 -58.97 -8.29
N ASN DA 28 59.74 -59.23 -8.35
CA ASN DA 28 60.65 -58.89 -9.45
C ASN DA 28 60.88 -57.39 -9.63
N MET DA 29 60.54 -56.56 -8.67
CA MET DA 29 60.81 -55.12 -8.75
C MET DA 29 61.34 -54.63 -7.40
N LEU DA 30 62.34 -53.76 -7.45
CA LEU DA 30 62.98 -53.26 -6.24
C LEU DA 30 62.24 -52.04 -5.70
N ALA DA 31 62.69 -51.57 -4.53
CA ALA DA 31 62.13 -50.38 -3.89
C ALA DA 31 63.25 -49.41 -3.57
N THR DA 32 63.09 -48.16 -4.01
CA THR DA 32 64.12 -47.13 -3.84
C THR DA 32 63.46 -45.87 -3.30
N PRO DA 33 63.93 -45.34 -2.16
CA PRO DA 33 63.45 -44.02 -1.72
C PRO DA 33 64.28 -42.88 -2.31
N LYS DA 34 63.63 -41.96 -3.02
CA LYS DA 34 64.40 -40.91 -3.71
C LYS DA 34 63.72 -39.54 -3.62
N GLU DA 35 62.58 -39.43 -2.94
CA GLU DA 35 61.83 -38.17 -2.84
C GLU DA 35 61.44 -37.69 -4.24
N ILE DA 36 60.53 -38.45 -4.85
CA ILE DA 36 60.01 -38.22 -6.19
C ILE DA 36 59.06 -37.02 -6.17
N LEU DA 37 58.61 -36.58 -7.34
CA LEU DA 37 57.84 -35.36 -7.52
C LEU DA 37 56.85 -35.13 -6.39
N ASN DA 38 55.94 -36.08 -6.17
CA ASN DA 38 54.88 -35.91 -5.19
C ASN DA 38 54.88 -36.96 -4.09
N SER DA 39 55.65 -38.03 -4.23
CA SER DA 39 55.74 -39.08 -3.23
C SER DA 39 57.20 -39.26 -2.83
N SER DA 40 57.43 -40.14 -1.85
CA SER DA 40 58.77 -40.42 -1.35
C SER DA 40 59.14 -41.85 -1.72
N GLY DA 41 59.79 -42.01 -2.86
CA GLY DA 41 60.23 -43.31 -3.29
C GLY DA 41 59.61 -43.73 -4.62
N TYR DA 42 60.39 -44.47 -5.41
CA TYR DA 42 59.92 -45.00 -6.68
C TYR DA 42 60.35 -46.45 -6.78
N LEU DA 43 59.57 -47.22 -7.55
CA LEU DA 43 59.80 -48.64 -7.71
C LEU DA 43 60.36 -48.91 -9.11
N ARG DA 44 61.51 -49.58 -9.16
CA ARG DA 44 62.20 -49.86 -10.41
C ARG DA 44 62.43 -51.35 -10.54
N SER DA 45 62.28 -51.88 -11.76
CA SER DA 45 62.41 -53.30 -11.99
C SER DA 45 63.85 -53.76 -11.82
N PHE DA 46 64.02 -55.06 -11.58
CA PHE DA 46 65.35 -55.63 -11.45
C PHE DA 46 66.06 -55.60 -12.80
N PRO DA 47 67.39 -55.43 -12.81
CA PRO DA 47 68.10 -55.41 -14.10
C PRO DA 47 68.02 -56.76 -14.80
N GLY DA 48 68.15 -56.72 -16.12
CA GLY DA 48 67.99 -57.90 -16.97
C GLY DA 48 69.32 -58.55 -17.27
N ILE DA 49 69.29 -59.88 -17.42
CA ILE DA 49 70.50 -60.64 -17.69
C ILE DA 49 70.75 -60.74 -19.19
N THR DA 50 72.01 -60.60 -19.60
CA THR DA 50 72.43 -60.81 -20.97
C THR DA 50 73.63 -61.74 -21.00
N LYS DA 51 73.64 -62.66 -21.97
CA LYS DA 51 74.70 -63.65 -22.07
C LYS DA 51 76.04 -62.98 -22.37
N ARG DA 52 77.09 -63.43 -21.67
CA ARG DA 52 78.44 -62.94 -21.89
C ARG DA 52 79.38 -64.02 -22.39
N TYR DA 53 79.49 -65.14 -21.68
CA TYR DA 53 80.39 -66.23 -22.07
C TYR DA 53 79.63 -67.55 -22.06
N ASP DA 54 80.21 -68.54 -22.73
CA ASP DA 54 79.70 -69.90 -22.72
C ASP DA 54 80.66 -70.78 -21.93
N MET DA 55 80.14 -71.47 -20.92
CA MET DA 55 80.97 -72.25 -20.01
C MET DA 55 80.52 -73.70 -20.00
N ASN DA 56 81.20 -74.50 -19.17
CA ASN DA 56 81.02 -75.95 -19.21
C ASN DA 56 79.64 -76.37 -18.71
N GLY DA 57 79.22 -75.87 -17.56
CA GLY DA 57 77.99 -76.35 -16.96
C GLY DA 57 77.34 -75.44 -15.94
N VAL DA 58 76.41 -76.00 -15.16
CA VAL DA 58 75.69 -75.24 -14.15
C VAL DA 58 76.66 -74.70 -13.10
N SER DA 59 76.39 -73.48 -12.63
CA SER DA 59 77.26 -72.85 -11.66
C SER DA 59 77.25 -73.61 -10.35
N ARG DA 60 78.41 -73.67 -9.69
CA ARG DA 60 78.57 -74.40 -8.44
C ARG DA 60 79.33 -73.63 -7.37
N GLY DA 61 79.94 -72.51 -7.71
CA GLY DA 61 80.67 -71.72 -6.71
C GLY DA 61 81.27 -70.48 -7.33
N VAL DA 62 81.63 -69.54 -6.46
CA VAL DA 62 82.24 -68.28 -6.90
C VAL DA 62 83.02 -67.71 -5.73
N GLU DA 63 84.09 -66.98 -6.06
CA GLU DA 63 84.89 -66.30 -5.04
C GLU DA 63 85.81 -65.32 -5.76
N TYR DA 64 85.84 -64.08 -5.26
CA TYR DA 64 86.64 -63.02 -5.87
C TYR DA 64 88.03 -63.09 -5.26
N ASN DA 65 88.98 -63.62 -6.03
CA ASN DA 65 90.37 -63.69 -5.57
C ASN DA 65 90.92 -62.29 -5.40
N THR DA 66 91.55 -62.04 -4.25
CA THR DA 66 92.08 -60.70 -3.97
C THR DA 66 93.55 -60.61 -4.36
N ALA DA 67 94.31 -61.71 -4.19
CA ALA DA 67 95.72 -61.70 -4.54
C ALA DA 67 95.91 -61.41 -6.02
N GLN DA 68 95.10 -62.02 -6.88
CA GLN DA 68 95.08 -61.74 -8.31
C GLN DA 68 93.73 -61.15 -8.67
N ASN DA 69 93.76 -60.01 -9.36
CA ASN DA 69 92.53 -59.27 -9.67
C ASN DA 69 91.79 -60.04 -10.76
N ALA DA 70 91.06 -61.07 -10.35
CA ALA DA 70 90.25 -61.87 -11.25
C ALA DA 70 89.20 -62.61 -10.45
N VAL DA 71 88.13 -63.01 -11.14
CA VAL DA 71 87.01 -63.71 -10.52
C VAL DA 71 87.10 -65.19 -10.87
N TYR DA 72 87.09 -66.03 -9.84
CA TYR DA 72 87.15 -67.47 -10.00
C TYR DA 72 85.76 -68.07 -9.82
N ARG DA 73 85.42 -69.05 -10.66
CA ARG DA 73 84.17 -69.77 -10.53
C ARG DA 73 84.32 -71.15 -11.16
N VAL DA 74 83.85 -72.17 -10.45
CA VAL DA 74 83.92 -73.53 -10.99
C VAL DA 74 82.95 -73.70 -12.14
N CYS DA 75 81.70 -73.27 -11.95
CA CYS DA 75 80.69 -73.25 -13.02
C CYS DA 75 80.56 -74.62 -13.70
N GLY DA 76 80.55 -75.66 -12.89
CA GLY DA 76 80.18 -76.99 -13.36
C GLY DA 76 81.37 -77.92 -13.51
N GLY DA 77 81.71 -78.26 -14.75
CA GLY DA 77 82.62 -79.37 -15.00
C GLY DA 77 84.03 -79.12 -14.52
N LYS DA 78 84.52 -77.89 -14.65
CA LYS DA 78 85.92 -77.58 -14.40
C LYS DA 78 86.10 -76.11 -14.04
N LEU DA 79 87.13 -75.83 -13.26
CA LEU DA 79 87.37 -74.48 -12.74
C LEU DA 79 87.52 -73.49 -13.88
N TYR DA 80 87.31 -72.20 -13.57
CA TYR DA 80 87.44 -71.12 -14.54
C TYR DA 80 87.98 -69.88 -13.84
N LYS DA 81 88.95 -69.22 -14.48
CA LYS DA 81 89.43 -67.92 -14.04
C LYS DA 81 89.06 -66.90 -15.10
N GLY DA 82 88.01 -66.12 -14.84
CA GLY DA 82 87.52 -65.22 -15.88
C GLY DA 82 86.97 -66.05 -17.03
N GLU DA 83 87.73 -66.09 -18.13
CA GLU DA 83 87.36 -66.88 -19.29
C GLU DA 83 88.24 -68.11 -19.47
N SER DA 84 89.43 -68.11 -18.90
CA SER DA 84 90.41 -69.18 -19.11
C SER DA 84 89.99 -70.45 -18.40
N GLU DA 85 90.63 -71.55 -18.79
CA GLU DA 85 90.29 -72.86 -18.23
C GLU DA 85 90.99 -73.08 -16.89
N VAL DA 86 92.32 -73.12 -16.89
CA VAL DA 86 93.20 -73.17 -15.72
C VAL DA 86 92.71 -74.18 -14.67
N GLY DA 87 92.58 -75.43 -15.06
CA GLY DA 87 92.37 -76.48 -14.09
C GLY DA 87 91.06 -77.23 -14.29
N ASP DA 88 90.95 -78.36 -13.59
CA ASP DA 88 89.78 -79.22 -13.64
C ASP DA 88 89.39 -79.62 -12.22
N VAL DA 89 88.08 -79.60 -11.93
CA VAL DA 89 87.56 -79.97 -10.63
C VAL DA 89 86.52 -81.07 -10.82
N ALA DA 90 86.59 -82.10 -9.99
CA ALA DA 90 85.74 -83.27 -10.13
C ALA DA 90 84.71 -83.31 -9.01
N GLY DA 91 83.48 -83.71 -9.36
CA GLY DA 91 82.41 -83.80 -8.39
C GLY DA 91 81.22 -82.94 -8.74
N SER DA 92 80.02 -83.40 -8.40
CA SER DA 92 78.79 -82.69 -8.65
C SER DA 92 78.16 -82.26 -7.34
N GLY DA 93 77.68 -81.02 -7.29
CA GLY DA 93 77.08 -80.48 -6.09
C GLY DA 93 77.40 -79.00 -5.98
N ARG DA 94 77.72 -78.58 -4.76
CA ARG DA 94 78.12 -77.20 -4.49
C ARG DA 94 79.40 -77.21 -3.67
N VAL DA 95 80.29 -76.26 -3.96
CA VAL DA 95 81.61 -76.21 -3.35
C VAL DA 95 81.73 -74.95 -2.50
N SER DA 96 82.64 -75.00 -1.53
CA SER DA 96 82.97 -73.85 -0.70
C SER DA 96 84.38 -73.41 -1.02
N MET DA 97 84.53 -72.16 -1.46
CA MET DA 97 85.77 -71.67 -2.03
C MET DA 97 86.38 -70.62 -1.11
N ALA DA 98 87.69 -70.71 -0.93
CA ALA DA 98 88.45 -69.75 -0.10
C ALA DA 98 89.85 -69.60 -0.70
N HIS DA 99 90.13 -68.44 -1.26
CA HIS DA 99 91.39 -68.23 -1.97
C HIS DA 99 92.55 -68.11 -0.99
N GLY DA 100 93.76 -68.08 -1.55
CA GLY DA 100 94.97 -67.94 -0.76
C GLY DA 100 96.02 -67.13 -1.48
N ARG DA 101 97.13 -66.90 -0.78
CA ARG DA 101 98.23 -66.15 -1.38
C ARG DA 101 98.92 -66.95 -2.47
N THR DA 102 98.98 -68.27 -2.31
CA THR DA 102 99.61 -69.15 -3.30
C THR DA 102 98.76 -70.36 -3.65
N SER DA 103 97.46 -70.32 -3.39
CA SER DA 103 96.58 -71.43 -3.69
C SER DA 103 95.15 -70.92 -3.84
N GLN DA 104 94.26 -71.82 -4.23
CA GLN DA 104 92.86 -71.47 -4.41
C GLN DA 104 91.90 -72.26 -3.52
N ALA DA 105 92.20 -73.54 -3.26
CA ALA DA 105 91.48 -74.34 -2.27
C ALA DA 105 89.99 -74.42 -2.58
N VAL DA 106 89.69 -75.10 -3.70
CA VAL DA 106 88.30 -75.33 -4.09
C VAL DA 106 87.56 -76.16 -3.04
N GLY DA 107 88.22 -77.18 -2.51
CA GLY DA 107 87.62 -77.99 -1.46
C GLY DA 107 86.41 -78.79 -1.87
N VAL DA 108 86.46 -79.47 -3.01
CA VAL DA 108 85.32 -80.23 -3.52
C VAL DA 108 85.31 -81.61 -2.87
N ASN DA 109 84.17 -82.29 -2.92
CA ASN DA 109 83.97 -83.64 -2.37
C ASN DA 109 84.31 -83.62 -0.88
N GLY DA 110 85.17 -84.51 -0.39
CA GLY DA 110 85.52 -84.55 1.01
C GLY DA 110 86.95 -84.16 1.35
N GLN DA 111 87.77 -83.80 0.36
CA GLN DA 111 89.15 -83.45 0.59
C GLN DA 111 89.40 -82.01 0.17
N LEU DA 112 90.35 -81.36 0.85
CA LEU DA 112 90.69 -79.96 0.57
C LEU DA 112 91.57 -79.91 -0.67
N VAL DA 113 90.93 -79.97 -1.84
CA VAL DA 113 91.66 -79.82 -3.09
C VAL DA 113 92.08 -78.36 -3.24
N GLU DA 114 93.38 -78.14 -3.38
CA GLU DA 114 93.90 -76.79 -3.53
C GLU DA 114 94.77 -76.72 -4.78
N TYR DA 115 94.44 -75.79 -5.68
CA TYR DA 115 95.23 -75.58 -6.88
C TYR DA 115 96.33 -74.57 -6.61
N ARG DA 116 97.31 -74.53 -7.50
CA ARG DA 116 98.46 -73.65 -7.34
C ARG DA 116 98.60 -72.76 -8.57
N TYR DA 117 99.11 -71.54 -8.33
CA TYR DA 117 99.32 -70.62 -9.44
C TYR DA 117 100.43 -71.10 -10.37
N ASP DA 118 101.32 -71.95 -9.88
CA ASP DA 118 102.36 -72.52 -10.73
C ASP DA 118 101.76 -73.38 -11.82
N GLY DA 119 100.77 -74.20 -11.48
CA GLY DA 119 100.14 -75.08 -12.44
C GLY DA 119 99.96 -76.50 -11.93
N THR DA 120 100.23 -76.72 -10.65
CA THR DA 120 100.14 -78.04 -10.04
C THR DA 120 98.95 -78.10 -9.10
N VAL DA 121 98.52 -79.33 -8.80
CA VAL DA 121 97.39 -79.58 -7.93
C VAL DA 121 97.88 -80.41 -6.74
N LYS DA 122 97.42 -80.02 -5.55
CA LYS DA 122 97.82 -80.71 -4.32
C LYS DA 122 96.56 -81.01 -3.51
N THR DA 123 96.74 -81.74 -2.42
CA THR DA 123 95.65 -82.12 -1.53
C THR DA 123 96.19 -82.22 -0.11
N VAL DA 124 95.41 -81.71 0.84
CA VAL DA 124 95.79 -81.71 2.24
C VAL DA 124 95.75 -83.14 2.78
N SER DA 125 96.85 -83.57 3.38
CA SER DA 125 96.97 -84.91 3.93
C SER DA 125 97.97 -84.89 5.07
N ASN DA 126 97.96 -85.95 5.86
CA ASN DA 126 98.83 -86.03 7.03
C ASN DA 126 100.29 -85.94 6.64
N TRP DA 127 101.12 -85.52 7.60
CA TRP DA 127 102.56 -85.48 7.39
C TRP DA 127 103.08 -86.90 7.17
N PRO DA 128 104.15 -87.06 6.40
CA PRO DA 128 104.72 -88.41 6.22
C PRO DA 128 105.20 -88.97 7.55
N ALA DA 129 104.99 -90.28 7.71
CA ALA DA 129 105.36 -90.94 8.96
C ALA DA 129 106.88 -90.91 9.19
N ASP DA 130 107.65 -90.81 8.11
CA ASP DA 130 109.10 -90.78 8.24
C ASP DA 130 109.58 -89.50 8.89
N SER DA 131 108.86 -88.39 8.69
CA SER DA 131 109.27 -87.12 9.28
C SER DA 131 109.19 -87.15 10.80
N GLY DA 132 108.19 -87.82 11.35
CA GLY DA 132 108.06 -87.91 12.79
C GLY DA 132 107.23 -86.83 13.44
N PHE DA 133 106.04 -86.56 12.92
CA PHE DA 133 105.16 -85.54 13.46
C PHE DA 133 103.93 -86.18 14.09
N THR DA 134 103.04 -85.32 14.60
CA THR DA 134 101.95 -85.77 15.46
C THR DA 134 100.89 -86.61 14.75
N GLN DA 135 100.78 -86.51 13.41
CA GLN DA 135 99.95 -87.44 12.64
C GLN DA 135 98.49 -87.47 13.08
N TYR DA 136 97.76 -86.39 12.86
CA TYR DA 136 96.34 -86.34 13.24
C TYR DA 136 95.53 -87.33 12.43
N GLU DA 137 94.24 -87.40 12.74
CA GLU DA 137 93.27 -88.23 12.03
C GLU DA 137 92.23 -87.31 11.38
N LEU DA 138 92.45 -87.01 10.10
CA LEU DA 138 91.56 -86.12 9.36
C LEU DA 138 90.29 -86.84 8.95
N GLY DA 139 89.29 -86.06 8.54
CA GLY DA 139 88.03 -86.62 8.08
C GLY DA 139 87.50 -85.91 6.85
N SER DA 140 86.20 -86.02 6.60
CA SER DA 140 85.59 -85.34 5.46
C SER DA 140 85.51 -83.85 5.72
N VAL DA 141 85.58 -83.06 4.65
CA VAL DA 141 85.61 -81.61 4.77
C VAL DA 141 84.29 -81.02 4.28
N ARG DA 142 83.81 -79.99 4.98
CA ARG DA 142 82.60 -79.29 4.58
C ARG DA 142 82.91 -77.88 4.08
N ASP DA 143 83.56 -77.05 4.88
CA ASP DA 143 83.80 -75.67 4.47
C ASP DA 143 85.25 -75.27 4.66
N ILE DA 144 85.64 -74.18 3.99
CA ILE DA 144 87.03 -73.73 3.94
C ILE DA 144 87.05 -72.25 4.29
N THR DA 145 88.15 -71.80 4.87
CA THR DA 145 88.38 -70.39 5.14
C THR DA 145 89.89 -70.16 5.21
N ARG DA 146 90.27 -68.90 5.43
CA ARG DA 146 91.70 -68.56 5.51
C ARG DA 146 91.86 -67.34 6.40
N LEU DA 147 92.66 -67.47 7.45
CA LEU DA 147 93.04 -66.36 8.29
C LEU DA 147 94.56 -66.32 8.38
N ARG DA 148 95.13 -65.13 8.16
CA ARG DA 148 96.58 -64.91 8.13
C ARG DA 148 97.15 -65.81 7.04
N GLY DA 149 98.12 -66.67 7.32
CA GLY DA 149 98.65 -67.61 6.35
C GLY DA 149 98.17 -69.03 6.49
N ARG DA 150 97.06 -69.25 7.19
CA ARG DA 150 96.59 -70.58 7.52
C ARG DA 150 95.21 -70.81 6.93
N TYR DA 151 94.98 -72.04 6.49
CA TYR DA 151 93.64 -72.48 6.13
C TYR DA 151 92.94 -73.02 7.37
N ALA DA 152 91.67 -73.36 7.24
CA ALA DA 152 90.91 -73.94 8.34
C ALA DA 152 89.69 -74.65 7.79
N TRP DA 153 89.58 -75.94 8.07
CA TRP DA 153 88.44 -76.74 7.64
C TRP DA 153 87.86 -77.47 8.84
N SER DA 154 86.65 -78.00 8.67
CA SER DA 154 85.91 -78.66 9.73
C SER DA 154 85.65 -80.10 9.36
N LYS DA 155 85.97 -81.01 10.27
CA LYS DA 155 85.68 -82.42 10.06
C LYS DA 155 84.16 -82.63 10.07
N ASP DA 156 83.69 -83.47 9.15
CA ASP DA 156 82.25 -83.64 8.92
C ASP DA 156 81.65 -84.43 10.08
N GLY DA 157 80.60 -83.87 10.68
CA GLY DA 157 79.86 -84.54 11.72
C GLY DA 157 80.54 -84.57 13.08
N THR DA 158 81.50 -83.70 13.33
CA THR DA 158 82.23 -83.71 14.59
C THR DA 158 82.56 -82.29 15.01
N ASP DA 159 82.82 -82.12 16.31
CA ASP DA 159 83.11 -80.79 16.85
C ASP DA 159 84.40 -80.22 16.30
N SER DA 160 85.39 -81.07 16.05
CA SER DA 160 86.75 -80.58 15.80
C SER DA 160 86.88 -79.94 14.42
N TRP DA 161 87.68 -78.87 14.36
CA TRP DA 161 88.07 -78.23 13.11
C TRP DA 161 89.58 -78.06 13.13
N PHE DA 162 90.21 -78.28 11.97
CA PHE DA 162 91.66 -78.30 11.91
C PHE DA 162 92.22 -77.00 11.34
N ILE DA 163 93.54 -76.98 11.12
CA ILE DA 163 94.25 -75.82 10.63
C ILE DA 163 95.31 -76.30 9.63
N THR DA 164 95.98 -75.35 8.99
CA THR DA 164 96.97 -75.65 7.96
C THR DA 164 98.31 -75.03 8.33
N ASP DA 165 99.39 -75.76 8.02
CA ASP DA 165 100.73 -75.31 8.37
C ASP DA 165 101.14 -74.11 7.52
N LEU DA 166 102.16 -73.39 7.99
CA LEU DA 166 102.60 -72.18 7.29
C LEU DA 166 103.61 -72.51 6.20
N GLU DA 167 104.73 -73.12 6.56
CA GLU DA 167 105.82 -73.33 5.60
C GLU DA 167 105.38 -74.24 4.47
N ASP DA 168 104.71 -75.35 4.80
CA ASP DA 168 104.16 -76.26 3.81
C ASP DA 168 102.66 -76.32 4.01
N GLU DA 169 101.91 -75.62 3.16
CA GLU DA 169 100.48 -75.44 3.34
C GLU DA 169 99.66 -76.61 2.80
N SER DA 170 100.27 -77.77 2.60
CA SER DA 170 99.57 -78.96 2.15
C SER DA 170 99.57 -80.04 3.24
N HIS DA 171 99.70 -79.63 4.50
CA HIS DA 171 99.72 -80.55 5.63
C HIS DA 171 99.07 -79.85 6.81
N PRO DA 172 98.49 -80.60 7.76
CA PRO DA 172 97.75 -79.96 8.87
C PRO DA 172 98.59 -78.99 9.69
N ASP DA 173 99.63 -79.49 10.34
CA ASP DA 173 100.55 -78.65 11.11
C ASP DA 173 101.65 -79.54 11.67
N ARG DA 174 102.64 -78.90 12.30
CA ARG DA 174 103.72 -79.66 12.93
C ARG DA 174 103.24 -80.26 14.26
N TYR DA 175 102.77 -79.42 15.18
CA TYR DA 175 102.49 -79.89 16.53
C TYR DA 175 101.04 -79.69 16.94
N SER DA 176 100.48 -78.49 16.74
CA SER DA 176 99.15 -78.15 17.24
C SER DA 176 98.23 -77.78 16.09
N ALA DA 177 97.28 -78.66 15.78
CA ALA DA 177 96.23 -78.34 14.81
C ALA DA 177 94.83 -78.78 15.25
N GLN DA 178 94.70 -79.59 16.29
CA GLN DA 178 93.38 -80.07 16.72
C GLN DA 178 92.72 -79.03 17.61
N TYR DA 179 91.59 -78.48 17.15
CA TYR DA 179 90.85 -77.51 17.93
C TYR DA 179 89.41 -77.94 17.93
N ARG DA 180 88.64 -77.53 18.93
CA ARG DA 180 87.25 -77.98 19.03
C ARG DA 180 86.31 -76.92 19.62
N ALA DA 181 85.04 -76.95 19.26
CA ALA DA 181 84.07 -76.00 19.80
C ALA DA 181 83.76 -76.35 21.25
N GLU DA 182 82.84 -77.27 21.51
CA GLU DA 182 82.63 -77.78 22.89
C GLU DA 182 81.71 -77.08 23.89
N SER DA 183 81.19 -75.89 23.62
CA SER DA 183 80.27 -75.35 24.59
C SER DA 183 79.14 -76.34 24.68
N GLN DA 184 78.58 -76.73 23.54
CA GLN DA 184 77.50 -77.69 23.52
C GLN DA 184 77.82 -78.79 22.54
N PRO DA 185 77.25 -79.98 22.74
CA PRO DA 185 77.48 -81.05 21.76
C PRO DA 185 76.76 -80.77 20.46
N ASP DA 186 77.51 -80.34 19.43
CA ASP DA 186 76.94 -79.98 18.15
C ASP DA 186 78.01 -80.04 17.07
N GLY DA 187 77.66 -80.65 15.94
CA GLY DA 187 78.59 -80.65 14.82
C GLY DA 187 78.75 -79.27 14.22
N ILE DA 188 79.89 -79.05 13.58
CA ILE DA 188 80.18 -77.78 12.93
C ILE DA 188 79.47 -77.79 11.57
N ILE DA 189 78.40 -77.00 11.46
CA ILE DA 189 77.70 -76.90 10.18
C ILE DA 189 78.53 -76.10 9.19
N GLY DA 190 79.18 -75.04 9.65
CA GLY DA 190 79.96 -74.19 8.76
C GLY DA 190 81.02 -73.42 9.51
N ILE DA 191 81.94 -72.85 8.75
CA ILE DA 191 83.05 -72.07 9.29
C ILE DA 191 83.17 -70.78 8.50
N GLY DA 192 83.81 -69.78 9.11
CA GLY DA 192 83.99 -68.50 8.47
C GLY DA 192 84.91 -67.61 9.28
N THR DA 193 85.32 -66.50 8.66
CA THR DA 193 86.23 -65.54 9.28
C THR DA 193 85.55 -64.18 9.37
N TRP DA 194 85.87 -63.44 10.43
CA TRP DA 194 85.31 -62.11 10.64
C TRP DA 194 86.24 -61.33 11.55
N ARG DA 195 86.95 -60.36 10.98
CA ARG DA 195 87.81 -59.44 11.74
C ARG DA 195 88.76 -60.18 12.66
N ASP DA 196 89.63 -61.00 12.07
CA ASP DA 196 90.67 -61.78 12.73
C ASP DA 196 90.11 -62.83 13.69
N PHE DA 197 88.81 -63.10 13.66
CA PHE DA 197 88.20 -64.17 14.44
C PHE DA 197 87.76 -65.28 13.49
N ILE DA 198 88.08 -66.52 13.85
CA ILE DA 198 87.61 -67.68 13.11
C ILE DA 198 86.24 -68.05 13.67
N VAL DA 199 85.18 -67.71 12.94
CA VAL DA 199 83.82 -67.91 13.43
C VAL DA 199 83.46 -69.38 13.23
N CYS DA 200 83.01 -70.03 14.31
CA CYS DA 200 82.63 -71.43 14.27
C CYS DA 200 81.12 -71.55 14.37
N PHE DA 201 80.47 -71.88 13.25
CA PHE DA 201 79.03 -71.99 13.18
C PHE DA 201 78.60 -73.41 13.55
N GLY DA 202 78.07 -73.56 14.75
CA GLY DA 202 77.54 -74.85 15.16
C GLY DA 202 76.07 -75.01 14.82
N SER DA 203 75.54 -76.16 15.19
CA SER DA 203 74.12 -76.45 14.98
C SER DA 203 73.26 -75.65 15.96
N SER DA 204 73.80 -75.40 17.16
CA SER DA 204 73.04 -74.68 18.18
C SER DA 204 73.74 -73.44 18.70
N THR DA 205 75.07 -73.34 18.56
CA THR DA 205 75.81 -72.20 19.08
C THR DA 205 76.74 -71.66 18.01
N ILE DA 206 77.25 -70.46 18.28
CA ILE DA 206 78.25 -69.81 17.43
C ILE DA 206 79.38 -69.33 18.34
N GLU DA 207 80.61 -69.66 17.98
CA GLU DA 207 81.77 -69.35 18.81
C GLU DA 207 82.82 -68.60 17.99
N TYR DA 208 83.50 -67.67 18.64
CA TYR DA 208 84.55 -66.88 18.03
C TYR DA 208 85.89 -67.29 18.61
N PHE DA 209 86.87 -67.56 17.74
CA PHE DA 209 88.20 -67.95 18.15
C PHE DA 209 89.20 -66.88 17.72
N SER DA 210 90.06 -66.47 18.66
CA SER DA 210 91.07 -65.45 18.41
C SER DA 210 92.46 -66.06 18.61
N LEU DA 211 93.35 -65.82 17.66
CA LEU DA 211 94.69 -66.36 17.76
C LEU DA 211 95.49 -65.64 18.84
N THR DA 212 96.42 -66.36 19.44
CA THR DA 212 97.30 -65.81 20.47
C THR DA 212 98.74 -66.16 20.13
N GLY DA 213 99.68 -65.39 20.68
CA GLY DA 213 101.08 -65.65 20.43
C GLY DA 213 101.59 -66.81 21.23
N ALA DA 214 101.81 -67.95 20.57
CA ALA DA 214 102.26 -69.15 21.27
C ALA DA 214 103.75 -69.09 21.57
N THR DA 215 104.57 -69.06 20.53
CA THR DA 215 106.03 -69.10 20.66
C THR DA 215 106.44 -70.31 21.51
N THR DA 216 105.80 -71.44 21.23
CA THR DA 216 106.03 -72.68 21.94
C THR DA 216 105.64 -73.82 21.01
N ALA DA 217 106.11 -75.03 21.33
CA ALA DA 217 105.82 -76.20 20.52
C ALA DA 217 104.46 -76.76 20.89
N GLY DA 218 103.48 -76.57 20.00
CA GLY DA 218 102.15 -77.13 20.18
C GLY DA 218 101.41 -76.64 21.41
N ALA DA 219 101.27 -75.32 21.55
CA ALA DA 219 100.61 -74.76 22.73
C ALA DA 219 99.54 -73.75 22.31
N ALA DA 220 98.35 -74.26 22.00
CA ALA DA 220 97.12 -73.47 21.90
C ALA DA 220 97.29 -72.19 21.09
N LEU DA 221 97.48 -72.37 19.78
CA LEU DA 221 97.58 -71.22 18.89
C LEU DA 221 96.31 -70.39 18.92
N TYR DA 222 95.14 -71.04 18.94
CA TYR DA 222 93.85 -70.37 18.94
C TYR DA 222 93.11 -70.67 20.24
N VAL DA 223 92.60 -69.64 20.89
CA VAL DA 223 91.84 -69.75 22.13
C VAL DA 223 90.43 -69.23 21.88
N ALA DA 224 89.45 -69.91 22.46
CA ALA DA 224 88.05 -69.55 22.22
C ALA DA 224 87.62 -68.39 23.11
N GLN DA 225 86.99 -67.39 22.49
CA GLN DA 225 86.46 -66.25 23.22
C GLN DA 225 85.01 -66.53 23.61
N PRO DA 226 84.67 -66.57 24.89
CA PRO DA 226 83.30 -66.90 25.32
C PRO DA 226 82.36 -65.72 25.50
N SER DA 227 82.85 -64.48 25.38
CA SER DA 227 81.99 -63.32 25.57
C SER DA 227 81.12 -63.06 24.34
N LEU DA 228 81.48 -63.65 23.20
CA LEU DA 228 80.83 -63.35 21.94
C LEU DA 228 79.95 -64.48 21.42
N MET DA 229 79.50 -65.38 22.28
CA MET DA 229 78.62 -66.46 21.84
C MET DA 229 77.28 -65.90 21.38
N VAL DA 230 76.68 -66.55 20.39
CA VAL DA 230 75.41 -66.08 19.85
C VAL DA 230 74.25 -66.92 20.37
N GLN DA 231 74.50 -68.22 20.61
CA GLN DA 231 73.55 -69.22 21.10
C GLN DA 231 72.50 -69.61 20.07
N LYS DA 232 72.79 -69.45 18.77
CA LYS DA 232 71.89 -69.90 17.72
C LYS DA 232 72.70 -70.49 16.59
N GLY DA 233 72.18 -71.57 15.99
CA GLY DA 233 72.89 -72.24 14.92
C GLY DA 233 72.45 -71.76 13.55
N ILE DA 234 72.95 -72.47 12.53
CA ILE DA 234 72.62 -72.18 11.14
C ILE DA 234 71.94 -73.41 10.55
N ALA DA 235 70.92 -73.18 9.71
CA ALA DA 235 70.11 -74.28 9.21
C ALA DA 235 70.89 -75.16 8.25
N GLY DA 236 71.70 -74.57 7.38
CA GLY DA 236 72.40 -75.35 6.38
C GLY DA 236 73.85 -74.94 6.31
N THR DA 237 74.58 -75.65 5.44
CA THR DA 237 76.01 -75.41 5.31
C THR DA 237 76.30 -74.02 4.75
N TYR DA 238 75.52 -73.58 3.77
CA TYR DA 238 75.81 -72.35 3.05
C TYR DA 238 74.88 -71.20 3.42
N CYS DA 239 74.06 -71.40 4.43
CA CYS DA 239 73.10 -70.41 4.87
C CYS DA 239 73.74 -69.37 5.75
N LYS DA 240 74.76 -68.70 5.24
CA LYS DA 240 75.37 -67.64 5.97
C LYS DA 240 76.07 -66.80 4.96
N THR DA 241 76.34 -65.54 5.29
CA THR DA 241 77.06 -64.68 4.38
C THR DA 241 77.48 -63.39 5.01
N PRO DA 242 78.73 -63.00 4.81
CA PRO DA 242 79.09 -61.71 5.35
C PRO DA 242 78.11 -60.65 4.86
N PHE DA 243 77.47 -59.91 5.76
CA PHE DA 243 76.50 -58.89 5.38
C PHE DA 243 76.67 -57.72 6.32
N ALA DA 244 76.81 -56.51 5.78
CA ALA DA 244 77.08 -55.36 6.64
C ALA DA 244 78.38 -55.68 7.39
N ASP DA 245 78.37 -55.77 8.71
CA ASP DA 245 79.53 -56.20 9.48
C ASP DA 245 79.30 -57.56 10.14
N SER DA 246 78.19 -58.23 9.84
CA SER DA 246 77.84 -59.50 10.46
C SER DA 246 77.60 -60.57 9.41
N TYR DA 247 77.03 -61.71 9.79
CA TYR DA 247 76.88 -62.83 8.87
C TYR DA 247 75.45 -63.10 8.42
N ALA DA 248 74.44 -62.75 9.21
CA ALA DA 248 73.04 -62.80 8.78
C ALA DA 248 72.65 -64.21 8.34
N PHE DA 249 72.63 -65.13 9.30
CA PHE DA 249 72.40 -66.55 9.03
C PHE DA 249 70.90 -66.85 8.94
N ILE DA 250 70.56 -68.14 8.92
CA ILE DA 250 69.20 -68.62 9.02
C ILE DA 250 69.16 -69.59 10.20
N SER DA 251 68.18 -69.44 11.08
CA SER DA 251 68.15 -70.22 12.31
C SER DA 251 67.96 -71.70 12.01
N HIS DA 252 68.50 -72.54 12.90
CA HIS DA 252 68.41 -73.98 12.76
C HIS DA 252 67.08 -74.49 13.32
N PRO DA 253 66.60 -75.64 12.84
CA PRO DA 253 65.39 -76.24 13.43
C PRO DA 253 65.54 -76.61 14.89
N ALA DA 254 66.77 -76.71 15.41
CA ALA DA 254 66.95 -77.00 16.83
C ALA DA 254 66.33 -75.91 17.70
N THR DA 255 66.48 -74.65 17.29
CA THR DA 255 65.82 -73.54 17.97
C THR DA 255 64.32 -73.61 17.63
N GLY DA 256 63.54 -72.70 18.22
CA GLY DA 256 62.09 -72.80 18.18
C GLY DA 256 61.53 -72.91 16.77
N ALA DA 257 62.03 -72.09 15.85
CA ALA DA 257 61.52 -72.11 14.49
C ALA DA 257 62.56 -71.49 13.57
N PRO DA 258 62.61 -71.91 12.31
CA PRO DA 258 63.55 -71.30 11.37
C PRO DA 258 63.15 -69.86 11.04
N SER DA 259 64.14 -68.98 11.08
CA SER DA 259 63.92 -67.58 10.76
C SER DA 259 65.26 -66.94 10.41
N VAL DA 260 65.19 -65.82 9.69
CA VAL DA 260 66.40 -65.09 9.30
C VAL DA 260 66.83 -64.24 10.48
N TYR DA 261 68.13 -63.95 10.58
CA TYR DA 261 68.65 -63.19 11.71
C TYR DA 261 69.82 -62.34 11.23
N ILE DA 262 70.34 -61.52 12.13
CA ILE DA 262 71.57 -60.78 11.92
C ILE DA 262 72.32 -60.73 13.24
N ILE DA 263 73.61 -61.04 13.20
CA ILE DA 263 74.41 -61.07 14.42
C ILE DA 263 74.72 -59.65 14.88
N GLY DA 264 74.51 -59.39 16.16
CA GLY DA 264 74.86 -58.12 16.77
C GLY DA 264 76.20 -58.19 17.47
N SER DA 265 76.31 -57.46 18.58
CA SER DA 265 77.53 -57.52 19.38
C SER DA 265 77.70 -58.90 20.01
N GLY DA 266 76.65 -59.39 20.67
CA GLY DA 266 76.70 -60.70 21.28
C GLY DA 266 75.37 -61.44 21.21
N GLN DA 267 74.51 -61.04 20.27
CA GLN DA 267 73.18 -61.63 20.16
C GLN DA 267 72.69 -61.43 18.72
N ALA DA 268 71.65 -62.18 18.38
CA ALA DA 268 71.08 -62.15 17.04
C ALA DA 268 69.75 -61.40 17.06
N SER DA 269 69.56 -60.52 16.07
CA SER DA 269 68.35 -59.73 15.95
C SER DA 269 67.61 -60.12 14.68
N PRO DA 270 66.33 -60.49 14.77
CA PRO DA 270 65.61 -60.93 13.57
C PRO DA 270 65.39 -59.80 12.58
N ILE DA 271 65.31 -60.19 11.30
CA ILE DA 271 65.02 -59.24 10.23
C ILE DA 271 63.93 -59.75 9.29
N ALA DA 272 63.22 -60.81 9.67
CA ALA DA 272 62.22 -61.43 8.81
C ALA DA 272 60.83 -61.20 9.39
N THR DA 273 59.90 -60.77 8.55
CA THR DA 273 58.52 -60.62 8.97
C THR DA 273 57.87 -61.99 9.16
N ALA DA 274 56.66 -61.99 9.73
CA ALA DA 274 55.97 -63.24 9.99
C ALA DA 274 55.68 -64.00 8.70
N SER DA 275 55.33 -63.28 7.63
CA SER DA 275 55.06 -63.95 6.36
C SER DA 275 56.29 -64.65 5.81
N ILE DA 276 57.47 -64.05 5.98
CA ILE DA 276 58.70 -64.66 5.49
C ILE DA 276 58.96 -65.98 6.21
N GLU DA 277 58.76 -66.00 7.54
CA GLU DA 277 58.93 -67.24 8.28
C GLU DA 277 57.85 -68.25 7.91
N LYS DA 278 56.64 -67.78 7.57
CA LYS DA 278 55.62 -68.70 7.07
C LYS DA 278 56.06 -69.36 5.78
N ILE DA 279 56.76 -68.63 4.92
CA ILE DA 279 57.28 -69.20 3.68
C ILE DA 279 58.41 -70.18 3.98
N ILE DA 280 59.29 -69.82 4.92
CA ILE DA 280 60.43 -70.68 5.24
C ILE DA 280 59.95 -72.00 5.85
N ARG DA 281 58.92 -71.95 6.69
CA ARG DA 281 58.40 -73.17 7.31
C ARG DA 281 57.76 -74.12 6.31
N SER DA 282 57.46 -73.67 5.09
CA SER DA 282 56.83 -74.53 4.11
C SER DA 282 57.75 -75.66 3.68
N TYR DA 283 59.06 -75.46 3.74
CA TYR DA 283 60.02 -76.47 3.33
C TYR DA 283 60.32 -77.42 4.48
N THR DA 284 60.51 -78.69 4.16
CA THR DA 284 60.91 -79.66 5.17
C THR DA 284 62.36 -79.42 5.60
N ALA DA 285 62.76 -80.09 6.68
CA ALA DA 285 64.09 -79.86 7.25
C ALA DA 285 65.18 -80.20 6.26
N GLU DA 286 65.05 -81.34 5.56
CA GLU DA 286 66.08 -81.75 4.61
C GLU DA 286 66.15 -80.79 3.43
N GLU DA 287 65.00 -80.30 2.97
CA GLU DA 287 64.99 -79.45 1.79
C GLU DA 287 65.54 -78.05 2.09
N MET DA 288 65.46 -77.63 3.35
CA MET DA 288 65.96 -76.30 3.71
C MET DA 288 67.49 -76.26 3.70
N ALA DA 289 68.14 -77.39 3.95
CA ALA DA 289 69.59 -77.44 4.03
C ALA DA 289 70.27 -77.15 2.69
N THR DA 290 69.53 -77.16 1.58
CA THR DA 290 70.08 -76.85 0.28
C THR DA 290 69.78 -75.42 -0.16
N GLY DA 291 69.73 -74.49 0.77
CA GLY DA 291 69.41 -73.09 0.48
C GLY DA 291 70.67 -72.25 0.52
N VAL DA 292 70.97 -71.62 -0.62
CA VAL DA 292 72.16 -70.79 -0.76
C VAL DA 292 71.78 -69.35 -0.43
N MET DA 293 72.72 -68.60 0.14
CA MET DA 293 72.53 -67.17 0.41
C MET DA 293 73.69 -66.40 -0.17
N GLU DA 294 73.46 -65.15 -0.54
CA GLU DA 294 74.49 -64.29 -1.08
C GLU DA 294 74.26 -62.84 -0.64
N THR DA 295 75.14 -61.97 -1.11
CA THR DA 295 75.03 -60.53 -0.91
C THR DA 295 75.38 -59.83 -2.20
N LEU DA 296 74.67 -58.75 -2.50
CA LEU DA 296 74.91 -57.98 -3.71
C LEU DA 296 74.68 -56.51 -3.39
N ARG DA 297 75.52 -55.64 -3.96
CA ARG DA 297 75.42 -54.20 -3.74
C ARG DA 297 75.66 -53.48 -5.04
N PHE DA 298 74.61 -52.85 -5.57
CA PHE DA 298 74.73 -51.97 -6.72
C PHE DA 298 73.94 -50.69 -6.43
N ASP DA 299 74.45 -49.57 -6.93
CA ASP DA 299 73.91 -48.24 -6.64
C ASP DA 299 73.85 -48.10 -5.12
N SER DA 300 72.74 -47.66 -4.54
CA SER DA 300 72.65 -47.51 -3.09
C SER DA 300 72.08 -48.74 -2.39
N HIS DA 301 71.73 -49.78 -3.15
CA HIS DA 301 71.13 -50.96 -2.56
C HIS DA 301 72.16 -51.83 -1.85
N GLU DA 302 71.69 -52.57 -0.86
CA GLU DA 302 72.48 -53.60 -0.19
C GLU DA 302 71.55 -54.80 0.03
N LEU DA 303 71.57 -55.73 -0.92
CA LEU DA 303 70.59 -56.81 -0.98
C LEU DA 303 71.13 -58.07 -0.33
N LEU DA 304 70.22 -58.90 0.17
CA LEU DA 304 70.55 -60.20 0.75
C LEU DA 304 69.61 -61.22 0.08
N ILE DA 305 70.17 -62.04 -0.81
CA ILE DA 305 69.39 -62.93 -1.66
C ILE DA 305 69.47 -64.34 -1.09
N ILE DA 306 68.32 -64.98 -0.92
CA ILE DA 306 68.23 -66.33 -0.39
C ILE DA 306 67.67 -67.21 -1.50
N HIS DA 307 68.41 -68.24 -1.89
CA HIS DA 307 68.01 -69.14 -2.97
C HIS DA 307 67.43 -70.43 -2.38
N LEU DA 308 66.19 -70.33 -1.93
CA LEU DA 308 65.45 -71.51 -1.48
C LEU DA 308 65.03 -72.34 -2.69
N PRO DA 309 64.66 -73.60 -2.48
CA PRO DA 309 64.33 -74.46 -3.63
C PRO DA 309 63.23 -73.91 -4.54
N ARG DA 310 62.23 -73.24 -3.98
CA ARG DA 310 61.15 -72.67 -4.78
C ARG DA 310 60.96 -71.17 -4.59
N HIS DA 311 61.81 -70.52 -3.80
CA HIS DA 311 61.67 -69.09 -3.56
C HIS DA 311 63.04 -68.43 -3.58
N VAL DA 312 63.06 -67.19 -4.06
CA VAL DA 312 64.29 -66.44 -4.27
C VAL DA 312 64.22 -65.15 -3.47
N LEU DA 313 63.63 -65.22 -2.28
CA LEU DA 313 63.39 -64.06 -1.44
C LEU DA 313 64.62 -63.14 -1.38
N VAL DA 314 64.36 -61.83 -1.43
CA VAL DA 314 65.41 -60.80 -1.45
C VAL DA 314 65.07 -59.75 -0.41
N TYR DA 315 66.07 -59.38 0.40
CA TYR DA 315 65.91 -58.37 1.45
C TYR DA 315 66.73 -57.15 1.09
N ASP DA 316 66.09 -55.98 1.10
CA ASP DA 316 66.74 -54.72 0.75
C ASP DA 316 66.99 -53.93 2.03
N ALA DA 317 68.27 -53.74 2.38
CA ALA DA 317 68.60 -53.11 3.64
C ALA DA 317 68.36 -51.61 3.62
N SER DA 318 68.71 -50.95 2.52
CA SER DA 318 68.66 -49.49 2.50
C SER DA 318 67.23 -48.97 2.42
N SER DA 319 66.33 -49.73 1.80
CA SER DA 319 64.95 -49.30 1.61
C SER DA 319 64.05 -49.64 2.79
N SER DA 320 64.55 -50.33 3.81
CA SER DA 320 63.73 -50.74 4.94
C SER DA 320 63.76 -49.65 6.00
N GLN DA 321 63.14 -48.52 5.67
CA GLN DA 321 63.06 -47.39 6.60
C GLN DA 321 62.06 -47.67 7.71
N ASN DA 322 60.84 -48.05 7.35
CA ASN DA 322 59.78 -48.37 8.29
C ASN DA 322 59.38 -49.83 8.07
N GLY DA 323 60.07 -50.73 8.76
CA GLY DA 323 59.83 -52.14 8.64
C GLY DA 323 60.66 -52.77 7.54
N PRO DA 324 60.85 -54.08 7.59
CA PRO DA 324 61.64 -54.78 6.58
C PRO DA 324 60.99 -54.72 5.20
N GLN DA 325 61.85 -54.75 4.18
CA GLN DA 325 61.43 -54.68 2.79
C GLN DA 325 61.92 -55.93 2.06
N TRP DA 326 61.04 -56.94 1.99
CA TRP DA 326 61.36 -58.18 1.32
C TRP DA 326 60.78 -58.20 -0.09
N CYS DA 327 61.43 -58.98 -0.96
CA CYS DA 327 61.02 -59.09 -2.35
C CYS DA 327 61.29 -60.51 -2.82
N VAL DA 328 60.60 -60.91 -3.88
CA VAL DA 328 60.73 -62.24 -4.45
C VAL DA 328 60.96 -62.09 -5.95
N LEU DA 329 61.80 -62.96 -6.50
CA LEU DA 329 62.17 -62.92 -7.92
C LEU DA 329 61.76 -64.22 -8.59
N LYS DA 330 61.37 -64.14 -9.86
CA LYS DA 330 61.00 -65.31 -10.63
C LYS DA 330 61.20 -65.02 -12.12
N THR DA 331 61.41 -66.09 -12.89
CA THR DA 331 61.72 -65.92 -14.31
C THR DA 331 60.48 -66.04 -15.18
N GLY DA 332 59.81 -67.19 -15.13
CA GLY DA 332 58.73 -67.45 -16.05
C GLY DA 332 57.48 -66.62 -15.76
N LEU DA 333 56.56 -66.67 -16.72
CA LEU DA 333 55.27 -66.02 -16.52
C LEU DA 333 54.51 -66.65 -15.38
N TYR DA 334 54.58 -67.97 -15.25
CA TYR DA 334 54.02 -68.66 -14.11
C TYR DA 334 55.05 -68.74 -12.99
N ASP DA 335 54.68 -69.44 -11.92
CA ASP DA 335 55.58 -69.57 -10.78
C ASP DA 335 56.80 -70.39 -11.16
N ASP DA 336 57.99 -69.86 -10.89
CA ASP DA 336 59.23 -70.53 -11.23
C ASP DA 336 60.36 -69.92 -10.40
N VAL DA 337 61.47 -70.64 -10.35
CA VAL DA 337 62.63 -70.18 -9.59
C VAL DA 337 63.49 -69.28 -10.47
N TYR DA 338 64.15 -68.31 -9.85
CA TYR DA 338 64.96 -67.35 -10.58
C TYR DA 338 66.16 -68.03 -11.23
N ARG DA 339 66.71 -67.37 -12.24
CA ARG DA 339 67.84 -67.88 -13.01
C ARG DA 339 69.06 -67.03 -12.74
N GLY DA 340 70.16 -67.67 -12.37
CA GLY DA 340 71.37 -66.95 -12.03
C GLY DA 340 71.71 -67.05 -10.56
N VAL DA 341 72.67 -67.90 -10.23
CA VAL DA 341 72.98 -68.14 -8.82
C VAL DA 341 73.91 -67.08 -8.28
N ASP DA 342 75.13 -67.01 -8.79
CA ASP DA 342 76.22 -66.29 -8.14
C ASP DA 342 76.41 -64.93 -8.79
N PHE DA 343 76.24 -63.87 -8.01
CA PHE DA 343 76.49 -62.51 -8.46
C PHE DA 343 77.82 -62.04 -7.90
N MET DA 344 78.71 -61.59 -8.78
CA MET DA 344 80.01 -61.06 -8.37
C MET DA 344 80.36 -59.88 -9.26
N TYR DA 345 80.93 -58.84 -8.65
CA TYR DA 345 81.21 -57.59 -9.36
C TYR DA 345 82.63 -57.64 -9.92
N GLU DA 346 82.74 -57.75 -11.24
CA GLU DA 346 84.02 -57.82 -11.94
C GLU DA 346 84.17 -56.60 -12.83
N GLY DA 347 85.30 -55.91 -12.69
CA GLY DA 347 85.50 -54.70 -13.49
C GLY DA 347 84.52 -53.63 -13.07
N ASN DA 348 83.66 -53.23 -14.02
CA ASN DA 348 82.55 -52.34 -13.74
C ASN DA 348 81.19 -52.98 -13.99
N GLN DA 349 81.14 -54.31 -14.10
CA GLN DA 349 79.93 -55.05 -14.40
C GLN DA 349 79.72 -56.15 -13.38
N ILE DA 350 78.50 -56.67 -13.33
CA ILE DA 350 78.12 -57.77 -12.44
C ILE DA 350 77.94 -59.02 -13.30
N THR DA 351 78.55 -60.11 -12.88
CA THR DA 351 78.58 -61.36 -13.65
C THR DA 351 77.77 -62.41 -12.92
N CYS DA 352 76.50 -62.54 -13.28
CA CYS DA 352 75.64 -63.55 -12.68
C CYS DA 352 75.92 -64.93 -13.26
N GLY DA 353 75.67 -65.95 -12.45
CA GLY DA 353 75.81 -67.32 -12.87
C GLY DA 353 74.56 -67.84 -13.54
N ASP DA 354 74.36 -69.15 -13.46
CA ASP DA 354 73.16 -69.80 -13.97
C ASP DA 354 72.94 -71.12 -13.25
N LYS DA 355 71.68 -71.52 -13.15
CA LYS DA 355 71.33 -72.74 -12.42
C LYS DA 355 70.54 -73.75 -13.24
N SER DA 356 70.29 -73.47 -14.52
CA SER DA 356 69.54 -74.40 -15.36
C SER DA 356 70.15 -74.61 -16.75
N GLU DA 357 71.25 -73.93 -17.07
CA GLU DA 357 71.86 -74.05 -18.39
C GLU DA 357 73.36 -73.76 -18.26
N ALA DA 358 74.11 -74.27 -19.24
CA ALA DA 358 75.57 -74.13 -19.25
C ALA DA 358 75.96 -72.82 -19.93
N VAL DA 359 75.84 -71.73 -19.17
CA VAL DA 359 76.11 -70.40 -19.69
C VAL DA 359 76.31 -69.47 -18.50
N VAL DA 360 77.04 -68.37 -18.72
CA VAL DA 360 77.23 -67.33 -17.72
C VAL DA 360 76.87 -66.00 -18.38
N GLY DA 361 76.31 -65.08 -17.60
CA GLY DA 361 75.81 -63.83 -18.13
C GLY DA 361 76.08 -62.68 -17.21
N GLN DA 362 75.91 -61.47 -17.75
CA GLN DA 362 76.15 -60.23 -17.02
C GLN DA 362 74.87 -59.44 -16.89
N LEU DA 363 74.74 -58.70 -15.78
CA LEU DA 363 73.60 -57.84 -15.59
C LEU DA 363 73.68 -56.61 -16.48
N GLN DA 364 72.53 -56.17 -16.97
CA GLN DA 364 72.43 -54.97 -17.79
C GLN DA 364 71.28 -54.13 -17.26
N PHE DA 365 71.47 -52.80 -17.22
CA PHE DA 365 70.56 -51.95 -16.47
C PHE DA 365 69.45 -51.38 -17.34
N ASP DA 366 69.70 -51.18 -18.62
CA ASP DA 366 68.72 -50.56 -19.50
C ASP DA 366 67.80 -51.56 -20.19
N ILE DA 367 67.89 -52.84 -19.84
CA ILE DA 367 67.02 -53.88 -20.38
C ILE DA 367 66.51 -54.73 -19.23
N SER DA 368 65.25 -55.15 -19.33
CA SER DA 368 64.60 -55.92 -18.26
C SER DA 368 64.33 -57.37 -18.66
N SER DA 369 64.99 -57.88 -19.68
CA SER DA 369 64.79 -59.24 -20.15
C SER DA 369 65.96 -60.11 -19.72
N GLN DA 370 65.65 -61.29 -19.19
CA GLN DA 370 66.69 -62.25 -18.89
C GLN DA 370 67.04 -63.01 -20.17
N TYR DA 371 68.27 -62.81 -20.65
CA TYR DA 371 68.72 -63.26 -21.97
C TYR DA 371 67.84 -62.55 -23.00
N ASP DA 372 66.94 -63.24 -23.72
CA ASP DA 372 66.12 -62.60 -24.73
C ASP DA 372 64.67 -63.10 -24.57
N LYS DA 373 64.17 -63.05 -23.34
CA LYS DA 373 62.79 -63.40 -23.05
C LYS DA 373 62.18 -62.36 -22.11
N GLN DA 374 60.90 -62.07 -22.32
CA GLN DA 374 60.21 -61.08 -21.50
C GLN DA 374 59.98 -61.60 -20.09
N GLN DA 375 59.63 -60.69 -19.18
CA GLN DA 375 59.51 -61.01 -17.77
C GLN DA 375 58.24 -60.40 -17.19
N GLU DA 376 57.76 -60.99 -16.09
CA GLU DA 376 56.55 -60.53 -15.43
C GLU DA 376 56.91 -59.69 -14.21
N HIS DA 377 56.17 -58.59 -14.01
CA HIS DA 377 56.34 -57.72 -12.87
C HIS DA 377 54.97 -57.45 -12.25
N LEU DA 378 54.87 -57.56 -10.93
CA LEU DA 378 53.61 -57.39 -10.23
C LEU DA 378 53.76 -56.38 -9.11
N LEU DA 379 52.66 -55.69 -8.80
CA LEU DA 379 52.58 -54.81 -7.64
C LEU DA 379 51.21 -54.97 -7.00
N PHE DA 380 51.18 -55.05 -5.67
CA PHE DA 380 49.94 -55.25 -4.93
C PHE DA 380 49.70 -54.09 -3.98
N THR DA 381 48.52 -53.50 -4.08
CA THR DA 381 48.11 -52.44 -3.18
C THR DA 381 47.42 -53.03 -1.95
N PRO DA 382 47.79 -52.60 -0.76
CA PRO DA 382 47.17 -53.15 0.46
C PRO DA 382 45.67 -52.90 0.48
N LEU DA 383 44.96 -53.85 1.08
CA LEU DA 383 43.50 -53.79 1.10
C LEU DA 383 43.02 -52.62 1.97
N PHE DA 384 42.03 -51.90 1.44
CA PHE DA 384 41.44 -50.77 2.14
C PHE DA 384 39.96 -51.06 2.40
N LYS DA 385 39.46 -50.52 3.51
CA LYS DA 385 38.06 -50.67 3.89
C LYS DA 385 37.35 -49.33 3.75
N ALA DA 386 36.67 -49.15 2.62
CA ALA DA 386 35.80 -48.00 2.40
C ALA DA 386 34.45 -48.49 1.92
N ASP DA 387 33.38 -48.00 2.55
CA ASP DA 387 32.03 -48.45 2.26
C ASP DA 387 31.29 -47.42 1.41
N ASN DA 388 30.66 -47.90 0.34
CA ASN DA 388 29.75 -47.12 -0.48
C ASN DA 388 30.43 -45.96 -1.21
N ALA DA 389 31.76 -45.98 -1.29
CA ALA DA 389 32.48 -44.95 -2.03
C ALA DA 389 32.65 -45.37 -3.49
N ARG DA 390 33.08 -44.41 -4.32
CA ARG DA 390 33.33 -44.66 -5.73
C ARG DA 390 34.66 -44.04 -6.13
N CYS DA 391 35.57 -44.88 -6.62
CA CYS DA 391 36.87 -44.44 -7.09
C CYS DA 391 36.80 -44.18 -8.59
N PHE DA 392 37.36 -43.06 -9.02
CA PHE DA 392 37.31 -42.71 -10.44
C PHE DA 392 38.68 -42.65 -11.11
N ASP DA 393 39.59 -41.81 -10.62
CA ASP DA 393 40.84 -41.53 -11.31
C ASP DA 393 41.99 -42.25 -10.63
N LEU DA 394 42.32 -43.44 -11.13
CA LEU DA 394 43.49 -44.19 -10.67
C LEU DA 394 44.63 -43.88 -11.62
N GLU DA 395 45.58 -43.05 -11.17
CA GLU DA 395 46.65 -42.54 -12.03
C GLU DA 395 48.01 -42.88 -11.42
N VAL DA 396 48.63 -43.94 -11.92
CA VAL DA 396 50.02 -44.22 -11.59
C VAL DA 396 50.92 -43.39 -12.50
N GLU DA 397 52.11 -43.07 -12.02
CA GLU DA 397 53.04 -42.18 -12.73
C GLU DA 397 54.26 -42.99 -13.14
N SER DA 398 54.46 -43.15 -14.45
CA SER DA 398 55.57 -43.92 -14.96
C SER DA 398 56.53 -43.03 -15.74
N SER DA 399 57.75 -43.54 -15.94
CA SER DA 399 58.74 -42.90 -16.78
C SER DA 399 58.99 -43.79 -18.00
N THR DA 400 58.93 -43.18 -19.18
CA THR DA 400 58.86 -43.93 -20.42
C THR DA 400 59.97 -43.47 -21.37
N GLY DA 401 60.11 -44.20 -22.47
CA GLY DA 401 61.00 -43.77 -23.54
C GLY DA 401 62.22 -44.64 -23.75
N VAL DA 402 62.28 -45.80 -23.10
CA VAL DA 402 63.41 -46.71 -23.26
C VAL DA 402 62.86 -48.10 -23.62
N ALA DA 403 61.71 -48.12 -24.30
CA ALA DA 403 61.08 -49.36 -24.67
C ALA DA 403 61.26 -49.62 -26.17
N GLN DA 404 61.02 -50.87 -26.55
CA GLN DA 404 61.04 -51.27 -27.95
C GLN DA 404 59.65 -51.43 -28.55
N TYR DA 405 58.62 -51.53 -27.71
CA TYR DA 405 57.24 -51.63 -28.17
C TYR DA 405 56.34 -51.02 -27.09
N ALA DA 406 55.17 -50.56 -27.52
CA ALA DA 406 54.20 -49.94 -26.61
C ALA DA 406 53.57 -51.03 -25.75
N ASP DA 407 54.30 -51.41 -24.70
CA ASP DA 407 53.84 -52.47 -23.81
C ASP DA 407 52.62 -52.01 -23.02
N ARG DA 408 51.80 -52.97 -22.61
CA ARG DA 408 50.55 -52.70 -21.92
C ARG DA 408 50.60 -53.18 -20.47
N LEU DA 409 49.71 -52.64 -19.66
CA LEU DA 409 49.64 -52.92 -18.23
C LEU DA 409 48.26 -53.46 -17.90
N PHE DA 410 48.22 -54.52 -17.08
CA PHE DA 410 46.97 -55.14 -16.66
C PHE DA 410 46.71 -54.74 -15.21
N LEU DA 411 45.52 -54.23 -14.94
CA LEU DA 411 45.11 -53.93 -13.57
C LEU DA 411 43.77 -54.58 -13.28
N SER DA 412 43.56 -54.95 -12.01
CA SER DA 412 42.36 -55.66 -11.59
C SER DA 412 42.12 -55.39 -10.11
N ALA DA 413 40.94 -55.75 -9.64
CA ALA DA 413 40.53 -55.46 -8.28
C ALA DA 413 39.95 -56.69 -7.60
N THR DA 414 40.11 -56.75 -6.28
CA THR DA 414 39.56 -57.82 -5.45
C THR DA 414 38.51 -57.25 -4.53
N THR DA 415 37.45 -58.02 -4.30
CA THR DA 415 36.46 -57.63 -3.31
C THR DA 415 36.65 -58.39 -2.01
N ASP DA 416 37.14 -59.64 -2.10
CA ASP DA 416 37.40 -60.45 -0.93
C ASP DA 416 38.88 -60.60 -0.61
N GLY DA 417 39.77 -60.09 -1.47
CA GLY DA 417 41.18 -60.10 -1.21
C GLY DA 417 41.91 -61.37 -1.59
N ILE DA 418 41.23 -62.34 -2.20
CA ILE DA 418 41.83 -63.61 -2.60
C ILE DA 418 41.89 -63.74 -4.12
N ASN DA 419 40.75 -63.64 -4.79
CA ASN DA 419 40.65 -63.83 -6.23
C ASN DA 419 40.27 -62.54 -6.91
N TYR DA 420 40.82 -62.32 -8.10
CA TYR DA 420 40.73 -61.03 -8.78
C TYR DA 420 39.65 -61.05 -9.86
N GLY DA 421 39.24 -59.85 -10.25
CA GLY DA 421 38.20 -59.69 -11.25
C GLY DA 421 38.78 -59.63 -12.65
N ARG DA 422 38.13 -58.85 -13.50
CA ARG DA 422 38.56 -58.73 -14.89
C ARG DA 422 39.86 -57.94 -14.98
N GLU DA 423 40.64 -58.23 -16.02
CA GLU DA 423 41.90 -57.56 -16.25
C GLU DA 423 41.71 -56.49 -17.33
N GLN DA 424 41.94 -55.24 -16.97
CA GLN DA 424 41.84 -54.12 -17.90
C GLN DA 424 43.22 -53.77 -18.42
N MET DA 425 43.31 -53.51 -19.72
CA MET DA 425 44.58 -53.33 -20.39
C MET DA 425 44.82 -51.85 -20.71
N ILE DA 426 45.89 -51.29 -20.16
CA ILE DA 426 46.31 -49.92 -20.43
C ILE DA 426 47.77 -49.94 -20.82
N GLU DA 427 48.12 -49.21 -21.88
CA GLU DA 427 49.52 -49.08 -22.24
C GLU DA 427 50.23 -48.15 -21.26
N GLN DA 428 51.40 -48.58 -20.79
CA GLN DA 428 52.14 -47.82 -19.79
C GLN DA 428 53.49 -47.34 -20.29
N ASN DA 429 53.86 -47.65 -21.52
CA ASN DA 429 55.16 -47.24 -22.05
C ASN DA 429 55.05 -47.11 -23.55
N GLU DA 430 55.80 -46.15 -24.11
CA GLU DA 430 55.87 -45.91 -25.53
C GLU DA 430 57.34 -45.75 -25.90
N PRO DA 431 57.79 -46.27 -27.05
CA PRO DA 431 59.24 -46.41 -27.27
C PRO DA 431 60.03 -45.12 -27.14
N PHE DA 432 59.51 -44.01 -27.65
CA PHE DA 432 60.24 -42.75 -27.64
C PHE DA 432 59.38 -41.56 -27.24
N VAL DA 433 58.42 -41.74 -26.35
CA VAL DA 433 57.63 -40.65 -25.80
C VAL DA 433 58.02 -40.50 -24.35
N TYR DA 434 58.57 -39.34 -24.00
CA TYR DA 434 59.06 -39.09 -22.65
C TYR DA 434 58.02 -38.47 -21.74
N ASP DA 435 56.85 -38.12 -22.26
CA ASP DA 435 55.78 -37.51 -21.48
C ASP DA 435 54.44 -38.11 -21.90
N LYS DA 436 53.86 -38.93 -21.03
CA LYS DA 436 52.53 -39.46 -21.26
C LYS DA 436 51.90 -39.80 -19.91
N ARG DA 437 50.59 -39.95 -19.93
CA ARG DA 437 49.80 -40.16 -18.71
C ARG DA 437 49.23 -41.57 -18.73
N VAL DA 438 49.34 -42.27 -17.60
CA VAL DA 438 48.78 -43.60 -17.43
C VAL DA 438 47.72 -43.51 -16.34
N LEU DA 439 46.46 -43.71 -16.72
CA LEU DA 439 45.37 -43.60 -15.76
C LEU DA 439 44.15 -44.34 -16.29
N TRP DA 440 43.22 -44.60 -15.38
CA TRP DA 440 41.92 -45.19 -15.72
C TRP DA 440 40.83 -44.26 -15.17
N LYS DA 441 39.82 -43.99 -15.98
CA LYS DA 441 38.91 -42.88 -15.69
C LYS DA 441 37.77 -43.29 -14.78
N ARG DA 442 37.41 -44.57 -14.77
CA ARG DA 442 36.30 -45.07 -13.97
C ARG DA 442 36.67 -46.39 -13.31
N VAL DA 443 36.49 -46.47 -12.00
CA VAL DA 443 36.69 -47.71 -11.27
C VAL DA 443 35.42 -48.22 -10.60
N GLY DA 444 34.46 -47.36 -10.30
CA GLY DA 444 33.15 -47.79 -9.85
C GLY DA 444 33.05 -47.96 -8.35
N ARG DA 445 31.83 -48.29 -7.90
CA ARG DA 445 31.56 -48.40 -6.47
C ARG DA 445 32.30 -49.59 -5.87
N ILE DA 446 32.67 -49.45 -4.61
CA ILE DA 446 33.29 -50.51 -3.84
C ILE DA 446 32.35 -50.85 -2.69
N ARG DA 447 31.99 -52.13 -2.57
CA ARG DA 447 30.94 -52.52 -1.63
C ARG DA 447 31.46 -52.54 -0.20
N ARG DA 448 32.47 -53.37 0.08
CA ARG DA 448 33.01 -53.45 1.43
C ARG DA 448 34.49 -53.11 1.48
N LEU DA 449 35.26 -53.64 0.54
CA LEU DA 449 36.71 -53.43 0.52
C LEU DA 449 37.24 -53.80 -0.84
N ILE DA 450 38.39 -53.22 -1.19
CA ILE DA 450 38.97 -53.39 -2.52
C ILE DA 450 40.49 -53.31 -2.46
N GLY DA 451 41.14 -54.07 -3.34
CA GLY DA 451 42.58 -53.99 -3.49
C GLY DA 451 42.95 -54.25 -4.93
N PHE DA 452 44.08 -53.69 -5.35
CA PHE DA 452 44.42 -53.60 -6.76
C PHE DA 452 45.63 -54.47 -7.09
N LYS DA 453 45.93 -54.54 -8.39
CA LYS DA 453 47.04 -55.32 -8.93
C LYS DA 453 47.51 -54.66 -10.22
N LEU DA 454 48.80 -54.79 -10.51
CA LEU DA 454 49.44 -54.02 -11.59
C LEU DA 454 50.35 -54.89 -12.45
N ARG DA 455 49.83 -56.00 -12.96
CA ARG DA 455 50.61 -56.86 -13.85
C ARG DA 455 51.25 -56.07 -14.99
N VAL DA 456 52.53 -56.28 -15.21
CA VAL DA 456 53.27 -55.70 -16.32
C VAL DA 456 54.15 -56.78 -16.92
N ILE DA 457 54.07 -56.95 -18.24
CA ILE DA 457 54.92 -57.91 -18.94
C ILE DA 457 55.69 -57.19 -20.03
N THR DA 458 56.99 -57.01 -19.82
CA THR DA 458 57.84 -56.25 -20.72
C THR DA 458 59.19 -56.93 -20.86
N LYS DA 459 60.01 -56.37 -21.74
CA LYS DA 459 61.45 -56.60 -21.76
C LYS DA 459 62.19 -55.27 -21.83
N SER DA 460 61.66 -54.28 -21.13
CA SER DA 460 62.19 -52.93 -21.05
C SER DA 460 62.02 -52.46 -19.62
N PRO DA 461 62.83 -51.48 -19.19
CA PRO DA 461 62.76 -51.05 -17.78
C PRO DA 461 61.38 -50.55 -17.41
N VAL DA 462 60.94 -50.88 -16.21
CA VAL DA 462 59.62 -50.53 -15.70
C VAL DA 462 59.80 -49.69 -14.45
N THR DA 463 59.23 -48.49 -14.45
CA THR DA 463 59.30 -47.58 -13.30
C THR DA 463 57.90 -47.07 -13.00
N LEU DA 464 57.47 -47.22 -11.75
CA LEU DA 464 56.18 -46.71 -11.30
C LEU DA 464 56.37 -46.07 -9.94
N SER DA 465 55.73 -44.93 -9.73
CA SER DA 465 55.93 -44.17 -8.49
C SER DA 465 54.68 -43.34 -8.21
N GLY DA 466 53.88 -43.78 -7.24
CA GLY DA 466 52.76 -42.99 -6.78
C GLY DA 466 51.45 -43.37 -7.44
N CYS DA 467 50.59 -44.07 -6.71
CA CYS DA 467 49.27 -44.44 -7.20
C CYS DA 467 48.24 -43.70 -6.36
N GLN DA 468 47.37 -42.93 -7.02
CA GLN DA 468 46.37 -42.14 -6.32
C GLN DA 468 45.01 -42.35 -6.97
N ILE DA 469 43.96 -42.30 -6.15
CA ILE DA 469 42.58 -42.46 -6.60
C ILE DA 469 41.75 -41.34 -6.02
N ARG DA 470 40.85 -40.77 -6.83
CA ARG DA 470 39.87 -39.82 -6.32
C ARG DA 470 38.77 -40.60 -5.63
N LEU DA 471 38.76 -40.56 -4.29
CA LEU DA 471 38.02 -41.55 -3.52
C LEU DA 471 36.52 -41.37 -3.64
N GLU DA 472 36.06 -40.13 -3.85
CA GLU DA 472 34.62 -39.89 -4.02
C GLU DA 472 34.37 -38.90 -5.16
N ILE EA 3 30.84 -43.04 15.89
CA ILE EA 3 31.46 -44.35 15.74
C ILE EA 3 32.63 -44.51 16.70
N GLN EA 4 32.57 -45.54 17.52
CA GLN EA 4 33.62 -45.85 18.49
C GLN EA 4 34.10 -47.27 18.25
N GLN EA 5 35.38 -47.51 18.51
CA GLN EA 5 36.00 -48.82 18.36
C GLN EA 5 36.29 -49.40 19.74
N LEU EA 6 35.93 -50.66 19.94
CA LEU EA 6 36.11 -51.33 21.21
C LEU EA 6 37.26 -52.33 21.11
N PRO EA 7 38.36 -52.13 21.82
CA PRO EA 7 39.45 -53.12 21.81
C PRO EA 7 39.00 -54.40 22.50
N MET EA 8 39.55 -55.53 22.06
CA MET EA 8 39.24 -56.83 22.63
C MET EA 8 40.47 -57.64 23.00
N MET EA 9 41.66 -57.01 22.99
CA MET EA 9 42.87 -57.74 23.34
C MET EA 9 42.88 -58.11 24.82
N LYS EA 10 42.16 -57.34 25.65
CA LYS EA 10 42.02 -57.65 27.06
C LYS EA 10 40.80 -56.89 27.59
N GLY EA 11 40.08 -57.52 28.52
CA GLY EA 11 38.83 -56.94 29.00
C GLY EA 11 38.74 -56.88 30.51
N MET EA 12 38.26 -55.74 31.03
CA MET EA 12 38.18 -55.54 32.47
C MET EA 12 36.86 -56.06 33.02
N GLY EA 13 36.87 -56.35 34.31
CA GLY EA 13 35.69 -56.77 35.01
C GLY EA 13 35.92 -56.73 36.50
N LYS EA 14 35.09 -57.48 37.23
CA LYS EA 14 35.25 -57.60 38.68
C LYS EA 14 34.76 -58.97 39.12
N ASP EA 15 35.25 -59.40 40.28
CA ASP EA 15 34.92 -60.71 40.83
C ASP EA 15 33.94 -60.54 41.99
N PHE EA 16 33.00 -61.47 42.10
CA PHE EA 16 31.97 -61.36 43.12
C PHE EA 16 32.49 -61.71 44.51
N LYS EA 17 33.71 -62.22 44.60
CA LYS EA 17 34.23 -62.68 45.89
C LYS EA 17 34.55 -61.50 46.80
N ASN EA 18 35.25 -60.48 46.29
CA ASN EA 18 35.65 -59.34 47.09
C ASN EA 18 35.51 -58.01 46.36
N ALA EA 19 34.74 -57.98 45.28
CA ALA EA 19 34.42 -56.74 44.56
C ALA EA 19 35.67 -55.97 44.16
N ASP EA 20 36.68 -56.69 43.66
CA ASP EA 20 37.91 -56.09 43.18
C ASP EA 20 37.92 -56.13 41.66
N TYR EA 21 38.58 -55.13 41.06
CA TYR EA 21 38.66 -55.04 39.61
C TYR EA 21 39.75 -55.96 39.10
N ILE EA 22 39.35 -57.03 38.42
CA ILE EA 22 40.28 -57.95 37.77
C ILE EA 22 39.91 -58.00 36.28
N ASP EA 23 40.91 -58.05 35.42
CA ASP EA 23 40.64 -58.10 33.99
C ASP EA 23 40.51 -59.55 33.52
N TYR EA 24 39.64 -59.75 32.54
CA TYR EA 24 39.43 -61.07 31.95
C TYR EA 24 40.35 -61.24 30.75
N LEU EA 25 41.26 -62.19 30.86
CA LEU EA 25 42.15 -62.51 29.75
C LEU EA 25 41.39 -63.20 28.64
N PRO EA 26 41.78 -62.98 27.38
CA PRO EA 26 41.09 -63.67 26.27
C PRO EA 26 41.37 -65.16 26.29
N VAL EA 27 40.31 -65.96 26.38
CA VAL EA 27 40.46 -67.40 26.54
C VAL EA 27 40.71 -68.04 25.18
N ASN EA 28 41.80 -68.77 25.06
CA ASN EA 28 42.13 -69.68 23.97
C ASN EA 28 42.34 -68.98 22.63
N MET EA 29 42.67 -67.69 22.61
CA MET EA 29 42.94 -66.98 21.36
C MET EA 29 44.16 -66.08 21.55
N LEU EA 30 44.99 -66.00 20.51
CA LEU EA 30 46.24 -65.25 20.59
C LEU EA 30 46.04 -63.82 20.10
N ALA EA 31 47.11 -63.03 20.21
CA ALA EA 31 47.11 -61.64 19.77
C ALA EA 31 48.30 -61.39 18.84
N THR EA 32 48.04 -60.78 17.69
CA THR EA 32 49.05 -60.51 16.69
C THR EA 32 48.90 -59.07 16.20
N PRO EA 33 49.97 -58.26 16.22
CA PRO EA 33 49.89 -56.95 15.56
C PRO EA 33 50.28 -57.03 14.09
N LYS EA 34 49.38 -56.62 13.18
CA LYS EA 34 49.66 -56.82 11.76
C LYS EA 34 49.21 -55.62 10.91
N GLU EA 35 48.69 -54.56 11.52
CA GLU EA 35 48.21 -53.38 10.79
C GLU EA 35 47.11 -53.79 9.80
N ILE EA 36 45.97 -54.20 10.37
CA ILE EA 36 44.81 -54.68 9.63
C ILE EA 36 44.08 -53.51 9.00
N LEU EA 37 43.07 -53.82 8.18
CA LEU EA 37 42.37 -52.83 7.36
C LEU EA 37 42.18 -51.50 8.06
N ASN EA 38 41.46 -51.49 9.18
CA ASN EA 38 41.14 -50.26 9.88
C ASN EA 38 41.64 -50.22 11.31
N SER EA 39 42.17 -51.32 11.83
CA SER EA 39 42.72 -51.38 13.18
C SER EA 39 44.19 -51.79 13.08
N SER EA 40 44.80 -52.02 14.23
CA SER EA 40 46.20 -52.43 14.32
C SER EA 40 46.28 -53.76 15.06
N GLY EA 41 46.18 -54.85 14.32
CA GLY EA 41 46.32 -56.16 14.91
C GLY EA 41 45.05 -56.98 14.81
N TYR EA 42 45.22 -58.30 14.65
CA TYR EA 42 44.10 -59.22 14.56
C TYR EA 42 44.31 -60.34 15.55
N LEU EA 43 43.20 -60.92 16.02
CA LEU EA 43 43.22 -61.98 17.01
C LEU EA 43 42.93 -63.31 16.32
N ARG EA 44 43.80 -64.29 16.54
CA ARG EA 44 43.70 -65.59 15.88
C ARG EA 44 43.69 -66.70 16.93
N SER EA 45 42.90 -67.73 16.69
CA SER EA 45 42.78 -68.83 17.64
C SER EA 45 44.07 -69.65 17.68
N PHE EA 46 44.26 -70.36 18.79
CA PHE EA 46 45.41 -71.24 18.93
C PHE EA 46 45.28 -72.42 17.96
N PRO EA 47 46.39 -72.95 17.43
CA PRO EA 47 46.30 -74.09 16.53
C PRO EA 47 45.77 -75.34 17.24
N GLY EA 48 45.23 -76.25 16.44
CA GLY EA 48 44.55 -77.44 16.94
C GLY EA 48 45.46 -78.65 16.94
N ILE EA 49 45.22 -79.56 17.88
CA ILE EA 49 46.04 -80.76 18.02
C ILE EA 49 45.44 -81.90 17.21
N THR EA 50 46.30 -82.66 16.53
CA THR EA 50 45.89 -83.86 15.83
C THR EA 50 46.82 -85.01 16.21
N LYS EA 51 46.26 -86.21 16.31
CA LYS EA 51 47.03 -87.39 16.69
C LYS EA 51 48.07 -87.73 15.64
N ARG EA 52 49.30 -88.02 16.10
CA ARG EA 52 50.37 -88.46 15.21
C ARG EA 52 50.84 -89.87 15.53
N TYR EA 53 51.22 -90.14 16.77
CA TYR EA 53 51.73 -91.46 17.17
C TYR EA 53 51.02 -91.91 18.44
N ASP EA 54 51.12 -93.21 18.70
CA ASP EA 54 50.61 -93.81 19.93
C ASP EA 54 51.79 -94.30 20.77
N MET EA 55 51.81 -93.89 22.05
CA MET EA 55 52.92 -94.20 22.93
C MET EA 55 52.41 -94.79 24.24
N ASN EA 56 53.33 -95.01 25.17
CA ASN EA 56 53.02 -95.67 26.44
C ASN EA 56 52.17 -94.93 27.47
N GLY EA 57 52.35 -93.63 27.61
CA GLY EA 57 51.62 -92.93 28.65
C GLY EA 57 51.81 -91.44 28.70
N VAL EA 58 51.38 -90.82 29.78
CA VAL EA 58 51.48 -89.38 29.89
C VAL EA 58 52.94 -88.95 29.80
N SER EA 59 53.20 -87.76 29.30
CA SER EA 59 54.55 -87.29 29.12
C SER EA 59 55.24 -86.99 30.43
N ARG EA 60 56.57 -86.87 30.40
CA ARG EA 60 57.32 -86.59 31.61
C ARG EA 60 58.59 -85.82 31.32
N GLY EA 61 58.94 -85.67 30.04
CA GLY EA 61 60.09 -84.87 29.68
C GLY EA 61 60.41 -84.88 28.22
N VAL EA 62 60.86 -83.75 27.69
CA VAL EA 62 61.28 -83.69 26.30
C VAL EA 62 62.49 -82.83 26.20
N GLU EA 63 63.43 -83.25 25.37
CA GLU EA 63 64.63 -82.46 25.12
C GLU EA 63 65.10 -82.75 23.71
N TYR EA 64 65.46 -81.71 22.96
CA TYR EA 64 65.86 -81.84 21.57
C TYR EA 64 67.36 -82.13 21.55
N ASN EA 65 67.71 -83.39 21.27
CA ASN EA 65 69.11 -83.76 21.18
C ASN EA 65 69.79 -83.05 20.03
N THR EA 66 70.91 -82.40 20.31
CA THR EA 66 71.62 -81.68 19.26
C THR EA 66 72.66 -82.58 18.60
N ALA EA 67 73.28 -83.48 19.36
CA ALA EA 67 74.27 -84.38 18.79
C ALA EA 67 73.66 -85.28 17.72
N GLN EA 68 72.47 -85.81 17.98
CA GLN EA 68 71.72 -86.57 16.99
C GLN EA 68 70.42 -85.84 16.69
N ASN EA 69 70.17 -85.60 15.40
CA ASN EA 69 69.04 -84.79 14.97
C ASN EA 69 67.75 -85.59 15.18
N ALA EA 70 67.30 -85.65 16.43
CA ALA EA 70 66.06 -86.33 16.77
C ALA EA 70 65.58 -85.79 18.10
N VAL EA 71 64.29 -86.01 18.38
CA VAL EA 71 63.63 -85.52 19.58
C VAL EA 71 63.46 -86.68 20.54
N TYR EA 72 63.95 -86.52 21.76
CA TYR EA 72 63.85 -87.53 22.80
C TYR EA 72 62.76 -87.14 23.79
N ARG EA 73 61.92 -88.11 24.15
CA ARG EA 73 60.87 -87.90 25.14
C ARG EA 73 60.58 -89.21 25.84
N VAL EA 74 60.50 -89.18 27.17
CA VAL EA 74 60.17 -90.39 27.92
C VAL EA 74 58.72 -90.78 27.71
N CYS EA 75 57.81 -89.80 27.77
CA CYS EA 75 56.40 -89.99 27.45
C CYS EA 75 55.81 -91.18 28.22
N GLY EA 76 56.12 -91.25 29.49
CA GLY EA 76 55.45 -92.18 30.40
C GLY EA 76 56.31 -93.38 30.74
N GLY EA 77 55.92 -94.55 30.20
CA GLY EA 77 56.46 -95.80 30.70
C GLY EA 77 57.93 -96.00 30.39
N LYS EA 78 58.36 -95.62 29.20
CA LYS EA 78 59.71 -95.93 28.73
C LYS EA 78 60.16 -94.93 27.68
N LEU EA 79 61.48 -94.77 27.55
CA LEU EA 79 62.05 -93.74 26.69
C LEU EA 79 61.60 -93.91 25.24
N TYR EA 80 61.70 -92.83 24.47
CA TYR EA 80 61.34 -92.84 23.05
C TYR EA 80 62.24 -91.86 22.31
N LYS EA 81 62.78 -92.31 21.17
CA LYS EA 81 63.49 -91.45 20.24
C LYS EA 81 62.65 -91.35 18.97
N GLY EA 82 61.93 -90.24 18.83
CA GLY EA 82 61.00 -90.15 17.71
C GLY EA 82 59.90 -91.18 17.87
N GLU EA 83 59.96 -92.24 17.06
CA GLU EA 83 59.00 -93.32 17.13
C GLU EA 83 59.58 -94.60 17.72
N SER EA 84 60.91 -94.73 17.76
CA SER EA 84 61.56 -95.95 18.22
C SER EA 84 61.47 -96.08 19.73
N GLU EA 85 61.81 -97.28 20.22
CA GLU EA 85 61.72 -97.56 21.65
C GLU EA 85 63.01 -97.14 22.37
N VAL EA 86 64.13 -97.75 21.99
CA VAL EA 86 65.48 -97.41 22.43
C VAL EA 86 65.57 -97.15 23.94
N GLY EA 87 65.17 -98.13 24.73
CA GLY EA 87 65.45 -98.09 26.15
C GLY EA 87 64.19 -98.03 27.01
N ASP EA 88 64.39 -98.29 28.30
CA ASP EA 88 63.33 -98.30 29.30
C ASP EA 88 63.74 -97.45 30.48
N VAL EA 89 62.77 -96.69 31.03
CA VAL EA 89 63.00 -95.84 32.19
C VAL EA 89 61.95 -96.20 33.24
N ALA EA 90 62.39 -96.30 34.50
CA ALA EA 90 61.52 -96.71 35.59
C ALA EA 90 61.24 -95.53 36.52
N GLY EA 91 60.00 -95.42 36.97
CA GLY EA 91 59.62 -94.34 37.87
C GLY EA 91 58.48 -93.50 37.34
N SER EA 92 57.64 -92.99 38.24
CA SER EA 92 56.50 -92.17 37.87
C SER EA 92 56.66 -90.78 38.46
N GLY EA 93 56.33 -89.77 37.68
CA GLY EA 93 56.46 -88.39 38.09
C GLY EA 93 56.82 -87.52 36.90
N ARG EA 94 57.79 -86.64 37.12
CA ARG EA 94 58.35 -85.81 36.07
C ARG EA 94 59.87 -85.88 36.12
N VAL EA 95 60.50 -85.94 34.95
CA VAL EA 95 61.94 -86.11 34.85
C VAL EA 95 62.54 -84.85 34.23
N SER EA 96 63.83 -84.65 34.49
CA SER EA 96 64.60 -83.56 33.92
C SER EA 96 65.75 -84.14 33.11
N MET EA 97 65.81 -83.78 31.84
CA MET EA 97 66.73 -84.40 30.90
C MET EA 97 67.76 -83.38 30.42
N ALA EA 98 68.98 -83.87 30.18
CA ALA EA 98 70.06 -83.07 29.60
C ALA EA 98 70.94 -84.02 28.78
N HIS EA 99 70.92 -83.84 27.46
CA HIS EA 99 71.61 -84.76 26.57
C HIS EA 99 73.12 -84.53 26.62
N GLY EA 100 73.85 -85.43 25.95
CA GLY EA 100 75.30 -85.35 25.92
C GLY EA 100 75.83 -85.82 24.58
N ARG EA 101 77.16 -85.76 24.45
CA ARG EA 101 77.80 -86.19 23.22
C ARG EA 101 77.70 -87.70 23.03
N THR EA 102 77.75 -88.45 24.13
CA THR EA 102 77.67 -89.91 24.08
C THR EA 102 76.72 -90.48 25.13
N SER EA 103 75.76 -89.70 25.62
CA SER EA 103 74.82 -90.17 26.62
C SER EA 103 73.58 -89.29 26.59
N GLN EA 104 72.55 -89.72 27.34
CA GLN EA 104 71.30 -88.98 27.39
C GLN EA 104 70.96 -88.45 28.77
N ALA EA 105 71.26 -89.20 29.84
CA ALA EA 105 71.14 -88.73 31.22
C ALA EA 105 69.71 -88.30 31.54
N VAL EA 106 68.82 -89.29 31.54
CA VAL EA 106 67.43 -89.04 31.92
C VAL EA 106 67.34 -88.60 33.38
N GLY EA 107 68.07 -89.26 34.27
CA GLY EA 107 68.09 -88.88 35.67
C GLY EA 107 66.77 -89.02 36.40
N VAL EA 108 66.10 -90.15 36.24
CA VAL EA 108 64.81 -90.40 36.89
C VAL EA 108 65.06 -90.76 38.36
N ASN EA 109 64.02 -90.63 39.18
CA ASN EA 109 64.06 -90.93 40.62
C ASN EA 109 65.15 -90.07 41.26
N GLY EA 110 66.03 -90.64 42.07
CA GLY EA 110 67.10 -89.88 42.69
C GLY EA 110 68.50 -90.20 42.20
N GLN EA 111 68.64 -90.97 41.13
CA GLN EA 111 69.93 -91.38 40.62
C GLN EA 111 70.11 -90.89 39.18
N LEU EA 112 71.34 -90.58 38.82
CA LEU EA 112 71.66 -90.02 37.50
C LEU EA 112 71.78 -91.15 36.47
N VAL EA 113 70.62 -91.71 36.11
CA VAL EA 113 70.59 -92.71 35.05
C VAL EA 113 70.95 -92.06 33.73
N GLU EA 114 71.96 -92.62 33.06
CA GLU EA 114 72.37 -92.11 31.76
C GLU EA 114 72.40 -93.26 30.77
N TYR EA 115 71.68 -93.10 29.65
CA TYR EA 115 71.69 -94.11 28.61
C TYR EA 115 72.81 -93.82 27.61
N ARG EA 116 73.19 -94.84 26.87
CA ARG EA 116 74.30 -94.75 25.93
C ARG EA 116 73.82 -95.03 24.52
N TYR EA 117 74.43 -94.36 23.54
CA TYR EA 117 74.08 -94.60 22.15
C TYR EA 117 74.50 -95.99 21.70
N ASP EA 118 75.46 -96.61 22.39
CA ASP EA 118 75.87 -97.97 22.06
C ASP EA 118 74.74 -98.95 22.31
N GLY EA 119 74.00 -98.79 23.41
CA GLY EA 119 72.92 -99.67 23.75
C GLY EA 119 72.94 -100.14 25.18
N THR EA 120 73.84 -99.59 25.98
CA THR EA 120 74.00 -99.97 27.38
C THR EA 120 73.47 -98.87 28.29
N VAL EA 121 73.19 -99.25 29.53
CA VAL EA 121 72.68 -98.33 30.55
C VAL EA 121 73.67 -98.27 31.69
N LYS EA 122 73.95 -97.05 32.16
CA LYS EA 122 74.91 -96.85 33.23
C LYS EA 122 74.31 -95.90 34.26
N THR EA 123 74.92 -95.86 35.43
CA THR EA 123 74.48 -95.00 36.52
C THR EA 123 75.71 -94.41 37.21
N VAL EA 124 75.61 -93.13 37.55
CA VAL EA 124 76.73 -92.42 38.16
C VAL EA 124 76.86 -92.84 39.61
N SER EA 125 78.06 -93.25 40.00
CA SER EA 125 78.36 -93.68 41.37
C SER EA 125 79.81 -93.38 41.67
N ASN EA 126 80.17 -93.53 42.94
CA ASN EA 126 81.52 -93.22 43.39
C ASN EA 126 82.55 -94.11 42.67
N TRP EA 127 83.78 -93.63 42.62
CA TRP EA 127 84.87 -94.41 42.07
C TRP EA 127 85.09 -95.66 42.92
N PRO EA 128 85.57 -96.75 42.32
CA PRO EA 128 85.88 -97.94 43.12
C PRO EA 128 86.93 -97.65 44.17
N ALA EA 129 86.77 -98.24 45.35
CA ALA EA 129 87.70 -98.01 46.44
C ALA EA 129 89.10 -98.51 46.11
N ASP EA 130 89.21 -99.49 45.22
CA ASP EA 130 90.52 -100.02 44.85
C ASP EA 130 91.33 -99.02 44.04
N SER EA 131 90.65 -98.14 43.30
CA SER EA 131 91.36 -97.16 42.49
C SER EA 131 92.16 -96.19 43.35
N GLY EA 132 91.59 -95.74 44.46
CA GLY EA 132 92.27 -94.81 45.35
C GLY EA 132 91.98 -93.35 45.09
N PHE EA 133 90.71 -92.97 44.99
CA PHE EA 133 90.33 -91.60 44.72
C PHE EA 133 89.58 -91.00 45.91
N THR EA 134 89.08 -89.79 45.71
CA THR EA 134 88.51 -89.00 46.81
C THR EA 134 87.27 -89.62 47.43
N GLN EA 135 86.45 -90.33 46.66
CA GLN EA 135 85.29 -91.04 47.21
C GLN EA 135 84.31 -90.11 47.93
N TYR EA 136 83.63 -89.24 47.18
CA TYR EA 136 82.72 -88.27 47.77
C TYR EA 136 81.51 -88.97 48.39
N GLU EA 137 80.63 -88.17 48.98
CA GLU EA 137 79.39 -88.64 49.59
C GLU EA 137 78.23 -88.06 48.78
N LEU EA 138 77.79 -88.80 47.78
CA LEU EA 138 76.72 -88.35 46.91
C LEU EA 138 75.37 -88.50 47.60
N GLY EA 139 74.37 -87.81 47.05
CA GLY EA 139 73.02 -87.89 47.56
C GLY EA 139 71.97 -88.03 46.47
N SER EA 140 70.74 -87.65 46.78
CA SER EA 140 69.67 -87.71 45.80
C SER EA 140 69.83 -86.61 44.75
N VAL EA 141 69.39 -86.89 43.53
CA VAL EA 141 69.56 -85.94 42.43
C VAL EA 141 68.23 -85.32 42.06
N ARG EA 142 68.24 -84.01 41.80
CA ARG EA 142 67.03 -83.31 41.38
C ARG EA 142 67.11 -82.89 39.91
N ASP EA 143 68.13 -82.15 39.51
CA ASP EA 143 68.18 -81.68 38.14
C ASP EA 143 69.54 -82.01 37.50
N ILE EA 144 69.62 -81.75 36.20
CA ILE EA 144 70.76 -82.18 35.38
C ILE EA 144 71.10 -81.04 34.44
N THR EA 145 72.37 -80.95 34.06
CA THR EA 145 72.82 -80.01 33.03
C THR EA 145 74.11 -80.54 32.43
N ARG EA 146 74.63 -79.81 31.45
CA ARG EA 146 75.88 -80.21 30.81
C ARG EA 146 76.59 -78.97 30.28
N LEU EA 147 77.82 -78.75 30.74
CA LEU EA 147 78.69 -77.72 30.22
C LEU EA 147 79.99 -78.37 29.76
N ARG EA 148 80.42 -78.02 28.55
CA ARG EA 148 81.61 -78.60 27.91
C ARG EA 148 81.40 -80.10 27.80
N GLY EA 149 82.29 -80.95 28.31
CA GLY EA 149 82.17 -82.38 28.17
C GLY EA 149 81.73 -83.14 29.40
N ARG EA 150 81.12 -82.48 30.38
CA ARG EA 150 80.78 -83.12 31.64
C ARG EA 150 79.41 -82.66 32.13
N TYR EA 151 78.80 -83.49 32.96
CA TYR EA 151 77.49 -83.22 33.52
C TYR EA 151 77.62 -82.41 34.81
N ALA EA 152 76.49 -82.15 35.45
CA ALA EA 152 76.47 -81.46 36.75
C ALA EA 152 75.08 -81.64 37.36
N TRP EA 153 75.04 -82.16 38.58
CA TRP EA 153 73.79 -82.35 39.31
C TRP EA 153 73.91 -81.70 40.69
N SER EA 154 72.78 -81.62 41.37
CA SER EA 154 72.70 -80.99 42.68
C SER EA 154 72.12 -81.97 43.69
N LYS EA 155 72.75 -82.08 44.85
CA LYS EA 155 72.25 -82.94 45.91
C LYS EA 155 70.95 -82.38 46.47
N ASP EA 156 70.02 -83.27 46.80
CA ASP EA 156 68.68 -82.90 47.22
C ASP EA 156 68.75 -82.31 48.63
N GLY EA 157 68.29 -81.07 48.77
CA GLY EA 157 68.19 -80.43 50.07
C GLY EA 157 69.51 -79.95 50.66
N THR EA 158 70.54 -79.74 49.85
CA THR EA 158 71.84 -79.35 50.36
C THR EA 158 72.48 -78.36 49.39
N ASP EA 159 73.37 -77.52 49.95
CA ASP EA 159 74.07 -76.52 49.15
C ASP EA 159 74.98 -77.15 48.11
N SER EA 160 75.30 -78.43 48.26
CA SER EA 160 76.30 -79.05 47.41
C SER EA 160 75.71 -79.43 46.06
N TRP EA 161 76.46 -79.14 44.99
CA TRP EA 161 76.17 -79.63 43.65
C TRP EA 161 77.47 -80.19 43.07
N PHE EA 162 77.39 -81.36 42.45
CA PHE EA 162 78.59 -82.07 42.04
C PHE EA 162 78.86 -81.87 40.54
N ILE EA 163 79.87 -82.59 40.05
CA ILE EA 163 80.32 -82.48 38.67
C ILE EA 163 80.62 -83.90 38.17
N THR EA 164 80.90 -84.01 36.87
CA THR EA 164 81.15 -85.29 36.23
C THR EA 164 82.55 -85.31 35.63
N ASP EA 165 83.20 -86.47 35.71
CA ASP EA 165 84.56 -86.61 35.20
C ASP EA 165 84.57 -86.58 33.68
N LEU EA 166 85.74 -86.28 33.10
CA LEU EA 166 85.86 -86.18 31.65
C LEU EA 166 86.07 -87.54 31.01
N GLU EA 167 87.16 -88.23 31.36
CA GLU EA 167 87.52 -89.46 30.66
C GLU EA 167 86.48 -90.54 30.87
N ASP EA 168 86.02 -90.73 32.10
CA ASP EA 168 84.95 -91.68 32.40
C ASP EA 168 83.75 -90.88 32.89
N GLU EA 169 82.68 -90.88 32.11
CA GLU EA 169 81.55 -90.00 32.32
C GLU EA 169 80.57 -90.53 33.36
N SER EA 170 80.84 -91.69 33.95
CA SER EA 170 79.94 -92.32 34.91
C SER EA 170 80.53 -92.30 36.33
N HIS EA 171 81.31 -91.27 36.64
CA HIS EA 171 81.89 -91.12 37.97
C HIS EA 171 82.05 -89.63 38.26
N PRO EA 172 82.01 -89.23 39.53
CA PRO EA 172 82.03 -87.79 39.85
C PRO EA 172 83.24 -87.05 39.31
N ASP EA 173 84.44 -87.42 39.74
CA ASP EA 173 85.67 -86.83 39.25
C ASP EA 173 86.83 -87.54 39.92
N ARG EA 174 88.05 -87.19 39.49
CA ARG EA 174 89.24 -87.75 40.11
C ARG EA 174 89.54 -87.06 41.44
N TYR EA 175 89.67 -85.74 41.42
CA TYR EA 175 90.12 -85.02 42.61
C TYR EA 175 89.14 -83.98 43.11
N SER EA 176 88.62 -83.13 42.23
CA SER EA 176 87.79 -81.99 42.63
C SER EA 176 86.41 -82.10 41.99
N ALA EA 177 85.41 -82.41 42.81
CA ALA EA 177 84.02 -82.42 42.35
C ALA EA 177 83.03 -81.79 43.32
N GLN EA 178 83.42 -81.49 44.55
CA GLN EA 178 82.50 -80.91 45.53
C GLN EA 178 82.48 -79.39 45.39
N TYR EA 179 81.30 -78.83 45.16
CA TYR EA 179 81.12 -77.40 45.04
C TYR EA 179 79.89 -76.96 45.83
N ARG EA 180 79.93 -75.70 46.28
CA ARG EA 180 78.91 -75.17 47.19
C ARG EA 180 78.52 -73.78 46.74
N ALA EA 181 77.26 -73.40 47.00
CA ALA EA 181 76.82 -72.05 46.69
C ALA EA 181 77.31 -71.06 47.75
N GLU EA 182 76.90 -71.27 49.00
CA GLU EA 182 77.37 -70.58 50.19
C GLU EA 182 77.03 -69.08 50.20
N SER EA 183 76.17 -68.60 49.31
CA SER EA 183 75.75 -67.20 49.36
C SER EA 183 74.98 -66.93 50.65
N GLN EA 184 73.84 -67.58 50.81
CA GLN EA 184 72.90 -67.68 51.92
C GLN EA 184 72.51 -69.13 52.14
N PRO EA 185 72.09 -69.52 53.35
CA PRO EA 185 71.72 -70.92 53.57
C PRO EA 185 70.42 -71.28 52.88
N ASP EA 186 70.51 -72.02 51.78
CA ASP EA 186 69.37 -72.33 50.94
C ASP EA 186 69.65 -73.56 50.09
N GLY EA 187 68.64 -74.40 49.91
CA GLY EA 187 68.79 -75.55 49.05
C GLY EA 187 68.87 -75.14 47.59
N ILE EA 188 69.47 -76.02 46.78
CA ILE EA 188 69.53 -75.81 45.35
C ILE EA 188 68.26 -76.39 44.75
N ILE EA 189 67.31 -75.51 44.41
CA ILE EA 189 66.06 -75.98 43.83
C ILE EA 189 66.28 -76.48 42.42
N GLY EA 190 67.15 -75.82 41.66
CA GLY EA 190 67.40 -76.21 40.29
C GLY EA 190 68.74 -75.75 39.80
N ILE EA 191 69.18 -76.35 38.70
CA ILE EA 191 70.46 -76.01 38.07
C ILE EA 191 70.22 -75.85 36.58
N GLY EA 192 71.08 -75.05 35.95
CA GLY EA 192 70.98 -74.81 34.52
C GLY EA 192 72.21 -74.11 34.00
N THR EA 193 72.33 -74.08 32.67
CA THR EA 193 73.47 -73.51 31.99
C THR EA 193 73.03 -72.31 31.17
N TRP EA 194 73.89 -71.30 31.08
CA TRP EA 194 73.60 -70.08 30.32
C TRP EA 194 74.91 -69.44 29.90
N ARG EA 195 75.28 -69.61 28.63
CA ARG EA 195 76.43 -68.92 28.04
C ARG EA 195 77.71 -69.18 28.82
N ASP EA 196 78.08 -70.46 28.91
CA ASP EA 196 79.28 -70.95 29.59
C ASP EA 196 79.26 -70.70 31.09
N PHE EA 197 78.11 -70.37 31.67
CA PHE EA 197 77.96 -70.22 33.11
C PHE EA 197 77.03 -71.31 33.62
N ILE EA 198 77.37 -71.88 34.79
CA ILE EA 198 76.50 -72.86 35.45
C ILE EA 198 75.62 -72.09 36.42
N VAL EA 199 74.35 -71.92 36.08
CA VAL EA 199 73.43 -71.16 36.92
C VAL EA 199 72.90 -72.08 38.01
N CYS EA 200 73.08 -71.68 39.26
CA CYS EA 200 72.60 -72.45 40.41
C CYS EA 200 71.41 -71.74 41.02
N PHE EA 201 70.22 -72.27 40.77
CA PHE EA 201 68.97 -71.66 41.21
C PHE EA 201 68.71 -72.05 42.65
N GLY EA 202 68.97 -71.14 43.58
CA GLY EA 202 68.68 -71.39 44.97
C GLY EA 202 67.25 -71.06 45.34
N SER EA 203 66.93 -71.27 46.61
CA SER EA 203 65.61 -70.95 47.13
C SER EA 203 65.44 -69.45 47.28
N SER EA 204 66.54 -68.74 47.60
CA SER EA 204 66.46 -67.30 47.80
C SER EA 204 67.42 -66.51 46.92
N THR EA 205 68.45 -67.15 46.36
CA THR EA 205 69.43 -66.44 45.55
C THR EA 205 69.68 -67.22 44.26
N ILE EA 206 70.28 -66.53 43.28
CA ILE EA 206 70.72 -67.13 42.03
C ILE EA 206 72.17 -66.73 41.82
N GLU EA 207 73.05 -67.71 41.60
CA GLU EA 207 74.47 -67.46 41.53
C GLU EA 207 75.06 -68.13 40.29
N TYR EA 208 76.02 -67.46 39.67
CA TYR EA 208 76.62 -67.90 38.42
C TYR EA 208 78.02 -68.43 38.68
N PHE EA 209 78.33 -69.59 38.12
CA PHE EA 209 79.65 -70.20 38.24
C PHE EA 209 80.31 -70.27 36.87
N SER EA 210 81.57 -69.85 36.80
CA SER EA 210 82.34 -69.86 35.57
C SER EA 210 83.58 -70.72 35.76
N LEU EA 211 83.85 -71.58 34.78
CA LEU EA 211 85.02 -72.45 34.87
C LEU EA 211 86.30 -71.64 34.66
N THR EA 212 87.38 -72.12 35.28
CA THR EA 212 88.69 -71.51 35.14
C THR EA 212 89.71 -72.60 34.83
N GLY EA 213 90.84 -72.18 34.25
CA GLY EA 213 91.88 -73.13 33.92
C GLY EA 213 92.68 -73.55 35.14
N ALA EA 214 92.44 -74.78 35.60
CA ALA EA 214 93.10 -75.24 36.81
C ALA EA 214 94.53 -75.69 36.52
N THR EA 215 94.69 -76.71 35.69
CA THR EA 215 95.99 -77.30 35.38
C THR EA 215 96.70 -77.68 36.68
N THR EA 216 95.93 -78.27 37.59
CA THR EA 216 96.41 -78.68 38.90
C THR EA 216 95.51 -79.80 39.40
N ALA EA 217 96.00 -80.57 40.36
CA ALA EA 217 95.24 -81.68 40.91
C ALA EA 217 94.27 -81.18 41.97
N GLY EA 218 92.98 -81.19 41.65
CA GLY EA 218 91.94 -80.82 42.59
C GLY EA 218 91.99 -79.39 43.10
N ALA EA 219 92.01 -78.42 42.19
CA ALA EA 219 92.11 -77.02 42.59
C ALA EA 219 91.07 -76.18 41.85
N ALA EA 220 89.86 -76.14 42.39
CA ALA EA 220 88.85 -75.13 42.05
C ALA EA 220 88.65 -74.98 40.54
N LEU EA 221 88.08 -76.03 39.94
CA LEU EA 221 87.76 -75.96 38.51
C LEU EA 221 86.73 -74.87 38.24
N TYR EA 222 85.73 -74.73 39.10
CA TYR EA 222 84.68 -73.73 38.94
C TYR EA 222 84.73 -72.75 40.10
N VAL EA 223 84.71 -71.45 39.80
CA VAL EA 223 84.73 -70.39 40.80
C VAL EA 223 83.46 -69.56 40.64
N ALA EA 224 82.86 -69.19 41.78
CA ALA EA 224 81.59 -68.47 41.75
C ALA EA 224 81.81 -67.01 41.41
N GLN EA 225 80.99 -66.50 40.49
CA GLN EA 225 81.03 -65.08 40.13
C GLN EA 225 79.99 -64.32 40.95
N PRO EA 226 80.39 -63.36 41.77
CA PRO EA 226 79.44 -62.64 42.63
C PRO EA 226 78.87 -61.36 42.04
N SER EA 227 79.34 -60.92 40.87
CA SER EA 227 78.83 -59.68 40.29
C SER EA 227 77.46 -59.88 39.66
N LEU EA 228 77.08 -61.14 39.39
CA LEU EA 228 75.86 -61.43 38.65
C LEU EA 228 74.77 -62.05 39.50
N MET EA 229 74.82 -61.88 40.82
CA MET EA 229 73.79 -62.45 41.69
C MET EA 229 72.45 -61.76 41.44
N VAL EA 230 71.36 -62.53 41.56
CA VAL EA 230 70.04 -62.00 41.26
C VAL EA 230 69.28 -61.65 42.53
N GLN EA 231 69.52 -62.40 43.61
CA GLN EA 231 68.94 -62.24 44.94
C GLN EA 231 67.48 -62.70 45.03
N LYS EA 232 67.03 -63.54 44.10
CA LYS EA 232 65.69 -64.11 44.17
C LYS EA 232 65.75 -65.58 43.78
N GLY EA 233 64.86 -66.38 44.36
CA GLY EA 233 64.84 -67.81 44.09
C GLY EA 233 63.74 -68.21 43.12
N ILE EA 234 63.55 -69.53 43.01
CA ILE EA 234 62.52 -70.11 42.17
C ILE EA 234 61.56 -70.90 43.04
N ALA EA 235 60.25 -70.80 42.72
CA ALA EA 235 59.24 -71.42 43.57
C ALA EA 235 59.34 -72.94 43.52
N GLY EA 236 59.59 -73.51 42.35
CA GLY EA 236 59.60 -74.95 42.22
C GLY EA 236 60.80 -75.41 41.42
N THR EA 237 60.92 -76.74 41.30
CA THR EA 237 62.07 -77.32 40.62
C THR EA 237 62.07 -76.99 39.14
N TYR EA 238 60.91 -77.04 38.50
CA TYR EA 238 60.81 -76.91 37.04
C TYR EA 238 60.33 -75.53 36.59
N CYS EA 239 60.30 -74.54 37.49
CA CYS EA 239 59.87 -73.19 37.12
C CYS EA 239 61.06 -72.39 36.59
N LYS EA 240 61.54 -72.81 35.42
CA LYS EA 240 62.63 -72.13 34.74
C LYS EA 240 62.69 -72.63 33.30
N THR EA 241 63.00 -71.71 32.38
CA THR EA 241 63.10 -72.02 30.96
C THR EA 241 64.20 -71.19 30.32
N PRO EA 242 64.69 -71.58 29.15
CA PRO EA 242 65.48 -70.64 28.35
C PRO EA 242 64.56 -69.72 27.57
N PHE EA 243 64.46 -68.45 27.98
CA PHE EA 243 63.57 -67.48 27.36
C PHE EA 243 64.35 -66.23 26.99
N ALA EA 244 64.24 -65.84 25.71
CA ALA EA 244 65.01 -64.73 25.15
C ALA EA 244 66.48 -65.04 25.43
N ASP EA 245 67.18 -64.22 26.21
CA ASP EA 245 68.53 -64.56 26.65
C ASP EA 245 68.58 -64.75 28.17
N SER EA 246 67.43 -64.96 28.82
CA SER EA 246 67.36 -65.10 30.26
C SER EA 246 66.59 -66.35 30.64
N TYR EA 247 66.22 -66.48 31.92
CA TYR EA 247 65.58 -67.69 32.40
C TYR EA 247 64.11 -67.56 32.75
N ALA EA 248 63.64 -66.39 33.16
CA ALA EA 248 62.20 -66.12 33.34
C ALA EA 248 61.56 -67.11 34.32
N PHE EA 249 61.97 -67.01 35.57
CA PHE EA 249 61.56 -67.95 36.61
C PHE EA 249 60.24 -67.50 37.24
N ILE EA 250 59.87 -68.15 38.34
CA ILE EA 250 58.73 -67.76 39.19
C ILE EA 250 59.28 -67.58 40.60
N SER EA 251 58.93 -66.46 41.23
CA SER EA 251 59.52 -66.12 42.53
C SER EA 251 59.10 -67.13 43.60
N HIS EA 252 60.00 -67.32 44.57
CA HIS EA 252 59.75 -68.25 45.67
C HIS EA 252 58.91 -67.59 46.76
N PRO EA 253 58.17 -68.38 47.54
CA PRO EA 253 57.45 -67.81 48.68
C PRO EA 253 58.33 -67.18 49.73
N ALA EA 254 59.64 -67.47 49.73
CA ALA EA 254 60.54 -66.82 50.67
C ALA EA 254 60.54 -65.30 50.46
N THR EA 255 60.54 -64.86 49.20
CA THR EA 255 60.38 -63.46 48.89
C THR EA 255 58.93 -63.04 49.19
N GLY EA 256 58.64 -61.75 49.02
CA GLY EA 256 57.37 -61.21 49.51
C GLY EA 256 56.16 -61.94 48.98
N ALA EA 257 56.11 -62.22 47.69
CA ALA EA 257 54.97 -62.89 47.09
C ALA EA 257 55.39 -63.53 45.78
N PRO EA 258 54.77 -64.66 45.41
CA PRO EA 258 55.11 -65.28 44.12
C PRO EA 258 54.69 -64.41 42.95
N SER EA 259 55.58 -64.30 41.97
CA SER EA 259 55.31 -63.55 40.76
C SER EA 259 56.28 -63.99 39.68
N VAL EA 260 55.85 -63.84 38.43
CA VAL EA 260 56.69 -64.19 37.29
C VAL EA 260 57.75 -63.10 37.14
N TYR EA 261 58.93 -63.46 36.65
CA TYR EA 261 60.03 -62.50 36.52
C TYR EA 261 60.80 -62.83 35.26
N ILE EA 262 61.77 -61.96 34.94
CA ILE EA 262 62.75 -62.21 33.89
C ILE EA 262 64.09 -61.67 34.38
N ILE EA 263 65.14 -62.49 34.24
CA ILE EA 263 66.46 -62.09 34.71
C ILE EA 263 67.05 -61.06 33.77
N GLY EA 264 67.57 -59.98 34.33
CA GLY EA 264 68.28 -58.96 33.60
C GLY EA 264 69.77 -59.16 33.62
N SER EA 265 70.51 -58.05 33.61
CA SER EA 265 71.96 -58.14 33.75
C SER EA 265 72.34 -58.64 35.14
N GLY EA 266 71.79 -58.03 36.19
CA GLY EA 266 72.07 -58.44 37.54
C GLY EA 266 70.86 -58.32 38.45
N GLN EA 267 69.67 -58.27 37.87
CA GLN EA 267 68.45 -58.09 38.64
C GLN EA 267 67.28 -58.69 37.87
N ALA EA 268 66.17 -58.88 38.57
CA ALA EA 268 64.97 -59.48 38.01
C ALA EA 268 63.92 -58.42 37.77
N SER EA 269 63.32 -58.44 36.57
CA SER EA 269 62.30 -57.48 36.18
C SER EA 269 60.95 -58.19 36.05
N PRO EA 270 59.93 -57.76 36.78
CA PRO EA 270 58.64 -58.44 36.70
C PRO EA 270 57.97 -58.27 35.34
N ILE EA 271 57.20 -59.28 34.95
CA ILE EA 271 56.44 -59.24 33.72
C ILE EA 271 54.98 -59.65 33.91
N ALA EA 272 54.55 -59.87 35.15
CA ALA EA 272 53.21 -60.36 35.43
C ALA EA 272 52.37 -59.21 36.00
N THR EA 273 51.18 -59.02 35.43
CA THR EA 273 50.24 -58.03 35.95
C THR EA 273 49.69 -58.48 37.30
N ALA EA 274 49.00 -57.55 37.96
CA ALA EA 274 48.45 -57.85 39.29
C ALA EA 274 47.48 -59.02 39.25
N SER EA 275 46.65 -59.10 38.21
CA SER EA 275 45.68 -60.19 38.12
C SER EA 275 46.36 -61.55 38.00
N ILE EA 276 47.47 -61.62 37.26
CA ILE EA 276 48.19 -62.87 37.12
C ILE EA 276 48.74 -63.33 38.47
N GLU EA 277 49.28 -62.39 39.25
CA GLU EA 277 49.77 -62.74 40.57
C GLU EA 277 48.63 -63.11 41.51
N LYS EA 278 47.45 -62.53 41.32
CA LYS EA 278 46.29 -62.96 42.08
C LYS EA 278 45.94 -64.42 41.80
N ILE EA 279 46.08 -64.83 40.53
CA ILE EA 279 45.82 -66.22 40.18
C ILE EA 279 46.90 -67.13 40.77
N ILE EA 280 48.16 -66.68 40.71
CA ILE EA 280 49.25 -67.48 41.25
C ILE EA 280 49.10 -67.68 42.76
N ARG EA 281 48.67 -66.63 43.47
CA ARG EA 281 48.47 -66.74 44.91
C ARG EA 281 47.33 -67.67 45.30
N SER EA 282 46.46 -68.04 44.35
CA SER EA 282 45.33 -68.89 44.69
C SER EA 282 45.78 -70.29 45.12
N TYR EA 283 46.92 -70.75 44.60
CA TYR EA 283 47.41 -72.08 44.94
C TYR EA 283 48.23 -72.04 46.21
N THR EA 284 48.19 -73.13 46.98
CA THR EA 284 49.02 -73.24 48.17
C THR EA 284 50.48 -73.45 47.78
N ALA EA 285 51.36 -73.41 48.78
CA ALA EA 285 52.78 -73.52 48.52
C ALA EA 285 53.12 -74.87 47.90
N GLU EA 286 52.54 -75.95 48.40
CA GLU EA 286 52.83 -77.28 47.87
C GLU EA 286 52.33 -77.41 46.43
N GLU EA 287 51.17 -76.85 46.12
CA GLU EA 287 50.62 -76.96 44.77
C GLU EA 287 51.45 -76.15 43.78
N MET EA 288 52.10 -75.09 44.25
CA MET EA 288 52.88 -74.25 43.35
C MET EA 288 54.13 -74.98 42.84
N ALA EA 289 54.69 -75.86 43.67
CA ALA EA 289 55.93 -76.54 43.31
C ALA EA 289 55.77 -77.53 42.17
N THR EA 290 54.54 -77.86 41.78
CA THR EA 290 54.29 -78.78 40.68
C THR EA 290 53.88 -78.06 39.39
N GLY EA 291 54.42 -76.86 39.16
CA GLY EA 291 54.08 -76.07 37.99
C GLY EA 291 55.22 -76.10 36.99
N VAL EA 292 54.91 -76.59 35.78
CA VAL EA 292 55.88 -76.70 34.71
C VAL EA 292 55.87 -75.42 33.88
N MET EA 293 57.01 -75.06 33.32
CA MET EA 293 57.14 -73.90 32.46
C MET EA 293 57.85 -74.32 31.18
N GLU EA 294 57.50 -73.67 30.07
CA GLU EA 294 58.12 -73.96 28.78
C GLU EA 294 58.23 -72.70 27.95
N THR EA 295 58.78 -72.87 26.76
CA THR EA 295 58.86 -71.80 25.76
C THR EA 295 58.53 -72.39 24.40
N LEU EA 296 57.73 -71.65 23.63
CA LEU EA 296 57.34 -72.08 22.29
C LEU EA 296 57.40 -70.89 21.36
N ARG EA 297 57.94 -71.10 20.16
CA ARG EA 297 58.06 -70.03 19.17
C ARG EA 297 57.62 -70.55 17.82
N PHE EA 298 56.50 -70.04 17.33
CA PHE EA 298 56.03 -70.29 15.98
C PHE EA 298 55.58 -68.98 15.36
N ASP EA 299 55.73 -68.88 14.05
CA ASP EA 299 55.49 -67.64 13.30
C ASP EA 299 56.32 -66.55 13.97
N SER EA 300 55.78 -65.35 14.20
CA SER EA 300 56.54 -64.29 14.85
C SER EA 300 56.38 -64.30 16.36
N HIS EA 301 55.60 -65.23 16.91
CA HIS EA 301 55.33 -65.27 18.34
C HIS EA 301 56.54 -65.77 19.12
N GLU EA 302 56.54 -65.47 20.42
CA GLU EA 302 57.49 -66.03 21.37
C GLU EA 302 56.73 -66.26 22.67
N LEU EA 303 56.18 -67.46 22.84
CA LEU EA 303 55.28 -67.77 23.94
C LEU EA 303 56.06 -68.22 25.17
N LEU EA 304 55.46 -68.03 26.34
CA LEU EA 304 55.96 -68.55 27.60
C LEU EA 304 54.78 -69.15 28.35
N ILE EA 305 54.75 -70.48 28.41
CA ILE EA 305 53.58 -71.22 28.89
C ILE EA 305 53.88 -71.73 30.30
N ILE EA 306 52.94 -71.51 31.22
CA ILE EA 306 53.06 -71.95 32.60
C ILE EA 306 51.95 -72.96 32.84
N HIS EA 307 52.32 -74.20 33.18
CA HIS EA 307 51.35 -75.27 33.41
C HIS EA 307 51.07 -75.42 34.91
N LEU EA 308 50.27 -74.50 35.41
CA LEU EA 308 49.79 -74.56 36.78
C LEU EA 308 48.75 -75.68 36.93
N PRO EA 309 48.47 -76.13 38.15
CA PRO EA 309 47.53 -77.25 38.33
C PRO EA 309 46.16 -77.00 37.72
N ARG EA 310 45.66 -75.77 37.73
CA ARG EA 310 44.36 -75.46 37.15
C ARG EA 310 44.40 -74.31 36.15
N HIS EA 311 45.58 -73.78 35.82
CA HIS EA 311 45.69 -72.69 34.88
C HIS EA 311 46.85 -72.94 33.93
N VAL EA 312 46.68 -72.51 32.68
CA VAL EA 312 47.65 -72.77 31.63
C VAL EA 312 48.10 -71.43 31.05
N LEU EA 313 48.23 -70.43 31.91
CA LEU EA 313 48.55 -69.07 31.50
C LEU EA 313 49.67 -69.03 30.46
N VAL EA 314 49.53 -68.13 29.49
CA VAL EA 314 50.45 -68.00 28.36
C VAL EA 314 50.82 -66.54 28.21
N TYR EA 315 52.11 -66.25 28.06
CA TYR EA 315 52.62 -64.90 27.90
C TYR EA 315 53.17 -64.75 26.48
N ASP EA 316 52.71 -63.72 25.78
CA ASP EA 316 53.13 -63.45 24.40
C ASP EA 316 54.08 -62.25 24.43
N ALA EA 317 55.35 -62.49 24.13
CA ALA EA 317 56.36 -61.44 24.25
C ALA EA 317 56.25 -60.42 23.11
N SER EA 318 56.02 -60.89 21.89
CA SER EA 318 56.03 -59.99 20.73
C SER EA 318 54.84 -59.06 20.74
N SER EA 319 53.68 -59.54 21.18
CA SER EA 319 52.46 -58.74 21.14
C SER EA 319 52.30 -57.79 22.32
N SER EA 320 53.21 -57.85 23.30
CA SER EA 320 53.10 -57.01 24.50
C SER EA 320 53.77 -55.66 24.21
N GLN EA 321 53.15 -54.91 23.31
CA GLN EA 321 53.67 -53.59 22.96
C GLN EA 321 53.42 -52.59 24.09
N ASN EA 322 52.17 -52.48 24.54
CA ASN EA 322 51.78 -51.59 25.62
C ASN EA 322 51.22 -52.43 26.76
N GLY EA 323 52.10 -52.87 27.65
CA GLY EA 323 51.72 -53.69 28.77
C GLY EA 323 51.79 -55.17 28.43
N PRO EA 324 51.88 -56.02 29.45
CA PRO EA 324 51.94 -57.46 29.23
C PRO EA 324 50.66 -57.99 28.60
N GLN EA 325 50.82 -59.05 27.80
CA GLN EA 325 49.72 -59.69 27.09
C GLN EA 325 49.66 -61.15 27.51
N TRP EA 326 48.83 -61.45 28.50
CA TRP EA 326 48.67 -62.81 28.99
C TRP EA 326 47.42 -63.45 28.39
N CYS EA 327 47.45 -64.77 28.34
CA CYS EA 327 46.36 -65.55 27.77
C CYS EA 327 46.23 -66.84 28.55
N VAL EA 328 45.06 -67.46 28.47
CA VAL EA 328 44.78 -68.70 29.19
C VAL EA 328 44.20 -69.71 28.20
N LEU EA 329 44.57 -70.98 28.35
CA LEU EA 329 44.18 -72.03 27.44
C LEU EA 329 43.39 -73.09 28.20
N LYS EA 330 42.39 -73.67 27.54
CA LYS EA 330 41.58 -74.72 28.15
C LYS EA 330 40.95 -75.57 27.04
N THR EA 331 40.65 -76.83 27.38
CA THR EA 331 40.17 -77.75 26.37
C THR EA 331 38.64 -77.84 26.37
N GLY EA 332 38.05 -78.20 27.50
CA GLY EA 332 36.63 -78.47 27.52
C GLY EA 332 35.77 -77.23 27.42
N LEU EA 333 34.48 -77.46 27.22
CA LEU EA 333 33.52 -76.35 27.18
C LEU EA 333 33.47 -75.64 28.52
N TYR EA 334 33.50 -76.40 29.62
CA TYR EA 334 33.63 -75.82 30.94
C TYR EA 334 35.11 -75.66 31.30
N ASP EA 335 35.36 -75.18 32.52
CA ASP EA 335 36.73 -74.94 32.94
C ASP EA 335 37.46 -76.27 33.06
N ASP EA 336 38.64 -76.34 32.43
CA ASP EA 336 39.45 -77.55 32.46
C ASP EA 336 40.88 -77.20 32.09
N VAL EA 337 41.80 -78.09 32.42
CA VAL EA 337 43.21 -77.88 32.15
C VAL EA 337 43.52 -78.24 30.71
N TYR EA 338 44.40 -77.46 30.09
CA TYR EA 338 44.79 -77.69 28.71
C TYR EA 338 45.47 -79.05 28.55
N ARG EA 339 45.38 -79.59 27.34
CA ARG EA 339 45.94 -80.89 27.01
C ARG EA 339 47.16 -80.72 26.12
N GLY EA 340 48.31 -81.16 26.51
CA GLY EA 340 49.44 -80.85 25.67
C GLY EA 340 50.40 -80.21 26.61
N VAL EA 341 51.50 -80.87 26.86
CA VAL EA 341 52.41 -80.37 27.84
C VAL EA 341 53.75 -80.03 27.26
N ASP EA 342 54.39 -80.95 26.59
CA ASP EA 342 55.74 -80.69 26.12
C ASP EA 342 55.69 -80.42 24.68
N PHE EA 343 56.13 -79.24 24.30
CA PHE EA 343 56.07 -78.86 22.92
C PHE EA 343 57.49 -78.81 22.45
N MET EA 344 57.73 -79.20 21.22
CA MET EA 344 59.06 -79.21 20.66
C MET EA 344 58.97 -79.23 19.14
N TYR EA 345 59.84 -78.47 18.49
CA TYR EA 345 59.80 -78.30 17.04
C TYR EA 345 60.66 -79.37 16.39
N GLU EA 346 60.02 -80.32 15.73
CA GLU EA 346 60.71 -81.43 15.06
C GLU EA 346 60.49 -81.33 13.56
N GLY EA 347 61.58 -81.35 12.80
CA GLY EA 347 61.46 -81.24 11.36
C GLY EA 347 60.93 -79.88 10.96
N ASN EA 348 59.71 -79.86 10.43
CA ASN EA 348 59.00 -78.61 10.16
C ASN EA 348 57.65 -78.56 10.87
N GLN EA 349 57.44 -79.38 11.89
CA GLN EA 349 56.19 -79.43 12.63
C GLN EA 349 56.46 -79.33 14.13
N ILE EA 350 55.41 -79.05 14.88
CA ILE EA 350 55.47 -78.94 16.34
C ILE EA 350 54.74 -80.15 16.92
N THR EA 351 55.41 -80.85 17.84
CA THR EA 351 54.91 -82.11 18.41
C THR EA 351 54.57 -81.88 19.88
N CYS EA 352 53.28 -81.88 20.19
CA CYS EA 352 52.85 -81.70 21.57
C CYS EA 352 52.62 -83.05 22.24
N GLY EA 353 52.89 -83.17 23.54
CA GLY EA 353 52.63 -84.41 24.28
C GLY EA 353 51.20 -84.52 24.81
N ASP EA 354 50.96 -85.12 25.96
CA ASP EA 354 49.60 -85.15 26.54
C ASP EA 354 49.59 -85.48 28.02
N LYS EA 355 48.70 -84.87 28.79
CA LYS EA 355 48.72 -85.03 30.25
C LYS EA 355 47.63 -85.89 30.84
N SER EA 356 46.80 -86.46 30.01
CA SER EA 356 45.69 -87.28 30.47
C SER EA 356 45.45 -88.51 29.60
N GLU EA 357 46.19 -88.68 28.51
CA GLU EA 357 46.01 -89.81 27.61
C GLU EA 357 47.37 -90.29 27.12
N ALA EA 358 47.44 -91.59 26.82
CA ALA EA 358 48.68 -92.20 26.35
C ALA EA 358 48.79 -92.03 24.83
N VAL EA 359 49.11 -90.80 24.44
CA VAL EA 359 49.16 -90.44 23.02
C VAL EA 359 50.03 -89.21 22.88
N VAL EA 360 50.54 -88.98 21.67
CA VAL EA 360 51.30 -87.79 21.32
C VAL EA 360 50.72 -87.22 20.03
N GLY EA 361 50.76 -85.90 19.89
CA GLY EA 361 50.12 -85.25 18.77
C GLY EA 361 50.95 -84.10 18.24
N GLN EA 362 50.57 -83.65 17.05
CA GLN EA 362 51.23 -82.54 16.38
C GLN EA 362 50.26 -81.38 16.18
N LEU EA 363 50.80 -80.17 16.15
CA LEU EA 363 49.97 -78.99 15.93
C LEU EA 363 49.68 -78.82 14.45
N GLN EA 364 48.43 -78.45 14.15
CA GLN EA 364 48.00 -78.15 12.79
C GLN EA 364 47.33 -76.79 12.80
N PHE EA 365 47.54 -76.02 11.72
CA PHE EA 365 47.16 -74.61 11.75
C PHE EA 365 45.77 -74.39 11.15
N ASP EA 366 45.39 -75.19 10.16
CA ASP EA 366 44.11 -75.00 9.47
C ASP EA 366 42.94 -75.63 10.21
N ILE EA 367 43.17 -76.22 11.38
CA ILE EA 367 42.11 -76.81 12.20
C ILE EA 367 42.28 -76.30 13.62
N SER EA 368 41.15 -76.05 14.29
CA SER EA 368 41.14 -75.50 15.64
C SER EA 368 40.61 -76.47 16.68
N SER EA 369 40.58 -77.76 16.38
CA SER EA 369 40.06 -78.77 17.29
C SER EA 369 41.21 -79.60 17.85
N GLN EA 370 41.16 -79.87 19.15
CA GLN EA 370 42.11 -80.78 19.74
C GLN EA 370 41.64 -82.21 19.53
N TYR EA 371 42.40 -82.95 18.71
CA TYR EA 371 42.01 -84.28 18.23
C TYR EA 371 40.74 -84.10 17.40
N ASP EA 372 39.58 -84.61 17.83
CA ASP EA 372 38.36 -84.51 17.04
C ASP EA 372 37.21 -84.03 17.93
N LYS EA 373 37.45 -82.94 18.67
CA LYS EA 373 36.43 -82.33 19.50
C LYS EA 373 36.49 -80.82 19.37
N GLN EA 374 35.33 -80.18 19.39
CA GLN EA 374 35.26 -78.74 19.23
C GLN EA 374 35.81 -78.04 20.47
N GLN EA 375 36.09 -76.74 20.32
CA GLN EA 375 36.74 -75.96 21.36
C GLN EA 375 36.00 -74.65 21.58
N GLU EA 376 36.10 -74.13 22.80
CA GLU EA 376 35.49 -72.85 23.15
C GLU EA 376 36.51 -71.73 23.04
N HIS EA 377 36.09 -70.62 22.44
CA HIS EA 377 36.92 -69.44 22.32
C HIS EA 377 36.15 -68.25 22.88
N LEU EA 378 36.84 -67.43 23.69
CA LEU EA 378 36.20 -66.31 24.35
C LEU EA 378 36.96 -65.02 24.05
N LEU EA 379 36.23 -63.91 24.01
CA LEU EA 379 36.81 -62.58 23.88
C LEU EA 379 36.00 -61.63 24.75
N PHE EA 380 36.69 -60.74 25.46
CA PHE EA 380 36.05 -59.86 26.42
C PHE EA 380 36.40 -58.40 26.12
N THR EA 381 35.36 -57.57 26.09
CA THR EA 381 35.55 -56.15 25.85
C THR EA 381 35.56 -55.40 27.18
N PRO EA 382 36.52 -54.50 27.39
CA PRO EA 382 36.61 -53.80 28.68
C PRO EA 382 35.37 -52.95 28.93
N LEU EA 383 35.02 -52.83 30.21
CA LEU EA 383 33.83 -52.11 30.61
C LEU EA 383 33.96 -50.63 30.28
N PHE EA 384 32.86 -50.04 29.81
CA PHE EA 384 32.82 -48.64 29.44
C PHE EA 384 31.67 -47.94 30.16
N LYS EA 385 31.89 -46.69 30.52
CA LYS EA 385 30.90 -45.87 31.23
C LYS EA 385 30.34 -44.82 30.29
N ALA EA 386 29.21 -45.15 29.65
CA ALA EA 386 28.45 -44.18 28.87
C ALA EA 386 27.02 -44.16 29.38
N ASP EA 387 26.50 -42.97 29.61
CA ASP EA 387 25.18 -42.80 30.22
C ASP EA 387 24.17 -42.38 29.16
N ASN EA 388 23.02 -43.07 29.15
CA ASN EA 388 21.86 -42.72 28.33
C ASN EA 388 22.15 -42.77 26.83
N ALA EA 389 23.16 -43.52 26.42
CA ALA EA 389 23.44 -43.69 25.00
C ALA EA 389 22.72 -44.93 24.47
N ARG EA 390 22.73 -45.07 23.14
CA ARG EA 390 22.13 -46.22 22.48
C ARG EA 390 23.04 -46.70 21.36
N CYS EA 391 23.51 -47.94 21.50
CA CYS EA 391 24.41 -48.56 20.53
C CYS EA 391 23.59 -49.36 19.54
N PHE EA 392 23.87 -49.18 18.25
CA PHE EA 392 23.13 -49.88 17.21
C PHE EA 392 23.98 -50.82 16.38
N ASP EA 393 25.03 -50.32 15.73
CA ASP EA 393 25.78 -51.09 14.74
C ASP EA 393 27.03 -51.66 15.39
N LEU EA 394 26.91 -52.85 15.97
CA LEU EA 394 28.05 -53.60 16.49
C LEU EA 394 28.52 -54.56 15.41
N GLU EA 395 29.67 -54.26 14.80
CA GLU EA 395 30.15 -55.00 13.63
C GLU EA 395 31.58 -55.46 13.87
N VAL EA 396 31.73 -56.73 14.26
CA VAL EA 396 33.05 -57.35 14.26
C VAL EA 396 33.37 -57.84 12.84
N GLU EA 397 34.65 -57.91 12.52
CA GLU EA 397 35.10 -58.27 11.17
C GLU EA 397 35.88 -59.57 11.23
N SER EA 398 35.37 -60.59 10.55
CA SER EA 398 36.01 -61.89 10.54
C SER EA 398 36.46 -62.27 9.13
N SER EA 399 37.36 -63.25 9.07
CA SER EA 399 37.78 -63.86 7.81
C SER EA 399 37.31 -65.30 7.78
N THR EA 400 36.63 -65.68 6.70
CA THR EA 400 35.90 -66.93 6.65
C THR EA 400 36.35 -67.75 5.45
N GLY EA 401 35.87 -68.99 5.39
CA GLY EA 401 36.07 -69.83 4.22
C GLY EA 401 36.92 -71.06 4.45
N VAL EA 402 37.24 -71.38 5.70
CA VAL EA 402 38.04 -72.56 5.99
C VAL EA 402 37.28 -73.39 7.03
N ALA EA 403 35.96 -73.32 7.00
CA ALA EA 403 35.12 -74.07 7.92
C ALA EA 403 34.44 -75.22 7.19
N GLN EA 404 33.82 -76.11 7.98
CA GLN EA 404 33.03 -77.20 7.44
C GLN EA 404 31.56 -77.09 7.79
N TYR EA 405 31.18 -76.14 8.64
CA TYR EA 405 29.78 -75.87 8.94
C TYR EA 405 29.65 -74.40 9.31
N ALA EA 406 28.44 -73.88 9.14
CA ALA EA 406 28.14 -72.47 9.44
C ALA EA 406 28.07 -72.29 10.95
N ASP EA 407 29.25 -72.14 11.56
CA ASP EA 407 29.32 -71.95 13.00
C ASP EA 407 28.74 -70.60 13.41
N ARG EA 408 28.33 -70.51 14.66
CA ARG EA 408 27.62 -69.32 15.15
C ARG EA 408 28.33 -68.68 16.33
N LEU EA 409 28.00 -67.41 16.55
CA LEU EA 409 28.61 -66.58 17.58
C LEU EA 409 27.57 -66.27 18.66
N PHE EA 410 27.98 -66.35 19.92
CA PHE EA 410 27.13 -65.98 21.04
C PHE EA 410 27.69 -64.71 21.68
N LEU EA 411 26.90 -63.64 21.69
CA LEU EA 411 27.31 -62.39 22.31
C LEU EA 411 26.28 -61.96 23.35
N SER EA 412 26.75 -61.27 24.39
CA SER EA 412 25.90 -60.86 25.50
C SER EA 412 26.53 -59.64 26.16
N ALA EA 413 25.75 -58.99 27.02
CA ALA EA 413 26.16 -57.74 27.64
C ALA EA 413 25.97 -57.79 29.15
N THR EA 414 26.88 -57.14 29.86
CA THR EA 414 26.83 -57.01 31.32
C THR EA 414 26.51 -55.57 31.69
N THR EA 415 25.53 -55.40 32.58
CA THR EA 415 25.24 -54.06 33.08
C THR EA 415 26.05 -53.79 34.35
N ASP EA 416 26.36 -54.82 35.13
CA ASP EA 416 27.13 -54.68 36.36
C ASP EA 416 28.55 -55.21 36.24
N GLY EA 417 28.88 -55.91 35.16
CA GLY EA 417 30.22 -56.40 34.93
C GLY EA 417 30.54 -57.76 35.50
N ILE EA 418 29.58 -58.43 36.13
CA ILE EA 418 29.79 -59.74 36.72
C ILE EA 418 29.04 -60.82 35.96
N ASN EA 419 27.71 -60.69 35.86
CA ASN EA 419 26.87 -61.71 35.25
C ASN EA 419 26.24 -61.17 33.96
N TYR EA 420 26.10 -62.05 32.98
CA TYR EA 420 25.70 -61.64 31.64
C TYR EA 420 24.21 -61.86 31.40
N GLY EA 421 23.70 -61.25 30.34
CA GLY EA 421 22.31 -61.37 29.97
C GLY EA 421 22.08 -62.49 28.97
N ARG EA 422 21.10 -62.27 28.11
CA ARG EA 422 20.76 -63.25 27.09
C ARG EA 422 21.87 -63.36 26.05
N GLU EA 423 22.04 -64.55 25.50
CA GLU EA 423 23.04 -64.84 24.48
C GLU EA 423 22.38 -64.83 23.11
N GLN EA 424 22.85 -63.93 22.24
CA GLN EA 424 22.30 -63.80 20.90
C GLN EA 424 23.13 -64.61 19.91
N MET EA 425 22.45 -65.29 18.99
CA MET EA 425 23.07 -66.26 18.10
C MET EA 425 23.23 -65.65 16.71
N ILE EA 426 24.49 -65.43 16.30
CA ILE EA 426 24.82 -64.91 14.98
C ILE EA 426 25.85 -65.82 14.34
N GLU EA 427 25.60 -66.23 13.09
CA GLU EA 427 26.60 -67.01 12.38
C GLU EA 427 27.78 -66.12 11.99
N GLN EA 428 28.99 -66.63 12.18
CA GLN EA 428 30.20 -65.86 11.92
C GLN EA 428 31.13 -66.53 10.92
N ASN EA 429 30.80 -67.70 10.41
CA ASN EA 429 31.65 -68.39 9.46
C ASN EA 429 30.79 -69.24 8.54
N GLU EA 430 31.18 -69.31 7.27
CA GLU EA 430 30.51 -70.11 6.26
C GLU EA 430 31.57 -70.92 5.52
N PRO EA 431 31.28 -72.19 5.19
CA PRO EA 431 32.38 -73.08 4.76
C PRO EA 431 33.18 -72.58 3.56
N PHE EA 432 32.52 -71.96 2.58
CA PHE EA 432 33.22 -71.51 1.38
C PHE EA 432 32.77 -70.13 0.92
N VAL EA 433 32.42 -69.24 1.84
CA VAL EA 433 32.11 -67.86 1.53
C VAL EA 433 33.24 -67.01 2.06
N TYR EA 434 33.95 -66.33 1.16
CA TYR EA 434 35.12 -65.54 1.54
C TYR EA 434 34.79 -64.08 1.85
N ASP EA 435 33.55 -63.65 1.62
CA ASP EA 435 33.12 -62.28 1.90
C ASP EA 435 31.74 -62.30 2.53
N LYS EA 436 31.68 -61.96 3.81
CA LYS EA 436 30.40 -61.85 4.51
C LYS EA 436 30.57 -60.88 5.67
N ARG EA 437 29.43 -60.36 6.14
CA ARG EA 437 29.40 -59.35 7.19
C ARG EA 437 28.80 -59.96 8.44
N VAL EA 438 29.46 -59.75 9.58
CA VAL EA 438 28.99 -60.22 10.87
C VAL EA 438 28.69 -58.98 11.72
N LEU EA 439 27.42 -58.77 12.04
CA LEU EA 439 27.03 -57.60 12.81
C LEU EA 439 25.68 -57.84 13.45
N TRP EA 440 25.36 -56.99 14.42
CA TRP EA 440 24.05 -56.97 15.06
C TRP EA 440 23.48 -55.57 14.95
N LYS EA 441 22.22 -55.46 14.52
CA LYS EA 441 21.69 -54.18 14.08
C LYS EA 441 21.21 -53.32 15.24
N ARG EA 442 20.77 -53.93 16.33
CA ARG EA 442 20.25 -53.20 17.48
C ARG EA 442 20.82 -53.77 18.77
N VAL EA 443 21.41 -52.90 19.59
CA VAL EA 443 21.91 -53.28 20.90
C VAL EA 443 21.16 -52.59 22.04
N GLY EA 444 20.52 -51.46 21.80
CA GLY EA 444 19.64 -50.86 22.78
C GLY EA 444 20.35 -49.90 23.72
N ARG EA 445 19.54 -49.26 24.57
CA ARG EA 445 20.06 -48.28 25.51
C ARG EA 445 20.96 -48.95 26.55
N ILE EA 446 21.95 -48.19 27.03
CA ILE EA 446 22.82 -48.62 28.11
C ILE EA 446 22.62 -47.66 29.27
N ARG EA 447 22.33 -48.20 30.44
CA ARG EA 447 21.92 -47.35 31.57
C ARG EA 447 23.12 -46.68 32.22
N ARG EA 448 24.06 -47.47 32.74
CA ARG EA 448 25.22 -46.90 33.41
C ARG EA 448 26.53 -47.34 32.78
N LEU EA 449 26.63 -48.63 32.43
CA LEU EA 449 27.86 -49.18 31.90
C LEU EA 449 27.58 -50.56 31.31
N ILE EA 450 28.31 -50.89 30.26
CA ILE EA 450 28.07 -52.12 29.50
C ILE EA 450 29.41 -52.74 29.10
N GLY EA 451 29.39 -54.05 28.91
CA GLY EA 451 30.55 -54.77 28.39
C GLY EA 451 30.10 -56.04 27.72
N PHE EA 452 30.89 -56.49 26.74
CA PHE EA 452 30.43 -57.52 25.81
C PHE EA 452 31.23 -58.82 25.97
N LYS EA 453 30.72 -59.86 25.31
CA LYS EA 453 31.33 -61.19 25.30
C LYS EA 453 31.11 -61.81 23.93
N LEU EA 454 32.04 -62.65 23.50
CA LEU EA 454 32.06 -63.16 22.12
C LEU EA 454 32.35 -64.67 22.07
N ARG EA 455 31.58 -65.47 22.80
CA ARG EA 455 31.77 -66.91 22.80
C ARG EA 455 31.75 -67.47 21.38
N VAL EA 456 32.71 -68.36 21.09
CA VAL EA 456 32.79 -69.06 19.81
C VAL EA 456 33.03 -70.53 20.10
N ILE EA 457 32.24 -71.39 19.45
CA ILE EA 457 32.43 -72.84 19.58
C ILE EA 457 32.57 -73.45 18.20
N THR EA 458 33.80 -73.73 17.79
CA THR EA 458 34.10 -74.23 16.46
C THR EA 458 35.13 -75.35 16.54
N LYS EA 459 35.35 -75.99 15.39
CA LYS EA 459 36.53 -76.79 15.13
C LYS EA 459 37.19 -76.35 13.83
N SER EA 460 37.19 -75.04 13.60
CA SER EA 460 37.76 -74.39 12.44
C SER EA 460 38.42 -73.11 12.89
N PRO EA 461 39.38 -72.59 12.13
CA PRO EA 461 40.11 -71.39 12.59
C PRO EA 461 39.16 -70.21 12.79
N VAL EA 462 39.46 -69.42 13.83
CA VAL EA 462 38.63 -68.28 14.21
C VAL EA 462 39.53 -67.04 14.15
N THR EA 463 39.10 -66.03 13.40
CA THR EA 463 39.82 -64.78 13.29
C THR EA 463 38.85 -63.62 13.42
N LEU EA 464 39.08 -62.76 14.42
CA LEU EA 464 38.26 -61.58 14.64
C LEU EA 464 39.18 -60.39 14.86
N SER EA 465 38.86 -59.26 14.22
CA SER EA 465 39.73 -58.10 14.27
C SER EA 465 38.90 -56.84 14.06
N GLY EA 466 38.72 -56.06 15.12
CA GLY EA 466 38.06 -54.77 15.00
C GLY EA 466 36.59 -54.82 15.33
N CYS EA 467 36.23 -54.31 16.51
CA CYS EA 467 34.85 -54.23 16.93
C CYS EA 467 34.48 -52.76 17.10
N GLN EA 468 33.42 -52.33 16.43
CA GLN EA 468 33.00 -50.95 16.49
C GLN EA 468 31.50 -50.88 16.70
N ILE EA 469 31.05 -49.85 17.41
CA ILE EA 469 29.64 -49.64 17.71
C ILE EA 469 29.29 -48.19 17.40
N ARG EA 470 28.13 -47.98 16.79
CA ARG EA 470 27.62 -46.64 16.59
C ARG EA 470 26.98 -46.17 17.89
N LEU EA 471 27.67 -45.26 18.59
CA LEU EA 471 27.34 -45.01 19.99
C LEU EA 471 26.02 -44.28 20.14
N GLU EA 472 25.62 -43.50 19.15
CA GLU EA 472 24.35 -42.77 19.22
C GLU EA 472 23.66 -42.75 17.86
N ILE FA 3 31.60 -30.34 33.76
CA ILE FA 3 31.97 -31.54 34.51
C ILE FA 3 33.46 -31.53 34.81
N GLN FA 4 33.79 -31.57 36.10
CA GLN FA 4 35.18 -31.60 36.55
C GLN FA 4 35.40 -32.89 37.33
N GLN FA 5 36.66 -33.33 37.36
CA GLN FA 5 37.05 -34.52 38.10
C GLN FA 5 38.00 -34.11 39.23
N LEU FA 6 37.77 -34.67 40.42
CA LEU FA 6 38.56 -34.34 41.60
C LEU FA 6 39.41 -35.52 42.00
N PRO FA 7 40.74 -35.41 41.94
CA PRO FA 7 41.59 -36.50 42.44
C PRO FA 7 41.51 -36.59 43.96
N MET FA 8 41.58 -37.81 44.49
CA MET FA 8 41.53 -38.04 45.93
C MET FA 8 42.72 -38.84 46.45
N MET FA 9 43.72 -39.10 45.60
CA MET FA 9 44.88 -39.87 46.05
C MET FA 9 45.68 -39.10 47.10
N LYS FA 10 45.56 -37.78 47.11
CA LYS FA 10 46.26 -36.94 48.07
C LYS FA 10 45.55 -35.59 48.14
N GLY FA 11 45.30 -35.11 49.36
CA GLY FA 11 44.57 -33.88 49.54
C GLY FA 11 45.33 -32.83 50.33
N MET FA 12 45.38 -31.62 49.80
CA MET FA 12 46.12 -30.54 50.44
C MET FA 12 45.26 -29.84 51.48
N GLY FA 13 45.93 -29.16 52.41
CA GLY FA 13 45.26 -28.43 53.45
C GLY FA 13 46.24 -27.59 54.23
N LYS FA 14 45.81 -27.14 55.40
CA LYS FA 14 46.66 -26.33 56.27
C LYS FA 14 46.39 -26.70 57.73
N ASP FA 15 47.35 -26.40 58.58
CA ASP FA 15 47.27 -26.72 60.00
C ASP FA 15 47.10 -25.44 60.81
N PHE FA 16 46.35 -25.52 61.91
CA PHE FA 16 46.00 -24.32 62.67
C PHE FA 16 47.15 -23.87 63.56
N LYS FA 17 48.19 -24.68 63.70
CA LYS FA 17 49.26 -24.35 64.64
C LYS FA 17 50.12 -23.18 64.13
N ASN FA 18 50.51 -23.21 62.86
CA ASN FA 18 51.38 -22.18 62.30
C ASN FA 18 50.98 -21.78 60.88
N ALA FA 19 49.79 -22.19 60.43
CA ALA FA 19 49.25 -21.77 59.13
C ALA FA 19 50.20 -22.08 57.98
N ASP FA 20 50.56 -23.36 57.85
CA ASP FA 20 51.37 -23.83 56.74
C ASP FA 20 50.59 -24.85 55.93
N TYR FA 21 50.87 -24.90 54.64
CA TYR FA 21 50.18 -25.82 53.73
C TYR FA 21 50.78 -27.20 53.88
N ILE FA 22 50.05 -28.10 54.52
CA ILE FA 22 50.43 -29.50 54.66
C ILE FA 22 49.30 -30.36 54.08
N ASP FA 23 49.67 -31.37 53.31
CA ASP FA 23 48.66 -32.21 52.67
C ASP FA 23 48.18 -33.31 53.61
N TYR FA 24 46.94 -33.72 53.44
CA TYR FA 24 46.33 -34.79 54.22
C TYR FA 24 46.46 -36.10 53.45
N LEU FA 25 47.27 -37.02 53.97
CA LEU FA 25 47.41 -38.33 53.36
C LEU FA 25 46.13 -39.13 53.56
N PRO FA 26 45.78 -39.99 52.60
CA PRO FA 26 44.57 -40.82 52.76
C PRO FA 26 44.71 -41.82 53.89
N VAL FA 27 43.81 -41.76 54.86
CA VAL FA 27 43.92 -42.59 56.05
C VAL FA 27 43.38 -43.98 55.74
N ASN FA 28 44.22 -45.00 55.92
CA ASN FA 28 43.87 -46.41 55.91
C ASN FA 28 43.37 -46.91 54.56
N MET FA 29 43.75 -46.30 53.44
CA MET FA 29 43.35 -46.75 52.12
C MET FA 29 44.52 -46.65 51.17
N LEU FA 30 44.70 -47.67 50.34
CA LEU FA 30 45.83 -47.71 49.42
C LEU FA 30 45.45 -47.10 48.07
N ALA FA 31 46.44 -46.99 47.20
CA ALA FA 31 46.27 -46.45 45.86
C ALA FA 31 46.79 -47.43 44.83
N THR FA 32 45.98 -47.72 43.82
CA THR FA 32 46.32 -48.67 42.77
C THR FA 32 45.98 -48.07 41.41
N PRO FA 33 46.94 -47.92 40.51
CA PRO FA 33 46.59 -47.49 39.13
C PRO FA 33 46.20 -48.66 38.26
N LYS FA 34 44.99 -48.64 37.69
CA LYS FA 34 44.51 -49.80 36.96
C LYS FA 34 43.74 -49.41 35.70
N GLU FA 35 43.65 -48.13 35.37
CA GLU FA 35 42.92 -47.63 34.21
C GLU FA 35 41.44 -48.03 34.28
N ILE FA 36 40.77 -47.48 35.29
CA ILE FA 36 39.36 -47.73 35.58
C ILE FA 36 38.50 -47.02 34.55
N LEU FA 37 37.19 -47.25 34.60
CA LEU FA 37 36.25 -46.86 33.55
C LEU FA 37 36.57 -45.50 32.96
N ASN FA 38 36.55 -44.45 33.78
CA ASN FA 38 36.74 -43.10 33.29
C ASN FA 38 37.94 -42.39 33.90
N SER FA 39 38.59 -42.98 34.90
CA SER FA 39 39.76 -42.41 35.54
C SER FA 39 40.92 -43.40 35.39
N SER FA 40 42.05 -43.06 36.00
CA SER FA 40 43.24 -43.89 35.96
C SER FA 40 43.62 -44.27 37.39
N GLY FA 41 43.02 -45.34 37.89
CA GLY FA 41 43.35 -45.83 39.21
C GLY FA 41 42.16 -45.83 40.15
N TYR FA 42 42.21 -46.74 41.12
CA TYR FA 42 41.14 -46.84 42.12
C TYR FA 42 41.79 -46.99 43.49
N LEU FA 43 41.04 -46.60 44.52
CA LEU FA 43 41.52 -46.64 45.90
C LEU FA 43 40.80 -47.76 46.63
N ARG FA 44 41.56 -48.65 47.26
CA ARG FA 44 41.02 -49.83 47.92
C ARG FA 44 41.52 -49.87 49.36
N SER FA 45 40.65 -50.33 50.26
CA SER FA 45 40.99 -50.36 51.69
C SER FA 45 42.06 -51.39 51.98
N PHE FA 46 42.75 -51.20 53.09
CA PHE FA 46 43.75 -52.17 53.53
C PHE FA 46 43.06 -53.47 53.95
N PRO FA 47 43.69 -54.62 53.75
CA PRO FA 47 43.08 -55.88 54.19
C PRO FA 47 42.95 -55.94 55.70
N GLY FA 48 41.95 -56.70 56.16
CA GLY FA 48 41.62 -56.79 57.57
C GLY FA 48 42.30 -57.97 58.23
N ILE FA 49 42.52 -57.85 59.55
CA ILE FA 49 43.20 -58.91 60.30
C ILE FA 49 42.18 -59.86 60.90
N THR FA 50 42.51 -61.16 60.86
CA THR FA 50 41.71 -62.18 61.53
C THR FA 50 42.63 -63.06 62.38
N LYS FA 51 42.15 -63.43 63.55
CA LYS FA 51 42.95 -64.23 64.48
C LYS FA 51 43.26 -65.60 63.90
N ARG FA 52 44.51 -66.03 64.03
CA ARG FA 52 44.94 -67.35 63.60
C ARG FA 52 45.42 -68.22 64.75
N TYR FA 53 46.39 -67.75 65.53
CA TYR FA 53 46.93 -68.51 66.64
C TYR FA 53 46.96 -67.66 67.90
N ASP FA 54 47.09 -68.33 69.04
CA ASP FA 54 47.27 -67.67 70.33
C ASP FA 54 48.68 -67.94 70.84
N MET FA 55 49.41 -66.88 71.18
CA MET FA 55 50.80 -66.99 71.58
C MET FA 55 51.03 -66.29 72.91
N ASN FA 56 52.30 -66.34 73.35
CA ASN FA 56 52.63 -65.92 74.71
C ASN FA 56 52.50 -64.41 74.90
N GLY FA 57 53.04 -63.62 73.99
CA GLY FA 57 53.06 -62.18 74.19
C GLY FA 57 53.13 -61.35 72.94
N VAL FA 58 53.34 -60.04 73.10
CA VAL FA 58 53.41 -59.13 71.96
C VAL FA 58 54.62 -59.47 71.09
N SER FA 59 54.50 -59.19 69.80
CA SER FA 59 55.56 -59.52 68.87
C SER FA 59 56.83 -58.74 69.18
N ARG FA 60 57.98 -59.39 69.04
CA ARG FA 60 59.28 -58.78 69.30
C ARG FA 60 60.29 -59.03 68.20
N GLY FA 61 60.01 -59.91 67.24
CA GLY FA 61 60.91 -60.16 66.14
C GLY FA 61 60.37 -61.21 65.22
N VAL FA 62 60.90 -61.23 63.99
CA VAL FA 62 60.48 -62.19 62.98
C VAL FA 62 61.61 -62.33 61.96
N GLU FA 63 61.68 -63.51 61.35
CA GLU FA 63 62.66 -63.78 60.31
C GLU FA 63 62.27 -65.09 59.63
N TYR FA 64 62.32 -65.09 58.30
CA TYR FA 64 61.92 -66.25 57.51
C TYR FA 64 63.15 -67.14 57.33
N ASN FA 65 63.20 -68.23 58.07
CA ASN FA 65 64.28 -69.19 57.93
C ASN FA 65 64.26 -69.81 56.53
N THR FA 66 65.39 -69.74 55.83
CA THR FA 66 65.45 -70.27 54.48
C THR FA 66 65.87 -71.74 54.48
N ALA FA 67 66.76 -72.11 55.40
CA ALA FA 67 67.20 -73.51 55.48
C ALA FA 67 66.05 -74.43 55.80
N GLN FA 68 65.19 -74.04 56.74
CA GLN FA 68 63.96 -74.77 57.04
C GLN FA 68 62.77 -73.90 56.67
N ASN FA 69 61.89 -74.43 55.83
CA ASN FA 69 60.78 -73.65 55.29
C ASN FA 69 59.75 -73.44 56.40
N ALA FA 70 60.03 -72.45 57.25
CA ALA FA 70 59.11 -72.09 58.32
C ALA FA 70 59.44 -70.68 58.78
N VAL FA 71 58.46 -70.02 59.40
CA VAL FA 71 58.60 -68.66 59.88
C VAL FA 71 58.87 -68.69 61.37
N TYR FA 72 59.98 -68.08 61.79
CA TYR FA 72 60.36 -67.99 63.19
C TYR FA 72 59.98 -66.62 63.75
N ARG FA 73 59.43 -66.62 64.95
CA ARG FA 73 59.08 -65.39 65.64
C ARG FA 73 59.12 -65.61 67.15
N VAL FA 74 59.77 -64.70 67.86
CA VAL FA 74 59.78 -64.79 69.32
C VAL FA 74 58.39 -64.55 69.89
N CYS FA 75 57.70 -63.52 69.40
CA CYS FA 75 56.32 -63.22 69.75
C CYS FA 75 56.12 -63.18 71.26
N GLY FA 76 57.01 -62.47 71.94
CA GLY FA 76 56.85 -62.17 73.35
C GLY FA 76 57.82 -62.92 74.23
N GLY FA 77 57.27 -63.71 75.17
CA GLY FA 77 58.10 -64.27 76.22
C GLY FA 77 59.08 -65.32 75.73
N LYS FA 78 58.66 -66.17 74.80
CA LYS FA 78 59.40 -67.38 74.48
C LYS FA 78 59.18 -67.76 73.02
N LEU FA 79 60.22 -68.32 72.41
CA LEU FA 79 60.31 -68.44 70.95
C LEU FA 79 59.23 -69.34 70.38
N TYR FA 80 58.86 -69.08 69.12
CA TYR FA 80 57.91 -69.90 68.38
C TYR FA 80 58.43 -70.16 66.97
N LYS FA 81 58.25 -71.39 66.50
CA LYS FA 81 58.44 -71.74 65.10
C LYS FA 81 57.08 -72.10 64.50
N GLY FA 82 56.51 -71.17 63.75
CA GLY FA 82 55.15 -71.40 63.26
C GLY FA 82 54.20 -71.49 64.43
N GLU FA 83 53.73 -72.70 64.71
CA GLU FA 83 52.88 -72.95 65.87
C GLU FA 83 53.61 -73.67 67.00
N SER FA 84 54.66 -74.42 66.70
CA SER FA 84 55.41 -75.16 67.71
C SER FA 84 56.25 -74.21 68.54
N GLU FA 85 56.72 -74.72 69.69
CA GLU FA 85 57.43 -73.86 70.63
C GLU FA 85 58.93 -73.85 70.36
N VAL FA 86 59.57 -75.02 70.45
CA VAL FA 86 60.99 -75.25 70.18
C VAL FA 86 61.88 -74.16 70.78
N GLY FA 87 61.84 -74.02 72.11
CA GLY FA 87 62.82 -73.22 72.79
C GLY FA 87 62.22 -72.08 73.61
N ASP FA 88 63.06 -71.51 74.46
CA ASP FA 88 62.69 -70.40 75.34
C ASP FA 88 63.70 -69.29 75.19
N VAL FA 89 63.23 -68.04 75.25
CA VAL FA 89 64.08 -66.86 75.10
C VAL FA 89 63.85 -65.95 76.29
N ALA FA 90 64.88 -65.21 76.67
CA ALA FA 90 64.83 -64.32 77.83
C ALA FA 90 65.00 -62.87 77.38
N GLY FA 91 64.36 -61.96 78.10
CA GLY FA 91 64.51 -60.54 77.82
C GLY FA 91 63.28 -59.89 77.23
N SER FA 92 63.09 -58.61 77.52
CA SER FA 92 61.96 -57.84 77.01
C SER FA 92 62.48 -56.67 76.19
N GLY FA 93 61.83 -56.40 75.08
CA GLY FA 93 62.23 -55.33 74.18
C GLY FA 93 62.00 -55.75 72.74
N ARG FA 94 62.94 -55.36 71.88
CA ARG FA 94 62.94 -55.76 70.48
C ARG FA 94 64.27 -56.42 70.15
N VAL FA 95 64.22 -57.48 69.36
CA VAL FA 95 65.39 -58.30 69.08
C VAL FA 95 65.66 -58.31 67.58
N SER FA 96 66.91 -58.61 67.24
CA SER FA 96 67.34 -58.69 65.85
C SER FA 96 67.72 -60.13 65.53
N MET FA 97 67.09 -60.70 64.51
CA MET FA 97 67.21 -62.11 64.19
C MET FA 97 67.99 -62.29 62.89
N ALA FA 98 68.80 -63.34 62.84
CA ALA FA 98 69.57 -63.70 61.64
C ALA FA 98 69.77 -65.21 61.64
N HIS FA 99 69.05 -65.90 60.75
CA HIS FA 99 69.08 -67.36 60.73
C HIS FA 99 70.42 -67.87 60.22
N GLY FA 100 70.59 -69.20 60.32
CA GLY FA 100 71.81 -69.84 59.87
C GLY FA 100 71.52 -71.24 59.36
N ARG FA 101 72.55 -71.97 58.95
CA ARG FA 101 72.36 -73.35 58.49
C ARG FA 101 72.69 -74.44 59.51
N THR FA 102 72.63 -74.12 60.79
CA THR FA 102 72.84 -75.10 61.83
C THR FA 102 72.17 -74.59 63.06
N SER FA 103 72.13 -73.28 63.21
CA SER FA 103 71.51 -72.66 64.36
C SER FA 103 70.59 -71.54 63.92
N GLN FA 104 69.65 -71.14 64.76
CA GLN FA 104 68.78 -70.01 64.45
C GLN FA 104 69.35 -68.66 64.79
N ALA FA 105 69.66 -68.42 66.05
CA ALA FA 105 70.23 -67.15 66.51
C ALA FA 105 69.20 -66.08 66.75
N VAL FA 106 69.15 -65.59 67.97
CA VAL FA 106 68.17 -64.57 68.33
C VAL FA 106 68.87 -63.29 68.80
N GLY FA 107 69.92 -63.43 69.60
CA GLY FA 107 70.71 -62.29 69.99
C GLY FA 107 70.04 -61.29 70.91
N VAL FA 108 69.48 -61.74 72.03
CA VAL FA 108 68.81 -60.86 72.99
C VAL FA 108 69.83 -60.21 73.91
N ASN FA 109 69.40 -59.16 74.61
CA ASN FA 109 70.20 -58.44 75.61
C ASN FA 109 71.51 -57.99 74.94
N GLY FA 110 72.67 -58.25 75.52
CA GLY FA 110 73.94 -57.95 74.91
C GLY FA 110 74.76 -59.14 74.46
N GLN FA 111 74.15 -60.33 74.39
CA GLN FA 111 74.87 -61.55 74.07
C GLN FA 111 74.19 -62.26 72.91
N LEU FA 112 75.00 -62.92 72.08
CA LEU FA 112 74.50 -63.64 70.91
C LEU FA 112 74.05 -65.05 71.33
N VAL FA 113 72.84 -65.10 71.91
CA VAL FA 113 72.21 -66.39 72.18
C VAL FA 113 71.80 -67.01 70.85
N GLU FA 114 72.30 -68.22 70.58
CA GLU FA 114 71.98 -68.91 69.35
C GLU FA 114 71.41 -70.29 69.69
N TYR FA 115 70.26 -70.61 69.10
CA TYR FA 115 69.65 -71.91 69.31
C TYR FA 115 70.08 -72.87 68.22
N ARG FA 116 69.95 -74.17 68.51
CA ARG FA 116 70.40 -75.21 67.59
C ARG FA 116 69.23 -76.08 67.18
N TYR FA 117 69.28 -76.57 65.94
CA TYR FA 117 68.23 -77.47 65.45
C TYR FA 117 68.25 -78.80 66.18
N ASP FA 118 69.39 -79.16 66.76
CA ASP FA 118 69.46 -80.40 67.56
C ASP FA 118 68.56 -80.30 68.79
N GLY FA 119 68.55 -79.15 69.46
CA GLY FA 119 67.74 -78.96 70.63
C GLY FA 119 68.50 -78.32 71.79
N THR FA 120 69.72 -77.88 71.54
CA THR FA 120 70.57 -77.28 72.56
C THR FA 120 70.70 -75.79 72.30
N VAL FA 121 71.13 -75.07 73.35
CA VAL FA 121 71.33 -73.63 73.28
C VAL FA 121 72.79 -73.33 73.56
N LYS FA 122 73.35 -72.41 72.78
CA LYS FA 122 74.75 -72.02 72.92
C LYS FA 122 74.84 -70.51 72.92
N THR FA 123 76.01 -70.00 73.33
CA THR FA 123 76.25 -68.57 73.41
C THR FA 123 77.67 -68.30 72.96
N VAL FA 124 77.84 -67.21 72.22
CA VAL FA 124 79.14 -66.83 71.67
C VAL FA 124 80.00 -66.27 72.80
N SER FA 125 81.21 -66.82 72.94
CA SER FA 125 82.14 -66.40 73.98
C SER FA 125 83.56 -66.68 73.50
N ASN FA 126 84.52 -66.09 74.21
CA ASN FA 126 85.93 -66.22 73.83
C ASN FA 126 86.36 -67.69 73.83
N TRP FA 127 87.41 -67.97 73.06
CA TRP FA 127 87.99 -69.31 73.06
C TRP FA 127 88.56 -69.63 74.44
N PRO FA 128 88.56 -70.90 74.83
CA PRO FA 128 89.17 -71.26 76.13
C PRO FA 128 90.64 -70.90 76.17
N ALA FA 129 91.09 -70.45 77.33
CA ALA FA 129 92.49 -70.04 77.47
C ALA FA 129 93.45 -71.21 77.30
N ASP FA 130 92.97 -72.44 77.56
CA ASP FA 130 93.84 -73.61 77.41
C ASP FA 130 94.14 -73.90 75.95
N SER FA 131 93.25 -73.49 75.03
CA SER FA 131 93.48 -73.73 73.61
C SER FA 131 94.68 -72.94 73.10
N GLY FA 132 94.85 -71.71 73.57
CA GLY FA 132 95.96 -70.89 73.14
C GLY FA 132 95.69 -70.01 71.95
N PHE FA 133 94.55 -69.30 71.93
CA PHE FA 133 94.19 -68.45 70.82
C PHE FA 133 94.27 -66.99 71.24
N THR FA 134 93.85 -66.10 70.34
CA THR FA 134 94.12 -64.67 70.48
C THR FA 134 93.25 -63.99 71.53
N GLN FA 135 92.13 -64.58 71.94
CA GLN FA 135 91.38 -64.11 73.11
C GLN FA 135 90.96 -62.65 73.02
N TYR FA 136 90.06 -62.32 72.09
CA TYR FA 136 89.61 -60.94 71.92
C TYR FA 136 88.87 -60.44 73.16
N GLU FA 137 88.46 -59.18 73.10
CA GLU FA 137 87.69 -58.51 74.15
C GLU FA 137 86.31 -58.20 73.58
N LEU FA 138 85.35 -59.09 73.80
CA LEU FA 138 84.00 -58.91 73.29
C LEU FA 138 83.22 -57.94 74.18
N GLY FA 139 82.13 -57.41 73.62
CA GLY FA 139 81.28 -56.49 74.35
C GLY FA 139 79.80 -56.75 74.14
N SER FA 140 78.98 -55.75 74.40
CA SER FA 140 77.55 -55.89 74.20
C SER FA 140 77.21 -55.90 72.71
N VAL FA 141 76.18 -56.67 72.35
CA VAL FA 141 75.81 -56.84 70.96
C VAL FA 141 74.52 -56.10 70.66
N ARG FA 142 74.45 -55.49 69.47
CA ARG FA 142 73.24 -54.80 69.02
C ARG FA 142 72.56 -55.55 67.88
N ASP FA 143 73.24 -55.80 66.78
CA ASP FA 143 72.59 -56.45 65.65
C ASP FA 143 73.39 -57.65 65.16
N ILE FA 144 72.72 -58.50 64.39
CA ILE FA 144 73.27 -59.78 63.94
C ILE FA 144 73.02 -59.91 62.45
N THR FA 145 73.93 -60.61 61.77
CA THR FA 145 73.78 -60.91 60.35
C THR FA 145 74.58 -62.17 60.06
N ARG FA 146 74.49 -62.64 58.81
CA ARG FA 146 75.20 -63.85 58.40
C ARG FA 146 75.59 -63.71 56.94
N LEU FA 147 76.88 -63.84 56.66
CA LEU FA 147 77.39 -63.89 55.30
C LEU FA 147 78.22 -65.16 55.14
N ARG FA 148 77.96 -65.90 54.06
CA ARG FA 148 78.60 -67.19 53.79
C ARG FA 148 78.27 -68.12 54.95
N GLY FA 149 79.25 -68.75 55.59
CA GLY FA 149 78.99 -69.67 56.68
C GLY FA 149 79.26 -69.14 58.06
N ARG FA 150 79.32 -67.83 58.25
CA ARG FA 150 79.71 -67.24 59.52
C ARG FA 150 78.82 -66.06 59.86
N TYR FA 151 78.70 -65.79 61.16
CA TYR FA 151 77.93 -64.66 61.66
C TYR FA 151 78.76 -63.39 61.65
N ALA FA 152 78.16 -62.30 62.10
CA ALA FA 152 78.85 -61.02 62.24
C ALA FA 152 78.02 -60.11 63.13
N TRP FA 153 78.63 -59.60 64.19
CA TRP FA 153 77.95 -58.71 65.12
C TRP FA 153 78.82 -57.49 65.38
N SER FA 154 78.19 -56.45 65.93
CA SER FA 154 78.85 -55.18 66.17
C SER FA 154 78.86 -54.89 67.67
N LYS FA 155 80.03 -54.52 68.20
CA LYS FA 155 80.13 -54.14 69.60
C LYS FA 155 79.38 -52.84 69.86
N ASP FA 156 78.75 -52.77 71.02
CA ASP FA 156 77.87 -51.66 71.38
C ASP FA 156 78.71 -50.42 71.69
N GLY FA 157 78.45 -49.33 70.98
CA GLY FA 157 79.09 -48.06 71.25
C GLY FA 157 80.53 -47.96 70.82
N THR FA 158 80.99 -48.81 69.89
CA THR FA 158 82.39 -48.82 69.50
C THR FA 158 82.49 -49.09 68.01
N ASP FA 159 83.62 -48.68 67.43
CA ASP FA 159 83.82 -48.82 65.99
C ASP FA 159 83.95 -50.28 65.57
N SER FA 160 84.16 -51.18 66.53
CA SER FA 160 84.51 -52.55 66.21
C SER FA 160 83.27 -53.40 65.93
N TRP FA 161 83.37 -54.25 64.91
CA TRP FA 161 82.39 -55.30 64.65
C TRP FA 161 83.15 -56.60 64.42
N PHE FA 162 82.71 -57.67 65.08
CA PHE FA 162 83.45 -58.92 65.06
C PHE FA 162 82.93 -59.88 64.01
N ILE FA 163 83.44 -61.11 64.05
CA ILE FA 163 83.12 -62.14 63.07
C ILE FA 163 82.98 -63.47 63.83
N THR FA 164 82.56 -64.51 63.11
CA THR FA 164 82.33 -65.82 63.70
C THR FA 164 83.14 -66.88 62.98
N ASP FA 165 83.68 -67.83 63.75
CA ASP FA 165 84.52 -68.88 63.21
C ASP FA 165 83.70 -69.84 62.35
N LEU FA 166 84.39 -70.58 61.47
CA LEU FA 166 83.70 -71.48 60.55
C LEU FA 166 83.38 -72.81 61.21
N GLU FA 167 84.42 -73.54 61.62
CA GLU FA 167 84.21 -74.91 62.13
C GLU FA 167 83.39 -74.91 63.40
N ASP FA 168 83.64 -73.94 64.29
CA ASP FA 168 82.81 -73.79 65.49
C ASP FA 168 82.19 -72.41 65.38
N GLU FA 169 80.87 -72.34 65.43
CA GLU FA 169 80.19 -71.06 65.25
C GLU FA 169 79.83 -70.44 66.55
N SER FA 170 80.52 -70.83 67.60
CA SER FA 170 80.23 -70.29 68.90
C SER FA 170 81.42 -69.53 69.43
N HIS FA 171 82.49 -69.46 68.64
CA HIS FA 171 83.62 -68.67 69.07
C HIS FA 171 84.00 -67.65 68.03
N PRO FA 172 84.53 -66.51 68.48
CA PRO FA 172 84.78 -65.42 67.52
C PRO FA 172 85.56 -65.88 66.29
N ASP FA 173 86.79 -66.35 66.47
CA ASP FA 173 87.60 -66.87 65.37
C ASP FA 173 88.91 -67.38 65.95
N ARG FA 174 89.72 -68.00 65.09
CA ARG FA 174 91.03 -68.47 65.53
C ARG FA 174 92.03 -67.32 65.61
N TYR FA 175 92.22 -66.60 64.51
CA TYR FA 175 93.29 -65.62 64.44
C TYR FA 175 92.80 -64.19 64.18
N SER FA 176 91.92 -64.01 63.20
CA SER FA 176 91.50 -62.68 62.76
C SER FA 176 89.99 -62.55 62.89
N ALA FA 177 89.55 -61.76 63.87
CA ALA FA 177 88.13 -61.42 64.00
C ALA FA 177 87.86 -59.95 64.31
N GLN FA 178 88.87 -59.15 64.65
CA GLN FA 178 88.67 -57.75 64.98
C GLN FA 178 88.66 -56.92 63.71
N TYR FA 179 87.54 -56.31 63.34
CA TYR FA 179 87.48 -55.38 62.22
C TYR FA 179 86.86 -54.12 62.70
N ARG FA 180 87.17 -53.01 62.07
CA ARG FA 180 86.59 -51.72 62.44
C ARG FA 180 86.17 -50.88 61.25
N ALA FA 181 85.30 -49.91 61.47
CA ALA FA 181 84.69 -49.16 60.38
C ALA FA 181 85.57 -47.97 60.01
N GLU FA 182 85.43 -46.85 60.68
CA GLU FA 182 86.53 -45.91 60.88
C GLU FA 182 86.93 -44.89 59.81
N SER FA 183 86.17 -44.63 58.78
CA SER FA 183 86.43 -43.40 58.11
C SER FA 183 86.30 -42.33 59.17
N GLN FA 184 85.14 -42.22 59.79
CA GLN FA 184 84.89 -41.20 60.79
C GLN FA 184 84.54 -41.80 62.13
N PRO FA 185 84.85 -41.08 63.24
CA PRO FA 185 84.53 -41.66 64.55
C PRO FA 185 83.03 -41.72 64.79
N ASP FA 186 82.43 -42.91 64.69
CA ASP FA 186 81.00 -43.08 64.88
C ASP FA 186 80.69 -44.52 65.27
N GLY FA 187 79.76 -44.68 66.20
CA GLY FA 187 79.36 -46.01 66.60
C GLY FA 187 78.61 -46.73 65.50
N ILE FA 188 78.67 -48.05 65.53
CA ILE FA 188 77.96 -48.87 64.56
C ILE FA 188 76.54 -49.04 65.07
N ILE FA 189 75.61 -48.26 64.50
CA ILE FA 189 74.22 -48.34 64.93
C ILE FA 189 73.60 -49.66 64.48
N GLY FA 190 73.94 -50.11 63.27
CA GLY FA 190 73.38 -51.34 62.75
C GLY FA 190 74.29 -51.98 61.74
N ILE FA 191 74.05 -53.27 61.50
CA ILE FA 191 74.84 -54.05 60.56
C ILE FA 191 73.88 -54.84 59.67
N GLY FA 192 74.32 -55.14 58.45
CA GLY FA 192 73.50 -55.88 57.52
C GLY FA 192 74.32 -56.35 56.34
N THR FA 193 73.72 -57.22 55.55
CA THR FA 193 74.38 -57.82 54.39
C THR FA 193 73.63 -57.44 53.12
N TRP FA 194 74.37 -57.30 52.03
CA TRP FA 194 73.80 -56.94 50.73
C TRP FA 194 74.74 -57.40 49.64
N ARG FA 195 74.35 -58.46 48.93
CA ARG FA 195 75.10 -58.95 47.76
C ARG FA 195 76.57 -59.19 48.10
N ASP FA 196 76.82 -60.06 49.07
CA ASP FA 196 78.13 -60.47 49.56
C ASP FA 196 78.92 -59.30 50.16
N PHE FA 197 78.29 -58.17 50.44
CA PHE FA 197 78.93 -57.07 51.14
C PHE FA 197 78.34 -56.97 52.54
N ILE FA 198 79.19 -56.81 53.53
CA ILE FA 198 78.73 -56.61 54.91
C ILE FA 198 78.57 -55.11 55.12
N VAL FA 199 77.33 -54.64 55.06
CA VAL FA 199 77.05 -53.21 55.15
C VAL FA 199 77.07 -52.80 56.62
N CYS FA 200 77.96 -51.88 56.96
CA CYS FA 200 78.10 -51.39 58.33
C CYS FA 200 77.49 -50.00 58.44
N PHE FA 201 76.35 -49.92 59.10
CA PHE FA 201 75.60 -48.67 59.23
C PHE FA 201 76.14 -47.89 60.42
N GLY FA 202 76.88 -46.82 60.13
CA GLY FA 202 77.36 -45.96 61.18
C GLY FA 202 76.38 -44.85 61.53
N SER FA 203 76.79 -44.02 62.49
CA SER FA 203 75.98 -42.87 62.89
C SER FA 203 76.01 -41.80 61.82
N SER FA 204 77.12 -41.67 61.10
CA SER FA 204 77.25 -40.64 60.09
C SER FA 204 77.60 -41.17 58.71
N THR FA 205 78.14 -42.38 58.61
CA THR FA 205 78.54 -42.93 57.31
C THR FA 205 78.03 -44.35 57.16
N ILE FA 206 78.04 -44.84 55.92
CA ILE FA 206 77.72 -46.22 55.59
C ILE FA 206 78.86 -46.77 54.75
N GLU FA 207 79.43 -47.89 55.18
CA GLU FA 207 80.62 -48.42 54.56
C GLU FA 207 80.42 -49.89 54.20
N TYR FA 208 80.99 -50.31 53.08
CA TYR FA 208 80.81 -51.64 52.54
C TYR FA 208 82.08 -52.45 52.71
N PHE FA 209 81.95 -53.67 53.23
CA PHE FA 209 83.07 -54.58 53.42
C PHE FA 209 82.89 -55.80 52.53
N SER FA 210 83.94 -56.16 51.79
CA SER FA 210 83.93 -57.33 50.92
C SER FA 210 85.04 -58.28 51.31
N LEU FA 211 84.73 -59.58 51.35
CA LEU FA 211 85.72 -60.56 51.74
C LEU FA 211 86.73 -60.79 50.64
N THR FA 212 87.93 -61.20 51.03
CA THR FA 212 89.01 -61.52 50.11
C THR FA 212 89.64 -62.84 50.51
N GLY FA 213 90.27 -63.50 49.54
CA GLY FA 213 90.93 -64.77 49.82
C GLY FA 213 92.20 -64.59 50.63
N ALA FA 214 92.15 -64.99 51.90
CA ALA FA 214 93.31 -64.80 52.77
C ALA FA 214 94.35 -65.89 52.54
N THR FA 215 93.99 -67.13 52.83
CA THR FA 215 94.91 -68.28 52.75
C THR FA 215 96.18 -67.98 53.56
N THR FA 216 95.97 -67.39 54.74
CA THR FA 216 97.04 -67.01 55.63
C THR FA 216 96.46 -66.96 57.05
N ALA FA 217 97.34 -67.01 58.04
CA ALA FA 217 96.91 -66.99 59.43
C ALA FA 217 96.68 -65.55 59.88
N GLY FA 218 95.41 -65.20 60.06
CA GLY FA 218 95.05 -63.90 60.58
C GLY FA 218 95.46 -62.71 59.73
N ALA FA 219 95.06 -62.69 58.46
CA ALA FA 219 95.44 -61.62 57.55
C ALA FA 219 94.22 -61.12 56.77
N ALA FA 220 93.49 -60.19 57.38
CA ALA FA 220 92.52 -59.34 56.69
C ALA FA 220 91.56 -60.15 55.81
N LEU FA 221 90.69 -60.92 56.47
CA LEU FA 221 89.66 -61.64 55.75
C LEU FA 221 88.72 -60.69 55.01
N TYR FA 222 88.34 -59.59 55.65
CA TYR FA 222 87.45 -58.60 55.06
C TYR FA 222 88.20 -57.27 54.92
N VAL FA 223 88.09 -56.67 53.74
CA VAL FA 223 88.72 -55.39 53.43
C VAL FA 223 87.63 -54.39 53.07
N ALA FA 224 87.71 -53.19 53.65
CA ALA FA 224 86.68 -52.18 53.44
C ALA FA 224 86.77 -51.59 52.04
N GLN FA 225 85.62 -51.50 51.37
CA GLN FA 225 85.55 -50.89 50.05
C GLN FA 225 85.18 -49.42 50.18
N PRO FA 226 86.02 -48.49 49.74
CA PRO FA 226 85.73 -47.05 49.92
C PRO FA 226 85.00 -46.39 48.75
N SER FA 227 84.77 -47.09 47.64
CA SER FA 227 84.09 -46.46 46.51
C SER FA 227 82.59 -46.39 46.73
N LEU FA 228 82.06 -47.19 47.65
CA LEU FA 228 80.62 -47.31 47.84
C LEU FA 228 80.12 -46.62 49.11
N MET FA 229 80.92 -45.75 49.72
CA MET FA 229 80.47 -45.07 50.93
C MET FA 229 79.31 -44.13 50.63
N VAL FA 230 78.38 -44.02 51.58
CA VAL FA 230 77.15 -43.26 51.33
C VAL FA 230 77.23 -41.88 51.97
N GLN FA 231 77.94 -41.76 53.09
CA GLN FA 231 78.15 -40.54 53.87
C GLN FA 231 76.93 -40.10 54.66
N LYS FA 232 75.97 -40.99 54.91
CA LYS FA 232 74.84 -40.67 55.77
C LYS FA 232 74.58 -41.83 56.72
N GLY FA 233 74.14 -41.50 57.93
CA GLY FA 233 73.90 -42.52 58.94
C GLY FA 233 72.45 -42.96 59.00
N ILE FA 234 72.12 -43.68 60.06
CA ILE FA 234 70.77 -44.17 60.30
C ILE FA 234 70.33 -43.70 61.68
N ALA FA 235 69.07 -43.28 61.79
CA ALA FA 235 68.59 -42.66 63.02
C ALA FA 235 68.58 -43.65 64.18
N GLY FA 236 68.12 -44.88 63.94
CA GLY FA 236 67.99 -45.83 65.02
C GLY FA 236 68.53 -47.18 64.62
N THR FA 237 68.49 -48.11 65.58
CA THR FA 237 69.05 -49.43 65.35
C THR FA 237 68.29 -50.20 64.29
N TYR FA 238 66.96 -50.09 64.29
CA TYR FA 238 66.12 -50.90 63.42
C TYR FA 238 65.55 -50.12 62.23
N CYS FA 239 66.08 -48.93 61.93
CA CYS FA 239 65.62 -48.14 60.79
C CYS FA 239 66.39 -48.56 59.53
N LYS FA 240 66.14 -49.80 59.11
CA LYS FA 240 66.75 -50.33 57.89
C LYS FA 240 66.01 -51.61 57.51
N THR FA 241 65.87 -51.81 56.19
CA THR FA 241 65.18 -52.96 55.63
C THR FA 241 65.77 -53.33 54.28
N PRO FA 242 65.54 -54.54 53.79
CA PRO FA 242 65.82 -54.80 52.38
C PRO FA 242 64.68 -54.32 51.50
N PHE FA 243 64.88 -53.22 50.77
CA PHE FA 243 63.86 -52.63 49.93
C PHE FA 243 64.40 -52.44 48.53
N ALA FA 244 63.68 -52.97 47.54
CA ALA FA 244 64.12 -53.00 46.14
C ALA FA 244 65.49 -53.67 46.14
N ASP FA 245 66.56 -53.00 45.74
CA ASP FA 245 67.91 -53.53 45.85
C ASP FA 245 68.75 -52.78 46.86
N SER FA 246 68.14 -51.86 47.62
CA SER FA 246 68.85 -51.02 48.58
C SER FA 246 68.24 -51.17 49.97
N TYR FA 247 68.61 -50.29 50.90
CA TYR FA 247 68.18 -50.46 52.28
C TYR FA 247 67.15 -49.46 52.77
N ALA FA 248 67.10 -48.25 52.23
CA ALA FA 248 66.03 -47.29 52.52
C ALA FA 248 65.94 -46.98 54.03
N PHE FA 249 66.98 -46.32 54.53
CA PHE FA 249 67.10 -46.05 55.96
C PHE FA 249 66.33 -44.78 56.33
N ILE FA 250 66.56 -44.30 57.55
CA ILE FA 250 66.07 -43.00 58.02
C ILE FA 250 67.28 -42.23 58.51
N SER FA 251 67.42 -40.98 58.06
CA SER FA 251 68.63 -40.21 58.33
C SER FA 251 68.78 -39.93 59.82
N HIS FA 252 70.04 -39.85 60.26
CA HIS FA 252 70.35 -39.59 61.66
C HIS FA 252 70.30 -38.09 61.94
N PRO FA 253 70.04 -37.70 63.18
CA PRO FA 253 70.11 -36.26 63.54
C PRO FA 253 71.48 -35.65 63.35
N ALA FA 254 72.53 -36.45 63.15
CA ALA FA 254 73.86 -35.90 62.92
C ALA FA 254 73.88 -35.02 61.68
N THR FA 255 73.16 -35.43 60.64
CA THR FA 255 73.03 -34.60 59.45
C THR FA 255 72.00 -33.50 59.68
N GLY FA 256 71.62 -32.83 58.59
CA GLY FA 256 70.80 -31.64 58.70
C GLY FA 256 69.47 -31.87 59.40
N ALA FA 257 68.75 -32.92 58.99
CA ALA FA 257 67.44 -33.19 59.56
C ALA FA 257 67.04 -34.62 59.21
N PRO FA 258 66.27 -35.29 60.06
CA PRO FA 258 65.83 -36.65 59.74
C PRO FA 258 64.93 -36.67 58.52
N SER FA 259 65.11 -37.69 57.69
CA SER FA 259 64.31 -37.86 56.50
C SER FA 259 64.54 -39.25 55.95
N VAL FA 260 63.52 -39.80 55.29
CA VAL FA 260 63.61 -41.13 54.69
C VAL FA 260 64.49 -41.01 53.44
N TYR FA 261 65.20 -42.09 53.11
CA TYR FA 261 66.11 -42.08 51.97
C TYR FA 261 66.07 -43.44 51.30
N ILE FA 262 66.81 -43.55 50.19
CA ILE FA 262 67.05 -44.82 49.51
C ILE FA 262 68.48 -44.79 48.98
N ILE FA 263 69.24 -45.86 49.24
CA ILE FA 263 70.62 -45.91 48.80
C ILE FA 263 70.67 -46.14 47.30
N GLY FA 264 71.50 -45.36 46.61
CA GLY FA 264 71.76 -45.54 45.20
C GLY FA 264 73.01 -46.34 44.94
N SER FA 265 73.71 -45.98 43.87
CA SER FA 265 75.00 -46.60 43.60
C SER FA 265 76.03 -46.21 44.65
N GLY FA 266 76.16 -44.91 44.91
CA GLY FA 266 77.07 -44.42 45.92
C GLY FA 266 76.55 -43.22 46.67
N GLN FA 267 75.24 -43.01 46.64
CA GLN FA 267 74.63 -41.85 47.27
C GLN FA 267 73.19 -42.18 47.63
N ALA FA 268 72.61 -41.34 48.49
CA ALA FA 268 71.27 -41.54 48.99
C ALA FA 268 70.31 -40.57 48.31
N SER FA 269 69.18 -41.09 47.82
CA SER FA 269 68.17 -40.28 47.16
C SER FA 269 66.92 -40.21 48.02
N PRO FA 270 66.46 -39.01 48.38
CA PRO FA 270 65.30 -38.91 49.26
C PRO FA 270 64.03 -39.38 48.58
N ILE FA 271 63.10 -39.89 49.40
CA ILE FA 271 61.78 -40.32 48.92
C ILE FA 271 60.66 -39.79 49.77
N ALA FA 272 60.93 -38.82 50.65
CA ALA FA 272 59.93 -38.31 51.58
C ALA FA 272 59.59 -36.86 51.22
N THR FA 273 58.30 -36.57 51.11
CA THR FA 273 57.85 -35.20 50.90
C THR FA 273 58.08 -34.36 52.15
N ALA FA 274 57.93 -33.04 52.00
CA ALA FA 274 58.18 -32.14 53.11
C ALA FA 274 57.23 -32.42 54.28
N SER FA 275 55.97 -32.75 54.00
CA SER FA 275 55.03 -33.03 55.06
C SER FA 275 55.41 -34.27 55.87
N ILE FA 276 56.01 -35.26 55.22
CA ILE FA 276 56.45 -36.45 55.93
C ILE FA 276 57.59 -36.12 56.89
N GLU FA 277 58.52 -35.27 56.44
CA GLU FA 277 59.60 -34.85 57.33
C GLU FA 277 59.10 -33.96 58.45
N LYS FA 278 58.03 -33.20 58.20
CA LYS FA 278 57.39 -32.46 59.30
C LYS FA 278 56.86 -33.41 60.36
N ILE FA 279 56.28 -34.53 59.95
CA ILE FA 279 55.79 -35.51 60.90
C ILE FA 279 56.96 -36.18 61.63
N ILE FA 280 58.03 -36.48 60.91
CA ILE FA 280 59.19 -37.14 61.52
C ILE FA 280 59.84 -36.23 62.56
N ARG FA 281 59.94 -34.92 62.27
CA ARG FA 281 60.55 -33.99 63.21
C ARG FA 281 59.73 -33.80 64.48
N SER FA 282 58.48 -34.23 64.51
CA SER FA 282 57.65 -34.02 65.69
C SER FA 282 58.13 -34.84 66.87
N TYR FA 283 58.83 -35.95 66.62
CA TYR FA 283 59.32 -36.78 67.70
C TYR FA 283 60.69 -36.30 68.17
N THR FA 284 60.96 -36.47 69.46
CA THR FA 284 62.29 -36.17 69.99
C THR FA 284 63.29 -37.22 69.52
N ALA FA 285 64.57 -36.95 69.78
CA ALA FA 285 65.62 -37.86 69.32
C ALA FA 285 65.49 -39.23 69.94
N GLU FA 286 65.21 -39.30 71.24
CA GLU FA 286 65.09 -40.59 71.91
C GLU FA 286 63.90 -41.39 71.38
N GLU FA 287 62.78 -40.72 71.12
CA GLU FA 287 61.59 -41.41 70.65
C GLU FA 287 61.79 -41.98 69.24
N MET FA 288 62.56 -41.27 68.41
CA MET FA 288 62.76 -41.72 67.03
C MET FA 288 63.59 -43.00 66.98
N ALA FA 289 64.48 -43.19 67.95
CA ALA FA 289 65.34 -44.37 67.95
C ALA FA 289 64.57 -45.67 68.14
N THR FA 290 63.30 -45.61 68.56
CA THR FA 290 62.47 -46.79 68.73
C THR FA 290 61.51 -46.99 67.56
N GLY FA 291 61.91 -46.63 66.35
CA GLY FA 291 61.07 -46.73 65.17
C GLY FA 291 61.48 -47.94 64.33
N VAL FA 292 60.51 -48.82 64.09
CA VAL FA 292 60.75 -50.04 63.31
C VAL FA 292 60.39 -49.77 61.86
N MET FA 293 61.02 -50.51 60.95
CA MET FA 293 60.73 -50.42 59.53
C MET FA 293 60.58 -51.83 58.97
N GLU FA 294 59.76 -51.98 57.94
CA GLU FA 294 59.55 -53.27 57.28
C GLU FA 294 59.30 -53.07 55.80
N THR FA 295 59.12 -54.19 55.11
CA THR FA 295 58.73 -54.21 53.70
C THR FA 295 57.70 -55.31 53.51
N LEU FA 296 56.65 -55.01 52.74
CA LEU FA 296 55.58 -55.97 52.48
C LEU FA 296 55.17 -55.84 51.02
N ARG FA 297 55.01 -56.97 50.35
CA ARG FA 297 54.65 -57.00 48.93
C ARG FA 297 53.52 -57.99 48.72
N PHE FA 298 52.35 -57.48 48.35
CA PHE FA 298 51.24 -58.30 47.92
C PHE FA 298 50.63 -57.70 46.67
N ASP FA 299 50.15 -58.57 45.78
CA ASP FA 299 49.69 -58.19 44.44
C ASP FA 299 50.83 -57.42 43.77
N SER FA 300 50.57 -56.30 43.12
CA SER FA 300 51.63 -55.51 42.48
C SER FA 300 52.23 -54.48 43.40
N HIS FA 301 51.80 -54.41 44.66
CA HIS FA 301 52.26 -53.40 45.59
C HIS FA 301 53.68 -53.70 46.07
N GLU FA 302 54.35 -52.65 46.53
CA GLU FA 302 55.63 -52.76 47.24
C GLU FA 302 55.64 -51.70 48.32
N LEU FA 303 55.37 -52.10 49.56
CA LEU FA 303 55.14 -51.18 50.66
C LEU FA 303 56.42 -51.04 51.49
N LEU FA 304 56.55 -49.89 52.14
CA LEU FA 304 57.62 -49.63 53.10
C LEU FA 304 56.95 -49.00 54.33
N ILE FA 305 56.82 -49.77 55.39
CA ILE FA 305 56.03 -49.39 56.56
C ILE FA 305 56.98 -48.93 57.66
N ILE FA 306 56.68 -47.78 58.25
CA ILE FA 306 57.50 -47.19 59.32
C ILE FA 306 56.62 -47.15 60.57
N HIS FA 307 57.04 -47.87 61.61
CA HIS FA 307 56.29 -47.94 62.86
C HIS FA 307 56.84 -46.93 63.86
N LEU FA 308 56.54 -45.67 63.62
CA LEU FA 308 56.86 -44.61 64.58
C LEU FA 308 55.95 -44.72 65.79
N PRO FA 309 56.33 -44.11 66.91
CA PRO FA 309 55.54 -44.27 68.14
C PRO FA 309 54.08 -43.86 68.00
N ARG FA 310 53.78 -42.84 67.20
CA ARG FA 310 52.42 -42.39 67.00
C ARG FA 310 51.99 -42.32 65.55
N HIS FA 311 52.80 -42.83 64.62
CA HIS FA 311 52.46 -42.80 63.21
C HIS FA 311 52.93 -44.09 62.55
N VAL FA 312 52.16 -44.55 61.57
CA VAL FA 312 52.40 -45.83 60.91
C VAL FA 312 52.56 -45.59 59.41
N LEU FA 313 53.20 -44.47 59.07
CA LEU FA 313 53.36 -44.05 57.67
C LEU FA 313 53.76 -45.21 56.77
N VAL FA 314 53.20 -45.22 55.56
CA VAL FA 314 53.41 -46.29 54.60
C VAL FA 314 53.71 -45.66 53.24
N TYR FA 315 54.75 -46.17 52.57
CA TYR FA 315 55.16 -45.68 51.26
C TYR FA 315 54.90 -46.76 50.22
N ASP FA 316 54.12 -46.42 49.19
CA ASP FA 316 53.78 -47.35 48.12
C ASP FA 316 54.62 -47.00 46.90
N ALA FA 317 55.56 -47.90 46.56
CA ALA FA 317 56.50 -47.61 45.49
C ALA FA 317 55.85 -47.71 44.11
N SER FA 318 54.98 -48.72 43.91
CA SER FA 318 54.43 -48.95 42.59
C SER FA 318 53.45 -47.86 42.18
N SER FA 319 52.71 -47.31 43.13
CA SER FA 319 51.69 -46.31 42.84
C SER FA 319 52.23 -44.90 42.72
N SER FA 320 53.53 -44.69 42.97
CA SER FA 320 54.12 -43.35 42.97
C SER FA 320 54.59 -43.01 41.57
N GLN FA 321 53.64 -42.90 40.64
CA GLN FA 321 53.96 -42.48 39.28
C GLN FA 321 54.42 -41.03 39.23
N ASN FA 322 53.67 -40.13 39.86
CA ASN FA 322 53.98 -38.70 39.85
C ASN FA 322 54.07 -38.23 41.30
N GLY FA 323 55.27 -38.36 41.87
CA GLY FA 323 55.51 -37.96 43.24
C GLY FA 323 55.28 -39.10 44.21
N PRO FA 324 55.87 -39.00 45.40
CA PRO FA 324 55.69 -40.04 46.42
C PRO FA 324 54.24 -40.18 46.85
N GLN FA 325 53.88 -41.41 47.18
CA GLN FA 325 52.52 -41.77 47.61
C GLN FA 325 52.59 -42.34 49.03
N TRP FA 326 52.39 -41.49 50.02
CA TRP FA 326 52.44 -41.91 51.41
C TRP FA 326 51.04 -42.11 51.97
N CYS FA 327 50.94 -43.00 52.94
CA CYS FA 327 49.67 -43.35 53.56
C CYS FA 327 49.90 -43.60 55.03
N VAL FA 328 48.83 -43.49 55.83
CA VAL FA 328 48.89 -43.67 57.27
C VAL FA 328 47.77 -44.60 57.68
N LEU FA 329 48.06 -45.51 58.62
CA LEU FA 329 47.11 -46.50 59.08
C LEU FA 329 46.81 -46.27 60.56
N LYS FA 330 45.59 -46.59 60.98
CA LYS FA 330 45.19 -46.44 62.36
C LYS FA 330 44.06 -47.40 62.67
N THR FA 331 43.94 -47.77 63.95
CA THR FA 331 42.96 -48.79 64.33
C THR FA 331 41.64 -48.18 64.79
N GLY FA 332 41.67 -47.36 65.84
CA GLY FA 332 40.44 -46.89 66.44
C GLY FA 332 39.74 -45.84 65.60
N LEU FA 333 38.51 -45.55 66.00
CA LEU FA 333 37.76 -44.47 65.37
C LEU FA 333 38.46 -43.13 65.58
N TYR FA 334 39.06 -42.94 66.75
CA TYR FA 334 39.92 -41.80 67.00
C TYR FA 334 41.36 -42.13 66.61
N ASP FA 335 42.26 -41.17 66.84
CA ASP FA 335 43.65 -41.37 66.48
C ASP FA 335 44.28 -42.42 67.39
N ASP FA 336 44.95 -43.39 66.78
CA ASP FA 336 45.61 -44.46 67.52
C ASP FA 336 46.60 -45.16 66.61
N VAL FA 337 47.58 -45.81 67.22
CA VAL FA 337 48.63 -46.50 66.47
C VAL FA 337 48.07 -47.81 65.91
N TYR FA 338 48.58 -48.22 64.75
CA TYR FA 338 48.12 -49.42 64.09
C TYR FA 338 48.50 -50.66 64.91
N ARG FA 339 47.73 -51.72 64.70
CA ARG FA 339 47.93 -53.00 65.38
C ARG FA 339 48.51 -54.00 64.39
N GLY FA 340 49.56 -54.70 64.80
CA GLY FA 340 50.22 -55.65 63.93
C GLY FA 340 51.61 -55.20 63.57
N VAL FA 341 52.62 -55.80 64.21
CA VAL FA 341 53.99 -55.30 64.05
C VAL FA 341 54.64 -55.92 62.82
N ASP FA 342 54.80 -57.25 62.80
CA ASP FA 342 55.62 -57.92 61.81
C ASP FA 342 54.73 -58.63 60.79
N PHE FA 343 54.93 -58.30 59.51
CA PHE FA 343 54.25 -58.96 58.42
C PHE FA 343 55.23 -59.90 57.71
N MET FA 344 54.82 -61.15 57.53
CA MET FA 344 55.63 -62.12 56.81
C MET FA 344 54.73 -63.02 55.98
N TYR FA 345 55.25 -63.50 54.87
CA TYR FA 345 54.49 -64.32 53.92
C TYR FA 345 54.78 -65.79 54.18
N GLU FA 346 53.81 -66.50 54.74
CA GLU FA 346 53.95 -67.91 55.05
C GLU FA 346 52.97 -68.72 54.22
N GLY FA 347 53.48 -69.72 53.50
CA GLY FA 347 52.61 -70.51 52.65
C GLY FA 347 52.06 -69.68 51.52
N ASN FA 348 50.76 -69.42 51.56
CA ASN FA 348 50.11 -68.49 50.64
C ASN FA 348 49.37 -67.38 51.35
N GLN FA 349 49.61 -67.20 52.65
CA GLN FA 349 48.95 -66.18 53.46
C GLN FA 349 50.00 -65.31 54.14
N ILE FA 350 49.55 -64.17 54.65
CA ILE FA 350 50.40 -63.21 55.34
C ILE FA 350 50.02 -63.23 56.82
N THR FA 351 51.02 -63.35 57.69
CA THR FA 351 50.82 -63.49 59.13
C THR FA 351 51.35 -62.24 59.83
N CYS FA 352 50.43 -61.40 60.31
CA CYS FA 352 50.82 -60.19 61.00
C CYS FA 352 50.93 -60.44 62.50
N GLY FA 353 51.82 -59.69 63.14
CA GLY FA 353 52.04 -59.78 64.57
C GLY FA 353 51.07 -58.91 65.35
N ASP FA 354 51.52 -58.45 66.51
CA ASP FA 354 50.72 -57.58 67.37
C ASP FA 354 51.65 -56.81 68.29
N LYS FA 355 51.12 -55.71 68.85
CA LYS FA 355 51.88 -54.88 69.77
C LYS FA 355 51.13 -54.52 71.04
N SER FA 356 49.86 -54.89 71.16
CA SER FA 356 49.09 -54.61 72.37
C SER FA 356 48.36 -55.84 72.92
N GLU FA 357 48.46 -56.99 72.26
CA GLU FA 357 47.80 -58.20 72.70
C GLU FA 357 48.73 -59.39 72.49
N ALA FA 358 48.49 -60.44 73.26
CA ALA FA 358 49.27 -61.67 73.15
C ALA FA 358 48.59 -62.63 72.17
N VAL FA 359 48.69 -62.27 70.89
CA VAL FA 359 47.98 -62.98 69.83
C VAL FA 359 48.68 -62.69 68.51
N VAL FA 360 48.49 -63.57 67.53
CA VAL FA 360 48.99 -63.39 66.18
C VAL FA 360 47.81 -63.54 65.23
N GLY FA 361 47.89 -62.90 64.07
CA GLY FA 361 46.78 -62.91 63.13
C GLY FA 361 47.27 -62.94 61.70
N GLN FA 362 46.34 -63.27 60.81
CA GLN FA 362 46.62 -63.34 59.37
C GLN FA 362 45.77 -62.32 58.62
N LEU FA 363 46.32 -61.79 57.54
CA LEU FA 363 45.58 -60.84 56.72
C LEU FA 363 44.55 -61.56 55.87
N GLN FA 364 43.37 -60.94 55.72
CA GLN FA 364 42.31 -61.45 54.88
C GLN FA 364 41.85 -60.32 53.96
N PHE FA 365 41.51 -60.67 52.72
CA PHE FA 365 41.31 -59.64 51.71
C PHE FA 365 39.84 -59.27 51.54
N ASP FA 366 38.93 -60.19 51.83
CA ASP FA 366 37.51 -59.94 51.65
C ASP FA 366 36.86 -59.32 52.87
N ILE FA 367 37.62 -59.01 53.92
CA ILE FA 367 37.13 -58.35 55.11
C ILE FA 367 38.04 -57.18 55.43
N SER FA 368 37.47 -56.10 55.94
CA SER FA 368 38.22 -54.88 56.22
C SER FA 368 38.28 -54.55 57.71
N SER FA 369 37.99 -55.51 58.58
CA SER FA 369 38.00 -55.30 60.02
C SER FA 369 39.17 -56.05 60.64
N GLN FA 370 39.89 -55.37 61.53
CA GLN FA 370 40.91 -56.04 62.32
C GLN FA 370 40.24 -56.81 63.45
N TYR FA 371 40.41 -58.13 63.43
CA TYR FA 371 39.73 -59.06 64.34
C TYR FA 371 38.23 -58.92 64.10
N ASP FA 372 37.43 -58.41 65.04
CA ASP FA 372 35.98 -58.29 64.85
C ASP FA 372 35.53 -56.90 65.32
N LYS FA 373 36.23 -55.87 64.85
CA LYS FA 373 35.86 -54.49 65.16
C LYS FA 373 35.92 -53.67 63.89
N GLN FA 374 34.96 -52.76 63.74
CA GLN FA 374 34.88 -51.94 62.54
C GLN FA 374 36.02 -50.92 62.51
N GLN FA 375 36.29 -50.39 61.32
CA GLN FA 375 37.45 -49.53 61.09
C GLN FA 375 37.05 -48.29 60.31
N GLU FA 376 37.87 -47.25 60.41
CA GLU FA 376 37.60 -45.98 59.75
C GLU FA 376 38.49 -45.81 58.52
N HIS FA 377 37.91 -45.28 57.45
CA HIS FA 377 38.63 -44.97 56.23
C HIS FA 377 38.34 -43.53 55.82
N LEU FA 378 39.38 -42.79 55.45
CA LEU FA 378 39.25 -41.38 55.13
C LEU FA 378 39.87 -41.09 53.77
N LEU FA 379 39.34 -40.07 53.09
CA LEU FA 379 39.87 -39.57 51.83
C LEU FA 379 39.65 -38.07 51.76
N PHE FA 380 40.66 -37.34 51.29
CA PHE FA 380 40.61 -35.89 51.27
C PHE FA 380 40.84 -35.37 49.86
N THR FA 381 40.00 -34.42 49.46
CA THR FA 381 40.13 -33.76 48.16
C THR FA 381 40.92 -32.46 48.33
N PRO FA 382 41.90 -32.21 47.45
CA PRO FA 382 42.71 -31.01 47.59
C PRO FA 382 41.91 -29.74 47.37
N LEU FA 383 42.39 -28.65 47.97
CA LEU FA 383 41.70 -27.38 47.92
C LEU FA 383 41.65 -26.83 46.50
N PHE FA 384 40.46 -26.36 46.11
CA PHE FA 384 40.25 -25.71 44.82
C PHE FA 384 39.74 -24.30 45.06
N LYS FA 385 40.18 -23.37 44.22
CA LYS FA 385 39.78 -21.97 44.32
C LYS FA 385 38.88 -21.63 43.13
N ALA FA 386 37.58 -21.68 43.35
CA ALA FA 386 36.59 -21.24 42.38
C ALA FA 386 35.63 -20.28 43.07
N ASP FA 387 35.39 -19.14 42.44
CA ASP FA 387 34.59 -18.08 43.04
C ASP FA 387 33.19 -18.05 42.42
N ASN FA 388 32.18 -18.00 43.28
CA ASN FA 388 30.78 -17.80 42.89
C ASN FA 388 30.22 -18.95 42.07
N ALA FA 389 30.89 -20.11 42.07
CA ALA FA 389 30.37 -21.27 41.36
C ALA FA 389 29.39 -22.03 42.25
N ARG FA 390 28.66 -22.96 41.63
CA ARG FA 390 27.71 -23.80 42.34
C ARG FA 390 27.85 -25.25 41.90
N CYS FA 391 28.22 -26.11 42.83
CA CYS FA 391 28.44 -27.52 42.57
C CYS FA 391 27.16 -28.30 42.89
N PHE FA 392 26.76 -29.18 41.99
CA PHE FA 392 25.51 -29.91 42.18
C PHE FA 392 25.71 -31.42 42.30
N ASP FA 393 26.28 -32.08 41.29
CA ASP FA 393 26.29 -33.53 41.22
C ASP FA 393 27.67 -34.06 41.58
N LEU FA 394 27.91 -34.28 42.87
CA LEU FA 394 29.11 -34.93 43.35
C LEU FA 394 28.85 -36.43 43.40
N GLU FA 395 29.46 -37.18 42.48
CA GLU FA 395 29.18 -38.60 42.29
C GLU FA 395 30.49 -39.39 42.35
N VAL FA 396 30.74 -40.03 43.49
CA VAL FA 396 31.84 -40.97 43.59
C VAL FA 396 31.37 -42.35 43.13
N GLU FA 397 32.29 -43.17 42.63
CA GLU FA 397 31.96 -44.44 42.02
C GLU FA 397 32.51 -45.58 42.89
N SER FA 398 31.61 -46.31 43.55
CA SER FA 398 32.00 -47.43 44.38
C SER FA 398 31.62 -48.75 43.73
N SER FA 399 32.26 -49.82 44.20
CA SER FA 399 31.91 -51.18 43.84
C SER FA 399 31.45 -51.92 45.08
N THR FA 400 30.26 -52.50 45.00
CA THR FA 400 29.56 -53.00 46.18
C THR FA 400 29.29 -54.50 46.03
N GLY FA 401 28.58 -55.04 47.03
CA GLY FA 401 28.10 -56.41 46.95
C GLY FA 401 28.83 -57.42 47.78
N VAL FA 402 29.77 -56.98 48.62
CA VAL FA 402 30.50 -57.90 49.49
C VAL FA 402 30.40 -57.40 50.93
N ALA FA 403 29.29 -56.74 51.25
CA ALA FA 403 29.08 -56.19 52.59
C ALA FA 403 28.11 -57.06 53.37
N GLN FA 404 28.05 -56.80 54.68
CA GLN FA 404 27.09 -57.46 55.57
C GLN FA 404 25.95 -56.56 55.99
N TYR FA 405 26.10 -55.24 55.84
CA TYR FA 405 25.05 -54.29 56.16
C TYR FA 405 25.23 -53.07 55.27
N ALA FA 406 24.14 -52.33 55.07
CA ALA FA 406 24.15 -51.14 54.20
C ALA FA 406 24.88 -50.02 54.93
N ASP FA 407 26.21 -50.09 54.87
CA ASP FA 407 27.05 -49.10 55.54
C ASP FA 407 26.92 -47.74 54.84
N ARG FA 408 27.04 -46.67 55.62
CA ARG FA 408 26.84 -45.32 55.13
C ARG FA 408 28.15 -44.55 55.09
N LEU FA 409 28.12 -43.44 54.36
CA LEU FA 409 29.29 -42.60 54.10
C LEU FA 409 29.03 -41.19 54.60
N PHE FA 410 30.04 -40.57 55.19
CA PHE FA 410 29.95 -39.20 55.69
C PHE FA 410 30.81 -38.32 54.79
N LEU FA 411 30.21 -37.23 54.28
CA LEU FA 411 30.94 -36.25 53.49
C LEU FA 411 30.67 -34.86 54.03
N SER FA 412 31.66 -33.98 53.91
CA SER FA 412 31.59 -32.63 54.42
C SER FA 412 32.52 -31.72 53.62
N ALA FA 413 32.40 -30.42 53.83
CA ALA FA 413 33.14 -29.45 53.06
C ALA FA 413 33.77 -28.41 53.97
N THR FA 414 34.92 -27.89 53.55
CA THR FA 414 35.64 -26.84 54.25
C THR FA 414 35.63 -25.56 53.43
N THR FA 415 35.46 -24.42 54.10
CA THR FA 415 35.59 -23.14 53.41
C THR FA 415 36.94 -22.51 53.71
N ASP FA 416 37.50 -22.79 54.89
CA ASP FA 416 38.81 -22.28 55.27
C ASP FA 416 39.91 -23.33 55.23
N GLY FA 417 39.57 -24.59 55.02
CA GLY FA 417 40.55 -25.64 54.88
C GLY FA 417 41.05 -26.25 56.17
N ILE FA 418 40.49 -25.87 57.32
CA ILE FA 418 40.89 -26.39 58.61
C ILE FA 418 39.78 -27.23 59.26
N ASN FA 419 38.60 -26.64 59.42
CA ASN FA 419 37.49 -27.27 60.11
C ASN FA 419 36.34 -27.51 59.15
N TYR FA 420 35.61 -28.60 59.37
CA TYR FA 420 34.63 -29.09 58.41
C TYR FA 420 33.20 -28.73 58.84
N GLY FA 421 32.29 -28.81 57.89
CA GLY FA 421 30.90 -28.48 58.13
C GLY FA 421 30.10 -29.68 58.58
N ARG FA 422 28.81 -29.67 58.22
CA ARG FA 422 27.92 -30.75 58.60
C ARG FA 422 28.28 -32.03 57.86
N GLU FA 423 27.99 -33.17 58.50
CA GLU FA 423 28.27 -34.48 57.94
C GLU FA 423 26.97 -35.08 57.41
N GLN FA 424 26.94 -35.35 56.11
CA GLN FA 424 25.78 -35.92 55.44
C GLN FA 424 25.96 -37.42 55.27
N MET FA 425 24.92 -38.19 55.60
CA MET FA 425 24.99 -39.64 55.56
C MET FA 425 24.41 -40.16 54.25
N ILE FA 426 25.25 -40.84 53.46
CA ILE FA 426 24.84 -41.50 52.23
C ILE FA 426 25.31 -42.94 52.28
N GLU FA 427 24.42 -43.87 51.96
CA GLU FA 427 24.82 -45.27 51.90
C GLU FA 427 25.65 -45.51 50.64
N GLN FA 428 26.78 -46.20 50.81
CA GLN FA 428 27.69 -46.45 49.71
C GLN FA 428 27.88 -47.93 49.42
N ASN FA 429 27.21 -48.82 50.14
CA ASN FA 429 27.39 -50.25 49.94
C ASN FA 429 26.14 -50.98 50.39
N GLU FA 430 25.77 -51.99 49.64
CA GLU FA 430 24.61 -52.83 49.92
C GLU FA 430 25.04 -54.29 49.83
N PRO FA 431 24.55 -55.15 50.72
CA PRO FA 431 25.17 -56.48 50.87
C PRO FA 431 25.21 -57.30 49.59
N PHE FA 432 24.17 -57.26 48.76
CA PHE FA 432 24.12 -58.07 47.56
C PHE FA 432 23.58 -57.32 46.34
N VAL FA 433 23.82 -56.02 46.26
CA VAL FA 433 23.48 -55.23 45.09
C VAL FA 433 24.78 -54.83 44.41
N TYR FA 434 24.95 -55.24 43.15
CA TYR FA 434 26.20 -55.03 42.44
C TYR FA 434 26.20 -53.75 41.60
N ASP FA 435 25.05 -53.13 41.36
CA ASP FA 435 24.96 -51.91 40.57
C ASP FA 435 24.15 -50.88 41.35
N LYS FA 436 24.80 -49.79 41.72
CA LYS FA 436 24.13 -48.70 42.42
C LYS FA 436 24.96 -47.43 42.26
N ARG FA 437 24.31 -46.30 42.45
CA ARG FA 437 24.93 -44.98 42.30
C ARG FA 437 25.09 -44.34 43.67
N VAL FA 438 26.26 -43.78 43.93
CA VAL FA 438 26.54 -43.03 45.14
C VAL FA 438 26.78 -41.59 44.74
N LEU FA 439 25.86 -40.70 45.09
CA LEU FA 439 25.97 -39.31 44.68
C LEU FA 439 25.15 -38.43 45.60
N TRP FA 440 25.43 -37.14 45.55
CA TRP FA 440 24.67 -36.12 46.27
C TRP FA 440 24.22 -35.06 45.27
N LYS FA 441 22.94 -34.71 45.31
CA LYS FA 441 22.34 -33.97 44.20
C LYS FA 441 22.59 -32.47 44.30
N ARG FA 442 22.83 -31.96 45.50
CA ARG FA 442 23.03 -30.52 45.71
C ARG FA 442 24.17 -30.28 46.68
N VAL FA 443 25.13 -29.45 46.27
CA VAL FA 443 26.23 -29.05 47.15
C VAL FA 443 26.24 -27.55 47.41
N GLY FA 444 25.66 -26.73 46.55
CA GLY FA 444 25.46 -25.32 46.83
C GLY FA 444 26.65 -24.46 46.40
N ARG FA 445 26.49 -23.15 46.62
CA ARG FA 445 27.49 -22.19 46.20
C ARG FA 445 28.76 -22.34 47.02
N ILE FA 446 29.89 -22.03 46.39
CA ILE FA 446 31.19 -21.97 47.06
C ILE FA 446 31.67 -20.53 47.00
N ARG FA 447 31.98 -19.96 48.16
CA ARG FA 447 32.27 -18.53 48.23
C ARG FA 447 33.68 -18.22 47.72
N ARG FA 448 34.70 -18.81 48.34
CA ARG FA 448 36.07 -18.55 47.92
C ARG FA 448 36.78 -19.84 47.52
N LEU FA 449 36.60 -20.90 48.30
CA LEU FA 449 37.30 -22.16 48.07
C LEU FA 449 36.61 -23.24 48.88
N ILE FA 450 36.80 -24.49 48.44
CA ILE FA 450 36.12 -25.63 49.06
C ILE FA 450 36.98 -26.88 48.92
N GLY FA 451 36.85 -27.77 49.91
CA GLY FA 451 37.48 -29.08 49.85
C GLY FA 451 36.62 -30.08 50.57
N PHE FA 452 36.66 -31.33 50.09
CA PHE FA 452 35.71 -32.35 50.52
C PHE FA 452 36.39 -33.42 51.37
N LYS FA 453 35.56 -34.28 51.95
CA LYS FA 453 36.00 -35.37 52.82
C LYS FA 453 35.05 -36.53 52.65
N LEU FA 454 35.56 -37.75 52.80
CA LEU FA 454 34.81 -38.96 52.48
C LEU FA 454 34.95 -40.03 53.58
N ARG FA 455 34.69 -39.65 54.83
CA ARG FA 455 34.74 -40.60 55.93
C ARG FA 455 33.82 -41.79 55.68
N VAL FA 456 34.35 -43.00 55.91
CA VAL FA 456 33.60 -44.24 55.80
C VAL FA 456 33.95 -45.10 57.00
N ILE FA 457 32.93 -45.68 57.65
CA ILE FA 457 33.15 -46.62 58.74
C ILE FA 457 32.51 -47.94 58.38
N THR FA 458 33.34 -48.96 58.18
CA THR FA 458 32.89 -50.26 57.68
C THR FA 458 33.65 -51.38 58.36
N LYS FA 459 33.21 -52.60 58.09
CA LYS FA 459 34.00 -53.82 58.28
C LYS FA 459 33.87 -54.71 57.05
N SER FA 460 33.82 -54.08 55.89
CA SER FA 460 33.71 -54.73 54.60
C SER FA 460 34.59 -53.96 53.62
N PRO FA 461 35.03 -54.60 52.53
CA PRO FA 461 35.95 -53.91 51.61
C PRO FA 461 35.32 -52.65 51.04
N VAL FA 462 36.15 -51.60 50.92
CA VAL FA 462 35.72 -50.30 50.45
C VAL FA 462 36.54 -49.95 49.22
N THR FA 463 35.86 -49.63 48.13
CA THR FA 463 36.50 -49.23 46.88
C THR FA 463 35.84 -47.96 46.36
N LEU FA 464 36.64 -46.93 46.11
CA LEU FA 464 36.14 -45.68 45.54
C LEU FA 464 37.10 -45.25 44.43
N SER FA 465 36.54 -44.83 43.31
CA SER FA 465 37.35 -44.53 42.14
C SER FA 465 36.66 -43.47 41.29
N GLY FA 466 37.15 -42.24 41.35
CA GLY FA 466 36.66 -41.20 40.47
C GLY FA 466 35.56 -40.35 41.08
N CYS FA 467 35.91 -39.12 41.46
CA CYS FA 467 34.95 -38.17 41.98
C CYS FA 467 34.77 -37.06 40.96
N GLN FA 468 33.53 -36.83 40.54
CA GLN FA 468 33.24 -35.80 39.57
C GLN FA 468 32.09 -34.93 40.08
N ILE FA 469 32.21 -33.63 39.86
CA ILE FA 469 31.20 -32.66 40.29
C ILE FA 469 30.86 -31.78 39.09
N ARG FA 470 29.58 -31.42 38.98
CA ARG FA 470 29.16 -30.49 37.95
C ARG FA 470 29.32 -29.07 38.47
N LEU FA 471 30.34 -28.36 37.96
CA LEU FA 471 30.80 -27.14 38.61
C LEU FA 471 29.81 -26.00 38.41
N GLU FA 472 28.99 -26.06 37.38
CA GLU FA 472 28.04 -24.98 37.11
C GLU FA 472 26.76 -25.52 36.47
N MET GA 1 13.33 1.05 58.60
CA MET GA 1 13.70 0.57 57.26
C MET GA 1 15.12 0.03 57.25
N GLN GA 2 15.87 0.34 58.32
CA GLN GA 2 17.25 -0.09 58.53
C GLN GA 2 18.22 0.47 57.49
N ILE GA 3 17.77 1.39 56.66
CA ILE GA 3 18.62 2.02 55.65
C ILE GA 3 18.61 3.53 55.90
N LYS GA 4 18.55 3.91 57.18
CA LYS GA 4 18.35 5.30 57.54
C LYS GA 4 19.49 6.20 57.05
N THR GA 5 20.73 5.74 57.17
CA THR GA 5 21.88 6.58 56.91
C THR GA 5 22.33 6.50 55.46
N LYS GA 6 23.03 7.55 55.02
CA LYS GA 6 23.57 7.56 53.66
C LYS GA 6 24.61 6.47 53.48
N GLY GA 7 25.36 6.15 54.54
CA GLY GA 7 26.28 5.04 54.47
C GLY GA 7 25.60 3.73 54.18
N ASP GA 8 24.37 3.55 54.69
CA ASP GA 8 23.61 2.36 54.35
C ASP GA 8 23.27 2.31 52.87
N LEU GA 9 22.91 3.46 52.28
CA LEU GA 9 22.66 3.52 50.84
C LEU GA 9 23.90 3.15 50.06
N VAL GA 10 25.06 3.69 50.46
CA VAL GA 10 26.31 3.40 49.77
C VAL GA 10 26.65 1.92 49.88
N ARG GA 11 26.51 1.35 51.07
CA ARG GA 11 26.82 -0.06 51.26
C ARG GA 11 25.87 -0.95 50.45
N ALA GA 12 24.59 -0.59 50.40
CA ALA GA 12 23.64 -1.36 49.60
C ALA GA 12 23.98 -1.29 48.13
N ALA GA 13 24.35 -0.11 47.63
CA ALA GA 13 24.75 0.02 46.23
C ALA GA 13 25.98 -0.81 45.92
N LEU GA 14 26.98 -0.76 46.80
CA LEU GA 14 28.19 -1.54 46.59
C LEU GA 14 27.91 -3.03 46.62
N ARG GA 15 27.05 -3.47 47.56
CA ARG GA 15 26.69 -4.89 47.62
C ARG GA 15 25.95 -5.32 46.35
N LYS GA 16 25.05 -4.48 45.85
CA LYS GA 16 24.36 -4.80 44.60
C LYS GA 16 25.34 -4.91 43.44
N LEU GA 17 26.32 -4.01 43.39
CA LEU GA 17 27.34 -4.08 42.35
C LEU GA 17 28.27 -5.27 42.52
N GLY GA 18 28.30 -5.88 43.70
CA GLY GA 18 29.21 -6.98 43.96
C GLY GA 18 30.61 -6.56 44.32
N VAL GA 19 30.83 -5.28 44.63
CA VAL GA 19 32.18 -4.81 44.95
C VAL GA 19 32.55 -5.18 46.38
N ALA GA 20 31.70 -4.83 47.35
CA ALA GA 20 31.99 -5.07 48.75
C ALA GA 20 30.69 -5.45 49.46
N SER GA 21 30.66 -6.63 50.04
CA SER GA 21 29.48 -7.19 50.69
C SER GA 21 29.96 -8.24 51.69
N ASP GA 22 29.05 -9.08 52.15
CA ASP GA 22 29.42 -10.26 52.91
C ASP GA 22 29.22 -11.54 52.11
N ALA GA 23 28.27 -11.55 51.17
CA ALA GA 23 28.17 -12.64 50.22
C ALA GA 23 29.44 -12.79 49.38
N THR GA 24 30.16 -11.69 49.17
CA THR GA 24 31.54 -11.74 48.72
C THR GA 24 32.41 -11.24 49.86
N LEU GA 25 33.50 -11.96 50.12
CA LEU GA 25 34.22 -11.81 51.37
C LEU GA 25 34.91 -10.45 51.50
N THR GA 26 34.95 -9.64 50.44
CA THR GA 26 35.61 -8.34 50.49
C THR GA 26 34.95 -7.43 51.52
N ASP GA 27 35.64 -6.33 51.83
CA ASP GA 27 35.13 -5.33 52.76
C ASP GA 27 35.21 -3.95 52.12
N VAL GA 28 34.40 -3.03 52.63
CA VAL GA 28 34.31 -1.68 52.09
C VAL GA 28 35.53 -0.87 52.53
N GLU GA 29 36.14 -0.19 51.57
CA GLU GA 29 37.24 0.71 51.87
C GLU GA 29 36.71 2.14 52.00
N PRO GA 30 37.17 2.90 52.98
CA PRO GA 30 36.54 4.21 53.26
C PRO GA 30 36.54 5.19 52.09
N GLN GA 31 37.60 5.21 51.28
CA GLN GA 31 37.64 6.18 50.18
C GLN GA 31 36.61 5.85 49.12
N SER GA 32 36.32 4.56 48.91
CA SER GA 32 35.22 4.19 48.03
C SER GA 32 33.90 4.73 48.57
N MET GA 33 33.71 4.66 49.88
CA MET GA 33 32.51 5.20 50.50
C MET GA 33 32.40 6.71 50.27
N GLN GA 34 33.52 7.42 50.42
CA GLN GA 34 33.50 8.87 50.23
C GLN GA 34 33.19 9.23 48.78
N ASP GA 35 33.82 8.53 47.83
CA ASP GA 35 33.54 8.80 46.43
C ASP GA 35 32.08 8.51 46.08
N ALA GA 36 31.56 7.39 46.60
CA ALA GA 36 30.18 7.03 46.31
C ALA GA 36 29.19 8.01 46.91
N VAL GA 37 29.45 8.50 48.12
CA VAL GA 37 28.51 9.45 48.72
C VAL GA 37 28.58 10.79 47.99
N ASP GA 38 29.77 11.22 47.55
CA ASP GA 38 29.85 12.43 46.74
C ASP GA 38 29.06 12.28 45.45
N ASP GA 39 29.20 11.13 44.78
CA ASP GA 39 28.46 10.89 43.54
C ASP GA 39 26.96 10.84 43.81
N LEU GA 40 26.55 10.25 44.93
CA LEU GA 40 25.14 10.20 45.28
C LEU GA 40 24.57 11.59 45.49
N GLU GA 41 25.31 12.45 46.19
CA GLU GA 41 24.84 13.83 46.37
C GLU GA 41 24.73 14.55 45.04
N ALA GA 42 25.72 14.37 44.16
CA ALA GA 42 25.67 15.03 42.86
C ALA GA 42 24.46 14.55 42.05
N MET GA 43 24.23 13.23 42.02
CA MET GA 43 23.09 12.69 41.27
C MET GA 43 21.77 13.17 41.84
N MET GA 44 21.60 13.32 43.12
CA MET GA 44 20.32 13.70 43.62
C MET GA 44 20.05 15.18 43.59
N ALA GA 45 20.73 15.92 42.72
CA ALA GA 45 20.56 17.38 42.56
C ALA GA 45 20.14 17.66 41.23
N GLU GA 46 20.46 16.71 40.39
CA GLU GA 46 20.18 16.85 39.05
C GLU GA 46 18.83 16.26 39.01
N TRP GA 47 18.32 15.68 40.10
CA TRP GA 47 17.00 15.16 39.85
C TRP GA 47 16.01 16.12 40.34
N TYR GA 48 16.24 16.74 41.48
CA TYR GA 48 15.35 17.72 42.03
C TYR GA 48 15.98 18.94 41.60
N GLN GA 49 15.58 19.48 40.49
CA GLN GA 49 16.29 20.60 39.97
C GLN GA 49 15.71 21.80 40.56
N ASP GA 50 15.97 22.04 41.82
CA ASP GA 50 15.49 23.21 42.51
C ASP GA 50 13.99 23.16 42.76
N GLY GA 51 13.36 22.06 42.44
CA GLY GA 51 11.97 21.93 42.74
C GLY GA 51 11.24 21.59 41.50
N LYS GA 52 11.76 22.00 40.38
CA LYS GA 52 11.10 21.81 39.13
C LYS GA 52 11.41 20.42 38.63
N GLY GA 53 12.14 19.64 39.38
CA GLY GA 53 12.44 18.25 39.11
C GLY GA 53 11.73 17.24 39.98
N ILE GA 54 12.25 16.02 40.02
CA ILE GA 54 11.64 14.96 40.82
C ILE GA 54 11.70 15.36 42.30
N ILE GA 55 10.54 15.44 42.93
CA ILE GA 55 10.44 15.89 44.31
C ILE GA 55 10.41 14.66 45.21
N THR GA 56 11.46 14.50 46.01
CA THR GA 56 11.53 13.44 47.00
C THR GA 56 12.11 14.03 48.27
N GLY GA 57 11.71 13.49 49.42
CA GLY GA 57 12.26 13.94 50.69
C GLY GA 57 13.76 13.68 50.76
N TYR GA 58 14.56 14.74 50.72
CA TYR GA 58 16.00 14.58 50.77
C TYR GA 58 16.61 15.86 51.35
N VAL GA 59 17.58 15.69 52.23
CA VAL GA 59 18.27 16.81 52.88
C VAL GA 59 19.67 16.89 52.30
N PHE GA 60 20.02 18.06 51.74
CA PHE GA 60 21.35 18.27 51.21
C PHE GA 60 22.26 18.85 52.28
N SER GA 61 23.40 18.20 52.48
CA SER GA 61 24.32 18.61 53.53
C SER GA 61 24.94 19.96 53.19
N ASP GA 62 24.89 20.89 54.15
CA ASP GA 62 25.51 22.19 53.99
C ASP GA 62 27.02 22.14 54.20
N ASP GA 63 27.57 20.97 54.49
CA ASP GA 63 28.98 20.70 54.78
C ASP GA 63 29.42 21.28 56.12
N GLU GA 64 28.50 21.81 56.92
CA GLU GA 64 28.87 22.21 58.28
C GLU GA 64 29.34 21.01 59.09
N ASN GA 65 28.63 19.89 58.97
CA ASN GA 65 29.11 18.63 59.52
C ASN GA 65 30.14 18.04 58.56
N PRO GA 66 31.38 17.84 58.98
CA PRO GA 66 32.41 17.32 58.05
C PRO GA 66 32.07 15.94 57.52
N PRO GA 67 31.81 14.91 58.38
CA PRO GA 67 31.50 13.58 57.82
C PRO GA 67 30.04 13.50 57.38
N ALA GA 68 29.82 13.49 56.07
CA ALA GA 68 28.48 13.45 55.52
C ALA GA 68 27.95 12.04 55.36
N GLU GA 69 28.73 11.02 55.72
CA GLU GA 69 28.26 9.64 55.57
C GLU GA 69 27.26 9.26 56.66
N GLY GA 70 27.49 9.71 57.89
CA GLY GA 70 26.69 9.27 59.01
C GLY GA 70 25.33 9.92 59.17
N ASP GA 71 25.14 11.10 58.58
CA ASP GA 71 23.92 11.85 58.80
C ASP GA 71 22.73 11.18 58.12
N ASP GA 72 21.53 11.52 58.60
CA ASP GA 72 20.30 10.90 58.12
C ASP GA 72 19.85 11.53 56.81
N HIS GA 73 19.05 10.78 56.06
CA HIS GA 73 18.38 11.27 54.87
C HIS GA 73 16.87 11.20 55.06
N GLY GA 74 16.16 12.12 54.42
CA GLY GA 74 14.73 12.20 54.60
C GLY GA 74 13.93 11.40 53.58
N LEU GA 75 14.58 10.46 52.91
CA LEU GA 75 13.91 9.66 51.89
C LEU GA 75 12.76 8.88 52.50
N ARG GA 76 11.59 8.94 51.85
CA ARG GA 76 10.47 8.14 52.28
C ARG GA 76 10.72 6.67 51.93
N SER GA 77 9.99 5.79 52.61
CA SER GA 77 10.31 4.37 52.57
C SER GA 77 10.18 3.79 51.16
N SER GA 78 9.43 4.45 50.27
CA SER GA 78 9.24 3.93 48.93
C SER GA 78 10.36 4.32 47.97
N ALA GA 79 11.06 5.42 48.22
CA ALA GA 79 12.09 5.89 47.29
C ALA GA 79 13.44 5.22 47.51
N VAL GA 80 13.61 4.49 48.62
CA VAL GA 80 14.90 3.88 48.94
C VAL GA 80 15.28 2.87 47.87
N SER GA 81 14.34 2.01 47.48
CA SER GA 81 14.63 0.97 46.51
C SER GA 81 15.02 1.52 45.15
N ALA GA 82 14.71 2.78 44.88
CA ALA GA 82 15.12 3.41 43.63
C ALA GA 82 16.45 4.13 43.77
N VAL GA 83 16.66 4.82 44.89
CA VAL GA 83 17.84 5.66 45.03
C VAL GA 83 19.12 4.83 44.99
N PHE GA 84 19.19 3.76 45.78
CA PHE GA 84 20.44 3.02 45.81
C PHE GA 84 20.63 2.17 44.57
N HIS GA 85 19.56 1.75 43.91
CA HIS GA 85 19.70 1.05 42.63
C HIS GA 85 20.28 1.97 41.57
N ASN GA 86 19.79 3.22 41.50
CA ASN GA 86 20.36 4.18 40.57
C ASN GA 86 21.80 4.51 40.93
N LEU GA 87 22.08 4.61 42.24
CA LEU GA 87 23.45 4.86 42.68
C LEU GA 87 24.39 3.73 42.25
N ALA GA 88 23.96 2.49 42.41
CA ALA GA 88 24.76 1.35 41.97
C ALA GA 88 24.92 1.30 40.46
N CYS GA 89 23.91 1.70 39.70
CA CYS GA 89 24.06 1.79 38.26
C CYS GA 89 25.10 2.85 37.88
N ARG GA 90 25.11 3.97 38.61
CA ARG GA 90 26.04 5.05 38.28
C ARG GA 90 27.47 4.76 38.71
N ILE GA 91 27.68 4.10 39.85
CA ILE GA 91 29.03 3.89 40.36
C ILE GA 91 29.88 2.99 39.46
N ALA GA 92 29.29 2.00 38.82
CA ALA GA 92 30.08 0.99 38.11
C ALA GA 92 31.07 1.59 37.12
N PRO GA 93 30.76 2.65 36.37
CA PRO GA 93 31.79 3.31 35.57
C PRO GA 93 33.06 3.66 36.33
N ASP GA 94 33.01 3.85 37.65
CA ASP GA 94 34.21 4.17 38.41
C ASP GA 94 35.22 3.04 38.33
N TYR GA 95 34.76 1.81 38.49
CA TYR GA 95 35.57 0.63 38.20
C TYR GA 95 35.39 0.26 36.73
N ALA GA 96 35.84 -0.92 36.34
CA ALA GA 96 35.58 -1.39 34.99
C ALA GA 96 34.32 -2.23 34.91
N LEU GA 97 33.59 -2.37 36.02
CA LEU GA 97 32.38 -3.18 36.04
C LEU GA 97 31.26 -2.53 35.24
N GLU GA 98 30.36 -3.37 34.74
CA GLU GA 98 29.15 -2.93 34.06
C GLU GA 98 27.93 -3.47 34.80
N ALA GA 99 26.96 -2.61 35.03
CA ALA GA 99 25.77 -3.00 35.78
C ALA GA 99 24.95 -4.03 35.01
N THR GA 100 24.39 -5.00 35.73
CA THR GA 100 23.57 -6.03 35.13
C THR GA 100 22.25 -5.44 34.64
N ALA GA 101 21.64 -6.13 33.68
CA ALA GA 101 20.39 -5.64 33.10
C ALA GA 101 19.27 -5.57 34.14
N LYS GA 102 19.28 -6.46 35.12
CA LYS GA 102 18.26 -6.43 36.16
C LYS GA 102 18.33 -5.14 36.95
N ILE GA 103 19.54 -4.67 37.27
CA ILE GA 103 19.70 -3.42 38.00
C ILE GA 103 19.18 -2.25 37.17
N ILE GA 104 19.44 -2.27 35.86
CA ILE GA 104 18.97 -1.19 34.99
C ILE GA 104 17.45 -1.16 34.95
N ALA GA 105 16.83 -2.34 34.80
CA ALA GA 105 15.37 -2.40 34.78
C ALA GA 105 14.78 -1.92 36.10
N THR GA 106 15.39 -2.33 37.22
CA THR GA 106 14.90 -1.90 38.52
C THR GA 106 15.05 -0.39 38.71
N ALA GA 107 16.15 0.18 38.22
CA ALA GA 107 16.32 1.63 38.29
C ALA GA 107 15.26 2.36 37.47
N LYS GA 108 14.98 1.86 36.26
CA LYS GA 108 13.92 2.45 35.45
C LYS GA 108 12.59 2.43 36.18
N TYR GA 109 12.23 1.26 36.71
CA TYR GA 109 10.97 1.13 37.44
C TYR GA 109 10.93 2.07 38.64
N GLY GA 110 12.04 2.16 39.39
CA GLY GA 110 12.06 3.01 40.55
C GLY GA 110 11.89 4.47 40.22
N LYS GA 111 12.55 4.95 39.17
CA LYS GA 111 12.40 6.35 38.80
C LYS GA 111 10.99 6.66 38.31
N GLU GA 112 10.41 5.75 37.52
CA GLU GA 112 9.05 5.97 37.05
C GLU GA 112 8.07 6.02 38.23
N LEU GA 113 8.24 5.10 39.19
CA LEU GA 113 7.38 5.12 40.38
C LEU GA 113 7.61 6.36 41.21
N LEU GA 114 8.84 6.88 41.24
CA LEU GA 114 9.12 8.12 41.95
C LEU GA 114 8.36 9.29 41.34
N TYR GA 115 8.33 9.37 40.01
CA TYR GA 115 7.76 10.56 39.39
C TYR GA 115 6.27 10.47 39.09
N LYS GA 116 5.65 9.28 39.17
CA LYS GA 116 4.26 9.17 38.76
C LYS GA 116 3.32 10.00 39.64
N GLN GA 117 3.55 10.02 40.96
CA GLN GA 117 2.66 10.76 41.85
C GLN GA 117 2.73 12.25 41.58
N THR GA 118 3.94 12.79 41.41
CA THR GA 118 4.07 14.20 41.07
C THR GA 118 3.48 14.50 39.71
N ALA GA 119 3.59 13.58 38.76
CA ALA GA 119 2.96 13.78 37.45
C ALA GA 119 1.45 13.86 37.58
N ILE GA 120 0.85 13.00 38.41
CA ILE GA 120 -0.59 13.08 38.65
C ILE GA 120 -0.95 14.41 39.30
N SER GA 121 -0.19 14.82 40.32
CA SER GA 121 -0.51 16.04 41.05
C SER GA 121 -0.31 17.31 40.23
N ARG GA 122 0.55 17.29 39.21
CA ARG GA 122 0.86 18.48 38.44
C ARG GA 122 0.04 18.61 37.16
N ALA GA 123 -0.86 17.67 36.88
CA ALA GA 123 -1.70 17.72 35.69
C ALA GA 123 -2.96 18.49 36.01
N LYS GA 124 -2.91 19.81 35.84
CA LYS GA 124 -4.02 20.69 36.13
C LYS GA 124 -4.49 21.39 34.87
N ARG GA 125 -5.79 21.68 34.81
CA ARG GA 125 -6.39 22.33 33.66
C ARG GA 125 -6.42 23.84 33.86
N ALA GA 126 -6.10 24.58 32.79
CA ALA GA 126 -6.04 26.03 32.85
C ALA GA 126 -7.45 26.62 32.99
N PRO GA 127 -7.55 27.80 33.61
CA PRO GA 127 -8.87 28.44 33.76
C PRO GA 127 -9.44 28.93 32.43
N TYR GA 128 -10.66 29.45 32.47
CA TYR GA 128 -11.30 29.95 31.27
C TYR GA 128 -10.56 31.18 30.74
N PRO GA 129 -10.57 31.39 29.42
CA PRO GA 129 -9.95 32.60 28.86
C PRO GA 129 -10.71 33.85 29.29
N SER GA 130 -10.06 35.00 29.09
CA SER GA 130 -10.62 36.26 29.57
C SER GA 130 -11.88 36.64 28.81
N ARG GA 131 -11.90 36.42 27.50
CA ARG GA 131 -13.04 36.79 26.67
C ARG GA 131 -13.99 35.62 26.47
N MET GA 132 -14.48 35.10 27.58
CA MET GA 132 -15.50 34.03 27.57
C MET GA 132 -16.70 34.45 28.41
N PRO GA 133 -17.85 34.66 27.80
CA PRO GA 133 -19.03 35.05 28.59
C PRO GA 133 -19.50 33.92 29.48
N THR GA 134 -20.12 34.29 30.61
CA THR GA 134 -20.85 33.33 31.42
C THR GA 134 -22.33 33.42 31.05
N GLY GA 135 -22.90 32.29 30.66
CA GLY GA 135 -24.23 32.29 30.10
C GLY GA 135 -25.30 32.75 31.07
N SER GA 136 -26.50 32.91 30.55
CA SER GA 136 -27.64 33.38 31.33
C SER GA 136 -28.17 32.33 32.29
N GLY GA 137 -27.50 31.20 32.44
CA GLY GA 137 -27.97 30.16 33.33
C GLY GA 137 -27.41 30.27 34.74
N ASN GA 138 -26.30 31.00 34.88
CA ASN GA 138 -25.74 31.22 36.21
C ASN GA 138 -26.70 32.01 37.08
N SER GA 139 -27.28 33.08 36.53
CA SER GA 139 -28.33 33.90 37.11
C SER GA 139 -27.91 34.66 38.35
N PHE GA 140 -26.71 34.44 38.89
CA PHE GA 140 -26.22 35.20 40.02
C PHE GA 140 -24.99 36.02 39.64
N ALA GA 141 -23.96 35.39 39.07
CA ALA GA 141 -22.86 36.14 38.49
C ALA GA 141 -23.34 37.00 37.33
N ASN GA 142 -24.44 36.63 36.69
CA ASN GA 142 -25.02 37.47 35.65
C ASN GA 142 -25.69 38.71 36.24
N LEU GA 143 -26.33 38.56 37.39
CA LEU GA 143 -26.96 39.70 38.07
C LEU GA 143 -25.95 40.58 38.79
N ASN GA 144 -24.76 40.06 39.09
CA ASN GA 144 -23.72 40.85 39.75
C ASN GA 144 -22.81 41.56 38.76
N GLU GA 145 -23.27 41.77 37.52
CA GLU GA 145 -22.55 42.53 36.50
C GLU GA 145 -21.22 41.88 36.12
N TRP GA 146 -20.98 40.66 36.58
CA TRP GA 146 -19.73 39.95 36.29
C TRP GA 146 -19.97 38.95 35.17
N HIS GA 147 -20.24 39.49 33.97
CA HIS GA 147 -20.69 38.68 32.85
C HIS GA 147 -19.59 37.78 32.29
N TYR GA 148 -18.35 38.27 32.25
CA TYR GA 148 -17.26 37.56 31.61
C TYR GA 148 -16.34 36.94 32.66
N PHE GA 149 -15.64 35.88 32.26
CA PHE GA 149 -14.71 35.21 33.16
C PHE GA 149 -13.52 36.12 33.44
N PRO GA 150 -12.88 35.98 34.61
CA PRO GA 150 -11.81 36.91 34.99
C PRO GA 150 -10.58 36.75 34.10
N GLY GA 151 -10.23 35.51 33.77
CA GLY GA 151 -9.08 35.20 32.96
C GLY GA 151 -8.03 34.44 33.74
N GLU GA 152 -6.96 34.09 33.01
CA GLU GA 152 -5.86 33.38 33.64
C GLU GA 152 -5.10 34.27 34.61
N GLN GA 153 -5.25 35.59 34.49
CA GLN GA 153 -4.62 36.55 35.39
C GLN GA 153 -3.10 36.37 35.42
N MET HA 1 29.59 21.22 48.68
CA MET HA 1 29.31 20.46 47.48
C MET HA 1 30.54 19.61 47.14
N GLN HA 2 31.68 20.01 47.70
CA GLN HA 2 32.97 19.33 47.59
C GLN HA 2 33.54 19.36 46.17
N ILE HA 3 32.87 20.04 45.24
CA ILE HA 3 33.36 20.15 43.86
C ILE HA 3 33.48 21.64 43.53
N LYS HA 4 33.88 22.43 44.53
CA LYS HA 4 33.87 23.89 44.38
C LYS HA 4 34.80 24.37 43.27
N THR HA 5 35.99 23.78 43.15
CA THR HA 5 37.00 24.27 42.23
C THR HA 5 36.97 23.49 40.91
N LYS HA 6 37.60 24.08 39.90
CA LYS HA 6 37.68 23.42 38.58
C LYS HA 6 38.50 22.15 38.65
N GLY HA 7 39.60 22.18 39.40
CA GLY HA 7 40.38 20.96 39.59
C GLY HA 7 39.57 19.84 40.19
N ASP HA 8 38.56 20.18 40.99
CA ASP HA 8 37.66 19.16 41.49
C ASP HA 8 36.88 18.50 40.36
N LEU HA 9 36.42 19.28 39.38
CA LEU HA 9 35.75 18.70 38.22
C LEU HA 9 36.72 17.82 37.43
N VAL HA 10 37.96 18.27 37.26
CA VAL HA 10 38.94 17.47 36.52
C VAL HA 10 39.20 16.14 37.23
N ARG HA 11 39.36 16.19 38.55
CA ARG HA 11 39.60 14.96 39.30
C ARG HA 11 38.39 14.04 39.30
N ALA HA 12 37.18 14.62 39.36
CA ALA HA 12 35.97 13.79 39.27
C ALA HA 12 35.88 13.11 37.92
N ALA HA 13 36.20 13.83 36.84
CA ALA HA 13 36.19 13.22 35.51
C ALA HA 13 37.21 12.10 35.42
N LEU HA 14 38.41 12.34 35.95
CA LEU HA 14 39.45 11.30 35.91
C LEU HA 14 39.04 10.08 36.71
N ARG HA 15 38.41 10.29 37.88
CA ARG HA 15 37.92 9.17 38.67
C ARG HA 15 36.84 8.40 37.92
N LYS HA 16 35.91 9.11 37.28
CA LYS HA 16 34.85 8.45 36.53
C LYS HA 16 35.42 7.63 35.38
N LEU HA 17 36.50 8.11 34.76
CA LEU HA 17 37.17 7.33 33.74
C LEU HA 17 38.00 6.20 34.33
N GLY HA 18 38.31 6.27 35.62
CA GLY HA 18 39.13 5.26 36.26
C GLY HA 18 40.62 5.46 36.13
N VAL HA 19 41.06 6.56 35.52
CA VAL HA 19 42.48 6.78 35.31
C VAL HA 19 43.19 7.03 36.64
N ALA HA 20 42.65 7.91 37.47
CA ALA HA 20 43.30 8.28 38.72
C ALA HA 20 42.26 8.86 39.66
N SER HA 21 42.37 8.54 40.94
CA SER HA 21 41.48 9.04 41.99
C SER HA 21 42.29 9.11 43.29
N ASP HA 22 41.60 9.19 44.41
CA ASP HA 22 42.25 9.23 45.71
C ASP HA 22 42.87 7.90 46.13
N ALA HA 23 42.21 6.77 45.84
CA ALA HA 23 42.68 5.47 46.31
C ALA HA 23 43.56 4.76 45.29
N THR HA 24 44.17 5.46 44.35
CA THR HA 24 44.98 4.83 43.32
C THR HA 24 46.46 5.03 43.62
N LEU HA 25 47.25 4.00 43.32
CA LEU HA 25 48.68 4.02 43.61
C LEU HA 25 49.45 4.95 42.68
N THR HA 26 49.10 5.01 41.40
CA THR HA 26 49.75 5.93 40.49
C THR HA 26 48.86 7.13 40.21
N ASP HA 27 49.48 8.27 39.91
CA ASP HA 27 48.73 9.51 39.81
C ASP HA 27 49.13 10.25 38.54
N VAL HA 28 48.26 11.18 38.13
CA VAL HA 28 48.44 11.93 36.90
C VAL HA 28 49.33 13.14 37.17
N GLU HA 29 50.21 13.43 36.21
CA GLU HA 29 51.21 14.49 36.30
C GLU HA 29 50.54 15.84 36.07
N PRO HA 30 50.96 16.90 36.79
CA PRO HA 30 50.18 18.14 36.77
C PRO HA 30 49.98 18.78 35.41
N GLN HA 31 50.91 18.60 34.46
CA GLN HA 31 50.70 19.17 33.13
C GLN HA 31 49.46 18.61 32.47
N SER HA 32 49.15 17.33 32.71
CA SER HA 32 47.91 16.77 32.17
C SER HA 32 46.69 17.41 32.83
N MET HA 33 46.79 17.75 34.11
CA MET HA 33 45.71 18.48 34.77
C MET HA 33 45.52 19.85 34.14
N GLN HA 34 46.62 20.54 33.84
CA GLN HA 34 46.53 21.84 33.18
C GLN HA 34 45.88 21.71 31.81
N ASP HA 35 46.27 20.69 31.05
CA ASP HA 35 45.67 20.47 29.74
C ASP HA 35 44.18 20.17 29.84
N ALA HA 36 43.79 19.36 30.83
CA ALA HA 36 42.38 19.06 31.03
C ALA HA 36 41.59 20.31 31.43
N VAL HA 37 42.18 21.17 32.26
CA VAL HA 37 41.52 22.42 32.61
C VAL HA 37 41.34 23.31 31.38
N ASP HA 38 42.37 23.40 30.54
CA ASP HA 38 42.24 24.19 29.32
C ASP HA 38 41.14 23.62 28.41
N ASP HA 39 41.08 22.30 28.29
CA ASP HA 39 40.05 21.68 27.46
C ASP HA 39 38.66 21.92 28.03
N LEU HA 40 38.52 21.86 29.36
CA LEU HA 40 37.24 22.15 29.99
C LEU HA 40 36.81 23.59 29.73
N GLU HA 41 37.75 24.52 29.84
CA GLU HA 41 37.43 25.92 29.57
C GLU HA 41 37.01 26.13 28.13
N ALA HA 42 37.71 25.46 27.19
CA ALA HA 42 37.30 25.53 25.79
C ALA HA 42 35.91 24.96 25.57
N MET HA 43 35.61 23.82 26.21
CA MET HA 43 34.28 23.21 26.09
C MET HA 43 33.20 24.14 26.61
N MET HA 44 33.43 24.75 27.78
CA MET HA 44 32.41 25.62 28.34
C MET HA 44 32.27 26.91 27.53
N ALA HA 45 33.36 27.39 26.93
CA ALA HA 45 33.25 28.53 26.03
C ALA HA 45 32.45 28.18 24.78
N GLU HA 46 32.64 26.97 24.23
CA GLU HA 46 31.86 26.54 23.08
C GLU HA 46 30.38 26.41 23.44
N TRP HA 47 30.09 25.83 24.61
CA TRP HA 47 28.70 25.74 25.06
C TRP HA 47 28.09 27.12 25.26
N TYR HA 48 28.80 28.13 25.69
CA TYR HA 48 28.16 29.43 25.94
C TYR HA 48 27.76 30.20 24.71
N GLN HA 49 28.58 30.16 23.68
CA GLN HA 49 28.29 30.85 22.42
C GLN HA 49 28.01 32.32 22.64
N ASP HA 50 28.56 32.89 23.69
CA ASP HA 50 28.42 34.32 23.94
C ASP HA 50 27.03 34.79 24.29
N GLY HA 51 26.38 34.13 25.23
CA GLY HA 51 25.08 34.55 25.69
C GLY HA 51 23.96 33.98 24.88
N LYS HA 52 24.29 33.24 23.85
CA LYS HA 52 23.28 32.75 22.96
C LYS HA 52 23.23 31.24 22.95
N GLY HA 53 23.86 30.61 23.92
CA GLY HA 53 23.85 29.17 23.99
C GLY HA 53 23.40 28.69 25.34
N ILE HA 54 24.02 27.64 25.83
CA ILE HA 54 23.59 27.07 27.09
C ILE HA 54 23.95 28.01 28.21
N ILE HA 55 22.97 28.73 28.73
CA ILE HA 55 23.19 29.72 29.77
C ILE HA 55 23.32 29.01 31.10
N THR HA 56 24.49 29.09 31.71
CA THR HA 56 24.73 28.53 33.04
C THR HA 56 25.72 29.42 33.77
N GLY HA 57 25.66 29.39 35.10
CA GLY HA 57 26.60 30.14 35.90
C GLY HA 57 28.02 29.64 35.71
N TYR HA 58 28.88 30.47 35.14
CA TYR HA 58 30.26 30.08 34.91
C TYR HA 58 31.11 31.33 34.76
N VAL HA 59 32.25 31.34 35.45
CA VAL HA 59 33.16 32.48 35.42
C VAL HA 59 34.46 32.03 34.77
N PHE HA 60 34.89 32.75 33.74
CA PHE HA 60 36.10 32.40 33.02
C PHE HA 60 37.30 33.09 33.65
N SER HA 61 38.42 32.38 33.70
CA SER HA 61 39.64 32.93 34.27
C SER HA 61 40.11 34.13 33.47
N ASP HA 62 40.49 35.20 34.18
CA ASP HA 62 40.93 36.42 33.53
C ASP HA 62 42.42 36.40 33.16
N ASP HA 63 43.14 35.34 33.53
CA ASP HA 63 44.55 35.11 33.23
C ASP HA 63 45.45 36.02 34.06
N GLU HA 64 44.88 36.99 34.79
CA GLU HA 64 45.70 37.80 35.69
C GLU HA 64 46.13 36.99 36.90
N ASN HA 65 45.21 36.24 37.50
CA ASN HA 65 45.57 35.25 38.50
C ASN HA 65 46.16 34.04 37.79
N PRO HA 66 47.41 33.65 38.08
CA PRO HA 66 48.09 32.64 37.27
C PRO HA 66 47.34 31.32 37.22
N PRO HA 67 47.07 30.65 38.36
CA PRO HA 67 46.50 29.30 38.28
C PRO HA 67 45.01 29.33 38.02
N ALA HA 68 44.61 28.99 36.79
CA ALA HA 68 43.20 28.89 36.45
C ALA HA 68 42.55 27.62 36.98
N GLU HA 69 43.35 26.66 37.45
CA GLU HA 69 42.79 25.43 38.01
C GLU HA 69 42.22 25.65 39.40
N GLY HA 70 42.78 26.59 40.16
CA GLY HA 70 42.40 26.78 41.54
C GLY HA 70 41.16 27.60 41.79
N ASP HA 71 40.84 28.53 40.88
CA ASP HA 71 39.75 29.45 41.13
C ASP HA 71 38.39 28.75 41.07
N ASP HA 72 37.43 29.31 41.76
CA ASP HA 72 36.11 28.70 41.91
C ASP HA 72 35.26 28.94 40.65
N HIS HA 73 34.33 28.02 40.42
CA HIS HA 73 33.41 28.09 39.29
C HIS HA 73 32.01 28.39 39.77
N GLY HA 74 31.34 29.33 39.10
CA GLY HA 74 30.01 29.75 39.52
C GLY HA 74 28.89 28.81 39.14
N LEU HA 75 29.20 27.55 38.88
CA LEU HA 75 28.18 26.59 38.50
C LEU HA 75 27.23 26.32 39.66
N ARG HA 76 25.93 26.30 39.37
CA ARG HA 76 24.95 25.89 40.36
C ARG HA 76 25.04 24.39 40.58
N SER HA 77 24.46 23.94 41.70
CA SER HA 77 24.66 22.56 42.13
C SER HA 77 24.13 21.54 41.13
N SER HA 78 23.09 21.90 40.37
CA SER HA 78 22.49 20.95 39.45
C SER HA 78 23.32 20.70 38.19
N ALA HA 79 24.10 21.68 37.75
CA ALA HA 79 24.86 21.54 36.51
C ALA HA 79 26.18 20.80 36.71
N VAL HA 80 26.61 20.60 37.96
CA VAL HA 80 27.88 19.95 38.22
C VAL HA 80 27.88 18.53 37.69
N SER HA 81 26.81 17.78 37.93
CA SER HA 81 26.74 16.39 37.52
C SER HA 81 26.75 16.23 36.01
N ALA HA 82 26.51 17.30 35.26
CA ALA HA 82 26.59 17.25 33.80
C ALA HA 82 27.95 17.70 33.30
N VAL HA 83 28.51 18.75 33.91
CA VAL HA 83 29.74 19.33 33.38
C VAL HA 83 30.89 18.34 33.45
N PHE HA 84 31.07 17.67 34.60
CA PHE HA 84 32.23 16.79 34.69
C PHE HA 84 32.00 15.48 33.94
N HIS HA 85 30.76 15.05 33.76
CA HIS HA 85 30.50 13.89 32.90
C HIS HA 85 30.86 14.21 31.45
N ASN HA 86 30.48 15.39 30.97
CA ASN HA 86 30.85 15.77 29.61
C ASN HA 86 32.36 15.95 29.49
N LEU HA 87 32.99 16.51 30.53
CA LEU HA 87 34.45 16.65 30.51
C LEU HA 87 35.13 15.30 30.44
N ALA HA 88 34.65 14.32 31.21
CA ALA HA 88 35.19 12.97 31.14
C ALA HA 88 34.95 12.33 29.78
N CYS HA 89 33.81 12.57 29.16
CA CYS HA 89 33.57 12.06 27.81
C CYS HA 89 34.57 12.64 26.82
N ARG HA 90 34.87 13.94 26.94
CA ARG HA 90 35.80 14.57 26.02
C ARG HA 90 37.26 14.20 26.31
N ILE HA 91 37.59 13.85 27.56
CA ILE HA 91 38.97 13.51 27.91
C ILE HA 91 39.36 12.12 27.43
N ALA HA 92 38.39 11.23 27.18
CA ALA HA 92 38.73 9.87 26.78
C ALA HA 92 39.66 9.80 25.57
N PRO HA 93 39.44 10.55 24.47
CA PRO HA 93 40.42 10.52 23.38
C PRO HA 93 41.79 11.08 23.76
N ASP HA 94 41.88 11.89 24.81
CA ASP HA 94 43.18 12.41 25.23
C ASP HA 94 44.11 11.27 25.62
N TYR HA 95 43.58 10.29 26.34
CA TYR HA 95 44.27 9.04 26.62
C TYR HA 95 43.89 8.03 25.54
N ALA HA 96 44.19 6.75 25.76
CA ALA HA 96 43.79 5.72 24.82
C ALA HA 96 42.41 5.15 25.12
N LEU HA 97 41.75 5.62 26.18
CA LEU HA 97 40.48 5.05 26.59
C LEU HA 97 39.33 5.49 25.69
N GLU HA 98 38.19 4.84 25.87
CA GLU HA 98 36.92 5.22 25.27
C GLU HA 98 35.85 5.25 26.36
N ALA HA 99 35.01 6.28 26.32
CA ALA HA 99 34.02 6.46 27.37
C ALA HA 99 32.98 5.34 27.37
N THR HA 100 32.58 4.92 28.56
CA THR HA 100 31.57 3.87 28.70
C THR HA 100 30.20 4.43 28.31
N ALA HA 101 29.32 3.53 27.87
CA ALA HA 101 27.99 3.93 27.42
C ALA HA 101 27.20 4.64 28.51
N LYS HA 102 27.35 4.20 29.76
CA LYS HA 102 26.63 4.84 30.85
C LYS HA 102 27.03 6.31 31.00
N ILE HA 103 28.32 6.60 30.84
CA ILE HA 103 28.78 7.99 30.92
C ILE HA 103 28.19 8.81 29.79
N ILE HA 104 28.08 8.22 28.60
CA ILE HA 104 27.50 8.93 27.46
C ILE HA 104 26.03 9.25 27.73
N ALA HA 105 25.28 8.28 28.24
CA ALA HA 105 23.88 8.51 28.56
C ALA HA 105 23.72 9.58 29.63
N THR HA 106 24.58 9.53 30.66
CA THR HA 106 24.53 10.55 31.71
C THR HA 106 24.84 11.93 31.17
N ALA HA 107 25.81 12.05 30.27
CA ALA HA 107 26.12 13.35 29.66
C ALA HA 107 24.96 13.86 28.83
N LYS HA 108 24.32 12.98 28.05
CA LYS HA 108 23.15 13.38 27.28
C LYS HA 108 22.05 13.92 28.20
N TYR HA 109 21.73 13.16 29.26
CA TYR HA 109 20.70 13.59 30.20
C TYR HA 109 21.07 14.92 30.85
N GLY HA 110 22.34 15.07 31.23
CA GLY HA 110 22.76 16.31 31.88
C GLY HA 110 22.63 17.52 30.99
N LYS HA 111 23.05 17.41 29.72
CA LYS HA 111 22.93 18.54 28.82
C LYS HA 111 21.46 18.86 28.54
N GLU HA 112 20.62 17.84 28.37
CA GLU HA 112 19.20 18.08 28.15
C GLU HA 112 18.59 18.84 29.32
N LEU HA 113 18.89 18.41 30.55
CA LEU HA 113 18.37 19.10 31.72
C LEU HA 113 18.98 20.50 31.87
N LEU HA 114 20.21 20.68 31.41
CA LEU HA 114 20.82 22.00 31.43
C LEU HA 114 20.06 22.97 30.52
N TYR HA 115 19.65 22.52 29.34
CA TYR HA 115 19.03 23.44 28.39
C TYR HA 115 17.51 23.52 28.50
N LYS HA 116 16.86 22.62 29.24
CA LYS HA 116 15.40 22.62 29.24
C LYS HA 116 14.81 23.90 29.84
N GLN HA 117 15.40 24.43 30.92
CA GLN HA 117 14.84 25.62 31.55
C GLN HA 117 14.97 26.84 30.64
N THR HA 118 16.14 27.00 30.01
CA THR HA 118 16.31 28.10 29.07
C THR HA 118 15.39 27.94 27.87
N ALA HA 119 15.16 26.71 27.41
CA ALA HA 119 14.23 26.49 26.30
C ALA HA 119 12.82 26.90 26.69
N ILE HA 120 12.41 26.58 27.92
CA ILE HA 120 11.09 27.02 28.38
C ILE HA 120 11.02 28.54 28.46
N SER HA 121 12.05 29.17 29.01
CA SER HA 121 12.03 30.61 29.21
C SER HA 121 12.15 31.40 27.91
N ARG HA 122 12.70 30.82 26.85
CA ARG HA 122 12.91 31.53 25.59
C ARG HA 122 11.79 31.32 24.59
N ALA HA 123 10.77 30.55 24.93
CA ALA HA 123 9.64 30.30 24.02
C ALA HA 123 8.60 31.39 24.24
N LYS HA 124 8.77 32.50 23.53
CA LYS HA 124 7.87 33.64 23.63
C LYS HA 124 7.17 33.86 22.31
N ARG HA 125 5.98 34.45 22.39
CA ARG HA 125 5.16 34.69 21.21
C ARG HA 125 5.27 36.14 20.77
N ALA HA 126 5.45 36.34 19.46
CA ALA HA 126 5.65 37.67 18.90
C ALA HA 126 4.37 38.50 19.00
N PRO HA 127 4.49 39.82 19.09
CA PRO HA 127 3.29 40.67 19.18
C PRO HA 127 2.46 40.66 17.91
N TYR HA 128 1.37 41.42 17.92
CA TYR HA 128 0.49 41.47 16.77
C TYR HA 128 1.18 42.20 15.62
N PRO HA 129 0.82 41.89 14.38
CA PRO HA 129 1.44 42.58 13.23
C PRO HA 129 1.03 44.05 13.18
N SER HA 130 1.69 44.78 12.28
CA SER HA 130 1.47 46.22 12.20
C SER HA 130 0.07 46.54 11.69
N ARG HA 131 -0.39 45.86 10.65
CA ARG HA 131 -1.69 46.14 10.05
C ARG HA 131 -2.76 45.22 10.59
N MET HA 132 -2.93 45.25 11.92
CA MET HA 132 -3.97 44.47 12.59
C MET HA 132 -4.86 45.38 13.40
N PRO HA 133 -6.11 45.58 13.01
CA PRO HA 133 -6.98 46.50 13.75
C PRO HA 133 -7.34 45.96 15.12
N THR HA 134 -7.61 46.87 16.05
CA THR HA 134 -8.21 46.50 17.32
C THR HA 134 -9.72 46.69 17.22
N GLY HA 135 -10.46 45.67 17.66
CA GLY HA 135 -11.90 45.68 17.46
C GLY HA 135 -12.59 46.76 18.27
N SER HA 136 -13.88 46.93 17.98
CA SER HA 136 -14.70 47.92 18.65
C SER HA 136 -15.06 47.54 20.06
N GLY HA 137 -14.55 46.44 20.61
CA GLY HA 137 -14.91 46.03 21.95
C GLY HA 137 -13.97 46.52 23.03
N ASN HA 138 -12.79 47.00 22.62
CA ASN HA 138 -11.84 47.52 23.59
C ASN HA 138 -12.39 48.78 24.27
N SER HA 139 -12.96 49.68 23.47
CA SER HA 139 -13.73 50.84 23.90
C SER HA 139 -12.90 51.91 24.59
N PHE HA 140 -11.61 51.68 24.85
CA PHE HA 140 -10.73 52.71 25.38
C PHE HA 140 -9.59 53.00 24.40
N ALA HA 141 -8.86 51.97 23.97
CA ALA HA 141 -7.88 52.15 22.92
C ALA HA 141 -8.55 52.54 21.60
N ASN HA 142 -9.82 52.18 21.41
CA ASN HA 142 -10.55 52.60 20.22
C ASN HA 142 -10.96 54.07 20.31
N LEU HA 143 -11.27 54.55 21.50
CA LEU HA 143 -11.64 55.95 21.68
C LEU HA 143 -10.42 56.86 21.83
N ASN HA 144 -9.23 56.29 22.04
CA ASN HA 144 -8.01 57.07 22.14
C ASN HA 144 -7.31 57.26 20.79
N GLU HA 145 -8.05 57.17 19.69
CA GLU HA 145 -7.52 57.32 18.34
C GLU HA 145 -6.53 56.22 17.96
N TRP HA 146 -6.31 55.27 18.86
CA TRP HA 146 -5.30 54.23 18.67
C TRP HA 146 -5.98 52.95 18.17
N HIS HA 147 -6.40 53.02 16.90
CA HIS HA 147 -7.22 51.94 16.32
C HIS HA 147 -6.39 50.70 15.98
N TYR HA 148 -5.14 50.88 15.56
CA TYR HA 148 -4.32 49.79 15.05
C TYR HA 148 -3.21 49.45 16.02
N PHE HA 149 -2.78 48.18 15.99
CA PHE HA 149 -1.70 47.73 16.85
C PHE HA 149 -0.39 48.40 16.43
N PRO HA 150 0.55 48.60 17.36
CA PRO HA 150 1.76 49.36 17.03
C PRO HA 150 2.68 48.59 16.09
N GLY HA 151 2.90 47.32 16.36
CA GLY HA 151 3.76 46.49 15.54
C GLY HA 151 4.90 45.89 16.36
N GLU HA 152 5.67 45.05 15.67
CA GLU HA 152 6.81 44.40 16.31
C GLU HA 152 7.90 45.40 16.68
N GLN HA 153 8.07 46.44 15.87
CA GLN HA 153 9.05 47.51 16.12
C GLN HA 153 10.46 46.96 16.30
N MET IA 1 42.93 32.40 27.68
CA MET IA 1 42.45 31.24 26.94
C MET IA 1 43.55 30.18 26.88
N GLN IA 2 44.79 30.64 26.99
CA GLN IA 2 46.00 29.81 27.01
C GLN IA 2 46.25 29.08 25.70
N ILE IA 3 45.46 29.36 24.66
CA ILE IA 3 45.64 28.75 23.35
C ILE IA 3 45.84 29.86 22.34
N LYS IA 4 46.51 30.93 22.77
CA LYS IA 4 46.63 32.13 21.95
C LYS IA 4 47.40 31.87 20.65
N THR IA 5 48.46 31.08 20.70
CA THR IA 5 49.34 30.88 19.56
C THR IA 5 48.91 29.68 18.73
N LYS IA 6 49.31 29.71 17.46
CA LYS IA 6 49.01 28.58 16.56
C LYS IA 6 49.69 27.31 17.02
N GLY IA 7 50.89 27.45 17.60
CA GLY IA 7 51.57 26.29 18.16
C GLY IA 7 50.77 25.62 19.24
N ASP IA 8 49.98 26.39 20.00
CA ASP IA 8 49.11 25.78 20.99
C ASP IA 8 48.03 24.93 20.34
N LEU IA 9 47.46 25.39 19.23
CA LEU IA 9 46.48 24.58 18.50
C LEU IA 9 47.12 23.31 17.96
N VAL IA 10 48.34 23.43 17.42
CA VAL IA 10 49.02 22.25 16.90
C VAL IA 10 49.29 21.24 18.02
N ARG IA 11 49.78 21.73 19.17
CA ARG IA 11 50.05 20.84 20.29
C ARG IA 11 48.77 20.20 20.80
N ALA IA 12 47.67 20.95 20.85
CA ALA IA 12 46.41 20.39 21.30
C ALA IA 12 45.91 19.31 20.35
N ALA IA 13 46.02 19.55 19.05
CA ALA IA 13 45.61 18.54 18.07
C ALA IA 13 46.45 17.27 18.18
N LEU IA 14 47.77 17.44 18.30
CA LEU IA 14 48.65 16.28 18.45
C LEU IA 14 48.36 15.52 19.72
N ARG IA 15 48.11 16.23 20.83
CA ARG IA 15 47.79 15.58 22.08
C ARG IA 15 46.47 14.83 22.00
N LYS IA 16 45.46 15.43 21.36
CA LYS IA 16 44.18 14.74 21.20
C LYS IA 16 44.34 13.49 20.35
N LEU IA 17 45.17 13.55 19.31
CA LEU IA 17 45.45 12.36 18.52
C LEU IA 17 46.28 11.34 19.29
N GLY IA 18 46.95 11.76 20.36
CA GLY IA 18 47.82 10.87 21.10
C GLY IA 18 49.21 10.74 20.54
N VAL IA 19 49.55 11.50 19.50
CA VAL IA 19 50.89 11.42 18.92
C VAL IA 19 51.93 11.97 19.88
N ALA IA 20 51.67 13.14 20.46
CA ALA IA 20 52.63 13.80 21.33
C ALA IA 20 51.88 14.57 22.40
N SER IA 21 52.11 14.22 23.66
CA SER IA 21 51.47 14.84 24.81
C SER IA 21 52.40 14.64 26.00
N ASP IA 22 51.87 14.85 27.21
CA ASP IA 22 52.60 14.54 28.42
C ASP IA 22 51.97 13.35 29.14
N ALA IA 23 50.66 13.14 28.99
CA ALA IA 23 50.04 11.91 29.45
C ALA IA 23 50.66 10.68 28.78
N THR IA 24 51.26 10.85 27.61
CA THR IA 24 52.15 9.87 27.03
C THR IA 24 53.52 10.52 26.96
N LEU IA 25 54.56 9.73 27.26
CA LEU IA 25 55.88 10.29 27.49
C LEU IA 25 56.51 10.91 26.25
N THR IA 26 55.92 10.72 25.06
CA THR IA 26 56.50 11.27 23.84
C THR IA 26 56.56 12.79 23.88
N ASP IA 27 57.37 13.36 23.00
CA ASP IA 27 57.51 14.80 22.86
C ASP IA 27 57.33 15.19 21.40
N VAL IA 28 56.94 16.45 21.19
CA VAL IA 28 56.67 16.96 19.86
C VAL IA 28 57.97 17.14 19.10
N GLU IA 29 57.98 16.71 17.84
CA GLU IA 29 59.11 16.90 16.96
C GLU IA 29 58.84 18.10 16.05
N PRO IA 30 59.83 18.97 15.84
CA PRO IA 30 59.55 20.24 15.14
C PRO IA 30 58.98 20.09 13.74
N GLN IA 31 59.41 19.08 12.98
CA GLN IA 31 58.91 18.94 11.62
C GLN IA 31 57.44 18.55 11.62
N SER IA 32 57.00 17.76 12.61
CA SER IA 32 55.59 17.50 12.77
C SER IA 32 54.82 18.79 13.03
N MET IA 33 55.38 19.68 13.84
CA MET IA 33 54.75 20.98 14.09
C MET IA 33 54.63 21.78 12.80
N GLN IA 34 55.68 21.80 11.99
CA GLN IA 34 55.65 22.55 10.74
C GLN IA 34 54.61 21.98 9.78
N ASP IA 35 54.58 20.65 9.64
CA ASP IA 35 53.59 20.04 8.76
C ASP IA 35 52.17 20.33 9.24
N ALA IA 36 51.95 20.24 10.55
CA ALA IA 36 50.61 20.47 11.08
C ALA IA 36 50.19 21.92 10.93
N VAL IA 37 51.12 22.87 11.09
CA VAL IA 37 50.73 24.27 10.93
C VAL IA 37 50.45 24.59 9.46
N ASP IA 38 51.21 24.01 8.53
CA ASP IA 38 50.87 24.17 7.12
C ASP IA 38 49.50 23.59 6.81
N ASP IA 39 49.19 22.42 7.37
CA ASP IA 39 47.88 21.81 7.16
C ASP IA 39 46.77 22.68 7.74
N LEU IA 40 47.01 23.25 8.93
CA LEU IA 40 46.04 24.15 9.54
C LEU IA 40 45.78 25.37 8.65
N GLU IA 41 46.85 25.97 8.12
CA GLU IA 41 46.68 27.14 7.27
C GLU IA 41 45.90 26.78 6.01
N ALA IA 42 46.22 25.64 5.39
CA ALA IA 42 45.49 25.22 4.20
C ALA IA 42 44.02 24.97 4.49
N MET IA 43 43.72 24.29 5.61
CA MET IA 43 42.34 23.99 5.94
C MET IA 43 41.54 25.25 6.24
N MET IA 44 42.15 26.20 6.97
CA MET IA 44 41.43 27.43 7.27
C MET IA 44 41.24 28.28 6.02
N ALA IA 45 42.21 28.25 5.10
CA ALA IA 45 42.02 28.92 3.82
C ALA IA 45 40.88 28.30 3.03
N GLU IA 46 40.78 26.96 3.03
CA GLU IA 46 39.65 26.30 2.37
C GLU IA 46 38.33 26.68 3.01
N TRP IA 47 38.27 26.72 4.35
CA TRP IA 47 37.05 27.08 5.04
C TRP IA 47 36.64 28.52 4.73
N TYR IA 48 37.51 29.51 4.71
CA TYR IA 48 37.03 30.90 4.51
C TYR IA 48 36.36 31.16 3.20
N GLN IA 49 36.92 30.65 2.12
CA GLN IA 49 36.39 30.86 0.78
C GLN IA 49 36.26 32.31 0.45
N ASP IA 50 37.23 33.12 0.87
CA ASP IA 50 37.23 34.53 0.51
C ASP IA 50 36.01 35.29 0.98
N GLY IA 51 35.40 34.86 2.07
CA GLY IA 51 34.25 35.53 2.59
C GLY IA 51 33.02 34.74 2.31
N LYS IA 52 32.84 34.37 1.06
CA LYS IA 52 31.68 33.62 0.67
C LYS IA 52 31.57 32.33 1.47
N GLY IA 53 32.54 32.05 2.32
CA GLY IA 53 32.52 30.88 3.18
C GLY IA 53 32.35 31.16 4.66
N ILE IA 54 32.74 30.21 5.50
CA ILE IA 54 32.61 30.37 6.94
C ILE IA 54 33.48 31.53 7.39
N ILE IA 55 32.88 32.47 8.14
CA ILE IA 55 33.57 33.64 8.62
C ILE IA 55 33.90 33.45 10.09
N THR IA 56 35.19 33.37 10.40
CA THR IA 56 35.68 33.32 11.76
C THR IA 56 36.91 34.22 11.87
N GLY IA 57 37.16 34.75 13.06
CA GLY IA 57 38.34 35.56 13.26
C GLY IA 57 39.60 34.78 13.00
N TYR IA 58 40.35 35.15 11.97
CA TYR IA 58 41.57 34.44 11.65
C TYR IA 58 42.46 35.35 10.82
N VAL IA 59 43.76 35.32 11.10
CA VAL IA 59 44.75 36.11 10.38
C VAL IA 59 45.64 35.16 9.60
N PHE IA 60 45.73 35.39 8.29
CA PHE IA 60 46.59 34.58 7.44
C PHE IA 60 47.97 35.22 7.34
N SER IA 61 48.99 34.44 7.65
CA SER IA 61 50.36 34.95 7.63
C SER IA 61 50.81 35.23 6.21
N ASP IA 62 51.36 36.42 5.98
CA ASP IA 62 51.90 36.78 4.67
C ASP IA 62 53.27 36.17 4.41
N ASP IA 63 53.79 35.39 5.36
CA ASP IA 63 55.10 34.74 5.32
C ASP IA 63 56.25 35.73 5.41
N GLU IA 64 55.98 37.01 5.70
CA GLU IA 64 57.06 37.94 5.97
C GLU IA 64 57.87 37.49 7.19
N ASN IA 65 57.18 37.08 8.24
CA ASN IA 65 57.84 36.45 9.38
C ASN IA 65 58.08 34.99 9.04
N PRO IA 66 59.32 34.52 9.06
CA PRO IA 66 59.60 33.12 8.70
C PRO IA 66 58.89 32.12 9.61
N PRO IA 67 59.05 32.20 10.96
CA PRO IA 67 58.37 31.20 11.81
C PRO IA 67 56.92 31.57 12.03
N ALA IA 68 56.02 30.84 11.38
CA ALA IA 68 54.60 31.10 11.49
C ALA IA 68 53.93 30.39 12.65
N GLU IA 69 54.69 29.61 13.42
CA GLU IA 69 54.10 28.89 14.55
C GLU IA 69 53.83 29.80 15.73
N GLY IA 70 54.72 30.76 16.00
CA GLY IA 70 54.62 31.57 17.19
C GLY IA 70 53.62 32.71 17.14
N ASP IA 71 53.20 33.12 15.94
CA ASP IA 71 52.36 34.29 15.81
C ASP IA 71 50.95 34.02 16.33
N ASP IA 72 50.23 35.09 16.62
CA ASP IA 72 48.90 35.02 17.21
C ASP IA 72 47.86 34.73 16.14
N HIS IA 73 46.73 34.18 16.58
CA HIS IA 73 45.56 33.97 15.74
C HIS IA 73 44.39 34.76 16.30
N GLY IA 74 43.49 35.18 15.42
CA GLY IA 74 42.37 36.00 15.83
C GLY IA 74 41.12 35.22 16.17
N LEU IA 75 41.25 33.91 16.38
CA LEU IA 75 40.10 33.08 16.67
C LEU IA 75 39.43 33.51 17.96
N ARG IA 76 38.11 33.69 17.90
CA ARG IA 76 37.36 33.99 19.10
C ARG IA 76 37.28 32.74 19.99
N SER IA 77 36.92 32.96 21.26
CA SER IA 77 37.04 31.90 22.26
C SER IA 77 36.17 30.70 21.93
N SER IA 78 35.09 30.89 21.18
CA SER IA 78 34.19 29.79 20.85
C SER IA 78 34.69 28.90 19.72
N ALA IA 79 35.51 29.45 18.81
CA ALA IA 79 35.96 28.68 17.65
C ALA IA 79 37.15 27.78 17.95
N VAL IA 80 37.82 27.98 19.08
CA VAL IA 80 39.03 27.24 19.39
C VAL IA 80 38.73 25.76 19.53
N SER IA 81 37.66 25.42 20.26
CA SER IA 81 37.34 24.02 20.51
C SER IA 81 36.96 23.28 19.25
N ALA IA 82 36.68 23.99 18.16
CA ALA IA 82 36.37 23.33 16.89
C ALA IA 82 37.60 23.27 15.98
N VAL IA 83 38.41 24.33 15.97
CA VAL IA 83 39.52 24.40 15.03
C VAL IA 83 40.52 23.26 15.28
N PHE IA 84 40.93 23.07 16.53
CA PHE IA 84 41.96 22.06 16.75
C PHE IA 84 41.39 20.64 16.69
N HIS IA 85 40.10 20.46 16.98
CA HIS IA 85 39.49 19.15 16.76
C HIS IA 85 39.48 18.79 15.28
N ASN IA 86 39.11 19.74 14.42
CA ASN IA 86 39.16 19.48 12.99
C ASN IA 86 40.59 19.28 12.52
N LEU IA 87 41.54 20.03 13.07
CA LEU IA 87 42.94 19.85 12.72
C LEU IA 87 43.43 18.46 13.08
N ALA IA 88 43.07 17.98 14.28
CA ALA IA 88 43.42 16.62 14.69
C ALA IA 88 42.76 15.56 13.83
N CYS IA 89 41.53 15.79 13.39
CA CYS IA 89 40.89 14.86 12.45
C CYS IA 89 41.66 14.81 11.13
N ARG IA 90 42.11 15.97 10.64
CA ARG IA 90 42.81 16.02 9.36
C ARG IA 90 44.23 15.48 9.42
N ILE IA 91 44.92 15.63 10.55
CA ILE IA 91 46.30 15.17 10.65
C ILE IA 91 46.43 13.65 10.65
N ALA IA 92 45.44 12.93 11.17
CA ALA IA 92 45.57 11.48 11.36
C ALA IA 92 46.03 10.74 10.11
N PRO IA 93 45.54 11.02 8.89
CA PRO IA 93 46.06 10.30 7.72
C PRO IA 93 47.54 10.52 7.46
N ASP IA 94 48.17 11.56 8.04
CA ASP IA 94 49.60 11.75 7.88
C ASP IA 94 50.37 10.55 8.43
N TYR IA 95 49.98 10.08 9.60
CA TYR IA 95 50.43 8.79 10.11
C TYR IA 95 49.43 7.72 9.67
N ALA IA 96 49.53 6.53 10.24
CA ALA IA 96 48.54 5.50 9.97
C ALA IA 96 47.39 5.51 10.96
N LEU IA 97 47.36 6.48 11.88
CA LEU IA 97 46.31 6.53 12.89
C LEU IA 97 44.98 6.94 12.27
N GLU IA 98 43.90 6.56 12.95
CA GLU IA 98 42.54 6.96 12.60
C GLU IA 98 41.90 7.64 13.80
N ALA IA 99 41.21 8.75 13.55
CA ALA IA 99 40.62 9.51 14.63
C ALA IA 99 39.46 8.76 15.26
N THR IA 100 39.35 8.87 16.60
CA THR IA 100 38.27 8.25 17.32
C THR IA 100 36.94 8.92 16.97
N ALA IA 101 35.85 8.15 17.07
CA ALA IA 101 34.54 8.65 16.67
C ALA IA 101 34.15 9.88 17.49
N LYS IA 102 34.61 9.96 18.74
CA LYS IA 102 34.30 11.12 19.56
C LYS IA 102 34.87 12.40 18.94
N ILE IA 103 36.09 12.32 18.40
CA ILE IA 103 36.69 13.48 17.76
C ILE IA 103 35.89 13.90 16.54
N ILE IA 104 35.39 12.92 15.76
CA ILE IA 104 34.60 13.24 14.58
C ILE IA 104 33.30 13.93 14.97
N ALA IA 105 32.62 13.40 16.00
CA ALA IA 105 31.38 14.02 16.45
C ALA IA 105 31.63 15.43 16.97
N THR IA 106 32.71 15.62 17.72
CA THR IA 106 33.03 16.95 18.23
C THR IA 106 33.35 17.92 17.09
N ALA IA 107 34.04 17.46 16.06
CA ALA IA 107 34.32 18.31 14.90
C ALA IA 107 33.04 18.70 14.18
N LYS IA 108 32.13 17.75 14.01
CA LYS IA 108 30.84 18.07 13.39
C LYS IA 108 30.10 19.14 14.19
N TYR IA 109 29.99 18.93 15.51
CA TYR IA 109 29.33 19.91 16.36
C TYR IA 109 30.01 21.27 16.26
N GLY IA 110 31.35 21.29 16.26
CA GLY IA 110 32.07 22.53 16.21
C GLY IA 110 31.83 23.31 14.93
N LYS IA 111 31.87 22.63 13.79
CA LYS IA 111 31.63 23.33 12.53
C LYS IA 111 30.19 23.82 12.44
N GLU IA 112 29.24 23.03 12.92
CA GLU IA 112 27.85 23.47 12.91
C GLU IA 112 27.68 24.73 13.74
N LEU IA 113 28.30 24.76 14.93
CA LEU IA 113 28.19 25.95 15.77
C LEU IA 113 28.96 27.13 15.19
N LEU IA 114 30.02 26.87 14.42
CA LEU IA 114 30.70 27.96 13.73
C LEU IA 114 29.79 28.61 12.70
N TYR IA 115 29.04 27.81 11.96
CA TYR IA 115 28.28 28.36 10.85
C TYR IA 115 26.86 28.81 11.23
N LYS IA 116 26.35 28.42 12.40
CA LYS IA 116 24.95 28.71 12.70
C LYS IA 116 24.67 30.21 12.81
N GLN IA 117 25.59 30.98 13.41
CA GLN IA 117 25.33 32.41 13.57
C GLN IA 117 25.33 33.13 12.23
N THR IA 118 26.29 32.78 11.36
CA THR IA 118 26.30 33.37 10.02
C THR IA 118 25.08 32.95 9.23
N ALA IA 119 24.62 31.71 9.40
CA ALA IA 119 23.41 31.26 8.70
C ALA IA 119 22.20 32.07 9.15
N ILE IA 120 22.10 32.35 10.46
CA ILE IA 120 21.01 33.20 10.94
C ILE IA 120 21.13 34.60 10.37
N SER IA 121 22.34 35.16 10.37
CA SER IA 121 22.53 36.54 9.93
C SER IA 121 22.32 36.71 8.43
N ARG IA 122 22.52 35.68 7.62
CA ARG IA 122 22.41 35.79 6.18
C ARG IA 122 21.03 35.42 5.64
N ALA IA 123 20.10 35.03 6.50
CA ALA IA 123 18.75 34.65 6.07
C ALA IA 123 17.90 35.92 5.98
N LYS IA 124 17.96 36.58 4.83
CA LYS IA 124 17.24 37.83 4.61
C LYS IA 124 16.23 37.66 3.49
N ARG IA 125 15.14 38.42 3.58
CA ARG IA 125 14.06 38.35 2.61
C ARG IA 125 14.24 39.42 1.53
N ALA IA 126 13.99 39.03 0.28
CA ALA IA 126 14.16 39.93 -0.85
C ALA IA 126 13.11 41.03 -0.85
N PRO IA 127 13.43 42.19 -1.43
CA PRO IA 127 12.45 43.30 -1.48
C PRO IA 127 11.29 43.00 -2.41
N TYR IA 128 10.33 43.92 -2.46
CA TYR IA 128 9.17 43.74 -3.32
C TYR IA 128 9.57 43.81 -4.79
N PRO IA 129 8.87 43.08 -5.65
CA PRO IA 129 9.14 43.16 -7.09
C PRO IA 129 8.79 44.54 -7.64
N SER IA 130 9.35 44.83 -8.81
CA SER IA 130 9.19 46.16 -9.39
C SER IA 130 7.73 46.46 -9.75
N ARG IA 131 7.02 45.49 -10.32
CA ARG IA 131 5.64 45.70 -10.75
C ARG IA 131 4.66 45.23 -9.67
N MET IA 132 4.82 45.81 -8.48
CA MET IA 132 3.93 45.54 -7.36
C MET IA 132 3.35 46.85 -6.86
N PRO IA 133 2.05 47.10 -7.05
CA PRO IA 133 1.49 48.39 -6.63
C PRO IA 133 1.48 48.54 -5.13
N THR IA 134 1.57 49.78 -4.66
CA THR IA 134 1.32 50.09 -3.26
C THR IA 134 -0.12 50.56 -3.12
N GLY IA 135 -0.87 49.91 -2.23
CA GLY IA 135 -2.28 50.17 -2.13
C GLY IA 135 -2.60 51.58 -1.67
N SER IA 136 -3.89 51.90 -1.70
CA SER IA 136 -4.37 53.22 -1.32
C SER IA 136 -4.36 53.44 0.17
N GLY IA 137 -3.74 52.57 0.96
CA GLY IA 137 -3.72 52.75 2.40
C GLY IA 137 -2.49 53.48 2.90
N ASN IA 138 -1.45 53.54 2.07
CA ASN IA 138 -0.23 54.26 2.45
C ASN IA 138 -0.51 55.75 2.61
N SER IA 139 -1.23 56.34 1.66
CA SER IA 139 -1.77 57.69 1.70
C SER IA 139 -0.71 58.79 1.67
N PHE IA 140 0.58 58.45 1.71
CA PHE IA 140 1.65 59.43 1.56
C PHE IA 140 2.46 59.17 0.32
N ALA IA 141 3.00 57.96 0.16
CA ALA IA 141 3.63 57.59 -1.10
C ALA IA 141 2.63 57.58 -2.24
N ASN IA 142 1.35 57.31 -1.96
CA ASN IA 142 0.33 57.41 -2.98
C ASN IA 142 0.13 58.85 -3.44
N LEU IA 143 0.21 59.80 -2.53
CA LEU IA 143 0.08 61.21 -2.88
C LEU IA 143 1.35 61.80 -3.47
N ASN IA 144 2.50 61.16 -3.26
CA ASN IA 144 3.76 61.60 -3.82
C ASN IA 144 4.06 60.97 -5.18
N GLU IA 145 3.04 60.52 -5.90
CA GLU IA 145 3.18 59.84 -7.18
C GLU IA 145 4.07 58.61 -7.10
N TRP IA 146 4.26 58.08 -5.90
CA TRP IA 146 5.15 56.94 -5.67
C TRP IA 146 4.31 55.67 -5.57
N HIS IA 147 3.66 55.35 -6.71
CA HIS IA 147 2.64 54.32 -6.71
C HIS IA 147 3.22 52.90 -6.63
N TYR IA 148 4.32 52.65 -7.32
CA TYR IA 148 4.86 51.29 -7.43
C TYR IA 148 6.16 51.18 -6.63
N PHE IA 149 6.46 49.97 -6.19
CA PHE IA 149 7.68 49.72 -5.44
C PHE IA 149 8.89 49.88 -6.35
N PRO IA 150 10.05 50.27 -5.79
CA PRO IA 150 11.24 50.48 -6.62
C PRO IA 150 11.66 49.23 -7.37
N GLY IA 151 11.82 48.14 -6.65
CA GLY IA 151 12.30 46.89 -7.20
C GLY IA 151 13.57 46.42 -6.53
N GLU IA 152 14.02 45.24 -6.96
CA GLU IA 152 15.24 44.66 -6.41
C GLU IA 152 16.46 45.50 -6.75
N GLN IA 153 16.37 46.32 -7.80
CA GLN IA 153 17.45 47.21 -8.22
C GLN IA 153 18.75 46.46 -8.48
N MET JA 1 51.75 30.90 1.21
CA MET JA 1 50.98 29.68 1.42
C MET JA 1 51.92 28.48 1.58
N GLN JA 2 53.19 28.70 1.30
CA GLN JA 2 54.26 27.70 1.41
C GLN JA 2 54.05 26.49 0.52
N ILE JA 3 53.06 26.52 -0.37
CA ILE JA 3 52.80 25.42 -1.30
C ILE JA 3 52.84 25.99 -2.72
N LYS JA 4 53.72 26.95 -2.94
CA LYS JA 4 53.71 27.73 -4.18
C LYS JA 4 53.89 26.86 -5.42
N THR JA 5 54.86 25.95 -5.40
CA THR JA 5 55.26 25.22 -6.60
C THR JA 5 54.49 23.92 -6.75
N LYS JA 6 54.53 23.37 -7.97
CA LYS JA 6 53.89 22.07 -8.23
C LYS JA 6 54.57 20.96 -7.44
N GLY JA 7 55.91 21.02 -7.34
CA GLY JA 7 56.61 20.06 -6.51
C GLY JA 7 56.16 20.10 -5.07
N ASP JA 8 55.76 21.28 -4.59
CA ASP JA 8 55.19 21.37 -3.24
C ASP JA 8 53.88 20.60 -3.17
N LEU JA 9 53.05 20.68 -4.21
CA LEU JA 9 51.82 19.88 -4.26
C LEU JA 9 52.12 18.39 -4.21
N VAL JA 10 53.12 17.96 -5.00
CA VAL JA 10 53.47 16.54 -5.03
C VAL JA 10 53.98 16.09 -3.68
N ARG JA 11 54.84 16.89 -3.05
CA ARG JA 11 55.37 16.52 -1.74
C ARG JA 11 54.28 16.50 -0.68
N ALA JA 12 53.33 17.44 -0.76
CA ALA JA 12 52.21 17.42 0.18
C ALA JA 12 51.37 16.16 0.01
N ALA JA 13 51.11 15.76 -1.24
CA ALA JA 13 50.36 14.54 -1.48
C ALA JA 13 51.10 13.33 -0.94
N LEU JA 14 52.41 13.25 -1.19
CA LEU JA 14 53.19 12.12 -0.70
C LEU JA 14 53.21 12.08 0.83
N ARG JA 15 53.31 13.24 1.48
CA ARG JA 15 53.25 13.29 2.93
C ARG JA 15 51.89 12.82 3.43
N LYS JA 16 50.81 13.25 2.76
CA LYS JA 16 49.47 12.84 3.18
C LYS JA 16 49.30 11.34 3.07
N LEU JA 17 49.84 10.74 2.01
CA LEU JA 17 49.81 9.28 1.91
C LEU JA 17 50.75 8.61 2.89
N GLY JA 18 51.70 9.35 3.46
CA GLY JA 18 52.66 8.77 4.38
C GLY JA 18 53.86 8.12 3.72
N VAL JA 19 53.98 8.21 2.39
CA VAL JA 19 55.07 7.55 1.70
C VAL JA 19 56.40 8.23 2.03
N ALA JA 20 56.44 9.57 1.98
CA ALA JA 20 57.67 10.31 2.20
C ALA JA 20 57.34 11.74 2.59
N SER JA 21 58.16 12.31 3.46
CA SER JA 21 58.02 13.70 3.90
C SER JA 21 59.43 14.20 4.22
N ASP JA 22 59.50 15.32 4.94
CA ASP JA 22 60.79 15.86 5.37
C ASP JA 22 61.38 15.08 6.53
N ALA JA 23 60.56 14.63 7.47
CA ALA JA 23 61.06 13.94 8.66
C ALA JA 23 61.19 12.44 8.48
N THR JA 24 61.25 11.94 7.25
CA THR JA 24 61.32 10.51 7.02
C THR JA 24 62.73 10.11 6.65
N LEU JA 25 63.10 8.88 7.03
CA LEU JA 25 64.46 8.39 6.80
C LEU JA 25 64.73 8.01 5.36
N THR JA 26 63.76 7.43 4.66
CA THR JA 26 63.94 7.13 3.25
C THR JA 26 63.10 8.06 2.39
N ASP JA 27 63.62 8.42 1.23
CA ASP JA 27 62.99 9.42 0.37
C ASP JA 27 62.72 8.84 -1.01
N VAL JA 28 61.81 9.48 -1.73
CA VAL JA 28 61.39 9.03 -3.04
C VAL JA 28 62.33 9.60 -4.10
N GLU JA 29 62.63 8.77 -5.10
CA GLU JA 29 63.56 9.02 -6.20
C GLU JA 29 62.94 10.00 -7.20
N PRO JA 30 63.74 10.91 -7.78
CA PRO JA 30 63.15 12.01 -8.57
C PRO JA 30 62.28 11.59 -9.75
N GLN JA 31 62.55 10.44 -10.37
CA GLN JA 31 61.72 10.01 -11.50
C GLN JA 31 60.28 9.79 -11.07
N SER JA 32 60.05 9.32 -9.85
CA SER JA 32 58.69 9.19 -9.35
C SER JA 32 58.05 10.56 -9.16
N MET JA 33 58.83 11.56 -8.75
CA MET JA 33 58.31 12.92 -8.68
C MET JA 33 57.90 13.42 -10.06
N GLN JA 34 58.72 13.13 -11.08
CA GLN JA 34 58.37 13.52 -12.44
C GLN JA 34 57.08 12.85 -12.90
N ASP JA 35 56.94 11.55 -12.60
CA ASP JA 35 55.72 10.84 -12.96
C ASP JA 35 54.52 11.42 -12.24
N ALA JA 36 54.67 11.74 -10.96
CA ALA JA 36 53.56 12.30 -10.19
C ALA JA 36 53.15 13.67 -10.70
N VAL JA 37 54.12 14.52 -11.05
CA VAL JA 37 53.74 15.84 -11.56
C VAL JA 37 53.10 15.73 -12.94
N ASP JA 38 53.56 14.77 -13.77
CA ASP JA 38 52.88 14.53 -15.04
C ASP JA 38 51.44 14.08 -14.81
N ASP JA 39 51.23 13.20 -13.82
CA ASP JA 39 49.88 12.74 -13.51
C ASP JA 39 49.01 13.89 -13.01
N LEU JA 40 49.58 14.77 -12.17
CA LEU JA 40 48.85 15.93 -11.71
C LEU JA 40 48.44 16.84 -12.86
N GLU JA 41 49.37 17.07 -13.81
CA GLU JA 41 49.05 17.90 -14.95
C GLU JA 41 47.94 17.27 -15.80
N ALA JA 42 48.01 15.96 -16.00
CA ALA JA 42 46.97 15.28 -16.77
C ALA JA 42 45.60 15.37 -16.07
N MET JA 43 45.58 15.15 -14.75
CA MET JA 43 44.31 15.23 -14.03
C MET JA 43 43.74 16.63 -14.07
N MET JA 44 44.59 17.65 -13.91
CA MET JA 44 44.10 19.02 -13.92
C MET JA 44 43.64 19.44 -15.31
N ALA JA 45 44.30 18.92 -16.36
CA ALA JA 45 43.81 19.16 -17.71
C ALA JA 45 42.47 18.49 -17.96
N GLU JA 46 42.26 17.29 -17.42
CA GLU JA 46 40.95 16.65 -17.52
C GLU JA 46 39.89 17.45 -16.78
N TRP JA 47 40.14 18.05 -15.63
CA TRP JA 47 39.05 18.79 -14.97
C TRP JA 47 38.61 20.07 -15.66
N TYR JA 48 39.44 20.66 -16.50
CA TYR JA 48 39.14 21.95 -17.14
C TYR JA 48 38.34 21.82 -18.42
N GLN JA 49 38.55 20.74 -19.15
CA GLN JA 49 37.79 20.49 -20.36
C GLN JA 49 37.80 21.64 -21.32
N ASP JA 50 38.82 22.49 -21.27
CA ASP JA 50 38.99 23.60 -22.21
C ASP JA 50 38.13 24.83 -21.94
N GLY JA 51 37.65 24.99 -20.73
CA GLY JA 51 36.88 26.16 -20.38
C GLY JA 51 35.46 25.86 -19.98
N LYS JA 52 34.99 24.67 -20.29
CA LYS JA 52 33.65 24.30 -19.97
C LYS JA 52 33.64 23.72 -18.60
N GLY JA 53 34.58 22.85 -18.33
CA GLY JA 53 34.73 22.19 -17.04
C GLY JA 53 35.05 23.09 -15.87
N ILE JA 54 35.59 22.52 -14.80
CA ILE JA 54 35.89 23.28 -13.59
C ILE JA 54 36.93 24.33 -13.92
N ILE JA 55 36.61 25.59 -13.61
CA ILE JA 55 37.49 26.72 -13.89
C ILE JA 55 38.20 27.11 -12.60
N THR JA 56 39.52 27.00 -12.61
CA THR JA 56 40.35 27.45 -11.50
C THR JA 56 41.63 28.05 -12.05
N GLY JA 57 42.25 28.94 -11.29
CA GLY JA 57 43.51 29.52 -11.70
C GLY JA 57 44.58 28.46 -11.82
N TYR JA 58 45.03 28.18 -13.04
CA TYR JA 58 46.07 27.18 -13.24
C TYR JA 58 46.75 27.46 -14.58
N VAL JA 59 48.08 27.37 -14.58
CA VAL JA 59 48.87 27.61 -15.79
C VAL JA 59 49.58 26.33 -16.15
N PHE JA 60 49.43 25.90 -17.41
CA PHE JA 60 50.08 24.69 -17.89
C PHE JA 60 51.47 24.99 -18.40
N SER JA 61 52.39 24.07 -18.16
CA SER JA 61 53.78 24.25 -18.60
C SER JA 61 53.85 24.25 -20.13
N ASP JA 62 54.64 25.16 -20.69
CA ASP JA 62 54.75 25.28 -22.13
C ASP JA 62 55.78 24.33 -22.73
N ASP JA 63 56.50 23.59 -21.89
CA ASP JA 63 57.49 22.57 -22.26
C ASP JA 63 58.75 23.23 -22.81
N GLU JA 64 58.75 24.54 -23.03
CA GLU JA 64 59.98 25.22 -23.44
C GLU JA 64 60.97 25.28 -22.28
N ASN JA 65 60.50 25.65 -21.10
CA ASN JA 65 61.30 25.51 -19.89
C ASN JA 65 61.27 24.04 -19.48
N PRO JA 66 62.42 23.38 -19.39
CA PRO JA 66 62.44 21.92 -19.20
C PRO JA 66 61.70 21.48 -17.95
N PRO JA 67 62.07 21.95 -16.73
CA PRO JA 67 61.47 21.38 -15.52
C PRO JA 67 60.10 21.98 -15.25
N ALA JA 68 59.05 21.19 -15.46
CA ALA JA 68 57.70 21.62 -15.12
C ALA JA 68 57.40 21.47 -13.63
N GLU JA 69 58.27 20.81 -12.88
CA GLU JA 69 58.05 20.62 -11.45
C GLU JA 69 58.35 21.90 -10.67
N GLY JA 70 59.28 22.72 -11.17
CA GLY JA 70 59.73 23.87 -10.41
C GLY JA 70 58.91 25.14 -10.59
N ASP JA 71 58.24 25.29 -11.72
CA ASP JA 71 57.55 26.54 -12.00
C ASP JA 71 56.28 26.68 -11.15
N ASP JA 72 55.82 27.92 -11.04
CA ASP JA 72 54.68 28.26 -10.19
C ASP JA 72 53.37 27.79 -10.81
N HIS JA 73 52.36 27.64 -9.96
CA HIS JA 73 50.99 27.40 -10.37
C HIS JA 73 50.12 28.55 -9.90
N GLY JA 74 49.08 28.86 -10.67
CA GLY JA 74 48.23 30.00 -10.37
C GLY JA 74 47.06 29.68 -9.46
N LEU JA 75 47.10 28.55 -8.77
CA LEU JA 75 46.00 28.16 -7.89
C LEU JA 75 45.81 29.19 -6.79
N ARG JA 76 44.55 29.58 -6.58
CA ARG JA 76 44.23 30.43 -5.45
C ARG JA 76 44.34 29.64 -4.15
N SER JA 77 44.48 30.37 -3.04
CA SER JA 77 44.80 29.73 -1.77
C SER JA 77 43.72 28.75 -1.33
N SER JA 78 42.48 28.94 -1.77
CA SER JA 78 41.39 28.06 -1.36
C SER JA 78 41.40 26.72 -2.08
N ALA JA 79 41.91 26.66 -3.32
CA ALA JA 79 41.85 25.42 -4.09
C ALA JA 79 43.02 24.49 -3.81
N VAL JA 80 44.03 24.96 -3.07
CA VAL JA 80 45.20 24.14 -2.79
C VAL JA 80 44.81 22.91 -1.98
N SER JA 81 43.99 23.10 -0.95
CA SER JA 81 43.60 21.99 -0.08
C SER JA 81 42.79 20.93 -0.82
N ALA JA 82 42.26 21.26 -1.99
CA ALA JA 82 41.54 20.26 -2.79
C ALA JA 82 42.46 19.60 -3.81
N VAL JA 83 43.33 20.39 -4.45
CA VAL JA 83 44.14 19.85 -5.54
C VAL JA 83 45.08 18.76 -5.04
N PHE JA 84 45.80 19.01 -3.95
CA PHE JA 84 46.78 18.01 -3.53
C PHE JA 84 46.11 16.82 -2.86
N HIS JA 85 44.92 17.01 -2.26
CA HIS JA 85 44.19 15.86 -1.74
C HIS JA 85 43.72 14.95 -2.87
N ASN JA 86 43.20 15.53 -3.95
CA ASN JA 86 42.83 14.71 -5.10
C ASN JA 86 44.04 14.06 -5.73
N LEU JA 87 45.16 14.78 -5.78
CA LEU JA 87 46.39 14.21 -6.32
C LEU JA 87 46.84 13.01 -5.49
N ALA JA 88 46.79 13.14 -4.17
CA ALA JA 88 47.14 12.02 -3.30
C ALA JA 88 46.19 10.85 -3.44
N CYS JA 89 44.89 11.11 -3.65
CA CYS JA 89 43.94 10.04 -3.89
C CYS JA 89 44.27 9.30 -5.19
N ARG JA 90 44.66 10.04 -6.23
CA ARG JA 90 44.99 9.42 -7.51
C ARG JA 90 46.32 8.69 -7.49
N ILE JA 91 47.31 9.18 -6.73
CA ILE JA 91 48.64 8.58 -6.71
C ILE JA 91 48.67 7.19 -6.10
N ALA JA 92 47.86 6.92 -5.08
CA ALA JA 92 47.97 5.68 -4.32
C ALA JA 92 47.93 4.42 -5.20
N PRO JA 93 47.13 4.33 -6.26
CA PRO JA 93 47.24 3.16 -7.14
C PRO JA 93 48.63 2.94 -7.72
N ASP JA 94 49.42 4.00 -7.90
CA ASP JA 94 50.78 3.83 -8.43
C ASP JA 94 51.61 2.96 -7.50
N TYR JA 95 51.52 3.22 -6.19
CA TYR JA 95 52.12 2.35 -5.18
C TYR JA 95 51.15 1.21 -4.88
N ALA JA 96 51.41 0.49 -3.80
CA ALA JA 96 50.47 -0.54 -3.37
C ALA JA 96 49.46 -0.03 -2.34
N LEU JA 97 49.51 1.25 -2.00
CA LEU JA 97 48.65 1.80 -0.96
C LEU JA 97 47.24 2.04 -1.47
N GLU JA 98 46.34 2.28 -0.53
CA GLU JA 98 44.97 2.70 -0.80
C GLU JA 98 44.64 3.89 0.08
N ALA JA 99 44.01 4.91 -0.51
CA ALA JA 99 43.74 6.14 0.20
C ALA JA 99 42.76 5.92 1.35
N THR JA 100 43.03 6.58 2.48
CA THR JA 100 42.16 6.49 3.64
C THR JA 100 40.85 7.22 3.36
N ALA JA 101 39.78 6.77 4.02
CA ALA JA 101 38.45 7.34 3.79
C ALA JA 101 38.42 8.83 4.08
N LYS JA 102 39.21 9.28 5.05
CA LYS JA 102 39.26 10.71 5.36
C LYS JA 102 39.75 11.51 4.16
N ILE JA 103 40.77 11.01 3.46
CA ILE JA 103 41.28 11.71 2.29
C ILE JA 103 40.22 11.75 1.18
N ILE JA 104 39.46 10.67 1.04
CA ILE JA 104 38.41 10.64 0.03
C ILE JA 104 37.33 11.68 0.34
N ALA JA 105 36.91 11.74 1.60
CA ALA JA 105 35.91 12.73 1.99
C ALA JA 105 36.43 14.15 1.80
N THR JA 106 37.69 14.39 2.15
CA THR JA 106 38.27 15.71 1.96
C THR JA 106 38.34 16.09 0.49
N ALA JA 107 38.69 15.13 -0.39
CA ALA JA 107 38.72 15.41 -1.82
C ALA JA 107 37.32 15.73 -2.34
N LYS JA 108 36.31 14.98 -1.90
CA LYS JA 108 34.94 15.27 -2.30
C LYS JA 108 34.55 16.68 -1.90
N TYR JA 109 34.79 17.04 -0.64
CA TYR JA 109 34.46 18.38 -0.16
C TYR JA 109 35.21 19.45 -0.96
N GLY JA 110 36.48 19.20 -1.24
CA GLY JA 110 37.27 20.18 -1.97
C GLY JA 110 36.76 20.42 -3.38
N LYS JA 111 36.43 19.35 -4.10
CA LYS JA 111 35.91 19.53 -5.46
C LYS JA 111 34.55 20.21 -5.44
N GLU JA 112 33.70 19.86 -4.47
CA GLU JA 112 32.39 20.51 -4.38
C GLU JA 112 32.55 22.01 -4.16
N LEU JA 113 33.45 22.40 -3.25
CA LEU JA 113 33.69 23.82 -3.01
C LEU JA 113 34.36 24.49 -4.19
N LEU JA 114 35.16 23.74 -4.95
CA LEU JA 114 35.77 24.28 -6.17
C LEU JA 114 34.69 24.65 -7.19
N TYR JA 115 33.68 23.80 -7.35
CA TYR JA 115 32.72 24.03 -8.42
C TYR JA 115 31.49 24.82 -8.00
N LYS JA 116 31.27 25.03 -6.70
CA LYS JA 116 30.03 25.69 -6.29
C LYS JA 116 29.95 27.14 -6.78
N GLN JA 117 31.07 27.87 -6.77
CA GLN JA 117 31.03 29.27 -7.20
C GLN JA 117 30.72 29.39 -8.68
N THR JA 118 31.36 28.55 -9.50
CA THR JA 118 31.07 28.55 -10.92
C THR JA 118 29.65 28.11 -11.20
N ALA JA 119 29.13 27.15 -10.42
CA ALA JA 119 27.74 26.75 -10.58
C ALA JA 119 26.79 27.90 -10.28
N ILE JA 120 27.08 28.69 -9.25
CA ILE JA 120 26.26 29.87 -8.97
C ILE JA 120 26.35 30.86 -10.13
N SER JA 121 27.57 31.13 -10.61
CA SER JA 121 27.77 32.13 -11.64
C SER JA 121 27.22 31.73 -13.00
N ARG JA 122 27.03 30.42 -13.25
CA ARG JA 122 26.58 29.95 -14.56
C ARG JA 122 25.09 29.66 -14.63
N ALA JA 123 24.35 29.91 -13.56
CA ALA JA 123 22.89 29.68 -13.54
C ALA JA 123 22.21 30.97 -14.00
N LYS JA 124 22.04 31.09 -15.31
CA LYS JA 124 21.43 32.26 -15.92
C LYS JA 124 20.12 31.86 -16.60
N ARG JA 125 19.18 32.80 -16.63
CA ARG JA 125 17.88 32.57 -17.23
C ARG JA 125 17.86 33.10 -18.66
N ALA JA 126 17.29 32.32 -19.57
CA ALA JA 126 17.25 32.67 -20.99
C ALA JA 126 16.31 33.84 -21.22
N PRO JA 127 16.55 34.62 -22.28
CA PRO JA 127 15.66 35.75 -22.58
C PRO JA 127 14.28 35.29 -23.02
N TYR JA 128 13.42 36.26 -23.27
CA TYR JA 128 12.06 35.98 -23.69
C TYR JA 128 12.06 35.35 -25.08
N PRO JA 129 11.06 34.52 -25.40
CA PRO JA 129 11.00 33.92 -26.73
C PRO JA 129 10.73 34.97 -27.80
N SER JA 130 10.85 34.54 -29.05
CA SER JA 130 10.72 35.47 -30.18
C SER JA 130 9.31 36.00 -30.30
N ARG JA 131 8.30 35.15 -30.15
CA ARG JA 131 6.90 35.54 -30.34
C ARG JA 131 6.23 35.84 -29.01
N MET JA 132 6.74 36.87 -28.34
CA MET JA 132 6.16 37.34 -27.08
C MET JA 132 5.91 38.84 -27.15
N PRO JA 133 4.65 39.28 -27.16
CA PRO JA 133 4.38 40.72 -27.20
C PRO JA 133 4.78 41.38 -25.89
N THR JA 134 5.16 42.66 -26.00
CA THR JA 134 5.31 43.50 -24.82
C THR JA 134 4.03 44.27 -24.59
N GLY JA 135 3.49 44.18 -23.39
CA GLY JA 135 2.17 44.72 -23.11
C GLY JA 135 2.10 46.23 -23.26
N SER JA 136 0.88 46.74 -23.18
CA SER JA 136 0.61 48.16 -23.34
C SER JA 136 1.04 48.98 -22.14
N GLY JA 137 1.74 48.41 -21.16
CA GLY JA 137 2.14 49.16 -19.99
C GLY JA 137 3.55 49.72 -20.08
N ASN JA 138 4.35 49.22 -21.01
CA ASN JA 138 5.71 49.73 -21.18
C ASN JA 138 5.68 51.18 -21.65
N SER JA 139 4.83 51.48 -22.63
CA SER JA 139 4.49 52.82 -23.11
C SER JA 139 5.64 53.53 -23.81
N PHE JA 140 6.83 52.95 -23.86
CA PHE JA 140 7.94 53.52 -24.64
C PHE JA 140 8.37 52.57 -25.74
N ALA JA 141 8.68 51.31 -25.40
CA ALA JA 141 8.92 50.31 -26.42
C ALA JA 141 7.67 50.04 -27.25
N ASN JA 142 6.48 50.27 -26.68
CA ASN JA 142 5.26 50.16 -27.45
C ASN JA 142 5.06 51.33 -28.40
N LEU JA 143 5.55 52.52 -28.02
CA LEU JA 143 5.48 53.69 -28.88
C LEU JA 143 6.60 53.73 -29.91
N ASN JA 144 7.64 52.92 -29.74
CA ASN JA 144 8.73 52.84 -30.70
C ASN JA 144 8.53 51.75 -31.75
N GLU JA 145 7.28 51.31 -31.94
CA GLU JA 145 6.92 50.25 -32.88
C GLU JA 145 7.58 48.92 -32.54
N TRP JA 146 8.23 48.83 -31.39
CA TRP JA 146 8.96 47.63 -30.99
C TRP JA 146 8.09 46.79 -30.06
N HIS JA 147 7.04 46.22 -30.64
CA HIS JA 147 6.00 45.57 -29.86
C HIS JA 147 6.46 44.22 -29.30
N TYR JA 148 7.20 43.44 -30.08
CA TYR JA 148 7.56 42.08 -29.71
C TYR JA 148 9.00 42.02 -29.24
N PHE JA 149 9.30 41.04 -28.39
CA PHE JA 149 10.63 40.86 -27.88
C PHE JA 149 11.57 40.40 -29.01
N PRO JA 150 12.85 40.73 -28.93
CA PRO JA 150 13.76 40.42 -30.06
C PRO JA 150 13.98 38.93 -30.24
N GLY JA 151 14.28 38.23 -29.17
CA GLY JA 151 14.52 36.79 -29.21
C GLY JA 151 15.88 36.42 -28.66
N GLU JA 152 16.09 35.11 -28.56
CA GLU JA 152 17.36 34.60 -28.05
C GLU JA 152 18.52 34.91 -28.99
N GLN JA 153 18.26 34.93 -30.30
CA GLN JA 153 19.27 35.28 -31.30
C GLN JA 153 20.51 34.41 -31.20
N MET KA 1 52.66 18.04 -22.91
CA MET KA 1 51.95 17.15 -22.00
C MET KA 1 52.86 16.03 -21.52
N GLN KA 2 54.01 15.88 -22.19
CA GLN KA 2 55.04 14.88 -21.90
C GLN KA 2 54.55 13.45 -22.09
N ILE KA 3 53.35 13.27 -22.63
CA ILE KA 3 52.80 11.93 -22.87
C ILE KA 3 52.49 11.82 -24.36
N LYS KA 4 53.33 12.45 -25.18
CA LYS KA 4 53.05 12.57 -26.61
C LYS KA 4 52.97 11.20 -27.30
N THR KA 5 53.89 10.30 -26.98
CA THR KA 5 54.01 9.04 -27.69
C THR KA 5 53.12 7.96 -27.10
N LYS KA 6 52.78 6.98 -27.93
CA LYS KA 6 51.98 5.84 -27.47
C LYS KA 6 52.72 5.06 -26.39
N GLY KA 7 54.05 4.98 -26.52
CA GLY KA 7 54.84 4.32 -25.49
C GLY KA 7 54.70 4.98 -24.13
N ASP KA 8 54.52 6.31 -24.11
CA ASP KA 8 54.26 6.98 -22.85
C ASP KA 8 52.93 6.55 -22.25
N LEU KA 9 51.91 6.38 -23.08
CA LEU KA 9 50.63 5.85 -22.60
C LEU KA 9 50.80 4.45 -22.03
N VAL KA 10 51.54 3.60 -22.73
CA VAL KA 10 51.75 2.23 -22.25
C VAL KA 10 52.50 2.22 -20.93
N ARG KA 11 53.55 3.04 -20.82
CA ARG KA 11 54.32 3.09 -19.59
C ARG KA 11 53.50 3.64 -18.44
N ALA KA 12 52.64 4.64 -18.71
CA ALA KA 12 51.78 5.17 -17.66
C ALA KA 12 50.78 4.12 -17.19
N ALA KA 13 50.20 3.36 -18.13
CA ALA KA 13 49.27 2.30 -17.75
C ALA KA 13 49.97 1.23 -16.92
N LEU KA 14 51.17 0.83 -17.33
CA LEU KA 14 51.91 -0.18 -16.59
C LEU KA 14 52.28 0.32 -15.19
N ARG KA 15 52.69 1.59 -15.08
CA ARG KA 15 52.99 2.15 -13.77
C ARG KA 15 51.76 2.19 -12.88
N LYS KA 16 50.60 2.54 -13.45
CA LYS KA 16 49.36 2.54 -12.68
C LYS KA 16 49.03 1.14 -12.20
N LEU KA 17 49.21 0.14 -13.06
CA LEU KA 17 48.94 -1.24 -12.66
C LEU KA 17 49.96 -1.76 -11.65
N GLY KA 18 51.10 -1.08 -11.49
CA GLY KA 18 52.14 -1.57 -10.61
C GLY KA 18 53.04 -2.62 -11.20
N VAL KA 19 52.96 -2.86 -12.51
CA VAL KA 19 53.78 -3.89 -13.14
C VAL KA 19 55.21 -3.40 -13.31
N ALA KA 20 55.38 -2.23 -13.92
CA ALA KA 20 56.71 -1.71 -14.20
C ALA KA 20 56.70 -0.20 -14.04
N SER KA 21 57.56 0.31 -13.17
CA SER KA 21 57.64 1.73 -12.87
C SER KA 21 59.04 1.99 -12.31
N ASP KA 22 59.22 3.12 -11.66
CA ASP KA 22 60.45 3.39 -10.92
C ASP KA 22 60.20 3.43 -9.42
N ALA KA 23 58.96 3.68 -8.99
CA ALA KA 23 58.60 3.45 -7.60
C ALA KA 23 58.73 1.99 -7.21
N THR KA 24 58.67 1.09 -8.18
CA THR KA 24 59.08 -0.29 -8.01
C THR KA 24 60.24 -0.54 -8.98
N LEU KA 25 61.27 -1.21 -8.49
CA LEU KA 25 62.54 -1.26 -9.21
C LEU KA 25 62.47 -2.00 -10.54
N THR KA 26 61.36 -2.69 -10.82
CA THR KA 26 61.25 -3.43 -12.08
C THR KA 26 61.29 -2.49 -13.28
N ASP KA 27 61.55 -3.06 -14.45
CA ASP KA 27 61.61 -2.31 -15.69
C ASP KA 27 60.71 -2.96 -16.73
N VAL KA 28 60.33 -2.17 -17.73
CA VAL KA 28 59.43 -2.63 -18.76
C VAL KA 28 60.15 -3.60 -19.69
N GLU KA 29 59.48 -4.71 -20.00
CA GLU KA 29 60.00 -5.65 -20.98
C GLU KA 29 59.37 -5.36 -22.35
N PRO KA 30 60.16 -5.38 -23.43
CA PRO KA 30 59.63 -4.91 -24.72
C PRO KA 30 58.39 -5.64 -25.22
N GLN KA 31 58.31 -6.96 -25.00
CA GLN KA 31 57.14 -7.69 -25.50
C GLN KA 31 55.88 -7.29 -24.76
N SER KA 32 55.99 -6.94 -23.48
CA SER KA 32 54.85 -6.37 -22.76
C SER KA 32 54.41 -5.08 -23.40
N MET KA 33 55.36 -4.23 -23.80
CA MET KA 33 55.03 -2.99 -24.50
C MET KA 33 54.30 -3.28 -25.81
N GLN KA 34 54.78 -4.26 -26.57
CA GLN KA 34 54.13 -4.57 -27.84
C GLN KA 34 52.70 -5.08 -27.63
N ASP KA 35 52.52 -5.98 -26.66
CA ASP KA 35 51.18 -6.48 -26.38
C ASP KA 35 50.26 -5.36 -25.93
N ALA KA 36 50.75 -4.47 -25.06
CA ALA KA 36 49.92 -3.39 -24.56
C ALA KA 36 49.56 -2.40 -25.66
N VAL KA 37 50.49 -2.10 -26.56
CA VAL KA 37 50.16 -1.17 -27.63
C VAL KA 37 49.18 -1.79 -28.62
N ASP KA 38 49.29 -3.10 -28.89
CA ASP KA 38 48.28 -3.75 -29.70
C ASP KA 38 46.92 -3.69 -29.04
N ASP KA 39 46.86 -3.92 -27.72
CA ASP KA 39 45.60 -3.84 -27.01
C ASP KA 39 45.04 -2.43 -27.03
N LEU KA 40 45.90 -1.42 -26.89
CA LEU KA 40 45.46 -0.03 -26.98
C LEU KA 40 44.85 0.27 -28.34
N GLU KA 41 45.51 -0.16 -29.42
CA GLU KA 41 44.99 0.11 -30.74
C GLU KA 41 43.65 -0.59 -30.96
N ALA KA 42 43.53 -1.84 -30.50
CA ALA KA 42 42.27 -2.55 -30.65
C ALA KA 42 41.16 -1.89 -29.86
N MET KA 43 41.43 -1.48 -28.62
CA MET KA 43 40.41 -0.84 -27.80
C MET KA 43 39.97 0.48 -28.39
N MET KA 44 40.91 1.28 -28.89
CA MET KA 44 40.54 2.57 -29.47
C MET KA 44 39.78 2.37 -30.78
N ALA KA 45 40.13 1.33 -31.54
CA ALA KA 45 39.34 1.01 -32.73
C ALA KA 45 37.91 0.63 -32.36
N GLU KA 46 37.64 0.07 -31.20
CA GLU KA 46 36.24 -0.26 -30.90
C GLU KA 46 35.39 0.94 -30.56
N TRP KA 47 35.92 1.85 -29.74
CA TRP KA 47 35.18 3.03 -29.31
C TRP KA 47 34.74 3.96 -30.39
N TYR KA 48 35.53 4.12 -31.44
CA TYR KA 48 35.22 5.07 -32.50
C TYR KA 48 34.07 4.63 -33.35
N GLN KA 49 34.01 3.35 -33.67
CA GLN KA 49 32.96 2.81 -34.49
C GLN KA 49 32.80 3.59 -35.75
N ASP KA 50 33.92 3.99 -36.36
CA ASP KA 50 33.87 4.69 -37.63
C ASP KA 50 33.25 6.07 -37.57
N GLY KA 51 33.16 6.63 -36.39
CA GLY KA 51 32.65 7.98 -36.26
C GLY KA 51 31.31 7.95 -35.60
N LYS KA 52 30.68 6.80 -35.65
CA LYS KA 52 29.37 6.69 -35.09
C LYS KA 52 29.49 6.49 -33.60
N GLY KA 53 30.70 6.47 -33.08
CA GLY KA 53 30.92 6.30 -31.66
C GLY KA 53 31.68 7.45 -31.07
N ILE KA 54 32.49 7.18 -30.07
CA ILE KA 54 33.19 8.28 -29.40
C ILE KA 54 34.20 8.87 -30.38
N ILE KA 55 34.17 10.19 -30.52
CA ILE KA 55 35.07 10.90 -31.42
C ILE KA 55 36.14 11.58 -30.60
N THR KA 56 37.38 11.10 -30.73
CA THR KA 56 38.54 11.72 -30.11
C THR KA 56 39.67 11.75 -31.13
N GLY KA 57 40.55 12.74 -31.02
CA GLY KA 57 41.68 12.82 -31.91
C GLY KA 57 42.59 11.62 -31.77
N TYR KA 58 42.61 10.77 -32.79
CA TYR KA 58 43.45 9.58 -32.73
C TYR KA 58 43.82 9.17 -34.15
N VAL KA 59 45.09 8.81 -34.34
CA VAL KA 59 45.59 8.39 -35.63
C VAL KA 59 45.86 6.89 -35.57
N PHE KA 60 45.22 6.15 -36.46
CA PHE KA 60 45.44 4.71 -36.51
C PHE KA 60 46.58 4.38 -37.48
N SER KA 61 47.53 3.59 -36.99
CA SER KA 61 48.70 3.27 -37.79
C SER KA 61 48.32 2.34 -38.94
N ASP KA 62 48.74 2.71 -40.15
CA ASP KA 62 48.52 1.86 -41.31
C ASP KA 62 49.50 0.69 -41.38
N ASP KA 63 50.41 0.59 -40.41
CA ASP KA 63 51.46 -0.42 -40.29
C ASP KA 63 52.55 -0.24 -41.35
N GLU KA 64 52.50 0.83 -42.14
CA GLU KA 64 53.62 1.14 -43.02
C GLU KA 64 54.87 1.43 -42.20
N ASN KA 65 54.72 2.20 -41.12
CA ASN KA 65 55.80 2.32 -40.15
C ASN KA 65 55.87 1.04 -39.34
N PRO KA 66 57.00 0.35 -39.30
CA PRO KA 66 57.08 -0.93 -38.60
C PRO KA 66 56.85 -0.80 -37.11
N PRO KA 67 57.61 0.05 -36.36
CA PRO KA 67 57.37 0.15 -34.92
C PRO KA 67 56.26 1.13 -34.61
N ALA KA 68 55.14 0.62 -34.11
CA ALA KA 68 54.02 1.46 -33.72
C ALA KA 68 54.18 2.07 -32.34
N GLU KA 69 55.24 1.73 -31.62
CA GLU KA 69 55.45 2.27 -30.28
C GLU KA 69 55.89 3.73 -30.33
N GLY KA 70 56.72 4.10 -31.30
CA GLY KA 70 57.32 5.42 -31.32
C GLY KA 70 56.46 6.53 -31.91
N ASP KA 71 55.48 6.18 -32.74
CA ASP KA 71 54.73 7.21 -33.45
C ASP KA 71 53.83 7.99 -32.51
N ASP KA 72 53.45 9.19 -32.94
CA ASP KA 72 52.67 10.10 -32.11
C ASP KA 72 51.19 9.77 -32.22
N HIS KA 73 50.44 10.19 -31.20
CA HIS KA 73 48.99 10.09 -31.19
C HIS KA 73 48.38 11.49 -31.15
N GLY KA 74 47.22 11.63 -31.78
CA GLY KA 74 46.59 12.93 -31.89
C GLY KA 74 45.66 13.27 -30.73
N LEU KA 75 45.77 12.54 -29.62
CA LEU KA 75 44.87 12.74 -28.49
C LEU KA 75 45.01 14.15 -27.95
N ARG KA 76 43.88 14.81 -27.74
CA ARG KA 76 43.88 16.11 -27.09
C ARG KA 76 44.20 15.94 -25.60
N SER KA 77 44.58 17.06 -24.97
CA SER KA 77 45.15 16.99 -23.63
C SER KA 77 44.15 16.45 -22.60
N SER KA 78 42.85 16.58 -22.87
CA SER KA 78 41.85 16.14 -21.90
C SER KA 78 41.60 14.64 -21.92
N ALA KA 79 41.79 13.98 -23.05
CA ALA KA 79 41.49 12.55 -23.15
C ALA KA 79 42.62 11.66 -22.67
N VAL KA 80 43.81 12.22 -22.44
CA VAL KA 80 44.96 11.40 -22.06
C VAL KA 80 44.72 10.72 -20.73
N SER KA 81 44.19 11.45 -19.75
CA SER KA 81 43.99 10.90 -18.42
C SER KA 81 42.94 9.80 -18.41
N ALA KA 82 42.15 9.67 -19.46
CA ALA KA 82 41.17 8.59 -19.57
C ALA KA 82 41.72 7.41 -20.34
N VAL KA 83 42.48 7.68 -21.41
CA VAL KA 83 42.90 6.60 -22.29
C VAL KA 83 43.80 5.62 -21.56
N PHE KA 84 44.82 6.12 -20.84
CA PHE KA 84 45.73 5.17 -20.22
C PHE KA 84 45.13 4.53 -18.98
N HIS KA 85 44.18 5.18 -18.32
CA HIS KA 85 43.46 4.53 -17.23
C HIS KA 85 42.63 3.35 -17.75
N ASN KA 86 41.93 3.55 -18.88
CA ASN KA 86 41.19 2.45 -19.47
C ASN KA 86 42.14 1.35 -19.96
N LEU KA 87 43.29 1.74 -20.52
CA LEU KA 87 44.27 0.77 -20.97
C LEU KA 87 44.78 -0.07 -19.81
N ALA KA 88 45.08 0.57 -18.67
CA ALA KA 88 45.52 -0.15 -17.49
C ALA KA 88 44.42 -1.04 -16.92
N CYS KA 89 43.16 -0.63 -17.02
CA CYS KA 89 42.07 -1.50 -16.61
C CYS KA 89 42.00 -2.74 -17.50
N ARG KA 90 42.20 -2.56 -18.81
CA ARG KA 90 42.11 -3.69 -19.73
C ARG KA 90 43.32 -4.63 -19.68
N ILE KA 91 44.51 -4.12 -19.35
CA ILE KA 91 45.70 -4.97 -19.32
C ILE KA 91 45.70 -5.91 -18.12
N ALA KA 92 44.99 -5.59 -17.05
CA ALA KA 92 45.06 -6.40 -15.84
C ALA KA 92 44.81 -7.89 -16.07
N PRO KA 93 43.80 -8.32 -16.85
CA PRO KA 93 43.64 -9.76 -17.09
C PRO KA 93 44.79 -10.39 -17.87
N ASP KA 94 45.64 -9.61 -18.53
CA ASP KA 94 46.78 -10.18 -19.24
C ASP KA 94 47.71 -10.90 -18.26
N TYR KA 95 47.97 -10.29 -17.11
CA TYR KA 95 48.59 -10.97 -15.99
C TYR KA 95 47.47 -11.50 -15.08
N ALA KA 96 47.82 -11.94 -13.88
CA ALA KA 96 46.80 -12.37 -12.94
C ALA KA 96 46.29 -11.24 -12.05
N LEU KA 97 46.79 -10.02 -12.25
CA LEU KA 97 46.37 -8.89 -11.43
C LEU KA 97 44.95 -8.46 -11.77
N GLU KA 98 44.36 -7.71 -10.85
CA GLU KA 98 43.06 -7.09 -11.05
C GLU KA 98 43.14 -5.63 -10.64
N ALA KA 99 42.46 -4.76 -11.39
CA ALA KA 99 42.60 -3.33 -11.20
C ALA KA 99 41.94 -2.88 -9.90
N THR KA 100 42.56 -1.89 -9.25
CA THR KA 100 42.00 -1.29 -8.05
C THR KA 100 40.73 -0.51 -8.38
N ALA KA 101 39.84 -0.40 -7.39
CA ALA KA 101 38.56 0.27 -7.62
C ALA KA 101 38.75 1.73 -8.03
N LYS KA 102 39.80 2.37 -7.53
CA LYS KA 102 40.05 3.77 -7.89
C LYS KA 102 40.30 3.91 -9.39
N ILE KA 103 41.04 2.97 -9.97
CA ILE KA 103 41.29 3.00 -11.40
C ILE KA 103 39.99 2.83 -12.18
N ILE KA 104 39.11 1.95 -11.71
CA ILE KA 104 37.82 1.75 -12.39
C ILE KA 104 36.99 3.02 -12.34
N ALA KA 105 36.93 3.66 -11.17
CA ALA KA 105 36.17 4.91 -11.05
C ALA KA 105 36.75 5.99 -11.95
N THR KA 106 38.08 6.11 -12.00
CA THR KA 106 38.70 7.09 -12.87
C THR KA 106 38.42 6.81 -14.34
N ALA KA 107 38.43 5.55 -14.74
CA ALA KA 107 38.10 5.21 -16.12
C ALA KA 107 36.66 5.56 -16.45
N LYS KA 108 35.73 5.29 -15.53
CA LYS KA 108 34.34 5.67 -15.74
C LYS KA 108 34.21 7.18 -15.94
N TYR KA 109 34.83 7.95 -15.03
CA TYR KA 109 34.80 9.40 -15.14
C TYR KA 109 35.39 9.87 -16.46
N GLY KA 110 36.52 9.30 -16.86
CA GLY KA 110 37.18 9.72 -18.08
C GLY KA 110 36.34 9.46 -19.31
N LYS KA 111 35.71 8.28 -19.39
CA LYS KA 111 34.87 7.99 -20.55
C LYS KA 111 33.64 8.89 -20.57
N GLU KA 112 33.05 9.17 -19.40
CA GLU KA 112 31.88 10.04 -19.35
C GLU KA 112 32.22 11.43 -19.88
N LEU KA 113 33.34 12.01 -19.42
CA LEU KA 113 33.73 13.32 -19.94
C LEU KA 113 34.23 13.24 -21.37
N LEU KA 114 34.67 12.07 -21.81
CA LEU KA 114 35.02 11.90 -23.23
C LEU KA 114 33.79 12.05 -24.11
N TYR KA 115 32.66 11.47 -23.67
CA TYR KA 115 31.48 11.46 -24.52
C TYR KA 115 30.52 12.62 -24.28
N LYS KA 116 30.68 13.38 -23.18
CA LYS KA 116 29.67 14.38 -22.86
C LYS KA 116 29.58 15.50 -23.90
N GLN KA 117 30.71 15.95 -24.44
CA GLN KA 117 30.67 17.05 -25.40
C GLN KA 117 30.01 16.62 -26.71
N THR KA 118 30.33 15.41 -27.18
CA THR KA 118 29.68 14.89 -28.37
C THR KA 118 28.20 14.66 -28.14
N ALA KA 119 27.82 14.22 -26.94
CA ALA KA 119 26.41 14.06 -26.63
C ALA KA 119 25.67 15.38 -26.66
N ILE KA 120 26.31 16.45 -26.14
CA ILE KA 120 25.71 17.77 -26.22
C ILE KA 120 25.55 18.21 -27.68
N SER KA 121 26.61 18.03 -28.48
CA SER KA 121 26.60 18.48 -29.85
C SER KA 121 25.64 17.70 -30.74
N ARG KA 122 25.33 16.45 -30.40
CA ARG KA 122 24.49 15.61 -31.23
C ARG KA 122 23.01 15.65 -30.86
N ALA KA 123 22.63 16.43 -29.85
CA ALA KA 123 21.24 16.54 -29.43
C ALA KA 123 20.58 17.65 -30.23
N LYS KA 124 20.07 17.30 -31.41
CA LYS KA 124 19.43 18.25 -32.30
C LYS KA 124 17.96 17.90 -32.47
N ARG KA 125 17.15 18.91 -32.74
CA ARG KA 125 15.71 18.74 -32.88
C ARG KA 125 15.33 18.64 -34.35
N ALA KA 126 14.44 17.69 -34.65
CA ALA KA 126 14.01 17.45 -36.02
C ALA KA 126 13.16 18.61 -36.53
N PRO KA 127 13.20 18.86 -37.84
CA PRO KA 127 12.40 19.96 -38.41
C PRO KA 127 10.92 19.66 -38.34
N TYR KA 128 10.13 20.62 -38.82
CA TYR KA 128 8.69 20.47 -38.84
C TYR KA 128 8.27 19.37 -39.82
N PRO KA 129 7.17 18.68 -39.56
CA PRO KA 129 6.69 17.66 -40.50
C PRO KA 129 6.24 18.29 -41.81
N SER KA 130 6.01 17.41 -42.79
CA SER KA 130 5.67 17.88 -44.13
C SER KA 130 4.29 18.53 -44.16
N ARG KA 131 3.32 17.96 -43.45
CA ARG KA 131 1.94 18.49 -43.46
C ARG KA 131 1.71 19.40 -42.27
N MET KA 132 2.54 20.42 -42.16
CA MET KA 132 2.39 21.47 -41.16
C MET KA 132 2.20 22.82 -41.83
N PRO KA 133 1.04 23.45 -41.70
CA PRO KA 133 0.86 24.78 -42.31
C PRO KA 133 1.67 25.83 -41.59
N THR KA 134 2.08 26.85 -42.34
CA THR KA 134 2.65 28.05 -41.75
C THR KA 134 1.54 29.08 -41.57
N GLY KA 135 1.41 29.60 -40.37
CA GLY KA 135 0.28 30.46 -40.05
C GLY KA 135 0.30 31.75 -40.84
N SER KA 136 -0.82 32.46 -40.77
CA SER KA 136 -0.99 33.72 -41.49
C SER KA 136 -0.18 34.85 -40.88
N GLY KA 137 0.65 34.60 -39.88
CA GLY KA 137 1.44 35.66 -39.27
C GLY KA 137 2.80 35.84 -39.92
N ASN KA 138 3.25 34.85 -40.67
CA ASN KA 138 4.53 34.97 -41.35
C ASN KA 138 4.51 36.10 -42.38
N SER KA 139 3.44 36.16 -43.17
CA SER KA 139 3.10 37.25 -44.09
C SER KA 139 4.06 37.39 -45.26
N PHE KA 140 5.13 36.61 -45.31
CA PHE KA 140 6.03 36.60 -46.47
C PHE KA 140 6.04 35.24 -47.14
N ALA KA 141 6.31 34.17 -46.38
CA ALA KA 141 6.15 32.83 -46.92
C ALA KA 141 4.69 32.53 -47.24
N ASN KA 142 3.75 33.21 -46.59
CA ASN KA 142 2.35 33.05 -46.95
C ASN KA 142 2.03 33.73 -48.28
N LEU KA 143 2.68 34.86 -48.57
CA LEU KA 143 2.48 35.54 -49.84
C LEU KA 143 3.28 34.94 -50.97
N ASN KA 144 4.30 34.13 -50.66
CA ASN KA 144 5.11 33.47 -51.68
C ASN KA 144 4.58 32.09 -52.04
N GLU KA 145 3.30 31.83 -51.79
CA GLU KA 145 2.67 30.52 -52.04
C GLU KA 145 3.35 29.40 -51.27
N TRP KA 146 4.13 29.76 -50.26
CA TRP KA 146 4.92 28.80 -49.48
C TRP KA 146 4.18 28.49 -48.17
N HIS KA 147 3.01 27.87 -48.34
CA HIS KA 147 2.10 27.71 -47.20
C HIS KA 147 2.56 26.63 -46.23
N TYR KA 148 3.10 25.52 -46.73
CA TYR KA 148 3.40 24.36 -45.90
C TYR KA 148 4.91 24.18 -45.76
N PHE KA 149 5.32 23.60 -44.64
CA PHE KA 149 6.72 23.37 -44.38
C PHE KA 149 7.27 22.30 -45.34
N PRO KA 150 8.55 22.38 -45.71
CA PRO KA 150 9.11 21.41 -46.65
C PRO KA 150 9.03 19.97 -46.15
N GLY KA 151 9.27 19.79 -44.85
CA GLY KA 151 9.33 18.48 -44.25
C GLY KA 151 10.75 18.11 -43.87
N GLU KA 152 10.87 16.89 -43.34
CA GLU KA 152 12.17 16.39 -42.94
C GLU KA 152 13.07 16.12 -44.14
N GLN KA 153 12.48 15.96 -45.32
CA GLN KA 153 13.21 15.71 -46.56
C GLN KA 153 14.12 14.49 -46.44
N MET LA 1 46.30 -3.88 -38.40
CA MET LA 1 45.73 -4.14 -37.09
C MET LA 1 46.51 -5.22 -36.34
N GLN LA 2 47.42 -5.87 -37.05
CA GLN LA 2 48.32 -6.90 -36.53
C GLN LA 2 47.57 -8.15 -36.04
N ILE LA 3 46.25 -8.22 -36.25
CA ILE LA 3 45.46 -9.37 -35.83
C ILE LA 3 44.75 -9.93 -37.06
N LYS LA 4 45.43 -9.88 -38.21
CA LYS LA 4 44.80 -10.18 -39.49
C LYS LA 4 44.21 -11.59 -39.54
N THR LA 5 44.97 -12.59 -39.09
CA THR LA 5 44.60 -13.98 -39.30
C THR LA 5 43.81 -14.55 -38.12
N LYS LA 6 43.16 -15.69 -38.37
CA LYS LA 6 42.42 -16.37 -37.31
C LYS LA 6 43.35 -16.85 -36.20
N GLY LA 7 44.54 -17.32 -36.57
CA GLY LA 7 45.52 -17.70 -35.57
C GLY LA 7 45.90 -16.53 -34.68
N ASP LA 8 45.91 -15.32 -35.22
CA ASP LA 8 46.14 -14.15 -34.39
C ASP LA 8 45.02 -13.99 -33.37
N LEU LA 9 43.77 -14.23 -33.77
CA LEU LA 9 42.66 -14.19 -32.84
C LEU LA 9 42.83 -15.22 -31.72
N VAL LA 10 43.22 -16.44 -32.09
CA VAL LA 10 43.40 -17.50 -31.10
C VAL LA 10 44.52 -17.14 -30.14
N ARG LA 11 45.64 -16.64 -30.67
CA ARG LA 11 46.77 -16.28 -29.82
C ARG LA 11 46.43 -15.10 -28.91
N ALA LA 12 45.65 -14.14 -29.42
CA ALA LA 12 45.21 -13.03 -28.58
C ALA LA 12 44.31 -13.52 -27.45
N ALA LA 13 43.41 -14.45 -27.75
CA ALA LA 13 42.55 -15.01 -26.71
C ALA LA 13 43.38 -15.74 -25.65
N LEU LA 14 44.35 -16.55 -26.09
CA LEU LA 14 45.20 -17.27 -25.14
C LEU LA 14 46.02 -16.30 -24.30
N ARG LA 15 46.54 -15.24 -24.92
CA ARG LA 15 47.30 -14.24 -24.16
C ARG LA 15 46.42 -13.54 -23.14
N LYS LA 16 45.19 -13.21 -23.51
CA LYS LA 16 44.26 -12.58 -22.56
C LYS LA 16 43.96 -13.51 -21.40
N LEU LA 17 43.79 -14.81 -21.69
CA LEU LA 17 43.57 -15.76 -20.61
C LEU LA 17 44.82 -15.98 -19.76
N GLY LA 18 46.00 -15.63 -20.27
CA GLY LA 18 47.23 -15.85 -19.54
C GLY LA 18 47.87 -17.19 -19.74
N VAL LA 19 47.28 -18.05 -20.59
CA VAL LA 19 47.82 -19.40 -20.78
C VAL LA 19 49.17 -19.33 -21.50
N ALA LA 20 49.25 -18.56 -22.57
CA ALA LA 20 50.49 -18.49 -23.36
C ALA LA 20 50.49 -17.22 -24.20
N SER LA 21 51.67 -16.67 -24.42
CA SER LA 21 51.89 -15.50 -25.27
C SER LA 21 53.27 -15.65 -25.90
N ASP LA 22 53.81 -14.56 -26.42
CA ASP LA 22 55.15 -14.57 -26.98
C ASP LA 22 56.22 -14.54 -25.89
N ALA LA 23 55.97 -13.86 -24.78
CA ALA LA 23 56.98 -13.73 -23.73
C ALA LA 23 56.90 -14.82 -22.68
N THR LA 24 56.18 -15.91 -22.93
CA THR LA 24 56.03 -16.98 -21.95
C THR LA 24 57.02 -18.10 -22.27
N LEU LA 25 57.44 -18.80 -21.23
CA LEU LA 25 58.45 -19.85 -21.38
C LEU LA 25 57.87 -21.14 -21.96
N THR LA 26 56.65 -21.51 -21.62
CA THR LA 26 56.04 -22.69 -22.21
C THR LA 26 54.94 -22.29 -23.18
N ASP LA 27 54.72 -23.14 -24.20
CA ASP LA 27 53.81 -22.80 -25.27
C ASP LA 27 52.81 -23.93 -25.46
N VAL LA 28 51.72 -23.61 -26.16
CA VAL LA 28 50.63 -24.54 -26.36
C VAL LA 28 50.88 -25.36 -27.62
N GLU LA 29 50.46 -26.63 -27.57
CA GLU LA 29 50.68 -27.61 -28.62
C GLU LA 29 49.71 -27.37 -29.77
N PRO LA 30 50.15 -27.55 -31.02
CA PRO LA 30 49.32 -27.12 -32.17
C PRO LA 30 47.93 -27.73 -32.23
N GLN LA 31 47.73 -28.95 -31.75
CA GLN LA 31 46.39 -29.53 -31.76
C GLN LA 31 45.41 -28.71 -30.95
N SER LA 32 45.88 -28.09 -29.87
CA SER LA 32 45.00 -27.20 -29.11
C SER LA 32 44.65 -25.95 -29.90
N MET LA 33 45.60 -25.46 -30.71
CA MET LA 33 45.29 -24.34 -31.60
C MET LA 33 44.24 -24.74 -32.63
N GLN LA 34 44.35 -25.95 -33.16
CA GLN LA 34 43.34 -26.44 -34.10
C GLN LA 34 41.98 -26.53 -33.45
N ASP LA 35 41.92 -27.05 -32.21
CA ASP LA 35 40.66 -27.13 -31.50
C ASP LA 35 40.08 -25.75 -31.24
N ALA LA 36 40.94 -24.79 -30.86
CA ALA LA 36 40.47 -23.45 -30.58
C ALA LA 36 39.93 -22.76 -31.84
N VAL LA 37 40.60 -22.95 -32.97
CA VAL LA 37 40.10 -22.31 -34.19
C VAL LA 37 38.82 -23.00 -34.66
N ASP LA 38 38.69 -24.30 -34.44
CA ASP LA 38 37.41 -24.96 -34.73
C ASP LA 38 36.30 -24.40 -33.85
N ASP LA 39 36.59 -24.16 -32.57
CA ASP LA 39 35.61 -23.57 -31.68
C ASP LA 39 35.24 -22.16 -32.11
N LEU LA 40 36.23 -21.39 -32.56
CA LEU LA 40 35.95 -20.05 -33.09
C LEU LA 40 35.03 -20.11 -34.29
N GLU LA 41 35.30 -21.03 -35.22
CA GLU LA 41 34.45 -21.15 -36.39
C GLU LA 41 33.03 -21.57 -36.01
N ALA LA 42 32.90 -22.49 -35.05
CA ALA LA 42 31.56 -22.90 -34.60
C ALA LA 42 30.81 -21.75 -33.94
N MET LA 43 31.51 -20.97 -33.10
CA MET LA 43 30.85 -19.84 -32.44
C MET LA 43 30.43 -18.79 -33.44
N MET LA 44 31.27 -18.51 -34.45
CA MET LA 44 30.90 -17.54 -35.45
C MET LA 44 29.75 -18.04 -36.32
N ALA LA 45 29.70 -19.35 -36.58
CA ALA LA 45 28.55 -19.91 -37.29
C ALA LA 45 27.28 -19.76 -36.47
N GLU LA 46 27.35 -19.98 -35.16
CA GLU LA 46 26.18 -19.78 -34.31
C GLU LA 46 25.73 -18.32 -34.30
N TRP LA 47 26.61 -17.34 -34.24
CA TRP LA 47 26.09 -15.96 -34.18
C TRP LA 47 25.41 -15.47 -35.44
N TYR LA 48 25.71 -16.03 -36.59
CA TYR LA 48 25.18 -15.55 -37.86
C TYR LA 48 23.77 -16.03 -38.15
N GLN LA 49 23.49 -17.26 -37.79
CA GLN LA 49 22.16 -17.81 -38.00
C GLN LA 49 21.78 -17.76 -39.46
N ASP LA 50 22.76 -17.71 -40.34
CA ASP LA 50 22.53 -17.72 -41.79
C ASP LA 50 21.93 -16.46 -42.35
N GLY LA 51 22.34 -15.30 -41.85
CA GLY LA 51 21.87 -14.05 -42.41
C GLY LA 51 20.94 -13.30 -41.53
N LYS LA 52 20.24 -14.00 -40.65
CA LYS LA 52 19.27 -13.37 -39.79
C LYS LA 52 19.96 -12.84 -38.59
N GLY LA 53 20.77 -13.66 -37.98
CA GLY LA 53 21.53 -13.32 -36.80
C GLY LA 53 22.47 -12.14 -36.94
N ILE LA 54 23.47 -12.05 -36.07
CA ILE LA 54 24.42 -10.96 -36.09
C ILE LA 54 25.19 -10.99 -37.40
N ILE LA 55 25.24 -9.86 -38.09
CA ILE LA 55 25.92 -9.76 -39.38
C ILE LA 55 27.22 -8.99 -39.19
N THR LA 56 28.34 -9.64 -39.50
CA THR LA 56 29.65 -9.01 -39.48
C THR LA 56 30.47 -9.60 -40.62
N GLY LA 57 31.45 -8.85 -41.10
CA GLY LA 57 32.32 -9.34 -42.14
C GLY LA 57 33.11 -10.55 -41.68
N TYR LA 58 32.77 -11.73 -42.22
CA TYR LA 58 33.45 -12.95 -41.82
C TYR LA 58 33.36 -13.94 -42.97
N VAL LA 59 34.47 -14.61 -43.25
CA VAL LA 59 34.54 -15.58 -44.34
C VAL LA 59 34.86 -16.95 -43.74
N PHE LA 60 34.05 -17.94 -44.08
CA PHE LA 60 34.24 -19.29 -43.57
C PHE LA 60 35.16 -20.08 -44.49
N SER LA 61 36.07 -20.85 -43.90
CA SER LA 61 37.00 -21.65 -44.67
C SER LA 61 36.25 -22.70 -45.49
N ASP LA 62 36.63 -22.85 -46.76
CA ASP LA 62 35.95 -23.78 -47.65
C ASP LA 62 36.45 -25.21 -47.51
N ASP LA 63 37.47 -25.46 -46.69
CA ASP LA 63 38.05 -26.76 -46.37
C ASP LA 63 38.86 -27.29 -47.55
N GLU LA 64 38.79 -26.65 -48.72
CA GLU LA 64 39.66 -27.05 -49.82
C GLU LA 64 41.11 -26.64 -49.55
N ASN LA 65 41.30 -25.42 -49.07
CA ASN LA 65 42.61 -25.02 -48.57
C ASN LA 65 42.84 -25.68 -47.22
N PRO LA 66 43.92 -26.45 -47.05
CA PRO LA 66 44.08 -27.26 -45.84
C PRO LA 66 44.04 -26.43 -44.56
N PRO LA 67 44.95 -25.45 -44.37
CA PRO LA 67 45.02 -24.79 -43.06
C PRO LA 67 43.95 -23.70 -42.93
N ALA LA 68 42.94 -23.97 -42.11
CA ALA LA 68 41.93 -22.96 -41.80
C ALA LA 68 42.41 -21.95 -40.77
N GLU LA 69 43.50 -22.24 -40.07
CA GLU LA 69 44.04 -21.31 -39.08
C GLU LA 69 44.79 -20.16 -39.74
N GLY LA 70 45.38 -20.40 -40.91
CA GLY LA 70 46.23 -19.39 -41.53
C GLY LA 70 45.51 -18.36 -42.39
N ASP LA 71 44.37 -18.71 -42.93
CA ASP LA 71 43.71 -17.82 -43.89
C ASP LA 71 43.12 -16.60 -43.20
N ASP LA 72 42.86 -15.56 -43.99
CA ASP LA 72 42.41 -14.29 -43.48
C ASP LA 72 40.92 -14.34 -43.12
N HIS LA 73 40.53 -13.41 -42.24
CA HIS LA 73 39.14 -13.18 -41.90
C HIS LA 73 38.75 -11.76 -42.29
N GLY LA 74 37.48 -11.57 -42.67
CA GLY LA 74 37.03 -10.28 -43.15
C GLY LA 74 36.53 -9.35 -42.07
N LEU LA 75 36.88 -9.63 -40.82
CA LEU LA 75 36.42 -8.82 -39.70
C LEU LA 75 36.89 -7.38 -39.86
N ARG LA 76 35.97 -6.44 -39.65
CA ARG LA 76 36.35 -5.04 -39.62
C ARG LA 76 37.10 -4.74 -38.33
N SER LA 77 37.83 -3.61 -38.35
CA SER LA 77 38.73 -3.30 -37.24
C SER LA 77 38.00 -3.15 -35.92
N SER LA 78 36.73 -2.76 -35.94
CA SER LA 78 35.98 -2.56 -34.71
C SER LA 78 35.53 -3.87 -34.06
N ALA LA 79 35.31 -4.93 -34.84
CA ALA LA 79 34.78 -6.17 -34.30
C ALA LA 79 35.85 -7.04 -33.65
N VAL LA 80 37.13 -6.76 -33.90
CA VAL LA 80 38.20 -7.61 -33.39
C VAL LA 80 38.21 -7.61 -31.87
N SER LA 81 38.07 -6.43 -31.27
CA SER LA 81 38.13 -6.33 -29.82
C SER LA 81 37.02 -7.11 -29.13
N ALA LA 82 35.96 -7.46 -29.85
CA ALA LA 82 34.89 -8.27 -29.29
C ALA LA 82 35.08 -9.76 -29.58
N VAL LA 83 35.54 -10.08 -30.79
CA VAL LA 83 35.57 -11.48 -31.21
C VAL LA 83 36.54 -12.28 -30.37
N PHE LA 84 37.77 -11.79 -30.19
CA PHE LA 84 38.73 -12.60 -29.45
C PHE LA 84 38.45 -12.58 -27.94
N HIS LA 85 37.80 -11.54 -27.44
CA HIS LA 85 37.37 -11.55 -26.05
C HIS LA 85 36.32 -12.63 -25.81
N ASN LA 86 35.34 -12.73 -26.72
CA ASN LA 86 34.35 -13.80 -26.60
C ASN LA 86 34.99 -15.17 -26.77
N LEU LA 87 35.95 -15.29 -27.69
CA LEU LA 87 36.65 -16.54 -27.88
C LEU LA 87 37.40 -16.95 -26.62
N ALA LA 88 38.07 -15.99 -25.97
CA ALA LA 88 38.75 -16.27 -24.71
C ALA LA 88 37.78 -16.65 -23.60
N CYS LA 89 36.60 -16.04 -23.57
CA CYS LA 89 35.60 -16.45 -22.60
C CYS LA 89 35.14 -17.89 -22.84
N ARG LA 90 34.99 -18.28 -24.11
CA ARG LA 90 34.53 -19.62 -24.42
C ARG LA 90 35.61 -20.70 -24.23
N ILE LA 91 36.88 -20.35 -24.43
CA ILE LA 91 37.95 -21.34 -24.29
C ILE LA 91 38.24 -21.69 -22.84
N ALA LA 92 37.87 -20.84 -21.89
CA ALA LA 92 38.20 -21.08 -20.49
C ALA LA 92 37.79 -22.45 -19.98
N PRO LA 93 36.58 -22.96 -20.25
CA PRO LA 93 36.24 -24.32 -19.80
C PRO LA 93 37.11 -25.42 -20.41
N ASP LA 94 37.75 -25.18 -21.56
CA ASP LA 94 38.65 -26.17 -22.13
C ASP LA 94 39.79 -26.49 -21.17
N TYR LA 95 40.36 -25.46 -20.56
CA TYR LA 95 41.34 -25.63 -19.51
C TYR LA 95 40.61 -25.68 -18.17
N ALA LA 96 41.36 -25.57 -17.07
CA ALA LA 96 40.72 -25.46 -15.76
C ALA LA 96 40.42 -24.02 -15.37
N LEU LA 97 40.73 -23.07 -16.25
CA LEU LA 97 40.62 -21.65 -15.91
C LEU LA 97 39.16 -21.19 -15.93
N GLU LA 98 38.95 -20.01 -15.38
CA GLU LA 98 37.69 -19.28 -15.45
C GLU LA 98 37.96 -17.82 -15.80
N ALA LA 99 37.18 -17.29 -16.72
CA ALA LA 99 37.43 -15.93 -17.22
C ALA LA 99 37.20 -14.89 -16.13
N THR LA 100 38.07 -13.89 -16.09
CA THR LA 100 37.94 -12.79 -15.15
C THR LA 100 36.72 -11.94 -15.51
N ALA LA 101 36.13 -11.31 -14.49
CA ALA LA 101 34.92 -10.52 -14.70
C ALA LA 101 35.12 -9.42 -15.72
N LYS LA 102 36.34 -8.88 -15.80
CA LYS LA 102 36.63 -7.84 -16.79
C LYS LA 102 36.45 -8.38 -18.21
N ILE LA 103 36.89 -9.61 -18.46
CA ILE LA 103 36.73 -10.20 -19.78
C ILE LA 103 35.25 -10.39 -20.10
N ILE LA 104 34.46 -10.79 -19.12
CA ILE LA 104 33.03 -10.97 -19.35
C ILE LA 104 32.36 -9.65 -19.69
N ALA LA 105 32.70 -8.60 -18.94
CA ALA LA 105 32.13 -7.28 -19.22
C ALA LA 105 32.54 -6.78 -20.60
N THR LA 106 33.82 -6.99 -20.97
CA THR LA 106 34.28 -6.58 -22.30
C THR LA 106 33.55 -7.34 -23.40
N ALA LA 107 33.32 -8.64 -23.20
CA ALA LA 107 32.59 -9.42 -24.20
C ALA LA 107 31.16 -8.92 -24.35
N LYS LA 108 30.50 -8.64 -23.22
CA LYS LA 108 29.15 -8.08 -23.28
C LYS LA 108 29.12 -6.78 -24.07
N TYR LA 109 30.02 -5.85 -23.72
CA TYR LA 109 30.09 -4.58 -24.42
C TYR LA 109 30.35 -4.79 -25.92
N GLY LA 110 31.25 -5.70 -26.25
CA GLY LA 110 31.59 -5.92 -27.64
C GLY LA 110 30.43 -6.46 -28.45
N LYS LA 111 29.70 -7.45 -27.90
CA LYS LA 111 28.55 -7.98 -28.63
C LYS LA 111 27.46 -6.94 -28.79
N GLU LA 112 27.24 -6.12 -27.75
CA GLU LA 112 26.24 -5.05 -27.85
C GLU LA 112 26.61 -4.10 -28.98
N LEU LA 113 27.89 -3.71 -29.06
CA LEU LA 113 28.31 -2.81 -30.13
C LEU LA 113 28.26 -3.49 -31.49
N LEU LA 114 28.47 -4.80 -31.55
CA LEU LA 114 28.33 -5.51 -32.82
C LEU LA 114 26.90 -5.44 -33.33
N TYR LA 115 25.93 -5.62 -32.43
CA TYR LA 115 24.55 -5.71 -32.89
C TYR LA 115 23.81 -4.38 -32.95
N LYS LA 116 24.35 -3.31 -32.36
CA LYS LA 116 23.58 -2.06 -32.31
C LYS LA 116 23.35 -1.47 -33.69
N GLN LA 117 24.34 -1.53 -34.58
CA GLN LA 117 24.16 -0.92 -35.91
C GLN LA 117 23.12 -1.68 -36.72
N THR LA 118 23.17 -3.01 -36.68
CA THR LA 118 22.15 -3.79 -37.37
C THR LA 118 20.77 -3.58 -36.76
N ALA LA 119 20.69 -3.42 -35.44
CA ALA LA 119 19.40 -3.14 -34.80
C ALA LA 119 18.84 -1.81 -35.28
N ILE LA 120 19.69 -0.80 -35.41
CA ILE LA 120 19.23 0.48 -35.94
C ILE LA 120 18.77 0.33 -37.39
N SER LA 121 19.55 -0.38 -38.21
CA SER LA 121 19.24 -0.51 -39.62
C SER LA 121 17.99 -1.36 -39.89
N ARG LA 122 17.64 -2.26 -38.98
CA ARG LA 122 16.51 -3.16 -39.20
C ARG LA 122 15.21 -2.66 -38.57
N ALA LA 123 15.22 -1.51 -37.92
CA ALA LA 123 14.02 -0.95 -37.30
C ALA LA 123 13.25 -0.16 -38.35
N LYS LA 124 12.42 -0.87 -39.11
CA LYS LA 124 11.64 -0.27 -40.18
C LYS LA 124 10.16 -0.38 -39.90
N ARG LA 125 9.40 0.57 -40.40
CA ARG LA 125 7.96 0.64 -40.19
C ARG LA 125 7.23 0.07 -41.39
N ALA LA 126 6.23 -0.78 -41.12
CA ALA LA 126 5.48 -1.46 -42.16
C ALA LA 126 4.62 -0.47 -42.94
N PRO LA 127 4.31 -0.78 -44.22
CA PRO LA 127 3.47 0.12 -45.01
C PRO LA 127 2.04 0.20 -44.51
N TYR LA 128 1.23 1.04 -45.16
CA TYR LA 128 -0.15 1.21 -44.76
C TYR LA 128 -0.95 -0.07 -45.02
N PRO LA 129 -2.01 -0.32 -44.25
CA PRO LA 129 -2.85 -1.49 -44.50
C PRO LA 129 -3.60 -1.35 -45.82
N SER LA 130 -4.10 -2.48 -46.31
CA SER LA 130 -4.73 -2.52 -47.62
C SER LA 130 -6.01 -1.68 -47.66
N ARG LA 131 -6.82 -1.77 -46.61
CA ARG LA 131 -8.09 -1.04 -46.57
C ARG LA 131 -7.94 0.29 -45.85
N MET LA 132 -7.03 1.11 -46.34
CA MET LA 132 -6.81 2.46 -45.80
C MET LA 132 -6.96 3.48 -46.92
N PRO LA 133 -8.03 4.27 -46.91
CA PRO LA 133 -8.22 5.24 -48.00
C PRO LA 133 -7.17 6.33 -47.95
N THR LA 134 -6.87 6.90 -49.12
CA THR LA 134 -6.08 8.12 -49.19
C THR LA 134 -7.02 9.31 -49.31
N GLY LA 135 -6.80 10.31 -48.47
CA GLY LA 135 -7.73 11.43 -48.39
C GLY LA 135 -7.77 12.26 -49.65
N SER LA 136 -8.69 13.22 -49.65
CA SER LA 136 -8.89 14.12 -50.78
C SER LA 136 -7.84 15.19 -50.89
N GLY LA 137 -6.74 15.11 -50.14
CA GLY LA 137 -5.72 16.15 -50.19
C GLY LA 137 -4.56 15.82 -51.11
N ASN LA 138 -4.43 14.56 -51.49
CA ASN LA 138 -3.37 14.18 -52.40
C ASN LA 138 -3.57 14.82 -53.77
N SER LA 139 -4.79 14.80 -54.28
CA SER LA 139 -5.25 15.47 -55.49
C SER LA 139 -4.65 14.90 -56.77
N PHE LA 140 -3.68 13.99 -56.69
CA PHE LA 140 -3.13 13.34 -57.87
C PHE LA 140 -3.38 11.84 -57.85
N ALA LA 141 -2.95 11.15 -56.77
CA ALA LA 141 -3.32 9.75 -56.61
C ALA LA 141 -4.82 9.59 -56.46
N ASN LA 142 -5.52 10.62 -56.00
CA ASN LA 142 -6.98 10.58 -55.95
C ASN LA 142 -7.59 10.70 -57.34
N LEU LA 143 -6.96 11.48 -58.23
CA LEU LA 143 -7.45 11.64 -59.58
C LEU LA 143 -7.00 10.54 -60.52
N ASN LA 144 -6.05 9.70 -60.10
CA ASN LA 144 -5.61 8.57 -60.90
C ASN LA 144 -6.33 7.27 -60.54
N GLU LA 145 -7.55 7.36 -60.00
CA GLU LA 145 -8.40 6.21 -59.69
C GLU LA 145 -7.79 5.32 -58.61
N TRP LA 146 -6.65 5.70 -58.05
CA TRP LA 146 -5.96 4.89 -57.04
C TRP LA 146 -6.24 5.45 -55.65
N HIS LA 147 -7.48 5.22 -55.21
CA HIS LA 147 -7.98 5.84 -53.99
C HIS LA 147 -7.43 5.18 -52.73
N TYR LA 148 -7.23 3.87 -52.76
CA TYR LA 148 -6.81 3.12 -51.58
C TYR LA 148 -5.34 2.73 -51.67
N PHE LA 149 -4.72 2.57 -50.51
CA PHE LA 149 -3.31 2.17 -50.47
C PHE LA 149 -3.16 0.75 -51.00
N PRO LA 150 -1.99 0.42 -51.59
CA PRO LA 150 -1.85 -0.88 -52.25
C PRO LA 150 -1.90 -2.05 -51.28
N GLY LA 151 -1.13 -1.96 -50.20
CA GLY LA 151 -1.06 -3.01 -49.20
C GLY LA 151 0.36 -3.43 -48.93
N GLU LA 152 0.49 -4.29 -47.93
CA GLU LA 152 1.81 -4.83 -47.58
C GLU LA 152 2.35 -5.73 -48.67
N GLN LA 153 1.48 -6.48 -49.33
CA GLN LA 153 1.85 -7.36 -50.44
C GLN LA 153 2.94 -8.35 -50.05
N MET MA 1 33.58 -27.70 -41.73
CA MET MA 1 33.19 -27.42 -40.35
C MET MA 1 34.13 -28.23 -39.45
N GLN MA 2 34.67 -29.31 -40.01
CA GLN MA 2 35.61 -30.22 -39.36
C GLN MA 2 35.00 -30.96 -38.18
N ILE MA 3 33.68 -30.87 -38.00
CA ILE MA 3 32.99 -31.57 -36.92
C ILE MA 3 31.92 -32.45 -37.57
N LYS MA 4 32.25 -33.00 -38.76
CA LYS MA 4 31.25 -33.70 -39.56
C LYS MA 4 30.72 -34.94 -38.84
N THR MA 5 31.58 -35.70 -38.18
CA THR MA 5 31.21 -36.99 -37.64
C THR MA 5 30.73 -36.89 -36.20
N LYS MA 6 29.95 -37.89 -35.78
CA LYS MA 6 29.48 -37.95 -34.40
C LYS MA 6 30.64 -38.09 -33.43
N GLY MA 7 31.69 -38.81 -33.84
CA GLY MA 7 32.87 -38.90 -33.01
C GLY MA 7 33.50 -37.55 -32.74
N ASP MA 8 33.44 -36.64 -33.71
CA ASP MA 8 33.93 -35.29 -33.48
C ASP MA 8 33.10 -34.58 -32.41
N LEU MA 9 31.77 -34.76 -32.45
CA LEU MA 9 30.92 -34.19 -31.41
C LEU MA 9 31.29 -34.74 -30.04
N VAL MA 10 31.48 -36.05 -29.95
CA VAL MA 10 31.83 -36.68 -28.68
C VAL MA 10 33.18 -36.16 -28.17
N ARG MA 11 34.16 -36.08 -29.06
CA ARG MA 11 35.48 -35.59 -28.66
C ARG MA 11 35.42 -34.13 -28.22
N ALA MA 12 34.63 -33.31 -28.92
CA ALA MA 12 34.50 -31.91 -28.51
C ALA MA 12 33.84 -31.80 -27.14
N ALA MA 13 32.80 -32.61 -26.90
CA ALA MA 13 32.14 -32.58 -25.59
C ALA MA 13 33.11 -33.00 -24.49
N LEU MA 14 33.87 -34.07 -24.73
CA LEU MA 14 34.83 -34.54 -23.73
C LEU MA 14 35.91 -33.49 -23.47
N ARG MA 15 36.40 -32.85 -24.54
CA ARG MA 15 37.40 -31.80 -24.37
C ARG MA 15 36.85 -30.63 -23.58
N LYS MA 16 35.60 -30.24 -23.84
CA LYS MA 16 34.97 -29.16 -23.08
C LYS MA 16 34.84 -29.54 -21.61
N LEU MA 17 34.47 -30.79 -21.34
CA LEU MA 17 34.39 -31.24 -19.95
C LEU MA 17 35.75 -31.37 -19.29
N GLY MA 18 36.83 -31.40 -20.07
CA GLY MA 18 38.15 -31.58 -19.52
C GLY MA 18 38.53 -33.02 -19.25
N VAL MA 19 37.76 -33.99 -19.75
CA VAL MA 19 38.05 -35.38 -19.49
C VAL MA 19 39.18 -35.89 -20.38
N ALA MA 20 39.06 -35.66 -21.69
CA ALA MA 20 40.07 -36.15 -22.63
C ALA MA 20 40.23 -35.12 -23.74
N SER MA 21 41.45 -34.63 -23.89
CA SER MA 21 41.78 -33.59 -24.86
C SER MA 21 43.28 -33.67 -25.13
N ASP MA 22 43.84 -32.62 -25.71
CA ASP MA 22 45.28 -32.50 -25.82
C ASP MA 22 45.82 -31.41 -24.89
N ALA MA 23 45.02 -30.38 -24.60
CA ALA MA 23 45.37 -29.43 -23.55
C ALA MA 23 45.53 -30.11 -22.20
N THR MA 24 44.84 -31.23 -21.99
CA THR MA 24 45.15 -32.16 -20.91
C THR MA 24 45.68 -33.43 -21.56
N LEU MA 25 46.78 -33.95 -21.01
CA LEU MA 25 47.56 -34.95 -21.73
C LEU MA 25 46.82 -36.29 -21.90
N THR MA 26 45.69 -36.48 -21.21
CA THR MA 26 44.96 -37.75 -21.31
C THR MA 26 44.46 -38.00 -22.72
N ASP MA 27 44.01 -39.24 -22.96
CA ASP MA 27 43.47 -39.62 -24.25
C ASP MA 27 42.09 -40.24 -24.07
N VAL MA 28 41.35 -40.31 -25.16
CA VAL MA 28 39.98 -40.82 -25.14
C VAL MA 28 40.01 -42.35 -25.12
N GLU MA 29 39.20 -42.92 -24.22
CA GLU MA 29 39.04 -44.37 -24.19
C GLU MA 29 37.79 -44.77 -24.96
N PRO MA 30 37.85 -45.84 -25.75
CA PRO MA 30 36.73 -46.14 -26.67
C PRO MA 30 35.39 -46.35 -25.99
N GLN MA 31 35.35 -46.97 -24.80
CA GLN MA 31 34.07 -47.22 -24.16
C GLN MA 31 33.41 -45.92 -23.72
N SER MA 32 34.21 -44.92 -23.32
CA SER MA 32 33.65 -43.61 -23.04
C SER MA 32 33.01 -43.02 -24.29
N MET MA 33 33.66 -43.20 -25.44
CA MET MA 33 33.08 -42.73 -26.71
C MET MA 33 31.75 -43.42 -26.99
N GLN MA 34 31.69 -44.74 -26.76
CA GLN MA 34 30.45 -45.46 -27.02
C GLN MA 34 29.33 -45.00 -26.10
N ASP MA 35 29.63 -44.84 -24.81
CA ASP MA 35 28.62 -44.37 -23.87
C ASP MA 35 28.14 -42.97 -24.24
N ALA MA 36 29.07 -42.09 -24.60
CA ALA MA 36 28.71 -40.72 -24.93
C ALA MA 36 27.86 -40.66 -26.20
N VAL MA 37 28.19 -41.48 -27.21
CA VAL MA 37 27.39 -41.44 -28.43
C VAL MA 37 26.00 -42.03 -28.19
N ASP MA 38 25.89 -43.07 -27.36
CA ASP MA 38 24.57 -43.57 -27.00
C ASP MA 38 23.74 -42.49 -26.29
N ASP MA 39 24.37 -41.79 -25.34
CA ASP MA 39 23.66 -40.72 -24.63
C ASP MA 39 23.27 -39.59 -25.58
N LEU MA 40 24.15 -39.27 -26.53
CA LEU MA 40 23.83 -38.22 -27.51
C LEU MA 40 22.64 -38.61 -28.36
N GLU MA 41 22.58 -39.86 -28.81
CA GLU MA 41 21.42 -40.30 -29.59
C GLU MA 41 20.16 -40.25 -28.76
N ALA MA 42 20.23 -40.66 -27.49
CA ALA MA 42 19.05 -40.61 -26.63
C ALA MA 42 18.57 -39.17 -26.44
N MET MA 43 19.50 -38.25 -26.15
CA MET MA 43 19.14 -36.85 -25.95
C MET MA 43 18.54 -36.24 -27.21
N MET MA 44 19.14 -36.53 -28.37
CA MET MA 44 18.64 -35.95 -29.60
C MET MA 44 17.28 -36.53 -29.98
N ALA MA 45 17.06 -37.81 -29.68
CA ALA MA 45 15.73 -38.38 -29.88
C ALA MA 45 14.70 -37.74 -28.96
N GLU MA 46 15.06 -37.20 -27.81
CA GLU MA 46 14.02 -36.56 -26.99
C GLU MA 46 13.61 -35.18 -27.46
N TRP MA 47 14.53 -34.43 -28.05
CA TRP MA 47 14.26 -33.06 -28.49
C TRP MA 47 13.34 -32.97 -29.68
N TYR MA 48 13.47 -33.87 -30.64
CA TYR MA 48 12.68 -33.84 -31.86
C TYR MA 48 11.24 -34.28 -31.65
N GLN MA 49 11.01 -35.19 -30.74
CA GLN MA 49 9.68 -35.66 -30.43
C GLN MA 49 8.87 -35.92 -31.65
N ASP MA 50 9.43 -36.66 -32.60
CA ASP MA 50 8.67 -37.03 -33.79
C ASP MA 50 8.24 -35.87 -34.66
N GLY MA 51 8.82 -34.71 -34.45
CA GLY MA 51 8.50 -33.58 -35.29
C GLY MA 51 7.88 -32.47 -34.50
N LYS MA 52 7.10 -32.83 -33.49
CA LYS MA 52 6.42 -31.85 -32.68
C LYS MA 52 7.41 -31.16 -31.77
N GLY MA 53 8.66 -31.56 -31.84
CA GLY MA 53 9.74 -30.95 -31.07
C GLY MA 53 10.70 -30.09 -31.85
N ILE MA 54 11.88 -29.83 -31.28
CA ILE MA 54 12.88 -29.00 -31.94
C ILE MA 54 13.32 -29.69 -33.22
N ILE MA 55 13.14 -29.00 -34.35
CA ILE MA 55 13.43 -29.56 -35.65
C ILE MA 55 14.84 -29.11 -36.05
N THR MA 56 15.75 -30.07 -36.13
CA THR MA 56 17.10 -29.83 -36.63
C THR MA 56 17.50 -30.98 -37.54
N GLY MA 57 18.33 -30.69 -38.51
CA GLY MA 57 18.81 -31.73 -39.40
C GLY MA 57 19.60 -32.77 -38.66
N TYR MA 58 19.05 -33.99 -38.53
CA TYR MA 58 19.74 -35.04 -37.81
C TYR MA 58 19.25 -36.38 -38.34
N VAL MA 59 20.19 -37.31 -38.53
CA VAL MA 59 19.88 -38.64 -39.03
C VAL MA 59 20.05 -39.63 -37.88
N PHE MA 60 18.99 -40.37 -37.59
CA PHE MA 60 19.04 -41.39 -36.55
C PHE MA 60 19.47 -42.72 -37.15
N SER MA 61 20.48 -43.33 -36.54
CA SER MA 61 21.03 -44.58 -37.06
C SER MA 61 20.03 -45.72 -36.87
N ASP MA 62 19.77 -46.45 -37.95
CA ASP MA 62 18.90 -47.61 -37.88
C ASP MA 62 19.60 -48.83 -37.29
N ASP MA 63 20.88 -48.70 -36.92
CA ASP MA 63 21.74 -49.75 -36.39
C ASP MA 63 22.10 -50.80 -37.41
N GLU MA 64 21.75 -50.60 -38.69
CA GLU MA 64 22.25 -51.50 -39.73
C GLU MA 64 23.77 -51.43 -39.81
N ASN MA 65 24.33 -50.24 -39.74
CA ASN MA 65 25.77 -50.09 -39.60
C ASN MA 65 26.14 -50.26 -38.12
N PRO MA 66 26.96 -51.24 -37.77
CA PRO MA 66 27.28 -51.50 -36.36
C PRO MA 66 27.97 -50.30 -35.71
N PRO MA 67 29.10 -49.79 -36.26
CA PRO MA 67 29.76 -48.66 -35.58
C PRO MA 67 29.08 -47.35 -35.92
N ALA MA 68 28.35 -46.79 -34.96
CA ALA MA 68 27.62 -45.55 -35.17
C ALA MA 68 28.46 -44.31 -34.90
N GLU MA 69 29.72 -44.47 -34.51
CA GLU MA 69 30.55 -43.30 -34.23
C GLU MA 69 31.03 -42.61 -35.50
N GLY MA 70 31.37 -43.38 -36.53
CA GLY MA 70 31.99 -42.82 -37.72
C GLY MA 70 31.04 -42.17 -38.71
N ASP MA 71 29.75 -42.50 -38.65
CA ASP MA 71 28.83 -42.02 -39.67
C ASP MA 71 28.57 -40.54 -39.51
N ASP MA 72 28.09 -39.92 -40.59
CA ASP MA 72 27.87 -38.48 -40.65
C ASP MA 72 26.57 -38.10 -39.97
N HIS MA 73 26.49 -36.84 -39.54
CA HIS MA 73 25.27 -36.25 -39.02
C HIS MA 73 24.86 -35.08 -39.91
N GLY MA 74 23.56 -34.84 -40.02
CA GLY MA 74 23.05 -33.82 -40.89
C GLY MA 74 22.87 -32.46 -40.23
N LEU MA 75 23.52 -32.25 -39.09
CA LEU MA 75 23.38 -30.99 -38.36
C LEU MA 75 23.87 -29.83 -39.22
N ARG MA 76 23.07 -28.77 -39.29
CA ARG MA 76 23.49 -27.57 -39.96
C ARG MA 76 24.58 -26.87 -39.14
N SER MA 77 25.34 -26.00 -39.81
CA SER MA 77 26.55 -25.46 -39.22
C SER MA 77 26.26 -24.65 -37.95
N SER MA 78 25.04 -24.17 -37.78
CA SER MA 78 24.71 -23.35 -36.62
C SER MA 78 24.35 -24.16 -35.38
N ALA MA 79 23.85 -25.40 -35.56
CA ALA MA 79 23.41 -26.18 -34.42
C ALA MA 79 24.53 -26.96 -33.75
N VAL MA 80 25.71 -27.03 -34.38
CA VAL MA 80 26.80 -27.82 -33.83
C VAL MA 80 27.25 -27.28 -32.49
N SER MA 81 27.41 -25.96 -32.38
CA SER MA 81 27.89 -25.35 -31.15
C SER MA 81 26.91 -25.52 -30.00
N ALA MA 82 25.66 -25.87 -30.29
CA ALA MA 82 24.69 -26.14 -29.23
C ALA MA 82 24.67 -27.63 -28.87
N VAL MA 83 24.74 -28.50 -29.89
CA VAL MA 83 24.57 -29.92 -29.64
C VAL MA 83 25.68 -30.46 -28.73
N PHE MA 84 26.94 -30.15 -29.03
CA PHE MA 84 28.00 -30.74 -28.23
C PHE MA 84 28.13 -30.07 -26.87
N HIS MA 85 27.72 -28.80 -26.76
CA HIS MA 85 27.69 -28.16 -25.45
C HIS MA 85 26.65 -28.84 -24.55
N ASN MA 86 25.46 -29.10 -25.09
CA ASN MA 86 24.45 -29.82 -24.32
C ASN MA 86 24.91 -31.23 -24.00
N LEU MA 87 25.57 -31.89 -24.94
CA LEU MA 87 26.11 -33.22 -24.69
C LEU MA 87 27.12 -33.21 -23.55
N ALA MA 88 28.02 -32.24 -23.55
CA ALA MA 88 28.99 -32.11 -22.47
C ALA MA 88 28.34 -31.78 -21.14
N CYS MA 89 27.27 -30.99 -21.14
CA CYS MA 89 26.53 -30.75 -19.90
C CYS MA 89 25.91 -32.04 -19.38
N ARG MA 90 25.39 -32.87 -20.28
CA ARG MA 90 24.73 -34.10 -19.87
C ARG MA 90 25.70 -35.19 -19.41
N ILE MA 91 26.86 -35.31 -20.05
CA ILE MA 91 27.78 -36.41 -19.75
C ILE MA 91 28.35 -36.33 -18.33
N ALA MA 92 28.60 -35.13 -17.81
CA ALA MA 92 29.33 -34.99 -16.55
C ALA MA 92 28.73 -35.81 -15.42
N PRO MA 93 27.41 -35.94 -15.27
CA PRO MA 93 26.87 -36.88 -14.29
C PRO MA 93 27.46 -38.28 -14.37
N ASP MA 94 27.94 -38.73 -15.54
CA ASP MA 94 28.51 -40.06 -15.66
C ASP MA 94 29.74 -40.21 -14.78
N TYR MA 95 30.60 -39.20 -14.77
CA TYR MA 95 31.69 -39.11 -13.80
C TYR MA 95 31.17 -38.34 -12.58
N ALA MA 96 32.08 -37.94 -11.70
CA ALA MA 96 31.68 -37.08 -10.59
C ALA MA 96 31.82 -35.61 -10.91
N LEU MA 97 32.21 -35.27 -12.14
CA LEU MA 97 32.41 -33.88 -12.51
C LEU MA 97 31.08 -33.12 -12.57
N GLU MA 98 31.18 -31.80 -12.39
CA GLU MA 98 30.06 -30.89 -12.53
C GLU MA 98 30.39 -29.86 -13.59
N ALA MA 99 29.45 -29.63 -14.50
CA ALA MA 99 29.69 -28.72 -15.61
C ALA MA 99 29.83 -27.29 -15.11
N THR MA 100 30.76 -26.56 -15.72
CA THR MA 100 30.99 -25.16 -15.37
C THR MA 100 29.80 -24.31 -15.82
N ALA MA 101 29.57 -23.20 -15.10
CA ALA MA 101 28.41 -22.36 -15.38
C ALA MA 101 28.46 -21.79 -16.80
N LYS MA 102 29.66 -21.58 -17.33
CA LYS MA 102 29.78 -21.09 -18.70
C LYS MA 102 29.18 -22.07 -19.70
N ILE MA 103 29.43 -23.36 -19.49
CA ILE MA 103 28.87 -24.38 -20.37
C ILE MA 103 27.35 -24.39 -20.28
N ILE MA 104 26.81 -24.21 -19.08
CA ILE MA 104 25.36 -24.19 -18.91
C ILE MA 104 24.75 -23.00 -19.64
N ALA MA 105 25.36 -21.82 -19.49
CA ALA MA 105 24.86 -20.64 -20.18
C ALA MA 105 24.93 -20.81 -21.69
N THR MA 106 26.04 -21.37 -22.19
CA THR MA 106 26.18 -21.60 -23.62
C THR MA 106 25.15 -22.60 -24.14
N ALA MA 107 24.85 -23.64 -23.35
CA ALA MA 107 23.82 -24.60 -23.75
C ALA MA 107 22.44 -23.94 -23.82
N LYS MA 108 22.13 -23.10 -22.83
CA LYS MA 108 20.87 -22.36 -22.85
C LYS MA 108 20.76 -21.52 -24.11
N TYR MA 109 21.80 -20.73 -24.39
CA TYR MA 109 21.80 -19.88 -25.58
C TYR MA 109 21.65 -20.70 -26.85
N GLY MA 110 22.37 -21.82 -26.93
CA GLY MA 110 22.30 -22.65 -28.12
C GLY MA 110 20.92 -23.23 -28.36
N LYS MA 111 20.27 -23.73 -27.29
CA LYS MA 111 18.93 -24.28 -27.46
C LYS MA 111 17.93 -23.19 -27.84
N GLU MA 112 18.04 -22.02 -27.23
CA GLU MA 112 17.14 -20.92 -27.58
C GLU MA 112 17.29 -20.54 -29.05
N LEU MA 113 18.53 -20.42 -29.53
CA LEU MA 113 18.75 -20.11 -30.94
C LEU MA 113 18.28 -21.25 -31.84
N LEU MA 114 18.38 -22.48 -31.36
CA LEU MA 114 17.88 -23.61 -32.13
C LEU MA 114 16.38 -23.51 -32.35
N TYR MA 115 15.63 -23.13 -31.31
CA TYR MA 115 14.18 -23.16 -31.43
C TYR MA 115 13.55 -21.84 -31.90
N LYS MA 116 14.31 -20.74 -31.94
CA LYS MA 116 13.67 -19.46 -32.27
C LYS MA 116 13.12 -19.42 -33.68
N GLN MA 117 13.84 -19.98 -34.66
CA GLN MA 117 13.37 -19.93 -36.04
C GLN MA 117 12.09 -20.73 -36.22
N THR MA 118 12.03 -21.92 -35.62
CA THR MA 118 10.81 -22.71 -35.68
C THR MA 118 9.67 -22.01 -34.95
N ALA MA 119 9.97 -21.33 -33.85
CA ALA MA 119 8.93 -20.57 -33.14
C ALA MA 119 8.37 -19.46 -34.02
N ILE MA 120 9.24 -18.76 -34.76
CA ILE MA 120 8.77 -17.74 -35.68
C ILE MA 120 7.91 -18.38 -36.78
N SER MA 121 8.37 -19.49 -37.35
CA SER MA 121 7.66 -20.12 -38.46
C SER MA 121 6.32 -20.73 -38.05
N ARG MA 122 6.16 -21.11 -36.79
CA ARG MA 122 4.95 -21.79 -36.34
C ARG MA 122 3.91 -20.85 -35.73
N ALA MA 123 4.16 -19.55 -35.71
CA ALA MA 123 3.21 -18.58 -35.14
C ALA MA 123 2.31 -18.09 -36.27
N LYS MA 124 1.21 -18.81 -36.48
CA LYS MA 124 0.26 -18.49 -37.53
C LYS MA 124 -1.10 -18.18 -36.91
N ARG MA 125 -1.84 -17.29 -37.57
CA ARG MA 125 -3.16 -16.89 -37.10
C ARG MA 125 -4.23 -17.80 -37.70
N ALA MA 126 -5.27 -18.07 -36.91
CA ALA MA 126 -6.35 -18.94 -37.34
C ALA MA 126 -7.26 -18.22 -38.33
N PRO MA 127 -7.91 -18.95 -39.23
CA PRO MA 127 -8.83 -18.31 -40.18
C PRO MA 127 -10.08 -17.78 -39.49
N TYR MA 128 -10.90 -17.11 -40.29
CA TYR MA 128 -12.14 -16.54 -39.77
C TYR MA 128 -13.10 -17.65 -39.33
N PRO MA 129 -13.92 -17.39 -38.32
CA PRO MA 129 -14.91 -18.39 -37.89
C PRO MA 129 -15.96 -18.61 -38.98
N SER MA 130 -16.69 -19.71 -38.83
CA SER MA 130 -17.66 -20.10 -39.85
C SER MA 130 -18.80 -19.10 -39.97
N ARG MA 131 -19.30 -18.60 -38.85
CA ARG MA 131 -20.44 -17.69 -38.85
C ARG MA 131 -19.97 -16.23 -38.81
N MET MA 132 -19.18 -15.86 -39.81
CA MET MA 132 -18.75 -14.48 -39.98
C MET MA 132 -19.08 -13.99 -41.38
N PRO MA 133 -19.97 -13.02 -41.54
CA PRO MA 133 -20.32 -12.54 -42.88
C PRO MA 133 -19.16 -11.80 -43.52
N THR MA 134 -19.12 -11.83 -44.85
CA THR MA 134 -18.24 -10.96 -45.60
C THR MA 134 -19.05 -9.74 -46.05
N GLY MA 135 -18.57 -8.56 -45.69
CA GLY MA 135 -19.35 -7.36 -45.90
C GLY MA 135 -19.62 -7.05 -47.36
N SER MA 136 -20.45 -6.05 -47.58
CA SER MA 136 -20.84 -5.65 -48.92
C SER MA 136 -19.75 -4.93 -49.67
N GLY MA 137 -18.53 -4.88 -49.16
CA GLY MA 137 -17.44 -4.20 -49.84
C GLY MA 137 -16.64 -5.11 -50.73
N ASN MA 138 -16.70 -6.41 -50.49
CA ASN MA 138 -15.98 -7.37 -51.33
C ASN MA 138 -16.53 -7.34 -52.75
N SER MA 139 -17.85 -7.37 -52.88
CA SER MA 139 -18.61 -7.15 -54.12
C SER MA 139 -18.41 -8.22 -55.17
N PHE MA 140 -17.54 -9.21 -54.94
CA PHE MA 140 -17.40 -10.33 -55.85
C PHE MA 140 -17.79 -11.64 -55.18
N ALA MA 141 -17.21 -11.94 -54.01
CA ALA MA 141 -17.70 -13.04 -53.20
C ALA MA 141 -19.13 -12.81 -52.73
N ASN MA 142 -19.55 -11.54 -52.65
CA ASN MA 142 -20.94 -11.25 -52.32
C ASN MA 142 -21.86 -11.54 -53.50
N LEU MA 143 -21.41 -11.28 -54.73
CA LEU MA 143 -22.19 -11.60 -55.91
C LEU MA 143 -22.16 -13.07 -56.26
N ASN MA 144 -21.18 -13.82 -55.76
CA ASN MA 144 -21.08 -15.25 -56.01
C ASN MA 144 -21.84 -16.07 -54.95
N GLU MA 145 -22.79 -15.45 -54.25
CA GLU MA 145 -23.60 -16.10 -53.22
C GLU MA 145 -22.77 -16.64 -52.06
N TRP MA 146 -21.48 -16.29 -52.01
CA TRP MA 146 -20.57 -16.79 -51.00
C TRP MA 146 -20.43 -15.74 -49.89
N HIS MA 147 -21.54 -15.53 -49.18
CA HIS MA 147 -21.65 -14.42 -48.23
C HIS MA 147 -20.80 -14.64 -46.98
N TYR MA 148 -20.76 -15.87 -46.46
CA TYR MA 148 -20.12 -16.15 -45.19
C TYR MA 148 -18.77 -16.82 -45.40
N PHE MA 149 -17.89 -16.67 -44.42
CA PHE MA 149 -16.57 -17.28 -44.50
C PHE MA 149 -16.69 -18.81 -44.40
N PRO MA 150 -15.78 -19.55 -45.02
CA PRO MA 150 -15.92 -21.01 -45.04
C PRO MA 150 -15.75 -21.64 -43.67
N GLY MA 151 -14.81 -21.12 -42.88
CA GLY MA 151 -14.55 -21.63 -41.55
C GLY MA 151 -13.19 -22.29 -41.44
N GLU MA 152 -12.89 -22.73 -40.22
CA GLU MA 152 -11.63 -23.41 -39.96
C GLU MA 152 -11.57 -24.77 -40.65
N GLN MA 153 -12.72 -25.33 -41.00
CA GLN MA 153 -12.80 -26.62 -41.70
C GLN MA 153 -12.09 -27.72 -40.93
N MET NA 1 18.53 -48.76 -31.22
CA MET NA 1 18.43 -47.78 -30.15
C MET NA 1 19.38 -48.18 -29.03
N GLN NA 2 19.78 -49.45 -29.03
CA GLN NA 2 20.72 -50.06 -28.11
C GLN NA 2 20.20 -50.12 -26.68
N ILE NA 3 18.96 -49.70 -26.43
CA ILE NA 3 18.37 -49.76 -25.09
C ILE NA 3 17.09 -50.58 -25.18
N LYS NA 4 17.11 -51.61 -26.02
CA LYS NA 4 15.89 -52.37 -26.33
C LYS NA 4 15.31 -53.05 -25.09
N THR NA 5 16.15 -53.61 -24.24
CA THR NA 5 15.69 -54.42 -23.12
C THR NA 5 15.63 -53.59 -21.82
N LYS NA 6 14.89 -54.12 -20.85
CA LYS NA 6 14.78 -53.45 -19.56
C LYS NA 6 16.11 -53.41 -18.83
N GLY NA 7 16.88 -54.50 -18.90
CA GLY NA 7 18.20 -54.50 -18.32
C GLY NA 7 19.10 -53.42 -18.90
N ASP NA 8 18.85 -53.03 -20.15
CA ASP NA 8 19.57 -51.91 -20.73
C ASP NA 8 19.24 -50.61 -19.99
N LEU NA 9 17.96 -50.41 -19.65
CA LEU NA 9 17.59 -49.24 -18.85
C LEU NA 9 18.26 -49.28 -17.48
N VAL NA 10 18.28 -50.45 -16.85
CA VAL NA 10 18.89 -50.56 -15.54
C VAL NA 10 20.37 -50.23 -15.61
N ARG NA 11 21.07 -50.77 -16.62
CA ARG NA 11 22.49 -50.50 -16.77
C ARG NA 11 22.76 -49.03 -17.11
N ALA NA 12 21.89 -48.42 -17.92
CA ALA NA 12 22.05 -47.00 -18.22
C ALA NA 12 21.87 -46.15 -16.97
N ALA NA 13 20.90 -46.50 -16.13
CA ALA NA 13 20.70 -45.78 -14.88
C ALA NA 13 21.91 -45.94 -13.96
N LEU NA 14 22.44 -47.16 -13.87
CA LEU NA 14 23.62 -47.39 -13.03
C LEU NA 14 24.82 -46.62 -13.54
N ARG NA 15 25.01 -46.58 -14.87
CA ARG NA 15 26.10 -45.80 -15.44
C ARG NA 15 25.92 -44.32 -15.15
N LYS NA 16 24.70 -43.80 -15.29
CA LYS NA 16 24.46 -42.39 -15.01
C LYS NA 16 24.73 -42.06 -13.56
N LEU NA 17 24.44 -43.00 -12.65
CA LEU NA 17 24.80 -42.80 -11.25
C LEU NA 17 26.29 -42.99 -11.00
N GLY NA 18 27.00 -43.63 -11.93
CA GLY NA 18 28.42 -43.89 -11.76
C GLY NA 18 28.75 -45.13 -10.98
N VAL NA 19 27.74 -45.92 -10.57
CA VAL NA 19 28.00 -47.09 -9.75
C VAL NA 19 28.73 -48.16 -10.55
N ALA NA 20 28.26 -48.45 -11.76
CA ALA NA 20 28.83 -49.52 -12.56
C ALA NA 20 28.44 -49.31 -14.02
N SER NA 21 29.37 -49.59 -14.92
CA SER NA 21 29.17 -49.47 -16.36
C SER NA 21 30.05 -50.51 -17.04
N ASP NA 22 30.31 -50.33 -18.33
CA ASP NA 22 31.15 -51.24 -19.09
C ASP NA 22 32.64 -51.11 -18.75
N ALA NA 23 33.13 -49.89 -18.52
CA ALA NA 23 34.55 -49.67 -18.30
C ALA NA 23 34.93 -49.67 -16.83
N THR NA 24 34.13 -50.26 -15.95
CA THR NA 24 34.43 -50.26 -14.52
C THR NA 24 34.95 -51.63 -14.11
N LEU NA 25 35.92 -51.59 -13.18
CA LEU NA 25 36.55 -52.81 -12.69
C LEU NA 25 35.63 -53.67 -11.83
N THR NA 26 34.81 -53.06 -10.98
CA THR NA 26 33.89 -53.82 -10.16
C THR NA 26 32.47 -53.69 -10.71
N ASP NA 27 31.65 -54.71 -10.48
CA ASP NA 27 30.30 -54.76 -11.02
C ASP NA 27 29.33 -55.17 -9.93
N VAL NA 28 28.06 -54.84 -10.15
CA VAL NA 28 27.02 -55.15 -9.18
C VAL NA 28 26.50 -56.56 -9.41
N GLU NA 29 26.06 -57.20 -8.32
CA GLU NA 29 25.63 -58.58 -8.28
C GLU NA 29 24.23 -58.70 -8.87
N PRO NA 30 23.92 -59.79 -9.58
CA PRO NA 30 22.65 -59.83 -10.35
C PRO NA 30 21.39 -59.63 -9.52
N GLN NA 31 21.39 -59.97 -8.23
CA GLN NA 31 20.21 -59.70 -7.42
C GLN NA 31 19.91 -58.21 -7.35
N SER NA 32 20.95 -57.37 -7.40
CA SER NA 32 20.72 -55.93 -7.47
C SER NA 32 20.01 -55.55 -8.78
N MET NA 33 20.38 -56.19 -9.88
CA MET NA 33 19.68 -55.96 -11.14
C MET NA 33 18.23 -56.39 -11.05
N GLN NA 34 17.97 -57.55 -10.43
CA GLN NA 34 16.59 -58.00 -10.27
C GLN NA 34 15.78 -57.03 -9.43
N ASP NA 35 16.36 -56.53 -8.34
CA ASP NA 35 15.65 -55.58 -7.50
C ASP NA 35 15.39 -54.27 -8.24
N ALA NA 36 16.37 -53.82 -9.03
CA ALA NA 36 16.17 -52.60 -9.81
C ALA NA 36 15.08 -52.79 -10.86
N VAL NA 37 15.02 -53.96 -11.49
CA VAL NA 37 13.96 -54.22 -12.46
C VAL NA 37 12.60 -54.22 -11.79
N ASP NA 38 12.50 -54.84 -10.60
CA ASP NA 38 11.24 -54.82 -9.87
C ASP NA 38 10.83 -53.39 -9.52
N ASP NA 39 11.79 -52.58 -9.08
CA ASP NA 39 11.47 -51.18 -8.76
C ASP NA 39 11.05 -50.41 -9.99
N LEU NA 40 11.68 -50.67 -11.14
CA LEU NA 40 11.28 -50.01 -12.38
C LEU NA 40 9.86 -50.39 -12.78
N GLU NA 41 9.52 -51.67 -12.64
CA GLU NA 41 8.16 -52.09 -12.94
C GLU NA 41 7.15 -51.42 -12.01
N ALA NA 42 7.50 -51.32 -10.72
CA ALA NA 42 6.61 -50.63 -9.79
C ALA NA 42 6.45 -49.16 -10.16
N MET NA 43 7.55 -48.50 -10.54
CA MET NA 43 7.48 -47.09 -10.93
C MET NA 43 6.60 -46.90 -12.16
N MET NA 44 6.77 -47.76 -13.18
CA MET NA 44 5.99 -47.60 -14.40
C MET NA 44 4.52 -47.95 -14.16
N ALA NA 45 4.20 -48.81 -13.21
CA ALA NA 45 2.78 -49.07 -12.94
C ALA NA 45 2.07 -47.97 -12.19
N GLU NA 46 2.81 -47.11 -11.51
CA GLU NA 46 2.21 -46.05 -10.71
C GLU NA 46 1.93 -44.85 -11.54
N TRP NA 47 2.63 -44.71 -12.65
CA TRP NA 47 2.41 -43.61 -13.55
C TRP NA 47 1.24 -43.88 -14.45
N TYR NA 48 1.01 -45.14 -14.77
CA TYR NA 48 -0.05 -45.51 -15.68
C TYR NA 48 -1.40 -45.37 -15.03
N GLN NA 49 -1.47 -45.72 -13.75
CA GLN NA 49 -2.72 -45.61 -13.04
C GLN NA 49 -3.84 -46.27 -13.80
N ASP NA 50 -3.51 -47.30 -14.57
CA ASP NA 50 -4.51 -48.06 -15.29
C ASP NA 50 -5.18 -47.34 -16.43
N GLY NA 51 -4.42 -46.64 -17.24
CA GLY NA 51 -4.97 -45.98 -18.42
C GLY NA 51 -5.42 -44.59 -18.14
N LYS NA 52 -5.42 -44.20 -16.88
CA LYS NA 52 -5.93 -42.91 -16.52
C LYS NA 52 -4.81 -42.01 -16.11
N GLY NA 53 -3.58 -42.46 -16.29
CA GLY NA 53 -2.45 -41.68 -15.91
C GLY NA 53 -1.58 -41.38 -17.09
N ILE NA 54 -0.28 -41.38 -16.89
CA ILE NA 54 0.56 -41.16 -18.07
C ILE NA 54 0.47 -42.40 -18.96
N ILE NA 55 0.23 -42.18 -20.25
CA ILE NA 55 0.13 -43.26 -21.23
C ILE NA 55 1.39 -43.25 -22.09
N THR NA 56 2.15 -44.34 -22.02
CA THR NA 56 3.30 -44.56 -22.88
C THR NA 56 3.35 -46.03 -23.25
N GLY NA 57 3.96 -46.34 -24.39
CA GLY NA 57 4.11 -47.72 -24.80
C GLY NA 57 4.92 -48.51 -23.80
N TYR NA 58 4.30 -49.47 -23.13
CA TYR NA 58 5.00 -50.27 -22.14
C TYR NA 58 4.26 -51.58 -21.95
N VAL NA 59 4.99 -52.68 -21.95
CA VAL NA 59 4.43 -54.01 -21.79
C VAL NA 59 4.94 -54.60 -20.48
N PHE NA 60 4.02 -55.01 -19.62
CA PHE NA 60 4.39 -55.57 -18.32
C PHE NA 60 4.61 -57.07 -18.45
N SER NA 61 5.60 -57.57 -17.72
CA SER NA 61 5.92 -58.99 -17.74
C SER NA 61 4.74 -59.80 -17.21
N ASP NA 62 4.41 -60.89 -17.90
CA ASP NA 62 3.29 -61.73 -17.50
C ASP NA 62 3.66 -62.77 -16.45
N ASP NA 63 4.95 -62.86 -16.09
CA ASP NA 63 5.51 -63.75 -15.07
C ASP NA 63 5.54 -65.20 -15.57
N GLU NA 64 4.92 -65.50 -16.72
CA GLU NA 64 5.04 -66.83 -17.28
C GLU NA 64 6.44 -67.07 -17.83
N ASN NA 65 6.98 -66.11 -18.56
CA ASN NA 65 8.39 -66.13 -18.93
C ASN NA 65 9.20 -65.73 -17.71
N PRO NA 66 10.11 -66.57 -17.22
CA PRO NA 66 10.76 -66.31 -15.92
C PRO NA 66 11.49 -64.98 -15.87
N PRO NA 67 12.48 -64.73 -16.76
CA PRO NA 67 13.30 -63.52 -16.58
C PRO NA 67 12.58 -62.28 -17.13
N ALA NA 68 12.10 -61.44 -16.23
CA ALA NA 68 11.49 -60.18 -16.62
C ALA NA 68 12.51 -59.13 -17.01
N GLU NA 69 13.79 -59.35 -16.73
CA GLU NA 69 14.82 -58.39 -17.10
C GLU NA 69 15.14 -58.47 -18.59
N GLY NA 70 14.98 -59.64 -19.20
CA GLY NA 70 15.38 -59.83 -20.58
C GLY NA 70 14.39 -59.39 -21.64
N ASP NA 71 13.10 -59.39 -21.31
CA ASP NA 71 12.09 -59.12 -22.33
C ASP NA 71 12.11 -57.65 -22.74
N ASP NA 72 11.65 -57.39 -23.96
CA ASP NA 72 11.72 -56.07 -24.55
C ASP NA 72 10.60 -55.18 -24.02
N HIS NA 73 10.85 -53.88 -24.02
CA HIS NA 73 9.90 -52.87 -23.57
C HIS NA 73 9.38 -52.07 -24.76
N GLY NA 74 8.06 -51.87 -24.80
CA GLY NA 74 7.46 -51.19 -25.93
C GLY NA 74 7.58 -49.68 -25.92
N LEU NA 75 8.57 -49.15 -25.19
CA LEU NA 75 8.76 -47.71 -25.12
C LEU NA 75 9.18 -47.15 -26.47
N ARG NA 76 8.57 -46.05 -26.86
CA ARG NA 76 9.02 -45.33 -28.04
C ARG NA 76 10.34 -44.62 -27.75
N SER NA 77 11.03 -44.23 -28.83
CA SER NA 77 12.40 -43.76 -28.70
C SER NA 77 12.50 -42.49 -27.84
N SER NA 78 11.46 -41.67 -27.83
CA SER NA 78 11.52 -40.41 -27.11
C SER NA 78 11.40 -40.57 -25.59
N ALA NA 79 10.70 -41.60 -25.12
CA ALA NA 79 10.48 -41.77 -23.69
C ALA NA 79 11.64 -42.45 -22.98
N VAL NA 80 12.58 -43.02 -23.74
CA VAL NA 80 13.70 -43.75 -23.13
C VAL NA 80 14.55 -42.81 -22.29
N SER NA 81 14.85 -41.61 -22.82
CA SER NA 81 15.72 -40.69 -22.11
C SER NA 81 15.10 -40.17 -20.82
N ALA NA 82 13.80 -40.36 -20.63
CA ALA NA 82 13.14 -39.98 -19.39
C ALA NA 82 13.04 -41.15 -18.43
N VAL NA 83 12.73 -42.35 -18.95
CA VAL NA 83 12.46 -43.49 -18.07
C VAL NA 83 13.71 -43.86 -17.27
N PHE NA 84 14.86 -43.96 -17.93
CA PHE NA 84 16.03 -44.41 -17.18
C PHE NA 84 16.59 -43.31 -16.30
N HIS NA 85 16.39 -42.03 -16.65
CA HIS NA 85 16.78 -40.95 -15.76
C HIS NA 85 15.94 -40.99 -14.47
N ASN NA 86 14.63 -41.20 -14.60
CA ASN NA 86 13.78 -41.32 -13.42
C ASN NA 86 14.15 -42.56 -12.62
N LEU NA 87 14.45 -43.67 -13.31
CA LEU NA 87 14.87 -44.88 -12.60
C LEU NA 87 16.15 -44.66 -11.82
N ALA NA 88 17.12 -43.96 -12.42
CA ALA NA 88 18.35 -43.62 -11.72
C ALA NA 88 18.10 -42.71 -10.53
N CYS NA 89 17.17 -41.75 -10.66
CA CYS NA 89 16.82 -40.91 -9.52
C CYS NA 89 16.23 -41.73 -8.38
N ARG NA 90 15.39 -42.72 -8.71
CA ARG NA 90 14.77 -43.53 -7.67
C ARG NA 90 15.75 -44.54 -7.07
N ILE NA 91 16.76 -44.95 -7.84
CA ILE NA 91 17.71 -45.95 -7.34
C ILE NA 91 18.72 -45.35 -6.36
N ALA NA 92 18.93 -44.03 -6.38
CA ALA NA 92 19.93 -43.42 -5.50
C ALA NA 92 19.73 -43.78 -4.02
N PRO NA 93 18.52 -43.71 -3.44
CA PRO NA 93 18.36 -44.16 -2.05
C PRO NA 93 18.60 -45.65 -1.84
N ASP NA 94 18.53 -46.47 -2.88
CA ASP NA 94 18.82 -47.89 -2.74
C ASP NA 94 20.26 -48.10 -2.27
N TYR NA 95 21.19 -47.34 -2.85
CA TYR NA 95 22.56 -47.29 -2.38
C TYR NA 95 22.67 -46.12 -1.38
N ALA NA 96 23.90 -45.72 -1.06
CA ALA NA 96 24.09 -44.56 -0.20
C ALA NA 96 24.18 -43.26 -0.97
N LEU NA 97 24.08 -43.29 -2.29
CA LEU NA 97 24.26 -42.10 -3.10
C LEU NA 97 23.04 -41.18 -3.05
N GLU NA 98 23.23 -39.97 -3.58
CA GLU NA 98 22.16 -39.02 -3.82
C GLU NA 98 22.27 -38.51 -5.26
N ALA NA 99 21.14 -38.41 -5.93
CA ALA NA 99 21.15 -38.04 -7.35
C ALA NA 99 21.65 -36.60 -7.53
N THR NA 100 22.41 -36.40 -8.59
CA THR NA 100 22.93 -35.08 -8.93
C THR NA 100 21.79 -34.19 -9.44
N ALA NA 101 21.97 -32.87 -9.27
CA ALA NA 101 20.93 -31.92 -9.66
C ALA NA 101 20.62 -32.01 -11.14
N LYS NA 102 21.64 -32.25 -11.97
CA LYS NA 102 21.42 -32.34 -13.42
C LYS NA 102 20.49 -33.50 -13.75
N ILE NA 103 20.66 -34.63 -13.07
CA ILE NA 103 19.78 -35.78 -13.30
C ILE NA 103 18.35 -35.44 -12.90
N ILE NA 104 18.19 -34.70 -11.81
CA ILE NA 104 16.85 -34.31 -11.37
C ILE NA 104 16.18 -33.41 -12.41
N ALA NA 105 16.93 -32.43 -12.93
CA ALA NA 105 16.38 -31.55 -13.95
C ALA NA 105 16.02 -32.32 -15.21
N THR NA 106 16.88 -33.27 -15.61
CA THR NA 106 16.58 -34.08 -16.79
C THR NA 106 15.34 -34.93 -16.58
N ALA NA 107 15.17 -35.51 -15.39
CA ALA NA 107 13.97 -36.29 -15.11
C ALA NA 107 12.72 -35.42 -15.16
N LYS NA 108 12.79 -34.22 -14.59
CA LYS NA 108 11.65 -33.30 -14.66
C LYS NA 108 11.28 -33.00 -16.10
N TYR NA 109 12.28 -32.63 -16.91
CA TYR NA 109 12.04 -32.33 -18.32
C TYR NA 109 11.44 -33.53 -19.05
N GLY NA 110 11.98 -34.72 -18.78
CA GLY NA 110 11.50 -35.92 -19.44
C GLY NA 110 10.06 -36.23 -19.12
N LYS NA 111 9.67 -36.14 -17.85
CA LYS NA 111 8.28 -36.40 -17.49
C LYS NA 111 7.35 -35.35 -18.08
N GLU NA 112 7.76 -34.08 -18.07
CA GLU NA 112 6.93 -33.04 -18.66
C GLU NA 112 6.69 -33.31 -20.15
N LEU NA 113 7.75 -33.66 -20.88
CA LEU NA 113 7.59 -33.97 -22.29
C LEU NA 113 6.81 -35.25 -22.51
N LEU NA 114 6.89 -36.20 -21.57
CA LEU NA 114 6.08 -37.41 -21.66
C LEU NA 114 4.60 -37.08 -21.57
N TYR NA 115 4.22 -36.17 -20.69
CA TYR NA 115 2.79 -35.93 -20.48
C TYR NA 115 2.22 -34.81 -21.34
N LYS NA 116 3.05 -34.02 -22.01
CA LYS NA 116 2.49 -32.87 -22.74
C LYS NA 116 1.58 -33.28 -23.89
N GLN NA 117 1.92 -34.35 -24.62
CA GLN NA 117 1.09 -34.75 -25.76
C GLN NA 117 -0.27 -35.27 -25.30
N THR NA 118 -0.28 -36.08 -24.24
CA THR NA 118 -1.55 -36.55 -23.70
C THR NA 118 -2.37 -35.41 -23.14
N ALA NA 119 -1.70 -34.43 -22.52
CA ALA NA 119 -2.42 -33.26 -22.02
C ALA NA 119 -3.08 -32.49 -23.16
N ILE NA 120 -2.38 -32.33 -24.27
CA ILE NA 120 -2.98 -31.68 -25.44
C ILE NA 120 -4.16 -32.49 -25.96
N SER NA 121 -4.00 -33.81 -26.07
CA SER NA 121 -5.03 -34.65 -26.65
C SER NA 121 -6.26 -34.80 -25.76
N ARG NA 122 -6.12 -34.60 -24.44
CA ARG NA 122 -7.23 -34.79 -23.52
C ARG NA 122 -7.98 -33.49 -23.21
N ALA NA 123 -7.57 -32.36 -23.79
CA ALA NA 123 -8.23 -31.08 -23.55
C ALA NA 123 -9.37 -30.94 -24.55
N LYS NA 124 -10.53 -31.47 -24.18
CA LYS NA 124 -11.72 -31.44 -25.03
C LYS NA 124 -12.82 -30.64 -24.35
N ARG NA 125 -13.67 -30.03 -25.17
CA ARG NA 125 -14.76 -29.19 -24.69
C ARG NA 125 -16.06 -29.98 -24.67
N ALA NA 126 -16.81 -29.84 -23.57
CA ALA NA 126 -18.05 -30.57 -23.41
C ALA NA 126 -19.12 -30.05 -24.36
N PRO NA 127 -20.08 -30.91 -24.75
CA PRO NA 127 -21.14 -30.46 -25.66
C PRO NA 127 -22.07 -29.44 -25.03
N TYR NA 128 -23.07 -28.99 -25.81
CA TYR NA 128 -24.02 -28.01 -25.30
C TYR NA 128 -24.90 -28.64 -24.23
N PRO NA 129 -25.40 -27.83 -23.30
CA PRO NA 129 -26.29 -28.35 -22.25
C PRO NA 129 -27.61 -28.84 -22.83
N SER NA 130 -28.39 -29.50 -21.96
CA SER NA 130 -29.64 -30.10 -22.41
C SER NA 130 -30.67 -29.04 -22.79
N ARG NA 131 -30.82 -28.00 -21.97
CA ARG NA 131 -31.83 -26.96 -22.20
C ARG NA 131 -31.22 -25.76 -22.93
N MET NA 132 -30.65 -26.03 -24.10
CA MET NA 132 -30.09 -24.98 -24.93
C MET NA 132 -30.73 -25.02 -26.31
N PRO NA 133 -31.54 -24.02 -26.67
CA PRO NA 133 -32.22 -24.07 -27.97
C PRO NA 133 -31.25 -23.88 -29.12
N THR NA 134 -31.61 -24.42 -30.28
CA THR NA 134 -30.91 -24.12 -31.51
C THR NA 134 -31.65 -23.01 -32.24
N GLY NA 135 -30.92 -21.99 -32.68
CA GLY NA 135 -31.54 -20.82 -33.24
C GLY NA 135 -32.25 -21.10 -34.55
N SER NA 136 -33.01 -20.10 -34.99
CA SER NA 136 -33.77 -20.19 -36.24
C SER NA 136 -32.90 -20.09 -37.48
N GLY NA 137 -31.57 -20.04 -37.35
CA GLY NA 137 -30.71 -19.89 -38.50
C GLY NA 137 -30.22 -21.21 -39.06
N ASN NA 138 -30.38 -22.29 -38.30
CA ASN NA 138 -29.97 -23.60 -38.79
C ASN NA 138 -30.81 -24.02 -40.00
N SER NA 139 -32.12 -23.79 -39.93
CA SER NA 139 -33.09 -23.97 -41.00
C SER NA 139 -33.31 -25.43 -41.41
N PHE NA 140 -32.51 -26.36 -40.91
CA PHE NA 140 -32.73 -27.78 -41.17
C PHE NA 140 -33.00 -28.55 -39.88
N ALA NA 141 -32.11 -28.44 -38.89
CA ALA NA 141 -32.39 -29.01 -37.59
C ALA NA 141 -33.60 -28.34 -36.94
N ASN NA 142 -33.89 -27.09 -37.31
CA ASN NA 142 -35.10 -26.43 -36.82
C ASN NA 142 -36.35 -26.99 -37.48
N LEU NA 143 -36.26 -27.32 -38.77
CA LEU NA 143 -37.40 -27.88 -39.49
C LEU NA 143 -37.58 -29.37 -39.26
N ASN NA 144 -36.59 -30.05 -38.67
CA ASN NA 144 -36.69 -31.47 -38.37
C ASN NA 144 -37.23 -31.74 -36.96
N GLU NA 145 -37.98 -30.80 -36.38
CA GLU NA 145 -38.62 -30.95 -35.08
C GLU NA 145 -37.60 -31.05 -33.94
N TRP NA 146 -36.31 -30.93 -34.25
CA TRP NA 146 -35.25 -31.07 -33.26
C TRP NA 146 -34.74 -29.69 -32.85
N HIS NA 147 -35.58 -29.00 -32.08
CA HIS NA 147 -35.31 -27.60 -31.74
C HIS NA 147 -34.21 -27.46 -30.70
N TYR NA 148 -34.09 -28.42 -29.77
CA TYR NA 148 -33.18 -28.32 -28.64
C TYR NA 148 -32.03 -29.30 -28.79
N PHE NA 149 -30.89 -28.94 -28.19
CA PHE NA 149 -29.71 -29.79 -28.24
C PHE NA 149 -29.96 -31.07 -27.44
N PRO NA 150 -29.30 -32.18 -27.81
CA PRO NA 150 -29.59 -33.46 -27.14
C PRO NA 150 -29.14 -33.47 -25.69
N GLY NA 151 -27.91 -33.04 -25.44
CA GLY NA 151 -27.35 -33.03 -24.11
C GLY NA 151 -26.04 -33.80 -24.04
N GLU NA 152 -25.43 -33.75 -22.86
CA GLU NA 152 -24.19 -34.46 -22.64
C GLU NA 152 -24.39 -35.97 -22.68
N GLN NA 153 -25.54 -36.45 -22.22
CA GLN NA 153 -25.89 -37.86 -22.24
C GLN NA 153 -24.85 -38.72 -21.52
N MET OA 1 4.19 -59.50 -10.48
CA MET OA 1 4.59 -58.23 -9.87
C MET OA 1 5.81 -58.46 -8.99
N GLN OA 2 5.98 -59.71 -8.56
CA GLN OA 2 7.11 -60.19 -7.75
C GLN OA 2 7.12 -59.60 -6.33
N ILE OA 3 6.09 -58.83 -5.96
CA ILE OA 3 6.00 -58.27 -4.62
C ILE OA 3 4.68 -58.76 -4.01
N LYS OA 4 4.31 -60.00 -4.33
CA LYS OA 4 3.00 -60.52 -3.94
C LYS OA 4 2.85 -60.62 -2.42
N THR OA 5 3.89 -61.03 -1.71
CA THR OA 5 3.80 -61.29 -0.28
C THR OA 5 4.16 -60.05 0.53
N LYS OA 6 3.67 -60.01 1.76
CA LYS OA 6 3.98 -58.91 2.67
C LYS OA 6 5.47 -58.88 2.99
N GLY OA 7 6.09 -60.05 3.09
CA GLY OA 7 7.53 -60.11 3.30
C GLY OA 7 8.30 -59.40 2.20
N ASP OA 8 7.78 -59.43 0.97
CA ASP OA 8 8.41 -58.70 -0.12
C ASP OA 8 8.36 -57.19 0.12
N LEU OA 9 7.23 -56.69 0.61
CA LEU OA 9 7.15 -55.27 0.96
C LEU OA 9 8.11 -54.92 2.08
N VAL OA 10 8.20 -55.78 3.10
CA VAL OA 10 9.12 -55.53 4.20
C VAL OA 10 10.56 -55.50 3.70
N ARG OA 11 10.93 -56.47 2.87
CA ARG OA 11 12.29 -56.51 2.34
C ARG OA 11 12.59 -55.30 1.46
N ALA OA 12 11.61 -54.88 0.66
CA ALA OA 12 11.81 -53.70 -0.19
C ALA OA 12 11.98 -52.45 0.66
N ALA OA 13 11.20 -52.30 1.72
CA ALA OA 13 11.34 -51.14 2.60
C ALA OA 13 12.71 -51.14 3.28
N LEU OA 14 13.13 -52.30 3.80
CA LEU OA 14 14.43 -52.38 4.44
C LEU OA 14 15.56 -52.08 3.47
N ARG OA 15 15.45 -52.61 2.24
CA ARG OA 15 16.47 -52.34 1.23
C ARG OA 15 16.53 -50.87 0.86
N LYS OA 16 15.37 -50.24 0.71
CA LYS OA 16 15.35 -48.81 0.40
C LYS OA 16 15.98 -48.00 1.53
N LEU OA 17 15.70 -48.38 2.78
CA LEU OA 17 16.35 -47.71 3.90
C LEU OA 17 17.84 -48.02 3.97
N GLY OA 18 18.30 -49.09 3.31
CA GLY OA 18 19.69 -49.49 3.39
C GLY OA 18 20.04 -50.35 4.58
N VAL OA 19 19.04 -50.76 5.38
CA VAL OA 19 19.32 -51.59 6.55
C VAL OA 19 19.76 -52.98 6.12
N ALA OA 20 19.03 -53.59 5.19
CA ALA OA 20 19.32 -54.95 4.76
C ALA OA 20 18.96 -55.10 3.29
N SER OA 21 19.94 -55.45 2.47
CA SER OA 21 19.77 -55.61 1.04
C SER OA 21 20.87 -56.57 0.57
N ASP OA 22 21.10 -56.61 -0.74
CA ASP OA 22 22.23 -57.36 -1.29
C ASP OA 22 23.28 -56.41 -1.85
N ALA OA 23 22.89 -55.23 -2.32
CA ALA OA 23 23.85 -54.19 -2.64
C ALA OA 23 24.72 -53.81 -1.45
N THR OA 24 24.22 -54.05 -0.23
CA THR OA 24 25.03 -54.04 0.97
C THR OA 24 25.00 -55.46 1.53
N LEU OA 25 26.15 -55.91 2.03
CA LEU OA 25 26.31 -57.33 2.34
C LEU OA 25 25.44 -57.81 3.49
N THR OA 26 24.78 -56.91 4.22
CA THR OA 26 23.97 -57.30 5.36
C THR OA 26 22.81 -58.21 4.92
N ASP OA 27 22.22 -58.91 5.90
CA ASP OA 27 21.08 -59.77 5.66
C ASP OA 27 19.98 -59.43 6.65
N VAL OA 28 18.75 -59.76 6.27
CA VAL OA 28 17.58 -59.45 7.08
C VAL OA 28 17.54 -60.36 8.29
N GLU OA 29 17.28 -59.76 9.46
CA GLU OA 29 17.09 -60.50 10.69
C GLU OA 29 15.61 -60.69 10.96
N PRO OA 30 15.18 -61.89 11.39
CA PRO OA 30 13.73 -62.17 11.46
C PRO OA 30 12.95 -61.23 12.37
N GLN OA 31 13.52 -60.81 13.50
CA GLN OA 31 12.77 -59.94 14.41
C GLN OA 31 12.53 -58.58 13.78
N SER OA 32 13.48 -58.09 12.98
CA SER OA 32 13.23 -56.87 12.21
C SER OA 32 12.06 -57.05 11.25
N MET OA 33 11.99 -58.22 10.61
CA MET OA 33 10.86 -58.51 9.72
C MET OA 33 9.54 -58.49 10.48
N GLN OA 34 9.52 -59.11 11.67
CA GLN OA 34 8.28 -59.14 12.45
C GLN OA 34 7.87 -57.73 12.89
N ASP OA 35 8.83 -56.94 13.36
CA ASP OA 35 8.50 -55.57 13.77
C ASP OA 35 8.00 -54.76 12.59
N ALA OA 36 8.63 -54.90 11.43
CA ALA OA 36 8.23 -54.13 10.26
C ALA OA 36 6.84 -54.56 9.76
N VAL OA 37 6.53 -55.86 9.81
CA VAL OA 37 5.21 -56.27 9.35
C VAL OA 37 4.12 -55.81 10.33
N ASP OA 38 4.41 -55.82 11.63
CA ASP OA 38 3.45 -55.26 12.58
C ASP OA 38 3.23 -53.76 12.32
N ASP OA 39 4.32 -53.03 12.04
CA ASP OA 39 4.19 -51.61 11.74
C ASP OA 39 3.41 -51.39 10.46
N LEU OA 40 3.64 -52.22 9.44
CA LEU OA 40 2.86 -52.14 8.21
C LEU OA 40 1.38 -52.35 8.46
N GLU OA 41 1.04 -53.37 9.25
CA GLU OA 41 -0.36 -53.64 9.53
C GLU OA 41 -1.00 -52.48 10.28
N ALA OA 42 -0.30 -51.92 11.26
CA ALA OA 42 -0.83 -50.78 12.00
C ALA OA 42 -1.03 -49.58 11.10
N MET OA 43 -0.06 -49.28 10.23
CA MET OA 43 -0.16 -48.12 9.36
C MET OA 43 -1.30 -48.28 8.36
N MET OA 44 -1.46 -49.49 7.80
CA MET OA 44 -2.55 -49.69 6.84
C MET OA 44 -3.90 -49.65 7.53
N ALA OA 45 -3.97 -50.13 8.77
CA ALA OA 45 -5.21 -49.99 9.54
C ALA OA 45 -5.54 -48.52 9.79
N GLU OA 46 -4.52 -47.71 10.11
CA GLU OA 46 -4.75 -46.28 10.29
C GLU OA 46 -5.22 -45.63 8.99
N TRP OA 47 -4.71 -45.97 7.83
CA TRP OA 47 -5.13 -45.24 6.61
C TRP OA 47 -6.55 -45.48 6.15
N TYR OA 48 -7.10 -46.66 6.37
CA TYR OA 48 -8.42 -47.03 5.86
C TYR OA 48 -9.56 -46.42 6.63
N GLN OA 49 -9.40 -46.26 7.92
CA GLN OA 49 -10.42 -45.69 8.75
C GLN OA 49 -11.75 -46.34 8.51
N ASP OA 50 -11.76 -47.66 8.39
CA ASP OA 50 -13.02 -48.38 8.26
C ASP OA 50 -13.84 -47.97 7.06
N GLY OA 51 -13.19 -47.58 5.98
CA GLY OA 51 -13.89 -47.19 4.80
C GLY OA 51 -13.86 -45.70 4.65
N LYS OA 52 -14.26 -45.01 5.69
CA LYS OA 52 -14.29 -43.57 5.65
C LYS OA 52 -12.93 -43.00 5.30
N GLY OA 53 -11.92 -43.85 5.17
CA GLY OA 53 -10.58 -43.44 4.78
C GLY OA 53 -10.14 -43.88 3.40
N ILE OA 54 -8.83 -43.90 3.18
CA ILE OA 54 -8.28 -44.29 1.89
C ILE OA 54 -8.65 -45.74 1.62
N ILE OA 55 -9.23 -45.99 0.45
CA ILE OA 55 -9.66 -47.33 0.06
C ILE OA 55 -8.65 -47.90 -0.93
N THR OA 56 -7.96 -48.96 -0.52
CA THR OA 56 -7.07 -49.70 -1.39
C THR OA 56 -7.26 -51.18 -1.11
N GLY OA 57 -6.99 -52.01 -2.11
CA GLY OA 57 -7.10 -53.44 -1.92
C GLY OA 57 -6.14 -53.93 -0.87
N TYR OA 58 -6.67 -54.43 0.25
CA TYR OA 58 -5.81 -54.91 1.32
C TYR OA 58 -6.61 -55.88 2.18
N VAL OA 59 -5.96 -56.95 2.61
CA VAL OA 59 -6.58 -57.95 3.47
C VAL OA 59 -5.89 -57.91 4.83
N PHE OA 60 -6.68 -57.73 5.88
CA PHE OA 60 -6.15 -57.73 7.23
C PHE OA 60 -6.20 -59.13 7.81
N SER OA 61 -5.05 -59.59 8.29
CA SER OA 61 -4.95 -60.94 8.84
C SER OA 61 -5.71 -61.03 10.15
N ASP OA 62 -6.57 -62.05 10.28
CA ASP OA 62 -7.29 -62.30 11.51
C ASP OA 62 -6.44 -62.98 12.57
N ASP OA 63 -5.16 -63.21 12.29
CA ASP OA 63 -4.19 -63.87 13.15
C ASP OA 63 -4.50 -65.35 13.37
N GLU OA 64 -5.45 -65.91 12.63
CA GLU OA 64 -5.65 -67.37 12.68
C GLU OA 64 -4.40 -68.09 12.19
N ASN OA 65 -3.82 -67.62 11.10
CA ASN OA 65 -2.51 -68.12 10.68
C ASN OA 65 -1.44 -67.42 11.49
N PRO OA 66 -0.60 -68.14 12.22
CA PRO OA 66 0.43 -67.48 13.05
C PRO OA 66 1.39 -66.64 12.24
N PRO OA 67 2.07 -67.19 11.20
CA PRO OA 67 3.03 -66.34 10.46
C PRO OA 67 2.31 -65.47 9.44
N ALA OA 68 2.24 -64.17 9.74
CA ALA OA 68 1.55 -63.23 8.87
C ALA OA 68 2.47 -62.65 7.79
N GLU OA 69 3.73 -63.06 7.75
CA GLU OA 69 4.65 -62.52 6.75
C GLU OA 69 4.42 -63.15 5.38
N GLY OA 70 4.12 -64.44 5.32
CA GLY OA 70 4.04 -65.14 4.06
C GLY OA 70 2.74 -64.97 3.29
N ASP OA 71 1.68 -64.52 3.96
CA ASP OA 71 0.37 -64.47 3.31
C ASP OA 71 0.32 -63.37 2.26
N ASP OA 72 -0.65 -63.48 1.36
CA ASP OA 72 -0.79 -62.55 0.25
C ASP OA 72 -1.48 -61.27 0.70
N HIS OA 73 -1.25 -60.20 -0.07
CA HIS OA 73 -1.93 -58.93 0.09
C HIS OA 73 -2.72 -58.61 -1.18
N GLY OA 74 -3.82 -57.89 -1.01
CA GLY OA 74 -4.68 -57.57 -2.14
C GLY OA 74 -4.35 -56.26 -2.82
N LEU OA 75 -3.16 -55.71 -2.56
CA LEU OA 75 -2.79 -54.43 -3.13
C LEU OA 75 -2.74 -54.51 -4.65
N ARG OA 76 -3.40 -53.56 -5.31
CA ARG OA 76 -3.32 -53.47 -6.75
C ARG OA 76 -1.93 -52.98 -7.16
N SER OA 77 -1.60 -53.17 -8.43
CA SER OA 77 -0.23 -52.97 -8.89
C SER OA 77 0.23 -51.53 -8.71
N SER OA 78 -0.70 -50.56 -8.72
CA SER OA 78 -0.32 -49.16 -8.58
C SER OA 78 0.01 -48.77 -7.14
N ALA OA 79 -0.58 -49.44 -6.14
CA ALA OA 79 -0.39 -49.03 -4.76
C ALA OA 79 0.90 -49.55 -4.16
N VAL OA 80 1.56 -50.51 -4.81
CA VAL OA 80 2.74 -51.14 -4.23
C VAL OA 80 3.87 -50.13 -4.08
N SER OA 81 4.10 -49.31 -5.12
CA SER OA 81 5.20 -48.37 -5.09
C SER OA 81 5.02 -47.29 -4.02
N ALA OA 82 3.82 -47.15 -3.47
CA ALA OA 82 3.58 -46.19 -2.40
C ALA OA 82 3.63 -46.85 -1.02
N VAL OA 83 3.10 -48.08 -0.92
CA VAL OA 83 2.99 -48.71 0.39
C VAL OA 83 4.36 -48.95 1.00
N PHE OA 84 5.30 -49.53 0.24
CA PHE OA 84 6.58 -49.83 0.86
C PHE OA 84 7.45 -48.59 1.03
N HIS OA 85 7.26 -47.56 0.20
CA HIS OA 85 7.95 -46.30 0.45
C HIS OA 85 7.50 -45.67 1.77
N ASN OA 86 6.19 -45.67 2.01
CA ASN OA 86 5.69 -45.15 3.29
C ASN OA 86 6.15 -46.03 4.45
N LEU OA 87 6.18 -47.34 4.25
CA LEU OA 87 6.67 -48.24 5.28
C LEU OA 87 8.13 -47.96 5.61
N ALA OA 88 8.96 -47.75 4.60
CA ALA OA 88 10.36 -47.41 4.83
C ALA OA 88 10.52 -46.05 5.50
N CYS OA 89 9.66 -45.09 5.18
CA CYS OA 89 9.70 -43.82 5.90
C CYS OA 89 9.36 -44.01 7.38
N ARG OA 90 8.37 -44.85 7.68
CA ARG OA 90 7.95 -45.07 9.06
C ARG OA 90 8.94 -45.91 9.87
N ILE OA 91 9.64 -46.86 9.24
CA ILE OA 91 10.55 -47.72 9.99
C ILE OA 91 11.80 -46.98 10.47
N ALA OA 92 12.24 -45.94 9.76
CA ALA OA 92 13.52 -45.31 10.09
C ALA OA 92 13.67 -44.90 11.55
N PRO OA 93 12.66 -44.33 12.23
CA PRO OA 93 12.83 -44.01 13.65
C PRO OA 93 13.07 -45.23 14.54
N ASP OA 94 12.78 -46.44 14.07
CA ASP OA 94 13.09 -47.62 14.87
C ASP OA 94 14.58 -47.72 15.14
N TYR OA 95 15.40 -47.49 14.12
CA TYR OA 95 16.83 -47.28 14.29
C TYR OA 95 17.08 -45.78 14.46
N ALA OA 96 18.34 -45.37 14.39
CA ALA OA 96 18.65 -43.94 14.42
C ALA OA 96 18.70 -43.33 13.03
N LEU OA 97 18.38 -44.09 11.98
CA LEU OA 97 18.45 -43.59 10.62
C LEU OA 97 17.32 -42.59 10.35
N GLU OA 98 17.57 -41.74 9.36
CA GLU OA 98 16.57 -40.79 8.86
C GLU OA 98 16.41 -40.99 7.36
N ALA OA 99 15.16 -41.00 6.90
CA ALA OA 99 14.88 -41.26 5.50
C ALA OA 99 15.37 -40.12 4.62
N THR OA 100 15.89 -40.48 3.45
CA THR OA 100 16.33 -39.49 2.48
C THR OA 100 15.14 -38.72 1.93
N ALA OA 101 15.40 -37.47 1.53
CA ALA OA 101 14.31 -36.60 1.05
C ALA OA 101 13.62 -37.20 -0.16
N LYS OA 102 14.34 -37.97 -0.98
CA LYS OA 102 13.72 -38.60 -2.13
C LYS OA 102 12.62 -39.57 -1.71
N ILE OA 103 12.86 -40.33 -0.64
CA ILE OA 103 11.86 -41.27 -0.14
C ILE OA 103 10.63 -40.51 0.35
N ILE OA 104 10.82 -39.37 1.01
CA ILE OA 104 9.69 -38.59 1.50
C ILE OA 104 8.88 -38.06 0.33
N ALA OA 105 9.55 -37.52 -0.70
CA ALA OA 105 8.83 -37.02 -1.87
C ALA OA 105 8.06 -38.14 -2.56
N THR OA 106 8.69 -39.31 -2.70
CA THR OA 106 8.01 -40.43 -3.33
C THR OA 106 6.81 -40.90 -2.51
N ALA OA 107 6.91 -40.89 -1.19
CA ALA OA 107 5.78 -41.26 -0.35
C ALA OA 107 4.63 -40.26 -0.50
N LYS OA 108 4.95 -38.97 -0.53
CA LYS OA 108 3.91 -37.95 -0.75
C LYS OA 108 3.21 -38.19 -2.07
N TYR OA 109 3.98 -38.36 -3.15
CA TYR OA 109 3.40 -38.62 -4.47
C TYR OA 109 2.53 -39.87 -4.45
N GLY OA 110 3.01 -40.92 -3.79
CA GLY OA 110 2.27 -42.17 -3.76
C GLY OA 110 0.94 -42.05 -3.05
N LYS OA 111 0.93 -41.38 -1.88
CA LYS OA 111 -0.34 -41.22 -1.17
C LYS OA 111 -1.31 -40.35 -1.95
N GLU OA 112 -0.80 -39.28 -2.58
CA GLU OA 112 -1.67 -38.43 -3.39
C GLU OA 112 -2.30 -39.22 -4.53
N LEU OA 113 -1.50 -40.07 -5.20
CA LEU OA 113 -2.04 -40.87 -6.29
C LEU OA 113 -2.99 -41.95 -5.78
N LEU OA 114 -2.77 -42.45 -4.55
CA LEU OA 114 -3.72 -43.39 -3.98
C LEU OA 114 -5.07 -42.75 -3.76
N TYR OA 115 -5.09 -41.51 -3.28
CA TYR OA 115 -6.36 -40.90 -2.91
C TYR OA 115 -7.04 -40.14 -4.03
N LYS OA 116 -6.35 -39.86 -5.14
CA LYS OA 116 -6.94 -39.00 -6.17
C LYS OA 116 -8.18 -39.65 -6.82
N GLN OA 117 -8.14 -40.96 -7.09
CA GLN OA 117 -9.28 -41.60 -7.75
C GLN OA 117 -10.50 -41.60 -6.85
N THR OA 118 -10.32 -41.91 -5.57
CA THR OA 118 -11.45 -41.87 -4.64
C THR OA 118 -11.96 -40.44 -4.47
N ALA OA 119 -11.06 -39.45 -4.48
CA ALA OA 119 -11.50 -38.06 -4.40
C ALA OA 119 -12.36 -37.68 -5.60
N ILE OA 120 -11.97 -38.13 -6.79
CA ILE OA 120 -12.80 -37.87 -7.97
C ILE OA 120 -14.14 -38.58 -7.84
N SER OA 121 -14.14 -39.84 -7.40
CA SER OA 121 -15.37 -40.62 -7.34
C SER OA 121 -16.33 -40.13 -6.26
N ARG OA 122 -15.84 -39.48 -5.21
CA ARG OA 122 -16.69 -39.03 -4.12
C ARG OA 122 -17.16 -37.59 -4.25
N ALA OA 123 -16.82 -36.91 -5.34
CA ALA OA 123 -17.24 -35.52 -5.55
C ALA OA 123 -18.59 -35.53 -6.26
N LYS OA 124 -19.66 -35.56 -5.48
CA LYS OA 124 -21.02 -35.60 -6.01
C LYS OA 124 -21.81 -34.41 -5.49
N ARG OA 125 -22.78 -33.97 -6.29
CA ARG OA 125 -23.61 -32.83 -5.96
C ARG OA 125 -24.89 -33.30 -5.28
N ALA OA 126 -25.35 -32.51 -4.30
CA ALA OA 126 -26.55 -32.85 -3.56
C ALA OA 126 -27.80 -32.64 -4.41
N PRO OA 127 -28.87 -33.40 -4.13
CA PRO OA 127 -30.11 -33.22 -4.90
C PRO OA 127 -30.78 -31.88 -4.63
N TYR OA 128 -31.86 -31.60 -5.35
CA TYR OA 128 -32.58 -30.35 -5.18
C TYR OA 128 -33.22 -30.27 -3.79
N PRO OA 129 -33.33 -29.08 -3.22
CA PRO OA 129 -34.01 -28.94 -1.92
C PRO OA 129 -35.49 -29.27 -2.04
N SER OA 130 -36.10 -29.52 -0.89
CA SER OA 130 -37.48 -29.97 -0.87
C SER OA 130 -38.43 -28.89 -1.38
N ARG OA 131 -38.22 -27.64 -0.99
CA ARG OA 131 -39.11 -26.55 -1.39
C ARG OA 131 -38.56 -25.83 -2.62
N MET OA 132 -38.36 -26.61 -3.68
CA MET OA 132 -37.92 -26.08 -4.97
C MET OA 132 -38.92 -26.49 -6.04
N PRO OA 133 -39.69 -25.56 -6.60
CA PRO OA 133 -40.70 -25.95 -7.60
C PRO OA 133 -40.07 -26.46 -8.88
N THR OA 134 -40.79 -27.33 -9.56
CA THR OA 134 -40.43 -27.71 -10.92
C THR OA 134 -41.26 -26.88 -11.90
N GLY OA 135 -40.57 -26.20 -12.80
CA GLY OA 135 -41.25 -25.25 -13.67
C GLY OA 135 -42.25 -25.92 -14.59
N SER OA 136 -42.99 -25.07 -15.30
CA SER OA 136 -44.02 -25.53 -16.23
C SER OA 136 -43.46 -26.08 -17.52
N GLY OA 137 -42.15 -26.31 -17.62
CA GLY OA 137 -41.57 -26.84 -18.83
C GLY OA 137 -41.44 -28.35 -18.83
N ASN OA 138 -41.51 -28.96 -17.65
CA ASN OA 138 -41.42 -30.41 -17.56
C ASN OA 138 -42.61 -31.07 -18.26
N SER OA 139 -43.81 -30.56 -18.01
CA SER OA 139 -45.07 -30.89 -18.70
C SER OA 139 -45.54 -32.31 -18.45
N PHE OA 140 -44.79 -33.15 -17.75
CA PHE OA 140 -45.23 -34.49 -17.38
C PHE OA 140 -45.35 -34.63 -15.87
N ALA OA 141 -44.27 -34.35 -15.13
CA ALA OA 141 -44.36 -34.26 -13.68
C ALA OA 141 -45.31 -33.16 -13.24
N ASN OA 142 -45.43 -32.09 -14.04
CA ASN OA 142 -46.40 -31.05 -13.72
C ASN OA 142 -47.83 -31.55 -13.86
N LEU OA 143 -48.09 -32.40 -14.85
CA LEU OA 143 -49.42 -32.97 -15.02
C LEU OA 143 -49.70 -34.13 -14.08
N ASN OA 144 -48.65 -34.74 -13.49
CA ASN OA 144 -48.83 -35.82 -12.52
C ASN OA 144 -48.90 -35.32 -11.08
N GLU OA 145 -49.27 -34.05 -10.88
CA GLU OA 145 -49.33 -33.43 -9.56
C GLU OA 145 -48.00 -33.46 -8.83
N TRP OA 146 -46.92 -33.67 -9.58
CA TRP OA 146 -45.58 -33.80 -9.01
C TRP OA 146 -44.84 -32.47 -9.13
N HIS OA 147 -45.39 -31.47 -8.44
CA HIS OA 147 -44.96 -30.09 -8.64
C HIS OA 147 -43.61 -29.79 -8.02
N TYR OA 148 -43.33 -30.31 -6.83
CA TYR OA 148 -42.13 -29.97 -6.09
C TYR OA 148 -41.17 -31.15 -6.06
N PHE OA 149 -39.88 -30.84 -5.94
CA PHE OA 149 -38.86 -31.87 -5.87
C PHE OA 149 -38.99 -32.66 -4.57
N PRO OA 150 -38.59 -33.94 -4.57
CA PRO OA 150 -38.72 -34.76 -3.36
C PRO OA 150 -37.97 -34.18 -2.17
N GLY OA 151 -36.68 -33.92 -2.38
CA GLY OA 151 -35.81 -33.44 -1.32
C GLY OA 151 -34.63 -34.37 -1.12
N GLU OA 152 -33.76 -33.95 -0.20
CA GLU OA 152 -32.58 -34.75 0.12
C GLU OA 152 -32.95 -36.07 0.78
N GLN OA 153 -34.14 -36.15 1.35
CA GLN OA 153 -34.66 -37.37 1.98
C GLN OA 153 -33.71 -37.90 3.06
N MET PA 1 -4.46 -57.96 15.95
CA MET PA 1 -3.67 -56.75 15.74
C MET PA 1 -2.31 -56.86 16.42
N GLN PA 2 -2.14 -57.91 17.22
CA GLN PA 2 -0.91 -58.24 17.94
C GLN PA 2 -0.48 -57.14 18.92
N ILE PA 3 -1.31 -56.13 19.14
CA ILE PA 3 -1.01 -55.06 20.08
C ILE PA 3 -2.15 -55.00 21.10
N LYS PA 4 -2.69 -56.16 21.45
CA LYS PA 4 -3.93 -56.23 22.24
C LYS PA 4 -3.79 -55.53 23.59
N THR PA 5 -2.73 -55.82 24.34
CA THR PA 5 -2.63 -55.38 25.72
C THR PA 5 -1.93 -54.02 25.83
N LYS PA 6 -2.09 -53.39 27.00
CA LYS PA 6 -1.43 -52.12 27.25
C LYS PA 6 0.09 -52.28 27.25
N GLY PA 7 0.59 -53.38 27.80
CA GLY PA 7 2.01 -53.65 27.74
C GLY PA 7 2.53 -53.71 26.32
N ASP PA 8 1.71 -54.18 25.38
CA ASP PA 8 2.10 -54.14 23.98
C ASP PA 8 2.24 -52.70 23.51
N LEU PA 9 1.36 -51.80 23.94
CA LEU PA 9 1.49 -50.39 23.60
C LEU PA 9 2.80 -49.83 24.14
N VAL PA 10 3.11 -50.15 25.40
CA VAL PA 10 4.33 -49.63 26.01
C VAL PA 10 5.57 -50.15 25.29
N ARG PA 11 5.57 -51.45 24.96
CA ARG PA 11 6.71 -52.04 24.26
C ARG PA 11 6.85 -51.47 22.85
N ALA PA 12 5.72 -51.23 22.17
CA ALA PA 12 5.79 -50.60 20.86
C ALA PA 12 6.38 -49.19 20.94
N ALA PA 13 5.97 -48.43 21.95
CA ALA PA 13 6.53 -47.09 22.12
C ALA PA 13 8.02 -47.14 22.40
N LEU PA 14 8.44 -48.07 23.27
CA LEU PA 14 9.86 -48.20 23.58
C LEU PA 14 10.66 -48.61 22.35
N ARG PA 15 10.11 -49.53 21.53
CA ARG PA 15 10.77 -49.91 20.31
C ARG PA 15 10.89 -48.74 19.35
N LYS PA 16 9.83 -47.94 19.23
CA LYS PA 16 9.85 -46.79 18.35
C LYS PA 16 10.91 -45.79 18.78
N LEU PA 17 11.05 -45.58 20.09
CA LEU PA 17 12.14 -44.73 20.58
C LEU PA 17 13.50 -45.39 20.42
N GLY PA 18 13.54 -46.71 20.22
CA GLY PA 18 14.80 -47.41 20.12
C GLY PA 18 15.44 -47.80 21.43
N VAL PA 19 14.75 -47.58 22.56
CA VAL PA 19 15.33 -47.88 23.86
C VAL PA 19 15.48 -49.39 24.04
N ALA PA 20 14.44 -50.15 23.73
CA ALA PA 20 14.46 -51.58 23.94
C ALA PA 20 13.38 -52.24 23.07
N SER PA 21 13.68 -53.42 22.57
CA SER PA 21 12.76 -54.20 21.74
C SER PA 21 13.05 -55.68 21.99
N ASP PA 22 12.56 -56.53 21.10
CA ASP PA 22 12.82 -57.96 21.19
C ASP PA 22 14.21 -58.35 20.73
N ALA PA 23 14.80 -57.60 19.80
CA ALA PA 23 16.11 -57.95 19.24
C ALA PA 23 17.26 -57.23 19.93
N THR PA 24 17.07 -56.73 21.15
CA THR PA 24 18.10 -55.95 21.82
C THR PA 24 18.70 -56.75 22.95
N LEU PA 25 19.96 -56.43 23.28
CA LEU PA 25 20.69 -57.15 24.31
C LEU PA 25 20.53 -56.63 25.70
N THR PA 26 20.05 -55.40 25.86
CA THR PA 26 19.76 -54.87 27.18
C THR PA 26 18.28 -54.64 27.17
N ASP PA 27 17.59 -54.81 28.30
CA ASP PA 27 16.16 -54.49 28.34
C ASP PA 27 15.79 -53.57 29.46
N VAL PA 28 14.53 -53.17 29.49
CA VAL PA 28 14.07 -52.25 30.50
C VAL PA 28 13.53 -52.99 31.70
N GLU PA 29 13.79 -52.46 32.85
CA GLU PA 29 13.39 -53.04 34.11
C GLU PA 29 11.90 -52.81 34.35
N PRO PA 30 11.19 -53.77 34.96
CA PRO PA 30 9.71 -53.69 34.99
C PRO PA 30 9.14 -52.45 35.66
N GLN PA 31 9.83 -51.86 36.64
CA GLN PA 31 9.30 -50.66 37.27
C GLN PA 31 9.14 -49.53 36.27
N SER PA 32 10.04 -49.42 35.29
CA SER PA 32 9.88 -48.43 34.24
C SER PA 32 8.66 -48.72 33.38
N MET PA 33 8.36 -50.01 33.16
CA MET PA 33 7.14 -50.38 32.46
C MET PA 33 5.91 -49.94 33.24
N GLN PA 34 5.93 -50.13 34.56
CA GLN PA 34 4.82 -49.69 35.39
C GLN PA 34 4.65 -48.17 35.32
N ASP PA 35 5.77 -47.44 35.38
CA ASP PA 35 5.69 -45.99 35.26
C ASP PA 35 5.15 -45.57 33.91
N ALA PA 36 5.57 -46.24 32.83
CA ALA PA 36 5.11 -45.89 31.50
C ALA PA 36 3.62 -46.17 31.33
N VAL PA 37 3.14 -47.29 31.87
CA VAL PA 37 1.71 -47.58 31.73
C VAL PA 37 0.88 -46.62 32.58
N ASP PA 38 1.40 -46.20 33.75
CA ASP PA 38 0.72 -45.18 34.52
C ASP PA 38 0.65 -43.86 33.74
N ASP PA 39 1.75 -43.50 33.07
CA ASP PA 39 1.76 -42.29 32.26
C ASP PA 39 0.79 -42.39 31.10
N LEU PA 40 0.71 -43.56 30.47
CA LEU PA 40 -0.27 -43.77 29.40
C LEU PA 40 -1.69 -43.61 29.91
N GLU PA 41 -1.98 -44.16 31.08
CA GLU PA 41 -3.31 -44.01 31.65
C GLU PA 41 -3.63 -42.55 31.93
N ALA PA 42 -2.65 -41.81 32.48
CA ALA PA 42 -2.89 -40.39 32.76
C ALA PA 42 -3.12 -39.61 31.47
N MET PA 43 -2.32 -39.85 30.45
CA MET PA 43 -2.49 -39.13 29.18
C MET PA 43 -3.82 -39.45 28.54
N MET PA 44 -4.23 -40.72 28.56
CA MET PA 44 -5.50 -41.08 27.93
C MET PA 44 -6.68 -40.55 28.73
N ALA PA 45 -6.54 -40.30 30.01
CA ALA PA 45 -7.64 -39.69 30.76
C ALA PA 45 -7.75 -38.20 30.64
N GLU PA 46 -6.88 -37.58 29.85
CA GLU PA 46 -6.87 -36.14 29.70
C GLU PA 46 -7.37 -35.80 28.35
N TRP PA 47 -7.53 -36.81 27.51
CA TRP PA 47 -8.03 -36.60 26.18
C TRP PA 47 -9.50 -36.85 26.20
N TYR PA 48 -9.99 -37.58 27.19
CA TYR PA 48 -11.39 -37.94 27.27
C TYR PA 48 -12.17 -36.86 27.98
N GLN PA 49 -11.55 -36.23 28.95
CA GLN PA 49 -12.20 -35.14 29.65
C GLN PA 49 -13.59 -35.52 30.08
N ASP PA 50 -13.78 -36.78 30.41
CA ASP PA 50 -15.06 -37.25 30.89
C ASP PA 50 -16.17 -37.21 29.88
N GLY PA 51 -15.93 -37.71 28.68
CA GLY PA 51 -16.96 -37.81 27.67
C GLY PA 51 -17.13 -36.57 26.88
N LYS PA 52 -16.36 -35.55 27.17
CA LYS PA 52 -16.54 -34.31 26.52
C LYS PA 52 -15.35 -34.00 25.66
N GLY PA 53 -14.44 -34.93 25.54
CA GLY PA 53 -13.24 -34.69 24.76
C GLY PA 53 -13.05 -35.76 23.74
N ILE PA 54 -11.82 -36.11 23.41
CA ILE PA 54 -11.71 -37.11 22.35
C ILE PA 54 -12.31 -38.41 22.84
N ILE PA 55 -13.26 -38.95 22.07
CA ILE PA 55 -13.96 -40.17 22.42
C ILE PA 55 -13.37 -41.31 21.61
N THR PA 56 -12.78 -42.29 22.30
CA THR PA 56 -12.26 -43.50 21.68
C THR PA 56 -12.56 -44.67 22.59
N GLY PA 57 -12.65 -45.86 22.02
CA GLY PA 57 -12.85 -47.05 22.82
C GLY PA 57 -11.68 -47.30 23.75
N TYR PA 58 -11.91 -47.15 25.05
CA TYR PA 58 -10.84 -47.35 26.02
C TYR PA 58 -11.45 -47.65 27.37
N VAL PA 59 -10.90 -48.64 28.07
CA VAL PA 59 -11.39 -49.06 29.37
C VAL PA 59 -10.29 -48.79 30.40
N PHE PA 60 -10.66 -48.11 31.48
CA PHE PA 60 -9.70 -47.80 32.54
C PHE PA 60 -9.68 -48.92 33.58
N SER PA 61 -8.50 -49.20 34.10
CA SER PA 61 -8.34 -50.24 35.10
C SER PA 61 -9.06 -49.86 36.39
N ASP PA 62 -9.76 -50.83 36.98
CA ASP PA 62 -10.53 -50.57 38.19
C ASP PA 62 -9.69 -50.69 39.45
N ASP PA 63 -8.42 -51.09 39.33
CA ASP PA 63 -7.43 -51.21 40.41
C ASP PA 63 -7.75 -52.41 41.30
N GLU PA 64 -8.89 -53.06 41.12
CA GLU PA 64 -9.17 -54.29 41.86
C GLU PA 64 -8.28 -55.43 41.38
N ASN PA 65 -8.19 -55.59 40.07
CA ASN PA 65 -7.20 -56.51 39.50
C ASN PA 65 -5.83 -55.84 39.58
N PRO PA 66 -4.85 -56.46 40.22
CA PRO PA 66 -3.59 -55.75 40.52
C PRO PA 66 -2.88 -55.23 39.27
N PRO PA 67 -2.52 -56.10 38.29
CA PRO PA 67 -1.70 -55.61 37.18
C PRO PA 67 -2.55 -54.92 36.12
N ALA PA 68 -2.43 -53.61 36.03
CA ALA PA 68 -3.10 -52.86 34.98
C ALA PA 68 -2.36 -52.95 33.65
N GLU PA 69 -1.14 -53.47 33.64
CA GLU PA 69 -0.38 -53.61 32.41
C GLU PA 69 -0.89 -54.78 31.56
N GLY PA 70 -1.42 -55.81 32.19
CA GLY PA 70 -1.77 -57.03 31.48
C GLY PA 70 -3.15 -57.04 30.85
N ASP PA 71 -4.08 -56.27 31.39
CA ASP PA 71 -5.46 -56.34 30.91
C ASP PA 71 -5.61 -55.68 29.55
N ASP PA 72 -6.70 -56.02 28.85
CA ASP PA 72 -6.96 -55.56 27.51
C ASP PA 72 -7.40 -54.10 27.50
N HIS PA 73 -7.23 -53.47 26.34
CA HIS PA 73 -7.76 -52.14 26.07
C HIS PA 73 -8.76 -52.23 24.91
N GLY PA 74 -9.75 -51.36 24.93
CA GLY PA 74 -10.81 -51.41 23.93
C GLY PA 74 -10.55 -50.58 22.70
N LEU PA 75 -9.30 -50.18 22.48
CA LEU PA 75 -8.97 -49.36 21.32
C LEU PA 75 -9.29 -50.08 20.03
N ARG PA 76 -9.96 -49.39 19.11
CA ARG PA 76 -10.18 -49.93 17.79
C ARG PA 76 -8.86 -49.95 17.01
N SER PA 77 -8.82 -50.78 15.96
CA SER PA 77 -7.57 -51.04 15.27
C SER PA 77 -6.99 -49.77 14.65
N SER PA 78 -7.83 -48.78 14.34
CA SER PA 78 -7.34 -47.56 13.71
C SER PA 78 -6.64 -46.62 14.69
N ALA PA 79 -7.03 -46.63 15.97
CA ALA PA 79 -6.47 -45.69 16.93
C ALA PA 79 -5.16 -46.16 17.54
N VAL PA 80 -4.78 -47.43 17.30
CA VAL PA 80 -3.57 -47.96 17.90
C VAL PA 80 -2.35 -47.21 17.39
N SER PA 81 -2.29 -46.96 16.08
CA SER PA 81 -1.14 -46.30 15.49
C SER PA 81 -0.96 -44.87 16.00
N ALA PA 82 -2.00 -44.29 16.60
CA ALA PA 82 -1.88 -42.96 17.18
C ALA PA 82 -1.53 -43.03 18.66
N VAL PA 83 -2.14 -43.96 19.39
CA VAL PA 83 -1.96 -43.99 20.84
C VAL PA 83 -0.52 -44.27 21.22
N PHE PA 84 0.10 -45.29 20.61
CA PHE PA 84 1.46 -45.61 21.04
C PHE PA 84 2.48 -44.62 20.49
N HIS PA 85 2.18 -43.98 19.36
CA HIS PA 85 3.07 -42.91 18.88
C HIS PA 85 3.05 -41.72 19.85
N ASN PA 86 1.87 -41.33 20.30
CA ASN PA 86 1.80 -40.24 21.28
C ASN PA 86 2.45 -40.66 22.60
N LEU PA 87 2.27 -41.92 23.00
CA LEU PA 87 2.90 -42.41 24.22
C LEU PA 87 4.42 -42.36 24.11
N ALA PA 88 4.96 -42.76 22.97
CA ALA PA 88 6.39 -42.67 22.73
C ALA PA 88 6.89 -41.23 22.72
N CYS PA 89 6.10 -40.31 22.16
CA CYS PA 89 6.48 -38.90 22.19
C CYS PA 89 6.52 -38.37 23.62
N ARG PA 90 5.58 -38.80 24.46
CA ARG PA 90 5.55 -38.34 25.85
C ARG PA 90 6.63 -38.99 26.71
N ILE PA 91 6.99 -40.25 26.42
CA ILE PA 91 7.96 -40.97 27.25
C ILE PA 91 9.37 -40.39 27.16
N ALA PA 92 9.78 -39.91 25.99
CA ALA PA 92 11.17 -39.53 25.77
C ALA PA 92 11.72 -38.57 26.84
N PRO PA 93 10.97 -37.57 27.33
CA PRO PA 93 11.48 -36.77 28.45
C PRO PA 93 11.88 -37.57 29.67
N ASP PA 94 11.26 -38.72 29.92
CA ASP PA 94 11.63 -39.54 31.08
C ASP PA 94 13.09 -39.98 30.96
N TYR PA 95 13.49 -40.42 29.78
CA TYR PA 95 14.89 -40.70 29.50
C TYR PA 95 15.58 -39.41 29.08
N ALA PA 96 16.80 -39.51 28.54
CA ALA PA 96 17.46 -38.33 28.01
C ALA PA 96 17.19 -38.12 26.53
N LEU PA 97 16.38 -38.96 25.90
CA LEU PA 97 16.14 -38.88 24.48
C LEU PA 97 15.18 -37.75 24.12
N GLU PA 98 15.13 -37.45 22.83
CA GLU PA 98 14.16 -36.53 22.25
C GLU PA 98 13.53 -37.19 21.02
N ALA PA 99 12.21 -37.07 20.91
CA ALA PA 99 11.50 -37.76 19.83
C ALA PA 99 11.88 -37.19 18.48
N THR PA 100 12.04 -38.08 17.50
CA THR PA 100 12.35 -37.69 16.13
C THR PA 100 11.15 -36.98 15.50
N ALA PA 101 11.43 -36.08 14.56
CA ALA PA 101 10.39 -35.29 13.94
C ALA PA 101 9.35 -36.16 13.25
N LYS PA 102 9.77 -37.31 12.73
CA LYS PA 102 8.82 -38.23 12.09
C LYS PA 102 7.77 -38.71 13.08
N ILE PA 103 8.20 -39.03 14.30
CA ILE PA 103 7.26 -39.49 15.32
C ILE PA 103 6.29 -38.37 15.68
N ILE PA 104 6.78 -37.13 15.73
CA ILE PA 104 5.90 -36.00 16.05
C ILE PA 104 4.85 -35.82 14.96
N ALA PA 105 5.27 -35.88 13.69
CA ALA PA 105 4.33 -35.75 12.59
C ALA PA 105 3.30 -36.89 12.61
N THR PA 106 3.76 -38.11 12.88
CA THR PA 106 2.84 -39.24 12.95
C THR PA 106 1.83 -39.09 14.08
N ALA PA 107 2.29 -38.59 15.25
CA ALA PA 107 1.36 -38.36 16.36
C ALA PA 107 0.34 -37.29 16.00
N LYS PA 108 0.78 -36.20 15.36
CA LYS PA 108 -0.17 -35.17 14.92
C LYS PA 108 -1.23 -35.75 13.99
N TYR PA 109 -0.78 -36.51 12.97
CA TYR PA 109 -1.72 -37.12 12.04
C TYR PA 109 -2.68 -38.06 12.75
N GLY PA 110 -2.15 -38.86 13.69
CA GLY PA 110 -2.99 -39.81 14.40
C GLY PA 110 -4.06 -39.13 15.24
N LYS PA 111 -3.70 -38.08 15.96
CA LYS PA 111 -4.69 -37.38 16.78
C LYS PA 111 -5.73 -36.69 15.90
N GLU PA 112 -5.30 -36.10 14.79
CA GLU PA 112 -6.25 -35.46 13.89
C GLU PA 112 -7.26 -36.48 13.35
N LEU PA 113 -6.77 -37.65 12.93
CA LEU PA 113 -7.68 -38.69 12.44
C LEU PA 113 -8.55 -39.25 13.57
N LEU PA 114 -8.04 -39.25 14.80
CA LEU PA 114 -8.85 -39.67 15.93
C LEU PA 114 -10.04 -38.76 16.14
N TYR PA 115 -9.83 -37.45 16.02
CA TYR PA 115 -10.90 -36.52 16.35
C TYR PA 115 -11.77 -36.11 15.17
N LYS PA 116 -11.37 -36.42 13.93
CA LYS PA 116 -12.14 -35.93 12.79
C LYS PA 116 -13.56 -36.52 12.74
N GLN PA 117 -13.71 -37.80 13.08
CA GLN PA 117 -15.03 -38.42 13.01
C GLN PA 117 -15.98 -37.82 14.04
N THR PA 118 -15.50 -37.63 15.27
CA THR PA 118 -16.31 -37.00 16.29
C THR PA 118 -16.63 -35.56 15.93
N ALA PA 119 -15.68 -34.85 15.30
CA ALA PA 119 -15.95 -33.49 14.85
C ALA PA 119 -17.07 -33.47 13.81
N ILE PA 120 -17.06 -34.41 12.89
CA ILE PA 120 -18.15 -34.50 11.92
C ILE PA 120 -19.46 -34.80 12.63
N SER PA 121 -19.47 -35.75 13.56
CA SER PA 121 -20.70 -36.18 14.21
C SER PA 121 -21.26 -35.13 15.16
N ARG PA 122 -20.43 -34.20 15.65
CA ARG PA 122 -20.88 -33.22 16.63
C ARG PA 122 -21.24 -31.87 16.03
N ALA PA 123 -21.18 -31.73 14.71
CA ALA PA 123 -21.53 -30.46 14.04
C ALA PA 123 -23.01 -30.50 13.71
N LYS PA 124 -23.83 -30.07 14.66
CA LYS PA 124 -25.27 -30.05 14.51
C LYS PA 124 -25.79 -28.62 14.55
N ARG PA 125 -26.89 -28.39 13.83
CA ARG PA 125 -27.49 -27.06 13.76
C ARG PA 125 -28.63 -26.94 14.76
N ALA PA 126 -28.67 -25.81 15.45
CA ALA PA 126 -29.66 -25.57 16.49
C ALA PA 126 -31.06 -25.40 15.88
N PRO PA 127 -32.11 -25.72 16.65
CA PRO PA 127 -33.46 -25.57 16.13
C PRO PA 127 -33.83 -24.10 15.93
N TYR PA 128 -35.04 -23.89 15.43
CA TYR PA 128 -35.52 -22.54 15.18
C TYR PA 128 -35.73 -21.80 16.50
N PRO PA 129 -35.60 -20.47 16.49
CA PRO PA 129 -35.82 -19.70 17.72
C PRO PA 129 -37.27 -19.77 18.16
N SER PA 130 -37.51 -19.29 19.38
CA SER PA 130 -38.83 -19.38 19.98
C SER PA 130 -39.86 -18.54 19.24
N ARG PA 131 -39.49 -17.32 18.85
CA ARG PA 131 -40.42 -16.39 18.22
C ARG PA 131 -40.24 -16.41 16.70
N MET PA 132 -40.52 -17.56 16.11
CA MET PA 132 -40.47 -17.71 14.65
C MET PA 132 -41.78 -18.32 14.15
N PRO PA 133 -42.59 -17.57 13.41
CA PRO PA 133 -43.84 -18.14 12.88
C PRO PA 133 -43.57 -19.19 11.83
N THR PA 134 -44.49 -20.15 11.73
CA THR PA 134 -44.50 -21.08 10.61
C THR PA 134 -45.46 -20.56 9.57
N GLY PA 135 -45.00 -20.45 8.33
CA GLY PA 135 -45.78 -19.77 7.30
C GLY PA 135 -47.06 -20.51 6.95
N SER PA 136 -47.86 -19.84 6.13
CA SER PA 136 -49.16 -20.36 5.71
C SER PA 136 -49.05 -21.49 4.70
N GLY PA 137 -47.87 -22.02 4.43
CA GLY PA 137 -47.71 -23.06 3.45
C GLY PA 137 -47.69 -24.46 4.03
N ASN PA 138 -47.48 -24.56 5.36
CA ASN PA 138 -47.49 -25.86 6.01
C ASN PA 138 -48.86 -26.51 5.94
N SER PA 139 -49.91 -25.72 6.17
CA SER PA 139 -51.32 -26.08 6.01
C SER PA 139 -51.80 -27.13 7.02
N PHE PA 140 -50.91 -27.73 7.81
CA PHE PA 140 -51.33 -28.66 8.84
C PHE PA 140 -50.93 -28.17 10.23
N ALA PA 141 -49.65 -27.85 10.44
CA ALA PA 141 -49.26 -27.20 11.68
C ALA PA 141 -49.91 -25.83 11.84
N ASN PA 142 -50.27 -25.19 10.72
CA ASN PA 142 -51.01 -23.93 10.80
C ASN PA 142 -52.46 -24.16 11.21
N LEU PA 143 -53.06 -25.27 10.78
CA LEU PA 143 -54.43 -25.59 11.13
C LEU PA 143 -54.55 -26.24 12.50
N ASN PA 144 -53.45 -26.68 13.09
CA ASN PA 144 -53.45 -27.26 14.42
C ASN PA 144 -53.18 -26.22 15.51
N GLU PA 145 -53.37 -24.93 15.20
CA GLU PA 145 -53.20 -23.82 16.13
C GLU PA 145 -51.77 -23.69 16.63
N TRP PA 146 -50.84 -24.44 16.03
CA TRP PA 146 -49.43 -24.41 16.42
C TRP PA 146 -48.65 -23.55 15.42
N HIS PA 147 -48.90 -22.23 15.49
CA HIS PA 147 -48.38 -21.31 14.50
C HIS PA 147 -46.88 -21.08 14.66
N TYR PA 148 -46.38 -21.02 15.88
CA TYR PA 148 -44.99 -20.67 16.14
C TYR PA 148 -44.18 -21.91 16.50
N PHE PA 149 -42.87 -21.84 16.21
CA PHE PA 149 -41.98 -22.94 16.53
C PHE PA 149 -41.84 -23.10 18.05
N PRO PA 150 -41.58 -24.31 18.54
CA PRO PA 150 -41.56 -24.52 20.00
C PRO PA 150 -40.42 -23.81 20.69
N GLY PA 151 -39.21 -23.97 20.14
CA GLY PA 151 -38.03 -23.35 20.71
C GLY PA 151 -36.96 -24.38 21.00
N GLU PA 152 -35.79 -23.86 21.40
CA GLU PA 152 -34.67 -24.72 21.76
C GLU PA 152 -34.96 -25.53 23.00
N GLN PA 153 -35.71 -24.96 23.95
CA GLN PA 153 -36.10 -25.64 25.18
C GLN PA 153 -34.90 -26.17 25.96
N MET QA 1 -6.03 -44.71 39.79
CA MET QA 1 -5.12 -43.92 38.98
C MET QA 1 -3.67 -44.16 39.38
N GLN QA 2 -3.49 -44.80 40.54
CA GLN QA 2 -2.20 -45.16 41.10
C GLN QA 2 -1.33 -43.95 41.45
N ILE QA 3 -1.87 -42.74 41.34
CA ILE QA 3 -1.14 -41.51 41.61
C ILE QA 3 -1.92 -40.78 42.70
N LYS QA 4 -2.50 -41.55 43.61
CA LYS QA 4 -3.41 -40.98 44.62
C LYS QA 4 -2.72 -39.97 45.52
N THR QA 5 -1.51 -40.27 45.97
CA THR QA 5 -0.84 -39.46 46.98
C THR QA 5 -0.03 -38.34 46.35
N LYS QA 6 0.20 -37.29 47.14
CA LYS QA 6 1.03 -36.17 46.69
C LYS QA 6 2.46 -36.64 46.42
N GLY QA 7 2.94 -37.60 47.19
CA GLY QA 7 4.25 -38.16 46.92
C GLY QA 7 4.36 -38.79 45.55
N ASP QA 8 3.26 -39.37 45.06
CA ASP QA 8 3.26 -39.88 43.70
C ASP QA 8 3.41 -38.75 42.68
N LEU QA 9 2.75 -37.62 42.92
CA LEU QA 9 2.94 -36.46 42.05
C LEU QA 9 4.39 -35.99 42.05
N VAL QA 10 4.99 -35.92 43.24
CA VAL QA 10 6.38 -35.48 43.35
C VAL QA 10 7.32 -36.44 42.63
N ARG QA 11 7.11 -37.74 42.83
CA ARG QA 11 7.97 -38.72 42.19
C ARG QA 11 7.79 -38.71 40.67
N ALA QA 12 6.57 -38.51 40.19
CA ALA QA 12 6.35 -38.42 38.75
C ALA QA 12 7.04 -37.19 38.18
N ALA QA 13 6.96 -36.05 38.87
CA ALA QA 13 7.63 -34.85 38.40
C ALA QA 13 9.14 -35.04 38.36
N LEU QA 14 9.69 -35.66 39.41
CA LEU QA 14 11.13 -35.90 39.45
C LEU QA 14 11.57 -36.86 38.36
N ARG QA 15 10.78 -37.91 38.11
CA ARG QA 15 11.11 -38.84 37.03
C ARG QA 15 11.06 -38.14 35.68
N LYS QA 16 10.07 -37.26 35.47
CA LYS QA 16 9.99 -36.52 34.22
C LYS QA 16 11.20 -35.61 34.05
N LEU QA 17 11.64 -34.97 35.13
CA LEU QA 17 12.82 -34.11 35.06
C LEU QA 17 14.11 -34.90 34.89
N GLY QA 18 14.08 -36.22 35.14
CA GLY QA 18 15.28 -37.02 35.07
C GLY QA 18 16.14 -36.97 36.30
N VAL QA 19 15.65 -36.41 37.40
CA VAL QA 19 16.45 -36.31 38.62
C VAL QA 19 16.51 -37.64 39.33
N ALA QA 20 15.36 -38.25 39.59
CA ALA QA 20 15.31 -39.51 40.33
C ALA QA 20 14.19 -40.37 39.76
N SER QA 21 14.54 -41.57 39.34
CA SER QA 21 13.61 -42.51 38.71
C SER QA 21 14.20 -43.90 38.89
N ASP QA 22 13.70 -44.86 38.12
CA ASP QA 22 14.31 -46.18 38.05
C ASP QA 22 14.95 -46.43 36.67
N ALA QA 23 14.49 -45.72 35.63
CA ALA QA 23 15.23 -45.71 34.38
C ALA QA 23 16.62 -45.12 34.54
N THR QA 24 16.82 -44.30 35.56
CA THR QA 24 18.14 -43.91 36.03
C THR QA 24 18.28 -44.40 37.46
N LEU QA 25 19.43 -44.98 37.78
CA LEU QA 25 19.58 -45.74 39.01
C LEU QA 25 19.47 -44.90 40.27
N THR QA 26 19.47 -43.57 40.16
CA THR QA 26 19.40 -42.72 41.34
C THR QA 26 18.06 -42.92 42.07
N ASP QA 27 18.03 -42.48 43.33
CA ASP QA 27 16.84 -42.59 44.15
C ASP QA 27 16.50 -41.22 44.75
N VAL QA 28 15.25 -41.08 45.15
CA VAL QA 28 14.74 -39.82 45.69
C VAL QA 28 15.32 -39.60 47.08
N GLU QA 29 15.79 -38.37 47.32
CA GLU QA 29 16.23 -37.98 48.65
C GLU QA 29 15.10 -37.25 49.37
N PRO QA 30 14.87 -37.54 50.65
CA PRO QA 30 13.67 -37.01 51.32
C PRO QA 30 13.54 -35.49 51.32
N GLN QA 31 14.66 -34.76 51.46
CA GLN QA 31 14.56 -33.31 51.50
C GLN QA 31 14.14 -32.75 50.16
N SER QA 32 14.54 -33.39 49.06
CA SER QA 32 14.03 -33.01 47.75
C SER QA 32 12.53 -33.20 47.69
N MET QA 33 12.03 -34.30 48.26
CA MET QA 33 10.59 -34.54 48.30
C MET QA 33 9.88 -33.44 49.08
N GLN QA 34 10.44 -33.05 50.23
CA GLN QA 34 9.81 -32.01 51.04
C GLN QA 34 9.78 -30.67 50.30
N ASP QA 35 10.90 -30.31 49.67
CA ASP QA 35 10.95 -29.06 48.92
C ASP QA 35 9.95 -29.08 47.78
N ALA QA 36 9.87 -30.21 47.06
CA ALA QA 36 8.97 -30.29 45.91
C ALA QA 36 7.50 -30.25 46.35
N VAL QA 37 7.17 -30.88 47.48
CA VAL QA 37 5.78 -30.84 47.92
C VAL QA 37 5.40 -29.44 48.42
N ASP QA 38 6.34 -28.74 49.06
CA ASP QA 38 6.08 -27.35 49.42
C ASP QA 38 5.85 -26.49 48.18
N ASP QA 39 6.67 -26.70 47.14
CA ASP QA 39 6.50 -25.96 45.89
C ASP QA 39 5.16 -26.29 45.24
N LEU QA 40 4.76 -27.56 45.26
CA LEU QA 40 3.46 -27.97 44.73
C LEU QA 40 2.33 -27.26 45.45
N GLU QA 41 2.38 -27.24 46.79
CA GLU QA 41 1.30 -26.59 47.54
C GLU QA 41 1.25 -25.10 47.26
N ALA QA 42 2.42 -24.45 47.17
CA ALA QA 42 2.43 -23.02 46.86
C ALA QA 42 1.89 -22.74 45.47
N MET QA 43 2.29 -23.54 44.48
CA MET QA 43 1.82 -23.32 43.12
C MET QA 43 0.32 -23.54 43.01
N MET QA 44 -0.20 -24.58 43.66
CA MET QA 44 -1.64 -24.83 43.60
C MET QA 44 -2.42 -23.76 44.35
N ALA QA 45 -1.83 -23.03 45.26
CA ALA QA 45 -2.54 -21.93 45.90
C ALA QA 45 -2.78 -20.76 44.97
N GLU QA 46 -1.82 -20.46 44.12
CA GLU QA 46 -1.90 -19.31 43.25
C GLU QA 46 -2.94 -19.49 42.19
N TRP QA 47 -3.00 -20.68 41.62
CA TRP QA 47 -3.95 -20.97 40.56
C TRP QA 47 -5.38 -20.83 41.02
N TYR QA 48 -5.69 -21.19 42.24
CA TYR QA 48 -7.06 -21.16 42.72
C TYR QA 48 -7.57 -19.78 42.97
N GLN QA 49 -6.74 -18.93 43.56
CA GLN QA 49 -7.12 -17.58 43.87
C GLN QA 49 -8.43 -17.54 44.60
N ASP QA 50 -8.64 -18.48 45.51
CA ASP QA 50 -9.84 -18.48 46.33
C ASP QA 50 -11.13 -18.74 45.56
N GLY QA 51 -11.00 -19.20 44.33
CA GLY QA 51 -12.17 -19.53 43.55
C GLY QA 51 -12.10 -18.74 42.30
N LYS QA 52 -11.93 -17.44 42.43
CA LYS QA 52 -11.83 -16.59 41.28
C LYS QA 52 -10.91 -17.17 40.22
N GLY QA 53 -10.00 -18.05 40.59
CA GLY QA 53 -9.10 -18.70 39.67
C GLY QA 53 -9.51 -20.09 39.21
N ILE QA 54 -8.54 -20.88 38.76
CA ILE QA 54 -8.81 -22.22 38.26
C ILE QA 54 -9.39 -23.07 39.38
N ILE QA 55 -10.51 -23.73 39.11
CA ILE QA 55 -11.18 -24.57 40.10
C ILE QA 55 -10.90 -26.03 39.76
N THR QA 56 -10.12 -26.70 40.61
CA THR QA 56 -9.88 -28.13 40.50
C THR QA 56 -9.98 -28.73 41.90
N GLY QA 57 -10.39 -30.00 41.96
CA GLY QA 57 -10.48 -30.68 43.23
C GLY QA 57 -9.13 -30.77 43.91
N TYR QA 58 -8.96 -30.03 45.00
CA TYR QA 58 -7.68 -30.04 45.71
C TYR QA 58 -7.94 -29.71 47.17
N VAL QA 59 -7.28 -30.45 48.06
CA VAL QA 59 -7.40 -30.25 49.50
C VAL QA 59 -6.09 -29.66 50.00
N PHE QA 60 -6.18 -28.49 50.63
CA PHE QA 60 -5.01 -27.84 51.18
C PHE QA 60 -4.81 -28.28 52.62
N SER QA 61 -3.60 -28.74 52.93
CA SER QA 61 -3.30 -29.25 54.26
C SER QA 61 -3.27 -28.11 55.28
N ASP QA 62 -4.01 -28.29 56.37
CA ASP QA 62 -4.00 -27.33 57.46
C ASP QA 62 -2.75 -27.44 58.33
N ASP QA 63 -1.85 -28.37 58.01
CA ASP QA 63 -0.62 -28.69 58.73
C ASP QA 63 -0.89 -29.33 60.08
N GLU QA 64 -2.15 -29.65 60.41
CA GLU QA 64 -2.41 -30.45 61.59
C GLU QA 64 -1.76 -31.83 61.46
N ASN QA 65 -1.88 -32.44 60.29
CA ASN QA 65 -1.10 -33.64 59.98
C ASN QA 65 0.34 -33.21 59.71
N PRO QA 66 1.32 -33.74 60.45
CA PRO QA 66 2.71 -33.29 60.29
C PRO QA 66 3.26 -33.61 58.90
N PRO QA 67 3.24 -34.88 58.44
CA PRO QA 67 3.80 -35.16 57.10
C PRO QA 67 2.77 -34.91 56.01
N ALA QA 68 3.01 -33.89 55.19
CA ALA QA 68 2.11 -33.58 54.08
C ALA QA 68 2.39 -34.44 52.85
N GLU QA 69 3.41 -35.28 52.89
CA GLU QA 69 3.72 -36.14 51.75
C GLU QA 69 2.71 -37.27 51.59
N GLY QA 70 2.25 -37.84 52.70
CA GLY QA 70 1.42 -39.02 52.63
C GLY QA 70 -0.06 -38.80 52.37
N ASP QA 71 -0.56 -37.61 52.67
CA ASP QA 71 -2.00 -37.39 52.59
C ASP QA 71 -2.48 -37.37 51.14
N ASP QA 72 -3.78 -37.62 50.96
CA ASP QA 72 -4.37 -37.74 49.64
C ASP QA 72 -4.72 -36.37 49.08
N HIS QA 73 -4.81 -36.31 47.76
CA HIS QA 73 -5.26 -35.11 47.04
C HIS QA 73 -6.57 -35.42 46.33
N GLY QA 74 -7.43 -34.41 46.22
CA GLY QA 74 -8.73 -34.59 45.62
C GLY QA 74 -8.76 -34.38 44.12
N LEU QA 75 -7.60 -34.38 43.48
CA LEU QA 75 -7.52 -34.12 42.04
C LEU QA 75 -8.32 -35.16 41.26
N ARG QA 76 -9.15 -34.69 40.34
CA ARG QA 76 -9.85 -35.59 39.44
C ARG QA 76 -8.86 -36.17 38.42
N SER QA 77 -9.28 -37.26 37.79
CA SER QA 77 -8.35 -38.05 36.98
C SER QA 77 -7.79 -37.27 35.80
N SER QA 78 -8.49 -36.24 35.34
CA SER QA 78 -8.04 -35.49 34.17
C SER QA 78 -6.95 -34.47 34.49
N ALA QA 79 -6.93 -33.93 35.72
CA ALA QA 79 -5.98 -32.88 36.05
C ALA QA 79 -4.61 -33.41 36.47
N VAL QA 80 -4.50 -34.72 36.70
CA VAL QA 80 -3.25 -35.29 37.19
C VAL QA 80 -2.13 -35.09 36.17
N SER QA 81 -2.42 -35.36 34.90
CA SER QA 81 -1.39 -35.26 33.87
C SER QA 81 -0.92 -33.83 33.65
N ALA QA 82 -1.64 -32.84 34.17
CA ALA QA 82 -1.21 -31.46 34.07
C ALA QA 82 -0.47 -31.01 35.32
N VAL QA 83 -0.93 -31.46 36.49
CA VAL QA 83 -0.36 -30.95 37.73
C VAL QA 83 1.10 -31.32 37.87
N PHE QA 84 1.44 -32.60 37.64
CA PHE QA 84 2.84 -32.98 37.85
C PHE QA 84 3.73 -32.49 36.72
N HIS QA 85 3.20 -32.30 35.51
CA HIS QA 85 3.99 -31.68 34.46
C HIS QA 85 4.35 -30.24 34.81
N ASN QA 86 3.38 -29.48 35.32
CA ASN QA 86 3.67 -28.12 35.76
C ASN QA 86 4.63 -28.12 36.95
N LEU QA 87 4.46 -29.07 37.87
CA LEU QA 87 5.38 -29.18 39.00
C LEU QA 87 6.81 -29.45 38.54
N ALA QA 88 6.98 -30.36 37.57
CA ALA QA 88 8.30 -30.64 37.02
C ALA QA 88 8.87 -29.45 36.27
N CYS QA 89 8.03 -28.66 35.62
CA CYS QA 89 8.51 -27.44 35.00
C CYS QA 89 9.01 -26.45 36.04
N ARG QA 90 8.30 -26.34 37.17
CA ARG QA 90 8.69 -25.37 38.19
C ARG QA 90 9.89 -25.81 39.02
N ILE QA 91 10.08 -27.12 39.23
CA ILE QA 91 11.19 -27.59 40.05
C ILE QA 91 12.55 -27.39 39.39
N ALA QA 92 12.62 -27.41 38.06
CA ALA QA 92 13.91 -27.39 37.37
C ALA QA 92 14.84 -26.28 37.81
N PRO QA 93 14.40 -25.03 38.00
CA PRO QA 93 15.33 -24.00 38.50
C PRO QA 93 15.90 -24.27 39.89
N ASP QA 94 15.29 -25.16 40.68
CA ASP QA 94 15.86 -25.50 41.98
C ASP QA 94 17.25 -26.12 41.81
N TYR QA 95 17.38 -27.03 40.84
CA TYR QA 95 18.68 -27.48 40.38
C TYR QA 95 19.13 -26.57 39.24
N ALA QA 96 20.18 -26.97 38.53
CA ALA QA 96 20.60 -26.19 37.36
C ALA QA 96 19.96 -26.69 36.07
N LEU QA 97 19.09 -27.69 36.14
CA LEU QA 97 18.45 -28.22 34.95
C LEU QA 97 17.41 -27.25 34.40
N GLU QA 98 17.09 -27.43 33.12
CA GLU QA 98 16.02 -26.70 32.46
C GLU QA 98 15.11 -27.70 31.75
N ALA QA 99 13.81 -27.45 31.82
CA ALA QA 99 12.83 -28.41 31.31
C ALA QA 99 12.88 -28.50 29.80
N THR QA 100 12.65 -29.71 29.29
CA THR QA 100 12.59 -29.95 27.85
C THR QA 100 11.33 -29.28 27.28
N ALA QA 101 11.40 -28.92 25.99
CA ALA QA 101 10.29 -28.22 25.35
C ALA QA 101 9.02 -29.05 25.36
N LYS QA 102 9.15 -30.38 25.29
CA LYS QA 102 7.97 -31.24 25.32
C LYS QA 102 7.21 -31.09 26.63
N ILE QA 103 7.93 -30.99 27.74
CA ILE QA 103 7.29 -30.80 29.04
C ILE QA 103 6.54 -29.47 29.06
N ILE QA 104 7.14 -28.43 28.48
CA ILE QA 104 6.48 -27.12 28.46
C ILE QA 104 5.21 -27.17 27.64
N ALA QA 105 5.26 -27.81 26.48
CA ALA QA 105 4.06 -27.94 25.65
C ALA QA 105 2.98 -28.73 26.36
N THR QA 106 3.35 -29.82 27.04
CA THR QA 106 2.38 -30.62 27.77
C THR QA 106 1.77 -29.82 28.91
N ALA QA 107 2.56 -29.00 29.61
CA ALA QA 107 2.02 -28.17 30.68
C ALA QA 107 1.05 -27.14 30.13
N LYS QA 108 1.38 -26.52 29.00
CA LYS QA 108 0.45 -25.58 28.37
C LYS QA 108 -0.88 -26.26 28.04
N TYR QA 109 -0.80 -27.42 27.39
CA TYR QA 109 -2.01 -28.16 27.05
C TYR QA 109 -2.81 -28.51 28.29
N GLY QA 110 -2.13 -28.97 29.33
CA GLY QA 110 -2.82 -29.36 30.55
C GLY QA 110 -3.55 -28.21 31.22
N LYS QA 111 -2.90 -27.04 31.30
CA LYS QA 111 -3.56 -25.90 31.91
C LYS QA 111 -4.74 -25.43 31.06
N GLU QA 112 -4.58 -25.45 29.73
CA GLU QA 112 -5.68 -25.03 28.86
C GLU QA 112 -6.90 -25.91 29.05
N LEU QA 113 -6.72 -27.23 29.07
CA LEU QA 113 -7.85 -28.12 29.31
C LEU QA 113 -8.32 -28.08 30.77
N LEU QA 114 -7.46 -27.64 31.69
CA LEU QA 114 -7.91 -27.43 33.06
C LEU QA 114 -8.91 -26.29 33.12
N TYR QA 115 -8.67 -25.22 32.37
CA TYR QA 115 -9.52 -24.03 32.49
C TYR QA 115 -10.66 -23.99 31.48
N LYS QA 116 -10.65 -24.84 30.45
CA LYS QA 116 -11.65 -24.70 29.39
C LYS QA 116 -13.08 -24.93 29.88
N GLN QA 117 -13.28 -25.93 30.75
CA GLN QA 117 -14.64 -26.22 31.22
C GLN QA 117 -15.19 -25.10 32.08
N THR QA 118 -14.36 -24.56 32.98
CA THR QA 118 -14.78 -23.42 33.78
C THR QA 118 -15.05 -22.20 32.91
N ALA QA 119 -14.24 -21.99 31.87
CA ALA QA 119 -14.48 -20.88 30.96
C ALA QA 119 -15.81 -21.03 30.24
N ILE QA 120 -16.15 -22.25 29.82
CA ILE QA 120 -17.45 -22.49 29.22
C ILE QA 120 -18.57 -22.21 30.21
N SER QA 121 -18.43 -22.71 31.44
CA SER QA 121 -19.49 -22.56 32.43
C SER QA 121 -19.67 -21.13 32.91
N ARG QA 122 -18.64 -20.29 32.83
CA ARG QA 122 -18.70 -18.92 33.33
C ARG QA 122 -19.09 -17.90 32.28
N ALA QA 123 -19.35 -18.32 31.04
CA ALA QA 123 -19.75 -17.41 29.97
C ALA QA 123 -21.26 -17.28 29.99
N LYS QA 124 -21.75 -16.34 30.79
CA LYS QA 124 -23.18 -16.11 30.94
C LYS QA 124 -23.53 -14.71 30.45
N ARG QA 125 -24.76 -14.56 29.98
CA ARG QA 125 -25.24 -13.29 29.43
C ARG QA 125 -26.01 -12.51 30.48
N ALA QA 126 -25.75 -11.21 30.55
CA ALA QA 126 -26.39 -10.35 31.52
C ALA QA 126 -27.89 -10.19 31.20
N PRO QA 127 -28.72 -9.98 32.22
CA PRO QA 127 -30.16 -9.80 31.98
C PRO QA 127 -30.47 -8.50 31.28
N TYR QA 128 -31.76 -8.26 31.00
CA TYR QA 128 -32.17 -7.04 30.34
C TYR QA 128 -31.95 -5.83 31.25
N PRO QA 129 -31.67 -4.67 30.67
CA PRO QA 129 -31.51 -3.46 31.49
C PRO QA 129 -32.82 -3.08 32.18
N SER QA 130 -32.71 -2.13 33.11
CA SER QA 130 -33.87 -1.73 33.90
C SER QA 130 -34.91 -1.01 33.05
N ARG QA 131 -34.47 -0.13 32.16
CA ARG QA 131 -35.40 0.64 31.33
C ARG QA 131 -35.60 -0.01 29.97
N MET QA 132 -36.04 -1.26 30.01
CA MET QA 132 -36.42 -2.00 28.81
C MET QA 132 -37.88 -2.40 28.88
N PRO QA 133 -38.74 -1.86 28.02
CA PRO QA 133 -40.14 -2.27 28.04
C PRO QA 133 -40.32 -3.70 27.56
N THR QA 134 -41.34 -4.36 28.09
CA THR QA 134 -41.77 -5.64 27.54
C THR QA 134 -42.91 -5.39 26.56
N GLY QA 135 -42.77 -5.92 25.35
CA GLY QA 135 -43.72 -5.61 24.30
C GLY QA 135 -45.11 -6.11 24.59
N SER QA 136 -46.05 -5.64 23.77
CA SER QA 136 -47.45 -6.02 23.93
C SER QA 136 -47.74 -7.43 23.50
N GLY QA 137 -46.73 -8.23 23.17
CA GLY QA 137 -46.96 -9.60 22.76
C GLY QA 137 -46.92 -10.60 23.90
N ASN QA 138 -46.36 -10.18 25.04
CA ASN QA 138 -46.32 -11.06 26.20
C ASN QA 138 -47.72 -11.37 26.71
N SER QA 139 -48.57 -10.34 26.80
CA SER QA 139 -50.00 -10.42 27.07
C SER QA 139 -50.33 -10.91 28.47
N PHE QA 140 -49.35 -11.30 29.28
CA PHE QA 140 -49.58 -11.67 30.67
C PHE QA 140 -48.84 -10.74 31.62
N ALA QA 141 -47.53 -10.58 31.43
CA ALA QA 141 -46.79 -9.56 32.16
C ALA QA 141 -47.26 -8.17 31.80
N ASN QA 142 -47.83 -7.99 30.61
CA ASN QA 142 -48.40 -6.69 30.24
C ASN QA 142 -49.71 -6.44 30.98
N LEU QA 143 -50.50 -7.49 31.21
CA LEU QA 143 -51.75 -7.36 31.96
C LEU QA 143 -51.54 -7.32 33.47
N ASN QA 144 -50.38 -7.77 33.94
CA ASN QA 144 -50.06 -7.75 35.37
C ASN QA 144 -49.35 -6.47 35.80
N GLU QA 145 -49.50 -5.38 35.03
CA GLU QA 145 -48.83 -4.11 35.29
C GLU QA 145 -47.31 -4.24 35.31
N TRP QA 146 -46.80 -5.35 34.78
CA TRP QA 146 -45.37 -5.65 34.80
C TRP QA 146 -44.75 -5.27 33.46
N HIS QA 147 -44.78 -3.96 33.17
CA HIS QA 147 -44.43 -3.47 31.85
C HIS QA 147 -42.93 -3.52 31.58
N TYR QA 148 -42.12 -3.19 32.58
CA TYR QA 148 -40.67 -3.04 32.38
C TYR QA 148 -39.91 -4.16 33.07
N PHE QA 149 -38.74 -4.48 32.51
CA PHE QA 149 -37.90 -5.53 33.07
C PHE QA 149 -37.35 -5.09 34.42
N PRO QA 150 -37.11 -6.03 35.35
CA PRO QA 150 -36.61 -5.66 36.68
C PRO QA 150 -35.27 -4.95 36.63
N GLY QA 151 -34.39 -5.41 35.73
CA GLY QA 151 -33.04 -4.91 35.65
C GLY QA 151 -32.03 -5.92 36.14
N GLU QA 152 -30.76 -5.50 36.10
CA GLU QA 152 -29.69 -6.36 36.57
C GLU QA 152 -29.75 -6.57 38.08
N GLN QA 153 -30.43 -5.68 38.80
CA GLN QA 153 -30.57 -5.76 40.26
C GLN QA 153 -29.22 -5.83 40.95
N MET RA 1 1.29 -23.43 56.05
CA MET RA 1 1.74 -23.00 54.73
C MET RA 1 3.25 -23.20 54.66
N GLN RA 2 3.86 -23.39 55.83
CA GLN RA 2 5.28 -23.65 56.02
C GLN RA 2 6.17 -22.50 55.59
N ILE RA 3 5.59 -21.39 55.13
CA ILE RA 3 6.38 -20.22 54.71
C ILE RA 3 5.90 -19.02 55.52
N LYS RA 4 5.57 -19.27 56.79
CA LYS RA 4 4.92 -18.25 57.61
C LYS RA 4 5.79 -17.01 57.79
N THR RA 5 7.09 -17.18 58.02
CA THR RA 5 7.96 -16.09 58.40
C THR RA 5 8.70 -15.50 57.20
N LYS RA 6 9.24 -14.29 57.40
CA LYS RA 6 10.02 -13.65 56.34
C LYS RA 6 11.29 -14.43 56.03
N GLY RA 7 11.93 -14.99 57.06
CA GLY RA 7 13.08 -15.83 56.83
C GLY RA 7 12.76 -17.03 55.95
N ASP RA 8 11.53 -17.55 56.04
CA ASP RA 8 11.11 -18.60 55.14
C ASP RA 8 11.06 -18.10 53.70
N LEU RA 9 10.60 -16.87 53.48
CA LEU RA 9 10.63 -16.29 52.14
C LEU RA 9 12.06 -16.18 51.62
N VAL RA 10 12.98 -15.71 52.47
CA VAL RA 10 14.36 -15.56 52.05
C VAL RA 10 14.97 -16.92 51.71
N ARG RA 11 14.71 -17.93 52.55
CA ARG RA 11 15.27 -19.25 52.30
C ARG RA 11 14.66 -19.89 51.06
N ALA RA 12 13.37 -19.66 50.80
CA ALA RA 12 12.76 -20.16 49.58
C ALA RA 12 13.38 -19.51 48.36
N ALA RA 13 13.63 -18.19 48.42
CA ALA RA 13 14.27 -17.51 47.31
C ALA RA 13 15.67 -18.06 47.07
N LEU RA 14 16.43 -18.27 48.15
CA LEU RA 14 17.79 -18.82 48.01
C LEU RA 14 17.76 -20.23 47.44
N ARG RA 15 16.81 -21.05 47.87
CA ARG RA 15 16.68 -22.40 47.31
C ARG RA 15 16.34 -22.35 45.83
N LYS RA 16 15.42 -21.46 45.45
CA LYS RA 16 15.06 -21.33 44.03
C LYS RA 16 16.25 -20.89 43.19
N LEU RA 17 17.08 -20.00 43.74
CA LEU RA 17 18.29 -19.60 43.04
C LEU RA 17 19.34 -20.70 43.03
N GLY RA 18 19.23 -21.68 43.92
CA GLY RA 18 20.21 -22.75 44.00
C GLY RA 18 21.40 -22.45 44.88
N VAL RA 19 21.43 -21.29 45.53
CA VAL RA 19 22.59 -20.92 46.35
C VAL RA 19 22.69 -21.82 47.58
N ALA RA 20 21.58 -22.00 48.29
CA ALA RA 20 21.59 -22.79 49.51
C ALA RA 20 20.18 -23.25 49.85
N SER RA 21 20.07 -24.43 50.45
CA SER RA 21 18.80 -25.00 50.89
C SER RA 21 19.10 -25.84 52.13
N ASP RA 22 18.17 -26.71 52.50
CA ASP RA 22 18.37 -27.62 53.62
C ASP RA 22 19.25 -28.80 53.26
N ALA RA 23 19.30 -29.21 51.99
CA ALA RA 23 20.08 -30.36 51.58
C ALA RA 23 21.47 -30.00 51.06
N THR RA 24 21.93 -28.76 51.25
CA THR RA 24 23.21 -28.33 50.70
C THR RA 24 24.28 -28.41 51.78
N LEU RA 25 25.52 -28.65 51.33
CA LEU RA 25 26.64 -28.81 52.24
C LEU RA 25 27.14 -27.50 52.79
N THR RA 26 27.16 -26.43 52.00
CA THR RA 26 27.57 -25.13 52.51
C THR RA 26 26.36 -24.21 52.65
N ASP RA 27 26.43 -23.28 53.60
CA ASP RA 27 25.30 -22.44 53.93
C ASP RA 27 25.72 -20.98 53.91
N VAL RA 28 24.72 -20.11 53.91
CA VAL RA 28 24.93 -18.68 53.78
C VAL RA 28 25.04 -18.05 55.18
N GLU RA 29 25.91 -17.07 55.29
CA GLU RA 29 26.23 -16.39 56.53
C GLU RA 29 25.10 -15.44 56.93
N PRO RA 30 24.78 -15.32 58.22
CA PRO RA 30 23.56 -14.59 58.62
C PRO RA 30 23.48 -13.14 58.15
N GLN RA 31 24.62 -12.45 58.00
CA GLN RA 31 24.57 -11.07 57.52
C GLN RA 31 23.96 -11.00 56.13
N SER RA 32 24.19 -12.01 55.30
CA SER RA 32 23.55 -12.03 53.98
C SER RA 32 22.05 -12.22 54.11
N MET RA 33 21.60 -13.00 55.09
CA MET RA 33 20.17 -13.13 55.35
C MET RA 33 19.58 -11.79 55.78
N GLN RA 34 20.30 -11.05 56.63
CA GLN RA 34 19.85 -9.73 57.03
C GLN RA 34 19.74 -8.78 55.83
N ASP RA 35 20.75 -8.82 54.95
CA ASP RA 35 20.70 -7.98 53.75
C ASP RA 35 19.52 -8.37 52.86
N ALA RA 36 19.28 -9.67 52.70
CA ALA RA 36 18.20 -10.12 51.84
C ALA RA 36 16.84 -9.72 52.41
N VAL RA 37 16.66 -9.83 53.73
CA VAL RA 37 15.37 -9.44 54.30
C VAL RA 37 15.19 -7.92 54.25
N ASP RA 38 16.29 -7.16 54.37
CA ASP RA 38 16.19 -5.72 54.17
C ASP RA 38 15.77 -5.39 52.74
N ASP RA 39 16.33 -6.11 51.76
CA ASP RA 39 15.94 -5.91 50.38
C ASP RA 39 14.49 -6.28 50.14
N LEU RA 40 14.01 -7.36 50.78
CA LEU RA 40 12.61 -7.71 50.71
C LEU RA 40 11.72 -6.61 51.26
N GLU RA 41 12.11 -6.04 52.40
CA GLU RA 41 11.32 -4.95 52.99
C GLU RA 41 11.29 -3.74 52.05
N ALA RA 42 12.45 -3.40 51.46
CA ALA RA 42 12.49 -2.27 50.54
C ALA RA 42 11.62 -2.51 49.31
N MET RA 43 11.69 -3.72 48.75
CA MET RA 43 10.89 -4.03 47.56
C MET RA 43 9.40 -3.99 47.88
N MET RA 44 9.00 -4.52 49.03
CA MET RA 44 7.60 -4.49 49.40
C MET RA 44 7.12 -3.07 49.68
N ALA RA 45 7.99 -2.24 50.26
CA ALA RA 45 7.64 -0.82 50.43
C ALA RA 45 7.47 -0.13 49.09
N GLU RA 46 8.16 -0.51 48.05
CA GLU RA 46 8.05 0.19 46.77
C GLU RA 46 6.82 -0.13 45.97
N TRP RA 47 6.18 -1.26 46.24
CA TRP RA 47 5.02 -1.68 45.49
C TRP RA 47 3.76 -1.14 46.09
N TYR RA 48 3.77 -0.83 47.37
CA TYR RA 48 2.59 -0.36 48.05
C TYR RA 48 2.34 1.08 47.69
N GLN RA 49 3.40 1.85 47.58
CA GLN RA 49 3.27 3.24 47.24
C GLN RA 49 2.37 3.94 48.23
N ASP RA 50 2.28 3.41 49.43
CA ASP RA 50 1.49 4.01 50.50
C ASP RA 50 -0.01 3.93 50.32
N GLY RA 51 -0.50 2.80 49.85
CA GLY RA 51 -1.93 2.61 49.72
C GLY RA 51 -2.40 2.75 48.33
N LYS RA 52 -1.61 3.40 47.50
CA LYS RA 52 -2.01 3.64 46.14
C LYS RA 52 -1.60 2.54 45.24
N GLY RA 53 -0.51 1.87 45.55
CA GLY RA 53 -0.01 0.87 44.66
C GLY RA 53 -0.57 -0.49 44.95
N ILE RA 54 0.21 -1.51 44.65
CA ILE RA 54 -0.31 -2.85 44.84
C ILE RA 54 -0.65 -3.05 46.32
N ILE RA 55 -1.86 -3.52 46.59
CA ILE RA 55 -2.32 -3.74 47.95
C ILE RA 55 -2.36 -5.24 48.21
N THR RA 56 -1.59 -5.67 49.21
CA THR RA 56 -1.59 -7.04 49.69
C THR RA 56 -1.38 -7.04 51.19
N GLY RA 57 -1.85 -8.09 51.85
CA GLY RA 57 -1.65 -8.22 53.28
C GLY RA 57 -0.18 -8.28 53.63
N TYR RA 58 0.35 -7.22 54.25
CA TYR RA 58 1.75 -7.19 54.61
C TYR RA 58 1.94 -6.25 55.79
N VAL RA 59 2.73 -6.68 56.76
CA VAL RA 59 3.00 -5.89 57.97
C VAL RA 59 4.48 -5.57 58.01
N PHE RA 60 4.81 -4.30 58.12
CA PHE RA 60 6.20 -3.92 58.14
C PHE RA 60 6.73 -3.99 59.54
N SER RA 61 7.95 -4.46 59.71
CA SER RA 61 8.51 -4.65 61.04
C SER RA 61 8.63 -3.35 61.83
N ASP RA 62 8.63 -3.43 63.16
CA ASP RA 62 8.61 -2.22 64.00
C ASP RA 62 9.94 -1.61 64.46
N ASP RA 63 10.96 -2.42 64.68
CA ASP RA 63 12.27 -1.94 65.18
C ASP RA 63 12.30 -1.99 66.68
N GLU RA 64 11.14 -2.00 67.30
CA GLU RA 64 11.08 -2.17 68.73
C GLU RA 64 11.30 -3.63 68.91
N ASN RA 65 10.89 -4.43 67.93
CA ASN RA 65 11.29 -5.83 68.04
C ASN RA 65 12.56 -6.03 67.23
N PRO RA 66 13.64 -6.50 67.85
CA PRO RA 66 14.95 -6.53 67.16
C PRO RA 66 14.92 -7.37 65.88
N PRO RA 67 14.57 -8.67 65.94
CA PRO RA 67 14.77 -9.51 64.75
C PRO RA 67 13.61 -9.38 63.79
N ALA RA 68 13.90 -8.83 62.61
CA ALA RA 68 12.89 -8.70 61.56
C ALA RA 68 12.70 -9.98 60.76
N GLU RA 69 13.58 -10.97 60.92
CA GLU RA 69 13.42 -12.24 60.24
C GLU RA 69 12.33 -13.09 60.87
N GLY RA 70 12.22 -13.07 62.19
CA GLY RA 70 11.33 -13.97 62.89
C GLY RA 70 9.86 -13.63 62.83
N ASP RA 71 9.53 -12.34 62.75
CA ASP RA 71 8.12 -11.94 62.82
C ASP RA 71 7.38 -12.37 61.56
N ASP RA 72 6.09 -12.68 61.74
CA ASP RA 72 5.28 -13.25 60.68
C ASP RA 72 4.79 -12.14 59.73
N HIS RA 73 4.52 -12.54 58.49
CA HIS RA 73 4.06 -11.65 57.45
C HIS RA 73 2.61 -11.96 57.10
N GLY RA 74 1.78 -10.93 56.99
CA GLY RA 74 0.36 -11.12 56.77
C GLY RA 74 -0.01 -11.49 55.34
N LEU RA 75 0.94 -12.02 54.58
CA LEU RA 75 0.68 -12.41 53.21
C LEU RA 75 -0.39 -13.50 53.15
N ARG RA 76 -1.37 -13.31 52.27
CA ARG RA 76 -2.31 -14.38 52.02
C ARG RA 76 -1.65 -15.49 51.22
N SER RA 77 -2.25 -16.68 51.26
CA SER RA 77 -1.60 -17.87 50.74
C SER RA 77 -1.31 -17.77 49.25
N SER RA 78 -2.11 -16.98 48.51
CA SER RA 78 -1.92 -16.87 47.07
C SER RA 78 -0.73 -15.98 46.69
N ALA RA 79 -0.37 -15.02 47.52
CA ALA RA 79 0.70 -14.08 47.18
C ALA RA 79 2.09 -14.65 47.41
N VAL RA 80 2.21 -15.75 48.16
CA VAL RA 80 3.52 -16.27 48.52
C VAL RA 80 4.27 -16.72 47.28
N SER RA 81 3.59 -17.42 46.37
CA SER RA 81 4.25 -17.94 45.18
C SER RA 81 4.79 -16.83 44.28
N ALA RA 82 4.35 -15.60 44.47
CA ALA RA 82 4.87 -14.47 43.70
C ALA RA 82 5.95 -13.72 44.46
N VAL RA 83 5.78 -13.56 45.76
CA VAL RA 83 6.68 -12.69 46.52
C VAL RA 83 8.09 -13.25 46.55
N PHE RA 84 8.24 -14.55 46.87
CA PHE RA 84 9.61 -15.06 46.97
C PHE RA 84 10.23 -15.28 45.60
N HIS RA 85 9.42 -15.48 44.55
CA HIS RA 85 9.97 -15.52 43.20
C HIS RA 85 10.54 -14.16 42.80
N ASN RA 86 9.81 -13.09 43.10
CA ASN RA 86 10.33 -11.75 42.82
C ASN RA 86 11.56 -11.45 43.68
N LEU RA 87 11.55 -11.90 44.93
CA LEU RA 87 12.71 -11.71 45.79
C LEU RA 87 13.94 -12.42 45.24
N ALA RA 88 13.76 -13.66 44.76
CA ALA RA 88 14.85 -14.39 44.14
C ALA RA 88 15.34 -13.74 42.86
N CYS RA 89 14.43 -13.15 42.08
CA CYS RA 89 14.86 -12.40 40.90
C CYS RA 89 15.70 -11.20 41.29
N ARG RA 90 15.31 -10.50 42.36
CA ARG RA 90 16.05 -9.30 42.77
C ARG RA 90 17.38 -9.62 43.46
N ILE RA 91 17.49 -10.75 44.14
CA ILE RA 91 18.73 -11.08 44.85
C ILE RA 91 19.84 -11.53 43.90
N ALA RA 92 19.50 -11.97 42.68
CA ALA RA 92 20.51 -12.50 41.78
C ALA RA 92 21.68 -11.56 41.54
N PRO RA 93 21.50 -10.25 41.31
CA PRO RA 93 22.67 -9.38 41.15
C PRO RA 93 23.54 -9.27 42.39
N ASP RA 94 23.00 -9.59 43.58
CA ASP RA 94 23.83 -9.55 44.79
C ASP RA 94 24.97 -10.55 44.69
N TYR RA 95 24.68 -11.74 44.17
CA TYR RA 95 25.70 -12.73 43.86
C TYR RA 95 26.15 -12.51 42.41
N ALA RA 96 26.88 -13.46 41.86
CA ALA RA 96 27.21 -13.40 40.43
C ALA RA 96 26.18 -14.08 39.56
N LEU RA 97 25.10 -14.59 40.15
CA LEU RA 97 24.12 -15.38 39.41
C LEU RA 97 23.21 -14.50 38.57
N GLU RA 98 22.48 -15.15 37.67
CA GLU RA 98 21.41 -14.54 36.90
C GLU RA 98 20.20 -15.46 36.90
N ALA RA 99 19.02 -14.89 37.13
CA ALA RA 99 17.82 -15.70 37.28
C ALA RA 99 17.45 -16.39 35.97
N THR RA 100 17.02 -17.65 36.08
CA THR RA 100 16.57 -18.42 34.93
C THR RA 100 15.27 -17.81 34.38
N ALA RA 101 15.06 -17.99 33.07
CA ALA RA 101 13.89 -17.41 32.41
C ALA RA 101 12.59 -17.89 33.04
N LYS RA 102 12.58 -19.13 33.55
CA LYS RA 102 11.38 -19.64 34.21
C LYS RA 102 11.02 -18.80 35.43
N ILE RA 103 12.03 -18.41 36.21
CA ILE RA 103 11.77 -17.59 37.39
C ILE RA 103 11.21 -16.22 36.98
N ILE RA 104 11.73 -15.66 35.89
CA ILE RA 104 11.23 -14.37 35.42
C ILE RA 104 9.77 -14.47 34.98
N ALA RA 105 9.44 -15.53 34.24
CA ALA RA 105 8.06 -15.72 33.81
C ALA RA 105 7.13 -15.93 35.00
N THR RA 106 7.58 -16.71 35.99
CA THR RA 106 6.77 -16.93 37.19
C THR RA 106 6.56 -15.62 37.96
N ALA RA 107 7.58 -14.79 38.06
CA ALA RA 107 7.43 -13.50 38.74
C ALA RA 107 6.45 -12.60 38.00
N LYS RA 108 6.53 -12.56 36.67
CA LYS RA 108 5.57 -11.79 35.89
C LYS RA 108 4.15 -12.25 36.14
N TYR RA 109 3.92 -13.58 36.04
CA TYR RA 109 2.60 -14.13 36.28
C TYR RA 109 2.11 -13.79 37.70
N GLY RA 110 3.00 -13.91 38.68
CA GLY RA 110 2.61 -13.65 40.05
C GLY RA 110 2.20 -12.21 40.29
N LYS RA 111 2.98 -11.26 39.76
CA LYS RA 111 2.60 -9.86 39.94
C LYS RA 111 1.30 -9.53 39.22
N GLU RA 112 1.11 -10.10 38.03
CA GLU RA 112 -0.15 -9.88 37.32
C GLU RA 112 -1.33 -10.37 38.15
N LEU RA 113 -1.20 -11.57 38.74
CA LEU RA 113 -2.29 -12.09 39.58
C LEU RA 113 -2.45 -11.28 40.85
N LEU RA 114 -1.37 -10.71 41.39
CA LEU RA 114 -1.50 -9.85 42.55
C LEU RA 114 -2.34 -8.61 42.24
N TYR RA 115 -2.12 -8.01 41.08
CA TYR RA 115 -2.78 -6.75 40.79
C TYR RA 115 -4.12 -6.89 40.10
N LYS RA 116 -4.47 -8.08 39.57
CA LYS RA 116 -5.70 -8.17 38.80
C LYS RA 116 -6.95 -7.92 39.64
N GLN RA 117 -6.98 -8.41 40.88
CA GLN RA 117 -8.17 -8.23 41.71
C GLN RA 117 -8.38 -6.76 42.07
N THR RA 118 -7.30 -6.08 42.44
CA THR RA 118 -7.40 -4.65 42.72
C THR RA 118 -7.77 -3.86 41.48
N ALA RA 119 -7.26 -4.26 40.30
CA ALA RA 119 -7.65 -3.59 39.07
C ALA RA 119 -9.13 -3.73 38.81
N ILE RA 120 -9.69 -4.93 39.04
CA ILE RA 120 -11.12 -5.12 38.88
C ILE RA 120 -11.89 -4.26 39.88
N SER RA 121 -11.45 -4.25 41.14
CA SER RA 121 -12.17 -3.53 42.18
C SER RA 121 -12.10 -2.02 42.03
N ARG RA 122 -11.07 -1.49 41.36
CA ARG RA 122 -10.90 -0.05 41.23
C ARG RA 122 -11.45 0.51 39.93
N ALA RA 123 -12.04 -0.32 39.07
CA ALA RA 123 -12.60 0.15 37.80
C ALA RA 123 -14.02 0.61 38.06
N LYS RA 124 -14.17 1.87 38.47
CA LYS RA 124 -15.46 2.45 38.80
C LYS RA 124 -15.78 3.60 37.85
N ARG RA 125 -17.06 3.81 37.62
CA ARG RA 125 -17.54 4.84 36.71
C ARG RA 125 -17.97 6.07 37.50
N ALA RA 126 -17.53 7.25 37.02
CA ALA RA 126 -17.80 8.50 37.70
C ALA RA 126 -19.28 8.86 37.63
N PRO RA 127 -19.77 9.63 38.60
CA PRO RA 127 -21.20 10.02 38.58
C PRO RA 127 -21.54 10.96 37.43
N TYR RA 128 -22.81 11.32 37.33
CA TYR RA 128 -23.26 12.20 36.26
C TYR RA 128 -22.69 13.60 36.45
N PRO RA 129 -22.51 14.35 35.36
CA PRO RA 129 -22.03 15.73 35.48
C PRO RA 129 -23.07 16.60 36.15
N SER RA 130 -22.60 17.76 36.63
CA SER RA 130 -23.47 18.65 37.40
C SER RA 130 -24.61 19.20 36.55
N ARG RA 131 -24.33 19.59 35.32
CA ARG RA 131 -25.34 20.18 34.44
C ARG RA 131 -25.97 19.12 33.54
N MET RA 132 -26.53 18.09 34.17
CA MET RA 132 -27.22 17.03 33.45
C MET RA 132 -28.64 16.90 33.99
N PRO RA 133 -29.66 17.30 33.23
CA PRO RA 133 -31.03 17.22 33.75
C PRO RA 133 -31.47 15.78 33.91
N THR RA 134 -32.40 15.57 34.86
CA THR RA 134 -33.09 14.30 34.97
C THR RA 134 -34.44 14.41 34.26
N GLY RA 135 -34.73 13.44 33.40
CA GLY RA 135 -35.91 13.54 32.56
C GLY RA 135 -37.20 13.47 33.34
N SER RA 136 -38.30 13.66 32.61
CA SER RA 136 -39.64 13.65 33.17
C SER RA 136 -40.14 12.25 33.48
N GLY RA 137 -39.29 11.22 33.45
CA GLY RA 137 -39.74 9.87 33.69
C GLY RA 137 -39.52 9.40 35.12
N ASN RA 138 -38.67 10.10 35.86
CA ASN RA 138 -38.43 9.74 37.25
C ASN RA 138 -39.68 9.93 38.09
N SER RA 139 -40.39 11.04 37.89
CA SER RA 139 -41.69 11.38 38.47
C SER RA 139 -41.65 11.60 39.98
N PHE RA 140 -40.54 11.30 40.65
CA PHE RA 140 -40.41 11.57 42.07
C PHE RA 140 -39.31 12.59 42.35
N ALA RA 141 -38.09 12.34 41.89
CA ALA RA 141 -37.05 13.35 41.96
C ALA RA 141 -37.40 14.57 41.14
N ASN RA 142 -38.23 14.42 40.12
CA ASN RA 142 -38.71 15.57 39.37
C ASN RA 142 -39.72 16.38 40.17
N LEU RA 143 -40.54 15.71 40.99
CA LEU RA 143 -41.53 16.39 41.80
C LEU RA 143 -40.97 16.91 43.11
N ASN RA 144 -39.75 16.51 43.49
CA ASN RA 144 -39.10 17.02 44.68
C ASN RA 144 -38.18 18.20 44.40
N GLU RA 145 -38.43 18.95 43.32
CA GLU RA 145 -37.68 20.16 42.98
C GLU RA 145 -36.22 19.87 42.65
N TRP RA 146 -35.82 18.60 42.65
CA TRP RA 146 -34.44 18.22 42.39
C TRP RA 146 -34.29 17.75 40.94
N HIS RA 147 -34.36 18.73 40.04
CA HIS RA 147 -34.41 18.44 38.61
C HIS RA 147 -33.07 17.99 38.05
N TYR RA 148 -31.97 18.54 38.55
CA TYR RA 148 -30.65 18.29 38.01
C TYR RA 148 -29.84 17.37 38.93
N PHE RA 149 -28.89 16.64 38.34
CA PHE RA 149 -28.04 15.76 39.11
C PHE RA 149 -27.14 16.58 40.03
N PRO RA 150 -26.72 16.01 41.18
CA PRO RA 150 -25.98 16.81 42.16
C PRO RA 150 -24.61 17.21 41.67
N GLY RA 151 -23.85 16.25 41.14
CA GLY RA 151 -22.51 16.50 40.66
C GLY RA 151 -21.51 15.53 41.26
N GLU RA 152 -20.29 15.61 40.73
CA GLU RA 152 -19.21 14.79 41.25
C GLU RA 152 -18.83 15.17 42.68
N GLN RA 153 -18.90 16.46 43.01
CA GLN RA 153 -18.63 16.97 44.35
C GLN RA 153 -17.25 16.55 44.84
N THR SA 2 66.30 -39.15 -72.72
CA THR SA 2 67.67 -39.56 -72.50
C THR SA 2 68.10 -39.28 -71.06
N ASP SA 3 69.35 -39.61 -70.74
CA ASP SA 3 69.93 -39.38 -69.41
C ASP SA 3 71.16 -38.50 -69.57
N ILE SA 4 70.95 -37.18 -69.56
CA ILE SA 4 72.06 -36.25 -69.65
C ILE SA 4 72.66 -36.04 -68.27
N THR SA 5 73.90 -35.55 -68.24
CA THR SA 5 74.56 -35.27 -66.97
C THR SA 5 73.85 -34.13 -66.25
N ALA SA 6 73.77 -34.24 -64.93
CA ALA SA 6 73.13 -33.24 -64.09
C ALA SA 6 74.21 -32.56 -63.26
N ASN SA 7 74.27 -31.22 -63.35
CA ASN SA 7 75.30 -30.46 -62.65
C ASN SA 7 74.75 -29.47 -61.63
N VAL SA 8 73.75 -28.65 -61.99
CA VAL SA 8 73.21 -27.64 -61.10
C VAL SA 8 71.69 -27.72 -61.13
N VAL SA 9 71.07 -27.32 -60.02
CA VAL SA 9 69.62 -27.30 -59.89
C VAL SA 9 69.19 -25.87 -59.61
N VAL SA 10 68.04 -25.48 -60.16
CA VAL SA 10 67.52 -24.13 -59.94
C VAL SA 10 67.02 -24.04 -58.50
N SER SA 11 67.50 -23.03 -57.77
CA SER SA 11 67.13 -22.85 -56.37
C SER SA 11 67.20 -21.37 -56.01
N ASN SA 12 66.48 -21.01 -54.95
CA ASN SA 12 66.50 -19.64 -54.45
C ASN SA 12 67.68 -19.45 -53.50
N PRO SA 13 68.59 -18.53 -53.78
CA PRO SA 13 69.79 -18.35 -52.94
C PRO SA 13 69.65 -17.32 -51.83
N ARG SA 14 68.43 -16.84 -51.54
CA ARG SA 14 68.28 -15.83 -50.50
C ARG SA 14 67.45 -16.37 -49.34
N PRO SA 15 67.89 -16.17 -48.10
CA PRO SA 15 67.15 -16.66 -46.94
C PRO SA 15 66.18 -15.63 -46.39
N ILE SA 16 65.07 -16.15 -45.85
CA ILE SA 16 64.01 -15.33 -45.27
C ILE SA 16 63.93 -15.62 -43.78
N PHE SA 17 63.89 -14.57 -42.98
CA PHE SA 17 63.79 -14.69 -41.52
C PHE SA 17 62.38 -14.30 -41.09
N THR SA 18 61.61 -15.28 -40.64
CA THR SA 18 60.23 -15.06 -40.24
C THR SA 18 60.07 -15.27 -38.75
N GLU SA 19 59.14 -14.52 -38.16
CA GLU SA 19 58.89 -14.59 -36.74
C GLU SA 19 58.32 -15.94 -36.34
N SER SA 20 58.72 -16.41 -35.17
CA SER SA 20 58.21 -17.66 -34.60
C SER SA 20 56.81 -17.43 -34.06
N ARG SA 21 56.03 -18.50 -34.00
CA ARG SA 21 54.64 -18.57 -33.54
C ARG SA 21 53.68 -17.94 -34.55
N SER SA 22 54.16 -17.45 -35.69
CA SER SA 22 53.31 -16.85 -36.70
C SER SA 22 53.99 -16.98 -38.05
N PHE SA 23 53.31 -16.47 -39.09
CA PHE SA 23 53.89 -16.51 -40.43
C PHE SA 23 54.13 -15.09 -40.93
N LYS SA 24 54.62 -14.21 -40.06
CA LYS SA 24 54.97 -12.85 -40.43
C LYS SA 24 56.49 -12.76 -40.53
N ALA SA 25 56.95 -11.74 -41.25
CA ALA SA 25 58.37 -11.50 -41.46
C ALA SA 25 58.83 -10.39 -40.51
N VAL SA 26 60.00 -10.59 -39.92
CA VAL SA 26 60.58 -9.60 -39.02
C VAL SA 26 60.79 -8.31 -39.81
N ALA SA 27 60.14 -7.23 -39.37
CA ALA SA 27 60.11 -6.02 -40.18
C ALA SA 27 61.49 -5.37 -40.30
N ASN SA 28 62.06 -4.92 -39.18
CA ASN SA 28 63.38 -4.32 -39.18
C ASN SA 28 64.14 -4.72 -37.92
N GLY SA 29 64.15 -6.01 -37.62
CA GLY SA 29 64.91 -6.53 -36.51
C GLY SA 29 66.40 -6.57 -36.81
N LYS SA 30 67.16 -7.06 -35.84
CA LYS SA 30 68.61 -7.12 -35.94
C LYS SA 30 69.08 -8.52 -35.63
N ILE SA 31 70.12 -8.97 -36.33
CA ILE SA 31 70.71 -10.29 -36.13
C ILE SA 31 72.11 -10.10 -35.59
N TYR SA 32 72.40 -10.71 -34.45
CA TYR SA 32 73.70 -10.63 -33.81
C TYR SA 32 74.41 -11.97 -33.98
N ILE SA 33 75.66 -11.94 -34.41
CA ILE SA 33 76.46 -13.13 -34.65
C ILE SA 33 77.58 -13.18 -33.64
N GLY SA 34 77.65 -14.26 -32.87
CA GLY SA 34 78.65 -14.41 -31.84
C GLY SA 34 79.21 -15.81 -31.76
N GLN SA 35 79.94 -16.11 -30.68
CA GLN SA 35 80.52 -17.43 -30.53
C GLN SA 35 79.44 -18.43 -30.13
N ILE SA 36 79.88 -19.67 -29.87
CA ILE SA 36 78.96 -20.81 -29.90
C ILE SA 36 77.91 -20.70 -28.79
N ASP SA 37 78.34 -20.72 -27.54
CA ASP SA 37 77.40 -20.72 -26.42
C ASP SA 37 77.32 -19.38 -25.71
N THR SA 38 77.93 -18.35 -26.27
CA THR SA 38 78.01 -17.04 -25.63
C THR SA 38 76.78 -16.21 -25.95
N ASP SA 39 76.76 -14.99 -25.40
CA ASP SA 39 75.71 -14.03 -25.70
C ASP SA 39 76.19 -13.08 -26.78
N PRO SA 40 75.60 -13.10 -27.98
CA PRO SA 40 76.15 -12.31 -29.08
C PRO SA 40 76.06 -10.81 -28.89
N VAL SA 41 75.29 -10.32 -27.91
CA VAL SA 41 75.02 -8.89 -27.81
C VAL SA 41 76.29 -8.12 -27.50
N ASN SA 42 77.09 -8.59 -26.55
CA ASN SA 42 78.26 -7.82 -26.13
C ASN SA 42 79.34 -7.84 -27.22
N PRO SA 43 80.11 -6.76 -27.35
CA PRO SA 43 81.13 -6.72 -28.41
C PRO SA 43 82.21 -7.78 -28.27
N ALA SA 44 82.44 -8.28 -27.06
CA ALA SA 44 83.54 -9.24 -26.86
C ALA SA 44 83.27 -10.54 -27.59
N ASN SA 45 82.02 -10.99 -27.63
CA ASN SA 45 81.70 -12.31 -28.17
C ASN SA 45 81.43 -12.30 -29.66
N GLN SA 46 81.37 -11.13 -30.30
CA GLN SA 46 81.04 -11.07 -31.72
C GLN SA 46 82.22 -11.49 -32.57
N ILE SA 47 81.93 -11.95 -33.78
CA ILE SA 47 82.96 -12.42 -34.71
C ILE SA 47 82.87 -11.62 -35.99
N PRO SA 48 83.95 -11.50 -36.77
CA PRO SA 48 83.90 -10.70 -38.00
C PRO SA 48 82.89 -11.26 -39.00
N VAL SA 49 82.22 -10.34 -39.71
CA VAL SA 49 81.18 -10.68 -40.68
C VAL SA 49 81.54 -10.02 -42.01
N TYR SA 50 81.49 -10.80 -43.08
CA TYR SA 50 81.97 -10.37 -44.39
C TYR SA 50 80.85 -10.42 -45.42
N ILE SA 51 80.73 -9.37 -46.21
CA ILE SA 51 79.90 -9.39 -47.40
C ILE SA 51 80.58 -10.25 -48.46
N GLU SA 52 79.78 -10.91 -49.29
CA GLU SA 52 80.27 -11.62 -50.47
C GLU SA 52 79.63 -10.99 -51.70
N ASN SA 53 80.42 -10.22 -52.44
CA ASN SA 53 79.93 -9.53 -53.62
C ASN SA 53 79.67 -10.51 -54.76
N GLU SA 54 79.17 -9.98 -55.88
CA GLU SA 54 78.93 -10.82 -57.05
C GLU SA 54 80.23 -11.45 -57.54
N ASP SA 55 81.25 -10.63 -57.77
CA ASP SA 55 82.60 -11.15 -57.98
C ASP SA 55 83.22 -11.46 -56.63
N GLY SA 56 84.12 -12.44 -56.61
CA GLY SA 56 84.72 -12.85 -55.35
C GLY SA 56 85.46 -11.74 -54.63
N SER SA 57 84.86 -11.23 -53.56
CA SER SA 57 85.45 -10.18 -52.75
C SER SA 57 84.67 -10.10 -51.45
N HIS SA 58 85.33 -9.54 -50.42
CA HIS SA 58 84.74 -9.46 -49.10
C HIS SA 58 84.95 -8.07 -48.52
N VAL SA 59 83.88 -7.50 -47.96
CA VAL SA 59 83.91 -6.21 -47.30
C VAL SA 59 83.37 -6.39 -45.89
N GLN SA 60 84.14 -5.93 -44.89
CA GLN SA 60 83.70 -6.04 -43.50
C GLN SA 60 82.61 -5.01 -43.21
N ILE SA 61 81.67 -5.40 -42.35
CA ILE SA 61 80.59 -4.53 -41.93
C ILE SA 61 80.38 -4.69 -40.43
N THR SA 62 79.65 -3.73 -39.86
CA THR SA 62 79.32 -3.78 -38.44
C THR SA 62 78.41 -4.98 -38.15
N GLN SA 63 78.52 -5.48 -36.91
CA GLN SA 63 77.83 -6.72 -36.57
C GLN SA 63 76.30 -6.65 -36.66
N PRO SA 64 75.61 -5.64 -36.12
CA PRO SA 64 74.14 -5.63 -36.23
C PRO SA 64 73.70 -5.55 -37.68
N LEU SA 65 72.91 -6.53 -38.11
CA LEU SA 65 72.46 -6.65 -39.49
C LEU SA 65 70.98 -6.29 -39.57
N ILE SA 66 70.66 -5.34 -40.44
CA ILE SA 66 69.29 -4.85 -40.60
C ILE SA 66 68.50 -5.83 -41.46
N ILE SA 67 67.19 -5.82 -41.33
CA ILE SA 67 66.30 -6.69 -42.11
C ILE SA 67 65.22 -5.82 -42.73
N ASN SA 68 64.91 -6.06 -44.01
CA ASN SA 68 63.85 -5.30 -44.67
C ASN SA 68 62.49 -5.95 -44.39
N ALA SA 69 61.46 -5.41 -45.07
CA ALA SA 69 60.10 -5.88 -44.82
C ALA SA 69 59.92 -7.33 -45.24
N ALA SA 70 60.56 -7.74 -46.33
CA ALA SA 70 60.38 -9.09 -46.85
C ALA SA 70 60.96 -10.14 -45.91
N GLY SA 71 61.92 -9.75 -45.08
CA GLY SA 71 62.54 -10.68 -44.17
C GLY SA 71 63.94 -11.06 -44.58
N LYS SA 72 64.46 -10.40 -45.60
CA LYS SA 72 65.81 -10.62 -46.10
C LYS SA 72 66.72 -9.51 -45.61
N ILE SA 73 67.98 -9.87 -45.31
CA ILE SA 73 68.93 -8.87 -44.85
C ILE SA 73 69.16 -7.85 -45.94
N VAL SA 74 69.04 -6.57 -45.60
CA VAL SA 74 68.85 -5.50 -46.56
C VAL SA 74 70.14 -4.71 -46.82
N TYR SA 75 70.86 -4.34 -45.76
CA TYR SA 75 71.94 -3.37 -45.88
C TYR SA 75 71.42 -2.13 -46.60
N ASN SA 76 72.06 -1.70 -47.68
CA ASN SA 76 71.34 -0.70 -48.51
C ASN SA 76 70.35 -1.29 -49.59
N GLY SA 77 70.85 -2.16 -50.48
CA GLY SA 77 70.07 -3.10 -51.27
C GLY SA 77 70.45 -4.50 -50.87
N GLN SA 78 69.73 -5.49 -51.33
CA GLN SA 78 69.73 -6.82 -50.74
C GLN SA 78 71.05 -7.51 -50.87
N LEU SA 79 71.48 -8.07 -49.77
CA LEU SA 79 72.88 -8.33 -49.57
C LEU SA 79 73.15 -9.76 -49.75
N VAL SA 80 74.28 -10.01 -50.33
CA VAL SA 80 74.53 -11.35 -50.89
C VAL SA 80 75.31 -12.19 -49.89
N LYS SA 81 74.61 -13.10 -49.21
CA LYS SA 81 75.15 -14.30 -48.58
C LYS SA 81 75.98 -14.06 -47.32
N ILE SA 82 76.33 -12.80 -47.03
CA ILE SA 82 76.89 -12.34 -45.76
C ILE SA 82 77.69 -13.44 -45.06
N VAL SA 83 78.73 -13.94 -45.72
CA VAL SA 83 79.43 -15.12 -45.25
C VAL SA 83 80.34 -14.77 -44.07
N THR SA 84 80.22 -15.53 -42.99
CA THR SA 84 81.10 -15.46 -41.83
C THR SA 84 82.01 -16.69 -41.78
N VAL SA 85 82.77 -16.83 -40.71
CA VAL SA 85 83.64 -17.97 -40.49
C VAL SA 85 83.16 -18.70 -39.25
N GLN SA 86 83.48 -20.02 -39.19
CA GLN SA 86 83.22 -20.93 -38.09
C GLN SA 86 81.73 -21.00 -37.73
N GLY SA 87 81.41 -21.71 -36.64
CA GLY SA 87 80.03 -21.90 -36.21
C GLY SA 87 79.64 -20.86 -35.18
N HIS SA 88 78.55 -20.16 -35.47
CA HIS SA 88 78.13 -19.02 -34.68
C HIS SA 88 76.82 -19.30 -33.95
N SER SA 89 76.41 -18.34 -33.14
CA SER SA 89 75.12 -18.36 -32.46
C SER SA 89 74.34 -17.12 -32.87
N MET SA 90 73.08 -17.32 -33.26
CA MET SA 90 72.23 -16.24 -33.73
C MET SA 90 71.23 -15.85 -32.64
N ALA SA 91 71.07 -14.53 -32.45
CA ALA SA 91 70.11 -13.97 -31.50
C ALA SA 91 69.29 -12.93 -32.25
N ILE SA 92 68.22 -13.39 -32.91
CA ILE SA 92 67.41 -12.49 -33.73
C ILE SA 92 66.52 -11.64 -32.84
N TYR SA 93 66.54 -10.34 -33.07
CA TYR SA 93 65.70 -9.39 -32.34
C TYR SA 93 64.62 -8.85 -33.27
N ASP SA 94 63.57 -8.31 -32.68
CA ASP SA 94 62.47 -7.74 -33.44
C ASP SA 94 62.70 -6.23 -33.49
N ALA SA 95 61.80 -5.49 -34.15
CA ALA SA 95 62.01 -4.05 -34.34
C ALA SA 95 62.05 -3.30 -33.01
N ASN SA 96 61.19 -3.67 -32.06
CA ASN SA 96 61.09 -2.98 -30.79
C ASN SA 96 61.90 -3.67 -29.70
N GLY SA 97 63.02 -4.28 -30.08
CA GLY SA 97 63.94 -4.85 -29.11
C GLY SA 97 63.40 -6.04 -28.32
N SER SA 98 62.57 -6.86 -28.95
CA SER SA 98 62.07 -8.09 -28.33
C SER SA 98 62.74 -9.29 -28.98
N GLN SA 99 63.12 -10.26 -28.16
CA GLN SA 99 63.90 -11.40 -28.62
C GLN SA 99 62.97 -12.38 -29.33
N VAL SA 100 63.23 -12.61 -30.63
CA VAL SA 100 62.43 -13.56 -31.39
C VAL SA 100 62.93 -14.97 -31.17
N ASP SA 101 64.23 -15.19 -31.32
CA ASP SA 101 64.80 -16.53 -31.19
C ASP SA 101 66.28 -16.42 -30.84
N TYR SA 102 66.73 -17.39 -30.05
CA TYR SA 102 68.15 -17.52 -29.71
C TYR SA 102 68.53 -18.97 -29.93
N ILE SA 103 69.62 -19.20 -30.66
CA ILE SA 103 70.07 -20.54 -31.04
C ILE SA 103 71.55 -20.67 -30.70
N ALA SA 104 71.95 -21.85 -30.22
CA ALA SA 104 73.31 -22.02 -29.72
C ALA SA 104 74.30 -22.31 -30.86
N ASN SA 105 74.14 -23.43 -31.55
CA ASN SA 105 75.12 -23.89 -32.50
C ASN SA 105 74.50 -23.96 -33.89
N VAL SA 106 75.07 -23.23 -34.84
CA VAL SA 106 74.66 -23.23 -36.24
C VAL SA 106 75.89 -23.38 -37.10
N LEU SA 107 75.77 -24.17 -38.17
CA LEU SA 107 76.86 -24.36 -39.12
C LEU SA 107 76.27 -24.78 -40.46
N LYS SA 108 76.40 -23.92 -41.47
CA LYS SA 108 75.97 -24.21 -42.83
C LYS SA 108 77.06 -23.75 -43.78
N TYR SA 109 77.50 -24.66 -44.66
CA TYR SA 109 78.65 -24.37 -45.50
C TYR SA 109 78.23 -23.68 -46.79
N ASP SA 110 79.15 -22.86 -47.30
CA ASP SA 110 78.88 -22.11 -48.53
C ASP SA 110 78.95 -23.05 -49.74
N PRO SA 111 77.87 -23.15 -50.52
CA PRO SA 111 77.86 -24.09 -51.65
C PRO SA 111 78.58 -23.61 -52.90
N ASP SA 112 78.74 -22.31 -53.08
CA ASP SA 112 79.33 -21.79 -54.31
C ASP SA 112 80.86 -21.86 -54.23
N GLN SA 113 81.50 -21.51 -55.34
CA GLN SA 113 82.96 -21.42 -55.46
C GLN SA 113 83.63 -22.73 -55.05
N TYR SA 114 83.23 -23.82 -55.72
CA TYR SA 114 83.91 -25.09 -55.52
C TYR SA 114 85.20 -25.15 -56.33
N SER SA 115 85.37 -24.25 -57.30
CA SER SA 115 86.58 -24.26 -58.10
C SER SA 115 87.83 -24.02 -57.25
N ILE SA 116 87.76 -23.03 -56.34
CA ILE SA 116 88.91 -22.73 -55.50
C ILE SA 116 89.22 -23.88 -54.56
N GLU SA 117 88.18 -24.48 -53.96
CA GLU SA 117 88.39 -25.61 -53.07
C GLU SA 117 88.99 -26.79 -53.81
N ALA SA 118 88.51 -27.06 -55.02
CA ALA SA 118 89.07 -28.16 -55.82
C ALA SA 118 90.52 -27.89 -56.17
N ASP SA 119 90.85 -26.65 -56.54
CA ASP SA 119 92.23 -26.30 -56.83
C ASP SA 119 93.13 -26.51 -55.62
N LYS SA 120 92.65 -26.09 -54.44
CA LYS SA 120 93.43 -26.23 -53.23
C LYS SA 120 93.45 -27.66 -52.69
N LYS SA 121 92.57 -28.53 -53.21
CA LYS SA 121 92.40 -29.84 -52.63
C LYS SA 121 93.25 -30.89 -53.34
N PHE SA 122 93.17 -30.94 -54.66
CA PHE SA 122 93.69 -32.07 -55.42
C PHE SA 122 95.12 -31.79 -55.87
N LYS SA 123 95.76 -32.79 -56.46
CA LYS SA 123 97.12 -32.67 -56.96
C LYS SA 123 97.17 -32.88 -58.47
N TYR SA 124 98.17 -32.26 -59.10
CA TYR SA 124 98.18 -32.05 -60.54
C TYR SA 124 98.89 -33.19 -61.23
N SER SA 125 98.25 -33.74 -62.27
CA SER SA 125 98.84 -34.76 -63.13
C SER SA 125 98.19 -34.65 -64.50
N VAL SA 126 98.94 -34.17 -65.48
CA VAL SA 126 98.34 -33.80 -66.76
C VAL SA 126 98.14 -35.02 -67.64
N LYS SA 127 98.84 -36.12 -67.35
CA LYS SA 127 98.77 -37.35 -68.12
C LYS SA 127 99.29 -37.15 -69.54
N LEU SA 128 99.19 -38.17 -70.38
CA LEU SA 128 99.67 -38.10 -71.76
C LEU SA 128 98.58 -38.28 -72.80
N SER SA 129 97.50 -39.01 -72.49
CA SER SA 129 96.46 -39.25 -73.48
C SER SA 129 95.79 -37.96 -73.92
N ASP SA 130 95.71 -36.98 -73.02
CA ASP SA 130 95.04 -35.72 -73.35
C ASP SA 130 95.79 -34.93 -74.42
N TYR SA 131 97.13 -34.97 -74.37
CA TYR SA 131 97.93 -34.16 -75.28
C TYR SA 131 98.43 -35.02 -76.44
N PRO SA 132 98.51 -34.45 -77.65
CA PRO SA 132 99.00 -35.25 -78.79
C PRO SA 132 100.47 -35.61 -78.68
N THR SA 133 101.34 -34.64 -78.43
CA THR SA 133 102.78 -34.87 -78.40
C THR SA 133 103.29 -34.76 -76.96
N LEU SA 134 104.59 -35.00 -76.81
CA LEU SA 134 105.20 -35.04 -75.48
C LEU SA 134 105.69 -33.66 -75.04
N GLN SA 135 106.22 -32.86 -75.97
CA GLN SA 135 106.76 -31.56 -75.60
C GLN SA 135 105.67 -30.63 -75.08
N ASP SA 136 104.53 -30.55 -75.78
CA ASP SA 136 103.44 -29.71 -75.32
C ASP SA 136 102.86 -30.21 -74.00
N ALA SA 137 102.82 -31.54 -73.81
CA ALA SA 137 102.37 -32.09 -72.54
C ALA SA 137 103.29 -31.69 -71.41
N ALA SA 138 104.61 -31.75 -71.64
CA ALA SA 138 105.57 -31.35 -70.62
C ALA SA 138 105.53 -29.85 -70.37
N SER SA 139 105.13 -29.08 -71.38
CA SER SA 139 105.02 -27.63 -71.20
C SER SA 139 103.97 -27.26 -70.17
N ALA SA 140 102.86 -27.99 -70.13
CA ALA SA 140 101.77 -27.72 -69.20
C ALA SA 140 101.77 -28.65 -68.00
N ALA SA 141 102.81 -29.47 -67.84
CA ALA SA 141 102.89 -30.41 -66.74
C ALA SA 141 103.46 -29.72 -65.50
N VAL SA 142 102.78 -29.91 -64.36
CA VAL SA 142 103.20 -29.32 -63.10
C VAL SA 142 103.22 -30.40 -62.04
N ASP SA 143 104.40 -30.66 -61.49
CA ASP SA 143 104.57 -31.56 -60.34
C ASP SA 143 103.99 -32.96 -60.61
N GLY SA 144 104.18 -33.44 -61.83
CA GLY SA 144 103.74 -34.78 -62.15
C GLY SA 144 103.50 -34.93 -63.63
N LEU SA 145 103.47 -36.20 -64.06
CA LEU SA 145 103.22 -36.57 -65.44
C LEU SA 145 102.89 -38.05 -65.46
N LEU SA 146 102.16 -38.47 -66.50
CA LEU SA 146 101.74 -39.86 -66.62
C LEU SA 146 101.88 -40.28 -68.08
N ILE SA 147 101.99 -41.59 -68.28
CA ILE SA 147 102.11 -42.17 -69.62
C ILE SA 147 100.82 -42.90 -69.94
N ASP SA 148 100.72 -43.35 -71.19
CA ASP SA 148 99.54 -44.06 -71.67
C ASP SA 148 99.31 -45.35 -70.88
N ALA TA 6 72.28 16.88 51.96
CA ALA TA 6 71.47 15.79 52.45
C ALA TA 6 71.18 15.95 53.94
N ASN TA 7 70.96 17.19 54.37
CA ASN TA 7 70.74 17.45 55.79
C ASN TA 7 69.36 18.05 56.04
N VAL TA 8 69.04 19.15 55.37
CA VAL TA 8 67.85 19.94 55.66
C VAL TA 8 66.82 19.72 54.56
N VAL TA 9 65.59 19.41 54.96
CA VAL TA 9 64.49 19.23 54.01
C VAL TA 9 64.17 20.57 53.35
N VAL TA 10 63.90 20.52 52.05
CA VAL TA 10 63.50 21.72 51.32
C VAL TA 10 62.07 22.09 51.71
N SER TA 11 61.88 23.34 52.11
CA SER TA 11 60.57 23.80 52.55
C SER TA 11 60.44 25.29 52.31
N ASN TA 12 59.20 25.77 52.27
CA ASN TA 12 58.93 27.18 52.09
C ASN TA 12 59.10 27.91 53.43
N PRO TA 13 60.01 28.86 53.52
CA PRO TA 13 60.21 29.56 54.80
C PRO TA 13 59.37 30.82 54.94
N ARG TA 14 58.65 31.20 53.89
CA ARG TA 14 57.80 32.37 53.97
C ARG TA 14 56.63 32.12 54.92
N PRO TA 15 56.31 33.10 55.78
CA PRO TA 15 55.21 32.91 56.73
C PRO TA 15 53.86 33.11 56.05
N ILE TA 16 52.93 32.21 56.34
CA ILE TA 16 51.55 32.30 55.86
C ILE TA 16 50.63 32.34 57.07
N PHE TA 17 49.79 33.37 57.13
CA PHE TA 17 48.91 33.60 58.27
C PHE TA 17 47.48 33.25 57.88
N THR TA 18 46.89 32.31 58.61
CA THR TA 18 45.54 31.82 58.33
C THR TA 18 44.70 31.96 59.59
N GLU TA 19 43.37 31.91 59.40
CA GLU TA 19 42.45 32.06 60.52
C GLU TA 19 42.50 30.84 61.42
N SER TA 20 42.06 31.04 62.66
CA SER TA 20 42.14 29.98 63.66
C SER TA 20 41.06 28.92 63.45
N ARG TA 21 39.84 29.34 63.13
CA ARG TA 21 38.69 28.43 63.08
C ARG TA 21 38.21 28.14 61.67
N SER TA 22 38.93 28.59 60.64
CA SER TA 22 38.50 28.37 59.27
C SER TA 22 39.70 28.45 58.34
N PHE TA 23 39.51 27.97 57.11
CA PHE TA 23 40.56 27.98 56.10
C PHE TA 23 40.43 29.26 55.29
N LYS TA 24 40.96 30.35 55.84
CA LYS TA 24 40.96 31.64 55.17
C LYS TA 24 42.35 32.26 55.33
N ALA TA 25 42.60 33.35 54.59
CA ALA TA 25 43.93 33.93 54.49
C ALA TA 25 44.12 35.17 55.34
N VAL TA 26 43.15 35.53 56.17
CA VAL TA 26 43.21 36.72 57.01
C VAL TA 26 43.47 37.91 56.10
N ALA TA 27 42.58 38.14 55.15
CA ALA TA 27 42.77 39.21 54.18
C ALA TA 27 42.78 40.56 54.87
N ASN TA 28 43.78 41.38 54.54
CA ASN TA 28 43.92 42.74 55.07
C ASN TA 28 43.97 42.77 56.59
N GLY TA 29 44.62 41.76 57.19
CA GLY TA 29 44.76 41.74 58.63
C GLY TA 29 45.87 42.66 59.11
N LYS TA 30 45.96 42.78 60.43
CA LYS TA 30 46.96 43.63 61.08
C LYS TA 30 47.72 42.83 62.12
N ILE TA 31 49.05 42.94 62.09
CA ILE TA 31 49.93 42.27 63.04
C ILE TA 31 50.62 43.34 63.88
N TYR TA 32 50.54 43.19 65.19
CA TYR TA 32 51.18 44.11 66.13
C TYR TA 32 52.32 43.42 66.83
N ILE TA 33 53.52 43.99 66.74
CA ILE TA 33 54.71 43.48 67.40
C ILE TA 33 54.97 44.37 68.61
N GLY TA 34 54.76 43.82 69.80
CA GLY TA 34 54.89 44.57 71.04
C GLY TA 34 56.03 44.08 71.90
N GLN TA 35 55.95 44.37 73.19
CA GLN TA 35 56.97 44.00 74.16
C GLN TA 35 56.69 42.62 74.71
N ILE TA 36 57.61 42.12 75.53
CA ILE TA 36 57.53 40.75 76.02
C ILE TA 36 56.40 40.62 77.03
N ASP TA 37 55.57 39.58 76.85
CA ASP TA 37 54.53 39.21 77.80
C ASP TA 37 53.60 40.39 78.13
N THR TA 38 53.19 41.10 77.08
CA THR TA 38 52.35 42.28 77.24
C THR TA 38 51.43 42.39 76.04
N ASP TA 39 50.38 43.19 76.20
CA ASP TA 39 49.43 43.41 75.12
C ASP TA 39 49.94 44.49 74.18
N PRO TA 40 50.15 44.20 72.90
CA PRO TA 40 50.72 45.19 71.97
C PRO TA 40 49.72 46.15 71.36
N VAL TA 41 48.45 46.14 71.80
CA VAL TA 41 47.46 47.02 71.19
C VAL TA 41 47.71 48.47 71.56
N ASN TA 42 47.99 48.74 72.83
CA ASN TA 42 48.17 50.12 73.28
C ASN TA 42 49.41 50.72 72.65
N PRO TA 43 49.33 51.93 72.06
CA PRO TA 43 50.47 52.46 71.31
C PRO TA 43 51.75 52.63 72.11
N ALA TA 44 51.65 52.73 73.45
CA ALA TA 44 52.84 53.01 74.24
C ALA TA 44 53.74 51.79 74.40
N ASN TA 45 53.14 50.61 74.48
CA ASN TA 45 53.86 49.40 74.89
C ASN TA 45 54.20 48.52 73.67
N GLN TA 46 55.23 48.93 72.93
CA GLN TA 46 55.70 48.17 71.78
C GLN TA 46 57.20 48.35 71.62
N ILE TA 47 57.73 47.73 70.57
CA ILE TA 47 59.16 47.81 70.24
C ILE TA 47 59.28 48.14 68.75
N PRO TA 48 60.37 48.76 68.32
CA PRO TA 48 60.55 49.05 66.89
C PRO TA 48 60.71 47.79 66.08
N VAL TA 49 60.31 47.86 64.81
CA VAL TA 49 60.45 46.76 63.85
C VAL TA 49 61.30 47.24 62.69
N TYR TA 50 61.94 46.30 62.00
CA TYR TA 50 62.88 46.61 60.94
C TYR TA 50 62.71 45.67 59.76
N ILE TA 51 62.75 46.23 58.55
CA ILE TA 51 62.80 45.42 57.34
C ILE TA 51 64.23 44.95 57.12
N GLU TA 52 64.38 43.72 56.64
CA GLU TA 52 65.68 43.19 56.25
C GLU TA 52 65.63 42.83 54.78
N ASN TA 53 66.23 43.67 53.94
CA ASN TA 53 66.31 43.39 52.52
C ASN TA 53 67.27 42.23 52.26
N GLU TA 54 67.25 41.74 51.02
CA GLU TA 54 68.09 40.60 50.67
C GLU TA 54 69.57 40.94 50.78
N ASP TA 55 69.97 42.16 50.37
CA ASP TA 55 71.36 42.55 50.47
C ASP TA 55 71.81 42.69 51.93
N GLY TA 56 70.94 43.23 52.77
CA GLY TA 56 71.25 43.39 54.19
C GLY TA 56 70.88 44.73 54.79
N SER TA 57 70.25 45.64 54.05
CA SER TA 57 69.88 46.93 54.60
C SER TA 57 68.69 46.81 55.55
N HIS TA 58 68.55 47.78 56.45
CA HIS TA 58 67.47 47.83 57.41
C HIS TA 58 66.75 49.16 57.30
N VAL TA 59 65.41 49.11 57.40
CA VAL TA 59 64.57 50.29 57.29
C VAL TA 59 63.56 50.29 58.43
N GLN TA 60 63.41 51.44 59.08
CA GLN TA 60 62.40 51.60 60.12
C GLN TA 60 61.01 51.53 59.51
N ILE TA 61 60.08 50.94 60.25
CA ILE TA 61 58.74 50.66 59.74
C ILE TA 61 57.70 50.98 60.81
N THR TA 62 56.58 51.55 60.37
CA THR TA 62 55.47 51.87 61.26
C THR TA 62 54.89 50.59 61.85
N GLN TA 63 54.38 50.73 63.08
CA GLN TA 63 53.95 49.62 63.91
C GLN TA 63 52.83 48.76 63.29
N PRO TA 64 51.74 49.34 62.76
CA PRO TA 64 50.63 48.48 62.29
C PRO TA 64 50.96 47.72 61.02
N LEU TA 65 51.67 46.60 61.16
CA LEU TA 65 51.99 45.76 60.01
C LEU TA 65 50.72 45.22 59.38
N ILE TA 66 50.64 45.28 58.05
CA ILE TA 66 49.46 44.86 57.31
C ILE TA 66 49.74 43.51 56.65
N ILE TA 67 48.66 42.84 56.28
CA ILE TA 67 48.72 41.51 55.66
C ILE TA 67 48.09 41.58 54.28
N ASN TA 68 48.74 40.95 53.31
CA ASN TA 68 48.25 40.94 51.94
C ASN TA 68 47.04 40.01 51.84
N ALA TA 69 46.51 39.85 50.62
CA ALA TA 69 45.38 38.97 50.42
C ALA TA 69 45.79 37.50 50.52
N ALA TA 70 47.05 37.20 50.18
CA ALA TA 70 47.53 35.82 50.30
C ALA TA 70 47.66 35.40 51.75
N GLY TA 71 48.04 36.33 52.62
CA GLY TA 71 48.26 36.01 54.02
C GLY TA 71 49.68 36.30 54.45
N LYS TA 72 50.42 37.01 53.61
CA LYS TA 72 51.83 37.32 53.86
C LYS TA 72 51.99 38.82 54.08
N ILE TA 73 52.92 39.18 54.96
CA ILE TA 73 53.15 40.59 55.26
C ILE TA 73 53.70 41.29 54.02
N VAL TA 74 53.15 42.47 53.73
CA VAL TA 74 53.52 43.23 52.54
C VAL TA 74 53.73 44.70 52.92
N TYR TA 75 54.78 45.30 52.38
CA TYR TA 75 55.00 46.74 52.46
C TYR TA 75 55.02 47.31 51.06
N ASN TA 76 54.28 48.40 50.86
CA ASN TA 76 54.05 48.99 49.53
C ASN TA 76 53.44 47.88 48.67
N GLY TA 77 54.07 47.45 47.59
CA GLY TA 77 53.54 46.37 46.77
C GLY TA 77 54.35 45.11 46.71
N GLN TA 78 55.35 44.94 47.57
CA GLN TA 78 56.24 43.79 47.53
C GLN TA 78 56.28 43.09 48.89
N LEU TA 79 56.42 41.77 48.84
CA LEU TA 79 56.57 41.00 50.07
C LEU TA 79 57.91 41.32 50.73
N VAL TA 80 57.91 41.30 52.07
CA VAL TA 80 59.05 41.76 52.85
C VAL TA 80 59.33 40.78 53.99
N LYS TA 81 60.46 41.01 54.66
CA LYS TA 81 60.87 40.26 55.83
C LYS TA 81 61.11 41.25 56.97
N ILE TA 82 60.54 40.96 58.14
CA ILE TA 82 60.50 41.91 59.25
C ILE TA 82 61.29 41.31 60.41
N VAL TA 83 62.22 42.08 60.96
CA VAL TA 83 63.12 41.63 62.02
C VAL TA 83 63.06 42.63 63.15
N THR TA 84 62.99 42.12 64.39
CA THR TA 84 63.04 42.94 65.59
C THR TA 84 64.26 42.55 66.42
N VAL TA 85 64.70 43.48 67.27
CA VAL TA 85 65.95 43.28 68.00
C VAL TA 85 65.71 42.57 69.32
N GLN TA 86 64.62 42.91 70.02
CA GLN TA 86 64.30 42.28 71.28
C GLN TA 86 63.30 41.14 71.06
N GLY TA 87 63.05 40.37 72.12
CA GLY TA 87 61.95 39.44 72.11
C GLY TA 87 60.61 40.17 72.12
N HIS TA 88 59.63 39.59 71.44
CA HIS TA 88 58.38 40.29 71.20
C HIS TA 88 57.20 39.34 71.36
N SER TA 89 56.03 39.94 71.58
CA SER TA 89 54.76 39.23 71.62
C SER TA 89 53.88 39.77 70.50
N MET TA 90 53.37 38.87 69.67
CA MET TA 90 52.60 39.25 68.49
C MET TA 90 51.12 39.00 68.71
N ALA TA 91 50.29 39.79 68.05
CA ALA TA 91 48.84 39.67 68.13
C ALA TA 91 48.26 39.93 66.74
N ILE TA 92 47.65 38.90 66.16
CA ILE TA 92 47.12 38.97 64.81
C ILE TA 92 45.63 39.28 64.87
N TYR TA 93 45.20 40.33 64.17
CA TYR TA 93 43.81 40.74 64.13
C TYR TA 93 43.28 40.66 62.71
N ASP TA 94 41.98 40.35 62.59
CA ASP TA 94 41.30 40.33 61.31
C ASP TA 94 40.94 41.75 60.89
N ALA TA 95 40.34 41.86 59.70
CA ALA TA 95 39.94 43.17 59.20
C ALA TA 95 38.82 43.78 60.06
N ASN TA 96 37.96 42.94 60.64
CA ASN TA 96 36.85 43.41 61.43
C ASN TA 96 37.22 43.73 62.87
N GLY TA 97 38.47 43.52 63.27
CA GLY TA 97 38.93 43.83 64.61
C GLY TA 97 38.97 42.68 65.58
N SER TA 98 38.54 41.49 65.17
CA SER TA 98 38.57 40.33 66.06
C SER TA 98 40.02 39.87 66.29
N GLN TA 99 40.18 39.01 67.29
CA GLN TA 99 41.48 38.44 67.62
C GLN TA 99 41.62 37.08 66.95
N VAL TA 100 42.69 36.92 66.16
CA VAL TA 100 42.93 35.65 65.49
C VAL TA 100 43.82 34.74 66.34
N ASP TA 101 44.92 35.28 66.85
CA ASP TA 101 45.83 34.52 67.68
C ASP TA 101 46.69 35.47 68.50
N TYR TA 102 47.12 35.00 69.67
CA TYR TA 102 48.00 35.75 70.54
C TYR TA 102 49.13 34.84 71.00
N ILE TA 103 50.35 35.33 70.92
CA ILE TA 103 51.53 34.60 71.38
C ILE TA 103 52.26 35.49 72.37
N ALA TA 104 52.32 35.03 73.63
CA ALA TA 104 52.99 35.81 74.66
C ALA TA 104 54.50 35.88 74.41
N ASN TA 105 55.08 34.79 73.93
CA ASN TA 105 56.51 34.70 73.66
C ASN TA 105 56.72 33.92 72.36
N VAL TA 106 57.08 34.62 71.29
CA VAL TA 106 57.51 33.92 70.08
C VAL TA 106 58.78 33.11 70.37
N LEU TA 107 59.65 33.67 71.20
CA LEU TA 107 60.78 32.94 71.79
C LEU TA 107 60.64 33.04 73.31
N LYS TA 108 60.81 31.91 73.99
CA LYS TA 108 60.55 31.88 75.42
C LYS TA 108 61.54 32.76 76.18
N TYR TA 109 62.72 32.98 75.62
CA TYR TA 109 63.71 33.85 76.26
C TYR TA 109 63.83 35.17 75.51
N ASP TA 110 64.55 36.11 76.12
CA ASP TA 110 64.77 37.43 75.55
C ASP TA 110 66.16 37.48 74.95
N PRO TA 111 66.31 37.62 73.63
CA PRO TA 111 67.65 37.53 73.03
C PRO TA 111 68.63 38.58 73.52
N ASP TA 112 68.18 39.79 73.82
CA ASP TA 112 69.13 40.88 74.11
C ASP TA 112 69.74 40.72 75.50
N GLN TA 113 68.90 40.66 76.53
CA GLN TA 113 69.40 40.52 77.89
C GLN TA 113 70.15 39.21 78.06
N TYR TA 114 69.64 38.12 77.49
CA TYR TA 114 70.35 36.85 77.58
C TYR TA 114 71.67 36.90 76.81
N SER TA 115 71.71 37.66 75.71
CA SER TA 115 72.96 37.81 74.98
C SER TA 115 74.00 38.53 75.83
N ILE TA 116 73.58 39.59 76.52
CA ILE TA 116 74.50 40.31 77.40
C ILE TA 116 74.98 39.39 78.52
N GLU TA 117 74.05 38.65 79.13
CA GLU TA 117 74.42 37.75 80.22
C GLU TA 117 75.39 36.67 79.75
N ALA TA 118 75.13 36.09 78.57
CA ALA TA 118 75.99 35.05 78.04
C ALA TA 118 77.37 35.59 77.69
N ASP TA 119 77.43 36.82 77.17
CA ASP TA 119 78.72 37.46 76.95
C ASP TA 119 79.47 37.63 78.28
N LYS TA 120 78.73 37.96 79.34
CA LYS TA 120 79.37 38.15 80.64
C LYS TA 120 79.89 36.85 81.22
N LYS TA 121 79.13 35.75 81.09
CA LYS TA 121 79.39 34.55 81.88
C LYS TA 121 79.85 33.35 81.06
N PHE TA 122 80.44 33.57 79.88
CA PHE TA 122 80.92 32.46 79.06
C PHE TA 122 82.29 32.78 78.48
N LYS TA 123 83.04 31.73 78.16
CA LYS TA 123 84.34 31.88 77.53
C LYS TA 123 84.19 32.22 76.05
N TYR TA 124 85.15 32.99 75.53
CA TYR TA 124 85.06 33.58 74.20
C TYR TA 124 85.84 32.77 73.16
N SER TA 125 85.86 31.44 73.29
CA SER TA 125 86.66 30.62 72.38
C SER TA 125 86.04 30.53 71.00
N VAL TA 126 86.90 30.42 69.99
CA VAL TA 126 86.47 30.27 68.60
C VAL TA 126 87.14 29.03 68.03
N LYS TA 127 86.52 28.47 66.99
CA LYS TA 127 87.00 27.26 66.34
C LYS TA 127 87.29 27.54 64.86
N LEU TA 128 88.07 26.64 64.27
CA LEU TA 128 88.46 26.79 62.86
C LEU TA 128 87.41 26.20 61.93
N SER TA 129 86.53 25.33 62.43
CA SER TA 129 85.61 24.60 61.58
C SER TA 129 84.68 25.55 60.82
N ASP TA 130 84.20 26.60 61.49
CA ASP TA 130 83.24 27.50 60.85
C ASP TA 130 83.93 28.43 59.85
N TYR TA 131 85.22 28.71 60.04
CA TYR TA 131 85.92 29.69 59.22
C TYR TA 131 86.76 28.98 58.17
N PRO TA 132 86.54 29.26 56.86
CA PRO TA 132 87.31 28.59 55.81
C PRO TA 132 88.81 28.59 56.03
N THR TA 133 89.41 29.76 56.16
CA THR TA 133 90.86 29.85 56.27
C THR TA 133 91.28 30.07 57.73
N LEU TA 134 92.51 29.65 58.04
CA LEU TA 134 93.02 29.80 59.40
C LEU TA 134 93.23 31.28 59.75
N GLN TA 135 93.71 32.07 58.78
CA GLN TA 135 93.92 33.50 59.05
C GLN TA 135 92.61 34.21 59.36
N ASP TA 136 91.55 33.89 58.62
CA ASP TA 136 90.24 34.49 58.90
C ASP TA 136 89.74 34.10 60.28
N ALA TA 137 89.93 32.84 60.66
CA ALA TA 137 89.52 32.40 61.99
C ALA TA 137 90.30 33.15 63.08
N ALA TA 138 91.62 33.24 62.92
CA ALA TA 138 92.44 33.89 63.94
C ALA TA 138 92.20 35.39 64.00
N SER TA 139 91.72 35.97 62.89
CA SER TA 139 91.45 37.41 62.87
C SER TA 139 90.35 37.78 63.86
N ALA TA 140 89.29 36.99 63.92
CA ALA TA 140 88.16 37.25 64.80
C ALA TA 140 88.17 36.41 66.06
N ALA TA 141 89.25 35.68 66.32
CA ALA TA 141 89.34 34.80 67.48
C ALA TA 141 90.05 35.51 68.64
N VAL TA 142 89.48 35.37 69.83
CA VAL TA 142 90.05 35.91 71.06
C VAL TA 142 89.98 34.84 72.13
N ASP TA 143 90.95 34.88 73.05
CA ASP TA 143 90.96 34.08 74.27
C ASP TA 143 91.13 32.59 74.00
N GLY TA 144 91.19 32.19 72.73
CA GLY TA 144 91.41 30.79 72.41
C GLY TA 144 91.08 30.45 70.97
N LEU TA 145 91.57 29.29 70.55
CA LEU TA 145 91.28 28.74 69.24
C LEU TA 145 91.46 27.23 69.32
N LEU TA 146 90.76 26.50 68.45
CA LEU TA 146 90.59 25.06 68.64
C LEU TA 146 91.31 24.18 67.63
N ILE TA 147 91.52 24.63 66.39
CA ILE TA 147 92.04 23.78 65.32
C ILE TA 147 91.19 22.51 65.25
N ASP TA 148 89.96 22.64 64.75
CA ASP TA 148 89.06 21.49 64.71
C ASP TA 148 89.34 20.60 63.50
N ARG TA 149 89.21 21.15 62.29
CA ARG TA 149 89.38 20.36 61.09
C ARG TA 149 90.86 20.25 60.72
N ASP TA 150 91.16 19.29 59.86
CA ASP TA 150 92.53 19.07 59.38
C ASP TA 150 92.82 20.10 58.29
N TYR TA 151 93.21 21.30 58.72
CA TYR TA 151 93.50 22.37 57.79
C TYR TA 151 94.76 22.08 57.00
N ASN TA 152 94.70 22.30 55.69
CA ASN TA 152 95.84 22.09 54.81
C ASN TA 152 96.80 23.27 54.92
N PHE TA 153 98.10 22.99 54.81
CA PHE TA 153 99.10 24.02 55.04
C PHE TA 153 99.06 25.08 53.94
N TYR TA 154 99.07 24.66 52.69
CA TYR TA 154 99.03 25.60 51.56
C TYR TA 154 98.71 24.87 50.26
N THR UA 2 60.54 20.32 80.97
CA THR UA 2 60.62 19.89 82.36
C THR UA 2 60.49 18.37 82.47
N ASP UA 3 59.43 17.82 81.88
CA ASP UA 3 59.23 16.38 81.91
C ASP UA 3 60.33 15.65 81.14
N ILE UA 4 60.65 16.13 79.94
CA ILE UA 4 61.72 15.56 79.12
C ILE UA 4 62.31 16.66 78.28
N THR UA 5 63.38 16.37 77.54
CA THR UA 5 63.99 17.37 76.66
C THR UA 5 62.98 17.87 75.64
N ALA UA 6 62.32 16.95 74.92
CA ALA UA 6 61.25 17.28 73.97
C ALA UA 6 61.71 18.33 72.96
N ASN UA 7 62.71 17.96 72.16
CA ASN UA 7 63.30 18.87 71.19
C ASN UA 7 62.71 18.74 69.80
N VAL UA 8 61.74 17.86 69.59
CA VAL UA 8 61.20 17.57 68.26
C VAL UA 8 59.78 18.12 68.20
N VAL UA 9 59.48 18.91 67.17
CA VAL UA 9 58.16 19.50 67.02
C VAL UA 9 57.35 18.69 66.01
N VAL UA 10 56.08 18.47 66.34
CA VAL UA 10 55.15 17.86 65.39
C VAL UA 10 54.56 18.95 64.52
N SER UA 11 54.85 18.91 63.22
CA SER UA 11 54.42 19.94 62.30
C SER UA 11 54.10 19.31 60.96
N ASN UA 12 53.81 20.16 59.98
CA ASN UA 12 53.50 19.67 58.64
C ASN UA 12 54.75 19.09 58.01
N PRO UA 13 54.75 17.81 57.63
CA PRO UA 13 55.94 17.18 57.03
C PRO UA 13 56.09 17.38 55.53
N ARG UA 14 55.13 18.03 54.88
CA ARG UA 14 55.19 18.32 53.45
C ARG UA 14 55.03 19.82 53.24
N PRO UA 15 55.99 20.50 52.63
CA PRO UA 15 55.89 21.95 52.48
C PRO UA 15 54.79 22.34 51.50
N ILE UA 16 54.25 23.53 51.70
CA ILE UA 16 53.16 24.06 50.89
C ILE UA 16 53.59 25.40 50.31
N PHE UA 17 53.43 25.55 48.99
CA PHE UA 17 53.78 26.78 48.27
C PHE UA 17 52.50 27.39 47.73
N THR UA 18 52.29 28.68 48.00
CA THR UA 18 51.09 29.39 47.57
C THR UA 18 51.48 30.62 46.77
N GLU UA 19 50.48 31.20 46.10
CA GLU UA 19 50.70 32.41 45.31
C GLU UA 19 50.95 33.61 46.22
N SER UA 20 51.45 34.68 45.63
CA SER UA 20 51.78 35.88 46.40
C SER UA 20 50.62 36.88 46.39
N ARG UA 21 49.92 36.98 45.26
CA ARG UA 21 48.87 37.99 45.15
C ARG UA 21 47.52 37.47 45.63
N SER UA 22 47.32 36.15 45.66
CA SER UA 22 46.04 35.58 46.05
C SER UA 22 46.30 34.35 46.92
N PHE UA 23 45.22 33.66 47.32
CA PHE UA 23 45.29 32.52 48.22
C PHE UA 23 44.88 31.26 47.44
N LYS UA 24 45.86 30.66 46.77
CA LYS UA 24 45.64 29.41 46.04
C LYS UA 24 46.99 28.79 45.71
N ALA UA 25 47.04 27.47 45.80
CA ALA UA 25 48.30 26.76 45.59
C ALA UA 25 48.80 26.92 44.17
N VAL UA 26 50.12 27.07 44.03
CA VAL UA 26 50.73 27.18 42.71
C VAL UA 26 50.67 25.81 42.03
N ALA UA 27 50.08 25.78 40.84
CA ALA UA 27 49.92 24.56 40.08
C ALA UA 27 50.91 24.54 38.93
N ASN UA 28 51.66 23.44 38.81
CA ASN UA 28 52.66 23.25 37.77
C ASN UA 28 53.67 24.39 37.76
N GLY UA 29 54.13 24.78 38.95
CA GLY UA 29 55.09 25.84 39.12
C GLY UA 29 56.47 25.28 39.41
N LYS UA 30 57.44 25.70 38.60
CA LYS UA 30 58.80 25.19 38.74
C LYS UA 30 59.50 25.81 39.94
N ILE UA 31 60.35 25.02 40.59
CA ILE UA 31 61.17 25.47 41.70
C ILE UA 31 62.63 25.26 41.34
N TYR UA 32 63.45 26.30 41.55
CA TYR UA 32 64.88 26.23 41.30
C TYR UA 32 65.63 26.48 42.59
N ILE UA 33 66.70 25.72 42.81
CA ILE UA 33 67.50 25.78 44.02
C ILE UA 33 68.96 26.02 43.62
N GLY UA 34 69.58 27.03 44.22
CA GLY UA 34 70.93 27.42 43.87
C GLY UA 34 71.74 27.83 45.09
N GLN UA 35 72.98 28.22 44.82
CA GLN UA 35 73.92 28.56 45.87
C GLN UA 35 73.53 29.88 46.55
N ILE UA 36 74.35 30.26 47.55
CA ILE UA 36 74.04 31.45 48.34
C ILE UA 36 74.14 32.70 47.49
N ASP UA 37 73.11 33.54 47.57
CA ASP UA 37 73.08 34.85 46.90
C ASP UA 37 73.36 34.74 45.41
N THR UA 38 72.78 33.76 44.75
CA THR UA 38 72.95 33.56 43.32
C THR UA 38 71.60 33.27 42.67
N ASP UA 39 71.55 33.38 41.35
CA ASP UA 39 70.32 33.11 40.62
C ASP UA 39 70.23 31.63 40.30
N PRO UA 40 69.25 30.90 40.86
CA PRO UA 40 69.15 29.47 40.59
C PRO UA 40 68.74 29.13 39.16
N VAL UA 41 68.22 30.10 38.40
CA VAL UA 41 67.78 29.81 37.04
C VAL UA 41 68.95 29.42 36.17
N ASN UA 42 70.11 30.06 36.36
CA ASN UA 42 71.29 29.70 35.62
C ASN UA 42 71.76 28.30 36.06
N PRO UA 43 71.90 27.35 35.13
CA PRO UA 43 72.30 26.00 35.51
C PRO UA 43 73.67 25.90 36.16
N ALA UA 44 74.52 26.91 36.01
CA ALA UA 44 75.85 26.85 36.61
C ALA UA 44 75.79 27.02 38.13
N ASN UA 45 74.78 27.73 38.62
CA ASN UA 45 74.68 28.05 40.04
C ASN UA 45 73.86 27.02 40.83
N GLN UA 46 73.41 25.95 40.19
CA GLN UA 46 72.53 25.01 40.87
C GLN UA 46 73.33 23.99 41.67
N ILE UA 47 72.68 23.39 42.66
CA ILE UA 47 73.30 22.41 43.54
C ILE UA 47 72.50 21.11 43.43
N PRO UA 48 73.11 19.97 43.74
CA PRO UA 48 72.39 18.70 43.64
C PRO UA 48 71.17 18.66 44.56
N VAL UA 49 70.11 18.02 44.07
CA VAL UA 49 68.86 17.86 44.81
C VAL UA 49 68.54 16.38 44.87
N TYR UA 50 68.30 15.87 46.07
CA TYR UA 50 68.16 14.44 46.31
C TYR UA 50 66.74 14.09 46.72
N ILE UA 51 66.25 12.95 46.24
CA ILE UA 51 65.02 12.36 46.76
C ILE UA 51 65.37 11.30 47.79
N GLU UA 52 64.77 11.38 48.96
CA GLU UA 52 65.00 10.43 50.04
C GLU UA 52 63.87 9.41 50.06
N ASN UA 53 64.15 8.20 49.60
CA ASN UA 53 63.18 7.12 49.63
C ASN UA 53 63.05 6.58 51.05
N GLU UA 54 62.23 5.54 51.21
CA GLU UA 54 62.12 4.87 52.50
C GLU UA 54 63.43 4.19 52.88
N ASP UA 55 64.11 3.58 51.90
CA ASP UA 55 65.33 2.82 52.17
C ASP UA 55 66.46 3.68 52.69
N GLY UA 56 66.35 5.00 52.59
CA GLY UA 56 67.42 5.90 52.95
C GLY UA 56 68.36 6.22 51.82
N SER UA 57 68.23 5.56 50.68
CA SER UA 57 69.05 5.89 49.52
C SER UA 57 68.61 7.24 48.95
N HIS UA 58 69.60 8.10 48.68
CA HIS UA 58 69.34 9.43 48.15
C HIS UA 58 69.61 9.41 46.66
N VAL UA 59 68.55 9.67 45.87
CA VAL UA 59 68.63 9.64 44.42
C VAL UA 59 68.49 11.07 43.91
N GLN UA 60 69.47 11.54 43.16
CA GLN UA 60 69.44 12.88 42.60
C GLN UA 60 68.47 12.94 41.43
N ILE UA 61 67.81 14.10 41.29
CA ILE UA 61 66.85 14.34 40.22
C ILE UA 61 67.14 15.69 39.58
N THR UA 62 66.42 15.96 38.50
CA THR UA 62 66.60 17.21 37.77
C THR UA 62 66.23 18.40 38.64
N GLN UA 63 66.90 19.52 38.40
CA GLN UA 63 66.77 20.72 39.22
C GLN UA 63 65.36 21.31 39.22
N PRO UA 64 64.68 21.48 38.06
CA PRO UA 64 63.36 22.11 38.11
C PRO UA 64 62.33 21.22 38.78
N LEU UA 65 61.96 21.56 40.01
CA LEU UA 65 60.98 20.79 40.74
C LEU UA 65 59.56 21.21 40.36
N ILE UA 66 58.65 20.25 40.31
CA ILE UA 66 57.30 20.46 39.80
C ILE UA 66 56.32 20.39 40.96
N ILE UA 67 55.41 21.37 41.03
CA ILE UA 67 54.35 21.36 42.02
C ILE UA 67 53.05 20.88 41.40
N ASN UA 68 52.19 20.29 42.22
CA ASN UA 68 50.87 19.87 41.80
C ASN UA 68 49.82 20.91 42.22
N ALA UA 69 48.55 20.56 42.05
CA ALA UA 69 47.48 21.45 42.46
C ALA UA 69 47.37 21.60 43.97
N ALA UA 70 48.04 20.75 44.74
CA ALA UA 70 47.97 20.78 46.18
C ALA UA 70 48.99 21.73 46.81
N GLY UA 71 49.97 22.22 46.04
CA GLY UA 71 51.00 23.09 46.55
C GLY UA 71 52.22 22.39 47.11
N LYS UA 72 52.41 21.10 46.83
CA LYS UA 72 53.50 20.32 47.37
C LYS UA 72 54.39 19.79 46.26
N ILE UA 73 55.67 19.59 46.57
CA ILE UA 73 56.61 19.11 45.57
C ILE UA 73 56.24 17.68 45.15
N VAL UA 74 56.22 17.45 43.84
CA VAL UA 74 55.74 16.19 43.28
C VAL UA 74 56.71 15.69 42.22
N TYR UA 75 56.96 14.39 42.23
CA TYR UA 75 57.80 13.72 41.23
C TYR UA 75 56.97 12.63 40.57
N ASN UA 76 56.72 12.79 39.26
CA ASN UA 76 56.02 11.79 38.45
C ASN UA 76 54.61 11.50 38.98
N GLY UA 77 53.99 12.49 39.60
CA GLY UA 77 52.63 12.36 40.10
C GLY UA 77 52.54 12.03 41.58
N GLN UA 78 53.62 11.56 42.18
CA GLN UA 78 53.62 11.15 43.58
C GLN UA 78 54.35 12.18 44.43
N LEU UA 79 53.91 12.31 45.68
CA LEU UA 79 54.60 13.18 46.62
C LEU UA 79 55.92 12.54 47.06
N VAL UA 80 56.96 13.37 47.18
CA VAL UA 80 58.28 12.90 47.55
C VAL UA 80 58.85 13.80 48.63
N LYS UA 81 59.90 13.32 49.29
CA LYS UA 81 60.62 14.06 50.31
C LYS UA 81 61.94 14.51 49.72
N ILE UA 82 62.17 15.82 49.71
CA ILE UA 82 63.34 16.43 49.06
C ILE UA 82 64.29 16.90 50.15
N VAL UA 83 65.55 16.45 50.08
CA VAL UA 83 66.57 16.84 51.04
C VAL UA 83 67.79 17.34 50.27
N THR UA 84 68.29 18.51 50.66
CA THR UA 84 69.48 19.11 50.06
C THR UA 84 70.35 19.67 51.16
N VAL UA 85 71.60 20.01 50.80
CA VAL UA 85 72.50 20.64 51.75
C VAL UA 85 71.97 22.02 52.10
N GLN UA 86 71.97 22.33 53.40
CA GLN UA 86 71.44 23.60 53.86
C GLN UA 86 72.28 24.76 53.34
N GLY UA 87 71.65 25.92 53.25
CA GLY UA 87 72.26 27.08 52.62
C GLY UA 87 71.99 27.22 51.15
N HIS UA 88 70.73 27.10 50.73
CA HIS UA 88 70.36 27.10 49.32
C HIS UA 88 69.40 28.25 49.05
N SER UA 89 69.68 29.04 48.02
CA SER UA 89 68.72 30.04 47.58
C SER UA 89 67.58 29.36 46.83
N MET UA 90 66.37 29.91 46.99
CA MET UA 90 65.18 29.33 46.40
C MET UA 90 64.51 30.36 45.49
N ALA UA 91 64.14 29.91 44.30
CA ALA UA 91 63.43 30.74 43.33
C ALA UA 91 62.24 29.94 42.78
N ILE UA 92 61.04 30.40 43.09
CA ILE UA 92 59.81 29.74 42.67
C ILE UA 92 59.25 30.47 41.46
N TYR UA 93 59.01 29.72 40.38
CA TYR UA 93 58.50 30.27 39.14
C TYR UA 93 57.13 29.68 38.86
N ASP UA 94 56.23 30.53 38.37
CA ASP UA 94 54.89 30.10 38.03
C ASP UA 94 54.89 29.36 36.70
N ALA UA 95 53.76 28.71 36.40
CA ALA UA 95 53.63 27.99 35.13
C ALA UA 95 53.70 28.94 33.95
N ASN UA 96 53.12 30.13 34.09
CA ASN UA 96 53.16 31.11 33.00
C ASN UA 96 54.57 31.59 32.70
N GLY UA 97 55.46 31.57 33.68
CA GLY UA 97 56.81 32.04 33.51
C GLY UA 97 57.20 33.25 34.32
N SER UA 98 56.32 33.74 35.19
CA SER UA 98 56.63 34.87 36.05
C SER UA 98 57.37 34.37 37.30
N GLN UA 99 57.65 35.31 38.22
CA GLN UA 99 58.37 34.99 39.44
C GLN UA 99 57.42 35.18 40.62
N VAL UA 100 57.28 34.14 41.44
CA VAL UA 100 56.43 34.24 42.62
C VAL UA 100 57.25 34.71 43.82
N ASP UA 101 58.37 34.04 44.10
CA ASP UA 101 59.21 34.40 45.23
C ASP UA 101 60.67 34.16 44.88
N TYR UA 102 61.55 34.86 45.59
CA TYR UA 102 62.98 34.67 45.49
C TYR UA 102 63.60 34.90 46.86
N ILE UA 103 64.31 33.91 47.37
CA ILE UA 103 64.93 33.97 48.69
C ILE UA 103 66.42 33.75 48.52
N ALA UA 104 67.22 34.72 48.97
CA ALA UA 104 68.67 34.61 48.83
C ALA UA 104 69.23 33.56 49.78
N ASN UA 105 68.75 33.51 51.01
CA ASN UA 105 69.23 32.58 52.02
C ASN UA 105 68.05 32.12 52.86
N VAL UA 106 67.71 30.83 52.75
CA VAL UA 106 66.61 30.28 53.54
C VAL UA 106 66.98 30.19 55.02
N LEU UA 107 68.27 30.21 55.35
CA LEU UA 107 68.68 30.21 56.74
C LEU UA 107 68.40 31.53 57.43
N LYS UA 108 68.22 32.61 56.66
CA LYS UA 108 67.88 33.90 57.27
C LYS UA 108 66.45 33.91 57.77
N TYR UA 109 65.57 33.14 57.12
CA TYR UA 109 64.17 33.04 57.54
C TYR UA 109 64.02 32.03 58.68
N ASP UA 110 64.82 32.25 59.73
CA ASP UA 110 64.87 31.39 60.89
C ASP UA 110 64.42 32.20 62.10
N PRO UA 111 63.42 31.72 62.86
CA PRO UA 111 62.91 32.52 63.98
C PRO UA 111 63.96 32.94 64.99
N ASP UA 112 64.97 32.10 65.23
CA ASP UA 112 66.05 32.42 66.16
C ASP UA 112 67.35 32.52 65.39
N GLN UA 113 67.86 33.75 65.26
CA GLN UA 113 69.13 33.99 64.59
C GLN UA 113 70.27 34.29 65.55
N TYR UA 114 69.97 34.56 66.83
CA TYR UA 114 71.05 34.75 67.80
C TYR UA 114 71.82 33.47 68.05
N SER UA 115 71.15 32.32 67.92
CA SER UA 115 71.80 31.04 68.17
C SER UA 115 72.92 30.79 67.17
N ILE UA 116 72.73 31.18 65.91
CA ILE UA 116 73.75 30.96 64.89
C ILE UA 116 75.02 31.71 65.26
N GLU UA 117 74.89 32.96 65.71
CA GLU UA 117 76.06 33.74 66.10
C GLU UA 117 76.66 33.22 67.40
N ALA UA 118 75.82 32.75 68.32
CA ALA UA 118 76.30 32.32 69.63
C ALA UA 118 77.07 31.01 69.54
N ASP UA 119 76.66 30.11 68.65
CA ASP UA 119 77.29 28.80 68.57
C ASP UA 119 78.77 28.91 68.21
N LYS UA 120 79.15 29.98 67.51
CA LYS UA 120 80.52 30.09 67.02
C LYS UA 120 81.51 30.39 68.15
N LYS UA 121 81.12 31.27 69.07
CA LYS UA 121 82.09 31.96 69.94
C LYS UA 121 82.12 31.43 71.38
N PHE UA 122 81.91 30.13 71.59
CA PHE UA 122 82.01 29.58 72.94
C PHE UA 122 82.66 28.20 72.88
N LYS UA 123 83.08 27.71 74.05
CA LYS UA 123 83.40 26.29 74.25
C LYS UA 123 82.13 25.50 74.53
N TYR UA 124 82.12 24.25 74.07
CA TYR UA 124 81.06 23.30 74.42
C TYR UA 124 81.62 22.38 75.49
N SER UA 125 80.95 22.32 76.64
CA SER UA 125 81.37 21.47 77.74
C SER UA 125 80.15 21.10 78.58
N VAL UA 126 79.85 19.80 78.63
CA VAL UA 126 78.70 19.33 79.38
C VAL UA 126 79.04 19.26 80.86
N LYS UA 127 78.11 19.69 81.70
CA LYS UA 127 78.24 19.62 83.15
C LYS UA 127 77.56 18.36 83.65
N LEU UA 128 78.16 17.71 84.65
CA LEU UA 128 77.59 16.48 85.18
C LEU UA 128 76.38 16.76 86.06
N SER UA 129 76.27 17.99 86.57
CA SER UA 129 75.23 18.31 87.54
C SER UA 129 73.83 18.19 86.94
N ASP UA 130 73.65 18.70 85.72
CA ASP UA 130 72.31 18.76 85.14
C ASP UA 130 71.81 17.38 84.71
N TYR UA 131 72.66 16.59 84.07
CA TYR UA 131 72.23 15.29 83.59
C TYR UA 131 72.04 14.32 84.75
N PRO UA 132 71.05 13.43 84.68
CA PRO UA 132 70.80 12.50 85.80
C PRO UA 132 71.91 11.47 85.98
N THR UA 133 72.31 10.80 84.91
CA THR UA 133 73.24 9.69 84.99
C THR UA 133 74.52 10.04 84.21
N LEU UA 134 75.52 9.17 84.36
CA LEU UA 134 76.80 9.41 83.72
C LEU UA 134 76.76 9.14 82.22
N GLN UA 135 76.06 8.07 81.82
CA GLN UA 135 76.04 7.69 80.42
C GLN UA 135 75.35 8.74 79.56
N ASP UA 136 74.25 9.31 80.05
CA ASP UA 136 73.54 10.34 79.29
C ASP UA 136 74.42 11.56 79.07
N ALA UA 137 75.14 11.99 80.11
CA ALA UA 137 76.04 13.13 79.95
C ALA UA 137 77.19 12.80 79.00
N ALA UA 138 77.72 11.57 79.10
CA ALA UA 138 78.84 11.19 78.24
C ALA UA 138 78.44 11.13 76.77
N SER UA 139 77.23 10.64 76.49
CA SER UA 139 76.80 10.47 75.11
C SER UA 139 76.70 11.82 74.40
N ALA UA 140 76.09 12.81 75.04
CA ALA UA 140 75.91 14.14 74.47
C ALA UA 140 77.08 15.08 74.76
N ALA UA 141 78.26 14.54 75.04
CA ALA UA 141 79.40 15.34 75.43
C ALA UA 141 80.32 15.61 74.24
N VAL UA 142 80.67 16.87 74.04
CA VAL UA 142 81.62 17.29 73.02
C VAL UA 142 82.65 18.21 73.67
N ASP UA 143 83.92 17.94 73.38
CA ASP UA 143 85.03 18.78 73.82
C ASP UA 143 85.09 18.86 75.36
N GLY UA 144 85.22 17.70 75.99
CA GLY UA 144 85.46 17.65 77.41
C GLY UA 144 84.18 17.70 78.23
N LEU UA 145 84.31 17.34 79.51
CA LEU UA 145 83.20 17.35 80.45
C LEU UA 145 83.61 18.05 81.72
N LEU UA 146 82.66 18.13 82.66
CA LEU UA 146 82.90 18.65 84.00
C LEU UA 146 82.32 17.67 85.01
N ILE UA 147 83.02 17.48 86.11
CA ILE UA 147 82.61 16.53 87.15
C ILE UA 147 82.05 17.30 88.33
N ASP UA 148 80.75 17.13 88.57
CA ASP UA 148 80.04 17.80 89.66
C ASP UA 148 79.18 16.77 90.37
N ARG UA 149 78.30 17.26 91.25
CA ARG UA 149 77.36 16.38 91.94
C ARG UA 149 76.39 15.76 90.95
N ASP UA 150 76.23 14.45 91.05
CA ASP UA 150 75.38 13.68 90.13
C ASP UA 150 75.76 13.92 88.68
N THR VA 2 70.78 52.25 58.78
CA THR VA 2 71.89 51.63 59.51
C THR VA 2 71.77 50.11 59.49
N ASP VA 3 72.72 49.44 60.14
CA ASP VA 3 72.74 47.98 60.24
C ASP VA 3 72.66 47.60 61.72
N ILE VA 4 71.44 47.47 62.23
CA ILE VA 4 71.24 47.06 63.61
C ILE VA 4 71.30 45.54 63.69
N THR VA 5 71.60 45.03 64.88
CA THR VA 5 71.68 43.59 65.08
C THR VA 5 70.33 42.94 64.85
N ALA VA 6 70.35 41.75 64.26
CA ALA VA 6 69.14 40.98 63.98
C ALA VA 6 69.12 39.75 64.88
N ASN VA 7 68.04 39.58 65.63
CA ASN VA 7 67.93 38.48 66.58
C ASN VA 7 66.73 37.57 66.35
N VAL VA 8 65.56 38.12 66.03
CA VAL VA 8 64.35 37.34 65.84
C VAL VA 8 63.56 37.92 64.68
N VAL VA 9 62.96 37.04 63.89
CA VAL VA 9 62.17 37.42 62.72
C VAL VA 9 60.71 37.08 63.00
N VAL VA 10 59.81 37.91 62.46
CA VAL VA 10 58.39 37.64 62.61
C VAL VA 10 58.02 36.44 61.77
N SER VA 11 57.38 35.45 62.37
CA SER VA 11 57.01 34.22 61.69
C SER VA 11 55.76 33.62 62.32
N ASN VA 12 55.06 32.81 61.55
CA ASN VA 12 53.88 32.10 62.05
C ASN VA 12 54.32 30.80 62.73
N PRO VA 13 53.98 30.60 64.01
CA PRO VA 13 54.42 29.39 64.73
C PRO VA 13 53.44 28.22 64.70
N ARG VA 14 52.36 28.29 63.91
CA ARG VA 14 51.40 27.20 63.91
C ARG VA 14 51.37 26.50 62.55
N PRO VA 15 51.39 25.17 62.53
CA PRO VA 15 51.38 24.44 61.27
C PRO VA 15 49.99 24.08 60.81
N ILE VA 16 49.83 24.00 59.48
CA ILE VA 16 48.57 23.65 58.85
C ILE VA 16 48.74 22.31 58.15
N PHE VA 17 47.77 21.42 58.34
CA PHE VA 17 47.75 20.12 57.68
C PHE VA 17 46.65 20.13 56.63
N THR VA 18 47.04 20.03 55.36
CA THR VA 18 46.10 20.09 54.25
C THR VA 18 46.13 18.77 53.49
N GLU VA 19 44.98 18.44 52.91
CA GLU VA 19 44.84 17.20 52.16
C GLU VA 19 45.68 17.25 50.88
N SER VA 20 46.34 16.14 50.59
CA SER VA 20 47.11 15.99 49.36
C SER VA 20 46.16 15.85 48.18
N ARG VA 21 46.66 16.19 46.99
CA ARG VA 21 45.96 16.13 45.70
C ARG VA 21 44.93 17.26 45.60
N SER VA 22 44.67 18.00 46.67
CA SER VA 22 43.76 19.13 46.63
C SER VA 22 44.31 20.23 47.52
N PHE VA 23 43.55 21.31 47.64
CA PHE VA 23 43.96 22.41 48.50
C PHE VA 23 42.90 22.65 49.59
N LYS VA 24 42.43 21.56 50.19
CA LYS VA 24 41.48 21.64 51.29
C LYS VA 24 42.19 21.27 52.58
N ALA VA 25 41.57 21.65 53.70
CA ALA VA 25 42.11 21.36 55.02
C ALA VA 25 41.41 20.15 55.61
N VAL VA 26 42.19 19.26 56.23
CA VAL VA 26 41.64 18.06 56.86
C VAL VA 26 40.64 18.51 57.93
N ALA VA 27 39.40 18.04 57.80
CA ALA VA 27 38.32 18.59 58.62
C ALA VA 27 38.42 18.16 60.07
N ASN VA 28 38.29 16.86 60.33
CA ASN VA 28 38.42 16.32 61.69
C ASN VA 28 39.20 15.02 61.67
N GLY VA 29 40.31 15.01 60.93
CA GLY VA 29 41.15 13.84 60.82
C GLY VA 29 41.90 13.56 62.11
N LYS VA 30 42.69 12.48 62.07
CA LYS VA 30 43.45 12.03 63.22
C LYS VA 30 44.89 11.82 62.81
N ILE VA 31 45.82 12.19 63.69
CA ILE VA 31 47.25 12.07 63.44
C ILE VA 31 47.80 11.02 64.39
N TYR VA 32 48.43 9.99 63.84
CA TYR VA 32 49.05 8.93 64.61
C TYR VA 32 50.56 9.07 64.50
N ILE VA 33 51.24 9.06 65.65
CA ILE VA 33 52.68 9.24 65.72
C ILE VA 33 53.30 7.97 66.28
N GLY VA 34 54.22 7.38 65.52
CA GLY VA 34 54.84 6.14 65.92
C GLY VA 34 56.34 6.14 65.73
N GLN VA 35 56.95 4.95 65.69
CA GLN VA 35 58.39 4.87 65.57
C GLN VA 35 58.82 5.12 64.12
N ILE VA 36 60.11 4.90 63.86
CA ILE VA 36 60.74 5.44 62.66
C ILE VA 36 60.14 4.83 61.39
N ASP VA 37 60.07 3.50 61.34
CA ASP VA 37 59.66 2.83 60.11
C ASP VA 37 58.52 1.84 60.33
N THR VA 38 57.69 2.05 61.34
CA THR VA 38 56.63 1.12 61.69
C THR VA 38 55.27 1.69 61.32
N ASP VA 39 54.23 0.94 61.69
CA ASP VA 39 52.85 1.38 61.50
C ASP VA 39 52.37 2.05 62.78
N PRO VA 40 52.08 3.35 62.77
CA PRO VA 40 51.75 4.04 64.03
C PRO VA 40 50.42 3.65 64.63
N VAL VA 41 49.57 2.90 63.91
CA VAL VA 41 48.21 2.66 64.39
C VAL VA 41 48.22 1.80 65.64
N ASN VA 42 49.00 0.72 65.66
CA ASN VA 42 48.96 -0.19 66.79
C ASN VA 42 49.59 0.46 68.02
N PRO VA 43 49.10 0.14 69.22
CA PRO VA 43 49.65 0.77 70.43
C PRO VA 43 51.11 0.47 70.69
N ALA VA 44 51.62 -0.65 70.15
CA ALA VA 44 53.01 -1.04 70.44
C ALA VA 44 54.01 -0.05 69.84
N ASN VA 45 53.72 0.47 68.66
CA ASN VA 45 54.66 1.33 67.96
C ASN VA 45 54.56 2.80 68.37
N GLN VA 46 53.63 3.13 69.26
CA GLN VA 46 53.41 4.51 69.65
C GLN VA 46 54.51 5.01 70.57
N ILE VA 47 54.71 6.33 70.57
CA ILE VA 47 55.70 6.98 71.42
C ILE VA 47 55.01 8.08 72.22
N PRO VA 48 55.55 8.46 73.39
CA PRO VA 48 54.88 9.48 74.21
C PRO VA 48 54.80 10.83 73.50
N VAL VA 49 53.71 11.55 73.75
CA VAL VA 49 53.44 12.85 73.13
C VAL VA 49 53.15 13.85 74.24
N TYR VA 50 53.83 14.99 74.20
CA TYR VA 50 53.75 15.99 75.26
C TYR VA 50 53.31 17.33 74.71
N ILE VA 51 52.39 17.98 75.41
CA ILE VA 51 52.06 19.38 75.14
C ILE VA 51 53.21 20.26 75.60
N GLU VA 52 53.34 21.44 74.96
CA GLU VA 52 54.22 22.49 75.43
C GLU VA 52 53.37 23.73 75.67
N ASN VA 53 53.18 24.09 76.94
CA ASN VA 53 52.35 25.22 77.29
C ASN VA 53 53.08 26.53 76.96
N GLU VA 54 52.39 27.65 77.23
CA GLU VA 54 53.00 28.96 77.01
C GLU VA 54 54.23 29.13 77.90
N ASP VA 55 54.10 28.81 79.19
CA ASP VA 55 55.25 28.70 80.07
C ASP VA 55 55.83 27.30 79.95
N GLY VA 56 57.12 27.16 80.23
CA GLY VA 56 57.77 25.87 80.11
C GLY VA 56 57.15 24.80 80.98
N SER VA 57 56.40 23.89 80.36
CA SER VA 57 55.76 22.78 81.05
C SER VA 57 55.23 21.82 80.01
N HIS VA 58 55.04 20.57 80.42
CA HIS VA 58 54.60 19.52 79.52
C HIS VA 58 53.50 18.69 80.16
N VAL VA 59 52.43 18.44 79.39
CA VAL VA 59 51.32 17.61 79.82
C VAL VA 59 51.14 16.50 78.79
N GLN VA 60 51.15 15.26 79.23
CA GLN VA 60 50.98 14.14 78.32
C GLN VA 60 49.51 13.99 77.93
N ILE VA 61 49.28 13.56 76.69
CA ILE VA 61 47.94 13.37 76.16
C ILE VA 61 47.89 12.07 75.37
N THR VA 62 46.68 11.63 75.06
CA THR VA 62 46.49 10.43 74.27
C THR VA 62 47.01 10.64 72.85
N GLN VA 63 47.42 9.54 72.23
CA GLN VA 63 48.08 9.62 70.94
C GLN VA 63 47.22 10.20 69.81
N PRO VA 64 45.98 9.76 69.57
CA PRO VA 64 45.22 10.29 68.44
C PRO VA 64 44.98 11.79 68.62
N LEU VA 65 45.45 12.57 67.66
CA LEU VA 65 45.38 14.03 67.71
C LEU VA 65 44.28 14.52 66.78
N ILE VA 66 43.38 15.35 67.32
CA ILE VA 66 42.25 15.87 66.55
C ILE VA 66 42.72 17.07 65.74
N ILE VA 67 42.04 17.36 64.65
CA ILE VA 67 42.33 18.51 63.80
C ILE VA 67 41.02 19.27 63.58
N ASN VA 68 41.08 20.59 63.72
CA ASN VA 68 39.87 21.40 63.54
C ASN VA 68 39.65 21.70 62.06
N ALA VA 69 38.66 22.55 61.79
CA ALA VA 69 38.31 22.85 60.39
C ALA VA 69 39.43 23.60 59.68
N ALA VA 70 40.21 24.39 60.42
CA ALA VA 70 41.26 25.19 59.79
C ALA VA 70 42.43 24.32 59.34
N GLY VA 71 42.65 23.20 60.03
CA GLY VA 71 43.77 22.35 59.70
C GLY VA 71 44.85 22.34 60.75
N LYS VA 72 44.60 23.03 61.86
CA LYS VA 72 45.52 23.08 62.99
C LYS VA 72 45.00 22.20 64.12
N ILE VA 73 45.91 21.57 64.85
CA ILE VA 73 45.50 20.66 65.92
C ILE VA 73 44.78 21.46 67.00
N VAL VA 74 43.63 20.95 67.42
CA VAL VA 74 42.65 21.73 68.17
C VAL VA 74 42.68 21.42 69.66
N TYR VA 75 42.72 20.14 70.04
CA TYR VA 75 42.49 19.75 71.42
C TYR VA 75 41.20 20.39 71.91
N ASN VA 76 41.23 21.13 73.01
CA ASN VA 76 40.04 22.00 73.20
C ASN VA 76 40.13 23.41 72.50
N GLY VA 77 41.12 24.22 72.88
CA GLY VA 77 41.57 25.38 72.14
C GLY VA 77 42.89 25.06 71.49
N GLN VA 78 43.29 25.84 70.52
CA GLN VA 78 44.45 25.52 69.70
C GLN VA 78 45.68 25.36 70.51
N LEU VA 79 46.26 24.21 70.32
CA LEU VA 79 47.28 23.65 71.19
C LEU VA 79 48.67 23.94 70.62
N VAL VA 80 49.64 24.07 71.53
CA VAL VA 80 50.92 24.71 71.22
C VAL VA 80 52.00 23.66 71.04
N LYS VA 81 52.36 23.40 69.79
CA LYS VA 81 53.63 22.82 69.37
C LYS VA 81 53.81 21.34 69.65
N ILE VA 82 52.91 20.76 70.48
CA ILE VA 82 52.80 19.32 70.74
C ILE VA 82 54.15 18.60 70.57
N VAL VA 83 55.14 19.00 71.37
CA VAL VA 83 56.51 18.53 71.14
C VAL VA 83 56.66 17.09 71.63
N THR VA 84 57.17 16.24 70.75
CA THR VA 84 57.50 14.86 71.06
C THR VA 84 59.02 14.69 71.10
N VAL VA 85 59.48 13.44 71.21
CA VAL VA 85 60.89 13.11 71.21
C VAL VA 85 61.17 12.22 70.01
N GLN VA 86 62.44 12.20 69.58
CA GLN VA 86 63.02 11.35 68.53
C GLN VA 86 62.33 11.58 67.20
N GLY VA 87 62.66 10.75 66.21
CA GLY VA 87 62.10 10.86 64.87
C GLY VA 87 60.94 9.89 64.69
N HIS VA 88 59.80 10.43 64.33
CA HIS VA 88 58.55 9.70 64.27
C HIS VA 88 58.10 9.48 62.84
N SER VA 89 57.06 8.65 62.69
CA SER VA 89 56.39 8.44 61.41
C SER VA 89 54.97 8.98 61.50
N MET VA 90 54.59 9.80 60.54
CA MET VA 90 53.29 10.45 60.54
C MET VA 90 52.32 9.69 59.65
N ALA VA 91 51.14 9.40 60.20
CA ALA VA 91 50.09 8.68 59.47
C ALA VA 91 48.80 9.48 59.64
N ILE VA 92 48.57 10.43 58.73
CA ILE VA 92 47.41 11.29 58.84
C ILE VA 92 46.20 10.62 58.21
N TYR VA 93 45.11 10.55 58.97
CA TYR VA 93 43.85 10.00 58.49
C TYR VA 93 42.86 11.13 58.28
N ASP VA 94 41.84 10.85 57.48
CA ASP VA 94 40.82 11.85 57.16
C ASP VA 94 39.66 11.73 58.14
N ALA VA 95 38.56 12.42 57.83
CA ALA VA 95 37.41 12.43 58.73
C ALA VA 95 36.78 11.04 58.86
N ASN VA 96 36.68 10.31 57.76
CA ASN VA 96 36.01 9.03 57.73
C ASN VA 96 36.99 7.87 57.58
N GLY VA 97 38.14 7.99 58.22
CA GLY VA 97 39.10 6.89 58.28
C GLY VA 97 39.73 6.52 56.95
N SER VA 98 40.01 7.50 56.10
CA SER VA 98 40.74 7.27 54.87
C SER VA 98 42.14 7.86 55.00
N GLN VA 99 43.14 7.10 54.57
CA GLN VA 99 44.54 7.48 54.77
C GLN VA 99 44.89 8.61 53.81
N VAL VA 100 45.26 9.76 54.37
CA VAL VA 100 45.65 10.90 53.55
C VAL VA 100 47.10 10.76 53.10
N ASP VA 101 48.01 10.52 54.04
CA ASP VA 101 49.43 10.45 53.71
C ASP VA 101 50.13 9.70 54.83
N TYR VA 102 51.21 9.01 54.47
CA TYR VA 102 52.02 8.25 55.42
C TYR VA 102 53.49 8.49 55.10
N ILE VA 103 54.26 8.92 56.10
CA ILE VA 103 55.68 9.25 55.91
C ILE VA 103 56.48 8.50 56.96
N ALA VA 104 57.61 7.92 56.53
CA ALA VA 104 58.41 7.10 57.44
C ALA VA 104 59.23 7.96 58.39
N ASN VA 105 60.17 8.74 57.86
CA ASN VA 105 61.15 9.45 58.68
C ASN VA 105 60.86 10.93 58.65
N VAL VA 106 60.61 11.51 59.83
CA VAL VA 106 60.38 12.94 59.99
C VAL VA 106 61.16 13.41 61.19
N LEU VA 107 61.82 14.57 61.07
CA LEU VA 107 62.60 15.15 62.17
C LEU VA 107 62.68 16.66 61.98
N LYS VA 108 62.11 17.41 62.91
CA LYS VA 108 62.19 18.86 62.93
C LYS VA 108 62.42 19.32 64.35
N TYR VA 109 63.40 20.18 64.56
CA TYR VA 109 63.83 20.54 65.91
C TYR VA 109 63.10 21.78 66.42
N ASP VA 110 62.98 21.85 67.74
CA ASP VA 110 62.32 22.98 68.37
C ASP VA 110 63.21 24.22 68.30
N PRO VA 111 62.72 25.32 67.72
CA PRO VA 111 63.50 26.57 67.73
C PRO VA 111 63.42 27.34 69.04
N ASP VA 112 62.44 27.05 69.89
CA ASP VA 112 62.24 27.81 71.12
C ASP VA 112 63.20 27.35 72.20
N GLN VA 113 63.29 28.16 73.25
CA GLN VA 113 64.05 27.84 74.46
C GLN VA 113 65.51 27.51 74.14
N TYR VA 114 66.19 28.47 73.52
CA TYR VA 114 67.62 28.32 73.30
C TYR VA 114 68.42 28.63 74.55
N SER VA 115 67.82 29.35 75.50
CA SER VA 115 68.55 29.71 76.72
C SER VA 115 68.93 28.47 77.52
N ILE VA 116 68.00 27.52 77.65
CA ILE VA 116 68.27 26.31 78.42
C ILE VA 116 69.38 25.49 77.75
N GLU VA 117 69.30 25.33 76.43
CA GLU VA 117 70.32 24.58 75.71
C GLU VA 117 71.69 25.26 75.81
N ALA VA 118 71.72 26.60 75.71
CA ALA VA 118 72.98 27.32 75.84
C ALA VA 118 73.56 27.17 77.23
N ASP VA 119 72.71 27.20 78.25
CA ASP VA 119 73.17 26.98 79.62
C ASP VA 119 73.74 25.58 79.79
N LYS VA 120 73.08 24.59 79.20
CA LYS VA 120 73.57 23.21 79.28
C LYS VA 120 74.79 22.98 78.41
N LYS VA 121 75.08 23.90 77.49
CA LYS VA 121 76.10 23.64 76.47
C LYS VA 121 77.48 24.14 76.91
N PHE VA 122 77.58 25.42 77.25
CA PHE VA 122 78.88 26.07 77.31
C PHE VA 122 79.48 26.01 78.71
N LYS VA 123 80.69 26.56 78.85
CA LYS VA 123 81.42 26.56 80.11
C LYS VA 123 81.47 27.97 80.69
N TYR VA 124 81.49 28.04 82.02
CA TYR VA 124 81.34 29.30 82.75
C TYR VA 124 82.70 29.94 83.00
N SER VA 125 82.84 31.20 82.60
CA SER VA 125 84.05 31.98 82.85
C SER VA 125 83.68 33.45 82.91
N VAL VA 126 83.69 34.01 84.12
CA VAL VA 126 83.13 35.34 84.33
C VAL VA 126 84.09 36.43 83.88
N LYS VA 127 85.38 36.11 83.80
CA LYS VA 127 86.42 37.07 83.42
C LYS VA 127 86.54 38.18 84.46
N LEU VA 128 87.41 39.15 84.21
CA LEU VA 128 87.63 40.25 85.14
C LEU VA 128 87.22 41.61 84.59
N SER VA 129 87.24 41.81 83.27
CA SER VA 129 86.93 43.12 82.71
C SER VA 129 85.48 43.51 82.99
N ASP VA 130 84.59 42.52 83.11
CA ASP VA 130 83.18 42.81 83.33
C ASP VA 130 82.95 43.44 84.69
N TYR VA 131 83.68 43.00 85.71
CA TYR VA 131 83.46 43.49 87.07
C TYR VA 131 84.49 44.54 87.43
N PRO VA 132 84.12 45.55 88.22
CA PRO VA 132 85.11 46.58 88.58
C PRO VA 132 86.23 46.08 89.46
N THR VA 133 85.91 45.39 90.56
CA THR VA 133 86.91 44.93 91.51
C THR VA 133 87.04 43.41 91.43
N LEU VA 134 87.85 42.86 92.35
CA LEU VA 134 88.13 41.43 92.34
C LEU VA 134 87.14 40.66 93.22
N GLN VA 135 86.72 41.25 94.34
CA GLN VA 135 85.87 40.52 95.27
C GLN VA 135 84.50 40.22 94.67
N ASP VA 136 83.88 41.21 94.03
CA ASP VA 136 82.59 40.96 93.39
C ASP VA 136 82.71 40.00 92.23
N ALA VA 137 83.83 40.05 91.50
CA ALA VA 137 84.06 39.08 90.43
C ALA VA 137 84.16 37.66 90.97
N ALA VA 138 84.88 37.49 92.10
CA ALA VA 138 85.00 36.16 92.69
C ALA VA 138 83.68 35.70 93.29
N SER VA 139 82.84 36.64 93.73
CA SER VA 139 81.56 36.27 94.31
C SER VA 139 80.66 35.61 93.28
N ALA VA 140 80.69 36.08 92.03
CA ALA VA 140 79.85 35.54 90.96
C ALA VA 140 80.60 34.57 90.05
N ALA VA 141 81.83 34.20 90.42
CA ALA VA 141 82.63 33.28 89.61
C ALA VA 141 82.29 31.84 89.96
N VAL VA 142 82.04 31.04 88.92
CA VAL VA 142 81.71 29.64 89.08
C VAL VA 142 82.60 28.82 88.15
N ASP VA 143 83.45 27.97 88.74
CA ASP VA 143 84.25 27.00 88.00
C ASP VA 143 85.11 27.67 86.93
N GLY VA 144 85.70 28.81 87.27
CA GLY VA 144 86.59 29.47 86.35
C GLY VA 144 86.65 30.97 86.61
N LEU VA 145 87.71 31.58 86.10
CA LEU VA 145 87.94 33.01 86.21
C LEU VA 145 89.06 33.37 85.23
N LEU VA 146 89.05 34.62 84.79
CA LEU VA 146 90.03 35.10 83.83
C LEU VA 146 90.48 36.50 84.24
N ILE VA 147 91.66 36.88 83.75
CA ILE VA 147 92.25 38.18 84.05
C ILE VA 147 92.23 39.03 82.79
N ASP VA 148 92.62 40.29 82.95
CA ASP VA 148 92.64 41.24 81.84
C ASP VA 148 93.58 40.79 80.74
#